data_7VCI
#
_entry.id   7VCI
#
loop_
_entity.id
_entity.type
_entity.pdbx_description
1 polymer 'Nuclear pore complex protein Nup85'
2 polymer 'MGC154553 protein'
3 polymer 'Nucleoporin SEH1-A'
4 polymer Nup160
5 polymer 'MGC83926 protein'
6 polymer 'Nuclear pore complex protein Nup96'
7 polymer 'GATOR complex protein SEC13'
8 polymer 'Nuclear pore complex protein'
9 polymer 'outer Nup133'
10 polymer 'MGC83295 protein'
11 polymer 'Protein ELYS'
12 polymer 'Nuclear pore complex protein Nup93'
#
loop_
_entity_poly.entity_id
_entity_poly.type
_entity_poly.pdbx_seq_one_letter_code
_entity_poly.pdbx_strand_id
1 'polypeptide(L)'
;MEELDVDPAETPIPGLGQQNRHIGFSWGPGDLLLYETLYQKQGNSETAARCPFMYLVRSDEDIYSPVLRKLFNESHSIFV
GLQKSAEEASGKSRKAQLVQVSRNYRSVLRACMEEMHTLSESTRETAQKYISQISILSAMELSWNLCEILFIESAPAGPL
LILLLEWVRLHVCEVDNIVQDVLRSEKPTEHEKFWDGVTGYVLQGRMNEARQLLAKEASTSASARSMCRVLDDLLKKMPM
LHTGGTQTLTEFELKWQHWREECERHLQNGTFSSNVHMEAVCRVLLGDEEVLLEKRDLMTTWYHFLVSRLLFKHPTVKPT
ELHFYAQSSLDMFLAGDSCPEPLDNILLAAFEFDIHQVIKEFSIVSSNWWFVAHLTDLLDHCQLFQAHNLYFGANMREFL
LLDYASGLFSHHSLWQLGVDYFDYCPNLGREYLKLHMERIPLSTEKKALKALRICEQRQMTEQVRSICKTMAMQSLCNRR
LGSALSWSIRAKDAAFATLISDRFLKEYCERGNFTDLDLIDNLGSAMLLSDRLTFLGKYREFHRMYSQEQFSEAASLLLS
LMTARIAPCSFWLTLLLDALPLLEQKQVIFSAEQTYELMRCLEDRMAAKLESTSPDEIQKQDSSIDNTKVEMLRLALARN
LARAIVTEGALQE
;
A,J
2 'polypeptide(L)'
;MADKFAAKFVSHKISRTRWRPVSASSLQQPDVFATGSWDNEENKVCVWATSDFGATSLDEEYQGDPKQLCDIKHPGDVMD
MQFLDKERIVTGSSTGTVTIFRHHENNQTLSVNQRWEQAHYHVGSNMRAPCTAIVCSSPEIVSVGEDGRINCFRAESRDV
LRTIDDADSSTMHGVTFLRTTEILTVNSVGQLKLWDLRKQGNDPTQIFSVTGERVPLHCVDRHPNQQHVVATGGQDGMLC
IWDVRHGKMPMSLLNAHEAEMWEVHFHPSNPDHLFTCSEDGSLWHWDASADSEKPTFLLGGRSTFNISRSSIAPPNANQS
LACAWLSTDPTKGQLEITNLLPSSTLSVNSLDVLGQNLVCGTDAEAIYVTRRLFS
;
B,K
3 'polypeptide(L)'
;MFVARSIAADHKDLIHDVSFDFHGRRMATCSSDQSVKVWDKSENGNWHCTASWKTHSGSVWRVTWAHPEFGQVLASCSFD
RTAAVWEEIVGESNDKLRGQSHWVKRTTLVDSRTSVTDVKFAPKHMGLMLATCSADGVVRIYEAPDVMNLSQWSLQHEIS
CKLSCSCISWNPSSSRAHSPMIAVGSDDSSPNIMGKVQIYEYNENTRKYAKAETLMSVSDPVHDIAFAPNLGRSFHILAV
ATKDVRIFTMKPLRKELSSSGGVTKFEIHTVAQFDNHNSQVWRVSWNITGTVLASSGDDGTVRLWKANYMDNWKCIGVLK
GDGNPVGNSYQGFFGSSVGSAGQSLQNSVNGTPSSGRKHS
;
C,L
4 'polypeptide(L)'
;MAAAESHMTSFQAEDWAGSNILPMVQRAGGSTRGIMAASVNLERSYMELIGAERETSRRNFRDLSLRPDVSLVIGGPKYS
DCAGGYCYNESGSLLSATRNRFIHWTSYADTLELVELSLDINLLNNAVRLKILNCSILPGGVHICETQNNIIVLILTNQT
VHRLILPHPSRMYRSEIISDSHIQSIFTDIGKTNFHDPNNTYVIPAIPGRAPNSTASTAWLSSDGEALFALPSVSGGILV
IKMPPRDMEGLVTIAELKQSSVMQRLLTGWMPSSIRGDPGPAHLPVSLAVHTLDHDSYLFALCQDHKLRMWSYKDQMCLM
VADMLEYVPVSKDIRQTAGTGHKLRLAYSDTLEILYLGVYLHTPRQGQFCVFQLVCTESNRYSLEHTSSIFTNQETLIDF
TFTLSSMNIWALWLDDDNQTVMKHINFERNQAGHWNPVFVNPLPDDDLAIGDEQEPQEAYLECLFAPGRFTIAALQKAIQ
ILRKGSGRVLDLSWEELKKEVTLTVEKEIQNAVVDYDVSQEEFRQINIENWCKFYTCCLQYQETLSRPLALVVHPNTNMV
CLLRKGFLSFLAPCSSVEHLYLVPGEHLLTVDESVICDDVDGASDIVSLIQCLHMIADYITEDMAYQMESACCHPQSPER
VAEQILEDLIANDIDNIMENIQNKLQDIRNPIQAISFLLQNMDYETNMDMEQSQHNVRLNLSTLYGSVTASSVVCQAIYK
ISATRFLICRDLLILQHLLLRLGDMALVGAGQLLHSQQELIPRAAQLLLSYYMIRWGSQCLACAVPVDLLESNLQHLSVL
ELSDSQVEKRRYTSGIQTIVELFFEDVGRKHFPQVFAHLFIQSGSSQVHRSLNWADLIHRITSYLLQLLWPSNPNFQFAE
CLMRNCQYTQLQEYVRLLLPWCQVNVGSCHFMLAQCYLVAGEGHKALDCFSQAASEVEREDFLEKLIRVEEGESVSPRLQ
YYNRVLRLLEDVGLPELVIQLATIAISEASDDWRSQAALRTRIFKHHLDMGHNSQAYDALTQIPDTSRQLDCLRQLVVVL
CERSQLQDLVEFPYVNLHNEVVGIIESRARAVDLMTHNYYELLYAFHIYRHNYRKAGTVMFEYGMRLGREVRTLRGLQKQ
VNSYLACLNCLRLIRPEYAWIVQPVSGAVYERPGASPKRNYDGESSAVPSSSQIEILELRDLEKEYVLAQTRLTLAKHNP
STAAIAGSSAAEEMVALLVQAGLFDTAISLCQTFKLGLTSIFEGLACKCIRLQQGGEAAQAEAWEWLAANQLATVITTKE
SSATDEAWRLMISYLDKYESKNTLYHHCIINKLLSHGVPLPNWLINRYKAMDAAELLRLYLKYDLLEEAAELVLEYVDAL
LGKGHQYFGIQAPLSATSQLVWFPYSAIDHLRLALGENENNQHNQAILGKLQRKMDEYFQKLKKATDDYKKIVQKPVRA
;
D,M
5 'polypeptide(L)'
;MKQDSASNATYTVDCEDYVHVVEFNPFDSGEAGSLLAYGGISYVVIASCRFQEEDSTVEGIEFKTLKTFHHGERVVAIAW
SPETRCDALLPLLRFATAAGDKKIRIFTSDFQDKNEYKVIEGHSGYINDLVFCSPEGTDIASVGDDHTCRIWDLDGKQIA
MFILRSPGMSVAWHPEGAFKLMVAEKTGTIRFYDLTTHQAILSLESVQVPLMSADWCVRNTLRIGAVAGNDWIIWEMPRS
SYPQDNKPAHADRARMFRWSKCNENVFATTGYPGKMKSQIAIHHLAHPQPILIGTAPVGSGLSWHRRLPLCVVGGYRKLF
FWLTEM
;
E,N
6 'polypeptide(L)'
;SKYGLQDSDEEDDQLNSAEAKKLKTAPVPPQGKQPPLQQATLPGKVTPPPQSPAVDQLDRVMELDSDMADITQDQDLDSV
AEEQDISEEQEPLSASSHIASSLGINPHALQVMKASLLLEEEDGEIMSRFSSFPSSMDPYPDVRSPRLFPSSHAKRPSSI
GLLQSKFSAPSMSRLSETVQGSHSPKIHPAAPWSVPAPLAPSFIMPGPAPDTHLRTVGTRRQQELVPLEKSVTHGRGTLM
IDMGLFMGRSFRVGWGPNWTLVHNGDKLSERLNAEEDRDMDTIDYGFLPKPTSAKSLTESPFKVHVEKLSLEQKTKDLQS
YLLPLEIELKNSTVDKSGPCPHFRPNPGVTAIHDYAGWVRNFSSEAAEVEAVVKQWGLTWTLCESLWGQLKELEASLDEP
NEYVKNLERRKAFSHWLAQTAQERIEEEVSLYGPERHIEAVFSYLTGGRISDACRLAQKSGDHRLSLLLSQMVGSQEVRD
LITLQLVDWNKLQVDHYIQEERLRVFCLLSGTPVWRSSDNRSINVCSQLDWKRTLGIHLWYMLPPTATVAQALHMYEQAF
QEQEGGEPYACYPLPPYLEDCGFSFGDDPSAKFISLQRDVCVHLLKLYSERQYDLCQLLDPSSATPDPLDYRLSWHMWMV
LQALNYTHLSGHRQGMLHASYAAQLENVGLWEWAIFVLLHIQDPHVREAAVRELLNRHCVVHDSPESLAKENFLIQRLCL
PAQWIHKAKAVRSRRDGDKHKEALYLLKSHQWNQCHKLVTRHLAADAVINENYRYLRGFLGELARPEHCKHIQDWETAGK
VYLDYISVIEMLNQIRQDECSGGELEKLHTKVMSLCKWVELIQCYSAKGRLAQSEMAKRVANILRVVLSLQQPPESMSDS
SSEPRVPLRLLAPHIGRLPMPEDYALEELRGLTQSYLRELICGS
;
F,O
7 'polypeptide(L)'
;MVSVINTVDTSHEDMIHDAQMDYYGIRLATCSSDRSVKIFDVKNGGQILIADLRGHDGPVWQVAWAHPMYGNILASCSYD
RKVIIWKEENGTWEKTYEYTGHDSSVNSVCWAPHDFGLVLACGSSDGAISILTFTGDGPWEVKKISNAHTIGCNAVSWAP
SVIPGSLVDQPSSQKPNYIKRFVSGGCDNLVKIWREEDGQWKEDQKLEAHSDWVRDVAWAPSIGLPTSTIASCSQDGRVY
IWTSDDAATNCWTPKLLHKFNDVVWHVSWSITANILAVSGGDNKVTLWKESVDGQWACISDVNKGQGAVSTVTEGQLNDQ
;
G,P
8 'polypeptide(L)'
;MDMLSPVVREAEVSRAARRQSSNRKNPADESWSNATPTRGPSSRTTGQTLFRQHMTPQTWNSSRPPDVSAILGTVGRSPR
LLQTPGRLANLSMMSNPDDSVWTTTFSPGRTGMYTTLDSPSFTEDITLSAVMLQEEDPGEAATMSMYPDFLKSFLEHPSS
AVFELIEQYEATCNTQITLLKKIVKRVTPGQQKFSKTASILWLLQQEMVTWRLIAALYRDRIQSALEEENMFEIAAPNAS
EKTIVDKLFQRDTLVRQSQLVVDWLESIAKDEVGDFSDNIEYYAKSVYWENTLHTLKQRSMLSLGSSRPLVSELDPDAPI
RQKLPLDDLDREDDIRLLKYLFTLIRAGMTDEAQRLCKRCGQAWRAATLEGWKLYHDANINGGTELQAVEGNPYRCVWKT
CCWRMAEDEQFNKYERAIYATLSGNLKQLLPVCESWEDTVWAHFKVMVDSLVEQEIRASIISFNEANELPREYLEANWTL
DSVFEELQATDKKRVLEENREHYHIIQKFVILADVDGLMDEFSEWLSNGKNLLLGHLLRFMTHLLLFFRTLGLQAKEEVS
VEVLKTYIQRLINEKQIELIAFYVSHLPQELAISQYAVFLENITDPDQRQRCLELAKEAGLDVASITKTVVENTRKKDAG
EFAHHDFAPALDSGTSEEDRAKIDVIDWLVFDPAQRAEALKQSNAIMRKFLASKKHEAAKEVFAKIPQDSIAEIYSQWEE
QAMDSALPAEDDNAIREHLCIRAYLESHEAFNEWFKHINSPPQKPTLVGQASFTEKVAHEHKEKKYEMDFGIWKGHLDAL
TSDVKEKIYNVLLFVDGGWMVDVREDTEEDPERSHQMVLLRRLCLPMMCFLLHTVLHNTKQYKDCLRLADIVSSENQKLY
TVFSKTEMRNLLQKLRESSLMLLDLQLDPLGYEIQS
;
H,Q
9 'polypeptide(L)'
;MFPSPRAQGMGSARRPFNSRLTGGRKALGPGVTASSSPSALYSPVGRRVSASGARSTPSRVYLHPAASETVNYNVQLFGS
SLPVKVMEALSNASADEPMAACIHEGGWAWLACNDRLIIWKISHSSSAKLMVCKELPLPLSDSEWSADLVDICAQTGDPA
AAQSVALMAATPEGSSRYWPNILHEGTYIESYTEFGSSLCAFVTAVKGNSFILSSEKNQLVRLTPDASGKMNQRVLPQGQ
GMLSGIGRRVSTLFGILSPAVESTLCSVLWDKGDCFYTLTDSSINKWDLDDTSESQVLNWDMSRVLREYISDAIWGSESD
YDDIKAGININYLSLNQNCDGLVILSAAWHPGDNPCQIYYTLVTVKDEGYNISDEITVEVTQFNPVFQARGMQLCQLVVP
NFSSQACYLYTQEMIFACSTGTGRSTLPQEKIPFEAQGDNIVGAGSCEGWPVFFIRKSGMLTVVARETASVLPEHMEESL
SSVSKSSRQAVVKDSRPDQIAHDDKTKHLKAAFLRYCRKDILGAQSMVDSLFSDSDMEPDDELDLAVNQISVDLIDDYPA
SDPRWAESVPEEAAGFSNTSLILLHQLEDKMKAHSFFVDFLHQVGLFSRLSTCQTKGMLVATRLLLSEHAEKLSAAIVLK
NHHAKLPVLVNSAIQLALDKRMCTVPQNLTAADVYFREVSQMEIIFECLVDKEEADLESTSIDSVEWANIVVNVNTILKD
MLHVACQYRQSKNSLYKNESGIQEPEHVPWTASSGTAGIRSVVTRQHGIILKVYPQADSGLRTILIEQLAALLNYLLDDY
VTQLKSIDKLANEERYNILEMEYAQKRSELLSPLLILGQYAWASNLAEKYCDFDILVQICEMTDNQSRLQRYMTLFAEQN
FSDFLFRWYLEKGKRGKLLSQPASQHGQLAAFLQAHDHLSWLHELNSQEFEKAHRTLQTLANMETRYFCKKKTLLGLSKL
AALASDFQEDVLQEKVEEIAEQEHFLLHQETLPKKLLEEKQLDLNAMPVLAPFQLIQLYVCEENKRANENDFMKALDLLE
YIGDDSEVDVEELKLEILCKAIKRDEWSATDGKDDPIEATKDSIFVKVLQNLLNKGIELKGYLPKAETLLQSEELNSLKT
NSYFEFSLKANYECYMKMQS
;
I,R
10 'polypeptide(L)'
;MAAQLALNSEASLWGPYREIWQTVLSALIKRQPEAVHSLDIVLKKYKPDFISLFKNPPKSAQQHERVQKASTEGIPIKGT
QRTRILEEQLIKEAFILSDLYNIGEIAAVELLLIGEQQQPTFHGLTRGLVAILLYWDGKSCMAESLLHLIQARKGKTFTL
DHSPEVVSMVTRFTDDLMEQGLTNKILTLISQIDVNNEFDKLKKERGLGNKKHRKEVSDLIKECQQSLAHSLYSWSCQTP
LNREDTLLLIGYLEKVTVEGDGSLDKVNLTLLMSLLYCLDVGFLEQGTDDREELMKQASMFMDRQYIAAIHNRLQNTQPW
KSPGMQATVRLAWALALRGISQFSEVLEFSEADEPMAEIAIGGNVFLFLTEAVVGSESFCTDEFFIRRIHKLVTDFPTLM
PMKVKQLRNRAEEDARLIQMSMQMGNEPPASLRRDLEHLLLLIGELYRKDPFHLELALEYWCPTEPLQSTSLMGSFLGVA
HQRPPQRQVLLSKFVRQMSDLLPATLYLPYLKMLRGLASGPQCAHYCFSLLKANGGSSAENLQAAGGSPVSWDHFFHSLM
LYHEHLRRDLPNTDNIHQRHPPLRGITQRELDGLIACLQLTCTIIDWSESARLALCEHAQWMPVVVILGLLQCSIPPLLK
AELLKTLAAFGKSPEIAASLWQSLEYTQILQTVRATGLRQGVGIEVELNEIESRCEEYPLTRAFCQLISTLVESSFPTNL
GAGLRAPGFEPYLQFLRDTVFLRYRTRAYRRAAEKWEVAEAVLDVFYKLLKDYEPQPEDFVDQYVELQGEERVAFKPPGF
SLMHHLLNESPMLELCLSLMEEGVTQLDTYAPFPGKKHLEKAVAYCFMLLNLTLQKENRFMDLLRESHLSMIVTPLEQLL
QGINPRSKKADNVVNIARYLCHGNSNAELAFESAKILCSISCNSKIQEKIVGDFTQDQNVSQKLMVGFVSCLDSEEAEEL
LDSEKEAEDQVKQTNIRYMTKIHILNLLITSLEMKAPNLAMFLLGYELKKPVSTTNLQDSGVLGCPRTCLHSILDILRKG
TDVRAGPVAVWDTPHLAELCYQVIYQLCACADTSGPTMRYLRTSQDFLFSQLQHLPFSVEESEISAMNQMSWLMKTATIE
LRITSLNRQRSHTQRLLHLLLDDMPTRPYSADGEGGMEDESRSLSGFLHFDTTSKVRRKILRILDSIQFSNEIPEPLQLD
FFDRSQIEQVIANCEHKNRRGQTVCNVKLLHRVLVAEVNALQGMAAIGQRPLLMEEINTILQYVVERNKLLQCLHAKRHA
LESWRQLVEIILTACPQDLIPTEHRQLIIRDLLQDLHVKILDDDAAQELMPIVAGAVFTLTAHLSQSVRTELKQPMTASG
LGQSQYVQMLDGSFAAPPGTENISAGFASIGDSSLHMILRNLLEFILKTGGGFQRVRAHLYGSLLYYLQIAQRPDEPDTL
ESAHKSMWERLTAPEDVFSKLQRDNLSIFESYGTALMEVVCRDACDGHDIGRMLALALLDRIVSVDRQQQWLLYLSNSGY
LKVLVDSLAEDDVVLRNLLTPQPPLLKALYIYESKMAFLTRVAKSSQGAIELLRSGVIVRLAQCQVYDMRPETDPHGVFG
MRETPVFIPAPVERYRQILLPALQICQLILTSSTAQHLQAAGQVLQFLVAHSDTIQAILRSQEGSLGSLQELALLTGIIS
KAALPGVLNELDIGLNDGSMMELQGHIGRFQRQCLALLNRFGGSDRLRQLSLQDDSSRLDGVSKKDDMELAMQQICSNVM
EYCQALMIQNSPSFQQTVCLFTPSLKESASRDGTRQDSQVSILPSWRLPSLGVVIHLLKQSANNFFTYYDIHRQSVGKLQ
NVEQLPPDEIKELCQSEMPVGADKISTTQKYGLARRRLVKLINSRAKLLSLCSYIIETCLYILWRHLEYYLLHCTTSDSQ
DPVFSNMTFGNRRFQDTFNTDPNMDPRNLRQNKVSQQDVDTLLREGANSFGESLQKRLLDIESLYCKVRSRHSFIQALVR
RIRGLLRVSRV
;
S
11 'polypeptide(L)'
;MQNLEAQVTGSLVAFPDVTQKALKEDEINLDSVLRGKFSTGRTSLAWLACGPQLEITNSVTGERISAYHFSGLTERPPVV
VAVKEFTWQKKTGLLVGLVEAEGSVLCLYDIGISKVVKAVVLPGSVTAVEPIINHGGASASTQHLHQSLRWFFGVTAVVT
DVGHVLLIDLCLDEVSSNQDELDASDLEVMSVIPTKIPKLREAATRERRHLCLQLAAPTGTTVSCLSYISRTNQLAVGYS
DGYFSLWNMKTLRRDYHVQIEGGRVPVCAVAFQEPENDPRNCCYLWAVQSSESGGDVSLHLLQLAFSDRKCLASGQIMYE
LLEYCEERYSLDLSGSTLSLRGQSNNTKLLGCQTIEKFRVHGEREDGVHEVTSPDTSVSVFSWQVNTYGQGKPSVYLGVF
DINRWYQAQMPDSLRSGQFLRNCSYFAFWSLEAVVNITTQDIIFDILVHERSLSRGIPPSYPPPEQFYYPSTYNFDATCL
LNSGLIHFACTGFQKETLHFLKKSGSSLNEAIPDGYNRCLAAGLLAPKFTDVQASSLSQEEQLQAILAAAVETSSLGLLT
SCIKRWTAEEQPRSAANLRFVLEWTWKKVTLTKQEFDRLCFRLFDGSCNFIDPHTLQSLQQCHLYFSNLTAVLNCFIAQA
KEVTQQGAVDLTNKQSVTRLLTLYASVVLWFCRSGMLPDSSDETVQLTRPFYNYQVIQQYYSDQRKKLERLARGKWDTSS
LMIDGLINQFGDRIQQLWSRDDNGTGKYPPANLHALLDVYLLENADEMSKHAITIYFLLDIMYSFPDKPDSSIESFPTAF
FVPGSLIKLIQGFWLLDHNDYQNSVDCILNPASSRVMSWQHSQIIENLLCHGDSRQALRYLQVMKPVATTSKEVKLHMTV
LLANRSILEAWNLQRLHSSRLNVEELLKHMYEMCQEMGLIEELLKLTFTDFEQGYLHKFLQTTGVQNQELLLVHHLQRAN
YISALQLNQSLKTNHLNDCDRRLRERSGARNAILDQYGKILPRVQRTLASERAKPYSLPSLVWREVARPKPLSTTAKQAA
PGSIITKANFICNVLSKIKEVSTANEKREEYSPYQSMVSEEPTAPPLQDIDVPDAFFGTPINKSRRVSRLLDSVVHPVLM
EPTPLTSSDTDNNQTPHKSPLLKTSSPLHSSLRRIAHMRSFAKASEFSLLETPLVVRKAKALAANTASSGYTSITPQSIL
RSSVRTTPLVSPSVSPGRSLTPPLRPKETKISFMELSFTRHAKAAHSSEGNLLAISPVLRSSPDAVWSVKGKVASFTQNT
PVKKLDEIDASSSGIQEESQDEMEVSKEISNISVRSEQASLEYHDAPTPEDLENDEISGTTNSQPQVNEVHHQMEDGQLT
EKPAELALTEMQEEFIDSEEREIEYISAPLNGPNALECMTAVPDIYLEDASQCILETPEGSSVSVTGEQECVSSAKDSES
VISIHDSDDAHSNLSENDQDSEEIEENNLRVPTTVTRCEEFDLIETKDLEVELEEADSEKTNYKDIYPDATVQLGFTVES
IEQRYTCELADRRETPSETDEIEGEHFETENNFSLVLEGDVTEEEILEPSSSKTDLELTRPPIAHQKLISENRENIENCE
TTEKIPANMSPLVDSDHESKTLETLPSEADLSVAEKVLKGTEEKDVPPEVHSEVVLESKLVGNAMMSLDSSESQEVIISQ
YDNVISIEKLEMTQEKMYGEKTEQINEGQVSPNRDQSTLVKPLTPRRSIRKSSKPADSSTDIIGNITLPTTPKRGLKKAK
ENVDTLKNSISVVPEEELTLGTRRITRKATLTALDNPEPLQIKEPPSGEDLQVQPSTPTRGRRGKVITSDDLKEPPSGED
LQVQPSTPTRGRRGRVITSDDLREPPPGEDLQVQPSTPTRGRRGRVITSDDIKESPSVEDLQVQPSTPTRGRRGKVITSD
DIKEPPSVEDLQVQPSTPTRGRKGKVITSDDIKEPLSGEDLQVQPSTPTRGRKGKVITSDDIKEPLSEEVLQEQPSTPTR
GRRGRVITSDGKGYECVEEKNALPLTPTRITRSKNILEPEKGISQIEPEKGISQIEPDKGLSQIEDTGETEHEVVTPRRG
RRGKRVVNELVKHFERNSSQPNIKADTSPPVSPKKVSLRWTRTRSENQRINATEEQASKIQEDLSDTPRKRYKKSSNKMG
FEETTDTVTEGAIVEDVQESLIISHLGKNPNTSIVRSARKTALPPVTEDHSEQPLLPPESHSKVHSSLAIADEENKTNTR
TRSGNKSSVDVSAITFEFSTPKARTKKTAKGSAVPTELIPSTQYVFSPPSTRTRRATRANVSEAVIEPQLQFQESCEIAE
TEVPEVPASKPRGRPPKHKAKAVTRVLKKPSWSTPPVEIKLISPPESPAVSETNTKTDSTEAKGAEKISVRRTRRRIIAK
PVTRRKMR
;
T
12 'polypeptide(L)'
;MDGEGFGELLQQAEQLAAETEGVTELPHVERNLQEIQQAGERLRSKTMTRTSQESANVKASVLLGSRGLDISHISQRLES
LSAATTFEPLEPVKDTDIQGFLKNEKDNALLSAIEESRKRTFVMAEEYHRESMLVEWEQVKQRVLHTLLASGEDALDFTQ
ESETSYISESGAPGRSSLDNVEMAYARQMYMYNEKVVSGHLQPSLVDLCTEAAERLDDKNVSDLWVMVKQMTDVPLIPAS
DTLKSRCSGQMQMAFVRQALNYLEQSYKNYTLISVFANLQQAQLGGVPGTYNLVRSFLNIRLPTPIPGLQDGEIEGYPVW
ALIYYCMRCGDLMAAQQVVNRAQHQLGDFKNCFQEYIHNKDRRLSPTTENKLRLHYRRAVRASTDPYKRAVYCIIGRCDV
SDNHSEVADKTEDYLWLKLSQVCFEDEANSSPQDRLTLPQFQKQLFEDYGESHFAVNQQPYLYFQVLFLTAQFEAAIAFL
FRLERTRCHAVHVALALFELKLLLKSTGQSAQLLSQEPGEPQGVRRLNFIRLLMLYTRKFEPTDPREALQYFYFLRNEKD
NQGESMFLRCVSELVIESREFDMLLGKLEKDGSRKPGAIDKFTRDTKTIINKVASVAENKGLFEEAAKLYDLAKNPDKVL
ELTNKLLSPVVSQISAPQSNRERLKNMALAIAERYKSQGVSAEKSINSTFYLLLDLITFFDEYHAGHIDLSFDVIERLKL
VPLSQDSVEERVAAFRNFSDEIRHNLSEILLATMNILFTQYKRLKGSGPTTLGRPQRVQEDKDSVLRSQARALITFAGMI
PYRMSGDTNARLVQMEVLMN
;
U
#
# COMPACT_ATOMS: atom_id res chain seq x y z
N MET A 1 -76.20 -26.28 52.13
CA MET A 1 -76.00 -27.25 53.19
C MET A 1 -76.17 -28.63 52.59
N GLU A 2 -76.44 -29.62 53.45
CA GLU A 2 -77.01 -30.88 52.99
C GLU A 2 -78.50 -30.97 53.22
N GLU A 3 -78.99 -30.75 54.43
CA GLU A 3 -80.41 -30.52 54.64
C GLU A 3 -80.71 -29.11 54.16
N LEU A 4 -81.58 -29.00 53.17
CA LEU A 4 -81.76 -27.74 52.46
C LEU A 4 -83.06 -27.03 52.79
N ASP A 5 -83.80 -27.50 53.79
CA ASP A 5 -85.00 -26.82 54.28
C ASP A 5 -85.00 -26.84 55.80
N VAL A 6 -84.88 -25.66 56.41
CA VAL A 6 -84.79 -25.51 57.86
C VAL A 6 -85.71 -24.39 58.32
N ASP A 7 -86.01 -24.40 59.62
CA ASP A 7 -86.64 -23.28 60.31
C ASP A 7 -86.06 -21.97 59.79
N PRO A 8 -86.93 -20.99 59.42
CA PRO A 8 -86.41 -19.76 58.83
C PRO A 8 -85.33 -19.07 59.63
N ALA A 9 -84.12 -19.05 59.06
CA ALA A 9 -82.96 -18.41 59.67
C ALA A 9 -83.08 -16.91 59.42
N GLU A 10 -83.90 -16.28 60.25
CA GLU A 10 -84.16 -14.85 60.13
C GLU A 10 -82.90 -14.05 60.36
N THR A 11 -82.75 -12.94 59.64
CA THR A 11 -81.60 -12.08 59.80
C THR A 11 -82.02 -10.79 60.49
N PRO A 12 -81.60 -10.55 61.72
CA PRO A 12 -82.08 -9.38 62.45
C PRO A 12 -81.85 -8.05 61.76
N ILE A 13 -82.87 -7.20 61.75
CA ILE A 13 -82.71 -5.78 61.44
C ILE A 13 -83.09 -4.98 62.67
N PRO A 14 -82.12 -4.46 63.42
CA PRO A 14 -82.46 -3.64 64.60
C PRO A 14 -83.23 -2.39 64.25
N GLY A 15 -83.05 -1.84 63.05
CA GLY A 15 -83.85 -0.75 62.58
C GLY A 15 -85.28 -1.20 62.31
N LEU A 16 -86.17 -0.21 62.17
CA LEU A 16 -87.58 -0.44 61.95
C LEU A 16 -88.21 -1.21 63.10
N GLY A 17 -87.60 -1.12 64.27
CA GLY A 17 -88.22 -1.63 65.48
C GLY A 17 -88.87 -0.49 66.23
N GLN A 18 -88.52 0.74 65.84
CA GLN A 18 -89.05 1.94 66.45
C GLN A 18 -89.36 2.96 65.37
N GLN A 19 -88.82 2.73 64.18
CA GLN A 19 -88.83 3.70 63.09
C GLN A 19 -89.15 3.03 61.76
N ASN A 20 -90.16 2.15 61.79
CA ASN A 20 -90.45 1.22 60.71
C ASN A 20 -90.85 1.93 59.41
N ARG A 21 -90.84 1.14 58.33
CA ARG A 21 -91.29 1.53 57.01
C ARG A 21 -91.29 0.28 56.15
N HIS A 22 -92.01 0.33 55.03
CA HIS A 22 -92.10 -0.84 54.17
C HIS A 22 -90.79 -1.03 53.41
N ILE A 23 -90.50 -2.28 53.04
CA ILE A 23 -89.17 -2.67 52.58
C ILE A 23 -89.20 -3.05 51.11
N GLY A 24 -88.20 -2.61 50.37
CA GLY A 24 -87.98 -3.05 49.00
C GLY A 24 -86.65 -3.78 48.86
N PHE A 25 -86.54 -4.55 47.79
CA PHE A 25 -85.49 -5.55 47.68
C PHE A 25 -84.99 -5.73 46.24
N SER A 26 -83.73 -6.13 46.15
CA SER A 26 -83.12 -6.71 44.96
C SER A 26 -82.04 -7.67 45.41
N TRP A 27 -81.80 -8.72 44.62
CA TRP A 27 -80.90 -9.76 45.08
C TRP A 27 -79.45 -9.38 44.80
N GLY A 28 -78.58 -9.57 45.80
CA GLY A 28 -77.16 -9.47 45.60
C GLY A 28 -76.60 -10.77 45.08
N PRO A 29 -75.29 -10.82 44.86
CA PRO A 29 -74.68 -12.06 44.36
C PRO A 29 -74.73 -13.19 45.37
N GLY A 30 -74.17 -12.96 46.55
CA GLY A 30 -74.24 -13.91 47.64
C GLY A 30 -74.78 -13.18 48.85
N ASP A 31 -75.11 -11.91 48.65
CA ASP A 31 -75.73 -11.08 49.66
C ASP A 31 -77.12 -10.67 49.20
N LEU A 32 -77.74 -9.78 49.96
CA LEU A 32 -79.16 -9.53 49.88
C LEU A 32 -79.33 -8.01 49.94
N LEU A 33 -80.15 -7.45 49.06
CA LEU A 33 -80.10 -6.02 48.83
C LEU A 33 -81.40 -5.38 49.28
N LEU A 34 -81.44 -4.93 50.53
CA LEU A 34 -82.66 -4.38 51.08
C LEU A 34 -82.52 -2.88 51.23
N TYR A 35 -83.65 -2.19 51.08
CA TYR A 35 -83.79 -0.75 51.23
C TYR A 35 -85.22 -0.46 51.64
N GLU A 36 -85.52 0.80 51.90
CA GLU A 36 -86.90 1.19 52.19
C GLU A 36 -87.62 1.55 50.90
N THR A 37 -88.86 1.10 50.77
CA THR A 37 -89.70 1.47 49.64
C THR A 37 -91.07 1.92 50.12
N LEU A 38 -91.70 2.76 49.32
CA LEU A 38 -92.90 3.48 49.71
C LEU A 38 -94.11 2.84 49.03
N TYR A 39 -94.61 1.75 49.63
CA TYR A 39 -95.87 1.12 49.25
C TYR A 39 -96.26 0.13 50.33
N GLN A 40 -97.51 0.14 50.77
CA GLN A 40 -97.94 -0.66 51.92
C GLN A 40 -97.09 -0.38 53.14
N LYS A 41 -96.72 0.88 53.34
CA LYS A 41 -95.76 1.30 54.36
C LYS A 41 -96.10 0.84 55.77
N GLN A 42 -95.10 0.30 56.48
CA GLN A 42 -95.27 0.02 57.90
C GLN A 42 -95.27 1.30 58.71
N GLY A 43 -94.42 2.26 58.34
CA GLY A 43 -94.26 3.49 59.09
C GLY A 43 -95.36 4.50 58.84
N ASN A 44 -94.97 5.77 58.65
CA ASN A 44 -95.89 6.85 58.34
C ASN A 44 -95.18 7.89 57.48
N SER A 45 -95.94 8.47 56.54
CA SER A 45 -95.57 9.70 55.85
C SER A 45 -94.40 9.54 54.87
N GLU A 46 -94.28 10.50 53.95
CA GLU A 46 -93.18 10.53 53.00
C GLU A 46 -91.86 10.91 53.66
N THR A 47 -90.76 10.74 52.92
CA THR A 47 -89.45 11.19 53.35
C THR A 47 -88.63 11.50 52.11
N ALA A 48 -87.94 12.65 52.12
CA ALA A 48 -87.08 13.05 51.00
C ALA A 48 -85.87 13.77 51.58
N ALA A 49 -84.78 13.04 51.79
CA ALA A 49 -83.61 13.62 52.43
C ALA A 49 -82.31 13.15 51.80
N ARG A 50 -82.41 12.45 50.66
CA ARG A 50 -81.24 11.96 49.94
C ARG A 50 -80.41 11.03 50.83
N CYS A 51 -80.97 9.87 51.17
CA CYS A 51 -80.36 8.94 52.10
C CYS A 51 -79.51 7.92 51.35
N PRO A 52 -78.19 7.93 51.52
CA PRO A 52 -77.33 7.09 50.70
C PRO A 52 -76.93 5.77 51.34
N PHE A 53 -77.50 5.43 52.49
CA PHE A 53 -77.16 4.17 53.15
C PHE A 53 -77.77 3.02 52.38
N MET A 54 -77.17 1.84 52.55
CA MET A 54 -77.57 0.64 51.83
C MET A 54 -77.93 -0.43 52.84
N TYR A 55 -78.66 -1.47 52.40
CA TYR A 55 -78.85 -2.62 53.25
C TYR A 55 -78.25 -3.85 52.57
N LEU A 56 -77.12 -4.31 53.09
CA LEU A 56 -76.40 -5.45 52.55
C LEU A 56 -76.50 -6.58 53.57
N VAL A 57 -77.56 -7.37 53.47
CA VAL A 57 -77.73 -8.52 54.36
C VAL A 57 -76.84 -9.64 53.85
N ARG A 58 -76.02 -10.19 54.75
CA ARG A 58 -74.97 -11.11 54.35
C ARG A 58 -75.14 -12.44 55.04
N SER A 59 -75.58 -13.44 54.28
CA SER A 59 -75.30 -14.83 54.62
C SER A 59 -73.85 -15.16 54.35
N ASP A 60 -73.12 -14.24 53.70
CA ASP A 60 -71.70 -14.34 53.46
C ASP A 60 -70.92 -13.39 54.36
N GLU A 61 -71.38 -13.22 55.61
CA GLU A 61 -70.60 -12.47 56.58
C GLU A 61 -69.27 -13.16 56.87
N ASP A 62 -69.16 -14.45 56.54
CA ASP A 62 -67.93 -15.20 56.77
C ASP A 62 -66.77 -14.60 55.98
N ILE A 63 -67.05 -13.98 54.84
CA ILE A 63 -66.00 -13.43 53.98
C ILE A 63 -65.24 -12.33 54.71
N TYR A 64 -65.85 -11.72 55.72
CA TYR A 64 -65.24 -10.58 56.40
C TYR A 64 -64.41 -10.99 57.61
N SER A 65 -64.22 -12.28 57.84
CA SER A 65 -63.30 -12.71 58.87
C SER A 65 -61.96 -13.08 58.25
N PRO A 66 -60.84 -12.72 58.87
CA PRO A 66 -59.56 -12.75 58.14
C PRO A 66 -58.98 -14.14 57.96
N VAL A 67 -59.34 -15.11 58.80
CA VAL A 67 -58.61 -16.37 58.80
C VAL A 67 -59.25 -17.34 57.80
N LEU A 68 -60.51 -17.11 57.47
CA LEU A 68 -61.25 -18.06 56.67
C LEU A 68 -60.62 -18.24 55.30
N ARG A 69 -60.02 -17.17 54.77
CA ARG A 69 -59.31 -17.30 53.51
C ARG A 69 -58.26 -18.39 53.58
N LYS A 70 -57.37 -18.34 54.58
CA LYS A 70 -56.36 -19.37 54.73
C LYS A 70 -57.03 -20.72 54.90
N LEU A 71 -57.98 -20.78 55.82
CA LEU A 71 -58.78 -21.98 56.01
C LEU A 71 -59.10 -22.64 54.69
N PHE A 72 -59.90 -21.95 53.90
CA PHE A 72 -60.51 -22.60 52.75
C PHE A 72 -59.53 -22.78 51.62
N ASN A 73 -58.58 -21.85 51.46
CA ASN A 73 -57.60 -21.99 50.40
C ASN A 73 -56.69 -23.18 50.62
N GLU A 74 -56.19 -23.35 51.83
CA GLU A 74 -55.26 -24.45 52.03
C GLU A 74 -56.02 -25.76 52.13
N SER A 75 -57.26 -25.70 52.61
CA SER A 75 -58.15 -26.84 52.44
C SER A 75 -58.28 -27.19 50.97
N HIS A 76 -58.47 -26.19 50.14
CA HIS A 76 -58.48 -26.35 48.69
C HIS A 76 -57.23 -27.06 48.21
N SER A 77 -56.07 -26.61 48.66
CA SER A 77 -54.82 -27.16 48.17
C SER A 77 -54.71 -28.64 48.51
N ILE A 78 -54.87 -28.97 49.79
CA ILE A 78 -54.76 -30.36 50.21
C ILE A 78 -55.84 -31.19 49.52
N PHE A 79 -57.02 -30.60 49.39
CA PHE A 79 -58.15 -31.29 48.81
C PHE A 79 -57.87 -31.67 47.37
N VAL A 80 -57.45 -30.71 46.56
CA VAL A 80 -57.19 -30.99 45.16
C VAL A 80 -56.07 -32.00 45.04
N GLY A 81 -55.08 -31.94 45.95
CA GLY A 81 -54.12 -33.03 46.01
C GLY A 81 -54.81 -34.36 46.21
N LEU A 82 -55.78 -34.38 47.11
CA LEU A 82 -56.52 -35.60 47.40
C LEU A 82 -57.17 -36.15 46.14
N GLN A 83 -57.88 -35.31 45.41
CA GLN A 83 -58.60 -35.83 44.26
C GLN A 83 -57.66 -36.20 43.14
N LYS A 84 -56.68 -35.36 42.84
CA LYS A 84 -55.73 -35.70 41.79
C LYS A 84 -54.96 -36.96 42.13
N SER A 85 -54.93 -37.32 43.41
CA SER A 85 -54.47 -38.64 43.79
C SER A 85 -55.54 -39.71 43.63
N ALA A 86 -56.81 -39.36 43.82
CA ALA A 86 -57.89 -40.34 43.94
C ALA A 86 -57.99 -41.26 42.73
N GLU A 87 -57.48 -40.84 41.57
CA GLU A 87 -57.48 -41.69 40.40
C GLU A 87 -56.40 -42.76 40.49
N GLU A 88 -55.55 -42.72 41.51
CA GLU A 88 -54.40 -43.61 41.59
C GLU A 88 -54.46 -44.34 42.92
N ALA A 89 -53.35 -45.01 43.25
CA ALA A 89 -53.13 -45.69 44.52
C ALA A 89 -54.06 -46.89 44.70
N SER A 90 -53.76 -47.75 45.67
CA SER A 90 -54.54 -48.97 45.84
C SER A 90 -54.41 -49.48 47.27
N GLY A 91 -55.55 -49.85 47.84
CA GLY A 91 -55.62 -50.64 49.05
C GLY A 91 -54.78 -50.15 50.20
N LYS A 92 -53.73 -50.92 50.50
CA LYS A 92 -52.82 -50.58 51.59
C LYS A 92 -52.24 -49.18 51.42
N SER A 93 -51.71 -48.89 50.23
CA SER A 93 -51.22 -47.55 49.97
C SER A 93 -52.31 -46.51 50.18
N ARG A 94 -53.49 -46.77 49.62
CA ARG A 94 -54.59 -45.83 49.75
C ARG A 94 -54.87 -45.52 51.21
N LYS A 95 -54.94 -46.57 52.04
CA LYS A 95 -55.18 -46.39 53.47
C LYS A 95 -54.09 -45.52 54.09
N ALA A 96 -52.84 -45.81 53.73
CA ALA A 96 -51.73 -45.05 54.28
C ALA A 96 -51.88 -43.56 53.95
N GLN A 97 -52.17 -43.26 52.68
CA GLN A 97 -52.30 -41.87 52.28
C GLN A 97 -53.51 -41.22 52.91
N LEU A 98 -54.55 -42.01 53.17
CA LEU A 98 -55.70 -41.49 53.89
C LEU A 98 -55.28 -40.99 55.26
N VAL A 99 -54.57 -41.84 56.01
CA VAL A 99 -54.08 -41.43 57.32
C VAL A 99 -53.15 -40.23 57.19
N GLN A 100 -52.31 -40.24 56.15
CA GLN A 100 -51.39 -39.13 55.94
C GLN A 100 -52.15 -37.82 55.81
N VAL A 101 -53.10 -37.77 54.89
CA VAL A 101 -53.85 -36.55 54.62
C VAL A 101 -54.63 -36.15 55.87
N SER A 102 -55.09 -37.13 56.62
CA SER A 102 -55.77 -36.85 57.88
C SER A 102 -54.86 -36.06 58.81
N ARG A 103 -53.64 -36.56 59.00
CA ARG A 103 -52.69 -35.86 59.84
C ARG A 103 -52.39 -34.48 59.27
N ASN A 104 -52.28 -34.39 57.95
CA ASN A 104 -51.96 -33.11 57.32
C ASN A 104 -53.04 -32.08 57.64
N TYR A 105 -54.30 -32.45 57.46
CA TYR A 105 -55.40 -31.53 57.70
C TYR A 105 -55.44 -31.11 59.15
N ARG A 106 -55.24 -32.07 60.07
CA ARG A 106 -55.21 -31.70 61.47
C ARG A 106 -54.09 -30.73 61.78
N SER A 107 -52.92 -30.96 61.20
CA SER A 107 -51.81 -30.04 61.42
C SER A 107 -52.15 -28.67 60.90
N VAL A 108 -52.83 -28.60 59.76
CA VAL A 108 -53.20 -27.30 59.23
C VAL A 108 -54.13 -26.58 60.19
N LEU A 109 -55.14 -27.28 60.70
CA LEU A 109 -56.04 -26.64 61.66
C LEU A 109 -55.27 -26.23 62.90
N ARG A 110 -54.32 -27.05 63.33
CA ARG A 110 -53.45 -26.67 64.42
C ARG A 110 -52.74 -25.35 64.14
N ALA A 111 -52.19 -25.22 62.92
CA ALA A 111 -51.50 -23.99 62.55
C ALA A 111 -52.44 -22.81 62.64
N CYS A 112 -53.65 -23.00 62.13
CA CYS A 112 -54.70 -22.01 62.32
C CYS A 112 -54.86 -21.68 63.79
N MET A 113 -54.76 -22.69 64.66
CA MET A 113 -54.96 -22.45 66.08
C MET A 113 -53.87 -21.57 66.66
N GLU A 114 -52.61 -21.85 66.34
CA GLU A 114 -51.56 -21.06 66.98
C GLU A 114 -51.56 -19.64 66.45
N GLU A 115 -51.71 -19.46 65.13
CA GLU A 115 -51.80 -18.11 64.62
C GLU A 115 -53.04 -17.42 65.17
N MET A 116 -54.08 -18.20 65.41
CA MET A 116 -55.34 -17.67 65.88
C MET A 116 -55.15 -17.11 67.28
N HIS A 117 -54.41 -17.84 68.10
CA HIS A 117 -53.89 -17.32 69.34
C HIS A 117 -53.18 -15.99 69.10
N THR A 118 -52.11 -16.03 68.29
CA THR A 118 -51.32 -14.81 68.05
C THR A 118 -52.22 -13.62 67.81
N LEU A 119 -53.31 -13.82 67.09
CA LEU A 119 -54.33 -12.78 66.95
C LEU A 119 -55.00 -12.47 68.29
N SER A 120 -55.36 -13.51 69.04
CA SER A 120 -56.24 -13.33 70.18
C SER A 120 -55.54 -12.61 71.33
N GLU A 121 -54.33 -13.07 71.71
CA GLU A 121 -53.60 -12.36 72.77
C GLU A 121 -53.30 -10.92 72.38
N SER A 122 -53.26 -10.63 71.09
CA SER A 122 -53.14 -9.23 70.67
C SER A 122 -54.46 -8.48 70.89
N THR A 123 -55.58 -9.08 70.51
CA THR A 123 -56.86 -8.42 70.52
C THR A 123 -57.49 -8.43 71.91
N ARG A 124 -58.21 -7.35 72.22
CA ARG A 124 -58.91 -7.20 73.50
C ARG A 124 -60.42 -7.16 73.32
N GLU A 125 -60.89 -7.04 72.08
CA GLU A 125 -62.31 -6.91 71.80
C GLU A 125 -62.78 -8.04 70.90
N THR A 126 -61.99 -8.36 69.89
CA THR A 126 -62.32 -9.41 68.95
C THR A 126 -61.87 -10.78 69.48
N ALA A 127 -61.19 -10.77 70.63
CA ALA A 127 -60.74 -12.00 71.26
C ALA A 127 -61.90 -12.95 71.51
N GLN A 128 -63.10 -12.42 71.75
CA GLN A 128 -64.23 -13.28 72.10
C GLN A 128 -64.70 -14.12 70.90
N LYS A 129 -64.81 -13.51 69.72
CA LYS A 129 -65.15 -14.35 68.58
C LYS A 129 -64.00 -15.29 68.25
N TYR A 130 -62.76 -14.81 68.45
CA TYR A 130 -61.67 -15.77 68.32
C TYR A 130 -61.85 -16.96 69.25
N ILE A 131 -62.34 -16.72 70.46
CA ILE A 131 -62.61 -17.82 71.39
C ILE A 131 -63.64 -18.77 70.78
N SER A 132 -64.71 -18.20 70.21
CA SER A 132 -65.76 -19.02 69.62
C SER A 132 -65.21 -19.91 68.53
N GLN A 133 -64.44 -19.33 67.61
CA GLN A 133 -63.92 -20.12 66.49
C GLN A 133 -62.88 -21.12 66.96
N ILE A 134 -62.07 -20.77 67.95
CA ILE A 134 -61.14 -21.75 68.48
C ILE A 134 -61.91 -22.93 69.08
N SER A 135 -63.02 -22.63 69.78
CA SER A 135 -63.83 -23.71 70.36
C SER A 135 -64.33 -24.64 69.26
N ILE A 136 -64.91 -24.07 68.20
CA ILE A 136 -65.49 -24.91 67.16
C ILE A 136 -64.41 -25.72 66.47
N LEU A 137 -63.28 -25.08 66.15
CA LEU A 137 -62.23 -25.76 65.40
C LEU A 137 -61.57 -26.85 66.24
N SER A 138 -61.46 -26.62 67.55
CA SER A 138 -61.06 -27.70 68.45
C SER A 138 -62.06 -28.85 68.39
N ALA A 139 -63.34 -28.53 68.34
CA ALA A 139 -64.34 -29.58 68.19
C ALA A 139 -64.08 -30.39 66.92
N MET A 140 -63.77 -29.71 65.82
CA MET A 140 -63.48 -30.45 64.58
C MET A 140 -62.21 -31.29 64.67
N GLU A 141 -61.14 -30.77 65.28
CA GLU A 141 -59.99 -31.63 65.55
C GLU A 141 -60.34 -32.86 66.36
N LEU A 142 -61.01 -32.70 67.49
CA LEU A 142 -61.30 -33.85 68.33
C LEU A 142 -62.19 -34.84 67.60
N SER A 143 -63.21 -34.34 66.93
CA SER A 143 -64.14 -35.20 66.21
C SER A 143 -63.45 -35.88 65.05
N TRP A 144 -62.51 -35.19 64.44
CA TRP A 144 -61.82 -35.71 63.26
C TRP A 144 -60.90 -36.84 63.66
N ASN A 145 -60.15 -36.64 64.72
CA ASN A 145 -59.39 -37.74 65.30
C ASN A 145 -60.31 -38.90 65.64
N LEU A 146 -61.42 -38.64 66.32
CA LEU A 146 -62.30 -39.71 66.71
C LEU A 146 -62.78 -40.49 65.49
N CYS A 147 -63.22 -39.80 64.46
CA CYS A 147 -63.74 -40.48 63.28
C CYS A 147 -62.64 -41.28 62.60
N GLU A 148 -61.48 -40.67 62.37
CA GLU A 148 -60.43 -41.39 61.67
C GLU A 148 -60.06 -42.65 62.43
N ILE A 149 -59.80 -42.50 63.73
CA ILE A 149 -59.36 -43.65 64.51
C ILE A 149 -60.46 -44.69 64.56
N LEU A 150 -61.71 -44.24 64.62
CA LEU A 150 -62.81 -45.17 64.73
C LEU A 150 -62.98 -45.96 63.45
N PHE A 151 -62.61 -45.36 62.32
CA PHE A 151 -62.98 -45.90 61.03
C PHE A 151 -61.80 -46.23 60.13
N ILE A 152 -60.94 -45.25 59.86
CA ILE A 152 -60.05 -45.32 58.71
C ILE A 152 -59.24 -46.61 58.71
N GLU A 153 -58.40 -46.79 59.71
CA GLU A 153 -57.58 -47.99 59.75
C GLU A 153 -58.43 -49.23 60.00
N SER A 154 -59.53 -49.07 60.72
CA SER A 154 -60.35 -50.19 61.17
C SER A 154 -59.49 -51.24 61.83
N ALA A 155 -58.69 -50.78 62.80
CA ALA A 155 -57.71 -51.63 63.45
C ALA A 155 -58.35 -52.45 64.57
N PRO A 156 -57.73 -53.54 65.01
CA PRO A 156 -58.24 -54.29 66.16
C PRO A 156 -57.70 -53.75 67.47
N ALA A 157 -58.30 -54.23 68.56
CA ALA A 157 -57.92 -53.82 69.90
C ALA A 157 -56.42 -54.02 70.13
N GLY A 158 -55.88 -53.34 71.14
CA GLY A 158 -54.46 -53.21 71.25
C GLY A 158 -54.00 -51.90 70.67
N PRO A 159 -53.62 -51.90 69.39
CA PRO A 159 -53.35 -50.63 68.71
C PRO A 159 -54.48 -49.63 68.86
N LEU A 160 -55.73 -50.09 68.94
CA LEU A 160 -56.84 -49.17 69.20
C LEU A 160 -56.66 -48.45 70.53
N LEU A 161 -56.35 -49.20 71.58
CA LEU A 161 -56.13 -48.57 72.87
C LEU A 161 -54.93 -47.64 72.82
N ILE A 162 -53.88 -48.05 72.12
CA ILE A 162 -52.70 -47.22 71.98
C ILE A 162 -53.07 -45.88 71.35
N LEU A 163 -53.78 -45.93 70.23
CA LEU A 163 -54.10 -44.72 69.50
C LEU A 163 -55.09 -43.85 70.27
N LEU A 164 -56.01 -44.47 71.01
CA LEU A 164 -56.96 -43.65 71.76
C LEU A 164 -56.29 -42.98 72.94
N LEU A 165 -55.34 -43.65 73.58
CA LEU A 165 -54.57 -43.01 74.63
C LEU A 165 -53.75 -41.87 74.07
N GLU A 166 -53.17 -42.07 72.89
CA GLU A 166 -52.45 -40.99 72.21
C GLU A 166 -53.40 -39.84 71.91
N TRP A 167 -54.61 -40.15 71.47
CA TRP A 167 -55.65 -39.17 71.25
C TRP A 167 -55.90 -38.34 72.51
N VAL A 168 -56.13 -39.02 73.62
CA VAL A 168 -56.48 -38.35 74.87
C VAL A 168 -55.33 -37.47 75.33
N ARG A 169 -54.09 -37.97 75.24
CA ARG A 169 -52.97 -37.16 75.68
C ARG A 169 -52.79 -35.96 74.77
N LEU A 170 -53.07 -36.10 73.48
CA LEU A 170 -53.03 -34.94 72.59
C LEU A 170 -54.06 -33.90 73.00
N HIS A 171 -55.29 -34.32 73.26
CA HIS A 171 -56.38 -33.38 73.48
C HIS A 171 -56.52 -32.92 74.92
N VAL A 172 -55.74 -33.45 75.84
CA VAL A 172 -55.76 -33.04 77.24
C VAL A 172 -54.45 -32.33 77.51
N CYS A 173 -54.53 -31.09 77.98
CA CYS A 173 -53.35 -30.28 78.23
C CYS A 173 -53.20 -29.87 79.68
N GLU A 174 -54.10 -30.31 80.56
CA GLU A 174 -54.00 -29.95 81.97
C GLU A 174 -52.75 -30.53 82.62
N VAL A 175 -52.45 -31.80 82.32
CA VAL A 175 -51.41 -32.51 83.07
C VAL A 175 -50.09 -31.76 83.01
N ASP A 176 -49.75 -31.20 81.86
CA ASP A 176 -48.50 -30.44 81.77
C ASP A 176 -48.59 -29.13 82.52
N ASN A 177 -49.78 -28.54 82.61
CA ASN A 177 -49.95 -27.35 83.44
C ASN A 177 -49.67 -27.65 84.91
N ILE A 178 -50.21 -28.76 85.40
CA ILE A 178 -49.89 -29.19 86.76
C ILE A 178 -48.40 -29.50 86.89
N VAL A 179 -47.80 -30.07 85.84
CA VAL A 179 -46.36 -30.31 85.86
C VAL A 179 -45.61 -29.01 86.06
N GLN A 180 -45.97 -27.99 85.29
CA GLN A 180 -45.29 -26.70 85.38
C GLN A 180 -45.48 -26.07 86.74
N ASP A 181 -46.70 -26.13 87.29
CA ASP A 181 -46.95 -25.56 88.61
C ASP A 181 -46.18 -26.29 89.69
N VAL A 182 -46.11 -27.62 89.60
CA VAL A 182 -45.39 -28.41 90.61
C VAL A 182 -43.90 -28.10 90.55
N LEU A 183 -43.34 -28.05 89.35
CA LEU A 183 -41.93 -27.69 89.23
C LEU A 183 -41.69 -26.22 89.60
N ARG A 184 -42.70 -25.37 89.50
CA ARG A 184 -42.59 -23.97 89.83
C ARG A 184 -42.58 -23.72 91.33
N SER A 185 -43.43 -24.38 92.10
CA SER A 185 -43.57 -24.07 93.52
C SER A 185 -42.93 -25.15 94.36
N GLU A 186 -41.88 -24.78 95.09
CA GLU A 186 -41.20 -25.65 96.07
C GLU A 186 -40.83 -27.01 95.49
N LYS A 187 -40.61 -27.97 96.37
CA LYS A 187 -40.30 -29.33 95.95
C LYS A 187 -41.57 -30.03 95.47
N PRO A 188 -41.44 -30.95 94.51
CA PRO A 188 -42.63 -31.62 93.98
C PRO A 188 -43.48 -32.29 95.06
N THR A 189 -42.86 -32.94 96.04
CA THR A 189 -43.66 -33.59 97.08
C THR A 189 -44.29 -32.58 98.03
N GLU A 190 -43.68 -31.42 98.22
CA GLU A 190 -44.26 -30.35 99.02
C GLU A 190 -45.37 -29.62 98.28
N HIS A 191 -45.43 -29.74 96.96
CA HIS A 191 -46.46 -29.07 96.18
C HIS A 191 -47.84 -29.61 96.53
N GLU A 192 -48.80 -28.70 96.65
CA GLU A 192 -50.18 -29.10 96.87
C GLU A 192 -50.74 -29.91 95.72
N LYS A 193 -50.23 -29.71 94.50
CA LYS A 193 -50.61 -30.49 93.35
C LYS A 193 -49.70 -31.68 93.11
N PHE A 194 -48.97 -32.11 94.14
CA PHE A 194 -48.15 -33.31 94.03
C PHE A 194 -48.99 -34.52 93.66
N TRP A 195 -49.87 -34.92 94.58
CA TRP A 195 -50.76 -36.05 94.31
C TRP A 195 -51.74 -35.76 93.18
N ASP A 196 -52.07 -34.49 92.93
CA ASP A 196 -52.87 -34.17 91.76
C ASP A 196 -52.16 -34.58 90.48
N GLY A 197 -50.89 -34.19 90.35
CA GLY A 197 -50.12 -34.60 89.20
C GLY A 197 -49.94 -36.11 89.17
N VAL A 198 -49.82 -36.73 90.33
CA VAL A 198 -49.68 -38.19 90.40
C VAL A 198 -50.93 -38.86 89.82
N THR A 199 -52.11 -38.35 90.19
CA THR A 199 -53.35 -38.86 89.61
C THR A 199 -53.40 -38.65 88.11
N GLY A 200 -52.98 -37.48 87.65
CA GLY A 200 -52.89 -37.24 86.21
C GLY A 200 -51.99 -38.23 85.52
N TYR A 201 -50.86 -38.56 86.15
CA TYR A 201 -49.92 -39.53 85.61
C TYR A 201 -50.54 -40.92 85.53
N VAL A 202 -51.26 -41.30 86.58
CA VAL A 202 -51.95 -42.60 86.59
C VAL A 202 -52.97 -42.64 85.45
N LEU A 203 -53.68 -41.53 85.26
CA LEU A 203 -54.63 -41.45 84.16
C LEU A 203 -53.94 -41.55 82.81
N GLN A 204 -52.76 -40.94 82.68
CA GLN A 204 -52.05 -40.87 81.41
C GLN A 204 -51.16 -42.09 81.13
N GLY A 205 -51.01 -43.00 82.09
CA GLY A 205 -50.19 -44.18 81.84
C GLY A 205 -48.73 -43.87 81.62
N ARG A 206 -48.16 -43.03 82.48
CA ARG A 206 -46.77 -42.59 82.38
C ARG A 206 -46.05 -42.95 83.68
N MET A 207 -46.18 -44.24 83.99
CA MET A 207 -45.76 -44.80 85.27
C MET A 207 -44.29 -44.58 85.55
N ASN A 208 -43.46 -44.33 84.53
CA ASN A 208 -42.05 -44.06 84.80
C ASN A 208 -41.89 -42.80 85.65
N GLU A 209 -42.45 -41.68 85.19
CA GLU A 209 -42.36 -40.46 85.98
C GLU A 209 -43.32 -40.47 87.14
N ALA A 210 -44.41 -41.24 87.03
CA ALA A 210 -45.26 -41.45 88.21
C ALA A 210 -44.48 -42.10 89.34
N ARG A 211 -43.65 -43.09 89.02
CA ARG A 211 -42.76 -43.70 90.00
C ARG A 211 -41.66 -42.74 90.41
N GLN A 212 -41.24 -41.86 89.51
CA GLN A 212 -40.31 -40.81 89.90
C GLN A 212 -40.86 -39.98 91.04
N LEU A 213 -42.14 -39.60 90.96
CA LEU A 213 -42.76 -38.87 92.07
C LEU A 213 -43.05 -39.79 93.26
N LEU A 214 -43.32 -41.07 92.99
CA LEU A 214 -43.48 -42.03 94.08
C LEU A 214 -42.22 -42.12 94.90
N ALA A 215 -41.05 -41.98 94.26
CA ALA A 215 -39.80 -41.91 94.99
C ALA A 215 -39.73 -40.70 95.90
N LYS A 216 -40.17 -39.54 95.43
CA LYS A 216 -40.23 -38.35 96.29
C LYS A 216 -41.13 -38.60 97.49
N GLU A 217 -42.30 -39.21 97.25
CA GLU A 217 -43.25 -39.46 98.33
C GLU A 217 -42.67 -40.46 99.35
N ALA A 218 -42.02 -41.52 98.86
CA ALA A 218 -41.46 -42.52 99.77
C ALA A 218 -40.27 -41.99 100.53
N SER A 219 -39.46 -41.12 99.92
CA SER A 219 -38.39 -40.46 100.66
C SER A 219 -38.95 -39.52 101.71
N THR A 220 -40.03 -38.81 101.39
CA THR A 220 -40.64 -37.90 102.35
C THR A 220 -41.23 -38.66 103.54
N SER A 221 -41.94 -39.75 103.29
CA SER A 221 -42.61 -40.51 104.33
C SER A 221 -41.96 -41.89 104.48
N ALA A 222 -41.45 -42.16 105.67
CA ALA A 222 -40.83 -43.43 105.98
C ALA A 222 -41.85 -44.53 106.22
N SER A 223 -43.14 -44.20 106.31
CA SER A 223 -44.20 -45.17 106.51
C SER A 223 -44.79 -45.65 105.20
N ALA A 224 -44.78 -44.81 104.17
CA ALA A 224 -45.35 -45.17 102.88
C ALA A 224 -44.30 -45.70 101.90
N ARG A 225 -43.08 -45.95 102.34
CA ARG A 225 -42.04 -46.40 101.41
C ARG A 225 -42.37 -47.77 100.84
N SER A 226 -42.74 -48.72 101.70
CA SER A 226 -43.13 -50.04 101.23
C SER A 226 -44.40 -49.96 100.38
N MET A 227 -45.31 -49.07 100.76
CA MET A 227 -46.49 -48.81 99.97
C MET A 227 -46.11 -48.41 98.55
N CYS A 228 -45.15 -47.47 98.44
CA CYS A 228 -44.68 -47.02 97.13
C CYS A 228 -43.99 -48.14 96.37
N ARG A 229 -43.23 -48.98 97.07
CA ARG A 229 -42.58 -50.10 96.38
C ARG A 229 -43.60 -51.08 95.81
N VAL A 230 -44.63 -51.40 96.58
CA VAL A 230 -45.68 -52.28 96.08
C VAL A 230 -46.36 -51.66 94.87
N LEU A 231 -46.68 -50.37 94.95
CA LEU A 231 -47.31 -49.70 93.83
C LEU A 231 -46.38 -49.68 92.62
N ASP A 232 -45.08 -49.54 92.84
CA ASP A 232 -44.12 -49.57 91.76
C ASP A 232 -44.13 -50.92 91.07
N ASP A 233 -44.21 -52.00 91.85
CA ASP A 233 -44.33 -53.33 91.26
C ASP A 233 -45.61 -53.43 90.42
N LEU A 234 -46.71 -52.89 90.94
CA LEU A 234 -47.95 -52.86 90.17
C LEU A 234 -47.76 -52.16 88.83
N LEU A 235 -47.10 -51.01 88.86
CA LEU A 235 -46.89 -50.22 87.65
C LEU A 235 -45.94 -50.93 86.69
N LYS A 236 -45.03 -51.74 87.24
CA LYS A 236 -44.18 -52.55 86.37
C LYS A 236 -45.00 -53.64 85.68
N LYS A 237 -45.96 -54.22 86.39
CA LYS A 237 -46.74 -55.33 85.84
C LYS A 237 -47.93 -54.88 84.98
N MET A 238 -48.31 -53.61 85.01
CA MET A 238 -49.53 -53.20 84.32
C MET A 238 -49.38 -53.37 82.80
N PRO A 239 -50.51 -53.45 82.06
CA PRO A 239 -50.45 -53.80 80.63
C PRO A 239 -49.87 -52.73 79.71
N MET A 240 -48.78 -53.11 79.04
CA MET A 240 -48.20 -52.44 77.87
C MET A 240 -47.97 -53.49 76.79
N LEU A 241 -49.06 -54.16 76.41
CA LEU A 241 -49.03 -55.33 75.54
C LEU A 241 -48.29 -56.46 76.24
N HIS A 242 -48.89 -56.97 77.33
CA HIS A 242 -48.31 -58.09 78.07
C HIS A 242 -47.71 -59.13 77.15
N THR A 243 -48.37 -59.42 76.03
CA THR A 243 -47.83 -60.31 75.03
C THR A 243 -47.85 -59.59 73.68
N GLY A 244 -46.88 -59.94 72.83
CA GLY A 244 -46.68 -59.24 71.59
C GLY A 244 -47.74 -59.50 70.54
N GLY A 245 -47.59 -58.85 69.38
CA GLY A 245 -48.54 -58.97 68.30
C GLY A 245 -48.56 -60.31 67.59
N THR A 246 -47.49 -61.09 67.70
CA THR A 246 -47.48 -62.45 67.17
C THR A 246 -48.05 -63.47 68.16
N GLN A 247 -48.42 -63.02 69.36
CA GLN A 247 -48.95 -63.91 70.38
C GLN A 247 -50.46 -64.05 70.23
N THR A 248 -51.09 -64.65 71.24
CA THR A 248 -52.53 -64.74 71.31
C THR A 248 -53.05 -63.83 72.42
N LEU A 249 -54.28 -63.35 72.24
CA LEU A 249 -54.90 -62.53 73.28
C LEU A 249 -55.08 -63.31 74.57
N THR A 250 -55.10 -64.64 74.48
CA THR A 250 -55.24 -65.47 75.69
C THR A 250 -54.11 -65.20 76.67
N GLU A 251 -52.87 -65.17 76.18
CA GLU A 251 -51.72 -64.95 77.05
C GLU A 251 -51.75 -63.55 77.67
N PHE A 252 -52.07 -62.54 76.87
CA PHE A 252 -52.15 -61.18 77.40
C PHE A 252 -53.24 -61.07 78.47
N GLU A 253 -54.39 -61.70 78.21
CA GLU A 253 -55.46 -61.69 79.20
C GLU A 253 -55.04 -62.44 80.46
N LEU A 254 -54.26 -63.50 80.30
CA LEU A 254 -53.71 -64.19 81.47
C LEU A 254 -52.86 -63.24 82.30
N LYS A 255 -51.93 -62.54 81.67
CA LYS A 255 -51.09 -61.63 82.43
C LYS A 255 -51.91 -60.50 83.05
N TRP A 256 -52.90 -60.01 82.30
CA TRP A 256 -53.82 -59.01 82.82
C TRP A 256 -54.51 -59.51 84.08
N GLN A 257 -54.97 -60.75 84.07
CA GLN A 257 -55.73 -61.25 85.21
C GLN A 257 -54.81 -61.53 86.38
N HIS A 258 -53.57 -61.95 86.12
CA HIS A 258 -52.61 -62.13 87.19
C HIS A 258 -52.35 -60.81 87.89
N TRP A 259 -52.07 -59.76 87.11
CA TRP A 259 -51.90 -58.43 87.66
C TRP A 259 -53.13 -57.99 88.43
N ARG A 260 -54.31 -58.20 87.84
CA ARG A 260 -55.55 -57.84 88.49
C ARG A 260 -55.63 -58.48 89.87
N GLU A 261 -55.58 -59.81 89.91
CA GLU A 261 -55.80 -60.55 91.14
C GLU A 261 -54.76 -60.21 92.20
N GLU A 262 -53.51 -59.95 91.82
CA GLU A 262 -52.56 -59.57 92.85
C GLU A 262 -52.87 -58.19 93.39
N CYS A 263 -53.44 -57.31 92.55
CA CYS A 263 -53.85 -56.00 93.04
C CYS A 263 -54.99 -56.11 94.04
N GLU A 264 -56.05 -56.88 93.72
CA GLU A 264 -57.06 -57.12 94.75
C GLU A 264 -56.47 -57.79 95.97
N ARG A 265 -55.51 -58.71 95.79
CA ARG A 265 -54.92 -59.37 96.94
C ARG A 265 -54.29 -58.34 97.86
N HIS A 266 -53.43 -57.48 97.32
CA HIS A 266 -52.77 -56.48 98.14
C HIS A 266 -53.78 -55.54 98.78
N LEU A 267 -54.86 -55.22 98.07
CA LEU A 267 -55.88 -54.36 98.66
C LEU A 267 -56.50 -55.01 99.89
N GLN A 268 -56.97 -56.25 99.74
CA GLN A 268 -57.68 -56.89 100.86
C GLN A 268 -56.72 -57.30 101.96
N ASN A 269 -55.41 -57.30 101.68
CA ASN A 269 -54.46 -57.52 102.77
C ASN A 269 -54.45 -56.37 103.76
N GLY A 270 -55.11 -55.26 103.46
CA GLY A 270 -54.92 -54.08 104.26
C GLY A 270 -53.53 -53.51 104.14
N THR A 271 -52.78 -53.92 103.11
CA THR A 271 -51.46 -53.37 102.89
C THR A 271 -51.55 -51.87 102.67
N PHE A 272 -52.53 -51.41 101.90
CA PHE A 272 -52.79 -50.00 101.69
C PHE A 272 -53.95 -49.61 102.61
N SER A 273 -53.63 -49.38 103.89
CA SER A 273 -54.64 -49.04 104.87
C SER A 273 -54.17 -47.89 105.76
N SER A 274 -53.16 -47.16 105.29
CA SER A 274 -52.68 -46.01 106.05
C SER A 274 -52.37 -44.79 105.17
N ASN A 275 -52.58 -44.86 103.86
CA ASN A 275 -52.30 -43.75 102.95
C ASN A 275 -53.53 -43.60 102.05
N VAL A 276 -54.30 -42.52 102.28
CA VAL A 276 -55.56 -42.33 101.57
C VAL A 276 -55.33 -42.23 100.07
N HIS A 277 -54.33 -41.43 99.67
CA HIS A 277 -54.09 -41.23 98.25
C HIS A 277 -53.72 -42.53 97.55
N MET A 278 -52.79 -43.30 98.13
CA MET A 278 -52.33 -44.49 97.45
C MET A 278 -53.37 -45.61 97.51
N GLU A 279 -54.21 -45.64 98.55
CA GLU A 279 -55.26 -46.65 98.59
C GLU A 279 -56.37 -46.31 97.60
N ALA A 280 -56.64 -45.02 97.40
CA ALA A 280 -57.51 -44.62 96.30
C ALA A 280 -56.89 -45.00 94.96
N VAL A 281 -55.56 -44.89 94.87
CA VAL A 281 -54.84 -45.39 93.71
C VAL A 281 -55.09 -46.88 93.53
N CYS A 282 -55.16 -47.62 94.64
CA CYS A 282 -55.43 -49.05 94.55
C CYS A 282 -56.84 -49.32 94.00
N ARG A 283 -57.84 -48.60 94.48
CA ARG A 283 -59.16 -48.72 93.85
C ARG A 283 -59.11 -48.37 92.37
N VAL A 284 -58.42 -47.29 91.99
CA VAL A 284 -58.32 -46.93 90.57
C VAL A 284 -57.68 -48.06 89.78
N LEU A 285 -56.57 -48.59 90.30
CA LEU A 285 -55.85 -49.65 89.61
C LEU A 285 -56.69 -50.91 89.49
N LEU A 286 -57.61 -51.12 90.43
CA LEU A 286 -58.62 -52.16 90.28
C LEU A 286 -59.83 -51.69 89.49
N GLY A 287 -59.79 -50.47 88.99
CA GLY A 287 -60.88 -49.95 88.17
C GLY A 287 -62.16 -49.75 88.94
N ASP A 288 -62.06 -49.25 90.16
CA ASP A 288 -63.24 -49.09 91.01
C ASP A 288 -63.91 -47.75 90.70
N GLU A 289 -65.16 -47.84 90.26
CA GLU A 289 -65.80 -46.71 89.60
C GLU A 289 -66.22 -45.63 90.58
N GLU A 290 -66.25 -45.93 91.88
CA GLU A 290 -66.58 -44.89 92.85
C GLU A 290 -65.55 -43.78 92.84
N VAL A 291 -64.27 -44.14 92.76
CA VAL A 291 -63.23 -43.13 92.71
C VAL A 291 -63.33 -42.34 91.42
N LEU A 292 -63.67 -43.02 90.32
CA LEU A 292 -63.82 -42.32 89.05
C LEU A 292 -64.94 -41.29 89.11
N LEU A 293 -66.10 -41.68 89.65
CA LEU A 293 -67.21 -40.74 89.73
C LEU A 293 -66.93 -39.63 90.73
N GLU A 294 -66.12 -39.91 91.75
CA GLU A 294 -65.68 -38.85 92.65
C GLU A 294 -64.79 -37.85 91.92
N LYS A 295 -63.85 -38.34 91.11
CA LYS A 295 -62.91 -37.49 90.40
C LYS A 295 -63.55 -36.86 89.16
N ARG A 296 -64.80 -37.23 88.85
CA ARG A 296 -65.55 -36.62 87.77
C ARG A 296 -65.40 -35.09 87.72
N ASP A 297 -65.37 -34.45 88.89
CA ASP A 297 -65.14 -33.01 88.94
C ASP A 297 -63.76 -32.63 88.42
N LEU A 298 -62.70 -33.27 88.88
CA LEU A 298 -61.38 -33.06 88.31
C LEU A 298 -61.28 -33.60 86.90
N MET A 299 -62.22 -34.44 86.50
CA MET A 299 -62.25 -35.01 85.16
C MET A 299 -62.77 -34.05 84.11
N THR A 300 -64.04 -33.63 84.23
CA THR A 300 -64.71 -32.75 83.27
C THR A 300 -64.79 -33.39 81.90
N THR A 301 -64.38 -34.66 81.80
CA THR A 301 -64.19 -35.33 80.52
C THR A 301 -64.72 -36.75 80.62
N TRP A 302 -66.00 -36.91 80.28
CA TRP A 302 -66.62 -38.22 80.49
C TRP A 302 -66.15 -39.21 79.44
N TYR A 303 -65.61 -38.72 78.32
CA TYR A 303 -64.89 -39.62 77.42
C TYR A 303 -63.64 -40.17 78.09
N HIS A 304 -62.95 -39.34 78.88
CA HIS A 304 -61.85 -39.86 79.69
C HIS A 304 -62.38 -40.85 80.73
N PHE A 305 -63.56 -40.56 81.27
CA PHE A 305 -64.24 -41.53 82.13
C PHE A 305 -64.35 -42.88 81.46
N LEU A 306 -64.86 -42.89 80.23
CA LEU A 306 -65.09 -44.15 79.53
C LEU A 306 -63.78 -44.83 79.15
N VAL A 307 -62.76 -44.05 78.75
CA VAL A 307 -61.50 -44.68 78.38
C VAL A 307 -60.84 -45.29 79.62
N SER A 308 -60.98 -44.64 80.77
CA SER A 308 -60.51 -45.25 82.01
C SER A 308 -61.27 -46.53 82.30
N ARG A 309 -62.59 -46.51 82.15
CA ARG A 309 -63.38 -47.72 82.31
C ARG A 309 -62.83 -48.85 81.45
N LEU A 310 -62.63 -48.57 80.16
CA LEU A 310 -62.22 -49.59 79.22
C LEU A 310 -60.85 -50.13 79.56
N LEU A 311 -59.88 -49.24 79.79
CA LEU A 311 -58.52 -49.69 80.06
C LEU A 311 -58.45 -50.48 81.35
N PHE A 312 -59.02 -49.96 82.45
CA PHE A 312 -58.94 -50.65 83.72
C PHE A 312 -59.83 -51.87 83.82
N LYS A 313 -60.75 -52.10 82.88
CA LYS A 313 -61.57 -53.28 83.00
C LYS A 313 -61.66 -54.09 81.72
N HIS A 314 -61.50 -53.45 80.56
CA HIS A 314 -61.80 -54.08 79.28
C HIS A 314 -60.63 -53.91 78.33
N PRO A 315 -59.53 -54.63 78.58
CA PRO A 315 -58.40 -54.59 77.66
C PRO A 315 -58.74 -55.12 76.27
N THR A 316 -59.79 -55.92 76.15
CA THR A 316 -60.30 -56.36 74.87
C THR A 316 -61.65 -55.67 74.66
N VAL A 317 -61.96 -55.34 73.41
CA VAL A 317 -63.13 -54.54 73.09
C VAL A 317 -63.94 -55.23 72.02
N LYS A 318 -65.23 -54.91 71.98
CA LYS A 318 -66.12 -55.34 70.92
C LYS A 318 -66.94 -54.16 70.45
N PRO A 319 -67.02 -53.92 69.14
CA PRO A 319 -67.73 -52.73 68.65
C PRO A 319 -69.17 -52.62 69.13
N THR A 320 -69.90 -53.74 69.17
CA THR A 320 -71.27 -53.71 69.66
C THR A 320 -71.34 -53.28 71.11
N GLU A 321 -70.45 -53.78 71.95
CA GLU A 321 -70.42 -53.41 73.35
C GLU A 321 -69.80 -52.05 73.59
N LEU A 322 -69.14 -51.46 72.58
CA LEU A 322 -68.65 -50.10 72.73
C LEU A 322 -69.80 -49.14 72.95
N HIS A 323 -70.89 -49.34 72.22
CA HIS A 323 -72.09 -48.54 72.44
C HIS A 323 -72.63 -48.76 73.86
N PHE A 324 -72.57 -50.00 74.33
CA PHE A 324 -73.00 -50.27 75.70
C PHE A 324 -72.14 -49.53 76.71
N TYR A 325 -70.82 -49.56 76.53
CA TYR A 325 -69.95 -48.86 77.46
C TYR A 325 -70.22 -47.38 77.42
N ALA A 326 -70.43 -46.84 76.22
CA ALA A 326 -70.73 -45.43 76.06
C ALA A 326 -72.02 -45.07 76.80
N GLN A 327 -73.04 -45.91 76.66
CA GLN A 327 -74.29 -45.68 77.38
C GLN A 327 -74.04 -45.64 78.88
N SER A 328 -73.31 -46.63 79.37
CA SER A 328 -73.05 -46.70 80.81
C SER A 328 -72.28 -45.47 81.28
N SER A 329 -71.24 -45.09 80.54
CA SER A 329 -70.44 -43.94 80.93
C SER A 329 -71.25 -42.67 80.92
N LEU A 330 -72.08 -42.49 79.90
CA LEU A 330 -72.92 -41.30 79.81
C LEU A 330 -73.91 -41.23 80.96
N ASP A 331 -74.54 -42.35 81.29
CA ASP A 331 -75.49 -42.35 82.39
C ASP A 331 -74.78 -42.04 83.71
N MET A 332 -73.62 -42.65 83.92
CA MET A 332 -72.88 -42.41 85.16
C MET A 332 -72.42 -40.96 85.26
N PHE A 333 -72.03 -40.36 84.14
CA PHE A 333 -71.57 -38.98 84.19
C PHE A 333 -72.74 -38.03 84.40
N LEU A 334 -73.86 -38.23 83.71
CA LEU A 334 -75.03 -37.39 83.92
C LEU A 334 -75.57 -37.53 85.33
N ALA A 335 -75.33 -38.67 85.98
CA ALA A 335 -75.72 -38.85 87.36
C ALA A 335 -75.15 -37.79 88.29
N GLY A 336 -73.94 -37.30 88.03
CA GLY A 336 -73.41 -36.21 88.82
C GLY A 336 -74.20 -34.93 88.66
N ASP A 337 -74.42 -34.50 87.42
CA ASP A 337 -75.34 -33.41 87.13
C ASP A 337 -75.76 -33.45 85.67
N SER A 338 -77.02 -33.82 85.41
CA SER A 338 -77.52 -33.82 84.05
C SER A 338 -77.76 -32.42 83.54
N CYS A 339 -77.32 -32.14 82.32
CA CYS A 339 -77.50 -30.88 81.63
C CYS A 339 -77.52 -31.12 80.12
N PRO A 340 -78.18 -30.25 79.36
CA PRO A 340 -78.24 -30.43 77.90
C PRO A 340 -76.86 -30.24 77.26
N GLU A 341 -76.58 -31.05 76.24
CA GLU A 341 -75.29 -31.03 75.55
C GLU A 341 -75.40 -31.68 74.17
N PRO A 342 -75.00 -31.01 73.09
CA PRO A 342 -74.92 -31.69 71.79
C PRO A 342 -73.76 -32.67 71.67
N LEU A 343 -72.53 -32.25 72.02
CA LEU A 343 -71.33 -32.97 71.58
C LEU A 343 -71.32 -34.40 72.08
N ASP A 344 -71.80 -34.63 73.29
CA ASP A 344 -71.86 -35.98 73.84
C ASP A 344 -72.68 -36.89 72.94
N ASN A 345 -73.90 -36.46 72.60
CA ASN A 345 -74.76 -37.26 71.75
C ASN A 345 -74.18 -37.40 70.35
N ILE A 346 -73.49 -36.35 69.90
CA ILE A 346 -72.87 -36.37 68.58
C ILE A 346 -71.85 -37.49 68.51
N LEU A 347 -70.95 -37.54 69.50
CA LEU A 347 -69.90 -38.55 69.51
C LEU A 347 -70.46 -39.93 69.85
N LEU A 348 -71.59 -39.98 70.56
CA LEU A 348 -72.35 -41.21 70.61
C LEU A 348 -72.65 -41.70 69.20
N ALA A 349 -73.45 -40.92 68.46
CA ALA A 349 -73.82 -41.30 67.10
C ALA A 349 -72.59 -41.66 66.28
N ALA A 350 -71.44 -41.07 66.61
CA ALA A 350 -70.19 -41.53 66.03
C ALA A 350 -69.91 -42.99 66.37
N PHE A 351 -69.97 -43.35 67.66
CA PHE A 351 -69.66 -44.74 68.02
C PHE A 351 -70.70 -45.73 67.51
N GLU A 352 -71.97 -45.35 67.47
CA GLU A 352 -72.94 -46.15 66.74
C GLU A 352 -73.03 -45.77 65.27
N PHE A 353 -71.96 -45.21 64.71
CA PHE A 353 -71.65 -45.27 63.28
C PHE A 353 -72.43 -44.28 62.43
N ASP A 354 -73.44 -43.60 62.97
CA ASP A 354 -74.39 -42.91 62.10
C ASP A 354 -73.79 -41.54 61.77
N ILE A 355 -72.87 -41.59 60.81
CA ILE A 355 -72.13 -40.41 60.36
C ILE A 355 -73.08 -39.33 59.90
N HIS A 356 -74.20 -39.70 59.29
CA HIS A 356 -75.07 -38.73 58.66
C HIS A 356 -75.81 -37.91 59.70
N GLN A 357 -76.31 -38.55 60.75
CA GLN A 357 -76.95 -37.78 61.80
C GLN A 357 -75.92 -37.02 62.63
N VAL A 358 -74.69 -37.55 62.73
CA VAL A 358 -73.62 -36.75 63.30
C VAL A 358 -73.46 -35.45 62.54
N ILE A 359 -73.42 -35.56 61.21
CA ILE A 359 -73.34 -34.38 60.35
C ILE A 359 -74.54 -33.48 60.56
N LYS A 360 -75.71 -34.06 60.76
CA LYS A 360 -76.90 -33.27 61.02
C LYS A 360 -76.72 -32.43 62.28
N GLU A 361 -76.19 -33.06 63.33
CA GLU A 361 -75.94 -32.34 64.57
C GLU A 361 -74.96 -31.19 64.34
N PHE A 362 -73.89 -31.46 63.59
CA PHE A 362 -72.98 -30.39 63.22
C PHE A 362 -73.68 -29.26 62.49
N SER A 363 -74.54 -29.60 61.53
CA SER A 363 -75.16 -28.60 60.67
C SER A 363 -76.19 -27.77 61.41
N ILE A 364 -76.81 -28.32 62.45
CA ILE A 364 -77.71 -27.50 63.26
C ILE A 364 -76.91 -26.66 64.25
N VAL A 365 -75.77 -27.18 64.72
CA VAL A 365 -74.93 -26.37 65.61
C VAL A 365 -74.34 -25.19 64.84
N SER A 366 -73.99 -25.39 63.57
CA SER A 366 -73.21 -24.41 62.83
C SER A 366 -73.77 -24.17 61.43
N SER A 367 -72.95 -23.57 60.55
CA SER A 367 -73.36 -23.31 59.18
C SER A 367 -72.23 -23.53 58.19
N ASN A 368 -71.12 -24.13 58.64
CA ASN A 368 -69.96 -24.29 57.78
C ASN A 368 -70.01 -25.66 57.10
N TRP A 369 -70.46 -25.69 55.85
CA TRP A 369 -70.51 -26.92 55.07
C TRP A 369 -69.12 -27.40 54.63
N TRP A 370 -68.09 -26.60 54.86
CA TRP A 370 -66.71 -26.96 54.55
C TRP A 370 -66.25 -28.27 55.18
N PHE A 371 -66.23 -28.29 56.51
CA PHE A 371 -65.71 -29.44 57.23
C PHE A 371 -66.46 -30.70 56.85
N VAL A 372 -67.78 -30.58 56.71
CA VAL A 372 -68.57 -31.72 56.26
C VAL A 372 -68.22 -32.09 54.84
N ALA A 373 -67.87 -31.12 54.01
CA ALA A 373 -67.48 -31.43 52.63
C ALA A 373 -66.25 -32.31 52.63
N HIS A 374 -65.29 -32.01 53.50
CA HIS A 374 -64.13 -32.87 53.57
C HIS A 374 -64.45 -34.21 54.21
N LEU A 375 -65.34 -34.22 55.20
CA LEU A 375 -65.88 -35.48 55.67
C LEU A 375 -66.38 -36.29 54.50
N THR A 376 -67.14 -35.64 53.62
CA THR A 376 -67.76 -36.29 52.49
C THR A 376 -66.72 -36.84 51.54
N ASP A 377 -65.67 -36.07 51.27
CA ASP A 377 -64.64 -36.55 50.36
C ASP A 377 -63.99 -37.80 50.93
N LEU A 378 -63.74 -37.78 52.23
CA LEU A 378 -63.20 -38.97 52.89
C LEU A 378 -64.13 -40.16 52.70
N LEU A 379 -65.41 -39.97 52.98
CA LEU A 379 -66.36 -41.06 52.84
C LEU A 379 -66.46 -41.52 51.40
N ASP A 380 -66.27 -40.59 50.46
CA ASP A 380 -66.24 -40.95 49.06
C ASP A 380 -65.09 -41.89 48.78
N HIS A 381 -63.93 -41.57 49.34
CA HIS A 381 -62.77 -42.41 49.14
C HIS A 381 -62.86 -43.72 49.88
N CYS A 382 -63.69 -43.80 50.93
CA CYS A 382 -63.65 -44.97 51.79
C CYS A 382 -64.18 -46.23 51.11
N GLN A 383 -64.51 -46.18 49.83
CA GLN A 383 -64.92 -47.37 49.08
C GLN A 383 -66.12 -48.05 49.73
N LEU A 384 -67.27 -47.36 49.70
CA LEU A 384 -68.56 -47.85 50.16
C LEU A 384 -68.70 -47.79 51.68
N PHE A 385 -69.82 -47.22 52.12
CA PHE A 385 -70.21 -47.13 53.52
C PHE A 385 -71.72 -47.04 53.60
N GLN A 386 -72.28 -47.39 54.75
CA GLN A 386 -73.71 -47.26 54.97
C GLN A 386 -74.01 -47.06 56.44
N ALA A 387 -74.47 -45.86 56.77
CA ALA A 387 -75.06 -45.57 58.07
C ALA A 387 -76.35 -44.79 57.85
N HIS A 388 -77.22 -45.33 56.98
CA HIS A 388 -78.33 -44.60 56.39
C HIS A 388 -77.76 -43.45 55.56
N ASN A 389 -76.99 -43.80 54.53
CA ASN A 389 -76.41 -42.79 53.65
C ASN A 389 -77.49 -41.92 53.03
N LEU A 390 -77.25 -40.61 53.07
CA LEU A 390 -78.13 -39.63 52.46
C LEU A 390 -77.57 -39.18 51.12
N TYR A 391 -76.61 -39.93 50.59
CA TYR A 391 -76.24 -39.77 49.19
C TYR A 391 -77.08 -40.64 48.27
N PHE A 392 -77.77 -41.66 48.79
CA PHE A 392 -78.76 -42.38 48.02
C PHE A 392 -80.16 -41.81 48.22
N GLY A 393 -80.30 -40.77 49.02
CA GLY A 393 -81.57 -40.07 49.19
C GLY A 393 -81.40 -38.58 48.98
N ALA A 394 -80.16 -38.18 48.73
CA ALA A 394 -79.76 -36.79 48.54
C ALA A 394 -78.46 -36.76 47.76
N ASN A 395 -77.88 -35.59 47.54
CA ASN A 395 -76.55 -35.56 46.94
C ASN A 395 -75.70 -34.58 47.76
N MET A 396 -75.14 -35.11 48.84
CA MET A 396 -74.35 -34.31 49.75
C MET A 396 -73.19 -33.66 49.03
N ARG A 397 -72.56 -34.41 48.11
CA ARG A 397 -71.36 -33.92 47.43
C ARG A 397 -71.66 -32.62 46.69
N GLU A 398 -72.58 -32.66 45.74
CA GLU A 398 -72.88 -31.47 44.95
C GLU A 398 -73.56 -30.41 45.81
N PHE A 399 -74.31 -30.81 46.82
CA PHE A 399 -74.88 -29.83 47.73
C PHE A 399 -73.79 -28.95 48.30
N LEU A 400 -72.79 -29.59 48.90
CA LEU A 400 -71.75 -28.83 49.58
C LEU A 400 -70.84 -28.16 48.57
N LEU A 401 -70.65 -28.79 47.40
CA LEU A 401 -69.87 -28.19 46.34
C LEU A 401 -70.46 -26.85 45.93
N LEU A 402 -71.78 -26.80 45.75
CA LEU A 402 -72.41 -25.57 45.29
C LEU A 402 -72.48 -24.54 46.41
N ASP A 403 -72.81 -24.98 47.63
CA ASP A 403 -72.73 -24.03 48.76
C ASP A 403 -71.35 -23.41 48.83
N TYR A 404 -70.34 -24.24 48.62
CA TYR A 404 -68.96 -23.82 48.80
C TYR A 404 -68.57 -22.83 47.72
N ALA A 405 -68.86 -23.16 46.47
CA ALA A 405 -68.56 -22.25 45.37
C ALA A 405 -69.35 -20.96 45.50
N SER A 406 -70.60 -21.04 45.95
CA SER A 406 -71.43 -19.86 46.11
C SER A 406 -70.80 -18.91 47.13
N GLY A 407 -70.34 -19.46 48.25
CA GLY A 407 -69.57 -18.63 49.18
C GLY A 407 -68.32 -18.07 48.53
N LEU A 408 -67.70 -18.86 47.66
CA LEU A 408 -66.47 -18.42 46.99
C LEU A 408 -66.70 -17.22 46.09
N PHE A 409 -67.85 -17.16 45.40
CA PHE A 409 -68.07 -16.05 44.49
C PHE A 409 -68.08 -14.71 45.20
N SER A 410 -68.22 -14.72 46.53
CA SER A 410 -68.42 -13.48 47.28
C SER A 410 -67.28 -12.49 47.07
N HIS A 411 -66.08 -12.97 46.80
CA HIS A 411 -64.96 -12.06 46.55
C HIS A 411 -64.52 -12.13 45.10
N HIS A 412 -64.08 -10.98 44.59
CA HIS A 412 -63.78 -10.78 43.18
C HIS A 412 -62.61 -11.63 42.70
N SER A 413 -61.84 -12.22 43.61
CA SER A 413 -60.87 -13.22 43.21
C SER A 413 -61.13 -14.59 43.82
N LEU A 414 -61.93 -14.68 44.87
CA LEU A 414 -62.08 -15.89 45.67
C LEU A 414 -63.13 -16.83 45.09
N TRP A 415 -63.93 -16.34 44.16
CA TRP A 415 -64.70 -17.18 43.26
C TRP A 415 -63.87 -18.22 42.51
N GLN A 416 -62.56 -17.99 42.39
CA GLN A 416 -61.77 -18.84 41.50
C GLN A 416 -61.79 -20.28 41.98
N LEU A 417 -61.70 -20.49 43.29
CA LEU A 417 -61.81 -21.84 43.80
C LEU A 417 -63.20 -22.40 43.54
N GLY A 418 -64.21 -21.52 43.50
CA GLY A 418 -65.52 -21.96 43.09
C GLY A 418 -65.50 -22.51 41.68
N VAL A 419 -64.69 -21.90 40.82
CA VAL A 419 -64.46 -22.48 39.50
C VAL A 419 -63.82 -23.86 39.63
N ASP A 420 -62.84 -23.96 40.52
CA ASP A 420 -62.10 -25.21 40.66
C ASP A 420 -62.97 -26.32 41.23
N TYR A 421 -64.08 -25.96 41.87
CA TYR A 421 -64.97 -26.97 42.42
C TYR A 421 -66.22 -27.19 41.60
N PHE A 422 -66.57 -26.23 40.75
CA PHE A 422 -67.42 -26.60 39.62
C PHE A 422 -66.66 -27.48 38.64
N ASP A 423 -65.33 -27.56 38.79
CA ASP A 423 -64.58 -28.56 38.04
C ASP A 423 -65.01 -29.97 38.43
N TYR A 424 -65.90 -30.10 39.42
CA TYR A 424 -66.46 -31.40 39.78
C TYR A 424 -67.96 -31.35 40.04
N CYS A 425 -68.67 -30.44 39.37
CA CYS A 425 -70.13 -30.45 39.25
C CYS A 425 -70.54 -29.59 38.06
N PRO A 426 -70.14 -29.96 36.82
CA PRO A 426 -70.19 -29.00 35.71
C PRO A 426 -71.51 -28.99 34.96
N ASN A 427 -72.29 -30.07 35.07
CA ASN A 427 -73.55 -30.14 34.35
C ASN A 427 -74.47 -29.01 34.78
N LEU A 428 -74.23 -28.45 35.95
CA LEU A 428 -74.76 -27.15 36.33
C LEU A 428 -73.65 -26.15 36.60
N GLY A 429 -72.41 -26.60 36.84
CA GLY A 429 -71.37 -25.71 37.30
C GLY A 429 -70.91 -24.73 36.25
N ARG A 430 -70.58 -25.23 35.06
CA ARG A 430 -70.07 -24.34 34.00
C ARG A 430 -71.12 -23.32 33.61
N GLU A 431 -72.38 -23.75 33.60
CA GLU A 431 -73.47 -22.87 33.24
C GLU A 431 -73.69 -21.82 34.32
N TYR A 432 -73.69 -22.23 35.60
CA TYR A 432 -73.71 -21.25 36.67
C TYR A 432 -72.49 -20.34 36.60
N LEU A 433 -71.38 -20.85 36.08
CA LEU A 433 -70.19 -20.00 35.93
C LEU A 433 -70.44 -18.88 34.94
N LYS A 434 -70.92 -19.23 33.76
CA LYS A 434 -71.29 -18.20 32.78
C LYS A 434 -72.35 -17.27 33.37
N LEU A 435 -73.29 -17.87 34.10
CA LEU A 435 -74.36 -17.13 34.75
C LEU A 435 -73.84 -16.05 35.69
N HIS A 436 -72.95 -16.43 36.60
CA HIS A 436 -72.42 -15.46 37.55
C HIS A 436 -71.45 -14.51 36.87
N MET A 437 -70.74 -15.00 35.86
CA MET A 437 -69.81 -14.18 35.11
C MET A 437 -70.52 -13.00 34.49
N GLU A 438 -71.56 -13.26 33.69
CA GLU A 438 -72.27 -12.16 33.05
C GLU A 438 -72.86 -11.20 34.08
N ARG A 439 -73.13 -11.68 35.28
CA ARG A 439 -73.82 -10.92 36.31
C ARG A 439 -72.86 -10.04 37.11
N ILE A 440 -71.58 -10.40 37.15
CA ILE A 440 -70.58 -9.73 37.98
C ILE A 440 -69.78 -8.76 37.10
N PRO A 441 -69.32 -7.62 37.63
CA PRO A 441 -68.46 -6.74 36.83
C PRO A 441 -67.14 -7.39 36.48
N LEU A 442 -66.65 -7.10 35.28
CA LEU A 442 -65.51 -7.82 34.72
C LEU A 442 -64.71 -6.93 33.77
N SER A 443 -63.39 -7.06 33.84
CA SER A 443 -62.50 -6.47 32.85
C SER A 443 -61.33 -7.37 32.47
N THR A 444 -61.00 -8.34 33.32
CA THR A 444 -59.63 -8.84 33.39
C THR A 444 -59.34 -9.87 32.29
N GLU A 445 -58.41 -9.48 31.43
CA GLU A 445 -58.03 -10.26 30.27
C GLU A 445 -57.71 -11.68 30.66
N LYS A 446 -56.83 -11.82 31.64
CA LYS A 446 -56.23 -13.11 31.93
C LYS A 446 -57.18 -14.04 32.68
N LYS A 447 -57.83 -13.57 33.76
CA LYS A 447 -58.74 -14.49 34.43
C LYS A 447 -59.89 -14.88 33.52
N ALA A 448 -60.45 -13.92 32.80
CA ALA A 448 -61.51 -14.28 31.87
C ALA A 448 -61.00 -15.31 30.87
N LEU A 449 -59.88 -15.01 30.22
CA LEU A 449 -59.32 -15.88 29.19
C LEU A 449 -59.05 -17.27 29.72
N LYS A 450 -58.59 -17.37 30.98
CA LYS A 450 -58.34 -18.68 31.57
C LYS A 450 -59.64 -19.44 31.77
N ALA A 451 -60.70 -18.74 32.17
CA ALA A 451 -62.01 -19.39 32.22
C ALA A 451 -62.35 -19.95 30.85
N LEU A 452 -62.09 -19.16 29.80
CA LEU A 452 -62.26 -19.67 28.45
C LEU A 452 -61.49 -20.96 28.25
N ARG A 453 -60.18 -20.94 28.55
CA ARG A 453 -59.35 -22.13 28.42
C ARG A 453 -60.04 -23.33 29.03
N ILE A 454 -60.26 -23.25 30.34
CA ILE A 454 -61.01 -24.26 31.08
C ILE A 454 -62.14 -24.79 30.24
N CYS A 455 -62.89 -23.89 29.61
CA CYS A 455 -64.03 -24.33 28.85
C CYS A 455 -63.63 -25.14 27.63
N GLU A 456 -62.69 -24.65 26.81
CA GLU A 456 -62.50 -25.34 25.52
C GLU A 456 -61.84 -26.70 25.72
N GLN A 457 -60.99 -26.83 26.74
CA GLN A 457 -60.47 -28.19 26.95
C GLN A 457 -61.62 -29.14 27.27
N ARG A 458 -62.77 -28.60 27.67
CA ARG A 458 -63.98 -29.37 27.85
C ARG A 458 -64.88 -29.34 26.63
N GLN A 459 -64.48 -28.63 25.57
CA GLN A 459 -65.21 -28.62 24.30
C GLN A 459 -66.65 -28.11 24.44
N MET A 460 -66.81 -26.83 24.79
CA MET A 460 -68.10 -26.25 25.14
C MET A 460 -68.27 -24.90 24.42
N THR A 461 -68.13 -24.92 23.10
CA THR A 461 -67.92 -23.70 22.32
C THR A 461 -69.10 -22.73 22.39
N GLU A 462 -70.26 -23.18 22.89
CA GLU A 462 -71.46 -22.36 22.75
C GLU A 462 -71.42 -21.13 23.65
N GLN A 463 -71.38 -21.33 24.97
CA GLN A 463 -71.16 -20.22 25.88
C GLN A 463 -69.90 -19.46 25.52
N VAL A 464 -68.89 -20.19 25.03
CA VAL A 464 -67.65 -19.55 24.58
C VAL A 464 -67.96 -18.43 23.61
N ARG A 465 -68.61 -18.78 22.50
CA ARG A 465 -68.86 -17.79 21.45
C ARG A 465 -69.78 -16.70 21.96
N SER A 466 -70.74 -17.08 22.81
CA SER A 466 -71.61 -16.07 23.41
C SER A 466 -70.80 -15.00 24.12
N ILE A 467 -69.90 -15.42 25.00
CA ILE A 467 -69.15 -14.46 25.80
C ILE A 467 -68.18 -13.68 24.91
N CYS A 468 -67.60 -14.35 23.92
CA CYS A 468 -66.65 -13.66 23.07
C CYS A 468 -67.31 -12.53 22.30
N LYS A 469 -68.45 -12.82 21.67
CA LYS A 469 -69.17 -11.75 20.99
C LYS A 469 -69.61 -10.68 21.98
N THR A 470 -70.02 -11.09 23.18
CA THR A 470 -70.51 -10.13 24.15
C THR A 470 -69.41 -9.15 24.55
N MET A 471 -68.25 -9.66 24.87
CA MET A 471 -67.22 -8.77 25.35
C MET A 471 -66.58 -8.02 24.19
N ALA A 472 -66.59 -8.60 22.98
CA ALA A 472 -66.17 -7.84 21.80
C ALA A 472 -67.06 -6.63 21.57
N MET A 473 -68.38 -6.82 21.68
CA MET A 473 -69.27 -5.70 21.42
C MET A 473 -69.17 -4.67 22.54
N GLN A 474 -68.86 -5.11 23.76
CA GLN A 474 -68.52 -4.12 24.78
C GLN A 474 -67.25 -3.36 24.41
N SER A 475 -66.27 -4.07 23.83
CA SER A 475 -65.07 -3.41 23.35
C SER A 475 -65.41 -2.29 22.38
N LEU A 476 -66.28 -2.57 21.42
CA LEU A 476 -66.66 -1.54 20.46
C LEU A 476 -67.59 -0.51 21.11
N CYS A 477 -68.32 -0.91 22.15
CA CYS A 477 -69.09 0.06 22.93
C CYS A 477 -68.16 1.11 23.51
N ASN A 478 -66.97 0.70 23.90
CA ASN A 478 -65.91 1.62 24.26
C ASN A 478 -65.23 2.22 23.03
N ARG A 479 -65.89 2.11 21.88
CA ARG A 479 -65.40 2.62 20.60
C ARG A 479 -64.12 1.94 20.16
N ARG A 480 -63.95 0.65 20.50
CA ARG A 480 -62.75 -0.09 20.10
C ARG A 480 -63.11 -1.15 19.06
N LEU A 481 -63.15 -0.66 17.82
CA LEU A 481 -63.39 -1.49 16.66
C LEU A 481 -62.29 -2.54 16.49
N GLY A 482 -61.07 -2.26 16.93
CA GLY A 482 -60.00 -3.24 16.76
C GLY A 482 -60.24 -4.50 17.58
N SER A 483 -60.60 -4.32 18.86
CA SER A 483 -60.88 -5.47 19.71
C SER A 483 -62.14 -6.16 19.25
N ALA A 484 -63.14 -5.38 18.86
CA ALA A 484 -64.26 -6.02 18.21
C ALA A 484 -63.80 -6.91 17.05
N LEU A 485 -62.90 -6.40 16.20
CA LEU A 485 -62.44 -7.12 15.01
C LEU A 485 -61.80 -8.44 15.36
N SER A 486 -60.72 -8.40 16.14
CA SER A 486 -59.98 -9.60 16.49
C SER A 486 -60.90 -10.59 17.19
N TRP A 487 -61.84 -10.09 17.95
CA TRP A 487 -62.66 -10.96 18.75
C TRP A 487 -63.74 -11.56 17.89
N SER A 488 -64.14 -10.88 16.84
CA SER A 488 -65.02 -11.52 15.88
C SER A 488 -64.26 -12.58 15.11
N ILE A 489 -62.97 -12.35 14.85
CA ILE A 489 -62.13 -13.42 14.31
C ILE A 489 -62.04 -14.55 15.32
N ARG A 490 -62.22 -14.23 16.60
CA ARG A 490 -62.26 -15.27 17.62
C ARG A 490 -63.58 -16.02 17.63
N ALA A 491 -64.68 -15.31 17.48
CA ALA A 491 -66.01 -15.91 17.47
C ALA A 491 -66.33 -16.56 16.13
N LYS A 492 -65.59 -16.21 15.08
CA LYS A 492 -65.84 -16.62 13.70
C LYS A 492 -67.24 -16.21 13.24
N ASP A 493 -67.50 -14.89 13.24
CA ASP A 493 -68.82 -14.34 12.92
C ASP A 493 -68.72 -13.48 11.66
N ALA A 494 -69.03 -14.09 10.51
CA ALA A 494 -69.02 -13.35 9.26
C ALA A 494 -69.97 -12.17 9.28
N ALA A 495 -71.07 -12.26 10.03
CA ALA A 495 -72.05 -11.19 10.05
C ALA A 495 -71.46 -9.89 10.61
N PHE A 496 -71.12 -9.89 11.89
CA PHE A 496 -70.54 -8.68 12.49
C PHE A 496 -69.23 -8.34 11.81
N ALA A 497 -68.50 -9.34 11.33
CA ALA A 497 -67.24 -9.07 10.65
C ALA A 497 -67.47 -8.25 9.39
N THR A 498 -68.44 -8.66 8.58
CA THR A 498 -68.84 -7.87 7.41
C THR A 498 -69.34 -6.50 7.82
N LEU A 499 -70.07 -6.43 8.93
CA LEU A 499 -70.59 -5.15 9.39
C LEU A 499 -69.46 -4.16 9.63
N ILE A 500 -68.48 -4.57 10.42
CA ILE A 500 -67.41 -3.63 10.74
C ILE A 500 -66.48 -3.47 9.54
N SER A 501 -66.47 -4.46 8.65
CA SER A 501 -65.81 -4.28 7.36
C SER A 501 -66.44 -3.13 6.61
N ASP A 502 -67.76 -3.03 6.68
CA ASP A 502 -68.47 -1.96 6.00
C ASP A 502 -68.24 -0.63 6.70
N ARG A 503 -68.05 -0.67 8.02
CA ARG A 503 -67.58 0.53 8.70
C ARG A 503 -66.22 0.97 8.18
N PHE A 504 -65.33 0.01 7.93
CA PHE A 504 -64.05 0.32 7.29
C PHE A 504 -64.27 0.95 5.93
N LEU A 505 -65.19 0.39 5.16
CA LEU A 505 -65.43 0.88 3.81
C LEU A 505 -66.03 2.29 3.83
N LYS A 506 -66.84 2.60 4.84
CA LYS A 506 -67.32 3.96 5.00
C LYS A 506 -66.18 4.89 5.40
N GLU A 507 -65.23 4.37 6.18
CA GLU A 507 -64.04 5.17 6.48
C GLU A 507 -63.26 5.48 5.21
N TYR A 508 -63.18 4.50 4.31
CA TYR A 508 -62.57 4.75 3.01
C TYR A 508 -63.41 5.73 2.20
N CYS A 509 -64.72 5.68 2.36
CA CYS A 509 -65.54 6.72 1.74
C CYS A 509 -65.16 8.10 2.29
N GLU A 510 -64.82 8.16 3.56
CA GLU A 510 -64.46 9.43 4.19
C GLU A 510 -63.10 9.92 3.74
N ARG A 511 -62.11 9.02 3.69
CA ARG A 511 -60.72 9.43 3.56
C ARG A 511 -60.07 9.06 2.25
N GLY A 512 -60.58 8.04 1.56
CA GLY A 512 -60.01 7.58 0.31
C GLY A 512 -58.75 6.76 0.48
N ASN A 513 -58.52 6.19 1.65
CA ASN A 513 -57.22 5.57 1.92
C ASN A 513 -57.34 4.42 2.90
N PHE A 514 -56.27 3.65 2.97
CA PHE A 514 -56.12 2.45 3.78
C PHE A 514 -55.27 2.70 5.02
N THR A 515 -55.63 2.02 6.10
CA THR A 515 -54.95 2.11 7.38
C THR A 515 -54.97 0.75 8.04
N ASP A 516 -53.83 0.38 8.65
CA ASP A 516 -53.66 -0.96 9.21
C ASP A 516 -53.98 -2.04 8.19
N LEU A 517 -53.61 -1.79 6.95
CA LEU A 517 -53.98 -2.69 5.86
C LEU A 517 -53.39 -4.08 6.06
N ASP A 518 -52.12 -4.16 6.47
CA ASP A 518 -51.48 -5.46 6.59
C ASP A 518 -52.07 -6.26 7.74
N LEU A 519 -52.64 -5.57 8.74
CA LEU A 519 -53.30 -6.25 9.85
C LEU A 519 -54.40 -7.16 9.33
N ILE A 520 -54.96 -6.84 8.17
CA ILE A 520 -55.94 -7.71 7.54
C ILE A 520 -55.27 -8.53 6.45
N ASP A 521 -54.26 -7.96 5.79
CA ASP A 521 -53.58 -8.64 4.69
C ASP A 521 -53.00 -9.96 5.13
N ASN A 522 -52.63 -10.07 6.40
CA ASN A 522 -52.01 -11.26 6.94
C ASN A 522 -53.01 -12.37 7.27
N LEU A 523 -54.30 -12.10 7.13
CA LEU A 523 -55.31 -13.01 7.65
C LEU A 523 -55.50 -14.26 6.82
N GLY A 524 -54.99 -14.32 5.59
CA GLY A 524 -54.93 -15.56 4.86
C GLY A 524 -56.30 -16.17 4.59
N SER A 525 -56.37 -17.50 4.61
CA SER A 525 -57.57 -18.23 4.20
C SER A 525 -58.74 -18.03 5.14
N ALA A 526 -58.54 -17.43 6.31
CA ALA A 526 -59.66 -17.15 7.20
C ALA A 526 -60.60 -16.10 6.62
N MET A 527 -60.18 -15.42 5.55
CA MET A 527 -60.97 -14.33 4.98
C MET A 527 -62.30 -14.82 4.43
N LEU A 528 -62.46 -16.12 4.23
CA LEU A 528 -63.60 -16.67 3.51
C LEU A 528 -64.93 -16.41 4.18
N LEU A 529 -64.94 -16.03 5.46
CA LEU A 529 -66.20 -15.82 6.17
C LEU A 529 -66.78 -14.45 5.89
N SER A 530 -66.11 -13.39 6.35
CA SER A 530 -66.62 -12.03 6.16
C SER A 530 -66.41 -11.62 4.71
N ASP A 531 -67.50 -11.56 3.95
CA ASP A 531 -67.39 -11.25 2.54
C ASP A 531 -67.12 -9.77 2.32
N ARG A 532 -67.66 -8.91 3.19
CA ARG A 532 -67.37 -7.48 3.08
C ARG A 532 -65.91 -7.20 3.32
N LEU A 533 -65.33 -7.82 4.35
CA LEU A 533 -63.91 -7.64 4.58
C LEU A 533 -63.10 -8.31 3.48
N THR A 534 -63.58 -9.43 2.96
CA THR A 534 -62.91 -10.09 1.85
C THR A 534 -62.83 -9.15 0.65
N PHE A 535 -63.94 -8.49 0.35
CA PHE A 535 -63.97 -7.53 -0.74
C PHE A 535 -63.04 -6.37 -0.47
N LEU A 536 -63.04 -5.85 0.76
CA LEU A 536 -62.18 -4.71 1.09
C LEU A 536 -60.71 -5.08 0.92
N GLY A 537 -60.33 -6.27 1.38
CA GLY A 537 -58.95 -6.70 1.24
C GLY A 537 -58.57 -6.95 -0.21
N LYS A 538 -59.48 -7.51 -1.00
CA LYS A 538 -59.19 -7.70 -2.41
C LYS A 538 -59.09 -6.36 -3.14
N TYR A 539 -59.86 -5.37 -2.69
CA TYR A 539 -59.65 -4.00 -3.14
C TYR A 539 -58.27 -3.48 -2.77
N ARG A 540 -57.79 -3.78 -1.57
CA ARG A 540 -56.40 -3.46 -1.27
C ARG A 540 -55.47 -4.12 -2.27
N GLU A 541 -55.71 -5.40 -2.55
CA GLU A 541 -54.86 -6.16 -3.47
C GLU A 541 -54.78 -5.49 -4.81
N PHE A 542 -55.93 -5.17 -5.39
CA PHE A 542 -55.96 -4.51 -6.69
C PHE A 542 -55.36 -3.11 -6.60
N HIS A 543 -55.56 -2.45 -5.46
CA HIS A 543 -55.05 -1.11 -5.25
C HIS A 543 -53.53 -1.09 -5.35
N ARG A 544 -52.87 -2.07 -4.73
CA ARG A 544 -51.42 -2.01 -4.81
C ARG A 544 -50.89 -2.67 -6.08
N MET A 545 -51.58 -3.69 -6.62
CA MET A 545 -51.16 -4.13 -7.95
C MET A 545 -51.18 -2.94 -8.91
N TYR A 546 -52.09 -2.00 -8.69
CA TYR A 546 -51.97 -0.71 -9.36
C TYR A 546 -50.71 0.03 -8.92
N SER A 547 -50.49 0.18 -7.62
CA SER A 547 -49.43 1.09 -7.17
C SER A 547 -48.07 0.69 -7.71
N GLN A 548 -47.78 -0.60 -7.79
CA GLN A 548 -46.65 -1.09 -8.58
C GLN A 548 -47.03 -1.52 -9.99
N GLU A 549 -48.17 -1.07 -10.49
CA GLU A 549 -48.48 -1.14 -11.93
C GLU A 549 -48.50 -2.57 -12.43
N GLN A 550 -49.02 -3.47 -11.61
CA GLN A 550 -49.07 -4.88 -11.97
C GLN A 550 -50.34 -5.11 -12.77
N PHE A 551 -50.23 -4.82 -14.06
CA PHE A 551 -51.38 -4.77 -14.94
C PHE A 551 -52.07 -6.12 -15.07
N SER A 552 -51.30 -7.17 -15.39
CA SER A 552 -51.90 -8.45 -15.73
C SER A 552 -52.70 -9.01 -14.57
N GLU A 553 -52.02 -9.24 -13.45
CA GLU A 553 -52.68 -9.85 -12.30
C GLU A 553 -53.64 -8.87 -11.62
N ALA A 554 -53.38 -7.58 -11.73
CA ALA A 554 -54.37 -6.61 -11.27
C ALA A 554 -55.69 -6.81 -12.01
N ALA A 555 -55.64 -6.82 -13.33
CA ALA A 555 -56.85 -6.97 -14.14
C ALA A 555 -57.51 -8.31 -13.89
N SER A 556 -56.71 -9.37 -13.77
CA SER A 556 -57.28 -10.68 -13.52
C SER A 556 -58.01 -10.71 -12.18
N LEU A 557 -57.40 -10.14 -11.14
CA LEU A 557 -58.07 -10.09 -9.85
C LEU A 557 -59.35 -9.29 -9.93
N LEU A 558 -59.31 -8.14 -10.62
CA LEU A 558 -60.50 -7.31 -10.70
C LEU A 558 -61.62 -8.03 -11.43
N LEU A 559 -61.26 -8.73 -12.51
CA LEU A 559 -62.25 -9.54 -13.22
C LEU A 559 -62.86 -10.58 -12.32
N SER A 560 -62.02 -11.30 -11.57
CA SER A 560 -62.53 -12.32 -10.67
C SER A 560 -63.45 -11.71 -9.63
N LEU A 561 -63.05 -10.58 -9.06
CA LEU A 561 -63.84 -9.93 -8.01
C LEU A 561 -65.19 -9.48 -8.52
N MET A 562 -65.23 -8.91 -9.72
CA MET A 562 -66.50 -8.44 -10.23
C MET A 562 -67.38 -9.59 -10.69
N THR A 563 -66.77 -10.65 -11.24
CA THR A 563 -67.54 -11.86 -11.50
C THR A 563 -68.10 -12.43 -10.21
N ALA A 564 -67.41 -12.22 -9.09
CA ALA A 564 -67.96 -12.57 -7.80
C ALA A 564 -69.19 -11.74 -7.44
N ARG A 565 -69.35 -10.55 -8.05
CA ARG A 565 -70.57 -9.78 -7.91
C ARG A 565 -70.87 -9.48 -6.44
N ILE A 566 -69.99 -8.68 -5.85
CA ILE A 566 -70.13 -8.25 -4.47
C ILE A 566 -69.74 -6.78 -4.34
N ALA A 567 -70.58 -6.05 -3.57
CA ALA A 567 -70.41 -4.71 -2.98
C ALA A 567 -71.34 -3.68 -3.61
N PRO A 568 -71.61 -2.57 -2.92
CA PRO A 568 -72.54 -1.57 -3.45
C PRO A 568 -71.98 -0.85 -4.69
N CYS A 569 -72.91 -0.37 -5.51
CA CYS A 569 -72.57 0.22 -6.80
C CYS A 569 -71.74 1.49 -6.66
N SER A 570 -72.11 2.38 -5.73
CA SER A 570 -71.47 3.69 -5.62
C SER A 570 -69.96 3.58 -5.53
N PHE A 571 -69.45 2.39 -5.22
CA PHE A 571 -68.03 2.14 -5.10
C PHE A 571 -67.46 1.44 -6.33
N TRP A 572 -68.29 0.66 -7.05
CA TRP A 572 -67.81 0.13 -8.32
C TRP A 572 -67.56 1.26 -9.30
N LEU A 573 -68.24 2.39 -9.08
CA LEU A 573 -67.85 3.65 -9.69
C LEU A 573 -66.34 3.85 -9.63
N THR A 574 -65.82 4.03 -8.42
CA THR A 574 -64.39 4.28 -8.26
C THR A 574 -63.57 3.08 -8.71
N LEU A 575 -64.15 1.88 -8.56
CA LEU A 575 -63.49 0.66 -9.03
C LEU A 575 -63.07 0.80 -10.48
N LEU A 576 -64.03 1.06 -11.36
CA LEU A 576 -63.70 1.14 -12.77
C LEU A 576 -63.04 2.48 -13.11
N LEU A 577 -63.28 3.50 -12.28
CA LEU A 577 -62.53 4.74 -12.41
C LEU A 577 -61.04 4.47 -12.34
N ASP A 578 -60.63 3.62 -11.40
CA ASP A 578 -59.24 3.20 -11.31
C ASP A 578 -58.87 2.18 -12.38
N ALA A 579 -59.81 1.35 -12.81
CA ALA A 579 -59.54 0.40 -13.89
C ALA A 579 -59.22 1.11 -15.21
N LEU A 580 -59.59 2.37 -15.33
CA LEU A 580 -59.33 3.17 -16.53
C LEU A 580 -57.95 2.96 -17.15
N PRO A 581 -56.83 3.37 -16.53
CA PRO A 581 -55.56 3.36 -17.27
C PRO A 581 -55.11 1.98 -17.68
N LEU A 582 -55.47 0.95 -16.92
CA LEU A 582 -55.21 -0.40 -17.40
C LEU A 582 -55.93 -0.64 -18.71
N LEU A 583 -57.21 -0.29 -18.76
CA LEU A 583 -57.97 -0.39 -19.99
C LEU A 583 -57.31 0.39 -21.12
N GLU A 584 -56.74 1.54 -20.78
CA GLU A 584 -55.93 2.31 -21.70
C GLU A 584 -54.74 1.53 -22.24
N GLN A 585 -54.01 0.85 -21.37
CA GLN A 585 -52.76 0.23 -21.76
C GLN A 585 -52.99 -0.90 -22.76
N LYS A 586 -52.02 -1.06 -23.66
CA LYS A 586 -52.07 -2.05 -24.72
C LYS A 586 -51.91 -3.43 -24.10
N GLN A 587 -53.02 -4.13 -23.89
CA GLN A 587 -53.02 -5.45 -23.27
C GLN A 587 -53.92 -6.39 -24.05
N VAL A 588 -53.44 -7.62 -24.27
CA VAL A 588 -54.17 -8.61 -25.08
C VAL A 588 -55.11 -9.47 -24.25
N ILE A 589 -54.85 -9.61 -22.95
CA ILE A 589 -55.72 -10.40 -22.08
C ILE A 589 -57.08 -9.75 -21.90
N PHE A 590 -57.25 -8.50 -22.32
CA PHE A 590 -58.54 -7.85 -22.24
C PHE A 590 -59.60 -8.65 -22.98
N SER A 591 -60.57 -9.15 -22.24
CA SER A 591 -61.71 -9.86 -22.79
C SER A 591 -62.88 -8.89 -22.83
N ALA A 592 -63.04 -8.21 -23.97
CA ALA A 592 -64.00 -7.10 -24.05
C ALA A 592 -65.40 -7.52 -23.66
N GLU A 593 -65.78 -8.74 -24.00
CA GLU A 593 -67.12 -9.23 -23.65
C GLU A 593 -67.31 -9.30 -22.13
N GLN A 594 -66.31 -9.82 -21.41
CA GLN A 594 -66.34 -9.74 -19.95
C GLN A 594 -66.31 -8.32 -19.43
N THR A 595 -65.50 -7.46 -20.04
CA THR A 595 -65.60 -6.05 -19.70
C THR A 595 -67.04 -5.57 -19.89
N TYR A 596 -67.77 -6.15 -20.83
CA TYR A 596 -69.08 -5.58 -21.06
C TYR A 596 -70.14 -6.17 -20.16
N GLU A 597 -69.98 -7.39 -19.63
CA GLU A 597 -70.90 -7.65 -18.52
C GLU A 597 -70.58 -6.73 -17.35
N LEU A 598 -69.31 -6.33 -17.22
CA LEU A 598 -69.02 -5.25 -16.28
C LEU A 598 -69.88 -4.04 -16.55
N MET A 599 -69.86 -3.54 -17.80
CA MET A 599 -70.60 -2.30 -18.09
C MET A 599 -72.11 -2.49 -18.07
N ARG A 600 -72.62 -3.66 -18.46
CA ARG A 600 -74.07 -3.81 -18.44
C ARG A 600 -74.56 -3.90 -17.00
N CYS A 601 -73.80 -4.57 -16.14
CA CYS A 601 -74.11 -4.49 -14.72
C CYS A 601 -73.99 -3.06 -14.22
N LEU A 602 -73.06 -2.29 -14.79
CA LEU A 602 -72.97 -0.88 -14.44
C LEU A 602 -74.24 -0.14 -14.79
N GLU A 603 -74.76 -0.38 -15.99
CA GLU A 603 -76.04 0.20 -16.37
C GLU A 603 -77.13 -0.21 -15.40
N ASP A 604 -77.18 -1.50 -15.09
CA ASP A 604 -78.21 -2.01 -14.20
C ASP A 604 -78.12 -1.29 -12.86
N ARG A 605 -76.90 -1.15 -12.35
CA ARG A 605 -76.67 -0.57 -11.04
C ARG A 605 -76.95 0.92 -11.02
N MET A 606 -76.61 1.63 -12.10
CA MET A 606 -76.89 3.05 -12.14
C MET A 606 -78.39 3.31 -12.27
N ALA A 607 -79.08 2.46 -13.03
CA ALA A 607 -80.53 2.54 -13.08
C ALA A 607 -81.12 2.31 -11.69
N ALA A 608 -80.63 1.28 -11.00
CA ALA A 608 -81.13 1.00 -9.65
C ALA A 608 -80.80 2.13 -8.69
N LYS A 609 -79.62 2.72 -8.81
CA LYS A 609 -79.23 3.84 -7.99
C LYS A 609 -80.14 5.02 -8.22
N LEU A 610 -80.43 5.34 -9.48
CA LEU A 610 -81.34 6.43 -9.79
C LEU A 610 -82.73 6.15 -9.24
N GLU A 611 -83.20 4.92 -9.36
CA GLU A 611 -84.52 4.56 -8.83
C GLU A 611 -84.56 4.68 -7.32
N SER A 612 -83.50 4.25 -6.63
CA SER A 612 -83.46 4.27 -5.18
C SER A 612 -83.20 5.65 -4.60
N THR A 613 -82.55 6.53 -5.37
CA THR A 613 -82.17 7.84 -4.86
C THR A 613 -81.71 8.71 -6.01
N SER A 614 -81.67 10.02 -5.77
CA SER A 614 -81.11 10.96 -6.73
C SER A 614 -79.60 11.03 -6.56
N PRO A 615 -78.82 10.97 -7.65
CA PRO A 615 -77.36 11.05 -7.51
C PRO A 615 -76.87 12.29 -6.79
N ASP A 616 -77.49 13.45 -7.04
CA ASP A 616 -77.11 14.70 -6.38
C ASP A 616 -78.36 15.35 -5.82
N GLU A 617 -78.46 15.40 -4.48
CA GLU A 617 -79.52 16.14 -3.82
C GLU A 617 -79.08 17.55 -3.46
N ILE A 618 -77.85 17.92 -3.76
CA ILE A 618 -77.31 19.26 -3.47
C ILE A 618 -77.26 20.04 -4.76
N GLN A 619 -77.78 21.27 -4.73
CA GLN A 619 -77.77 22.14 -5.89
C GLN A 619 -76.62 23.12 -5.75
N LYS A 620 -75.62 22.97 -6.61
CA LYS A 620 -74.38 23.73 -6.55
C LYS A 620 -73.78 23.71 -7.95
N GLN A 621 -72.81 24.59 -8.19
CA GLN A 621 -72.14 24.63 -9.48
C GLN A 621 -71.45 23.31 -9.81
N ASP A 622 -71.13 22.52 -8.78
CA ASP A 622 -70.31 21.34 -9.01
C ASP A 622 -71.12 20.04 -9.03
N SER A 623 -72.41 20.08 -8.67
CA SER A 623 -73.22 18.87 -8.77
C SER A 623 -73.44 18.44 -10.21
N SER A 624 -73.83 19.37 -11.08
CA SER A 624 -73.95 19.06 -12.49
C SER A 624 -72.60 18.67 -13.07
N ILE A 625 -71.52 19.24 -12.54
CA ILE A 625 -70.17 18.85 -12.94
C ILE A 625 -69.96 17.37 -12.65
N ASP A 626 -70.28 16.94 -11.42
CA ASP A 626 -70.13 15.53 -11.07
C ASP A 626 -70.98 14.64 -11.97
N ASN A 627 -72.23 15.02 -12.20
CA ASN A 627 -73.09 14.23 -13.07
C ASN A 627 -72.48 14.09 -14.47
N THR A 628 -72.35 15.21 -15.17
CA THR A 628 -71.82 15.18 -16.53
C THR A 628 -70.47 14.47 -16.57
N LYS A 629 -69.73 14.53 -15.47
CA LYS A 629 -68.50 13.77 -15.35
C LYS A 629 -68.79 12.28 -15.38
N VAL A 630 -69.87 11.85 -14.72
CA VAL A 630 -70.22 10.42 -14.73
C VAL A 630 -70.60 9.97 -16.14
N GLU A 631 -71.43 10.74 -16.84
CA GLU A 631 -71.72 10.38 -18.22
C GLU A 631 -70.46 10.37 -19.06
N MET A 632 -69.59 11.36 -18.90
CA MET A 632 -68.33 11.37 -19.61
C MET A 632 -67.52 10.12 -19.28
N LEU A 633 -67.58 9.67 -18.04
CA LEU A 633 -66.85 8.48 -17.65
C LEU A 633 -67.32 7.28 -18.44
N ARG A 634 -68.63 7.10 -18.52
CA ARG A 634 -69.12 5.94 -19.26
C ARG A 634 -68.86 6.10 -20.75
N LEU A 635 -68.85 7.34 -21.23
CA LEU A 635 -68.47 7.58 -22.62
C LEU A 635 -67.02 7.20 -22.85
N ALA A 636 -66.16 7.54 -21.89
CA ALA A 636 -64.77 7.12 -21.94
C ALA A 636 -64.67 5.61 -21.92
N LEU A 637 -65.51 4.97 -21.12
CA LEU A 637 -65.56 3.53 -21.10
C LEU A 637 -65.81 2.98 -22.49
N ALA A 638 -66.84 3.50 -23.14
CA ALA A 638 -67.17 3.03 -24.49
C ALA A 638 -66.01 3.26 -25.44
N ARG A 639 -65.45 4.47 -25.43
CA ARG A 639 -64.43 4.79 -26.41
C ARG A 639 -63.16 3.98 -26.18
N ASN A 640 -62.76 3.81 -24.92
CA ASN A 640 -61.58 3.03 -24.61
C ASN A 640 -61.79 1.57 -24.97
N LEU A 641 -62.98 1.05 -24.71
CA LEU A 641 -63.27 -0.32 -25.11
C LEU A 641 -63.17 -0.47 -26.62
N ALA A 642 -63.68 0.53 -27.35
CA ALA A 642 -63.57 0.49 -28.79
C ALA A 642 -62.11 0.45 -29.23
N ARG A 643 -61.28 1.28 -28.62
CA ARG A 643 -59.85 1.25 -28.94
C ARG A 643 -59.22 -0.09 -28.60
N ALA A 644 -59.60 -0.67 -27.47
CA ALA A 644 -59.06 -1.96 -27.06
C ALA A 644 -59.45 -3.03 -28.06
N ILE A 645 -60.68 -2.98 -28.54
CA ILE A 645 -61.13 -3.91 -29.56
C ILE A 645 -60.30 -3.73 -30.82
N VAL A 646 -60.05 -2.47 -31.20
CA VAL A 646 -59.20 -2.21 -32.36
C VAL A 646 -57.83 -2.85 -32.20
N THR A 647 -57.20 -2.63 -31.05
CA THR A 647 -55.87 -3.17 -30.83
C THR A 647 -55.89 -4.70 -30.83
N GLU A 648 -56.89 -5.28 -30.17
CA GLU A 648 -57.02 -6.73 -30.15
C GLU A 648 -57.13 -7.28 -31.57
N GLY A 649 -57.98 -6.66 -32.39
CA GLY A 649 -58.11 -7.11 -33.76
C GLY A 649 -56.82 -6.96 -34.56
N ALA A 650 -56.17 -5.79 -34.45
CA ALA A 650 -54.92 -5.57 -35.14
C ALA A 650 -53.84 -6.54 -34.69
N LEU A 651 -53.98 -7.11 -33.50
CA LEU A 651 -53.07 -8.13 -33.01
C LEU A 651 -53.51 -9.55 -33.37
N GLN A 652 -54.79 -9.75 -33.68
CA GLN A 652 -55.29 -11.04 -34.12
C GLN A 652 -54.80 -11.41 -35.51
N GLU A 653 -54.16 -10.48 -36.22
CA GLU A 653 -53.60 -10.70 -37.54
C GLU A 653 -52.73 -11.96 -37.59
N MET B 1 -39.19 -34.06 20.65
CA MET B 1 -39.08 -32.70 20.14
C MET B 1 -40.24 -31.86 20.64
N ALA B 2 -40.17 -30.53 20.45
CA ALA B 2 -41.13 -29.62 21.06
C ALA B 2 -41.45 -28.42 20.18
N ASP B 3 -41.78 -28.64 18.90
CA ASP B 3 -42.11 -27.54 17.99
C ASP B 3 -40.94 -26.59 17.85
N LYS B 4 -39.96 -26.97 17.05
CA LYS B 4 -38.76 -26.17 16.86
C LYS B 4 -39.09 -24.70 16.60
N PHE B 5 -38.08 -23.86 16.80
CA PHE B 5 -38.26 -22.42 16.80
C PHE B 5 -38.00 -21.84 15.41
N ALA B 6 -38.68 -20.74 15.11
CA ALA B 6 -38.24 -19.84 14.07
C ALA B 6 -37.29 -18.81 14.66
N ALA B 7 -36.11 -18.71 14.06
CA ALA B 7 -35.12 -17.72 14.44
C ALA B 7 -34.96 -16.72 13.32
N LYS B 8 -35.18 -15.45 13.63
CA LYS B 8 -35.00 -14.37 12.66
C LYS B 8 -33.80 -13.55 13.10
N PHE B 9 -32.74 -13.56 12.30
CA PHE B 9 -31.57 -12.76 12.60
C PHE B 9 -31.93 -11.30 12.38
N VAL B 10 -32.42 -10.66 13.44
CA VAL B 10 -32.86 -9.27 13.33
C VAL B 10 -31.70 -8.30 13.28
N SER B 11 -30.49 -8.74 13.60
CA SER B 11 -29.34 -7.85 13.71
C SER B 11 -29.63 -6.76 14.71
N HIS B 12 -30.23 -7.12 15.85
CA HIS B 12 -30.65 -6.13 16.83
C HIS B 12 -30.67 -6.72 18.23
N LYS B 13 -30.36 -5.88 19.22
CA LYS B 13 -30.42 -6.25 20.62
C LYS B 13 -31.79 -5.88 21.17
N ILE B 14 -32.32 -6.70 22.08
CA ILE B 14 -33.68 -6.54 22.58
C ILE B 14 -33.65 -6.45 24.10
N SER B 15 -34.45 -5.54 24.66
CA SER B 15 -34.58 -5.44 26.12
C SER B 15 -36.00 -5.70 26.60
N ARG B 16 -37.01 -5.07 25.99
CA ARG B 16 -38.36 -5.13 26.51
C ARG B 16 -39.38 -5.41 25.41
N THR B 17 -40.21 -6.42 25.63
CA THR B 17 -41.33 -6.75 24.77
C THR B 17 -42.60 -6.80 25.60
N ARG B 18 -43.67 -6.20 25.10
CA ARG B 18 -44.92 -6.09 25.83
C ARG B 18 -46.07 -6.01 24.83
N TRP B 19 -47.07 -6.86 25.03
CA TRP B 19 -48.08 -7.11 24.01
C TRP B 19 -48.91 -5.85 23.77
N ARG B 20 -49.20 -5.55 22.49
CA ARG B 20 -50.08 -4.40 22.44
C ARG B 20 -51.49 -4.80 22.88
N PRO B 21 -52.01 -4.12 23.89
CA PRO B 21 -53.21 -4.60 24.58
C PRO B 21 -54.50 -4.14 23.89
N VAL B 22 -55.55 -4.91 24.13
CA VAL B 22 -56.89 -4.56 23.68
C VAL B 22 -57.83 -4.77 24.86
N SER B 23 -57.21 -5.02 26.02
CA SER B 23 -57.83 -5.14 27.33
C SER B 23 -58.93 -6.19 27.30
N ALA B 24 -59.93 -6.06 28.18
CA ALA B 24 -61.09 -6.93 28.22
C ALA B 24 -60.66 -8.41 28.42
N SER B 25 -60.94 -9.34 27.46
CA SER B 25 -60.21 -10.63 27.47
C SER B 25 -60.26 -11.44 26.16
N SER B 26 -59.14 -11.68 25.45
CA SER B 26 -59.13 -12.51 24.22
C SER B 26 -57.82 -13.25 24.06
N LEU B 27 -57.80 -14.28 23.19
CA LEU B 27 -56.76 -15.32 23.13
C LEU B 27 -55.65 -14.99 22.13
N GLN B 28 -55.93 -14.17 21.11
CA GLN B 28 -54.99 -13.96 20.01
C GLN B 28 -53.65 -13.43 20.49
N GLN B 29 -52.63 -13.64 19.66
CA GLN B 29 -51.39 -12.90 19.80
C GLN B 29 -51.61 -11.47 19.32
N PRO B 30 -51.39 -10.47 20.16
CA PRO B 30 -51.29 -9.11 19.61
C PRO B 30 -50.23 -9.04 18.54
N ASP B 31 -50.71 -9.04 17.30
CA ASP B 31 -49.85 -8.83 16.14
C ASP B 31 -49.03 -7.58 16.30
N VAL B 32 -49.62 -6.51 16.83
CA VAL B 32 -48.91 -5.29 17.13
C VAL B 32 -48.27 -5.44 18.49
N PHE B 33 -47.05 -4.94 18.62
CA PHE B 33 -46.36 -4.96 19.90
C PHE B 33 -45.25 -3.91 19.90
N ALA B 34 -45.07 -3.27 21.05
CA ALA B 34 -44.08 -2.22 21.21
C ALA B 34 -42.83 -2.78 21.88
N THR B 35 -41.68 -2.33 21.41
CA THR B 35 -40.40 -2.91 21.79
C THR B 35 -39.49 -1.83 22.35
N GLY B 36 -38.94 -2.08 23.52
CA GLY B 36 -37.97 -1.18 24.14
C GLY B 36 -36.56 -1.70 23.89
N SER B 37 -35.64 -0.77 23.59
CA SER B 37 -34.31 -1.15 23.14
C SER B 37 -33.41 -1.55 24.28
N TRP B 38 -32.72 -2.67 24.07
CA TRP B 38 -31.48 -2.93 24.77
C TRP B 38 -30.34 -2.09 24.21
N ASP B 39 -29.96 -2.34 22.97
CA ASP B 39 -29.36 -1.32 22.11
C ASP B 39 -29.57 -1.76 20.68
N ASN B 40 -30.57 -1.18 19.99
CA ASN B 40 -30.85 -1.66 18.65
C ASN B 40 -29.90 -0.98 17.67
N GLU B 41 -30.04 0.32 17.55
CA GLU B 41 -28.99 1.22 17.05
C GLU B 41 -28.70 2.31 18.07
N GLU B 42 -29.78 2.84 18.66
CA GLU B 42 -29.73 3.62 19.88
C GLU B 42 -30.61 2.90 20.88
N ASN B 43 -30.89 3.54 22.00
CA ASN B 43 -32.05 3.15 22.78
C ASN B 43 -33.27 3.81 22.15
N LYS B 44 -34.26 3.00 21.78
CA LYS B 44 -35.44 3.51 21.13
C LYS B 44 -36.60 2.60 21.49
N VAL B 45 -37.80 3.03 21.16
CA VAL B 45 -38.97 2.16 21.17
C VAL B 45 -39.44 2.02 19.73
N CYS B 46 -39.58 0.77 19.30
CA CYS B 46 -40.02 0.46 17.96
C CYS B 46 -41.38 -0.20 18.01
N VAL B 47 -42.07 -0.16 16.88
CA VAL B 47 -43.35 -0.82 16.71
C VAL B 47 -43.09 -2.02 15.81
N TRP B 48 -43.63 -3.17 16.17
CA TRP B 48 -43.32 -4.38 15.43
C TRP B 48 -44.55 -5.26 15.30
N ALA B 49 -44.58 -6.03 14.22
CA ALA B 49 -45.75 -6.81 13.85
C ALA B 49 -45.36 -8.27 13.65
N THR B 50 -46.16 -9.17 14.21
CA THR B 50 -45.91 -10.59 14.11
C THR B 50 -47.11 -11.34 13.53
N SER B 51 -46.85 -12.13 12.49
CA SER B 51 -47.90 -12.91 11.85
C SER B 51 -48.32 -14.00 12.83
N ASP B 52 -49.40 -13.72 13.57
CA ASP B 52 -49.80 -14.57 14.69
C ASP B 52 -50.14 -15.99 14.28
N PHE B 53 -49.66 -16.95 15.07
CA PHE B 53 -50.06 -18.35 15.03
C PHE B 53 -49.62 -19.08 13.77
N GLY B 54 -49.40 -20.40 13.91
CA GLY B 54 -49.05 -21.21 12.76
C GLY B 54 -50.08 -21.17 11.65
N ALA B 55 -51.34 -20.98 12.00
CA ALA B 55 -52.40 -20.71 11.03
C ALA B 55 -52.08 -19.38 10.38
N THR B 56 -52.32 -19.30 9.07
CA THR B 56 -52.12 -18.11 8.23
C THR B 56 -50.73 -17.51 8.39
N SER B 57 -49.79 -18.27 8.97
CA SER B 57 -48.42 -17.79 9.10
C SER B 57 -47.48 -18.99 9.20
N LEU B 58 -46.85 -19.34 8.08
CA LEU B 58 -45.77 -20.31 8.05
C LEU B 58 -44.73 -19.86 7.03
N ASP B 59 -44.57 -18.55 6.89
CA ASP B 59 -43.93 -17.95 5.73
C ASP B 59 -43.03 -16.81 6.18
N GLU B 60 -42.68 -15.95 5.20
CA GLU B 60 -41.94 -14.70 5.36
C GLU B 60 -40.59 -14.90 6.05
N GLU B 61 -40.16 -16.16 6.16
CA GLU B 61 -38.79 -16.59 6.45
C GLU B 61 -38.81 -18.10 6.60
N TYR B 62 -39.13 -18.53 7.81
CA TYR B 62 -39.60 -19.88 8.10
C TYR B 62 -40.38 -19.76 9.40
N GLN B 63 -41.68 -20.09 9.35
CA GLN B 63 -42.59 -19.88 10.48
C GLN B 63 -42.66 -18.39 10.87
N GLY B 64 -43.20 -17.58 9.96
CA GLY B 64 -43.56 -16.21 10.27
C GLY B 64 -42.39 -15.24 10.29
N ASP B 65 -42.68 -14.01 10.74
CA ASP B 65 -41.69 -12.96 10.98
C ASP B 65 -42.28 -11.77 11.71
N PRO B 66 -41.57 -11.21 12.69
CA PRO B 66 -41.89 -9.84 13.12
C PRO B 66 -41.21 -8.83 12.22
N LYS B 67 -41.87 -7.69 12.06
CA LYS B 67 -41.45 -6.67 11.10
C LYS B 67 -41.43 -5.31 11.81
N GLN B 68 -40.39 -4.54 11.54
CA GLN B 68 -40.29 -3.19 12.08
C GLN B 68 -41.30 -2.30 11.38
N LEU B 69 -41.84 -1.34 12.13
CA LEU B 69 -42.93 -0.51 11.65
C LEU B 69 -42.58 0.97 11.72
N CYS B 70 -42.21 1.44 12.91
CA CYS B 70 -41.56 2.73 13.09
C CYS B 70 -40.84 2.66 14.40
N ASP B 71 -40.32 3.80 14.84
CA ASP B 71 -39.56 3.88 16.06
C ASP B 71 -39.33 5.33 16.44
N ILE B 72 -39.10 5.55 17.72
CA ILE B 72 -38.74 6.88 18.22
C ILE B 72 -37.77 6.68 19.39
N LYS B 73 -36.76 7.55 19.43
CA LYS B 73 -35.60 7.29 20.29
C LYS B 73 -35.73 7.95 21.66
N HIS B 74 -35.16 7.29 22.66
CA HIS B 74 -35.51 7.46 24.07
C HIS B 74 -34.27 7.57 24.95
N PRO B 75 -34.09 8.67 25.68
CA PRO B 75 -33.00 8.73 26.66
C PRO B 75 -33.23 7.77 27.83
N GLY B 76 -32.17 7.13 28.26
CA GLY B 76 -32.26 6.14 29.32
C GLY B 76 -32.81 4.84 28.79
N ASP B 77 -32.26 3.72 29.23
CA ASP B 77 -32.68 2.43 28.69
C ASP B 77 -34.14 2.15 29.02
N VAL B 78 -34.80 1.35 28.18
CA VAL B 78 -36.15 0.91 28.47
C VAL B 78 -36.03 -0.36 29.29
N MET B 79 -35.86 -0.19 30.61
CA MET B 79 -35.79 -1.37 31.47
C MET B 79 -37.17 -2.01 31.61
N ASP B 80 -38.21 -1.20 31.50
CA ASP B 80 -39.56 -1.68 31.77
C ASP B 80 -40.54 -0.75 31.06
N MET B 81 -41.59 -1.37 30.52
CA MET B 81 -42.55 -0.66 29.70
C MET B 81 -43.85 -1.48 29.64
N GLN B 82 -44.89 -0.90 30.23
CA GLN B 82 -46.19 -1.54 30.41
C GLN B 82 -47.26 -0.61 29.86
N PHE B 83 -48.40 -1.18 29.49
CA PHE B 83 -49.40 -0.43 28.75
C PHE B 83 -50.62 -0.15 29.61
N LEU B 84 -50.96 1.12 29.76
CA LEU B 84 -52.12 1.51 30.55
C LEU B 84 -53.41 0.98 29.93
N ASP B 85 -53.54 1.12 28.61
CA ASP B 85 -54.72 0.67 27.89
C ASP B 85 -54.29 0.42 26.45
N LYS B 86 -55.29 0.31 25.57
CA LYS B 86 -55.08 -0.21 24.22
C LYS B 86 -53.91 0.47 23.49
N GLU B 87 -53.77 1.79 23.63
CA GLU B 87 -52.68 2.49 22.97
C GLU B 87 -52.01 3.57 23.80
N ARG B 88 -52.01 3.46 25.13
CA ARG B 88 -51.28 4.37 26.00
C ARG B 88 -50.15 3.60 26.66
N ILE B 89 -48.93 4.09 26.50
CA ILE B 89 -47.71 3.34 26.77
C ILE B 89 -46.92 4.06 27.85
N VAL B 90 -46.42 3.30 28.83
CA VAL B 90 -45.68 3.85 29.95
C VAL B 90 -44.37 3.10 30.10
N THR B 91 -43.26 3.81 29.96
CA THR B 91 -41.94 3.22 30.08
C THR B 91 -41.11 4.00 31.09
N GLY B 92 -40.18 3.29 31.73
CA GLY B 92 -39.21 3.91 32.61
C GLY B 92 -37.95 4.24 31.82
N SER B 93 -37.33 5.34 32.19
CA SER B 93 -36.05 5.74 31.62
C SER B 93 -34.95 5.51 32.62
N SER B 94 -33.78 5.11 32.12
CA SER B 94 -32.60 5.10 32.97
C SER B 94 -32.26 6.52 33.43
N THR B 95 -32.73 7.53 32.68
CA THR B 95 -32.62 8.90 33.12
C THR B 95 -33.57 9.21 34.28
N GLY B 96 -34.27 8.21 34.81
CA GLY B 96 -35.25 8.45 35.83
C GLY B 96 -36.42 9.29 35.36
N THR B 97 -36.98 8.97 34.20
CA THR B 97 -38.10 9.72 33.66
C THR B 97 -39.20 8.75 33.29
N VAL B 98 -40.43 9.07 33.67
CA VAL B 98 -41.59 8.27 33.35
C VAL B 98 -42.21 8.83 32.08
N THR B 99 -42.27 7.99 31.04
CA THR B 99 -42.59 8.40 29.69
C THR B 99 -43.85 7.70 29.22
N ILE B 100 -44.81 8.49 28.73
CA ILE B 100 -46.08 7.96 28.26
C ILE B 100 -46.35 8.47 26.85
N PHE B 101 -46.60 7.52 25.97
CA PHE B 101 -46.99 7.72 24.58
C PHE B 101 -48.46 7.43 24.40
N ARG B 102 -49.02 7.98 23.32
CA ARG B 102 -50.20 7.41 22.70
C ARG B 102 -49.76 6.96 21.31
N HIS B 103 -49.91 5.68 21.01
CA HIS B 103 -49.43 5.16 19.75
C HIS B 103 -50.42 5.46 18.64
N HIS B 104 -49.90 5.58 17.43
CA HIS B 104 -50.68 5.79 16.22
C HIS B 104 -50.31 4.63 15.30
N GLU B 105 -51.09 3.55 15.39
CA GLU B 105 -50.83 2.37 14.56
C GLU B 105 -51.05 2.67 13.08
N ASN B 106 -52.05 3.49 12.77
CA ASN B 106 -52.34 3.82 11.38
C ASN B 106 -51.32 4.79 10.82
N ASN B 107 -50.97 5.84 11.58
CA ASN B 107 -49.90 6.76 11.21
C ASN B 107 -48.51 6.18 11.45
N GLN B 108 -48.43 5.04 12.13
CA GLN B 108 -47.17 4.39 12.46
C GLN B 108 -46.24 5.39 13.11
N THR B 109 -46.67 5.93 14.24
CA THR B 109 -45.90 6.90 15.01
C THR B 109 -46.24 6.75 16.48
N LEU B 110 -45.44 7.39 17.32
CA LEU B 110 -45.70 7.42 18.75
C LEU B 110 -45.76 8.87 19.23
N SER B 111 -46.79 9.19 19.99
CA SER B 111 -47.01 10.55 20.44
C SER B 111 -46.48 10.70 21.86
N VAL B 112 -45.67 11.73 22.05
CA VAL B 112 -44.96 12.01 23.29
C VAL B 112 -45.93 12.73 24.24
N ASN B 113 -46.75 11.96 24.95
CA ASN B 113 -47.78 12.60 25.75
C ASN B 113 -47.24 13.17 27.06
N GLN B 114 -46.92 12.29 28.01
CA GLN B 114 -46.78 12.76 29.38
C GLN B 114 -45.46 12.30 29.97
N ARG B 115 -44.79 13.22 30.67
CA ARG B 115 -43.50 12.95 31.25
C ARG B 115 -43.50 13.39 32.71
N TRP B 116 -43.32 12.44 33.61
CA TRP B 116 -42.79 12.79 34.94
C TRP B 116 -41.28 12.81 34.78
N GLU B 117 -40.75 14.03 34.68
CA GLU B 117 -39.33 14.25 34.50
C GLU B 117 -38.56 13.87 35.76
N GLN B 118 -39.27 13.74 36.87
CA GLN B 118 -38.69 13.51 38.19
C GLN B 118 -39.01 12.10 38.66
N ALA B 119 -38.00 11.41 39.21
CA ALA B 119 -38.16 10.05 39.69
C ALA B 119 -37.22 9.70 40.84
N HIS B 120 -37.06 8.40 41.12
CA HIS B 120 -36.21 7.89 42.18
C HIS B 120 -34.79 8.41 42.01
N TYR B 121 -34.12 8.71 43.13
CA TYR B 121 -32.81 9.34 43.06
C TYR B 121 -31.98 8.99 44.29
N HIS B 122 -30.66 9.16 44.15
CA HIS B 122 -29.72 8.91 45.24
C HIS B 122 -29.53 10.16 46.09
N VAL B 123 -29.45 9.97 47.40
CA VAL B 123 -29.19 11.09 48.31
C VAL B 123 -27.71 11.11 48.67
N GLY B 124 -27.22 12.28 49.08
CA GLY B 124 -25.83 12.44 49.44
C GLY B 124 -24.90 12.52 48.25
N SER B 125 -25.43 12.39 47.03
CA SER B 125 -24.63 12.49 45.82
C SER B 125 -25.38 13.32 44.78
N ASN B 126 -26.67 13.56 45.01
CA ASN B 126 -27.55 14.31 44.13
C ASN B 126 -27.61 13.72 42.72
N MET B 127 -27.62 12.40 42.60
CA MET B 127 -27.62 11.75 41.30
C MET B 127 -28.97 11.11 41.00
N ARG B 128 -29.33 11.07 39.71
CA ARG B 128 -30.61 10.50 39.29
C ARG B 128 -30.55 8.98 39.30
N ALA B 129 -31.75 8.33 39.30
CA ALA B 129 -31.83 6.88 39.28
C ALA B 129 -32.99 6.39 38.42
N PRO B 130 -32.81 5.28 37.72
CA PRO B 130 -33.93 4.66 37.00
C PRO B 130 -34.99 4.14 37.96
N CYS B 131 -36.09 3.64 37.38
CA CYS B 131 -37.20 3.05 38.15
C CYS B 131 -37.08 1.54 38.10
N THR B 132 -37.30 0.87 39.24
CA THR B 132 -37.26 -0.58 39.27
C THR B 132 -38.52 -1.23 38.72
N ALA B 133 -39.70 -0.75 39.06
CA ALA B 133 -40.91 -1.40 38.58
C ALA B 133 -42.03 -0.39 38.42
N ILE B 134 -42.72 -0.50 37.28
CA ILE B 134 -43.92 0.26 36.99
C ILE B 134 -45.10 -0.68 37.17
N VAL B 135 -46.22 -0.13 37.61
CA VAL B 135 -47.43 -0.87 37.89
C VAL B 135 -48.59 -0.15 37.25
N CYS B 136 -49.25 -0.83 36.32
CA CYS B 136 -50.30 -0.24 35.50
C CYS B 136 -51.58 -1.05 35.61
N SER B 137 -52.54 -0.53 36.37
CA SER B 137 -53.92 -1.02 36.33
C SER B 137 -54.75 0.23 36.04
N SER B 138 -55.33 0.27 34.84
CA SER B 138 -55.85 1.52 34.32
C SER B 138 -56.92 2.09 35.25
N PRO B 139 -56.86 3.37 35.59
CA PRO B 139 -55.76 4.22 35.14
C PRO B 139 -54.75 4.56 36.25
N GLU B 140 -54.77 3.82 37.35
CA GLU B 140 -53.88 4.09 38.47
C GLU B 140 -52.48 3.56 38.17
N ILE B 141 -51.46 4.32 38.57
CA ILE B 141 -50.08 4.08 38.18
C ILE B 141 -49.18 4.12 39.40
N VAL B 142 -48.31 3.12 39.53
CA VAL B 142 -47.41 3.01 40.66
C VAL B 142 -45.98 2.87 40.14
N SER B 143 -45.05 3.53 40.81
CA SER B 143 -43.66 3.43 40.46
C SER B 143 -42.84 3.15 41.71
N VAL B 144 -41.87 2.26 41.57
CA VAL B 144 -40.99 1.88 42.67
C VAL B 144 -39.58 1.78 42.14
N GLY B 145 -38.61 2.14 42.99
CA GLY B 145 -37.26 2.34 42.50
C GLY B 145 -36.20 1.88 43.49
N GLU B 146 -34.96 2.01 43.05
CA GLU B 146 -33.81 1.55 43.83
C GLU B 146 -33.81 2.18 45.22
N ASP B 147 -34.00 3.49 45.29
CA ASP B 147 -33.88 4.20 46.56
C ASP B 147 -35.03 3.86 47.49
N GLY B 148 -36.15 3.39 46.93
CA GLY B 148 -37.25 2.90 47.74
C GLY B 148 -38.43 3.83 47.87
N ARG B 149 -38.52 4.90 47.08
CA ARG B 149 -39.68 5.77 47.17
C ARG B 149 -40.90 5.07 46.61
N ILE B 150 -42.06 5.67 46.79
CA ILE B 150 -43.30 5.16 46.23
C ILE B 150 -43.90 6.27 45.40
N ASN B 151 -44.29 5.97 44.17
CA ASN B 151 -44.72 7.01 43.26
C ASN B 151 -46.12 6.70 42.74
N CYS B 152 -47.11 7.35 43.35
CA CYS B 152 -48.51 7.06 43.10
C CYS B 152 -49.12 8.17 42.27
N PHE B 153 -49.64 7.81 41.11
CA PHE B 153 -50.14 8.75 40.11
C PHE B 153 -51.50 8.30 39.60
N ARG B 154 -52.36 9.28 39.33
CA ARG B 154 -53.50 9.09 38.46
C ARG B 154 -53.02 9.35 37.04
N ALA B 155 -53.64 8.67 36.08
CA ALA B 155 -53.21 8.82 34.69
C ALA B 155 -53.22 10.29 34.29
N GLU B 156 -52.37 10.64 33.33
CA GLU B 156 -52.40 11.96 32.72
C GLU B 156 -52.04 13.08 33.70
N SER B 157 -50.79 13.11 34.17
CA SER B 157 -50.28 14.22 34.98
C SER B 157 -48.76 14.30 34.83
N ARG B 158 -48.22 15.52 34.66
CA ARG B 158 -46.77 15.65 34.51
C ARG B 158 -46.08 16.01 35.82
N ASP B 159 -46.83 16.13 36.91
CA ASP B 159 -46.26 16.39 38.22
C ASP B 159 -46.63 15.23 39.13
N VAL B 160 -45.77 14.96 40.12
CA VAL B 160 -46.03 13.87 41.05
C VAL B 160 -47.36 14.08 41.75
N LEU B 161 -48.23 13.08 41.66
CA LEU B 161 -49.42 13.12 42.49
C LEU B 161 -49.08 12.79 43.93
N ARG B 162 -48.25 11.77 44.14
CA ARG B 162 -47.74 11.50 45.48
C ARG B 162 -46.47 10.68 45.36
N THR B 163 -45.50 10.97 46.24
CA THR B 163 -44.36 10.09 46.44
C THR B 163 -44.22 9.83 47.93
N ILE B 164 -44.55 8.63 48.35
CA ILE B 164 -44.40 8.19 49.72
C ILE B 164 -42.90 8.04 49.97
N ASP B 165 -42.43 8.77 50.97
CA ASP B 165 -41.06 8.66 51.43
C ASP B 165 -41.06 8.10 52.85
N ASP B 166 -39.95 7.48 53.24
CA ASP B 166 -39.91 6.72 54.48
C ASP B 166 -38.65 7.03 55.25
N ALA B 167 -38.73 6.81 56.56
CA ALA B 167 -37.54 6.66 57.38
C ALA B 167 -36.93 5.28 57.25
N ASP B 168 -37.47 4.45 56.36
CA ASP B 168 -36.93 3.12 56.10
C ASP B 168 -37.32 2.70 54.69
N SER B 169 -36.33 2.58 53.81
CA SER B 169 -36.53 2.13 52.44
C SER B 169 -35.33 1.31 52.00
N SER B 170 -35.47 0.62 50.87
CA SER B 170 -34.43 -0.29 50.43
C SER B 170 -34.49 -0.49 48.92
N THR B 171 -33.64 -1.40 48.44
CA THR B 171 -33.62 -1.79 47.03
C THR B 171 -34.73 -2.78 46.73
N MET B 172 -35.39 -2.58 45.60
CA MET B 172 -36.54 -3.42 45.25
C MET B 172 -36.28 -4.17 43.95
N HIS B 173 -36.66 -5.45 43.92
CA HIS B 173 -36.40 -6.32 42.79
C HIS B 173 -37.61 -6.56 41.90
N GLY B 174 -38.67 -7.14 42.43
CA GLY B 174 -39.81 -7.52 41.62
C GLY B 174 -41.10 -7.27 42.36
N VAL B 175 -42.14 -6.91 41.60
CA VAL B 175 -43.43 -6.52 42.15
C VAL B 175 -44.50 -7.37 41.50
N THR B 176 -45.61 -7.54 42.21
CA THR B 176 -46.79 -8.18 41.62
C THR B 176 -48.05 -7.72 42.33
N PHE B 177 -49.15 -7.72 41.58
CA PHE B 177 -50.47 -7.63 42.19
C PHE B 177 -50.69 -8.80 43.12
N LEU B 178 -51.18 -8.49 44.31
CA LEU B 178 -51.82 -9.49 45.14
C LEU B 178 -53.33 -9.45 44.94
N ARG B 179 -53.89 -8.25 44.93
CA ARG B 179 -55.29 -8.02 44.62
C ARG B 179 -55.36 -6.84 43.67
N THR B 180 -56.56 -6.30 43.48
CA THR B 180 -56.71 -5.13 42.64
C THR B 180 -55.94 -3.93 43.18
N THR B 181 -55.99 -3.71 44.49
CA THR B 181 -55.24 -2.63 45.10
C THR B 181 -54.39 -3.11 46.26
N GLU B 182 -53.77 -4.27 46.11
CA GLU B 182 -52.80 -4.78 47.07
C GLU B 182 -51.56 -5.23 46.31
N ILE B 183 -50.38 -4.99 46.89
CA ILE B 183 -49.13 -5.13 46.15
C ILE B 183 -48.04 -5.79 47.00
N LEU B 184 -47.25 -6.63 46.35
CA LEU B 184 -46.13 -7.32 46.97
C LEU B 184 -44.84 -7.12 46.18
N THR B 185 -43.72 -7.14 46.89
CA THR B 185 -42.42 -7.17 46.25
C THR B 185 -41.49 -8.15 46.94
N VAL B 186 -40.52 -8.60 46.16
CA VAL B 186 -39.35 -9.31 46.65
C VAL B 186 -38.15 -8.38 46.51
N ASN B 187 -37.27 -8.44 47.50
CA ASN B 187 -36.26 -7.40 47.64
C ASN B 187 -34.86 -8.01 47.56
N SER B 188 -33.86 -7.16 47.75
CA SER B 188 -32.46 -7.55 47.69
C SER B 188 -31.91 -7.99 49.04
N VAL B 189 -32.76 -8.04 50.06
CA VAL B 189 -32.35 -8.50 51.38
C VAL B 189 -32.85 -9.92 51.67
N GLY B 190 -33.72 -10.46 50.83
CA GLY B 190 -34.45 -11.66 51.18
C GLY B 190 -35.75 -11.24 51.83
N GLN B 191 -36.32 -10.16 51.31
CA GLN B 191 -37.39 -9.43 51.98
C GLN B 191 -38.67 -9.47 51.15
N LEU B 192 -39.75 -9.86 51.80
CA LEU B 192 -41.07 -9.92 51.18
C LEU B 192 -41.91 -8.80 51.78
N LYS B 193 -42.27 -7.82 50.97
CA LYS B 193 -42.91 -6.64 51.49
C LYS B 193 -44.28 -6.44 50.86
N LEU B 194 -45.20 -5.94 51.68
CA LEU B 194 -46.61 -5.76 51.34
C LEU B 194 -47.08 -4.33 51.54
N TRP B 195 -48.02 -3.92 50.69
CA TRP B 195 -48.70 -2.63 50.83
C TRP B 195 -50.11 -2.72 50.29
N ASP B 196 -50.96 -1.81 50.76
CA ASP B 196 -52.27 -1.57 50.17
C ASP B 196 -52.24 -0.19 49.53
N LEU B 197 -52.89 -0.07 48.38
CA LEU B 197 -52.84 1.19 47.63
C LEU B 197 -53.45 2.34 48.42
N ARG B 198 -54.48 2.06 49.22
CA ARG B 198 -55.18 3.15 49.90
C ARG B 198 -54.46 3.58 51.18
N LYS B 199 -53.79 2.65 51.85
CA LYS B 199 -53.22 2.90 53.17
C LYS B 199 -51.71 2.69 53.13
N GLN B 200 -50.96 3.75 53.42
CA GLN B 200 -49.50 3.72 53.47
C GLN B 200 -49.02 4.68 54.55
N GLY B 201 -47.70 4.78 54.71
CA GLY B 201 -47.12 5.66 55.71
C GLY B 201 -45.60 5.79 55.62
N ASN B 202 -44.97 5.87 56.79
CA ASN B 202 -43.51 5.96 56.88
C ASN B 202 -42.95 4.59 57.26
N ASP B 203 -41.87 4.17 56.57
CA ASP B 203 -41.24 2.86 56.67
C ASP B 203 -42.16 1.82 56.02
N PRO B 204 -41.64 0.68 55.56
CA PRO B 204 -42.45 -0.22 54.72
C PRO B 204 -43.73 -0.66 55.41
N THR B 205 -44.81 -0.75 54.63
CA THR B 205 -46.10 -1.15 55.18
C THR B 205 -46.01 -2.53 55.80
N GLN B 206 -45.40 -3.48 55.10
CA GLN B 206 -45.19 -4.76 55.74
C GLN B 206 -43.92 -5.43 55.23
N ILE B 207 -43.23 -6.08 56.16
CA ILE B 207 -41.87 -6.56 56.03
C ILE B 207 -41.83 -8.01 56.47
N PHE B 208 -41.19 -8.87 55.68
CA PHE B 208 -41.06 -10.27 56.06
C PHE B 208 -39.73 -10.87 55.64
N SER B 209 -39.21 -11.74 56.50
CA SER B 209 -38.10 -12.64 56.22
C SER B 209 -38.06 -13.70 57.31
N VAL B 210 -37.81 -14.95 56.92
CA VAL B 210 -37.92 -16.09 57.82
C VAL B 210 -36.84 -17.12 57.50
N THR B 211 -36.78 -18.17 58.31
CA THR B 211 -35.85 -19.26 58.05
C THR B 211 -36.17 -19.91 56.71
N GLY B 212 -35.15 -20.51 56.10
CA GLY B 212 -35.31 -21.05 54.78
C GLY B 212 -34.34 -20.39 53.81
N GLU B 213 -33.21 -19.93 54.33
CA GLU B 213 -32.16 -19.31 53.54
C GLU B 213 -32.66 -18.09 52.78
N ARG B 214 -33.02 -17.03 53.50
CA ARG B 214 -33.39 -15.76 52.89
C ARG B 214 -32.25 -15.31 51.99
N VAL B 215 -32.55 -15.19 50.70
CA VAL B 215 -31.58 -14.71 49.72
C VAL B 215 -32.21 -13.57 48.95
N PRO B 216 -31.42 -12.63 48.42
CA PRO B 216 -31.98 -11.57 47.58
C PRO B 216 -32.86 -12.14 46.48
N LEU B 217 -34.16 -11.90 46.56
CA LEU B 217 -35.11 -12.44 45.61
C LEU B 217 -35.31 -11.42 44.49
N HIS B 218 -35.10 -11.87 43.27
CA HIS B 218 -34.99 -10.97 42.12
C HIS B 218 -36.29 -10.86 41.34
N CYS B 219 -37.02 -11.96 41.23
CA CYS B 219 -38.21 -12.02 40.40
C CYS B 219 -39.37 -12.58 41.21
N VAL B 220 -40.54 -11.99 40.99
CA VAL B 220 -41.78 -12.44 41.62
C VAL B 220 -42.89 -12.36 40.58
N ASP B 221 -43.83 -13.30 40.65
CA ASP B 221 -45.01 -13.24 39.78
C ASP B 221 -46.14 -14.06 40.37
N ARG B 222 -47.37 -13.69 40.02
CA ARG B 222 -48.57 -14.34 40.52
C ARG B 222 -49.04 -15.41 39.55
N HIS B 223 -49.34 -16.60 40.09
CA HIS B 223 -49.39 -17.82 39.32
C HIS B 223 -50.44 -17.75 38.21
N PRO B 224 -50.18 -18.40 37.07
CA PRO B 224 -51.19 -18.50 36.02
C PRO B 224 -52.32 -19.43 36.36
N ASN B 225 -52.29 -20.06 37.54
CA ASN B 225 -53.44 -20.73 38.11
C ASN B 225 -54.04 -20.02 39.32
N GLN B 226 -53.33 -19.08 39.94
CA GLN B 226 -53.94 -18.11 40.85
C GLN B 226 -53.01 -16.97 41.24
N GLN B 227 -53.60 -15.78 41.45
CA GLN B 227 -52.83 -14.57 41.72
C GLN B 227 -52.41 -14.44 43.18
N HIS B 228 -53.29 -14.68 44.14
CA HIS B 228 -52.96 -14.44 45.54
C HIS B 228 -51.98 -15.45 46.11
N VAL B 229 -51.71 -16.51 45.37
CA VAL B 229 -50.52 -17.32 45.60
C VAL B 229 -49.51 -16.94 44.53
N VAL B 230 -48.29 -16.66 44.96
CA VAL B 230 -47.26 -16.07 44.11
C VAL B 230 -45.98 -16.87 44.30
N ALA B 231 -45.03 -16.68 43.37
CA ALA B 231 -43.75 -17.36 43.41
C ALA B 231 -42.62 -16.36 43.27
N THR B 232 -41.53 -16.61 44.00
CA THR B 232 -40.36 -15.75 44.02
C THR B 232 -39.08 -16.56 43.87
N GLY B 233 -38.10 -15.94 43.22
CA GLY B 233 -36.81 -16.56 42.98
C GLY B 233 -35.66 -15.64 43.34
N GLY B 234 -34.64 -16.22 43.96
CA GLY B 234 -33.51 -15.46 44.45
C GLY B 234 -32.20 -16.21 44.30
N GLN B 235 -31.22 -15.77 45.11
CA GLN B 235 -29.84 -16.20 44.94
C GLN B 235 -29.66 -17.70 45.15
N ASP B 236 -30.28 -18.27 46.18
CA ASP B 236 -29.90 -19.60 46.62
C ASP B 236 -30.20 -20.70 45.61
N GLY B 237 -31.07 -20.44 44.64
CA GLY B 237 -31.52 -21.48 43.75
C GLY B 237 -32.82 -22.14 44.15
N MET B 238 -33.41 -21.75 45.28
CA MET B 238 -34.66 -22.34 45.71
C MET B 238 -35.84 -21.40 45.50
N LEU B 239 -36.90 -21.92 44.88
CA LEU B 239 -38.11 -21.16 44.58
C LEU B 239 -39.04 -21.17 45.78
N CYS B 240 -39.55 -20.00 46.16
CA CYS B 240 -40.40 -19.86 47.33
C CYS B 240 -41.80 -19.44 46.92
N ILE B 241 -42.80 -20.17 47.38
CA ILE B 241 -44.18 -19.98 46.93
C ILE B 241 -45.03 -19.65 48.16
N TRP B 242 -45.95 -18.68 48.01
CA TRP B 242 -46.67 -18.13 49.14
C TRP B 242 -48.12 -17.80 48.82
N ASP B 243 -48.96 -17.80 49.87
CA ASP B 243 -50.38 -17.44 49.80
C ASP B 243 -50.65 -16.25 50.71
N VAL B 244 -51.19 -15.17 50.14
CA VAL B 244 -51.39 -13.92 50.87
C VAL B 244 -52.64 -13.23 50.32
N ARG B 245 -53.32 -12.45 51.19
CA ARG B 245 -53.65 -11.09 50.80
C ARG B 245 -53.32 -10.12 51.92
N HIS B 246 -53.07 -10.69 53.15
CA HIS B 246 -52.48 -9.89 54.21
C HIS B 246 -51.41 -10.64 54.97
N GLY B 247 -51.28 -11.95 54.71
CA GLY B 247 -50.35 -12.77 55.47
C GLY B 247 -49.67 -13.87 54.67
N LYS B 248 -48.36 -14.04 54.85
CA LYS B 248 -47.60 -14.96 54.02
C LYS B 248 -47.55 -16.35 54.65
N MET B 249 -47.40 -17.36 53.78
CA MET B 249 -47.19 -18.74 54.20
C MET B 249 -46.77 -19.59 53.00
N PRO B 250 -45.87 -20.57 53.19
CA PRO B 250 -45.32 -21.28 52.03
C PRO B 250 -46.16 -22.45 51.52
N MET B 251 -46.59 -22.36 50.26
CA MET B 251 -46.94 -23.58 49.52
C MET B 251 -45.72 -24.50 49.38
N SER B 252 -44.60 -23.96 48.93
CA SER B 252 -43.45 -24.79 48.61
C SER B 252 -42.16 -24.01 48.69
N LEU B 253 -41.10 -24.71 49.09
CA LEU B 253 -39.73 -24.27 48.91
C LEU B 253 -39.06 -25.31 48.04
N LEU B 254 -39.13 -25.13 46.73
CA LEU B 254 -38.66 -26.11 45.76
C LEU B 254 -37.18 -25.89 45.50
N ASN B 255 -36.38 -26.93 45.76
CA ASN B 255 -34.96 -26.92 45.46
C ASN B 255 -34.81 -27.04 43.95
N ALA B 256 -35.17 -25.99 43.22
CA ALA B 256 -35.23 -26.04 41.77
C ALA B 256 -33.91 -25.65 41.11
N HIS B 257 -32.96 -25.13 41.88
CA HIS B 257 -31.66 -24.78 41.33
C HIS B 257 -30.69 -24.50 42.48
N GLU B 258 -29.46 -24.18 42.14
CA GLU B 258 -28.42 -23.93 43.11
C GLU B 258 -27.94 -22.49 43.12
N ALA B 259 -28.54 -21.65 42.28
CA ALA B 259 -28.02 -20.31 42.04
C ALA B 259 -29.17 -19.38 41.71
N GLU B 260 -28.82 -18.10 41.56
CA GLU B 260 -29.77 -17.00 41.44
C GLU B 260 -30.84 -17.26 40.40
N MET B 261 -32.09 -16.97 40.76
CA MET B 261 -33.18 -16.87 39.80
C MET B 261 -33.34 -15.40 39.43
N TRP B 262 -32.85 -15.03 38.25
CA TRP B 262 -32.90 -13.64 37.85
C TRP B 262 -34.32 -13.23 37.44
N GLU B 263 -34.91 -13.87 36.42
CA GLU B 263 -36.31 -13.61 36.14
C GLU B 263 -37.09 -14.89 35.88
N VAL B 264 -38.33 -14.91 36.37
CA VAL B 264 -39.26 -16.01 36.17
C VAL B 264 -40.55 -15.43 35.60
N HIS B 265 -41.21 -16.23 34.76
CA HIS B 265 -42.44 -15.80 34.10
C HIS B 265 -43.32 -17.01 33.86
N PHE B 266 -44.61 -16.78 33.61
CA PHE B 266 -45.59 -17.84 33.80
C PHE B 266 -46.29 -18.25 32.51
N HIS B 267 -46.54 -19.56 32.39
CA HIS B 267 -47.13 -20.15 31.19
C HIS B 267 -48.63 -19.94 31.22
N PRO B 268 -49.22 -19.29 30.23
CA PRO B 268 -50.68 -19.14 30.22
C PRO B 268 -51.42 -20.44 29.90
N SER B 269 -51.11 -21.10 28.78
CA SER B 269 -51.86 -22.30 28.41
C SER B 269 -51.63 -23.43 29.39
N ASN B 270 -50.59 -23.32 30.19
CA ASN B 270 -50.28 -24.28 31.23
C ASN B 270 -50.08 -23.54 32.53
N PRO B 271 -51.11 -23.43 33.36
CA PRO B 271 -50.99 -22.65 34.60
C PRO B 271 -49.99 -23.22 35.59
N ASP B 272 -49.32 -24.31 35.23
CA ASP B 272 -48.38 -25.00 36.11
C ASP B 272 -47.00 -25.22 35.49
N HIS B 273 -46.76 -24.75 34.26
CA HIS B 273 -45.41 -24.66 33.70
C HIS B 273 -44.87 -23.25 33.87
N LEU B 274 -43.53 -23.14 33.85
CA LEU B 274 -42.87 -21.87 34.14
C LEU B 274 -41.77 -21.66 33.11
N PHE B 275 -41.22 -20.44 33.10
CA PHE B 275 -39.96 -20.19 32.40
C PHE B 275 -39.08 -19.30 33.24
N THR B 276 -37.78 -19.43 33.04
CA THR B 276 -36.79 -18.62 33.73
C THR B 276 -35.77 -18.14 32.72
N CYS B 277 -35.39 -16.88 32.84
CA CYS B 277 -34.29 -16.33 32.06
C CYS B 277 -33.26 -15.76 33.02
N SER B 278 -31.99 -15.95 32.67
CA SER B 278 -30.92 -15.60 33.58
C SER B 278 -29.67 -15.20 32.79
N GLU B 279 -29.14 -14.03 33.10
CA GLU B 279 -27.89 -13.60 32.51
C GLU B 279 -26.69 -14.20 33.25
N ASP B 280 -26.92 -15.25 34.03
CA ASP B 280 -25.84 -16.16 34.39
C ASP B 280 -25.32 -16.89 33.15
N GLY B 281 -26.06 -16.83 32.05
CA GLY B 281 -25.65 -17.43 30.80
C GLY B 281 -26.59 -18.52 30.35
N SER B 282 -27.84 -18.49 30.81
CA SER B 282 -28.74 -19.57 30.47
C SER B 282 -30.20 -19.18 30.66
N LEU B 283 -31.07 -20.04 30.13
CA LEU B 283 -32.49 -19.79 29.99
C LEU B 283 -33.20 -21.14 30.02
N TRP B 284 -34.10 -21.33 30.96
CA TRP B 284 -34.68 -22.63 31.20
C TRP B 284 -36.19 -22.60 31.06
N HIS B 285 -36.74 -23.66 30.49
CA HIS B 285 -38.15 -23.96 30.61
C HIS B 285 -38.36 -24.87 31.81
N TRP B 286 -39.26 -24.47 32.70
CA TRP B 286 -39.51 -25.15 33.96
C TRP B 286 -40.80 -25.93 33.83
N ASP B 287 -40.78 -27.17 34.31
CA ASP B 287 -41.88 -28.11 34.12
C ASP B 287 -42.22 -28.75 35.45
N ALA B 288 -43.49 -29.12 35.61
CA ALA B 288 -43.94 -29.85 36.80
C ALA B 288 -43.13 -31.13 36.96
N SER B 289 -42.90 -31.54 38.20
CA SER B 289 -42.24 -32.80 38.52
C SER B 289 -40.79 -32.80 38.04
N ALA B 290 -40.18 -33.98 38.05
CA ALA B 290 -38.78 -34.17 37.67
C ALA B 290 -38.67 -35.49 36.92
N ASP B 291 -37.42 -35.96 36.80
CA ASP B 291 -37.10 -37.25 36.19
C ASP B 291 -37.26 -37.21 34.68
N SER B 292 -36.48 -38.03 33.98
CA SER B 292 -36.63 -38.21 32.54
C SER B 292 -37.75 -39.17 32.18
N GLU B 293 -38.33 -39.84 33.19
CA GLU B 293 -39.45 -40.74 32.99
C GLU B 293 -40.66 -40.04 32.39
N LYS B 294 -40.77 -38.73 32.59
CA LYS B 294 -41.71 -37.87 31.89
C LYS B 294 -40.93 -37.06 30.88
N PRO B 295 -41.59 -36.53 29.83
CA PRO B 295 -40.85 -35.80 28.79
C PRO B 295 -39.91 -34.76 29.37
N THR B 296 -38.62 -34.96 29.13
CA THR B 296 -37.57 -34.22 29.83
C THR B 296 -37.44 -32.81 29.29
N PHE B 297 -37.98 -31.85 30.03
CA PHE B 297 -37.59 -30.47 29.83
C PHE B 297 -36.70 -30.05 30.99
N LEU B 298 -35.80 -30.94 31.35
CA LEU B 298 -34.67 -30.67 32.23
C LEU B 298 -33.36 -30.54 31.47
N LEU B 299 -33.14 -31.34 30.43
CA LEU B 299 -31.94 -31.26 29.61
C LEU B 299 -32.32 -30.99 28.17
N GLY B 300 -33.59 -30.72 27.93
CA GLY B 300 -34.05 -30.46 26.58
C GLY B 300 -33.33 -29.25 25.99
N GLY B 301 -33.25 -29.27 24.66
CA GLY B 301 -32.51 -28.23 23.98
C GLY B 301 -31.01 -28.46 24.08
N ARG B 302 -30.26 -27.38 23.88
CA ARG B 302 -28.80 -27.32 23.83
C ARG B 302 -28.27 -27.88 22.52
N SER B 303 -29.09 -27.94 21.46
CA SER B 303 -28.68 -28.41 20.14
C SER B 303 -28.47 -29.91 20.17
N THR B 304 -27.37 -30.33 20.77
CA THR B 304 -27.16 -31.71 21.16
C THR B 304 -27.48 -31.87 22.63
N PHE B 305 -27.17 -33.06 23.16
CA PHE B 305 -27.47 -33.39 24.56
C PHE B 305 -28.98 -33.28 24.78
N ASN B 306 -29.75 -33.60 23.75
CA ASN B 306 -31.20 -33.46 23.83
C ASN B 306 -31.82 -34.72 24.42
N ILE B 307 -32.79 -34.52 25.31
CA ILE B 307 -33.57 -35.61 25.87
C ILE B 307 -34.95 -35.08 26.26
N SER B 308 -35.98 -35.84 25.93
CA SER B 308 -37.36 -35.53 26.26
C SER B 308 -38.24 -36.67 25.80
N ARG B 309 -39.56 -36.50 25.96
CA ARG B 309 -40.55 -37.42 25.41
C ARG B 309 -40.39 -38.85 25.90
N SER B 310 -40.54 -39.06 27.21
CA SER B 310 -40.66 -40.39 27.78
C SER B 310 -41.91 -40.42 28.64
N SER B 311 -42.62 -41.56 28.62
CA SER B 311 -43.91 -41.63 29.29
C SER B 311 -44.24 -43.06 29.71
N ILE B 312 -45.06 -43.15 30.77
CA ILE B 312 -45.59 -44.41 31.27
C ILE B 312 -46.75 -44.07 32.22
N ALA B 313 -47.83 -44.86 32.16
CA ALA B 313 -49.03 -44.55 32.92
C ALA B 313 -49.60 -45.78 33.61
N PRO B 314 -49.81 -45.75 34.93
CA PRO B 314 -50.43 -46.90 35.60
C PRO B 314 -51.91 -46.96 35.32
N PRO B 315 -52.47 -48.16 35.15
CA PRO B 315 -53.93 -48.27 34.94
C PRO B 315 -54.74 -48.23 36.22
N ASN B 316 -54.10 -48.06 37.38
CA ASN B 316 -54.78 -48.05 38.68
C ASN B 316 -55.59 -49.32 38.90
N ALA B 317 -54.94 -50.48 38.79
CA ALA B 317 -55.59 -51.73 39.15
C ALA B 317 -54.88 -52.36 40.35
N ASN B 318 -53.58 -52.65 40.18
CA ASN B 318 -52.70 -53.12 41.23
C ASN B 318 -51.44 -52.27 41.27
N GLN B 319 -51.51 -51.07 40.70
CA GLN B 319 -50.35 -50.20 40.54
C GLN B 319 -50.54 -48.92 41.34
N SER B 320 -49.49 -48.46 41.99
CA SER B 320 -49.52 -47.26 42.82
C SER B 320 -48.38 -46.33 42.45
N LEU B 321 -48.63 -45.02 42.57
CA LEU B 321 -47.64 -44.01 42.26
C LEU B 321 -47.87 -42.78 43.14
N ALA B 322 -46.77 -42.15 43.56
CA ALA B 322 -46.84 -40.95 44.39
C ALA B 322 -45.82 -39.94 43.90
N CYS B 323 -46.06 -38.67 44.22
CA CYS B 323 -45.22 -37.59 43.74
C CYS B 323 -45.01 -36.57 44.85
N ALA B 324 -44.26 -35.50 44.49
CA ALA B 324 -43.76 -34.57 45.49
C ALA B 324 -44.83 -33.66 46.06
N TRP B 325 -45.75 -33.16 45.21
CA TRP B 325 -46.76 -32.23 45.70
C TRP B 325 -47.55 -32.83 46.86
N LEU B 326 -47.71 -34.14 46.88
CA LEU B 326 -48.44 -34.83 47.92
C LEU B 326 -47.72 -34.79 49.26
N SER B 327 -46.53 -34.21 49.32
CA SER B 327 -45.84 -33.92 50.56
C SER B 327 -45.94 -32.43 50.85
N THR B 328 -46.24 -32.10 52.11
CA THR B 328 -46.37 -30.72 52.53
C THR B 328 -45.18 -30.21 53.31
N ASP B 329 -44.31 -31.10 53.78
CA ASP B 329 -43.09 -30.68 54.45
C ASP B 329 -42.23 -29.92 53.46
N PRO B 330 -41.62 -28.80 53.84
CA PRO B 330 -40.91 -27.96 52.87
C PRO B 330 -39.64 -28.62 52.33
N THR B 331 -38.89 -27.84 51.54
CA THR B 331 -37.62 -28.26 50.95
C THR B 331 -37.82 -29.43 49.99
N LYS B 332 -38.59 -29.19 48.92
CA LYS B 332 -38.80 -30.18 47.86
C LYS B 332 -37.59 -30.20 46.94
N GLY B 333 -37.59 -31.11 45.98
CA GLY B 333 -36.48 -31.28 45.06
C GLY B 333 -36.51 -30.35 43.86
N GLN B 334 -35.65 -30.65 42.88
CA GLN B 334 -35.66 -30.03 41.56
C GLN B 334 -36.98 -30.31 40.84
N LEU B 335 -37.38 -29.38 39.96
CA LEU B 335 -38.61 -29.50 39.17
C LEU B 335 -38.39 -29.11 37.70
N GLU B 336 -37.42 -29.77 37.04
CA GLU B 336 -37.34 -29.80 35.58
C GLU B 336 -37.17 -28.48 34.84
N ILE B 337 -36.03 -27.82 35.00
CA ILE B 337 -35.66 -26.68 34.18
C ILE B 337 -34.67 -27.14 33.13
N THR B 338 -34.91 -26.76 31.88
CA THR B 338 -33.98 -27.07 30.80
C THR B 338 -33.43 -25.79 30.19
N ASN B 339 -32.11 -25.73 30.06
CA ASN B 339 -31.46 -24.63 29.37
C ASN B 339 -31.31 -24.98 27.91
N LEU B 340 -31.52 -24.01 27.03
CA LEU B 340 -31.55 -24.23 25.60
C LEU B 340 -30.59 -23.28 24.91
N LEU B 341 -29.80 -23.82 23.97
CA LEU B 341 -28.80 -23.06 23.24
C LEU B 341 -28.79 -23.61 21.81
N PRO B 342 -29.37 -22.89 20.83
CA PRO B 342 -29.55 -23.47 19.50
C PRO B 342 -28.24 -23.77 18.77
N SER B 343 -27.45 -22.73 18.53
CA SER B 343 -26.06 -22.91 18.12
C SER B 343 -25.20 -21.97 18.94
N SER B 344 -25.75 -20.81 19.27
CA SER B 344 -25.15 -19.82 20.16
C SER B 344 -26.17 -18.73 20.43
N THR B 345 -26.28 -18.29 21.68
CA THR B 345 -27.19 -17.20 22.02
C THR B 345 -26.56 -16.31 23.08
N LEU B 346 -26.89 -15.03 23.00
CA LEU B 346 -26.46 -14.02 23.95
C LEU B 346 -27.60 -13.67 24.89
N SER B 347 -27.41 -12.64 25.71
CA SER B 347 -28.33 -12.36 26.81
C SER B 347 -29.73 -12.06 26.30
N VAL B 348 -30.65 -12.98 26.53
CA VAL B 348 -32.06 -12.80 26.15
C VAL B 348 -32.66 -11.89 27.21
N ASN B 349 -33.10 -10.70 26.79
CA ASN B 349 -33.54 -9.73 27.77
C ASN B 349 -35.04 -9.51 27.77
N SER B 350 -35.76 -10.11 26.82
CA SER B 350 -37.20 -10.01 26.82
C SER B 350 -37.80 -11.25 26.18
N LEU B 351 -38.89 -11.73 26.78
CA LEU B 351 -39.57 -12.94 26.33
C LEU B 351 -41.04 -12.81 26.65
N ASP B 352 -41.87 -13.53 25.90
CA ASP B 352 -43.31 -13.52 26.11
C ASP B 352 -43.88 -14.86 25.70
N VAL B 353 -44.87 -15.32 26.45
CA VAL B 353 -45.57 -16.56 26.17
C VAL B 353 -47.08 -16.31 26.20
N LEU B 354 -47.76 -16.72 25.14
CA LEU B 354 -49.20 -16.57 25.04
C LEU B 354 -49.74 -17.89 24.51
N GLY B 355 -50.57 -18.54 25.32
CA GLY B 355 -50.91 -19.92 25.04
C GLY B 355 -49.66 -20.78 25.07
N GLN B 356 -49.56 -21.68 24.11
CA GLN B 356 -48.34 -22.45 23.89
C GLN B 356 -47.41 -21.77 22.89
N ASN B 357 -47.66 -20.50 22.62
CA ASN B 357 -46.87 -19.70 21.70
C ASN B 357 -45.84 -18.92 22.49
N LEU B 358 -44.67 -18.73 21.91
CA LEU B 358 -43.59 -18.01 22.58
C LEU B 358 -42.82 -17.15 21.60
N VAL B 359 -42.51 -15.94 22.05
CA VAL B 359 -41.61 -15.01 21.37
C VAL B 359 -40.52 -14.65 22.36
N CYS B 360 -39.35 -14.30 21.84
CA CYS B 360 -38.30 -13.78 22.71
C CYS B 360 -37.25 -13.07 21.88
N GLY B 361 -36.91 -11.86 22.32
CA GLY B 361 -35.83 -11.10 21.74
C GLY B 361 -34.66 -11.07 22.71
N THR B 362 -33.46 -10.87 22.18
CA THR B 362 -32.25 -11.17 22.92
C THR B 362 -31.13 -10.19 22.59
N ASP B 363 -30.00 -10.43 23.23
CA ASP B 363 -28.74 -9.84 22.83
C ASP B 363 -28.02 -10.70 21.80
N ALA B 364 -28.55 -11.88 21.49
CA ALA B 364 -28.04 -12.71 20.41
C ALA B 364 -28.40 -12.14 19.05
N GLU B 365 -28.89 -10.91 18.99
CA GLU B 365 -28.98 -10.13 17.76
C GLU B 365 -30.08 -10.68 16.84
N ALA B 366 -31.02 -11.42 17.42
CA ALA B 366 -32.05 -12.14 16.68
C ALA B 366 -33.28 -12.32 17.56
N ILE B 367 -34.29 -13.00 17.01
CA ILE B 367 -35.53 -13.31 17.72
C ILE B 367 -35.81 -14.80 17.56
N TYR B 368 -36.37 -15.39 18.61
CA TYR B 368 -36.70 -16.82 18.63
C TYR B 368 -38.16 -16.97 19.01
N VAL B 369 -38.88 -17.81 18.28
CA VAL B 369 -40.32 -17.96 18.47
C VAL B 369 -40.69 -19.41 18.24
N THR B 370 -41.75 -19.87 18.92
CA THR B 370 -42.33 -21.17 18.65
C THR B 370 -43.85 -21.11 18.75
N ARG B 371 -44.52 -21.87 17.89
CA ARG B 371 -45.97 -22.02 17.97
C ARG B 371 -46.40 -22.87 19.15
N ARG B 372 -45.66 -23.92 19.44
CA ARG B 372 -46.00 -24.89 20.47
C ARG B 372 -44.80 -25.05 21.40
N LEU B 373 -45.09 -25.15 22.68
CA LEU B 373 -44.07 -25.31 23.69
C LEU B 373 -43.76 -26.78 23.96
N PHE B 374 -44.52 -27.70 23.38
CA PHE B 374 -44.37 -29.11 23.65
C PHE B 374 -44.66 -29.88 22.37
N SER B 375 -44.86 -31.18 22.51
CA SER B 375 -45.25 -32.05 21.41
C SER B 375 -45.74 -33.39 21.94
N MET C 1 -75.64 -7.34 58.47
CA MET C 1 -75.93 -6.55 59.66
C MET C 1 -75.94 -5.06 59.40
N PHE C 2 -76.92 -4.57 58.66
CA PHE C 2 -77.09 -3.14 58.50
C PHE C 2 -78.39 -2.71 59.18
N VAL C 3 -78.26 -1.84 60.18
CA VAL C 3 -79.43 -1.31 60.89
C VAL C 3 -80.22 -0.44 59.93
N ALA C 4 -81.53 -0.37 60.13
CA ALA C 4 -82.43 0.26 59.19
C ALA C 4 -82.77 1.69 59.59
N ARG C 5 -82.66 2.62 58.64
CA ARG C 5 -83.21 3.95 58.86
C ARG C 5 -84.54 4.07 58.12
N SER C 6 -85.37 5.00 58.58
CA SER C 6 -86.51 5.45 57.79
C SER C 6 -86.13 6.56 56.83
N ILE C 7 -84.90 7.08 56.91
CA ILE C 7 -84.47 8.14 56.03
C ILE C 7 -84.40 7.62 54.59
N ALA C 8 -84.85 8.45 53.65
CA ALA C 8 -84.98 8.03 52.26
C ALA C 8 -84.30 9.05 51.35
N ALA C 9 -84.18 8.68 50.09
CA ALA C 9 -83.59 9.56 49.09
C ALA C 9 -84.45 10.80 48.89
N ASP C 10 -83.92 11.78 48.17
CA ASP C 10 -84.57 13.07 48.00
C ASP C 10 -85.85 12.99 47.15
N HIS C 11 -86.27 11.80 46.75
CA HIS C 11 -87.54 11.65 46.06
C HIS C 11 -88.68 12.11 46.96
N LYS C 12 -89.34 13.20 46.55
CA LYS C 12 -90.43 13.78 47.33
C LYS C 12 -91.71 12.95 47.24
N ASP C 13 -91.66 11.82 46.53
CA ASP C 13 -92.85 11.02 46.31
C ASP C 13 -92.51 9.55 46.55
N LEU C 14 -93.54 8.72 46.40
CA LEU C 14 -93.37 7.27 46.53
C LEU C 14 -92.32 6.78 45.54
N ILE C 15 -91.41 5.94 46.02
CA ILE C 15 -90.40 5.34 45.16
C ILE C 15 -90.92 3.99 44.70
N HIS C 16 -90.97 3.80 43.38
CA HIS C 16 -91.60 2.60 42.84
C HIS C 16 -90.69 1.38 42.86
N ASP C 17 -89.63 1.38 42.05
CA ASP C 17 -88.71 0.26 42.02
C ASP C 17 -87.28 0.76 42.02
N VAL C 18 -86.35 -0.18 42.16
CA VAL C 18 -84.94 0.05 41.92
C VAL C 18 -84.43 -1.10 41.06
N SER C 19 -83.68 -0.77 40.01
CA SER C 19 -83.20 -1.76 39.07
C SER C 19 -81.67 -1.76 39.07
N PHE C 20 -81.10 -2.95 39.03
CA PHE C 20 -79.66 -3.13 39.17
C PHE C 20 -79.08 -3.70 37.88
N ASP C 21 -77.79 -3.43 37.68
CA ASP C 21 -77.13 -3.84 36.45
C ASP C 21 -77.00 -5.35 36.41
N PHE C 22 -77.29 -5.91 35.24
CA PHE C 22 -77.15 -7.34 35.00
C PHE C 22 -75.69 -7.75 34.86
N HIS C 23 -74.79 -6.81 35.14
CA HIS C 23 -73.36 -7.04 35.10
C HIS C 23 -72.72 -6.36 36.31
N GLY C 24 -73.52 -5.66 37.13
CA GLY C 24 -73.01 -5.17 38.39
C GLY C 24 -72.72 -3.68 38.53
N ARG C 25 -72.63 -3.22 39.78
CA ARG C 25 -72.14 -1.93 40.24
C ARG C 25 -73.12 -0.79 40.01
N ARG C 26 -74.19 -0.99 39.24
CA ARG C 26 -75.00 0.13 38.78
C ARG C 26 -76.43 -0.08 39.27
N MET C 27 -77.05 0.98 39.78
CA MET C 27 -78.43 0.85 40.20
C MET C 27 -79.17 2.13 39.84
N ALA C 28 -80.49 2.06 39.86
CA ALA C 28 -81.31 3.23 39.57
C ALA C 28 -82.66 3.12 40.27
N THR C 29 -83.12 4.25 40.79
CA THR C 29 -84.39 4.36 41.49
C THR C 29 -85.41 5.07 40.61
N CYS C 30 -86.59 4.45 40.52
CA CYS C 30 -87.77 5.00 39.86
C CYS C 30 -88.83 5.26 40.92
N SER C 31 -89.48 6.42 40.80
CA SER C 31 -90.37 6.89 41.85
C SER C 31 -91.56 7.57 41.21
N SER C 32 -92.39 8.17 42.06
CA SER C 32 -93.45 9.05 41.60
C SER C 32 -92.98 10.50 41.50
N ASP C 33 -91.72 10.76 41.81
CA ASP C 33 -91.10 12.07 41.63
C ASP C 33 -90.90 12.43 40.17
N GLN C 34 -91.09 11.46 39.27
CA GLN C 34 -91.03 11.56 37.81
C GLN C 34 -89.58 11.66 37.33
N SER C 35 -88.62 11.90 38.22
CA SER C 35 -87.22 11.93 37.84
C SER C 35 -86.57 10.59 38.18
N VAL C 36 -85.90 10.03 37.17
CA VAL C 36 -85.21 8.75 37.29
C VAL C 36 -83.81 9.02 37.79
N LYS C 37 -83.43 8.39 38.90
CA LYS C 37 -82.14 8.67 39.54
C LYS C 37 -81.23 7.46 39.42
N VAL C 38 -80.20 7.59 38.59
CA VAL C 38 -79.18 6.57 38.41
C VAL C 38 -78.08 6.78 39.43
N TRP C 39 -77.87 5.77 40.25
CA TRP C 39 -76.87 5.76 41.29
C TRP C 39 -75.81 4.74 40.86
N ASP C 40 -74.58 4.94 41.29
CA ASP C 40 -73.50 4.04 40.93
C ASP C 40 -72.70 3.67 42.17
N LYS C 41 -72.77 2.41 42.55
CA LYS C 41 -71.97 1.90 43.65
C LYS C 41 -70.49 2.10 43.33
N SER C 42 -69.84 3.01 44.05
CA SER C 42 -68.45 3.31 43.82
C SER C 42 -67.58 2.14 44.24
N GLU C 43 -66.28 2.26 43.99
CA GLU C 43 -65.36 1.25 44.47
C GLU C 43 -65.36 1.21 45.99
N ASN C 44 -65.48 2.37 46.62
CA ASN C 44 -65.74 2.42 48.05
C ASN C 44 -67.17 1.98 48.36
N GLY C 45 -68.00 1.88 47.33
CA GLY C 45 -69.39 1.49 47.48
C GLY C 45 -70.35 2.66 47.56
N ASN C 46 -69.86 3.85 47.87
CA ASN C 46 -70.72 5.01 48.03
C ASN C 46 -71.44 5.32 46.74
N TRP C 47 -72.74 5.08 46.73
CA TRP C 47 -73.58 5.37 45.58
C TRP C 47 -74.17 6.77 45.73
N HIS C 48 -73.95 7.59 44.72
CA HIS C 48 -74.36 9.00 44.75
C HIS C 48 -75.25 9.28 43.55
N CYS C 49 -75.98 10.40 43.61
CA CYS C 49 -76.93 10.71 42.55
C CYS C 49 -76.16 11.08 41.29
N THR C 50 -75.74 10.06 40.56
CA THR C 50 -74.93 10.26 39.36
C THR C 50 -75.74 10.77 38.19
N ALA C 51 -77.01 10.39 38.10
CA ALA C 51 -77.88 10.92 37.06
C ALA C 51 -79.28 11.06 37.63
N SER C 52 -80.06 11.99 37.06
CA SER C 52 -81.46 12.13 37.39
C SER C 52 -82.14 12.90 36.28
N TRP C 53 -82.95 12.21 35.48
CA TRP C 53 -83.63 12.90 34.39
C TRP C 53 -85.06 12.40 34.28
N LYS C 54 -85.93 13.28 33.77
CA LYS C 54 -87.34 12.94 33.64
C LYS C 54 -87.52 11.96 32.48
N THR C 55 -88.49 11.05 32.61
CA THR C 55 -88.65 9.97 31.66
C THR C 55 -90.08 9.75 31.18
N HIS C 56 -91.08 10.07 31.99
CA HIS C 56 -92.47 9.73 31.68
C HIS C 56 -93.40 10.85 32.12
N SER C 57 -94.68 10.49 32.22
CA SER C 57 -95.69 11.22 32.96
C SER C 57 -96.41 10.23 33.85
N GLY C 58 -96.91 10.70 34.99
CA GLY C 58 -97.58 9.85 35.93
C GLY C 58 -96.62 8.99 36.73
N SER C 59 -97.19 8.12 37.55
CA SER C 59 -96.39 7.27 38.44
C SER C 59 -95.59 6.26 37.64
N VAL C 60 -94.27 6.43 37.65
CA VAL C 60 -93.36 5.57 36.90
C VAL C 60 -93.14 4.31 37.73
N TRP C 61 -93.94 3.29 37.47
CA TRP C 61 -93.97 2.11 38.34
C TRP C 61 -92.70 1.28 38.25
N ARG C 62 -92.11 1.17 37.07
CA ARG C 62 -91.11 0.13 36.85
C ARG C 62 -90.05 0.59 35.88
N VAL C 63 -88.81 0.29 36.25
CA VAL C 63 -87.64 0.44 35.40
C VAL C 63 -86.98 -0.93 35.25
N THR C 64 -86.68 -1.30 34.00
CA THR C 64 -86.08 -2.59 33.70
C THR C 64 -84.82 -2.37 32.89
N TRP C 65 -83.71 -2.90 33.36
CA TRP C 65 -82.46 -2.76 32.63
C TRP C 65 -82.31 -3.95 31.68
N ALA C 66 -81.48 -3.78 30.66
CA ALA C 66 -81.15 -4.87 29.77
C ALA C 66 -79.64 -5.03 29.71
N HIS C 67 -79.22 -6.25 29.50
CA HIS C 67 -77.80 -6.58 29.40
C HIS C 67 -77.15 -5.72 28.35
N PRO C 68 -75.89 -5.33 28.55
CA PRO C 68 -75.25 -4.43 27.58
C PRO C 68 -75.15 -5.02 26.18
N GLU C 69 -75.29 -6.33 26.01
CA GLU C 69 -75.39 -6.85 24.65
C GLU C 69 -76.68 -6.39 24.01
N PHE C 70 -77.67 -6.01 24.81
CA PHE C 70 -78.82 -5.27 24.35
C PHE C 70 -78.46 -3.83 24.06
N GLY C 71 -77.20 -3.48 24.25
CA GLY C 71 -76.85 -2.10 24.51
C GLY C 71 -77.11 -1.84 25.98
N GLN C 72 -76.56 -0.74 26.46
CA GLN C 72 -76.81 -0.30 27.83
C GLN C 72 -78.18 0.38 27.87
N VAL C 73 -79.20 -0.44 27.66
CA VAL C 73 -80.54 0.04 27.33
C VAL C 73 -81.50 -0.35 28.45
N LEU C 74 -82.57 0.43 28.61
CA LEU C 74 -83.54 0.31 29.68
C LEU C 74 -84.95 0.63 29.18
N ALA C 75 -85.92 -0.04 29.78
CA ALA C 75 -87.33 0.24 29.56
C ALA C 75 -87.93 0.79 30.85
N SER C 76 -89.01 1.57 30.72
CA SER C 76 -89.68 2.15 31.87
C SER C 76 -91.15 2.35 31.56
N CYS C 77 -91.98 2.22 32.60
CA CYS C 77 -93.43 2.33 32.44
C CYS C 77 -94.01 3.28 33.48
N SER C 78 -95.09 3.96 33.10
CA SER C 78 -95.71 4.98 33.93
C SER C 78 -97.12 5.29 33.43
N PHE C 79 -97.80 6.17 34.17
CA PHE C 79 -99.14 6.62 33.77
C PHE C 79 -99.00 7.57 32.60
N ASP C 80 -98.64 7.03 31.43
CA ASP C 80 -98.54 7.85 30.22
C ASP C 80 -99.07 7.09 29.01
N ARG C 81 -99.73 5.97 29.26
CA ARG C 81 -100.25 5.07 28.22
C ARG C 81 -99.13 4.42 27.41
N THR C 82 -97.88 4.80 27.68
CA THR C 82 -96.77 4.42 26.83
C THR C 82 -95.64 3.84 27.66
N ALA C 83 -94.61 3.36 26.96
CA ALA C 83 -93.41 2.82 27.58
C ALA C 83 -92.18 3.47 26.99
N ALA C 84 -91.35 4.07 27.85
CA ALA C 84 -90.18 4.82 27.42
C ALA C 84 -88.95 3.93 27.40
N VAL C 85 -88.01 4.26 26.51
CA VAL C 85 -86.79 3.49 26.33
C VAL C 85 -85.60 4.43 26.34
N TRP C 86 -84.66 4.18 27.26
CA TRP C 86 -83.47 5.01 27.38
C TRP C 86 -82.23 4.15 27.36
N GLU C 87 -81.31 4.46 26.46
CA GLU C 87 -79.95 3.97 26.51
C GLU C 87 -79.03 5.13 26.83
N GLU C 88 -78.04 4.89 27.68
CA GLU C 88 -77.09 5.94 28.02
C GLU C 88 -75.93 5.89 27.04
N ILE C 89 -75.78 6.94 26.23
CA ILE C 89 -74.70 7.01 25.26
C ILE C 89 -73.74 8.08 25.74
N VAL C 90 -72.45 7.84 25.57
CA VAL C 90 -71.43 8.79 25.98
C VAL C 90 -70.69 9.24 24.73
N GLY C 91 -70.00 10.37 24.81
CA GLY C 91 -69.10 10.77 23.75
C GLY C 91 -67.80 9.99 23.80
N GLU C 92 -66.95 10.25 22.78
CA GLU C 92 -65.53 9.91 22.71
C GLU C 92 -65.23 8.42 22.83
N SER C 93 -63.97 8.06 22.60
CA SER C 93 -63.53 6.67 22.61
C SER C 93 -62.86 6.34 23.94
N ASN C 94 -63.40 5.36 24.64
CA ASN C 94 -63.04 5.09 26.01
C ASN C 94 -61.75 4.29 26.03
N ASP C 95 -60.60 4.99 26.06
CA ASP C 95 -59.33 4.31 26.21
C ASP C 95 -58.69 4.66 27.55
N LYS C 96 -58.48 5.95 27.80
CA LYS C 96 -58.20 6.44 29.16
C LYS C 96 -58.88 7.79 29.34
N LEU C 97 -59.87 8.07 28.50
CA LEU C 97 -60.62 9.31 28.56
C LEU C 97 -62.10 8.99 28.78
N ARG C 98 -62.77 9.79 29.59
CA ARG C 98 -64.20 9.66 29.85
C ARG C 98 -64.88 10.99 29.55
N GLY C 99 -65.62 11.03 28.44
CA GLY C 99 -66.27 12.25 28.01
C GLY C 99 -67.55 12.52 28.78
N GLN C 100 -68.53 13.04 28.05
CA GLN C 100 -69.81 13.43 28.63
C GLN C 100 -70.89 12.43 28.23
N SER C 101 -71.72 12.08 29.20
CA SER C 101 -72.78 11.10 28.98
C SER C 101 -74.08 11.81 28.62
N HIS C 102 -75.07 11.03 28.21
CA HIS C 102 -76.35 11.57 27.77
C HIS C 102 -77.39 10.47 27.62
N TRP C 103 -78.58 10.76 28.15
CA TRP C 103 -79.71 9.84 28.18
C TRP C 103 -80.41 9.88 26.84
N VAL C 104 -80.75 8.70 26.30
CA VAL C 104 -81.27 8.60 24.94
C VAL C 104 -82.58 7.83 24.96
N LYS C 105 -83.67 8.49 24.57
CA LYS C 105 -84.89 7.75 24.30
C LYS C 105 -84.80 7.10 22.93
N ARG C 106 -84.41 5.83 22.90
CA ARG C 106 -84.47 5.12 21.63
C ARG C 106 -85.90 5.06 21.11
N THR C 107 -86.87 4.75 21.98
CA THR C 107 -88.25 4.78 21.56
C THR C 107 -89.16 5.03 22.75
N THR C 108 -90.44 5.10 22.44
CA THR C 108 -91.49 5.00 23.45
C THR C 108 -92.70 4.39 22.77
N LEU C 109 -93.04 3.17 23.17
CA LEU C 109 -94.16 2.45 22.58
C LEU C 109 -95.47 3.05 23.10
N VAL C 110 -96.27 3.60 22.18
CA VAL C 110 -97.52 4.24 22.58
C VAL C 110 -98.52 3.23 23.13
N ASP C 111 -98.41 1.96 22.75
CA ASP C 111 -99.21 0.89 23.33
C ASP C 111 -100.70 1.21 23.24
N SER C 112 -101.16 1.53 22.02
CA SER C 112 -102.53 1.98 21.79
C SER C 112 -102.89 3.16 22.69
N ARG C 113 -103.84 2.94 23.59
CA ARG C 113 -104.25 3.97 24.54
C ARG C 113 -104.40 3.33 25.91
N THR C 114 -103.49 2.41 26.24
CA THR C 114 -103.68 1.55 27.41
C THR C 114 -102.47 1.67 28.32
N SER C 115 -102.73 1.61 29.63
CA SER C 115 -101.69 1.81 30.63
C SER C 115 -100.84 0.55 30.79
N VAL C 116 -99.53 0.70 30.69
CA VAL C 116 -98.60 -0.43 30.64
C VAL C 116 -98.48 -1.02 32.04
N THR C 117 -99.26 -2.07 32.30
CA THR C 117 -99.20 -2.72 33.59
C THR C 117 -97.87 -3.42 33.84
N ASP C 118 -97.29 -4.07 32.83
CA ASP C 118 -95.95 -4.57 32.95
C ASP C 118 -95.24 -4.45 31.61
N VAL C 119 -93.92 -4.43 31.67
CA VAL C 119 -93.10 -4.30 30.48
C VAL C 119 -91.70 -4.85 30.77
N LYS C 120 -91.18 -5.70 29.88
CA LYS C 120 -89.76 -6.05 30.02
C LYS C 120 -89.26 -6.70 28.74
N PHE C 121 -87.94 -6.70 28.60
CA PHE C 121 -87.23 -7.23 27.43
C PHE C 121 -87.53 -8.71 27.20
N ALA C 122 -86.95 -9.26 26.15
CA ALA C 122 -87.14 -10.66 25.84
C ALA C 122 -85.87 -11.47 26.10
N PRO C 123 -86.00 -12.78 26.31
CA PRO C 123 -84.83 -13.59 26.63
C PRO C 123 -83.91 -13.77 25.44
N LYS C 124 -82.69 -14.23 25.74
CA LYS C 124 -81.61 -14.27 24.77
C LYS C 124 -81.96 -15.17 23.59
N HIS C 125 -82.36 -16.40 23.88
CA HIS C 125 -82.38 -17.49 22.92
C HIS C 125 -83.45 -17.30 21.85
N MET C 126 -84.41 -16.41 22.06
CA MET C 126 -85.54 -16.26 21.17
C MET C 126 -85.40 -15.05 20.26
N GLY C 127 -84.20 -14.53 20.10
CA GLY C 127 -84.07 -13.23 19.49
C GLY C 127 -84.29 -12.15 20.51
N LEU C 128 -84.35 -10.91 20.02
CA LEU C 128 -84.36 -9.74 20.88
C LEU C 128 -85.70 -9.01 20.71
N MET C 129 -86.66 -9.39 21.54
CA MET C 129 -87.99 -8.79 21.48
C MET C 129 -88.21 -8.01 22.77
N LEU C 130 -89.39 -7.44 22.92
CA LEU C 130 -89.80 -6.91 24.22
C LEU C 130 -91.32 -6.98 24.35
N ALA C 131 -91.80 -7.20 25.58
CA ALA C 131 -93.20 -7.41 25.84
C ALA C 131 -93.77 -6.31 26.72
N THR C 132 -94.99 -5.86 26.38
CA THR C 132 -95.74 -4.89 27.15
C THR C 132 -97.13 -5.43 27.38
N CYS C 133 -97.64 -5.27 28.60
CA CYS C 133 -98.99 -5.66 28.94
C CYS C 133 -99.71 -4.46 29.52
N SER C 134 -101.04 -4.48 29.39
CA SER C 134 -101.85 -3.36 29.84
C SER C 134 -103.15 -3.88 30.41
N ALA C 135 -103.83 -3.02 31.15
CA ALA C 135 -105.14 -3.35 31.71
C ALA C 135 -106.19 -3.57 30.65
N ASP C 136 -105.75 -3.59 29.40
CA ASP C 136 -106.63 -3.86 28.27
C ASP C 136 -106.84 -5.35 28.03
N GLY C 137 -106.16 -6.21 28.79
CA GLY C 137 -106.13 -7.62 28.46
C GLY C 137 -105.35 -7.93 27.20
N VAL C 138 -104.52 -7.00 26.75
CA VAL C 138 -103.84 -7.08 25.46
C VAL C 138 -102.35 -6.93 25.70
N VAL C 139 -101.56 -7.82 25.11
CA VAL C 139 -100.12 -7.79 25.27
C VAL C 139 -99.46 -7.54 23.92
N ARG C 140 -98.75 -6.43 23.82
CA ARG C 140 -98.07 -6.01 22.62
C ARG C 140 -96.62 -6.47 22.67
N ILE C 141 -96.05 -6.75 21.51
CA ILE C 141 -94.83 -7.52 21.38
C ILE C 141 -94.00 -6.88 20.28
N TYR C 142 -92.99 -6.09 20.66
CA TYR C 142 -92.28 -5.23 19.73
C TYR C 142 -90.86 -5.71 19.47
N GLU C 143 -90.31 -5.21 18.36
CA GLU C 143 -89.18 -5.82 17.66
C GLU C 143 -88.20 -4.75 17.21
N ALA C 144 -86.90 -5.00 17.42
CA ALA C 144 -85.85 -4.23 16.77
C ALA C 144 -84.96 -5.15 15.93
N PRO C 145 -84.87 -4.92 14.62
CA PRO C 145 -84.16 -5.85 13.75
C PRO C 145 -82.66 -6.00 13.99
N ASP C 146 -81.91 -4.90 13.95
CA ASP C 146 -80.45 -5.02 13.88
C ASP C 146 -79.77 -4.30 15.03
N VAL C 147 -78.48 -4.61 15.20
CA VAL C 147 -77.73 -4.23 16.40
C VAL C 147 -77.56 -2.73 16.56
N MET C 148 -77.27 -2.00 15.51
CA MET C 148 -77.18 -0.55 15.58
C MET C 148 -78.54 0.09 15.42
N ASN C 149 -79.53 -0.69 15.03
CA ASN C 149 -80.86 -0.18 14.77
C ASN C 149 -81.77 -0.40 15.96
N LEU C 150 -81.65 0.45 16.99
CA LEU C 150 -82.33 0.23 18.26
C LEU C 150 -83.65 0.97 18.37
N SER C 151 -83.70 2.21 17.93
CA SER C 151 -84.78 3.13 18.24
C SER C 151 -86.12 2.69 17.68
N GLN C 152 -86.14 1.75 16.75
CA GLN C 152 -87.35 1.47 15.97
C GLN C 152 -88.06 0.29 16.59
N TRP C 153 -89.38 0.36 16.66
CA TRP C 153 -90.10 -0.67 17.36
C TRP C 153 -91.40 -1.00 16.66
N SER C 154 -91.51 -2.25 16.25
CA SER C 154 -92.64 -2.75 15.48
C SER C 154 -93.29 -3.88 16.25
N LEU C 155 -94.61 -3.84 16.38
CA LEU C 155 -95.32 -4.86 17.13
C LEU C 155 -95.24 -6.17 16.36
N GLN C 156 -94.25 -6.99 16.69
CA GLN C 156 -94.09 -8.29 16.06
C GLN C 156 -95.28 -9.19 16.35
N HIS C 157 -95.76 -9.19 17.58
CA HIS C 157 -96.89 -10.03 17.94
C HIS C 157 -97.77 -9.35 18.96
N GLU C 158 -98.98 -9.85 19.11
CA GLU C 158 -99.86 -9.46 20.20
C GLU C 158 -100.59 -10.70 20.67
N ILE C 159 -100.71 -10.84 21.97
CA ILE C 159 -101.48 -11.92 22.56
C ILE C 159 -102.61 -11.30 23.39
N SER C 160 -103.84 -11.65 23.04
CA SER C 160 -105.00 -11.23 23.80
C SER C 160 -105.18 -12.20 24.96
N CYS C 161 -105.13 -11.68 26.18
CA CYS C 161 -105.08 -12.51 27.38
C CYS C 161 -106.31 -12.34 28.25
N LYS C 162 -107.49 -12.35 27.65
CA LYS C 162 -108.80 -12.30 28.33
C LYS C 162 -108.77 -11.12 29.30
N LEU C 163 -108.93 -11.34 30.61
CA LEU C 163 -109.00 -10.25 31.57
C LEU C 163 -107.81 -9.31 31.49
N SER C 164 -107.97 -8.12 32.07
CA SER C 164 -106.94 -7.09 32.07
C SER C 164 -105.59 -7.64 32.53
N CYS C 165 -104.53 -7.31 31.79
CA CYS C 165 -103.19 -7.78 32.13
C CYS C 165 -102.67 -7.02 33.35
N SER C 166 -102.10 -7.76 34.30
CA SER C 166 -101.43 -7.18 35.46
C SER C 166 -99.97 -7.57 35.57
N CYS C 167 -99.69 -8.87 35.67
CA CYS C 167 -98.33 -9.34 35.89
C CYS C 167 -98.01 -10.45 34.89
N ILE C 168 -96.82 -10.35 34.31
CA ILE C 168 -96.41 -11.17 33.18
C ILE C 168 -95.18 -11.97 33.58
N SER C 169 -94.84 -12.98 32.78
CA SER C 169 -93.65 -13.75 33.06
C SER C 169 -93.19 -14.52 31.83
N TRP C 170 -91.90 -14.37 31.52
CA TRP C 170 -91.23 -15.13 30.48
C TRP C 170 -90.77 -16.50 30.97
N ASN C 171 -90.93 -17.50 30.12
CA ASN C 171 -90.40 -18.83 30.39
C ASN C 171 -88.95 -18.90 29.93
N PRO C 172 -88.01 -19.25 30.80
CA PRO C 172 -86.64 -19.51 30.34
C PRO C 172 -86.61 -20.69 29.39
N SER C 173 -85.85 -20.50 28.30
CA SER C 173 -85.74 -21.50 27.25
C SER C 173 -84.36 -21.41 26.63
N SER C 174 -83.70 -22.55 26.50
CA SER C 174 -82.35 -22.58 25.93
C SER C 174 -82.14 -23.80 25.04
N SER C 175 -83.21 -24.51 24.70
CA SER C 175 -83.12 -25.69 23.85
C SER C 175 -83.98 -25.50 22.62
N ARG C 176 -83.41 -25.80 21.46
CA ARG C 176 -84.15 -25.82 20.22
C ARG C 176 -85.31 -26.79 20.26
N ALA C 177 -85.19 -27.88 21.03
CA ALA C 177 -86.27 -28.80 21.26
C ALA C 177 -87.26 -28.28 22.30
N HIS C 178 -86.95 -27.13 22.91
CA HIS C 178 -87.84 -26.48 23.86
C HIS C 178 -88.46 -25.27 23.20
N SER C 179 -89.49 -24.71 23.82
CA SER C 179 -90.26 -23.61 23.28
C SER C 179 -90.38 -22.49 24.29
N PRO C 180 -90.61 -21.26 23.83
CA PRO C 180 -90.84 -20.16 24.76
C PRO C 180 -92.31 -20.07 25.15
N MET C 181 -92.52 -19.87 26.44
CA MET C 181 -93.86 -19.77 27.00
C MET C 181 -93.95 -18.54 27.88
N ILE C 182 -95.19 -18.15 28.17
CA ILE C 182 -95.48 -16.96 28.96
C ILE C 182 -96.59 -17.29 29.93
N ALA C 183 -96.41 -16.89 31.18
CA ALA C 183 -97.46 -17.00 32.18
C ALA C 183 -97.97 -15.61 32.53
N VAL C 184 -99.28 -15.52 32.80
CA VAL C 184 -99.97 -14.26 32.96
C VAL C 184 -100.89 -14.37 34.17
N GLY C 185 -100.55 -13.64 35.24
CA GLY C 185 -101.40 -13.56 36.41
C GLY C 185 -102.27 -12.31 36.36
N SER C 186 -103.58 -12.51 36.55
CA SER C 186 -104.56 -11.45 36.37
C SER C 186 -104.99 -10.91 37.73
N ASP C 187 -105.03 -9.59 37.86
CA ASP C 187 -105.46 -8.93 39.08
C ASP C 187 -106.93 -8.50 39.01
N ASP C 188 -107.67 -8.91 37.98
CA ASP C 188 -109.11 -8.70 37.98
C ASP C 188 -109.75 -9.54 39.07
N SER C 189 -110.85 -9.03 39.62
CA SER C 189 -111.53 -9.69 40.73
C SER C 189 -112.77 -10.39 40.22
N SER C 190 -112.72 -11.72 40.20
CA SER C 190 -113.88 -12.52 39.87
C SER C 190 -113.77 -13.88 40.54
N PRO C 191 -114.49 -14.10 41.64
CA PRO C 191 -114.46 -15.42 42.29
C PRO C 191 -114.98 -16.50 41.37
N ASN C 192 -115.85 -16.10 40.43
CA ASN C 192 -116.38 -17.05 39.46
C ASN C 192 -115.26 -17.65 38.61
N ILE C 193 -114.33 -16.82 38.18
CA ILE C 193 -113.38 -17.22 37.14
C ILE C 193 -112.27 -18.05 37.76
N MET C 194 -112.16 -19.30 37.30
CA MET C 194 -110.98 -20.13 37.55
C MET C 194 -109.96 -19.85 36.47
N GLY C 195 -108.73 -20.29 36.71
CA GLY C 195 -107.70 -20.09 35.71
C GLY C 195 -107.42 -18.63 35.47
N LYS C 196 -107.47 -17.82 36.53
CA LYS C 196 -107.13 -16.41 36.40
C LYS C 196 -105.72 -16.20 35.93
N VAL C 197 -104.93 -17.26 35.83
CA VAL C 197 -103.59 -17.22 35.26
C VAL C 197 -103.60 -18.04 33.98
N GLN C 198 -103.10 -17.44 32.90
CA GLN C 198 -103.18 -17.97 31.55
C GLN C 198 -101.77 -18.17 31.00
N ILE C 199 -101.59 -19.22 30.22
CA ILE C 199 -100.27 -19.72 29.86
C ILE C 199 -100.26 -19.99 28.36
N TYR C 200 -99.29 -19.40 27.68
CA TYR C 200 -99.22 -19.48 26.22
C TYR C 200 -97.84 -19.98 25.78
N GLU C 201 -97.82 -20.72 24.67
CA GLU C 201 -96.60 -21.32 24.15
C GLU C 201 -96.40 -20.87 22.72
N TYR C 202 -95.16 -20.95 22.23
CA TYR C 202 -94.93 -20.79 20.80
C TYR C 202 -94.88 -22.15 20.12
N ASN C 203 -95.95 -22.51 19.42
CA ASN C 203 -95.91 -23.66 18.53
C ASN C 203 -95.23 -23.18 17.25
N GLU C 204 -94.07 -23.77 16.97
CA GLU C 204 -93.19 -23.24 15.95
C GLU C 204 -93.74 -23.50 14.55
N ASN C 205 -94.34 -24.66 14.34
CA ASN C 205 -94.92 -24.93 13.02
C ASN C 205 -96.07 -23.97 12.74
N THR C 206 -96.89 -23.70 13.75
CA THR C 206 -97.87 -22.63 13.64
C THR C 206 -97.23 -21.27 13.69
N ARG C 207 -95.97 -21.19 14.10
CA ARG C 207 -95.24 -19.94 14.24
C ARG C 207 -95.89 -19.02 15.25
N LYS C 208 -96.64 -19.56 16.21
CA LYS C 208 -97.54 -18.69 16.96
C LYS C 208 -97.78 -19.22 18.36
N TYR C 209 -98.04 -18.28 19.27
CA TYR C 209 -98.49 -18.61 20.61
C TYR C 209 -99.91 -19.15 20.60
N ALA C 210 -100.11 -20.28 21.25
CA ALA C 210 -101.42 -20.77 21.62
C ALA C 210 -101.53 -20.74 23.14
N LYS C 211 -102.75 -20.87 23.65
CA LYS C 211 -102.95 -21.03 25.08
C LYS C 211 -102.45 -22.41 25.50
N ALA C 212 -101.40 -22.45 26.33
CA ALA C 212 -100.98 -23.73 26.86
C ALA C 212 -101.90 -24.18 28.00
N GLU C 213 -102.17 -23.29 28.94
CA GLU C 213 -102.88 -23.69 30.16
C GLU C 213 -103.55 -22.50 30.83
N THR C 214 -104.33 -22.81 31.85
CA THR C 214 -104.76 -21.86 32.86
C THR C 214 -104.64 -22.56 34.20
N LEU C 215 -104.78 -21.80 35.28
CA LEU C 215 -104.80 -22.41 36.60
C LEU C 215 -106.23 -22.50 37.10
N MET C 216 -106.97 -23.46 36.57
CA MET C 216 -108.38 -23.59 36.90
C MET C 216 -108.45 -23.95 38.37
N SER C 217 -108.61 -22.92 39.20
CA SER C 217 -108.32 -22.95 40.62
C SER C 217 -108.23 -21.52 41.12
N VAL C 218 -107.73 -20.65 40.28
CA VAL C 218 -107.40 -19.28 40.67
C VAL C 218 -108.58 -18.37 40.40
N SER C 219 -109.12 -17.78 41.47
CA SER C 219 -110.11 -16.71 41.32
C SER C 219 -109.74 -15.46 42.11
N ASP C 220 -108.49 -15.29 42.47
CA ASP C 220 -107.92 -14.23 43.28
C ASP C 220 -107.07 -13.30 42.42
N PRO C 221 -107.35 -11.99 42.45
CA PRO C 221 -106.51 -11.03 41.73
C PRO C 221 -105.02 -11.21 41.99
N VAL C 222 -104.29 -11.63 40.97
CA VAL C 222 -102.88 -11.98 41.13
C VAL C 222 -102.09 -10.72 41.37
N HIS C 223 -101.31 -10.69 42.45
CA HIS C 223 -100.38 -9.60 42.65
C HIS C 223 -99.22 -9.65 41.69
N ASP C 224 -98.40 -10.69 41.76
CA ASP C 224 -97.33 -10.90 40.80
C ASP C 224 -97.19 -12.39 40.49
N ILE C 225 -96.51 -12.65 39.39
CA ILE C 225 -96.33 -13.99 38.82
C ILE C 225 -94.84 -14.18 38.55
N ALA C 226 -94.31 -15.36 38.86
CA ALA C 226 -92.87 -15.53 38.73
C ALA C 226 -92.52 -16.98 38.42
N PHE C 227 -92.15 -17.24 37.17
CA PHE C 227 -91.45 -18.48 36.85
C PHE C 227 -90.24 -18.67 37.76
N ALA C 228 -89.98 -19.91 38.15
CA ALA C 228 -88.69 -20.25 38.71
C ALA C 228 -87.66 -20.37 37.58
N PRO C 229 -86.45 -19.84 37.79
CA PRO C 229 -85.40 -20.05 36.80
C PRO C 229 -85.18 -21.54 36.56
N ASN C 230 -85.54 -22.00 35.38
CA ASN C 230 -85.46 -23.42 35.02
C ASN C 230 -84.87 -23.53 33.63
N LEU C 231 -83.59 -23.87 33.54
CA LEU C 231 -82.97 -24.13 32.25
C LEU C 231 -82.23 -25.47 32.28
N GLY C 232 -81.71 -25.85 33.44
CA GLY C 232 -81.19 -27.19 33.63
C GLY C 232 -82.24 -28.00 34.33
N ARG C 233 -83.15 -27.30 34.99
CA ARG C 233 -84.33 -27.91 35.58
C ARG C 233 -85.23 -28.48 34.49
N SER C 234 -85.38 -29.80 34.47
CA SER C 234 -86.03 -30.52 33.38
C SER C 234 -87.55 -30.36 33.38
N PHE C 235 -88.08 -29.47 34.21
CA PHE C 235 -89.49 -29.11 34.21
C PHE C 235 -89.56 -27.66 34.66
N HIS C 236 -90.74 -27.22 35.07
CA HIS C 236 -90.81 -25.84 35.52
C HIS C 236 -91.61 -25.72 36.81
N ILE C 237 -91.39 -24.63 37.52
CA ILE C 237 -92.12 -24.30 38.73
C ILE C 237 -92.58 -22.86 38.65
N LEU C 238 -93.69 -22.55 39.31
CA LEU C 238 -94.27 -21.22 39.27
C LEU C 238 -94.59 -20.76 40.67
N ALA C 239 -94.20 -19.52 40.98
CA ALA C 239 -94.58 -18.83 42.21
C ALA C 239 -95.64 -17.79 41.90
N VAL C 240 -96.72 -17.81 42.70
CA VAL C 240 -97.89 -17.00 42.44
C VAL C 240 -98.23 -16.24 43.71
N ALA C 241 -98.34 -14.90 43.61
CA ALA C 241 -98.48 -14.03 44.77
C ALA C 241 -99.86 -13.36 44.78
N THR C 242 -100.61 -13.60 45.84
CA THR C 242 -101.84 -12.90 46.20
C THR C 242 -101.88 -12.93 47.71
N LYS C 243 -103.06 -12.81 48.30
CA LYS C 243 -103.22 -13.01 49.73
C LYS C 243 -102.46 -14.21 50.28
N ASP C 244 -102.23 -15.23 49.46
CA ASP C 244 -101.45 -16.39 49.88
C ASP C 244 -100.29 -16.62 48.93
N VAL C 245 -99.72 -17.81 49.03
CA VAL C 245 -98.50 -18.18 48.32
C VAL C 245 -98.75 -19.50 47.61
N ARG C 246 -98.70 -19.48 46.27
CA ARG C 246 -98.91 -20.68 45.47
C ARG C 246 -97.62 -21.07 44.78
N ILE C 247 -97.31 -22.36 44.84
CA ILE C 247 -96.10 -22.89 44.23
C ILE C 247 -96.47 -24.15 43.48
N PHE C 248 -96.17 -24.18 42.18
CA PHE C 248 -96.63 -25.24 41.30
C PHE C 248 -95.50 -25.86 40.51
N THR C 249 -95.54 -27.19 40.42
CA THR C 249 -94.59 -27.96 39.65
C THR C 249 -95.24 -28.51 38.38
N MET C 250 -94.59 -28.30 37.25
CA MET C 250 -95.12 -28.56 35.93
C MET C 250 -94.12 -29.43 35.21
N LYS C 251 -94.39 -30.74 35.16
CA LYS C 251 -93.48 -31.71 34.58
C LYS C 251 -94.02 -32.24 33.27
N PRO C 252 -93.22 -32.22 32.20
CA PRO C 252 -93.67 -32.81 30.94
C PRO C 252 -93.83 -34.32 31.07
N LEU C 253 -95.08 -34.76 31.19
CA LEU C 253 -95.36 -36.18 31.26
C LEU C 253 -95.56 -36.80 29.89
N ARG C 254 -96.24 -36.11 28.99
CA ARG C 254 -96.31 -36.48 27.59
C ARG C 254 -96.01 -35.26 26.75
N LYS C 255 -95.08 -35.41 25.83
CA LYS C 255 -94.65 -34.33 24.95
C LYS C 255 -95.24 -34.47 23.56
N GLU C 256 -96.24 -35.36 23.40
CA GLU C 256 -96.85 -35.70 22.12
C GLU C 256 -95.84 -36.30 21.15
N LEU C 257 -96.35 -36.81 20.03
CA LEU C 257 -95.48 -37.37 18.99
C LEU C 257 -95.81 -36.75 17.64
N SER C 258 -97.08 -36.43 17.41
CA SER C 258 -97.50 -35.81 16.17
C SER C 258 -98.50 -34.69 16.43
N SER C 259 -98.86 -34.50 17.70
CA SER C 259 -99.82 -33.49 18.08
C SER C 259 -99.28 -32.51 19.11
N SER C 260 -97.98 -32.26 19.11
CA SER C 260 -97.41 -31.31 20.06
C SER C 260 -97.91 -29.90 19.77
N GLY C 261 -97.90 -29.06 20.80
CA GLY C 261 -98.41 -27.71 20.68
C GLY C 261 -99.88 -27.63 21.03
N GLY C 262 -100.36 -26.40 21.10
CA GLY C 262 -101.71 -26.15 21.56
C GLY C 262 -101.75 -26.30 23.06
N VAL C 263 -101.67 -27.55 23.51
CA VAL C 263 -101.39 -27.88 24.90
C VAL C 263 -100.49 -29.12 24.89
N THR C 264 -99.52 -29.14 25.78
CA THR C 264 -98.64 -30.29 25.95
C THR C 264 -98.87 -30.86 27.34
N LYS C 265 -98.70 -32.16 27.48
CA LYS C 265 -99.14 -32.89 28.67
C LYS C 265 -98.14 -32.66 29.80
N PHE C 266 -98.56 -31.88 30.79
CA PHE C 266 -97.79 -31.59 31.99
C PHE C 266 -98.57 -31.98 33.22
N GLU C 267 -97.89 -32.58 34.18
CA GLU C 267 -98.43 -32.70 35.53
C GLU C 267 -98.17 -31.39 36.25
N ILE C 268 -99.20 -30.84 36.88
CA ILE C 268 -99.08 -29.67 37.72
C ILE C 268 -99.50 -30.05 39.13
N HIS C 269 -98.59 -29.86 40.07
CA HIS C 269 -98.89 -30.02 41.48
C HIS C 269 -98.84 -28.66 42.17
N THR C 270 -99.76 -28.46 43.12
CA THR C 270 -99.68 -27.34 44.04
C THR C 270 -98.61 -27.62 45.08
N VAL C 271 -97.39 -27.86 44.63
CA VAL C 271 -96.34 -28.35 45.48
C VAL C 271 -96.12 -27.47 46.70
N ALA C 272 -96.74 -26.30 46.77
CA ALA C 272 -96.73 -25.56 48.02
C ALA C 272 -97.85 -24.52 48.04
N GLN C 273 -98.35 -24.25 49.23
CA GLN C 273 -99.38 -23.25 49.44
C GLN C 273 -99.28 -22.78 50.87
N PHE C 274 -99.12 -21.47 51.06
CA PHE C 274 -98.80 -20.91 52.36
C PHE C 274 -99.55 -19.60 52.58
N ASP C 275 -100.06 -19.42 53.80
CA ASP C 275 -100.55 -18.12 54.25
C ASP C 275 -99.67 -17.58 55.37
N ASN C 276 -98.44 -18.06 55.46
CA ASN C 276 -97.57 -17.71 56.58
C ASN C 276 -97.36 -16.20 56.70
N HIS C 277 -97.50 -15.45 55.61
CA HIS C 277 -97.40 -14.00 55.70
C HIS C 277 -98.56 -13.41 56.46
N ASN C 278 -99.67 -14.16 56.58
CA ASN C 278 -100.87 -13.75 57.30
C ASN C 278 -101.47 -12.48 56.72
N SER C 279 -101.14 -12.14 55.48
CA SER C 279 -101.63 -10.93 54.82
C SER C 279 -101.42 -11.11 53.32
N GLN C 280 -101.87 -10.13 52.55
CA GLN C 280 -101.73 -10.20 51.10
C GLN C 280 -100.27 -10.12 50.70
N VAL C 281 -99.84 -11.06 49.86
CA VAL C 281 -98.44 -11.20 49.48
C VAL C 281 -98.24 -10.52 48.13
N TRP C 282 -97.47 -9.43 48.13
CA TRP C 282 -97.27 -8.68 46.91
C TRP C 282 -96.34 -9.37 45.94
N ARG C 283 -95.06 -9.51 46.27
CA ARG C 283 -94.11 -9.96 45.27
C ARG C 283 -93.32 -11.15 45.79
N VAL C 284 -92.88 -11.97 44.84
CA VAL C 284 -91.96 -13.07 45.06
C VAL C 284 -90.76 -12.86 44.14
N SER C 285 -89.56 -12.93 44.72
CA SER C 285 -88.35 -12.64 43.96
C SER C 285 -87.45 -13.87 43.97
N TRP C 286 -87.06 -14.30 42.77
CA TRP C 286 -86.23 -15.49 42.64
C TRP C 286 -84.75 -15.16 42.76
N ASN C 287 -84.00 -16.11 43.26
CA ASN C 287 -82.57 -16.11 43.07
C ASN C 287 -82.31 -16.44 41.61
N ILE C 288 -81.23 -15.89 41.08
CA ILE C 288 -80.91 -16.06 39.66
C ILE C 288 -80.57 -17.51 39.35
N THR C 289 -80.05 -18.23 40.33
CA THR C 289 -79.79 -19.66 40.11
C THR C 289 -81.08 -20.46 40.12
N GLY C 290 -82.21 -19.83 40.46
CA GLY C 290 -83.46 -20.55 40.53
C GLY C 290 -83.52 -21.57 41.63
N THR C 291 -83.15 -21.18 42.84
CA THR C 291 -83.14 -22.08 43.99
C THR C 291 -83.74 -21.44 45.23
N VAL C 292 -84.02 -20.14 45.21
CA VAL C 292 -84.39 -19.36 46.38
C VAL C 292 -85.54 -18.45 46.01
N LEU C 293 -86.50 -18.27 46.90
CA LEU C 293 -87.57 -17.30 46.66
C LEU C 293 -87.78 -16.44 47.90
N ALA C 294 -87.90 -15.13 47.67
CA ALA C 294 -88.26 -14.17 48.71
C ALA C 294 -89.71 -13.74 48.50
N SER C 295 -90.38 -13.42 49.60
CA SER C 295 -91.80 -13.11 49.56
C SER C 295 -92.11 -11.95 50.48
N SER C 296 -92.80 -10.94 49.96
CA SER C 296 -93.20 -9.83 50.81
C SER C 296 -94.68 -9.51 50.67
N GLY C 297 -95.23 -8.92 51.74
CA GLY C 297 -96.63 -8.54 51.79
C GLY C 297 -96.82 -7.23 52.52
N ASP C 298 -98.08 -6.94 52.84
CA ASP C 298 -98.44 -5.67 53.47
C ASP C 298 -97.77 -5.49 54.82
N ASP C 299 -97.59 -6.57 55.58
CA ASP C 299 -96.97 -6.45 56.89
C ASP C 299 -95.49 -6.07 56.82
N GLY C 300 -94.96 -5.81 55.63
CA GLY C 300 -93.57 -5.42 55.49
C GLY C 300 -92.62 -6.49 55.97
N THR C 301 -92.92 -7.74 55.68
CA THR C 301 -92.06 -8.85 56.00
C THR C 301 -91.72 -9.62 54.73
N VAL C 302 -90.60 -10.32 54.75
CA VAL C 302 -90.17 -11.15 53.64
C VAL C 302 -89.81 -12.53 54.17
N ARG C 303 -90.42 -13.54 53.59
CA ARG C 303 -90.15 -14.92 53.96
C ARG C 303 -89.46 -15.63 52.80
N LEU C 304 -88.54 -16.51 53.15
CA LEU C 304 -87.46 -16.92 52.29
C LEU C 304 -87.49 -18.42 52.24
N TRP C 305 -87.79 -18.96 51.06
CA TRP C 305 -88.21 -20.33 50.90
C TRP C 305 -87.33 -21.03 49.87
N LYS C 306 -86.96 -22.26 50.19
CA LYS C 306 -86.05 -23.06 49.40
C LYS C 306 -86.57 -24.48 49.29
N ALA C 307 -85.95 -25.22 48.38
CA ALA C 307 -86.23 -26.65 48.22
C ALA C 307 -85.15 -27.48 48.88
N ASN C 308 -85.53 -28.67 49.32
CA ASN C 308 -84.61 -29.61 49.96
C ASN C 308 -84.19 -30.70 48.99
N TYR C 309 -83.57 -31.75 49.53
CA TYR C 309 -83.21 -32.91 48.73
C TYR C 309 -84.39 -33.83 48.40
N MET C 310 -85.54 -33.64 49.06
CA MET C 310 -86.81 -34.05 48.47
C MET C 310 -87.45 -32.94 47.65
N ASP C 311 -86.76 -31.81 47.49
CA ASP C 311 -87.17 -30.67 46.69
C ASP C 311 -88.35 -29.96 47.35
N ASN C 312 -88.84 -30.44 48.49
CA ASN C 312 -89.94 -29.78 49.16
C ASN C 312 -89.46 -28.42 49.63
N TRP C 313 -90.33 -27.66 50.28
CA TRP C 313 -90.00 -26.26 50.45
C TRP C 313 -90.20 -25.80 51.88
N LYS C 314 -89.24 -25.03 52.36
CA LYS C 314 -89.31 -24.46 53.70
C LYS C 314 -89.00 -22.98 53.63
N CYS C 315 -89.55 -22.24 54.58
CA CYS C 315 -89.08 -20.88 54.82
C CYS C 315 -87.74 -20.98 55.53
N ILE C 316 -86.70 -20.43 54.92
CA ILE C 316 -85.41 -20.32 55.58
C ILE C 316 -85.08 -18.89 55.98
N GLY C 317 -85.98 -17.94 55.72
CA GLY C 317 -85.82 -16.63 56.31
C GLY C 317 -87.09 -15.86 56.60
N VAL C 318 -87.15 -15.12 57.69
CA VAL C 318 -88.31 -14.29 57.99
C VAL C 318 -87.82 -12.94 58.46
N LEU C 319 -88.04 -11.93 57.63
CA LEU C 319 -87.35 -10.65 57.75
C LEU C 319 -88.40 -9.58 57.96
N LYS C 320 -88.23 -8.75 58.97
CA LYS C 320 -89.28 -7.80 59.30
C LYS C 320 -88.86 -6.37 59.01
N GLY C 321 -89.73 -5.67 58.30
CA GLY C 321 -89.58 -4.24 58.07
C GLY C 321 -90.47 -3.43 58.96
N ASP C 322 -91.40 -4.11 59.66
CA ASP C 322 -92.14 -3.50 60.75
C ASP C 322 -91.54 -3.82 62.11
N GLY C 323 -90.47 -4.60 62.18
CA GLY C 323 -89.86 -4.97 63.44
C GLY C 323 -88.41 -5.38 63.30
N ASN C 324 -87.95 -6.21 64.21
CA ASN C 324 -86.56 -6.66 64.23
C ASN C 324 -86.53 -8.18 64.21
N PRO C 325 -86.14 -8.82 63.10
CA PRO C 325 -86.15 -10.29 63.06
C PRO C 325 -85.18 -10.93 64.03
N VAL C 326 -85.44 -12.20 64.34
CA VAL C 326 -84.61 -13.00 65.24
C VAL C 326 -83.42 -13.56 64.48
N GLY C 327 -82.50 -14.20 65.19
CA GLY C 327 -81.27 -14.70 64.60
C GLY C 327 -81.42 -16.01 63.84
N ASN C 328 -80.38 -16.84 63.95
CA ASN C 328 -80.22 -18.01 63.09
C ASN C 328 -81.26 -19.08 63.39
N SER C 329 -81.36 -20.05 62.48
CA SER C 329 -82.26 -21.20 62.64
C SER C 329 -81.83 -22.32 61.70
N TYR C 330 -81.82 -23.55 62.24
CA TYR C 330 -81.53 -24.76 61.49
C TYR C 330 -82.31 -25.93 62.09
N GLN C 331 -82.71 -26.88 61.24
CA GLN C 331 -83.40 -28.08 61.70
C GLN C 331 -83.34 -29.16 60.64
N GLY C 332 -83.63 -30.39 61.05
CA GLY C 332 -83.65 -31.52 60.15
C GLY C 332 -85.03 -32.10 59.92
N PHE C 333 -85.29 -33.28 60.46
CA PHE C 333 -86.62 -33.89 60.38
C PHE C 333 -87.58 -33.23 61.35
N SER D 39 2.96 -7.68 -113.68
CA SER D 39 2.91 -7.60 -115.13
C SER D 39 3.87 -8.60 -115.75
N VAL D 40 5.17 -8.33 -115.59
CA VAL D 40 6.19 -9.16 -116.20
C VAL D 40 6.39 -10.40 -115.34
N ASN D 41 6.12 -11.58 -115.91
CA ASN D 41 6.41 -12.88 -115.31
C ASN D 41 5.61 -13.10 -114.02
N LEU D 42 5.72 -14.31 -113.46
CA LEU D 42 5.07 -14.65 -112.21
C LEU D 42 5.80 -15.78 -111.51
N GLU D 43 6.51 -15.46 -110.43
CA GLU D 43 7.13 -16.48 -109.59
C GLU D 43 6.23 -16.76 -108.40
N ARG D 44 5.88 -18.02 -108.20
CA ARG D 44 4.95 -18.40 -107.16
C ARG D 44 5.52 -19.56 -106.37
N SER D 45 5.31 -19.53 -105.05
CA SER D 45 5.65 -20.63 -104.19
C SER D 45 4.40 -21.14 -103.49
N TYR D 46 4.21 -22.45 -103.53
CA TYR D 46 3.11 -23.10 -102.83
C TYR D 46 3.47 -23.25 -101.37
N MET D 47 2.46 -23.46 -100.54
CA MET D 47 2.65 -23.64 -99.11
C MET D 47 1.69 -24.72 -98.63
N GLU D 48 2.15 -25.53 -97.68
CA GLU D 48 1.41 -26.69 -97.22
C GLU D 48 0.30 -26.27 -96.26
N LEU D 49 -0.94 -26.62 -96.59
CA LEU D 49 -2.09 -26.45 -95.71
C LEU D 49 -2.69 -27.83 -95.49
N ILE D 50 -2.65 -28.30 -94.24
CA ILE D 50 -3.06 -29.66 -93.93
C ILE D 50 -4.56 -29.79 -94.12
N GLY D 51 -4.98 -30.70 -95.02
CA GLY D 51 -6.38 -30.93 -95.25
C GLY D 51 -6.94 -31.92 -94.25
N ALA D 52 -7.58 -32.97 -94.75
CA ALA D 52 -8.13 -34.04 -93.93
C ALA D 52 -9.22 -33.53 -93.01
N GLU D 53 -9.74 -34.40 -92.15
CA GLU D 53 -10.88 -34.06 -91.32
C GLU D 53 -10.43 -33.50 -89.96
N ARG D 54 -11.00 -32.36 -89.60
CA ARG D 54 -10.85 -31.87 -88.23
C ARG D 54 -11.42 -32.86 -87.24
N GLU D 55 -12.57 -33.46 -87.58
CA GLU D 55 -13.08 -34.59 -86.83
C GLU D 55 -12.19 -35.80 -87.05
N THR D 56 -12.23 -36.74 -86.11
CA THR D 56 -11.40 -37.93 -86.19
C THR D 56 -12.18 -39.06 -86.85
N SER D 57 -11.93 -39.27 -88.15
CA SER D 57 -12.59 -40.35 -88.89
C SER D 57 -11.82 -40.68 -90.15
N ARG D 58 -11.46 -41.95 -90.31
CA ARG D 58 -10.72 -42.43 -91.47
C ARG D 58 -11.36 -43.69 -92.03
N ARG D 59 -11.15 -43.90 -93.33
CA ARG D 59 -11.76 -45.02 -94.02
C ARG D 59 -10.97 -46.29 -93.78
N ASN D 60 -11.62 -47.33 -93.26
CA ASN D 60 -10.98 -48.60 -93.05
C ASN D 60 -11.02 -49.45 -94.30
N PHE D 61 -9.88 -50.04 -94.63
CA PHE D 61 -9.75 -50.82 -95.86
C PHE D 61 -10.56 -52.11 -95.76
N ARG D 62 -11.30 -52.44 -96.82
CA ARG D 62 -12.04 -53.70 -96.89
C ARG D 62 -11.07 -54.81 -97.27
N ASP D 63 -10.76 -55.68 -96.32
CA ASP D 63 -9.86 -56.79 -96.59
C ASP D 63 -10.54 -57.83 -97.48
N LEU D 64 -9.83 -58.23 -98.54
CA LEU D 64 -10.31 -59.24 -99.47
C LEU D 64 -9.13 -60.00 -100.05
N SER D 65 -9.31 -61.30 -100.25
CA SER D 65 -8.25 -62.18 -100.72
C SER D 65 -8.56 -62.63 -102.14
N LEU D 66 -7.59 -62.46 -103.04
CA LEU D 66 -7.71 -62.92 -104.42
C LEU D 66 -6.81 -64.14 -104.60
N ARG D 67 -7.37 -65.20 -105.18
CA ARG D 67 -6.68 -66.47 -105.28
C ARG D 67 -6.13 -66.66 -106.68
N PRO D 68 -4.81 -66.79 -106.84
CA PRO D 68 -4.25 -66.98 -108.18
C PRO D 68 -4.73 -68.27 -108.83
N ASP D 69 -5.00 -68.20 -110.13
CA ASP D 69 -5.45 -69.38 -110.87
C ASP D 69 -4.35 -70.41 -110.97
N VAL D 70 -3.13 -69.98 -111.30
CA VAL D 70 -1.96 -70.86 -111.37
C VAL D 70 -0.95 -70.36 -110.36
N SER D 71 -0.42 -71.27 -109.54
CA SER D 71 0.53 -70.90 -108.51
C SER D 71 1.80 -70.34 -109.13
N LEU D 72 2.53 -69.55 -108.34
CA LEU D 72 3.80 -68.99 -108.78
C LEU D 72 4.78 -70.11 -109.09
N VAL D 73 5.11 -70.28 -110.37
CA VAL D 73 6.04 -71.29 -110.83
C VAL D 73 7.19 -70.57 -111.52
N ILE D 74 8.41 -71.07 -111.32
CA ILE D 74 9.66 -70.48 -111.80
C ILE D 74 9.97 -69.23 -110.98
N GLY D 75 8.98 -68.37 -110.80
CA GLY D 75 9.07 -67.28 -109.86
C GLY D 75 9.56 -65.94 -110.39
N GLY D 76 9.56 -64.93 -109.51
CA GLY D 76 10.04 -63.61 -109.85
C GLY D 76 10.33 -62.79 -108.60
N PRO D 77 11.18 -61.78 -108.72
CA PRO D 77 11.52 -60.95 -107.57
C PRO D 77 10.31 -60.26 -106.97
N LYS D 78 10.31 -60.12 -105.65
CA LYS D 78 9.26 -59.37 -104.96
C LYS D 78 9.55 -57.89 -105.03
N TYR D 79 8.49 -57.08 -105.19
CA TYR D 79 8.61 -55.64 -105.30
C TYR D 79 7.65 -54.97 -104.30
N SER D 80 8.04 -53.81 -103.80
CA SER D 80 7.26 -53.10 -102.79
C SER D 80 7.48 -51.60 -102.92
N ASP D 81 6.61 -50.84 -102.24
CA ASP D 81 6.69 -49.38 -102.18
C ASP D 81 6.65 -48.74 -103.57
N CYS D 82 5.53 -48.92 -104.28
CA CYS D 82 5.31 -48.23 -105.54
C CYS D 82 3.99 -47.48 -105.46
N ALA D 83 3.93 -46.33 -106.13
CA ALA D 83 2.75 -45.48 -106.08
C ALA D 83 2.32 -45.10 -107.49
N GLY D 84 1.02 -44.88 -107.66
CA GLY D 84 0.51 -44.43 -108.94
C GLY D 84 -0.90 -43.91 -108.77
N GLY D 85 -1.44 -43.39 -109.88
CA GLY D 85 -2.78 -42.85 -109.83
C GLY D 85 -3.34 -42.53 -111.20
N TYR D 86 -4.66 -42.30 -111.23
CA TYR D 86 -5.38 -41.89 -112.42
C TYR D 86 -6.31 -40.74 -112.07
N CYS D 87 -6.44 -39.79 -112.98
CA CYS D 87 -7.32 -38.64 -112.81
C CYS D 87 -8.44 -38.68 -113.83
N TYR D 88 -9.67 -38.49 -113.36
CA TYR D 88 -10.82 -38.53 -114.24
C TYR D 88 -10.82 -37.37 -115.22
N ASN D 89 -11.32 -37.64 -116.43
CA ASN D 89 -11.46 -36.62 -117.47
C ASN D 89 -12.92 -36.46 -117.87
N GLU D 90 -13.85 -36.85 -116.98
CA GLU D 90 -15.27 -36.80 -117.30
C GLU D 90 -15.72 -35.36 -117.55
N SER D 91 -15.37 -34.45 -116.65
CA SER D 91 -15.72 -33.05 -116.79
C SER D 91 -14.82 -32.22 -115.88
N GLY D 92 -14.79 -30.92 -116.12
CA GLY D 92 -14.06 -30.00 -115.28
C GLY D 92 -14.87 -28.75 -115.01
N SER D 93 -16.18 -28.85 -115.21
CA SER D 93 -17.06 -27.71 -115.03
C SER D 93 -17.27 -27.42 -113.55
N LEU D 94 -17.18 -26.13 -113.19
CA LEU D 94 -17.42 -25.71 -111.82
C LEU D 94 -18.84 -25.99 -111.37
N LEU D 95 -19.80 -26.08 -112.30
CA LEU D 95 -21.15 -26.46 -111.94
C LEU D 95 -21.20 -27.89 -111.41
N SER D 96 -20.45 -28.80 -112.04
CA SER D 96 -20.44 -30.18 -111.62
C SER D 96 -19.47 -30.39 -110.46
N ALA D 97 -19.90 -31.22 -109.50
CA ALA D 97 -19.08 -31.60 -108.36
C ALA D 97 -18.40 -32.95 -108.53
N THR D 98 -18.74 -33.70 -109.59
CA THR D 98 -18.06 -34.95 -109.89
C THR D 98 -16.60 -34.72 -110.27
N ARG D 99 -16.21 -33.50 -110.60
CA ARG D 99 -14.82 -33.17 -110.86
C ARG D 99 -14.01 -33.28 -109.57
N ASN D 100 -12.70 -33.08 -109.72
CA ASN D 100 -11.73 -33.25 -108.63
C ASN D 100 -11.75 -34.69 -108.11
N ARG D 101 -12.19 -35.61 -108.94
CA ARG D 101 -12.28 -37.02 -108.59
C ARG D 101 -11.18 -37.81 -109.28
N PHE D 102 -10.57 -38.72 -108.53
CA PHE D 102 -9.39 -39.44 -108.99
C PHE D 102 -9.18 -40.66 -108.09
N ILE D 103 -8.24 -41.52 -108.49
CA ILE D 103 -7.95 -42.75 -107.77
C ILE D 103 -6.44 -42.89 -107.63
N HIS D 104 -5.98 -43.36 -106.46
CA HIS D 104 -4.58 -43.60 -106.21
C HIS D 104 -4.39 -45.04 -105.75
N TRP D 105 -3.28 -45.64 -106.17
CA TRP D 105 -2.96 -47.01 -105.80
C TRP D 105 -1.54 -47.09 -105.27
N THR D 106 -1.35 -47.99 -104.31
CA THR D 106 -0.04 -48.27 -103.74
C THR D 106 0.20 -49.77 -103.75
N SER D 107 1.35 -50.17 -104.30
CA SER D 107 1.72 -51.57 -104.40
C SER D 107 2.87 -51.86 -103.44
N TYR D 108 2.63 -52.80 -102.53
CA TYR D 108 3.63 -53.23 -101.57
C TYR D 108 3.49 -54.72 -101.35
N ALA D 109 4.62 -55.42 -101.31
CA ALA D 109 4.68 -56.88 -101.14
C ALA D 109 3.74 -57.49 -102.19
N ASP D 110 2.84 -58.39 -101.82
CA ASP D 110 1.83 -58.92 -102.71
C ASP D 110 0.46 -58.30 -102.45
N THR D 111 0.41 -57.04 -102.07
CA THR D 111 -0.81 -56.36 -101.66
C THR D 111 -0.92 -55.02 -102.35
N LEU D 112 -2.14 -54.60 -102.67
CA LEU D 112 -2.41 -53.33 -103.35
C LEU D 112 -3.50 -52.58 -102.60
N GLU D 113 -3.26 -51.31 -102.32
CA GLU D 113 -4.23 -50.44 -101.65
C GLU D 113 -4.78 -49.44 -102.68
N LEU D 114 -6.10 -49.39 -102.79
CA LEU D 114 -6.79 -48.50 -103.72
C LEU D 114 -7.60 -47.49 -102.93
N VAL D 115 -7.23 -46.21 -103.03
CA VAL D 115 -7.94 -45.15 -102.33
C VAL D 115 -8.38 -44.11 -103.36
N GLU D 116 -9.68 -43.87 -103.43
CA GLU D 116 -10.23 -42.94 -104.41
C GLU D 116 -10.79 -41.72 -103.69
N LEU D 117 -10.56 -40.54 -104.28
CA LEU D 117 -10.92 -39.28 -103.65
C LEU D 117 -11.68 -38.39 -104.61
N SER D 118 -12.45 -37.47 -104.03
CA SER D 118 -13.06 -36.35 -104.75
C SER D 118 -12.97 -35.13 -103.86
N LEU D 119 -12.25 -34.12 -104.31
CA LEU D 119 -11.99 -32.97 -103.44
C LEU D 119 -13.27 -32.18 -103.17
N ASP D 120 -14.21 -32.16 -104.11
CA ASP D 120 -15.44 -31.41 -103.90
C ASP D 120 -16.25 -31.96 -102.74
N ILE D 121 -16.36 -33.28 -102.65
CA ILE D 121 -17.17 -33.93 -101.64
C ILE D 121 -16.43 -35.15 -101.10
N ASN D 122 -16.32 -35.25 -99.78
CA ASN D 122 -15.63 -36.36 -99.15
C ASN D 122 -16.41 -37.65 -99.38
N LEU D 123 -15.70 -38.74 -99.61
CA LEU D 123 -16.32 -40.01 -99.99
C LEU D 123 -16.17 -41.01 -98.85
N LEU D 124 -17.28 -41.63 -98.47
CA LEU D 124 -17.28 -42.57 -97.35
C LEU D 124 -16.95 -43.98 -97.81
N ASN D 125 -15.99 -44.60 -97.15
CA ASN D 125 -15.50 -45.94 -97.47
C ASN D 125 -14.99 -45.97 -98.92
N ASN D 126 -13.96 -45.18 -99.16
CA ASN D 126 -13.34 -45.03 -100.48
C ASN D 126 -11.96 -45.66 -100.55
N ALA D 127 -11.58 -46.46 -99.55
CA ALA D 127 -10.28 -47.10 -99.50
C ALA D 127 -10.46 -48.60 -99.30
N VAL D 128 -9.73 -49.38 -100.08
CA VAL D 128 -9.83 -50.84 -100.07
C VAL D 128 -8.44 -51.44 -100.14
N ARG D 129 -8.25 -52.61 -99.54
CA ARG D 129 -7.01 -53.37 -99.60
C ARG D 129 -7.29 -54.70 -100.27
N LEU D 130 -6.52 -55.02 -101.31
CA LEU D 130 -6.65 -56.27 -102.03
C LEU D 130 -5.34 -57.04 -101.89
N LYS D 131 -5.44 -58.35 -101.66
CA LYS D 131 -4.29 -59.20 -101.43
C LYS D 131 -4.21 -60.25 -102.54
N ILE D 132 -3.29 -60.07 -103.47
CA ILE D 132 -3.02 -61.02 -104.52
C ILE D 132 -1.91 -61.94 -104.00
N LEU D 133 -2.28 -63.16 -103.64
CA LEU D 133 -1.37 -64.02 -102.88
C LEU D 133 -0.18 -64.44 -103.73
N ASN D 134 0.90 -64.80 -103.05
CA ASN D 134 2.10 -65.35 -103.67
C ASN D 134 2.75 -64.34 -104.60
N CYS D 135 2.32 -64.32 -105.86
CA CYS D 135 2.87 -63.39 -106.84
C CYS D 135 2.61 -61.95 -106.39
N SER D 136 3.58 -61.07 -106.64
CA SER D 136 3.47 -59.68 -106.24
C SER D 136 3.27 -58.78 -107.45
N ILE D 137 2.49 -57.72 -107.25
CA ILE D 137 2.21 -56.78 -108.34
C ILE D 137 3.47 -56.04 -108.71
N LEU D 138 3.79 -56.03 -110.01
CA LEU D 138 4.96 -55.33 -110.48
C LEU D 138 4.79 -53.82 -110.27
N PRO D 139 5.87 -53.10 -109.98
CA PRO D 139 5.75 -51.64 -109.85
C PRO D 139 5.41 -51.01 -111.18
N GLY D 140 4.32 -50.25 -111.20
CA GLY D 140 3.76 -49.80 -112.46
C GLY D 140 2.99 -50.86 -113.20
N GLY D 141 2.68 -51.98 -112.55
CA GLY D 141 1.96 -53.09 -113.12
C GLY D 141 0.45 -53.01 -113.02
N VAL D 142 -0.09 -51.88 -112.58
CA VAL D 142 -1.54 -51.65 -112.51
C VAL D 142 -1.90 -50.64 -113.59
N HIS D 143 -2.72 -51.05 -114.54
CA HIS D 143 -3.05 -50.24 -115.70
C HIS D 143 -4.55 -50.04 -115.79
N ILE D 144 -4.96 -48.84 -116.18
CA ILE D 144 -6.37 -48.45 -116.20
C ILE D 144 -6.83 -48.38 -117.65
N CYS D 145 -8.09 -48.74 -117.88
CA CYS D 145 -8.75 -48.59 -119.17
C CYS D 145 -10.16 -48.08 -118.93
N GLU D 146 -10.53 -47.01 -119.60
CA GLU D 146 -11.80 -46.34 -119.38
C GLU D 146 -12.80 -46.71 -120.46
N THR D 147 -13.82 -47.47 -120.08
CA THR D 147 -15.00 -47.68 -120.91
C THR D 147 -16.19 -47.03 -120.21
N GLN D 148 -17.25 -46.82 -120.99
CA GLN D 148 -18.37 -45.99 -120.51
C GLN D 148 -19.04 -46.59 -119.28
N ASN D 149 -19.25 -47.90 -119.27
CA ASN D 149 -19.89 -48.57 -118.15
C ASN D 149 -18.88 -49.26 -117.24
N ASN D 150 -17.74 -49.68 -117.76
CA ASN D 150 -16.79 -50.46 -117.01
C ASN D 150 -15.45 -49.75 -116.96
N ILE D 151 -14.80 -49.85 -115.81
CA ILE D 151 -13.40 -49.52 -115.67
C ILE D 151 -12.64 -50.85 -115.65
N ILE D 152 -11.65 -50.97 -116.52
CA ILE D 152 -10.92 -52.22 -116.71
C ILE D 152 -9.53 -52.05 -116.10
N VAL D 153 -9.20 -52.92 -115.14
CA VAL D 153 -7.93 -52.85 -114.43
C VAL D 153 -7.09 -54.05 -114.86
N LEU D 154 -5.89 -53.79 -115.35
CA LEU D 154 -4.95 -54.83 -115.77
C LEU D 154 -3.83 -54.91 -114.74
N ILE D 155 -3.67 -56.09 -114.14
CA ILE D 155 -2.68 -56.32 -113.10
C ILE D 155 -1.63 -57.29 -113.62
N LEU D 156 -0.37 -56.87 -113.57
CA LEU D 156 0.75 -57.69 -113.99
C LEU D 156 1.59 -58.07 -112.78
N THR D 157 1.84 -59.37 -112.63
CA THR D 157 2.63 -59.92 -111.55
C THR D 157 3.81 -60.71 -112.12
N ASN D 158 4.48 -61.45 -111.24
CA ASN D 158 5.68 -62.20 -111.62
C ASN D 158 5.37 -63.28 -112.65
N GLN D 159 4.28 -64.03 -112.45
CA GLN D 159 4.03 -65.23 -113.23
C GLN D 159 2.64 -65.29 -113.85
N THR D 160 1.75 -64.35 -113.54
CA THR D 160 0.39 -64.37 -114.08
C THR D 160 -0.05 -62.97 -114.47
N VAL D 161 -1.17 -62.90 -115.17
CA VAL D 161 -1.77 -61.64 -115.61
C VAL D 161 -3.25 -61.66 -115.25
N HIS D 162 -3.79 -60.50 -114.87
CA HIS D 162 -5.19 -60.39 -114.47
C HIS D 162 -5.84 -59.21 -115.16
N ARG D 163 -7.13 -59.37 -115.48
CA ARG D 163 -7.97 -58.26 -115.90
C ARG D 163 -9.25 -58.31 -115.10
N LEU D 164 -9.65 -57.17 -114.55
CA LEU D 164 -10.85 -57.06 -113.74
C LEU D 164 -11.74 -55.94 -114.26
N ILE D 165 -13.05 -56.10 -114.07
CA ILE D 165 -14.05 -55.22 -114.63
C ILE D 165 -14.89 -54.66 -113.49
N LEU D 166 -14.99 -53.33 -113.41
CA LEU D 166 -15.73 -52.71 -112.32
C LEU D 166 -16.73 -51.69 -112.86
N PRO D 167 -17.80 -51.41 -112.13
CA PRO D 167 -18.75 -50.38 -112.57
C PRO D 167 -18.08 -49.01 -112.69
N HIS D 168 -18.47 -48.27 -113.72
CA HIS D 168 -18.02 -46.91 -113.91
C HIS D 168 -18.86 -45.95 -113.06
N PRO D 169 -18.31 -44.79 -112.68
CA PRO D 169 -19.13 -43.80 -111.97
C PRO D 169 -20.35 -43.36 -112.76
N SER D 170 -20.34 -43.51 -114.08
CA SER D 170 -21.52 -43.22 -114.88
C SER D 170 -22.69 -44.13 -114.52
N ARG D 171 -22.43 -45.41 -114.24
CA ARG D 171 -23.48 -46.34 -113.87
C ARG D 171 -23.96 -46.15 -112.44
N MET D 172 -23.29 -45.31 -111.66
CA MET D 172 -23.68 -45.03 -110.29
C MET D 172 -24.45 -43.71 -110.22
N TYR D 173 -25.32 -43.61 -109.22
CA TYR D 173 -26.07 -42.38 -109.01
C TYR D 173 -25.15 -41.27 -108.55
N ARG D 174 -25.07 -40.20 -109.34
CA ARG D 174 -24.23 -39.04 -109.03
C ARG D 174 -25.04 -37.76 -109.17
N SER D 175 -24.69 -36.77 -108.37
CA SER D 175 -25.34 -35.48 -108.37
C SER D 175 -24.31 -34.39 -108.59
N GLU D 176 -24.67 -33.36 -109.39
CA GLU D 176 -23.73 -32.28 -109.68
C GLU D 176 -24.40 -30.91 -109.63
N ILE D 177 -25.32 -30.70 -108.69
CA ILE D 177 -26.02 -29.42 -108.58
C ILE D 177 -25.98 -28.95 -107.12
N ILE D 178 -25.40 -29.76 -106.25
CA ILE D 178 -25.36 -29.45 -104.81
C ILE D 178 -24.10 -30.10 -104.25
N SER D 179 -23.64 -29.60 -103.11
CA SER D 179 -22.45 -30.12 -102.46
C SER D 179 -22.72 -30.39 -100.99
N ASP D 180 -21.99 -31.36 -100.43
CA ASP D 180 -22.09 -31.72 -99.03
C ASP D 180 -20.70 -32.08 -98.50
N SER D 181 -20.56 -32.00 -97.18
CA SER D 181 -19.27 -32.28 -96.57
C SER D 181 -18.88 -33.74 -96.73
N HIS D 182 -19.80 -34.66 -96.41
CA HIS D 182 -19.55 -36.10 -96.52
C HIS D 182 -20.63 -36.73 -97.37
N ILE D 183 -20.21 -37.63 -98.27
CA ILE D 183 -21.13 -38.42 -99.08
C ILE D 183 -20.57 -39.83 -99.20
N GLN D 184 -21.48 -40.80 -99.32
CA GLN D 184 -21.07 -42.18 -99.49
C GLN D 184 -20.38 -42.36 -100.83
N SER D 185 -19.21 -43.01 -100.81
CA SER D 185 -18.48 -43.26 -102.03
C SER D 185 -19.24 -44.24 -102.92
N ILE D 186 -19.12 -44.03 -104.22
CA ILE D 186 -19.69 -44.93 -105.22
C ILE D 186 -18.69 -45.98 -105.65
N PHE D 187 -17.58 -46.14 -104.91
CA PHE D 187 -16.57 -47.15 -105.20
C PHE D 187 -16.55 -48.10 -104.00
N THR D 188 -17.50 -49.03 -103.98
CA THR D 188 -17.54 -50.08 -102.97
C THR D 188 -18.05 -51.37 -103.60
N ASP D 189 -18.32 -51.33 -104.90
CA ASP D 189 -18.95 -52.44 -105.60
C ASP D 189 -17.95 -53.44 -106.16
N ILE D 190 -16.65 -53.22 -105.93
CA ILE D 190 -15.65 -54.20 -106.34
C ILE D 190 -15.82 -55.50 -105.55
N GLY D 191 -16.35 -55.41 -104.33
CA GLY D 191 -16.70 -56.60 -103.58
C GLY D 191 -17.81 -57.41 -104.20
N LYS D 192 -18.51 -56.84 -105.19
CA LYS D 192 -19.57 -57.55 -105.90
C LYS D 192 -19.10 -58.17 -107.20
N THR D 193 -17.86 -57.90 -107.63
CA THR D 193 -17.31 -58.43 -108.86
C THR D 193 -16.02 -59.17 -108.55
N ASN D 194 -16.04 -60.49 -108.74
CA ASN D 194 -14.86 -61.33 -108.51
C ASN D 194 -14.58 -62.12 -109.77
N PHE D 195 -13.32 -62.11 -110.20
CA PHE D 195 -12.90 -62.77 -111.43
C PHE D 195 -11.54 -63.41 -111.23
N HIS D 196 -11.53 -64.75 -111.19
CA HIS D 196 -10.29 -65.50 -111.08
C HIS D 196 -10.34 -66.74 -111.98
N ASP D 197 -11.25 -66.71 -112.95
CA ASP D 197 -11.44 -67.85 -113.83
C ASP D 197 -10.25 -67.99 -114.79
N PRO D 198 -10.01 -69.20 -115.29
CA PRO D 198 -8.97 -69.37 -116.32
C PRO D 198 -9.27 -68.65 -117.61
N ASN D 199 -10.54 -68.32 -117.89
CA ASN D 199 -10.89 -67.53 -119.06
C ASN D 199 -10.59 -66.05 -118.87
N ASN D 200 -10.22 -65.64 -117.67
CA ASN D 200 -9.75 -64.28 -117.44
C ASN D 200 -8.33 -64.23 -116.90
N THR D 201 -7.71 -65.37 -116.61
CA THR D 201 -6.39 -65.42 -116.00
C THR D 201 -5.46 -66.28 -116.85
N TYR D 202 -4.22 -65.83 -117.03
CA TYR D 202 -3.21 -66.58 -117.75
C TYR D 202 -1.90 -66.56 -116.97
N VAL D 203 -1.24 -67.70 -116.92
CA VAL D 203 0.06 -67.82 -116.26
C VAL D 203 1.15 -67.49 -117.27
N ILE D 204 2.08 -66.63 -116.87
CA ILE D 204 3.19 -66.26 -117.76
C ILE D 204 4.16 -67.43 -117.87
N PRO D 205 4.39 -67.97 -119.06
CA PRO D 205 5.31 -69.11 -119.20
C PRO D 205 6.74 -68.70 -118.94
N ALA D 206 7.53 -69.68 -118.48
CA ALA D 206 8.95 -69.44 -118.24
C ALA D 206 9.68 -69.13 -119.54
N ILE D 207 9.36 -69.85 -120.61
CA ILE D 207 10.00 -69.63 -121.90
C ILE D 207 9.59 -68.26 -122.43
N PRO D 208 10.52 -67.44 -122.96
CA PRO D 208 11.95 -67.68 -123.05
C PRO D 208 12.75 -67.01 -121.94
N GLY D 209 12.08 -66.70 -120.84
CA GLY D 209 12.71 -66.01 -119.73
C GLY D 209 12.37 -64.52 -119.73
N ARG D 210 11.92 -64.05 -118.58
CA ARG D 210 11.53 -62.66 -118.43
C ARG D 210 12.19 -62.09 -117.17
N ALA D 211 12.45 -60.78 -117.20
CA ALA D 211 13.10 -60.14 -116.06
C ALA D 211 12.44 -58.81 -115.76
N PRO D 212 11.56 -58.74 -114.76
CA PRO D 212 10.92 -57.46 -114.40
C PRO D 212 11.92 -56.46 -113.85
N ASN D 213 11.61 -55.18 -114.08
CA ASN D 213 12.51 -54.10 -113.72
C ASN D 213 11.78 -53.02 -112.93
N SER D 214 12.43 -51.86 -112.74
CA SER D 214 11.87 -50.81 -111.90
C SER D 214 10.48 -50.39 -112.37
N THR D 215 10.31 -50.21 -113.69
CA THR D 215 8.99 -49.90 -114.24
C THR D 215 8.71 -50.65 -115.53
N ALA D 216 9.47 -51.70 -115.83
CA ALA D 216 9.31 -52.41 -117.09
C ALA D 216 8.12 -53.36 -117.02
N SER D 217 6.94 -52.85 -117.35
CA SER D 217 5.72 -53.64 -117.48
C SER D 217 4.62 -52.76 -118.06
N THR D 218 3.79 -53.30 -118.95
CA THR D 218 2.69 -52.51 -119.46
C THR D 218 1.56 -53.43 -119.90
N ALA D 219 0.37 -52.85 -120.04
CA ALA D 219 -0.82 -53.60 -120.45
C ALA D 219 -1.86 -52.63 -120.96
N TRP D 220 -2.60 -53.04 -121.97
CA TRP D 220 -3.59 -52.15 -122.57
C TRP D 220 -4.66 -52.93 -123.32
N LEU D 221 -5.73 -52.21 -123.66
CA LEU D 221 -6.83 -52.72 -124.46
C LEU D 221 -6.79 -52.08 -125.85
N SER D 222 -6.82 -52.93 -126.87
CA SER D 222 -6.90 -52.47 -128.25
C SER D 222 -8.34 -52.08 -128.58
N SER D 223 -8.49 -51.30 -129.65
CA SER D 223 -9.81 -50.96 -130.15
C SER D 223 -10.60 -52.19 -130.60
N ASP D 224 -9.91 -53.27 -130.96
CA ASP D 224 -10.60 -54.51 -131.30
C ASP D 224 -11.21 -55.17 -130.07
N GLY D 225 -10.77 -54.78 -128.88
CA GLY D 225 -11.19 -55.39 -127.63
C GLY D 225 -10.16 -56.35 -127.06
N GLU D 226 -9.10 -56.62 -127.81
CA GLU D 226 -8.06 -57.52 -127.34
C GLU D 226 -7.32 -56.92 -126.16
N ALA D 227 -6.88 -57.77 -125.24
CA ALA D 227 -6.07 -57.34 -124.10
C ALA D 227 -4.64 -57.80 -124.31
N LEU D 228 -3.69 -56.86 -124.27
CA LEU D 228 -2.30 -57.17 -124.52
C LEU D 228 -1.46 -56.78 -123.30
N PHE D 229 -0.64 -57.73 -122.85
CA PHE D 229 0.21 -57.57 -121.67
C PHE D 229 1.66 -57.71 -122.11
N ALA D 230 2.42 -56.61 -122.05
CA ALA D 230 3.81 -56.60 -122.50
C ALA D 230 4.74 -56.58 -121.29
N LEU D 231 5.72 -57.48 -121.30
CA LEU D 231 6.69 -57.65 -120.23
C LEU D 231 8.09 -57.69 -120.82
N PRO D 232 9.11 -57.37 -120.03
CA PRO D 232 10.49 -57.51 -120.51
C PRO D 232 10.95 -58.96 -120.42
N SER D 233 11.56 -59.45 -121.49
CA SER D 233 12.10 -60.79 -121.55
C SER D 233 13.59 -60.76 -121.26
N VAL D 234 14.16 -61.94 -121.03
CA VAL D 234 15.59 -62.05 -120.74
C VAL D 234 16.38 -61.61 -121.97
N SER D 235 17.53 -60.97 -121.73
CA SER D 235 18.40 -60.44 -122.77
C SER D 235 17.62 -59.48 -123.69
N GLY D 236 16.81 -58.65 -123.04
CA GLY D 236 16.00 -57.68 -123.75
C GLY D 236 14.79 -58.33 -124.42
N GLY D 237 14.09 -57.50 -125.19
CA GLY D 237 12.92 -57.95 -125.91
C GLY D 237 11.64 -57.87 -125.10
N ILE D 238 10.50 -57.86 -125.78
CA ILE D 238 9.20 -57.73 -125.13
C ILE D 238 8.36 -58.97 -125.41
N LEU D 239 7.92 -59.63 -124.34
CA LEU D 239 6.96 -60.70 -124.45
C LEU D 239 5.55 -60.11 -124.31
N VAL D 240 4.75 -60.24 -125.36
CA VAL D 240 3.38 -59.76 -125.38
C VAL D 240 2.45 -60.95 -125.32
N ILE D 241 1.67 -61.04 -124.25
CA ILE D 241 0.64 -62.05 -124.11
C ILE D 241 -0.68 -61.42 -124.51
N LYS D 242 -1.34 -62.02 -125.52
CA LYS D 242 -2.54 -61.47 -126.13
C LYS D 242 -3.72 -62.36 -125.78
N MET D 243 -4.82 -61.74 -125.34
CA MET D 243 -6.14 -62.31 -125.11
C MET D 243 -7.01 -62.14 -126.36
N PRO D 244 -7.96 -63.04 -126.58
CA PRO D 244 -9.01 -62.76 -127.58
C PRO D 244 -9.83 -61.57 -127.15
N PRO D 245 -10.51 -60.89 -128.10
CA PRO D 245 -11.17 -59.62 -127.77
C PRO D 245 -12.06 -59.67 -126.55
N ARG D 246 -11.94 -58.63 -125.71
CA ARG D 246 -12.70 -58.47 -124.47
C ARG D 246 -12.40 -59.68 -123.55
N ASP D 247 -13.41 -60.30 -122.96
CA ASP D 247 -13.22 -61.24 -121.86
C ASP D 247 -13.13 -62.70 -122.30
N MET D 248 -13.23 -62.99 -123.59
CA MET D 248 -13.22 -64.36 -124.06
C MET D 248 -11.78 -64.84 -124.24
N GLU D 249 -11.56 -66.13 -123.95
CA GLU D 249 -10.26 -66.76 -124.13
C GLU D 249 -10.46 -68.19 -124.58
N GLY D 250 -10.06 -68.48 -125.82
CA GLY D 250 -10.06 -69.84 -126.32
C GLY D 250 -8.66 -70.27 -126.70
N LEU D 251 -7.80 -69.28 -126.94
CA LEU D 251 -6.40 -69.54 -127.27
C LEU D 251 -5.55 -68.33 -126.88
N VAL D 252 -4.81 -68.43 -125.79
CA VAL D 252 -3.94 -67.35 -125.34
C VAL D 252 -2.72 -67.30 -126.24
N THR D 253 -2.47 -66.15 -126.86
CA THR D 253 -1.39 -66.00 -127.81
C THR D 253 -0.16 -65.42 -127.10
N ILE D 254 1.01 -65.91 -127.48
CA ILE D 254 2.27 -65.41 -126.97
C ILE D 254 3.13 -64.94 -128.14
N ALA D 255 3.62 -63.71 -128.06
CA ALA D 255 4.50 -63.16 -129.08
C ALA D 255 5.78 -62.65 -128.41
N GLU D 256 6.90 -62.87 -129.07
CA GLU D 256 8.21 -62.46 -128.54
C GLU D 256 8.84 -61.49 -129.53
N LEU D 257 8.65 -60.19 -129.28
CA LEU D 257 9.22 -59.16 -130.13
C LEU D 257 10.63 -58.84 -129.66
N LYS D 258 11.62 -59.40 -130.35
CA LYS D 258 12.99 -58.91 -130.17
C LYS D 258 13.48 -58.28 -131.46
N GLN D 259 13.61 -59.09 -132.52
CA GLN D 259 13.73 -58.54 -133.86
C GLN D 259 13.12 -59.51 -134.88
N SER D 260 12.56 -60.62 -134.41
CA SER D 260 12.26 -61.73 -135.30
C SER D 260 10.97 -62.43 -134.89
N SER D 261 10.75 -63.59 -135.53
CA SER D 261 9.51 -64.33 -135.37
C SER D 261 9.40 -64.96 -133.98
N VAL D 262 8.16 -65.06 -133.50
CA VAL D 262 7.92 -65.56 -132.15
C VAL D 262 8.32 -67.03 -132.01
N MET D 263 8.04 -67.84 -133.04
CA MET D 263 8.34 -69.26 -132.93
C MET D 263 9.85 -69.49 -132.85
N GLN D 264 10.62 -68.79 -133.68
CA GLN D 264 12.08 -68.87 -133.61
C GLN D 264 12.58 -68.35 -132.27
N ARG D 265 11.98 -67.26 -131.79
CA ARG D 265 12.39 -66.72 -130.48
C ARG D 265 12.14 -67.75 -129.37
N LEU D 266 10.99 -68.42 -129.42
CA LEU D 266 10.68 -69.44 -128.41
C LEU D 266 11.66 -70.61 -128.51
N LEU D 267 12.00 -71.03 -129.73
CA LEU D 267 12.93 -72.13 -129.88
C LEU D 267 14.33 -71.77 -129.39
N THR D 268 14.75 -70.53 -129.60
CA THR D 268 16.10 -70.11 -129.24
C THR D 268 16.20 -69.49 -127.84
N GLY D 269 15.08 -69.32 -127.15
CA GLY D 269 15.14 -68.74 -125.81
C GLY D 269 15.93 -69.58 -124.84
N TRP D 270 15.74 -70.90 -124.88
CA TRP D 270 16.44 -71.79 -123.95
C TRP D 270 17.13 -72.95 -124.66
N MET D 271 17.25 -72.92 -125.98
CA MET D 271 18.01 -73.89 -126.75
C MET D 271 19.02 -73.17 -127.64
N PRO D 272 20.15 -73.79 -127.97
CA PRO D 272 21.17 -73.11 -128.78
C PRO D 272 20.67 -72.71 -130.16
N SER D 273 21.15 -71.58 -130.67
CA SER D 273 20.70 -71.02 -131.92
C SER D 273 21.79 -71.08 -132.98
N SER D 274 21.38 -71.43 -134.20
CA SER D 274 22.26 -71.39 -135.36
C SER D 274 21.89 -70.32 -136.37
N ILE D 275 20.61 -69.94 -136.46
CA ILE D 275 20.17 -68.85 -137.32
C ILE D 275 19.66 -67.73 -136.42
N ARG D 276 19.56 -66.53 -137.00
CA ARG D 276 19.06 -65.33 -136.31
C ARG D 276 20.01 -64.91 -135.19
N GLY D 277 19.80 -63.71 -134.67
CA GLY D 277 20.62 -63.15 -133.60
C GLY D 277 19.85 -62.96 -132.32
N ASP D 278 20.38 -62.10 -131.44
CA ASP D 278 19.74 -61.82 -130.17
C ASP D 278 20.25 -60.50 -129.58
N PRO D 279 19.36 -59.59 -129.22
CA PRO D 279 19.79 -58.38 -128.50
C PRO D 279 20.42 -58.73 -127.16
N GLY D 280 21.40 -57.93 -126.76
CA GLY D 280 22.09 -58.16 -125.51
C GLY D 280 21.33 -57.61 -124.32
N PRO D 281 21.88 -57.85 -123.13
CA PRO D 281 21.26 -57.33 -121.89
C PRO D 281 21.18 -55.82 -121.85
N ALA D 282 22.07 -55.13 -122.58
CA ALA D 282 22.03 -53.67 -122.59
C ALA D 282 20.74 -53.14 -123.18
N HIS D 283 20.06 -53.94 -124.01
CA HIS D 283 18.80 -53.55 -124.61
C HIS D 283 17.61 -53.90 -123.73
N LEU D 284 17.84 -54.39 -122.52
CA LEU D 284 16.73 -54.72 -121.64
C LEU D 284 16.01 -53.44 -121.21
N PRO D 285 14.71 -53.32 -121.48
CA PRO D 285 13.98 -52.11 -121.11
C PRO D 285 13.95 -51.90 -119.61
N VAL D 286 14.02 -50.64 -119.20
CA VAL D 286 13.83 -50.27 -117.80
C VAL D 286 12.42 -49.77 -117.54
N SER D 287 11.87 -48.97 -118.46
CA SER D 287 10.51 -48.45 -118.35
C SER D 287 9.73 -48.81 -119.60
N LEU D 288 8.50 -49.27 -119.41
CA LEU D 288 7.61 -49.68 -120.50
C LEU D 288 6.36 -48.82 -120.53
N ALA D 289 5.93 -48.43 -121.72
CA ALA D 289 4.71 -47.68 -121.90
C ALA D 289 4.10 -48.04 -123.24
N VAL D 290 2.80 -47.78 -123.39
CA VAL D 290 2.08 -48.06 -124.62
C VAL D 290 1.04 -46.98 -124.86
N HIS D 291 0.92 -46.56 -126.12
CA HIS D 291 -0.13 -45.64 -126.55
C HIS D 291 -0.96 -46.32 -127.62
N THR D 292 -2.28 -46.34 -127.43
CA THR D 292 -3.19 -46.93 -128.39
C THR D 292 -3.86 -45.82 -129.19
N LEU D 293 -3.40 -45.63 -130.43
CA LEU D 293 -3.99 -44.65 -131.32
C LEU D 293 -4.38 -45.35 -132.62
N ASP D 294 -5.62 -45.11 -133.06
CA ASP D 294 -6.18 -45.74 -134.25
C ASP D 294 -6.12 -47.26 -134.17
N HIS D 295 -5.48 -47.90 -135.16
CA HIS D 295 -5.40 -49.35 -135.21
C HIS D 295 -4.02 -49.89 -134.84
N ASP D 296 -3.15 -49.03 -134.32
CA ASP D 296 -1.81 -49.44 -133.94
C ASP D 296 -1.58 -49.17 -132.45
N SER D 297 -0.86 -50.10 -131.81
CA SER D 297 -0.46 -49.95 -130.42
C SER D 297 1.04 -49.71 -130.40
N TYR D 298 1.45 -48.55 -129.91
CA TYR D 298 2.84 -48.11 -129.97
C TYR D 298 3.48 -48.43 -128.64
N LEU D 299 4.50 -49.27 -128.65
CA LEU D 299 5.16 -49.70 -127.41
C LEU D 299 6.52 -49.04 -127.29
N PHE D 300 6.66 -48.18 -126.27
CA PHE D 300 7.91 -47.47 -126.01
C PHE D 300 8.62 -48.13 -124.83
N ALA D 301 9.92 -48.39 -124.99
CA ALA D 301 10.73 -49.03 -123.97
C ALA D 301 12.02 -48.25 -123.80
N LEU D 302 12.22 -47.66 -122.64
CA LEU D 302 13.48 -46.99 -122.32
C LEU D 302 14.33 -47.96 -121.51
N CYS D 303 15.51 -48.28 -122.03
CA CYS D 303 16.34 -49.36 -121.54
C CYS D 303 17.42 -48.83 -120.60
N GLN D 304 18.25 -49.76 -120.11
CA GLN D 304 19.33 -49.41 -119.21
C GLN D 304 20.35 -48.50 -119.86
N ASP D 305 20.59 -48.65 -121.16
CA ASP D 305 21.48 -47.76 -121.87
C ASP D 305 20.81 -46.46 -122.30
N HIS D 306 19.70 -46.08 -121.64
CA HIS D 306 19.02 -44.81 -121.88
C HIS D 306 18.50 -44.72 -123.30
N LYS D 307 18.31 -45.86 -123.96
CA LYS D 307 17.82 -45.88 -125.32
C LYS D 307 16.34 -46.20 -125.36
N LEU D 308 15.59 -45.46 -126.18
CA LEU D 308 14.18 -45.73 -126.40
C LEU D 308 13.99 -46.54 -127.67
N ARG D 309 13.43 -47.73 -127.52
CA ARG D 309 13.09 -48.59 -128.65
C ARG D 309 11.58 -48.75 -128.70
N MET D 310 11.04 -48.69 -129.91
CA MET D 310 9.59 -48.60 -130.10
C MET D 310 9.13 -49.71 -131.04
N TRP D 311 8.00 -50.31 -130.71
CA TRP D 311 7.48 -51.50 -131.40
C TRP D 311 6.01 -51.31 -131.79
N SER D 312 5.59 -52.06 -132.80
CA SER D 312 4.18 -52.23 -133.10
C SER D 312 3.80 -53.69 -132.88
N TYR D 313 2.65 -53.91 -132.24
CA TYR D 313 2.28 -55.26 -131.80
C TYR D 313 2.04 -56.20 -132.98
N LYS D 314 1.36 -55.73 -134.03
CA LYS D 314 0.96 -56.59 -135.12
C LYS D 314 2.07 -56.87 -136.13
N ASP D 315 3.08 -56.01 -136.21
CA ASP D 315 4.20 -56.24 -137.11
C ASP D 315 5.27 -57.11 -136.46
N GLN D 316 5.32 -57.13 -135.12
CA GLN D 316 6.24 -57.94 -134.35
C GLN D 316 7.69 -57.63 -134.71
N MET D 317 7.98 -56.37 -135.04
CA MET D 317 9.33 -55.92 -135.34
C MET D 317 9.55 -54.54 -134.74
N CYS D 318 10.81 -54.23 -134.42
CA CYS D 318 11.16 -52.92 -133.91
C CYS D 318 11.29 -51.93 -135.05
N LEU D 319 10.37 -50.98 -135.13
CA LEU D 319 10.35 -50.03 -136.24
C LEU D 319 11.55 -49.09 -136.23
N MET D 320 11.82 -48.44 -135.10
CA MET D 320 12.95 -47.53 -134.98
C MET D 320 13.47 -47.54 -133.55
N VAL D 321 14.70 -47.08 -133.37
CA VAL D 321 15.28 -46.85 -132.06
C VAL D 321 15.56 -45.36 -131.94
N ALA D 322 14.89 -44.70 -131.01
CA ALA D 322 14.98 -43.25 -130.86
C ALA D 322 15.79 -42.91 -129.62
N ASP D 323 16.78 -42.03 -129.77
CA ASP D 323 17.58 -41.57 -128.65
C ASP D 323 17.00 -40.25 -128.15
N MET D 324 16.59 -40.24 -126.89
CA MET D 324 15.99 -39.04 -126.30
C MET D 324 16.99 -37.89 -126.20
N LEU D 325 18.28 -38.20 -126.07
CA LEU D 325 19.30 -37.15 -125.94
C LEU D 325 19.67 -36.53 -127.28
N GLU D 326 19.26 -37.11 -128.40
CA GLU D 326 19.56 -36.50 -129.70
C GLU D 326 18.67 -35.30 -129.99
N TYR D 327 17.43 -35.31 -129.48
CA TYR D 327 16.55 -34.15 -129.59
C TYR D 327 16.89 -33.07 -128.57
N VAL D 328 17.75 -33.37 -127.60
CA VAL D 328 18.27 -32.41 -126.65
C VAL D 328 19.68 -32.05 -127.11
N PRO D 329 20.20 -30.86 -126.80
CA PRO D 329 21.64 -30.64 -126.99
C PRO D 329 22.45 -31.72 -126.28
N VAL D 330 23.48 -32.21 -126.97
CA VAL D 330 24.07 -33.52 -126.70
C VAL D 330 24.62 -33.66 -125.28
N SER D 331 24.35 -34.81 -124.67
CA SER D 331 24.97 -35.22 -123.40
C SER D 331 25.53 -36.62 -123.61
N LYS D 332 26.87 -36.72 -123.64
CA LYS D 332 27.50 -37.96 -124.08
C LYS D 332 27.41 -39.06 -123.02
N ASP D 333 27.59 -38.70 -121.75
CA ASP D 333 27.72 -39.72 -120.71
C ASP D 333 26.41 -40.49 -120.50
N ILE D 334 25.28 -39.79 -120.58
CA ILE D 334 24.00 -40.38 -120.20
C ILE D 334 23.61 -41.50 -121.16
N ARG D 335 23.79 -41.27 -122.46
CA ARG D 335 23.35 -42.27 -123.44
C ARG D 335 24.12 -43.58 -123.35
N GLN D 336 25.40 -43.53 -122.98
CA GLN D 336 26.15 -44.76 -122.76
C GLN D 336 26.08 -45.25 -121.31
N THR D 337 25.52 -44.46 -120.41
CA THR D 337 25.33 -44.91 -119.04
C THR D 337 24.34 -46.07 -119.00
N ALA D 338 24.65 -47.07 -118.18
CA ALA D 338 23.80 -48.24 -117.98
C ALA D 338 22.92 -48.08 -116.74
N GLY D 339 22.50 -46.85 -116.45
CA GLY D 339 21.71 -46.62 -115.25
C GLY D 339 20.32 -47.21 -115.37
N THR D 340 19.67 -47.35 -114.21
CA THR D 340 18.33 -47.92 -114.16
C THR D 340 17.45 -47.02 -113.30
N GLY D 341 16.15 -47.12 -113.50
CA GLY D 341 15.20 -46.29 -112.79
C GLY D 341 14.56 -45.18 -113.61
N HIS D 342 14.69 -45.21 -114.93
CA HIS D 342 14.10 -44.17 -115.77
C HIS D 342 12.57 -44.23 -115.68
N LYS D 343 11.94 -43.08 -115.81
CA LYS D 343 10.50 -42.96 -115.64
C LYS D 343 9.87 -42.25 -116.83
N LEU D 344 8.68 -42.71 -117.21
CA LEU D 344 7.88 -42.12 -118.29
C LEU D 344 6.54 -41.68 -117.75
N ARG D 345 6.10 -40.49 -118.13
CA ARG D 345 4.78 -39.99 -117.77
C ARG D 345 4.08 -39.44 -119.01
N LEU D 346 2.77 -39.67 -119.08
CA LEU D 346 1.94 -39.26 -120.21
C LEU D 346 1.10 -38.05 -119.83
N ALA D 347 1.05 -37.06 -120.71
CA ALA D 347 0.13 -35.94 -120.54
C ALA D 347 -0.52 -35.64 -121.88
N TYR D 348 -1.83 -35.87 -121.98
CA TYR D 348 -2.57 -35.68 -123.20
C TYR D 348 -3.34 -34.36 -123.15
N SER D 349 -3.23 -33.57 -124.22
CA SER D 349 -4.04 -32.37 -124.37
C SER D 349 -5.28 -32.74 -125.17
N ASP D 350 -6.43 -32.73 -124.50
CA ASP D 350 -7.66 -33.16 -125.15
C ASP D 350 -7.99 -32.28 -126.35
N THR D 351 -7.84 -30.97 -126.18
CA THR D 351 -8.16 -30.01 -127.23
C THR D 351 -7.04 -29.86 -128.25
N LEU D 352 -5.83 -30.30 -127.92
CA LEU D 352 -4.71 -30.23 -128.86
C LEU D 352 -4.46 -31.54 -129.59
N GLU D 353 -4.96 -32.66 -129.06
CA GLU D 353 -4.68 -34.00 -129.57
C GLU D 353 -3.19 -34.31 -129.58
N ILE D 354 -2.44 -33.75 -128.64
CA ILE D 354 -1.00 -33.92 -128.55
C ILE D 354 -0.68 -34.65 -127.26
N LEU D 355 0.16 -35.68 -127.37
CA LEU D 355 0.60 -36.47 -126.23
C LEU D 355 2.04 -36.11 -125.89
N TYR D 356 2.28 -35.78 -124.62
CA TYR D 356 3.60 -35.38 -124.15
C TYR D 356 4.18 -36.48 -123.26
N LEU D 357 5.41 -36.86 -123.56
CA LEU D 357 6.20 -37.77 -122.74
C LEU D 357 7.08 -36.94 -121.83
N GLY D 358 6.75 -36.91 -120.55
CA GLY D 358 7.65 -36.38 -119.56
C GLY D 358 8.54 -37.50 -119.08
N VAL D 359 9.79 -37.52 -119.55
CA VAL D 359 10.71 -38.62 -119.30
C VAL D 359 11.77 -38.15 -118.32
N TYR D 360 11.81 -38.78 -117.16
CA TYR D 360 12.91 -38.58 -116.22
C TYR D 360 13.96 -39.63 -116.49
N LEU D 361 15.07 -39.20 -117.08
CA LEU D 361 16.23 -40.06 -117.29
C LEU D 361 17.08 -39.92 -116.03
N HIS D 362 17.17 -41.00 -115.27
CA HIS D 362 17.94 -41.00 -114.04
C HIS D 362 19.41 -41.25 -114.36
N THR D 363 20.22 -40.19 -114.29
CA THR D 363 21.65 -40.30 -114.47
C THR D 363 22.32 -40.17 -113.11
N PRO D 364 23.26 -41.07 -112.79
CA PRO D 364 24.02 -40.90 -111.55
C PRO D 364 24.72 -39.56 -111.46
N ARG D 365 25.12 -38.99 -112.59
CA ARG D 365 25.65 -37.64 -112.64
C ARG D 365 24.59 -36.65 -112.22
N GLN D 366 23.50 -36.56 -112.99
CA GLN D 366 22.33 -35.78 -112.61
C GLN D 366 21.14 -36.24 -113.43
N GLY D 367 20.06 -36.61 -112.75
CA GLY D 367 18.85 -36.95 -113.45
C GLY D 367 18.23 -35.74 -114.11
N GLN D 368 17.39 -35.99 -115.12
CA GLN D 368 16.80 -34.89 -115.87
C GLN D 368 15.38 -35.21 -116.31
N PHE D 369 14.51 -34.20 -116.26
CA PHE D 369 13.21 -34.27 -116.91
C PHE D 369 13.34 -33.73 -118.32
N CYS D 370 12.74 -34.43 -119.28
CA CYS D 370 12.70 -33.99 -120.66
C CYS D 370 11.29 -34.13 -121.18
N VAL D 371 10.78 -33.07 -121.81
CA VAL D 371 9.43 -33.04 -122.34
C VAL D 371 9.49 -33.32 -123.84
N PHE D 372 8.78 -34.34 -124.28
CA PHE D 372 8.70 -34.68 -125.69
C PHE D 372 7.24 -34.70 -126.12
N GLN D 373 7.02 -34.55 -127.41
CA GLN D 373 5.71 -34.72 -128.02
C GLN D 373 5.78 -35.89 -128.99
N LEU D 374 4.84 -36.83 -128.84
CA LEU D 374 4.83 -38.01 -129.70
C LEU D 374 4.33 -37.62 -131.08
N VAL D 375 5.11 -37.93 -132.12
CA VAL D 375 4.75 -37.63 -133.49
C VAL D 375 4.77 -38.94 -134.27
N CYS D 376 3.70 -39.19 -135.03
CA CYS D 376 3.59 -40.39 -135.86
C CYS D 376 3.45 -39.96 -137.31
N THR D 377 4.48 -40.17 -138.11
CA THR D 377 4.48 -39.77 -139.50
C THR D 377 3.60 -40.73 -140.32
N GLU D 378 3.38 -40.35 -141.58
CA GLU D 378 2.54 -41.12 -142.49
C GLU D 378 3.09 -42.50 -142.80
N SER D 379 4.39 -42.72 -142.61
CA SER D 379 5.03 -43.99 -142.94
C SER D 379 5.24 -44.87 -141.71
N ASN D 380 4.44 -44.70 -140.67
CA ASN D 380 4.53 -45.49 -139.43
C ASN D 380 5.89 -45.33 -138.75
N ARG D 381 6.51 -44.17 -138.91
CA ARG D 381 7.75 -43.84 -138.20
C ARG D 381 7.45 -42.77 -137.17
N TYR D 382 7.87 -43.01 -135.94
CA TYR D 382 7.46 -42.18 -134.81
C TYR D 382 8.68 -41.55 -134.16
N SER D 383 8.51 -40.32 -133.67
CA SER D 383 9.60 -39.51 -133.17
C SER D 383 9.13 -38.67 -131.99
N LEU D 384 10.10 -38.09 -131.29
CA LEU D 384 9.84 -37.25 -130.13
C LEU D 384 10.27 -35.82 -130.45
N GLU D 385 9.32 -34.90 -130.40
CA GLU D 385 9.59 -33.48 -130.55
C GLU D 385 9.96 -32.87 -129.21
N HIS D 386 11.20 -32.40 -129.09
CA HIS D 386 11.70 -31.89 -127.81
C HIS D 386 11.11 -30.52 -127.54
N THR D 387 10.28 -30.43 -126.50
CA THR D 387 9.76 -29.13 -126.04
C THR D 387 10.72 -28.48 -125.05
N SER D 388 11.13 -29.21 -124.02
CA SER D 388 12.08 -28.71 -123.04
C SER D 388 12.68 -29.87 -122.27
N SER D 389 13.82 -29.61 -121.64
CA SER D 389 14.49 -30.55 -120.76
C SER D 389 14.78 -29.85 -119.44
N ILE D 390 14.52 -30.54 -118.33
CA ILE D 390 14.69 -29.97 -116.99
C ILE D 390 15.63 -30.88 -116.21
N PHE D 391 16.82 -30.38 -115.91
CA PHE D 391 17.78 -31.14 -115.13
C PHE D 391 17.38 -31.17 -113.67
N THR D 392 17.78 -32.25 -112.99
CA THR D 392 17.55 -32.40 -111.56
C THR D 392 18.84 -32.81 -110.87
N ASN D 393 18.96 -32.40 -109.61
CA ASN D 393 20.10 -32.79 -108.78
C ASN D 393 19.92 -34.22 -108.30
N GLN D 394 21.03 -34.85 -107.92
CA GLN D 394 21.03 -36.26 -107.56
C GLN D 394 20.30 -36.46 -106.24
N GLU D 395 19.06 -36.95 -106.33
CA GLU D 395 18.25 -37.33 -105.18
C GLU D 395 17.45 -38.56 -105.56
N THR D 396 16.88 -39.20 -104.55
CA THR D 396 15.96 -40.31 -104.77
C THR D 396 14.59 -39.75 -105.11
N LEU D 397 14.28 -39.68 -106.40
CA LEU D 397 13.03 -39.09 -106.86
C LEU D 397 11.85 -39.95 -106.44
N ILE D 398 10.98 -39.41 -105.60
CA ILE D 398 9.78 -40.12 -105.19
C ILE D 398 8.72 -40.08 -106.28
N ASP D 399 8.42 -38.89 -106.79
CA ASP D 399 7.41 -38.73 -107.83
C ASP D 399 7.72 -37.49 -108.64
N PHE D 400 7.12 -37.41 -109.84
CA PHE D 400 7.16 -36.18 -110.60
C PHE D 400 5.97 -36.15 -111.54
N THR D 401 5.50 -34.94 -111.81
CA THR D 401 4.37 -34.74 -112.71
C THR D 401 4.65 -33.54 -113.60
N PHE D 402 3.93 -33.47 -114.72
CA PHE D 402 4.00 -32.32 -115.60
C PHE D 402 2.63 -32.10 -116.21
N THR D 403 2.15 -30.87 -116.09
CA THR D 403 0.83 -30.50 -116.58
C THR D 403 0.97 -29.60 -117.80
N LEU D 404 -0.02 -29.65 -118.68
CA LEU D 404 -0.06 -28.83 -119.88
C LEU D 404 -1.02 -27.67 -119.76
N SER D 405 -1.84 -27.64 -118.71
CA SER D 405 -2.78 -26.54 -118.47
C SER D 405 -2.06 -25.25 -118.10
N SER D 406 -0.99 -25.33 -117.31
CA SER D 406 -0.18 -24.17 -117.00
C SER D 406 1.28 -24.50 -117.29
N MET D 407 1.48 -25.67 -117.89
CA MET D 407 2.74 -26.06 -118.54
C MET D 407 3.87 -26.11 -117.49
N ASN D 408 3.68 -26.99 -116.50
CA ASN D 408 4.50 -26.98 -115.29
C ASN D 408 5.11 -28.35 -114.98
N ILE D 409 6.30 -28.32 -114.34
CA ILE D 409 6.94 -29.48 -113.75
C ILE D 409 6.81 -29.41 -112.23
N TRP D 410 6.38 -30.51 -111.61
CA TRP D 410 6.47 -30.71 -110.18
C TRP D 410 7.34 -31.93 -109.91
N ALA D 411 8.18 -31.86 -108.88
CA ALA D 411 9.03 -32.99 -108.54
C ALA D 411 9.17 -33.13 -107.03
N LEU D 412 9.05 -34.36 -106.56
CA LEU D 412 9.13 -34.72 -105.15
C LEU D 412 10.22 -35.76 -104.95
N TRP D 413 11.25 -35.39 -104.18
CA TRP D 413 12.35 -36.27 -103.85
C TRP D 413 12.37 -36.55 -102.35
N LEU D 414 12.95 -37.70 -102.01
CA LEU D 414 13.37 -38.01 -100.66
C LEU D 414 14.88 -38.16 -100.64
N ASP D 415 15.56 -37.18 -100.04
CA ASP D 415 17.01 -37.15 -100.10
C ASP D 415 17.59 -38.32 -99.30
N ASP D 416 18.88 -38.56 -99.49
CA ASP D 416 19.57 -39.64 -98.80
C ASP D 416 19.59 -39.47 -97.29
N ASP D 417 19.32 -38.26 -96.80
CA ASP D 417 19.12 -38.01 -95.38
C ASP D 417 17.70 -38.28 -94.94
N ASN D 418 16.86 -38.82 -95.82
CA ASN D 418 15.47 -39.17 -95.51
C ASN D 418 14.65 -37.95 -95.12
N GLN D 419 14.78 -36.88 -95.92
CA GLN D 419 13.99 -35.67 -95.75
C GLN D 419 13.18 -35.41 -97.02
N THR D 420 11.90 -35.09 -96.82
CA THR D 420 10.97 -34.87 -97.92
C THR D 420 11.19 -33.48 -98.49
N VAL D 421 11.58 -33.41 -99.76
CA VAL D 421 11.72 -32.14 -100.46
C VAL D 421 10.88 -32.23 -101.73
N MET D 422 10.31 -31.11 -102.15
CA MET D 422 9.57 -31.07 -103.41
C MET D 422 9.47 -29.63 -103.89
N LYS D 423 9.50 -29.46 -105.20
CA LYS D 423 9.53 -28.13 -105.80
C LYS D 423 8.75 -28.13 -107.12
N HIS D 424 8.44 -26.92 -107.58
CA HIS D 424 7.72 -26.71 -108.82
C HIS D 424 8.49 -25.70 -109.66
N ILE D 425 8.27 -25.76 -110.98
CA ILE D 425 8.82 -24.76 -111.89
C ILE D 425 8.01 -24.78 -113.17
N ASN D 426 7.79 -23.60 -113.74
CA ASN D 426 7.17 -23.49 -115.05
C ASN D 426 8.22 -23.74 -116.11
N PHE D 427 8.12 -24.87 -116.81
CA PHE D 427 9.18 -25.26 -117.73
C PHE D 427 9.07 -24.59 -119.09
N GLU D 428 8.34 -23.48 -119.19
CA GLU D 428 8.42 -22.59 -120.33
C GLU D 428 8.67 -21.15 -119.89
N ARG D 429 9.14 -20.96 -118.66
CA ARG D 429 9.40 -19.63 -118.08
C ARG D 429 10.91 -19.39 -118.18
N ASN D 430 11.36 -19.04 -119.38
CA ASN D 430 12.77 -18.91 -119.75
C ASN D 430 13.52 -20.23 -119.61
N GLN D 431 14.74 -20.29 -120.15
CA GLN D 431 15.44 -21.57 -120.23
C GLN D 431 16.92 -21.44 -119.88
N ALA D 432 17.28 -21.25 -118.59
CA ALA D 432 18.68 -21.28 -118.20
C ALA D 432 18.96 -21.66 -116.73
N GLY D 433 17.94 -22.01 -115.96
CA GLY D 433 18.16 -22.54 -114.64
C GLY D 433 17.64 -21.76 -113.45
N HIS D 434 16.50 -22.21 -112.92
CA HIS D 434 15.91 -21.74 -111.67
C HIS D 434 14.73 -22.63 -111.29
N TRP D 435 14.44 -22.73 -110.00
CA TRP D 435 13.29 -23.50 -109.52
C TRP D 435 12.58 -22.72 -108.43
N ASN D 436 11.26 -22.87 -108.37
CA ASN D 436 10.48 -22.25 -107.30
C ASN D 436 10.21 -23.28 -106.21
N PRO D 437 10.70 -23.07 -105.00
CA PRO D 437 10.46 -24.04 -103.93
C PRO D 437 9.04 -23.94 -103.40
N VAL D 438 8.62 -25.01 -102.72
CA VAL D 438 7.33 -25.06 -102.04
C VAL D 438 7.59 -25.19 -100.54
N PHE D 439 6.96 -24.33 -99.76
CA PHE D 439 7.13 -24.31 -98.32
C PHE D 439 6.25 -25.39 -97.70
N VAL D 440 6.85 -26.53 -97.36
CA VAL D 440 6.13 -27.66 -96.78
C VAL D 440 6.67 -27.92 -95.38
N ASN D 441 5.77 -28.22 -94.46
CA ASN D 441 6.14 -28.49 -93.08
C ASN D 441 6.59 -29.94 -92.94
N PRO D 442 7.85 -30.20 -92.59
CA PRO D 442 8.24 -31.61 -92.39
C PRO D 442 7.60 -32.24 -91.19
N LEU D 443 7.68 -31.60 -90.04
CA LEU D 443 7.10 -32.09 -88.80
C LEU D 443 7.10 -30.95 -87.79
N PRO D 444 6.25 -31.02 -86.77
CA PRO D 444 6.23 -29.95 -85.74
C PRO D 444 7.55 -29.78 -85.02
N ASP D 445 7.64 -28.72 -84.21
CA ASP D 445 8.87 -28.41 -83.50
C ASP D 445 9.24 -29.53 -82.54
N ASP D 446 10.55 -29.73 -82.36
CA ASP D 446 11.06 -30.82 -81.53
C ASP D 446 11.13 -30.40 -80.07
N ASP D 447 11.82 -31.22 -79.28
CA ASP D 447 11.90 -31.12 -77.83
C ASP D 447 12.11 -29.70 -77.31
N LEU D 448 11.48 -29.37 -76.19
CA LEU D 448 11.58 -28.05 -75.57
C LEU D 448 12.07 -28.18 -74.14
N ALA D 449 12.77 -27.14 -73.68
CA ALA D 449 13.24 -27.04 -72.30
C ALA D 449 12.59 -25.84 -71.65
N ILE D 450 11.97 -26.05 -70.49
CA ILE D 450 11.22 -25.02 -69.80
C ILE D 450 11.86 -24.82 -68.42
N GLY D 451 12.15 -23.57 -68.09
CA GLY D 451 12.75 -23.25 -66.82
C GLY D 451 11.75 -23.32 -65.67
N ASP D 452 12.27 -23.19 -64.47
CA ASP D 452 11.48 -23.24 -63.24
C ASP D 452 11.13 -21.82 -62.82
N GLU D 453 10.32 -21.15 -63.63
CA GLU D 453 9.72 -19.88 -63.27
C GLU D 453 8.23 -19.97 -63.59
N GLN D 454 7.78 -21.19 -63.85
CA GLN D 454 6.41 -21.47 -64.25
C GLN D 454 6.15 -22.95 -64.07
N GLU D 455 4.90 -23.34 -64.25
CA GLU D 455 4.54 -24.76 -64.20
C GLU D 455 4.78 -25.40 -65.55
N PRO D 456 5.62 -26.43 -65.63
CA PRO D 456 5.79 -27.14 -66.91
C PRO D 456 4.52 -27.82 -67.39
N GLN D 457 3.62 -28.22 -66.48
CA GLN D 457 2.46 -29.00 -66.90
C GLN D 457 1.54 -28.21 -67.82
N GLU D 458 1.15 -27.00 -67.42
CA GLU D 458 0.25 -26.19 -68.24
C GLU D 458 0.92 -25.81 -69.56
N ALA D 459 2.21 -25.43 -69.51
CA ALA D 459 2.91 -25.04 -70.71
C ALA D 459 3.02 -26.20 -71.70
N TYR D 460 3.31 -27.40 -71.20
CA TYR D 460 3.43 -28.55 -72.09
C TYR D 460 2.07 -28.99 -72.61
N LEU D 461 1.01 -28.83 -71.82
CA LEU D 461 -0.33 -29.06 -72.34
C LEU D 461 -0.63 -28.11 -73.50
N GLU D 462 -0.28 -26.83 -73.33
CA GLU D 462 -0.47 -25.86 -74.39
C GLU D 462 0.34 -26.24 -75.63
N CYS D 463 1.58 -26.68 -75.44
CA CYS D 463 2.40 -27.09 -76.58
C CYS D 463 1.80 -28.32 -77.28
N LEU D 464 1.31 -29.28 -76.51
CA LEU D 464 0.76 -30.50 -77.07
C LEU D 464 -0.51 -30.21 -77.87
N PHE D 465 -1.34 -29.28 -77.37
CA PHE D 465 -2.60 -28.95 -78.02
C PHE D 465 -2.52 -27.69 -78.86
N ALA D 466 -1.31 -27.21 -79.17
CA ALA D 466 -1.16 -26.04 -80.02
C ALA D 466 -1.71 -26.32 -81.41
N PRO D 467 -2.32 -25.35 -82.06
CA PRO D 467 -2.91 -25.58 -83.38
C PRO D 467 -1.85 -25.87 -84.44
N GLY D 468 -2.22 -26.73 -85.38
CA GLY D 468 -1.34 -27.08 -86.48
C GLY D 468 -0.18 -27.97 -86.12
N ARG D 469 -0.21 -28.64 -84.97
CA ARG D 469 0.90 -29.47 -84.52
C ARG D 469 0.44 -30.88 -84.25
N PHE D 470 1.30 -31.85 -84.58
CA PHE D 470 1.03 -33.27 -84.43
C PHE D 470 -0.27 -33.70 -85.12
N THR D 471 -0.72 -34.90 -84.78
CA THR D 471 -2.02 -35.39 -85.20
C THR D 471 -2.69 -36.05 -83.99
N ILE D 472 -4.02 -36.08 -84.01
CA ILE D 472 -4.75 -36.65 -82.88
C ILE D 472 -4.44 -38.14 -82.74
N ALA D 473 -4.39 -38.87 -83.86
CA ALA D 473 -4.07 -40.29 -83.80
C ALA D 473 -2.69 -40.52 -83.20
N ALA D 474 -1.75 -39.61 -83.45
CA ALA D 474 -0.46 -39.66 -82.77
C ALA D 474 -0.65 -39.56 -81.26
N LEU D 475 -1.59 -38.72 -80.81
CA LEU D 475 -1.84 -38.57 -79.38
C LEU D 475 -2.41 -39.85 -78.78
N GLN D 476 -3.40 -40.46 -79.44
CA GLN D 476 -3.93 -41.72 -78.91
C GLN D 476 -2.88 -42.81 -78.91
N LYS D 477 -2.08 -42.90 -79.99
CA LYS D 477 -1.03 -43.91 -80.03
C LYS D 477 -0.01 -43.67 -78.92
N ALA D 478 0.34 -42.41 -78.66
CA ALA D 478 1.27 -42.10 -77.57
C ALA D 478 0.69 -42.48 -76.22
N ILE D 479 -0.59 -42.20 -75.99
CA ILE D 479 -1.21 -42.60 -74.73
C ILE D 479 -1.17 -44.12 -74.59
N GLN D 480 -1.51 -44.84 -75.65
CA GLN D 480 -1.52 -46.30 -75.59
C GLN D 480 -0.14 -46.86 -75.31
N ILE D 481 0.88 -46.33 -75.99
CA ILE D 481 2.23 -46.88 -75.81
C ILE D 481 2.78 -46.54 -74.43
N LEU D 482 2.51 -45.32 -73.94
CA LEU D 482 3.04 -44.94 -72.63
C LEU D 482 2.28 -45.63 -71.51
N ARG D 483 1.04 -46.06 -71.77
CA ARG D 483 0.34 -46.88 -70.81
C ARG D 483 0.64 -48.37 -70.98
N LYS D 484 1.77 -48.70 -71.62
CA LYS D 484 2.22 -50.08 -71.79
C LYS D 484 1.16 -50.92 -72.51
N GLY D 485 0.54 -50.33 -73.52
CA GLY D 485 -0.55 -50.99 -74.22
C GLY D 485 -1.87 -50.78 -73.52
N SER D 486 -2.88 -50.36 -74.27
CA SER D 486 -4.21 -50.11 -73.74
C SER D 486 -5.19 -50.12 -74.90
N GLY D 487 -6.47 -50.14 -74.56
CA GLY D 487 -7.51 -50.12 -75.58
C GLY D 487 -7.49 -48.82 -76.37
N ARG D 488 -8.14 -48.81 -77.54
CA ARG D 488 -8.14 -47.62 -78.36
C ARG D 488 -8.81 -46.47 -77.63
N VAL D 489 -8.13 -45.33 -77.56
CA VAL D 489 -8.66 -44.14 -76.94
C VAL D 489 -9.00 -43.07 -77.98
N LEU D 490 -9.28 -43.51 -79.22
CA LEU D 490 -9.65 -42.59 -80.28
C LEU D 490 -11.06 -42.05 -80.05
N ASP D 491 -11.47 -41.12 -80.91
CA ASP D 491 -12.81 -40.55 -80.89
C ASP D 491 -13.13 -39.91 -79.54
N LEU D 492 -12.39 -38.86 -79.18
CA LEU D 492 -12.62 -38.15 -77.94
C LEU D 492 -12.97 -36.70 -78.24
N SER D 493 -13.86 -36.14 -77.43
CA SER D 493 -14.14 -34.71 -77.48
C SER D 493 -12.95 -33.95 -76.93
N TRP D 494 -13.01 -32.63 -77.02
CA TRP D 494 -11.92 -31.80 -76.51
C TRP D 494 -11.76 -31.98 -74.99
N GLU D 495 -12.88 -31.88 -74.26
CA GLU D 495 -12.83 -31.96 -72.81
C GLU D 495 -12.43 -33.35 -72.34
N GLU D 496 -13.04 -34.39 -72.91
CA GLU D 496 -12.69 -35.74 -72.48
C GLU D 496 -11.28 -36.11 -72.90
N LEU D 497 -10.84 -35.64 -74.08
CA LEU D 497 -9.48 -35.91 -74.51
C LEU D 497 -8.47 -35.29 -73.56
N LYS D 498 -8.66 -34.01 -73.20
CA LYS D 498 -7.73 -33.39 -72.26
C LYS D 498 -7.81 -34.05 -70.90
N LYS D 499 -9.00 -34.48 -70.48
CA LYS D 499 -9.14 -35.18 -69.21
C LYS D 499 -8.37 -36.49 -69.21
N GLU D 500 -8.45 -37.24 -70.31
CA GLU D 500 -7.77 -38.53 -70.38
C GLU D 500 -6.25 -38.35 -70.47
N VAL D 501 -5.81 -37.31 -71.19
CA VAL D 501 -4.37 -37.00 -71.20
C VAL D 501 -3.91 -36.65 -69.80
N THR D 502 -4.70 -35.87 -69.08
CA THR D 502 -4.40 -35.54 -67.69
C THR D 502 -4.32 -36.80 -66.84
N LEU D 503 -5.28 -37.70 -67.02
CA LEU D 503 -5.31 -38.94 -66.24
C LEU D 503 -4.07 -39.79 -66.50
N THR D 504 -3.71 -40.00 -67.77
CA THR D 504 -2.54 -40.79 -68.11
C THR D 504 -1.26 -40.14 -67.56
N VAL D 505 -1.09 -38.84 -67.80
CA VAL D 505 0.13 -38.18 -67.35
C VAL D 505 0.22 -38.16 -65.84
N GLU D 506 -0.92 -38.04 -65.15
CA GLU D 506 -0.91 -38.02 -63.69
C GLU D 506 -0.63 -39.41 -63.12
N LYS D 507 -1.15 -40.46 -63.76
CA LYS D 507 -0.80 -41.81 -63.33
C LYS D 507 0.68 -42.07 -63.50
N GLU D 508 1.26 -41.54 -64.58
CA GLU D 508 2.72 -41.66 -64.75
C GLU D 508 3.47 -40.81 -63.73
N ILE D 509 2.94 -39.64 -63.39
CA ILE D 509 3.61 -38.72 -62.48
C ILE D 509 3.64 -39.29 -61.07
N GLN D 510 2.52 -39.84 -60.61
CA GLN D 510 2.47 -40.40 -59.27
C GLN D 510 3.41 -41.60 -59.13
N ASN D 511 3.65 -42.31 -60.23
CA ASN D 511 4.64 -43.38 -60.23
C ASN D 511 6.06 -42.83 -60.22
N ALA D 512 6.33 -41.80 -61.01
CA ALA D 512 7.68 -41.24 -61.09
C ALA D 512 8.10 -40.56 -59.79
N VAL D 513 7.18 -39.83 -59.15
CA VAL D 513 7.46 -39.11 -57.92
C VAL D 513 7.03 -40.01 -56.76
N VAL D 514 7.99 -40.66 -56.13
CA VAL D 514 7.73 -41.50 -54.97
C VAL D 514 7.89 -40.73 -53.66
N ASP D 515 8.67 -39.65 -53.64
CA ASP D 515 8.86 -38.82 -52.46
C ASP D 515 8.50 -37.38 -52.82
N TYR D 516 7.36 -36.90 -52.31
CA TYR D 516 6.95 -35.53 -52.52
C TYR D 516 7.61 -34.56 -51.55
N ASP D 517 8.39 -35.07 -50.60
CA ASP D 517 9.16 -34.19 -49.73
C ASP D 517 10.22 -33.42 -50.51
N VAL D 518 10.50 -33.81 -51.75
CA VAL D 518 11.40 -33.06 -52.59
C VAL D 518 10.88 -31.63 -52.78
N SER D 519 11.79 -30.73 -53.12
CA SER D 519 11.44 -29.33 -53.25
C SER D 519 10.56 -29.10 -54.47
N GLN D 520 9.99 -27.90 -54.52
CA GLN D 520 9.24 -27.47 -55.70
C GLN D 520 10.10 -27.54 -56.95
N GLU D 521 11.38 -27.21 -56.83
CA GLU D 521 12.28 -27.30 -57.98
C GLU D 521 12.39 -28.73 -58.47
N GLU D 522 12.59 -29.69 -57.56
CA GLU D 522 12.71 -31.08 -57.97
C GLU D 522 11.41 -31.59 -58.59
N PHE D 523 10.27 -31.24 -57.98
CA PHE D 523 8.99 -31.65 -58.53
C PHE D 523 8.78 -31.07 -59.93
N ARG D 524 9.14 -29.80 -60.12
CA ARG D 524 9.04 -29.18 -61.43
C ARG D 524 9.94 -29.87 -62.44
N GLN D 525 11.14 -30.27 -61.99
CA GLN D 525 12.05 -30.99 -62.88
C GLN D 525 11.47 -32.31 -63.33
N ILE D 526 10.87 -33.06 -62.40
CA ILE D 526 10.25 -34.33 -62.75
C ILE D 526 9.10 -34.10 -63.74
N ASN D 527 8.30 -33.06 -63.50
CA ASN D 527 7.21 -32.73 -64.40
C ASN D 527 7.74 -32.37 -65.79
N ILE D 528 8.82 -31.58 -65.85
CA ILE D 528 9.44 -31.24 -67.11
C ILE D 528 9.85 -32.50 -67.85
N GLU D 529 10.50 -33.42 -67.13
CA GLU D 529 10.94 -34.67 -67.74
C GLU D 529 9.78 -35.45 -68.34
N ASN D 530 8.72 -35.67 -67.55
CA ASN D 530 7.60 -36.50 -68.02
C ASN D 530 6.89 -35.83 -69.20
N TRP D 531 6.65 -34.53 -69.10
CA TRP D 531 5.96 -33.82 -70.17
C TRP D 531 6.78 -33.81 -71.45
N CYS D 532 8.11 -33.67 -71.33
CA CYS D 532 8.94 -33.72 -72.52
C CYS D 532 8.99 -35.12 -73.11
N LYS D 533 8.92 -36.14 -72.25
CA LYS D 533 8.80 -37.51 -72.77
C LYS D 533 7.54 -37.68 -73.59
N PHE D 534 6.40 -37.22 -73.06
CA PHE D 534 5.15 -37.32 -73.80
C PHE D 534 5.21 -36.52 -75.09
N TYR D 535 5.80 -35.33 -75.03
CA TYR D 535 5.95 -34.48 -76.21
C TYR D 535 6.80 -35.18 -77.27
N THR D 536 7.91 -35.80 -76.86
CA THR D 536 8.79 -36.46 -77.81
C THR D 536 8.15 -37.73 -78.36
N CYS D 537 7.34 -38.43 -77.55
CA CYS D 537 6.61 -39.58 -78.05
C CYS D 537 5.61 -39.17 -79.12
N CYS D 538 4.88 -38.07 -78.89
CA CYS D 538 4.03 -37.51 -79.92
C CYS D 538 4.84 -37.12 -81.15
N LEU D 539 6.05 -36.61 -80.93
CA LEU D 539 6.94 -36.30 -82.03
C LEU D 539 7.27 -37.55 -82.85
N GLN D 540 7.55 -38.66 -82.18
CA GLN D 540 7.87 -39.89 -82.89
C GLN D 540 6.70 -40.37 -83.72
N TYR D 541 5.50 -40.38 -83.12
CA TYR D 541 4.34 -40.85 -83.86
C TYR D 541 4.04 -39.92 -85.04
N GLN D 542 4.14 -38.60 -84.82
CA GLN D 542 3.89 -37.66 -85.90
C GLN D 542 4.93 -37.80 -87.01
N GLU D 543 6.19 -38.04 -86.65
CA GLU D 543 7.23 -38.25 -87.64
C GLU D 543 6.96 -39.50 -88.47
N THR D 544 6.51 -40.57 -87.80
CA THR D 544 6.16 -41.78 -88.55
C THR D 544 4.99 -41.53 -89.50
N LEU D 545 3.98 -40.80 -89.04
CA LEU D 545 2.79 -40.58 -89.85
C LEU D 545 3.01 -39.58 -90.97
N SER D 546 3.95 -38.65 -90.80
CA SER D 546 4.11 -37.54 -91.73
C SER D 546 4.93 -37.90 -92.97
N ARG D 547 5.37 -39.15 -93.09
CA ARG D 547 6.12 -39.54 -94.26
C ARG D 547 5.24 -39.44 -95.51
N PRO D 548 5.79 -39.03 -96.65
CA PRO D 548 4.95 -38.80 -97.84
C PRO D 548 4.57 -40.11 -98.53
N LEU D 549 3.54 -40.02 -99.36
CA LEU D 549 3.12 -41.13 -100.21
C LEU D 549 3.13 -40.79 -101.70
N ALA D 550 2.55 -39.65 -102.08
CA ALA D 550 2.48 -39.28 -103.49
C ALA D 550 2.08 -37.83 -103.64
N LEU D 551 2.12 -37.34 -104.88
CA LEU D 551 1.63 -36.03 -105.25
C LEU D 551 0.60 -36.18 -106.36
N VAL D 552 -0.43 -35.33 -106.34
CA VAL D 552 -1.46 -35.33 -107.37
C VAL D 552 -1.61 -33.92 -107.91
N VAL D 553 -1.49 -33.77 -109.22
CA VAL D 553 -1.86 -32.55 -109.92
C VAL D 553 -2.89 -32.93 -110.97
N HIS D 554 -4.15 -32.65 -110.69
CA HIS D 554 -5.22 -33.10 -111.58
C HIS D 554 -5.19 -32.29 -112.87
N PRO D 555 -5.12 -32.94 -114.03
CA PRO D 555 -4.87 -32.22 -115.28
C PRO D 555 -5.91 -31.16 -115.64
N ASN D 556 -7.17 -31.41 -115.31
CA ASN D 556 -8.23 -30.52 -115.76
C ASN D 556 -8.17 -29.16 -115.08
N THR D 557 -7.96 -29.12 -113.77
CA THR D 557 -7.96 -27.88 -113.01
C THR D 557 -6.58 -27.61 -112.42
N ASN D 558 -6.48 -26.51 -111.69
CA ASN D 558 -5.22 -26.12 -111.04
C ASN D 558 -5.27 -26.50 -109.56
N MET D 559 -5.03 -27.78 -109.31
CA MET D 559 -5.06 -28.36 -107.96
C MET D 559 -3.79 -29.16 -107.72
N VAL D 560 -3.16 -28.92 -106.57
CA VAL D 560 -1.95 -29.64 -106.18
C VAL D 560 -2.14 -30.17 -104.76
N CYS D 561 -2.08 -31.50 -104.62
CA CYS D 561 -2.32 -32.17 -103.35
C CYS D 561 -1.16 -33.09 -103.01
N LEU D 562 -0.66 -32.98 -101.78
CA LEU D 562 0.35 -33.88 -101.26
C LEU D 562 -0.36 -34.95 -100.44
N LEU D 563 -0.38 -36.17 -100.97
CA LEU D 563 -0.96 -37.31 -100.28
C LEU D 563 0.13 -37.90 -99.39
N ARG D 564 0.14 -37.53 -98.11
CA ARG D 564 1.12 -38.12 -97.21
C ARG D 564 0.59 -39.45 -96.70
N LYS D 565 1.44 -40.20 -96.01
CA LYS D 565 1.06 -41.52 -95.55
C LYS D 565 -0.12 -41.40 -94.61
N GLY D 566 -1.29 -41.85 -95.08
CA GLY D 566 -2.52 -41.70 -94.33
C GLY D 566 -3.31 -40.45 -94.66
N PHE D 567 -2.75 -39.28 -94.33
CA PHE D 567 -3.51 -38.03 -94.43
C PHE D 567 -3.07 -37.20 -95.62
N LEU D 568 -3.63 -35.99 -95.70
CA LEU D 568 -3.63 -35.21 -96.93
C LEU D 568 -3.29 -33.75 -96.64
N SER D 569 -2.65 -33.11 -97.60
CA SER D 569 -2.44 -31.67 -97.55
C SER D 569 -2.63 -31.08 -98.94
N PHE D 570 -2.96 -29.79 -98.99
CA PHE D 570 -3.05 -29.08 -100.26
C PHE D 570 -1.94 -28.04 -100.31
N LEU D 571 -1.37 -27.85 -101.49
CA LEU D 571 -0.32 -26.87 -101.68
C LEU D 571 -0.93 -25.64 -102.33
N ALA D 572 -1.10 -24.59 -101.53
CA ALA D 572 -1.78 -23.39 -101.97
C ALA D 572 -0.77 -22.28 -102.23
N PRO D 573 -0.90 -21.57 -103.35
CA PRO D 573 0.03 -20.47 -103.63
C PRO D 573 0.00 -19.42 -102.54
N CYS D 574 1.19 -19.04 -102.05
CA CYS D 574 1.28 -17.95 -101.11
C CYS D 574 0.85 -16.65 -101.78
N SER D 575 0.22 -15.77 -101.02
CA SER D 575 -0.08 -14.44 -101.53
C SER D 575 1.21 -13.72 -101.87
N SER D 576 1.09 -12.59 -102.58
CA SER D 576 2.27 -11.82 -102.93
C SER D 576 3.03 -11.41 -101.68
N VAL D 577 2.33 -10.80 -100.72
CA VAL D 577 2.99 -10.28 -99.53
C VAL D 577 3.58 -11.42 -98.71
N GLU D 578 2.82 -12.50 -98.51
CA GLU D 578 3.32 -13.61 -97.70
C GLU D 578 4.51 -14.30 -98.35
N HIS D 579 4.44 -14.52 -99.67
CA HIS D 579 5.55 -15.16 -100.38
C HIS D 579 6.81 -14.31 -100.29
N LEU D 580 6.67 -13.00 -100.46
CA LEU D 580 7.84 -12.13 -100.30
C LEU D 580 8.35 -12.16 -98.86
N TYR D 581 7.44 -12.12 -97.89
CA TYR D 581 7.84 -12.03 -96.49
C TYR D 581 8.57 -13.28 -96.02
N LEU D 582 8.08 -14.45 -96.43
CA LEU D 582 8.70 -15.71 -96.02
C LEU D 582 10.11 -15.88 -96.57
N VAL D 583 10.48 -15.14 -97.60
CA VAL D 583 11.84 -15.14 -98.15
C VAL D 583 12.55 -13.91 -97.60
N PRO D 584 13.79 -14.02 -97.12
CA PRO D 584 14.52 -12.83 -96.66
C PRO D 584 14.62 -11.76 -97.74
N GLY D 585 14.44 -10.50 -97.36
CA GLY D 585 14.40 -9.43 -98.34
C GLY D 585 15.70 -9.25 -99.10
N GLU D 586 16.81 -9.70 -98.50
CA GLU D 586 18.10 -9.61 -99.18
C GLU D 586 18.13 -10.44 -100.44
N HIS D 587 17.56 -11.65 -100.40
CA HIS D 587 17.48 -12.51 -101.57
C HIS D 587 16.57 -11.94 -102.65
N LEU D 588 15.67 -11.02 -102.30
CA LEU D 588 14.84 -10.37 -103.31
C LEU D 588 15.68 -9.50 -104.23
N LEU D 589 16.87 -9.09 -103.78
CA LEU D 589 17.77 -8.34 -104.63
C LEU D 589 18.30 -9.17 -105.80
N THR D 590 18.25 -10.50 -105.69
CA THR D 590 18.71 -11.38 -106.74
C THR D 590 17.61 -11.79 -107.70
N VAL D 591 16.38 -11.34 -107.48
CA VAL D 591 15.25 -11.64 -108.35
C VAL D 591 14.89 -10.37 -109.10
N ASP D 592 14.61 -10.51 -110.41
CA ASP D 592 14.37 -9.39 -111.31
C ASP D 592 13.43 -8.34 -110.72
N GLU D 593 13.75 -7.07 -110.98
CA GLU D 593 12.98 -5.98 -110.39
C GLU D 593 11.53 -5.97 -110.89
N SER D 594 11.32 -6.22 -112.18
CA SER D 594 9.97 -6.29 -112.71
C SER D 594 9.20 -7.49 -112.19
N VAL D 595 9.89 -8.52 -111.71
CA VAL D 595 9.25 -9.66 -111.07
C VAL D 595 8.84 -9.35 -109.63
N ILE D 596 9.66 -8.63 -108.87
CA ILE D 596 9.25 -8.22 -107.53
C ILE D 596 7.98 -7.40 -107.58
N CYS D 597 7.90 -6.44 -108.50
CA CYS D 597 6.69 -5.66 -108.70
C CYS D 597 6.77 -4.99 -110.06
N ASP D 598 5.62 -4.42 -110.47
CA ASP D 598 5.56 -3.77 -111.78
C ASP D 598 6.30 -2.44 -111.76
N ASP D 599 6.20 -1.69 -110.66
CA ASP D 599 6.89 -0.41 -110.52
C ASP D 599 8.31 -0.67 -110.03
N VAL D 600 9.30 -0.46 -110.91
CA VAL D 600 10.68 -0.79 -110.57
C VAL D 600 11.17 0.07 -109.41
N ASP D 601 10.88 1.36 -109.43
CA ASP D 601 11.26 2.22 -108.30
C ASP D 601 10.51 1.80 -107.05
N GLY D 602 9.19 1.59 -107.17
CA GLY D 602 8.44 1.03 -106.07
C GLY D 602 8.97 -0.33 -105.65
N ALA D 603 9.38 -1.15 -106.62
CA ALA D 603 9.93 -2.47 -106.28
C ALA D 603 11.19 -2.33 -105.43
N SER D 604 12.08 -1.40 -105.80
CA SER D 604 13.29 -1.19 -105.03
C SER D 604 12.96 -0.70 -103.63
N ASP D 605 12.00 0.23 -103.51
CA ASP D 605 11.59 0.70 -102.20
C ASP D 605 11.05 -0.43 -101.33
N ILE D 606 10.22 -1.29 -101.92
CA ILE D 606 9.63 -2.39 -101.16
C ILE D 606 10.70 -3.42 -100.79
N VAL D 607 11.67 -3.63 -101.68
CA VAL D 607 12.78 -4.54 -101.36
C VAL D 607 13.57 -4.02 -100.17
N SER D 608 13.84 -2.71 -100.14
CA SER D 608 14.51 -2.14 -98.99
C SER D 608 13.67 -2.30 -97.73
N LEU D 609 12.35 -2.06 -97.83
CA LEU D 609 11.47 -2.25 -96.68
C LEU D 609 11.53 -3.68 -96.17
N ILE D 610 11.45 -4.67 -97.06
CA ILE D 610 11.42 -6.05 -96.61
C ILE D 610 12.78 -6.50 -96.09
N GLN D 611 13.87 -5.93 -96.62
CA GLN D 611 15.17 -6.16 -96.02
C GLN D 611 15.21 -5.65 -94.58
N CYS D 612 14.66 -4.47 -94.35
CA CYS D 612 14.56 -3.96 -92.97
C CYS D 612 13.67 -4.85 -92.11
N LEU D 613 12.58 -5.34 -92.69
CA LEU D 613 11.66 -6.20 -91.94
C LEU D 613 12.36 -7.49 -91.50
N HIS D 614 13.09 -8.12 -92.41
CA HIS D 614 13.85 -9.32 -92.06
C HIS D 614 14.94 -9.00 -91.05
N MET D 615 15.58 -7.83 -91.19
CA MET D 615 16.57 -7.39 -90.22
C MET D 615 15.99 -7.33 -88.82
N ILE D 616 14.78 -6.78 -88.69
CA ILE D 616 14.12 -6.70 -87.39
C ILE D 616 13.73 -8.09 -86.90
N ALA D 617 13.21 -8.91 -87.82
CA ALA D 617 12.72 -10.23 -87.43
C ALA D 617 13.84 -11.14 -86.95
N ASP D 618 15.05 -10.95 -87.48
CA ASP D 618 16.17 -11.79 -87.05
C ASP D 618 16.46 -11.62 -85.56
N TYR D 619 16.02 -10.52 -84.95
CA TYR D 619 16.24 -10.29 -83.53
C TYR D 619 14.96 -10.37 -82.71
N ILE D 620 13.80 -10.15 -83.33
CA ILE D 620 12.52 -10.28 -82.63
C ILE D 620 12.12 -11.74 -82.61
N THR D 621 11.75 -12.22 -81.42
CA THR D 621 11.41 -13.62 -81.20
C THR D 621 9.94 -13.76 -80.82
N GLU D 622 9.52 -15.00 -80.61
CA GLU D 622 8.13 -15.27 -80.28
C GLU D 622 7.83 -14.95 -78.82
N ASP D 623 8.84 -15.08 -77.94
CA ASP D 623 8.65 -14.68 -76.55
C ASP D 623 8.41 -13.18 -76.45
N MET D 624 9.07 -12.40 -77.30
CA MET D 624 8.76 -10.98 -77.42
C MET D 624 7.29 -10.79 -77.75
N ALA D 625 6.76 -11.59 -78.69
CA ALA D 625 5.36 -11.48 -79.05
C ALA D 625 4.45 -11.86 -77.88
N TYR D 626 4.83 -12.90 -77.11
CA TYR D 626 4.00 -13.31 -75.98
C TYR D 626 3.94 -12.22 -74.92
N GLN D 627 5.08 -11.63 -74.58
CA GLN D 627 5.09 -10.58 -73.56
C GLN D 627 4.43 -9.31 -74.08
N MET D 628 4.49 -9.06 -75.40
CA MET D 628 3.74 -7.96 -75.98
C MET D 628 2.23 -8.20 -75.85
N GLU D 629 1.80 -9.44 -76.10
CA GLU D 629 0.39 -9.77 -75.93
C GLU D 629 -0.06 -9.58 -74.50
N SER D 630 0.75 -10.02 -73.54
CA SER D 630 0.40 -9.81 -72.13
C SER D 630 0.39 -8.33 -71.77
N ALA D 631 1.32 -7.57 -72.33
CA ALA D 631 1.36 -6.12 -72.11
C ALA D 631 0.11 -5.44 -72.64
N CYS D 632 -0.40 -5.89 -73.79
CA CYS D 632 -1.66 -5.36 -74.28
C CYS D 632 -2.84 -5.84 -73.43
N CYS D 633 -2.82 -7.09 -72.99
CA CYS D 633 -3.93 -7.64 -72.21
C CYS D 633 -4.10 -6.93 -70.87
N HIS D 634 -3.05 -6.85 -70.08
CA HIS D 634 -3.16 -6.02 -68.90
C HIS D 634 -2.92 -4.56 -69.28
N PRO D 635 -3.33 -3.59 -68.44
CA PRO D 635 -3.35 -2.19 -68.91
C PRO D 635 -2.04 -1.71 -69.50
N GLN D 636 -2.02 -1.55 -70.82
CA GLN D 636 -0.99 -0.83 -71.56
C GLN D 636 -1.42 -0.69 -73.00
N SER D 637 -1.26 0.48 -73.57
CA SER D 637 -1.72 0.55 -74.96
C SER D 637 -0.70 -0.09 -75.89
N PRO D 638 -1.14 -0.64 -77.02
CA PRO D 638 -0.20 -1.23 -77.98
C PRO D 638 0.83 -0.23 -78.48
N GLU D 639 0.50 1.06 -78.58
CA GLU D 639 1.51 2.04 -78.94
C GLU D 639 2.61 2.11 -77.88
N ARG D 640 2.22 2.09 -76.60
CA ARG D 640 3.22 2.06 -75.53
C ARG D 640 4.02 0.76 -75.57
N VAL D 641 3.38 -0.36 -75.86
CA VAL D 641 4.11 -1.62 -75.92
C VAL D 641 5.13 -1.59 -77.07
N ALA D 642 4.73 -1.04 -78.22
CA ALA D 642 5.65 -0.92 -79.34
C ALA D 642 6.80 0.02 -79.01
N GLU D 643 6.51 1.13 -78.32
CA GLU D 643 7.57 2.01 -77.86
C GLU D 643 8.55 1.26 -76.98
N GLN D 644 8.04 0.46 -76.05
CA GLN D 644 8.91 -0.30 -75.16
C GLN D 644 9.74 -1.32 -75.93
N ILE D 645 9.14 -1.96 -76.94
CA ILE D 645 9.87 -2.94 -77.75
C ILE D 645 11.02 -2.27 -78.49
N LEU D 646 10.74 -1.15 -79.15
CA LEU D 646 11.79 -0.45 -79.87
C LEU D 646 12.84 0.10 -78.92
N GLU D 647 12.41 0.53 -77.73
CA GLU D 647 13.35 1.03 -76.73
C GLU D 647 14.28 -0.07 -76.24
N ASP D 648 13.74 -1.29 -76.03
CA ASP D 648 14.59 -2.42 -75.69
C ASP D 648 15.57 -2.73 -76.81
N LEU D 649 15.09 -2.72 -78.06
CA LEU D 649 15.96 -3.00 -79.19
C LEU D 649 17.09 -1.98 -79.28
N ILE D 650 16.79 -0.70 -79.05
CA ILE D 650 17.82 0.32 -79.10
C ILE D 650 18.77 0.20 -77.92
N ALA D 651 18.23 -0.09 -76.73
CA ALA D 651 19.07 -0.23 -75.55
C ALA D 651 20.00 -1.43 -75.67
N ASN D 652 19.66 -2.40 -76.51
CA ASN D 652 20.52 -3.55 -76.75
C ASN D 652 21.57 -3.28 -77.83
N ASP D 653 21.91 -2.02 -78.06
CA ASP D 653 22.85 -1.69 -79.12
C ASP D 653 24.27 -2.15 -78.78
N ILE D 654 24.85 -2.93 -79.69
CA ILE D 654 26.25 -3.34 -79.61
C ILE D 654 26.92 -3.03 -80.94
N ASP D 655 26.10 -2.86 -81.98
CA ASP D 655 26.60 -2.61 -83.33
C ASP D 655 25.91 -1.41 -83.95
N ASN D 656 24.92 -0.86 -83.24
CA ASN D 656 24.08 0.22 -83.76
C ASN D 656 23.39 -0.21 -85.05
N ILE D 657 22.53 -1.23 -84.97
CA ILE D 657 21.83 -1.72 -86.15
C ILE D 657 20.85 -0.67 -86.67
N MET D 658 20.48 0.30 -85.83
CA MET D 658 19.65 1.39 -86.32
C MET D 658 20.33 2.17 -87.43
N GLU D 659 21.67 2.25 -87.39
CA GLU D 659 22.39 2.92 -88.47
C GLU D 659 22.29 2.15 -89.77
N ASN D 660 22.37 0.81 -89.71
CA ASN D 660 22.15 -0.01 -90.91
C ASN D 660 20.74 0.18 -91.44
N ILE D 661 19.76 0.22 -90.54
CA ILE D 661 18.37 0.39 -90.97
C ILE D 661 18.19 1.74 -91.64
N GLN D 662 18.79 2.79 -91.06
CA GLN D 662 18.70 4.12 -91.65
C GLN D 662 19.38 4.18 -93.01
N ASN D 663 20.53 3.51 -93.15
CA ASN D 663 21.21 3.44 -94.44
C ASN D 663 20.32 2.78 -95.48
N LYS D 664 19.66 1.68 -95.10
CA LYS D 664 18.72 1.06 -96.02
C LYS D 664 17.54 1.98 -96.31
N LEU D 665 17.17 2.83 -95.35
CA LEU D 665 16.05 3.75 -95.55
C LEU D 665 16.38 4.83 -96.57
N GLN D 666 17.61 5.35 -96.55
CA GLN D 666 17.95 6.33 -97.59
C GLN D 666 17.85 5.74 -98.99
N ASP D 667 17.99 4.42 -99.13
CA ASP D 667 17.73 3.79 -100.41
C ASP D 667 16.28 3.93 -100.83
N ILE D 668 15.38 4.17 -99.87
CA ILE D 668 13.96 4.36 -100.17
C ILE D 668 13.73 5.84 -100.44
N ARG D 669 13.04 6.15 -101.53
CA ARG D 669 12.74 7.53 -101.90
C ARG D 669 11.34 7.85 -101.41
N ASN D 670 11.25 8.77 -100.45
CA ASN D 670 9.98 9.22 -99.89
C ASN D 670 9.21 8.04 -99.33
N PRO D 671 9.64 7.48 -98.20
CA PRO D 671 9.06 6.20 -97.73
C PRO D 671 7.55 6.20 -97.57
N ILE D 672 6.89 7.35 -97.65
CA ILE D 672 5.43 7.36 -97.59
C ILE D 672 4.85 6.57 -98.76
N GLN D 673 5.44 6.74 -99.95
CA GLN D 673 4.99 5.98 -101.12
C GLN D 673 5.12 4.48 -100.88
N ALA D 674 6.26 4.05 -100.33
CA ALA D 674 6.48 2.62 -100.15
C ALA D 674 5.57 2.04 -99.07
N ILE D 675 5.36 2.77 -97.98
CA ILE D 675 4.50 2.24 -96.91
C ILE D 675 3.06 2.20 -97.36
N SER D 676 2.61 3.21 -98.11
CA SER D 676 1.27 3.15 -98.67
C SER D 676 1.15 2.06 -99.71
N PHE D 677 2.26 1.73 -100.38
CA PHE D 677 2.26 0.62 -101.32
C PHE D 677 2.08 -0.71 -100.59
N LEU D 678 2.72 -0.86 -99.43
CA LEU D 678 2.43 -2.04 -98.60
C LEU D 678 0.99 -2.03 -98.15
N LEU D 679 0.46 -0.86 -97.82
CA LEU D 679 -0.94 -0.76 -97.42
C LEU D 679 -1.86 -1.29 -98.52
N GLN D 680 -1.63 -0.87 -99.76
CA GLN D 680 -2.48 -1.32 -100.86
C GLN D 680 -2.21 -2.78 -101.21
N ASN D 681 -0.98 -3.24 -101.04
CA ASN D 681 -0.66 -4.64 -101.27
C ASN D 681 -1.31 -5.57 -100.26
N MET D 682 -1.59 -5.09 -99.04
CA MET D 682 -2.30 -5.89 -98.06
C MET D 682 -3.81 -5.66 -98.08
N ASP D 683 -4.28 -4.54 -98.65
CA ASP D 683 -5.71 -4.26 -98.66
C ASP D 683 -6.46 -5.25 -99.53
N TYR D 684 -7.17 -6.18 -98.89
CA TYR D 684 -8.08 -7.08 -99.59
C TYR D 684 -9.39 -7.13 -98.84
N GLU D 685 -9.43 -6.48 -97.68
CA GLU D 685 -10.63 -6.43 -96.84
C GLU D 685 -11.23 -5.04 -96.92
N THR D 686 -12.54 -4.98 -97.17
CA THR D 686 -13.24 -3.71 -97.31
C THR D 686 -14.42 -3.70 -96.35
N ASN D 687 -14.84 -2.48 -96.00
CA ASN D 687 -15.96 -2.32 -95.09
C ASN D 687 -17.28 -2.59 -95.81
N MET D 688 -17.74 -3.83 -95.73
CA MET D 688 -19.08 -4.16 -96.19
C MET D 688 -19.76 -5.03 -95.14
N ASP D 689 -21.05 -4.80 -94.95
CA ASP D 689 -21.86 -5.59 -94.04
C ASP D 689 -22.57 -6.68 -94.82
N MET D 690 -22.15 -7.93 -94.63
CA MET D 690 -22.86 -9.07 -95.19
C MET D 690 -23.53 -9.82 -94.05
N GLU D 691 -24.84 -9.72 -94.00
CA GLU D 691 -25.67 -10.42 -93.02
C GLU D 691 -26.01 -11.80 -93.59
N GLN D 692 -26.95 -12.55 -93.02
CA GLN D 692 -27.32 -13.86 -93.56
C GLN D 692 -28.40 -13.73 -94.62
N SER D 693 -28.53 -12.55 -95.22
CA SER D 693 -29.43 -12.37 -96.34
C SER D 693 -28.88 -13.09 -97.57
N GLN D 694 -29.57 -14.13 -98.02
CA GLN D 694 -29.08 -14.94 -99.13
C GLN D 694 -29.04 -14.12 -100.42
N HIS D 695 -27.94 -14.25 -101.14
CA HIS D 695 -27.78 -13.65 -102.45
C HIS D 695 -28.33 -14.59 -103.52
N ASN D 696 -28.53 -14.05 -104.71
CA ASN D 696 -29.08 -14.83 -105.81
C ASN D 696 -28.00 -15.73 -106.38
N VAL D 697 -28.25 -17.05 -106.34
CA VAL D 697 -27.26 -18.00 -106.84
C VAL D 697 -27.15 -17.87 -108.36
N ARG D 698 -25.94 -17.96 -108.85
CA ARG D 698 -25.65 -17.89 -110.28
C ARG D 698 -25.05 -19.19 -110.80
N LEU D 699 -24.28 -19.89 -109.99
CA LEU D 699 -23.87 -21.26 -110.24
C LEU D 699 -24.31 -22.13 -109.07
N ASN D 700 -24.14 -23.44 -109.22
CA ASN D 700 -24.18 -24.35 -108.09
C ASN D 700 -22.86 -24.34 -107.32
N LEU D 701 -21.86 -23.62 -107.83
CA LEU D 701 -20.64 -23.38 -107.07
C LEU D 701 -20.94 -22.55 -105.82
N SER D 702 -22.09 -21.88 -105.78
CA SER D 702 -22.49 -21.18 -104.56
C SER D 702 -22.67 -22.15 -103.41
N THR D 703 -23.30 -23.29 -103.64
CA THR D 703 -23.41 -24.32 -102.64
C THR D 703 -22.23 -25.29 -102.66
N LEU D 704 -21.37 -25.20 -103.67
CA LEU D 704 -20.23 -26.09 -103.76
C LEU D 704 -19.18 -25.73 -102.72
N TYR D 705 -18.50 -26.76 -102.21
CA TYR D 705 -17.41 -26.64 -101.24
C TYR D 705 -17.93 -26.24 -99.86
N GLY D 706 -17.16 -26.55 -98.82
CA GLY D 706 -17.58 -26.32 -97.45
C GLY D 706 -17.32 -27.54 -96.60
N SER D 707 -16.61 -28.50 -97.17
CA SER D 707 -16.34 -29.76 -96.49
C SER D 707 -15.42 -29.54 -95.29
N VAL D 708 -15.25 -30.61 -94.51
CA VAL D 708 -14.41 -30.55 -93.32
C VAL D 708 -12.95 -30.34 -93.70
N THR D 709 -12.52 -30.93 -94.81
CA THR D 709 -11.17 -30.66 -95.31
C THR D 709 -10.99 -29.19 -95.64
N ALA D 710 -12.00 -28.60 -96.30
CA ALA D 710 -11.96 -27.16 -96.57
C ALA D 710 -11.90 -26.37 -95.27
N SER D 711 -12.66 -26.79 -94.26
CA SER D 711 -12.63 -26.09 -92.98
C SER D 711 -11.25 -26.15 -92.34
N SER D 712 -10.63 -27.33 -92.35
CA SER D 712 -9.30 -27.48 -91.77
C SER D 712 -8.27 -26.64 -92.51
N VAL D 713 -8.32 -26.67 -93.85
CA VAL D 713 -7.38 -25.89 -94.64
C VAL D 713 -7.57 -24.40 -94.39
N VAL D 714 -8.83 -23.95 -94.33
CA VAL D 714 -9.12 -22.54 -94.11
C VAL D 714 -8.64 -22.10 -92.72
N CYS D 715 -8.86 -22.92 -91.70
CA CYS D 715 -8.43 -22.56 -90.36
C CYS D 715 -6.91 -22.52 -90.25
N GLN D 716 -6.22 -23.49 -90.84
CA GLN D 716 -4.76 -23.43 -90.88
C GLN D 716 -4.28 -22.18 -91.60
N ALA D 717 -4.89 -21.86 -92.74
CA ALA D 717 -4.46 -20.71 -93.53
C ALA D 717 -4.69 -19.41 -92.77
N ILE D 718 -5.85 -19.28 -92.10
CA ILE D 718 -6.13 -18.04 -91.39
C ILE D 718 -5.23 -17.90 -90.19
N TYR D 719 -4.92 -19.01 -89.51
CA TYR D 719 -3.91 -18.96 -88.44
C TYR D 719 -2.58 -18.47 -88.98
N LYS D 720 -2.14 -19.04 -90.10
CA LYS D 720 -0.83 -18.68 -90.67
C LYS D 720 -0.80 -17.22 -91.10
N ILE D 721 -1.85 -16.75 -91.78
CA ILE D 721 -1.86 -15.38 -92.27
C ILE D 721 -2.01 -14.41 -91.11
N SER D 722 -2.76 -14.80 -90.07
CA SER D 722 -2.85 -13.98 -88.88
C SER D 722 -1.49 -13.79 -88.25
N ALA D 723 -0.72 -14.88 -88.15
CA ALA D 723 0.62 -14.77 -87.59
C ALA D 723 1.53 -13.90 -88.47
N THR D 724 1.48 -14.11 -89.78
CA THR D 724 2.35 -13.35 -90.68
C THR D 724 2.03 -11.87 -90.66
N ARG D 725 0.74 -11.53 -90.79
CA ARG D 725 0.33 -10.13 -90.72
C ARG D 725 0.59 -9.54 -89.34
N PHE D 726 0.51 -10.37 -88.30
CA PHE D 726 0.87 -9.95 -86.95
C PHE D 726 2.31 -9.45 -86.92
N LEU D 727 3.25 -10.29 -87.40
CA LEU D 727 4.65 -9.91 -87.41
C LEU D 727 4.87 -8.69 -88.30
N ILE D 728 4.23 -8.66 -89.46
CA ILE D 728 4.45 -7.58 -90.42
C ILE D 728 3.97 -6.25 -89.86
N CYS D 729 2.77 -6.24 -89.26
CA CYS D 729 2.25 -5.00 -88.69
C CYS D 729 3.07 -4.54 -87.50
N ARG D 730 3.53 -5.49 -86.66
CA ARG D 730 4.39 -5.09 -85.54
C ARG D 730 5.66 -4.44 -86.04
N ASP D 731 6.30 -5.04 -87.05
CA ASP D 731 7.50 -4.45 -87.63
C ASP D 731 7.22 -3.10 -88.24
N LEU D 732 6.05 -2.95 -88.89
CA LEU D 732 5.69 -1.67 -89.49
C LEU D 732 5.55 -0.58 -88.43
N LEU D 733 4.88 -0.89 -87.32
CA LEU D 733 4.73 0.10 -86.26
C LEU D 733 6.08 0.45 -85.65
N ILE D 734 6.94 -0.55 -85.44
CA ILE D 734 8.27 -0.29 -84.88
C ILE D 734 9.07 0.62 -85.81
N LEU D 735 9.03 0.34 -87.11
CA LEU D 735 9.75 1.16 -88.07
C LEU D 735 9.19 2.58 -88.12
N GLN D 736 7.87 2.71 -88.07
CA GLN D 736 7.24 4.03 -88.05
C GLN D 736 7.75 4.85 -86.86
N HIS D 737 7.69 4.28 -85.66
CA HIS D 737 8.13 5.00 -84.47
C HIS D 737 9.62 5.32 -84.54
N LEU D 738 10.43 4.37 -85.00
CA LEU D 738 11.88 4.60 -85.09
C LEU D 738 12.19 5.74 -86.05
N LEU D 739 11.56 5.74 -87.23
CA LEU D 739 11.81 6.80 -88.20
C LEU D 739 11.31 8.14 -87.69
N LEU D 740 10.19 8.14 -86.97
CA LEU D 740 9.69 9.39 -86.39
C LEU D 740 10.66 9.95 -85.36
N ARG D 741 11.25 9.08 -84.54
CA ARG D 741 12.15 9.57 -83.49
C ARG D 741 13.51 9.96 -84.06
N LEU D 742 13.94 9.32 -85.15
CA LEU D 742 15.26 9.63 -85.71
C LEU D 742 15.36 11.10 -86.14
N GLY D 743 14.37 11.60 -86.86
CA GLY D 743 14.44 12.97 -87.33
C GLY D 743 15.62 13.18 -88.26
N ASP D 744 16.20 14.37 -88.19
CA ASP D 744 17.33 14.70 -89.06
C ASP D 744 18.63 14.32 -88.39
N MET D 745 19.05 13.08 -88.61
CA MET D 745 20.35 12.61 -88.17
C MET D 745 21.17 12.21 -89.39
N ALA D 746 20.49 11.76 -90.44
CA ALA D 746 21.10 11.62 -91.75
C ALA D 746 20.10 12.03 -92.82
N LEU D 747 18.97 12.58 -92.40
CA LEU D 747 17.82 12.79 -93.27
C LEU D 747 17.69 14.26 -93.65
N VAL D 748 16.99 14.49 -94.75
CA VAL D 748 16.69 15.84 -95.22
C VAL D 748 15.21 15.91 -95.58
N GLY D 749 14.65 17.12 -95.56
CA GLY D 749 13.26 17.29 -95.86
C GLY D 749 12.31 16.64 -94.87
N ALA D 750 12.70 16.57 -93.59
CA ALA D 750 11.88 15.89 -92.61
C ALA D 750 10.72 16.75 -92.12
N GLY D 751 10.69 18.01 -92.54
CA GLY D 751 9.63 18.90 -92.10
C GLY D 751 8.24 18.41 -92.44
N GLN D 752 8.07 17.85 -93.65
CA GLN D 752 6.77 17.34 -94.05
C GLN D 752 6.59 15.88 -93.67
N LEU D 753 7.69 15.13 -93.61
CA LEU D 753 7.61 13.69 -93.39
C LEU D 753 7.04 13.36 -92.01
N LEU D 754 7.52 14.05 -90.97
CA LEU D 754 7.16 13.68 -89.60
C LEU D 754 5.67 13.90 -89.34
N HIS D 755 5.11 15.00 -89.85
CA HIS D 755 3.70 15.27 -89.64
C HIS D 755 2.83 14.18 -90.28
N SER D 756 3.21 13.72 -91.46
CA SER D 756 2.51 12.59 -92.07
C SER D 756 2.68 11.33 -91.23
N GLN D 757 3.84 11.14 -90.62
CA GLN D 757 4.04 10.01 -89.73
C GLN D 757 3.11 10.09 -88.52
N GLN D 758 2.94 11.29 -87.96
CA GLN D 758 2.01 11.48 -86.84
C GLN D 758 0.60 11.07 -87.22
N GLU D 759 0.18 11.34 -88.45
CA GLU D 759 -1.15 10.96 -88.91
C GLU D 759 -1.26 9.48 -89.23
N LEU D 760 -0.20 8.89 -89.78
CA LEU D 760 -0.25 7.49 -90.18
C LEU D 760 -0.05 6.53 -89.01
N ILE D 761 0.48 7.01 -87.88
CA ILE D 761 0.66 6.14 -86.72
C ILE D 761 -0.66 5.61 -86.17
N PRO D 762 -1.69 6.43 -85.90
CA PRO D 762 -2.94 5.87 -85.36
C PRO D 762 -3.62 4.87 -86.29
N ARG D 763 -3.55 5.10 -87.60
CA ARG D 763 -4.21 4.19 -88.53
C ARG D 763 -3.54 2.83 -88.53
N ALA D 764 -2.20 2.82 -88.57
CA ALA D 764 -1.47 1.57 -88.45
C ALA D 764 -1.71 0.94 -87.09
N ALA D 765 -1.92 1.75 -86.06
CA ALA D 765 -2.22 1.20 -84.74
C ALA D 765 -3.56 0.46 -84.75
N GLN D 766 -4.57 1.05 -85.36
CA GLN D 766 -5.87 0.37 -85.44
C GLN D 766 -5.80 -0.87 -86.33
N LEU D 767 -5.01 -0.81 -87.40
CA LEU D 767 -4.81 -1.99 -88.23
C LEU D 767 -4.14 -3.11 -87.44
N LEU D 768 -3.11 -2.77 -86.66
CA LEU D 768 -2.47 -3.73 -85.77
C LEU D 768 -3.46 -4.26 -84.75
N LEU D 769 -4.37 -3.40 -84.27
CA LEU D 769 -5.39 -3.85 -83.32
C LEU D 769 -6.30 -4.89 -83.94
N SER D 770 -6.74 -4.65 -85.17
CA SER D 770 -7.59 -5.63 -85.87
C SER D 770 -6.83 -6.93 -86.11
N TYR D 771 -5.57 -6.85 -86.54
CA TYR D 771 -4.82 -8.06 -86.84
C TYR D 771 -4.44 -8.81 -85.58
N TYR D 772 -4.19 -8.10 -84.48
CA TYR D 772 -4.05 -8.75 -83.19
C TYR D 772 -5.34 -9.45 -82.80
N MET D 773 -6.48 -8.80 -83.06
CA MET D 773 -7.76 -9.44 -82.80
C MET D 773 -7.86 -10.77 -83.53
N ILE D 774 -7.52 -10.78 -84.83
CA ILE D 774 -7.70 -11.99 -85.62
C ILE D 774 -6.68 -13.06 -85.21
N ARG D 775 -5.45 -12.65 -84.91
CA ARG D 775 -4.44 -13.61 -84.48
C ARG D 775 -4.80 -14.22 -83.13
N TRP D 776 -5.29 -13.38 -82.21
CA TRP D 776 -5.76 -13.86 -80.92
C TRP D 776 -6.89 -14.86 -81.10
N GLY D 777 -7.84 -14.55 -81.99
CA GLY D 777 -8.94 -15.46 -82.24
C GLY D 777 -8.47 -16.79 -82.81
N SER D 778 -7.54 -16.74 -83.77
CA SER D 778 -6.92 -17.96 -84.28
C SER D 778 -6.21 -18.75 -83.21
N GLN D 779 -5.64 -18.08 -82.20
CA GLN D 779 -5.02 -18.75 -81.08
C GLN D 779 -6.02 -19.25 -80.04
N CYS D 780 -7.26 -18.77 -80.08
CA CYS D 780 -8.24 -19.13 -79.06
C CYS D 780 -8.82 -20.52 -79.30
N LEU D 781 -8.79 -21.34 -78.26
CA LEU D 781 -9.47 -22.64 -78.30
C LEU D 781 -10.96 -22.46 -78.06
N ALA D 782 -11.71 -23.49 -78.44
CA ALA D 782 -13.16 -23.49 -78.24
C ALA D 782 -13.58 -24.84 -77.69
N CYS D 783 -14.61 -24.83 -76.83
CA CYS D 783 -15.04 -26.05 -76.18
C CYS D 783 -16.07 -26.80 -77.02
N ALA D 784 -16.29 -28.06 -76.64
CA ALA D 784 -17.30 -28.90 -77.27
C ALA D 784 -18.66 -28.59 -76.66
N VAL D 785 -19.53 -27.96 -77.44
CA VAL D 785 -20.83 -27.52 -76.95
C VAL D 785 -21.92 -28.26 -77.72
N PRO D 786 -22.94 -28.77 -77.04
CA PRO D 786 -23.99 -29.52 -77.74
C PRO D 786 -24.68 -28.70 -78.82
N VAL D 787 -24.98 -29.36 -79.93
CA VAL D 787 -25.72 -28.70 -81.01
C VAL D 787 -27.11 -28.31 -80.53
N ASP D 788 -27.64 -29.02 -79.53
CA ASP D 788 -28.90 -28.63 -78.93
C ASP D 788 -28.82 -27.24 -78.33
N LEU D 789 -27.79 -26.99 -77.51
CA LEU D 789 -27.59 -25.67 -76.94
C LEU D 789 -27.28 -24.64 -78.03
N LEU D 790 -26.53 -25.06 -79.06
CA LEU D 790 -26.25 -24.17 -80.18
C LEU D 790 -27.54 -23.66 -80.84
N GLU D 791 -28.47 -24.59 -81.11
CA GLU D 791 -29.71 -24.20 -81.79
C GLU D 791 -30.65 -23.46 -80.84
N SER D 792 -30.59 -23.77 -79.55
CA SER D 792 -31.36 -22.98 -78.58
C SER D 792 -30.90 -21.53 -78.56
N ASN D 793 -29.57 -21.33 -78.56
CA ASN D 793 -29.04 -19.97 -78.65
C ASN D 793 -29.44 -19.31 -79.97
N LEU D 794 -29.43 -20.08 -81.06
CA LEU D 794 -29.89 -19.54 -82.34
C LEU D 794 -31.33 -19.05 -82.26
N GLN D 795 -32.23 -19.86 -81.68
CA GLN D 795 -33.63 -19.48 -81.57
C GLN D 795 -33.79 -18.24 -80.69
N HIS D 796 -33.08 -18.19 -79.57
CA HIS D 796 -33.17 -17.03 -78.69
C HIS D 796 -32.69 -15.76 -79.38
N LEU D 797 -31.58 -15.85 -80.12
CA LEU D 797 -31.07 -14.70 -80.84
C LEU D 797 -32.03 -14.25 -81.93
N SER D 798 -32.62 -15.20 -82.67
CA SER D 798 -33.60 -14.84 -83.69
C SER D 798 -34.81 -14.17 -83.06
N VAL D 799 -35.25 -14.65 -81.90
CA VAL D 799 -36.37 -14.01 -81.21
C VAL D 799 -36.02 -12.58 -80.80
N LEU D 800 -34.81 -12.38 -80.27
CA LEU D 800 -34.39 -11.04 -79.86
C LEU D 800 -33.96 -10.16 -81.03
N GLU D 801 -33.98 -10.68 -82.26
CA GLU D 801 -33.68 -9.90 -83.45
C GLU D 801 -32.25 -9.40 -83.45
N LEU D 802 -31.32 -10.36 -83.39
CA LEU D 802 -29.93 -10.13 -83.71
C LEU D 802 -29.40 -11.08 -84.76
N SER D 803 -30.20 -12.07 -85.17
CA SER D 803 -29.78 -13.05 -86.15
C SER D 803 -31.01 -13.60 -86.85
N ASP D 804 -30.78 -14.17 -88.03
CA ASP D 804 -31.81 -14.85 -88.82
C ASP D 804 -31.31 -16.25 -89.13
N SER D 805 -32.16 -17.25 -88.91
CA SER D 805 -31.73 -18.65 -88.98
C SER D 805 -31.31 -19.03 -90.39
N GLN D 806 -30.18 -19.71 -90.49
CA GLN D 806 -29.66 -20.24 -91.74
C GLN D 806 -28.83 -21.48 -91.42
N VAL D 807 -29.26 -22.64 -91.92
CA VAL D 807 -28.63 -23.91 -91.60
C VAL D 807 -28.35 -24.69 -92.88
N GLU D 808 -27.08 -25.04 -93.10
CA GLU D 808 -26.70 -25.94 -94.18
C GLU D 808 -26.10 -27.22 -93.62
N LYS D 809 -24.99 -27.07 -92.88
CA LYS D 809 -24.29 -28.19 -92.26
C LYS D 809 -23.40 -27.66 -91.13
N ARG D 810 -23.71 -28.05 -89.91
CA ARG D 810 -22.95 -27.64 -88.73
C ARG D 810 -22.12 -28.81 -88.23
N ARG D 811 -20.83 -28.56 -88.02
CA ARG D 811 -19.92 -29.59 -87.56
C ARG D 811 -19.19 -29.11 -86.32
N TYR D 812 -18.87 -30.07 -85.45
CA TYR D 812 -17.98 -29.85 -84.32
C TYR D 812 -16.82 -30.84 -84.44
N THR D 813 -15.59 -30.33 -84.38
CA THR D 813 -14.41 -31.13 -84.65
C THR D 813 -14.15 -32.13 -83.52
N SER D 814 -13.42 -33.20 -83.83
CA SER D 814 -13.05 -34.18 -82.82
C SER D 814 -11.58 -34.01 -82.46
N GLY D 815 -10.80 -33.46 -83.39
CA GLY D 815 -9.41 -33.16 -83.12
C GLY D 815 -9.26 -31.82 -82.43
N ILE D 816 -8.34 -30.99 -82.92
CA ILE D 816 -8.17 -29.65 -82.37
C ILE D 816 -9.41 -28.82 -82.67
N GLN D 817 -9.90 -28.12 -81.65
CA GLN D 817 -11.05 -27.24 -81.80
C GLN D 817 -10.65 -25.83 -81.38
N THR D 818 -10.97 -24.86 -82.23
CA THR D 818 -10.68 -23.46 -81.96
C THR D 818 -11.91 -22.64 -82.32
N ILE D 819 -11.96 -21.42 -81.80
CA ILE D 819 -13.11 -20.56 -82.08
C ILE D 819 -13.16 -20.20 -83.55
N VAL D 820 -12.02 -20.21 -84.24
CA VAL D 820 -12.04 -19.98 -85.69
C VAL D 820 -12.68 -21.17 -86.40
N GLU D 821 -12.40 -22.38 -85.95
CA GLU D 821 -13.07 -23.56 -86.50
C GLU D 821 -14.57 -23.50 -86.23
N LEU D 822 -14.95 -23.09 -85.03
CA LEU D 822 -16.36 -22.97 -84.70
C LEU D 822 -17.04 -21.92 -85.58
N PHE D 823 -16.39 -20.76 -85.78
CA PHE D 823 -16.99 -19.76 -86.65
C PHE D 823 -17.11 -20.26 -88.07
N PHE D 824 -16.09 -20.95 -88.59
CA PHE D 824 -16.22 -21.52 -89.92
C PHE D 824 -17.46 -22.40 -90.00
N GLU D 825 -17.48 -23.46 -89.19
CA GLU D 825 -18.56 -24.44 -89.29
C GLU D 825 -19.91 -23.83 -88.96
N ASP D 826 -19.94 -22.72 -88.25
CA ASP D 826 -21.17 -22.16 -87.73
C ASP D 826 -21.75 -21.06 -88.61
N VAL D 827 -20.87 -20.33 -89.33
CA VAL D 827 -21.28 -19.18 -90.13
C VAL D 827 -20.87 -19.36 -91.59
N GLY D 828 -19.59 -19.66 -91.84
CA GLY D 828 -19.08 -19.58 -93.20
C GLY D 828 -19.65 -20.66 -94.11
N ARG D 829 -19.85 -21.86 -93.56
CA ARG D 829 -20.41 -22.94 -94.35
C ARG D 829 -21.80 -22.59 -94.85
N LYS D 830 -22.62 -21.99 -93.98
CA LYS D 830 -23.96 -21.56 -94.39
C LYS D 830 -23.89 -20.31 -95.26
N HIS D 831 -22.83 -19.53 -95.12
CA HIS D 831 -22.70 -18.24 -95.78
C HIS D 831 -22.00 -18.34 -97.13
N PHE D 832 -21.56 -19.54 -97.52
CA PHE D 832 -20.90 -19.70 -98.82
C PHE D 832 -21.75 -19.22 -99.99
N PRO D 833 -23.03 -19.58 -100.13
CA PRO D 833 -23.77 -19.11 -101.32
C PRO D 833 -23.84 -17.60 -101.42
N GLN D 834 -23.93 -16.89 -100.30
CA GLN D 834 -23.91 -15.44 -100.37
C GLN D 834 -22.55 -14.92 -100.81
N VAL D 835 -21.48 -15.42 -100.21
CA VAL D 835 -20.13 -15.02 -100.61
C VAL D 835 -19.89 -15.44 -102.06
N PHE D 836 -20.33 -16.64 -102.43
CA PHE D 836 -20.11 -17.13 -103.78
C PHE D 836 -20.85 -16.27 -104.80
N ALA D 837 -22.09 -15.89 -104.50
CA ALA D 837 -22.85 -15.07 -105.43
C ALA D 837 -22.28 -13.65 -105.51
N HIS D 838 -21.85 -13.10 -104.37
CA HIS D 838 -21.18 -11.81 -104.40
C HIS D 838 -19.89 -11.87 -105.20
N LEU D 839 -19.17 -12.99 -105.11
CA LEU D 839 -17.94 -13.17 -105.88
C LEU D 839 -18.24 -13.30 -107.37
N PHE D 840 -19.34 -13.99 -107.70
CA PHE D 840 -19.79 -14.03 -109.09
C PHE D 840 -20.11 -12.63 -109.59
N ILE D 841 -20.70 -11.80 -108.75
CA ILE D 841 -20.91 -10.40 -109.09
C ILE D 841 -19.58 -9.68 -109.29
N GLN D 842 -18.63 -9.91 -108.38
CA GLN D 842 -17.43 -9.10 -108.32
C GLN D 842 -16.45 -9.44 -109.45
N SER D 843 -16.26 -10.72 -109.74
CA SER D 843 -15.25 -11.13 -110.70
C SER D 843 -15.73 -12.38 -111.41
N GLY D 844 -14.95 -12.83 -112.39
CA GLY D 844 -15.31 -13.96 -113.21
C GLY D 844 -15.03 -15.30 -112.57
N SER D 845 -15.57 -15.51 -111.37
CA SER D 845 -15.54 -16.83 -110.74
C SER D 845 -16.79 -17.63 -111.06
N SER D 846 -17.74 -17.05 -111.79
CA SER D 846 -18.96 -17.72 -112.19
C SER D 846 -18.80 -18.48 -113.50
N GLN D 847 -17.55 -18.75 -113.90
CA GLN D 847 -17.30 -19.50 -115.13
C GLN D 847 -17.79 -20.92 -114.96
N VAL D 848 -18.58 -21.39 -115.92
CA VAL D 848 -19.03 -22.78 -115.88
C VAL D 848 -17.85 -23.72 -116.05
N HIS D 849 -16.98 -23.44 -117.02
CA HIS D 849 -15.82 -24.26 -117.27
C HIS D 849 -14.62 -23.36 -117.57
N ARG D 850 -13.47 -23.73 -117.02
CA ARG D 850 -12.24 -22.98 -117.21
C ARG D 850 -11.10 -23.75 -116.58
N SER D 851 -9.89 -23.21 -116.71
CA SER D 851 -8.76 -23.65 -115.92
C SER D 851 -8.85 -22.95 -114.57
N LEU D 852 -9.15 -23.71 -113.52
CA LEU D 852 -9.47 -23.16 -112.21
C LEU D 852 -8.42 -22.15 -111.74
N ASN D 853 -8.83 -20.90 -111.55
CA ASN D 853 -7.97 -19.91 -110.91
C ASN D 853 -8.05 -20.13 -109.41
N TRP D 854 -7.45 -21.23 -108.98
CA TRP D 854 -7.40 -21.58 -107.57
C TRP D 854 -6.86 -20.42 -106.75
N ALA D 855 -5.80 -19.77 -107.25
CA ALA D 855 -5.15 -18.70 -106.51
C ALA D 855 -6.13 -17.58 -106.17
N ASP D 856 -6.65 -16.89 -107.19
CA ASP D 856 -7.49 -15.73 -106.92
C ASP D 856 -8.83 -16.15 -106.34
N LEU D 857 -9.31 -17.35 -106.65
CA LEU D 857 -10.52 -17.84 -106.04
C LEU D 857 -10.38 -17.92 -104.52
N ILE D 858 -9.32 -18.57 -104.05
CA ILE D 858 -9.07 -18.65 -102.61
C ILE D 858 -8.76 -17.28 -102.03
N HIS D 859 -8.07 -16.43 -102.80
CA HIS D 859 -7.82 -15.07 -102.35
C HIS D 859 -9.13 -14.37 -102.00
N ARG D 860 -10.09 -14.41 -102.92
CA ARG D 860 -11.37 -13.74 -102.69
C ARG D 860 -12.14 -14.39 -101.57
N ILE D 861 -12.14 -15.72 -101.50
CA ILE D 861 -12.89 -16.41 -100.45
C ILE D 861 -12.34 -16.03 -99.08
N THR D 862 -11.01 -16.08 -98.92
CA THR D 862 -10.40 -15.73 -97.65
C THR D 862 -10.61 -14.25 -97.32
N SER D 863 -10.57 -13.40 -98.35
CA SER D 863 -10.79 -11.97 -98.12
C SER D 863 -12.20 -11.71 -97.60
N TYR D 864 -13.21 -12.37 -98.17
CA TYR D 864 -14.57 -12.16 -97.70
C TYR D 864 -14.81 -12.80 -96.35
N LEU D 865 -14.12 -13.91 -96.05
CA LEU D 865 -14.20 -14.45 -94.71
C LEU D 865 -13.60 -13.48 -93.69
N LEU D 866 -12.48 -12.87 -94.02
CA LEU D 866 -11.85 -11.93 -93.10
C LEU D 866 -12.63 -10.63 -93.03
N GLN D 867 -13.43 -10.34 -94.07
CA GLN D 867 -14.35 -9.21 -93.99
C GLN D 867 -15.53 -9.54 -93.08
N LEU D 868 -16.03 -10.77 -93.14
CA LEU D 868 -17.00 -11.26 -92.17
C LEU D 868 -16.51 -11.14 -90.75
N LEU D 869 -15.26 -11.53 -90.50
CA LEU D 869 -14.64 -11.44 -89.18
C LEU D 869 -14.10 -10.05 -88.88
N TRP D 870 -14.15 -9.12 -89.83
CA TRP D 870 -13.53 -7.82 -89.64
C TRP D 870 -14.34 -6.98 -88.66
N PRO D 871 -13.77 -6.58 -87.53
CA PRO D 871 -14.55 -5.77 -86.57
C PRO D 871 -14.85 -4.37 -87.09
N SER D 872 -13.90 -3.75 -87.79
CA SER D 872 -14.17 -2.44 -88.37
C SER D 872 -15.24 -2.52 -89.45
N ASN D 873 -15.38 -3.67 -90.10
CA ASN D 873 -16.50 -3.87 -90.99
C ASN D 873 -17.78 -3.93 -90.16
N PRO D 874 -18.92 -3.53 -90.73
CA PRO D 874 -20.17 -3.50 -89.96
C PRO D 874 -20.65 -4.89 -89.56
N ASN D 875 -19.86 -5.91 -89.91
CA ASN D 875 -20.18 -7.29 -89.63
C ASN D 875 -20.11 -7.55 -88.13
N PHE D 876 -20.92 -8.50 -87.66
CA PHE D 876 -20.96 -8.89 -86.27
C PHE D 876 -21.09 -10.41 -86.13
N GLN D 877 -20.88 -11.13 -87.23
CA GLN D 877 -21.06 -12.58 -87.26
C GLN D 877 -20.13 -13.28 -86.27
N PHE D 878 -18.96 -12.71 -86.03
CA PHE D 878 -18.08 -13.17 -84.97
C PHE D 878 -18.77 -13.19 -83.60
N ALA D 879 -19.37 -12.08 -83.19
CA ALA D 879 -20.02 -12.05 -81.89
C ALA D 879 -21.28 -12.91 -81.89
N GLU D 880 -21.96 -12.98 -83.02
CA GLU D 880 -23.13 -13.84 -83.15
C GLU D 880 -22.76 -15.30 -82.95
N CYS D 881 -21.62 -15.73 -83.52
CA CYS D 881 -21.19 -17.10 -83.35
C CYS D 881 -20.71 -17.37 -81.92
N LEU D 882 -20.06 -16.37 -81.30
CA LEU D 882 -19.68 -16.53 -79.89
C LEU D 882 -20.90 -16.72 -79.00
N MET D 883 -21.99 -16.02 -79.32
CA MET D 883 -23.25 -16.30 -78.63
C MET D 883 -23.73 -17.71 -78.92
N ARG D 884 -23.78 -18.09 -80.20
CA ARG D 884 -24.41 -19.34 -80.60
C ARG D 884 -23.71 -20.54 -79.98
N ASN D 885 -22.38 -20.55 -80.03
CA ASN D 885 -21.57 -21.66 -79.55
C ASN D 885 -21.37 -21.66 -78.05
N CYS D 886 -22.13 -20.84 -77.33
CA CYS D 886 -22.04 -20.71 -75.87
C CYS D 886 -20.67 -20.29 -75.40
N GLN D 887 -19.84 -19.77 -76.31
CA GLN D 887 -18.49 -19.34 -75.95
C GLN D 887 -18.54 -18.02 -75.20
N TYR D 888 -19.17 -18.01 -74.02
CA TYR D 888 -19.30 -16.77 -73.26
C TYR D 888 -17.94 -16.26 -72.81
N THR D 889 -17.06 -17.14 -72.35
CA THR D 889 -15.74 -16.68 -71.92
C THR D 889 -14.97 -16.06 -73.06
N GLN D 890 -14.99 -16.73 -74.22
CA GLN D 890 -14.42 -16.16 -75.43
C GLN D 890 -15.06 -14.82 -75.75
N LEU D 891 -16.35 -14.70 -75.46
CA LEU D 891 -17.04 -13.43 -75.64
C LEU D 891 -16.41 -12.30 -74.84
N GLN D 892 -16.32 -12.46 -73.52
CA GLN D 892 -15.79 -11.36 -72.74
C GLN D 892 -14.33 -11.08 -73.09
N GLU D 893 -13.54 -12.12 -73.38
CA GLU D 893 -12.15 -11.85 -73.72
C GLU D 893 -12.06 -11.09 -75.05
N TYR D 894 -12.88 -11.47 -76.03
CA TYR D 894 -12.98 -10.74 -77.28
C TYR D 894 -13.33 -9.28 -77.04
N VAL D 895 -14.40 -9.04 -76.28
CA VAL D 895 -14.92 -7.68 -76.14
C VAL D 895 -13.94 -6.83 -75.34
N ARG D 896 -13.29 -7.41 -74.34
CA ARG D 896 -12.27 -6.67 -73.61
C ARG D 896 -11.10 -6.32 -74.51
N LEU D 897 -10.74 -7.22 -75.43
CA LEU D 897 -9.66 -6.90 -76.35
C LEU D 897 -10.07 -5.81 -77.33
N LEU D 898 -11.36 -5.73 -77.65
CA LEU D 898 -11.85 -4.85 -78.71
C LEU D 898 -12.24 -3.45 -78.22
N LEU D 899 -12.89 -3.37 -77.06
CA LEU D 899 -13.58 -2.14 -76.67
C LEU D 899 -12.71 -0.87 -76.59
N PRO D 900 -11.56 -0.85 -75.91
CA PRO D 900 -10.90 0.45 -75.65
C PRO D 900 -10.43 1.14 -76.91
N TRP D 901 -10.32 0.40 -78.01
CA TRP D 901 -9.88 1.00 -79.27
C TRP D 901 -11.01 1.01 -80.29
N CYS D 902 -12.06 0.23 -80.04
CA CYS D 902 -13.23 0.18 -80.91
C CYS D 902 -14.38 0.87 -80.21
N GLN D 903 -14.69 2.09 -80.63
CA GLN D 903 -15.76 2.89 -80.03
C GLN D 903 -17.06 2.78 -80.80
N VAL D 904 -17.26 1.66 -81.50
CA VAL D 904 -18.52 1.36 -82.15
C VAL D 904 -18.99 0.00 -81.64
N ASN D 905 -20.30 -0.21 -81.69
CA ASN D 905 -20.96 -1.39 -81.12
C ASN D 905 -20.73 -1.51 -79.62
N VAL D 906 -20.38 -0.40 -78.96
CA VAL D 906 -20.06 -0.44 -77.53
C VAL D 906 -21.30 -0.79 -76.71
N GLY D 907 -22.47 -0.32 -77.14
CA GLY D 907 -23.71 -0.69 -76.47
C GLY D 907 -23.95 -2.18 -76.52
N SER D 908 -23.76 -2.79 -77.70
CA SER D 908 -23.90 -4.23 -77.81
C SER D 908 -22.87 -4.95 -76.95
N CYS D 909 -21.64 -4.42 -76.92
CA CYS D 909 -20.60 -5.01 -76.05
C CYS D 909 -21.08 -5.06 -74.62
N HIS D 910 -21.53 -3.92 -74.09
CA HIS D 910 -22.05 -3.87 -72.73
C HIS D 910 -23.22 -4.82 -72.58
N PHE D 911 -24.03 -4.95 -73.64
CA PHE D 911 -25.16 -5.86 -73.62
C PHE D 911 -24.73 -7.29 -73.31
N MET D 912 -23.95 -7.89 -74.20
CA MET D 912 -23.69 -9.32 -74.00
C MET D 912 -22.69 -9.56 -72.87
N LEU D 913 -21.91 -8.54 -72.51
CA LEU D 913 -21.16 -8.63 -71.27
C LEU D 913 -22.08 -8.74 -70.07
N ALA D 914 -23.13 -7.92 -70.02
CA ALA D 914 -24.13 -8.05 -68.99
C ALA D 914 -24.84 -9.40 -69.08
N GLN D 915 -24.98 -9.91 -70.30
CA GLN D 915 -25.53 -11.25 -70.47
C GLN D 915 -24.70 -12.29 -69.73
N CYS D 916 -23.39 -12.24 -69.90
CA CYS D 916 -22.52 -13.15 -69.16
C CYS D 916 -22.61 -12.89 -67.66
N TYR D 917 -22.72 -11.62 -67.27
CA TYR D 917 -22.81 -11.30 -65.84
C TYR D 917 -24.05 -11.91 -65.20
N LEU D 918 -25.20 -11.79 -65.85
CA LEU D 918 -26.40 -12.44 -65.36
C LEU D 918 -26.26 -13.95 -65.42
N VAL D 919 -25.59 -14.47 -66.44
CA VAL D 919 -25.40 -15.91 -66.56
C VAL D 919 -24.63 -16.44 -65.35
N ALA D 920 -23.55 -15.77 -64.97
CA ALA D 920 -22.73 -16.23 -63.88
C ALA D 920 -23.26 -15.82 -62.51
N GLY D 921 -24.22 -14.89 -62.46
CA GLY D 921 -24.80 -14.51 -61.19
C GLY D 921 -24.30 -13.19 -60.65
N GLU D 922 -23.90 -12.27 -61.52
CA GLU D 922 -23.51 -10.91 -61.14
C GLU D 922 -24.35 -9.94 -61.96
N GLY D 923 -25.65 -10.19 -61.93
CA GLY D 923 -26.60 -9.37 -62.66
C GLY D 923 -26.57 -7.91 -62.30
N HIS D 924 -25.97 -7.55 -61.16
CA HIS D 924 -25.85 -6.13 -60.84
C HIS D 924 -24.75 -5.46 -61.66
N LYS D 925 -23.60 -6.12 -61.84
CA LYS D 925 -22.67 -5.63 -62.85
C LYS D 925 -23.30 -5.69 -64.24
N ALA D 926 -24.16 -6.69 -64.48
CA ALA D 926 -24.91 -6.70 -65.73
C ALA D 926 -25.77 -5.45 -65.89
N LEU D 927 -26.44 -5.05 -64.80
CA LEU D 927 -27.30 -3.87 -64.84
C LEU D 927 -26.50 -2.63 -65.12
N ASP D 928 -25.31 -2.52 -64.53
CA ASP D 928 -24.47 -1.35 -64.82
C ASP D 928 -23.99 -1.37 -66.27
N CYS D 929 -23.71 -2.57 -66.81
CA CYS D 929 -23.35 -2.65 -68.22
C CYS D 929 -24.46 -2.12 -69.10
N PHE D 930 -25.70 -2.54 -68.84
CA PHE D 930 -26.84 -1.98 -69.57
C PHE D 930 -26.98 -0.48 -69.33
N SER D 931 -26.74 -0.03 -68.11
CA SER D 931 -26.83 1.40 -67.80
C SER D 931 -25.89 2.21 -68.68
N GLN D 932 -24.67 1.71 -68.86
CA GLN D 932 -23.72 2.42 -69.72
C GLN D 932 -24.03 2.22 -71.20
N ALA D 933 -24.65 1.09 -71.54
CA ALA D 933 -24.94 0.80 -72.94
C ALA D 933 -26.07 1.67 -73.48
N ALA D 934 -26.97 2.12 -72.61
CA ALA D 934 -28.19 2.79 -73.07
C ALA D 934 -27.91 4.13 -73.72
N SER D 935 -26.70 4.66 -73.60
CA SER D 935 -26.43 6.02 -74.05
C SER D 935 -26.47 6.13 -75.58
N GLU D 936 -25.79 5.23 -76.29
CA GLU D 936 -25.76 5.25 -77.76
C GLU D 936 -26.26 3.92 -78.29
N VAL D 937 -27.35 3.95 -79.05
CA VAL D 937 -27.92 2.76 -79.64
C VAL D 937 -28.25 3.04 -81.11
N GLU D 938 -27.97 4.26 -81.55
CA GLU D 938 -28.47 4.72 -82.85
C GLU D 938 -27.94 3.88 -84.01
N ARG D 939 -26.65 3.59 -84.00
CA ARG D 939 -26.06 2.78 -85.04
C ARG D 939 -26.15 1.29 -84.71
N GLU D 940 -25.41 0.47 -85.47
CA GLU D 940 -25.46 -0.98 -85.31
C GLU D 940 -26.87 -1.52 -85.56
N ASP D 941 -27.23 -1.62 -86.84
CA ASP D 941 -28.52 -2.18 -87.25
C ASP D 941 -28.96 -3.34 -86.35
N PHE D 942 -28.03 -4.17 -85.89
CA PHE D 942 -28.36 -5.15 -84.87
C PHE D 942 -29.02 -4.49 -83.66
N LEU D 943 -28.42 -3.41 -83.16
CA LEU D 943 -29.04 -2.67 -82.06
C LEU D 943 -30.35 -2.04 -82.49
N GLU D 944 -30.40 -1.46 -83.69
CA GLU D 944 -31.61 -0.80 -84.14
C GLU D 944 -32.78 -1.78 -84.20
N LYS D 945 -32.49 -3.04 -84.52
CA LYS D 945 -33.53 -4.07 -84.46
C LYS D 945 -34.16 -4.14 -83.08
N LEU D 946 -33.37 -3.89 -82.03
CA LEU D 946 -33.90 -3.91 -80.67
C LEU D 946 -34.72 -2.67 -80.36
N ILE D 947 -34.73 -1.67 -81.24
CA ILE D 947 -35.76 -0.65 -81.19
C ILE D 947 -36.99 -1.09 -81.98
N ARG D 948 -36.82 -1.96 -82.97
CA ARG D 948 -37.92 -2.58 -83.69
C ARG D 948 -38.50 -3.79 -82.97
N VAL D 949 -37.89 -4.25 -81.89
CA VAL D 949 -38.53 -5.22 -81.01
C VAL D 949 -39.52 -4.56 -80.08
N GLU D 950 -39.56 -3.22 -80.06
CA GLU D 950 -40.50 -2.44 -79.26
C GLU D 950 -41.03 -1.30 -80.13
N GLU D 951 -42.10 -1.56 -80.86
CA GLU D 951 -42.68 -0.58 -81.76
C GLU D 951 -43.98 -0.01 -81.17
N GLY D 952 -44.57 0.92 -81.92
CA GLY D 952 -45.77 1.62 -81.50
C GLY D 952 -45.52 2.91 -80.75
N GLU D 953 -44.29 3.11 -80.27
CA GLU D 953 -43.94 4.34 -79.57
C GLU D 953 -42.46 4.59 -79.72
N SER D 954 -42.08 5.86 -79.76
CA SER D 954 -40.69 6.25 -79.93
C SER D 954 -40.37 7.43 -79.00
N VAL D 955 -40.80 7.33 -77.74
CA VAL D 955 -40.49 8.38 -76.77
C VAL D 955 -38.99 8.55 -76.63
N SER D 956 -38.25 7.45 -76.65
CA SER D 956 -36.79 7.48 -76.66
C SER D 956 -36.30 6.08 -76.99
N PRO D 957 -35.27 5.96 -77.84
CA PRO D 957 -34.64 4.65 -78.02
C PRO D 957 -34.19 4.05 -76.70
N ARG D 958 -33.84 4.89 -75.74
CA ARG D 958 -33.65 4.43 -74.37
C ARG D 958 -34.90 3.72 -73.86
N LEU D 959 -36.09 4.17 -74.27
CA LEU D 959 -37.31 3.58 -73.75
C LEU D 959 -37.56 2.19 -74.35
N GLN D 960 -37.29 2.01 -75.65
CA GLN D 960 -37.37 0.65 -76.20
C GLN D 960 -36.30 -0.24 -75.59
N TYR D 961 -35.11 0.31 -75.35
CA TYR D 961 -34.09 -0.40 -74.59
C TYR D 961 -34.65 -0.85 -73.25
N TYR D 962 -35.34 0.05 -72.55
CA TYR D 962 -35.90 -0.24 -71.24
C TYR D 962 -36.94 -1.35 -71.34
N ASN D 963 -37.81 -1.27 -72.35
CA ASN D 963 -38.85 -2.28 -72.51
C ASN D 963 -38.24 -3.64 -72.80
N ARG D 964 -37.23 -3.69 -73.67
CA ARG D 964 -36.60 -4.98 -73.98
C ARG D 964 -35.88 -5.55 -72.77
N VAL D 965 -35.15 -4.71 -72.04
CA VAL D 965 -34.40 -5.22 -70.90
C VAL D 965 -35.36 -5.65 -69.80
N LEU D 966 -36.48 -4.93 -69.63
CA LEU D 966 -37.47 -5.35 -68.65
C LEU D 966 -38.16 -6.64 -69.09
N ARG D 967 -38.35 -6.80 -70.40
CA ARG D 967 -38.90 -8.05 -70.92
C ARG D 967 -37.99 -9.22 -70.59
N LEU D 968 -36.69 -9.05 -70.82
CA LEU D 968 -35.74 -10.11 -70.49
C LEU D 968 -35.65 -10.31 -68.98
N LEU D 969 -35.77 -9.21 -68.22
CA LEU D 969 -35.78 -9.31 -66.76
C LEU D 969 -36.97 -10.12 -66.27
N GLU D 970 -38.12 -9.99 -66.92
CA GLU D 970 -39.27 -10.80 -66.53
C GLU D 970 -39.14 -12.22 -67.07
N ASP D 971 -38.47 -12.40 -68.20
CA ASP D 971 -38.20 -13.75 -68.70
C ASP D 971 -37.32 -14.52 -67.73
N VAL D 972 -36.31 -13.86 -67.17
CA VAL D 972 -35.32 -14.55 -66.37
C VAL D 972 -35.63 -14.50 -64.87
N GLY D 973 -35.93 -13.31 -64.31
CA GLY D 973 -36.49 -13.19 -62.97
C GLY D 973 -35.72 -12.67 -61.76
N LEU D 974 -35.13 -11.47 -61.82
CA LEU D 974 -34.74 -10.73 -60.62
C LEU D 974 -35.68 -9.55 -60.43
N PRO D 975 -36.64 -9.65 -59.52
CA PRO D 975 -37.59 -8.56 -59.32
C PRO D 975 -36.95 -7.25 -58.88
N GLU D 976 -35.91 -7.29 -58.03
CA GLU D 976 -35.34 -6.03 -57.54
C GLU D 976 -34.55 -5.31 -58.62
N LEU D 977 -33.88 -6.07 -59.49
CA LEU D 977 -33.22 -5.45 -60.62
C LEU D 977 -34.23 -4.75 -61.51
N VAL D 978 -35.37 -5.41 -61.74
CA VAL D 978 -36.50 -4.76 -62.42
C VAL D 978 -36.89 -3.48 -61.70
N ILE D 979 -36.97 -3.55 -60.37
CA ILE D 979 -37.46 -2.42 -59.58
C ILE D 979 -36.57 -1.19 -59.79
N GLN D 980 -35.26 -1.36 -59.63
CA GLN D 980 -34.39 -0.21 -59.74
C GLN D 980 -34.26 0.25 -61.19
N LEU D 981 -34.21 -0.72 -62.12
CA LEU D 981 -34.18 -0.35 -63.53
C LEU D 981 -35.38 0.53 -63.89
N ALA D 982 -36.55 0.22 -63.33
CA ALA D 982 -37.72 1.03 -63.60
C ALA D 982 -37.66 2.38 -62.90
N THR D 983 -37.24 2.40 -61.63
CA THR D 983 -37.13 3.68 -60.92
C THR D 983 -36.19 4.62 -61.65
N ILE D 984 -35.27 4.06 -62.44
CA ILE D 984 -34.46 4.87 -63.33
C ILE D 984 -35.20 5.18 -64.63
N ALA D 985 -35.87 4.17 -65.19
CA ALA D 985 -36.47 4.27 -66.51
C ALA D 985 -37.62 5.25 -66.55
N ILE D 986 -38.09 5.68 -65.38
CA ILE D 986 -39.17 6.68 -65.34
C ILE D 986 -38.79 7.92 -66.12
N SER D 987 -37.50 8.18 -66.30
CA SER D 987 -37.05 9.39 -66.98
C SER D 987 -37.39 9.38 -68.46
N GLU D 988 -37.17 8.24 -69.14
CA GLU D 988 -37.31 8.22 -70.59
C GLU D 988 -38.73 7.90 -71.04
N ALA D 989 -39.66 7.73 -70.10
CA ALA D 989 -41.04 7.40 -70.39
C ALA D 989 -41.95 8.63 -70.32
N SER D 990 -41.48 9.78 -70.80
CA SER D 990 -42.18 11.05 -70.56
C SER D 990 -43.61 11.05 -71.09
N ASP D 991 -43.93 10.17 -72.04
CA ASP D 991 -45.24 10.13 -72.66
C ASP D 991 -45.90 8.78 -72.46
N ASP D 992 -47.08 8.61 -73.07
CA ASP D 992 -47.77 7.33 -73.08
C ASP D 992 -48.07 6.81 -71.68
N TRP D 993 -48.88 7.56 -70.92
CA TRP D 993 -49.13 7.29 -69.52
C TRP D 993 -49.47 5.83 -69.22
N ARG D 994 -49.91 5.08 -70.22
CA ARG D 994 -50.13 3.64 -70.03
C ARG D 994 -48.86 2.97 -69.55
N SER D 995 -47.73 3.34 -70.14
CA SER D 995 -46.44 2.79 -69.72
C SER D 995 -46.14 3.14 -68.27
N GLN D 996 -46.38 4.39 -67.88
CA GLN D 996 -46.13 4.81 -66.50
C GLN D 996 -46.99 4.00 -65.53
N ALA D 997 -48.26 3.84 -65.86
CA ALA D 997 -49.15 3.08 -65.00
C ALA D 997 -48.70 1.63 -64.90
N ALA D 998 -48.35 1.02 -66.03
CA ALA D 998 -47.93 -0.38 -66.02
C ALA D 998 -46.65 -0.55 -65.22
N LEU D 999 -45.72 0.39 -65.35
CA LEU D 999 -44.45 0.26 -64.64
C LEU D 999 -44.63 0.41 -63.14
N ARG D 1000 -45.38 1.42 -62.69
CA ARG D 1000 -45.59 1.52 -61.25
C ARG D 1000 -46.46 0.37 -60.74
N THR D 1001 -47.30 -0.19 -61.61
CA THR D 1001 -48.05 -1.38 -61.25
C THR D 1001 -47.11 -2.56 -61.00
N ARG D 1002 -46.10 -2.72 -61.86
CA ARG D 1002 -45.13 -3.79 -61.68
C ARG D 1002 -44.30 -3.55 -60.41
N ILE D 1003 -43.99 -2.28 -60.14
CA ILE D 1003 -43.32 -1.92 -58.88
C ILE D 1003 -44.15 -2.37 -57.70
N PHE D 1004 -45.44 -2.02 -57.72
CA PHE D 1004 -46.38 -2.48 -56.72
C PHE D 1004 -46.35 -4.00 -56.56
N LYS D 1005 -46.39 -4.73 -57.68
CA LYS D 1005 -46.53 -6.18 -57.59
C LYS D 1005 -45.28 -6.80 -56.98
N HIS D 1006 -44.09 -6.33 -57.39
CA HIS D 1006 -42.86 -6.87 -56.82
C HIS D 1006 -42.72 -6.49 -55.35
N HIS D 1007 -43.11 -5.26 -55.00
CA HIS D 1007 -43.05 -4.86 -53.60
C HIS D 1007 -43.92 -5.75 -52.75
N LEU D 1008 -45.10 -6.11 -53.25
CA LEU D 1008 -45.93 -7.05 -52.51
C LEU D 1008 -45.31 -8.44 -52.45
N ASP D 1009 -44.79 -8.91 -53.58
CA ASP D 1009 -44.19 -10.26 -53.62
C ASP D 1009 -43.09 -10.39 -52.58
N MET D 1010 -42.30 -9.33 -52.40
CA MET D 1010 -41.30 -9.35 -51.34
C MET D 1010 -41.82 -8.75 -50.03
N GLY D 1011 -43.11 -8.42 -49.95
CA GLY D 1011 -43.67 -7.88 -48.73
C GLY D 1011 -43.40 -6.42 -48.50
N HIS D 1012 -42.85 -5.72 -49.49
CA HIS D 1012 -42.52 -4.30 -49.37
C HIS D 1012 -43.79 -3.50 -49.60
N ASN D 1013 -44.73 -3.67 -48.68
CA ASN D 1013 -46.09 -3.23 -48.90
C ASN D 1013 -46.22 -1.71 -48.75
N SER D 1014 -45.37 -1.10 -47.92
CA SER D 1014 -45.46 0.34 -47.73
C SER D 1014 -45.20 1.09 -49.03
N GLN D 1015 -44.08 0.79 -49.68
CA GLN D 1015 -43.80 1.46 -50.94
C GLN D 1015 -44.48 0.77 -52.11
N ALA D 1016 -45.04 -0.42 -51.90
CA ALA D 1016 -46.06 -0.89 -52.83
C ALA D 1016 -47.23 0.09 -52.88
N TYR D 1017 -47.78 0.41 -51.71
CA TYR D 1017 -48.78 1.46 -51.58
C TYR D 1017 -48.32 2.77 -52.21
N ASP D 1018 -47.08 3.16 -51.93
CA ASP D 1018 -46.56 4.40 -52.49
C ASP D 1018 -46.58 4.38 -54.02
N ALA D 1019 -46.14 3.26 -54.62
CA ALA D 1019 -46.17 3.14 -56.08
C ALA D 1019 -47.59 3.16 -56.60
N LEU D 1020 -48.52 2.52 -55.87
CA LEU D 1020 -49.92 2.51 -56.29
C LEU D 1020 -50.49 3.92 -56.31
N THR D 1021 -50.09 4.75 -55.35
CA THR D 1021 -50.70 6.07 -55.21
C THR D 1021 -50.56 6.94 -56.46
N GLN D 1022 -49.61 6.63 -57.32
CA GLN D 1022 -49.46 7.35 -58.57
C GLN D 1022 -50.13 6.65 -59.75
N ILE D 1023 -51.11 5.81 -59.49
CA ILE D 1023 -51.89 5.17 -60.57
C ILE D 1023 -53.28 5.79 -60.60
N PRO D 1024 -53.59 6.63 -61.58
CA PRO D 1024 -54.97 7.15 -61.70
C PRO D 1024 -55.87 6.29 -62.57
N ASP D 1025 -55.27 5.45 -63.41
CA ASP D 1025 -56.05 4.59 -64.31
C ASP D 1025 -56.90 3.65 -63.49
N THR D 1026 -58.22 3.86 -63.52
CA THR D 1026 -59.11 3.16 -62.60
C THR D 1026 -59.20 1.67 -62.91
N SER D 1027 -59.05 1.27 -64.17
CA SER D 1027 -59.09 -0.16 -64.49
C SER D 1027 -57.91 -0.89 -63.85
N ARG D 1028 -56.70 -0.38 -64.07
CA ARG D 1028 -55.53 -0.94 -63.40
C ARG D 1028 -55.68 -0.82 -61.89
N GLN D 1029 -56.32 0.26 -61.43
CA GLN D 1029 -56.54 0.44 -59.99
C GLN D 1029 -57.40 -0.68 -59.44
N LEU D 1030 -58.45 -1.07 -60.19
CA LEU D 1030 -59.32 -2.14 -59.73
C LEU D 1030 -58.61 -3.49 -59.77
N ASP D 1031 -57.85 -3.75 -60.83
CA ASP D 1031 -57.04 -4.98 -60.88
C ASP D 1031 -56.12 -5.04 -59.67
N CYS D 1032 -55.44 -3.93 -59.38
CA CYS D 1032 -54.49 -3.88 -58.28
C CYS D 1032 -55.20 -4.01 -56.95
N LEU D 1033 -56.37 -3.40 -56.79
CA LEU D 1033 -57.11 -3.52 -55.53
C LEU D 1033 -57.55 -4.95 -55.29
N ARG D 1034 -58.01 -5.64 -56.34
CA ARG D 1034 -58.42 -7.04 -56.17
C ARG D 1034 -57.24 -7.91 -55.80
N GLN D 1035 -56.14 -7.83 -56.57
CA GLN D 1035 -54.97 -8.62 -56.24
C GLN D 1035 -54.39 -8.21 -54.88
N LEU D 1036 -54.55 -6.93 -54.52
CA LEU D 1036 -54.10 -6.41 -53.24
C LEU D 1036 -54.82 -7.07 -52.08
N VAL D 1037 -56.14 -7.08 -52.13
CA VAL D 1037 -56.89 -7.70 -51.04
C VAL D 1037 -56.64 -9.20 -51.02
N VAL D 1038 -56.47 -9.81 -52.20
CA VAL D 1038 -56.16 -11.24 -52.23
C VAL D 1038 -54.87 -11.53 -51.48
N VAL D 1039 -53.79 -10.81 -51.80
CA VAL D 1039 -52.51 -11.09 -51.17
C VAL D 1039 -52.51 -10.67 -49.71
N LEU D 1040 -53.24 -9.59 -49.38
CA LEU D 1040 -53.36 -9.18 -47.98
C LEU D 1040 -54.02 -10.29 -47.17
N CYS D 1041 -55.07 -10.90 -47.69
CA CYS D 1041 -55.69 -12.02 -46.99
C CYS D 1041 -54.75 -13.21 -46.92
N GLU D 1042 -54.04 -13.49 -48.00
CA GLU D 1042 -53.13 -14.64 -48.00
C GLU D 1042 -52.04 -14.48 -46.96
N ARG D 1043 -51.60 -13.24 -46.72
CA ARG D 1043 -50.49 -13.00 -45.82
C ARG D 1043 -50.91 -12.51 -44.45
N SER D 1044 -52.21 -12.24 -44.24
CA SER D 1044 -52.77 -11.78 -42.96
C SER D 1044 -52.16 -10.45 -42.50
N GLN D 1045 -52.03 -9.48 -43.40
CA GLN D 1045 -51.67 -8.11 -43.03
C GLN D 1045 -52.69 -7.08 -43.49
N LEU D 1046 -53.97 -7.41 -43.35
CA LEU D 1046 -55.01 -6.43 -43.69
C LEU D 1046 -54.94 -5.20 -42.80
N GLN D 1047 -54.63 -5.36 -41.51
CA GLN D 1047 -54.78 -4.27 -40.56
C GLN D 1047 -53.95 -3.07 -40.99
N ASP D 1048 -52.91 -3.31 -41.78
CA ASP D 1048 -52.09 -2.22 -42.27
C ASP D 1048 -52.85 -1.37 -43.27
N LEU D 1049 -53.59 -2.01 -44.17
CA LEU D 1049 -54.41 -1.28 -45.11
C LEU D 1049 -55.35 -0.33 -44.39
N VAL D 1050 -55.84 -0.73 -43.21
CA VAL D 1050 -56.69 0.13 -42.41
C VAL D 1050 -55.87 1.18 -41.67
N GLU D 1051 -54.72 0.79 -41.11
CA GLU D 1051 -53.87 1.72 -40.37
C GLU D 1051 -53.44 2.87 -41.25
N PHE D 1052 -53.48 2.69 -42.56
CA PHE D 1052 -53.30 3.83 -43.46
C PHE D 1052 -54.55 4.69 -43.41
N PRO D 1053 -54.43 5.97 -43.05
CA PRO D 1053 -55.59 6.87 -43.17
C PRO D 1053 -55.67 7.46 -44.57
N TYR D 1054 -56.89 7.80 -44.96
CA TYR D 1054 -57.13 8.41 -46.27
C TYR D 1054 -58.31 9.37 -46.18
N VAL D 1055 -58.78 9.81 -47.35
CA VAL D 1055 -59.98 10.61 -47.49
C VAL D 1055 -60.82 10.10 -48.65
N ASN D 1056 -62.12 9.95 -48.38
CA ASN D 1056 -63.20 9.82 -49.35
C ASN D 1056 -63.24 8.45 -50.04
N LEU D 1057 -62.51 7.46 -49.49
CA LEU D 1057 -62.34 6.18 -50.17
C LEU D 1057 -63.00 4.99 -49.47
N HIS D 1058 -63.65 5.13 -48.30
CA HIS D 1058 -64.09 3.89 -47.65
C HIS D 1058 -65.20 3.32 -48.48
N ASN D 1059 -65.92 4.17 -49.19
CA ASN D 1059 -66.92 3.69 -50.13
C ASN D 1059 -66.33 2.67 -51.08
N GLU D 1060 -65.19 3.02 -51.70
CA GLU D 1060 -64.50 2.09 -52.58
C GLU D 1060 -64.11 0.81 -51.85
N VAL D 1061 -63.44 0.97 -50.71
CA VAL D 1061 -62.87 -0.23 -50.06
C VAL D 1061 -63.97 -1.12 -49.51
N VAL D 1062 -65.03 -0.50 -48.96
CA VAL D 1062 -66.17 -1.25 -48.45
C VAL D 1062 -66.89 -1.96 -49.57
N GLY D 1063 -67.02 -1.30 -50.73
CA GLY D 1063 -67.57 -1.99 -51.87
C GLY D 1063 -66.76 -3.22 -52.23
N ILE D 1064 -65.44 -3.09 -52.26
CA ILE D 1064 -64.58 -4.21 -52.59
C ILE D 1064 -64.73 -5.33 -51.57
N ILE D 1065 -64.63 -4.97 -50.29
CA ILE D 1065 -64.60 -5.98 -49.23
C ILE D 1065 -65.95 -6.65 -49.09
N GLU D 1066 -67.04 -5.92 -49.31
CA GLU D 1066 -68.36 -6.55 -49.24
C GLU D 1066 -68.59 -7.43 -50.45
N SER D 1067 -68.11 -6.99 -51.62
CA SER D 1067 -68.14 -7.85 -52.79
C SER D 1067 -67.45 -9.17 -52.52
N ARG D 1068 -66.32 -9.12 -51.80
CA ARG D 1068 -65.62 -10.34 -51.47
C ARG D 1068 -66.34 -11.12 -50.35
N ALA D 1069 -66.83 -10.40 -49.33
CA ALA D 1069 -67.37 -11.05 -48.14
C ALA D 1069 -68.68 -11.76 -48.44
N ARG D 1070 -69.55 -11.12 -49.22
CA ARG D 1070 -70.77 -11.80 -49.64
C ARG D 1070 -70.45 -13.00 -50.53
N ALA D 1071 -69.48 -12.85 -51.43
CA ALA D 1071 -69.13 -13.90 -52.38
C ALA D 1071 -68.49 -15.11 -51.72
N VAL D 1072 -67.75 -14.92 -50.64
CA VAL D 1072 -66.99 -16.00 -50.03
C VAL D 1072 -67.76 -16.54 -48.84
N ASP D 1073 -67.33 -17.71 -48.36
CA ASP D 1073 -67.95 -18.34 -47.20
C ASP D 1073 -67.52 -17.63 -45.92
N LEU D 1074 -68.40 -17.66 -44.93
CA LEU D 1074 -68.17 -16.98 -43.65
C LEU D 1074 -67.17 -17.71 -42.76
N MET D 1075 -67.02 -19.01 -42.91
CA MET D 1075 -66.20 -19.81 -42.01
C MET D 1075 -64.71 -19.68 -42.31
N THR D 1076 -64.35 -19.11 -43.46
CA THR D 1076 -62.95 -18.81 -43.72
C THR D 1076 -62.46 -17.65 -42.87
N HIS D 1077 -63.24 -16.58 -42.80
CA HIS D 1077 -62.96 -15.48 -41.89
C HIS D 1077 -64.24 -14.67 -41.72
N ASN D 1078 -64.31 -13.98 -40.58
CA ASN D 1078 -65.38 -13.05 -40.31
C ASN D 1078 -64.97 -11.71 -40.89
N TYR D 1079 -65.11 -11.58 -42.21
CA TYR D 1079 -64.88 -10.29 -42.84
C TYR D 1079 -65.81 -9.26 -42.26
N TYR D 1080 -66.93 -9.72 -41.70
CA TYR D 1080 -67.85 -8.83 -41.00
C TYR D 1080 -67.20 -8.24 -39.76
N GLU D 1081 -66.50 -9.05 -38.95
CA GLU D 1081 -65.83 -8.48 -37.80
C GLU D 1081 -64.66 -7.61 -38.26
N LEU D 1082 -64.04 -7.99 -39.37
CA LEU D 1082 -63.01 -7.15 -39.98
C LEU D 1082 -63.56 -5.75 -40.24
N LEU D 1083 -64.66 -5.67 -40.98
CA LEU D 1083 -65.25 -4.39 -41.31
C LEU D 1083 -65.72 -3.69 -40.06
N TYR D 1084 -66.23 -4.44 -39.10
CA TYR D 1084 -66.68 -3.86 -37.83
C TYR D 1084 -65.53 -3.16 -37.14
N ALA D 1085 -64.37 -3.79 -37.10
CA ALA D 1085 -63.19 -3.16 -36.52
C ALA D 1085 -62.82 -1.91 -37.29
N PHE D 1086 -62.95 -1.95 -38.62
CA PHE D 1086 -62.77 -0.72 -39.39
C PHE D 1086 -63.75 0.36 -38.93
N HIS D 1087 -64.99 -0.04 -38.70
CA HIS D 1087 -65.98 0.91 -38.23
C HIS D 1087 -65.53 1.56 -36.95
N ILE D 1088 -65.00 0.75 -36.03
CA ILE D 1088 -64.44 1.26 -34.80
C ILE D 1088 -63.34 2.26 -35.11
N TYR D 1089 -62.47 1.90 -36.06
CA TYR D 1089 -61.39 2.78 -36.48
C TYR D 1089 -61.94 4.12 -36.97
N ARG D 1090 -63.13 4.12 -37.54
CA ARG D 1090 -63.70 5.33 -38.09
C ARG D 1090 -64.81 5.94 -37.25
N HIS D 1091 -64.94 5.52 -36.00
CA HIS D 1091 -65.77 6.24 -35.03
C HIS D 1091 -67.25 6.18 -35.37
N ASN D 1092 -67.62 5.27 -36.27
CA ASN D 1092 -68.97 5.18 -36.79
C ASN D 1092 -69.75 4.11 -36.03
N TYR D 1093 -70.26 4.52 -34.87
CA TYR D 1093 -71.05 3.64 -34.02
C TYR D 1093 -72.31 3.12 -34.70
N ARG D 1094 -73.03 3.95 -35.46
CA ARG D 1094 -74.21 3.44 -36.15
C ARG D 1094 -73.86 2.23 -37.01
N LYS D 1095 -72.98 2.43 -38.00
CA LYS D 1095 -72.67 1.36 -38.94
C LYS D 1095 -72.03 0.19 -38.24
N ALA D 1096 -71.18 0.45 -37.24
CA ALA D 1096 -70.57 -0.65 -36.50
C ALA D 1096 -71.63 -1.53 -35.85
N GLY D 1097 -72.54 -0.92 -35.08
CA GLY D 1097 -73.56 -1.71 -34.41
C GLY D 1097 -74.40 -2.48 -35.40
N THR D 1098 -74.75 -1.84 -36.52
CA THR D 1098 -75.51 -2.55 -37.54
C THR D 1098 -74.75 -3.76 -38.05
N VAL D 1099 -73.46 -3.59 -38.33
CA VAL D 1099 -72.65 -4.69 -38.85
C VAL D 1099 -72.64 -5.84 -37.86
N MET D 1100 -72.44 -5.53 -36.59
CA MET D 1100 -72.27 -6.62 -35.65
C MET D 1100 -73.60 -7.31 -35.38
N PHE D 1101 -74.67 -6.53 -35.33
CA PHE D 1101 -76.01 -7.10 -35.18
C PHE D 1101 -76.37 -7.99 -36.37
N GLU D 1102 -76.04 -7.54 -37.58
CA GLU D 1102 -76.38 -8.33 -38.75
C GLU D 1102 -75.52 -9.58 -38.84
N TYR D 1103 -74.30 -9.53 -38.33
CA TYR D 1103 -73.50 -10.75 -38.30
C TYR D 1103 -74.10 -11.73 -37.29
N GLY D 1104 -74.62 -11.21 -36.18
CA GLY D 1104 -75.43 -12.05 -35.30
C GLY D 1104 -76.64 -12.64 -36.00
N MET D 1105 -77.30 -11.82 -36.83
CA MET D 1105 -78.39 -12.31 -37.67
C MET D 1105 -77.94 -13.48 -38.53
N ARG D 1106 -76.81 -13.30 -39.22
CA ARG D 1106 -76.32 -14.33 -40.13
C ARG D 1106 -75.99 -15.60 -39.38
N LEU D 1107 -75.35 -15.46 -38.21
CA LEU D 1107 -75.03 -16.64 -37.41
C LEU D 1107 -76.29 -17.36 -36.96
N GLY D 1108 -77.29 -16.60 -36.49
CA GLY D 1108 -78.55 -17.21 -36.09
C GLY D 1108 -79.24 -17.92 -37.23
N ARG D 1109 -79.19 -17.34 -38.42
CA ARG D 1109 -79.74 -17.99 -39.61
C ARG D 1109 -78.99 -19.27 -39.94
N GLU D 1110 -77.67 -19.25 -39.82
CA GLU D 1110 -76.82 -20.32 -40.34
C GLU D 1110 -76.61 -21.45 -39.35
N VAL D 1111 -76.02 -21.18 -38.20
CA VAL D 1111 -75.53 -22.20 -37.29
C VAL D 1111 -76.51 -22.32 -36.13
N ARG D 1112 -76.48 -23.48 -35.45
CA ARG D 1112 -77.36 -23.69 -34.31
C ARG D 1112 -76.62 -24.28 -33.10
N THR D 1113 -75.33 -24.02 -32.93
CA THR D 1113 -74.59 -24.54 -31.79
C THR D 1113 -74.58 -23.53 -30.65
N LEU D 1114 -74.30 -24.03 -29.44
CA LEU D 1114 -74.27 -23.16 -28.27
C LEU D 1114 -73.08 -22.21 -28.31
N ARG D 1115 -71.96 -22.66 -28.88
CA ARG D 1115 -70.89 -21.73 -29.19
C ARG D 1115 -71.42 -20.59 -30.04
N GLY D 1116 -72.19 -20.92 -31.07
CA GLY D 1116 -72.84 -19.89 -31.85
C GLY D 1116 -73.73 -19.01 -31.02
N LEU D 1117 -74.43 -19.59 -30.03
CA LEU D 1117 -75.27 -18.80 -29.15
C LEU D 1117 -74.47 -17.75 -28.42
N GLN D 1118 -73.34 -18.16 -27.83
CA GLN D 1118 -72.42 -17.18 -27.26
C GLN D 1118 -72.05 -16.15 -28.29
N LYS D 1119 -71.86 -16.58 -29.55
CA LYS D 1119 -71.41 -15.66 -30.58
C LYS D 1119 -72.46 -14.58 -30.87
N GLN D 1120 -73.72 -14.97 -31.02
CA GLN D 1120 -74.74 -13.95 -31.25
C GLN D 1120 -74.91 -13.08 -30.02
N VAL D 1121 -74.69 -13.66 -28.84
CA VAL D 1121 -74.68 -12.87 -27.62
C VAL D 1121 -73.63 -11.78 -27.73
N ASN D 1122 -72.42 -12.12 -28.16
CA ASN D 1122 -71.39 -11.12 -28.33
C ASN D 1122 -71.76 -10.11 -29.41
N SER D 1123 -72.42 -10.59 -30.46
CA SER D 1123 -72.81 -9.71 -31.55
C SER D 1123 -73.77 -8.63 -31.07
N TYR D 1124 -74.81 -9.05 -30.37
CA TYR D 1124 -75.82 -8.12 -29.94
C TYR D 1124 -75.26 -7.22 -28.85
N LEU D 1125 -74.42 -7.82 -28.00
CA LEU D 1125 -73.57 -7.08 -27.08
C LEU D 1125 -72.90 -5.90 -27.76
N ALA D 1126 -72.11 -6.16 -28.80
CA ALA D 1126 -71.34 -5.09 -29.43
C ALA D 1126 -72.27 -4.09 -30.11
N CYS D 1127 -73.34 -4.57 -30.72
CA CYS D 1127 -74.30 -3.64 -31.31
C CYS D 1127 -74.80 -2.65 -30.27
N LEU D 1128 -75.21 -3.14 -29.09
CA LEU D 1128 -75.72 -2.23 -28.09
C LEU D 1128 -74.60 -1.44 -27.43
N ASN D 1129 -73.36 -1.90 -27.53
CA ASN D 1129 -72.26 -1.01 -27.22
C ASN D 1129 -72.30 0.21 -28.12
N CYS D 1130 -72.52 -0.01 -29.41
CA CYS D 1130 -72.71 1.14 -30.29
C CYS D 1130 -73.91 1.96 -29.88
N LEU D 1131 -74.96 1.30 -29.38
CA LEU D 1131 -76.08 2.01 -28.76
C LEU D 1131 -75.61 2.93 -27.65
N ARG D 1132 -74.64 2.49 -26.87
CA ARG D 1132 -74.10 3.36 -25.83
C ARG D 1132 -73.56 4.63 -26.42
N LEU D 1133 -73.25 4.63 -27.72
CA LEU D 1133 -72.75 5.81 -28.39
C LEU D 1133 -73.82 6.55 -29.15
N ILE D 1134 -74.89 5.89 -29.52
CA ILE D 1134 -75.90 6.50 -30.40
C ILE D 1134 -76.57 7.67 -29.68
N ARG D 1135 -76.83 8.75 -30.46
CA ARG D 1135 -77.48 9.96 -29.97
C ARG D 1135 -78.99 9.79 -30.05
N PRO D 1136 -79.72 10.29 -29.04
CA PRO D 1136 -81.16 9.99 -28.95
C PRO D 1136 -81.95 10.34 -30.21
N GLU D 1137 -81.54 11.36 -30.95
CA GLU D 1137 -82.27 11.70 -32.17
C GLU D 1137 -82.04 10.68 -33.27
N TYR D 1138 -81.39 9.56 -32.95
CA TYR D 1138 -81.11 8.52 -33.93
C TYR D 1138 -81.30 7.12 -33.36
N ALA D 1139 -82.10 6.99 -32.30
CA ALA D 1139 -82.18 5.76 -31.52
C ALA D 1139 -82.97 4.67 -32.23
N TRP D 1140 -82.42 4.14 -33.32
CA TRP D 1140 -83.10 3.20 -34.18
C TRP D 1140 -82.15 2.85 -35.31
N ILE D 1141 -82.43 1.78 -36.03
CA ILE D 1141 -81.63 1.38 -37.18
C ILE D 1141 -82.56 0.85 -38.25
N VAL D 1142 -82.05 0.82 -39.47
CA VAL D 1142 -82.73 0.14 -40.56
C VAL D 1142 -82.15 -1.28 -40.66
N GLN D 1143 -82.96 -2.22 -41.12
CA GLN D 1143 -82.44 -3.53 -41.52
C GLN D 1143 -83.33 -4.07 -42.64
N PRO D 1144 -82.81 -4.17 -43.84
CA PRO D 1144 -83.62 -4.73 -44.94
C PRO D 1144 -83.40 -6.22 -45.09
N VAL D 1145 -84.46 -6.90 -45.46
CA VAL D 1145 -84.39 -8.31 -45.82
C VAL D 1145 -84.16 -8.42 -47.32
N SER D 1146 -83.35 -9.41 -47.71
CA SER D 1146 -82.98 -9.57 -49.11
C SER D 1146 -82.63 -11.02 -49.37
N GLY D 1147 -82.26 -11.31 -50.62
CA GLY D 1147 -81.94 -12.67 -51.01
C GLY D 1147 -80.54 -13.09 -50.57
N ALA D 1148 -80.22 -14.34 -50.89
CA ALA D 1148 -78.94 -14.90 -50.49
C ALA D 1148 -77.80 -14.31 -51.31
N VAL D 1149 -76.57 -14.60 -50.88
CA VAL D 1149 -75.37 -14.10 -51.53
C VAL D 1149 -74.62 -15.27 -52.16
N TYR D 1150 -73.86 -14.98 -53.21
CA TYR D 1150 -73.09 -15.99 -53.93
C TYR D 1150 -72.04 -16.61 -53.02
N GLU D 1151 -71.67 -17.85 -53.30
CA GLU D 1151 -70.65 -18.55 -52.54
C GLU D 1151 -69.69 -19.23 -53.49
N ARG D 1152 -68.49 -19.51 -53.00
CA ARG D 1152 -67.43 -20.19 -53.74
C ARG D 1152 -67.02 -19.41 -54.98
N PRO D 1153 -66.34 -18.27 -54.83
CA PRO D 1153 -65.77 -17.61 -56.01
C PRO D 1153 -64.77 -18.52 -56.70
N GLY D 1154 -64.73 -18.45 -58.02
CA GLY D 1154 -63.98 -19.40 -58.80
C GLY D 1154 -64.72 -20.70 -59.07
N ALA D 1155 -65.97 -20.81 -58.63
CA ALA D 1155 -66.80 -21.97 -58.88
C ALA D 1155 -68.04 -21.52 -59.64
N SER D 1156 -68.87 -22.50 -60.02
CA SER D 1156 -70.05 -22.20 -60.82
C SER D 1156 -71.04 -21.36 -60.01
N PRO D 1157 -71.85 -20.53 -60.67
CA PRO D 1157 -72.84 -19.73 -59.94
C PRO D 1157 -74.02 -20.57 -59.48
N LYS D 1158 -75.03 -19.87 -58.96
CA LYS D 1158 -76.29 -20.45 -58.48
C LYS D 1158 -76.08 -21.25 -57.20
N ARG D 1159 -74.97 -21.00 -56.51
CA ARG D 1159 -74.70 -21.62 -55.20
C ARG D 1159 -75.40 -20.79 -54.13
N ASN D 1160 -76.61 -21.19 -53.78
CA ASN D 1160 -77.41 -20.49 -52.77
C ASN D 1160 -78.02 -21.50 -51.81
N TYR D 1161 -77.98 -21.18 -50.52
CA TYR D 1161 -78.54 -22.04 -49.48
C TYR D 1161 -79.32 -21.17 -48.49
N ASP D 1162 -80.36 -21.77 -47.90
CA ASP D 1162 -81.23 -21.08 -46.95
C ASP D 1162 -81.81 -19.81 -47.56
N GLY D 1163 -81.29 -18.65 -47.12
CA GLY D 1163 -81.69 -17.38 -47.71
C GLY D 1163 -82.95 -16.79 -47.14
N GLU D 1164 -83.25 -15.55 -47.54
CA GLU D 1164 -84.45 -14.84 -47.12
C GLU D 1164 -85.06 -14.16 -48.34
N SER D 1165 -86.37 -13.92 -48.27
CA SER D 1165 -87.08 -13.27 -49.37
C SER D 1165 -86.60 -11.84 -49.56
N SER D 1166 -86.63 -11.38 -50.81
CA SER D 1166 -86.24 -10.02 -51.13
C SER D 1166 -87.34 -9.04 -50.76
N ALA D 1167 -86.93 -7.81 -50.44
CA ALA D 1167 -87.87 -6.79 -49.99
C ALA D 1167 -88.48 -6.06 -51.17
N VAL D 1168 -89.27 -5.03 -50.87
CA VAL D 1168 -89.94 -4.23 -51.88
C VAL D 1168 -89.59 -2.76 -51.65
N PRO D 1169 -88.78 -2.15 -52.53
CA PRO D 1169 -88.36 -0.75 -52.31
C PRO D 1169 -89.48 0.25 -52.31
N SER D 1170 -90.54 0.07 -53.11
CA SER D 1170 -91.64 1.03 -53.19
C SER D 1170 -92.56 0.96 -51.99
N SER D 1171 -92.10 0.37 -50.89
CA SER D 1171 -92.89 0.23 -49.68
C SER D 1171 -91.93 0.31 -48.48
N SER D 1172 -92.42 -0.10 -47.32
CA SER D 1172 -91.58 -0.25 -46.14
C SER D 1172 -91.58 -1.71 -45.72
N GLN D 1173 -90.71 -2.52 -46.33
CA GLN D 1173 -90.44 -3.87 -45.88
C GLN D 1173 -89.27 -3.93 -44.92
N ILE D 1174 -88.65 -2.78 -44.65
CA ILE D 1174 -87.46 -2.72 -43.80
C ILE D 1174 -87.87 -2.59 -42.34
N GLU D 1175 -87.01 -3.02 -41.44
CA GLU D 1175 -87.33 -3.03 -40.02
C GLU D 1175 -86.45 -2.03 -39.29
N ILE D 1176 -87.09 -1.12 -38.55
CA ILE D 1176 -86.42 -0.10 -37.78
C ILE D 1176 -86.35 -0.58 -36.33
N LEU D 1177 -85.15 -0.57 -35.77
CA LEU D 1177 -84.87 -1.25 -34.52
C LEU D 1177 -84.32 -0.25 -33.50
N GLU D 1178 -85.01 -0.10 -32.38
CA GLU D 1178 -84.64 0.95 -31.45
C GLU D 1178 -84.14 0.39 -30.12
N LEU D 1179 -83.86 1.31 -29.20
CA LEU D 1179 -83.26 0.98 -27.91
C LEU D 1179 -84.00 -0.14 -27.20
N ARG D 1180 -85.25 0.12 -26.81
CA ARG D 1180 -85.95 -0.81 -25.95
C ARG D 1180 -86.15 -2.15 -26.62
N ASP D 1181 -86.52 -2.15 -27.90
CA ASP D 1181 -86.71 -3.41 -28.62
C ASP D 1181 -85.43 -4.23 -28.66
N LEU D 1182 -84.32 -3.60 -29.01
CA LEU D 1182 -83.07 -4.35 -29.15
C LEU D 1182 -82.56 -4.83 -27.80
N GLU D 1183 -82.84 -4.08 -26.73
CA GLU D 1183 -82.42 -4.56 -25.42
C GLU D 1183 -83.34 -5.68 -24.94
N LYS D 1184 -84.62 -5.65 -25.32
CA LYS D 1184 -85.45 -6.84 -25.16
C LYS D 1184 -84.77 -8.04 -25.80
N GLU D 1185 -84.34 -7.86 -27.05
CA GLU D 1185 -83.73 -8.97 -27.80
C GLU D 1185 -82.48 -9.48 -27.10
N TYR D 1186 -81.63 -8.58 -26.61
CA TYR D 1186 -80.40 -9.06 -25.98
C TYR D 1186 -80.70 -9.70 -24.63
N VAL D 1187 -81.69 -9.19 -23.91
CA VAL D 1187 -82.05 -9.80 -22.63
C VAL D 1187 -82.57 -11.22 -22.87
N LEU D 1188 -83.39 -11.40 -23.90
CA LEU D 1188 -83.88 -12.75 -24.18
C LEU D 1188 -82.73 -13.64 -24.63
N ALA D 1189 -81.79 -13.09 -25.41
CA ALA D 1189 -80.64 -13.88 -25.84
C ALA D 1189 -79.80 -14.33 -24.67
N GLN D 1190 -79.51 -13.42 -23.74
CA GLN D 1190 -78.70 -13.78 -22.58
C GLN D 1190 -79.44 -14.75 -21.66
N THR D 1191 -80.76 -14.61 -21.57
CA THR D 1191 -81.52 -15.55 -20.75
C THR D 1191 -81.52 -16.94 -21.38
N ARG D 1192 -81.64 -17.01 -22.71
CA ARG D 1192 -81.47 -18.27 -23.41
C ARG D 1192 -80.10 -18.86 -23.12
N LEU D 1193 -79.08 -18.00 -23.14
CA LEU D 1193 -77.72 -18.45 -22.89
C LEU D 1193 -77.58 -19.02 -21.49
N THR D 1194 -78.16 -18.34 -20.50
CA THR D 1194 -78.10 -18.81 -19.12
C THR D 1194 -78.83 -20.13 -18.95
N LEU D 1195 -80.00 -20.26 -19.58
CA LEU D 1195 -80.71 -21.53 -19.51
C LEU D 1195 -79.90 -22.66 -20.13
N ALA D 1196 -79.29 -22.39 -21.28
CA ALA D 1196 -78.51 -23.43 -21.95
C ALA D 1196 -77.27 -23.81 -21.17
N LYS D 1197 -76.65 -22.84 -20.48
CA LYS D 1197 -75.48 -23.19 -19.67
C LYS D 1197 -75.90 -23.94 -18.41
N HIS D 1198 -77.04 -23.58 -17.82
CA HIS D 1198 -77.53 -24.35 -16.69
C HIS D 1198 -77.82 -25.78 -17.09
N ASN D 1199 -78.48 -25.97 -18.22
CA ASN D 1199 -78.73 -27.29 -18.77
C ASN D 1199 -78.57 -27.23 -20.29
N PRO D 1200 -77.66 -28.02 -20.86
CA PRO D 1200 -77.42 -27.92 -22.31
C PRO D 1200 -78.64 -28.23 -23.14
N SER D 1201 -79.56 -29.05 -22.63
CA SER D 1201 -80.76 -29.39 -23.38
C SER D 1201 -81.79 -28.26 -23.39
N THR D 1202 -81.66 -27.28 -22.49
CA THR D 1202 -82.64 -26.20 -22.39
C THR D 1202 -82.55 -25.18 -23.52
N ALA D 1203 -81.50 -25.25 -24.34
CA ALA D 1203 -81.35 -24.28 -25.43
C ALA D 1203 -82.50 -24.39 -26.43
N ALA D 1204 -83.07 -25.60 -26.60
CA ALA D 1204 -84.16 -25.76 -27.53
C ALA D 1204 -85.40 -24.97 -27.12
N ILE D 1205 -85.84 -25.15 -25.88
CA ILE D 1205 -86.99 -24.37 -25.40
C ILE D 1205 -86.62 -22.90 -25.30
N ALA D 1206 -85.35 -22.60 -25.04
CA ALA D 1206 -84.90 -21.22 -25.03
C ALA D 1206 -85.12 -20.58 -26.40
N GLY D 1207 -84.78 -21.29 -27.47
CA GLY D 1207 -84.93 -20.75 -28.81
C GLY D 1207 -86.38 -20.52 -29.21
N SER D 1208 -87.28 -21.39 -28.76
CA SER D 1208 -88.67 -21.34 -29.18
C SER D 1208 -89.63 -20.87 -28.09
N SER D 1209 -89.12 -20.23 -27.04
CA SER D 1209 -89.96 -19.83 -25.93
C SER D 1209 -90.44 -18.38 -26.09
N ALA D 1210 -91.72 -18.16 -25.74
CA ALA D 1210 -92.32 -16.83 -25.75
C ALA D 1210 -91.99 -16.11 -24.44
N ALA D 1211 -92.37 -14.83 -24.37
CA ALA D 1211 -92.00 -14.01 -23.21
C ALA D 1211 -92.53 -14.60 -21.92
N GLU D 1212 -93.81 -14.96 -21.89
CA GLU D 1212 -94.35 -15.59 -20.70
C GLU D 1212 -93.74 -16.98 -20.51
N GLU D 1213 -93.28 -17.61 -21.59
CA GLU D 1213 -92.60 -18.88 -21.43
C GLU D 1213 -91.27 -18.72 -20.72
N MET D 1214 -90.51 -17.65 -21.01
CA MET D 1214 -89.33 -17.37 -20.23
C MET D 1214 -89.68 -17.02 -18.79
N VAL D 1215 -90.81 -16.34 -18.60
CA VAL D 1215 -91.28 -16.10 -17.24
C VAL D 1215 -91.44 -17.41 -16.48
N ALA D 1216 -92.13 -18.37 -17.10
CA ALA D 1216 -92.34 -19.68 -16.49
C ALA D 1216 -91.02 -20.43 -16.30
N LEU D 1217 -90.11 -20.31 -17.26
CA LEU D 1217 -88.84 -21.02 -17.17
C LEU D 1217 -87.96 -20.47 -16.05
N LEU D 1218 -87.99 -19.14 -15.85
CA LEU D 1218 -87.29 -18.56 -14.71
C LEU D 1218 -87.93 -19.00 -13.40
N VAL D 1219 -89.27 -19.04 -13.36
CA VAL D 1219 -89.95 -19.58 -12.19
C VAL D 1219 -89.46 -21.00 -11.91
N GLN D 1220 -89.36 -21.82 -12.96
CA GLN D 1220 -88.89 -23.19 -12.82
C GLN D 1220 -87.46 -23.24 -12.31
N ALA D 1221 -86.57 -22.46 -12.91
CA ALA D 1221 -85.16 -22.50 -12.54
C ALA D 1221 -84.92 -21.89 -11.17
N GLY D 1222 -85.93 -21.21 -10.61
CA GLY D 1222 -85.74 -20.57 -9.34
C GLY D 1222 -84.85 -19.36 -9.42
N LEU D 1223 -85.05 -18.52 -10.43
CA LEU D 1223 -84.19 -17.36 -10.68
C LEU D 1223 -85.09 -16.13 -10.72
N PHE D 1224 -85.91 -16.00 -9.67
CA PHE D 1224 -87.02 -15.05 -9.70
C PHE D 1224 -86.52 -13.61 -9.71
N ASP D 1225 -85.28 -13.37 -9.30
CA ASP D 1225 -84.73 -12.03 -9.46
C ASP D 1225 -84.33 -11.77 -10.90
N THR D 1226 -83.80 -12.78 -11.59
CA THR D 1226 -83.66 -12.67 -13.04
C THR D 1226 -85.03 -12.45 -13.68
N ALA D 1227 -86.06 -13.06 -13.10
CA ALA D 1227 -87.42 -12.81 -13.57
C ALA D 1227 -87.82 -11.36 -13.30
N ILE D 1228 -87.36 -10.79 -12.19
CA ILE D 1228 -87.58 -9.37 -11.93
C ILE D 1228 -86.95 -8.53 -13.04
N SER D 1229 -85.72 -8.88 -13.40
CA SER D 1229 -85.06 -8.19 -14.50
C SER D 1229 -85.85 -8.35 -15.80
N LEU D 1230 -86.35 -9.55 -16.07
CA LEU D 1230 -87.09 -9.80 -17.29
C LEU D 1230 -88.44 -9.09 -17.30
N CYS D 1231 -89.04 -8.89 -16.12
CA CYS D 1231 -90.30 -8.17 -16.08
C CYS D 1231 -90.07 -6.68 -16.23
N GLN D 1232 -88.92 -6.20 -15.77
CA GLN D 1232 -88.53 -4.84 -16.14
C GLN D 1232 -88.20 -4.76 -17.62
N THR D 1233 -87.73 -5.87 -18.19
CA THR D 1233 -87.45 -5.91 -19.62
C THR D 1233 -88.73 -5.76 -20.43
N PHE D 1234 -89.62 -6.74 -20.34
CA PHE D 1234 -90.83 -6.80 -21.15
C PHE D 1234 -91.99 -6.04 -20.56
N LYS D 1235 -91.85 -5.45 -19.38
CA LYS D 1235 -92.97 -4.84 -18.66
C LYS D 1235 -94.13 -5.83 -18.52
N LEU D 1236 -93.84 -7.01 -18.00
CA LEU D 1236 -94.85 -8.05 -17.84
C LEU D 1236 -95.44 -8.04 -16.43
N GLY D 1237 -96.62 -8.66 -16.31
CA GLY D 1237 -97.27 -8.85 -15.03
C GLY D 1237 -96.45 -9.72 -14.10
N LEU D 1238 -96.27 -9.26 -12.87
CA LEU D 1238 -95.41 -9.93 -11.91
C LEU D 1238 -96.13 -11.03 -11.14
N THR D 1239 -97.41 -11.23 -11.45
CA THR D 1239 -98.22 -12.22 -10.76
C THR D 1239 -97.65 -13.62 -10.95
N SER D 1240 -97.16 -13.93 -12.15
CA SER D 1240 -96.59 -15.24 -12.40
C SER D 1240 -95.40 -15.50 -11.49
N ILE D 1241 -94.56 -14.48 -11.30
CA ILE D 1241 -93.42 -14.64 -10.42
C ILE D 1241 -93.87 -14.86 -8.98
N PHE D 1242 -94.87 -14.08 -8.53
CA PHE D 1242 -95.36 -14.29 -7.17
C PHE D 1242 -95.99 -15.67 -6.98
N GLU D 1243 -96.73 -16.17 -7.96
CA GLU D 1243 -97.33 -17.48 -7.79
C GLU D 1243 -96.27 -18.57 -7.79
N GLY D 1244 -95.23 -18.43 -8.62
CA GLY D 1244 -94.14 -19.40 -8.57
C GLY D 1244 -93.43 -19.38 -7.23
N LEU D 1245 -93.10 -18.19 -6.74
CA LEU D 1245 -92.47 -18.07 -5.43
C LEU D 1245 -93.35 -18.65 -4.35
N ALA D 1246 -94.66 -18.42 -4.44
CA ALA D 1246 -95.58 -18.96 -3.46
C ALA D 1246 -95.59 -20.49 -3.49
N CYS D 1247 -95.58 -21.08 -4.68
CA CYS D 1247 -95.56 -22.53 -4.77
C CYS D 1247 -94.30 -23.11 -4.15
N LYS D 1248 -93.15 -22.50 -4.45
CA LYS D 1248 -91.92 -22.94 -3.81
C LYS D 1248 -91.98 -22.78 -2.30
N CYS D 1249 -92.53 -21.65 -1.83
CA CYS D 1249 -92.58 -21.39 -0.39
C CYS D 1249 -93.52 -22.36 0.31
N ILE D 1250 -94.60 -22.76 -0.34
CA ILE D 1250 -95.49 -23.76 0.22
C ILE D 1250 -94.78 -25.11 0.31
N ARG D 1251 -94.08 -25.48 -0.76
CA ARG D 1251 -93.30 -26.70 -0.70
C ARG D 1251 -92.31 -26.65 0.44
N LEU D 1252 -91.71 -25.47 0.68
CA LEU D 1252 -90.81 -25.30 1.81
C LEU D 1252 -91.53 -25.49 3.14
N GLN D 1253 -92.66 -24.79 3.31
CA GLN D 1253 -93.43 -24.88 4.55
C GLN D 1253 -93.82 -26.31 4.86
N GLN D 1254 -94.11 -27.10 3.84
CA GLN D 1254 -94.43 -28.51 4.07
C GLN D 1254 -93.19 -29.37 4.23
N GLY D 1255 -92.06 -28.96 3.68
CA GLY D 1255 -90.84 -29.71 3.80
C GLY D 1255 -90.08 -29.37 5.07
N GLY D 1256 -88.84 -29.78 5.09
CA GLY D 1256 -87.99 -29.65 6.26
C GLY D 1256 -86.54 -29.43 5.91
N GLU D 1257 -85.67 -30.21 6.57
CA GLU D 1257 -84.23 -29.97 6.51
C GLU D 1257 -83.69 -30.05 5.08
N ALA D 1258 -84.06 -31.10 4.35
CA ALA D 1258 -83.61 -31.21 2.97
C ALA D 1258 -84.19 -30.09 2.14
N ALA D 1259 -85.47 -29.76 2.39
CA ALA D 1259 -86.12 -28.67 1.67
C ALA D 1259 -85.39 -27.35 1.89
N GLN D 1260 -85.12 -26.98 3.13
CA GLN D 1260 -84.47 -25.68 3.38
C GLN D 1260 -83.03 -25.68 2.89
N ALA D 1261 -82.33 -26.81 3.04
CA ALA D 1261 -80.95 -26.89 2.57
C ALA D 1261 -80.89 -26.68 1.07
N GLU D 1262 -81.78 -27.34 0.31
CA GLU D 1262 -81.83 -27.11 -1.11
C GLU D 1262 -82.29 -25.70 -1.44
N ALA D 1263 -83.30 -25.20 -0.72
CA ALA D 1263 -83.82 -23.87 -1.00
C ALA D 1263 -82.75 -22.80 -0.85
N TRP D 1264 -81.80 -23.00 0.07
CA TRP D 1264 -80.70 -22.04 0.17
C TRP D 1264 -79.92 -21.94 -1.13
N GLU D 1265 -79.88 -23.02 -1.92
CA GLU D 1265 -79.15 -23.00 -3.18
C GLU D 1265 -79.66 -21.91 -4.10
N TRP D 1266 -80.96 -21.64 -4.06
CA TRP D 1266 -81.52 -20.59 -4.91
C TRP D 1266 -81.74 -19.30 -4.14
N LEU D 1267 -81.83 -19.37 -2.81
CA LEU D 1267 -81.84 -18.15 -2.01
C LEU D 1267 -80.55 -17.37 -2.19
N ALA D 1268 -79.41 -18.07 -2.17
CA ALA D 1268 -78.14 -17.43 -2.48
C ALA D 1268 -78.11 -16.89 -3.89
N ALA D 1269 -78.63 -17.64 -4.87
CA ALA D 1269 -78.73 -17.16 -6.23
C ALA D 1269 -79.62 -15.94 -6.34
N ASN D 1270 -80.52 -15.73 -5.40
CA ASN D 1270 -81.32 -14.51 -5.31
C ASN D 1270 -80.62 -13.47 -4.44
N GLN D 1271 -79.48 -13.82 -3.83
CA GLN D 1271 -78.58 -12.83 -3.24
C GLN D 1271 -79.19 -12.02 -2.11
N LEU D 1272 -79.53 -12.68 -1.00
CA LEU D 1272 -79.96 -11.94 0.18
C LEU D 1272 -78.96 -12.19 1.29
N ALA D 1273 -78.37 -11.11 1.79
CA ALA D 1273 -77.36 -11.23 2.84
C ALA D 1273 -77.54 -10.19 3.95
N THR D 1274 -78.23 -9.09 3.64
CA THR D 1274 -78.35 -8.00 4.59
C THR D 1274 -79.21 -8.39 5.78
N VAL D 1275 -79.06 -7.64 6.88
CA VAL D 1275 -79.89 -7.75 8.08
C VAL D 1275 -79.48 -8.98 8.89
N ILE D 1276 -79.23 -8.78 10.18
CA ILE D 1276 -78.74 -9.86 11.04
C ILE D 1276 -79.85 -10.87 11.27
N THR D 1277 -79.48 -12.15 11.28
CA THR D 1277 -80.40 -13.19 11.69
C THR D 1277 -80.12 -13.62 13.13
N THR D 1278 -81.16 -14.11 13.80
CA THR D 1278 -81.03 -14.57 15.17
C THR D 1278 -81.05 -16.09 15.18
N LYS D 1279 -80.21 -16.67 16.04
CA LYS D 1279 -80.12 -18.13 16.18
C LYS D 1279 -79.87 -18.79 14.83
N GLU D 1280 -78.99 -18.18 14.04
CA GLU D 1280 -78.60 -18.66 12.71
C GLU D 1280 -79.72 -18.49 11.70
N SER D 1281 -79.37 -18.31 10.43
CA SER D 1281 -80.35 -18.05 9.39
C SER D 1281 -81.24 -19.26 9.16
N SER D 1282 -82.55 -19.02 9.09
CA SER D 1282 -83.52 -20.05 8.82
C SER D 1282 -84.25 -19.73 7.53
N ALA D 1283 -84.36 -20.74 6.65
CA ALA D 1283 -84.94 -20.53 5.33
C ALA D 1283 -86.33 -19.91 5.41
N THR D 1284 -87.07 -20.22 6.48
CA THR D 1284 -88.38 -19.59 6.67
C THR D 1284 -88.25 -18.08 6.71
N ASP D 1285 -87.50 -17.57 7.69
CA ASP D 1285 -87.28 -16.13 7.80
C ASP D 1285 -86.67 -15.58 6.52
N GLU D 1286 -85.81 -16.37 5.88
CA GLU D 1286 -85.18 -15.97 4.63
C GLU D 1286 -86.23 -15.65 3.57
N ALA D 1287 -87.17 -16.59 3.35
CA ALA D 1287 -88.22 -16.37 2.36
C ALA D 1287 -89.14 -15.24 2.78
N TRP D 1288 -89.45 -15.14 4.07
CA TRP D 1288 -90.34 -14.07 4.53
C TRP D 1288 -89.74 -12.70 4.25
N ARG D 1289 -88.47 -12.51 4.62
CA ARG D 1289 -87.83 -11.22 4.36
C ARG D 1289 -87.65 -10.99 2.87
N LEU D 1290 -87.40 -12.07 2.11
CA LEU D 1290 -87.29 -11.95 0.66
C LEU D 1290 -88.57 -11.41 0.06
N MET D 1291 -89.70 -11.99 0.45
CA MET D 1291 -90.98 -11.55 -0.07
C MET D 1291 -91.30 -10.13 0.41
N ILE D 1292 -90.96 -9.82 1.65
CA ILE D 1292 -91.17 -8.46 2.15
C ILE D 1292 -90.39 -7.46 1.32
N SER D 1293 -89.16 -7.81 0.97
CA SER D 1293 -88.32 -6.94 0.15
C SER D 1293 -88.92 -6.77 -1.24
N TYR D 1294 -89.33 -7.88 -1.85
CA TYR D 1294 -90.00 -7.82 -3.15
C TYR D 1294 -91.18 -6.86 -3.09
N LEU D 1295 -91.98 -6.98 -2.03
CA LEU D 1295 -93.06 -6.03 -1.78
C LEU D 1295 -92.53 -4.61 -1.80
N ASP D 1296 -91.71 -4.27 -0.81
CA ASP D 1296 -91.38 -2.88 -0.55
C ASP D 1296 -90.68 -2.25 -1.73
N LYS D 1297 -90.08 -3.05 -2.60
CA LYS D 1297 -89.54 -2.46 -3.81
C LYS D 1297 -90.60 -2.30 -4.90
N TYR D 1298 -91.28 -3.37 -5.30
CA TYR D 1298 -92.31 -3.28 -6.33
C TYR D 1298 -93.64 -3.18 -5.61
N GLU D 1299 -94.20 -1.98 -5.55
CA GLU D 1299 -95.38 -1.70 -4.75
C GLU D 1299 -96.50 -1.19 -5.66
N SER D 1300 -97.51 -2.04 -5.87
CA SER D 1300 -98.72 -1.63 -6.57
C SER D 1300 -99.74 -1.07 -5.58
N LYS D 1301 -100.43 -0.02 -6.01
CA LYS D 1301 -101.29 0.75 -5.12
C LYS D 1301 -102.58 0.02 -4.75
N ASN D 1302 -102.72 -1.25 -5.10
CA ASN D 1302 -104.00 -1.93 -4.96
C ASN D 1302 -103.89 -3.30 -4.31
N THR D 1303 -102.74 -3.65 -3.75
CA THR D 1303 -102.51 -4.92 -3.07
C THR D 1303 -102.71 -6.11 -3.99
N LEU D 1304 -102.53 -5.89 -5.30
CA LEU D 1304 -102.70 -6.96 -6.28
C LEU D 1304 -102.05 -8.23 -5.82
N TYR D 1305 -100.80 -8.13 -5.41
CA TYR D 1305 -100.01 -9.33 -5.25
C TYR D 1305 -100.16 -9.87 -3.83
N HIS D 1306 -100.47 -8.99 -2.88
CA HIS D 1306 -101.12 -9.46 -1.66
C HIS D 1306 -102.18 -10.47 -1.99
N HIS D 1307 -103.16 -10.06 -2.81
CA HIS D 1307 -104.24 -10.94 -3.20
C HIS D 1307 -103.69 -12.21 -3.85
N CYS D 1308 -102.71 -12.05 -4.74
CA CYS D 1308 -102.21 -13.21 -5.48
C CYS D 1308 -101.73 -14.31 -4.54
N ILE D 1309 -100.83 -13.95 -3.63
CA ILE D 1309 -100.30 -14.94 -2.69
C ILE D 1309 -101.39 -15.43 -1.74
N ILE D 1310 -102.26 -14.54 -1.29
CA ILE D 1310 -103.34 -14.97 -0.39
C ILE D 1310 -104.18 -16.04 -1.07
N ASN D 1311 -104.48 -15.84 -2.35
CA ASN D 1311 -105.35 -16.77 -3.06
C ASN D 1311 -104.66 -18.09 -3.33
N LYS D 1312 -103.37 -18.06 -3.62
CA LYS D 1312 -102.66 -19.34 -3.72
C LYS D 1312 -102.66 -20.06 -2.38
N LEU D 1313 -102.48 -19.31 -1.29
CA LEU D 1313 -102.55 -19.88 0.05
C LEU D 1313 -103.88 -20.58 0.27
N LEU D 1314 -104.96 -19.92 -0.12
CA LEU D 1314 -106.27 -20.52 0.09
C LEU D 1314 -106.51 -21.67 -0.86
N SER D 1315 -105.98 -21.58 -2.08
CA SER D 1315 -106.06 -22.69 -3.02
C SER D 1315 -105.39 -23.93 -2.47
N HIS D 1316 -104.37 -23.74 -1.64
CA HIS D 1316 -103.71 -24.84 -0.97
C HIS D 1316 -104.04 -24.92 0.50
N GLY D 1317 -105.08 -24.23 0.95
CA GLY D 1317 -105.48 -24.21 2.34
C GLY D 1317 -104.42 -23.67 3.28
N VAL D 1318 -104.11 -22.39 3.22
CA VAL D 1318 -103.03 -21.85 4.05
C VAL D 1318 -103.45 -20.56 4.78
N PRO D 1319 -103.14 -20.44 6.08
CA PRO D 1319 -103.41 -19.18 6.81
C PRO D 1319 -102.50 -18.03 6.37
N LEU D 1320 -102.58 -16.92 7.09
CA LEU D 1320 -101.91 -15.68 6.71
C LEU D 1320 -100.99 -15.21 7.81
N PRO D 1321 -99.83 -14.62 7.48
CA PRO D 1321 -98.87 -14.21 8.50
C PRO D 1321 -99.29 -12.90 9.17
N ASN D 1322 -98.74 -12.68 10.37
CA ASN D 1322 -99.17 -11.55 11.19
C ASN D 1322 -98.75 -10.22 10.59
N TRP D 1323 -97.53 -10.13 10.09
CA TRP D 1323 -97.05 -8.88 9.51
C TRP D 1323 -97.89 -8.49 8.30
N LEU D 1324 -98.18 -9.46 7.43
CA LEU D 1324 -99.11 -9.21 6.34
C LEU D 1324 -100.45 -8.77 6.87
N ILE D 1325 -100.93 -9.45 7.91
CA ILE D 1325 -102.22 -9.13 8.50
C ILE D 1325 -102.26 -7.65 8.88
N ASN D 1326 -101.22 -7.20 9.59
CA ASN D 1326 -101.22 -5.85 10.12
C ASN D 1326 -101.09 -4.81 9.01
N ARG D 1327 -100.13 -5.02 8.09
CA ARG D 1327 -99.97 -4.07 6.99
C ARG D 1327 -101.26 -3.95 6.19
N TYR D 1328 -101.80 -5.09 5.78
CA TYR D 1328 -102.90 -5.09 4.86
C TYR D 1328 -104.20 -4.73 5.58
N LYS D 1329 -104.19 -4.82 6.91
CA LYS D 1329 -105.26 -4.28 7.74
C LYS D 1329 -105.26 -2.75 7.69
N ALA D 1330 -104.10 -2.14 7.90
CA ALA D 1330 -104.01 -0.70 7.74
C ALA D 1330 -104.29 -0.27 6.32
N MET D 1331 -104.10 -1.16 5.34
CA MET D 1331 -104.45 -0.76 3.97
C MET D 1331 -105.95 -0.86 3.70
N ASP D 1332 -106.52 -2.06 3.76
CA ASP D 1332 -107.83 -2.28 3.16
C ASP D 1332 -108.58 -3.37 3.95
N ALA D 1333 -109.81 -3.06 4.35
CA ALA D 1333 -110.52 -3.93 5.29
C ALA D 1333 -111.59 -4.78 4.63
N ALA D 1334 -112.60 -4.16 3.99
CA ALA D 1334 -113.77 -4.91 3.57
C ALA D 1334 -113.45 -5.89 2.45
N GLU D 1335 -112.44 -5.57 1.66
CA GLU D 1335 -111.90 -6.58 0.74
C GLU D 1335 -111.46 -7.82 1.50
N LEU D 1336 -110.73 -7.65 2.60
CA LEU D 1336 -110.36 -8.80 3.41
C LEU D 1336 -111.58 -9.44 4.05
N LEU D 1337 -112.59 -8.62 4.32
CA LEU D 1337 -113.86 -9.13 4.80
C LEU D 1337 -114.43 -10.18 3.85
N ARG D 1338 -114.48 -9.88 2.55
CA ARG D 1338 -115.05 -10.91 1.70
C ARG D 1338 -114.00 -11.93 1.28
N LEU D 1339 -112.73 -11.67 1.57
CA LEU D 1339 -111.81 -12.80 1.67
C LEU D 1339 -112.32 -13.81 2.70
N TYR D 1340 -112.68 -13.33 3.90
CA TYR D 1340 -113.33 -14.22 4.86
C TYR D 1340 -114.57 -14.86 4.28
N LEU D 1341 -115.37 -14.09 3.55
CA LEU D 1341 -116.55 -14.67 2.94
C LEU D 1341 -116.18 -15.82 2.02
N LYS D 1342 -115.01 -15.75 1.38
CA LYS D 1342 -114.65 -16.79 0.43
C LYS D 1342 -114.58 -18.16 1.08
N TYR D 1343 -113.96 -18.27 2.27
CA TYR D 1343 -113.90 -19.55 2.96
C TYR D 1343 -114.13 -19.44 4.45
N ASP D 1344 -115.24 -18.81 4.84
CA ASP D 1344 -115.87 -19.06 6.14
C ASP D 1344 -115.04 -18.55 7.31
N LEU D 1345 -114.57 -17.31 7.23
CA LEU D 1345 -113.87 -16.70 8.35
C LEU D 1345 -114.82 -15.74 9.08
N LEU D 1346 -115.78 -16.36 9.76
CA LEU D 1346 -116.95 -15.64 10.25
C LEU D 1346 -116.59 -14.74 11.42
N GLU D 1347 -116.17 -15.33 12.53
CA GLU D 1347 -115.80 -14.54 13.69
C GLU D 1347 -114.72 -13.54 13.33
N GLU D 1348 -113.88 -13.88 12.35
CA GLU D 1348 -112.88 -12.94 11.85
C GLU D 1348 -113.55 -11.66 11.35
N ALA D 1349 -114.50 -11.83 10.44
CA ALA D 1349 -115.30 -10.68 10.02
C ALA D 1349 -115.94 -10.01 11.23
N ALA D 1350 -116.27 -10.79 12.25
CA ALA D 1350 -116.94 -10.23 13.41
C ALA D 1350 -116.06 -9.22 14.13
N GLU D 1351 -114.79 -9.58 14.41
CA GLU D 1351 -113.98 -8.57 15.07
C GLU D 1351 -113.70 -7.44 14.10
N LEU D 1352 -113.71 -7.70 12.79
CA LEU D 1352 -113.63 -6.56 11.89
C LEU D 1352 -114.74 -5.57 12.20
N VAL D 1353 -115.96 -6.07 12.30
CA VAL D 1353 -117.10 -5.20 12.56
C VAL D 1353 -116.94 -4.48 13.88
N LEU D 1354 -116.52 -5.23 14.89
CA LEU D 1354 -116.27 -4.62 16.18
C LEU D 1354 -115.32 -3.44 16.04
N GLU D 1355 -114.22 -3.66 15.34
CA GLU D 1355 -113.23 -2.61 15.17
C GLU D 1355 -113.79 -1.48 14.34
N TYR D 1356 -114.66 -1.78 13.39
CA TYR D 1356 -115.30 -0.74 12.60
C TYR D 1356 -116.07 0.21 13.48
N VAL D 1357 -116.97 -0.33 14.29
CA VAL D 1357 -117.78 0.54 15.15
C VAL D 1357 -116.90 1.23 16.18
N ASP D 1358 -115.85 0.55 16.62
CA ASP D 1358 -114.98 1.13 17.63
C ASP D 1358 -114.24 2.34 17.06
N ALA D 1359 -113.71 2.21 15.85
CA ALA D 1359 -113.07 3.34 15.19
C ALA D 1359 -114.10 4.43 14.91
N LEU D 1360 -115.33 4.04 14.62
CA LEU D 1360 -116.40 5.03 14.51
C LEU D 1360 -116.49 5.85 15.79
N LEU D 1361 -116.44 5.18 16.93
CA LEU D 1361 -116.32 5.86 18.21
C LEU D 1361 -115.01 6.60 18.34
N GLY D 1362 -114.02 6.26 17.53
CA GLY D 1362 -112.73 6.92 17.58
C GLY D 1362 -111.61 6.00 18.01
N LYS D 1363 -110.37 6.51 17.96
CA LYS D 1363 -109.23 5.84 18.56
C LYS D 1363 -108.97 4.44 18.00
N GLY D 1364 -108.49 4.34 16.76
CA GLY D 1364 -108.24 3.05 16.14
C GLY D 1364 -108.37 2.99 14.63
N HIS D 1365 -108.81 4.10 14.04
CA HIS D 1365 -108.82 4.25 12.59
C HIS D 1365 -107.44 4.01 11.98
N GLN D 1366 -106.39 4.33 12.73
CA GLN D 1366 -105.03 4.20 12.22
C GLN D 1366 -104.73 2.77 11.80
N TYR D 1367 -105.18 1.79 12.56
CA TYR D 1367 -104.94 0.40 12.18
C TYR D 1367 -105.66 0.04 10.89
N PHE D 1368 -106.56 0.90 10.44
CA PHE D 1368 -107.18 0.75 9.13
C PHE D 1368 -106.63 1.76 8.14
N GLY D 1369 -105.70 2.59 8.58
CA GLY D 1369 -105.15 3.62 7.73
C GLY D 1369 -106.21 4.65 7.40
N ILE D 1370 -107.03 4.98 8.39
CA ILE D 1370 -108.12 5.91 8.24
C ILE D 1370 -107.99 6.98 9.33
N GLN D 1371 -108.75 8.06 9.17
CA GLN D 1371 -108.79 9.13 10.17
C GLN D 1371 -110.19 9.24 10.73
N ALA D 1372 -110.37 8.80 11.97
CA ALA D 1372 -111.66 8.86 12.62
C ALA D 1372 -111.50 8.73 14.13
N PRO D 1373 -110.96 9.75 14.81
CA PRO D 1373 -110.92 9.72 16.27
C PRO D 1373 -112.24 10.07 16.94
N LEU D 1374 -113.31 10.15 16.13
CA LEU D 1374 -114.68 10.55 16.44
C LEU D 1374 -114.87 11.96 15.88
N SER D 1375 -115.91 12.17 15.09
CA SER D 1375 -116.12 13.43 14.38
C SER D 1375 -117.45 14.05 14.77
N ALA D 1376 -117.55 15.36 14.60
CA ALA D 1376 -118.75 16.11 14.95
C ALA D 1376 -119.07 17.15 13.88
N THR D 1377 -118.99 16.76 12.61
CA THR D 1377 -119.25 17.71 11.53
C THR D 1377 -120.09 17.12 10.41
N SER D 1378 -120.19 15.79 10.34
CA SER D 1378 -120.90 15.14 9.24
C SER D 1378 -122.14 14.43 9.79
N GLN D 1379 -123.31 14.82 9.29
CA GLN D 1379 -124.55 14.14 9.68
C GLN D 1379 -124.51 12.68 9.27
N LEU D 1380 -123.85 12.39 8.16
CA LEU D 1380 -123.79 11.04 7.60
C LEU D 1380 -122.44 10.86 6.92
N VAL D 1381 -121.91 9.64 6.98
CA VAL D 1381 -120.69 9.30 6.27
C VAL D 1381 -120.88 7.94 5.62
N TRP D 1382 -119.78 7.40 5.09
CA TRP D 1382 -119.86 6.10 4.43
C TRP D 1382 -119.93 4.97 5.45
N PHE D 1383 -120.73 3.96 5.14
CA PHE D 1383 -120.90 2.79 5.98
C PHE D 1383 -120.87 1.53 5.13
N PRO D 1384 -120.21 0.48 5.61
CA PRO D 1384 -120.27 -0.81 4.92
C PRO D 1384 -121.41 -1.68 5.38
N TYR D 1385 -122.61 -1.10 5.52
CA TYR D 1385 -123.74 -1.88 6.02
C TYR D 1385 -124.13 -2.98 5.06
N SER D 1386 -123.75 -2.85 3.78
CA SER D 1386 -123.88 -3.95 2.86
C SER D 1386 -123.21 -5.20 3.41
N ALA D 1387 -121.98 -5.05 3.87
CA ALA D 1387 -121.28 -6.16 4.46
C ALA D 1387 -121.92 -6.62 5.76
N ILE D 1388 -122.56 -5.71 6.49
CA ILE D 1388 -123.17 -6.07 7.76
C ILE D 1388 -124.37 -6.97 7.54
N ASP D 1389 -125.18 -6.64 6.55
CA ASP D 1389 -126.28 -7.52 6.20
C ASP D 1389 -125.75 -8.79 5.54
N HIS D 1390 -124.60 -8.70 4.86
CA HIS D 1390 -123.94 -9.92 4.41
C HIS D 1390 -123.59 -10.82 5.58
N LEU D 1391 -123.14 -10.21 6.67
CA LEU D 1391 -122.90 -10.93 7.91
C LEU D 1391 -124.14 -11.65 8.38
N ARG D 1392 -125.23 -10.92 8.54
CA ARG D 1392 -126.43 -11.55 9.05
C ARG D 1392 -126.90 -12.65 8.10
N LEU D 1393 -126.69 -12.44 6.80
CA LEU D 1393 -127.01 -13.45 5.80
C LEU D 1393 -126.17 -14.71 6.01
N ALA D 1394 -124.86 -14.53 6.21
CA ALA D 1394 -124.00 -15.69 6.41
C ALA D 1394 -124.29 -16.38 7.72
N LEU D 1395 -124.74 -15.62 8.73
CA LEU D 1395 -125.21 -16.22 9.96
C LEU D 1395 -126.40 -17.13 9.70
N GLY D 1396 -127.37 -16.64 8.94
CA GLY D 1396 -128.48 -17.45 8.52
C GLY D 1396 -128.01 -18.68 7.76
N GLU D 1397 -126.98 -18.50 6.93
CA GLU D 1397 -126.43 -19.63 6.18
C GLU D 1397 -125.91 -20.71 7.13
N ASN D 1398 -124.90 -20.38 7.91
CA ASN D 1398 -124.25 -21.34 8.81
C ASN D 1398 -124.67 -21.14 10.27
N GLU D 1399 -125.96 -21.19 10.54
CA GLU D 1399 -126.46 -21.23 11.91
C GLU D 1399 -126.10 -22.54 12.60
N ASN D 1400 -125.09 -22.49 13.47
CA ASN D 1400 -124.99 -23.45 14.56
C ASN D 1400 -124.39 -22.79 15.80
N ASN D 1401 -124.20 -21.47 15.74
CA ASN D 1401 -123.40 -20.76 16.73
C ASN D 1401 -124.24 -19.70 17.41
N GLN D 1402 -125.03 -20.17 18.37
CA GLN D 1402 -125.95 -19.31 19.11
C GLN D 1402 -125.19 -18.20 19.79
N HIS D 1403 -123.98 -18.51 20.26
CA HIS D 1403 -123.06 -17.50 20.73
C HIS D 1403 -122.82 -16.42 19.67
N ASN D 1404 -122.53 -16.80 18.43
CA ASN D 1404 -122.27 -15.79 17.41
C ASN D 1404 -123.49 -14.93 17.14
N GLN D 1405 -124.67 -15.53 17.13
CA GLN D 1405 -125.85 -14.70 16.84
C GLN D 1405 -126.21 -13.83 18.04
N ALA D 1406 -125.95 -14.29 19.26
CA ALA D 1406 -126.08 -13.41 20.42
C ALA D 1406 -125.10 -12.25 20.30
N ILE D 1407 -123.89 -12.53 19.81
CA ILE D 1407 -122.94 -11.49 19.52
C ILE D 1407 -123.54 -10.49 18.54
N LEU D 1408 -124.16 -11.02 17.47
CA LEU D 1408 -124.81 -10.15 16.50
C LEU D 1408 -125.83 -9.25 17.19
N GLY D 1409 -126.63 -9.82 18.09
CA GLY D 1409 -127.65 -9.04 18.76
C GLY D 1409 -127.06 -7.94 19.64
N LYS D 1410 -126.05 -8.28 20.41
CA LYS D 1410 -125.38 -7.26 21.23
C LYS D 1410 -124.77 -6.19 20.34
N LEU D 1411 -124.25 -6.61 19.20
CA LEU D 1411 -123.69 -5.66 18.24
C LEU D 1411 -124.76 -4.73 17.70
N GLN D 1412 -125.96 -5.27 17.45
CA GLN D 1412 -127.05 -4.43 17.00
C GLN D 1412 -127.48 -3.47 18.10
N ARG D 1413 -127.35 -3.89 19.36
CA ARG D 1413 -127.55 -2.98 20.46
C ARG D 1413 -126.55 -1.83 20.41
N LYS D 1414 -125.28 -2.15 20.15
CA LYS D 1414 -124.31 -1.07 19.95
C LYS D 1414 -124.71 -0.20 18.76
N MET D 1415 -125.23 -0.84 17.72
CA MET D 1415 -125.73 -0.15 16.53
C MET D 1415 -126.75 0.93 16.88
N ASP D 1416 -127.78 0.59 17.64
CA ASP D 1416 -128.83 1.59 17.85
C ASP D 1416 -128.40 2.58 18.93
N GLU D 1417 -127.45 2.22 19.79
CA GLU D 1417 -126.81 3.26 20.61
C GLU D 1417 -126.11 4.27 19.73
N TYR D 1418 -125.36 3.79 18.75
CA TYR D 1418 -124.80 4.65 17.72
C TYR D 1418 -125.87 5.54 17.13
N PHE D 1419 -127.02 4.97 16.81
CA PHE D 1419 -128.04 5.75 16.12
C PHE D 1419 -128.70 6.77 17.03
N GLN D 1420 -128.89 6.47 18.31
CA GLN D 1420 -129.45 7.47 19.20
C GLN D 1420 -128.49 8.64 19.36
N LYS D 1421 -127.19 8.33 19.44
CA LYS D 1421 -126.21 9.41 19.42
C LYS D 1421 -126.30 10.19 18.11
N LEU D 1422 -126.49 9.46 17.01
CA LEU D 1422 -126.60 10.09 15.70
C LEU D 1422 -127.77 11.06 15.64
N LYS D 1423 -128.92 10.63 16.13
CA LYS D 1423 -130.09 11.51 16.05
C LYS D 1423 -129.91 12.71 16.96
N LYS D 1424 -129.29 12.51 18.13
CA LYS D 1424 -129.04 13.66 18.99
C LYS D 1424 -128.14 14.67 18.28
N ALA D 1425 -127.10 14.18 17.61
CA ALA D 1425 -126.22 15.09 16.87
C ALA D 1425 -126.95 15.79 15.74
N THR D 1426 -127.79 15.06 15.01
CA THR D 1426 -128.56 15.67 13.93
C THR D 1426 -129.49 16.75 14.48
N ASP D 1427 -130.14 16.46 15.61
CA ASP D 1427 -130.99 17.45 16.25
C ASP D 1427 -130.21 18.70 16.60
N ASP D 1428 -129.02 18.51 17.17
CA ASP D 1428 -128.19 19.65 17.56
C ASP D 1428 -127.80 20.48 16.36
N TYR D 1429 -127.44 19.83 15.25
CA TYR D 1429 -127.15 20.60 14.04
C TYR D 1429 -128.36 21.36 13.55
N LYS D 1430 -129.53 20.73 13.57
CA LYS D 1430 -130.72 21.42 13.09
C LYS D 1430 -131.15 22.55 14.03
N LYS D 1431 -130.60 22.59 15.24
CA LYS D 1431 -130.69 23.80 16.04
C LYS D 1431 -129.86 24.93 15.46
N ILE D 1432 -129.00 24.62 14.50
CA ILE D 1432 -128.20 25.63 13.82
C ILE D 1432 -128.80 25.90 12.46
N MET E 1 -30.03 -25.73 -57.92
CA MET E 1 -30.93 -25.90 -56.78
C MET E 1 -30.73 -27.23 -56.07
N LYS E 2 -31.01 -27.24 -54.77
CA LYS E 2 -31.03 -28.45 -53.98
C LYS E 2 -32.13 -28.36 -52.93
N GLN E 3 -32.69 -29.52 -52.60
CA GLN E 3 -33.81 -29.61 -51.67
C GLN E 3 -33.70 -30.91 -50.88
N ASP E 4 -33.17 -30.82 -49.66
CA ASP E 4 -33.06 -31.93 -48.74
C ASP E 4 -32.89 -31.39 -47.32
N SER E 5 -33.79 -31.75 -46.42
CA SER E 5 -33.86 -31.16 -45.09
C SER E 5 -34.09 -29.66 -45.19
N ALA E 6 -35.01 -29.25 -46.06
CA ALA E 6 -35.35 -27.84 -46.18
C ALA E 6 -35.99 -27.33 -44.90
N SER E 7 -35.59 -26.13 -44.50
CA SER E 7 -36.07 -25.56 -43.25
C SER E 7 -35.94 -24.04 -43.33
N ASN E 8 -36.59 -23.37 -42.39
CA ASN E 8 -36.48 -21.93 -42.24
C ASN E 8 -35.19 -21.58 -41.51
N ALA E 9 -34.83 -20.30 -41.56
CA ALA E 9 -33.62 -19.84 -40.91
C ALA E 9 -33.68 -20.11 -39.41
N THR E 10 -32.62 -20.72 -38.88
CA THR E 10 -32.53 -20.91 -37.44
C THR E 10 -32.55 -19.57 -36.73
N TYR E 11 -31.90 -18.57 -37.31
CA TYR E 11 -32.02 -17.20 -36.86
C TYR E 11 -32.39 -16.30 -38.02
N THR E 12 -33.23 -15.30 -37.77
CA THR E 12 -33.58 -14.35 -38.79
C THR E 12 -33.38 -12.95 -38.24
N VAL E 13 -32.62 -12.14 -38.96
CA VAL E 13 -32.26 -10.79 -38.52
C VAL E 13 -32.89 -9.80 -39.50
N ASP E 14 -33.59 -8.81 -38.94
CA ASP E 14 -34.29 -7.84 -39.74
C ASP E 14 -33.49 -6.56 -39.83
N CYS E 15 -33.10 -6.17 -41.05
CA CYS E 15 -32.28 -4.98 -41.24
C CYS E 15 -33.09 -3.90 -41.94
N GLU E 16 -32.52 -2.70 -41.98
CA GLU E 16 -33.14 -1.56 -42.62
C GLU E 16 -32.72 -1.42 -44.08
N ASP E 17 -31.95 -2.36 -44.60
CA ASP E 17 -31.48 -2.27 -45.99
C ASP E 17 -31.36 -3.67 -46.56
N TYR E 18 -31.53 -3.76 -47.88
CA TYR E 18 -31.28 -5.00 -48.58
C TYR E 18 -29.81 -5.38 -48.46
N VAL E 19 -29.55 -6.67 -48.47
CA VAL E 19 -28.19 -7.17 -48.23
C VAL E 19 -27.48 -7.35 -49.57
N HIS E 20 -26.50 -6.48 -49.84
CA HIS E 20 -25.60 -6.67 -50.97
C HIS E 20 -24.47 -7.64 -50.66
N VAL E 21 -23.69 -7.41 -49.60
CA VAL E 21 -22.66 -8.34 -49.15
C VAL E 21 -22.72 -8.41 -47.64
N VAL E 22 -22.42 -9.59 -47.10
CA VAL E 22 -22.45 -9.81 -45.66
C VAL E 22 -21.58 -11.01 -45.32
N GLU E 23 -20.76 -10.89 -44.29
CA GLU E 23 -19.90 -12.01 -43.91
C GLU E 23 -19.35 -11.79 -42.50
N PHE E 24 -19.01 -12.89 -41.83
CA PHE E 24 -18.56 -12.88 -40.44
C PHE E 24 -17.14 -12.33 -40.29
N ASN E 25 -16.63 -12.47 -39.08
CA ASN E 25 -15.20 -12.39 -38.83
C ASN E 25 -14.55 -13.78 -38.97
N PRO E 26 -13.47 -13.89 -39.75
CA PRO E 26 -12.81 -15.20 -39.90
C PRO E 26 -12.18 -15.70 -38.61
N PHE E 27 -11.22 -14.95 -38.08
CA PHE E 27 -10.48 -15.32 -36.89
C PHE E 27 -9.80 -14.09 -36.32
N ASP E 28 -9.05 -14.30 -35.23
CA ASP E 28 -8.27 -13.26 -34.58
C ASP E 28 -9.12 -12.08 -34.14
N SER E 29 -9.99 -12.28 -33.15
CA SER E 29 -10.79 -11.20 -32.59
C SER E 29 -10.21 -10.81 -31.25
N GLY E 30 -10.25 -9.51 -30.95
CA GLY E 30 -9.75 -9.03 -29.68
C GLY E 30 -10.58 -9.48 -28.49
N GLU E 31 -11.86 -9.77 -28.72
CA GLU E 31 -12.76 -10.24 -27.67
C GLU E 31 -13.61 -11.37 -28.22
N ALA E 32 -14.27 -12.08 -27.32
CA ALA E 32 -15.12 -13.20 -27.71
C ALA E 32 -16.34 -12.70 -28.46
N GLY E 33 -16.97 -13.61 -29.20
CA GLY E 33 -18.14 -13.26 -29.99
C GLY E 33 -17.77 -12.96 -31.44
N SER E 34 -18.73 -13.07 -32.34
CA SER E 34 -18.46 -12.85 -33.75
C SER E 34 -18.90 -11.48 -34.19
N LEU E 35 -17.95 -10.66 -34.62
CA LEU E 35 -18.28 -9.50 -35.44
C LEU E 35 -18.73 -9.98 -36.81
N LEU E 36 -19.61 -9.20 -37.42
CA LEU E 36 -20.06 -9.44 -38.78
C LEU E 36 -20.25 -8.09 -39.45
N ALA E 37 -20.16 -8.08 -40.78
CA ALA E 37 -20.33 -6.84 -41.51
C ALA E 37 -21.12 -7.08 -42.77
N TYR E 38 -22.04 -6.16 -43.08
CA TYR E 38 -22.75 -6.18 -44.34
C TYR E 38 -22.70 -4.79 -44.97
N GLY E 39 -22.35 -4.75 -46.25
CA GLY E 39 -22.35 -3.52 -47.02
C GLY E 39 -23.41 -3.60 -48.10
N GLY E 40 -24.16 -2.51 -48.24
CA GLY E 40 -25.19 -2.45 -49.26
C GLY E 40 -24.76 -1.65 -50.47
N ILE E 41 -25.39 -0.49 -50.65
CA ILE E 41 -25.13 0.36 -51.80
C ILE E 41 -24.51 1.70 -51.41
N SER E 42 -24.82 2.22 -50.22
CA SER E 42 -24.27 3.50 -49.79
C SER E 42 -23.86 3.44 -48.33
N TYR E 43 -24.09 2.30 -47.67
CA TYR E 43 -23.78 2.16 -46.25
C TYR E 43 -23.17 0.79 -45.99
N VAL E 44 -22.18 0.77 -45.09
CA VAL E 44 -21.61 -0.47 -44.59
C VAL E 44 -21.78 -0.51 -43.08
N VAL E 45 -22.36 -1.59 -42.57
CA VAL E 45 -22.68 -1.72 -41.17
C VAL E 45 -21.88 -2.87 -40.59
N ILE E 46 -21.09 -2.57 -39.56
CA ILE E 46 -20.41 -3.56 -38.73
C ILE E 46 -21.22 -3.71 -37.45
N ALA E 47 -21.46 -4.95 -37.06
CA ALA E 47 -22.25 -5.27 -35.88
C ALA E 47 -21.72 -6.54 -35.23
N SER E 48 -21.69 -6.54 -33.91
CA SER E 48 -21.32 -7.73 -33.15
C SER E 48 -22.57 -8.55 -32.86
N CYS E 49 -22.52 -9.84 -33.14
CA CYS E 49 -23.66 -10.73 -33.00
C CYS E 49 -23.33 -11.83 -32.01
N ARG E 50 -24.28 -12.11 -31.13
CA ARG E 50 -24.16 -13.16 -30.12
C ARG E 50 -25.29 -14.14 -30.28
N PHE E 51 -25.00 -15.43 -30.18
CA PHE E 51 -26.03 -16.46 -30.34
C PHE E 51 -26.24 -17.18 -29.01
N GLN E 52 -27.44 -17.76 -28.86
CA GLN E 52 -27.69 -18.67 -27.76
C GLN E 52 -26.88 -19.94 -27.88
N GLU E 53 -26.32 -20.23 -29.06
CA GLU E 53 -25.31 -21.29 -29.17
C GLU E 53 -24.13 -21.00 -28.26
N GLU E 54 -23.60 -19.78 -28.34
CA GLU E 54 -22.42 -19.38 -27.57
C GLU E 54 -22.81 -18.95 -26.16
N ASP E 55 -23.62 -17.91 -26.06
CA ASP E 55 -23.92 -17.31 -24.77
C ASP E 55 -25.30 -17.75 -24.28
N SER E 56 -25.38 -18.01 -22.98
CA SER E 56 -26.65 -18.29 -22.33
C SER E 56 -27.39 -17.03 -21.90
N THR E 57 -26.66 -15.96 -21.55
CA THR E 57 -27.31 -14.69 -21.29
C THR E 57 -27.96 -14.13 -22.54
N VAL E 58 -27.29 -14.24 -23.68
CA VAL E 58 -27.86 -13.85 -24.97
C VAL E 58 -28.83 -14.93 -25.41
N GLU E 59 -30.09 -14.56 -25.55
CA GLU E 59 -31.15 -15.49 -25.90
C GLU E 59 -31.50 -15.32 -27.37
N GLY E 60 -31.48 -16.42 -28.11
CA GLY E 60 -31.60 -16.34 -29.55
C GLY E 60 -30.37 -15.70 -30.13
N ILE E 61 -30.50 -14.45 -30.57
CA ILE E 61 -29.37 -13.68 -31.06
C ILE E 61 -29.50 -12.24 -30.56
N GLU E 62 -28.39 -11.71 -30.02
CA GLU E 62 -28.26 -10.30 -29.71
C GLU E 62 -27.29 -9.69 -30.72
N PHE E 63 -27.83 -8.94 -31.67
CA PHE E 63 -27.01 -8.24 -32.65
C PHE E 63 -27.03 -6.76 -32.32
N LYS E 64 -25.83 -6.19 -32.13
CA LYS E 64 -25.70 -4.78 -31.77
C LYS E 64 -24.75 -4.15 -32.77
N THR E 65 -25.21 -3.10 -33.44
CA THR E 65 -24.39 -2.44 -34.45
C THR E 65 -23.29 -1.61 -33.80
N LEU E 66 -22.05 -1.90 -34.17
CA LEU E 66 -20.93 -1.07 -33.81
C LEU E 66 -20.84 0.19 -34.65
N LYS E 67 -21.11 0.11 -35.95
CA LYS E 67 -21.05 1.32 -36.75
C LYS E 67 -21.77 1.12 -38.07
N THR E 68 -22.36 2.21 -38.57
CA THR E 68 -22.78 2.32 -39.96
C THR E 68 -22.02 3.47 -40.58
N PHE E 69 -21.31 3.20 -41.66
CA PHE E 69 -20.48 4.18 -42.32
C PHE E 69 -21.05 4.49 -43.69
N HIS E 70 -21.02 5.79 -44.04
CA HIS E 70 -21.49 6.27 -45.33
C HIS E 70 -20.39 6.06 -46.37
N HIS E 71 -20.60 5.14 -47.30
CA HIS E 71 -19.64 4.96 -48.38
C HIS E 71 -20.29 5.45 -49.67
N GLY E 72 -19.52 5.42 -50.74
CA GLY E 72 -20.00 5.90 -52.03
C GLY E 72 -20.60 4.82 -52.88
N GLU E 73 -19.95 4.50 -53.99
CA GLU E 73 -20.46 3.49 -54.91
C GLU E 73 -20.60 2.14 -54.22
N ARG E 74 -21.60 1.39 -54.66
CA ARG E 74 -22.03 0.18 -53.97
C ARG E 74 -20.88 -0.80 -53.79
N VAL E 75 -20.71 -1.26 -52.56
CA VAL E 75 -19.69 -2.26 -52.26
C VAL E 75 -20.14 -3.61 -52.80
N VAL E 76 -19.25 -4.26 -53.54
CA VAL E 76 -19.55 -5.55 -54.14
C VAL E 76 -18.75 -6.69 -53.52
N ALA E 77 -17.66 -6.39 -52.82
CA ALA E 77 -16.88 -7.40 -52.11
C ALA E 77 -16.13 -6.71 -50.98
N ILE E 78 -15.93 -7.45 -49.89
CA ILE E 78 -15.30 -6.90 -48.68
C ILE E 78 -14.18 -7.84 -48.24
N ALA E 79 -13.03 -7.28 -47.88
CA ALA E 79 -11.86 -8.05 -47.50
C ALA E 79 -11.55 -7.82 -46.02
N TRP E 80 -11.66 -8.90 -45.25
CA TRP E 80 -11.26 -8.94 -43.85
C TRP E 80 -9.77 -9.23 -43.74
N SER E 81 -9.10 -8.51 -42.84
CA SER E 81 -7.74 -8.86 -42.46
C SER E 81 -7.75 -9.43 -41.05
N PRO E 82 -7.40 -10.69 -40.84
CA PRO E 82 -7.52 -11.27 -39.50
C PRO E 82 -6.48 -10.73 -38.53
N GLU E 83 -6.57 -9.44 -38.22
CA GLU E 83 -5.69 -8.81 -37.25
C GLU E 83 -6.45 -7.83 -36.37
N THR E 84 -7.76 -7.71 -36.60
CA THR E 84 -8.53 -6.68 -35.93
C THR E 84 -8.63 -6.95 -34.44
N ARG E 85 -8.88 -5.89 -33.67
CA ARG E 85 -8.94 -5.97 -32.23
C ARG E 85 -10.29 -5.49 -31.73
N CYS E 86 -10.75 -6.12 -30.65
CA CYS E 86 -12.02 -5.76 -30.01
C CYS E 86 -11.82 -5.42 -28.54
N ASP E 87 -10.62 -5.63 -28.00
CA ASP E 87 -10.32 -5.44 -26.59
C ASP E 87 -9.51 -4.16 -26.39
N ALA E 88 -9.08 -3.94 -25.14
CA ALA E 88 -8.29 -2.79 -24.75
C ALA E 88 -9.01 -1.48 -25.06
N LEU E 89 -8.27 -0.38 -25.08
CA LEU E 89 -8.84 0.94 -25.31
C LEU E 89 -8.97 1.30 -26.77
N LEU E 90 -8.46 0.49 -27.69
CA LEU E 90 -8.47 0.79 -29.11
C LEU E 90 -8.79 -0.46 -29.91
N PRO E 91 -9.97 -0.52 -30.52
CA PRO E 91 -10.25 -1.62 -31.45
C PRO E 91 -9.69 -1.36 -32.84
N LEU E 92 -8.76 -2.19 -33.27
CA LEU E 92 -8.12 -2.03 -34.58
C LEU E 92 -9.11 -2.43 -35.67
N LEU E 93 -9.19 -1.62 -36.72
CA LEU E 93 -9.94 -1.95 -37.91
C LEU E 93 -9.10 -1.62 -39.12
N ARG E 94 -8.82 -2.61 -39.96
CA ARG E 94 -8.18 -2.36 -41.25
C ARG E 94 -8.82 -3.26 -42.28
N PHE E 95 -9.86 -2.76 -42.96
CA PHE E 95 -10.67 -3.61 -43.82
C PHE E 95 -10.75 -2.98 -45.21
N ALA E 96 -10.78 -3.82 -46.23
CA ALA E 96 -10.78 -3.34 -47.60
C ALA E 96 -12.13 -3.61 -48.26
N THR E 97 -12.41 -2.87 -49.32
CA THR E 97 -13.61 -3.11 -50.12
C THR E 97 -13.29 -2.94 -51.59
N ALA E 98 -14.06 -3.63 -52.42
CA ALA E 98 -14.19 -3.34 -53.83
C ALA E 98 -15.63 -2.94 -54.11
N ALA E 99 -15.80 -1.81 -54.79
CA ALA E 99 -17.12 -1.23 -54.97
C ALA E 99 -17.52 -1.30 -56.44
N GLY E 100 -18.66 -0.70 -56.74
CA GLY E 100 -19.12 -0.58 -58.11
C GLY E 100 -18.36 0.49 -58.86
N ASP E 101 -17.04 0.48 -58.69
CA ASP E 101 -16.17 1.45 -59.32
C ASP E 101 -14.92 0.76 -59.84
N LYS E 102 -14.87 -0.57 -59.70
CA LYS E 102 -13.76 -1.41 -60.10
C LYS E 102 -12.52 -1.17 -59.23
N LYS E 103 -12.60 -0.24 -58.29
CA LYS E 103 -11.46 0.16 -57.48
C LYS E 103 -11.51 -0.52 -56.13
N ILE E 104 -10.37 -0.53 -55.45
CA ILE E 104 -10.25 -1.08 -54.10
C ILE E 104 -9.96 0.08 -53.16
N ARG E 105 -10.56 0.04 -51.98
CA ARG E 105 -10.42 1.09 -50.98
C ARG E 105 -10.16 0.48 -49.62
N ILE E 106 -9.15 0.99 -48.91
CA ILE E 106 -8.76 0.49 -47.59
C ILE E 106 -9.22 1.48 -46.54
N PHE E 107 -9.82 0.97 -45.45
CA PHE E 107 -10.31 1.80 -44.37
C PHE E 107 -9.75 1.31 -43.03
N THR E 108 -9.20 2.24 -42.27
CA THR E 108 -8.67 1.95 -40.94
C THR E 108 -9.45 2.76 -39.92
N SER E 109 -9.78 2.12 -38.81
CA SER E 109 -10.67 2.72 -37.83
C SER E 109 -10.27 2.26 -36.43
N ASP E 110 -10.66 3.07 -35.45
CA ASP E 110 -10.26 2.86 -34.08
C ASP E 110 -11.37 3.10 -33.06
N PHE E 111 -12.59 3.40 -33.50
CA PHE E 111 -13.72 3.76 -32.63
C PHE E 111 -13.46 5.06 -31.88
N GLN E 112 -12.29 5.67 -32.10
CA GLN E 112 -11.90 6.89 -31.42
C GLN E 112 -12.06 8.10 -32.33
N ASP E 113 -12.92 7.98 -33.35
CA ASP E 113 -13.28 9.00 -34.33
C ASP E 113 -12.15 9.28 -35.32
N LYS E 114 -11.29 8.32 -35.60
CA LYS E 114 -10.29 8.45 -36.65
C LYS E 114 -10.49 7.35 -37.67
N ASN E 115 -10.80 7.74 -38.91
CA ASN E 115 -10.96 6.81 -40.01
C ASN E 115 -10.47 7.50 -41.28
N GLU E 116 -9.36 7.02 -41.81
CA GLU E 116 -8.84 7.49 -43.08
C GLU E 116 -8.85 6.36 -44.09
N TYR E 117 -8.63 6.71 -45.35
CA TYR E 117 -8.99 5.86 -46.46
C TYR E 117 -7.86 5.80 -47.48
N LYS E 118 -7.60 4.59 -47.98
CA LYS E 118 -6.64 4.39 -49.05
C LYS E 118 -7.33 3.65 -50.20
N VAL E 119 -7.53 4.37 -51.29
CA VAL E 119 -8.11 3.80 -52.50
C VAL E 119 -7.00 3.10 -53.26
N ILE E 120 -7.23 1.82 -53.58
CA ILE E 120 -6.22 0.99 -54.21
C ILE E 120 -6.56 0.87 -55.69
N GLU E 121 -5.56 1.06 -56.53
CA GLU E 121 -5.79 1.15 -57.97
C GLU E 121 -6.29 -0.17 -58.52
N GLY E 122 -6.97 -0.11 -59.66
CA GLY E 122 -7.42 -1.31 -60.34
C GLY E 122 -6.48 -1.76 -61.44
N HIS E 123 -7.01 -2.50 -62.40
CA HIS E 123 -6.27 -3.02 -63.54
C HIS E 123 -7.24 -3.14 -64.70
N SER E 124 -6.92 -3.98 -65.68
CA SER E 124 -7.86 -4.29 -66.74
C SER E 124 -8.89 -5.31 -66.25
N GLY E 125 -10.16 -5.04 -66.52
CA GLY E 125 -11.20 -5.94 -66.09
C GLY E 125 -11.50 -5.86 -64.61
N TYR E 126 -12.75 -6.10 -64.22
CA TYR E 126 -13.18 -5.83 -62.87
C TYR E 126 -12.50 -6.75 -61.86
N ILE E 127 -12.37 -6.24 -60.63
CA ILE E 127 -11.82 -7.02 -59.52
C ILE E 127 -12.78 -8.16 -59.21
N ASN E 128 -12.39 -9.38 -59.58
CA ASN E 128 -13.24 -10.54 -59.34
C ASN E 128 -13.23 -11.00 -57.89
N ASP E 129 -12.08 -10.95 -57.22
CA ASP E 129 -12.00 -11.37 -55.82
C ASP E 129 -10.76 -10.75 -55.21
N LEU E 130 -10.75 -10.67 -53.88
CA LEU E 130 -9.66 -10.01 -53.16
C LEU E 130 -9.67 -10.48 -51.71
N VAL E 131 -8.49 -10.91 -51.25
CA VAL E 131 -8.33 -11.49 -49.91
C VAL E 131 -6.97 -11.10 -49.34
N PHE E 132 -6.93 -10.88 -48.04
CA PHE E 132 -5.64 -10.71 -47.37
C PHE E 132 -4.90 -12.03 -47.31
N CYS E 133 -3.61 -11.99 -47.71
CA CYS E 133 -2.83 -13.20 -47.93
C CYS E 133 -1.83 -13.47 -46.81
N SER E 134 -2.02 -12.87 -45.64
CA SER E 134 -1.20 -13.13 -44.48
C SER E 134 -2.07 -13.69 -43.37
N PRO E 135 -1.50 -14.46 -42.44
CA PRO E 135 -2.32 -15.06 -41.37
C PRO E 135 -2.92 -14.01 -40.44
N GLU E 136 -2.46 -12.77 -40.58
CA GLU E 136 -3.05 -11.64 -39.89
C GLU E 136 -3.54 -10.66 -40.94
N GLY E 137 -2.96 -10.78 -42.13
CA GLY E 137 -3.25 -9.92 -43.25
C GLY E 137 -2.52 -8.59 -43.14
N THR E 138 -1.71 -8.31 -44.14
CA THR E 138 -1.12 -6.99 -44.31
C THR E 138 -1.06 -6.67 -45.79
N ASP E 139 -1.27 -7.69 -46.60
CA ASP E 139 -1.19 -7.59 -48.05
C ASP E 139 -2.41 -8.27 -48.65
N ILE E 140 -2.89 -7.73 -49.76
CA ILE E 140 -4.11 -8.21 -50.39
C ILE E 140 -3.79 -8.73 -51.78
N ALA E 141 -4.31 -9.91 -52.08
CA ALA E 141 -4.24 -10.51 -53.40
C ALA E 141 -5.58 -10.36 -54.09
N SER E 142 -5.55 -9.91 -55.33
CA SER E 142 -6.77 -9.64 -56.09
C SER E 142 -6.66 -10.29 -57.46
N VAL E 143 -7.78 -10.84 -57.91
CA VAL E 143 -7.91 -11.44 -59.24
C VAL E 143 -8.95 -10.68 -60.03
N GLY E 144 -8.68 -10.49 -61.32
CA GLY E 144 -9.57 -9.69 -62.13
C GLY E 144 -9.63 -10.18 -63.55
N ASP E 145 -10.28 -9.38 -64.39
CA ASP E 145 -10.57 -9.76 -65.77
C ASP E 145 -9.48 -9.19 -66.67
N ASP E 146 -8.24 -9.59 -66.42
CA ASP E 146 -7.13 -9.32 -67.34
C ASP E 146 -6.18 -10.49 -67.37
N HIS E 147 -6.61 -11.63 -66.80
CA HIS E 147 -5.75 -12.75 -66.45
C HIS E 147 -4.45 -12.28 -65.82
N THR E 148 -4.55 -11.42 -64.80
CA THR E 148 -3.44 -11.06 -63.94
C THR E 148 -3.86 -11.18 -62.49
N CYS E 149 -2.99 -11.75 -61.67
CA CYS E 149 -3.15 -11.83 -60.23
C CYS E 149 -2.21 -10.81 -59.59
N ARG E 150 -2.77 -9.74 -59.03
CA ARG E 150 -2.00 -8.60 -58.59
C ARG E 150 -2.07 -8.49 -57.07
N ILE E 151 -0.89 -8.50 -56.45
CA ILE E 151 -0.75 -8.34 -55.00
C ILE E 151 -0.40 -6.89 -54.74
N TRP E 152 -1.12 -6.28 -53.80
CA TRP E 152 -0.99 -4.86 -53.51
C TRP E 152 -0.56 -4.71 -52.05
N ASP E 153 0.03 -3.56 -51.73
CA ASP E 153 0.30 -3.25 -50.34
C ASP E 153 -0.79 -2.35 -49.77
N LEU E 154 -0.68 -2.05 -48.48
CA LEU E 154 -1.59 -1.09 -47.86
C LEU E 154 -1.45 0.29 -48.49
N ASP E 155 -0.27 0.61 -49.00
CA ASP E 155 -0.05 1.90 -49.64
C ASP E 155 -0.63 1.96 -51.04
N GLY E 156 -0.94 0.82 -51.64
CA GLY E 156 -1.47 0.78 -52.99
C GLY E 156 -0.49 0.42 -54.07
N LYS E 157 0.67 -0.12 -53.72
CA LYS E 157 1.74 -0.43 -54.66
C LYS E 157 1.69 -1.90 -55.05
N GLN E 158 2.06 -2.20 -56.28
CA GLN E 158 2.12 -3.57 -56.76
C GLN E 158 3.13 -4.38 -55.94
N ILE E 159 2.63 -5.16 -54.98
CA ILE E 159 3.51 -6.12 -54.35
C ILE E 159 3.97 -7.16 -55.36
N ALA E 160 3.05 -7.64 -56.20
CA ALA E 160 3.42 -8.63 -57.19
C ALA E 160 2.40 -8.66 -58.32
N MET E 161 2.77 -9.30 -59.42
CA MET E 161 1.84 -9.57 -60.51
C MET E 161 2.19 -10.91 -61.13
N PHE E 162 1.20 -11.78 -61.25
CA PHE E 162 1.35 -13.10 -61.84
C PHE E 162 0.49 -13.17 -63.08
N ILE E 163 1.07 -13.67 -64.17
CA ILE E 163 0.37 -13.73 -65.46
C ILE E 163 -0.40 -15.04 -65.54
N LEU E 164 -1.73 -14.95 -65.57
CA LEU E 164 -2.62 -16.10 -65.64
C LEU E 164 -3.02 -16.36 -67.09
N ARG E 165 -3.55 -17.56 -67.33
CA ARG E 165 -4.06 -17.90 -68.66
C ARG E 165 -5.41 -17.26 -68.96
N SER E 166 -6.31 -17.20 -67.99
CA SER E 166 -7.63 -16.62 -68.18
C SER E 166 -7.92 -15.75 -66.97
N PRO E 167 -8.81 -14.75 -67.12
CA PRO E 167 -9.15 -13.89 -65.99
C PRO E 167 -9.57 -14.69 -64.77
N GLY E 168 -8.93 -14.39 -63.64
CA GLY E 168 -9.18 -15.14 -62.43
C GLY E 168 -10.45 -14.72 -61.72
N MET E 169 -11.30 -15.68 -61.40
CA MET E 169 -12.55 -15.39 -60.72
C MET E 169 -12.43 -15.33 -59.21
N SER E 170 -11.49 -16.08 -58.64
CA SER E 170 -11.40 -16.21 -57.19
C SER E 170 -9.94 -16.28 -56.75
N VAL E 171 -9.66 -15.64 -55.63
CA VAL E 171 -8.35 -15.69 -54.98
C VAL E 171 -8.58 -16.03 -53.50
N ALA E 172 -7.76 -16.94 -52.98
CA ALA E 172 -8.05 -17.51 -51.67
C ALA E 172 -6.81 -17.55 -50.80
N TRP E 173 -6.95 -17.08 -49.56
CA TRP E 173 -5.90 -17.19 -48.55
C TRP E 173 -5.99 -18.54 -47.85
N HIS E 174 -4.83 -19.06 -47.44
CA HIS E 174 -4.75 -20.28 -46.66
C HIS E 174 -4.50 -19.93 -45.20
N PRO E 175 -5.53 -19.81 -44.36
CA PRO E 175 -5.28 -19.47 -42.95
C PRO E 175 -4.40 -20.50 -42.27
N GLU E 176 -4.55 -21.77 -42.62
CA GLU E 176 -3.64 -22.80 -42.14
C GLU E 176 -2.25 -22.68 -42.75
N GLY E 177 -2.14 -22.08 -43.93
CA GLY E 177 -0.85 -21.90 -44.58
C GLY E 177 -0.25 -20.56 -44.24
N ALA E 178 0.92 -20.30 -44.84
CA ALA E 178 1.64 -19.06 -44.64
C ALA E 178 2.05 -18.54 -46.01
N PHE E 179 1.35 -17.51 -46.48
CA PHE E 179 1.51 -16.97 -47.82
C PHE E 179 1.26 -18.06 -48.87
N LYS E 180 0.42 -19.04 -48.51
CA LYS E 180 -0.10 -20.00 -49.47
C LYS E 180 -1.39 -19.44 -50.04
N LEU E 181 -1.39 -19.14 -51.33
CA LEU E 181 -2.53 -18.53 -51.99
C LEU E 181 -3.04 -19.45 -53.08
N MET E 182 -4.35 -19.44 -53.32
CA MET E 182 -4.88 -20.05 -54.53
C MET E 182 -5.40 -18.98 -55.46
N VAL E 183 -5.19 -19.21 -56.76
CA VAL E 183 -5.81 -18.42 -57.82
C VAL E 183 -6.58 -19.37 -58.72
N ALA E 184 -7.85 -19.07 -58.97
CA ALA E 184 -8.73 -19.94 -59.74
C ALA E 184 -9.04 -19.29 -61.08
N GLU E 185 -8.96 -20.08 -62.15
CA GLU E 185 -9.23 -19.61 -63.50
C GLU E 185 -10.51 -20.24 -64.03
N LYS E 186 -11.17 -19.52 -64.94
CA LYS E 186 -12.41 -20.03 -65.54
C LYS E 186 -12.16 -21.31 -66.34
N THR E 187 -10.97 -21.45 -66.93
CA THR E 187 -10.66 -22.65 -67.70
C THR E 187 -10.61 -23.88 -66.80
N GLY E 188 -10.47 -23.67 -65.49
CA GLY E 188 -10.45 -24.79 -64.56
C GLY E 188 -9.08 -25.02 -63.96
N THR E 189 -8.23 -24.00 -63.96
CA THR E 189 -6.88 -24.11 -63.44
C THR E 189 -6.81 -23.53 -62.03
N ILE E 190 -6.32 -24.31 -61.09
CA ILE E 190 -6.11 -23.88 -59.71
C ILE E 190 -4.61 -23.78 -59.51
N ARG E 191 -4.13 -22.62 -59.07
CA ARG E 191 -2.70 -22.45 -58.87
C ARG E 191 -2.40 -22.06 -57.43
N PHE E 192 -1.46 -22.77 -56.82
CA PHE E 192 -0.96 -22.47 -55.48
C PHE E 192 0.30 -21.63 -55.61
N TYR E 193 0.25 -20.44 -55.03
CA TYR E 193 1.38 -19.51 -55.00
C TYR E 193 1.98 -19.47 -53.60
N ASP E 194 3.29 -19.65 -53.54
CA ASP E 194 4.06 -19.39 -52.32
C ASP E 194 4.53 -17.96 -52.35
N LEU E 195 3.73 -17.05 -51.79
CA LEU E 195 4.05 -15.63 -51.81
C LEU E 195 5.29 -15.30 -50.98
N THR E 196 5.75 -16.24 -50.15
CA THR E 196 7.00 -16.04 -49.43
C THR E 196 8.20 -15.95 -50.37
N THR E 197 8.19 -16.71 -51.46
CA THR E 197 9.30 -16.70 -52.41
C THR E 197 8.82 -16.30 -53.80
N HIS E 198 7.52 -16.06 -53.93
CA HIS E 198 6.88 -15.82 -55.23
C HIS E 198 7.17 -16.96 -56.20
N GLN E 199 7.20 -18.18 -55.68
CA GLN E 199 7.38 -19.37 -56.50
C GLN E 199 6.12 -20.20 -56.48
N ALA E 200 5.60 -20.48 -57.67
CA ALA E 200 4.39 -21.26 -57.82
C ALA E 200 4.70 -22.73 -57.56
N ILE E 201 3.93 -23.35 -56.68
CA ILE E 201 4.30 -24.68 -56.17
C ILE E 201 3.50 -25.80 -56.83
N LEU E 202 2.17 -25.73 -56.83
CA LEU E 202 1.35 -26.86 -57.24
C LEU E 202 0.15 -26.37 -58.05
N SER E 203 -0.37 -27.26 -58.89
CA SER E 203 -1.47 -26.95 -59.79
C SER E 203 -2.54 -28.03 -59.71
N LEU E 204 -3.78 -27.61 -59.98
CA LEU E 204 -4.93 -28.51 -60.06
C LEU E 204 -5.72 -28.23 -61.33
N GLU E 205 -6.32 -29.28 -61.88
CA GLU E 205 -7.08 -29.21 -63.11
C GLU E 205 -8.49 -29.74 -62.87
N SER E 206 -9.49 -28.94 -63.25
CA SER E 206 -10.89 -29.31 -63.10
C SER E 206 -11.49 -29.65 -64.46
N VAL E 207 -12.23 -30.76 -64.52
CA VAL E 207 -12.85 -31.19 -65.77
C VAL E 207 -14.22 -30.57 -65.99
N GLN E 208 -14.75 -29.83 -65.01
CA GLN E 208 -16.00 -29.10 -65.14
C GLN E 208 -15.70 -27.62 -65.29
N VAL E 209 -16.25 -27.00 -66.31
CA VAL E 209 -16.01 -25.60 -66.61
C VAL E 209 -17.34 -24.88 -66.76
N PRO E 210 -17.41 -23.57 -66.51
CA PRO E 210 -16.33 -22.72 -66.00
C PRO E 210 -16.08 -22.90 -64.51
N LEU E 211 -14.89 -22.50 -64.06
CA LEU E 211 -14.56 -22.56 -62.64
C LEU E 211 -14.50 -21.15 -62.07
N MET E 212 -15.25 -20.90 -61.00
CA MET E 212 -15.34 -19.55 -60.45
C MET E 212 -15.18 -19.47 -58.94
N SER E 213 -15.54 -20.52 -58.18
CA SER E 213 -15.52 -20.42 -56.74
C SER E 213 -14.92 -21.68 -56.14
N ALA E 214 -14.07 -21.49 -55.13
CA ALA E 214 -13.35 -22.57 -54.46
C ALA E 214 -12.92 -22.12 -53.07
N ASP E 215 -12.27 -23.05 -52.34
CA ASP E 215 -11.84 -22.80 -50.98
C ASP E 215 -10.92 -23.94 -50.52
N TRP E 216 -10.01 -23.62 -49.60
CA TRP E 216 -9.32 -24.67 -48.85
C TRP E 216 -10.30 -25.28 -47.86
N CYS E 217 -9.99 -26.49 -47.41
CA CYS E 217 -10.63 -26.97 -46.20
C CYS E 217 -10.11 -26.17 -45.01
N VAL E 218 -11.00 -25.80 -44.10
CA VAL E 218 -10.63 -24.98 -42.95
C VAL E 218 -9.91 -25.79 -41.87
N ARG E 219 -10.24 -27.07 -41.73
CA ARG E 219 -9.58 -27.92 -40.75
C ARG E 219 -8.70 -28.97 -41.40
N ASN E 220 -8.37 -28.80 -42.68
CA ASN E 220 -7.49 -29.72 -43.38
C ASN E 220 -6.87 -28.99 -44.56
N THR E 221 -5.67 -29.40 -44.94
CA THR E 221 -4.99 -28.80 -46.08
C THR E 221 -4.98 -29.68 -47.32
N LEU E 222 -5.15 -30.99 -47.19
CA LEU E 222 -5.17 -31.87 -48.35
C LEU E 222 -6.49 -31.79 -49.10
N ARG E 223 -7.55 -31.30 -48.46
CA ARG E 223 -8.87 -31.20 -49.06
C ARG E 223 -9.08 -29.82 -49.65
N ILE E 224 -9.39 -29.79 -50.94
CA ILE E 224 -9.69 -28.53 -51.64
C ILE E 224 -11.09 -28.64 -52.23
N GLY E 225 -11.97 -27.73 -51.83
CA GLY E 225 -13.33 -27.76 -52.30
C GLY E 225 -13.56 -26.67 -53.34
N ALA E 226 -14.53 -26.91 -54.21
CA ALA E 226 -14.84 -25.96 -55.27
C ALA E 226 -16.20 -26.28 -55.85
N VAL E 227 -16.73 -25.34 -56.64
CA VAL E 227 -17.94 -25.56 -57.41
C VAL E 227 -17.62 -25.28 -58.89
N ALA E 228 -17.99 -26.21 -59.75
CA ALA E 228 -17.73 -26.08 -61.18
C ALA E 228 -18.91 -26.67 -61.95
N GLY E 229 -19.24 -26.05 -63.08
CA GLY E 229 -20.42 -26.45 -63.82
C GLY E 229 -21.65 -26.26 -62.97
N ASN E 230 -22.22 -27.37 -62.51
CA ASN E 230 -23.29 -27.33 -61.52
C ASN E 230 -23.04 -28.24 -60.32
N ASP E 231 -21.82 -28.78 -60.15
CA ASP E 231 -21.53 -29.74 -59.10
C ASP E 231 -20.36 -29.26 -58.24
N TRP E 232 -20.33 -29.76 -57.00
CA TRP E 232 -19.26 -29.47 -56.07
C TRP E 232 -18.21 -30.58 -56.09
N ILE E 233 -16.95 -30.16 -56.10
CA ILE E 233 -15.81 -31.04 -56.34
C ILE E 233 -14.80 -30.86 -55.23
N ILE E 234 -14.26 -31.98 -54.75
CA ILE E 234 -13.20 -31.98 -53.75
C ILE E 234 -12.00 -32.72 -54.34
N TRP E 235 -10.82 -32.10 -54.25
CA TRP E 235 -9.56 -32.73 -54.59
C TRP E 235 -8.77 -33.05 -53.34
N GLU E 236 -8.11 -34.20 -53.37
CA GLU E 236 -7.28 -34.68 -52.28
C GLU E 236 -5.83 -34.66 -52.72
N MET E 237 -5.00 -33.92 -52.00
CA MET E 237 -3.58 -33.84 -52.29
C MET E 237 -2.85 -35.02 -51.67
N PRO E 238 -1.72 -35.43 -52.26
CA PRO E 238 -1.16 -34.96 -53.53
C PRO E 238 -1.42 -35.97 -54.64
N ARG E 239 -2.64 -36.49 -54.70
CA ARG E 239 -2.92 -37.60 -55.61
C ARG E 239 -3.88 -37.22 -56.72
N SER E 240 -4.16 -35.93 -56.96
CA SER E 240 -5.13 -35.53 -57.95
C SER E 240 -4.61 -34.38 -58.79
N SER E 241 -4.76 -34.52 -60.10
CA SER E 241 -4.75 -33.40 -61.02
C SER E 241 -6.11 -33.39 -61.70
N TYR E 242 -7.05 -34.11 -61.08
CA TYR E 242 -8.40 -34.27 -61.60
C TYR E 242 -9.32 -34.52 -60.40
N PRO E 243 -10.62 -34.28 -60.55
CA PRO E 243 -11.55 -34.46 -59.42
C PRO E 243 -11.42 -35.78 -58.67
N GLN E 244 -11.04 -35.71 -57.39
CA GLN E 244 -11.11 -36.89 -56.53
C GLN E 244 -12.56 -37.28 -56.26
N ASP E 245 -13.39 -36.32 -55.86
CA ASP E 245 -14.81 -36.55 -55.68
C ASP E 245 -15.59 -35.40 -56.31
N ASN E 246 -16.72 -35.74 -56.93
CA ASN E 246 -17.56 -34.74 -57.57
C ASN E 246 -19.01 -35.16 -57.45
N LYS E 247 -19.80 -34.38 -56.72
CA LYS E 247 -21.21 -34.68 -56.52
C LYS E 247 -22.03 -33.43 -56.79
N PRO E 248 -23.26 -33.57 -57.26
CA PRO E 248 -24.07 -32.39 -57.61
C PRO E 248 -24.23 -31.44 -56.43
N ALA E 249 -24.09 -30.14 -56.70
CA ALA E 249 -24.20 -29.10 -55.70
C ALA E 249 -25.51 -28.33 -55.83
N HIS E 250 -25.80 -27.88 -57.04
CA HIS E 250 -27.06 -27.21 -57.35
C HIS E 250 -27.36 -27.44 -58.82
N ALA E 251 -28.60 -27.85 -59.10
CA ALA E 251 -28.99 -28.10 -60.48
C ALA E 251 -28.82 -26.86 -61.34
N ASP E 252 -29.20 -25.69 -60.84
CA ASP E 252 -28.95 -24.45 -61.54
C ASP E 252 -27.49 -24.08 -61.43
N ARG E 253 -27.15 -22.88 -61.89
CA ARG E 253 -25.76 -22.45 -61.86
C ARG E 253 -25.35 -22.12 -60.44
N ALA E 254 -24.82 -23.10 -59.73
CA ALA E 254 -24.34 -22.90 -58.37
C ALA E 254 -23.23 -21.85 -58.38
N ARG E 255 -23.30 -20.95 -57.40
CA ARG E 255 -22.42 -19.78 -57.40
C ARG E 255 -21.30 -19.86 -56.38
N MET E 256 -21.62 -19.99 -55.09
CA MET E 256 -20.62 -19.87 -54.05
C MET E 256 -20.43 -21.19 -53.31
N PHE E 257 -19.15 -21.50 -53.05
CA PHE E 257 -18.72 -22.64 -52.23
C PHE E 257 -17.97 -22.09 -51.02
N ARG E 258 -18.31 -22.59 -49.84
CA ARG E 258 -17.67 -22.16 -48.60
C ARG E 258 -17.45 -23.38 -47.72
N TRP E 259 -16.40 -23.33 -46.90
CA TRP E 259 -16.12 -24.44 -45.99
C TRP E 259 -16.37 -24.00 -44.55
N SER E 260 -16.86 -24.93 -43.74
CA SER E 260 -17.14 -24.60 -42.34
C SER E 260 -15.87 -24.26 -41.60
N LYS E 261 -15.88 -23.12 -40.92
CA LYS E 261 -14.71 -22.66 -40.16
C LYS E 261 -14.48 -23.45 -38.89
N CYS E 262 -15.21 -24.55 -38.69
CA CYS E 262 -14.91 -25.49 -37.62
C CYS E 262 -15.07 -26.94 -38.04
N ASN E 263 -15.39 -27.20 -39.30
CA ASN E 263 -15.59 -28.55 -39.80
C ASN E 263 -14.68 -28.80 -40.99
N GLU E 264 -14.11 -30.01 -41.04
CA GLU E 264 -13.35 -30.43 -42.22
C GLU E 264 -14.16 -31.36 -43.11
N ASN E 265 -15.45 -31.52 -42.82
CA ASN E 265 -16.33 -32.36 -43.62
C ASN E 265 -17.65 -31.68 -43.97
N VAL E 266 -17.99 -30.59 -43.31
CA VAL E 266 -19.22 -29.85 -43.58
C VAL E 266 -18.86 -28.61 -44.39
N PHE E 267 -19.61 -28.37 -45.45
CA PHE E 267 -19.42 -27.18 -46.26
C PHE E 267 -20.78 -26.67 -46.69
N ALA E 268 -20.79 -25.46 -47.22
CA ALA E 268 -22.02 -24.81 -47.66
C ALA E 268 -21.88 -24.38 -49.11
N THR E 269 -22.99 -24.39 -49.84
CA THR E 269 -23.05 -23.90 -51.19
C THR E 269 -24.30 -23.04 -51.34
N THR E 270 -24.28 -22.15 -52.31
CA THR E 270 -25.47 -21.36 -52.63
C THR E 270 -25.94 -21.70 -54.03
N GLY E 271 -27.25 -21.60 -54.25
CA GLY E 271 -27.79 -21.72 -55.59
C GLY E 271 -27.52 -20.47 -56.41
N TYR E 272 -28.03 -20.48 -57.63
CA TYR E 272 -27.90 -19.29 -58.46
C TYR E 272 -28.81 -18.21 -57.88
N PRO E 273 -28.31 -16.98 -57.71
CA PRO E 273 -29.01 -16.02 -56.83
C PRO E 273 -30.44 -15.72 -57.25
N GLY E 274 -31.28 -15.42 -56.25
CA GLY E 274 -32.61 -14.92 -56.50
C GLY E 274 -33.47 -15.94 -57.23
N LYS E 275 -34.25 -15.43 -58.20
CA LYS E 275 -35.02 -16.28 -59.09
C LYS E 275 -36.00 -17.16 -58.35
N MET E 276 -35.56 -18.39 -58.08
CA MET E 276 -36.32 -19.42 -57.42
C MET E 276 -36.24 -19.36 -55.90
N LYS E 277 -35.98 -18.17 -55.34
CA LYS E 277 -35.88 -18.01 -53.89
C LYS E 277 -34.75 -18.88 -53.38
N SER E 278 -33.52 -18.50 -53.74
CA SER E 278 -32.36 -19.38 -53.79
C SER E 278 -32.10 -20.12 -52.48
N GLN E 279 -31.60 -21.34 -52.60
CA GLN E 279 -31.36 -22.16 -51.43
C GLN E 279 -29.87 -22.24 -51.11
N ILE E 280 -29.55 -22.13 -49.83
CA ILE E 280 -28.29 -22.60 -49.28
C ILE E 280 -28.38 -24.10 -49.09
N ALA E 281 -27.41 -24.82 -49.64
CA ALA E 281 -27.30 -26.25 -49.49
C ALA E 281 -26.08 -26.54 -48.61
N ILE E 282 -26.34 -26.95 -47.38
CA ILE E 282 -25.29 -27.39 -46.47
C ILE E 282 -25.08 -28.87 -46.70
N HIS E 283 -23.88 -29.24 -47.13
CA HIS E 283 -23.51 -30.61 -47.45
C HIS E 283 -22.51 -31.15 -46.46
N HIS E 284 -22.62 -32.45 -46.19
CA HIS E 284 -21.62 -33.20 -45.47
C HIS E 284 -20.93 -34.10 -46.47
N LEU E 285 -19.65 -34.38 -46.26
CA LEU E 285 -18.89 -35.18 -47.21
C LEU E 285 -19.49 -36.57 -47.34
N ALA E 286 -19.25 -37.20 -48.49
CA ALA E 286 -19.82 -38.51 -48.82
C ALA E 286 -21.33 -38.46 -48.86
N HIS E 287 -21.89 -37.28 -49.15
CA HIS E 287 -23.32 -37.12 -49.32
C HIS E 287 -23.60 -36.20 -50.50
N PRO E 288 -23.98 -36.76 -51.65
CA PRO E 288 -24.41 -35.90 -52.77
C PRO E 288 -25.62 -35.08 -52.38
N GLN E 289 -26.46 -35.67 -51.54
CA GLN E 289 -27.61 -34.96 -50.99
C GLN E 289 -27.14 -33.94 -49.95
N PRO E 290 -27.77 -32.77 -49.87
CA PRO E 290 -27.40 -31.81 -48.84
C PRO E 290 -28.02 -32.16 -47.50
N ILE E 291 -27.21 -32.11 -46.45
CA ILE E 291 -27.72 -32.40 -45.11
C ILE E 291 -28.63 -31.29 -44.59
N LEU E 292 -28.64 -30.12 -45.25
CA LEU E 292 -29.54 -29.06 -44.86
C LEU E 292 -29.84 -28.16 -46.06
N ILE E 293 -31.07 -27.65 -46.12
CA ILE E 293 -31.46 -26.67 -47.13
C ILE E 293 -32.14 -25.51 -46.41
N GLY E 294 -31.69 -24.29 -46.72
CA GLY E 294 -32.34 -23.09 -46.25
C GLY E 294 -32.70 -22.18 -47.41
N THR E 295 -33.76 -21.39 -47.20
CA THR E 295 -34.34 -20.57 -48.25
C THR E 295 -34.05 -19.10 -47.99
N ALA E 296 -33.44 -18.44 -48.96
CA ALA E 296 -33.26 -16.99 -48.95
C ALA E 296 -33.82 -16.44 -50.25
N PRO E 297 -34.73 -15.45 -50.18
CA PRO E 297 -35.44 -15.05 -51.40
C PRO E 297 -34.52 -14.58 -52.50
N VAL E 298 -33.33 -14.10 -52.17
CA VAL E 298 -32.28 -13.83 -53.14
C VAL E 298 -30.98 -14.38 -52.57
N GLY E 299 -30.16 -14.95 -53.45
CA GLY E 299 -28.87 -15.44 -53.02
C GLY E 299 -27.82 -14.35 -53.01
N SER E 300 -27.49 -13.85 -51.82
CA SER E 300 -26.52 -12.77 -51.69
C SER E 300 -25.66 -13.02 -50.46
N GLY E 301 -24.44 -13.49 -50.69
CA GLY E 301 -23.50 -13.70 -49.60
C GLY E 301 -23.64 -15.04 -48.91
N LEU E 302 -22.51 -15.61 -48.49
CA LEU E 302 -22.49 -16.88 -47.77
C LEU E 302 -21.31 -16.88 -46.81
N SER E 303 -21.58 -17.02 -45.52
CA SER E 303 -20.51 -16.96 -44.54
C SER E 303 -20.62 -18.10 -43.54
N TRP E 304 -19.47 -18.49 -43.00
CA TRP E 304 -19.37 -19.47 -41.93
C TRP E 304 -18.89 -18.80 -40.64
N HIS E 305 -19.44 -19.24 -39.53
CA HIS E 305 -19.07 -18.69 -38.24
C HIS E 305 -17.65 -19.10 -37.88
N ARG E 306 -16.96 -18.23 -37.13
CA ARG E 306 -15.55 -18.43 -36.81
C ARG E 306 -15.28 -19.82 -36.24
N ARG E 307 -16.07 -20.25 -35.27
CA ARG E 307 -15.92 -21.58 -34.68
C ARG E 307 -17.22 -22.35 -34.55
N LEU E 308 -18.36 -21.74 -34.80
CA LEU E 308 -19.61 -22.48 -34.87
C LEU E 308 -19.81 -23.03 -36.28
N PRO E 309 -20.52 -24.15 -36.42
CA PRO E 309 -20.92 -24.61 -37.75
C PRO E 309 -22.19 -23.89 -38.20
N LEU E 310 -22.10 -22.56 -38.21
CA LEU E 310 -23.25 -21.70 -38.47
C LEU E 310 -23.03 -21.02 -39.82
N CYS E 311 -24.02 -21.12 -40.70
CA CYS E 311 -23.94 -20.52 -42.02
C CYS E 311 -24.99 -19.44 -42.15
N VAL E 312 -24.56 -18.28 -42.65
CA VAL E 312 -25.43 -17.12 -42.83
C VAL E 312 -25.50 -16.77 -44.30
N VAL E 313 -26.74 -16.54 -44.76
CA VAL E 313 -27.03 -16.08 -46.11
C VAL E 313 -27.91 -14.84 -46.02
N GLY E 314 -27.56 -13.81 -46.78
CA GLY E 314 -28.37 -12.61 -46.82
C GLY E 314 -29.50 -12.71 -47.84
N GLY E 315 -30.45 -11.79 -47.71
CA GLY E 315 -31.57 -11.74 -48.63
C GLY E 315 -32.15 -10.35 -48.68
N TYR E 316 -33.43 -10.25 -49.00
CA TYR E 316 -34.09 -8.97 -49.07
C TYR E 316 -34.26 -8.38 -47.68
N ARG E 317 -33.42 -7.41 -47.33
CA ARG E 317 -33.46 -6.69 -46.05
C ARG E 317 -33.35 -7.62 -44.85
N LYS E 318 -32.89 -8.86 -45.04
CA LYS E 318 -32.90 -9.84 -43.97
C LYS E 318 -31.64 -10.70 -44.01
N LEU E 319 -31.33 -11.27 -42.86
CA LEU E 319 -30.23 -12.22 -42.71
C LEU E 319 -30.78 -13.53 -42.18
N PHE E 320 -30.25 -14.64 -42.68
CA PHE E 320 -30.76 -15.96 -42.34
C PHE E 320 -29.61 -16.85 -41.87
N PHE E 321 -29.82 -17.52 -40.75
CA PHE E 321 -28.79 -18.29 -40.06
C PHE E 321 -29.27 -19.71 -39.92
N TRP E 322 -28.42 -20.67 -40.31
CA TRP E 322 -28.72 -22.10 -40.17
C TRP E 322 -27.53 -22.78 -39.49
N LEU E 323 -27.81 -23.62 -38.50
CA LEU E 323 -26.76 -24.35 -37.80
C LEU E 323 -26.68 -25.78 -38.33
N THR E 324 -25.47 -26.31 -38.45
CA THR E 324 -25.25 -27.63 -39.00
C THR E 324 -24.36 -28.45 -38.07
N GLU E 325 -23.99 -29.65 -38.54
CA GLU E 325 -23.28 -30.61 -37.71
C GLU E 325 -21.78 -30.37 -37.76
N MET E 326 -21.05 -31.16 -36.97
CA MET E 326 -19.59 -31.17 -36.99
C MET E 326 -19.07 -31.71 -38.32
N THR F 238 -134.22 -10.32 0.05
CA THR F 238 -133.13 -10.13 0.99
C THR F 238 -133.60 -9.36 2.21
N LEU F 239 -132.87 -8.31 2.56
CA LEU F 239 -133.19 -7.48 3.69
C LEU F 239 -133.48 -6.06 3.24
N MET F 240 -134.53 -5.49 3.82
CA MET F 240 -135.03 -4.19 3.43
C MET F 240 -135.61 -3.48 4.64
N ILE F 241 -135.64 -4.18 5.76
CA ILE F 241 -136.29 -3.66 6.96
C ILE F 241 -135.58 -2.42 7.46
N ASP F 242 -134.25 -2.44 7.39
CA ASP F 242 -133.46 -1.38 8.00
C ASP F 242 -133.78 -0.03 7.40
N MET F 243 -133.82 1.00 8.24
CA MET F 243 -134.24 2.33 7.87
C MET F 243 -133.28 3.35 8.46
N GLY F 244 -133.26 4.55 7.86
CA GLY F 244 -132.44 5.61 8.40
C GLY F 244 -132.37 6.79 7.45
N LEU F 245 -131.51 7.74 7.83
CA LEU F 245 -131.30 8.97 7.09
C LEU F 245 -130.36 8.80 5.91
N PHE F 246 -129.50 7.79 5.95
CA PHE F 246 -128.53 7.50 4.90
C PHE F 246 -129.11 6.43 3.99
N MET F 247 -128.27 5.93 3.07
CA MET F 247 -128.59 4.85 2.16
C MET F 247 -129.64 5.28 1.14
N GLY F 248 -129.58 4.72 -0.06
CA GLY F 248 -130.12 5.44 -1.18
C GLY F 248 -128.97 6.37 -1.49
N ARG F 249 -128.47 6.42 -2.72
CA ARG F 249 -127.05 6.17 -3.01
C ARG F 249 -126.90 4.71 -3.40
N SER F 250 -127.99 4.11 -3.87
CA SER F 250 -127.96 2.81 -4.53
C SER F 250 -128.85 2.85 -5.76
N PHE F 251 -129.29 1.69 -6.25
CA PHE F 251 -129.45 1.42 -7.68
C PHE F 251 -130.10 2.56 -8.47
N ARG F 252 -129.67 2.68 -9.73
CA ARG F 252 -130.33 3.47 -10.76
C ARG F 252 -130.41 2.65 -12.05
N VAL F 253 -130.68 3.35 -13.15
CA VAL F 253 -130.98 2.73 -14.44
C VAL F 253 -130.48 3.66 -15.53
N GLY F 254 -130.53 3.21 -16.79
CA GLY F 254 -130.15 4.06 -17.90
C GLY F 254 -130.81 3.64 -19.19
N TRP F 255 -130.65 4.48 -20.20
CA TRP F 255 -131.11 4.24 -21.57
C TRP F 255 -129.94 4.11 -22.53
N GLY F 256 -130.12 3.32 -23.58
CA GLY F 256 -129.16 3.22 -24.65
C GLY F 256 -129.85 3.37 -25.99
N PRO F 257 -129.06 3.56 -27.05
CA PRO F 257 -129.65 3.84 -28.37
C PRO F 257 -130.42 2.64 -28.89
N ASN F 258 -131.07 2.83 -30.04
CA ASN F 258 -132.05 1.90 -30.58
C ASN F 258 -133.19 1.70 -29.60
N TRP F 259 -133.46 2.71 -28.77
CA TRP F 259 -134.60 2.71 -27.86
C TRP F 259 -134.51 1.60 -26.82
N THR F 260 -133.30 1.12 -26.56
CA THR F 260 -133.11 0.07 -25.56
C THR F 260 -132.89 0.72 -24.20
N LEU F 261 -133.03 -0.07 -23.15
CA LEU F 261 -132.80 0.40 -21.80
C LEU F 261 -131.85 -0.57 -21.11
N VAL F 262 -130.89 0.00 -20.38
CA VAL F 262 -129.87 -0.75 -19.66
C VAL F 262 -130.22 -0.69 -18.18
N HIS F 263 -130.12 -1.83 -17.50
CA HIS F 263 -130.71 -1.89 -16.18
C HIS F 263 -130.18 -3.08 -15.40
N ASN F 264 -129.67 -2.79 -14.21
CA ASN F 264 -129.57 -3.83 -13.20
C ASN F 264 -130.95 -4.40 -12.88
N GLY F 265 -132.00 -3.67 -13.22
CA GLY F 265 -133.35 -4.18 -13.03
C GLY F 265 -133.63 -5.38 -13.91
N ASP F 266 -134.56 -6.20 -13.44
CA ASP F 266 -134.93 -7.40 -14.16
C ASP F 266 -135.63 -7.05 -15.46
N LYS F 267 -135.46 -7.93 -16.45
CA LYS F 267 -135.93 -7.75 -17.81
C LYS F 267 -137.45 -7.71 -17.93
N LEU F 268 -137.92 -7.49 -19.16
CA LEU F 268 -139.35 -7.49 -19.48
C LEU F 268 -139.77 -8.81 -20.12
N SER F 269 -138.82 -9.66 -20.51
CA SER F 269 -139.11 -10.92 -21.19
C SER F 269 -139.35 -12.07 -20.22
N GLU F 270 -139.17 -11.82 -18.91
CA GLU F 270 -139.54 -12.77 -17.87
C GLU F 270 -141.04 -13.02 -17.83
N ARG F 271 -141.81 -12.29 -18.63
CA ARG F 271 -143.23 -12.54 -18.84
C ARG F 271 -143.52 -12.79 -20.31
N LEU F 272 -142.48 -12.97 -21.12
CA LEU F 272 -142.61 -13.23 -22.55
C LEU F 272 -142.13 -14.60 -22.97
N ASN F 273 -141.12 -15.16 -22.31
CA ASN F 273 -140.64 -16.50 -22.62
C ASN F 273 -140.42 -17.27 -21.33
N ALA F 274 -139.94 -18.50 -21.47
CA ALA F 274 -139.72 -19.39 -20.33
C ALA F 274 -138.28 -19.85 -20.29
N GLU F 275 -137.85 -20.29 -19.10
CA GLU F 275 -136.50 -20.78 -18.86
C GLU F 275 -135.46 -19.71 -19.20
N GLU F 276 -135.51 -18.64 -18.41
CA GLU F 276 -134.78 -17.42 -18.72
C GLU F 276 -133.32 -17.51 -18.26
N ASP F 277 -132.53 -16.52 -18.66
CA ASP F 277 -131.10 -16.48 -18.42
C ASP F 277 -130.73 -15.20 -17.67
N ARG F 278 -129.43 -14.95 -17.55
CA ARG F 278 -128.92 -13.77 -16.85
C ARG F 278 -128.10 -12.89 -17.79
N ASP F 279 -128.06 -11.59 -17.45
CA ASP F 279 -127.35 -10.59 -18.25
C ASP F 279 -127.85 -10.57 -19.69
N MET F 280 -129.13 -10.84 -19.86
CA MET F 280 -129.73 -10.80 -21.18
C MET F 280 -129.79 -9.35 -21.65
N ASP F 281 -129.11 -9.06 -22.76
CA ASP F 281 -128.90 -7.68 -23.18
C ASP F 281 -129.39 -7.43 -24.59
N THR F 282 -130.21 -8.32 -25.13
CA THR F 282 -130.92 -8.08 -26.39
C THR F 282 -132.37 -8.50 -26.20
N ILE F 283 -133.26 -7.90 -27.00
CA ILE F 283 -134.65 -8.35 -26.98
C ILE F 283 -134.72 -9.76 -27.54
N ASP F 284 -135.71 -10.52 -27.06
CA ASP F 284 -135.90 -11.91 -27.44
C ASP F 284 -134.66 -12.71 -27.07
N TYR F 285 -133.95 -13.24 -28.06
CA TYR F 285 -132.72 -13.97 -27.84
C TYR F 285 -131.64 -13.44 -28.77
N GLY F 286 -130.38 -13.60 -28.37
CA GLY F 286 -129.28 -13.10 -29.18
C GLY F 286 -128.09 -12.59 -28.38
N PHE F 287 -128.26 -12.46 -27.07
CA PHE F 287 -127.14 -12.14 -26.19
C PHE F 287 -126.18 -13.32 -26.18
N LEU F 288 -124.94 -13.10 -26.60
CA LEU F 288 -124.00 -14.20 -26.77
C LEU F 288 -123.32 -14.56 -25.45
N PRO F 289 -122.88 -15.81 -25.30
CA PRO F 289 -122.18 -16.24 -24.06
C PRO F 289 -120.73 -15.77 -23.99
N LYS F 290 -120.57 -14.45 -23.97
CA LYS F 290 -119.30 -13.78 -23.83
C LYS F 290 -119.21 -13.15 -22.45
N PRO F 291 -117.98 -12.83 -21.96
CA PRO F 291 -117.82 -12.34 -20.58
C PRO F 291 -118.84 -11.31 -20.12
N THR F 292 -119.38 -11.50 -18.91
CA THR F 292 -120.43 -10.64 -18.40
C THR F 292 -120.43 -10.71 -16.87
N SER F 293 -121.45 -10.13 -16.26
CA SER F 293 -121.56 -10.07 -14.81
C SER F 293 -122.10 -11.39 -14.28
N ALA F 294 -121.19 -12.31 -13.94
CA ALA F 294 -121.59 -13.62 -13.44
C ALA F 294 -120.99 -13.85 -12.07
N LYS F 295 -121.87 -14.09 -11.10
CA LYS F 295 -121.44 -14.35 -9.72
C LYS F 295 -122.30 -15.46 -9.14
N SER F 296 -121.77 -16.11 -8.10
CA SER F 296 -122.44 -17.25 -7.50
C SER F 296 -123.56 -16.79 -6.54
N LEU F 297 -124.24 -17.77 -5.97
CA LEU F 297 -125.39 -17.52 -5.12
C LEU F 297 -125.05 -17.88 -3.68
N THR F 298 -124.44 -16.95 -2.95
CA THR F 298 -124.20 -17.17 -1.54
C THR F 298 -124.52 -15.94 -0.70
N GLU F 299 -124.51 -14.78 -1.35
CA GLU F 299 -124.86 -13.52 -0.71
C GLU F 299 -125.69 -12.69 -1.68
N SER F 300 -126.11 -13.33 -2.80
CA SER F 300 -126.83 -12.81 -3.95
C SER F 300 -125.82 -12.26 -4.96
N PRO F 301 -125.87 -12.72 -6.20
CA PRO F 301 -124.91 -12.22 -7.20
C PRO F 301 -125.38 -10.92 -7.81
N PHE F 302 -124.71 -10.48 -8.88
CA PHE F 302 -125.11 -9.27 -9.57
C PHE F 302 -125.11 -9.46 -11.08
N LYS F 303 -126.03 -8.78 -11.75
CA LYS F 303 -126.22 -8.86 -13.19
C LYS F 303 -126.71 -7.52 -13.73
N VAL F 304 -126.80 -7.43 -15.06
CA VAL F 304 -127.52 -6.35 -15.74
C VAL F 304 -128.20 -6.91 -16.98
N HIS F 305 -129.49 -6.67 -17.11
CA HIS F 305 -130.18 -6.94 -18.36
C HIS F 305 -130.32 -5.65 -19.15
N VAL F 306 -130.37 -5.80 -20.47
CA VAL F 306 -130.59 -4.68 -21.35
C VAL F 306 -131.64 -5.09 -22.37
N GLU F 307 -132.71 -4.33 -22.50
CA GLU F 307 -133.77 -4.78 -23.37
C GLU F 307 -134.29 -3.67 -24.28
N LYS F 308 -134.66 -4.06 -25.50
CA LYS F 308 -135.31 -3.17 -26.46
C LYS F 308 -136.77 -3.57 -26.51
N LEU F 309 -137.64 -2.75 -25.90
CA LEU F 309 -139.04 -3.10 -25.75
C LEU F 309 -139.68 -3.36 -27.10
N SER F 310 -140.43 -4.44 -27.20
CA SER F 310 -141.15 -4.79 -28.42
C SER F 310 -142.64 -4.82 -28.11
N LEU F 311 -143.46 -4.47 -29.10
CA LEU F 311 -144.89 -4.41 -28.92
C LEU F 311 -145.59 -5.11 -30.07
N GLU F 312 -146.74 -5.71 -29.77
CA GLU F 312 -147.62 -6.29 -30.78
C GLU F 312 -146.96 -7.47 -31.48
N GLN F 313 -147.55 -7.93 -32.58
CA GLN F 313 -147.05 -9.09 -33.31
C GLN F 313 -146.39 -8.64 -34.61
N LYS F 314 -145.43 -9.44 -35.08
CA LYS F 314 -144.64 -9.13 -36.25
C LYS F 314 -144.78 -10.23 -37.30
N THR F 315 -145.52 -9.95 -38.36
CA THR F 315 -145.52 -10.85 -39.50
C THR F 315 -144.98 -10.18 -40.77
N LYS F 316 -145.67 -9.12 -41.23
CA LYS F 316 -145.22 -8.34 -42.39
C LYS F 316 -145.53 -6.87 -42.14
N ASP F 317 -145.18 -6.37 -40.94
CA ASP F 317 -145.65 -5.05 -40.53
C ASP F 317 -145.12 -3.94 -41.43
N LEU F 318 -144.24 -4.26 -42.38
CA LEU F 318 -143.59 -3.25 -43.19
C LEU F 318 -144.57 -2.41 -43.99
N GLN F 319 -145.44 -3.05 -44.75
CA GLN F 319 -146.25 -2.33 -45.73
C GLN F 319 -147.23 -1.38 -45.06
N SER F 320 -147.79 -1.75 -43.91
CA SER F 320 -148.77 -0.91 -43.23
C SER F 320 -148.23 0.48 -42.99
N TYR F 321 -146.94 0.59 -42.69
CA TYR F 321 -146.30 1.89 -42.54
C TYR F 321 -145.85 2.42 -43.89
N LEU F 322 -145.25 1.54 -44.70
CA LEU F 322 -144.57 1.97 -45.91
C LEU F 322 -145.53 2.64 -46.89
N LEU F 323 -146.69 2.04 -47.10
CA LEU F 323 -147.61 2.56 -48.10
C LEU F 323 -148.12 3.96 -47.77
N PRO F 324 -148.57 4.26 -46.53
CA PRO F 324 -148.92 5.65 -46.22
C PRO F 324 -147.77 6.58 -46.52
N LEU F 325 -146.55 6.14 -46.27
CA LEU F 325 -145.39 6.96 -46.55
C LEU F 325 -145.10 7.03 -48.05
N GLU F 326 -145.29 5.92 -48.77
CA GLU F 326 -145.16 5.97 -50.22
C GLU F 326 -146.10 6.99 -50.84
N ILE F 327 -147.29 7.15 -50.27
CA ILE F 327 -148.21 8.17 -50.78
C ILE F 327 -147.79 9.56 -50.32
N GLU F 328 -147.40 9.69 -49.05
CA GLU F 328 -146.95 10.98 -48.55
C GLU F 328 -145.76 11.51 -49.33
N LEU F 329 -145.00 10.62 -49.96
CA LEU F 329 -144.01 11.05 -50.94
C LEU F 329 -144.54 12.11 -51.89
N LYS F 330 -145.61 11.81 -52.60
CA LYS F 330 -146.25 12.74 -53.50
C LYS F 330 -146.94 13.88 -52.77
N ASN F 331 -147.43 13.61 -51.55
CA ASN F 331 -148.12 14.58 -50.72
C ASN F 331 -147.17 15.61 -50.12
N SER F 332 -145.87 15.38 -50.29
CA SER F 332 -144.83 16.22 -49.70
C SER F 332 -144.18 17.11 -50.75
N THR F 333 -143.28 17.97 -50.28
CA THR F 333 -142.45 18.81 -51.11
C THR F 333 -141.01 18.74 -50.62
N VAL F 334 -140.07 19.11 -51.49
CA VAL F 334 -138.64 19.09 -51.19
C VAL F 334 -138.10 20.49 -51.44
N ASP F 335 -138.17 21.36 -50.42
CA ASP F 335 -137.48 22.65 -50.51
C ASP F 335 -136.04 22.45 -50.09
N LYS F 336 -135.12 23.12 -50.78
CA LYS F 336 -133.71 22.86 -50.61
C LYS F 336 -133.04 23.75 -49.58
N SER F 337 -133.81 24.58 -48.89
CA SER F 337 -133.24 25.46 -47.88
C SER F 337 -132.64 24.65 -46.73
N GLY F 338 -131.56 25.17 -46.16
CA GLY F 338 -130.82 24.45 -45.15
C GLY F 338 -129.68 23.68 -45.78
N PRO F 339 -128.73 23.22 -44.97
CA PRO F 339 -127.59 22.47 -45.53
C PRO F 339 -128.01 21.14 -46.14
N CYS F 340 -129.29 20.79 -46.04
CA CYS F 340 -129.96 19.75 -46.79
C CYS F 340 -131.39 20.23 -47.03
N PRO F 341 -132.10 19.62 -47.99
CA PRO F 341 -133.46 20.09 -48.30
C PRO F 341 -134.40 20.07 -47.11
N HIS F 342 -135.35 21.01 -47.08
CA HIS F 342 -136.41 21.01 -46.08
C HIS F 342 -137.72 20.63 -46.76
N PHE F 343 -138.56 19.88 -46.05
CA PHE F 343 -139.80 19.44 -46.66
C PHE F 343 -140.99 20.21 -46.13
N ARG F 344 -141.75 20.78 -47.06
CA ARG F 344 -142.96 21.51 -46.72
C ARG F 344 -144.15 20.70 -47.22
N PRO F 345 -145.32 20.88 -46.61
CA PRO F 345 -146.46 20.05 -46.99
C PRO F 345 -146.94 20.35 -48.40
N ASN F 346 -147.59 19.35 -49.00
CA ASN F 346 -148.12 19.47 -50.39
C ASN F 346 -149.40 18.64 -50.51
N PRO F 347 -150.33 18.70 -49.53
CA PRO F 347 -151.58 17.93 -49.58
C PRO F 347 -152.68 18.66 -50.36
N GLY F 348 -153.88 18.07 -50.42
CA GLY F 348 -155.01 18.65 -51.14
C GLY F 348 -156.30 17.91 -50.85
N VAL F 349 -156.83 17.19 -51.84
CA VAL F 349 -158.09 16.41 -51.69
C VAL F 349 -157.80 14.94 -52.00
N THR F 350 -156.74 14.68 -52.76
CA THR F 350 -156.35 13.28 -53.13
C THR F 350 -155.43 12.71 -52.05
N ALA F 351 -154.95 13.56 -51.14
CA ALA F 351 -154.06 13.13 -50.04
C ALA F 351 -154.70 11.96 -49.28
N ILE F 352 -155.97 12.13 -48.89
CA ILE F 352 -156.72 11.07 -48.13
C ILE F 352 -157.38 10.13 -49.14
N HIS F 353 -157.41 10.53 -50.41
CA HIS F 353 -158.04 9.70 -51.49
C HIS F 353 -157.13 8.51 -51.83
N ASP F 354 -155.82 8.69 -51.68
CA ASP F 354 -154.86 7.63 -51.97
C ASP F 354 -154.56 6.82 -50.72
N TYR F 355 -154.32 7.50 -49.59
CA TYR F 355 -154.20 6.83 -48.30
C TYR F 355 -155.31 5.82 -48.09
N ALA F 356 -156.55 6.31 -47.97
CA ALA F 356 -157.65 5.46 -47.58
C ALA F 356 -157.97 4.40 -48.63
N GLY F 357 -157.95 4.79 -49.90
CA GLY F 357 -158.19 3.82 -50.95
C GLY F 357 -157.17 2.70 -50.93
N TRP F 358 -155.89 3.03 -50.74
CA TRP F 358 -154.90 1.97 -50.59
C TRP F 358 -155.13 1.16 -49.32
N VAL F 359 -155.63 1.82 -48.28
CA VAL F 359 -155.92 1.07 -47.07
C VAL F 359 -156.87 -0.08 -47.40
N ARG F 360 -157.95 0.23 -48.11
CA ARG F 360 -158.82 -0.83 -48.61
C ARG F 360 -158.09 -1.76 -49.57
N ASN F 361 -157.32 -1.21 -50.50
CA ASN F 361 -156.67 -2.03 -51.52
C ASN F 361 -155.84 -3.12 -50.88
N PHE F 362 -154.96 -2.73 -49.96
CA PHE F 362 -154.21 -3.70 -49.19
C PHE F 362 -155.13 -4.59 -48.36
N SER F 363 -156.14 -4.00 -47.73
CA SER F 363 -157.04 -4.76 -46.89
C SER F 363 -157.74 -5.87 -47.64
N SER F 364 -157.80 -5.76 -48.97
CA SER F 364 -158.32 -6.82 -49.82
C SER F 364 -157.23 -7.71 -50.41
N GLU F 365 -156.09 -7.14 -50.82
CA GLU F 365 -155.02 -7.93 -51.41
C GLU F 365 -154.40 -8.88 -50.40
N ALA F 366 -154.27 -8.46 -49.15
CA ALA F 366 -153.81 -9.33 -48.08
C ALA F 366 -154.91 -9.42 -47.04
N ALA F 367 -155.39 -10.65 -46.81
CA ALA F 367 -156.43 -10.90 -45.81
C ALA F 367 -155.85 -11.02 -44.41
N GLU F 368 -154.64 -10.50 -44.19
CA GLU F 368 -153.94 -10.61 -42.92
C GLU F 368 -153.83 -9.28 -42.20
N VAL F 369 -154.71 -8.33 -42.52
CA VAL F 369 -154.67 -7.03 -41.86
C VAL F 369 -155.10 -7.18 -40.40
N GLU F 370 -154.90 -6.13 -39.63
CA GLU F 370 -155.24 -6.17 -38.22
C GLU F 370 -156.47 -5.32 -37.94
N ALA F 371 -157.13 -5.62 -36.82
CA ALA F 371 -158.28 -4.83 -36.41
C ALA F 371 -157.90 -3.38 -36.19
N VAL F 372 -156.65 -3.14 -35.78
CA VAL F 372 -156.17 -1.78 -35.67
C VAL F 372 -156.05 -1.14 -37.05
N VAL F 373 -155.64 -1.93 -38.05
CA VAL F 373 -155.66 -1.44 -39.43
C VAL F 373 -157.07 -1.05 -39.81
N LYS F 374 -158.04 -1.87 -39.40
CA LYS F 374 -159.44 -1.54 -39.64
C LYS F 374 -159.84 -0.26 -38.94
N GLN F 375 -159.34 -0.06 -37.72
CA GLN F 375 -159.62 1.18 -36.99
C GLN F 375 -159.10 2.38 -37.74
N TRP F 376 -157.90 2.27 -38.31
CA TRP F 376 -157.34 3.41 -39.00
C TRP F 376 -158.04 3.66 -40.32
N GLY F 377 -158.48 2.60 -41.00
CA GLY F 377 -159.34 2.79 -42.16
C GLY F 377 -160.64 3.47 -41.79
N LEU F 378 -161.19 3.11 -40.63
CA LEU F 378 -162.36 3.80 -40.08
C LEU F 378 -162.13 5.30 -40.00
N THR F 379 -161.03 5.69 -39.36
CA THR F 379 -160.72 7.10 -39.22
C THR F 379 -160.50 7.74 -40.59
N TRP F 380 -159.86 7.01 -41.51
CA TRP F 380 -159.69 7.49 -42.87
C TRP F 380 -161.02 7.87 -43.49
N THR F 381 -161.96 6.94 -43.44
CA THR F 381 -163.26 7.16 -44.06
C THR F 381 -164.00 8.31 -43.39
N LEU F 382 -163.92 8.40 -42.06
CA LEU F 382 -164.64 9.47 -41.36
C LEU F 382 -164.10 10.84 -41.73
N CYS F 383 -162.77 10.98 -41.78
CA CYS F 383 -162.20 12.24 -42.22
C CYS F 383 -162.56 12.55 -43.67
N GLU F 384 -162.45 11.55 -44.55
CA GLU F 384 -162.84 11.73 -45.94
C GLU F 384 -164.27 12.26 -46.02
N SER F 385 -165.17 11.63 -45.28
CA SER F 385 -166.56 12.07 -45.29
C SER F 385 -166.69 13.51 -44.83
N LEU F 386 -165.96 13.90 -43.79
CA LEU F 386 -166.14 15.27 -43.33
C LEU F 386 -165.46 16.27 -44.23
N TRP F 387 -164.43 15.89 -44.96
CA TRP F 387 -163.85 16.84 -45.89
C TRP F 387 -163.54 16.27 -47.26
N GLY F 388 -163.05 15.04 -47.34
CA GLY F 388 -162.61 14.51 -48.62
C GLY F 388 -163.75 14.37 -49.59
N GLN F 389 -163.37 14.26 -50.87
CA GLN F 389 -164.31 14.16 -51.97
C GLN F 389 -164.27 12.78 -52.60
N LEU F 390 -165.41 12.10 -52.59
CA LEU F 390 -165.54 10.75 -53.10
C LEU F 390 -165.72 10.78 -54.62
N LYS F 391 -165.77 9.59 -55.21
CA LYS F 391 -165.96 9.45 -56.66
C LYS F 391 -167.41 9.49 -57.10
N GLU F 392 -168.36 9.10 -56.24
CA GLU F 392 -169.77 9.15 -56.62
C GLU F 392 -170.27 10.57 -56.83
N LEU F 393 -169.62 11.57 -56.24
CA LEU F 393 -169.92 12.97 -56.51
C LEU F 393 -168.82 13.65 -57.29
N GLU F 394 -167.83 12.91 -57.77
CA GLU F 394 -166.91 13.39 -58.79
C GLU F 394 -167.31 12.93 -60.17
N ALA F 395 -168.06 11.83 -60.27
CA ALA F 395 -168.72 11.42 -61.49
C ALA F 395 -170.09 12.07 -61.62
N SER F 396 -170.48 12.88 -60.64
CA SER F 396 -171.73 13.64 -60.70
C SER F 396 -171.43 15.07 -60.27
N LEU F 397 -171.91 16.02 -61.04
CA LEU F 397 -171.68 17.43 -60.72
C LEU F 397 -172.25 17.74 -59.35
N ASP F 398 -171.48 18.48 -58.55
CA ASP F 398 -171.91 18.85 -57.22
C ASP F 398 -172.39 20.29 -57.21
N GLU F 399 -173.30 20.58 -56.29
CA GLU F 399 -174.05 21.83 -56.31
C GLU F 399 -173.88 22.60 -55.02
N PRO F 400 -173.71 23.92 -55.10
CA PRO F 400 -173.28 24.71 -53.93
C PRO F 400 -174.35 25.09 -52.93
N ASN F 401 -175.63 24.81 -53.20
CA ASN F 401 -176.66 25.14 -52.23
C ASN F 401 -176.40 24.41 -50.93
N GLU F 402 -176.49 25.15 -49.83
CA GLU F 402 -176.20 24.59 -48.51
C GLU F 402 -176.97 23.30 -48.27
N TYR F 403 -178.22 23.26 -48.72
CA TYR F 403 -179.03 22.06 -48.57
C TYR F 403 -178.44 20.91 -49.37
N VAL F 404 -177.98 21.20 -50.58
CA VAL F 404 -177.31 20.18 -51.39
C VAL F 404 -176.09 19.65 -50.65
N LYS F 405 -175.32 20.54 -50.04
CA LYS F 405 -174.12 20.12 -49.33
C LYS F 405 -174.50 19.20 -48.17
N ASN F 406 -175.52 19.58 -47.40
CA ASN F 406 -175.92 18.78 -46.26
C ASN F 406 -176.37 17.39 -46.68
N LEU F 407 -177.26 17.33 -47.69
CA LEU F 407 -177.76 16.03 -48.11
C LEU F 407 -176.66 15.19 -48.74
N GLU F 408 -175.72 15.83 -49.45
CA GLU F 408 -174.63 15.09 -50.04
C GLU F 408 -173.71 14.52 -48.96
N ARG F 409 -173.51 15.31 -47.90
CA ARG F 409 -172.69 14.86 -46.74
C ARG F 409 -173.43 13.72 -46.03
N ARG F 410 -174.76 13.71 -46.08
CA ARG F 410 -175.55 12.66 -45.45
C ARG F 410 -175.59 11.40 -46.30
N LYS F 411 -175.69 11.54 -47.62
CA LYS F 411 -175.72 10.38 -48.49
C LYS F 411 -174.35 9.69 -48.53
N ALA F 412 -173.29 10.49 -48.48
CA ALA F 412 -171.96 9.91 -48.33
C ALA F 412 -171.85 9.17 -47.01
N PHE F 413 -172.41 9.74 -45.95
CA PHE F 413 -172.46 9.08 -44.65
C PHE F 413 -173.19 7.75 -44.74
N SER F 414 -174.27 7.72 -45.52
CA SER F 414 -175.03 6.48 -45.70
C SER F 414 -174.21 5.42 -46.43
N HIS F 415 -173.56 5.81 -47.52
CA HIS F 415 -172.68 4.87 -48.23
C HIS F 415 -171.58 4.37 -47.31
N TRP F 416 -171.06 5.26 -46.46
CA TRP F 416 -170.09 4.86 -45.46
C TRP F 416 -170.64 3.76 -44.56
N LEU F 417 -171.79 4.01 -43.94
CA LEU F 417 -172.40 3.01 -43.08
C LEU F 417 -172.65 1.72 -43.84
N ALA F 418 -172.99 1.83 -45.12
CA ALA F 418 -173.16 0.65 -45.95
C ALA F 418 -171.87 -0.15 -46.00
N GLN F 419 -170.75 0.53 -46.20
CA GLN F 419 -169.48 -0.16 -46.17
C GLN F 419 -169.20 -0.75 -44.79
N THR F 420 -169.51 0.00 -43.74
CA THR F 420 -169.13 -0.40 -42.39
C THR F 420 -169.90 -1.64 -41.95
N ALA F 421 -171.21 -1.60 -42.05
CA ALA F 421 -172.05 -2.64 -41.46
C ALA F 421 -172.00 -3.96 -42.22
N GLN F 422 -171.16 -4.07 -43.24
CA GLN F 422 -171.07 -5.32 -43.99
C GLN F 422 -170.68 -6.48 -43.08
N GLU F 423 -169.58 -6.32 -42.34
CA GLU F 423 -169.12 -7.41 -41.49
C GLU F 423 -170.04 -7.61 -40.28
N ARG F 424 -170.63 -6.54 -39.77
CA ARG F 424 -171.62 -6.71 -38.71
C ARG F 424 -172.79 -7.55 -39.19
N ILE F 425 -173.31 -7.26 -40.37
CA ILE F 425 -174.38 -8.10 -40.91
C ILE F 425 -173.89 -9.53 -41.07
N GLU F 426 -172.67 -9.70 -41.59
CA GLU F 426 -172.14 -11.04 -41.79
C GLU F 426 -171.96 -11.79 -40.48
N GLU F 427 -171.74 -11.08 -39.38
CA GLU F 427 -171.57 -11.77 -38.10
C GLU F 427 -172.93 -12.14 -37.49
N GLU F 428 -173.84 -11.18 -37.34
CA GLU F 428 -175.11 -11.54 -36.70
C GLU F 428 -176.03 -12.34 -37.62
N VAL F 429 -175.70 -12.44 -38.92
CA VAL F 429 -176.54 -13.24 -39.79
C VAL F 429 -176.40 -14.73 -39.46
N SER F 430 -175.18 -15.20 -39.20
CA SER F 430 -175.02 -16.54 -38.66
C SER F 430 -175.71 -16.70 -37.33
N LEU F 431 -175.79 -15.62 -36.55
CA LEU F 431 -176.38 -15.70 -35.23
C LEU F 431 -177.88 -15.89 -35.28
N TYR F 432 -178.54 -15.25 -36.23
CA TYR F 432 -179.99 -15.13 -36.13
C TYR F 432 -180.71 -15.99 -37.16
N GLY F 433 -182.04 -15.99 -37.05
CA GLY F 433 -182.90 -16.74 -37.93
C GLY F 433 -184.34 -16.26 -37.78
N PRO F 434 -185.27 -16.95 -38.45
CA PRO F 434 -186.69 -16.57 -38.30
C PRO F 434 -187.17 -16.73 -36.87
N GLU F 435 -186.46 -17.53 -36.09
CA GLU F 435 -186.63 -17.49 -34.65
C GLU F 435 -186.20 -16.15 -34.08
N ARG F 436 -185.05 -15.64 -34.53
CA ARG F 436 -184.50 -14.37 -34.10
C ARG F 436 -184.90 -13.25 -35.05
N HIS F 437 -186.02 -13.41 -35.74
CA HIS F 437 -186.31 -12.57 -36.90
C HIS F 437 -186.53 -11.12 -36.50
N ILE F 438 -187.04 -10.88 -35.29
CA ILE F 438 -187.24 -9.49 -34.86
C ILE F 438 -185.91 -8.86 -34.49
N GLU F 439 -184.99 -9.66 -33.96
CA GLU F 439 -183.62 -9.18 -33.78
C GLU F 439 -183.00 -8.82 -35.12
N ALA F 440 -183.24 -9.65 -36.14
CA ALA F 440 -182.83 -9.28 -37.49
C ALA F 440 -183.51 -7.99 -37.93
N VAL F 441 -184.77 -7.80 -37.55
CA VAL F 441 -185.48 -6.55 -37.84
C VAL F 441 -184.74 -5.37 -37.23
N PHE F 442 -184.36 -5.50 -35.95
CA PHE F 442 -183.63 -4.46 -35.28
C PHE F 442 -182.33 -4.14 -35.99
N SER F 443 -181.59 -5.20 -36.37
CA SER F 443 -180.34 -5.00 -37.10
C SER F 443 -180.60 -4.30 -38.43
N TYR F 444 -181.64 -4.71 -39.12
CA TYR F 444 -181.91 -4.18 -40.45
C TYR F 444 -182.32 -2.72 -40.36
N LEU F 445 -183.08 -2.39 -39.31
CA LEU F 445 -183.43 -1.01 -39.04
C LEU F 445 -182.21 -0.18 -38.68
N THR F 446 -181.32 -0.71 -37.84
CA THR F 446 -180.06 -0.04 -37.55
C THR F 446 -179.24 0.19 -38.81
N GLY F 447 -179.36 -0.68 -39.80
CA GLY F 447 -178.63 -0.49 -41.04
C GLY F 447 -179.33 0.43 -42.03
N GLY F 448 -180.64 0.56 -41.92
CA GLY F 448 -181.37 1.16 -43.02
C GLY F 448 -181.22 0.32 -44.27
N ARG F 449 -181.03 -0.99 -44.08
CA ARG F 449 -180.79 -1.93 -45.17
C ARG F 449 -182.10 -2.59 -45.61
N ILE F 450 -183.02 -1.72 -46.02
CA ILE F 450 -184.38 -2.16 -46.34
C ILE F 450 -184.37 -3.16 -47.48
N SER F 451 -183.45 -2.98 -48.44
CA SER F 451 -183.44 -3.83 -49.63
C SER F 451 -183.31 -5.30 -49.28
N ASP F 452 -182.17 -5.68 -48.72
CA ASP F 452 -181.94 -7.08 -48.40
C ASP F 452 -182.79 -7.57 -47.24
N ALA F 453 -183.25 -6.67 -46.38
CA ALA F 453 -184.27 -7.03 -45.41
C ALA F 453 -185.52 -7.55 -46.10
N CYS F 454 -186.01 -6.81 -47.09
CA CYS F 454 -187.18 -7.22 -47.84
C CYS F 454 -186.91 -8.52 -48.60
N ARG F 455 -185.72 -8.63 -49.18
CA ARG F 455 -185.38 -9.85 -49.90
C ARG F 455 -185.42 -11.06 -48.98
N LEU F 456 -184.88 -10.92 -47.78
CA LEU F 456 -184.96 -11.98 -46.78
C LEU F 456 -186.41 -12.29 -46.43
N ALA F 457 -187.18 -11.26 -46.12
CA ALA F 457 -188.57 -11.47 -45.72
C ALA F 457 -189.36 -12.17 -46.81
N GLN F 458 -189.01 -11.95 -48.07
CA GLN F 458 -189.76 -12.60 -49.14
C GLN F 458 -189.26 -14.03 -49.37
N LYS F 459 -187.94 -14.24 -49.37
CA LYS F 459 -187.44 -15.59 -49.47
C LYS F 459 -187.97 -16.45 -48.34
N SER F 460 -188.34 -15.83 -47.24
CA SER F 460 -189.06 -16.48 -46.16
C SER F 460 -190.56 -16.32 -46.26
N GLY F 461 -191.06 -15.59 -47.27
CA GLY F 461 -192.48 -15.37 -47.39
C GLY F 461 -193.09 -14.54 -46.28
N ASP F 462 -192.40 -13.49 -45.84
CA ASP F 462 -192.87 -12.68 -44.71
C ASP F 462 -193.54 -11.41 -45.24
N HIS F 463 -194.78 -11.58 -45.68
CA HIS F 463 -195.46 -10.54 -46.42
C HIS F 463 -195.83 -9.34 -45.55
N ARG F 464 -196.44 -9.59 -44.40
CA ARG F 464 -196.82 -8.49 -43.51
C ARG F 464 -195.60 -7.68 -43.10
N LEU F 465 -194.53 -8.38 -42.72
CA LEU F 465 -193.31 -7.69 -42.32
C LEU F 465 -192.72 -6.92 -43.48
N SER F 466 -192.73 -7.51 -44.68
CA SER F 466 -192.23 -6.83 -45.86
C SER F 466 -192.99 -5.53 -46.10
N LEU F 467 -194.32 -5.58 -45.96
CA LEU F 467 -195.12 -4.37 -46.11
C LEU F 467 -194.77 -3.36 -45.04
N LEU F 468 -194.55 -3.82 -43.82
CA LEU F 468 -194.10 -2.91 -42.76
C LEU F 468 -192.80 -2.24 -43.15
N LEU F 469 -191.94 -2.95 -43.86
CA LEU F 469 -190.61 -2.44 -44.16
C LEU F 469 -190.65 -1.14 -44.94
N SER F 470 -191.50 -1.05 -45.97
CA SER F 470 -191.59 0.19 -46.72
C SER F 470 -192.05 1.35 -45.86
N GLN F 471 -192.89 1.09 -44.85
CA GLN F 471 -193.44 2.14 -44.00
C GLN F 471 -192.42 2.75 -43.07
N MET F 472 -191.24 2.15 -42.94
CA MET F 472 -190.24 2.63 -42.00
C MET F 472 -189.83 4.07 -42.26
N VAL F 473 -189.74 4.48 -43.53
CA VAL F 473 -189.35 5.85 -43.86
C VAL F 473 -190.43 6.51 -44.72
N GLY F 474 -191.69 6.18 -44.44
CA GLY F 474 -192.79 6.81 -45.14
C GLY F 474 -192.93 8.27 -44.81
N SER F 475 -194.12 8.80 -45.08
CA SER F 475 -194.41 10.20 -44.79
C SER F 475 -194.64 10.41 -43.30
N GLN F 476 -194.57 11.67 -42.88
CA GLN F 476 -194.84 12.02 -41.49
C GLN F 476 -196.19 11.50 -41.03
N GLU F 477 -197.13 11.39 -41.96
CA GLU F 477 -198.45 10.84 -41.64
C GLU F 477 -198.32 9.43 -41.09
N VAL F 478 -197.32 8.68 -41.56
CA VAL F 478 -197.06 7.36 -40.98
C VAL F 478 -196.84 7.49 -39.48
N ARG F 479 -196.04 8.47 -39.08
CA ARG F 479 -195.74 8.63 -37.65
C ARG F 479 -196.92 9.21 -36.89
N ASP F 480 -197.74 10.05 -37.53
CA ASP F 480 -198.98 10.45 -36.88
C ASP F 480 -199.85 9.22 -36.60
N LEU F 481 -199.95 8.34 -37.60
CA LEU F 481 -200.64 7.06 -37.43
C LEU F 481 -200.12 6.33 -36.22
N ILE F 482 -198.80 6.18 -36.14
CA ILE F 482 -198.24 5.36 -35.08
C ILE F 482 -198.45 6.01 -33.72
N THR F 483 -198.31 7.34 -33.63
CA THR F 483 -198.55 8.02 -32.37
C THR F 483 -199.97 7.75 -31.85
N LEU F 484 -200.97 7.99 -32.69
CA LEU F 484 -202.33 7.81 -32.22
C LEU F 484 -202.63 6.33 -31.96
N GLN F 485 -202.11 5.45 -32.83
CA GLN F 485 -202.32 4.02 -32.70
C GLN F 485 -201.75 3.48 -31.39
N LEU F 486 -200.56 3.94 -31.02
CA LEU F 486 -199.91 3.45 -29.82
C LEU F 486 -200.53 4.09 -28.57
N VAL F 487 -200.99 5.34 -28.68
CA VAL F 487 -201.78 5.90 -27.60
C VAL F 487 -203.00 5.03 -27.36
N ASP F 488 -203.60 4.55 -28.44
CA ASP F 488 -204.71 3.62 -28.33
C ASP F 488 -204.30 2.34 -27.63
N TRP F 489 -203.20 1.72 -28.06
CA TRP F 489 -202.77 0.49 -27.41
C TRP F 489 -202.49 0.72 -25.94
N ASN F 490 -201.99 1.91 -25.59
CA ASN F 490 -201.81 2.28 -24.20
C ASN F 490 -203.13 2.26 -23.46
N LYS F 491 -204.15 2.89 -24.04
CA LYS F 491 -205.47 2.85 -23.41
C LYS F 491 -206.01 1.43 -23.38
N LEU F 492 -205.44 0.55 -24.20
CA LEU F 492 -205.89 -0.83 -24.34
C LEU F 492 -205.13 -1.84 -23.49
N GLN F 493 -204.00 -1.44 -22.90
CA GLN F 493 -203.18 -2.28 -22.03
C GLN F 493 -202.64 -3.53 -22.72
N VAL F 494 -202.61 -3.53 -24.05
CA VAL F 494 -202.36 -4.77 -24.80
C VAL F 494 -200.89 -5.18 -24.67
N ASP F 495 -200.04 -4.20 -24.37
CA ASP F 495 -198.61 -4.45 -24.20
C ASP F 495 -198.35 -5.59 -23.22
N HIS F 496 -199.17 -5.67 -22.18
CA HIS F 496 -198.99 -6.73 -21.19
C HIS F 496 -199.18 -8.09 -21.82
N TYR F 497 -199.79 -8.13 -23.00
CA TYR F 497 -200.12 -9.37 -23.69
C TYR F 497 -199.29 -9.50 -24.94
N ILE F 498 -198.53 -8.46 -25.26
CA ILE F 498 -197.70 -8.41 -26.45
C ILE F 498 -196.24 -8.24 -26.04
N GLN F 499 -195.40 -9.07 -26.62
CA GLN F 499 -193.97 -9.00 -26.35
C GLN F 499 -193.41 -7.64 -26.76
N GLU F 500 -192.50 -7.13 -25.92
CA GLU F 500 -191.88 -5.84 -26.21
C GLU F 500 -190.94 -5.93 -27.39
N GLU F 501 -190.84 -7.11 -28.00
CA GLU F 501 -189.95 -7.32 -29.13
C GLU F 501 -190.46 -6.60 -30.37
N ARG F 502 -191.63 -7.01 -30.85
CA ARG F 502 -192.33 -6.23 -31.87
C ARG F 502 -192.58 -4.81 -31.39
N LEU F 503 -192.71 -4.60 -30.08
CA LEU F 503 -192.94 -3.25 -29.57
C LEU F 503 -191.73 -2.36 -29.79
N ARG F 504 -190.52 -2.93 -29.68
CA ARG F 504 -189.34 -2.12 -29.96
C ARG F 504 -189.19 -1.91 -31.45
N VAL F 505 -189.63 -2.88 -32.25
CA VAL F 505 -189.78 -2.60 -33.68
C VAL F 505 -190.65 -1.38 -33.89
N PHE F 506 -191.75 -1.32 -33.12
CA PHE F 506 -192.72 -0.25 -33.27
C PHE F 506 -192.12 1.08 -32.84
N CYS F 507 -191.35 1.07 -31.76
CA CYS F 507 -190.64 2.27 -31.33
C CYS F 507 -189.68 2.72 -32.41
N LEU F 508 -188.98 1.77 -33.03
CA LEU F 508 -188.07 2.12 -34.12
C LEU F 508 -188.81 2.77 -35.28
N LEU F 509 -189.96 2.21 -35.66
CA LEU F 509 -190.76 2.83 -36.71
C LEU F 509 -191.26 4.20 -36.31
N SER F 510 -191.70 4.35 -35.06
CA SER F 510 -192.34 5.57 -34.59
C SER F 510 -191.35 6.66 -34.22
N GLY F 511 -190.06 6.36 -34.21
CA GLY F 511 -189.10 7.38 -33.80
C GLY F 511 -189.13 7.65 -32.31
N THR F 512 -189.65 6.72 -31.53
CA THR F 512 -189.69 6.86 -30.09
C THR F 512 -188.56 6.07 -29.47
N PRO F 513 -187.53 6.73 -28.97
CA PRO F 513 -186.37 6.01 -28.44
C PRO F 513 -186.62 5.39 -27.07
N VAL F 514 -187.46 6.06 -26.29
CA VAL F 514 -187.80 5.63 -24.93
C VAL F 514 -189.30 5.69 -24.77
N TRP F 515 -189.89 4.58 -24.35
CA TRP F 515 -191.32 4.46 -24.12
C TRP F 515 -191.64 4.55 -22.64
N ARG F 516 -192.71 5.26 -22.33
CA ARG F 516 -193.21 5.38 -20.96
C ARG F 516 -194.61 4.75 -20.93
N SER F 517 -194.69 3.52 -20.43
CA SER F 517 -195.95 2.79 -20.42
C SER F 517 -196.92 3.39 -19.41
N SER F 518 -198.12 2.81 -19.32
CA SER F 518 -199.02 3.17 -18.24
C SER F 518 -198.41 2.82 -16.89
N ASP F 519 -197.77 1.66 -16.80
CA ASP F 519 -196.95 1.33 -15.65
C ASP F 519 -195.68 2.18 -15.60
N ASN F 520 -195.56 3.15 -16.50
CA ASN F 520 -194.37 3.97 -16.65
C ASN F 520 -193.18 3.08 -16.96
N ARG F 521 -193.41 2.00 -17.70
CA ARG F 521 -192.35 1.09 -18.12
C ARG F 521 -191.57 1.79 -19.21
N SER F 522 -190.27 1.95 -19.00
CA SER F 522 -189.42 2.59 -20.00
C SER F 522 -188.91 1.56 -20.98
N ILE F 523 -189.56 1.48 -22.13
CA ILE F 523 -189.15 0.57 -23.19
C ILE F 523 -188.18 1.30 -24.10
N ASN F 524 -186.88 1.04 -23.92
CA ASN F 524 -185.85 1.75 -24.67
C ASN F 524 -185.46 0.95 -25.90
N VAL F 525 -184.94 1.64 -26.90
CA VAL F 525 -184.66 1.04 -28.20
C VAL F 525 -183.22 0.55 -28.31
N CYS F 526 -182.36 0.90 -27.38
CA CYS F 526 -180.93 0.67 -27.56
C CYS F 526 -180.55 -0.76 -27.22
N SER F 527 -179.85 -1.42 -28.17
CA SER F 527 -179.39 -2.79 -27.98
C SER F 527 -178.38 -3.23 -29.03
N GLN F 528 -177.21 -3.72 -28.59
CA GLN F 528 -176.22 -4.39 -29.44
C GLN F 528 -175.61 -3.41 -30.46
N LEU F 529 -176.13 -2.21 -30.50
CA LEU F 529 -175.86 -1.19 -31.50
C LEU F 529 -174.40 -0.74 -31.50
N ASP F 530 -174.13 0.17 -32.43
CA ASP F 530 -172.97 1.05 -32.41
C ASP F 530 -173.49 2.47 -32.25
N TRP F 531 -172.68 3.33 -31.66
CA TRP F 531 -173.04 4.76 -31.63
C TRP F 531 -173.22 5.28 -33.06
N LYS F 532 -172.45 4.71 -33.99
CA LYS F 532 -172.67 4.94 -35.41
C LYS F 532 -174.11 4.64 -35.78
N ARG F 533 -174.58 3.45 -35.40
CA ARG F 533 -175.96 3.07 -35.70
C ARG F 533 -176.94 4.00 -35.01
N THR F 534 -176.61 4.44 -33.80
CA THR F 534 -177.49 5.39 -33.12
C THR F 534 -177.71 6.62 -33.98
N LEU F 535 -176.64 7.30 -34.35
CA LEU F 535 -176.84 8.55 -35.08
C LEU F 535 -177.40 8.29 -36.47
N GLY F 536 -177.16 7.11 -37.04
CA GLY F 536 -177.78 6.77 -38.30
C GLY F 536 -179.29 6.65 -38.18
N ILE F 537 -179.75 5.97 -37.13
CA ILE F 537 -181.17 5.95 -36.81
C ILE F 537 -181.68 7.37 -36.63
N HIS F 538 -180.93 8.18 -35.92
CA HIS F 538 -181.34 9.57 -35.70
C HIS F 538 -181.58 10.25 -37.02
N LEU F 539 -180.61 10.17 -37.92
CA LEU F 539 -180.79 10.68 -39.27
C LEU F 539 -182.04 10.15 -39.92
N TRP F 540 -182.12 8.86 -40.16
CA TRP F 540 -183.21 8.30 -40.94
C TRP F 540 -184.57 8.56 -40.32
N TYR F 541 -184.64 8.67 -39.00
CA TYR F 541 -185.92 8.53 -38.32
C TYR F 541 -186.25 9.61 -37.31
N MET F 542 -185.27 10.14 -36.56
CA MET F 542 -185.63 11.13 -35.55
C MET F 542 -186.12 12.42 -36.19
N LEU F 543 -185.37 12.94 -37.14
CA LEU F 543 -185.76 14.09 -37.92
C LEU F 543 -185.90 13.68 -39.38
N PRO F 544 -186.26 14.61 -40.28
CA PRO F 544 -186.23 14.27 -41.71
C PRO F 544 -184.96 13.54 -42.08
N PRO F 545 -185.08 12.34 -42.66
CA PRO F 545 -183.88 11.58 -43.01
C PRO F 545 -182.99 12.30 -44.00
N THR F 546 -183.51 13.30 -44.70
CA THR F 546 -182.75 14.08 -45.65
C THR F 546 -182.10 15.31 -45.03
N ALA F 547 -182.19 15.45 -43.71
CA ALA F 547 -181.67 16.64 -43.04
C ALA F 547 -180.14 16.65 -43.06
N THR F 548 -179.57 17.61 -42.34
CA THR F 548 -178.13 17.83 -42.34
C THR F 548 -177.41 16.88 -41.39
N VAL F 549 -176.11 17.15 -41.21
CA VAL F 549 -175.30 16.36 -40.29
C VAL F 549 -175.39 16.95 -38.88
N ALA F 550 -175.20 18.26 -38.78
CA ALA F 550 -174.79 18.89 -37.54
C ALA F 550 -175.90 18.89 -36.50
N GLN F 551 -177.12 19.24 -36.90
CA GLN F 551 -178.18 19.32 -35.91
C GLN F 551 -178.56 17.95 -35.38
N ALA F 552 -178.53 16.92 -36.24
CA ALA F 552 -178.73 15.56 -35.77
C ALA F 552 -177.65 15.17 -34.78
N LEU F 553 -176.40 15.53 -35.08
CA LEU F 553 -175.34 15.30 -34.11
C LEU F 553 -175.63 16.01 -32.80
N HIS F 554 -176.12 17.24 -32.90
CA HIS F 554 -176.39 18.07 -31.73
C HIS F 554 -177.45 17.42 -30.84
N MET F 555 -178.50 16.92 -31.46
CA MET F 555 -179.52 16.20 -30.71
C MET F 555 -178.97 14.91 -30.11
N TYR F 556 -178.15 14.18 -30.87
CA TYR F 556 -177.59 12.95 -30.31
C TYR F 556 -176.70 13.23 -29.11
N GLU F 557 -175.85 14.25 -29.21
CA GLU F 557 -174.99 14.60 -28.09
C GLU F 557 -175.80 15.04 -26.88
N GLN F 558 -176.81 15.88 -27.07
CA GLN F 558 -177.66 16.20 -25.93
C GLN F 558 -178.39 14.97 -25.40
N ALA F 559 -178.67 13.99 -26.24
CA ALA F 559 -179.37 12.80 -25.84
C ALA F 559 -178.54 11.91 -24.92
N PHE F 560 -177.28 11.65 -25.27
CA PHE F 560 -176.44 10.92 -24.32
C PHE F 560 -175.72 11.83 -23.35
N GLN F 561 -176.02 13.11 -23.35
CA GLN F 561 -175.55 13.96 -22.26
C GLN F 561 -176.70 14.33 -21.35
N GLU F 562 -176.38 15.06 -20.29
CA GLU F 562 -177.40 15.61 -19.41
C GLU F 562 -178.22 16.64 -20.17
N GLN F 563 -179.54 16.55 -20.02
CA GLN F 563 -180.42 17.42 -20.79
C GLN F 563 -180.78 18.67 -19.99
N GLU F 564 -181.46 18.48 -18.85
CA GLU F 564 -181.76 19.55 -17.91
C GLU F 564 -181.36 19.14 -16.49
N GLY F 565 -180.19 18.54 -16.36
CA GLY F 565 -179.86 17.80 -15.17
C GLY F 565 -180.43 16.41 -15.15
N GLY F 566 -181.18 16.03 -16.18
CA GLY F 566 -181.76 14.72 -16.28
C GLY F 566 -180.79 13.69 -16.83
N GLU F 567 -181.21 12.51 -16.89
CA GLU F 567 -180.36 11.40 -17.27
C GLU F 567 -180.14 11.40 -18.78
N PRO F 568 -178.91 11.12 -19.23
CA PRO F 568 -178.68 10.89 -20.65
C PRO F 568 -179.53 9.74 -21.15
N TYR F 569 -179.86 9.79 -22.43
CA TYR F 569 -180.69 8.71 -22.95
C TYR F 569 -180.12 8.08 -24.21
N ALA F 570 -178.91 8.42 -24.63
CA ALA F 570 -178.32 7.86 -25.83
C ALA F 570 -176.96 7.28 -25.51
N CYS F 571 -176.22 6.95 -26.56
CA CYS F 571 -174.99 6.19 -26.38
C CYS F 571 -173.78 7.12 -26.31
N TYR F 572 -172.93 6.87 -25.32
CA TYR F 572 -171.77 7.71 -25.05
C TYR F 572 -170.57 7.16 -25.80
N PRO F 573 -169.99 7.91 -26.73
CA PRO F 573 -168.97 7.34 -27.62
C PRO F 573 -167.72 6.91 -26.87
N LEU F 574 -167.15 5.79 -27.30
CA LEU F 574 -165.95 5.24 -26.72
C LEU F 574 -165.02 4.75 -27.83
N PRO F 575 -163.73 4.68 -27.56
CA PRO F 575 -162.81 4.10 -28.54
C PRO F 575 -162.96 2.58 -28.56
N PRO F 576 -162.57 1.95 -29.68
CA PRO F 576 -162.95 0.54 -29.90
C PRO F 576 -162.50 -0.40 -28.80
N TYR F 577 -161.25 -0.29 -28.37
CA TYR F 577 -160.78 -1.12 -27.28
C TYR F 577 -161.50 -0.83 -25.96
N LEU F 578 -162.19 0.31 -25.86
CA LEU F 578 -162.97 0.62 -24.67
C LEU F 578 -164.40 0.11 -24.73
N GLU F 579 -165.08 0.20 -25.89
CA GLU F 579 -166.34 -0.55 -25.88
C GLU F 579 -166.11 -2.04 -25.85
N ASP F 580 -164.90 -2.51 -26.18
CA ASP F 580 -164.55 -3.87 -25.79
C ASP F 580 -164.72 -4.09 -24.31
N CYS F 581 -164.48 -3.08 -23.47
CA CYS F 581 -164.78 -3.14 -22.04
C CYS F 581 -166.06 -2.39 -21.67
N GLY F 582 -167.19 -2.77 -22.26
CA GLY F 582 -168.47 -2.20 -21.88
C GLY F 582 -168.83 -0.92 -22.62
N PHE F 583 -170.12 -0.60 -22.60
CA PHE F 583 -170.67 0.53 -23.34
C PHE F 583 -171.97 0.98 -22.68
N SER F 584 -172.43 2.18 -23.02
CA SER F 584 -173.59 2.77 -22.36
C SER F 584 -174.68 3.11 -23.38
N PHE F 585 -175.92 3.15 -22.87
CA PHE F 585 -177.07 3.55 -23.67
C PHE F 585 -177.75 4.81 -23.13
N GLY F 586 -177.15 5.50 -22.16
CA GLY F 586 -177.75 6.67 -21.55
C GLY F 586 -177.91 6.51 -20.06
N ASP F 587 -178.40 7.56 -19.39
CA ASP F 587 -178.79 7.51 -17.98
C ASP F 587 -177.58 7.44 -17.05
N ASP F 588 -177.72 7.96 -15.83
CA ASP F 588 -176.70 7.88 -14.80
C ASP F 588 -175.40 8.53 -15.22
N PRO F 589 -175.35 9.88 -15.29
CA PRO F 589 -174.12 10.55 -15.72
C PRO F 589 -172.91 10.31 -14.82
N SER F 590 -173.12 9.82 -13.60
CA SER F 590 -171.98 9.47 -12.75
C SER F 590 -171.18 8.31 -13.33
N ALA F 591 -171.88 7.29 -13.83
CA ALA F 591 -171.20 6.17 -14.47
C ALA F 591 -170.55 6.60 -15.78
N LYS F 592 -170.91 7.77 -16.31
CA LYS F 592 -170.17 8.35 -17.41
C LYS F 592 -168.96 9.12 -16.90
N PHE F 593 -169.12 9.77 -15.74
CA PHE F 593 -168.04 10.53 -15.14
C PHE F 593 -166.91 9.63 -14.68
N ILE F 594 -167.19 8.35 -14.42
CA ILE F 594 -166.16 7.51 -13.80
C ILE F 594 -164.89 7.49 -14.65
N SER F 595 -164.91 6.90 -15.86
CA SER F 595 -163.84 7.23 -16.80
C SER F 595 -164.34 7.68 -18.17
N LEU F 596 -164.91 6.74 -18.94
CA LEU F 596 -165.59 6.94 -20.21
C LEU F 596 -165.04 8.06 -21.10
N GLN F 597 -163.86 7.84 -21.66
CA GLN F 597 -163.22 8.85 -22.55
C GLN F 597 -164.25 9.37 -23.54
N ARG F 598 -163.89 9.43 -24.83
CA ARG F 598 -164.81 9.93 -25.89
C ARG F 598 -164.29 9.50 -27.26
N ASP F 599 -165.19 9.04 -28.14
CA ASP F 599 -164.80 8.60 -29.50
C ASP F 599 -164.20 9.78 -30.27
N VAL F 600 -163.14 9.54 -31.05
CA VAL F 600 -162.47 10.61 -31.84
C VAL F 600 -163.36 10.97 -33.03
N CYS F 601 -164.15 10.00 -33.51
CA CYS F 601 -165.06 10.23 -34.66
C CYS F 601 -166.08 11.32 -34.31
N VAL F 602 -166.59 11.29 -33.09
CA VAL F 602 -167.59 12.30 -32.61
C VAL F 602 -166.92 13.67 -32.58
N HIS F 603 -165.64 13.72 -32.17
CA HIS F 603 -164.88 14.99 -32.08
C HIS F 603 -164.72 15.59 -33.48
N LEU F 604 -164.52 14.74 -34.49
CA LEU F 604 -164.35 15.20 -35.89
C LEU F 604 -165.62 15.93 -36.35
N LEU F 605 -166.79 15.40 -35.98
CA LEU F 605 -168.10 16.02 -36.36
C LEU F 605 -168.20 17.39 -35.70
N LYS F 606 -167.73 17.52 -34.45
CA LYS F 606 -167.78 18.80 -33.71
C LYS F 606 -166.94 19.86 -34.45
N LEU F 607 -165.79 19.44 -34.98
CA LEU F 607 -164.89 20.37 -35.74
C LEU F 607 -165.49 20.64 -37.12
N TYR F 608 -166.28 19.70 -37.63
CA TYR F 608 -166.93 19.85 -38.96
C TYR F 608 -168.19 20.69 -38.82
N SER F 609 -168.84 20.63 -37.65
CA SER F 609 -170.07 21.41 -37.38
C SER F 609 -169.73 22.88 -37.12
N GLU F 610 -168.98 23.14 -36.04
CA GLU F 610 -168.57 24.53 -35.68
C GLU F 610 -167.08 24.70 -35.96
N ARG F 611 -166.68 25.89 -36.44
CA ARG F 611 -165.26 26.18 -36.75
C ARG F 611 -164.57 26.71 -35.49
N GLN F 612 -165.34 26.99 -34.44
CA GLN F 612 -164.78 27.52 -33.17
C GLN F 612 -164.60 26.37 -32.17
N TYR F 613 -164.29 25.17 -32.69
CA TYR F 613 -164.08 23.98 -31.82
C TYR F 613 -162.64 23.96 -31.32
N ASP F 614 -162.46 23.55 -30.06
CA ASP F 614 -161.13 23.42 -29.41
C ASP F 614 -160.31 22.32 -30.10
N LEU F 615 -160.88 21.56 -31.05
CA LEU F 615 -160.11 20.55 -31.78
C LEU F 615 -159.34 19.61 -30.87
N CYS F 616 -159.22 19.91 -29.57
CA CYS F 616 -158.40 19.10 -28.67
C CYS F 616 -158.97 17.71 -28.46
N GLN F 617 -160.23 17.51 -28.82
CA GLN F 617 -160.88 16.22 -28.70
C GLN F 617 -160.53 15.32 -29.87
N LEU F 618 -159.81 15.84 -30.86
CA LEU F 618 -159.46 15.10 -32.05
C LEU F 618 -158.21 14.25 -31.87
N LEU F 619 -157.49 14.44 -30.78
CA LEU F 619 -156.11 13.98 -30.72
C LEU F 619 -156.01 12.58 -30.15
N ASP F 620 -154.78 12.06 -30.13
CA ASP F 620 -154.46 10.75 -29.58
C ASP F 620 -155.24 9.65 -30.30
N PRO F 621 -154.83 9.29 -31.52
CA PRO F 621 -155.54 8.23 -32.27
C PRO F 621 -155.69 6.92 -31.50
N SER F 622 -155.12 6.81 -30.30
CA SER F 622 -155.33 5.66 -29.43
C SER F 622 -156.77 5.53 -28.96
N SER F 623 -157.66 6.45 -29.34
CA SER F 623 -159.05 6.35 -28.91
C SER F 623 -159.78 5.18 -29.56
N ALA F 624 -159.58 4.95 -30.87
CA ALA F 624 -160.21 3.83 -31.56
C ALA F 624 -159.26 2.67 -31.78
N THR F 625 -158.06 2.72 -31.22
CA THR F 625 -157.04 1.70 -31.37
C THR F 625 -156.58 1.32 -29.96
N PRO F 626 -155.97 0.14 -29.79
CA PRO F 626 -155.51 -0.23 -28.45
C PRO F 626 -154.44 0.72 -27.93
N ASP F 627 -153.44 1.00 -28.76
CA ASP F 627 -152.32 1.86 -28.45
C ASP F 627 -152.13 2.87 -29.57
N PRO F 628 -151.52 4.02 -29.28
CA PRO F 628 -151.22 4.98 -30.35
C PRO F 628 -149.89 4.71 -31.02
N LEU F 629 -149.77 3.58 -31.72
CA LEU F 629 -148.52 3.21 -32.36
C LEU F 629 -148.40 3.71 -33.79
N ASP F 630 -149.50 3.78 -34.54
CA ASP F 630 -149.44 4.12 -35.96
C ASP F 630 -150.28 5.35 -36.18
N TYR F 631 -149.69 6.53 -36.00
CA TYR F 631 -150.43 7.77 -36.23
C TYR F 631 -150.57 8.12 -37.70
N ARG F 632 -150.30 7.18 -38.61
CA ARG F 632 -150.25 7.49 -40.03
C ARG F 632 -151.52 8.20 -40.47
N LEU F 633 -152.65 7.49 -40.41
CA LEU F 633 -153.94 8.02 -40.85
C LEU F 633 -154.20 9.40 -40.28
N SER F 634 -154.19 9.51 -38.95
CA SER F 634 -154.61 10.74 -38.31
C SER F 634 -153.70 11.89 -38.72
N TRP F 635 -152.40 11.61 -38.79
CA TRP F 635 -151.46 12.61 -39.25
C TRP F 635 -151.82 13.08 -40.64
N HIS F 636 -151.99 12.14 -41.57
CA HIS F 636 -152.36 12.51 -42.94
C HIS F 636 -153.61 13.35 -42.91
N MET F 637 -154.49 13.04 -41.94
CA MET F 637 -155.75 13.74 -41.83
C MET F 637 -155.55 15.21 -41.49
N TRP F 638 -154.74 15.51 -40.48
CA TRP F 638 -154.56 16.93 -40.18
C TRP F 638 -153.76 17.65 -41.25
N MET F 639 -152.91 16.95 -41.99
CA MET F 639 -152.35 17.64 -43.16
C MET F 639 -153.44 17.99 -44.17
N VAL F 640 -154.34 17.05 -44.44
CA VAL F 640 -155.47 17.35 -45.32
C VAL F 640 -156.28 18.51 -44.75
N LEU F 641 -156.37 18.58 -43.43
CA LEU F 641 -157.08 19.66 -42.77
C LEU F 641 -156.42 21.01 -43.02
N GLN F 642 -155.10 21.05 -42.96
CA GLN F 642 -154.42 22.29 -43.31
C GLN F 642 -154.66 22.63 -44.77
N ALA F 643 -154.72 21.61 -45.62
CA ALA F 643 -155.15 21.84 -47.00
C ALA F 643 -156.54 22.44 -47.05
N LEU F 644 -157.39 22.06 -46.11
CA LEU F 644 -158.76 22.54 -46.02
C LEU F 644 -158.89 23.85 -45.27
N ASN F 645 -157.78 24.40 -44.78
CA ASN F 645 -157.69 25.67 -44.08
C ASN F 645 -158.22 25.57 -42.66
N TYR F 646 -158.29 24.38 -42.09
CA TYR F 646 -158.71 24.20 -40.71
C TYR F 646 -157.60 23.55 -39.92
N THR F 647 -157.90 23.21 -38.67
CA THR F 647 -156.89 22.79 -37.71
C THR F 647 -155.86 23.90 -37.51
N HIS F 648 -156.28 24.98 -36.87
CA HIS F 648 -155.45 26.14 -36.57
C HIS F 648 -154.77 25.93 -35.22
N LEU F 649 -154.44 24.68 -34.91
CA LEU F 649 -154.13 24.26 -33.56
C LEU F 649 -152.72 24.70 -33.13
N SER F 650 -152.46 24.54 -31.84
CA SER F 650 -151.15 24.80 -31.26
C SER F 650 -150.06 24.02 -31.96
N GLY F 651 -149.17 24.75 -32.62
CA GLY F 651 -148.08 24.12 -33.33
C GLY F 651 -147.16 23.32 -32.45
N HIS F 652 -147.07 23.68 -31.17
CA HIS F 652 -146.21 22.89 -30.28
C HIS F 652 -146.74 21.47 -30.13
N ARG F 653 -148.04 21.34 -29.91
CA ARG F 653 -148.65 20.02 -29.90
C ARG F 653 -148.52 19.34 -31.25
N GLN F 654 -148.68 20.10 -32.33
CA GLN F 654 -148.58 19.52 -33.66
C GLN F 654 -147.20 18.91 -33.88
N GLY F 655 -146.15 19.71 -33.68
CA GLY F 655 -144.80 19.21 -33.86
C GLY F 655 -144.45 18.14 -32.85
N MET F 656 -145.01 18.23 -31.66
CA MET F 656 -144.81 17.18 -30.67
C MET F 656 -145.29 15.85 -31.20
N LEU F 657 -146.46 15.84 -31.82
CA LEU F 657 -146.97 14.59 -32.38
C LEU F 657 -146.21 14.21 -33.64
N HIS F 658 -145.72 15.21 -34.37
CA HIS F 658 -144.80 14.94 -35.47
C HIS F 658 -143.64 14.10 -34.98
N ALA F 659 -143.06 14.53 -33.86
CA ALA F 659 -141.97 13.82 -33.22
C ALA F 659 -142.42 12.46 -32.74
N SER F 660 -143.64 12.35 -32.23
CA SER F 660 -144.14 11.05 -31.77
C SER F 660 -144.17 10.05 -32.92
N TYR F 661 -144.64 10.48 -34.08
CA TYR F 661 -144.78 9.55 -35.20
C TYR F 661 -143.42 9.22 -35.81
N ALA F 662 -142.57 10.23 -35.97
CA ALA F 662 -141.20 9.95 -36.39
C ALA F 662 -140.50 9.05 -35.36
N ALA F 663 -140.92 9.14 -34.10
CA ALA F 663 -140.41 8.24 -33.08
C ALA F 663 -140.85 6.83 -33.35
N GLN F 664 -142.11 6.63 -33.71
CA GLN F 664 -142.56 5.32 -34.15
C GLN F 664 -141.66 4.80 -35.25
N LEU F 665 -141.31 5.70 -36.17
CA LEU F 665 -140.47 5.34 -37.31
C LEU F 665 -139.09 4.87 -36.87
N GLU F 666 -138.45 5.66 -36.02
CA GLU F 666 -137.13 5.28 -35.53
C GLU F 666 -137.21 4.04 -34.66
N ASN F 667 -138.36 3.78 -34.05
CA ASN F 667 -138.57 2.51 -33.38
C ASN F 667 -138.48 1.36 -34.37
N VAL F 668 -139.26 1.45 -35.46
CA VAL F 668 -139.25 0.37 -36.41
C VAL F 668 -137.93 0.32 -37.16
N GLY F 669 -137.11 1.35 -37.01
CA GLY F 669 -135.80 1.36 -37.63
C GLY F 669 -135.81 1.68 -39.10
N LEU F 670 -136.83 2.34 -39.60
CA LEU F 670 -136.87 2.76 -41.01
C LEU F 670 -136.51 4.24 -41.13
N TRP F 671 -135.23 4.42 -41.43
CA TRP F 671 -134.58 5.70 -41.17
C TRP F 671 -134.95 6.77 -42.19
N GLU F 672 -134.59 6.62 -43.47
CA GLU F 672 -135.00 7.60 -44.49
C GLU F 672 -136.40 8.13 -44.22
N TRP F 673 -137.27 7.24 -43.74
CA TRP F 673 -138.66 7.51 -43.48
C TRP F 673 -138.84 8.40 -42.27
N ALA F 674 -138.23 8.03 -41.15
CA ALA F 674 -138.22 8.92 -40.00
C ALA F 674 -137.73 10.30 -40.39
N ILE F 675 -136.66 10.37 -41.17
CA ILE F 675 -136.19 11.67 -41.65
C ILE F 675 -137.30 12.45 -42.34
N PHE F 676 -137.79 11.97 -43.49
CA PHE F 676 -138.61 12.91 -44.25
C PHE F 676 -139.88 13.24 -43.48
N VAL F 677 -140.40 12.26 -42.74
CA VAL F 677 -141.53 12.53 -41.87
C VAL F 677 -141.22 13.68 -40.92
N LEU F 678 -140.03 13.66 -40.33
CA LEU F 678 -139.61 14.82 -39.57
C LEU F 678 -139.60 16.08 -40.43
N LEU F 679 -139.09 15.98 -41.65
CA LEU F 679 -138.70 17.15 -42.42
C LEU F 679 -139.82 18.14 -42.62
N HIS F 680 -141.04 17.81 -42.25
CA HIS F 680 -142.17 18.71 -42.44
C HIS F 680 -142.47 19.38 -41.11
N ILE F 681 -141.62 20.34 -40.76
CA ILE F 681 -141.79 21.16 -39.58
C ILE F 681 -140.89 22.38 -39.74
N GLN F 682 -141.14 23.44 -38.98
CA GLN F 682 -140.56 24.73 -39.33
C GLN F 682 -139.66 25.31 -38.25
N ASP F 683 -139.03 24.49 -37.44
CA ASP F 683 -138.07 24.99 -36.45
C ASP F 683 -136.67 24.60 -36.90
N PRO F 684 -135.94 25.50 -37.56
CA PRO F 684 -134.89 25.06 -38.49
C PRO F 684 -133.70 24.34 -37.89
N HIS F 685 -132.95 24.94 -36.98
CA HIS F 685 -131.79 24.17 -36.54
C HIS F 685 -132.11 23.28 -35.37
N VAL F 686 -133.30 23.40 -34.79
CA VAL F 686 -133.83 22.28 -34.02
C VAL F 686 -133.96 21.06 -34.92
N ARG F 687 -134.51 21.26 -36.12
CA ARG F 687 -134.58 20.18 -37.10
C ARG F 687 -133.18 19.67 -37.43
N GLU F 688 -132.25 20.60 -37.63
CA GLU F 688 -130.89 20.20 -38.01
C GLU F 688 -130.24 19.37 -36.91
N ALA F 689 -130.42 19.78 -35.66
CA ALA F 689 -129.90 19.00 -34.55
C ALA F 689 -130.56 17.62 -34.51
N ALA F 690 -131.87 17.58 -34.65
CA ALA F 690 -132.56 16.30 -34.65
C ALA F 690 -132.02 15.39 -35.75
N VAL F 691 -131.91 15.92 -36.96
CA VAL F 691 -131.46 15.08 -38.06
C VAL F 691 -130.02 14.66 -37.84
N ARG F 692 -129.22 15.49 -37.19
CA ARG F 692 -127.89 15.04 -36.80
C ARG F 692 -127.98 13.85 -35.86
N GLU F 693 -128.95 13.88 -34.93
CA GLU F 693 -129.16 12.73 -34.06
C GLU F 693 -129.42 11.49 -34.89
N LEU F 694 -130.33 11.60 -35.86
CA LEU F 694 -130.65 10.48 -36.73
C LEU F 694 -129.42 10.01 -37.50
N LEU F 695 -128.67 10.96 -38.06
CA LEU F 695 -127.48 10.62 -38.82
C LEU F 695 -126.51 9.83 -37.97
N ASN F 696 -126.24 10.33 -36.76
CA ASN F 696 -125.31 9.66 -35.87
C ASN F 696 -125.78 8.26 -35.53
N ARG F 697 -127.08 8.12 -35.26
CA ARG F 697 -127.57 6.81 -34.87
C ARG F 697 -127.55 5.84 -36.05
N HIS F 698 -127.65 6.35 -37.28
CA HIS F 698 -127.96 5.48 -38.41
C HIS F 698 -126.81 5.23 -39.37
N CYS F 699 -125.79 6.08 -39.38
CA CYS F 699 -124.77 6.01 -40.40
C CYS F 699 -123.47 5.56 -39.75
N VAL F 700 -123.08 4.32 -40.04
CA VAL F 700 -121.85 3.72 -39.52
C VAL F 700 -121.04 3.22 -40.70
N VAL F 701 -119.76 3.58 -40.73
CA VAL F 701 -118.98 3.39 -41.95
C VAL F 701 -118.77 1.91 -42.21
N HIS F 702 -119.27 1.45 -43.35
CA HIS F 702 -119.21 0.05 -43.72
C HIS F 702 -119.32 -0.07 -45.24
N ASP F 703 -118.94 -1.22 -45.76
CA ASP F 703 -118.97 -1.49 -47.19
C ASP F 703 -119.97 -2.61 -47.45
N SER F 704 -121.08 -2.27 -48.09
CA SER F 704 -122.13 -3.25 -48.37
C SER F 704 -123.00 -2.68 -49.48
N PRO F 705 -123.42 -3.53 -50.42
CA PRO F 705 -124.32 -3.05 -51.49
C PRO F 705 -125.64 -2.51 -50.96
N GLU F 706 -126.13 -3.05 -49.84
CA GLU F 706 -127.34 -2.52 -49.23
C GLU F 706 -127.14 -1.07 -48.81
N SER F 707 -126.01 -0.78 -48.17
CA SER F 707 -125.70 0.60 -47.82
C SER F 707 -125.62 1.46 -49.08
N LEU F 708 -124.96 0.95 -50.12
CA LEU F 708 -124.84 1.71 -51.36
C LEU F 708 -126.20 2.08 -51.91
N ALA F 709 -127.12 1.12 -51.95
CA ALA F 709 -128.50 1.43 -52.31
C ALA F 709 -129.09 2.46 -51.36
N LYS F 710 -128.68 2.43 -50.09
CA LYS F 710 -129.19 3.42 -49.14
C LYS F 710 -128.83 4.84 -49.57
N GLU F 711 -127.55 5.09 -49.89
CA GLU F 711 -127.25 6.44 -50.38
C GLU F 711 -127.91 6.69 -51.73
N ASN F 712 -128.09 5.64 -52.54
CA ASN F 712 -128.85 5.83 -53.77
C ASN F 712 -130.20 6.46 -53.48
N PHE F 713 -130.93 5.91 -52.51
CA PHE F 713 -132.22 6.49 -52.14
C PHE F 713 -132.04 7.88 -51.57
N LEU F 714 -131.00 8.08 -50.76
CA LEU F 714 -130.78 9.36 -50.10
C LEU F 714 -130.55 10.46 -51.12
N ILE F 715 -130.04 10.11 -52.29
CA ILE F 715 -129.70 11.14 -53.26
C ILE F 715 -130.80 11.32 -54.30
N GLN F 716 -131.36 10.21 -54.78
CA GLN F 716 -132.21 10.33 -55.96
C GLN F 716 -133.45 11.17 -55.73
N ARG F 717 -134.25 10.87 -54.70
CA ARG F 717 -135.35 11.77 -54.39
C ARG F 717 -135.14 12.46 -53.04
N LEU F 718 -134.47 11.80 -52.11
CA LEU F 718 -134.18 12.47 -50.86
C LEU F 718 -133.25 13.66 -51.10
N CYS F 719 -132.38 13.56 -52.10
CA CYS F 719 -131.55 14.67 -52.55
C CYS F 719 -130.78 15.28 -51.40
N LEU F 720 -130.15 14.46 -50.62
CA LEU F 720 -129.60 14.99 -49.39
C LEU F 720 -128.11 15.26 -49.53
N PRO F 721 -127.68 16.50 -49.36
CA PRO F 721 -126.26 16.84 -49.51
C PRO F 721 -125.35 15.90 -48.75
N ALA F 722 -124.42 15.29 -49.49
CA ALA F 722 -123.48 14.34 -48.91
C ALA F 722 -122.56 14.99 -47.90
N GLN F 723 -122.66 16.31 -47.71
CA GLN F 723 -121.89 16.96 -46.68
C GLN F 723 -122.11 16.29 -45.33
N TRP F 724 -123.38 16.09 -44.95
CA TRP F 724 -123.69 15.51 -43.65
C TRP F 724 -123.27 14.06 -43.57
N ILE F 725 -123.47 13.28 -44.63
CA ILE F 725 -123.12 11.87 -44.56
C ILE F 725 -121.61 11.73 -44.44
N HIS F 726 -120.86 12.57 -45.15
CA HIS F 726 -119.42 12.55 -45.01
C HIS F 726 -119.00 12.99 -43.62
N LYS F 727 -119.69 13.98 -43.04
CA LYS F 727 -119.45 14.36 -41.66
C LYS F 727 -119.59 13.16 -40.73
N ALA F 728 -120.71 12.44 -40.86
CA ALA F 728 -121.02 11.36 -39.93
C ALA F 728 -120.06 10.19 -40.11
N LYS F 729 -119.85 9.75 -41.34
CA LYS F 729 -118.93 8.63 -41.56
C LYS F 729 -117.49 9.05 -41.24
N ALA F 730 -117.20 10.35 -41.31
CA ALA F 730 -115.87 10.83 -40.95
C ALA F 730 -115.64 10.75 -39.46
N VAL F 731 -116.61 11.14 -38.64
CA VAL F 731 -116.43 11.01 -37.20
C VAL F 731 -116.48 9.55 -36.79
N ARG F 732 -117.31 8.74 -37.47
CA ARG F 732 -117.27 7.30 -37.33
C ARG F 732 -115.86 6.76 -37.56
N SER F 733 -115.24 7.16 -38.66
CA SER F 733 -113.90 6.71 -38.96
C SER F 733 -112.90 7.25 -37.94
N ARG F 734 -113.10 8.47 -37.46
CA ARG F 734 -112.20 8.99 -36.43
C ARG F 734 -112.35 8.20 -35.14
N ARG F 735 -113.51 7.58 -34.95
CA ARG F 735 -113.65 6.63 -33.85
C ARG F 735 -112.87 5.36 -34.10
N ASP F 736 -113.04 4.75 -35.27
CA ASP F 736 -112.59 3.36 -35.40
C ASP F 736 -111.15 3.24 -35.88
N GLY F 737 -110.63 4.23 -36.60
CA GLY F 737 -109.24 4.18 -37.04
C GLY F 737 -109.01 3.59 -38.41
N ASP F 738 -109.87 3.87 -39.38
CA ASP F 738 -109.66 3.41 -40.75
C ASP F 738 -109.10 4.56 -41.56
N LYS F 739 -107.76 4.56 -41.73
CA LYS F 739 -107.05 5.71 -42.26
C LYS F 739 -107.58 6.14 -43.61
N HIS F 740 -107.74 5.17 -44.53
CA HIS F 740 -108.30 5.48 -45.84
C HIS F 740 -109.62 6.20 -45.72
N LYS F 741 -110.49 5.74 -44.81
CA LYS F 741 -111.83 6.30 -44.75
C LYS F 741 -111.84 7.69 -44.12
N GLU F 742 -111.08 7.90 -43.04
CA GLU F 742 -111.04 9.27 -42.52
C GLU F 742 -110.50 10.22 -43.56
N ALA F 743 -109.41 9.83 -44.24
CA ALA F 743 -108.83 10.73 -45.24
C ALA F 743 -109.83 11.02 -46.35
N LEU F 744 -110.46 9.97 -46.87
CA LEU F 744 -111.40 10.13 -47.98
C LEU F 744 -112.55 11.05 -47.59
N TYR F 745 -113.17 10.80 -46.45
CA TYR F 745 -114.35 11.58 -46.13
C TYR F 745 -114.02 12.97 -45.61
N LEU F 746 -112.85 13.16 -45.01
CA LEU F 746 -112.40 14.50 -44.70
C LEU F 746 -112.19 15.31 -45.98
N LEU F 747 -111.60 14.69 -47.00
CA LEU F 747 -111.52 15.37 -48.29
C LEU F 747 -112.90 15.65 -48.85
N LYS F 748 -113.78 14.65 -48.83
CA LYS F 748 -115.09 14.76 -49.45
C LYS F 748 -115.94 15.84 -48.80
N SER F 749 -115.93 15.95 -47.47
CA SER F 749 -116.64 17.01 -46.76
C SER F 749 -115.85 18.31 -46.72
N HIS F 750 -114.56 18.25 -47.07
CA HIS F 750 -113.69 19.43 -47.11
C HIS F 750 -113.71 20.16 -45.78
N GLN F 751 -113.32 19.46 -44.73
CA GLN F 751 -112.89 20.16 -43.53
C GLN F 751 -111.43 20.53 -43.73
N TRP F 752 -111.21 21.63 -44.44
CA TRP F 752 -109.89 21.97 -44.93
C TRP F 752 -108.86 22.09 -43.81
N ASN F 753 -109.14 22.90 -42.78
CA ASN F 753 -108.12 23.18 -41.78
C ASN F 753 -107.76 21.94 -40.97
N GLN F 754 -108.77 21.25 -40.44
CA GLN F 754 -108.49 20.13 -39.56
C GLN F 754 -107.95 18.95 -40.35
N CYS F 755 -108.44 18.74 -41.57
CA CYS F 755 -107.91 17.69 -42.42
C CYS F 755 -106.44 17.97 -42.76
N HIS F 756 -106.14 19.22 -43.12
CA HIS F 756 -104.76 19.70 -43.21
C HIS F 756 -103.95 19.24 -42.02
N LYS F 757 -104.35 19.65 -40.83
CA LYS F 757 -103.57 19.42 -39.64
C LYS F 757 -103.37 17.94 -39.35
N LEU F 758 -104.42 17.13 -39.52
CA LEU F 758 -104.29 15.71 -39.25
C LEU F 758 -103.40 15.00 -40.27
N VAL F 759 -103.54 15.34 -41.55
CA VAL F 759 -102.69 14.72 -42.56
C VAL F 759 -101.23 15.07 -42.31
N THR F 760 -100.97 16.34 -42.00
CA THR F 760 -99.62 16.72 -41.60
C THR F 760 -99.15 15.90 -40.42
N ARG F 761 -100.02 15.75 -39.42
CA ARG F 761 -99.66 14.96 -38.25
C ARG F 761 -99.27 13.53 -38.63
N HIS F 762 -100.05 12.89 -39.50
CA HIS F 762 -99.85 11.47 -39.72
C HIS F 762 -99.52 11.18 -41.17
N LEU F 763 -100.41 11.62 -42.06
CA LEU F 763 -100.50 11.01 -43.37
C LEU F 763 -99.27 11.29 -44.21
N ALA F 764 -98.68 12.46 -44.07
CA ALA F 764 -97.51 12.80 -44.86
C ALA F 764 -96.40 11.78 -44.63
N ALA F 765 -96.06 11.52 -43.36
CA ALA F 765 -95.02 10.55 -43.07
C ALA F 765 -95.41 9.17 -43.55
N ASP F 766 -96.68 8.80 -43.35
CA ASP F 766 -97.15 7.49 -43.78
C ASP F 766 -96.88 7.28 -45.26
N ALA F 767 -97.34 8.22 -46.08
CA ALA F 767 -97.21 8.07 -47.52
C ALA F 767 -95.76 8.16 -47.97
N VAL F 768 -94.96 9.04 -47.37
CA VAL F 768 -93.59 9.17 -47.84
C VAL F 768 -92.79 7.92 -47.51
N ILE F 769 -93.05 7.31 -46.34
CA ILE F 769 -92.24 6.18 -45.94
C ILE F 769 -92.74 4.91 -46.61
N ASN F 770 -94.01 4.84 -46.94
CA ASN F 770 -94.56 3.66 -47.60
C ASN F 770 -94.60 3.79 -49.11
N GLU F 771 -94.25 4.96 -49.65
CA GLU F 771 -94.22 5.21 -51.08
C GLU F 771 -95.54 4.84 -51.75
N ASN F 772 -96.61 5.54 -51.36
CA ASN F 772 -97.97 5.38 -51.90
C ASN F 772 -98.47 6.74 -52.39
N TYR F 773 -97.64 7.36 -53.24
CA TYR F 773 -97.80 8.77 -53.57
C TYR F 773 -99.15 9.10 -54.21
N ARG F 774 -99.83 8.11 -54.79
CA ARG F 774 -101.03 8.40 -55.59
C ARG F 774 -102.07 9.17 -54.80
N TYR F 775 -102.43 8.65 -53.62
CA TYR F 775 -103.61 9.13 -52.93
C TYR F 775 -103.39 10.53 -52.38
N LEU F 776 -102.35 10.70 -51.57
CA LEU F 776 -102.06 12.03 -51.08
C LEU F 776 -101.54 12.94 -52.18
N ARG F 777 -101.17 12.38 -53.34
CA ARG F 777 -100.89 13.23 -54.48
C ARG F 777 -102.15 13.94 -54.93
N GLY F 778 -103.22 13.19 -55.13
CA GLY F 778 -104.50 13.80 -55.46
C GLY F 778 -104.93 14.73 -54.34
N PHE F 779 -104.69 14.27 -53.11
CA PHE F 779 -105.01 15.04 -51.92
C PHE F 779 -104.40 16.44 -51.99
N LEU F 780 -103.08 16.51 -52.02
CA LEU F 780 -102.41 17.79 -52.05
C LEU F 780 -102.73 18.57 -53.31
N GLY F 781 -102.98 17.88 -54.44
CA GLY F 781 -103.32 18.58 -55.65
C GLY F 781 -104.61 19.38 -55.49
N GLU F 782 -105.65 18.75 -54.97
CA GLU F 782 -106.89 19.47 -54.72
C GLU F 782 -106.73 20.48 -53.59
N LEU F 783 -105.87 20.19 -52.62
CA LEU F 783 -105.66 21.15 -51.53
C LEU F 783 -104.92 22.38 -52.01
N ALA F 784 -104.09 22.25 -53.04
CA ALA F 784 -103.29 23.35 -53.53
C ALA F 784 -104.11 24.44 -54.18
N ARG F 785 -105.38 24.18 -54.42
CA ARG F 785 -106.17 25.22 -55.04
C ARG F 785 -106.19 26.46 -54.15
N PRO F 786 -105.98 27.64 -54.73
CA PRO F 786 -105.69 28.82 -53.91
C PRO F 786 -106.76 29.12 -52.88
N GLU F 787 -108.02 28.84 -53.18
CA GLU F 787 -109.07 29.07 -52.18
C GLU F 787 -108.86 28.18 -50.96
N HIS F 788 -108.41 26.95 -51.18
CA HIS F 788 -108.06 26.09 -50.05
C HIS F 788 -106.92 26.71 -49.27
N CYS F 789 -105.93 27.26 -49.98
CA CYS F 789 -104.86 27.98 -49.32
C CYS F 789 -105.40 29.14 -48.50
N LYS F 790 -106.55 29.69 -48.93
CA LYS F 790 -107.13 30.85 -48.26
C LYS F 790 -107.79 30.49 -46.94
N HIS F 791 -108.35 29.29 -46.84
CA HIS F 791 -109.11 28.90 -45.66
C HIS F 791 -108.30 28.07 -44.67
N ILE F 792 -107.03 27.81 -44.95
CA ILE F 792 -106.18 27.02 -44.09
C ILE F 792 -104.96 27.85 -43.75
N GLN F 793 -104.56 27.84 -42.49
CA GLN F 793 -103.27 28.40 -42.11
C GLN F 793 -102.19 27.36 -42.33
N ASP F 794 -101.09 27.82 -42.94
CA ASP F 794 -99.83 27.10 -43.07
C ASP F 794 -99.88 25.97 -44.09
N TRP F 795 -100.87 25.98 -44.99
CA TRP F 795 -100.79 25.14 -46.19
C TRP F 795 -99.47 25.34 -46.91
N GLU F 796 -99.09 26.60 -47.13
CA GLU F 796 -97.86 26.93 -47.83
C GLU F 796 -96.65 26.40 -47.11
N THR F 797 -96.72 26.31 -45.78
CA THR F 797 -95.57 25.85 -45.02
C THR F 797 -95.16 24.43 -45.39
N ALA F 798 -96.12 23.53 -45.54
CA ALA F 798 -95.76 22.13 -45.69
C ALA F 798 -96.37 21.47 -46.91
N GLY F 799 -97.68 21.67 -47.11
CA GLY F 799 -98.40 20.76 -47.97
C GLY F 799 -97.96 20.84 -49.42
N LYS F 800 -98.09 22.02 -50.03
CA LYS F 800 -97.61 22.19 -51.39
C LYS F 800 -96.11 22.00 -51.47
N VAL F 801 -95.41 22.16 -50.35
CA VAL F 801 -93.97 21.90 -50.37
C VAL F 801 -93.70 20.42 -50.65
N TYR F 802 -94.38 19.54 -49.92
CA TYR F 802 -94.19 18.12 -50.16
C TYR F 802 -94.78 17.69 -51.50
N LEU F 803 -95.84 18.37 -51.91
CA LEU F 803 -96.35 18.17 -53.25
C LEU F 803 -95.27 18.47 -54.28
N ASP F 804 -94.52 19.54 -54.06
CA ASP F 804 -93.38 19.85 -54.92
C ASP F 804 -92.34 18.75 -54.88
N TYR F 805 -91.99 18.27 -53.68
CA TYR F 805 -91.06 17.15 -53.60
C TYR F 805 -91.50 16.01 -54.51
N ILE F 806 -92.72 15.53 -54.30
CA ILE F 806 -93.17 14.33 -55.00
C ILE F 806 -93.26 14.58 -56.49
N SER F 807 -93.72 15.78 -56.88
CA SER F 807 -93.83 16.09 -58.31
C SER F 807 -92.47 16.09 -58.98
N VAL F 808 -91.48 16.70 -58.34
CA VAL F 808 -90.13 16.68 -58.91
C VAL F 808 -89.65 15.25 -59.02
N ILE F 809 -89.89 14.45 -57.98
CA ILE F 809 -89.46 13.06 -57.97
C ILE F 809 -90.03 12.32 -59.18
N GLU F 810 -91.33 12.42 -59.37
CA GLU F 810 -91.97 11.67 -60.44
C GLU F 810 -91.51 12.16 -61.82
N MET F 811 -91.37 13.47 -62.00
CA MET F 811 -91.02 13.96 -63.32
C MET F 811 -89.57 13.61 -63.66
N LEU F 812 -88.67 13.70 -62.68
CA LEU F 812 -87.30 13.27 -62.93
C LEU F 812 -87.23 11.77 -63.18
N ASN F 813 -88.06 10.99 -62.49
CA ASN F 813 -88.10 9.56 -62.80
C ASN F 813 -88.51 9.32 -64.24
N GLN F 814 -89.56 9.99 -64.70
CA GLN F 814 -90.07 9.71 -66.04
C GLN F 814 -89.13 10.23 -67.11
N ILE F 815 -88.44 11.35 -66.84
CA ILE F 815 -87.57 11.94 -67.86
C ILE F 815 -86.46 10.95 -68.19
N ARG F 816 -86.13 10.06 -67.25
CA ARG F 816 -85.19 8.99 -67.51
C ARG F 816 -85.88 7.74 -68.02
N GLN F 817 -87.15 7.55 -67.70
CA GLN F 817 -87.91 6.47 -68.31
C GLN F 817 -87.97 6.60 -69.83
N ASP F 818 -87.76 7.81 -70.34
CA ASP F 818 -87.53 8.06 -71.75
C ASP F 818 -86.17 8.71 -71.92
N GLU F 819 -85.85 9.07 -73.16
CA GLU F 819 -84.66 9.87 -73.39
C GLU F 819 -84.89 11.30 -72.92
N CYS F 820 -83.94 11.82 -72.14
CA CYS F 820 -84.10 13.08 -71.44
C CYS F 820 -83.97 14.27 -72.40
N SER F 821 -84.54 15.39 -71.99
CA SER F 821 -84.43 16.65 -72.71
C SER F 821 -84.02 17.74 -71.73
N GLY F 822 -83.07 18.57 -72.14
CA GLY F 822 -82.54 19.59 -71.23
C GLY F 822 -83.57 20.64 -70.88
N GLY F 823 -84.63 20.75 -71.67
CA GLY F 823 -85.66 21.75 -71.46
C GLY F 823 -86.50 21.49 -70.23
N GLU F 824 -86.23 20.38 -69.55
CA GLU F 824 -86.87 20.09 -68.28
C GLU F 824 -85.80 19.83 -67.24
N LEU F 825 -84.61 19.47 -67.71
CA LEU F 825 -83.46 19.31 -66.82
C LEU F 825 -83.07 20.64 -66.20
N GLU F 826 -83.12 21.71 -67.00
CA GLU F 826 -82.86 23.05 -66.48
C GLU F 826 -83.87 23.42 -65.42
N LYS F 827 -85.14 23.09 -65.65
CA LYS F 827 -86.17 23.31 -64.64
C LYS F 827 -85.88 22.50 -63.39
N LEU F 828 -85.42 21.26 -63.56
CA LEU F 828 -84.98 20.46 -62.43
C LEU F 828 -83.94 21.19 -61.60
N HIS F 829 -82.88 21.69 -62.25
CA HIS F 829 -81.84 22.38 -61.50
C HIS F 829 -82.42 23.60 -60.77
N THR F 830 -83.21 24.41 -61.49
CA THR F 830 -83.72 25.65 -60.92
C THR F 830 -84.60 25.38 -59.71
N LYS F 831 -85.52 24.42 -59.81
CA LYS F 831 -86.43 24.18 -58.70
C LYS F 831 -85.76 23.41 -57.58
N VAL F 832 -84.83 22.51 -57.91
CA VAL F 832 -84.15 21.74 -56.87
C VAL F 832 -83.30 22.65 -55.99
N MET F 833 -82.45 23.46 -56.62
CA MET F 833 -81.56 24.30 -55.83
C MET F 833 -82.35 25.34 -55.06
N SER F 834 -83.50 25.75 -55.57
CA SER F 834 -84.37 26.64 -54.81
C SER F 834 -84.93 25.93 -53.58
N LEU F 835 -85.69 24.84 -53.79
CA LEU F 835 -86.34 24.17 -52.67
C LEU F 835 -85.34 23.67 -51.64
N CYS F 836 -84.07 23.55 -52.03
CA CYS F 836 -83.03 23.39 -51.02
C CYS F 836 -83.10 24.52 -49.99
N LYS F 837 -83.39 25.75 -50.44
CA LYS F 837 -83.50 26.89 -49.53
C LYS F 837 -84.66 26.78 -48.56
N TRP F 838 -85.71 26.02 -48.89
CA TRP F 838 -86.85 25.94 -48.00
C TRP F 838 -86.98 24.60 -47.29
N VAL F 839 -86.11 23.64 -47.60
CA VAL F 839 -86.01 22.45 -46.77
C VAL F 839 -85.69 22.85 -45.33
N GLU F 840 -85.00 23.98 -45.15
CA GLU F 840 -84.63 24.44 -43.83
C GLU F 840 -85.85 24.73 -42.95
N LEU F 841 -86.89 25.34 -43.52
CA LEU F 841 -88.03 25.79 -42.74
C LEU F 841 -88.95 24.65 -42.34
N ILE F 842 -88.55 23.41 -42.57
CA ILE F 842 -89.33 22.25 -42.17
C ILE F 842 -89.31 22.16 -40.65
N GLN F 843 -90.49 22.15 -40.04
CA GLN F 843 -90.64 22.10 -38.59
C GLN F 843 -91.34 20.81 -38.20
N CYS F 844 -90.65 19.98 -37.42
CA CYS F 844 -91.20 18.70 -36.99
C CYS F 844 -91.52 18.77 -35.50
N TYR F 845 -92.79 18.59 -35.16
CA TYR F 845 -93.22 18.56 -33.77
C TYR F 845 -93.48 17.15 -33.27
N SER F 846 -92.95 16.14 -33.95
CA SER F 846 -93.08 14.76 -33.50
C SER F 846 -91.79 14.01 -33.82
N ALA F 847 -91.54 12.96 -33.03
CA ALA F 847 -90.40 12.09 -33.30
C ALA F 847 -90.54 11.41 -34.65
N LYS F 848 -91.72 10.89 -34.96
CA LYS F 848 -91.91 10.29 -36.27
C LYS F 848 -91.88 11.35 -37.37
N GLY F 849 -92.36 12.56 -37.07
CA GLY F 849 -92.25 13.63 -38.05
C GLY F 849 -90.81 13.94 -38.40
N ARG F 850 -89.96 14.08 -37.38
CA ARG F 850 -88.56 14.32 -37.63
C ARG F 850 -87.90 13.09 -38.24
N LEU F 851 -88.42 11.89 -37.95
CA LEU F 851 -87.87 10.68 -38.55
C LEU F 851 -88.14 10.64 -40.04
N ALA F 852 -89.37 10.98 -40.43
CA ALA F 852 -89.67 11.12 -41.85
C ALA F 852 -88.87 12.25 -42.47
N GLN F 853 -88.63 13.32 -41.71
CA GLN F 853 -87.76 14.39 -42.19
C GLN F 853 -86.36 13.87 -42.49
N SER F 854 -85.83 13.04 -41.59
CA SER F 854 -84.51 12.45 -41.80
C SER F 854 -84.51 11.52 -43.00
N GLU F 855 -85.55 10.72 -43.15
CA GLU F 855 -85.66 9.84 -44.31
C GLU F 855 -85.68 10.64 -45.60
N MET F 856 -86.44 11.74 -45.59
CA MET F 856 -86.46 12.66 -46.72
C MET F 856 -85.07 13.19 -47.00
N ALA F 857 -84.36 13.63 -45.96
CA ALA F 857 -83.04 14.22 -46.15
C ALA F 857 -82.09 13.22 -46.78
N LYS F 858 -82.11 11.98 -46.29
CA LYS F 858 -81.20 10.98 -46.82
C LYS F 858 -81.55 10.64 -48.27
N ARG F 859 -82.84 10.50 -48.57
CA ARG F 859 -83.27 10.24 -49.94
C ARG F 859 -82.94 11.39 -50.88
N VAL F 860 -83.15 12.63 -50.43
CA VAL F 860 -82.86 13.76 -51.30
C VAL F 860 -81.37 13.87 -51.55
N ALA F 861 -80.55 13.55 -50.53
CA ALA F 861 -79.12 13.49 -50.75
C ALA F 861 -78.76 12.42 -51.78
N ASN F 862 -79.36 11.23 -51.67
CA ASN F 862 -79.11 10.17 -52.63
C ASN F 862 -79.47 10.58 -54.05
N ILE F 863 -80.68 11.10 -54.23
CA ILE F 863 -81.13 11.46 -55.58
C ILE F 863 -80.34 12.64 -56.11
N LEU F 864 -79.94 13.56 -55.22
CA LEU F 864 -79.12 14.70 -55.64
C LEU F 864 -77.76 14.24 -56.13
N ARG F 865 -77.16 13.27 -55.43
CA ARG F 865 -75.91 12.67 -55.91
C ARG F 865 -76.12 12.04 -57.28
N VAL F 866 -77.21 11.27 -57.43
CA VAL F 866 -77.46 10.57 -58.69
C VAL F 866 -77.60 11.58 -59.83
N VAL F 867 -78.36 12.66 -59.59
CA VAL F 867 -78.63 13.61 -60.66
C VAL F 867 -77.42 14.46 -60.96
N LEU F 868 -76.64 14.83 -59.94
CA LEU F 868 -75.42 15.58 -60.19
C LEU F 868 -74.39 14.73 -60.91
N SER F 869 -74.43 13.41 -60.73
CA SER F 869 -73.59 12.54 -61.51
C SER F 869 -74.08 12.41 -62.95
N LEU F 870 -75.40 12.29 -63.13
CA LEU F 870 -75.94 11.96 -64.43
C LEU F 870 -76.29 13.18 -65.27
N GLN F 871 -76.14 14.39 -64.75
CA GLN F 871 -76.38 15.60 -65.53
C GLN F 871 -75.29 15.81 -66.58
N GLN F 872 -74.25 14.99 -66.53
CA GLN F 872 -73.24 14.89 -67.59
C GLN F 872 -73.48 13.53 -68.22
N PRO F 873 -74.45 13.42 -69.13
CA PRO F 873 -74.88 12.11 -69.61
C PRO F 873 -73.74 11.37 -70.27
N PRO F 874 -73.71 10.04 -70.17
CA PRO F 874 -72.57 9.25 -70.63
C PRO F 874 -72.29 9.35 -72.14
N GLU F 875 -73.13 10.03 -72.91
CA GLU F 875 -72.86 10.21 -74.34
C GLU F 875 -73.12 11.64 -74.80
N SER F 876 -73.63 12.51 -73.93
CA SER F 876 -73.91 13.90 -74.29
C SER F 876 -73.43 14.83 -73.20
N MET F 877 -72.17 14.69 -72.80
CA MET F 877 -71.58 15.50 -71.73
C MET F 877 -71.88 16.98 -71.94
N SER F 878 -72.16 17.67 -70.84
CA SER F 878 -72.47 19.10 -70.88
C SER F 878 -71.21 19.95 -70.91
N ASP F 879 -70.38 19.80 -69.88
CA ASP F 879 -69.09 20.49 -69.86
C ASP F 879 -67.96 19.53 -70.22
N SER F 880 -66.93 20.05 -70.86
CA SER F 880 -65.84 19.19 -71.33
C SER F 880 -65.13 18.51 -70.17
N SER F 881 -64.39 19.28 -69.37
CA SER F 881 -63.68 18.73 -68.23
C SER F 881 -63.72 19.68 -67.04
N SER F 882 -64.46 20.78 -67.18
CA SER F 882 -64.41 21.87 -66.21
C SER F 882 -64.90 21.43 -64.84
N GLU F 883 -64.16 21.83 -63.80
CA GLU F 883 -64.61 21.68 -62.43
C GLU F 883 -65.17 23.00 -61.96
N PRO F 884 -66.48 23.24 -62.08
CA PRO F 884 -67.04 24.55 -61.77
C PRO F 884 -67.04 24.84 -60.28
N ARG F 885 -67.18 26.11 -59.95
CA ARG F 885 -67.24 26.57 -58.56
C ARG F 885 -68.59 26.15 -57.97
N VAL F 886 -68.54 25.52 -56.80
CA VAL F 886 -69.74 24.87 -56.27
C VAL F 886 -70.66 25.92 -55.66
N PRO F 887 -71.99 25.79 -55.78
CA PRO F 887 -72.89 26.76 -55.13
C PRO F 887 -73.04 26.53 -53.64
N LEU F 888 -72.14 25.73 -53.06
CA LEU F 888 -72.17 25.56 -51.61
C LEU F 888 -71.97 26.89 -50.88
N ARG F 889 -71.37 27.88 -51.54
CA ARG F 889 -71.28 29.20 -50.95
C ARG F 889 -72.66 29.78 -50.64
N LEU F 890 -73.70 29.28 -51.30
CA LEU F 890 -75.08 29.63 -50.99
C LEU F 890 -75.80 28.52 -50.24
N LEU F 891 -75.41 27.26 -50.48
CA LEU F 891 -76.10 26.14 -49.85
C LEU F 891 -75.79 26.03 -48.36
N ALA F 892 -74.53 26.22 -47.98
CA ALA F 892 -74.09 25.96 -46.62
C ALA F 892 -74.83 26.78 -45.57
N PRO F 893 -75.04 28.10 -45.72
CA PRO F 893 -75.68 28.87 -44.64
C PRO F 893 -77.07 28.39 -44.28
N HIS F 894 -77.72 27.63 -45.16
CA HIS F 894 -79.05 27.08 -44.89
C HIS F 894 -79.02 25.60 -44.52
N ILE F 895 -78.14 24.81 -45.15
CA ILE F 895 -78.06 23.39 -44.82
C ILE F 895 -77.43 23.19 -43.45
N GLY F 896 -76.64 24.18 -42.99
CA GLY F 896 -76.00 24.07 -41.70
C GLY F 896 -76.96 24.32 -40.56
N ARG F 897 -78.21 24.62 -40.89
CA ARG F 897 -79.22 24.92 -39.89
C ARG F 897 -79.99 23.68 -39.43
N LEU F 898 -79.61 22.49 -39.88
CA LEU F 898 -80.28 21.27 -39.47
C LEU F 898 -79.26 20.22 -39.06
N PRO F 899 -79.60 19.34 -38.11
CA PRO F 899 -78.71 18.25 -37.73
C PRO F 899 -78.73 17.10 -38.73
N MET F 900 -77.74 16.15 -38.57
CA MET F 900 -77.69 15.11 -39.58
C MET F 900 -77.19 13.79 -38.98
N PRO F 901 -77.81 12.66 -39.30
CA PRO F 901 -77.39 11.39 -38.69
C PRO F 901 -76.07 10.88 -39.22
N GLU F 902 -75.16 10.60 -38.31
CA GLU F 902 -73.78 10.27 -38.68
C GLU F 902 -73.70 8.99 -39.49
N ASP F 903 -74.82 8.29 -39.67
CA ASP F 903 -74.82 7.10 -40.51
C ASP F 903 -74.41 7.42 -41.95
N TYR F 904 -75.18 8.25 -42.65
CA TYR F 904 -74.78 8.73 -43.97
C TYR F 904 -74.25 10.16 -43.95
N ALA F 905 -74.40 10.86 -42.81
CA ALA F 905 -73.73 12.14 -42.66
C ALA F 905 -72.24 11.99 -42.85
N LEU F 906 -71.69 10.79 -42.56
CA LEU F 906 -70.29 10.56 -42.85
C LEU F 906 -69.95 10.78 -44.31
N GLU F 907 -70.62 10.09 -45.23
CA GLU F 907 -70.22 10.18 -46.63
C GLU F 907 -70.59 11.55 -47.18
N GLU F 908 -71.77 12.05 -46.81
CA GLU F 908 -72.13 13.41 -47.21
C GLU F 908 -71.10 14.41 -46.72
N LEU F 909 -70.65 14.26 -45.47
CA LEU F 909 -69.77 15.23 -44.86
C LEU F 909 -68.38 15.13 -45.46
N ARG F 910 -67.99 13.93 -45.90
CA ARG F 910 -66.73 13.75 -46.56
C ARG F 910 -66.73 14.42 -47.93
N GLY F 911 -67.78 14.19 -48.71
CA GLY F 911 -67.91 14.91 -49.98
C GLY F 911 -67.84 16.40 -49.75
N LEU F 912 -68.53 16.86 -48.71
CA LEU F 912 -68.45 18.25 -48.28
C LEU F 912 -67.03 18.64 -47.88
N THR F 913 -66.26 17.68 -47.36
CA THR F 913 -64.87 18.00 -47.02
C THR F 913 -64.08 18.34 -48.26
N GLN F 914 -64.08 17.48 -49.29
CA GLN F 914 -63.25 17.81 -50.44
C GLN F 914 -63.82 19.03 -51.15
N SER F 915 -65.13 19.28 -50.98
CA SER F 915 -65.70 20.51 -51.51
C SER F 915 -65.08 21.73 -50.84
N TYR F 916 -65.06 21.77 -49.51
CA TYR F 916 -64.47 22.91 -48.82
C TYR F 916 -62.98 23.02 -49.07
N LEU F 917 -62.31 21.90 -49.34
CA LEU F 917 -60.88 21.98 -49.64
C LEU F 917 -60.61 22.84 -50.87
N ARG F 918 -61.29 22.53 -51.99
CA ARG F 918 -61.13 23.35 -53.18
C ARG F 918 -61.67 24.76 -52.95
N GLU F 919 -62.79 24.88 -52.23
CA GLU F 919 -63.37 26.19 -51.99
C GLU F 919 -62.40 27.10 -51.24
N LEU F 920 -61.66 26.56 -50.28
CA LEU F 920 -60.76 27.36 -49.48
C LEU F 920 -59.41 27.56 -50.15
N ILE F 921 -58.92 26.55 -50.88
CA ILE F 921 -57.73 26.77 -51.69
C ILE F 921 -57.99 27.80 -52.78
N CYS F 922 -59.25 28.01 -53.15
CA CYS F 922 -59.65 29.09 -54.03
C CYS F 922 -60.58 30.08 -53.33
N GLY F 923 -60.30 30.42 -52.07
CA GLY F 923 -61.15 31.29 -51.31
C GLY F 923 -60.98 32.75 -51.69
N SER F 924 -61.53 33.60 -50.84
CA SER F 924 -61.51 35.05 -51.05
C SER F 924 -60.09 35.62 -51.06
N SER G 11 -117.93 -10.77 -11.94
CA SER G 11 -117.74 -9.35 -12.19
C SER G 11 -117.72 -8.55 -10.89
N HIS G 12 -118.46 -7.46 -10.86
CA HIS G 12 -118.30 -6.46 -9.81
C HIS G 12 -118.67 -6.98 -8.44
N GLU G 13 -117.91 -6.55 -7.46
CA GLU G 13 -118.05 -6.98 -6.08
C GLU G 13 -119.22 -6.33 -5.37
N ASP G 14 -119.72 -5.21 -5.90
CA ASP G 14 -120.83 -4.50 -5.28
C ASP G 14 -121.81 -4.14 -6.37
N MET G 15 -123.08 -4.02 -5.97
CA MET G 15 -124.15 -3.78 -6.93
C MET G 15 -123.94 -2.43 -7.62
N ILE G 16 -124.49 -2.32 -8.84
CA ILE G 16 -124.22 -1.19 -9.72
C ILE G 16 -125.21 -0.07 -9.45
N HIS G 17 -124.68 1.12 -9.22
CA HIS G 17 -125.46 2.36 -9.26
C HIS G 17 -125.73 2.81 -10.68
N ASP G 18 -124.69 2.96 -11.49
CA ASP G 18 -124.83 3.52 -12.82
C ASP G 18 -124.01 2.70 -13.82
N ALA G 19 -124.51 2.64 -15.05
CA ALA G 19 -123.83 1.94 -16.13
C ALA G 19 -124.37 2.49 -17.44
N GLN G 20 -123.47 2.96 -18.29
CA GLN G 20 -123.85 3.69 -19.49
C GLN G 20 -123.13 3.14 -20.71
N MET G 21 -123.91 2.88 -21.75
CA MET G 21 -123.39 2.49 -23.04
C MET G 21 -122.93 3.75 -23.77
N ASP G 22 -122.31 3.58 -24.92
CA ASP G 22 -121.86 4.71 -25.71
C ASP G 22 -123.00 5.29 -26.56
N TYR G 23 -122.65 6.33 -27.32
CA TYR G 23 -123.45 6.86 -28.43
C TYR G 23 -123.72 5.81 -29.49
N TYR G 24 -122.85 4.81 -29.60
CA TYR G 24 -122.90 3.88 -30.70
C TYR G 24 -123.34 2.49 -30.29
N GLY G 25 -123.64 2.29 -29.01
CA GLY G 25 -124.09 1.00 -28.54
C GLY G 25 -123.01 -0.07 -28.51
N ILE G 26 -121.74 0.31 -28.60
CA ILE G 26 -120.69 -0.70 -28.75
C ILE G 26 -119.64 -0.66 -27.66
N ARG G 27 -119.81 0.14 -26.61
CA ARG G 27 -119.07 -0.10 -25.39
C ARG G 27 -119.83 0.40 -24.16
N LEU G 28 -119.71 -0.37 -23.10
CA LEU G 28 -120.44 -0.17 -21.87
C LEU G 28 -119.48 0.07 -20.72
N ALA G 29 -119.71 1.17 -19.99
CA ALA G 29 -119.04 1.46 -18.74
C ALA G 29 -119.98 1.13 -17.59
N THR G 30 -119.45 0.48 -16.56
CA THR G 30 -120.29 0.05 -15.44
C THR G 30 -119.61 0.37 -14.13
N CYS G 31 -120.24 1.24 -13.36
CA CYS G 31 -119.67 1.76 -12.12
C CYS G 31 -120.53 1.34 -10.93
N SER G 32 -119.85 0.77 -9.93
CA SER G 32 -120.46 0.49 -8.65
C SER G 32 -119.73 1.29 -7.58
N SER G 33 -120.21 1.19 -6.35
CA SER G 33 -119.35 1.57 -5.23
C SER G 33 -118.36 0.47 -4.88
N ASP G 34 -118.20 -0.54 -5.76
CA ASP G 34 -117.22 -1.59 -5.56
C ASP G 34 -115.80 -1.14 -5.86
N ARG G 35 -115.57 0.18 -5.90
CA ARG G 35 -114.24 0.78 -5.78
C ARG G 35 -113.50 0.81 -7.11
N SER G 36 -114.08 0.21 -8.15
CA SER G 36 -113.52 0.20 -9.49
C SER G 36 -114.65 0.08 -10.49
N VAL G 37 -114.36 0.37 -11.75
CA VAL G 37 -115.39 0.48 -12.79
C VAL G 37 -114.97 -0.35 -13.99
N LYS G 38 -115.85 -1.22 -14.47
CA LYS G 38 -115.44 -2.18 -15.49
C LYS G 38 -116.18 -1.94 -16.81
N ILE G 39 -115.52 -2.30 -17.90
CA ILE G 39 -115.86 -1.83 -19.24
C ILE G 39 -115.85 -3.00 -20.20
N PHE G 40 -116.93 -3.16 -20.95
CA PHE G 40 -117.06 -4.19 -21.95
C PHE G 40 -117.17 -3.57 -23.34
N ASP G 41 -116.55 -4.21 -24.32
CA ASP G 41 -116.89 -3.95 -25.72
C ASP G 41 -118.22 -4.62 -26.00
N VAL G 42 -118.97 -4.13 -26.98
CA VAL G 42 -120.33 -4.59 -27.22
C VAL G 42 -120.50 -4.84 -28.71
N LYS G 43 -120.92 -6.06 -29.04
CA LYS G 43 -120.94 -6.49 -30.44
C LYS G 43 -121.71 -7.80 -30.55
N ASN G 44 -122.59 -7.88 -31.55
CA ASN G 44 -123.22 -9.13 -31.97
C ASN G 44 -124.09 -9.69 -30.83
N GLY G 45 -124.22 -8.94 -29.75
CA GLY G 45 -124.87 -9.45 -28.57
C GLY G 45 -123.84 -9.96 -27.59
N GLY G 46 -122.64 -10.21 -28.10
CA GLY G 46 -121.53 -10.61 -27.27
C GLY G 46 -120.77 -9.40 -26.73
N GLN G 47 -119.93 -9.68 -25.73
CA GLN G 47 -119.24 -8.62 -25.03
C GLN G 47 -118.06 -9.17 -24.25
N ILE G 48 -116.93 -8.47 -24.34
CA ILE G 48 -115.71 -8.84 -23.63
C ILE G 48 -115.40 -7.71 -22.66
N LEU G 49 -115.18 -8.04 -21.40
CA LEU G 49 -114.77 -7.03 -20.44
C LEU G 49 -113.41 -6.52 -20.87
N ILE G 50 -113.39 -5.35 -21.49
CA ILE G 50 -112.15 -4.81 -22.01
C ILE G 50 -111.28 -4.21 -20.91
N ALA G 51 -111.88 -3.73 -19.83
CA ALA G 51 -111.06 -3.14 -18.79
C ALA G 51 -111.78 -3.15 -17.45
N ASP G 52 -111.04 -2.89 -16.39
CA ASP G 52 -111.60 -2.50 -15.10
C ASP G 52 -110.69 -1.43 -14.52
N LEU G 53 -111.09 -0.17 -14.70
CA LEU G 53 -110.33 0.97 -14.24
C LEU G 53 -110.43 1.10 -12.73
N ARG G 54 -109.27 1.16 -12.10
CA ARG G 54 -109.12 1.44 -10.68
C ARG G 54 -108.87 2.94 -10.52
N GLY G 55 -108.69 3.38 -9.29
CA GLY G 55 -108.18 4.71 -9.01
C GLY G 55 -108.96 5.38 -7.91
N HIS G 56 -110.24 5.05 -7.84
CA HIS G 56 -111.16 5.84 -7.05
C HIS G 56 -111.10 5.45 -5.59
N ASP G 57 -110.38 6.27 -4.81
CA ASP G 57 -110.20 6.09 -3.38
C ASP G 57 -111.41 6.53 -2.57
N GLY G 58 -112.53 6.80 -3.24
CA GLY G 58 -113.81 6.82 -2.59
C GLY G 58 -114.76 5.95 -3.38
N PRO G 59 -115.79 5.40 -2.73
CA PRO G 59 -116.81 4.66 -3.47
C PRO G 59 -117.36 5.50 -4.62
N VAL G 60 -117.66 4.82 -5.73
CA VAL G 60 -118.00 5.47 -6.97
C VAL G 60 -119.51 5.43 -7.19
N TRP G 61 -120.08 6.52 -7.68
CA TRP G 61 -121.50 6.52 -7.99
C TRP G 61 -121.75 6.74 -9.46
N GLN G 62 -121.17 7.80 -10.01
CA GLN G 62 -121.56 8.34 -11.29
C GLN G 62 -120.34 8.59 -12.18
N VAL G 63 -120.59 8.47 -13.47
CA VAL G 63 -119.68 8.81 -14.55
C VAL G 63 -120.36 9.82 -15.46
N ALA G 64 -119.68 10.20 -16.52
CA ALA G 64 -120.18 11.20 -17.47
C ALA G 64 -119.46 11.05 -18.80
N TRP G 65 -120.18 10.54 -19.80
CA TRP G 65 -119.72 10.48 -21.19
C TRP G 65 -119.87 11.84 -21.86
N ALA G 66 -118.99 12.13 -22.81
CA ALA G 66 -119.09 13.35 -23.60
C ALA G 66 -119.56 13.05 -25.03
N HIS G 67 -119.86 14.12 -25.77
CA HIS G 67 -120.43 14.09 -27.12
C HIS G 67 -119.52 13.50 -28.18
N PRO G 68 -120.07 12.93 -29.25
CA PRO G 68 -119.24 12.14 -30.18
C PRO G 68 -118.34 12.97 -31.08
N MET G 69 -118.77 14.18 -31.47
CA MET G 69 -117.90 15.01 -32.29
C MET G 69 -116.61 15.37 -31.57
N TYR G 70 -116.62 15.32 -30.24
CA TYR G 70 -115.39 15.36 -29.47
C TYR G 70 -114.69 14.00 -29.45
N GLY G 71 -115.44 12.91 -29.47
CA GLY G 71 -114.81 11.61 -29.39
C GLY G 71 -115.38 10.81 -28.23
N ASN G 72 -114.48 10.37 -27.33
CA ASN G 72 -114.82 9.42 -26.29
C ASN G 72 -114.21 9.89 -24.97
N ILE G 73 -115.06 10.35 -24.05
CA ILE G 73 -114.63 11.02 -22.83
C ILE G 73 -115.48 10.58 -21.65
N LEU G 74 -114.82 10.26 -20.52
CA LEU G 74 -115.53 9.85 -19.32
C LEU G 74 -115.00 10.57 -18.08
N ALA G 75 -115.92 10.95 -17.20
CA ALA G 75 -115.58 11.51 -15.88
C ALA G 75 -116.29 10.73 -14.79
N SER G 76 -115.75 10.77 -13.56
CA SER G 76 -116.30 9.97 -12.47
C SER G 76 -116.10 10.64 -11.12
N CYS G 77 -117.06 10.43 -10.21
CA CYS G 77 -116.98 11.01 -8.87
C CYS G 77 -116.70 9.91 -7.86
N SER G 78 -116.08 10.26 -6.73
CA SER G 78 -115.97 9.27 -5.65
C SER G 78 -116.13 9.92 -4.28
N TYR G 79 -116.18 9.05 -3.27
CA TYR G 79 -116.35 9.49 -1.89
C TYR G 79 -115.14 10.26 -1.41
N ASP G 80 -113.97 9.94 -1.93
CA ASP G 80 -112.71 10.56 -1.54
C ASP G 80 -112.59 11.98 -1.94
N ARG G 81 -113.67 12.59 -2.43
CA ARG G 81 -113.69 13.95 -2.93
C ARG G 81 -112.87 14.09 -4.20
N LYS G 82 -112.55 12.97 -4.85
CA LYS G 82 -111.77 12.95 -6.07
C LYS G 82 -112.70 12.71 -7.24
N VAL G 83 -112.50 13.50 -8.29
CA VAL G 83 -113.09 13.25 -9.59
C VAL G 83 -111.97 12.80 -10.52
N ILE G 84 -112.14 11.65 -11.12
CA ILE G 84 -111.15 11.11 -12.05
C ILE G 84 -111.70 11.24 -13.44
N ILE G 85 -110.79 11.45 -14.38
CA ILE G 85 -111.10 11.91 -15.71
C ILE G 85 -110.30 11.08 -16.69
N TRP G 86 -111.01 10.42 -17.58
CA TRP G 86 -110.58 9.25 -18.30
C TRP G 86 -110.75 9.55 -19.77
N LYS G 87 -109.71 9.30 -20.55
CA LYS G 87 -109.85 9.48 -21.99
C LYS G 87 -109.32 8.22 -22.66
N GLU G 88 -110.00 7.81 -23.73
CA GLU G 88 -109.74 6.54 -24.37
C GLU G 88 -108.76 6.75 -25.51
N GLU G 89 -107.74 5.91 -25.55
CA GLU G 89 -106.76 5.84 -26.63
C GLU G 89 -106.62 4.38 -27.03
N ASN G 90 -106.37 4.13 -28.32
CA ASN G 90 -105.94 2.84 -28.89
C ASN G 90 -106.66 1.64 -28.29
N GLY G 91 -107.89 1.80 -27.83
CA GLY G 91 -108.54 0.78 -27.06
C GLY G 91 -108.35 0.90 -25.56
N THR G 92 -107.61 1.91 -25.10
CA THR G 92 -107.28 2.08 -23.69
C THR G 92 -107.85 3.41 -23.21
N TRP G 93 -108.80 3.31 -22.30
CA TRP G 93 -109.31 4.41 -21.51
C TRP G 93 -108.26 4.66 -20.45
N GLU G 94 -107.89 5.91 -20.23
CA GLU G 94 -107.03 6.13 -19.08
C GLU G 94 -107.18 7.50 -18.44
N LYS G 95 -106.67 7.51 -17.21
CA LYS G 95 -106.84 8.54 -16.20
C LYS G 95 -106.15 9.81 -16.68
N THR G 96 -106.93 10.81 -17.09
CA THR G 96 -106.33 11.94 -17.78
C THR G 96 -106.29 13.21 -16.94
N TYR G 97 -107.36 13.55 -16.25
CA TYR G 97 -107.29 14.62 -15.26
C TYR G 97 -107.98 14.15 -14.01
N GLU G 98 -107.56 14.67 -12.86
CA GLU G 98 -108.17 14.28 -11.60
C GLU G 98 -108.16 15.49 -10.69
N TYR G 99 -109.28 15.78 -10.06
CA TYR G 99 -109.41 16.92 -9.18
C TYR G 99 -109.84 16.52 -7.77
N THR G 100 -109.26 17.18 -6.77
CA THR G 100 -109.73 17.11 -5.40
C THR G 100 -109.42 18.46 -4.76
N GLY G 101 -109.92 18.68 -3.55
CA GLY G 101 -109.88 19.96 -2.90
C GLY G 101 -111.18 20.11 -2.13
N HIS G 102 -111.97 19.05 -2.18
CA HIS G 102 -113.34 19.04 -1.70
C HIS G 102 -113.37 18.54 -0.27
N ASP G 103 -114.35 19.01 0.50
CA ASP G 103 -114.51 18.59 1.88
C ASP G 103 -115.48 17.42 2.02
N SER G 104 -116.50 17.35 1.19
CA SER G 104 -117.45 16.26 1.25
C SER G 104 -117.48 15.57 -0.11
N SER G 105 -117.90 14.31 -0.10
CA SER G 105 -117.85 13.49 -1.30
C SER G 105 -118.52 14.18 -2.47
N VAL G 106 -117.82 14.20 -3.59
CA VAL G 106 -118.33 14.77 -4.83
C VAL G 106 -119.46 13.85 -5.31
N ASN G 107 -120.66 14.42 -5.47
CA ASN G 107 -121.84 13.58 -5.65
C ASN G 107 -122.46 13.66 -7.03
N SER G 108 -122.36 14.79 -7.73
CA SER G 108 -123.05 14.97 -9.01
C SER G 108 -122.09 15.50 -10.07
N VAL G 109 -121.99 14.77 -11.18
CA VAL G 109 -121.19 15.18 -12.32
C VAL G 109 -121.99 14.96 -13.60
N CYS G 110 -121.98 15.95 -14.48
CA CYS G 110 -122.81 15.85 -15.68
C CYS G 110 -122.28 16.75 -16.79
N TRP G 111 -122.13 16.18 -17.99
CA TRP G 111 -121.56 16.91 -19.10
C TRP G 111 -122.55 17.92 -19.69
N ALA G 112 -122.00 19.00 -20.26
CA ALA G 112 -122.83 20.00 -20.92
C ALA G 112 -122.99 19.66 -22.40
N PRO G 113 -124.02 20.19 -23.06
CA PRO G 113 -124.17 19.96 -24.50
C PRO G 113 -122.97 20.45 -25.28
N HIS G 114 -122.59 19.68 -26.30
CA HIS G 114 -121.42 20.01 -27.10
C HIS G 114 -121.56 21.37 -27.76
N ASP G 115 -122.79 21.83 -27.93
CA ASP G 115 -123.02 23.18 -28.40
C ASP G 115 -122.43 24.21 -27.46
N PHE G 116 -122.50 23.97 -26.15
CA PHE G 116 -121.76 24.75 -25.18
C PHE G 116 -120.32 24.27 -25.02
N GLY G 117 -120.04 22.98 -25.25
CA GLY G 117 -118.68 22.50 -25.24
C GLY G 117 -118.39 21.37 -24.26
N LEU G 118 -117.10 21.23 -23.95
CA LEU G 118 -116.57 20.17 -23.07
C LEU G 118 -116.37 20.71 -21.66
N VAL G 119 -117.48 21.00 -20.99
CA VAL G 119 -117.47 21.41 -19.60
C VAL G 119 -118.40 20.49 -18.81
N LEU G 120 -117.89 19.98 -17.70
CA LEU G 120 -118.61 19.11 -16.81
C LEU G 120 -119.10 19.99 -15.66
N ALA G 121 -120.27 19.67 -15.13
CA ALA G 121 -120.76 20.29 -13.92
C ALA G 121 -120.49 19.35 -12.76
N CYS G 122 -119.98 19.91 -11.66
CA CYS G 122 -119.49 19.12 -10.55
C CYS G 122 -120.01 19.70 -9.24
N GLY G 123 -121.06 19.08 -8.72
CA GLY G 123 -121.67 19.47 -7.46
C GLY G 123 -121.41 18.41 -6.41
N SER G 124 -121.32 18.85 -5.16
CA SER G 124 -121.23 17.98 -4.01
C SER G 124 -122.07 18.57 -2.90
N SER G 125 -122.35 17.75 -1.89
CA SER G 125 -123.15 18.21 -0.77
C SER G 125 -122.36 19.16 0.12
N ASP G 126 -121.29 19.75 -0.43
CA ASP G 126 -120.47 20.73 0.25
C ASP G 126 -121.24 22.00 0.57
N GLY G 127 -122.40 22.22 -0.06
CA GLY G 127 -123.05 23.51 -0.03
C GLY G 127 -122.61 24.45 -1.13
N ALA G 128 -121.82 23.96 -2.08
CA ALA G 128 -121.19 24.78 -3.09
C ALA G 128 -120.70 23.87 -4.21
N ILE G 129 -120.50 24.44 -5.40
CA ILE G 129 -120.37 23.65 -6.62
C ILE G 129 -119.35 24.27 -7.57
N SER G 130 -118.55 23.43 -8.21
CA SER G 130 -117.64 23.92 -9.24
C SER G 130 -118.05 23.37 -10.59
N ILE G 131 -117.63 24.07 -11.64
CA ILE G 131 -117.93 23.67 -13.01
C ILE G 131 -116.63 23.74 -13.76
N LEU G 132 -116.24 22.63 -14.38
CA LEU G 132 -114.88 22.49 -14.86
C LEU G 132 -114.87 22.26 -16.36
N THR G 133 -114.10 23.07 -17.05
CA THR G 133 -113.98 23.04 -18.50
C THR G 133 -112.66 22.37 -18.84
N PHE G 134 -112.67 21.51 -19.86
CA PHE G 134 -111.43 21.00 -20.42
C PHE G 134 -111.31 21.50 -21.83
N THR G 135 -110.18 22.12 -22.15
CA THR G 135 -109.93 22.56 -23.51
C THR G 135 -109.89 21.37 -24.46
N GLY G 136 -109.73 20.17 -23.92
CA GLY G 136 -109.67 18.98 -24.73
C GLY G 136 -108.21 18.61 -24.92
N ASP G 137 -107.35 19.60 -24.78
CA ASP G 137 -105.91 19.37 -24.75
C ASP G 137 -105.27 20.22 -23.67
N GLY G 138 -106.03 21.17 -23.13
CA GLY G 138 -105.46 22.20 -22.31
C GLY G 138 -106.06 22.32 -20.93
N PRO G 139 -106.24 23.53 -20.46
CA PRO G 139 -106.57 23.75 -19.05
C PRO G 139 -107.94 23.27 -18.62
N TRP G 140 -108.12 23.21 -17.31
CA TRP G 140 -109.37 22.82 -16.70
C TRP G 140 -109.89 24.04 -15.99
N GLU G 141 -110.62 24.85 -16.73
CA GLU G 141 -111.16 26.12 -16.27
C GLU G 141 -112.17 25.88 -15.16
N VAL G 142 -111.99 26.60 -14.06
CA VAL G 142 -112.72 26.33 -12.83
C VAL G 142 -113.75 27.43 -12.63
N LYS G 143 -114.98 27.04 -12.36
CA LYS G 143 -116.08 27.95 -12.10
C LYS G 143 -116.71 27.53 -10.78
N LYS G 144 -116.16 28.03 -9.69
CA LYS G 144 -116.55 27.58 -8.37
C LYS G 144 -117.48 28.60 -7.74
N ILE G 145 -118.62 28.12 -7.24
CA ILE G 145 -119.66 28.95 -6.67
C ILE G 145 -119.83 28.50 -5.22
N SER G 146 -119.54 29.40 -4.29
CA SER G 146 -119.66 29.10 -2.88
C SER G 146 -121.02 29.54 -2.36
N ASN G 147 -121.42 28.99 -1.21
CA ASN G 147 -122.75 29.20 -0.65
C ASN G 147 -123.82 28.89 -1.69
N ALA G 148 -123.48 28.04 -2.66
CA ALA G 148 -124.47 27.55 -3.59
C ALA G 148 -125.61 26.87 -2.85
N HIS G 149 -125.29 26.24 -1.72
CA HIS G 149 -126.29 25.79 -0.76
C HIS G 149 -125.90 26.28 0.62
N THR G 150 -126.91 26.54 1.43
CA THR G 150 -126.70 26.77 2.84
C THR G 150 -126.36 25.47 3.57
N ILE G 151 -126.65 24.32 2.98
CA ILE G 151 -126.28 23.03 3.56
C ILE G 151 -125.43 22.24 2.57
N GLY G 152 -126.02 21.84 1.44
CA GLY G 152 -125.30 20.99 0.51
C GLY G 152 -126.05 20.76 -0.78
N CYS G 153 -125.32 20.31 -1.79
CA CYS G 153 -125.86 20.01 -3.10
C CYS G 153 -126.16 18.52 -3.24
N ASN G 154 -127.39 18.20 -3.62
CA ASN G 154 -127.76 16.83 -3.93
C ASN G 154 -127.70 16.51 -5.41
N ALA G 155 -128.52 17.17 -6.22
CA ALA G 155 -128.62 16.82 -7.64
C ALA G 155 -128.60 18.08 -8.48
N VAL G 156 -128.07 17.97 -9.70
CA VAL G 156 -127.86 19.10 -10.60
C VAL G 156 -128.18 18.67 -12.03
N SER G 157 -128.76 19.58 -12.82
CA SER G 157 -128.89 19.35 -14.26
C SER G 157 -128.49 20.60 -15.03
N TRP G 158 -128.00 20.39 -16.24
CA TRP G 158 -127.52 21.47 -17.08
C TRP G 158 -128.65 22.26 -17.71
N ALA G 159 -128.27 23.11 -18.65
CA ALA G 159 -129.12 23.43 -19.76
C ALA G 159 -128.85 22.49 -20.92
N PRO G 160 -129.81 21.67 -21.33
CA PRO G 160 -129.77 21.15 -22.69
C PRO G 160 -129.79 22.32 -23.66
N SER G 161 -129.00 22.21 -24.73
CA SER G 161 -128.63 23.40 -25.48
C SER G 161 -129.76 23.96 -26.34
N VAL G 162 -130.56 23.11 -26.98
CA VAL G 162 -131.54 23.56 -27.98
C VAL G 162 -132.90 22.95 -27.66
N ILE G 163 -133.91 23.81 -27.51
CA ILE G 163 -135.27 23.40 -27.19
C ILE G 163 -136.24 24.44 -27.76
N PRO G 164 -137.39 24.03 -28.34
CA PRO G 164 -138.30 25.00 -28.96
C PRO G 164 -138.84 26.09 -28.04
N GLY G 165 -139.48 27.09 -28.64
CA GLY G 165 -140.13 28.17 -27.92
C GLY G 165 -139.95 29.54 -28.56
N SER G 166 -138.81 29.77 -29.19
CA SER G 166 -138.62 31.02 -29.92
C SER G 166 -137.77 30.82 -31.19
N LEU G 167 -137.40 29.58 -31.48
CA LEU G 167 -136.38 29.29 -32.47
C LEU G 167 -136.96 28.83 -33.80
N VAL G 168 -138.29 28.82 -33.92
CA VAL G 168 -138.93 28.48 -35.18
C VAL G 168 -138.52 29.46 -36.27
N ASP G 169 -138.39 30.74 -35.94
CA ASP G 169 -138.02 31.77 -36.89
C ASP G 169 -136.51 31.88 -37.06
N GLN G 170 -135.74 30.99 -36.46
CA GLN G 170 -134.29 31.09 -36.50
C GLN G 170 -133.72 30.03 -37.43
N PRO G 171 -133.20 30.40 -38.60
CA PRO G 171 -132.83 29.41 -39.61
C PRO G 171 -131.74 28.45 -39.15
N SER G 172 -131.57 27.37 -39.92
CA SER G 172 -130.60 26.35 -39.56
C SER G 172 -129.19 26.73 -39.98
N SER G 173 -129.06 27.66 -40.93
CA SER G 173 -127.74 28.04 -41.43
C SER G 173 -126.93 28.80 -40.38
N GLN G 174 -127.58 29.65 -39.59
CA GLN G 174 -126.90 30.51 -38.63
C GLN G 174 -126.79 29.82 -37.27
N LYS G 175 -126.00 30.42 -36.37
CA LYS G 175 -125.83 29.93 -35.02
C LYS G 175 -126.33 30.94 -34.00
N PRO G 176 -127.24 30.53 -33.11
CA PRO G 176 -127.80 31.47 -32.14
C PRO G 176 -126.91 31.65 -30.93
N ASN G 177 -127.21 32.70 -30.17
CA ASN G 177 -126.52 33.00 -28.93
C ASN G 177 -126.74 31.85 -27.95
N TYR G 178 -125.67 31.40 -27.33
CA TYR G 178 -125.73 30.30 -26.37
C TYR G 178 -125.54 30.82 -24.96
N ILE G 179 -126.65 31.20 -24.34
CA ILE G 179 -126.66 31.57 -22.94
C ILE G 179 -126.62 30.28 -22.15
N LYS G 180 -125.88 30.31 -21.05
CA LYS G 180 -125.72 29.15 -20.19
C LYS G 180 -126.69 29.27 -19.03
N ARG G 181 -127.42 28.21 -18.75
CA ARG G 181 -128.28 28.15 -17.59
C ARG G 181 -128.27 26.72 -17.08
N PHE G 182 -128.83 26.52 -15.90
CA PHE G 182 -129.09 25.17 -15.45
C PHE G 182 -129.92 25.20 -14.19
N VAL G 183 -130.07 24.02 -13.60
CA VAL G 183 -130.99 23.79 -12.51
C VAL G 183 -130.26 22.94 -11.48
N SER G 184 -130.76 22.93 -10.25
CA SER G 184 -130.43 21.85 -9.34
C SER G 184 -131.26 21.95 -8.07
N GLY G 185 -131.15 20.92 -7.25
CA GLY G 185 -131.81 20.90 -5.95
C GLY G 185 -130.85 20.35 -4.90
N GLY G 186 -130.97 20.87 -3.67
CA GLY G 186 -130.03 20.54 -2.63
C GLY G 186 -130.73 19.98 -1.40
N CYS G 187 -129.96 19.92 -0.30
CA CYS G 187 -130.43 19.36 0.95
C CYS G 187 -130.74 20.45 1.99
N ASP G 188 -130.91 21.68 1.56
CA ASP G 188 -131.44 22.73 2.43
C ASP G 188 -132.94 22.88 2.29
N ASN G 189 -133.62 21.86 1.76
CA ASN G 189 -135.05 21.76 1.49
C ASN G 189 -135.42 22.63 0.29
N LEU G 190 -134.47 23.03 -0.55
CA LEU G 190 -134.71 23.99 -1.62
C LEU G 190 -134.17 23.52 -2.97
N VAL G 191 -134.81 24.02 -4.02
CA VAL G 191 -134.36 23.87 -5.41
C VAL G 191 -134.01 25.27 -5.91
N LYS G 192 -133.14 25.36 -6.90
CA LYS G 192 -132.66 26.64 -7.38
C LYS G 192 -132.33 26.54 -8.86
N ILE G 193 -132.33 27.70 -9.54
CA ILE G 193 -132.15 27.80 -10.97
C ILE G 193 -131.16 28.92 -11.24
N TRP G 194 -130.23 28.71 -12.17
CA TRP G 194 -129.07 29.56 -12.37
C TRP G 194 -128.92 30.00 -13.82
N ARG G 195 -128.55 31.28 -14.03
CA ARG G 195 -128.15 31.68 -15.37
C ARG G 195 -126.75 32.25 -15.29
N GLU G 196 -126.02 32.19 -16.39
CA GLU G 196 -124.62 32.61 -16.44
C GLU G 196 -124.54 33.99 -17.08
N GLU G 197 -123.90 34.93 -16.39
CA GLU G 197 -123.55 36.21 -17.01
C GLU G 197 -122.54 36.95 -16.16
N ASP G 198 -121.96 38.00 -16.72
CA ASP G 198 -120.89 38.77 -16.09
C ASP G 198 -119.66 37.90 -15.85
N GLY G 199 -119.61 36.73 -16.46
CA GLY G 199 -118.59 35.73 -16.18
C GLY G 199 -119.01 34.76 -15.10
N GLN G 200 -120.08 35.04 -14.37
CA GLN G 200 -120.55 34.15 -13.31
C GLN G 200 -122.04 33.91 -13.39
N TRP G 201 -122.54 33.22 -12.38
CA TRP G 201 -123.90 32.71 -12.34
C TRP G 201 -124.68 33.42 -11.26
N LYS G 202 -125.92 33.78 -11.59
CA LYS G 202 -126.76 34.45 -10.61
C LYS G 202 -128.14 33.82 -10.64
N GLU G 203 -128.98 34.35 -9.76
CA GLU G 203 -130.16 33.66 -9.24
C GLU G 203 -131.33 33.81 -10.19
N ASP G 204 -131.52 32.83 -11.07
CA ASP G 204 -132.85 32.76 -11.67
C ASP G 204 -133.91 32.53 -10.62
N GLN G 205 -133.90 31.37 -9.96
CA GLN G 205 -135.10 31.02 -9.22
C GLN G 205 -134.77 30.29 -7.92
N LYS G 206 -135.63 30.51 -6.93
CA LYS G 206 -135.65 29.79 -5.66
C LYS G 206 -136.98 29.05 -5.59
N LEU G 207 -136.94 27.78 -5.23
CA LEU G 207 -138.12 26.93 -5.18
C LEU G 207 -138.17 26.23 -3.84
N GLU G 208 -139.26 26.43 -3.09
CA GLU G 208 -139.43 25.85 -1.77
C GLU G 208 -140.81 25.23 -1.70
N ALA G 209 -140.94 23.98 -2.16
CA ALA G 209 -142.23 23.30 -2.13
C ALA G 209 -142.12 21.95 -1.44
N HIS G 210 -141.05 21.22 -1.72
CA HIS G 210 -140.73 20.08 -0.89
C HIS G 210 -140.13 20.56 0.43
N SER G 211 -140.93 20.48 1.49
CA SER G 211 -140.46 20.81 2.83
C SER G 211 -139.37 19.87 3.30
N ASP G 212 -138.99 18.90 2.48
CA ASP G 212 -137.93 17.97 2.79
C ASP G 212 -136.92 18.00 1.65
N TRP G 213 -135.81 17.30 1.86
CA TRP G 213 -134.70 17.34 0.91
C TRP G 213 -135.11 16.74 -0.43
N VAL G 214 -134.69 17.39 -1.50
CA VAL G 214 -134.94 16.84 -2.84
C VAL G 214 -133.87 15.82 -3.16
N ARG G 215 -134.27 14.71 -3.76
CA ARG G 215 -133.30 13.69 -4.07
C ARG G 215 -132.79 13.78 -5.50
N ASP G 216 -133.69 13.72 -6.49
CA ASP G 216 -133.24 13.73 -7.87
C ASP G 216 -134.14 14.67 -8.67
N VAL G 217 -133.61 15.14 -9.78
CA VAL G 217 -134.25 16.15 -10.62
C VAL G 217 -134.20 15.70 -12.07
N ALA G 218 -135.27 15.98 -12.83
CA ALA G 218 -135.41 15.48 -14.19
C ALA G 218 -135.85 16.61 -15.13
N TRP G 219 -134.95 17.03 -16.01
CA TRP G 219 -135.33 17.94 -17.07
C TRP G 219 -136.04 17.22 -18.20
N ALA G 220 -137.30 17.57 -18.43
CA ALA G 220 -137.88 16.99 -19.62
C ALA G 220 -137.15 17.50 -20.85
N PRO G 221 -136.60 16.61 -21.65
CA PRO G 221 -135.96 17.08 -22.88
C PRO G 221 -137.05 17.64 -23.77
N SER G 222 -137.12 18.96 -23.81
CA SER G 222 -138.31 19.68 -24.23
C SER G 222 -138.30 19.94 -25.73
N ILE G 223 -137.68 19.02 -26.47
CA ILE G 223 -137.78 19.00 -27.93
C ILE G 223 -139.25 18.99 -28.28
N GLY G 224 -139.71 19.99 -29.03
CA GLY G 224 -141.12 20.17 -29.30
C GLY G 224 -141.84 20.97 -28.24
N LEU G 225 -141.14 21.43 -27.20
CA LEU G 225 -141.78 22.13 -26.10
C LEU G 225 -141.27 23.57 -26.04
N PRO G 226 -142.14 24.55 -26.22
CA PRO G 226 -141.76 25.91 -25.83
C PRO G 226 -141.58 26.04 -24.33
N THR G 227 -142.14 25.12 -23.56
CA THR G 227 -142.22 25.28 -22.12
C THR G 227 -141.02 24.63 -21.45
N SER G 228 -140.92 24.88 -20.14
CA SER G 228 -139.84 24.40 -19.30
C SER G 228 -140.41 23.45 -18.25
N THR G 229 -139.95 22.20 -18.27
CA THR G 229 -140.60 21.11 -17.57
C THR G 229 -139.61 20.35 -16.67
N ILE G 230 -140.02 20.16 -15.43
CA ILE G 230 -139.21 19.58 -14.38
C ILE G 230 -139.99 18.47 -13.69
N ALA G 231 -139.34 17.35 -13.47
CA ALA G 231 -139.83 16.32 -12.55
C ALA G 231 -138.89 16.24 -11.35
N SER G 232 -139.35 16.75 -10.22
CA SER G 232 -138.55 16.83 -9.01
C SER G 232 -139.04 15.79 -8.02
N CYS G 233 -138.11 14.95 -7.56
CA CYS G 233 -138.41 13.88 -6.63
C CYS G 233 -137.59 14.07 -5.37
N SER G 234 -138.29 14.01 -4.24
CA SER G 234 -137.70 14.31 -2.95
C SER G 234 -137.86 13.10 -2.05
N GLN G 235 -137.36 13.24 -0.83
CA GLN G 235 -137.50 12.18 0.16
C GLN G 235 -138.93 12.16 0.70
N ASP G 236 -139.67 13.25 0.51
CA ASP G 236 -140.98 13.41 1.14
C ASP G 236 -142.11 12.75 0.37
N GLY G 237 -141.81 11.99 -0.67
CA GLY G 237 -142.83 11.26 -1.40
C GLY G 237 -143.65 12.10 -2.37
N ARG G 238 -143.26 13.35 -2.62
CA ARG G 238 -143.99 14.22 -3.52
C ARG G 238 -143.18 14.46 -4.79
N VAL G 239 -143.81 14.17 -5.93
CA VAL G 239 -143.19 14.29 -7.24
C VAL G 239 -143.80 15.48 -7.96
N TYR G 240 -143.04 16.56 -8.08
CA TYR G 240 -143.55 17.80 -8.65
C TYR G 240 -143.12 17.93 -10.10
N ILE G 241 -144.09 18.03 -10.99
CA ILE G 241 -143.86 18.57 -12.33
C ILE G 241 -143.95 20.09 -12.21
N TRP G 242 -142.79 20.73 -12.25
CA TRP G 242 -142.70 22.18 -12.28
C TRP G 242 -142.62 22.62 -13.72
N THR G 243 -143.50 23.52 -14.11
CA THR G 243 -143.46 23.97 -15.50
C THR G 243 -143.68 25.45 -15.59
N SER G 244 -142.88 26.10 -16.45
CA SER G 244 -143.10 27.49 -16.81
C SER G 244 -143.01 27.63 -18.32
N ASP G 245 -144.04 28.23 -18.91
CA ASP G 245 -143.92 28.63 -20.30
C ASP G 245 -142.93 29.78 -20.43
N ASP G 246 -142.84 30.61 -19.39
CA ASP G 246 -141.95 31.77 -19.41
C ASP G 246 -141.48 32.06 -18.00
N ALA G 247 -140.17 32.07 -17.80
CA ALA G 247 -139.60 32.47 -16.52
C ALA G 247 -139.62 33.98 -16.33
N ALA G 248 -139.55 34.77 -17.41
CA ALA G 248 -139.61 36.22 -17.29
C ALA G 248 -140.96 36.71 -16.81
N THR G 249 -142.05 36.06 -17.22
CA THR G 249 -143.34 36.32 -16.60
C THR G 249 -143.57 35.47 -15.36
N ASN G 250 -142.58 34.66 -15.00
CA ASN G 250 -142.57 33.92 -13.75
C ASN G 250 -143.76 32.97 -13.67
N CYS G 251 -143.78 31.95 -14.52
CA CYS G 251 -144.96 31.10 -14.70
C CYS G 251 -144.68 29.66 -14.31
N TRP G 252 -143.79 29.45 -13.33
CA TRP G 252 -143.53 28.10 -12.83
C TRP G 252 -144.66 27.68 -11.89
N THR G 253 -145.20 26.49 -12.14
CA THR G 253 -146.32 25.98 -11.36
C THR G 253 -146.07 24.54 -11.00
N PRO G 254 -146.50 24.08 -9.81
CA PRO G 254 -146.37 22.66 -9.47
C PRO G 254 -147.62 21.86 -9.84
N LYS G 255 -147.38 20.64 -10.29
CA LYS G 255 -148.42 19.64 -10.46
C LYS G 255 -147.92 18.33 -9.86
N LEU G 256 -148.84 17.52 -9.34
CA LEU G 256 -148.47 16.19 -8.86
C LEU G 256 -148.31 15.25 -10.05
N LEU G 257 -147.23 14.45 -10.05
CA LEU G 257 -147.14 13.39 -11.03
C LEU G 257 -147.61 12.06 -10.44
N HIS G 258 -147.11 11.71 -9.26
CA HIS G 258 -147.57 10.54 -8.53
C HIS G 258 -147.29 10.76 -7.05
N LYS G 259 -148.16 10.23 -6.21
CA LYS G 259 -147.95 10.25 -4.77
C LYS G 259 -147.45 8.87 -4.37
N PHE G 260 -146.17 8.62 -4.57
CA PHE G 260 -145.55 7.43 -4.02
C PHE G 260 -145.31 7.63 -2.53
N ASN G 261 -145.52 6.55 -1.78
CA ASN G 261 -145.40 6.60 -0.33
C ASN G 261 -144.02 6.21 0.16
N ASP G 262 -143.09 5.98 -0.77
CA ASP G 262 -141.71 5.69 -0.44
C ASP G 262 -140.90 6.97 -0.61
N VAL G 263 -139.70 6.96 -0.05
CA VAL G 263 -138.78 8.07 -0.29
C VAL G 263 -138.37 8.03 -1.75
N VAL G 264 -138.70 9.09 -2.48
CA VAL G 264 -138.70 9.05 -3.94
C VAL G 264 -137.35 9.52 -4.42
N TRP G 265 -136.74 8.74 -5.31
CA TRP G 265 -135.30 8.55 -5.35
C TRP G 265 -134.60 9.13 -6.57
N HIS G 266 -134.95 8.64 -7.76
CA HIS G 266 -134.20 8.92 -8.96
C HIS G 266 -135.13 9.20 -10.13
N VAL G 267 -134.67 10.06 -11.02
CA VAL G 267 -135.40 10.42 -12.23
C VAL G 267 -134.39 10.64 -13.36
N SER G 268 -134.62 9.96 -14.49
CA SER G 268 -133.70 10.03 -15.62
C SER G 268 -134.46 9.88 -16.92
N TRP G 269 -134.27 10.83 -17.85
CA TRP G 269 -134.94 10.77 -19.13
C TRP G 269 -134.26 9.80 -20.06
N SER G 270 -135.03 9.29 -21.02
CA SER G 270 -134.50 8.34 -21.98
C SER G 270 -133.45 8.97 -22.86
N ILE G 271 -132.50 8.18 -23.33
CA ILE G 271 -131.64 8.60 -24.42
C ILE G 271 -132.47 8.97 -25.64
N THR G 272 -133.59 8.29 -25.85
CA THR G 272 -134.51 8.66 -26.91
C THR G 272 -135.30 9.90 -26.54
N ALA G 273 -135.09 10.41 -25.33
CA ALA G 273 -135.66 11.67 -24.87
C ALA G 273 -137.17 11.61 -24.86
N ASN G 274 -137.73 10.41 -24.71
CA ASN G 274 -139.17 10.27 -24.81
C ASN G 274 -139.83 10.18 -23.45
N ILE G 275 -139.28 9.35 -22.57
CA ILE G 275 -139.96 8.95 -21.35
C ILE G 275 -139.01 9.12 -20.16
N LEU G 276 -139.54 8.89 -18.96
CA LEU G 276 -138.79 9.09 -17.73
C LEU G 276 -138.77 7.79 -16.93
N ALA G 277 -137.60 7.44 -16.39
CA ALA G 277 -137.46 6.34 -15.47
C ALA G 277 -137.25 6.87 -14.06
N VAL G 278 -138.07 6.39 -13.13
CA VAL G 278 -138.09 6.88 -11.76
C VAL G 278 -137.82 5.71 -10.82
N SER G 279 -136.70 5.77 -10.12
CA SER G 279 -136.36 4.78 -9.11
C SER G 279 -137.17 5.07 -7.86
N GLY G 280 -137.93 4.08 -7.39
CA GLY G 280 -138.73 4.21 -6.21
C GLY G 280 -138.18 3.39 -5.05
N GLY G 281 -138.64 3.73 -3.86
CA GLY G 281 -138.31 2.94 -2.69
C GLY G 281 -139.09 1.64 -2.68
N ASP G 282 -138.96 0.87 -3.76
CA ASP G 282 -139.71 -0.36 -3.93
C ASP G 282 -138.84 -1.40 -4.63
N ASN G 283 -137.56 -1.07 -4.80
CA ASN G 283 -136.69 -1.81 -5.70
C ASN G 283 -137.31 -1.89 -7.09
N LYS G 284 -137.91 -0.80 -7.53
CA LYS G 284 -138.53 -0.74 -8.84
C LYS G 284 -138.16 0.57 -9.51
N VAL G 285 -138.21 0.57 -10.83
CA VAL G 285 -138.03 1.76 -11.65
C VAL G 285 -139.28 1.91 -12.51
N THR G 286 -140.15 2.83 -12.12
CA THR G 286 -141.40 3.12 -12.82
C THR G 286 -141.10 3.86 -14.12
N LEU G 287 -141.72 3.40 -15.19
CA LEU G 287 -141.58 3.99 -16.51
C LEU G 287 -142.78 4.85 -16.79
N TRP G 288 -142.61 6.16 -16.70
CA TRP G 288 -143.67 7.12 -16.91
C TRP G 288 -143.50 7.78 -18.26
N LYS G 289 -144.62 8.04 -18.93
CA LYS G 289 -144.67 8.82 -20.14
C LYS G 289 -145.79 9.83 -20.00
N GLU G 290 -145.51 11.08 -20.35
CA GLU G 290 -146.58 12.04 -20.47
C GLU G 290 -147.43 11.64 -21.68
N SER G 291 -148.60 11.09 -21.40
CA SER G 291 -149.51 10.65 -22.44
C SER G 291 -149.75 11.76 -23.45
N VAL G 292 -150.19 11.34 -24.64
CA VAL G 292 -150.45 12.28 -25.72
C VAL G 292 -151.49 13.33 -25.31
N ASP G 293 -152.24 13.09 -24.24
CA ASP G 293 -153.38 13.96 -23.98
C ASP G 293 -153.06 15.12 -23.06
N GLY G 294 -152.93 14.87 -21.76
CA GLY G 294 -152.54 15.91 -20.83
C GLY G 294 -151.90 15.47 -19.52
N GLN G 295 -151.67 14.18 -19.36
CA GLN G 295 -151.44 13.61 -18.04
C GLN G 295 -150.29 12.62 -18.08
N TRP G 296 -149.71 12.37 -16.91
CA TRP G 296 -148.52 11.54 -16.78
C TRP G 296 -148.93 10.12 -16.40
N ALA G 297 -148.68 9.17 -17.29
CA ALA G 297 -149.10 7.79 -17.09
C ALA G 297 -147.88 6.89 -16.95
N CYS G 298 -147.85 6.11 -15.88
CA CYS G 298 -146.77 5.14 -15.68
C CYS G 298 -146.94 4.01 -16.67
N ILE G 299 -146.31 4.15 -17.85
CA ILE G 299 -146.57 3.24 -18.95
C ILE G 299 -145.96 1.86 -18.74
N SER G 300 -145.01 1.72 -17.82
CA SER G 300 -144.41 0.41 -17.57
C SER G 300 -143.64 0.44 -16.26
N ASP G 301 -142.87 -0.62 -16.03
CA ASP G 301 -142.03 -0.74 -14.84
C ASP G 301 -140.91 -1.73 -15.09
N VAL G 302 -139.82 -1.58 -14.33
CA VAL G 302 -138.74 -2.56 -14.27
C VAL G 302 -138.47 -2.88 -12.81
N ASN G 303 -138.67 -4.14 -12.43
CA ASN G 303 -138.31 -4.53 -11.09
C ASN G 303 -136.79 -4.65 -10.99
N LYS G 304 -136.21 -3.72 -10.24
CA LYS G 304 -134.77 -3.67 -10.10
C LYS G 304 -134.25 -4.98 -9.54
N SER H 119 65.91 -38.21 118.38
CA SER H 119 66.98 -38.19 117.40
C SER H 119 66.53 -37.50 116.11
N PRO H 120 67.18 -36.39 115.76
CA PRO H 120 66.89 -35.77 114.46
C PRO H 120 67.11 -36.71 113.29
N SER H 121 68.16 -37.52 113.34
CA SER H 121 68.44 -38.46 112.25
C SER H 121 67.22 -39.32 111.96
N PHE H 122 66.46 -39.68 112.99
CA PHE H 122 65.19 -40.39 112.79
C PHE H 122 64.22 -39.56 111.98
N THR H 123 64.20 -38.23 112.20
CA THR H 123 63.29 -37.36 111.47
C THR H 123 63.68 -37.21 110.01
N GLU H 124 64.98 -36.99 109.74
CA GLU H 124 65.42 -36.99 108.34
C GLU H 124 65.20 -38.36 107.69
N ASP H 125 65.28 -39.43 108.47
CA ASP H 125 64.90 -40.74 107.95
C ASP H 125 63.44 -40.76 107.53
N ILE H 126 62.56 -40.20 108.37
CA ILE H 126 61.13 -40.20 108.04
C ILE H 126 60.88 -39.41 106.76
N THR H 127 61.48 -38.22 106.63
CA THR H 127 61.18 -37.39 105.46
C THR H 127 61.83 -37.97 104.19
N LEU H 128 63.06 -38.46 104.30
CA LEU H 128 63.70 -39.06 103.14
C LEU H 128 63.01 -40.36 102.75
N SER H 129 62.38 -41.05 103.70
CA SER H 129 61.60 -42.23 103.37
C SER H 129 60.26 -41.85 102.73
N ALA H 130 59.67 -40.73 103.15
CA ALA H 130 58.49 -40.21 102.47
C ALA H 130 58.79 -39.89 101.02
N VAL H 131 59.94 -39.29 100.75
CA VAL H 131 60.38 -39.07 99.37
C VAL H 131 60.72 -40.41 98.71
N MET H 132 61.29 -41.34 99.49
CA MET H 132 61.91 -42.53 98.92
C MET H 132 60.88 -43.60 98.58
N LEU H 133 59.68 -43.51 99.16
CA LEU H 133 58.59 -44.38 98.76
C LEU H 133 58.05 -44.01 97.38
N GLN H 134 58.01 -42.73 97.04
CA GLN H 134 57.68 -42.27 95.69
C GLN H 134 58.90 -42.25 94.76
N GLU H 135 60.08 -42.53 95.28
CA GLU H 135 61.29 -42.59 94.46
C GLU H 135 62.03 -43.90 94.69
N GLU H 136 63.31 -43.96 94.28
CA GLU H 136 64.08 -45.20 94.28
C GLU H 136 64.18 -45.82 95.67
N ASP H 137 64.78 -47.01 95.72
CA ASP H 137 65.03 -47.67 96.98
C ASP H 137 66.05 -46.88 97.79
N PRO H 138 65.99 -46.94 99.13
CA PRO H 138 66.96 -46.18 99.95
C PRO H 138 68.40 -46.59 99.74
N GLY H 139 68.65 -47.86 99.40
CA GLY H 139 70.01 -48.37 99.41
C GLY H 139 70.92 -47.69 98.40
N GLU H 140 70.42 -47.50 97.18
CA GLU H 140 71.24 -46.88 96.14
C GLU H 140 71.57 -45.44 96.50
N ALA H 141 70.59 -44.69 97.01
CA ALA H 141 70.85 -43.32 97.45
C ALA H 141 71.88 -43.28 98.57
N ALA H 142 71.77 -44.20 99.53
CA ALA H 142 72.72 -44.25 100.63
C ALA H 142 74.12 -44.53 100.13
N THR H 143 74.25 -45.49 99.19
CA THR H 143 75.57 -45.77 98.61
C THR H 143 76.12 -44.54 97.93
N MET H 144 75.30 -43.85 97.14
CA MET H 144 75.82 -42.73 96.35
C MET H 144 76.17 -41.54 97.24
N SER H 145 75.52 -41.43 98.39
CA SER H 145 75.78 -40.29 99.27
C SER H 145 77.18 -40.32 99.88
N MET H 146 77.82 -41.49 99.93
CA MET H 146 79.09 -41.62 100.64
C MET H 146 80.27 -41.03 99.91
N TYR H 147 80.31 -41.15 98.58
CA TYR H 147 81.50 -40.78 97.81
C TYR H 147 82.01 -39.37 98.08
N PRO H 148 81.17 -38.33 98.17
CA PRO H 148 81.72 -37.00 98.47
C PRO H 148 82.51 -36.95 99.76
N ASP H 149 82.06 -37.68 100.77
CA ASP H 149 82.82 -37.78 102.01
C ASP H 149 84.14 -38.50 101.79
N PHE H 150 84.15 -39.56 100.97
CA PHE H 150 85.39 -40.20 100.58
C PHE H 150 86.39 -39.18 100.05
N LEU H 151 85.95 -38.37 99.08
CA LEU H 151 86.87 -37.46 98.41
C LEU H 151 87.29 -36.33 99.34
N LYS H 152 86.35 -35.84 100.16
CA LYS H 152 86.68 -34.79 101.12
C LYS H 152 87.77 -35.26 102.07
N SER H 153 87.60 -36.45 102.63
CA SER H 153 88.60 -36.99 103.54
C SER H 153 89.94 -37.18 102.83
N PHE H 154 89.91 -37.72 101.60
CA PHE H 154 91.15 -37.98 100.88
C PHE H 154 91.90 -36.68 100.62
N LEU H 155 91.18 -35.61 100.24
CA LEU H 155 91.86 -34.37 99.93
C LEU H 155 92.31 -33.64 101.19
N GLU H 156 91.54 -33.71 102.27
CA GLU H 156 91.91 -32.98 103.48
C GLU H 156 92.99 -33.72 104.28
N HIS H 157 93.19 -35.02 104.01
CA HIS H 157 94.09 -35.81 104.83
C HIS H 157 95.23 -36.37 103.99
N PRO H 158 96.43 -36.49 104.55
CA PRO H 158 97.56 -37.04 103.80
C PRO H 158 97.46 -38.55 103.65
N SER H 159 98.50 -39.12 103.03
CA SER H 159 98.61 -40.57 102.82
C SER H 159 99.37 -41.26 103.95
N SER H 160 99.80 -40.52 104.97
CA SER H 160 100.36 -41.10 106.18
C SER H 160 99.34 -41.15 107.31
N ALA H 161 98.27 -40.38 107.22
CA ALA H 161 97.16 -40.42 108.18
C ALA H 161 96.08 -41.39 107.71
N VAL H 162 96.49 -42.45 107.01
CA VAL H 162 95.56 -43.42 106.47
C VAL H 162 94.69 -44.02 107.57
N PHE H 163 95.20 -44.10 108.79
CA PHE H 163 94.44 -44.68 109.88
C PHE H 163 93.28 -43.79 110.31
N GLU H 164 93.52 -42.48 110.46
CA GLU H 164 92.43 -41.56 110.72
C GLU H 164 91.46 -41.52 109.54
N LEU H 165 91.98 -41.68 108.32
CA LEU H 165 91.11 -41.72 107.15
C LEU H 165 90.18 -42.94 107.20
N ILE H 166 90.73 -44.08 107.62
CA ILE H 166 89.90 -45.28 107.81
C ILE H 166 88.87 -45.03 108.90
N GLU H 167 89.27 -44.35 109.97
CA GLU H 167 88.32 -44.01 111.02
C GLU H 167 87.18 -43.16 110.47
N GLN H 168 87.51 -42.20 109.61
CA GLN H 168 86.49 -41.37 108.99
C GLN H 168 85.52 -42.22 108.18
N TYR H 169 86.05 -43.05 107.26
CA TYR H 169 85.16 -43.95 106.52
C TYR H 169 84.27 -44.73 107.47
N GLU H 170 84.86 -45.37 108.48
CA GLU H 170 84.09 -46.27 109.31
C GLU H 170 83.00 -45.52 110.04
N ALA H 171 83.33 -44.45 110.75
CA ALA H 171 82.33 -43.76 111.55
C ALA H 171 81.20 -43.23 110.67
N THR H 172 81.56 -42.60 109.54
CA THR H 172 80.51 -42.06 108.69
C THR H 172 79.62 -43.15 108.12
N CYS H 173 80.22 -44.25 107.66
CA CYS H 173 79.40 -45.25 107.00
C CYS H 173 78.64 -46.08 108.03
N ASN H 174 79.12 -46.09 109.27
CA ASN H 174 78.27 -46.54 110.38
C ASN H 174 77.06 -45.64 110.54
N THR H 175 77.24 -44.33 110.38
CA THR H 175 76.08 -43.45 110.43
C THR H 175 75.08 -43.81 109.32
N GLN H 176 75.58 -44.15 108.13
CA GLN H 176 74.68 -44.62 107.07
C GLN H 176 74.02 -45.94 107.41
N ILE H 177 74.73 -46.89 108.01
CA ILE H 177 74.05 -48.09 108.54
C ILE H 177 72.96 -47.70 109.52
N THR H 178 73.25 -46.77 110.41
CA THR H 178 72.26 -46.28 111.38
C THR H 178 71.01 -45.84 110.65
N LEU H 179 71.20 -44.98 109.65
CA LEU H 179 70.06 -44.40 108.94
C LEU H 179 69.30 -45.46 108.16
N LEU H 180 70.02 -46.42 107.57
CA LEU H 180 69.37 -47.38 106.69
C LEU H 180 68.56 -48.40 107.49
N LYS H 181 69.11 -48.91 108.60
CA LYS H 181 68.26 -49.72 109.46
C LYS H 181 67.13 -48.91 110.10
N LYS H 182 67.37 -47.64 110.42
CA LYS H 182 66.24 -46.82 110.87
C LYS H 182 65.13 -46.82 109.83
N ILE H 183 65.50 -46.72 108.55
CA ILE H 183 64.52 -46.76 107.47
C ILE H 183 63.82 -48.12 107.44
N VAL H 184 64.59 -49.19 107.40
CA VAL H 184 64.04 -50.50 107.07
C VAL H 184 63.27 -51.08 108.25
N LYS H 185 63.59 -50.63 109.46
CA LYS H 185 62.97 -51.20 110.66
C LYS H 185 61.49 -50.85 110.76
N ARG H 186 61.10 -49.65 110.31
CA ARG H 186 59.73 -49.21 110.50
C ARG H 186 58.79 -49.80 109.45
N VAL H 187 59.30 -50.11 108.27
CA VAL H 187 58.48 -50.69 107.20
C VAL H 187 58.31 -52.18 107.48
N THR H 188 57.36 -52.81 106.79
CA THR H 188 57.13 -54.23 106.99
C THR H 188 58.21 -55.03 106.27
N PRO H 189 59.03 -55.81 106.99
CA PRO H 189 60.09 -56.56 106.33
C PRO H 189 59.60 -57.78 105.57
N GLY H 190 58.34 -58.19 105.79
CA GLY H 190 57.79 -59.33 105.08
C GLY H 190 57.40 -58.95 103.66
N GLN H 191 57.68 -57.71 103.29
CA GLN H 191 57.43 -57.22 101.94
C GLN H 191 58.72 -57.36 101.13
N GLN H 192 58.56 -57.80 99.88
CA GLN H 192 59.72 -58.08 99.04
C GLN H 192 60.29 -56.81 98.43
N LYS H 193 59.62 -55.67 98.61
CA LYS H 193 60.19 -54.40 98.15
C LYS H 193 61.51 -54.11 98.82
N PHE H 194 61.58 -54.35 100.14
CA PHE H 194 62.77 -54.05 100.92
C PHE H 194 63.78 -55.18 100.92
N SER H 195 63.49 -56.31 100.25
CA SER H 195 64.43 -57.41 100.23
C SER H 195 65.72 -57.04 99.50
N LYS H 196 65.61 -56.37 98.36
CA LYS H 196 66.82 -55.99 97.62
C LYS H 196 67.60 -54.91 98.36
N THR H 197 66.89 -53.91 98.91
CA THR H 197 67.57 -52.89 99.70
C THR H 197 68.28 -53.52 100.89
N ALA H 198 67.62 -54.47 101.55
CA ALA H 198 68.26 -55.14 102.68
C ALA H 198 69.45 -55.97 102.23
N SER H 199 69.37 -56.61 101.07
CA SER H 199 70.51 -57.36 100.56
C SER H 199 71.70 -56.46 100.34
N ILE H 200 71.46 -55.32 99.69
CA ILE H 200 72.50 -54.29 99.56
C ILE H 200 73.00 -53.88 100.94
N LEU H 201 72.10 -53.88 101.92
CA LEU H 201 72.45 -53.46 103.27
C LEU H 201 73.39 -54.47 103.93
N TRP H 202 73.09 -55.77 103.83
CA TRP H 202 74.00 -56.76 104.39
C TRP H 202 75.34 -56.69 103.66
N LEU H 203 75.30 -56.35 102.37
CA LEU H 203 76.55 -56.09 101.67
C LEU H 203 77.29 -54.91 102.29
N LEU H 204 76.57 -53.90 102.74
CA LEU H 204 77.20 -52.76 103.42
C LEU H 204 77.86 -53.18 104.73
N GLN H 205 77.20 -54.06 105.48
CA GLN H 205 77.84 -54.57 106.69
C GLN H 205 79.07 -55.41 106.36
N GLN H 206 79.00 -56.18 105.29
CA GLN H 206 80.19 -56.87 104.81
C GLN H 206 81.26 -55.87 104.40
N GLU H 207 80.85 -54.66 103.99
CA GLU H 207 81.83 -53.63 103.65
C GLU H 207 82.53 -53.11 104.91
N MET H 208 81.76 -52.85 105.97
CA MET H 208 82.37 -52.71 107.30
C MET H 208 83.41 -53.78 107.55
N VAL H 209 83.03 -55.05 107.45
CA VAL H 209 83.94 -56.07 107.95
C VAL H 209 85.15 -56.18 107.03
N THR H 210 84.98 -55.93 105.73
CA THR H 210 86.13 -55.91 104.83
C THR H 210 87.07 -54.76 105.16
N TRP H 211 86.53 -53.57 105.39
CA TRP H 211 87.35 -52.42 105.75
C TRP H 211 88.12 -52.70 107.04
N ARG H 212 87.41 -53.21 108.04
CA ARG H 212 88.03 -53.53 109.33
C ARG H 212 89.13 -54.57 109.15
N LEU H 213 88.87 -55.60 108.34
CA LEU H 213 89.81 -56.68 108.16
C LEU H 213 91.08 -56.21 107.48
N ILE H 214 90.94 -55.45 106.38
CA ILE H 214 92.12 -54.96 105.68
C ILE H 214 92.92 -54.01 106.57
N ALA H 215 92.22 -53.10 107.25
CA ALA H 215 92.91 -52.14 108.11
C ALA H 215 93.68 -52.86 109.21
N ALA H 216 93.03 -53.83 109.87
CA ALA H 216 93.67 -54.55 110.95
C ALA H 216 94.89 -55.31 110.45
N LEU H 217 94.74 -56.06 109.36
CA LEU H 217 95.85 -56.86 108.87
C LEU H 217 97.05 -55.98 108.51
N TYR H 218 96.82 -54.89 107.79
CA TYR H 218 97.96 -54.14 107.29
C TYR H 218 98.54 -53.20 108.33
N ARG H 219 97.73 -52.68 109.27
CA ARG H 219 98.30 -51.96 110.40
C ARG H 219 99.12 -52.90 111.28
N ASP H 220 98.64 -54.14 111.46
CA ASP H 220 99.40 -55.13 112.18
C ASP H 220 100.73 -55.41 111.48
N ARG H 221 100.70 -55.47 110.14
CA ARG H 221 101.94 -55.68 109.38
C ARG H 221 102.91 -54.52 109.59
N ILE H 222 102.40 -53.29 109.55
CA ILE H 222 103.24 -52.12 109.76
C ILE H 222 103.88 -52.14 111.14
N GLN H 223 103.08 -52.36 112.18
CA GLN H 223 103.63 -52.31 113.53
C GLN H 223 104.48 -53.53 113.83
N SER H 224 104.26 -54.64 113.11
CA SER H 224 105.15 -55.78 113.21
C SER H 224 106.50 -55.47 112.61
N ALA H 225 106.52 -54.80 111.45
CA ALA H 225 107.79 -54.32 110.91
C ALA H 225 108.48 -53.36 111.87
N LEU H 226 107.70 -52.54 112.58
CA LEU H 226 108.23 -51.69 113.63
C LEU H 226 108.83 -52.48 114.79
N GLU H 227 108.17 -53.56 115.21
CA GLU H 227 108.53 -54.30 116.41
C GLU H 227 109.51 -55.44 116.16
N GLU H 228 109.90 -55.62 114.89
CA GLU H 228 110.81 -56.72 114.46
C GLU H 228 112.21 -56.55 115.08
N GLU H 229 112.30 -55.93 116.25
CA GLU H 229 113.59 -55.75 116.96
C GLU H 229 113.88 -57.04 117.75
N ASN H 230 112.84 -57.84 117.99
CA ASN H 230 112.97 -59.12 118.74
C ASN H 230 111.69 -59.96 118.54
N MET H 231 111.67 -60.79 117.49
CA MET H 231 110.51 -61.67 117.20
C MET H 231 111.00 -63.07 116.87
N PHE H 232 110.25 -64.11 117.28
CA PHE H 232 110.63 -65.51 117.03
C PHE H 232 112.08 -65.73 117.46
N GLU H 233 112.35 -65.55 118.77
CA GLU H 233 113.73 -65.68 119.31
C GLU H 233 113.93 -67.05 119.96
N ILE H 234 115.04 -67.18 120.68
CA ILE H 234 115.45 -68.40 121.38
C ILE H 234 115.84 -68.04 122.82
N ALA H 235 115.55 -68.97 123.74
CA ALA H 235 115.86 -68.76 125.15
C ALA H 235 115.66 -70.07 125.91
N ALA H 236 115.85 -70.00 127.22
CA ALA H 236 115.65 -71.12 128.12
C ALA H 236 114.90 -70.63 129.35
N PRO H 237 114.13 -71.51 130.00
CA PRO H 237 113.35 -71.09 131.17
C PRO H 237 114.23 -70.53 132.28
N ASN H 238 113.95 -69.28 132.68
CA ASN H 238 114.74 -68.63 133.72
C ASN H 238 113.86 -67.87 134.71
N ALA H 239 112.59 -67.70 134.37
CA ALA H 239 111.68 -66.90 135.19
C ALA H 239 110.27 -67.41 134.97
N SER H 240 109.29 -66.62 135.39
CA SER H 240 107.88 -67.04 135.36
C SER H 240 107.43 -67.31 133.94
N GLU H 241 106.47 -68.23 133.79
CA GLU H 241 106.13 -68.75 132.46
C GLU H 241 105.47 -67.67 131.61
N LYS H 242 105.05 -66.57 132.22
CA LYS H 242 104.53 -65.47 131.41
C LYS H 242 105.62 -64.90 130.52
N THR H 243 106.87 -65.07 130.93
CA THR H 243 107.99 -64.81 130.01
C THR H 243 107.87 -65.71 128.78
N ILE H 244 107.67 -67.00 128.99
CA ILE H 244 107.43 -67.89 127.85
C ILE H 244 106.32 -67.31 127.00
N VAL H 245 105.22 -66.93 127.65
CA VAL H 245 104.00 -66.55 126.95
C VAL H 245 104.23 -65.34 126.06
N ASP H 246 104.79 -64.27 126.62
CA ASP H 246 104.89 -63.04 125.82
C ASP H 246 105.98 -63.17 124.76
N LYS H 247 107.02 -63.96 125.03
CA LYS H 247 107.94 -64.33 123.96
C LYS H 247 107.19 -64.96 122.81
N LEU H 248 106.38 -65.97 123.12
CA LEU H 248 105.67 -66.71 122.08
C LEU H 248 104.77 -65.77 121.30
N PHE H 249 104.10 -64.86 121.99
CA PHE H 249 103.22 -63.90 121.32
C PHE H 249 104.01 -63.01 120.38
N GLN H 250 105.21 -62.57 120.79
CA GLN H 250 105.95 -61.63 119.96
C GLN H 250 106.60 -62.30 118.76
N ARG H 251 107.03 -63.55 118.89
CA ARG H 251 108.02 -64.06 117.93
C ARG H 251 107.45 -64.32 116.53
N ASP H 252 106.26 -64.92 116.41
CA ASP H 252 105.80 -65.44 115.12
C ASP H 252 104.81 -64.49 114.45
N THR H 253 104.81 -64.50 113.12
CA THR H 253 103.84 -63.73 112.36
C THR H 253 102.52 -64.45 112.23
N LEU H 254 102.56 -65.69 111.72
CA LEU H 254 101.34 -66.39 111.32
C LEU H 254 100.30 -66.37 112.43
N VAL H 255 100.73 -66.74 113.64
CA VAL H 255 99.83 -66.68 114.79
C VAL H 255 99.43 -65.24 115.06
N ARG H 256 100.29 -64.27 114.72
CA ARG H 256 99.92 -62.89 114.97
C ARG H 256 98.73 -62.47 114.13
N GLN H 257 98.77 -62.72 112.82
CA GLN H 257 97.60 -62.34 112.02
C GLN H 257 96.41 -63.21 112.36
N SER H 258 96.65 -64.45 112.79
CA SER H 258 95.54 -65.26 113.28
C SER H 258 94.88 -64.59 114.48
N GLN H 259 95.68 -64.09 115.41
CA GLN H 259 95.17 -63.38 116.56
C GLN H 259 94.38 -62.14 116.13
N LEU H 260 94.89 -61.41 115.15
CA LEU H 260 94.20 -60.20 114.71
C LEU H 260 92.85 -60.52 114.05
N VAL H 261 92.79 -61.57 113.23
CA VAL H 261 91.52 -61.90 112.59
C VAL H 261 90.51 -62.42 113.61
N VAL H 262 91.01 -63.12 114.63
CA VAL H 262 90.14 -63.53 115.73
C VAL H 262 89.60 -62.30 116.45
N ASP H 263 90.47 -61.33 116.71
CA ASP H 263 90.03 -60.07 117.34
C ASP H 263 88.97 -59.41 116.50
N TRP H 264 89.15 -59.40 115.18
CA TRP H 264 88.11 -58.99 114.26
C TRP H 264 86.78 -59.65 114.56
N LEU H 265 86.75 -60.98 114.44
CA LEU H 265 85.47 -61.68 114.53
C LEU H 265 84.83 -61.46 115.90
N GLU H 266 85.62 -61.43 116.95
CA GLU H 266 85.01 -61.35 118.27
C GLU H 266 84.70 -59.91 118.64
N SER H 267 85.37 -58.95 118.00
CA SER H 267 84.90 -57.58 118.07
C SER H 267 83.52 -57.47 117.44
N ILE H 268 83.33 -58.16 116.32
CA ILE H 268 82.00 -58.28 115.74
C ILE H 268 81.04 -58.83 116.78
N ALA H 269 81.45 -59.91 117.43
CA ALA H 269 80.60 -60.56 118.41
C ALA H 269 80.20 -59.61 119.54
N LYS H 270 81.18 -58.89 120.10
CA LYS H 270 80.89 -58.04 121.25
C LYS H 270 80.07 -56.82 120.85
N ASP H 271 80.27 -56.32 119.62
CA ASP H 271 79.39 -55.28 119.12
C ASP H 271 77.95 -55.79 119.03
N GLU H 272 77.79 -57.04 118.60
CA GLU H 272 76.47 -57.66 118.64
C GLU H 272 75.95 -57.77 120.07
N VAL H 273 76.85 -58.05 121.01
CA VAL H 273 76.45 -58.25 122.40
C VAL H 273 75.91 -56.95 123.00
N GLY H 274 76.77 -55.97 123.18
CA GLY H 274 76.35 -54.74 123.83
C GLY H 274 75.86 -54.98 125.25
N ASP H 275 74.61 -54.58 125.50
CA ASP H 275 74.05 -54.47 126.85
C ASP H 275 73.31 -55.72 127.31
N PHE H 276 73.76 -56.91 126.89
CA PHE H 276 73.12 -58.14 127.36
C PHE H 276 73.11 -58.21 128.87
N SER H 277 74.05 -57.50 129.50
CA SER H 277 74.00 -57.30 130.94
C SER H 277 72.63 -56.78 131.39
N ASP H 278 72.28 -55.56 130.99
CA ASP H 278 71.01 -55.00 131.41
C ASP H 278 69.83 -55.78 130.87
N ASN H 279 70.00 -56.46 129.75
CA ASN H 279 68.88 -57.25 129.23
C ASN H 279 68.60 -58.52 130.02
N ILE H 280 69.62 -59.15 130.61
CA ILE H 280 69.35 -60.31 131.45
C ILE H 280 68.66 -59.91 132.75
N GLU H 281 68.55 -58.60 133.03
CA GLU H 281 67.81 -58.15 134.22
C GLU H 281 66.46 -58.85 134.30
N TYR H 282 65.98 -59.39 133.19
CA TYR H 282 64.64 -59.92 133.09
C TYR H 282 64.63 -61.38 132.66
N TYR H 283 65.75 -62.09 132.84
CA TYR H 283 65.80 -63.52 132.59
C TYR H 283 65.96 -64.33 133.86
N ALA H 284 65.86 -63.70 135.02
CA ALA H 284 66.53 -64.21 136.21
C ALA H 284 65.67 -65.18 137.02
N LYS H 285 66.32 -66.27 137.45
CA LYS H 285 65.81 -67.15 138.50
C LYS H 285 67.00 -67.60 139.33
N SER H 286 66.85 -67.55 140.65
CA SER H 286 67.96 -67.90 141.52
C SER H 286 67.59 -68.98 142.52
N VAL H 287 66.75 -69.93 142.14
CA VAL H 287 66.44 -71.05 143.02
C VAL H 287 66.92 -72.33 142.34
N TYR H 288 67.77 -73.07 143.03
CA TYR H 288 68.47 -74.21 142.45
C TYR H 288 67.52 -75.40 142.35
N TRP H 289 67.17 -75.77 141.13
CA TRP H 289 66.34 -76.95 140.85
C TRP H 289 65.03 -76.87 141.62
N GLU H 290 64.41 -75.68 141.54
CA GLU H 290 63.30 -75.35 142.43
C GLU H 290 62.21 -76.40 142.39
N ASN H 291 61.96 -76.99 141.23
CA ASN H 291 60.88 -77.95 141.13
C ASN H 291 61.20 -79.21 141.93
N THR H 292 62.41 -79.75 141.74
CA THR H 292 62.86 -80.89 142.52
C THR H 292 62.87 -80.55 144.01
N LEU H 293 63.36 -79.36 144.33
CA LEU H 293 63.25 -78.83 145.69
C LEU H 293 61.85 -79.01 146.25
N HIS H 294 60.87 -78.38 145.63
CA HIS H 294 59.53 -78.35 146.20
C HIS H 294 58.91 -79.73 146.24
N THR H 295 59.20 -80.57 145.23
CA THR H 295 58.56 -81.88 145.20
C THR H 295 59.16 -82.83 146.23
N LEU H 296 60.48 -82.80 146.42
CA LEU H 296 61.02 -83.59 147.51
C LEU H 296 60.59 -83.04 148.85
N LYS H 297 60.42 -81.71 148.94
CA LYS H 297 59.85 -81.13 150.15
C LYS H 297 58.48 -81.69 150.43
N GLN H 298 57.62 -81.77 149.41
CA GLN H 298 56.27 -82.27 149.66
C GLN H 298 56.26 -83.76 149.94
N ARG H 299 57.17 -84.51 149.32
CA ARG H 299 57.31 -85.92 149.68
C ARG H 299 57.66 -86.07 151.15
N SER H 300 58.57 -85.25 151.65
CA SER H 300 58.90 -85.28 153.07
C SER H 300 57.85 -84.62 153.93
N MET H 301 56.92 -83.87 153.33
CA MET H 301 56.13 -82.87 154.01
C MET H 301 54.67 -83.27 154.16
N LEU H 302 54.18 -84.18 153.34
CA LEU H 302 52.75 -84.46 153.21
C LEU H 302 52.40 -85.85 153.74
N SER H 303 51.09 -86.16 153.67
CA SER H 303 50.67 -87.54 153.81
C SER H 303 51.18 -88.40 152.66
N LEU H 304 51.09 -87.89 151.44
CA LEU H 304 51.51 -88.61 150.25
C LEU H 304 52.74 -87.96 149.62
N GLY H 305 53.71 -88.78 149.27
CA GLY H 305 54.88 -88.33 148.55
C GLY H 305 54.65 -88.35 147.05
N SER H 306 55.65 -88.83 146.32
CA SER H 306 55.56 -88.96 144.89
C SER H 306 56.17 -90.29 144.46
N SER H 307 55.70 -90.81 143.34
CA SER H 307 56.24 -92.03 142.75
C SER H 307 57.37 -91.73 141.79
N ARG H 308 57.99 -90.56 141.93
CA ARG H 308 58.88 -90.05 140.90
C ARG H 308 60.31 -89.99 141.41
N PRO H 309 61.25 -90.57 140.68
CA PRO H 309 62.64 -90.60 141.15
C PRO H 309 63.35 -89.26 140.99
N LEU H 310 64.08 -88.85 142.02
CA LEU H 310 64.86 -87.62 141.95
C LEU H 310 66.14 -87.78 142.73
N VAL H 311 67.08 -86.88 142.45
CA VAL H 311 68.35 -86.87 143.16
C VAL H 311 68.12 -86.53 144.62
N SER H 312 68.96 -87.06 145.49
CA SER H 312 69.10 -86.57 146.84
C SER H 312 70.20 -85.53 146.93
N GLU H 313 70.82 -85.19 145.82
CA GLU H 313 72.03 -84.38 145.80
C GLU H 313 71.85 -83.21 144.83
N LEU H 314 72.45 -82.08 145.19
CA LEU H 314 72.41 -80.88 144.38
C LEU H 314 73.57 -80.84 143.40
N ASP H 315 74.35 -81.91 143.36
CA ASP H 315 75.62 -81.89 142.66
C ASP H 315 75.41 -81.58 141.19
N PRO H 316 76.30 -80.80 140.59
CA PRO H 316 76.21 -80.57 139.14
C PRO H 316 76.24 -81.87 138.36
N ASP H 317 76.83 -82.92 138.93
CA ASP H 317 76.75 -84.26 138.38
C ASP H 317 75.87 -85.20 139.19
N ALA H 318 75.07 -84.66 140.11
CA ALA H 318 74.18 -85.52 140.89
C ALA H 318 73.29 -86.40 140.04
N PRO H 319 72.54 -85.88 139.05
CA PRO H 319 71.71 -86.80 138.25
C PRO H 319 72.50 -87.84 137.51
N ILE H 320 73.38 -87.43 136.59
CA ILE H 320 74.02 -88.38 135.69
C ILE H 320 74.92 -89.33 136.46
N ARG H 321 75.56 -88.84 137.51
CA ARG H 321 76.28 -89.75 138.40
C ARG H 321 75.31 -90.73 139.05
N GLN H 322 74.16 -90.24 139.49
CA GLN H 322 73.13 -91.06 140.08
C GLN H 322 72.15 -91.61 139.05
N LYS H 323 72.23 -91.14 137.80
CA LYS H 323 71.33 -91.54 136.74
C LYS H 323 69.90 -91.09 137.07
N LEU H 324 69.76 -90.32 138.14
CA LEU H 324 68.43 -89.94 138.61
C LEU H 324 67.87 -88.81 137.74
N PRO H 325 66.55 -88.75 137.58
CA PRO H 325 65.95 -87.70 136.75
C PRO H 325 65.98 -86.34 137.43
N LEU H 326 65.77 -85.31 136.61
CA LEU H 326 65.52 -83.96 137.07
C LEU H 326 64.32 -83.37 136.35
N ASP H 327 63.78 -82.29 136.90
CA ASP H 327 62.54 -81.74 136.39
C ASP H 327 62.77 -80.90 135.15
N ASP H 328 61.74 -80.89 134.29
CA ASP H 328 61.86 -80.25 132.99
C ASP H 328 62.03 -78.75 133.11
N LEU H 329 61.26 -78.08 133.97
CA LEU H 329 61.43 -76.66 134.13
C LEU H 329 62.82 -76.32 134.64
N ASP H 330 63.29 -77.08 135.63
CA ASP H 330 64.68 -76.97 136.06
C ASP H 330 65.64 -77.04 134.88
N ARG H 331 65.65 -78.17 134.17
CA ARG H 331 66.64 -78.40 133.13
C ARG H 331 66.49 -77.40 131.98
N GLU H 332 65.30 -76.84 131.78
CA GLU H 332 65.11 -76.03 130.59
C GLU H 332 65.40 -74.56 130.85
N ASP H 333 65.10 -74.05 132.06
CA ASP H 333 65.71 -72.77 132.41
C ASP H 333 67.23 -72.91 132.43
N ASP H 334 67.71 -74.10 132.78
CA ASP H 334 69.13 -74.38 132.62
C ASP H 334 69.57 -74.17 131.18
N ILE H 335 68.90 -74.84 130.24
CA ILE H 335 69.24 -74.72 128.83
C ILE H 335 69.18 -73.27 128.38
N ARG H 336 68.23 -72.51 128.94
CA ARG H 336 68.09 -71.11 128.61
C ARG H 336 69.33 -70.32 129.02
N LEU H 337 69.75 -70.48 130.27
CA LEU H 337 70.97 -69.84 130.70
C LEU H 337 72.17 -70.38 129.93
N LEU H 338 72.04 -71.60 129.42
CA LEU H 338 73.08 -72.17 128.58
C LEU H 338 73.17 -71.44 127.25
N LYS H 339 72.05 -71.12 126.64
CA LYS H 339 72.11 -70.17 125.53
C LYS H 339 72.81 -68.89 125.94
N TYR H 340 72.36 -68.28 127.05
CA TYR H 340 72.94 -67.00 127.43
C TYR H 340 74.45 -67.07 127.47
N LEU H 341 74.97 -67.93 128.35
CA LEU H 341 76.40 -67.91 128.61
C LEU H 341 77.18 -68.60 127.49
N PHE H 342 76.60 -69.63 126.88
CA PHE H 342 77.15 -70.24 125.69
C PHE H 342 77.45 -69.20 124.63
N THR H 343 76.48 -68.36 124.32
CA THR H 343 76.72 -67.26 123.40
C THR H 343 77.75 -66.31 123.96
N LEU H 344 77.63 -65.99 125.24
CA LEU H 344 78.54 -65.03 125.86
C LEU H 344 79.98 -65.47 125.73
N ILE H 345 80.22 -66.77 125.64
CA ILE H 345 81.60 -67.25 125.65
C ILE H 345 82.05 -67.69 124.27
N ARG H 346 81.10 -68.09 123.42
CA ARG H 346 81.41 -68.12 122.00
C ARG H 346 81.89 -66.76 121.55
N ALA H 347 81.39 -65.71 122.19
CA ALA H 347 81.95 -64.38 122.07
C ALA H 347 83.08 -64.12 123.08
N GLY H 348 83.22 -64.97 124.09
CA GLY H 348 84.19 -64.74 125.14
C GLY H 348 83.86 -63.64 126.12
N MET H 349 82.59 -63.27 126.26
CA MET H 349 82.19 -62.10 127.05
C MET H 349 82.27 -62.44 128.53
N THR H 350 83.51 -62.40 129.03
CA THR H 350 83.83 -63.08 130.28
C THR H 350 83.35 -62.32 131.51
N ASP H 351 83.41 -60.99 131.49
CA ASP H 351 82.87 -60.23 132.61
C ASP H 351 81.41 -60.55 132.81
N GLU H 352 80.63 -60.52 131.73
CA GLU H 352 79.24 -60.95 131.79
C GLU H 352 79.15 -62.43 132.16
N ALA H 353 80.18 -63.20 131.86
CA ALA H 353 80.16 -64.61 132.23
C ALA H 353 80.15 -64.77 133.75
N GLN H 354 81.09 -64.14 134.44
CA GLN H 354 81.05 -64.25 135.89
C GLN H 354 79.83 -63.54 136.45
N ARG H 355 79.37 -62.50 135.77
CA ARG H 355 78.11 -61.87 136.12
C ARG H 355 76.98 -62.89 136.21
N LEU H 356 76.81 -63.69 135.15
CA LEU H 356 75.71 -64.65 135.09
C LEU H 356 75.94 -65.78 136.08
N CYS H 357 77.20 -66.20 136.25
CA CYS H 357 77.50 -67.22 137.24
C CYS H 357 77.01 -66.77 138.62
N LYS H 358 77.32 -65.54 138.99
CA LYS H 358 76.99 -65.07 140.33
C LYS H 358 75.56 -64.58 140.43
N ARG H 359 74.89 -64.39 139.29
CA ARG H 359 73.42 -64.39 139.30
C ARG H 359 72.86 -65.72 139.74
N CYS H 360 73.12 -66.77 138.97
CA CYS H 360 72.34 -68.00 139.10
C CYS H 360 72.95 -68.99 140.08
N GLY H 361 74.06 -68.62 140.72
CA GLY H 361 74.60 -69.47 141.76
C GLY H 361 75.33 -70.69 141.26
N GLN H 362 75.88 -70.64 140.05
CA GLN H 362 76.76 -71.70 139.58
C GLN H 362 78.21 -71.40 139.84
N ALA H 363 78.50 -70.73 140.95
CA ALA H 363 79.88 -70.48 141.35
C ALA H 363 80.75 -71.70 141.19
N TRP H 364 80.18 -72.90 141.35
CA TRP H 364 80.89 -74.10 140.92
C TRP H 364 81.27 -74.02 139.45
N ARG H 365 80.32 -73.67 138.59
CA ARG H 365 80.60 -73.62 137.17
C ARG H 365 81.59 -72.52 136.83
N ALA H 366 81.46 -71.37 137.50
CA ALA H 366 82.43 -70.31 137.33
C ALA H 366 83.82 -70.78 137.74
N ALA H 367 83.88 -71.59 138.80
CA ALA H 367 85.14 -72.24 139.14
C ALA H 367 85.60 -73.13 138.01
N THR H 368 84.70 -73.95 137.46
CA THR H 368 85.07 -74.83 136.35
C THR H 368 85.61 -74.03 135.18
N LEU H 369 85.21 -72.78 135.06
CA LEU H 369 85.67 -71.92 133.98
C LEU H 369 87.17 -71.63 134.04
N GLU H 370 87.81 -71.86 135.18
CA GLU H 370 89.14 -71.33 135.45
C GLU H 370 90.24 -72.36 135.24
N GLY H 371 89.89 -73.58 134.82
CA GLY H 371 90.85 -74.66 134.77
C GLY H 371 91.96 -74.51 133.76
N TRP H 372 91.78 -73.59 132.81
CA TRP H 372 92.72 -73.38 131.73
C TRP H 372 93.58 -72.14 131.89
N LYS H 373 93.08 -71.10 132.56
CA LYS H 373 93.85 -69.86 132.68
C LYS H 373 95.07 -70.08 133.58
N LEU H 374 96.24 -69.74 133.05
CA LEU H 374 97.52 -70.14 133.62
C LEU H 374 97.81 -69.40 134.93
N TYR H 375 99.03 -69.60 135.42
CA TYR H 375 99.42 -69.15 136.75
C TYR H 375 100.62 -68.23 136.68
N HIS H 376 100.70 -67.29 137.62
CA HIS H 376 101.84 -66.39 137.69
C HIS H 376 101.91 -65.78 139.07
N ASP H 377 103.06 -65.17 139.35
CA ASP H 377 103.20 -64.14 140.39
C ASP H 377 104.54 -63.45 140.22
N ALA H 378 104.59 -62.16 140.52
CA ALA H 378 105.82 -61.38 140.39
C ALA H 378 106.14 -60.61 141.67
N ASN H 379 105.61 -61.04 142.79
CA ASN H 379 105.83 -60.34 144.06
C ASN H 379 107.24 -60.66 144.53
N ILE H 380 108.23 -60.26 143.72
CA ILE H 380 109.63 -60.41 144.08
C ILE H 380 110.10 -59.03 144.51
N ASN H 381 109.15 -58.18 144.87
CA ASN H 381 109.37 -56.75 145.03
C ASN H 381 108.50 -56.19 146.15
N GLY H 382 109.01 -55.15 146.81
CA GLY H 382 108.22 -54.43 147.81
C GLY H 382 107.76 -55.33 148.92
N GLY H 383 106.64 -54.96 149.52
CA GLY H 383 106.02 -55.81 150.52
C GLY H 383 105.32 -57.01 149.90
N THR H 384 104.74 -57.82 150.75
CA THR H 384 103.95 -58.96 150.29
C THR H 384 102.68 -58.41 149.65
N GLU H 385 102.70 -58.30 148.32
CA GLU H 385 101.64 -57.65 147.57
C GLU H 385 101.27 -58.51 146.37
N LEU H 386 100.03 -58.38 145.93
CA LEU H 386 99.49 -59.25 144.88
C LEU H 386 100.03 -58.81 143.52
N GLN H 387 100.82 -59.67 142.91
CA GLN H 387 101.13 -59.56 141.49
C GLN H 387 100.34 -60.56 140.66
N ALA H 388 100.17 -61.78 141.15
CA ALA H 388 99.27 -62.75 140.55
C ALA H 388 99.10 -63.97 141.45
N VAL H 389 97.88 -64.48 141.57
CA VAL H 389 97.59 -65.64 142.41
C VAL H 389 96.74 -66.59 141.60
N GLU H 390 96.72 -66.36 140.29
CA GLU H 390 95.65 -66.88 139.45
C GLU H 390 95.81 -68.38 139.19
N GLY H 391 94.93 -69.14 139.82
CA GLY H 391 94.70 -70.55 139.50
C GLY H 391 95.66 -71.61 140.00
N ASN H 392 95.59 -72.76 139.33
CA ASN H 392 96.29 -73.99 139.67
C ASN H 392 97.18 -74.38 138.51
N PRO H 393 98.48 -74.53 138.75
CA PRO H 393 99.41 -74.76 137.63
C PRO H 393 99.31 -76.16 137.02
N TYR H 394 98.21 -76.86 137.31
CA TYR H 394 97.99 -78.22 136.83
C TYR H 394 97.28 -78.22 135.49
N ARG H 395 97.51 -77.18 134.69
CA ARG H 395 96.58 -76.89 133.61
C ARG H 395 96.93 -77.65 132.34
N CYS H 396 98.21 -77.83 132.05
CA CYS H 396 98.56 -78.63 130.87
C CYS H 396 97.93 -80.01 130.97
N VAL H 397 98.17 -80.68 132.10
CA VAL H 397 97.57 -81.98 132.32
C VAL H 397 96.06 -81.85 132.44
N TRP H 398 95.57 -80.68 132.88
CA TRP H 398 94.12 -80.54 133.05
C TRP H 398 93.42 -80.44 131.70
N LYS H 399 94.03 -79.73 130.75
CA LYS H 399 93.53 -79.78 129.38
C LYS H 399 93.65 -81.18 128.81
N THR H 400 94.71 -81.91 129.15
CA THR H 400 94.78 -83.29 128.70
C THR H 400 93.61 -84.09 129.24
N CYS H 401 93.26 -83.84 130.50
CA CYS H 401 92.12 -84.50 131.13
C CYS H 401 90.83 -84.15 130.40
N CYS H 402 90.66 -82.89 130.06
CA CYS H 402 89.49 -82.49 129.28
C CYS H 402 89.50 -83.15 127.90
N TRP H 403 90.70 -83.29 127.31
CA TRP H 403 90.85 -84.00 126.06
C TRP H 403 90.27 -85.39 126.14
N ARG H 404 90.57 -86.08 127.25
CA ARG H 404 90.11 -87.46 127.36
C ARG H 404 88.63 -87.51 127.75
N MET H 405 88.17 -86.51 128.52
CA MET H 405 86.74 -86.39 128.77
C MET H 405 85.97 -86.25 127.47
N ALA H 406 86.51 -85.48 126.53
CA ALA H 406 85.91 -85.37 125.21
C ALA H 406 85.87 -86.73 124.51
N GLU H 407 86.96 -87.49 124.59
CA GLU H 407 86.97 -88.84 124.07
C GLU H 407 85.95 -89.72 124.78
N ASP H 408 85.51 -89.30 125.95
CA ASP H 408 84.48 -90.02 126.70
C ASP H 408 83.06 -89.61 126.31
N GLU H 409 82.88 -88.37 125.86
CA GLU H 409 81.59 -87.86 125.34
C GLU H 409 80.53 -87.90 126.44
N GLN H 410 79.27 -88.10 126.04
CA GLN H 410 78.11 -88.03 126.91
C GLN H 410 77.96 -86.65 127.53
N PHE H 411 77.70 -85.63 126.71
CA PHE H 411 77.63 -84.27 127.21
C PHE H 411 76.39 -83.58 126.65
N ASN H 412 75.99 -82.53 127.34
CA ASN H 412 75.07 -81.56 126.77
C ASN H 412 75.78 -80.80 125.65
N LYS H 413 75.00 -80.19 124.77
CA LYS H 413 75.57 -79.44 123.66
C LYS H 413 76.52 -78.36 124.15
N TYR H 414 76.11 -77.62 125.17
CA TYR H 414 76.88 -76.48 125.65
C TYR H 414 78.21 -76.88 126.24
N GLU H 415 78.21 -77.81 127.19
CA GLU H 415 79.46 -78.25 127.79
C GLU H 415 80.33 -78.93 126.75
N ARG H 416 79.71 -79.76 125.90
CA ARG H 416 80.43 -80.40 124.81
C ARG H 416 81.16 -79.36 123.97
N ALA H 417 80.45 -78.32 123.52
CA ALA H 417 81.07 -77.32 122.68
C ALA H 417 82.15 -76.56 123.42
N ILE H 418 81.87 -76.10 124.64
CA ILE H 418 82.82 -75.24 125.35
C ILE H 418 84.12 -75.97 125.62
N TYR H 419 84.04 -77.24 126.00
CA TYR H 419 85.29 -77.88 126.39
C TYR H 419 85.96 -78.58 125.21
N ALA H 420 85.20 -79.04 124.22
CA ALA H 420 85.82 -79.43 122.96
C ALA H 420 86.51 -78.23 122.34
N THR H 421 86.02 -77.03 122.65
CA THR H 421 86.69 -75.80 122.24
C THR H 421 87.97 -75.59 123.02
N LEU H 422 87.87 -75.60 124.35
CA LEU H 422 89.02 -75.49 125.21
C LEU H 422 90.09 -76.53 124.87
N SER H 423 89.71 -77.58 124.16
CA SER H 423 90.65 -78.58 123.67
C SER H 423 90.97 -78.44 122.19
N GLY H 424 90.21 -77.65 121.45
CA GLY H 424 90.36 -77.64 120.00
C GLY H 424 90.05 -78.97 119.37
N ASN H 425 89.05 -79.68 119.87
CA ASN H 425 88.77 -81.04 119.43
C ASN H 425 87.83 -80.98 118.23
N LEU H 426 88.36 -81.29 117.04
CA LEU H 426 87.67 -80.98 115.79
C LEU H 426 86.32 -81.66 115.69
N LYS H 427 86.24 -82.95 116.01
CA LYS H 427 85.02 -83.69 115.74
C LYS H 427 83.89 -83.23 116.65
N GLN H 428 84.18 -83.05 117.94
CA GLN H 428 83.20 -82.55 118.88
C GLN H 428 83.03 -81.04 118.82
N LEU H 429 83.79 -80.37 117.99
CA LEU H 429 83.48 -78.99 117.66
C LEU H 429 82.66 -78.88 116.39
N LEU H 430 82.67 -79.93 115.59
CA LEU H 430 81.77 -79.96 114.43
C LEU H 430 80.31 -79.65 114.77
N PRO H 431 79.70 -80.21 115.82
CA PRO H 431 78.23 -80.07 115.97
C PRO H 431 77.73 -78.64 116.00
N VAL H 432 78.42 -77.72 116.67
CA VAL H 432 77.81 -76.43 116.99
C VAL H 432 78.13 -75.33 115.98
N CYS H 433 79.32 -75.35 115.38
CA CYS H 433 79.70 -74.34 114.40
C CYS H 433 79.32 -74.81 113.01
N GLU H 434 78.43 -74.08 112.35
CA GLU H 434 77.96 -74.44 111.02
C GLU H 434 78.03 -73.26 110.07
N SER H 435 78.16 -72.05 110.62
CA SER H 435 78.27 -70.85 109.81
C SER H 435 79.63 -70.79 109.12
N TRP H 436 79.69 -70.03 108.04
CA TRP H 436 80.97 -69.68 107.44
C TRP H 436 81.89 -69.03 108.46
N GLU H 437 81.37 -68.03 109.17
CA GLU H 437 82.16 -67.34 110.19
C GLU H 437 82.58 -68.32 111.28
N ASP H 438 81.67 -69.17 111.72
CA ASP H 438 82.01 -70.13 112.77
C ASP H 438 83.08 -71.11 112.32
N THR H 439 83.00 -71.60 111.08
CA THR H 439 83.96 -72.61 110.63
C THR H 439 85.35 -72.02 110.43
N VAL H 440 85.44 -70.83 109.84
CA VAL H 440 86.74 -70.19 109.72
C VAL H 440 87.28 -69.84 111.10
N TRP H 441 86.40 -69.35 111.97
CA TRP H 441 86.72 -69.09 113.36
C TRP H 441 87.35 -70.31 114.00
N ALA H 442 86.69 -71.47 113.87
CA ALA H 442 87.18 -72.69 114.46
C ALA H 442 88.51 -73.11 113.84
N HIS H 443 88.66 -72.93 112.53
CA HIS H 443 89.94 -73.19 111.90
C HIS H 443 91.05 -72.44 112.64
N PHE H 444 90.84 -71.13 112.80
CA PHE H 444 91.84 -70.30 113.48
C PHE H 444 92.04 -70.74 114.92
N LYS H 445 90.94 -71.05 115.62
CA LYS H 445 91.06 -71.45 117.02
C LYS H 445 91.92 -72.70 117.14
N VAL H 446 91.61 -73.72 116.35
CA VAL H 446 92.31 -75.00 116.44
C VAL H 446 93.77 -74.82 116.10
N MET H 447 94.08 -74.12 115.01
CA MET H 447 95.46 -74.02 114.58
C MET H 447 96.27 -73.15 115.54
N VAL H 448 95.67 -72.07 116.03
CA VAL H 448 96.34 -71.23 117.03
C VAL H 448 96.65 -72.04 118.27
N ASP H 449 95.68 -72.84 118.73
CA ASP H 449 95.94 -73.69 119.89
C ASP H 449 97.09 -74.64 119.63
N SER H 450 96.94 -75.51 118.64
CA SER H 450 97.99 -76.50 118.36
C SER H 450 99.35 -75.84 118.26
N LEU H 451 99.45 -74.75 117.51
CA LEU H 451 100.71 -74.01 117.48
C LEU H 451 101.15 -73.62 118.88
N VAL H 452 100.29 -72.90 119.61
CA VAL H 452 100.72 -72.28 120.86
C VAL H 452 101.21 -73.33 121.83
N GLU H 453 100.54 -74.48 121.89
CA GLU H 453 101.00 -75.55 122.76
C GLU H 453 102.31 -76.15 122.24
N GLN H 454 102.50 -76.19 120.92
CA GLN H 454 103.76 -76.67 120.39
C GLN H 454 104.92 -75.83 120.91
N GLU H 455 104.81 -74.51 120.84
CA GLU H 455 105.97 -73.76 121.33
C GLU H 455 105.92 -73.56 122.85
N ILE H 456 104.80 -73.87 123.51
CA ILE H 456 104.85 -74.06 124.96
C ILE H 456 105.82 -75.18 125.31
N ARG H 457 105.60 -76.36 124.75
CA ARG H 457 106.49 -77.48 125.05
C ARG H 457 107.89 -77.22 124.53
N ALA H 458 108.00 -76.44 123.44
CA ALA H 458 109.32 -76.10 122.93
C ALA H 458 110.07 -75.18 123.88
N SER H 459 109.44 -74.11 124.36
CA SER H 459 110.09 -73.13 125.20
C SER H 459 110.35 -73.63 126.61
N ILE H 460 109.40 -74.35 127.19
CA ILE H 460 109.57 -74.93 128.52
C ILE H 460 110.31 -76.25 128.35
N ILE H 461 111.53 -76.31 128.89
CA ILE H 461 112.44 -77.40 128.56
C ILE H 461 111.88 -78.73 129.05
N SER H 462 111.49 -79.57 128.09
CA SER H 462 111.05 -80.94 128.36
C SER H 462 110.82 -81.68 127.05
N PHE H 463 111.12 -82.97 127.02
CA PHE H 463 110.77 -83.80 125.86
C PHE H 463 110.26 -85.15 126.31
N ASN H 464 109.88 -85.27 127.58
CA ASN H 464 109.37 -86.50 128.15
C ASN H 464 107.86 -86.42 128.32
N GLU H 465 107.28 -87.50 128.84
CA GLU H 465 105.83 -87.58 128.98
C GLU H 465 105.34 -86.71 130.13
N ALA H 466 104.58 -85.68 129.78
CA ALA H 466 103.90 -84.83 130.76
C ALA H 466 102.47 -84.60 130.34
N ASN H 467 102.16 -84.90 129.08
CA ASN H 467 100.81 -84.84 128.54
C ASN H 467 100.71 -85.87 127.43
N GLU H 468 99.47 -86.28 127.13
CA GLU H 468 99.21 -87.26 126.08
C GLU H 468 98.22 -86.65 125.10
N LEU H 469 98.51 -86.80 123.81
CA LEU H 469 97.65 -86.42 122.70
C LEU H 469 97.92 -87.37 121.56
N PRO H 470 96.94 -87.58 120.68
CA PRO H 470 97.16 -88.47 119.54
C PRO H 470 98.28 -87.96 118.63
N ARG H 471 98.97 -88.93 118.02
CA ARG H 471 100.15 -88.62 117.22
C ARG H 471 99.85 -87.66 116.07
N GLU H 472 98.75 -87.88 115.37
CA GLU H 472 98.40 -87.03 114.25
C GLU H 472 98.13 -85.60 114.71
N TYR H 473 97.47 -85.45 115.86
CA TYR H 473 97.29 -84.13 116.45
C TYR H 473 98.62 -83.46 116.74
N LEU H 474 99.57 -84.22 117.29
CA LEU H 474 100.88 -83.66 117.59
C LEU H 474 101.62 -83.23 116.33
N GLU H 475 101.53 -84.03 115.26
CA GLU H 475 102.36 -83.82 114.08
C GLU H 475 101.64 -83.13 112.93
N ALA H 476 100.43 -82.63 113.15
CA ALA H 476 99.76 -81.89 112.10
C ALA H 476 100.39 -80.51 111.91
N ASN H 477 100.71 -80.19 110.65
CA ASN H 477 101.34 -78.94 110.28
C ASN H 477 100.28 -77.87 110.09
N TRP H 478 100.69 -76.60 110.19
CA TRP H 478 99.77 -75.48 110.26
C TRP H 478 100.22 -74.38 109.30
N THR H 479 99.28 -73.83 108.54
CA THR H 479 99.55 -72.71 107.64
C THR H 479 98.25 -72.00 107.31
N LEU H 480 98.38 -70.77 106.81
CA LEU H 480 97.21 -69.99 106.44
C LEU H 480 96.52 -70.58 105.22
N ASP H 481 97.25 -71.35 104.42
CA ASP H 481 96.62 -72.10 103.33
C ASP H 481 95.62 -73.11 103.87
N SER H 482 95.95 -73.78 104.97
CA SER H 482 95.07 -74.80 105.53
C SER H 482 93.76 -74.20 105.98
N VAL H 483 93.77 -72.94 106.43
CA VAL H 483 92.54 -72.25 106.80
C VAL H 483 91.50 -72.42 105.71
N PHE H 484 91.82 -71.91 104.53
CA PHE H 484 90.87 -71.85 103.45
C PHE H 484 90.73 -73.19 102.74
N GLU H 485 91.76 -74.05 102.82
CA GLU H 485 91.58 -75.39 102.30
C GLU H 485 90.54 -76.14 103.10
N GLU H 486 90.61 -76.05 104.43
CA GLU H 486 89.56 -76.60 105.28
C GLU H 486 88.22 -75.97 104.96
N LEU H 487 88.19 -74.64 104.93
CA LEU H 487 86.96 -73.93 104.65
C LEU H 487 86.31 -74.40 103.36
N GLN H 488 87.11 -74.54 102.30
CA GLN H 488 86.61 -75.01 101.02
C GLN H 488 86.15 -76.46 101.10
N ALA H 489 86.97 -77.33 101.69
CA ALA H 489 86.68 -78.76 101.73
C ALA H 489 85.53 -79.12 102.66
N THR H 490 85.05 -78.17 103.46
CA THR H 490 83.85 -78.41 104.24
C THR H 490 82.73 -78.97 103.38
N ASP H 491 82.37 -80.23 103.67
CA ASP H 491 81.29 -80.93 102.91
C ASP H 491 79.93 -80.56 103.51
N LYS H 492 79.80 -79.32 103.99
CA LYS H 492 78.52 -78.84 104.61
C LYS H 492 77.71 -78.07 103.56
N LYS H 493 76.90 -77.10 104.01
CA LYS H 493 76.05 -76.30 103.09
C LYS H 493 75.80 -74.92 103.71
N ARG H 494 76.18 -74.74 104.98
CA ARG H 494 75.98 -73.45 105.68
C ARG H 494 76.97 -72.42 105.14
N VAL H 495 78.19 -72.87 104.80
CA VAL H 495 79.25 -71.97 104.26
C VAL H 495 79.32 -72.16 102.74
N LEU H 496 78.19 -72.50 102.11
CA LEU H 496 78.13 -72.72 100.64
C LEU H 496 77.80 -71.39 99.94
N GLU H 497 76.84 -70.65 100.49
CA GLU H 497 76.45 -69.35 99.91
C GLU H 497 77.41 -68.28 100.36
N GLU H 498 77.95 -68.39 101.58
CA GLU H 498 78.81 -67.34 102.09
C GLU H 498 80.08 -67.20 101.26
N ASN H 499 80.69 -68.31 100.87
CA ASN H 499 81.96 -68.27 100.15
C ASN H 499 81.82 -67.79 98.71
N ARG H 500 80.63 -67.89 98.11
CA ARG H 500 80.45 -67.40 96.75
C ARG H 500 80.28 -65.89 96.68
N GLU H 501 79.94 -65.23 97.78
CA GLU H 501 79.71 -63.79 97.74
C GLU H 501 81.03 -63.04 97.64
N HIS H 502 80.96 -61.86 97.01
CA HIS H 502 82.16 -61.11 96.66
C HIS H 502 82.97 -60.76 97.89
N TYR H 503 82.32 -60.30 98.95
CA TYR H 503 83.02 -59.72 100.08
C TYR H 503 83.79 -60.79 100.85
N HIS H 504 83.19 -61.96 101.04
CA HIS H 504 83.94 -63.05 101.66
C HIS H 504 85.20 -63.38 100.86
N ILE H 505 85.07 -63.44 99.54
CA ILE H 505 86.21 -63.80 98.69
C ILE H 505 87.31 -62.76 98.80
N ILE H 506 86.94 -61.47 98.70
CA ILE H 506 87.95 -60.42 98.75
C ILE H 506 88.62 -60.39 100.12
N GLN H 507 87.84 -60.55 101.17
CA GLN H 507 88.43 -60.60 102.51
C GLN H 507 89.42 -61.76 102.63
N LYS H 508 89.04 -62.94 102.14
CA LYS H 508 89.91 -64.10 102.34
C LYS H 508 91.20 -63.97 101.53
N PHE H 509 91.12 -63.41 100.31
CA PHE H 509 92.38 -63.05 99.66
C PHE H 509 93.15 -61.97 100.41
N VAL H 510 92.47 -61.10 101.17
CA VAL H 510 93.21 -60.10 101.93
C VAL H 510 94.04 -60.77 103.01
N ILE H 511 93.46 -61.76 103.70
CA ILE H 511 94.27 -62.58 104.60
C ILE H 511 95.38 -63.29 103.82
N LEU H 512 95.04 -63.84 102.65
CA LEU H 512 96.04 -64.53 101.83
C LEU H 512 97.17 -63.63 101.38
N ALA H 513 96.97 -62.31 101.41
CA ALA H 513 97.86 -61.36 100.75
C ALA H 513 98.06 -61.73 99.28
N ASP H 514 97.02 -62.26 98.67
CA ASP H 514 97.08 -62.78 97.30
C ASP H 514 96.48 -61.74 96.37
N VAL H 515 97.27 -61.30 95.39
CA VAL H 515 96.80 -60.31 94.44
C VAL H 515 96.35 -60.97 93.14
N ASP H 516 96.90 -62.15 92.83
CA ASP H 516 96.60 -62.79 91.55
C ASP H 516 95.14 -63.22 91.48
N GLY H 517 94.62 -63.81 92.56
CA GLY H 517 93.23 -64.21 92.57
C GLY H 517 92.29 -63.02 92.47
N LEU H 518 92.61 -61.94 93.19
CA LEU H 518 91.80 -60.72 93.09
C LEU H 518 91.79 -60.20 91.66
N MET H 519 92.95 -60.13 91.03
CA MET H 519 93.04 -59.69 89.64
C MET H 519 92.21 -60.57 88.71
N ASP H 520 92.37 -61.89 88.81
CA ASP H 520 91.66 -62.80 87.92
C ASP H 520 90.15 -62.68 88.11
N GLU H 521 89.69 -62.59 89.36
CA GLU H 521 88.26 -62.58 89.61
C GLU H 521 87.65 -61.24 89.22
N PHE H 522 88.39 -60.15 89.44
CA PHE H 522 87.92 -58.85 88.97
C PHE H 522 87.80 -58.85 87.46
N SER H 523 88.79 -59.44 86.77
CA SER H 523 88.72 -59.55 85.32
C SER H 523 87.53 -60.39 84.88
N GLU H 524 87.28 -61.50 85.59
CA GLU H 524 86.15 -62.35 85.24
C GLU H 524 84.83 -61.61 85.43
N TRP H 525 84.70 -60.88 86.53
CA TRP H 525 83.49 -60.10 86.77
C TRP H 525 83.28 -59.05 85.70
N LEU H 526 84.35 -58.37 85.28
CA LEU H 526 84.22 -57.38 84.22
C LEU H 526 83.84 -58.04 82.90
N SER H 527 84.46 -59.17 82.57
CA SER H 527 84.24 -59.79 81.27
C SER H 527 82.86 -60.42 81.15
N ASN H 528 82.39 -61.08 82.21
CA ASN H 528 81.11 -61.79 82.13
C ASN H 528 79.91 -60.85 82.02
N GLY H 529 80.11 -59.56 82.24
CA GLY H 529 79.05 -58.58 82.12
C GLY H 529 79.18 -57.56 83.23
N LYS H 530 79.14 -56.29 82.85
CA LYS H 530 79.23 -55.19 83.79
C LYS H 530 77.93 -54.98 84.57
N ASN H 531 76.82 -55.50 84.06
CA ASN H 531 75.56 -55.51 84.82
C ASN H 531 75.66 -56.32 86.09
N LEU H 532 76.55 -57.32 86.14
CA LEU H 532 76.74 -58.09 87.36
C LEU H 532 77.28 -57.20 88.49
N LEU H 533 78.23 -56.35 88.17
CA LEU H 533 78.84 -55.47 89.13
C LEU H 533 77.94 -54.26 89.41
N LEU H 534 78.25 -53.55 90.48
CA LEU H 534 77.55 -52.31 90.82
C LEU H 534 78.57 -51.22 91.13
N GLY H 535 78.08 -49.98 91.11
CA GLY H 535 78.97 -48.85 91.26
C GLY H 535 79.80 -48.90 92.52
N HIS H 536 79.17 -49.32 93.62
CA HIS H 536 79.92 -49.49 94.86
C HIS H 536 80.88 -50.68 94.80
N LEU H 537 80.59 -51.71 94.00
CA LEU H 537 81.60 -52.75 93.76
C LEU H 537 82.84 -52.16 93.11
N LEU H 538 82.67 -51.39 92.03
CA LEU H 538 83.86 -50.81 91.41
C LEU H 538 84.50 -49.77 92.33
N ARG H 539 83.71 -49.08 93.15
CA ARG H 539 84.30 -48.17 94.13
C ARG H 539 85.23 -48.92 95.08
N PHE H 540 84.76 -50.04 95.62
CA PHE H 540 85.58 -50.80 96.55
C PHE H 540 86.82 -51.35 95.86
N MET H 541 86.66 -51.83 94.62
CA MET H 541 87.81 -52.38 93.90
C MET H 541 88.81 -51.29 93.52
N THR H 542 88.33 -50.09 93.19
CA THR H 542 89.22 -48.98 92.92
C THR H 542 89.94 -48.52 94.18
N HIS H 543 89.23 -48.49 95.31
CA HIS H 543 89.90 -48.21 96.57
C HIS H 543 90.93 -49.29 96.90
N LEU H 544 90.64 -50.53 96.50
CA LEU H 544 91.62 -51.61 96.65
C LEU H 544 92.87 -51.33 95.83
N LEU H 545 92.70 -50.89 94.58
CA LEU H 545 93.85 -50.54 93.76
C LEU H 545 94.62 -49.37 94.36
N LEU H 546 93.88 -48.38 94.88
CA LEU H 546 94.51 -47.27 95.59
C LEU H 546 95.32 -47.76 96.77
N PHE H 547 94.81 -48.75 97.49
CA PHE H 547 95.53 -49.32 98.62
C PHE H 547 96.80 -50.03 98.16
N PHE H 548 96.68 -50.80 97.06
CA PHE H 548 97.86 -51.40 96.45
C PHE H 548 98.94 -50.37 96.18
N ARG H 549 98.55 -49.28 95.54
CA ARG H 549 99.53 -48.28 95.12
C ARG H 549 100.08 -47.51 96.33
N THR H 550 99.23 -47.22 97.31
CA THR H 550 99.68 -46.52 98.51
C THR H 550 100.72 -47.35 99.25
N LEU H 551 100.49 -48.66 99.35
CA LEU H 551 101.52 -49.52 99.90
C LEU H 551 102.64 -49.81 98.92
N GLY H 552 102.49 -49.44 97.65
CA GLY H 552 103.46 -49.80 96.64
C GLY H 552 103.31 -51.21 96.10
N LEU H 553 102.19 -51.88 96.38
CA LEU H 553 102.02 -53.24 95.93
C LEU H 553 101.81 -53.29 94.42
N GLN H 554 102.17 -54.42 93.83
CA GLN H 554 102.09 -54.63 92.40
C GLN H 554 100.76 -55.25 92.03
N ALA H 555 100.17 -54.75 90.94
CA ALA H 555 98.92 -55.28 90.41
C ALA H 555 98.84 -54.97 88.93
N LYS H 556 98.08 -55.80 88.20
CA LYS H 556 97.87 -55.58 86.77
C LYS H 556 97.17 -54.26 86.50
N GLU H 557 97.89 -53.33 85.89
CA GLU H 557 97.30 -52.02 85.63
C GLU H 557 96.30 -52.09 84.49
N GLU H 558 96.37 -53.15 83.67
CA GLU H 558 95.32 -53.32 82.66
C GLU H 558 93.95 -53.47 83.30
N VAL H 559 93.81 -54.45 84.21
CA VAL H 559 92.54 -54.63 84.89
C VAL H 559 92.28 -53.46 85.85
N SER H 560 93.35 -52.86 86.38
CA SER H 560 93.18 -51.68 87.23
C SER H 560 92.47 -50.56 86.47
N VAL H 561 92.96 -50.24 85.28
CA VAL H 561 92.37 -49.14 84.52
C VAL H 561 91.02 -49.57 83.94
N GLU H 562 90.81 -50.86 83.72
CA GLU H 562 89.47 -51.32 83.34
C GLU H 562 88.46 -51.04 84.44
N VAL H 563 88.77 -51.44 85.68
CA VAL H 563 87.90 -51.15 86.81
C VAL H 563 87.71 -49.64 86.94
N LEU H 564 88.79 -48.89 86.82
CA LEU H 564 88.72 -47.44 87.00
C LEU H 564 87.86 -46.79 85.92
N LYS H 565 87.98 -47.26 84.67
CA LYS H 565 87.24 -46.62 83.59
C LYS H 565 85.76 -46.96 83.66
N THR H 566 85.43 -48.20 84.05
CA THR H 566 84.02 -48.55 84.22
C THR H 566 83.42 -47.82 85.41
N TYR H 567 84.20 -47.69 86.49
CA TYR H 567 83.77 -46.89 87.62
C TYR H 567 83.53 -45.45 87.22
N ILE H 568 84.41 -44.89 86.39
CA ILE H 568 84.22 -43.52 85.94
C ILE H 568 83.04 -43.43 84.99
N GLN H 569 82.75 -44.50 84.26
CA GLN H 569 81.56 -44.52 83.41
C GLN H 569 80.30 -44.36 84.24
N ARG H 570 80.15 -45.16 85.29
CA ARG H 570 79.02 -44.91 86.18
C ARG H 570 79.14 -43.55 86.88
N LEU H 571 80.31 -43.22 87.40
CA LEU H 571 80.57 -41.89 87.96
C LEU H 571 79.97 -40.81 87.08
N ILE H 572 80.11 -40.95 85.76
CA ILE H 572 79.40 -40.11 84.81
C ILE H 572 77.90 -40.34 84.93
N ASN H 573 77.47 -41.61 85.01
CA ASN H 573 76.04 -41.89 84.96
C ASN H 573 75.28 -41.18 86.09
N GLU H 574 75.86 -41.10 87.27
CA GLU H 574 75.27 -40.27 88.33
C GLU H 574 75.86 -38.87 88.45
N LYS H 575 76.79 -38.48 87.58
CA LYS H 575 77.11 -37.06 87.33
C LYS H 575 77.50 -36.29 88.60
N GLN H 576 78.71 -36.54 89.06
CA GLN H 576 79.39 -35.65 90.00
C GLN H 576 80.64 -35.03 89.38
N ILE H 577 80.41 -33.82 88.87
CA ILE H 577 81.43 -33.05 88.18
C ILE H 577 82.64 -32.82 89.08
N GLU H 578 82.38 -32.48 90.34
CA GLU H 578 83.45 -32.15 91.27
C GLU H 578 84.33 -33.36 91.58
N LEU H 579 83.88 -34.57 91.23
CA LEU H 579 84.65 -35.79 91.48
C LEU H 579 85.19 -36.44 90.21
N ILE H 580 84.69 -36.05 89.03
CA ILE H 580 85.22 -36.61 87.79
C ILE H 580 86.73 -36.34 87.68
N ALA H 581 87.15 -35.12 88.02
CA ALA H 581 88.49 -34.67 87.66
C ALA H 581 89.58 -35.45 88.37
N PHE H 582 89.42 -35.70 89.67
CA PHE H 582 90.46 -36.39 90.42
C PHE H 582 90.70 -37.78 89.85
N TYR H 583 89.62 -38.52 89.57
CA TYR H 583 89.77 -39.86 89.01
C TYR H 583 90.32 -39.83 87.59
N VAL H 584 89.88 -38.88 86.76
CA VAL H 584 90.40 -38.85 85.40
C VAL H 584 91.87 -38.48 85.41
N SER H 585 92.32 -37.73 86.41
CA SER H 585 93.74 -37.43 86.54
C SER H 585 94.57 -38.70 86.74
N HIS H 586 93.99 -39.74 87.33
CA HIS H 586 94.70 -40.98 87.59
C HIS H 586 94.88 -41.84 86.35
N LEU H 587 94.14 -41.57 85.29
CA LEU H 587 94.26 -42.31 84.05
C LEU H 587 95.54 -41.90 83.32
N PRO H 588 96.01 -42.72 82.38
CA PRO H 588 97.02 -42.22 81.44
C PRO H 588 96.50 -40.99 80.71
N GLN H 589 97.39 -40.01 80.54
CA GLN H 589 96.97 -38.67 80.20
C GLN H 589 96.21 -38.63 78.88
N GLU H 590 96.64 -39.42 77.91
CA GLU H 590 95.99 -39.39 76.60
C GLU H 590 94.54 -39.87 76.69
N LEU H 591 94.33 -41.06 77.25
CA LEU H 591 92.98 -41.56 77.40
C LEU H 591 92.19 -40.76 78.43
N ALA H 592 92.88 -40.24 79.45
CA ALA H 592 92.22 -39.38 80.43
C ALA H 592 91.59 -38.19 79.73
N ILE H 593 92.36 -37.48 78.91
CA ILE H 593 91.85 -36.32 78.19
C ILE H 593 90.79 -36.76 77.19
N SER H 594 90.98 -37.92 76.56
CA SER H 594 90.00 -38.39 75.58
C SER H 594 88.63 -38.55 76.20
N GLN H 595 88.54 -39.30 77.31
CA GLN H 595 87.23 -39.54 77.91
C GLN H 595 86.72 -38.30 78.65
N TYR H 596 87.62 -37.47 79.19
CA TYR H 596 87.16 -36.21 79.77
C TYR H 596 86.52 -35.32 78.72
N ALA H 597 87.11 -35.25 77.53
CA ALA H 597 86.55 -34.46 76.45
C ALA H 597 85.24 -35.06 75.97
N VAL H 598 85.18 -36.39 75.86
CA VAL H 598 83.92 -37.03 75.48
C VAL H 598 82.83 -36.70 76.48
N PHE H 599 83.19 -36.68 77.76
CA PHE H 599 82.28 -36.26 78.83
C PHE H 599 81.81 -34.82 78.63
N LEU H 600 82.75 -33.90 78.43
CA LEU H 600 82.38 -32.50 78.25
C LEU H 600 81.54 -32.29 77.00
N GLU H 601 81.72 -33.15 75.99
CA GLU H 601 80.85 -33.13 74.82
C GLU H 601 79.40 -33.37 75.19
N ASN H 602 79.15 -33.99 76.33
CA ASN H 602 77.81 -34.21 76.84
C ASN H 602 77.35 -33.11 77.78
N ILE H 603 78.14 -32.04 77.91
CA ILE H 603 77.83 -30.92 78.79
C ILE H 603 77.57 -29.69 77.93
N THR H 604 76.34 -29.18 78.00
CA THR H 604 75.89 -28.13 77.09
C THR H 604 75.43 -26.85 77.77
N ASP H 605 75.26 -26.85 79.09
CA ASP H 605 74.98 -25.60 79.77
C ASP H 605 76.26 -24.81 79.88
N PRO H 606 76.31 -23.59 79.33
CA PRO H 606 77.55 -22.81 79.41
C PRO H 606 78.05 -22.60 80.82
N ASP H 607 77.17 -22.31 81.79
CA ASP H 607 77.65 -22.09 83.14
C ASP H 607 78.28 -23.34 83.72
N GLN H 608 77.62 -24.49 83.58
CA GLN H 608 78.19 -25.70 84.15
C GLN H 608 79.48 -26.06 83.44
N ARG H 609 79.55 -25.87 82.12
CA ARG H 609 80.76 -26.25 81.41
C ARG H 609 81.91 -25.30 81.74
N GLN H 610 81.58 -24.03 82.02
CA GLN H 610 82.60 -23.10 82.51
C GLN H 610 83.14 -23.56 83.86
N ARG H 611 82.24 -23.99 84.75
CA ARG H 611 82.70 -24.55 86.02
C ARG H 611 83.54 -25.80 85.79
N CYS H 612 83.17 -26.60 84.78
CA CYS H 612 83.94 -27.77 84.42
C CYS H 612 85.36 -27.40 84.01
N LEU H 613 85.49 -26.35 83.20
CA LEU H 613 86.81 -25.94 82.76
C LEU H 613 87.62 -25.34 83.90
N GLU H 614 86.95 -24.64 84.83
CA GLU H 614 87.63 -24.14 86.02
C GLU H 614 88.17 -25.30 86.87
N LEU H 615 87.35 -26.32 87.07
CA LEU H 615 87.83 -27.47 87.82
C LEU H 615 88.93 -28.22 87.06
N ALA H 616 88.84 -28.23 85.73
CA ALA H 616 89.88 -28.88 84.93
C ALA H 616 91.21 -28.17 85.07
N LYS H 617 91.22 -26.84 85.04
CA LYS H 617 92.47 -26.12 85.24
C LYS H 617 92.94 -26.23 86.69
N GLU H 618 92.01 -26.32 87.64
CA GLU H 618 92.40 -26.52 89.04
C GLU H 618 93.10 -27.85 89.23
N ALA H 619 92.58 -28.91 88.61
CA ALA H 619 93.15 -30.25 88.73
C ALA H 619 94.28 -30.51 87.75
N GLY H 620 94.53 -29.60 86.81
CA GLY H 620 95.62 -29.75 85.88
C GLY H 620 95.23 -30.11 84.46
N LEU H 621 93.96 -30.43 84.21
CA LEU H 621 93.54 -30.78 82.86
C LEU H 621 93.62 -29.56 81.95
N ASP H 622 94.29 -29.71 80.81
CA ASP H 622 94.49 -28.59 79.91
C ASP H 622 93.23 -28.33 79.09
N VAL H 623 92.49 -27.30 79.48
CA VAL H 623 91.20 -26.99 78.88
C VAL H 623 91.35 -26.73 77.39
N ALA H 624 92.49 -26.18 76.97
CA ALA H 624 92.69 -25.89 75.56
C ALA H 624 92.64 -27.17 74.72
N SER H 625 93.44 -28.17 75.08
CA SER H 625 93.44 -29.42 74.33
C SER H 625 92.12 -30.15 74.52
N ILE H 626 91.51 -30.00 75.69
CA ILE H 626 90.19 -30.60 75.90
C ILE H 626 89.21 -30.08 74.86
N THR H 627 89.15 -28.75 74.71
CA THR H 627 88.25 -28.15 73.73
C THR H 627 88.64 -28.55 72.31
N LYS H 628 89.94 -28.60 72.03
CA LYS H 628 90.39 -29.13 70.74
C LYS H 628 89.78 -30.47 70.45
N THR H 629 90.12 -31.48 71.24
CA THR H 629 89.63 -32.83 70.96
C THR H 629 88.12 -32.88 70.92
N VAL H 630 87.43 -32.10 71.76
CA VAL H 630 85.98 -32.00 71.66
C VAL H 630 85.58 -31.59 70.26
N VAL H 631 86.22 -30.54 69.73
CA VAL H 631 85.81 -30.00 68.44
C VAL H 631 86.14 -30.97 67.31
N GLU H 632 87.35 -31.56 67.34
CA GLU H 632 87.69 -32.43 66.21
C GLU H 632 86.97 -33.77 66.28
N ASN H 633 86.55 -34.22 67.46
CA ASN H 633 85.66 -35.37 67.51
C ASN H 633 84.28 -35.02 66.99
N THR H 634 83.79 -33.83 67.35
CA THR H 634 82.54 -33.32 66.79
C THR H 634 82.62 -33.30 65.27
N ARG H 635 83.78 -32.94 64.72
CA ARG H 635 83.94 -32.95 63.28
C ARG H 635 84.03 -34.37 62.72
N LYS H 636 84.84 -35.23 63.32
CA LYS H 636 85.16 -36.53 62.74
C LYS H 636 84.07 -37.57 62.95
N LYS H 637 83.05 -37.28 63.75
CA LYS H 637 81.96 -38.24 63.90
C LYS H 637 81.25 -38.50 62.58
N ASP H 638 81.42 -37.61 61.60
CA ASP H 638 81.05 -37.88 60.22
C ASP H 638 82.13 -37.35 59.29
N ALA H 639 81.94 -37.59 57.99
CA ALA H 639 82.86 -37.10 56.98
C ALA H 639 82.58 -35.64 56.64
N GLY H 640 83.25 -35.12 55.61
CA GLY H 640 83.10 -33.73 55.23
C GLY H 640 81.89 -33.51 54.32
N GLU H 641 81.70 -32.23 53.97
CA GLU H 641 80.60 -31.81 53.11
C GLU H 641 81.14 -30.92 52.01
N PHE H 642 80.83 -31.28 50.76
CA PHE H 642 81.20 -30.45 49.61
C PHE H 642 80.33 -30.81 48.43
N ALA H 643 80.29 -29.91 47.45
CA ALA H 643 79.56 -30.14 46.20
C ALA H 643 80.32 -29.48 45.06
N HIS H 644 80.43 -30.20 43.95
CA HIS H 644 81.14 -29.71 42.77
C HIS H 644 80.70 -30.56 41.57
N HIS H 645 81.33 -30.33 40.42
CA HIS H 645 81.08 -31.14 39.23
C HIS H 645 82.23 -32.09 38.92
N ASP H 646 83.46 -31.73 39.27
CA ASP H 646 84.60 -32.62 39.15
C ASP H 646 84.79 -33.52 40.36
N PHE H 647 84.13 -33.23 41.48
CA PHE H 647 84.18 -34.03 42.70
C PHE H 647 82.78 -34.18 43.26
N ALA H 648 81.83 -34.46 42.38
CA ALA H 648 80.42 -34.49 42.77
C ALA H 648 80.14 -35.68 43.67
N PRO H 649 79.61 -35.48 44.88
CA PRO H 649 79.20 -36.60 45.70
C PRO H 649 77.96 -37.29 45.14
N ALA H 650 77.90 -38.60 45.36
CA ALA H 650 76.78 -39.41 44.90
C ALA H 650 75.70 -39.60 45.95
N LEU H 651 75.88 -39.02 47.14
CA LEU H 651 74.93 -39.17 48.24
C LEU H 651 74.46 -37.79 48.67
N ASP H 652 73.25 -37.42 48.26
CA ASP H 652 72.67 -36.16 48.69
C ASP H 652 72.23 -36.23 50.15
N SER H 653 72.43 -35.12 50.87
CA SER H 653 72.06 -35.06 52.28
C SER H 653 71.86 -33.61 52.67
N GLY H 654 70.84 -33.37 53.49
CA GLY H 654 70.51 -32.04 53.96
C GLY H 654 71.09 -31.76 55.34
N THR H 655 70.53 -30.73 55.98
CA THR H 655 70.96 -30.34 57.31
C THR H 655 70.57 -31.40 58.34
N SER H 656 71.47 -31.67 59.27
CA SER H 656 71.27 -32.66 60.32
C SER H 656 71.46 -32.02 61.68
N GLU H 657 70.98 -32.71 62.72
CA GLU H 657 71.19 -32.25 64.09
C GLU H 657 72.68 -32.23 64.43
N GLU H 658 73.46 -33.14 63.83
CA GLU H 658 74.91 -33.11 64.00
C GLU H 658 75.48 -31.80 63.49
N ASP H 659 74.88 -31.23 62.45
CA ASP H 659 75.31 -29.92 61.97
C ASP H 659 75.10 -28.85 63.03
N ARG H 660 73.95 -28.88 63.71
CA ARG H 660 73.71 -27.94 64.80
C ARG H 660 74.70 -28.16 65.94
N ALA H 661 75.01 -29.42 66.24
CA ALA H 661 76.00 -29.71 67.27
C ALA H 661 77.36 -29.14 66.89
N LYS H 662 77.74 -29.27 65.62
CA LYS H 662 78.99 -28.66 65.15
C LYS H 662 78.93 -27.15 65.24
N ILE H 663 77.77 -26.56 64.98
CA ILE H 663 77.60 -25.12 65.16
C ILE H 663 77.87 -24.73 66.60
N ASP H 664 77.37 -25.53 67.53
CA ASP H 664 77.43 -25.16 68.94
C ASP H 664 78.75 -25.50 69.61
N VAL H 665 79.53 -26.44 69.04
CA VAL H 665 80.75 -26.88 69.69
C VAL H 665 81.82 -25.78 69.75
N ILE H 666 81.62 -24.69 69.01
CA ILE H 666 82.67 -23.69 68.86
C ILE H 666 82.95 -22.95 70.16
N ASP H 667 81.91 -22.71 70.97
CA ASP H 667 82.07 -21.88 72.17
C ASP H 667 83.13 -22.44 73.11
N TRP H 668 83.37 -23.75 73.04
CA TRP H 668 84.46 -24.36 73.80
C TRP H 668 85.76 -23.61 73.55
N LEU H 669 86.03 -23.29 72.29
CA LEU H 669 87.22 -22.56 71.90
C LEU H 669 87.13 -21.08 72.19
N VAL H 670 85.92 -20.50 72.11
CA VAL H 670 85.72 -19.10 72.44
C VAL H 670 86.07 -18.79 73.88
N PHE H 671 85.82 -19.74 74.80
CA PHE H 671 85.91 -19.45 76.22
C PHE H 671 87.33 -19.04 76.65
N ASP H 672 88.36 -19.45 75.89
CA ASP H 672 89.66 -19.41 76.55
C ASP H 672 90.56 -18.29 76.05
N PRO H 673 91.44 -17.77 76.92
CA PRO H 673 92.27 -16.60 76.55
C PRO H 673 93.13 -16.77 75.31
N ALA H 674 93.76 -17.92 75.12
CA ALA H 674 94.72 -18.03 74.02
C ALA H 674 94.13 -18.69 72.77
N GLN H 675 92.84 -19.01 72.76
CA GLN H 675 92.31 -19.99 71.83
C GLN H 675 91.44 -19.36 70.73
N ARG H 676 91.32 -18.04 70.67
CA ARG H 676 90.62 -17.42 69.54
C ARG H 676 91.28 -17.70 68.19
N ALA H 677 92.60 -17.80 68.14
CA ALA H 677 93.24 -18.12 66.86
C ALA H 677 92.79 -19.49 66.36
N GLU H 678 92.82 -20.48 67.25
CA GLU H 678 92.39 -21.82 66.88
C GLU H 678 90.89 -21.86 66.59
N ALA H 679 90.11 -21.05 67.33
CA ALA H 679 88.67 -20.98 67.08
C ALA H 679 88.39 -20.43 65.69
N LEU H 680 89.13 -19.39 65.28
CA LEU H 680 89.01 -18.88 63.93
C LEU H 680 89.35 -19.95 62.92
N LYS H 681 90.44 -20.68 63.17
CA LYS H 681 90.85 -21.73 62.24
C LYS H 681 89.75 -22.77 62.07
N GLN H 682 89.18 -23.23 63.19
CA GLN H 682 88.11 -24.23 63.12
C GLN H 682 86.86 -23.68 62.45
N SER H 683 86.49 -22.45 62.80
CA SER H 683 85.31 -21.83 62.22
C SER H 683 85.43 -21.74 60.71
N ASN H 684 86.62 -21.37 60.21
CA ASN H 684 86.82 -21.30 58.76
C ASN H 684 86.86 -22.70 58.13
N ALA H 685 87.50 -23.65 58.81
CA ALA H 685 87.64 -24.98 58.26
C ALA H 685 86.30 -25.70 58.19
N ILE H 686 85.30 -25.19 58.90
CA ILE H 686 83.95 -25.74 58.75
C ILE H 686 83.10 -24.82 57.88
N MET H 687 83.43 -23.53 57.86
CA MET H 687 82.83 -22.59 56.91
C MET H 687 82.95 -23.13 55.50
N ARG H 688 84.11 -23.67 55.17
CA ARG H 688 84.34 -24.19 53.83
C ARG H 688 83.37 -25.33 53.54
N LYS H 689 83.10 -26.18 54.53
CA LYS H 689 82.14 -27.26 54.34
C LYS H 689 80.75 -26.71 54.11
N PHE H 690 80.33 -25.71 54.89
CA PHE H 690 79.01 -25.14 54.66
C PHE H 690 78.88 -24.52 53.28
N LEU H 691 79.89 -23.75 52.85
CA LEU H 691 79.82 -23.13 51.53
C LEU H 691 79.82 -24.17 50.42
N ALA H 692 80.68 -25.19 50.54
CA ALA H 692 80.77 -26.20 49.49
C ALA H 692 79.51 -27.05 49.41
N SER H 693 78.94 -27.44 50.55
CA SER H 693 77.67 -28.13 50.59
C SER H 693 76.49 -27.19 50.44
N LYS H 694 76.75 -25.90 50.22
CA LYS H 694 75.71 -24.89 50.00
C LYS H 694 74.80 -24.76 51.21
N LYS H 695 75.41 -24.51 52.37
CA LYS H 695 74.68 -24.06 53.55
C LYS H 695 75.24 -22.70 53.95
N HIS H 696 74.80 -21.68 53.21
CA HIS H 696 75.33 -20.34 53.40
C HIS H 696 74.57 -19.63 54.51
N GLU H 697 73.32 -20.01 54.73
CA GLU H 697 72.60 -19.54 55.90
C GLU H 697 73.29 -19.98 57.18
N ALA H 698 73.72 -21.23 57.24
CA ALA H 698 74.45 -21.72 58.41
C ALA H 698 75.82 -21.06 58.51
N ALA H 699 76.48 -20.86 57.37
CA ALA H 699 77.74 -20.13 57.37
C ALA H 699 77.55 -18.73 57.98
N LYS H 700 76.52 -18.01 57.54
CA LYS H 700 76.29 -16.66 58.04
C LYS H 700 75.94 -16.68 59.53
N GLU H 701 75.16 -17.67 59.97
CA GLU H 701 74.78 -17.71 61.38
C GLU H 701 75.99 -17.98 62.26
N VAL H 702 76.86 -18.91 61.85
CA VAL H 702 78.06 -19.16 62.63
C VAL H 702 78.96 -17.94 62.61
N PHE H 703 78.99 -17.23 61.49
CA PHE H 703 79.70 -15.95 61.42
C PHE H 703 79.17 -14.98 62.46
N ALA H 704 77.85 -14.77 62.50
CA ALA H 704 77.25 -13.87 63.47
C ALA H 704 77.54 -14.32 64.90
N LYS H 705 77.67 -15.62 65.11
CA LYS H 705 78.07 -16.12 66.42
C LYS H 705 79.46 -15.63 66.82
N ILE H 706 80.36 -15.49 65.84
CA ILE H 706 81.75 -15.10 66.10
C ILE H 706 81.80 -13.66 66.59
N PRO H 707 82.50 -13.39 67.69
CA PRO H 707 82.60 -12.00 68.18
C PRO H 707 83.52 -11.17 67.31
N GLN H 708 83.46 -9.85 67.53
CA GLN H 708 84.13 -8.89 66.66
C GLN H 708 85.53 -8.52 67.11
N ASP H 709 85.95 -8.91 68.32
CA ASP H 709 87.27 -8.55 68.81
C ASP H 709 88.30 -9.66 68.59
N SER H 710 87.92 -10.74 67.91
CA SER H 710 88.77 -11.93 67.83
C SER H 710 90.07 -11.65 67.09
N ILE H 711 90.00 -10.98 65.94
CA ILE H 711 91.19 -10.81 65.10
C ILE H 711 92.18 -9.86 65.75
N ALA H 712 91.68 -8.74 66.28
CA ALA H 712 92.54 -7.84 67.02
C ALA H 712 93.15 -8.53 68.23
N GLU H 713 92.38 -9.41 68.88
CA GLU H 713 92.93 -10.17 70.00
C GLU H 713 94.03 -11.12 69.53
N ILE H 714 93.87 -11.71 68.34
CA ILE H 714 94.89 -12.60 67.80
C ILE H 714 96.18 -11.83 67.54
N TYR H 715 96.04 -10.64 66.93
CA TYR H 715 97.22 -9.80 66.70
C TYR H 715 97.87 -9.43 68.02
N SER H 716 97.06 -9.09 69.03
CA SER H 716 97.60 -8.80 70.35
C SER H 716 98.34 -10.00 70.92
N GLN H 717 97.78 -11.20 70.74
CA GLN H 717 98.41 -12.41 71.26
C GLN H 717 99.77 -12.64 70.61
N TRP H 718 99.85 -12.50 69.28
CA TRP H 718 101.16 -12.65 68.63
C TRP H 718 102.12 -11.55 69.07
N GLU H 719 101.58 -10.39 69.47
CA GLU H 719 102.44 -9.37 70.05
C GLU H 719 102.99 -9.79 71.41
N GLU H 720 102.12 -10.16 72.35
CA GLU H 720 102.60 -10.44 73.70
C GLU H 720 103.39 -11.74 73.76
N GLN H 721 103.26 -12.58 72.75
CA GLN H 721 104.08 -13.80 72.84
C GLN H 721 105.56 -13.56 72.47
N ALA H 722 105.89 -12.28 72.31
CA ALA H 722 107.28 -11.80 72.37
C ALA H 722 108.11 -12.28 71.18
N MET H 723 107.47 -12.47 70.03
CA MET H 723 108.19 -12.64 68.78
C MET H 723 107.27 -12.28 67.63
N ASP H 724 107.80 -11.46 66.71
CA ASP H 724 107.04 -11.05 65.54
C ASP H 724 107.49 -11.79 64.30
N SER H 725 108.01 -13.01 64.43
CA SER H 725 108.46 -13.76 63.29
C SER H 725 107.27 -14.15 62.42
N ALA H 726 107.56 -14.87 61.34
CA ALA H 726 106.53 -15.28 60.40
C ALA H 726 105.42 -16.03 61.11
N LEU H 727 104.24 -15.42 61.18
CA LEU H 727 103.08 -16.12 61.70
C LEU H 727 102.80 -17.33 60.85
N PRO H 728 102.40 -18.44 61.46
CA PRO H 728 102.22 -19.69 60.72
C PRO H 728 101.32 -19.56 59.50
N ALA H 729 101.56 -20.44 58.53
CA ALA H 729 100.82 -20.40 57.26
C ALA H 729 99.33 -20.60 57.48
N GLU H 730 98.96 -21.50 58.39
CA GLU H 730 97.54 -21.69 58.70
C GLU H 730 96.93 -20.41 59.26
N ASP H 731 97.67 -19.70 60.12
CA ASP H 731 97.17 -18.45 60.68
C ASP H 731 96.95 -17.41 59.57
N ASP H 732 97.95 -17.25 58.70
CA ASP H 732 97.83 -16.26 57.64
C ASP H 732 96.68 -16.59 56.69
N ASN H 733 96.55 -17.86 56.33
CA ASN H 733 95.47 -18.29 55.44
C ASN H 733 94.12 -18.09 56.10
N ALA H 734 94.01 -18.39 57.40
CA ALA H 734 92.76 -18.18 58.10
C ALA H 734 92.38 -16.71 58.11
N ILE H 735 93.34 -15.82 58.34
CA ILE H 735 93.05 -14.39 58.36
C ILE H 735 92.58 -13.94 56.98
N ARG H 736 93.30 -14.36 55.93
CA ARG H 736 92.92 -13.97 54.57
C ARG H 736 91.54 -14.46 54.20
N GLU H 737 91.28 -15.76 54.44
CA GLU H 737 89.97 -16.32 54.12
C GLU H 737 88.87 -15.65 54.93
N HIS H 738 89.17 -15.32 56.20
CA HIS H 738 88.20 -14.64 57.03
C HIS H 738 87.81 -13.29 56.45
N LEU H 739 88.78 -12.47 56.07
CA LEU H 739 88.44 -11.18 55.49
C LEU H 739 87.70 -11.34 54.17
N CYS H 740 88.14 -12.29 53.35
CA CYS H 740 87.48 -12.51 52.06
C CYS H 740 86.02 -12.88 52.25
N ILE H 741 85.74 -13.80 53.19
CA ILE H 741 84.37 -14.24 53.41
C ILE H 741 83.57 -13.15 54.11
N ARG H 742 84.23 -12.32 54.93
CA ARG H 742 83.56 -11.16 55.51
C ARG H 742 83.01 -10.26 54.41
N ALA H 743 83.88 -9.91 53.45
CA ALA H 743 83.43 -9.11 52.32
C ALA H 743 82.35 -9.83 51.53
N TYR H 744 82.52 -11.14 51.34
CA TYR H 744 81.55 -11.94 50.60
C TYR H 744 80.17 -11.85 51.22
N LEU H 745 80.09 -12.01 52.55
CA LEU H 745 78.81 -12.00 53.24
C LEU H 745 78.19 -10.61 53.23
N GLU H 746 78.99 -9.58 53.49
CA GLU H 746 78.44 -8.23 53.45
C GLU H 746 77.92 -7.90 52.06
N SER H 747 78.64 -8.35 51.02
CA SER H 747 78.20 -8.16 49.65
C SER H 747 76.88 -8.88 49.38
N HIS H 748 76.74 -10.11 49.88
CA HIS H 748 75.48 -10.83 49.67
C HIS H 748 74.32 -10.14 50.37
N GLU H 749 74.56 -9.64 51.60
CA GLU H 749 73.52 -8.89 52.30
C GLU H 749 73.09 -7.66 51.49
N ALA H 750 74.08 -6.90 51.01
CA ALA H 750 73.77 -5.72 50.21
C ALA H 750 73.03 -6.09 48.94
N PHE H 751 73.42 -7.21 48.30
CA PHE H 751 72.74 -7.64 47.09
C PHE H 751 71.29 -7.99 47.37
N ASN H 752 71.03 -8.66 48.48
CA ASN H 752 69.65 -9.00 48.81
C ASN H 752 68.82 -7.75 49.04
N GLU H 753 69.36 -6.79 49.79
CA GLU H 753 68.64 -5.54 50.02
C GLU H 753 68.36 -4.82 48.70
N TRP H 754 69.40 -4.71 47.86
CA TRP H 754 69.25 -4.05 46.57
C TRP H 754 68.25 -4.76 45.69
N PHE H 755 68.29 -6.09 45.68
CA PHE H 755 67.40 -6.85 44.81
C PHE H 755 65.96 -6.70 45.25
N LYS H 756 65.70 -6.74 46.56
CA LYS H 756 64.33 -6.52 47.01
C LYS H 756 63.88 -5.12 46.66
N HIS H 757 64.77 -4.14 46.80
CA HIS H 757 64.39 -2.76 46.51
C HIS H 757 64.08 -2.56 45.04
N ILE H 758 64.90 -3.15 44.16
CA ILE H 758 64.67 -2.98 42.73
C ILE H 758 63.43 -3.75 42.29
N ASN H 759 63.25 -4.98 42.79
CA ASN H 759 62.06 -5.74 42.49
C ASN H 759 60.81 -5.08 43.04
N SER H 760 60.94 -4.21 44.04
CA SER H 760 59.85 -3.34 44.42
C SER H 760 59.50 -2.44 43.24
N PRO H 761 58.26 -2.46 42.77
CA PRO H 761 57.90 -1.62 41.61
C PRO H 761 58.06 -0.15 41.94
N PRO H 762 58.35 0.67 40.93
CA PRO H 762 58.56 2.11 41.18
C PRO H 762 57.26 2.79 41.60
N GLN H 763 57.40 4.00 42.15
CA GLN H 763 56.25 4.77 42.58
C GLN H 763 55.38 5.14 41.39
N LYS H 764 54.09 5.27 41.65
CA LYS H 764 53.20 5.50 40.52
C LYS H 764 52.62 6.92 40.59
N PRO H 765 52.58 7.65 39.48
CA PRO H 765 51.99 9.00 39.50
C PRO H 765 50.52 9.02 39.84
N THR H 766 49.81 7.94 39.52
CA THR H 766 48.40 7.77 39.86
C THR H 766 47.50 8.83 39.25
N LEU H 767 47.32 8.77 37.92
CA LEU H 767 46.34 9.64 37.26
C LEU H 767 45.46 8.80 36.35
N VAL H 768 44.16 9.05 36.39
CA VAL H 768 43.19 8.48 35.47
C VAL H 768 42.37 9.64 34.93
N GLY H 769 42.19 9.68 33.61
CA GLY H 769 41.63 10.85 32.93
C GLY H 769 40.46 11.49 33.62
N GLN H 770 40.65 12.73 34.05
CA GLN H 770 39.65 13.40 34.87
C GLN H 770 38.50 13.92 34.00
N ALA H 771 37.32 14.02 34.61
CA ALA H 771 36.18 14.65 33.98
C ALA H 771 35.73 15.91 34.68
N SER H 772 36.33 16.26 35.82
CA SER H 772 35.94 17.44 36.58
C SER H 772 37.18 18.15 37.09
N PHE H 773 37.06 19.47 37.26
CA PHE H 773 38.22 20.28 37.66
C PHE H 773 38.76 19.82 39.00
N THR H 774 37.86 19.53 39.94
CA THR H 774 38.28 19.00 41.23
C THR H 774 39.09 17.73 41.05
N GLU H 775 38.77 16.92 40.04
CA GLU H 775 39.55 15.73 39.76
C GLU H 775 40.96 16.09 39.31
N LYS H 776 41.10 17.13 38.49
CA LYS H 776 42.43 17.61 38.13
C LYS H 776 43.19 18.07 39.37
N VAL H 777 42.50 18.75 40.29
CA VAL H 777 43.14 19.24 41.50
C VAL H 777 43.60 18.08 42.38
N ALA H 778 42.75 17.07 42.51
CA ALA H 778 43.16 15.88 43.26
C ALA H 778 44.34 15.20 42.60
N HIS H 779 44.36 15.19 41.27
CA HIS H 779 45.54 14.69 40.56
C HIS H 779 46.76 15.51 40.92
N GLU H 780 46.59 16.82 41.03
CA GLU H 780 47.66 17.71 41.44
C GLU H 780 48.23 17.28 42.78
N HIS H 781 47.33 17.02 43.73
CA HIS H 781 47.75 16.50 45.04
C HIS H 781 48.52 15.21 44.88
N LYS H 782 47.97 14.27 44.11
CA LYS H 782 48.58 12.97 43.94
C LYS H 782 49.97 13.08 43.35
N GLU H 783 50.16 14.03 42.45
CA GLU H 783 51.47 14.17 41.82
C GLU H 783 52.45 14.84 42.76
N LYS H 784 51.97 15.74 43.62
CA LYS H 784 52.83 16.24 44.70
C LYS H 784 53.37 15.08 45.53
N LYS H 785 52.46 14.23 46.00
CA LYS H 785 52.86 13.10 46.82
C LYS H 785 53.78 12.16 46.05
N TYR H 786 53.44 11.92 44.78
CA TYR H 786 54.22 10.99 43.97
C TYR H 786 55.61 11.54 43.69
N GLU H 787 55.73 12.84 43.48
CA GLU H 787 57.03 13.38 43.16
C GLU H 787 57.96 13.33 44.38
N MET H 788 57.46 13.70 45.56
CA MET H 788 58.24 13.42 46.77
C MET H 788 58.57 11.94 46.96
N ASP H 789 57.57 11.07 46.91
CA ASP H 789 57.82 9.69 47.28
C ASP H 789 58.76 9.03 46.28
N PHE H 790 58.56 9.28 44.98
CA PHE H 790 59.44 8.73 43.97
C PHE H 790 60.84 9.30 44.12
N GLY H 791 60.98 10.60 44.39
CA GLY H 791 62.31 11.17 44.53
C GLY H 791 63.07 10.55 45.69
N ILE H 792 62.44 10.43 46.85
CA ILE H 792 63.13 9.90 48.02
C ILE H 792 63.45 8.41 47.81
N TRP H 793 62.47 7.66 47.32
CA TRP H 793 62.68 6.23 47.08
C TRP H 793 63.77 6.01 46.05
N LYS H 794 63.78 6.82 44.98
CA LYS H 794 64.79 6.68 43.95
C LYS H 794 66.16 7.06 44.46
N GLY H 795 66.25 8.08 45.30
CA GLY H 795 67.53 8.46 45.87
C GLY H 795 68.11 7.35 46.73
N HIS H 796 67.29 6.77 47.60
CA HIS H 796 67.76 5.64 48.41
C HIS H 796 68.10 4.44 47.52
N LEU H 797 67.28 4.17 46.50
CA LEU H 797 67.55 3.10 45.56
C LEU H 797 68.91 3.27 44.90
N ASP H 798 69.21 4.48 44.42
CA ASP H 798 70.45 4.72 43.71
C ASP H 798 71.64 4.65 44.64
N ALA H 799 71.48 5.16 45.87
CA ALA H 799 72.53 4.98 46.87
C ALA H 799 72.82 3.51 47.09
N LEU H 800 71.76 2.70 47.23
CA LEU H 800 71.95 1.27 47.44
C LEU H 800 72.66 0.62 46.27
N THR H 801 72.22 0.91 45.03
CA THR H 801 72.80 0.23 43.88
C THR H 801 74.25 0.64 43.66
N SER H 802 74.56 1.93 43.88
CA SER H 802 75.93 2.39 43.75
C SER H 802 76.82 1.71 44.80
N ASP H 803 76.36 1.65 46.05
CA ASP H 803 77.16 1.03 47.09
C ASP H 803 77.34 -0.46 46.84
N VAL H 804 76.30 -1.10 46.29
CA VAL H 804 76.38 -2.52 45.95
C VAL H 804 77.47 -2.74 44.91
N LYS H 805 77.47 -1.93 43.86
CA LYS H 805 78.53 -2.03 42.87
C LYS H 805 79.90 -1.81 43.52
N GLU H 806 79.99 -0.80 44.38
CA GLU H 806 81.25 -0.52 45.07
C GLU H 806 81.76 -1.74 45.80
N LYS H 807 80.90 -2.38 46.58
CA LYS H 807 81.32 -3.54 47.36
C LYS H 807 81.73 -4.69 46.46
N ILE H 808 80.97 -4.94 45.38
CA ILE H 808 81.32 -6.05 44.51
C ILE H 808 82.68 -5.83 43.86
N TYR H 809 82.93 -4.62 43.36
CA TYR H 809 84.22 -4.36 42.74
C TYR H 809 85.35 -4.41 43.76
N ASN H 810 85.13 -3.93 44.98
CA ASN H 810 86.18 -4.04 45.98
C ASN H 810 86.47 -5.49 46.33
N VAL H 811 85.44 -6.34 46.34
CA VAL H 811 85.66 -7.76 46.54
C VAL H 811 86.49 -8.34 45.41
N LEU H 812 86.16 -7.97 44.17
CA LEU H 812 86.90 -8.48 43.03
C LEU H 812 88.36 -8.04 43.04
N LEU H 813 88.62 -6.79 43.43
CA LEU H 813 89.94 -6.21 43.29
C LEU H 813 90.46 -5.60 44.59
N PHE H 814 90.30 -6.30 45.71
CA PHE H 814 90.80 -5.79 46.98
C PHE H 814 92.29 -6.08 47.08
N VAL H 815 92.95 -5.46 48.07
CA VAL H 815 94.40 -5.45 48.12
C VAL H 815 94.96 -6.86 48.28
N ASP H 816 96.21 -7.05 47.86
CA ASP H 816 96.95 -8.30 47.90
C ASP H 816 96.33 -9.39 47.03
N GLY H 817 95.29 -9.08 46.26
CA GLY H 817 94.88 -9.91 45.14
C GLY H 817 93.95 -11.07 45.39
N GLY H 818 92.85 -11.12 44.64
CA GLY H 818 92.01 -12.30 44.52
C GLY H 818 91.15 -12.65 45.72
N TRP H 819 90.05 -13.35 45.47
CA TRP H 819 89.18 -13.90 46.50
C TRP H 819 89.50 -15.39 46.64
N MET H 820 89.68 -15.83 47.89
CA MET H 820 90.22 -17.16 48.16
C MET H 820 91.55 -17.34 47.44
N VAL H 821 92.25 -16.25 47.23
CA VAL H 821 93.63 -16.25 46.75
C VAL H 821 94.47 -15.69 47.89
N ASP H 822 94.90 -16.57 48.80
CA ASP H 822 95.60 -16.16 49.99
C ASP H 822 97.04 -15.76 49.67
N VAL H 823 97.68 -15.11 50.63
CA VAL H 823 99.01 -14.53 50.43
C VAL H 823 100.07 -15.27 51.24
N ARG H 824 99.81 -16.55 51.54
CA ARG H 824 100.76 -17.35 52.31
C ARG H 824 100.57 -18.82 51.99
N GLU H 825 101.58 -19.44 51.40
CA GLU H 825 101.51 -20.85 51.07
C GLU H 825 101.64 -21.71 52.33
N ASP H 826 100.97 -22.86 52.31
CA ASP H 826 100.97 -23.77 53.44
C ASP H 826 102.28 -24.54 53.46
N THR H 827 103.17 -24.18 54.38
CA THR H 827 104.35 -24.98 54.67
C THR H 827 103.98 -26.32 55.31
N GLU H 828 102.75 -26.44 55.81
CA GLU H 828 102.22 -27.67 56.35
C GLU H 828 101.51 -28.52 55.30
N GLU H 829 101.09 -27.91 54.19
CA GLU H 829 100.60 -28.63 53.02
C GLU H 829 99.42 -29.53 53.31
N ASP H 830 98.27 -28.94 53.65
CA ASP H 830 97.05 -29.71 53.89
C ASP H 830 96.30 -29.92 52.58
N PRO H 831 96.21 -31.16 52.09
CA PRO H 831 95.43 -31.39 50.86
C PRO H 831 93.96 -31.01 50.98
N GLU H 832 93.36 -31.22 52.15
CA GLU H 832 91.94 -30.93 52.32
C GLU H 832 91.66 -29.44 52.12
N ARG H 833 92.41 -28.59 52.82
CA ARG H 833 92.18 -27.16 52.71
C ARG H 833 92.41 -26.68 51.29
N SER H 834 93.46 -27.17 50.65
CA SER H 834 93.75 -26.75 49.27
C SER H 834 92.64 -27.19 48.32
N HIS H 835 92.19 -28.43 48.44
CA HIS H 835 91.15 -28.93 47.55
C HIS H 835 89.85 -28.15 47.74
N GLN H 836 89.42 -28.01 49.00
CA GLN H 836 88.23 -27.22 49.29
C GLN H 836 88.39 -25.78 48.84
N MET H 837 89.62 -25.28 48.90
CA MET H 837 89.91 -23.87 48.65
C MET H 837 89.74 -23.57 47.16
N VAL H 838 90.35 -24.40 46.32
CA VAL H 838 90.19 -24.29 44.88
C VAL H 838 88.73 -24.54 44.49
N LEU H 839 88.08 -25.50 45.16
CA LEU H 839 86.70 -25.81 44.86
C LEU H 839 85.80 -24.61 45.13
N LEU H 840 86.01 -23.93 46.25
CA LEU H 840 85.22 -22.76 46.58
C LEU H 840 85.47 -21.62 45.62
N ARG H 841 86.72 -21.41 45.22
CA ARG H 841 86.98 -20.43 44.16
C ARG H 841 86.18 -20.75 42.91
N ARG H 842 86.42 -21.92 42.31
CA ARG H 842 85.81 -22.25 41.04
C ARG H 842 84.29 -22.32 41.13
N LEU H 843 83.75 -22.50 42.33
CA LEU H 843 82.30 -22.44 42.50
C LEU H 843 81.81 -21.01 42.56
N CYS H 844 82.24 -20.26 43.59
CA CYS H 844 81.64 -18.98 43.91
C CYS H 844 81.97 -17.89 42.89
N LEU H 845 83.15 -17.93 42.28
CA LEU H 845 83.54 -16.84 41.40
C LEU H 845 82.59 -16.62 40.23
N PRO H 846 82.23 -17.65 39.45
CA PRO H 846 81.30 -17.41 38.33
C PRO H 846 79.95 -16.86 38.77
N MET H 847 79.47 -17.29 39.93
CA MET H 847 78.14 -16.88 40.39
C MET H 847 78.10 -15.39 40.69
N MET H 848 79.04 -14.91 41.50
CA MET H 848 79.11 -13.48 41.79
C MET H 848 79.42 -12.68 40.52
N CYS H 849 80.22 -13.26 39.63
CA CYS H 849 80.46 -12.62 38.34
C CYS H 849 79.16 -12.37 37.60
N PHE H 850 78.32 -13.40 37.49
CA PHE H 850 77.05 -13.25 36.80
C PHE H 850 76.14 -12.26 37.54
N LEU H 851 76.21 -12.24 38.88
CA LEU H 851 75.38 -11.29 39.62
C LEU H 851 75.78 -9.86 39.30
N LEU H 852 77.07 -9.55 39.32
CA LEU H 852 77.49 -8.19 39.00
C LEU H 852 77.20 -7.86 37.54
N HIS H 853 77.35 -8.84 36.65
CA HIS H 853 76.96 -8.63 35.25
C HIS H 853 75.51 -8.24 35.16
N THR H 854 74.64 -8.92 35.94
CA THR H 854 73.23 -8.57 35.95
C THR H 854 72.99 -7.19 36.54
N VAL H 855 73.75 -6.83 37.58
CA VAL H 855 73.61 -5.52 38.19
C VAL H 855 73.85 -4.43 37.16
N LEU H 856 74.96 -4.54 36.41
CA LEU H 856 75.26 -3.52 35.42
C LEU H 856 74.35 -3.67 34.20
N HIS H 857 73.90 -4.90 33.93
CA HIS H 857 72.95 -5.15 32.87
C HIS H 857 71.67 -4.36 33.09
N ASN H 858 71.18 -4.36 34.32
CA ASN H 858 69.96 -3.64 34.67
C ASN H 858 70.21 -2.15 34.87
N THR H 859 71.37 -1.75 35.39
CA THR H 859 71.69 -0.33 35.51
C THR H 859 72.20 0.26 34.21
N LYS H 860 72.11 -0.51 33.11
CA LYS H 860 72.27 -0.02 31.75
C LYS H 860 73.72 0.34 31.42
N GLN H 861 74.63 0.10 32.34
CA GLN H 861 76.04 0.39 32.11
C GLN H 861 76.74 -0.87 31.63
N TYR H 862 76.40 -1.25 30.39
CA TYR H 862 76.90 -2.50 29.82
C TYR H 862 78.39 -2.39 29.52
N LYS H 863 78.91 -1.16 29.42
CA LYS H 863 80.35 -0.98 29.26
C LYS H 863 81.10 -1.62 30.40
N ASP H 864 80.50 -1.63 31.59
CA ASP H 864 81.13 -2.25 32.74
C ASP H 864 81.01 -3.77 32.66
N CYS H 865 79.86 -4.26 32.18
CA CYS H 865 79.73 -5.68 31.90
C CYS H 865 80.84 -6.14 30.95
N LEU H 866 81.21 -5.27 30.02
CA LEU H 866 82.26 -5.63 29.06
C LEU H 866 83.65 -5.54 29.69
N ARG H 867 83.85 -4.58 30.61
CA ARG H 867 85.12 -4.50 31.33
C ARG H 867 85.32 -5.68 32.27
N LEU H 868 84.23 -6.34 32.66
CA LEU H 868 84.36 -7.57 33.44
C LEU H 868 85.23 -8.59 32.71
N ALA H 869 85.23 -8.58 31.38
CA ALA H 869 86.08 -9.50 30.64
C ALA H 869 87.55 -9.27 30.97
N ASP H 870 87.99 -8.01 30.98
CA ASP H 870 89.37 -7.72 31.35
C ASP H 870 89.63 -8.04 32.82
N ILE H 871 88.67 -7.72 33.69
CA ILE H 871 88.83 -8.02 35.10
C ILE H 871 89.07 -9.50 35.31
N VAL H 872 88.34 -10.35 34.58
CA VAL H 872 88.56 -11.78 34.63
C VAL H 872 89.92 -12.13 34.05
N SER H 873 90.29 -11.50 32.93
CA SER H 873 91.56 -11.77 32.29
C SER H 873 92.75 -11.47 33.19
N SER H 874 92.56 -10.64 34.22
CA SER H 874 93.63 -10.35 35.15
C SER H 874 94.31 -11.63 35.64
N GLU H 875 95.58 -11.78 35.25
CA GLU H 875 96.42 -12.88 35.72
C GLU H 875 97.04 -12.60 37.07
N ASN H 876 96.92 -11.37 37.56
CA ASN H 876 97.23 -11.09 38.96
C ASN H 876 96.29 -11.83 39.89
N GLN H 877 95.16 -12.28 39.37
CA GLN H 877 94.24 -13.12 40.13
C GLN H 877 93.76 -14.33 39.35
N LYS H 878 94.11 -14.46 38.07
CA LYS H 878 93.97 -15.71 37.31
C LYS H 878 92.53 -16.24 37.32
N LEU H 879 91.58 -15.37 37.01
CA LEU H 879 90.18 -15.79 37.06
C LEU H 879 89.84 -16.71 35.90
N TYR H 880 90.69 -16.76 34.88
CA TYR H 880 90.40 -17.58 33.70
C TYR H 880 90.46 -19.07 34.01
N THR H 881 91.39 -19.51 34.86
CA THR H 881 91.61 -20.93 35.09
C THR H 881 90.44 -21.62 35.76
N VAL H 882 89.67 -20.90 36.58
CA VAL H 882 88.67 -21.52 37.45
C VAL H 882 87.34 -21.62 36.73
N PHE H 883 87.35 -21.50 35.41
CA PHE H 883 86.14 -21.60 34.60
C PHE H 883 86.20 -22.88 33.77
N SER H 884 85.19 -23.73 33.93
CA SER H 884 85.02 -24.84 33.02
C SER H 884 84.44 -24.33 31.70
N LYS H 885 84.32 -25.24 30.73
CA LYS H 885 83.78 -24.85 29.44
C LYS H 885 82.38 -24.26 29.56
N THR H 886 81.49 -24.95 30.29
CA THR H 886 80.12 -24.48 30.40
C THR H 886 80.04 -23.16 31.16
N GLU H 887 80.80 -23.02 32.24
CA GLU H 887 80.77 -21.79 33.03
C GLU H 887 81.15 -20.58 32.18
N MET H 888 82.29 -20.66 31.51
CA MET H 888 82.75 -19.50 30.75
C MET H 888 81.94 -19.33 29.47
N ARG H 889 81.28 -20.39 29.01
CA ARG H 889 80.36 -20.24 27.88
C ARG H 889 79.11 -19.45 28.30
N ASN H 890 78.59 -19.76 29.49
CA ASN H 890 77.51 -18.93 30.04
C ASN H 890 77.98 -17.50 30.24
N LEU H 891 79.21 -17.32 30.70
CA LEU H 891 79.76 -15.98 30.88
C LEU H 891 79.86 -15.23 29.56
N LEU H 892 80.34 -15.90 28.51
CA LEU H 892 80.50 -15.23 27.23
C LEU H 892 79.14 -14.92 26.60
N GLN H 893 78.14 -15.74 26.86
CA GLN H 893 76.81 -15.41 26.37
C GLN H 893 76.19 -14.26 27.16
N LYS H 894 76.50 -14.18 28.46
CA LYS H 894 76.10 -13.01 29.22
C LYS H 894 76.76 -11.75 28.67
N LEU H 895 78.04 -11.84 28.34
CA LEU H 895 78.74 -10.72 27.70
C LEU H 895 78.13 -10.40 26.34
N ARG H 896 77.72 -11.44 25.61
CA ARG H 896 77.03 -11.25 24.34
C ARG H 896 75.76 -10.43 24.53
N GLU H 897 74.97 -10.80 25.54
CA GLU H 897 73.74 -10.08 25.85
C GLU H 897 74.04 -8.63 26.23
N SER H 898 75.04 -8.42 27.10
CA SER H 898 75.35 -7.06 27.54
C SER H 898 75.85 -6.19 26.41
N SER H 899 76.72 -6.73 25.55
CA SER H 899 77.16 -6.00 24.37
C SER H 899 75.99 -5.71 23.44
N LEU H 900 75.02 -6.62 23.40
CA LEU H 900 73.94 -6.50 22.43
C LEU H 900 73.13 -5.23 22.65
N MET H 901 72.84 -4.88 23.91
CA MET H 901 72.00 -3.71 24.14
C MET H 901 72.70 -2.42 23.74
N LEU H 902 73.96 -2.23 24.14
CA LEU H 902 74.69 -1.05 23.69
C LEU H 902 74.84 -1.04 22.18
N LEU H 903 75.07 -2.21 21.59
CA LEU H 903 75.23 -2.29 20.15
C LEU H 903 73.93 -1.93 19.43
N ASP H 904 72.78 -2.25 20.02
CA ASP H 904 71.52 -1.80 19.44
C ASP H 904 71.42 -0.27 19.43
N LEU H 905 72.19 0.41 20.28
CA LEU H 905 72.22 1.86 20.30
C LEU H 905 73.11 2.43 19.20
N GLN H 906 73.39 1.65 18.16
CA GLN H 906 74.17 2.07 17.00
C GLN H 906 75.56 2.54 17.42
N LEU H 907 76.25 1.71 18.19
CA LEU H 907 77.61 1.98 18.61
C LEU H 907 78.39 0.67 18.58
N ASP H 908 79.58 0.71 18.01
CA ASP H 908 80.40 -0.49 17.95
C ASP H 908 80.78 -0.95 19.36
N PRO H 909 80.76 -2.25 19.62
CA PRO H 909 81.16 -2.78 20.92
C PRO H 909 82.65 -2.66 21.21
N LEU H 910 83.43 -2.21 20.23
CA LEU H 910 84.86 -2.00 20.40
C LEU H 910 85.07 -0.49 20.57
N GLY H 911 85.10 -0.05 21.82
CA GLY H 911 85.25 1.36 22.12
C GLY H 911 83.94 2.12 22.11
N TYR H 912 83.99 3.34 22.64
CA TYR H 912 82.83 4.21 22.70
C TYR H 912 82.34 4.66 21.34
N GLU H 913 83.20 4.64 20.33
CA GLU H 913 82.86 5.05 18.98
C GLU H 913 82.72 3.82 18.09
N ILE H 914 82.48 4.06 16.80
CA ILE H 914 82.37 2.98 15.84
C ILE H 914 83.76 2.64 15.30
N GLN H 915 83.98 1.36 15.06
CA GLN H 915 85.20 0.89 14.43
C GLN H 915 85.00 0.47 12.98
N SER H 916 83.76 0.33 12.52
CA SER H 916 83.49 -0.03 11.14
C SER H 916 83.13 1.22 10.33
N PRO I 65 23.08 -52.53 -60.01
CA PRO I 65 23.79 -52.78 -61.27
C PRO I 65 22.88 -52.64 -62.48
N ALA I 66 23.46 -52.42 -63.65
CA ALA I 66 22.69 -52.43 -64.89
C ALA I 66 22.15 -53.81 -65.22
N ALA I 67 22.99 -54.84 -65.20
CA ALA I 67 22.53 -56.22 -65.22
C ALA I 67 23.24 -56.99 -64.13
N SER I 68 24.50 -56.65 -63.88
CA SER I 68 25.32 -57.31 -62.87
C SER I 68 26.53 -56.42 -62.60
N GLU I 69 27.29 -56.80 -61.58
CA GLU I 69 28.50 -56.06 -61.21
C GLU I 69 29.55 -57.03 -60.69
N THR I 70 30.81 -56.73 -61.03
CA THR I 70 31.96 -57.40 -60.46
C THR I 70 32.41 -56.62 -59.21
N VAL I 71 33.57 -57.03 -58.67
CA VAL I 71 34.03 -56.45 -57.42
C VAL I 71 35.23 -55.53 -57.65
N ASN I 72 35.78 -55.56 -58.85
CA ASN I 72 36.94 -54.72 -59.16
C ASN I 72 36.76 -54.02 -60.50
N TYR I 73 35.68 -54.30 -61.19
CA TYR I 73 35.31 -53.62 -62.42
C TYR I 73 33.87 -53.15 -62.34
N ASN I 74 33.52 -52.17 -63.16
CA ASN I 74 32.16 -51.65 -63.26
C ASN I 74 31.54 -52.16 -64.55
N VAL I 75 30.60 -53.10 -64.43
CA VAL I 75 29.89 -53.64 -65.57
C VAL I 75 28.58 -52.85 -65.68
N GLN I 76 28.53 -51.93 -66.63
CA GLN I 76 27.40 -51.02 -66.75
C GLN I 76 26.90 -51.00 -68.19
N LEU I 77 25.65 -50.57 -68.36
CA LEU I 77 25.09 -50.44 -69.70
C LEU I 77 25.86 -49.38 -70.48
N PHE I 78 26.20 -49.70 -71.71
CA PHE I 78 26.93 -48.79 -72.59
C PHE I 78 25.93 -47.96 -73.38
N GLY I 79 25.61 -46.77 -72.87
CA GLY I 79 24.58 -45.95 -73.45
C GLY I 79 23.21 -46.20 -72.82
N SER I 80 22.29 -45.27 -73.09
CA SER I 80 20.95 -45.34 -72.52
C SER I 80 19.88 -45.02 -73.55
N SER I 81 20.26 -45.03 -74.83
CA SER I 81 19.32 -44.76 -75.91
C SER I 81 19.52 -45.72 -77.07
N LEU I 82 19.77 -47.00 -76.76
CA LEU I 82 20.10 -47.97 -77.80
C LEU I 82 18.93 -48.18 -78.75
N PRO I 83 19.22 -48.44 -80.03
CA PRO I 83 18.15 -48.78 -80.97
C PRO I 83 17.45 -50.07 -80.57
N VAL I 84 16.17 -50.18 -80.95
CA VAL I 84 15.38 -51.32 -80.53
C VAL I 84 15.67 -52.54 -81.40
N LYS I 85 16.54 -52.40 -82.40
CA LYS I 85 16.95 -53.57 -83.18
C LYS I 85 17.65 -54.59 -82.30
N VAL I 86 18.42 -54.12 -81.31
CA VAL I 86 19.04 -55.03 -80.35
C VAL I 86 17.98 -55.78 -79.54
N MET I 87 16.94 -55.08 -79.09
CA MET I 87 15.85 -55.75 -78.38
C MET I 87 15.12 -56.73 -79.28
N GLU I 88 14.93 -56.37 -80.55
CA GLU I 88 14.28 -57.29 -81.49
C GLU I 88 15.09 -58.56 -81.65
N ALA I 89 16.41 -58.41 -81.79
CA ALA I 89 17.29 -59.58 -81.88
C ALA I 89 17.23 -60.42 -80.61
N LEU I 90 17.26 -59.75 -79.44
CA LEU I 90 17.22 -60.47 -78.17
C LEU I 90 15.91 -61.20 -77.98
N SER I 91 14.80 -60.59 -78.43
CA SER I 91 13.49 -61.21 -78.27
C SER I 91 13.29 -62.36 -79.25
N ASN I 92 13.82 -62.24 -80.46
CA ASN I 92 13.66 -63.28 -81.46
C ASN I 92 14.75 -64.35 -81.40
N ALA I 93 15.78 -64.18 -80.58
CA ALA I 93 16.80 -65.20 -80.41
C ALA I 93 16.56 -65.99 -79.11
N SER I 94 17.14 -67.19 -79.05
CA SER I 94 16.96 -68.08 -77.92
C SER I 94 18.12 -68.02 -76.92
N ALA I 95 18.91 -66.94 -76.94
CA ALA I 95 20.03 -66.73 -76.02
C ALA I 95 21.11 -67.79 -76.14
N ASP I 96 20.95 -68.75 -77.05
CA ASP I 96 21.94 -69.78 -77.28
C ASP I 96 22.28 -69.95 -78.75
N GLU I 97 21.66 -69.17 -79.64
CA GLU I 97 21.97 -69.26 -81.05
C GLU I 97 23.42 -68.81 -81.27
N PRO I 98 24.28 -69.66 -81.86
CA PRO I 98 25.68 -69.27 -82.04
C PRO I 98 25.82 -68.25 -83.15
N MET I 99 26.08 -66.99 -82.80
CA MET I 99 25.72 -65.98 -83.77
C MET I 99 26.92 -65.03 -83.86
N ALA I 100 26.81 -63.99 -84.67
CA ALA I 100 27.94 -63.12 -84.94
C ALA I 100 27.69 -61.70 -84.43
N ALA I 101 28.67 -61.19 -83.66
CA ALA I 101 28.68 -59.82 -83.19
C ALA I 101 30.12 -59.33 -83.13
N CYS I 102 30.38 -58.17 -83.75
CA CYS I 102 31.70 -57.55 -83.77
C CYS I 102 31.62 -56.17 -83.15
N ILE I 103 32.27 -55.99 -82.00
CA ILE I 103 32.29 -54.71 -81.30
C ILE I 103 33.51 -53.95 -81.78
N HIS I 104 33.34 -53.13 -82.82
CA HIS I 104 34.47 -52.44 -83.43
C HIS I 104 34.83 -51.18 -82.66
N GLU I 105 36.11 -51.05 -82.32
CA GLU I 105 36.59 -49.91 -81.55
C GLU I 105 36.45 -48.64 -82.36
N GLY I 106 36.27 -47.52 -81.66
CA GLY I 106 35.90 -46.27 -82.29
C GLY I 106 34.44 -45.98 -82.02
N GLY I 107 33.70 -47.04 -81.70
CA GLY I 107 32.32 -46.89 -81.29
C GLY I 107 31.32 -47.53 -82.23
N TRP I 108 31.72 -48.53 -83.01
CA TRP I 108 30.81 -49.18 -83.93
C TRP I 108 30.45 -50.56 -83.40
N ALA I 109 29.25 -51.03 -83.76
CA ALA I 109 28.83 -52.36 -83.35
C ALA I 109 28.11 -53.02 -84.52
N TRP I 110 28.62 -54.19 -84.92
CA TRP I 110 28.00 -55.04 -85.92
C TRP I 110 27.30 -56.19 -85.21
N LEU I 111 26.06 -56.45 -85.56
CA LEU I 111 25.33 -57.61 -85.08
C LEU I 111 24.80 -58.36 -86.30
N ALA I 112 25.55 -59.34 -86.77
CA ALA I 112 25.15 -60.15 -87.91
C ALA I 112 24.21 -61.20 -87.34
N CYS I 113 22.93 -60.87 -87.25
CA CYS I 113 21.92 -61.72 -86.63
C CYS I 113 20.90 -62.16 -87.68
N ASN I 114 20.71 -63.48 -87.79
CA ASN I 114 19.74 -64.08 -88.71
C ASN I 114 20.00 -63.63 -90.14
N ASP I 115 19.13 -62.76 -90.66
CA ASP I 115 19.20 -62.28 -92.02
C ASP I 115 19.63 -60.82 -92.11
N ARG I 116 19.87 -60.18 -90.96
CA ARG I 116 20.18 -58.75 -90.92
C ARG I 116 21.49 -58.53 -90.18
N LEU I 117 22.37 -57.74 -90.79
CA LEU I 117 23.56 -57.21 -90.14
C LEU I 117 23.23 -55.81 -89.66
N ILE I 118 23.12 -55.65 -88.34
CA ILE I 118 22.74 -54.39 -87.73
C ILE I 118 24.03 -53.67 -87.36
N ILE I 119 24.36 -52.60 -88.06
CA ILE I 119 25.57 -51.83 -87.82
C ILE I 119 25.13 -50.49 -87.23
N TRP I 120 25.56 -50.21 -86.01
CA TRP I 120 25.13 -48.97 -85.36
C TRP I 120 26.29 -48.34 -84.59
N LYS I 121 26.29 -47.01 -84.61
CA LYS I 121 27.19 -46.24 -83.76
C LYS I 121 26.64 -46.20 -82.33
N ILE I 122 27.51 -46.41 -81.35
CA ILE I 122 27.11 -46.42 -79.95
C ILE I 122 28.28 -45.95 -79.11
N SER I 123 27.98 -45.17 -78.07
CA SER I 123 28.96 -44.68 -77.12
C SER I 123 28.30 -44.51 -75.75
N HIS I 124 28.95 -43.79 -74.84
CA HIS I 124 28.36 -43.47 -73.55
C HIS I 124 27.33 -42.35 -73.64
N SER I 125 27.21 -41.68 -74.78
CA SER I 125 26.24 -40.60 -74.93
C SER I 125 24.82 -41.14 -74.94
N SER I 126 23.89 -40.35 -74.42
CA SER I 126 22.48 -40.73 -74.37
C SER I 126 21.62 -39.94 -75.33
N SER I 127 22.21 -39.17 -76.25
CA SER I 127 21.46 -38.35 -77.18
C SER I 127 20.95 -39.22 -78.33
N ALA I 128 19.66 -39.10 -78.63
CA ALA I 128 19.06 -39.90 -79.69
C ALA I 128 19.58 -39.49 -81.07
N LYS I 129 19.89 -38.21 -81.24
CA LYS I 129 20.29 -37.71 -82.55
C LYS I 129 21.72 -38.10 -82.91
N LEU I 130 22.56 -38.39 -81.92
CA LEU I 130 23.97 -38.63 -82.14
C LEU I 130 24.28 -39.99 -82.76
N MET I 131 23.28 -40.86 -82.90
CA MET I 131 23.53 -42.22 -83.33
C MET I 131 23.24 -42.38 -84.82
N VAL I 132 23.81 -43.44 -85.41
CA VAL I 132 23.45 -43.88 -86.75
C VAL I 132 23.30 -45.40 -86.72
N CYS I 133 22.21 -45.90 -87.31
CA CYS I 133 21.94 -47.33 -87.34
C CYS I 133 21.52 -47.73 -88.74
N LYS I 134 21.95 -48.92 -89.16
CA LYS I 134 21.65 -49.44 -90.48
C LYS I 134 21.54 -50.96 -90.41
N GLU I 135 20.84 -51.53 -91.38
CA GLU I 135 20.63 -52.97 -91.45
C GLU I 135 20.86 -53.45 -92.88
N LEU I 136 21.75 -54.43 -93.03
CA LEU I 136 22.03 -55.03 -94.33
C LEU I 136 21.38 -56.42 -94.42
N PRO I 137 20.71 -56.72 -95.52
CA PRO I 137 20.08 -58.05 -95.66
C PRO I 137 21.13 -59.14 -95.89
N LEU I 138 21.34 -59.96 -94.87
CA LEU I 138 22.31 -61.04 -94.98
C LEU I 138 21.78 -62.12 -95.92
N PRO I 139 22.68 -62.82 -96.62
CA PRO I 139 22.24 -63.95 -97.46
C PRO I 139 21.65 -65.07 -96.61
N LEU I 140 20.69 -65.77 -97.18
CA LEU I 140 19.91 -66.76 -96.44
C LEU I 140 20.40 -68.17 -96.75
N SER I 141 21.28 -68.68 -95.90
CA SER I 141 21.69 -70.07 -95.96
C SER I 141 21.85 -70.61 -94.55
N ASP I 142 21.30 -69.89 -93.56
CA ASP I 142 21.57 -70.14 -92.16
C ASP I 142 23.08 -70.15 -91.93
N SER I 143 23.75 -69.14 -92.47
CA SER I 143 25.21 -69.11 -92.49
C SER I 143 25.77 -68.85 -91.10
N GLU I 144 27.04 -69.22 -90.93
CA GLU I 144 27.75 -69.07 -89.67
C GLU I 144 28.86 -68.03 -89.84
N TRP I 145 29.08 -67.24 -88.80
CA TRP I 145 30.17 -66.28 -88.80
C TRP I 145 30.81 -66.25 -87.41
N SER I 146 32.00 -66.83 -87.28
CA SER I 146 32.73 -66.71 -86.03
C SER I 146 34.01 -65.90 -86.21
N ALA I 147 34.92 -66.37 -87.06
CA ALA I 147 36.11 -65.59 -87.35
C ALA I 147 36.58 -65.71 -88.80
N ASP I 148 35.95 -66.56 -89.59
CA ASP I 148 36.55 -66.98 -90.86
C ASP I 148 35.68 -66.74 -92.09
N LEU I 149 34.38 -66.47 -91.91
CA LEU I 149 33.49 -66.27 -93.06
C LEU I 149 32.99 -64.85 -93.24
N VAL I 150 32.98 -64.03 -92.19
CA VAL I 150 32.70 -62.61 -92.33
C VAL I 150 34.04 -61.87 -92.24
N ASP I 151 34.34 -61.06 -93.25
CA ASP I 151 35.66 -60.46 -93.39
C ASP I 151 35.52 -59.00 -93.81
N ILE I 152 36.55 -58.23 -93.53
CA ILE I 152 36.69 -56.85 -94.02
C ILE I 152 37.73 -56.85 -95.12
N CYS I 153 37.38 -56.26 -96.26
CA CYS I 153 38.26 -56.24 -97.43
C CYS I 153 39.27 -55.12 -97.25
N ALA I 154 40.35 -55.40 -96.52
CA ALA I 154 41.39 -54.42 -96.29
C ALA I 154 42.77 -55.04 -96.50
N GLN I 155 42.80 -56.33 -96.83
CA GLN I 155 44.06 -57.02 -97.11
C GLN I 155 44.32 -56.94 -98.62
N THR I 156 44.71 -55.75 -99.07
CA THR I 156 45.01 -55.50 -100.45
C THR I 156 46.06 -54.40 -100.57
N GLY I 157 46.77 -54.40 -101.69
CA GLY I 157 47.82 -53.42 -101.93
C GLY I 157 47.53 -52.54 -103.13
N ASP I 158 46.65 -53.01 -104.01
CA ASP I 158 46.28 -52.22 -105.18
C ASP I 158 45.48 -51.00 -104.75
N PRO I 159 45.49 -49.93 -105.55
CA PRO I 159 44.79 -48.70 -105.17
C PRO I 159 43.31 -48.91 -104.90
N ALA I 160 42.79 -48.23 -103.89
CA ALA I 160 41.38 -48.30 -103.52
C ALA I 160 41.05 -47.15 -102.58
N ALA I 161 39.90 -46.52 -102.81
CA ALA I 161 39.47 -45.43 -101.94
C ALA I 161 38.11 -45.67 -101.30
N ALA I 162 37.33 -46.65 -101.74
CA ALA I 162 36.05 -46.96 -101.13
C ALA I 162 35.88 -48.46 -100.99
N GLN I 163 36.97 -49.20 -101.22
CA GLN I 163 36.94 -50.65 -101.14
C GLN I 163 37.71 -51.22 -99.95
N SER I 164 38.42 -50.38 -99.20
CA SER I 164 39.24 -50.84 -98.08
C SER I 164 38.43 -50.97 -96.78
N VAL I 165 37.18 -50.50 -96.78
CA VAL I 165 36.32 -50.60 -95.61
C VAL I 165 35.08 -51.40 -96.00
N ALA I 166 35.21 -52.22 -97.04
CA ALA I 166 34.11 -53.00 -97.58
C ALA I 166 33.82 -54.20 -96.69
N LEU I 167 32.68 -54.84 -96.95
CA LEU I 167 32.21 -55.97 -96.14
C LEU I 167 32.03 -57.21 -97.00
N MET I 168 32.65 -58.30 -96.58
CA MET I 168 32.38 -59.64 -97.09
C MET I 168 31.80 -60.50 -95.97
N ALA I 169 30.66 -61.12 -96.26
CA ALA I 169 30.08 -62.15 -95.39
C ALA I 169 29.85 -63.38 -96.24
N ALA I 170 30.61 -64.44 -95.97
CA ALA I 170 30.59 -65.65 -96.78
C ALA I 170 29.79 -66.73 -96.08
N THR I 171 28.97 -67.43 -96.87
CA THR I 171 28.25 -68.58 -96.37
C THR I 171 29.22 -69.74 -96.18
N PRO I 172 28.83 -70.74 -95.38
CA PRO I 172 29.61 -71.99 -95.36
C PRO I 172 29.68 -72.68 -96.71
N GLU I 173 28.75 -72.38 -97.61
CA GLU I 173 28.79 -72.86 -98.99
C GLU I 173 29.54 -71.84 -99.85
N GLY I 174 29.46 -71.99 -101.16
CA GLY I 174 30.20 -71.13 -102.07
C GLY I 174 29.58 -69.76 -102.28
N SER I 175 28.41 -69.52 -101.70
CA SER I 175 27.74 -68.23 -101.86
C SER I 175 28.53 -67.14 -101.15
N SER I 176 28.62 -65.98 -101.80
CA SER I 176 29.32 -64.82 -101.26
C SER I 176 28.47 -63.58 -101.47
N ARG I 177 28.47 -62.70 -100.47
CA ARG I 177 27.80 -61.41 -100.57
C ARG I 177 28.76 -60.34 -100.10
N TYR I 178 28.96 -59.31 -100.92
CA TYR I 178 30.01 -58.32 -100.73
C TYR I 178 29.39 -56.93 -100.69
N TRP I 179 29.67 -56.21 -99.60
CA TRP I 179 29.20 -54.84 -99.48
C TRP I 179 30.35 -53.90 -99.79
N PRO I 180 30.29 -53.14 -100.88
CA PRO I 180 31.30 -52.11 -101.13
C PRO I 180 31.20 -50.90 -100.21
N ASN I 181 30.30 -50.94 -99.23
CA ASN I 181 30.05 -49.86 -98.30
C ASN I 181 29.93 -50.42 -96.90
N ILE I 182 30.15 -49.55 -95.91
CA ILE I 182 29.98 -49.92 -94.50
C ILE I 182 28.81 -49.12 -93.96
N LEU I 183 28.36 -48.13 -94.73
CA LEU I 183 27.20 -47.32 -94.40
C LEU I 183 26.26 -47.27 -95.59
N HIS I 184 24.95 -47.25 -95.29
CA HIS I 184 23.82 -47.20 -96.22
C HIS I 184 23.31 -48.61 -96.49
N GLU I 185 22.01 -48.81 -96.41
CA GLU I 185 21.41 -50.13 -96.57
C GLU I 185 21.44 -50.56 -98.03
N GLY I 186 21.51 -51.88 -98.23
CA GLY I 186 21.50 -52.45 -99.56
C GLY I 186 22.75 -52.14 -100.35
N THR I 187 22.62 -52.12 -101.68
CA THR I 187 23.73 -51.84 -102.60
C THR I 187 24.88 -52.80 -102.33
N TYR I 188 24.65 -54.08 -102.58
CA TYR I 188 25.67 -55.10 -102.40
C TYR I 188 25.75 -55.92 -103.68
N ILE I 189 26.74 -56.82 -103.73
CA ILE I 189 26.98 -57.66 -104.90
C ILE I 189 26.97 -59.12 -104.44
N GLU I 190 26.17 -59.93 -105.12
CA GLU I 190 25.96 -61.32 -104.73
C GLU I 190 26.55 -62.25 -105.79
N SER I 191 27.23 -63.30 -105.33
CA SER I 191 27.87 -64.23 -106.24
C SER I 191 27.74 -65.65 -105.70
N TYR I 192 27.81 -66.62 -106.62
CA TYR I 192 27.84 -68.03 -106.27
C TYR I 192 28.98 -68.71 -107.00
N THR I 193 29.82 -69.42 -106.24
CA THR I 193 31.02 -70.06 -106.76
C THR I 193 30.79 -71.56 -106.83
N GLU I 194 31.02 -72.13 -108.02
CA GLU I 194 30.87 -73.57 -108.21
C GLU I 194 32.17 -74.19 -108.73
N PHE I 195 33.25 -73.42 -108.77
CA PHE I 195 34.55 -73.95 -109.20
C PHE I 195 35.30 -74.50 -107.99
N GLY I 196 36.30 -75.33 -108.28
CA GLY I 196 37.06 -75.98 -107.24
C GLY I 196 36.34 -77.19 -106.67
N SER I 197 37.07 -78.27 -106.42
CA SER I 197 36.46 -79.48 -105.90
C SER I 197 36.00 -79.24 -104.47
N SER I 198 34.79 -79.72 -104.16
CA SER I 198 34.15 -79.58 -102.85
C SER I 198 33.85 -78.12 -102.52
N LEU I 199 32.99 -77.91 -101.53
CA LEU I 199 32.63 -76.55 -101.13
C LEU I 199 33.84 -75.83 -100.55
N CYS I 200 33.85 -74.51 -100.72
CA CYS I 200 34.92 -73.66 -100.22
C CYS I 200 34.85 -73.60 -98.69
N ALA I 201 36.01 -73.76 -98.06
CA ALA I 201 36.10 -73.84 -96.60
C ALA I 201 36.56 -72.55 -95.94
N PHE I 202 37.56 -71.86 -96.49
CA PHE I 202 38.10 -70.66 -95.88
C PHE I 202 38.10 -69.52 -96.90
N VAL I 203 37.97 -68.30 -96.39
CA VAL I 203 37.96 -67.09 -97.21
C VAL I 203 39.13 -66.22 -96.76
N THR I 204 40.00 -65.86 -97.71
CA THR I 204 41.16 -65.02 -97.41
C THR I 204 41.17 -63.82 -98.33
N ALA I 205 41.16 -62.62 -97.74
CA ALA I 205 41.24 -61.40 -98.54
C ALA I 205 42.65 -61.24 -99.08
N VAL I 206 42.76 -60.98 -100.38
CA VAL I 206 44.04 -60.90 -101.08
C VAL I 206 44.05 -59.65 -101.94
N LYS I 207 45.26 -59.27 -102.37
CA LYS I 207 45.49 -57.99 -103.02
C LYS I 207 44.64 -57.85 -104.27
N GLY I 208 44.42 -56.60 -104.68
CA GLY I 208 43.46 -56.28 -105.71
C GLY I 208 42.03 -56.27 -105.24
N ASN I 209 41.81 -56.17 -103.92
CA ASN I 209 40.51 -56.32 -103.28
C ASN I 209 39.88 -57.67 -103.57
N SER I 210 40.68 -58.65 -103.98
CA SER I 210 40.15 -59.95 -104.37
C SER I 210 40.10 -60.85 -103.15
N PHE I 211 39.63 -62.09 -103.37
CA PHE I 211 39.54 -63.06 -102.29
C PHE I 211 39.90 -64.45 -102.83
N ILE I 212 40.31 -65.31 -101.92
CA ILE I 212 40.63 -66.69 -102.23
C ILE I 212 39.71 -67.58 -101.40
N LEU I 213 38.97 -68.45 -102.07
CA LEU I 213 38.11 -69.44 -101.44
C LEU I 213 38.84 -70.77 -101.48
N SER I 214 39.16 -71.31 -100.32
CA SER I 214 39.94 -72.55 -100.23
C SER I 214 39.02 -73.66 -99.74
N SER I 215 38.86 -74.69 -100.56
CA SER I 215 38.09 -75.86 -100.17
C SER I 215 38.94 -76.77 -99.28
N GLU I 216 38.33 -77.86 -98.83
CA GLU I 216 39.05 -78.85 -98.04
C GLU I 216 39.90 -79.78 -98.90
N LYS I 217 39.81 -79.66 -100.23
CA LYS I 217 40.58 -80.48 -101.14
C LYS I 217 41.77 -79.76 -101.75
N ASN I 218 42.33 -78.76 -101.06
CA ASN I 218 43.41 -77.94 -101.59
C ASN I 218 43.02 -77.32 -102.93
N GLN I 219 41.76 -76.91 -103.04
CA GLN I 219 41.24 -76.28 -104.26
C GLN I 219 41.05 -74.80 -103.98
N LEU I 220 41.72 -73.96 -104.76
CA LEU I 220 41.73 -72.52 -104.54
C LEU I 220 41.01 -71.83 -105.68
N VAL I 221 39.97 -71.07 -105.33
CA VAL I 221 39.17 -70.33 -106.29
C VAL I 221 39.39 -68.84 -106.01
N ARG I 222 39.96 -68.14 -106.98
CA ARG I 222 40.09 -66.70 -106.86
C ARG I 222 38.81 -66.02 -107.29
N LEU I 223 38.31 -65.13 -106.43
CA LEU I 223 37.13 -64.32 -106.66
C LEU I 223 37.58 -62.88 -106.80
N THR I 224 37.48 -62.34 -108.01
CA THR I 224 37.87 -60.96 -108.30
C THR I 224 36.62 -60.14 -108.59
N PRO I 225 36.42 -59.01 -107.90
CA PRO I 225 35.26 -58.16 -108.21
C PRO I 225 35.34 -57.64 -109.63
N ASP I 226 34.41 -58.11 -110.47
CA ASP I 226 34.36 -57.71 -111.87
C ASP I 226 32.92 -57.39 -112.23
N ALA I 227 32.74 -56.29 -112.97
CA ALA I 227 31.42 -55.81 -113.37
C ALA I 227 30.54 -55.51 -112.15
N SER I 228 29.23 -55.46 -112.34
CA SER I 228 28.30 -55.14 -111.28
C SER I 228 27.26 -56.24 -111.16
N GLY I 229 26.87 -56.57 -109.93
CA GLY I 229 25.92 -57.61 -109.65
C GLY I 229 26.53 -58.99 -109.48
N LYS I 230 27.81 -59.13 -109.78
CA LYS I 230 28.51 -60.41 -109.66
C LYS I 230 29.99 -60.11 -109.46
N MET I 231 30.72 -61.07 -108.88
CA MET I 231 32.18 -61.04 -108.88
C MET I 231 32.67 -62.29 -109.57
N ASN I 232 33.63 -62.14 -110.48
CA ASN I 232 34.13 -63.27 -111.25
C ASN I 232 34.82 -64.28 -110.34
N GLN I 233 34.61 -65.56 -110.62
CA GLN I 233 35.23 -66.64 -109.86
C GLN I 233 35.90 -67.61 -110.82
N ARG I 234 37.12 -68.01 -110.48
CA ARG I 234 37.90 -68.85 -111.36
C ARG I 234 38.89 -69.65 -110.53
N VAL I 235 39.53 -70.63 -111.16
CA VAL I 235 40.53 -71.43 -110.46
C VAL I 235 41.80 -70.61 -110.27
N LEU I 236 42.62 -71.01 -109.30
CA LEU I 236 43.90 -70.34 -109.09
C LEU I 236 44.83 -70.62 -110.26
N PRO I 237 45.42 -69.59 -110.88
CA PRO I 237 46.44 -69.84 -111.91
C PRO I 237 47.69 -70.42 -111.29
N GLN I 238 48.59 -70.89 -112.15
CA GLN I 238 49.78 -71.62 -111.72
C GLN I 238 49.37 -72.82 -110.89
N GLY I 239 48.26 -73.45 -111.26
CA GLY I 239 47.74 -74.57 -110.50
C GLY I 239 47.04 -74.10 -109.24
N GLN I 240 46.48 -75.08 -108.53
CA GLN I 240 45.84 -74.84 -107.25
C GLN I 240 46.81 -74.98 -106.09
N GLY I 241 48.07 -75.31 -106.35
CA GLY I 241 49.03 -75.53 -105.29
C GLY I 241 49.04 -76.97 -104.81
N MET I 242 50.11 -77.32 -104.09
CA MET I 242 50.23 -78.62 -103.43
C MET I 242 50.26 -79.69 -104.52
N LEU I 243 49.97 -80.95 -104.19
CA LEU I 243 49.92 -82.04 -105.16
C LEU I 243 48.53 -82.64 -105.13
N SER I 244 47.73 -82.35 -106.15
CA SER I 244 46.35 -82.83 -106.21
C SER I 244 45.91 -82.92 -107.66
N GLY I 245 44.91 -83.76 -107.92
CA GLY I 245 44.40 -83.92 -109.26
C GLY I 245 42.89 -83.81 -109.36
N ILE I 246 42.22 -83.61 -108.24
CA ILE I 246 40.76 -83.51 -108.24
C ILE I 246 40.34 -82.16 -108.80
N GLY I 247 39.30 -82.16 -109.62
CA GLY I 247 38.88 -80.95 -110.29
C GLY I 247 39.78 -80.59 -111.46
N ARG I 248 39.62 -79.35 -111.92
CA ARG I 248 40.42 -78.84 -113.03
C ARG I 248 41.63 -78.08 -112.51
N ARG I 249 42.79 -78.32 -113.12
CA ARG I 249 44.02 -77.63 -112.79
C ARG I 249 44.55 -76.94 -114.04
N VAL I 250 45.05 -75.72 -113.87
CA VAL I 250 45.52 -74.91 -114.99
C VAL I 250 47.02 -74.67 -114.84
N SER I 251 47.62 -74.15 -115.91
CA SER I 251 49.05 -73.82 -115.98
C SER I 251 49.86 -75.09 -115.70
N THR I 252 51.02 -74.93 -115.07
CA THR I 252 51.88 -76.09 -114.78
C THR I 252 51.19 -77.03 -113.80
N LEU I 253 51.38 -78.33 -114.03
CA LEU I 253 50.75 -79.37 -113.22
C LEU I 253 51.82 -80.07 -112.38
N PHE I 254 51.56 -80.18 -111.08
CA PHE I 254 52.41 -80.92 -110.15
C PHE I 254 53.81 -80.33 -110.06
N GLY I 255 53.96 -79.08 -110.48
CA GLY I 255 55.23 -78.38 -110.33
C GLY I 255 55.57 -78.17 -108.87
N ILE I 256 54.55 -77.91 -108.06
CA ILE I 256 54.74 -77.77 -106.62
C ILE I 256 55.17 -79.10 -106.04
N LEU I 257 56.16 -79.06 -105.15
CA LEU I 257 56.73 -80.27 -104.56
C LEU I 257 56.15 -80.49 -103.17
N SER I 258 55.69 -81.71 -102.92
CA SER I 258 55.12 -82.10 -101.64
C SER I 258 55.59 -83.50 -101.32
N PRO I 259 55.74 -83.85 -100.03
CA PRO I 259 56.15 -85.21 -99.68
C PRO I 259 55.19 -86.29 -100.15
N ALA I 260 53.89 -85.98 -100.24
CA ALA I 260 52.88 -86.98 -100.61
C ALA I 260 51.85 -86.34 -101.53
N VAL I 261 51.10 -87.21 -102.22
CA VAL I 261 50.06 -86.72 -103.12
C VAL I 261 48.71 -86.67 -102.39
N GLU I 262 47.79 -85.88 -102.94
CA GLU I 262 46.41 -85.82 -102.48
C GLU I 262 46.28 -85.48 -101.00
N SER I 263 46.90 -84.38 -100.58
CA SER I 263 46.75 -83.90 -99.21
C SER I 263 45.42 -83.19 -99.01
N THR I 264 45.10 -82.91 -97.75
CA THR I 264 43.87 -82.22 -97.37
C THR I 264 44.21 -80.83 -96.87
N LEU I 265 43.38 -79.86 -97.25
CA LEU I 265 43.56 -78.47 -96.83
C LEU I 265 42.98 -78.29 -95.43
N CYS I 266 43.78 -77.73 -94.53
CA CYS I 266 43.34 -77.43 -93.18
C CYS I 266 43.09 -75.93 -92.98
N SER I 267 44.04 -75.10 -93.39
CA SER I 267 43.88 -73.65 -93.27
C SER I 267 44.68 -72.97 -94.36
N VAL I 268 44.27 -71.74 -94.67
CA VAL I 268 44.99 -70.88 -95.61
C VAL I 268 45.10 -69.49 -94.99
N LEU I 269 46.23 -68.84 -95.21
CA LEU I 269 46.44 -67.50 -94.70
C LEU I 269 47.19 -66.66 -95.72
N TRP I 270 46.81 -65.39 -95.85
CA TRP I 270 47.55 -64.43 -96.64
C TRP I 270 48.10 -63.40 -95.66
N ASP I 271 49.28 -63.71 -95.10
CA ASP I 271 49.92 -62.77 -94.19
C ASP I 271 50.47 -61.59 -94.99
N LYS I 272 50.39 -60.40 -94.41
CA LYS I 272 50.84 -59.20 -95.10
C LYS I 272 52.31 -59.32 -95.49
N GLY I 273 52.60 -59.00 -96.76
CA GLY I 273 53.93 -59.18 -97.29
C GLY I 273 53.92 -60.05 -98.53
N ASP I 274 52.73 -60.21 -99.12
CA ASP I 274 52.53 -61.03 -100.32
C ASP I 274 52.95 -62.48 -100.08
N CYS I 275 52.79 -62.96 -98.85
CA CYS I 275 53.07 -64.34 -98.50
C CYS I 275 51.77 -65.10 -98.31
N PHE I 276 51.67 -66.24 -98.98
CA PHE I 276 50.52 -67.14 -98.85
C PHE I 276 50.99 -68.44 -98.21
N TYR I 277 50.37 -68.79 -97.09
CA TYR I 277 50.71 -69.99 -96.34
C TYR I 277 49.53 -70.95 -96.38
N THR I 278 49.78 -72.15 -96.90
CA THR I 278 48.80 -73.24 -96.86
C THR I 278 49.21 -74.16 -95.71
N LEU I 279 48.42 -74.16 -94.65
CA LEU I 279 48.69 -74.95 -93.46
C LEU I 279 47.94 -76.27 -93.58
N THR I 280 48.68 -77.36 -93.66
CA THR I 280 48.13 -78.71 -93.68
C THR I 280 48.60 -79.46 -92.45
N ASP I 281 48.07 -80.67 -92.27
CA ASP I 281 48.46 -81.54 -91.16
C ASP I 281 49.80 -82.23 -91.42
N SER I 282 50.36 -82.06 -92.60
CA SER I 282 51.65 -82.65 -92.94
C SER I 282 52.73 -81.61 -93.16
N SER I 283 52.40 -80.48 -93.79
CA SER I 283 53.38 -79.43 -94.03
C SER I 283 52.65 -78.12 -94.28
N ILE I 284 53.37 -77.02 -94.09
CA ILE I 284 52.89 -75.69 -94.44
C ILE I 284 53.70 -75.23 -95.64
N ASN I 285 53.02 -74.93 -96.74
CA ASN I 285 53.67 -74.55 -97.98
C ASN I 285 53.50 -73.06 -98.22
N LYS I 286 54.60 -72.41 -98.61
CA LYS I 286 54.64 -70.96 -98.75
C LYS I 286 54.84 -70.56 -100.20
N TRP I 287 53.97 -69.67 -100.68
CA TRP I 287 54.16 -69.00 -101.95
C TRP I 287 54.34 -67.51 -101.73
N ASP I 288 55.02 -66.87 -102.66
CA ASP I 288 54.91 -65.43 -102.82
C ASP I 288 53.88 -65.15 -103.91
N LEU I 289 52.93 -64.28 -103.61
CA LEU I 289 51.82 -63.97 -104.50
C LEU I 289 52.01 -62.57 -105.05
N ASP I 290 52.06 -62.44 -106.38
CA ASP I 290 52.24 -61.12 -106.95
C ASP I 290 50.95 -60.31 -106.83
N ASP I 291 49.90 -60.72 -107.55
CA ASP I 291 48.54 -60.33 -107.18
C ASP I 291 47.59 -61.49 -107.36
N THR I 292 47.92 -62.39 -108.29
CA THR I 292 47.07 -63.54 -108.62
C THR I 292 47.90 -64.79 -108.87
N SER I 293 49.22 -64.64 -108.89
CA SER I 293 50.12 -65.73 -109.24
C SER I 293 50.96 -66.11 -108.02
N GLU I 294 50.96 -67.39 -107.70
CA GLU I 294 51.66 -67.92 -106.53
C GLU I 294 52.88 -68.71 -106.97
N SER I 295 54.05 -68.32 -106.48
CA SER I 295 55.28 -69.05 -106.75
C SER I 295 55.77 -69.66 -105.44
N GLN I 296 55.98 -70.96 -105.42
CA GLN I 296 56.45 -71.65 -104.23
C GLN I 296 57.85 -71.19 -103.89
N VAL I 297 58.08 -70.81 -102.64
CA VAL I 297 59.40 -70.37 -102.21
C VAL I 297 60.10 -71.52 -101.49
N LEU I 298 59.53 -71.94 -100.37
CA LEU I 298 60.07 -73.05 -99.59
C LEU I 298 58.91 -73.75 -98.89
N ASN I 299 59.08 -75.05 -98.68
CA ASN I 299 58.10 -75.86 -97.93
C ASN I 299 58.75 -76.29 -96.62
N TRP I 300 58.25 -75.75 -95.52
CA TRP I 300 58.83 -76.00 -94.19
C TRP I 300 57.85 -76.81 -93.36
N ASP I 301 58.37 -77.82 -92.66
CA ASP I 301 57.55 -78.69 -91.82
C ASP I 301 57.43 -78.06 -90.43
N MET I 302 56.20 -77.95 -89.94
CA MET I 302 55.97 -77.29 -88.65
C MET I 302 56.38 -78.16 -87.48
N SER I 303 56.47 -79.48 -87.70
CA SER I 303 56.69 -80.40 -86.59
C SER I 303 58.04 -80.17 -85.91
N ARG I 304 59.10 -79.99 -86.72
CA ARG I 304 60.42 -79.78 -86.15
C ARG I 304 60.57 -78.37 -85.59
N VAL I 305 59.74 -77.44 -86.06
CA VAL I 305 59.92 -76.04 -85.68
C VAL I 305 59.18 -75.72 -84.38
N LEU I 306 57.87 -75.98 -84.34
CA LEU I 306 57.03 -75.51 -83.25
C LEU I 306 56.97 -76.45 -82.06
N ARG I 307 57.41 -77.71 -82.22
CA ARG I 307 57.23 -78.70 -81.17
C ARG I 307 58.02 -78.32 -79.91
N GLU I 308 59.28 -77.91 -80.09
CA GLU I 308 60.10 -77.57 -78.92
C GLU I 308 59.54 -76.38 -78.18
N TYR I 309 59.11 -75.34 -78.91
CA TYR I 309 58.56 -74.15 -78.27
C TYR I 309 57.27 -74.47 -77.53
N ILE I 310 56.38 -75.24 -78.15
CA ILE I 310 55.12 -75.58 -77.48
C ILE I 310 55.39 -76.46 -76.26
N SER I 311 56.34 -77.38 -76.36
CA SER I 311 56.67 -78.25 -75.24
C SER I 311 57.24 -77.47 -74.07
N ASP I 312 58.16 -76.53 -74.33
CA ASP I 312 58.71 -75.75 -73.23
C ASP I 312 57.70 -74.74 -72.70
N ALA I 313 56.72 -74.37 -73.51
CA ALA I 313 55.67 -73.47 -73.03
C ALA I 313 54.70 -74.20 -72.10
N ILE I 314 54.34 -75.44 -72.43
CA ILE I 314 53.34 -76.16 -71.65
C ILE I 314 53.98 -77.02 -70.56
N TRP I 315 54.75 -78.03 -70.97
CA TRP I 315 55.28 -79.02 -70.05
C TRP I 315 56.72 -78.71 -69.63
N GLY I 316 57.05 -77.42 -69.53
CA GLY I 316 58.37 -77.05 -69.05
C GLY I 316 58.58 -77.36 -67.58
N SER I 317 57.51 -77.41 -66.79
CA SER I 317 57.64 -77.74 -65.37
C SER I 317 57.86 -79.23 -65.17
N GLU I 318 57.43 -80.05 -66.11
CA GLU I 318 57.52 -81.50 -65.95
C GLU I 318 58.97 -81.97 -66.01
N SER I 319 59.29 -83.00 -65.23
CA SER I 319 60.58 -83.64 -65.25
C SER I 319 60.72 -84.68 -66.34
N ASP I 320 59.64 -84.98 -67.06
CA ASP I 320 59.66 -85.89 -68.20
C ASP I 320 59.71 -85.16 -69.53
N TYR I 321 60.46 -84.06 -69.60
CA TYR I 321 60.48 -83.23 -70.81
C TYR I 321 61.01 -84.03 -72.00
N ASP I 322 62.06 -84.82 -71.79
CA ASP I 322 62.62 -85.61 -72.88
C ASP I 322 61.63 -86.66 -73.38
N ASP I 323 60.92 -87.32 -72.46
CA ASP I 323 59.90 -88.29 -72.85
C ASP I 323 58.78 -87.61 -73.63
N ILE I 324 58.39 -86.40 -73.21
CA ILE I 324 57.34 -85.67 -73.90
C ILE I 324 57.79 -85.25 -75.29
N LYS I 325 59.07 -84.85 -75.44
CA LYS I 325 59.56 -84.38 -76.72
C LYS I 325 59.39 -85.41 -77.83
N ALA I 326 59.46 -86.70 -77.49
CA ALA I 326 59.26 -87.73 -78.50
C ALA I 326 57.84 -87.72 -79.03
N GLY I 327 56.88 -87.35 -78.19
CA GLY I 327 55.48 -87.30 -78.60
C GLY I 327 55.03 -85.92 -79.03
N ILE I 328 54.03 -85.39 -78.31
CA ILE I 328 53.47 -84.06 -78.54
C ILE I 328 52.63 -84.07 -79.81
N ASN I 329 51.32 -84.08 -79.65
CA ASN I 329 50.37 -84.04 -80.75
C ASN I 329 49.61 -82.73 -80.70
N ILE I 330 49.56 -82.04 -81.83
CA ILE I 330 49.07 -80.67 -81.93
C ILE I 330 48.01 -80.61 -83.01
N ASN I 331 46.84 -80.08 -82.68
CA ASN I 331 45.74 -79.92 -83.62
C ASN I 331 45.43 -78.43 -83.77
N TYR I 332 45.36 -77.98 -85.02
CA TYR I 332 45.17 -76.56 -85.31
C TYR I 332 43.70 -76.28 -85.62
N LEU I 333 43.14 -75.26 -84.96
CA LEU I 333 41.74 -74.91 -85.13
C LEU I 333 41.52 -73.69 -86.01
N SER I 334 42.20 -72.58 -85.72
CA SER I 334 42.03 -71.36 -86.47
C SER I 334 43.39 -70.72 -86.75
N LEU I 335 43.47 -70.08 -87.92
CA LEU I 335 44.67 -69.39 -88.35
C LEU I 335 44.30 -67.97 -88.74
N ASN I 336 44.98 -66.98 -88.15
CA ASN I 336 44.67 -65.58 -88.34
C ASN I 336 45.97 -64.79 -88.43
N GLN I 337 45.84 -63.47 -88.48
CA GLN I 337 46.97 -62.58 -88.70
C GLN I 337 47.03 -61.52 -87.62
N ASN I 338 48.23 -60.99 -87.40
CA ASN I 338 48.44 -59.84 -86.52
C ASN I 338 49.74 -59.17 -86.92
N CYS I 339 50.02 -58.03 -86.29
CA CYS I 339 51.25 -57.29 -86.57
C CYS I 339 52.51 -58.08 -86.21
N ASP I 340 52.39 -59.12 -85.38
CA ASP I 340 53.52 -59.97 -85.04
C ASP I 340 53.67 -61.16 -85.99
N GLY I 341 52.81 -61.27 -87.00
CA GLY I 341 52.92 -62.34 -87.98
C GLY I 341 51.63 -63.16 -88.07
N LEU I 342 51.80 -64.48 -88.08
CA LEU I 342 50.66 -65.36 -88.17
C LEU I 342 50.35 -65.99 -86.82
N VAL I 343 49.06 -66.15 -86.52
CA VAL I 343 48.61 -66.62 -85.21
C VAL I 343 47.83 -67.92 -85.43
N ILE I 344 48.18 -68.95 -84.67
CA ILE I 344 47.54 -70.25 -84.76
C ILE I 344 46.96 -70.58 -83.39
N LEU I 345 45.69 -70.99 -83.37
CA LEU I 345 45.09 -71.57 -82.18
C LEU I 345 45.33 -73.07 -82.21
N SER I 346 46.05 -73.57 -81.22
CA SER I 346 46.46 -74.96 -81.21
C SER I 346 46.03 -75.63 -79.92
N ALA I 347 45.56 -76.88 -80.06
CA ALA I 347 45.29 -77.76 -78.94
C ALA I 347 46.43 -78.76 -78.88
N ALA I 348 47.22 -78.73 -77.81
CA ALA I 348 48.38 -79.58 -77.67
C ALA I 348 48.14 -80.59 -76.57
N TRP I 349 48.62 -81.82 -76.79
CA TRP I 349 48.50 -82.87 -75.77
C TRP I 349 49.62 -83.88 -75.99
N HIS I 350 50.20 -84.34 -74.89
CA HIS I 350 51.27 -85.31 -74.96
C HIS I 350 50.71 -86.72 -74.83
N PRO I 351 51.32 -87.71 -75.50
CA PRO I 351 50.77 -89.07 -75.50
C PRO I 351 50.83 -89.68 -74.11
N GLY I 352 49.67 -89.98 -73.54
CA GLY I 352 49.58 -90.64 -72.25
C GLY I 352 50.08 -89.80 -71.09
N ASP I 353 50.40 -90.47 -69.98
CA ASP I 353 50.96 -89.85 -68.79
C ASP I 353 50.01 -88.89 -68.12
N ASN I 354 50.34 -88.46 -66.90
CA ASN I 354 49.52 -87.54 -66.12
C ASN I 354 50.36 -86.40 -65.58
N PRO I 355 49.80 -85.19 -65.46
CA PRO I 355 48.45 -84.87 -65.91
C PRO I 355 48.40 -84.45 -67.38
N CYS I 356 47.51 -85.08 -68.15
CA CYS I 356 47.35 -84.78 -69.56
C CYS I 356 46.10 -83.94 -69.75
N GLN I 357 46.26 -82.79 -70.39
CA GLN I 357 45.15 -81.90 -70.70
C GLN I 357 45.24 -81.46 -72.14
N ILE I 358 44.13 -80.93 -72.65
CA ILE I 358 44.09 -80.33 -73.98
C ILE I 358 44.49 -78.86 -73.81
N TYR I 359 45.79 -78.60 -73.87
CA TYR I 359 46.29 -77.26 -73.56
C TYR I 359 46.10 -76.36 -74.77
N TYR I 360 45.37 -75.26 -74.57
CA TYR I 360 45.20 -74.26 -75.62
C TYR I 360 46.41 -73.34 -75.67
N THR I 361 46.94 -73.14 -76.88
CA THR I 361 48.10 -72.30 -77.10
C THR I 361 47.85 -71.35 -78.25
N LEU I 362 48.20 -70.09 -78.04
CA LEU I 362 48.33 -69.11 -79.11
C LEU I 362 49.77 -69.15 -79.60
N VAL I 363 49.97 -69.61 -80.82
CA VAL I 363 51.29 -69.75 -81.41
C VAL I 363 51.44 -68.63 -82.42
N THR I 364 52.32 -67.68 -82.14
CA THR I 364 52.59 -66.57 -83.04
C THR I 364 53.94 -66.78 -83.70
N VAL I 365 53.93 -66.71 -85.03
CA VAL I 365 55.10 -66.93 -85.87
C VAL I 365 55.41 -65.60 -86.56
N LYS I 366 56.61 -65.08 -86.34
CA LYS I 366 56.97 -63.79 -86.91
C LYS I 366 57.13 -63.90 -88.42
N ASP I 367 56.66 -62.88 -89.12
CA ASP I 367 56.78 -62.78 -90.57
C ASP I 367 57.55 -61.51 -90.92
N GLU I 368 58.74 -61.69 -91.49
CA GLU I 368 59.59 -60.57 -91.88
C GLU I 368 59.07 -59.84 -93.11
N GLY I 369 58.22 -60.49 -93.90
CA GLY I 369 57.76 -59.95 -95.15
C GLY I 369 57.87 -60.99 -96.25
N TYR I 370 58.71 -62.00 -96.00
CA TYR I 370 58.86 -63.15 -96.90
C TYR I 370 59.31 -64.33 -96.06
N ASN I 371 58.51 -65.39 -96.05
CA ASN I 371 58.76 -66.61 -95.27
C ASN I 371 58.68 -66.35 -93.77
N ILE I 372 58.44 -67.40 -93.00
CA ILE I 372 58.29 -67.28 -91.55
C ILE I 372 59.65 -67.16 -90.89
N SER I 373 59.66 -66.82 -89.61
CA SER I 373 60.85 -66.86 -88.77
C SER I 373 60.75 -67.99 -87.76
N ASP I 374 61.90 -68.44 -87.28
CA ASP I 374 61.96 -69.54 -86.32
C ASP I 374 61.75 -69.08 -84.88
N GLU I 375 61.67 -67.77 -84.64
CA GLU I 375 61.38 -67.25 -83.30
C GLU I 375 59.88 -67.38 -83.07
N ILE I 376 59.50 -68.49 -82.44
CA ILE I 376 58.10 -68.84 -82.26
C ILE I 376 57.71 -68.52 -80.83
N THR I 377 56.63 -67.76 -80.64
CA THR I 377 56.17 -67.44 -79.30
C THR I 377 54.86 -68.15 -79.03
N VAL I 378 54.86 -69.00 -78.01
CA VAL I 378 53.71 -69.86 -77.69
C VAL I 378 53.21 -69.47 -76.32
N GLU I 379 51.96 -69.07 -76.24
CA GLU I 379 51.33 -68.68 -74.98
C GLU I 379 50.27 -69.70 -74.62
N VAL I 380 50.45 -70.35 -73.46
CA VAL I 380 49.50 -71.34 -72.98
C VAL I 380 48.42 -70.65 -72.16
N THR I 381 47.17 -70.96 -72.46
CA THR I 381 46.04 -70.32 -71.80
C THR I 381 45.84 -70.86 -70.40
N GLN I 382 45.20 -70.05 -69.55
CA GLN I 382 44.84 -70.50 -68.21
C GLN I 382 43.80 -71.61 -68.26
N PHE I 383 42.87 -71.55 -69.22
CA PHE I 383 41.88 -72.60 -69.37
C PHE I 383 42.56 -73.89 -69.82
N ASN I 384 42.30 -74.97 -69.09
CA ASN I 384 42.89 -76.26 -69.40
C ASN I 384 41.91 -77.39 -69.09
N PRO I 385 40.96 -77.66 -69.98
CA PRO I 385 40.00 -78.74 -69.71
C PRO I 385 40.67 -80.11 -69.71
N VAL I 386 39.96 -81.09 -69.16
CA VAL I 386 40.48 -82.45 -69.11
C VAL I 386 40.67 -82.98 -70.53
N PHE I 387 41.68 -83.82 -70.70
CA PHE I 387 42.00 -84.35 -72.02
C PHE I 387 41.08 -85.52 -72.38
N GLN I 388 40.20 -85.28 -73.34
CA GLN I 388 39.31 -86.34 -73.82
C GLN I 388 39.07 -86.26 -75.33
N ALA I 389 39.72 -85.33 -76.01
CA ALA I 389 39.49 -85.15 -77.44
C ALA I 389 40.67 -84.39 -78.05
N ARG I 390 40.62 -84.27 -79.38
CA ARG I 390 41.64 -83.52 -80.13
C ARG I 390 41.27 -82.05 -80.31
N GLY I 391 40.08 -81.64 -79.89
CA GLY I 391 39.68 -80.25 -80.06
C GLY I 391 38.23 -79.99 -79.69
N MET I 392 37.99 -78.86 -79.05
CA MET I 392 36.68 -78.48 -78.53
C MET I 392 36.49 -76.97 -78.70
N GLN I 393 35.23 -76.53 -78.71
CA GLN I 393 34.90 -75.19 -79.18
C GLN I 393 34.23 -74.32 -78.12
N LEU I 394 34.21 -74.75 -76.85
CA LEU I 394 33.72 -73.85 -75.81
C LEU I 394 34.71 -72.73 -75.55
N CYS I 395 36.00 -73.02 -75.63
CA CYS I 395 37.05 -72.01 -75.55
C CYS I 395 37.19 -71.38 -76.94
N GLN I 396 36.64 -70.19 -77.11
CA GLN I 396 36.64 -69.52 -78.40
C GLN I 396 37.28 -68.15 -78.27
N LEU I 397 38.12 -67.80 -79.25
CA LEU I 397 38.86 -66.56 -79.26
C LEU I 397 38.26 -65.59 -80.27
N VAL I 398 38.06 -64.34 -79.84
CA VAL I 398 37.50 -63.30 -80.69
C VAL I 398 38.46 -62.11 -80.72
N VAL I 399 38.66 -61.57 -81.91
CA VAL I 399 39.48 -60.37 -82.11
C VAL I 399 38.56 -59.14 -81.97
N PRO I 400 39.07 -58.02 -81.46
CA PRO I 400 38.18 -56.86 -81.24
C PRO I 400 37.59 -56.28 -82.53
N ASN I 401 38.44 -55.82 -83.45
CA ASN I 401 37.90 -55.32 -84.72
C ASN I 401 37.97 -56.39 -85.79
N PHE I 402 39.17 -56.69 -86.26
CA PHE I 402 39.46 -57.94 -86.95
C PHE I 402 40.90 -58.38 -86.70
N SER I 403 41.65 -57.57 -85.95
CA SER I 403 43.07 -57.82 -85.69
C SER I 403 43.62 -56.87 -84.65
N SER I 404 44.35 -57.40 -83.66
CA SER I 404 45.00 -56.57 -82.65
C SER I 404 46.04 -57.41 -81.92
N GLN I 405 46.71 -56.77 -80.97
CA GLN I 405 47.69 -57.44 -80.12
C GLN I 405 47.08 -58.13 -78.91
N ALA I 406 45.78 -57.94 -78.69
CA ALA I 406 45.07 -58.61 -77.61
C ALA I 406 43.73 -59.14 -78.13
N CYS I 407 43.35 -60.32 -77.66
CA CYS I 407 42.09 -60.95 -78.04
C CYS I 407 41.32 -61.31 -76.79
N TYR I 408 40.10 -61.78 -76.98
CA TYR I 408 39.25 -62.19 -75.87
C TYR I 408 38.91 -63.67 -76.02
N LEU I 409 39.39 -64.48 -75.07
CA LEU I 409 39.10 -65.91 -75.05
C LEU I 409 37.97 -66.15 -74.05
N TYR I 410 36.87 -66.70 -74.55
CA TYR I 410 35.68 -66.88 -73.73
C TYR I 410 35.29 -68.34 -73.69
N THR I 411 34.79 -68.75 -72.53
CA THR I 411 34.04 -69.98 -72.34
C THR I 411 32.58 -69.61 -72.11
N GLN I 412 31.79 -70.60 -71.74
CA GLN I 412 30.37 -70.35 -71.45
C GLN I 412 30.17 -69.58 -70.15
N GLU I 413 31.23 -69.37 -69.35
CA GLU I 413 31.12 -68.66 -68.08
C GLU I 413 32.16 -67.57 -67.89
N MET I 414 33.21 -67.54 -68.71
CA MET I 414 34.37 -66.71 -68.37
C MET I 414 34.83 -65.97 -69.61
N ILE I 415 35.37 -64.77 -69.42
CA ILE I 415 36.00 -64.00 -70.49
C ILE I 415 37.37 -63.53 -70.00
N PHE I 416 38.42 -63.92 -70.73
CA PHE I 416 39.77 -63.57 -70.36
C PHE I 416 40.42 -62.79 -71.51
N ALA I 417 40.96 -61.61 -71.19
CA ALA I 417 41.72 -60.83 -72.16
C ALA I 417 43.12 -61.40 -72.27
N CYS I 418 43.45 -61.97 -73.42
CA CYS I 418 44.73 -62.61 -73.65
C CYS I 418 45.57 -61.76 -74.58
N SER I 419 46.88 -61.83 -74.38
CA SER I 419 47.84 -61.11 -75.21
C SER I 419 48.48 -62.08 -76.20
N THR I 420 48.40 -61.74 -77.48
CA THR I 420 48.97 -62.54 -78.55
C THR I 420 50.42 -62.13 -78.77
N GLY I 421 51.32 -63.10 -78.70
CA GLY I 421 52.74 -62.78 -78.68
C GLY I 421 53.06 -62.02 -77.41
N THR I 422 54.00 -61.08 -77.50
CA THR I 422 54.30 -60.19 -76.38
C THR I 422 53.46 -58.93 -76.41
N GLY I 423 52.90 -58.58 -77.57
CA GLY I 423 51.99 -57.46 -77.69
C GLY I 423 52.70 -56.12 -77.71
N ARG I 424 52.16 -55.21 -78.52
CA ARG I 424 52.63 -53.84 -78.59
C ARG I 424 51.45 -52.89 -78.58
N SER I 425 50.24 -53.45 -78.69
CA SER I 425 49.00 -52.69 -78.61
C SER I 425 47.99 -53.47 -77.78
N THR I 426 48.49 -54.21 -76.78
CA THR I 426 47.66 -55.12 -76.02
C THR I 426 46.63 -54.36 -75.20
N LEU I 427 45.36 -54.76 -75.31
CA LEU I 427 44.31 -54.22 -74.47
C LEU I 427 44.51 -54.71 -73.04
N PRO I 428 43.94 -54.00 -72.05
CA PRO I 428 44.10 -54.41 -70.66
C PRO I 428 43.71 -55.86 -70.44
N GLN I 429 44.59 -56.61 -69.78
CA GLN I 429 44.41 -58.04 -69.54
C GLN I 429 43.54 -58.19 -68.29
N GLU I 430 42.32 -58.68 -68.48
CA GLU I 430 41.38 -58.76 -67.37
C GLU I 430 40.66 -60.10 -67.41
N LYS I 431 40.08 -60.47 -66.27
CA LYS I 431 39.35 -61.71 -66.10
C LYS I 431 37.95 -61.37 -65.60
N ILE I 432 36.97 -61.43 -66.49
CA ILE I 432 35.60 -61.02 -66.20
C ILE I 432 34.72 -62.28 -66.24
N PRO I 433 34.11 -62.67 -65.12
CA PRO I 433 33.19 -63.80 -65.14
C PRO I 433 31.75 -63.35 -65.37
N PHE I 434 31.04 -64.12 -66.18
CA PHE I 434 29.63 -63.88 -66.46
C PHE I 434 28.85 -65.16 -66.18
N GLU I 435 27.93 -65.10 -65.21
CA GLU I 435 27.17 -66.25 -64.78
C GLU I 435 25.69 -65.91 -64.86
N ALA I 436 24.87 -66.89 -65.26
CA ALA I 436 23.43 -66.73 -65.42
C ALA I 436 23.10 -65.72 -66.51
N GLN I 437 24.13 -65.18 -67.16
CA GLN I 437 23.97 -64.25 -68.26
C GLN I 437 24.79 -64.60 -69.49
N GLY I 438 25.90 -65.31 -69.32
CA GLY I 438 26.69 -65.73 -70.45
C GLY I 438 26.20 -67.04 -71.05
N ASP I 439 24.93 -67.06 -71.47
CA ASP I 439 24.35 -68.25 -72.07
C ASP I 439 24.91 -68.51 -73.46
N ASN I 440 25.33 -67.48 -74.16
CA ASN I 440 26.06 -67.61 -75.41
C ASN I 440 26.82 -66.33 -75.70
N ILE I 441 28.14 -66.36 -75.62
CA ILE I 441 28.95 -65.16 -75.82
C ILE I 441 29.04 -64.93 -77.32
N VAL I 442 28.11 -64.13 -77.85
CA VAL I 442 28.05 -63.91 -79.29
C VAL I 442 29.28 -63.16 -79.77
N GLY I 443 29.72 -62.14 -79.03
CA GLY I 443 30.89 -61.38 -79.42
C GLY I 443 31.47 -60.62 -78.27
N ALA I 444 32.78 -60.40 -78.34
CA ALA I 444 33.50 -59.59 -77.38
C ALA I 444 34.55 -58.78 -78.13
N GLY I 445 34.86 -57.61 -77.60
CA GLY I 445 35.80 -56.73 -78.27
C GLY I 445 36.05 -55.48 -77.45
N SER I 446 36.59 -54.46 -78.14
CA SER I 446 36.86 -53.16 -77.53
C SER I 446 36.03 -52.12 -78.24
N CYS I 447 35.38 -51.24 -77.48
CA CYS I 447 34.63 -50.13 -78.02
C CYS I 447 35.13 -48.84 -77.38
N GLU I 448 35.63 -47.92 -78.20
CA GLU I 448 36.22 -46.67 -77.74
C GLU I 448 37.35 -46.89 -76.73
N GLY I 449 38.14 -47.94 -76.93
CA GLY I 449 39.23 -48.25 -76.02
C GLY I 449 38.83 -49.00 -74.77
N TRP I 450 37.55 -49.30 -74.60
CA TRP I 450 37.10 -49.97 -73.38
C TRP I 450 36.72 -51.41 -73.68
N PRO I 451 36.99 -52.34 -72.77
CA PRO I 451 36.59 -53.74 -72.99
C PRO I 451 35.08 -53.91 -72.90
N VAL I 452 34.44 -54.18 -74.03
CA VAL I 452 32.99 -54.26 -74.13
C VAL I 452 32.63 -55.65 -74.64
N PHE I 453 31.68 -56.30 -73.95
CA PHE I 453 31.26 -57.66 -74.28
C PHE I 453 29.78 -57.68 -74.57
N PHE I 454 29.38 -58.45 -75.58
CA PHE I 454 27.97 -58.66 -75.88
C PHE I 454 27.48 -59.81 -75.01
N ILE I 455 26.68 -59.50 -74.01
CA ILE I 455 26.21 -60.46 -73.02
C ILE I 455 24.74 -60.79 -73.31
N ARG I 456 24.39 -62.07 -73.20
CA ARG I 456 23.04 -62.51 -73.49
C ARG I 456 22.05 -61.86 -72.54
N LYS I 457 20.85 -61.59 -73.06
CA LYS I 457 19.70 -61.09 -72.32
C LYS I 457 19.87 -59.65 -71.82
N SER I 458 21.04 -59.06 -72.03
CA SER I 458 21.28 -57.68 -71.64
C SER I 458 21.84 -56.90 -72.82
N GLY I 459 21.99 -57.58 -73.96
CA GLY I 459 22.55 -56.92 -75.12
C GLY I 459 24.03 -56.64 -74.93
N MET I 460 24.36 -55.35 -74.89
CA MET I 460 25.75 -54.93 -74.79
C MET I 460 26.03 -54.24 -73.46
N LEU I 461 27.02 -54.73 -72.73
CA LEU I 461 27.43 -54.16 -71.46
C LEU I 461 28.92 -53.85 -71.51
N THR I 462 29.30 -52.66 -71.07
CA THR I 462 30.70 -52.27 -71.02
C THR I 462 31.26 -52.55 -69.63
N VAL I 463 32.42 -53.20 -69.61
CA VAL I 463 33.12 -53.52 -68.38
C VAL I 463 34.27 -52.52 -68.26
N VAL I 464 34.00 -51.40 -67.60
CA VAL I 464 35.02 -50.31 -67.40
C VAL I 464 35.14 -50.02 -65.90
N ALA I 465 34.71 -48.82 -65.48
CA ALA I 465 34.79 -48.41 -64.07
C ALA I 465 33.86 -47.21 -63.83
N ARG I 466 33.89 -46.64 -62.62
CA ARG I 466 33.04 -45.48 -62.27
C ARG I 466 33.32 -45.06 -60.82
N GLU I 467 32.96 -43.82 -60.47
CA GLU I 467 33.18 -43.30 -59.09
C GLU I 467 32.35 -42.02 -58.89
N THR I 468 32.90 -41.04 -58.16
CA THR I 468 32.20 -39.75 -57.90
C THR I 468 30.81 -40.03 -57.32
N ALA I 469 30.75 -40.62 -56.13
CA ALA I 469 29.45 -40.93 -55.47
C ALA I 469 29.02 -39.76 -54.59
N SER I 470 27.71 -39.51 -54.51
CA SER I 470 27.16 -38.41 -53.67
C SER I 470 27.87 -37.09 -54.01
N VAL I 471 28.31 -36.36 -52.97
CA VAL I 471 29.02 -35.06 -53.16
C VAL I 471 30.53 -35.34 -53.26
N LEU I 472 31.31 -34.73 -52.35
CA LEU I 472 32.80 -34.89 -52.30
C LEU I 472 33.42 -34.57 -53.66
N PRO I 473 33.44 -33.30 -54.11
CA PRO I 473 34.01 -32.91 -55.40
C PRO I 473 35.42 -33.51 -55.63
N GLU I 474 35.53 -34.83 -55.42
CA GLU I 474 36.79 -35.55 -55.59
C GLU I 474 37.31 -35.44 -57.01
N HIS I 475 36.44 -35.58 -58.01
CA HIS I 475 36.89 -35.53 -59.39
C HIS I 475 37.48 -34.17 -59.76
N MET I 476 36.86 -33.08 -59.32
CA MET I 476 37.36 -31.77 -59.70
C MET I 476 38.56 -31.36 -58.83
N GLU I 477 38.63 -31.86 -57.59
CA GLU I 477 39.88 -31.72 -56.83
C GLU I 477 41.03 -32.42 -57.53
N GLU I 478 40.80 -33.63 -58.03
CA GLU I 478 41.83 -34.36 -58.76
C GLU I 478 42.18 -33.66 -60.06
N SER I 479 41.19 -33.05 -60.71
CA SER I 479 41.47 -32.27 -61.92
C SER I 479 42.37 -31.07 -61.59
N LEU I 480 42.08 -30.39 -60.47
CA LEU I 480 42.93 -29.29 -60.05
C LEU I 480 44.35 -29.78 -59.77
N SER I 481 44.49 -30.91 -59.09
CA SER I 481 45.82 -31.46 -58.82
C SER I 481 46.55 -31.86 -60.09
N SER I 482 45.85 -32.44 -61.06
CA SER I 482 46.45 -32.78 -62.34
C SER I 482 46.92 -31.54 -63.09
N VAL I 483 46.12 -30.48 -63.10
CA VAL I 483 46.57 -29.23 -63.70
C VAL I 483 47.50 -28.47 -62.78
N SER I 484 47.58 -28.87 -61.51
CA SER I 484 48.52 -28.30 -60.54
C SER I 484 49.93 -28.85 -60.72
N LYS I 485 50.05 -30.10 -61.13
CA LYS I 485 51.33 -30.79 -61.22
C LYS I 485 52.08 -30.45 -62.50
N SER I 486 51.71 -29.34 -63.16
CA SER I 486 52.45 -28.86 -64.32
C SER I 486 53.35 -27.68 -64.02
N SER I 487 53.25 -27.08 -62.84
CA SER I 487 54.21 -26.07 -62.43
C SER I 487 55.61 -26.64 -62.21
N ARG I 488 55.72 -27.97 -62.06
CA ARG I 488 56.99 -28.66 -61.99
C ARG I 488 57.54 -29.00 -63.35
N GLN I 489 56.73 -28.84 -64.41
CA GLN I 489 57.19 -29.01 -65.78
C GLN I 489 57.39 -27.67 -66.47
N ALA I 490 56.79 -26.61 -65.93
CA ALA I 490 56.91 -25.26 -66.47
C ALA I 490 57.69 -24.42 -65.46
N VAL I 491 58.77 -25.00 -64.93
CA VAL I 491 59.59 -24.33 -63.94
C VAL I 491 60.35 -23.19 -64.59
N VAL I 492 60.74 -22.20 -63.77
CA VAL I 492 61.53 -21.06 -64.20
C VAL I 492 62.92 -21.20 -63.58
N LYS I 493 63.95 -21.06 -64.39
CA LYS I 493 65.31 -21.34 -63.95
C LYS I 493 65.82 -20.23 -63.03
N ASP I 494 66.67 -20.62 -62.09
CA ASP I 494 67.38 -19.73 -61.17
C ASP I 494 66.44 -19.15 -60.11
N SER I 495 66.89 -19.14 -58.85
CA SER I 495 66.08 -18.56 -57.78
C SER I 495 66.29 -17.05 -57.68
N ARG I 496 67.51 -16.63 -57.32
CA ARG I 496 67.94 -15.24 -57.12
C ARG I 496 67.06 -14.48 -56.11
N PRO I 497 67.47 -13.27 -55.66
CA PRO I 497 66.63 -12.52 -54.71
C PRO I 497 65.25 -12.17 -55.25
N ASP I 498 65.17 -11.49 -56.40
CA ASP I 498 63.90 -10.99 -56.92
C ASP I 498 63.96 -10.89 -58.44
N GLN I 499 63.06 -11.61 -59.11
CA GLN I 499 62.93 -11.50 -60.56
C GLN I 499 61.55 -12.02 -60.96
N ILE I 500 61.36 -12.28 -62.26
CA ILE I 500 60.09 -12.78 -62.76
C ILE I 500 59.77 -14.16 -62.21
N ALA I 501 60.80 -14.95 -61.91
CA ALA I 501 60.57 -16.26 -61.29
C ALA I 501 59.90 -16.11 -59.93
N HIS I 502 60.27 -15.09 -59.17
CA HIS I 502 59.61 -14.83 -57.90
C HIS I 502 58.14 -14.51 -58.10
N ASP I 503 57.83 -13.70 -59.11
CA ASP I 503 56.44 -13.38 -59.41
C ASP I 503 55.67 -14.63 -59.81
N ASP I 504 56.30 -15.51 -60.60
CA ASP I 504 55.66 -16.77 -60.96
C ASP I 504 55.39 -17.62 -59.73
N LYS I 505 56.36 -17.70 -58.82
CA LYS I 505 56.18 -18.47 -57.59
C LYS I 505 55.05 -17.90 -56.75
N THR I 506 54.98 -16.57 -56.64
CA THR I 506 53.92 -15.93 -55.87
C THR I 506 52.56 -16.18 -56.50
N LYS I 507 52.49 -16.15 -57.83
CA LYS I 507 51.23 -16.45 -58.50
C LYS I 507 50.81 -17.89 -58.25
N HIS I 508 51.77 -18.82 -58.27
CA HIS I 508 51.45 -20.21 -57.95
C HIS I 508 50.97 -20.36 -56.51
N LEU I 509 51.62 -19.65 -55.58
CA LEU I 509 51.17 -19.69 -54.19
C LEU I 509 49.76 -19.15 -54.06
N LYS I 510 49.45 -18.06 -54.77
CA LYS I 510 48.12 -17.48 -54.72
C LYS I 510 47.08 -18.44 -55.29
N ALA I 511 47.42 -19.12 -56.39
CA ALA I 511 46.49 -20.08 -56.97
C ALA I 511 46.25 -21.27 -56.03
N ALA I 512 47.31 -21.77 -55.40
CA ALA I 512 47.14 -22.86 -54.43
C ALA I 512 46.32 -22.41 -53.24
N PHE I 513 46.53 -21.17 -52.78
CA PHE I 513 45.76 -20.65 -51.66
C PHE I 513 44.29 -20.46 -52.03
N LEU I 514 44.02 -20.04 -53.26
CA LEU I 514 42.64 -19.93 -53.73
C LEU I 514 42.01 -21.32 -53.81
N ARG I 515 42.78 -22.32 -54.23
CA ARG I 515 42.28 -23.69 -54.18
C ARG I 515 41.94 -24.11 -52.76
N TYR I 516 42.80 -23.75 -51.81
CA TYR I 516 42.53 -24.09 -50.41
C TYR I 516 41.27 -23.40 -49.90
N CYS I 517 41.08 -22.14 -50.28
CA CYS I 517 39.86 -21.42 -49.94
C CYS I 517 38.63 -22.10 -50.54
N ARG I 518 38.75 -22.55 -51.78
CA ARG I 518 37.74 -23.36 -52.46
C ARG I 518 37.74 -24.80 -51.97
N LYS I 519 38.51 -25.08 -50.92
CA LYS I 519 38.57 -26.38 -50.26
C LYS I 519 39.09 -27.49 -51.16
N ASP I 520 40.32 -27.32 -51.66
CA ASP I 520 40.99 -28.40 -52.39
C ASP I 520 42.41 -28.49 -51.85
N ILE I 521 42.64 -29.42 -50.91
CA ILE I 521 43.98 -29.64 -50.40
C ILE I 521 44.86 -30.29 -51.46
N LEU I 522 44.26 -31.12 -52.32
CA LEU I 522 45.04 -31.92 -53.24
C LEU I 522 45.75 -31.06 -54.30
N GLY I 523 45.00 -30.15 -54.94
CA GLY I 523 45.62 -29.28 -55.92
C GLY I 523 46.62 -28.31 -55.32
N ALA I 524 46.33 -27.79 -54.13
CA ALA I 524 47.27 -26.91 -53.45
C ALA I 524 48.57 -27.64 -53.14
N GLN I 525 48.47 -28.86 -52.61
CA GLN I 525 49.68 -29.64 -52.32
C GLN I 525 50.41 -30.02 -53.60
N SER I 526 49.67 -30.29 -54.68
CA SER I 526 50.31 -30.60 -55.95
C SER I 526 51.12 -29.42 -56.47
N MET I 527 50.55 -28.20 -56.39
CA MET I 527 51.30 -27.03 -56.80
C MET I 527 52.51 -26.81 -55.88
N VAL I 528 52.34 -27.04 -54.58
CA VAL I 528 53.44 -26.85 -53.63
C VAL I 528 54.59 -27.80 -53.98
N ASP I 529 54.27 -29.07 -54.24
CA ASP I 529 55.29 -30.03 -54.65
C ASP I 529 55.88 -29.66 -55.99
N SER I 530 55.08 -29.06 -56.87
CA SER I 530 55.57 -28.65 -58.18
C SER I 530 56.66 -27.59 -58.09
N LEU I 531 56.74 -26.87 -56.98
CA LEU I 531 57.77 -25.85 -56.81
C LEU I 531 58.88 -26.30 -55.86
N PHE I 532 58.52 -26.75 -54.66
CA PHE I 532 59.51 -27.20 -53.69
C PHE I 532 59.05 -28.50 -53.05
N SER I 533 59.98 -29.43 -52.90
CA SER I 533 59.68 -30.68 -52.21
C SER I 533 59.40 -30.39 -50.73
N ASP I 534 58.34 -30.99 -50.21
CA ASP I 534 57.95 -30.82 -48.82
C ASP I 534 58.60 -31.84 -47.90
N SER I 535 59.37 -32.77 -48.47
CA SER I 535 60.17 -33.70 -47.68
C SER I 535 61.43 -33.06 -47.15
N ASP I 536 61.74 -31.83 -47.57
CA ASP I 536 62.90 -31.10 -47.12
C ASP I 536 62.59 -30.33 -45.84
N MET I 537 63.50 -30.42 -44.88
CA MET I 537 63.40 -29.64 -43.65
C MET I 537 64.35 -28.44 -43.70
N GLU I 538 65.02 -28.25 -44.83
CA GLU I 538 66.06 -27.24 -45.03
C GLU I 538 65.50 -25.83 -44.90
N PRO I 539 66.29 -24.88 -44.40
CA PRO I 539 65.84 -23.49 -44.39
C PRO I 539 65.94 -22.88 -45.77
N ASP I 540 64.79 -22.40 -46.26
CA ASP I 540 64.70 -21.85 -47.62
C ASP I 540 64.28 -20.38 -47.48
N ASP I 541 65.26 -19.48 -47.51
CA ASP I 541 64.97 -18.06 -47.40
C ASP I 541 64.09 -17.57 -48.53
N GLU I 542 64.30 -18.09 -49.74
CA GLU I 542 63.42 -17.74 -50.86
C GLU I 542 61.98 -18.17 -50.60
N LEU I 543 61.79 -19.39 -50.10
CA LEU I 543 60.45 -19.87 -49.79
C LEU I 543 59.79 -19.01 -48.71
N ASP I 544 60.54 -18.72 -47.65
CA ASP I 544 60.01 -17.91 -46.57
C ASP I 544 59.67 -16.51 -47.05
N LEU I 545 60.52 -15.93 -47.90
CA LEU I 545 60.27 -14.60 -48.44
C LEU I 545 59.04 -14.59 -49.33
N ALA I 546 58.88 -15.61 -50.17
CA ALA I 546 57.68 -15.70 -51.01
C ALA I 546 56.43 -15.81 -50.16
N VAL I 547 56.47 -16.64 -49.11
CA VAL I 547 55.31 -16.78 -48.22
C VAL I 547 55.01 -15.45 -47.54
N ASN I 548 56.05 -14.77 -47.07
CA ASN I 548 55.86 -13.50 -46.37
C ASN I 548 55.27 -12.45 -47.31
N GLN I 549 55.75 -12.38 -48.56
CA GLN I 549 55.20 -11.43 -49.50
C GLN I 549 53.75 -11.74 -49.83
N ILE I 550 53.42 -13.04 -49.98
CA ILE I 550 52.04 -13.42 -50.20
C ILE I 550 51.17 -12.97 -49.03
N SER I 551 51.65 -13.17 -47.81
CA SER I 551 50.91 -12.72 -46.63
C SER I 551 50.74 -11.20 -46.61
N VAL I 552 51.80 -10.47 -47.00
CA VAL I 552 51.73 -9.01 -47.02
C VAL I 552 50.67 -8.54 -48.01
N ASP I 553 50.69 -9.12 -49.21
CA ASP I 553 49.68 -8.74 -50.21
C ASP I 553 48.28 -9.10 -49.72
N LEU I 554 48.13 -10.27 -49.09
CA LEU I 554 46.81 -10.69 -48.61
C LEU I 554 46.30 -9.75 -47.52
N ILE I 555 47.17 -9.32 -46.61
CA ILE I 555 46.70 -8.48 -45.51
C ILE I 555 46.51 -7.03 -45.95
N ASP I 556 47.27 -6.56 -46.93
CA ASP I 556 47.17 -5.18 -47.38
C ASP I 556 46.16 -5.01 -48.52
N ASP I 557 45.64 -6.09 -49.08
CA ASP I 557 44.63 -6.00 -50.11
C ASP I 557 43.47 -6.90 -49.73
N TYR I 558 42.25 -6.38 -49.91
CA TYR I 558 41.07 -7.17 -49.59
C TYR I 558 41.01 -8.39 -50.50
N PRO I 559 40.61 -9.55 -49.98
CA PRO I 559 40.74 -10.79 -50.77
C PRO I 559 39.77 -10.85 -51.92
N ALA I 560 40.06 -11.75 -52.86
CA ALA I 560 39.18 -11.94 -54.02
C ALA I 560 37.82 -12.44 -53.57
N SER I 561 36.78 -12.02 -54.30
CA SER I 561 35.41 -12.42 -54.02
C SER I 561 34.99 -12.01 -52.60
N ASP I 562 34.98 -10.71 -52.33
CA ASP I 562 34.54 -10.18 -51.05
C ASP I 562 33.62 -9.01 -51.32
N PRO I 563 32.80 -8.62 -50.33
CA PRO I 563 31.90 -7.47 -50.55
C PRO I 563 32.60 -6.18 -50.92
N ARG I 564 33.91 -6.08 -50.71
CA ARG I 564 34.63 -4.91 -51.19
C ARG I 564 34.64 -4.85 -52.72
N TRP I 565 34.78 -6.01 -53.37
CA TRP I 565 34.57 -6.05 -54.82
C TRP I 565 33.14 -5.74 -55.22
N ALA I 566 32.18 -5.97 -54.33
CA ALA I 566 30.78 -5.75 -54.69
C ALA I 566 30.47 -4.31 -55.03
N GLU I 567 31.00 -3.36 -54.25
CA GLU I 567 30.84 -1.95 -54.56
C GLU I 567 31.94 -1.41 -55.47
N SER I 568 33.06 -2.11 -55.59
CA SER I 568 34.03 -1.80 -56.64
C SER I 568 33.47 -2.01 -58.03
N VAL I 569 32.78 -3.12 -58.26
CA VAL I 569 31.94 -3.30 -59.44
C VAL I 569 30.70 -2.45 -59.16
N PRO I 570 29.90 -2.07 -60.17
CA PRO I 570 28.98 -0.95 -59.96
C PRO I 570 28.04 -1.08 -58.77
N GLU I 571 28.37 -0.37 -57.71
CA GLU I 571 27.43 0.10 -56.69
C GLU I 571 27.74 1.50 -56.19
N GLU I 572 28.97 1.98 -56.33
CA GLU I 572 29.39 3.20 -55.65
C GLU I 572 29.16 4.43 -56.52
N ALA I 573 28.24 5.28 -56.08
CA ALA I 573 28.11 6.63 -56.60
C ALA I 573 28.27 7.60 -55.43
N ALA I 574 27.65 7.26 -54.30
CA ALA I 574 27.87 7.93 -53.03
C ALA I 574 28.00 6.88 -51.94
N GLY I 575 27.63 5.64 -52.26
CA GLY I 575 27.66 4.56 -51.31
C GLY I 575 26.28 4.24 -50.74
N PHE I 576 26.15 3.01 -50.25
CA PHE I 576 24.92 2.61 -49.59
C PHE I 576 25.09 2.67 -48.08
N SER I 577 24.08 2.20 -47.35
CA SER I 577 23.94 2.44 -45.93
C SER I 577 24.75 1.49 -45.06
N ASN I 578 25.47 0.53 -45.66
CA ASN I 578 26.20 -0.46 -44.90
C ASN I 578 27.71 -0.44 -45.20
N THR I 579 28.28 0.73 -45.46
CA THR I 579 29.70 0.80 -45.80
C THR I 579 30.58 0.39 -44.62
N SER I 580 30.23 0.82 -43.41
CA SER I 580 30.99 0.39 -42.23
C SER I 580 30.93 -1.11 -42.06
N LEU I 581 29.75 -1.71 -42.27
CA LEU I 581 29.62 -3.16 -42.22
C LEU I 581 30.43 -3.83 -43.32
N ILE I 582 30.49 -3.22 -44.51
CA ILE I 582 31.29 -3.78 -45.58
C ILE I 582 32.77 -3.79 -45.20
N LEU I 583 33.24 -2.70 -44.60
CA LEU I 583 34.63 -2.65 -44.14
C LEU I 583 34.88 -3.70 -43.06
N LEU I 584 33.93 -3.83 -42.12
CA LEU I 584 34.07 -4.82 -41.06
C LEU I 584 34.14 -6.23 -41.64
N HIS I 585 33.28 -6.54 -42.59
CA HIS I 585 33.26 -7.88 -43.16
C HIS I 585 34.43 -8.11 -44.09
N GLN I 586 34.97 -7.03 -44.66
CA GLN I 586 36.23 -7.13 -45.40
C GLN I 586 37.36 -7.52 -44.47
N LEU I 587 37.40 -6.92 -43.28
CA LEU I 587 38.38 -7.34 -42.28
C LEU I 587 38.13 -8.78 -41.84
N GLU I 588 36.86 -9.16 -41.70
CA GLU I 588 36.52 -10.54 -41.36
C GLU I 588 37.04 -11.51 -42.41
N ASP I 589 36.84 -11.18 -43.69
CA ASP I 589 37.31 -12.06 -44.76
C ASP I 589 38.84 -12.04 -44.84
N LYS I 590 39.47 -10.93 -44.46
CA LYS I 590 40.93 -10.90 -44.37
C LYS I 590 41.42 -11.86 -43.31
N MET I 591 40.77 -11.86 -42.14
CA MET I 591 41.12 -12.83 -41.10
C MET I 591 40.89 -14.26 -41.58
N LYS I 592 39.76 -14.48 -42.26
CA LYS I 592 39.43 -15.82 -42.74
C LYS I 592 40.47 -16.29 -43.77
N ALA I 593 40.88 -15.39 -44.66
CA ALA I 593 41.86 -15.75 -45.68
C ALA I 593 43.23 -16.00 -45.06
N HIS I 594 43.60 -15.20 -44.06
CA HIS I 594 44.85 -15.46 -43.35
C HIS I 594 44.82 -16.82 -42.68
N SER I 595 43.69 -17.16 -42.06
CA SER I 595 43.54 -18.48 -41.45
C SER I 595 43.62 -19.59 -42.50
N PHE I 596 42.98 -19.39 -43.65
CA PHE I 596 43.04 -20.38 -44.72
C PHE I 596 44.47 -20.55 -45.23
N PHE I 597 45.22 -19.45 -45.32
CA PHE I 597 46.59 -19.55 -45.79
C PHE I 597 47.47 -20.27 -44.79
N VAL I 598 47.30 -20.00 -43.50
CA VAL I 598 48.08 -20.70 -42.48
C VAL I 598 47.74 -22.19 -42.50
N ASP I 599 46.45 -22.52 -42.62
CA ASP I 599 46.03 -23.91 -42.68
C ASP I 599 46.57 -24.58 -43.94
N PHE I 600 46.58 -23.85 -45.06
CA PHE I 600 47.16 -24.36 -46.30
C PHE I 600 48.64 -24.67 -46.13
N LEU I 601 49.37 -23.76 -45.48
CA LEU I 601 50.79 -24.00 -45.25
C LEU I 601 51.01 -25.21 -44.35
N HIS I 602 50.19 -25.34 -43.30
CA HIS I 602 50.29 -26.51 -42.42
C HIS I 602 50.01 -27.80 -43.19
N GLN I 603 48.97 -27.78 -44.03
CA GLN I 603 48.60 -28.96 -44.79
C GLN I 603 49.69 -29.36 -45.78
N VAL I 604 50.23 -28.40 -46.53
CA VAL I 604 51.26 -28.70 -47.51
C VAL I 604 52.64 -28.78 -46.88
N GLY I 605 52.75 -28.63 -45.56
CA GLY I 605 54.02 -28.80 -44.90
C GLY I 605 54.96 -27.63 -45.05
N LEU I 606 54.52 -26.54 -45.66
CA LEU I 606 55.37 -25.37 -45.80
C LEU I 606 55.44 -24.52 -44.53
N PHE I 607 54.44 -24.62 -43.66
CA PHE I 607 54.51 -23.90 -42.39
C PHE I 607 55.68 -24.40 -41.55
N SER I 608 55.91 -25.72 -41.55
CA SER I 608 57.07 -26.30 -40.89
C SER I 608 58.38 -25.83 -41.50
N ARG I 609 58.43 -25.66 -42.82
CA ARG I 609 59.63 -25.19 -43.50
C ARG I 609 59.89 -23.70 -43.29
N LEU I 610 58.92 -22.96 -42.74
CA LEU I 610 59.10 -21.54 -42.49
C LEU I 610 60.19 -21.32 -41.45
N SER I 611 61.27 -20.64 -41.85
CA SER I 611 62.39 -20.50 -40.93
C SER I 611 62.64 -19.08 -40.48
N THR I 612 62.96 -18.17 -41.41
CA THR I 612 63.38 -16.81 -41.08
C THR I 612 63.23 -15.90 -42.30
N CYS I 613 63.27 -14.59 -42.03
CA CYS I 613 63.47 -13.55 -43.04
C CYS I 613 64.12 -12.34 -42.37
N GLN I 614 64.72 -11.49 -43.20
CA GLN I 614 65.47 -10.34 -42.72
C GLN I 614 64.57 -9.10 -42.70
N THR I 615 64.31 -8.58 -41.51
CA THR I 615 63.44 -7.41 -41.34
C THR I 615 64.13 -6.38 -40.48
N LYS I 616 64.27 -5.16 -41.01
CA LYS I 616 64.81 -4.01 -40.30
C LYS I 616 66.21 -4.26 -39.74
N GLY I 617 66.92 -5.26 -40.26
CA GLY I 617 68.19 -5.67 -39.71
C GLY I 617 68.09 -6.71 -38.61
N MET I 618 66.91 -7.26 -38.36
CA MET I 618 66.72 -8.25 -37.32
C MET I 618 65.93 -9.44 -37.87
N LEU I 619 66.39 -10.65 -37.53
CA LEU I 619 65.86 -11.86 -38.14
C LEU I 619 64.60 -12.33 -37.41
N VAL I 620 63.54 -12.59 -38.18
CA VAL I 620 62.26 -13.02 -37.65
C VAL I 620 61.81 -14.29 -38.36
N ALA I 621 61.37 -15.28 -37.58
CA ALA I 621 60.75 -16.45 -38.16
C ALA I 621 59.47 -16.04 -38.89
N THR I 622 59.26 -16.60 -40.08
CA THR I 622 58.11 -16.19 -40.89
C THR I 622 56.81 -16.73 -40.34
N ARG I 623 56.86 -17.83 -39.59
CA ARG I 623 55.70 -18.24 -38.82
C ARG I 623 55.29 -17.15 -37.85
N LEU I 624 56.26 -16.58 -37.15
CA LEU I 624 56.02 -15.43 -36.28
C LEU I 624 55.54 -14.23 -37.08
N LEU I 625 56.07 -14.04 -38.28
CA LEU I 625 55.63 -12.93 -39.14
C LEU I 625 54.15 -13.06 -39.47
N LEU I 626 53.72 -14.25 -39.86
CA LEU I 626 52.30 -14.47 -40.14
C LEU I 626 51.46 -14.29 -38.89
N SER I 627 51.97 -14.74 -37.74
CA SER I 627 51.24 -14.52 -36.49
C SER I 627 51.05 -13.04 -36.23
N GLU I 628 52.09 -12.24 -36.49
CA GLU I 628 51.99 -10.80 -36.31
C GLU I 628 51.04 -10.18 -37.34
N HIS I 629 51.03 -10.72 -38.56
CA HIS I 629 50.06 -10.27 -39.55
C HIS I 629 48.64 -10.47 -39.04
N ALA I 630 48.36 -11.65 -38.50
CA ALA I 630 47.04 -11.90 -37.93
C ALA I 630 46.75 -11.01 -36.72
N GLU I 631 47.76 -10.81 -35.86
CA GLU I 631 47.57 -9.96 -34.69
C GLU I 631 47.21 -8.54 -35.10
N LYS I 632 47.90 -7.98 -36.10
CA LYS I 632 47.61 -6.61 -36.49
C LYS I 632 46.36 -6.54 -37.38
N LEU I 633 45.95 -7.65 -37.99
CA LEU I 633 44.64 -7.68 -38.63
C LEU I 633 43.53 -7.58 -37.59
N SER I 634 43.66 -8.34 -36.49
CA SER I 634 42.71 -8.21 -35.39
C SER I 634 42.79 -6.82 -34.79
N ALA I 635 44.00 -6.24 -34.75
CA ALA I 635 44.16 -4.88 -34.29
C ALA I 635 43.42 -3.90 -35.19
N ALA I 636 43.45 -4.14 -36.50
CA ALA I 636 42.70 -3.30 -37.43
C ALA I 636 41.19 -3.46 -37.18
N ILE I 637 40.75 -4.68 -36.91
CA ILE I 637 39.34 -4.91 -36.64
C ILE I 637 38.90 -4.13 -35.41
N VAL I 638 39.63 -4.28 -34.31
CA VAL I 638 39.27 -3.58 -33.09
C VAL I 638 39.47 -2.07 -33.26
N LEU I 639 40.38 -1.69 -34.15
CA LEU I 639 40.57 -0.27 -34.45
C LEU I 639 39.36 0.30 -35.16
N LYS I 640 38.78 -0.45 -36.07
CA LYS I 640 37.52 -0.03 -36.66
C LYS I 640 36.42 0.04 -35.61
N ASN I 641 36.44 -0.88 -34.65
CA ASN I 641 35.48 -0.81 -33.54
C ASN I 641 35.63 0.49 -32.76
N HIS I 642 36.87 0.85 -32.41
CA HIS I 642 37.11 2.12 -31.72
C HIS I 642 36.75 3.30 -32.61
N HIS I 643 36.99 3.18 -33.91
CA HIS I 643 36.61 4.22 -34.85
C HIS I 643 35.11 4.46 -34.80
N ALA I 644 34.33 3.39 -34.72
CA ALA I 644 32.90 3.52 -34.55
C ALA I 644 32.54 4.14 -33.21
N LYS I 645 33.17 3.70 -32.12
CA LYS I 645 32.70 4.12 -30.80
C LYS I 645 33.10 5.55 -30.43
N LEU I 646 34.31 5.99 -30.74
CA LEU I 646 34.78 7.33 -30.38
C LEU I 646 35.26 8.02 -31.65
N PRO I 647 34.34 8.50 -32.47
CA PRO I 647 34.69 8.80 -33.87
C PRO I 647 35.56 10.01 -34.09
N VAL I 648 35.31 11.13 -33.39
CA VAL I 648 35.94 12.39 -33.79
C VAL I 648 37.45 12.33 -33.61
N LEU I 649 37.92 11.91 -32.42
CA LEU I 649 39.35 11.88 -32.18
C LEU I 649 40.03 10.84 -33.06
N VAL I 650 39.41 9.67 -33.23
CA VAL I 650 40.05 8.63 -34.00
C VAL I 650 40.15 9.03 -35.46
N ASN I 651 39.13 9.73 -35.98
CA ASN I 651 39.19 10.17 -37.37
C ASN I 651 40.20 11.29 -37.56
N SER I 652 40.30 12.18 -36.57
CA SER I 652 41.34 13.21 -36.62
C SER I 652 42.72 12.58 -36.68
N ALA I 653 42.95 11.57 -35.83
CA ALA I 653 44.22 10.87 -35.85
C ALA I 653 44.41 10.11 -37.17
N ILE I 654 43.33 9.54 -37.70
CA ILE I 654 43.43 8.81 -38.96
C ILE I 654 43.88 9.73 -40.08
N GLN I 655 43.27 10.91 -40.17
CA GLN I 655 43.64 11.83 -41.24
C GLN I 655 45.05 12.38 -41.02
N LEU I 656 45.43 12.64 -39.76
CA LEU I 656 46.78 13.11 -39.52
C LEU I 656 47.81 12.06 -39.92
N ALA I 657 47.55 10.80 -39.58
CA ALA I 657 48.45 9.72 -39.97
C ALA I 657 48.47 9.55 -41.48
N LEU I 658 47.33 9.75 -42.13
CA LEU I 658 47.30 9.74 -43.59
C LEU I 658 48.19 10.83 -44.17
N ASP I 659 48.12 12.03 -43.58
CA ASP I 659 49.00 13.12 -44.02
C ASP I 659 50.45 12.74 -43.85
N LYS I 660 50.79 12.14 -42.71
CA LYS I 660 52.17 11.76 -42.45
C LYS I 660 52.60 10.57 -43.32
N ARG I 661 51.63 9.83 -43.86
CA ARG I 661 51.92 8.64 -44.63
C ARG I 661 51.93 8.89 -46.13
N MET I 662 51.35 10.00 -46.59
CA MET I 662 51.31 10.42 -48.00
C MET I 662 50.97 9.25 -48.93
N CYS I 663 49.95 8.51 -48.56
CA CYS I 663 49.41 7.44 -49.39
C CYS I 663 48.05 7.84 -49.93
N THR I 664 47.82 7.54 -51.21
CA THR I 664 46.62 8.00 -51.89
C THR I 664 45.41 7.17 -51.47
N VAL I 665 44.22 7.78 -51.62
CA VAL I 665 42.96 7.11 -51.33
C VAL I 665 42.08 7.10 -52.58
N PRO I 666 41.71 5.92 -53.09
CA PRO I 666 40.71 5.87 -54.15
C PRO I 666 39.36 6.32 -53.63
N GLN I 667 38.55 6.89 -54.53
CA GLN I 667 37.23 7.34 -54.13
C GLN I 667 36.32 6.16 -53.79
N ASN I 668 36.53 5.01 -54.44
CA ASN I 668 35.79 3.80 -54.07
C ASN I 668 36.12 3.39 -52.64
N LEU I 669 37.39 3.51 -52.26
CA LEU I 669 37.80 3.29 -50.88
C LEU I 669 37.58 4.55 -50.06
N THR I 670 37.79 4.43 -48.76
CA THR I 670 37.73 5.58 -47.87
C THR I 670 39.06 5.75 -47.13
N ALA I 671 39.15 6.81 -46.34
CA ALA I 671 40.36 7.05 -45.56
C ALA I 671 40.57 5.94 -44.53
N ALA I 672 39.55 5.62 -43.74
CA ALA I 672 39.66 4.53 -42.80
C ALA I 672 39.89 3.21 -43.50
N ASP I 673 39.24 3.00 -44.65
CA ASP I 673 39.42 1.75 -45.39
C ASP I 673 40.86 1.58 -45.84
N VAL I 674 41.45 2.64 -46.41
CA VAL I 674 42.83 2.54 -46.85
C VAL I 674 43.75 2.35 -45.66
N TYR I 675 43.51 3.09 -44.57
CA TYR I 675 44.35 2.93 -43.39
C TYR I 675 44.28 1.51 -42.85
N PHE I 676 43.08 0.92 -42.85
CA PHE I 676 42.87 -0.42 -42.35
C PHE I 676 43.31 -1.49 -43.32
N ARG I 677 43.52 -1.14 -44.60
CA ARG I 677 44.00 -2.12 -45.56
C ARG I 677 45.46 -2.45 -45.32
N GLU I 678 46.33 -1.45 -45.45
CA GLU I 678 47.75 -1.64 -45.19
C GLU I 678 47.97 -1.53 -43.69
N VAL I 679 47.82 -2.67 -43.01
CA VAL I 679 47.88 -2.71 -41.56
C VAL I 679 49.31 -2.59 -41.05
N SER I 680 50.29 -2.47 -41.95
CA SER I 680 51.69 -2.46 -41.54
C SER I 680 52.07 -1.18 -40.81
N GLN I 681 51.37 -0.08 -41.06
CA GLN I 681 51.79 1.23 -40.58
C GLN I 681 50.75 1.91 -39.71
N MET I 682 49.89 1.13 -39.04
CA MET I 682 48.83 1.71 -38.24
C MET I 682 49.37 2.39 -36.99
N GLU I 683 50.66 2.22 -36.69
CA GLU I 683 51.21 2.74 -35.44
C GLU I 683 51.20 4.26 -35.40
N ILE I 684 51.09 4.93 -36.55
CA ILE I 684 51.16 6.38 -36.59
C ILE I 684 50.04 6.98 -35.74
N ILE I 685 48.92 6.27 -35.63
CA ILE I 685 47.72 6.79 -35.00
C ILE I 685 47.95 7.10 -33.53
N PHE I 686 48.80 6.32 -32.86
CA PHE I 686 49.00 6.54 -31.42
C PHE I 686 49.67 7.88 -31.15
N GLU I 687 50.76 8.18 -31.85
CA GLU I 687 51.43 9.45 -31.60
C GLU I 687 50.61 10.61 -32.16
N CYS I 688 49.82 10.38 -33.21
CA CYS I 688 48.89 11.42 -33.64
C CYS I 688 47.91 11.76 -32.53
N LEU I 689 47.30 10.72 -31.93
CA LEU I 689 46.45 10.92 -30.76
C LEU I 689 47.18 11.72 -29.69
N VAL I 690 48.39 11.30 -29.35
CA VAL I 690 49.12 11.97 -28.28
C VAL I 690 49.33 13.44 -28.59
N ASP I 691 49.76 13.76 -29.81
CA ASP I 691 49.98 15.15 -30.18
C ASP I 691 48.71 15.96 -30.00
N LYS I 692 47.60 15.44 -30.51
CA LYS I 692 46.31 16.09 -30.29
C LYS I 692 46.03 16.22 -28.79
N GLU I 693 46.50 15.26 -28.00
CA GLU I 693 46.24 15.27 -26.57
C GLU I 693 46.91 16.46 -25.90
N GLU I 694 48.22 16.65 -26.11
CA GLU I 694 48.82 17.83 -25.48
C GLU I 694 48.25 19.11 -26.08
N ALA I 695 47.93 19.10 -27.38
CA ALA I 695 47.35 20.29 -27.98
C ALA I 695 46.07 20.71 -27.25
N ASP I 696 45.19 19.74 -26.98
CA ASP I 696 43.96 20.06 -26.25
C ASP I 696 44.23 20.38 -24.79
N LEU I 697 45.15 19.65 -24.17
CA LEU I 697 45.34 19.79 -22.72
C LEU I 697 46.02 21.09 -22.36
N GLU I 698 46.80 21.65 -23.29
CA GLU I 698 47.30 23.00 -23.08
C GLU I 698 46.16 23.99 -22.90
N SER I 699 45.12 23.85 -23.71
CA SER I 699 43.95 24.72 -23.65
C SER I 699 43.03 24.41 -22.48
N THR I 700 42.92 23.14 -22.10
CA THR I 700 41.99 22.74 -21.05
C THR I 700 42.32 23.47 -19.76
N SER I 701 41.29 24.02 -19.11
CA SER I 701 41.44 24.76 -17.87
C SER I 701 40.69 24.04 -16.76
N ILE I 702 40.66 24.67 -15.60
CA ILE I 702 40.05 24.05 -14.43
C ILE I 702 38.54 23.99 -14.63
N ASP I 703 37.88 23.12 -13.86
CA ASP I 703 36.46 22.83 -14.01
C ASP I 703 36.17 22.20 -15.37
N SER I 704 36.96 21.21 -15.75
CA SER I 704 36.80 20.50 -17.02
C SER I 704 36.74 19.01 -16.73
N VAL I 705 35.66 18.36 -17.19
CA VAL I 705 35.55 16.92 -17.01
C VAL I 705 36.16 16.18 -18.19
N GLU I 706 36.06 16.74 -19.40
CA GLU I 706 36.76 16.17 -20.55
C GLU I 706 38.25 16.10 -20.28
N TRP I 707 38.73 17.01 -19.43
CA TRP I 707 40.13 17.06 -19.03
C TRP I 707 40.64 15.69 -18.60
N ALA I 708 39.77 14.91 -17.95
CA ALA I 708 40.13 13.55 -17.58
C ALA I 708 39.48 12.52 -18.51
N ASN I 709 38.31 12.86 -19.08
CA ASN I 709 37.58 11.90 -19.90
C ASN I 709 38.39 11.50 -21.12
N ILE I 710 39.07 12.45 -21.75
CA ILE I 710 39.86 12.16 -22.94
C ILE I 710 40.96 11.15 -22.61
N VAL I 711 41.64 11.39 -21.50
CA VAL I 711 42.69 10.48 -21.06
C VAL I 711 42.11 9.11 -20.76
N VAL I 712 40.94 9.06 -20.12
CA VAL I 712 40.30 7.79 -19.84
C VAL I 712 40.07 7.03 -21.14
N ASN I 713 39.54 7.72 -22.15
CA ASN I 713 39.22 7.07 -23.41
C ASN I 713 40.48 6.50 -24.05
N VAL I 714 41.53 7.32 -24.17
CA VAL I 714 42.74 6.87 -24.85
C VAL I 714 43.39 5.73 -24.07
N ASN I 715 43.36 5.81 -22.74
CA ASN I 715 43.91 4.75 -21.91
C ASN I 715 43.21 3.43 -22.20
N THR I 716 41.87 3.44 -22.17
CA THR I 716 41.12 2.24 -22.44
C THR I 716 41.45 1.67 -23.81
N ILE I 717 41.49 2.55 -24.83
CA ILE I 717 41.67 2.07 -26.20
C ILE I 717 43.04 1.40 -26.36
N LEU I 718 44.09 2.07 -25.91
CA LEU I 718 45.44 1.52 -26.07
C LEU I 718 45.61 0.24 -25.27
N LYS I 719 45.11 0.22 -24.03
CA LYS I 719 45.14 -1.00 -23.26
C LYS I 719 44.44 -2.13 -24.00
N ASP I 720 43.34 -1.80 -24.69
CA ASP I 720 42.58 -2.84 -25.38
C ASP I 720 43.35 -3.42 -26.55
N MET I 721 44.02 -2.57 -27.34
CA MET I 721 44.81 -3.15 -28.43
C MET I 721 45.95 -4.02 -27.88
N LEU I 722 46.62 -3.55 -26.83
CA LEU I 722 47.67 -4.38 -26.26
C LEU I 722 47.08 -5.69 -25.76
N HIS I 723 45.91 -5.62 -25.15
CA HIS I 723 45.22 -6.80 -24.63
C HIS I 723 44.96 -7.81 -25.74
N VAL I 724 44.36 -7.36 -26.84
CA VAL I 724 43.97 -8.28 -27.89
C VAL I 724 45.20 -8.88 -28.57
N ALA I 725 46.24 -8.06 -28.79
CA ALA I 725 47.46 -8.60 -29.38
C ALA I 725 48.06 -9.67 -28.48
N CYS I 726 48.12 -9.40 -27.17
CA CYS I 726 48.69 -10.35 -26.23
C CYS I 726 47.91 -11.66 -26.23
N GLN I 727 46.58 -11.58 -26.16
CA GLN I 727 45.79 -12.80 -26.10
C GLN I 727 45.85 -13.58 -27.40
N TYR I 728 45.84 -12.91 -28.55
CA TYR I 728 45.99 -13.65 -29.79
C TYR I 728 47.33 -14.36 -29.84
N ARG I 729 48.40 -13.66 -29.47
CA ARG I 729 49.72 -14.28 -29.48
C ARG I 729 49.76 -15.50 -28.58
N GLN I 730 49.25 -15.36 -27.35
CA GLN I 730 49.28 -16.47 -26.41
C GLN I 730 48.45 -17.64 -26.90
N SER I 731 47.27 -17.35 -27.46
CA SER I 731 46.39 -18.42 -27.92
C SER I 731 46.95 -19.15 -29.12
N LYS I 732 47.63 -18.44 -30.03
CA LYS I 732 48.02 -19.02 -31.30
C LYS I 732 49.50 -19.39 -31.36
N ASN I 733 50.24 -19.22 -30.26
CA ASN I 733 51.62 -19.70 -30.23
C ASN I 733 51.70 -21.17 -30.64
N SER I 734 50.76 -21.98 -30.18
CA SER I 734 50.77 -23.39 -30.55
C SER I 734 50.62 -23.59 -32.05
N LEU I 735 49.73 -22.84 -32.69
CA LEU I 735 49.55 -22.94 -34.14
C LEU I 735 50.76 -22.45 -34.92
N TYR I 736 51.38 -21.35 -34.50
CA TYR I 736 52.52 -20.79 -35.22
C TYR I 736 53.84 -21.45 -34.84
N LYS I 737 53.82 -22.36 -33.86
CA LYS I 737 54.95 -23.22 -33.58
C LYS I 737 54.91 -24.41 -34.53
N ASN I 738 55.97 -24.59 -35.29
CA ASN I 738 55.99 -25.63 -36.32
C ASN I 738 56.08 -27.01 -35.69
N GLU I 739 55.73 -28.03 -36.49
CA GLU I 739 55.79 -29.40 -36.01
C GLU I 739 57.21 -29.80 -35.62
N SER I 740 58.19 -29.47 -36.46
CA SER I 740 59.58 -29.73 -36.13
C SER I 740 60.33 -28.41 -35.96
N GLY I 741 60.24 -27.53 -36.95
CA GLY I 741 60.86 -26.23 -36.89
C GLY I 741 62.37 -26.29 -36.98
N ILE I 742 62.98 -25.11 -37.10
CA ILE I 742 64.43 -24.95 -37.07
C ILE I 742 64.75 -23.88 -36.04
N GLN I 743 65.70 -24.17 -35.15
CA GLN I 743 65.94 -23.37 -33.97
C GLN I 743 66.97 -22.30 -34.26
N GLU I 744 66.57 -21.04 -34.14
CA GLU I 744 67.46 -19.89 -34.28
C GLU I 744 67.16 -18.87 -33.20
N PRO I 745 68.18 -18.13 -32.75
CA PRO I 745 67.96 -17.15 -31.69
C PRO I 745 67.19 -15.92 -32.17
N GLU I 746 66.76 -15.11 -31.21
CA GLU I 746 66.29 -13.74 -31.43
C GLU I 746 64.92 -13.62 -32.10
N HIS I 747 64.12 -12.70 -31.58
CA HIS I 747 62.84 -12.27 -32.13
C HIS I 747 62.31 -11.06 -31.37
N VAL I 748 61.69 -10.13 -32.10
CA VAL I 748 61.03 -8.97 -31.48
C VAL I 748 59.64 -8.81 -32.09
N PRO I 749 58.59 -8.76 -31.27
CA PRO I 749 57.25 -8.57 -31.81
C PRO I 749 57.04 -7.13 -32.29
N TRP I 750 56.01 -6.95 -33.12
CA TRP I 750 55.68 -5.63 -33.65
C TRP I 750 55.26 -4.68 -32.54
N THR I 751 54.58 -5.19 -31.50
CA THR I 751 54.25 -4.35 -30.36
C THR I 751 55.48 -3.79 -29.67
N ALA I 752 56.51 -4.60 -29.50
CA ALA I 752 57.78 -4.16 -28.94
C ALA I 752 58.72 -3.63 -30.00
N SER I 753 58.18 -3.05 -31.07
CA SER I 753 58.96 -2.56 -32.21
C SER I 753 60.20 -1.83 -31.75
N SER I 754 61.37 -2.33 -32.16
CA SER I 754 62.66 -1.89 -31.64
C SER I 754 62.83 -0.39 -31.68
N GLY I 755 63.70 0.14 -30.82
CA GLY I 755 63.87 1.56 -30.69
C GLY I 755 62.79 2.17 -29.82
N THR I 756 63.19 3.09 -28.94
CA THR I 756 62.26 3.69 -28.00
C THR I 756 61.18 4.54 -28.67
N ALA I 757 61.42 5.01 -29.89
CA ALA I 757 60.45 5.82 -30.62
C ALA I 757 59.15 5.08 -30.86
N GLY I 758 59.10 3.79 -30.57
CA GLY I 758 57.86 3.04 -30.69
C GLY I 758 56.95 3.29 -29.50
N ILE I 759 56.32 2.23 -29.01
CA ILE I 759 55.32 2.37 -27.95
C ILE I 759 55.95 2.93 -26.68
N ARG I 760 57.26 2.74 -26.51
CA ARG I 760 57.90 3.09 -25.24
C ARG I 760 57.96 4.59 -25.03
N SER I 761 58.33 5.34 -26.08
CA SER I 761 58.35 6.79 -25.94
C SER I 761 56.95 7.33 -25.72
N VAL I 762 55.97 6.73 -26.39
CA VAL I 762 54.58 7.08 -26.15
C VAL I 762 54.23 6.87 -24.69
N VAL I 763 54.67 5.74 -24.13
CA VAL I 763 54.41 5.42 -22.74
C VAL I 763 55.05 6.45 -21.82
N THR I 764 56.30 6.81 -22.11
CA THR I 764 57.01 7.78 -21.28
C THR I 764 56.31 9.12 -21.29
N ARG I 765 55.96 9.62 -22.48
CA ARG I 765 55.22 10.86 -22.59
C ARG I 765 53.88 10.75 -21.90
N GLN I 766 53.28 9.57 -21.95
CA GLN I 766 51.98 9.35 -21.32
C GLN I 766 52.09 9.51 -19.81
N HIS I 767 53.16 8.98 -19.22
CA HIS I 767 53.38 9.16 -17.79
C HIS I 767 53.65 10.61 -17.45
N GLY I 768 54.46 11.28 -18.29
CA GLY I 768 54.71 12.70 -18.08
C GLY I 768 53.42 13.51 -18.11
N ILE I 769 52.50 13.12 -18.97
CA ILE I 769 51.19 13.76 -19.01
C ILE I 769 50.38 13.39 -17.77
N ILE I 770 50.44 12.13 -17.36
CA ILE I 770 49.76 11.68 -16.15
C ILE I 770 50.06 12.62 -14.99
N LEU I 771 51.34 12.78 -14.69
CA LEU I 771 51.74 13.40 -13.43
C LEU I 771 51.16 14.81 -13.27
N LYS I 772 50.89 15.50 -14.38
CA LYS I 772 50.28 16.83 -14.27
C LYS I 772 48.82 16.74 -13.87
N VAL I 773 48.05 15.86 -14.52
CA VAL I 773 46.62 15.78 -14.25
C VAL I 773 46.36 15.12 -12.91
N TYR I 774 47.20 14.17 -12.52
CA TYR I 774 46.95 13.36 -11.34
C TYR I 774 46.59 14.14 -10.09
N PRO I 775 47.31 15.19 -9.68
CA PRO I 775 46.98 15.83 -8.38
C PRO I 775 45.55 16.32 -8.31
N GLN I 776 45.01 16.86 -9.39
CA GLN I 776 43.66 17.38 -9.37
C GLN I 776 42.60 16.36 -9.73
N ALA I 777 42.98 15.25 -10.36
CA ALA I 777 42.03 14.20 -10.68
C ALA I 777 41.50 13.59 -9.38
N ASP I 778 40.26 13.11 -9.41
CA ASP I 778 39.66 12.57 -8.21
C ASP I 778 40.13 11.15 -7.95
N SER I 779 39.72 10.62 -6.80
CA SER I 779 40.25 9.34 -6.34
C SER I 779 39.96 8.20 -7.31
N GLY I 780 38.70 8.05 -7.72
CA GLY I 780 38.36 6.95 -8.61
C GLY I 780 39.02 7.08 -9.97
N LEU I 781 39.03 8.30 -10.51
CA LEU I 781 39.67 8.54 -11.80
C LEU I 781 41.15 8.19 -11.75
N ARG I 782 41.85 8.74 -10.75
CA ARG I 782 43.25 8.39 -10.56
C ARG I 782 43.42 6.89 -10.45
N THR I 783 42.63 6.24 -9.60
CA THR I 783 42.76 4.81 -9.39
C THR I 783 42.68 4.06 -10.71
N ILE I 784 41.62 4.33 -11.49
CA ILE I 784 41.45 3.68 -12.78
C ILE I 784 42.68 3.91 -13.64
N LEU I 785 43.26 5.11 -13.56
CA LEU I 785 44.52 5.36 -14.24
C LEU I 785 45.60 4.39 -13.77
N ILE I 786 45.65 4.11 -12.46
CA ILE I 786 46.63 3.13 -12.00
C ILE I 786 46.40 1.75 -12.60
N GLU I 787 45.16 1.26 -12.58
CA GLU I 787 44.98 -0.10 -13.12
C GLU I 787 45.32 -0.14 -14.61
N GLN I 788 44.90 0.86 -15.37
CA GLN I 788 45.23 0.87 -16.79
C GLN I 788 46.74 0.95 -16.99
N LEU I 789 47.41 1.76 -16.18
CA LEU I 789 48.85 1.91 -16.32
C LEU I 789 49.56 0.61 -16.00
N ALA I 790 49.09 -0.09 -14.96
CA ALA I 790 49.67 -1.38 -14.60
C ALA I 790 49.49 -2.40 -15.71
N ALA I 791 48.30 -2.41 -16.33
CA ALA I 791 48.10 -3.28 -17.48
C ALA I 791 49.08 -2.96 -18.59
N LEU I 792 49.26 -1.67 -18.87
CA LEU I 792 50.18 -1.26 -19.92
C LEU I 792 51.60 -1.74 -19.61
N LEU I 793 52.04 -1.53 -18.38
CA LEU I 793 53.39 -1.88 -17.97
C LEU I 793 53.61 -3.38 -18.04
N ASN I 794 52.60 -4.16 -17.63
CA ASN I 794 52.73 -5.61 -17.70
C ASN I 794 52.84 -6.07 -19.15
N TYR I 795 52.05 -5.45 -20.04
CA TYR I 795 52.17 -5.78 -21.46
C TYR I 795 53.58 -5.51 -21.96
N LEU I 796 54.15 -4.36 -21.60
CA LEU I 796 55.48 -4.02 -22.09
C LEU I 796 56.55 -4.95 -21.54
N LEU I 797 56.48 -5.26 -20.24
CA LEU I 797 57.50 -6.15 -19.67
C LEU I 797 57.36 -7.55 -20.23
N ASP I 798 56.14 -7.97 -20.55
CA ASP I 798 55.96 -9.24 -21.21
C ASP I 798 56.55 -9.22 -22.61
N ASP I 799 56.44 -8.08 -23.30
CA ASP I 799 57.12 -7.92 -24.57
C ASP I 799 58.61 -8.16 -24.41
N TYR I 800 59.21 -7.55 -23.39
CA TYR I 800 60.63 -7.71 -23.15
C TYR I 800 60.98 -9.16 -22.81
N VAL I 801 60.15 -9.81 -22.00
CA VAL I 801 60.40 -11.20 -21.64
C VAL I 801 60.35 -12.09 -22.87
N THR I 802 59.37 -11.85 -23.75
CA THR I 802 59.27 -12.62 -24.99
C THR I 802 60.49 -12.39 -25.87
N GLN I 803 60.92 -11.14 -25.99
CA GLN I 803 62.13 -10.85 -26.76
C GLN I 803 63.33 -11.60 -26.19
N LEU I 804 63.45 -11.61 -24.87
CA LEU I 804 64.57 -12.32 -24.24
C LEU I 804 64.50 -13.81 -24.54
N LYS I 805 63.37 -14.44 -24.26
CA LYS I 805 63.23 -15.88 -24.47
C LYS I 805 63.37 -16.26 -25.93
N SER I 806 63.14 -15.32 -26.84
CA SER I 806 63.33 -15.56 -28.26
C SER I 806 64.76 -15.91 -28.60
N ILE I 807 65.72 -15.49 -27.78
CA ILE I 807 67.13 -15.75 -28.07
C ILE I 807 67.50 -17.14 -27.60
N ASP I 808 68.20 -17.86 -28.46
CA ASP I 808 68.76 -19.17 -28.13
C ASP I 808 70.27 -19.00 -27.99
N LYS I 809 70.76 -19.07 -26.75
CA LYS I 809 72.14 -18.70 -26.45
C LYS I 809 72.98 -19.96 -26.23
N LEU I 810 74.00 -20.12 -27.06
CA LEU I 810 75.03 -21.15 -26.86
C LEU I 810 76.40 -20.51 -27.06
N ALA I 811 76.44 -19.41 -27.81
CA ALA I 811 77.65 -18.62 -27.99
C ALA I 811 77.27 -17.15 -27.94
N ASN I 812 76.01 -16.87 -27.61
CA ASN I 812 75.45 -15.53 -27.58
C ASN I 812 75.17 -15.05 -26.16
N GLU I 813 75.82 -15.68 -25.17
CA GLU I 813 75.58 -15.31 -23.78
C GLU I 813 75.88 -13.85 -23.53
N GLU I 814 76.91 -13.32 -24.18
CA GLU I 814 77.28 -11.93 -23.96
C GLU I 814 76.14 -10.99 -24.33
N ARG I 815 75.62 -11.13 -25.55
CA ARG I 815 74.52 -10.28 -26.00
C ARG I 815 73.26 -10.54 -25.20
N TYR I 816 72.99 -11.80 -24.86
CA TYR I 816 71.80 -12.13 -24.09
C TYR I 816 71.83 -11.46 -22.73
N ASN I 817 72.97 -11.53 -22.05
CA ASN I 817 73.10 -10.92 -20.73
C ASN I 817 73.07 -9.41 -20.83
N ILE I 818 73.61 -8.85 -21.92
CA ILE I 818 73.51 -7.41 -22.13
C ILE I 818 72.04 -6.99 -22.22
N LEU I 819 71.26 -7.73 -23.02
CA LEU I 819 69.84 -7.42 -23.14
C LEU I 819 69.15 -7.54 -21.79
N GLU I 820 69.45 -8.60 -21.04
CA GLU I 820 68.81 -8.80 -19.75
C GLU I 820 69.13 -7.67 -18.79
N MET I 821 70.41 -7.30 -18.69
CA MET I 821 70.79 -6.26 -17.74
C MET I 821 70.18 -4.92 -18.13
N GLU I 822 70.26 -4.56 -19.42
CA GLU I 822 69.73 -3.28 -19.86
C GLU I 822 68.22 -3.21 -19.63
N TYR I 823 67.52 -4.30 -19.94
CA TYR I 823 66.12 -4.44 -19.59
C TYR I 823 65.91 -4.16 -18.11
N ALA I 824 66.79 -4.72 -17.28
CA ALA I 824 66.65 -4.55 -15.84
C ALA I 824 66.70 -3.08 -15.44
N GLN I 825 67.76 -2.36 -15.79
CA GLN I 825 67.79 -0.98 -15.31
C GLN I 825 66.65 -0.19 -15.93
N LYS I 826 66.35 -0.42 -17.23
CA LYS I 826 65.36 0.42 -17.86
C LYS I 826 64.02 0.33 -17.16
N ARG I 827 63.55 -0.90 -16.86
CA ARG I 827 62.23 -0.91 -16.22
C ARG I 827 62.37 -0.45 -14.77
N SER I 828 63.56 -0.57 -14.19
CA SER I 828 63.74 0.03 -12.87
C SER I 828 63.40 1.51 -12.88
N GLU I 829 63.99 2.28 -13.80
CA GLU I 829 63.66 3.71 -13.83
C GLU I 829 62.24 3.94 -14.32
N LEU I 830 61.77 3.09 -15.24
CA LEU I 830 60.38 3.19 -15.69
C LEU I 830 59.41 3.08 -14.52
N LEU I 831 59.77 2.29 -13.52
CA LEU I 831 58.80 1.86 -12.54
C LEU I 831 58.96 2.55 -11.21
N SER I 832 60.05 3.32 -11.06
CA SER I 832 60.23 4.17 -9.87
C SER I 832 59.10 5.13 -9.51
N PRO I 833 58.48 5.84 -10.47
CA PRO I 833 57.64 6.98 -10.07
C PRO I 833 56.41 6.61 -9.24
N LEU I 834 55.61 5.64 -9.68
CA LEU I 834 54.42 5.30 -8.91
C LEU I 834 54.80 4.62 -7.60
N LEU I 835 56.02 4.06 -7.55
CA LEU I 835 56.56 3.61 -6.28
C LEU I 835 56.78 4.79 -5.35
N ILE I 836 57.27 5.90 -5.89
CA ILE I 836 57.38 7.13 -5.10
C ILE I 836 56.00 7.57 -4.64
N LEU I 837 54.99 7.35 -5.47
CA LEU I 837 53.67 7.92 -5.22
C LEU I 837 52.77 7.06 -4.31
N GLY I 838 53.01 5.76 -4.18
CA GLY I 838 52.19 4.93 -3.32
C GLY I 838 51.62 3.72 -4.04
N GLN I 839 50.32 3.48 -3.79
CA GLN I 839 49.57 2.39 -4.43
C GLN I 839 50.16 1.05 -4.08
N TYR I 840 50.09 0.74 -2.78
CA TYR I 840 50.87 -0.34 -2.20
C TYR I 840 50.40 -1.70 -2.67
N ALA I 841 49.09 -1.91 -2.68
CA ALA I 841 48.54 -3.22 -3.05
C ALA I 841 48.92 -3.56 -4.48
N TRP I 842 48.77 -2.60 -5.40
CA TRP I 842 49.08 -2.86 -6.80
C TRP I 842 50.57 -3.04 -7.00
N ALA I 843 51.38 -2.25 -6.29
CA ALA I 843 52.81 -2.47 -6.34
C ALA I 843 53.14 -3.90 -5.94
N SER I 844 52.56 -4.37 -4.84
CA SER I 844 52.81 -5.74 -4.40
C SER I 844 52.36 -6.74 -5.44
N ASN I 845 51.16 -6.56 -6.00
CA ASN I 845 50.62 -7.53 -6.96
C ASN I 845 51.54 -7.68 -8.15
N LEU I 846 51.91 -6.55 -8.78
CA LEU I 846 52.72 -6.64 -9.98
C LEU I 846 54.12 -7.18 -9.66
N ALA I 847 54.72 -6.68 -8.56
CA ALA I 847 56.07 -7.11 -8.23
C ALA I 847 56.12 -8.60 -7.89
N GLU I 848 55.11 -9.13 -7.19
CA GLU I 848 55.09 -10.57 -6.93
C GLU I 848 54.82 -11.35 -8.20
N LYS I 849 53.99 -10.81 -9.10
CA LYS I 849 53.71 -11.51 -10.34
C LYS I 849 54.97 -11.66 -11.17
N TYR I 850 55.85 -10.65 -11.17
CA TYR I 850 57.04 -10.75 -12.02
C TYR I 850 58.30 -11.05 -11.20
N CYS I 851 58.14 -11.33 -9.90
CA CYS I 851 59.25 -11.79 -9.05
C CYS I 851 60.36 -10.75 -8.94
N ASP I 852 60.09 -9.69 -8.18
CA ASP I 852 61.07 -8.65 -7.86
C ASP I 852 61.26 -8.58 -6.34
N PHE I 853 62.46 -8.94 -5.88
CA PHE I 853 62.68 -9.15 -4.45
C PHE I 853 62.79 -7.83 -3.68
N ASP I 854 63.68 -6.93 -4.11
CA ASP I 854 64.04 -5.78 -3.29
C ASP I 854 62.88 -4.81 -3.13
N ILE I 855 62.12 -4.60 -4.20
CA ILE I 855 61.00 -3.68 -4.15
C ILE I 855 59.95 -4.17 -3.16
N LEU I 856 59.62 -5.46 -3.24
CA LEU I 856 58.71 -6.05 -2.27
C LEU I 856 59.27 -5.93 -0.86
N VAL I 857 60.58 -6.14 -0.70
CA VAL I 857 61.18 -5.91 0.60
C VAL I 857 60.86 -4.50 1.09
N GLN I 858 61.38 -3.49 0.41
CA GLN I 858 61.33 -2.14 0.96
C GLN I 858 59.90 -1.69 1.19
N ILE I 859 58.96 -2.13 0.33
CA ILE I 859 57.56 -1.81 0.60
C ILE I 859 57.07 -2.55 1.84
N CYS I 860 57.43 -3.83 2.00
CA CYS I 860 56.84 -4.60 3.09
C CYS I 860 57.38 -4.15 4.45
N GLU I 861 58.60 -3.61 4.48
CA GLU I 861 59.04 -3.03 5.76
C GLU I 861 58.60 -1.59 5.98
N MET I 862 58.44 -0.76 4.94
CA MET I 862 57.77 0.51 5.25
C MET I 862 56.27 0.33 5.47
N THR I 863 55.75 -0.87 5.24
CA THR I 863 54.45 -1.26 5.76
C THR I 863 54.56 -2.12 7.02
N ASP I 864 55.77 -2.47 7.45
CA ASP I 864 56.06 -3.27 8.63
C ASP I 864 55.42 -4.65 8.60
N ASN I 865 55.13 -5.22 7.42
CA ASN I 865 54.40 -6.49 7.41
C ASN I 865 55.42 -7.62 7.36
N GLN I 866 55.92 -7.95 8.54
CA GLN I 866 56.92 -9.00 8.65
C GLN I 866 56.37 -10.31 8.12
N SER I 867 55.05 -10.50 8.18
CA SER I 867 54.45 -11.75 7.75
C SER I 867 54.71 -12.02 6.28
N ARG I 868 54.35 -11.09 5.41
CA ARG I 868 54.70 -11.28 4.01
C ARG I 868 56.22 -11.24 3.83
N LEU I 869 56.94 -10.55 4.72
CA LEU I 869 58.38 -10.70 4.66
C LEU I 869 58.81 -12.16 4.71
N GLN I 870 58.32 -12.92 5.71
CA GLN I 870 58.71 -14.33 5.75
C GLN I 870 58.17 -15.08 4.56
N ARG I 871 56.97 -14.76 4.11
CA ARG I 871 56.40 -15.57 3.04
C ARG I 871 57.24 -15.42 1.77
N TYR I 872 57.67 -14.19 1.47
CA TYR I 872 58.56 -14.01 0.34
C TYR I 872 59.93 -14.62 0.59
N MET I 873 60.44 -14.56 1.81
CA MET I 873 61.73 -15.21 2.06
C MET I 873 61.63 -16.70 1.77
N THR I 874 60.56 -17.34 2.21
CA THR I 874 60.33 -18.75 1.91
C THR I 874 60.20 -18.99 0.41
N LEU I 875 59.48 -18.12 -0.28
CA LEU I 875 59.27 -18.30 -1.71
C LEU I 875 60.59 -18.19 -2.48
N PHE I 876 61.44 -17.24 -2.10
CA PHE I 876 62.65 -16.92 -2.85
C PHE I 876 63.90 -17.32 -2.10
N ALA I 877 63.81 -18.34 -1.25
CA ALA I 877 65.01 -18.88 -0.60
C ALA I 877 66.07 -19.24 -1.63
N GLU I 878 65.65 -19.80 -2.77
CA GLU I 878 66.60 -20.13 -3.83
C GLU I 878 66.92 -18.92 -4.70
N GLN I 879 66.24 -17.80 -4.48
CA GLN I 879 66.35 -16.64 -5.35
C GLN I 879 67.15 -15.50 -4.73
N ASN I 880 67.90 -15.77 -3.65
CA ASN I 880 68.84 -14.81 -3.07
C ASN I 880 68.12 -13.57 -2.50
N PHE I 881 67.03 -13.82 -1.76
CA PHE I 881 66.32 -12.77 -1.03
C PHE I 881 67.18 -12.20 0.09
N SER I 882 67.92 -13.06 0.79
CA SER I 882 68.52 -12.71 2.06
C SER I 882 69.65 -11.69 1.89
N ASP I 883 70.29 -11.70 0.72
CA ASP I 883 71.33 -10.70 0.46
C ASP I 883 70.77 -9.29 0.56
N PHE I 884 69.69 -9.02 -0.18
CA PHE I 884 69.09 -7.69 -0.09
C PHE I 884 68.48 -7.45 1.27
N LEU I 885 67.96 -8.49 1.91
CA LEU I 885 67.47 -8.31 3.27
C LEU I 885 68.55 -7.74 4.17
N PHE I 886 69.73 -8.39 4.18
CA PHE I 886 70.83 -7.91 5.00
C PHE I 886 71.26 -6.51 4.58
N ARG I 887 71.32 -6.28 3.27
CA ARG I 887 71.69 -4.95 2.79
C ARG I 887 70.76 -3.89 3.37
N TRP I 888 69.48 -3.99 3.07
CA TRP I 888 68.55 -2.92 3.41
C TRP I 888 68.46 -2.77 4.91
N TYR I 889 68.59 -3.89 5.65
CA TYR I 889 68.80 -3.79 7.09
C TYR I 889 69.97 -2.88 7.41
N LEU I 890 71.09 -3.07 6.71
CA LEU I 890 72.29 -2.29 7.00
C LEU I 890 72.07 -0.80 6.73
N GLU I 891 71.49 -0.46 5.58
CA GLU I 891 71.26 0.96 5.32
C GLU I 891 70.23 1.54 6.28
N LYS I 892 69.35 0.72 6.83
CA LYS I 892 68.35 1.30 7.70
C LYS I 892 68.71 1.22 9.17
N GLY I 893 69.94 0.81 9.49
CA GLY I 893 70.46 0.98 10.83
C GLY I 893 69.71 0.27 11.93
N LYS I 894 69.21 -0.92 11.66
CA LYS I 894 68.65 -1.78 12.70
C LYS I 894 69.44 -3.07 12.77
N ARG I 895 70.77 -2.94 12.69
CA ARG I 895 71.67 -4.08 12.80
C ARG I 895 71.35 -5.00 13.96
N GLY I 896 70.66 -4.53 15.00
CA GLY I 896 70.11 -5.46 15.98
C GLY I 896 69.15 -6.44 15.35
N LYS I 897 68.15 -5.93 14.63
CA LYS I 897 67.23 -6.81 13.92
C LYS I 897 67.93 -7.55 12.78
N LEU I 898 68.99 -6.94 12.22
CA LEU I 898 69.79 -7.64 11.21
C LEU I 898 70.39 -8.92 11.78
N LEU I 899 70.97 -8.85 12.97
CA LEU I 899 71.54 -10.02 13.61
C LEU I 899 70.49 -10.92 14.24
N SER I 900 69.25 -10.44 14.36
CA SER I 900 68.15 -11.25 14.88
C SER I 900 67.70 -12.35 13.92
N GLN I 901 68.47 -12.62 12.86
CA GLN I 901 68.05 -13.60 11.87
C GLN I 901 68.12 -15.02 12.42
N PRO I 902 67.32 -15.93 11.88
CA PRO I 902 67.38 -17.33 12.31
C PRO I 902 68.58 -18.08 11.71
N ALA I 903 68.80 -19.28 12.25
CA ALA I 903 69.95 -20.09 11.86
C ALA I 903 69.85 -20.56 10.41
N SER I 904 68.65 -20.57 9.84
CA SER I 904 68.50 -20.92 8.43
C SER I 904 69.35 -20.03 7.54
N GLN I 905 69.56 -18.78 7.94
CA GLN I 905 70.43 -17.87 7.20
C GLN I 905 71.48 -17.20 8.07
N HIS I 906 71.79 -17.73 9.25
CA HIS I 906 72.98 -17.26 9.96
C HIS I 906 74.24 -17.39 9.12
N GLY I 907 74.34 -18.41 8.28
CA GLY I 907 75.53 -18.55 7.44
C GLY I 907 75.68 -17.39 6.47
N GLN I 908 74.60 -17.04 5.78
CA GLN I 908 74.65 -15.90 4.87
C GLN I 908 74.77 -14.59 5.65
N LEU I 909 74.24 -14.55 6.87
CA LEU I 909 74.41 -13.38 7.71
C LEU I 909 75.88 -13.17 8.07
N ALA I 910 76.58 -14.26 8.38
CA ALA I 910 78.02 -14.17 8.63
C ALA I 910 78.78 -13.78 7.37
N ALA I 911 78.38 -14.33 6.22
CA ALA I 911 79.03 -13.96 4.97
C ALA I 911 78.86 -12.47 4.68
N PHE I 912 77.67 -11.93 4.96
CA PHE I 912 77.44 -10.49 4.80
C PHE I 912 78.22 -9.68 5.82
N LEU I 913 78.24 -10.14 7.08
CA LEU I 913 78.89 -9.44 8.17
C LEU I 913 80.40 -9.53 8.13
N GLN I 914 80.94 -10.34 7.21
CA GLN I 914 82.38 -10.36 6.98
C GLN I 914 82.96 -8.95 6.82
N ALA I 915 82.15 -8.00 6.36
CA ALA I 915 82.56 -6.61 6.21
C ALA I 915 82.29 -5.77 7.46
N HIS I 916 81.73 -6.38 8.51
CA HIS I 916 81.36 -5.66 9.73
C HIS I 916 82.03 -6.34 10.92
N ASP I 917 83.34 -6.56 10.82
CA ASP I 917 84.03 -7.47 11.71
C ASP I 917 83.87 -7.08 13.18
N HIS I 918 83.77 -5.77 13.45
CA HIS I 918 83.57 -5.30 14.82
C HIS I 918 82.19 -5.65 15.36
N LEU I 919 81.30 -6.14 14.49
CA LEU I 919 79.98 -6.58 14.91
C LEU I 919 79.75 -8.06 14.70
N SER I 920 80.39 -8.65 13.69
CA SER I 920 80.14 -10.04 13.33
C SER I 920 80.66 -10.99 14.40
N TRP I 921 81.56 -10.52 15.25
CA TRP I 921 82.13 -11.40 16.27
C TRP I 921 81.09 -11.81 17.29
N LEU I 922 80.15 -10.92 17.62
CA LEU I 922 79.05 -11.31 18.51
C LEU I 922 78.21 -12.41 17.89
N HIS I 923 77.90 -12.29 16.61
CA HIS I 923 77.14 -13.34 15.93
C HIS I 923 77.93 -14.64 15.89
N GLU I 924 79.24 -14.56 15.66
CA GLU I 924 80.07 -15.76 15.68
C GLU I 924 80.05 -16.42 17.04
N LEU I 925 80.13 -15.61 18.10
CA LEU I 925 80.07 -16.14 19.46
C LEU I 925 78.72 -16.79 19.73
N ASN I 926 77.65 -16.14 19.30
CA ASN I 926 76.31 -16.66 19.54
C ASN I 926 76.06 -17.94 18.74
N SER I 927 76.71 -18.08 17.58
CA SER I 927 76.55 -19.23 16.72
C SER I 927 77.42 -20.41 17.11
N GLN I 928 78.07 -20.35 18.28
CA GLN I 928 78.91 -21.44 18.78
C GLN I 928 80.02 -21.79 17.80
N GLU I 929 80.63 -20.77 17.19
CA GLU I 929 81.84 -20.93 16.38
C GLU I 929 82.98 -20.25 17.12
N PHE I 930 83.54 -20.97 18.10
CA PHE I 930 84.54 -20.38 18.97
C PHE I 930 85.86 -20.17 18.24
N GLU I 931 86.20 -21.07 17.32
CA GLU I 931 87.44 -20.94 16.57
C GLU I 931 87.41 -19.72 15.65
N LYS I 932 86.31 -19.55 14.90
CA LYS I 932 86.15 -18.38 14.06
C LYS I 932 86.11 -17.12 14.90
N ALA I 933 85.44 -17.17 16.05
CA ALA I 933 85.38 -16.01 16.93
C ALA I 933 86.76 -15.62 17.44
N HIS I 934 87.58 -16.59 17.82
CA HIS I 934 88.93 -16.27 18.26
C HIS I 934 89.78 -15.72 17.13
N ARG I 935 89.62 -16.28 15.93
CA ARG I 935 90.33 -15.71 14.78
C ARG I 935 89.96 -14.24 14.61
N THR I 936 88.66 -13.95 14.69
CA THR I 936 88.16 -12.58 14.61
C THR I 936 88.80 -11.69 15.67
N LEU I 937 88.76 -12.11 16.93
CA LEU I 937 89.19 -11.23 18.01
C LEU I 937 90.71 -11.09 18.03
N GLN I 938 91.42 -12.14 17.62
CA GLN I 938 92.86 -12.04 17.43
C GLN I 938 93.19 -10.99 16.38
N THR I 939 92.46 -11.03 15.25
CA THR I 939 92.71 -10.04 14.21
C THR I 939 92.38 -8.63 14.68
N LEU I 940 91.30 -8.50 15.46
CA LEU I 940 90.89 -7.18 15.95
C LEU I 940 91.91 -6.62 16.93
N ALA I 941 92.36 -7.43 17.89
CA ALA I 941 93.40 -6.97 18.80
C ALA I 941 94.68 -6.65 18.04
N ASN I 942 94.98 -7.44 17.00
CA ASN I 942 96.15 -7.16 16.18
C ASN I 942 96.07 -5.79 15.53
N MET I 943 94.94 -5.49 14.88
CA MET I 943 94.78 -4.19 14.24
C MET I 943 94.70 -3.05 15.25
N GLU I 944 94.30 -3.34 16.48
CA GLU I 944 94.25 -2.30 17.49
C GLU I 944 95.66 -1.87 17.88
N THR I 945 95.93 -0.56 17.78
CA THR I 945 97.26 -0.05 18.09
C THR I 945 97.20 1.25 18.89
N ARG I 946 96.17 1.46 19.69
CA ARG I 946 95.89 2.75 20.29
C ARG I 946 94.71 2.59 21.24
N TYR I 947 94.44 3.63 22.03
CA TYR I 947 93.28 3.63 22.92
C TYR I 947 93.31 2.49 23.93
N PHE I 948 94.13 2.68 24.96
CA PHE I 948 94.37 1.70 26.02
C PHE I 948 93.16 0.82 26.34
N CYS I 949 92.00 1.45 26.60
CA CYS I 949 90.83 0.65 26.93
C CYS I 949 90.44 -0.28 25.79
N LYS I 950 90.38 0.25 24.56
CA LYS I 950 90.01 -0.60 23.43
C LYS I 950 90.99 -1.74 23.26
N LYS I 951 92.29 -1.45 23.35
CA LYS I 951 93.29 -2.49 23.14
C LYS I 951 93.21 -3.57 24.22
N LYS I 952 93.09 -3.17 25.48
CA LYS I 952 93.00 -4.16 26.55
C LYS I 952 91.75 -5.01 26.39
N THR I 953 90.63 -4.39 26.02
CA THR I 953 89.41 -5.17 25.79
C THR I 953 89.61 -6.16 24.65
N LEU I 954 90.22 -5.73 23.55
CA LEU I 954 90.38 -6.63 22.41
C LEU I 954 91.30 -7.79 22.76
N LEU I 955 92.36 -7.52 23.51
CA LEU I 955 93.26 -8.60 23.93
C LEU I 955 92.54 -9.59 24.83
N GLY I 956 91.82 -9.08 25.84
CA GLY I 956 91.09 -9.96 26.73
C GLY I 956 90.05 -10.78 26.01
N LEU I 957 89.30 -10.15 25.10
CA LEU I 957 88.31 -10.89 24.33
C LEU I 957 88.96 -11.93 23.44
N SER I 958 90.10 -11.61 22.85
CA SER I 958 90.81 -12.57 22.02
C SER I 958 91.20 -13.80 22.83
N LYS I 959 91.73 -13.60 24.03
CA LYS I 959 92.13 -14.76 24.83
C LYS I 959 90.90 -15.53 25.32
N LEU I 960 89.80 -14.81 25.61
CA LEU I 960 88.59 -15.49 26.04
C LEU I 960 88.04 -16.38 24.95
N ALA I 961 88.00 -15.89 23.71
CA ALA I 961 87.55 -16.73 22.60
C ALA I 961 88.55 -17.84 22.33
N ALA I 962 89.84 -17.57 22.55
CA ALA I 962 90.85 -18.61 22.48
C ALA I 962 90.50 -19.78 23.38
N LEU I 963 90.17 -19.49 24.64
CA LEU I 963 89.86 -20.56 25.58
C LEU I 963 88.49 -21.17 25.29
N ALA I 964 87.54 -20.37 24.82
CA ALA I 964 86.24 -20.89 24.40
C ALA I 964 86.35 -21.87 23.25
N SER I 965 87.35 -21.71 22.39
CA SER I 965 87.61 -22.70 21.36
C SER I 965 88.03 -24.01 22.00
N ASP I 966 87.74 -25.10 21.29
CA ASP I 966 88.14 -26.44 21.71
C ASP I 966 89.52 -26.79 21.20
N PHE I 967 90.37 -25.78 20.99
CA PHE I 967 91.72 -26.00 20.48
C PHE I 967 92.52 -26.87 21.43
N GLN I 968 93.56 -27.49 20.89
CA GLN I 968 94.44 -28.31 21.70
C GLN I 968 95.27 -27.43 22.64
N GLU I 969 95.79 -28.07 23.70
CA GLU I 969 96.52 -27.35 24.73
C GLU I 969 97.71 -26.61 24.14
N ASP I 970 98.33 -27.17 23.10
CA ASP I 970 99.48 -26.52 22.48
C ASP I 970 99.11 -25.14 21.94
N VAL I 971 98.06 -25.08 21.12
CA VAL I 971 97.65 -23.81 20.53
C VAL I 971 97.12 -22.88 21.62
N LEU I 972 96.37 -23.43 22.58
CA LEU I 972 95.86 -22.61 23.69
C LEU I 972 97.00 -21.90 24.40
N GLN I 973 98.02 -22.65 24.80
CA GLN I 973 99.16 -22.05 25.49
C GLN I 973 99.92 -21.09 24.59
N GLU I 974 100.01 -21.41 23.29
CA GLU I 974 100.73 -20.53 22.37
C GLU I 974 100.08 -19.15 22.31
N LYS I 975 98.77 -19.11 22.05
CA LYS I 975 98.11 -17.82 21.97
C LYS I 975 98.04 -17.13 23.33
N VAL I 976 97.93 -17.91 24.41
CA VAL I 976 98.01 -17.34 25.75
C VAL I 976 99.36 -16.65 25.94
N GLU I 977 100.44 -17.29 25.50
CA GLU I 977 101.77 -16.70 25.63
C GLU I 977 101.87 -15.41 24.83
N GLU I 978 101.36 -15.42 23.60
CA GLU I 978 101.45 -14.22 22.76
C GLU I 978 100.70 -13.06 23.41
N ILE I 979 99.47 -13.31 23.86
CA ILE I 979 98.68 -12.26 24.49
C ILE I 979 99.37 -11.79 25.77
N ALA I 980 99.91 -12.75 26.54
CA ALA I 980 100.66 -12.40 27.75
C ALA I 980 101.78 -11.44 27.42
N GLU I 981 102.52 -11.72 26.34
CA GLU I 981 103.54 -10.79 25.86
C GLU I 981 102.92 -9.43 25.59
N GLN I 982 101.69 -9.40 25.08
CA GLN I 982 101.06 -8.12 24.79
C GLN I 982 100.86 -7.29 26.05
N GLU I 983 100.29 -7.87 27.12
CA GLU I 983 100.13 -7.02 28.30
C GLU I 983 101.47 -6.77 28.98
N HIS I 984 102.43 -7.67 28.79
CA HIS I 984 103.79 -7.39 29.26
C HIS I 984 104.31 -6.13 28.58
N PHE I 985 103.98 -5.95 27.31
CA PHE I 985 104.24 -4.68 26.64
C PHE I 985 103.46 -3.56 27.32
N LEU I 986 102.18 -3.80 27.59
CA LEU I 986 101.31 -2.73 28.08
C LEU I 986 101.73 -2.20 29.46
N LEU I 987 102.39 -3.04 30.27
CA LEU I 987 102.64 -2.66 31.65
C LEU I 987 103.37 -1.33 31.74
N HIS I 988 104.25 -1.05 30.78
CA HIS I 988 104.91 0.25 30.75
C HIS I 988 103.90 1.37 30.64
N GLN I 989 102.88 1.19 29.80
CA GLN I 989 101.85 2.19 29.64
C GLN I 989 101.06 2.39 30.93
N GLU I 990 100.76 1.31 31.65
CA GLU I 990 100.08 1.56 32.92
C GLU I 990 101.02 2.19 33.95
N THR I 991 102.33 2.00 33.81
CA THR I 991 103.26 2.52 34.80
C THR I 991 103.71 3.95 34.53
N LEU I 992 102.95 4.70 33.75
CA LEU I 992 103.34 6.08 33.47
C LEU I 992 103.24 6.93 34.73
N PRO I 993 103.98 8.03 34.80
CA PRO I 993 103.83 8.95 35.93
C PRO I 993 102.43 9.51 36.02
N LYS I 994 101.70 9.14 37.08
CA LYS I 994 100.29 9.52 37.18
C LYS I 994 100.13 11.02 37.33
N LYS I 995 100.98 11.65 38.13
CA LYS I 995 100.92 13.10 38.31
C LYS I 995 101.18 13.81 36.99
N LEU I 996 102.16 13.34 36.21
CA LEU I 996 102.39 13.90 34.89
C LEU I 996 101.17 13.74 34.00
N LEU I 997 100.56 12.55 34.00
CA LEU I 997 99.38 12.31 33.19
C LEU I 997 98.26 13.28 33.55
N GLU I 998 98.04 13.47 34.85
CA GLU I 998 96.92 14.31 35.29
C GLU I 998 97.19 15.79 35.01
N GLU I 999 98.40 16.28 35.31
CA GLU I 999 98.68 17.69 35.09
C GLU I 999 98.73 18.01 33.60
N LYS I 1000 99.10 17.05 32.76
CA LYS I 1000 99.03 17.24 31.32
C LYS I 1000 97.63 16.96 30.79
N GLN I 1001 96.74 16.40 31.61
CA GLN I 1001 95.33 16.18 31.31
C GLN I 1001 95.13 15.08 30.26
N LEU I 1002 95.97 14.05 30.27
CA LEU I 1002 95.85 12.92 29.35
C LEU I 1002 95.53 11.66 30.11
N ASP I 1003 94.68 10.81 29.51
CA ASP I 1003 94.34 9.51 30.05
C ASP I 1003 94.73 8.42 29.07
N LEU I 1004 95.16 7.28 29.62
CA LEU I 1004 95.68 6.18 28.81
C LEU I 1004 94.71 5.75 27.72
N ASN I 1005 93.44 5.59 28.05
CA ASN I 1005 92.43 5.36 27.03
C ASN I 1005 92.18 6.59 26.17
N ALA I 1006 92.28 7.79 26.75
CA ALA I 1006 92.02 9.02 26.02
C ALA I 1006 93.14 9.37 25.04
N MET I 1007 94.28 8.68 25.11
CA MET I 1007 95.39 8.98 24.21
C MET I 1007 95.92 7.67 23.67
N PRO I 1008 96.30 7.64 22.39
CA PRO I 1008 96.71 6.38 21.75
C PRO I 1008 98.05 5.88 22.27
N VAL I 1009 98.49 4.77 21.68
CA VAL I 1009 99.75 4.14 22.04
C VAL I 1009 100.89 4.90 21.39
N LEU I 1010 101.99 5.06 22.13
CA LEU I 1010 103.17 5.78 21.66
C LEU I 1010 104.29 4.81 21.29
N ALA I 1011 105.36 5.36 20.73
CA ALA I 1011 106.51 4.56 20.37
C ALA I 1011 107.29 4.15 21.62
N PRO I 1012 108.02 3.04 21.58
CA PRO I 1012 108.88 2.69 22.72
C PRO I 1012 109.88 3.78 23.04
N PHE I 1013 110.45 4.41 22.01
CA PHE I 1013 111.37 5.52 22.24
C PHE I 1013 110.66 6.70 22.90
N GLN I 1014 109.43 6.98 22.46
CA GLN I 1014 108.66 8.07 23.06
C GLN I 1014 108.39 7.79 24.53
N LEU I 1015 108.01 6.56 24.86
CA LEU I 1015 107.79 6.21 26.26
C LEU I 1015 109.09 6.30 27.05
N ILE I 1016 110.19 5.86 26.46
CA ILE I 1016 111.48 5.94 27.13
C ILE I 1016 111.85 7.38 27.45
N GLN I 1017 111.64 8.28 26.48
CA GLN I 1017 112.00 9.67 26.71
C GLN I 1017 111.06 10.31 27.72
N LEU I 1018 109.79 9.91 27.73
CA LEU I 1018 108.88 10.40 28.75
C LEU I 1018 109.32 9.97 30.14
N TYR I 1019 109.74 8.71 30.28
CA TYR I 1019 110.26 8.26 31.57
C TYR I 1019 111.53 9.01 31.97
N VAL I 1020 112.44 9.23 31.02
CA VAL I 1020 113.78 9.70 31.33
C VAL I 1020 113.87 11.22 31.40
N CYS I 1021 112.85 11.94 30.95
CA CYS I 1021 112.91 13.40 30.93
C CYS I 1021 113.08 13.95 32.34
N GLU I 1022 113.85 15.03 32.47
CA GLU I 1022 114.03 15.68 33.77
C GLU I 1022 112.75 16.31 34.28
N GLU I 1023 111.75 16.50 33.41
CA GLU I 1023 110.43 16.92 33.82
C GLU I 1023 109.68 15.83 34.56
N ASN I 1024 110.17 14.60 34.53
CA ASN I 1024 109.59 13.51 35.31
C ASN I 1024 110.10 13.61 36.74
N LYS I 1025 109.19 13.93 37.67
CA LYS I 1025 109.55 14.10 39.07
C LYS I 1025 110.03 12.83 39.73
N ARG I 1026 109.67 11.66 39.18
CA ARG I 1026 110.06 10.40 39.80
C ARG I 1026 111.56 10.20 39.67
N ALA I 1027 112.24 10.10 40.80
CA ALA I 1027 113.69 9.91 40.83
C ALA I 1027 114.06 8.52 41.33
N ASN I 1028 113.33 7.50 40.87
CA ASN I 1028 113.48 6.17 41.43
C ASN I 1028 114.05 5.20 40.39
N GLU I 1029 114.65 4.12 40.89
CA GLU I 1029 115.28 3.13 40.03
C GLU I 1029 114.26 2.42 39.14
N ASN I 1030 113.00 2.36 39.58
CA ASN I 1030 111.99 1.61 38.85
C ASN I 1030 111.77 2.19 37.46
N ASP I 1031 111.73 3.51 37.35
CA ASP I 1031 111.65 4.15 36.04
C ASP I 1031 112.75 3.65 35.13
N PHE I 1032 113.98 3.64 35.65
CA PHE I 1032 115.14 3.32 34.84
C PHE I 1032 115.12 1.86 34.40
N MET I 1033 114.77 0.96 35.32
CA MET I 1033 114.73 -0.45 34.99
C MET I 1033 113.60 -0.75 34.01
N LYS I 1034 112.46 -0.08 34.16
CA LYS I 1034 111.39 -0.24 33.19
C LYS I 1034 111.81 0.25 31.81
N ALA I 1035 112.47 1.40 31.75
CA ALA I 1035 112.95 1.91 30.48
C ALA I 1035 113.95 0.95 29.85
N LEU I 1036 114.83 0.37 30.65
CA LEU I 1036 115.79 -0.61 30.14
C LEU I 1036 115.08 -1.85 29.61
N ASP I 1037 114.05 -2.31 30.32
CA ASP I 1037 113.30 -3.47 29.86
C ASP I 1037 112.57 -3.17 28.57
N LEU I 1038 112.18 -1.91 28.36
CA LEU I 1038 111.47 -1.53 27.14
C LEU I 1038 112.34 -1.73 25.90
N LEU I 1039 113.66 -1.85 26.06
CA LEU I 1039 114.53 -2.11 24.93
C LEU I 1039 114.20 -3.43 24.26
N GLU I 1040 113.72 -4.42 25.04
CA GLU I 1040 113.38 -5.72 24.48
C GLU I 1040 112.28 -5.64 23.45
N TYR I 1041 111.38 -4.67 23.55
CA TYR I 1041 110.33 -4.47 22.56
C TYR I 1041 110.77 -3.63 21.38
N ILE I 1042 111.99 -3.08 21.42
CA ILE I 1042 112.53 -2.37 20.27
C ILE I 1042 113.30 -3.36 19.41
N GLY I 1043 112.84 -3.58 18.19
CA GLY I 1043 113.34 -4.65 17.34
C GLY I 1043 114.51 -4.25 16.47
N ASP I 1044 114.73 -5.04 15.42
CA ASP I 1044 115.86 -4.84 14.51
C ASP I 1044 115.62 -3.75 13.49
N ASP I 1045 114.41 -3.19 13.42
CA ASP I 1045 114.15 -2.10 12.50
C ASP I 1045 114.94 -0.85 12.88
N SER I 1046 115.45 -0.81 14.12
CA SER I 1046 116.29 0.28 14.61
C SER I 1046 115.57 1.62 14.55
N GLU I 1047 114.47 1.75 15.30
CA GLU I 1047 113.82 3.04 15.50
C GLU I 1047 114.74 4.04 16.17
N VAL I 1048 115.74 3.57 16.91
CA VAL I 1048 116.74 4.40 17.56
C VAL I 1048 117.89 3.46 17.92
N ASP I 1049 119.13 3.96 17.86
CA ASP I 1049 120.27 3.14 18.21
C ASP I 1049 120.18 2.73 19.67
N VAL I 1050 120.09 1.43 19.90
CA VAL I 1050 119.97 0.92 21.27
C VAL I 1050 121.21 1.26 22.08
N GLU I 1051 122.38 1.25 21.44
CA GLU I 1051 123.62 1.54 22.17
C GLU I 1051 123.65 2.99 22.66
N GLU I 1052 123.40 3.94 21.76
CA GLU I 1052 123.41 5.35 22.18
C GLU I 1052 122.26 5.63 23.13
N LEU I 1053 121.13 4.96 22.94
CA LEU I 1053 120.00 5.15 23.83
C LEU I 1053 120.33 4.67 25.24
N LYS I 1054 120.97 3.51 25.35
CA LYS I 1054 121.42 3.01 26.64
C LYS I 1054 122.44 3.95 27.26
N LEU I 1055 123.34 4.48 26.43
CA LEU I 1055 124.32 5.44 26.95
C LEU I 1055 123.63 6.67 27.52
N GLU I 1056 122.64 7.20 26.81
CA GLU I 1056 121.88 8.35 27.30
C GLU I 1056 121.17 8.01 28.60
N ILE I 1057 120.56 6.83 28.66
CA ILE I 1057 119.81 6.43 29.85
C ILE I 1057 120.73 6.32 31.06
N LEU I 1058 121.89 5.69 30.88
CA LEU I 1058 122.80 5.53 32.02
C LEU I 1058 123.40 6.87 32.43
N CYS I 1059 123.66 7.75 31.47
CA CYS I 1059 124.13 9.09 31.82
C CYS I 1059 123.09 9.85 32.61
N LYS I 1060 121.83 9.78 32.19
CA LYS I 1060 120.74 10.40 32.94
C LYS I 1060 120.63 9.82 34.33
N ALA I 1061 120.78 8.50 34.46
CA ALA I 1061 120.70 7.85 35.77
C ALA I 1061 121.80 8.33 36.69
N ILE I 1062 123.02 8.47 36.14
CA ILE I 1062 124.14 8.97 36.95
C ILE I 1062 123.90 10.40 37.37
N LYS I 1063 123.27 11.20 36.49
CA LYS I 1063 123.01 12.61 36.81
C LYS I 1063 122.22 12.80 38.10
N ARG I 1064 121.29 11.90 38.43
CA ARG I 1064 120.53 12.02 39.68
C ARG I 1064 121.42 11.88 40.91
N ASP I 1065 122.60 11.30 40.77
CA ASP I 1065 123.48 11.11 41.92
C ASP I 1065 124.03 12.44 42.39
N GLU I 1066 124.51 12.45 43.64
CA GLU I 1066 125.09 13.64 44.25
C GLU I 1066 126.59 13.47 44.39
N TRP I 1067 127.32 14.58 44.31
CA TRP I 1067 128.78 14.57 44.28
C TRP I 1067 129.32 15.67 45.17
N SER I 1068 130.41 15.36 45.86
CA SER I 1068 131.20 16.41 46.51
C SER I 1068 131.95 17.19 45.44
N ALA I 1069 131.31 18.24 44.93
CA ALA I 1069 131.77 18.90 43.71
C ALA I 1069 133.05 19.68 43.97
N THR I 1070 133.78 19.96 42.89
CA THR I 1070 135.04 20.69 42.93
C THR I 1070 135.96 20.10 43.98
N ASP I 1071 136.38 18.85 43.75
CA ASP I 1071 137.19 18.04 44.66
C ASP I 1071 136.31 17.44 45.74
N GLY I 1072 136.32 16.12 45.84
CA GLY I 1072 135.47 15.41 46.77
C GLY I 1072 136.16 15.13 48.09
N LYS I 1073 135.41 14.46 48.95
CA LYS I 1073 135.92 14.09 50.28
C LYS I 1073 135.42 12.71 50.68
N ASP I 1074 134.98 11.93 49.70
CA ASP I 1074 134.32 10.65 49.95
C ASP I 1074 134.90 9.54 49.10
N ASP I 1075 134.51 8.32 49.41
CA ASP I 1075 134.90 7.16 48.62
C ASP I 1075 133.99 7.05 47.42
N PRO I 1076 134.52 7.03 46.20
CA PRO I 1076 133.67 6.75 45.03
C PRO I 1076 132.87 5.47 45.20
N ILE I 1077 133.51 4.41 45.69
CA ILE I 1077 132.82 3.14 45.83
C ILE I 1077 131.66 3.27 46.80
N GLU I 1078 131.95 3.55 48.07
CA GLU I 1078 130.92 3.47 49.10
C GLU I 1078 129.94 4.62 49.02
N ALA I 1079 130.35 5.76 48.46
CA ALA I 1079 129.50 6.95 48.48
C ALA I 1079 128.37 6.86 47.47
N THR I 1080 128.57 6.11 46.39
CA THR I 1080 127.57 5.99 45.34
C THR I 1080 126.54 4.92 45.61
N LYS I 1081 126.68 4.15 46.69
CA LYS I 1081 125.69 3.12 47.01
C LYS I 1081 124.32 3.74 47.26
N ASP I 1082 124.28 4.83 48.02
CA ASP I 1082 123.02 5.54 48.26
C ASP I 1082 122.49 6.22 47.01
N SER I 1083 123.29 6.30 45.94
CA SER I 1083 122.84 6.86 44.69
C SER I 1083 122.07 5.83 43.88
N ILE I 1084 121.22 6.33 42.99
CA ILE I 1084 120.27 5.46 42.27
C ILE I 1084 121.01 4.56 41.29
N PHE I 1085 122.05 5.09 40.64
CA PHE I 1085 122.68 4.37 39.54
C PHE I 1085 123.32 3.07 40.03
N VAL I 1086 123.96 3.10 41.19
CA VAL I 1086 124.51 1.87 41.74
C VAL I 1086 123.42 0.86 42.00
N LYS I 1087 122.27 1.32 42.53
CA LYS I 1087 121.12 0.43 42.68
C LYS I 1087 120.73 -0.18 41.34
N VAL I 1088 120.77 0.62 40.27
CA VAL I 1088 120.54 0.06 38.94
C VAL I 1088 121.53 -1.06 38.67
N LEU I 1089 122.78 -0.88 39.10
CA LEU I 1089 123.79 -1.90 38.87
C LEU I 1089 123.47 -3.19 39.61
N GLN I 1090 123.06 -3.11 40.89
CA GLN I 1090 122.68 -4.33 41.58
C GLN I 1090 121.45 -4.98 40.96
N ASN I 1091 120.50 -4.17 40.51
CA ASN I 1091 119.33 -4.76 39.83
C ASN I 1091 119.74 -5.49 38.57
N LEU I 1092 120.67 -4.90 37.80
CA LEU I 1092 121.18 -5.58 36.62
C LEU I 1092 121.86 -6.89 36.99
N LEU I 1093 122.66 -6.87 38.05
CA LEU I 1093 123.34 -8.09 38.48
C LEU I 1093 122.34 -9.16 38.91
N ASN I 1094 121.30 -8.76 39.65
CA ASN I 1094 120.28 -9.71 40.08
C ASN I 1094 119.54 -10.29 38.89
N LYS I 1095 119.20 -9.47 37.89
CA LYS I 1095 118.60 -9.99 36.67
C LYS I 1095 119.60 -10.83 35.86
N GLY I 1096 120.89 -10.70 36.12
CA GLY I 1096 121.90 -11.50 35.47
C GLY I 1096 122.80 -10.75 34.51
N ILE I 1097 122.74 -9.43 34.48
CA ILE I 1097 123.56 -8.66 33.55
C ILE I 1097 124.95 -8.46 34.13
N GLU I 1098 125.97 -8.73 33.31
CA GLU I 1098 127.36 -8.52 33.72
C GLU I 1098 127.74 -7.06 33.48
N LEU I 1099 128.12 -6.36 34.56
CA LEU I 1099 128.46 -4.95 34.45
C LEU I 1099 129.72 -4.74 33.62
N LYS I 1100 130.67 -5.68 33.66
CA LYS I 1100 131.90 -5.52 32.89
C LYS I 1100 131.61 -5.42 31.40
N GLY I 1101 130.66 -6.20 30.90
CA GLY I 1101 130.37 -6.24 29.48
C GLY I 1101 129.28 -5.29 29.04
N TYR I 1102 128.31 -5.01 29.93
CA TYR I 1102 127.19 -4.19 29.50
C TYR I 1102 127.36 -2.73 29.90
N LEU I 1103 128.21 -2.45 30.88
CA LEU I 1103 128.52 -1.07 31.25
C LEU I 1103 129.70 -0.59 30.42
N PRO I 1104 129.57 0.51 29.67
CA PRO I 1104 130.60 0.88 28.70
C PRO I 1104 131.96 1.12 29.35
N LYS I 1105 133.01 0.77 28.61
CA LYS I 1105 134.37 0.97 29.09
C LYS I 1105 134.65 2.46 29.26
N ALA I 1106 135.64 2.76 30.11
CA ALA I 1106 135.93 4.16 30.44
C ALA I 1106 136.22 4.98 29.20
N GLU I 1107 136.77 4.35 28.16
CA GLU I 1107 136.92 5.04 26.87
C GLU I 1107 135.59 5.65 26.43
N THR I 1108 134.59 4.80 26.22
CA THR I 1108 133.29 5.30 25.77
C THR I 1108 132.61 6.15 26.82
N LEU I 1109 132.85 5.86 28.10
CA LEU I 1109 132.32 6.70 29.15
C LEU I 1109 132.76 8.15 28.97
N LEU I 1110 134.06 8.36 28.84
CA LEU I 1110 134.57 9.71 28.64
C LEU I 1110 134.28 10.21 27.24
N GLN I 1111 133.94 9.32 26.31
CA GLN I 1111 133.38 9.76 25.04
C GLN I 1111 131.99 10.34 25.18
N SER I 1112 131.22 9.86 26.15
CA SER I 1112 129.86 10.33 26.36
C SER I 1112 129.88 11.77 26.85
N GLU I 1113 129.10 12.64 26.19
CA GLU I 1113 129.09 14.05 26.54
C GLU I 1113 128.34 14.33 27.84
N GLU I 1114 127.19 13.67 28.05
CA GLU I 1114 126.48 13.83 29.30
C GLU I 1114 127.40 13.51 30.48
N LEU I 1115 128.25 12.50 30.31
CA LEU I 1115 129.26 12.14 31.29
C LEU I 1115 130.41 13.13 31.34
N ASN I 1116 130.62 13.91 30.28
CA ASN I 1116 131.73 14.83 30.22
C ASN I 1116 131.30 16.25 30.54
N SER I 1117 130.03 16.48 30.83
CA SER I 1117 129.51 17.80 31.15
C SER I 1117 129.58 18.13 32.64
N LEU I 1118 129.82 17.14 33.49
CA LEU I 1118 129.90 17.36 34.93
C LEU I 1118 131.31 17.12 35.46
N LYS I 1119 132.28 16.90 34.59
CA LYS I 1119 133.66 16.63 34.98
C LYS I 1119 134.32 17.83 35.65
N THR I 1120 133.62 18.96 35.74
CA THR I 1120 134.10 20.08 36.54
C THR I 1120 134.29 19.70 37.99
N ASN I 1121 133.59 18.67 38.46
CA ASN I 1121 133.93 18.02 39.71
C ASN I 1121 134.95 16.94 39.37
N SER I 1122 136.20 17.17 39.77
CA SER I 1122 137.22 16.15 39.64
C SER I 1122 136.77 14.83 40.25
N TYR I 1123 136.18 14.91 41.45
CA TYR I 1123 135.69 13.73 42.14
C TYR I 1123 134.61 13.03 41.33
N PHE I 1124 133.76 13.79 40.65
CA PHE I 1124 132.73 13.18 39.82
C PHE I 1124 133.30 12.17 38.85
N GLU I 1125 134.16 12.61 37.95
CA GLU I 1125 134.69 11.74 36.92
C GLU I 1125 135.61 10.70 37.51
N PHE I 1126 136.41 11.08 38.51
CA PHE I 1126 137.21 10.11 39.23
C PHE I 1126 136.35 8.97 39.75
N SER I 1127 135.20 9.30 40.33
CA SER I 1127 134.37 8.28 40.96
C SER I 1127 133.67 7.44 39.91
N LEU I 1128 133.21 8.08 38.84
CA LEU I 1128 132.87 7.34 37.64
C LEU I 1128 133.87 6.23 37.38
N LYS I 1129 135.13 6.62 37.18
CA LYS I 1129 136.14 5.66 36.76
C LYS I 1129 136.33 4.58 37.82
N ALA I 1130 136.47 5.01 39.08
CA ALA I 1130 136.77 4.07 40.15
C ALA I 1130 135.66 3.03 40.31
N ASN I 1131 134.42 3.48 40.40
CA ASN I 1131 133.32 2.57 40.62
C ASN I 1131 133.10 1.67 39.41
N TYR I 1132 133.12 2.24 38.20
CA TYR I 1132 132.93 1.40 37.02
C TYR I 1132 133.99 0.31 36.95
N GLU I 1133 135.26 0.68 37.10
CA GLU I 1133 136.32 -0.31 37.03
C GLU I 1133 136.17 -1.34 38.14
N CYS I 1134 135.85 -0.90 39.36
CA CYS I 1134 135.76 -1.81 40.48
C CYS I 1134 134.68 -2.85 40.26
N TYR I 1135 133.48 -2.42 39.89
CA TYR I 1135 132.40 -3.37 39.74
C TYR I 1135 132.51 -4.16 38.45
N MET I 1136 133.04 -3.54 37.39
CA MET I 1136 133.39 -4.26 36.18
C MET I 1136 134.33 -5.41 36.48
N LYS I 1137 135.36 -5.17 37.29
CA LYS I 1137 136.29 -6.24 37.63
C LYS I 1137 135.67 -7.26 38.56
N MET I 1138 134.81 -6.83 39.50
CA MET I 1138 134.04 -7.81 40.27
C MET I 1138 133.20 -8.69 39.36
N GLN I 1139 132.75 -8.16 38.22
CA GLN I 1139 132.05 -8.98 37.24
C GLN I 1139 132.99 -9.93 36.50
N SER I 1140 134.17 -9.46 36.13
CA SER I 1140 135.11 -10.32 35.40
C SER I 1140 135.64 -11.44 36.28
N MET J 1 13.57 9.11 103.25
CA MET J 1 12.64 9.38 102.15
C MET J 1 11.26 9.79 102.61
N GLU J 2 11.05 11.10 102.76
CA GLU J 2 9.74 11.68 103.02
C GLU J 2 9.61 12.95 102.19
N GLU J 3 8.49 13.65 102.33
CA GLU J 3 8.31 14.90 101.61
C GLU J 3 9.22 15.98 102.19
N LEU J 4 9.72 16.85 101.31
CA LEU J 4 10.74 17.84 101.67
C LEU J 4 10.25 19.23 101.30
N ASP J 5 9.55 19.88 102.22
CA ASP J 5 9.04 21.24 102.02
C ASP J 5 9.97 22.22 102.72
N VAL J 6 10.36 23.28 102.01
CA VAL J 6 11.32 24.26 102.52
C VAL J 6 10.87 25.66 102.12
N ASP J 7 11.74 26.62 102.42
CA ASP J 7 11.47 28.05 102.33
C ASP J 7 12.45 28.71 101.36
N PRO J 8 12.28 30.04 101.07
CA PRO J 8 13.16 30.71 100.08
C PRO J 8 14.66 30.49 100.24
N ALA J 9 15.40 30.73 99.16
CA ALA J 9 16.82 30.43 99.08
C ALA J 9 17.71 31.66 99.18
N GLU J 10 17.21 32.75 99.77
CA GLU J 10 17.99 33.95 99.98
C GLU J 10 17.43 34.73 101.16
N THR J 11 18.23 35.68 101.65
CA THR J 11 17.84 36.52 102.77
C THR J 11 16.67 37.42 102.37
N PRO J 12 15.58 37.40 103.12
CA PRO J 12 14.46 38.30 102.82
C PRO J 12 14.88 39.76 102.90
N ILE J 13 14.27 40.58 102.06
CA ILE J 13 14.62 41.99 101.94
C ILE J 13 13.57 42.79 102.70
N PRO J 14 13.93 43.55 103.74
CA PRO J 14 12.94 44.36 104.45
C PRO J 14 12.30 45.44 103.58
N GLY J 15 13.05 45.99 102.62
CA GLY J 15 12.50 46.99 101.73
C GLY J 15 11.31 46.54 100.93
N LEU J 16 11.16 45.23 100.75
CA LEU J 16 9.97 44.65 100.13
C LEU J 16 8.74 44.81 101.00
N GLY J 17 8.90 44.80 102.32
CA GLY J 17 7.81 45.13 103.21
C GLY J 17 7.77 46.62 103.46
N GLN J 18 8.61 47.36 102.74
CA GLN J 18 8.67 48.81 102.84
C GLN J 18 8.20 49.51 101.58
N GLN J 19 8.17 48.82 100.44
CA GLN J 19 7.90 49.50 99.17
C GLN J 19 6.80 48.84 98.35
N ASN J 20 6.72 47.51 98.39
CA ASN J 20 5.71 46.71 97.68
C ASN J 20 5.90 46.73 96.17
N ARG J 21 7.14 46.58 95.70
CA ARG J 21 7.39 46.43 94.27
C ARG J 21 7.30 44.96 93.86
N HIS J 22 7.30 44.74 92.55
CA HIS J 22 7.43 43.39 92.01
C HIS J 22 8.90 42.97 91.98
N ILE J 23 9.14 41.66 91.90
CA ILE J 23 10.50 41.13 91.93
C ILE J 23 10.74 40.36 90.63
N GLY J 24 11.93 40.53 90.04
CA GLY J 24 12.31 39.77 88.87
C GLY J 24 13.64 39.07 89.09
N PHE J 25 13.89 38.05 88.26
CA PHE J 25 15.10 37.24 88.40
C PHE J 25 15.64 36.86 87.03
N SER J 26 16.75 36.13 87.06
CA SER J 26 17.49 35.75 85.86
C SER J 26 18.17 34.42 86.09
N TRP J 27 17.78 33.40 85.34
CA TRP J 27 18.44 32.12 85.40
C TRP J 27 19.80 32.20 84.73
N GLY J 28 20.85 32.21 85.54
CA GLY J 28 22.19 32.09 85.03
C GLY J 28 22.56 30.64 84.88
N PRO J 29 23.84 30.35 84.63
CA PRO J 29 24.32 28.96 84.62
C PRO J 29 24.43 28.34 86.01
N GLY J 30 24.70 29.12 87.05
CA GLY J 30 24.74 28.59 88.39
C GLY J 30 24.23 29.52 89.48
N ASP J 31 23.80 30.72 89.10
CA ASP J 31 23.25 31.71 90.04
C ASP J 31 21.94 32.25 89.50
N LEU J 32 21.08 32.74 90.40
CA LEU J 32 19.84 33.38 90.00
C LEU J 32 19.95 34.85 90.38
N LEU J 33 19.80 35.73 89.40
CA LEU J 33 20.02 37.15 89.67
C LEU J 33 18.69 37.83 89.93
N LEU J 34 18.59 38.51 91.08
CA LEU J 34 17.34 39.08 91.54
C LEU J 34 17.42 40.60 91.54
N TYR J 35 16.31 41.24 91.17
CA TYR J 35 16.27 42.67 90.98
C TYR J 35 14.84 43.16 91.22
N GLU J 36 14.73 44.44 91.53
CA GLU J 36 13.44 45.02 91.89
C GLU J 36 12.80 45.67 90.66
N THR J 37 11.63 45.16 90.28
CA THR J 37 10.87 45.68 89.17
C THR J 37 9.63 46.40 89.68
N LEU J 38 9.16 47.36 88.90
CA LEU J 38 8.05 48.20 89.30
C LEU J 38 6.75 47.58 88.82
N TYR J 39 6.15 46.73 89.66
CA TYR J 39 4.80 46.24 89.47
C TYR J 39 4.25 45.87 90.85
N GLN J 40 2.94 45.74 90.98
CA GLN J 40 2.16 45.84 92.20
C GLN J 40 2.15 47.28 92.71
N LYS J 41 2.84 48.20 92.04
CA LYS J 41 2.81 49.62 92.32
C LYS J 41 3.42 50.35 91.12
N GLN J 42 3.30 51.68 91.14
CA GLN J 42 3.76 52.52 90.05
C GLN J 42 4.62 53.66 90.56
N GLY J 43 5.58 54.08 89.75
CA GLY J 43 6.39 55.25 89.99
C GLY J 43 7.55 55.00 90.94
N ASN J 44 8.40 56.03 91.07
CA ASN J 44 9.50 56.06 92.03
C ASN J 44 10.51 54.93 91.80
N SER J 45 11.21 54.97 90.67
CA SER J 45 12.25 53.99 90.36
C SER J 45 13.62 54.60 90.66
N GLU J 46 14.68 53.89 90.25
CA GLU J 46 16.05 54.26 90.56
C GLU J 46 16.99 54.20 89.36
N THR J 47 16.46 54.16 88.13
CA THR J 47 17.31 53.89 86.97
C THR J 47 17.81 55.18 86.33
N ALA J 48 19.09 55.48 86.55
CA ALA J 48 19.75 56.47 85.72
C ALA J 48 21.07 55.93 85.17
N ALA J 49 21.84 55.25 86.02
CA ALA J 49 23.06 54.58 85.57
C ALA J 49 23.33 53.29 86.34
N ARG J 50 22.43 52.90 87.24
CA ARG J 50 22.63 51.73 88.09
C ARG J 50 21.30 51.12 88.48
N CYS J 51 21.34 49.85 88.86
CA CYS J 51 20.19 49.15 89.39
C CYS J 51 19.92 49.61 90.83
N PRO J 52 18.67 49.55 91.29
CA PRO J 52 18.40 49.80 92.70
C PRO J 52 19.14 48.82 93.62
N PHE J 53 19.07 47.53 93.31
CA PHE J 53 20.03 46.58 93.84
C PHE J 53 19.91 45.26 93.09
N MET J 54 21.04 44.63 92.81
CA MET J 54 21.07 43.31 92.20
C MET J 54 21.62 42.33 93.22
N TYR J 55 20.91 41.23 93.42
CA TYR J 55 21.33 40.20 94.36
C TYR J 55 21.67 38.92 93.60
N LEU J 56 22.75 38.27 94.03
CA LEU J 56 23.19 37.01 93.42
C LEU J 56 22.66 35.88 94.28
N VAL J 57 21.37 35.57 94.13
CA VAL J 57 20.75 34.52 94.92
C VAL J 57 21.38 33.19 94.54
N ARG J 58 21.77 32.44 95.55
CA ARG J 58 22.53 31.22 95.40
C ARG J 58 22.22 30.28 96.56
N SER J 59 21.63 29.13 96.23
CA SER J 59 21.41 28.12 97.26
C SER J 59 22.71 27.49 97.72
N ASP J 60 23.74 27.53 96.87
CA ASP J 60 25.02 26.91 97.17
C ASP J 60 25.99 27.99 97.65
N GLU J 61 25.72 28.53 98.85
CA GLU J 61 26.55 29.62 99.37
C GLU J 61 27.94 29.13 99.75
N ASP J 62 28.06 27.84 100.07
CA ASP J 62 29.28 27.34 100.68
C ASP J 62 30.49 27.50 99.79
N ILE J 63 30.28 27.53 98.46
CA ILE J 63 31.38 27.71 97.54
C ILE J 63 31.99 29.10 97.63
N TYR J 64 31.25 30.08 98.14
CA TYR J 64 31.77 31.44 98.23
C TYR J 64 32.45 31.73 99.56
N SER J 65 32.70 30.73 100.37
CA SER J 65 33.41 30.88 101.62
C SER J 65 34.90 30.55 101.39
N PRO J 66 35.82 31.19 102.11
CA PRO J 66 37.24 31.12 101.70
C PRO J 66 37.85 29.74 101.71
N VAL J 67 37.87 29.04 102.84
CA VAL J 67 38.59 27.77 102.91
C VAL J 67 37.77 26.65 102.28
N LEU J 68 36.46 26.87 102.15
CA LEU J 68 35.59 25.86 101.59
C LEU J 68 35.93 25.50 100.15
N ARG J 69 36.41 26.46 99.35
CA ARG J 69 36.87 26.11 98.01
C ARG J 69 38.09 25.20 98.07
N LYS J 70 38.98 25.44 99.04
CA LYS J 70 40.02 24.46 99.33
C LYS J 70 39.43 23.08 99.57
N LEU J 71 38.43 23.01 100.45
CA LEU J 71 37.76 21.73 100.70
C LEU J 71 37.31 21.10 99.40
N PHE J 72 36.65 21.88 98.56
CA PHE J 72 35.97 21.31 97.41
C PHE J 72 36.99 20.88 96.35
N ASN J 73 38.05 21.67 96.18
CA ASN J 73 39.11 21.28 95.26
C ASN J 73 39.75 19.97 95.71
N GLU J 74 40.22 19.91 96.94
CA GLU J 74 40.88 18.68 97.37
C GLU J 74 39.89 17.54 97.39
N SER J 75 38.62 17.85 97.61
CA SER J 75 37.57 16.83 97.63
C SER J 75 37.44 16.19 96.26
N HIS J 76 37.37 16.99 95.20
CA HIS J 76 37.18 16.34 93.91
C HIS J 76 38.48 15.67 93.50
N SER J 77 39.62 16.15 94.00
CA SER J 77 40.88 15.48 93.70
C SER J 77 40.88 14.06 94.26
N ILE J 78 40.52 13.93 95.54
CA ILE J 78 40.38 12.60 96.13
C ILE J 78 39.29 11.83 95.41
N PHE J 79 38.26 12.52 94.94
CA PHE J 79 37.20 11.91 94.17
C PHE J 79 37.77 11.29 92.89
N VAL J 80 38.67 12.00 92.24
CA VAL J 80 39.32 11.50 91.03
C VAL J 80 40.06 10.21 91.34
N GLY J 81 40.88 10.24 92.40
CA GLY J 81 41.55 9.02 92.80
C GLY J 81 40.57 7.90 93.06
N LEU J 82 39.47 8.22 93.73
CA LEU J 82 38.48 7.22 94.13
C LEU J 82 37.89 6.53 92.92
N GLN J 83 37.46 7.30 91.91
CA GLN J 83 36.85 6.66 90.75
C GLN J 83 37.88 6.00 89.86
N LYS J 84 39.09 6.55 89.78
CA LYS J 84 40.14 5.84 89.06
C LYS J 84 40.33 4.45 89.64
N SER J 85 40.24 4.33 90.96
CA SER J 85 40.28 3.02 91.60
C SER J 85 38.99 2.21 91.40
N ALA J 86 37.83 2.85 91.49
CA ALA J 86 36.56 2.19 91.74
C ALA J 86 36.06 1.35 90.59
N GLU J 87 36.67 1.43 89.41
CA GLU J 87 36.18 0.76 88.23
C GLU J 87 36.86 -0.59 88.01
N GLU J 88 37.64 -1.07 88.97
CA GLU J 88 38.62 -2.10 88.68
C GLU J 88 38.50 -3.33 89.57
N ALA J 89 38.08 -3.14 90.81
CA ALA J 89 38.16 -4.21 91.80
C ALA J 89 36.91 -4.24 92.67
N SER J 90 36.86 -5.22 93.55
CA SER J 90 35.77 -5.41 94.51
C SER J 90 36.27 -6.28 95.64
N GLY J 91 35.51 -6.30 96.73
CA GLY J 91 35.85 -7.20 97.82
C GLY J 91 36.85 -6.60 98.78
N LYS J 92 37.86 -7.41 99.13
CA LYS J 92 38.81 -7.01 100.17
C LYS J 92 39.61 -5.79 99.76
N SER J 93 40.07 -5.74 98.51
CA SER J 93 40.78 -4.57 98.04
C SER J 93 39.89 -3.34 98.10
N ARG J 94 38.64 -3.48 97.67
CA ARG J 94 37.69 -2.37 97.74
C ARG J 94 37.57 -1.87 99.17
N LYS J 95 37.44 -2.80 100.12
CA LYS J 95 37.31 -2.43 101.52
C LYS J 95 38.53 -1.65 101.99
N ALA J 96 39.72 -2.11 101.60
CA ALA J 96 40.92 -1.44 102.09
C ALA J 96 41.04 -0.04 101.52
N GLN J 97 40.84 0.13 100.20
CA GLN J 97 40.73 1.48 99.68
C GLN J 97 39.72 2.30 100.44
N LEU J 98 38.52 1.78 100.64
CA LEU J 98 37.45 2.59 101.23
C LEU J 98 37.82 3.06 102.63
N VAL J 99 38.34 2.15 103.45
CA VAL J 99 38.69 2.53 104.81
C VAL J 99 39.77 3.61 104.79
N GLN J 100 40.83 3.41 104.01
CA GLN J 100 41.93 4.37 104.11
C GLN J 100 41.57 5.69 103.46
N VAL J 101 40.74 5.69 102.41
CA VAL J 101 40.34 6.96 101.84
C VAL J 101 39.41 7.67 102.81
N SER J 102 38.67 6.92 103.61
CA SER J 102 37.89 7.55 104.67
C SER J 102 38.79 8.34 105.59
N ARG J 103 39.90 7.72 106.01
CA ARG J 103 40.88 8.50 106.75
C ARG J 103 41.45 9.66 105.94
N ASN J 104 41.66 9.49 104.63
CA ASN J 104 42.17 10.60 103.85
C ASN J 104 41.22 11.80 103.89
N TYR J 105 39.94 11.55 103.64
CA TYR J 105 38.95 12.62 103.69
C TYR J 105 38.90 13.26 105.06
N ARG J 106 38.80 12.45 106.11
CA ARG J 106 38.68 13.04 107.45
C ARG J 106 39.95 13.81 107.81
N SER J 107 41.08 13.39 107.25
CA SER J 107 42.33 14.11 107.46
C SER J 107 42.27 15.49 106.83
N VAL J 108 41.83 15.55 105.58
CA VAL J 108 41.62 16.85 104.97
C VAL J 108 40.64 17.67 105.78
N LEU J 109 39.64 17.00 106.35
CA LEU J 109 38.62 17.70 107.13
C LEU J 109 39.22 18.41 108.34
N ARG J 110 39.88 17.66 109.23
CA ARG J 110 40.36 18.33 110.44
C ARG J 110 41.51 19.25 110.12
N ALA J 111 42.22 19.03 109.01
CA ALA J 111 43.14 20.05 108.53
C ALA J 111 42.41 21.35 108.27
N CYS J 112 41.31 21.27 107.51
CA CYS J 112 40.49 22.45 107.25
C CYS J 112 40.04 23.12 108.53
N MET J 113 39.52 22.34 109.48
CA MET J 113 39.10 22.96 110.73
C MET J 113 40.28 23.60 111.45
N GLU J 114 41.49 23.05 111.30
CA GLU J 114 42.65 23.71 111.89
C GLU J 114 42.83 25.10 111.31
N GLU J 115 42.88 25.22 109.98
CA GLU J 115 43.11 26.54 109.40
C GLU J 115 41.96 27.48 109.74
N MET J 116 40.75 26.93 109.84
CA MET J 116 39.60 27.78 110.11
C MET J 116 39.53 28.16 111.58
N HIS J 117 40.14 27.35 112.46
CA HIS J 117 40.39 27.79 113.83
C HIS J 117 41.36 28.96 113.86
N THR J 118 42.41 28.86 113.05
CA THR J 118 43.33 30.00 112.95
C THR J 118 42.60 31.23 112.41
N LEU J 119 41.58 31.02 111.58
CA LEU J 119 40.72 32.11 111.14
C LEU J 119 39.93 32.70 112.30
N SER J 120 39.28 31.84 113.09
CA SER J 120 38.36 32.31 114.12
C SER J 120 39.10 32.98 115.26
N GLU J 121 40.29 32.49 115.62
CA GLU J 121 41.07 33.15 116.66
C GLU J 121 41.49 34.54 116.22
N SER J 122 41.76 34.73 114.92
CA SER J 122 42.15 36.04 114.43
C SER J 122 40.98 37.00 114.32
N THR J 123 39.81 36.51 113.90
CA THR J 123 38.68 37.40 113.69
C THR J 123 37.52 37.00 114.61
N ARG J 124 37.00 37.98 115.35
CA ARG J 124 35.94 37.73 116.31
C ARG J 124 34.54 37.98 115.78
N GLU J 125 34.37 38.95 114.88
CA GLU J 125 33.05 39.20 114.30
C GLU J 125 32.58 38.02 113.46
N THR J 126 33.46 37.46 112.65
CA THR J 126 33.18 36.26 111.89
C THR J 126 33.49 34.99 112.68
N ALA J 127 33.95 35.13 113.93
CA ALA J 127 34.20 33.96 114.75
C ALA J 127 32.93 33.13 114.92
N GLN J 128 31.77 33.80 114.90
CA GLN J 128 30.52 33.07 115.07
C GLN J 128 30.23 32.18 113.87
N LYS J 129 30.40 32.70 112.66
CA LYS J 129 30.23 31.90 111.46
C LYS J 129 31.26 30.78 111.42
N TYR J 130 32.50 31.07 111.81
CA TYR J 130 33.52 30.04 111.86
C TYR J 130 33.15 28.96 112.88
N ILE J 131 32.57 29.36 114.01
CA ILE J 131 32.14 28.38 115.01
C ILE J 131 31.04 27.49 114.46
N SER J 132 30.08 28.09 113.77
CA SER J 132 29.01 27.30 113.16
C SER J 132 29.58 26.31 112.15
N GLN J 133 30.52 26.76 111.33
CA GLN J 133 31.17 25.88 110.36
C GLN J 133 31.96 24.77 111.07
N ILE J 134 32.67 25.11 112.14
CA ILE J 134 33.38 24.10 112.92
C ILE J 134 32.40 23.05 113.41
N SER J 135 31.27 23.48 113.95
CA SER J 135 30.30 22.54 114.52
C SER J 135 29.75 21.62 113.45
N ILE J 136 29.36 22.19 112.30
CA ILE J 136 28.76 21.37 111.26
C ILE J 136 29.79 20.39 110.69
N LEU J 137 31.01 20.86 110.47
CA LEU J 137 32.05 19.98 109.93
C LEU J 137 32.45 18.91 110.95
N SER J 138 32.43 19.25 112.23
CA SER J 138 32.70 18.27 113.27
C SER J 138 31.63 17.19 113.29
N ALA J 139 30.37 17.58 113.13
CA ALA J 139 29.31 16.61 112.99
C ALA J 139 29.52 15.75 111.75
N MET J 140 29.96 16.38 110.66
CA MET J 140 30.24 15.64 109.42
C MET J 140 31.29 14.57 109.68
N GLU J 141 32.38 14.93 110.35
CA GLU J 141 33.44 13.98 110.65
C GLU J 141 32.96 12.88 111.59
N LEU J 142 32.16 13.24 112.59
CA LEU J 142 31.67 12.23 113.54
C LEU J 142 30.82 11.19 112.84
N SER J 143 29.80 11.64 112.11
CA SER J 143 28.97 10.71 111.35
C SER J 143 29.81 9.97 110.31
N TRP J 144 30.85 10.64 109.81
CA TRP J 144 31.76 10.05 108.84
C TRP J 144 32.43 8.82 109.41
N ASN J 145 33.06 8.97 110.57
CA ASN J 145 33.69 7.82 111.20
C ASN J 145 32.66 6.80 111.63
N LEU J 146 31.51 7.25 112.11
CA LEU J 146 30.47 6.34 112.56
C LEU J 146 30.05 5.40 111.44
N CYS J 147 29.66 5.97 110.31
CA CYS J 147 29.22 5.16 109.18
C CYS J 147 30.37 4.33 108.63
N GLU J 148 31.58 4.91 108.58
CA GLU J 148 32.74 4.11 108.20
C GLU J 148 32.80 2.83 109.00
N ILE J 149 32.92 2.96 110.32
CA ILE J 149 33.11 1.80 111.17
C ILE J 149 31.96 0.81 111.00
N LEU J 150 30.73 1.31 111.03
CA LEU J 150 29.64 0.35 111.16
C LEU J 150 29.23 -0.24 109.80
N PHE J 151 29.70 0.34 108.69
CA PHE J 151 29.61 -0.36 107.41
C PHE J 151 30.95 -0.63 106.75
N ILE J 152 31.77 0.40 106.52
CA ILE J 152 32.92 0.25 105.65
C ILE J 152 33.84 -0.84 106.15
N GLU J 153 34.04 -0.90 107.46
CA GLU J 153 34.76 -2.02 108.04
C GLU J 153 33.82 -3.14 108.45
N SER J 154 32.67 -2.82 109.05
CA SER J 154 31.71 -3.82 109.53
C SER J 154 32.41 -4.89 110.37
N ALA J 155 33.28 -4.44 111.27
CA ALA J 155 34.12 -5.36 112.03
C ALA J 155 33.28 -6.14 113.06
N PRO J 156 33.69 -7.35 113.42
CA PRO J 156 32.95 -8.09 114.45
C PRO J 156 33.09 -7.43 115.81
N ALA J 157 32.42 -8.01 116.80
CA ALA J 157 32.55 -7.53 118.17
C ALA J 157 34.01 -7.58 118.61
N GLY J 158 34.37 -6.69 119.53
CA GLY J 158 35.76 -6.52 119.89
C GLY J 158 36.30 -5.23 119.33
N PRO J 159 37.10 -5.33 118.26
CA PRO J 159 37.67 -4.11 117.64
C PRO J 159 36.62 -3.06 117.35
N LEU J 160 35.38 -3.48 117.10
CA LEU J 160 34.26 -2.56 117.10
C LEU J 160 34.30 -1.64 118.31
N LEU J 161 34.37 -2.22 119.51
CA LEU J 161 34.27 -1.43 120.73
C LEU J 161 35.51 -0.55 120.92
N ILE J 162 36.69 -1.06 120.57
CA ILE J 162 37.90 -0.26 120.68
C ILE J 162 37.80 0.97 119.77
N LEU J 163 37.34 0.77 118.55
CA LEU J 163 37.19 1.91 117.65
C LEU J 163 36.09 2.85 118.14
N LEU J 164 35.03 2.30 118.73
CA LEU J 164 34.02 3.16 119.34
C LEU J 164 34.63 4.06 120.40
N LEU J 165 35.46 3.49 121.27
CA LEU J 165 36.09 4.29 122.33
C LEU J 165 37.05 5.31 121.74
N GLU J 166 37.81 4.91 120.71
CA GLU J 166 38.72 5.84 120.06
C GLU J 166 37.97 7.02 119.47
N TRP J 167 36.87 6.75 118.79
CA TRP J 167 36.08 7.81 118.17
C TRP J 167 35.41 8.68 119.24
N VAL J 168 34.99 8.08 120.35
CA VAL J 168 34.46 8.87 121.46
C VAL J 168 35.52 9.83 121.97
N ARG J 169 36.73 9.33 122.21
CA ARG J 169 37.79 10.17 122.76
C ARG J 169 38.18 11.27 121.78
N LEU J 170 38.27 10.94 120.49
CA LEU J 170 38.66 11.91 119.48
C LEU J 170 37.72 13.12 119.46
N HIS J 171 36.46 12.92 119.83
CA HIS J 171 35.51 14.02 119.90
C HIS J 171 35.39 14.57 121.31
N VAL J 172 35.88 13.85 122.32
CA VAL J 172 35.75 14.25 123.71
C VAL J 172 37.16 14.42 124.26
N CYS J 173 37.64 15.66 124.26
CA CYS J 173 38.91 16.01 124.90
C CYS J 173 38.73 16.76 126.20
N GLU J 174 37.55 16.65 126.82
CA GLU J 174 37.28 17.38 128.07
C GLU J 174 38.12 16.85 129.23
N VAL J 175 38.47 15.57 129.18
CA VAL J 175 39.08 14.92 130.34
C VAL J 175 40.48 15.47 130.59
N ASP J 176 41.24 15.71 129.52
CA ASP J 176 42.57 16.27 129.67
C ASP J 176 42.52 17.66 130.28
N ASN J 177 41.59 18.51 129.82
CA ASN J 177 41.44 19.83 130.41
C ASN J 177 41.02 19.75 131.88
N ILE J 178 40.13 18.80 132.20
CA ILE J 178 39.71 18.62 133.59
C ILE J 178 40.91 18.23 134.46
N VAL J 179 41.74 17.32 133.96
CA VAL J 179 42.90 16.87 134.73
C VAL J 179 43.91 18.01 134.89
N GLN J 180 44.08 18.83 133.84
CA GLN J 180 44.97 19.98 133.97
C GLN J 180 44.43 20.96 135.01
N ASP J 181 43.12 21.20 135.02
CA ASP J 181 42.52 22.08 136.00
C ASP J 181 42.66 21.51 137.41
N VAL J 182 42.62 20.19 137.53
CA VAL J 182 42.82 19.55 138.83
C VAL J 182 44.26 19.71 139.30
N LEU J 183 45.21 19.48 138.39
CA LEU J 183 46.62 19.69 138.70
C LEU J 183 46.90 21.14 139.06
N ARG J 184 46.12 22.08 138.52
CA ARG J 184 46.21 23.47 138.93
C ARG J 184 45.93 23.66 140.42
N SER J 185 44.96 22.94 140.98
CA SER J 185 44.59 23.12 142.37
C SER J 185 45.75 22.78 143.28
N GLU J 186 45.85 23.52 144.40
CA GLU J 186 46.95 23.30 145.34
C GLU J 186 46.92 21.90 145.93
N LYS J 187 45.73 21.33 146.10
CA LYS J 187 45.58 19.99 146.68
C LYS J 187 44.85 19.11 145.67
N PRO J 188 45.58 18.40 144.81
CA PRO J 188 44.91 17.59 143.78
C PRO J 188 43.95 16.56 144.33
N THR J 189 44.29 15.90 145.44
CA THR J 189 43.42 14.87 145.98
C THR J 189 42.11 15.42 146.52
N GLU J 190 42.14 16.55 147.21
CA GLU J 190 40.94 17.17 147.76
C GLU J 190 40.02 17.75 146.70
N HIS J 191 40.48 17.84 145.46
CA HIS J 191 39.69 18.45 144.40
C HIS J 191 38.45 17.61 144.11
N GLU J 192 37.32 18.30 143.97
CA GLU J 192 36.07 17.62 143.60
C GLU J 192 36.18 16.97 142.24
N LYS J 193 36.79 17.68 141.29
CA LYS J 193 36.92 17.21 139.92
C LYS J 193 38.14 16.32 139.73
N PHE J 194 38.92 16.08 140.77
CA PHE J 194 40.00 15.11 140.71
C PHE J 194 39.46 13.71 140.40
N TRP J 195 38.49 13.27 141.20
CA TRP J 195 37.87 11.98 140.94
C TRP J 195 37.13 11.97 139.62
N ASP J 196 36.58 13.12 139.21
CA ASP J 196 35.92 13.20 137.91
C ASP J 196 36.91 13.00 136.77
N GLY J 197 38.12 13.56 136.90
CA GLY J 197 39.15 13.32 135.90
C GLY J 197 39.62 11.88 135.90
N VAL J 198 39.69 11.26 137.08
CA VAL J 198 40.01 9.83 137.16
C VAL J 198 38.97 9.01 136.40
N THR J 199 37.70 9.33 136.61
CA THR J 199 36.62 8.67 135.86
C THR J 199 36.73 8.95 134.38
N GLY J 200 37.13 10.16 134.01
CA GLY J 200 37.33 10.45 132.60
C GLY J 200 38.40 9.56 131.97
N TYR J 201 39.53 9.42 132.66
CA TYR J 201 40.58 8.52 132.16
C TYR J 201 40.08 7.09 132.06
N VAL J 202 39.40 6.58 133.09
CA VAL J 202 39.00 5.18 133.04
C VAL J 202 37.95 4.95 131.96
N LEU J 203 37.10 5.95 131.71
CA LEU J 203 36.15 5.88 130.61
C LEU J 203 36.88 5.86 129.27
N GLN J 204 37.89 6.71 129.12
CA GLN J 204 38.64 6.78 127.87
C GLN J 204 39.57 5.59 127.65
N GLY J 205 39.50 4.57 128.50
CA GLY J 205 40.42 3.45 128.39
C GLY J 205 41.87 3.86 128.62
N ARG J 206 42.12 4.63 129.67
CA ARG J 206 43.45 5.18 129.96
C ARG J 206 43.90 4.65 131.31
N MET J 207 43.75 3.34 131.49
CA MET J 207 44.00 2.70 132.78
C MET J 207 45.42 2.94 133.27
N ASN J 208 46.37 3.15 132.36
CA ASN J 208 47.74 3.39 132.80
C ASN J 208 47.86 4.68 133.60
N GLU J 209 47.37 5.79 133.04
CA GLU J 209 47.40 7.06 133.76
C GLU J 209 46.44 7.04 134.94
N ALA J 210 45.33 6.29 134.82
CA ALA J 210 44.43 6.15 135.95
C ALA J 210 45.12 5.51 137.14
N ARG J 211 45.91 4.45 136.89
CA ARG J 211 46.64 3.80 137.97
C ARG J 211 47.81 4.67 138.43
N GLN J 212 48.37 5.48 137.53
CA GLN J 212 49.39 6.42 137.93
C GLN J 212 48.86 7.41 138.97
N LEU J 213 47.66 7.94 138.72
CA LEU J 213 47.05 8.85 139.68
C LEU J 213 46.57 8.11 140.92
N LEU J 214 46.10 6.88 140.76
CA LEU J 214 45.64 6.10 141.90
C LEU J 214 46.79 5.74 142.82
N ALA J 215 48.00 5.61 142.27
CA ALA J 215 49.18 5.43 143.11
C ALA J 215 49.44 6.64 143.98
N LYS J 216 49.32 7.85 143.41
CA LYS J 216 49.44 9.06 144.21
C LYS J 216 48.38 9.12 145.30
N GLU J 217 47.13 8.77 144.93
CA GLU J 217 46.05 8.77 145.91
C GLU J 217 46.29 7.76 147.02
N ALA J 218 46.79 6.57 146.66
CA ALA J 218 47.10 5.55 147.66
C ALA J 218 48.22 5.99 148.58
N SER J 219 49.26 6.62 148.03
CA SER J 219 50.34 7.14 148.86
C SER J 219 49.84 8.22 149.80
N THR J 220 48.95 9.09 149.32
CA THR J 220 48.43 10.18 150.15
C THR J 220 47.53 9.66 151.27
N SER J 221 46.59 8.77 150.94
CA SER J 221 45.60 8.28 151.89
C SER J 221 45.94 6.85 152.27
N ALA J 222 46.26 6.63 153.54
CA ALA J 222 46.58 5.30 154.03
C ALA J 222 45.39 4.35 153.95
N SER J 223 44.21 4.79 154.35
CA SER J 223 43.01 3.96 154.27
C SER J 223 42.62 3.64 152.83
N ALA J 224 42.72 4.63 151.94
CA ALA J 224 42.37 4.41 150.55
C ALA J 224 43.46 3.70 149.76
N ARG J 225 44.62 3.45 150.35
CA ARG J 225 45.70 2.78 149.62
C ARG J 225 45.31 1.36 149.24
N SER J 226 44.71 0.61 150.17
CA SER J 226 44.22 -0.72 149.85
C SER J 226 43.14 -0.66 148.78
N MET J 227 42.26 0.34 148.88
CA MET J 227 41.19 0.49 147.92
C MET J 227 41.76 0.67 146.52
N CYS J 228 42.77 1.55 146.42
CA CYS J 228 43.43 1.84 145.16
C CYS J 228 44.19 0.62 144.63
N ARG J 229 44.84 -0.14 145.52
CA ARG J 229 45.55 -1.34 145.09
C ARG J 229 44.57 -2.36 144.52
N VAL J 230 43.43 -2.55 145.17
CA VAL J 230 42.43 -3.48 144.68
C VAL J 230 41.92 -3.05 143.31
N LEU J 231 41.61 -1.75 143.17
CA LEU J 231 41.14 -1.25 141.89
C LEU J 231 42.20 -1.42 140.81
N ASP J 232 43.47 -1.12 141.14
CA ASP J 232 44.55 -1.27 140.17
C ASP J 232 44.72 -2.72 139.76
N ASP J 233 44.60 -3.65 140.72
CA ASP J 233 44.68 -5.06 140.39
C ASP J 233 43.54 -5.48 139.46
N LEU J 234 42.34 -5.00 139.73
CA LEU J 234 41.21 -5.31 138.85
C LEU J 234 41.47 -4.79 137.43
N LEU J 235 41.92 -3.54 137.33
CA LEU J 235 42.19 -2.95 136.01
C LEU J 235 43.34 -3.64 135.32
N LYS J 236 44.27 -4.20 136.09
CA LYS J 236 45.36 -4.97 135.49
C LYS J 236 44.85 -6.32 134.99
N LYS J 237 43.83 -6.86 135.64
CA LYS J 237 43.31 -8.16 135.21
C LYS J 237 41.99 -8.05 134.45
N MET J 238 41.67 -6.88 133.88
CA MET J 238 40.69 -6.76 132.80
C MET J 238 40.75 -7.95 131.85
N PRO J 239 39.67 -8.73 131.72
CA PRO J 239 39.63 -9.75 130.67
C PRO J 239 39.73 -9.14 129.28
N MET J 240 40.44 -9.82 128.41
CA MET J 240 40.68 -9.35 127.04
C MET J 240 40.23 -10.45 126.07
N LEU J 241 40.58 -10.28 124.80
CA LEU J 241 40.24 -11.27 123.79
C LEU J 241 40.97 -12.58 124.05
N HIS J 242 40.38 -13.67 123.54
CA HIS J 242 40.90 -15.01 123.72
C HIS J 242 40.94 -15.70 122.36
N THR J 243 42.13 -15.78 121.78
CA THR J 243 42.30 -16.29 120.43
C THR J 243 43.26 -17.48 120.46
N GLY J 244 42.77 -18.65 120.10
CA GLY J 244 43.60 -19.83 119.95
C GLY J 244 43.75 -20.20 118.49
N GLY J 245 43.71 -19.18 117.63
CA GLY J 245 43.63 -19.38 116.20
C GLY J 245 42.38 -18.71 115.68
N THR J 246 41.45 -18.46 116.59
CA THR J 246 40.22 -17.72 116.31
C THR J 246 39.71 -17.17 117.64
N GLN J 247 39.39 -15.88 117.64
CA GLN J 247 38.96 -15.19 118.85
C GLN J 247 37.67 -15.79 119.39
N THR J 248 37.62 -15.95 120.71
CA THR J 248 36.50 -16.63 121.38
C THR J 248 35.75 -15.60 122.20
N LEU J 249 34.49 -15.35 121.83
CA LEU J 249 33.65 -14.46 122.62
C LEU J 249 33.18 -15.14 123.89
N THR J 250 33.07 -16.48 123.88
CA THR J 250 32.52 -17.20 125.01
C THR J 250 33.38 -17.04 126.26
N GLU J 251 34.66 -17.41 126.16
CA GLU J 251 35.59 -17.18 127.26
C GLU J 251 35.63 -15.70 127.64
N PHE J 252 35.43 -14.83 126.65
CA PHE J 252 35.46 -13.40 126.90
C PHE J 252 34.37 -12.98 127.88
N GLU J 253 33.13 -13.35 127.60
CA GLU J 253 32.04 -12.94 128.51
C GLU J 253 32.14 -13.69 129.83
N LEU J 254 32.60 -14.95 129.79
CA LEU J 254 32.73 -15.71 131.03
C LEU J 254 33.71 -15.03 131.97
N LYS J 255 34.88 -14.66 131.47
CA LYS J 255 35.89 -14.05 132.33
C LYS J 255 35.49 -12.64 132.72
N TRP J 256 34.76 -11.92 131.87
CA TRP J 256 34.24 -10.62 132.28
C TRP J 256 33.23 -10.76 133.42
N GLN J 257 32.35 -11.77 133.34
CA GLN J 257 31.43 -12.01 134.45
C GLN J 257 32.18 -12.38 135.72
N HIS J 258 33.21 -13.21 135.59
CA HIS J 258 34.01 -13.57 136.76
C HIS J 258 34.71 -12.36 137.34
N TRP J 259 35.15 -11.44 136.49
CA TRP J 259 35.74 -10.19 136.95
C TRP J 259 34.71 -9.35 137.71
N ARG J 260 33.48 -9.29 137.20
CA ARG J 260 32.43 -8.58 137.92
C ARG J 260 32.20 -9.19 139.29
N GLU J 261 32.18 -10.53 139.34
CA GLU J 261 32.02 -11.23 140.60
C GLU J 261 33.17 -10.90 141.56
N GLU J 262 34.39 -10.83 141.03
CA GLU J 262 35.55 -10.51 141.87
C GLU J 262 35.45 -9.09 142.41
N CYS J 263 34.99 -8.14 141.59
CA CYS J 263 34.79 -6.78 142.08
C CYS J 263 33.75 -6.75 143.20
N GLU J 264 32.65 -7.49 143.02
CA GLU J 264 31.63 -7.55 144.06
C GLU J 264 32.21 -8.15 145.34
N ARG J 265 33.01 -9.20 145.22
CA ARG J 265 33.59 -9.84 146.40
C ARG J 265 34.59 -8.91 147.08
N HIS J 266 35.37 -8.15 146.30
CA HIS J 266 36.27 -7.17 146.90
C HIS J 266 35.49 -6.12 147.68
N LEU J 267 34.39 -5.62 147.10
CA LEU J 267 33.57 -4.63 147.81
C LEU J 267 32.99 -5.22 149.09
N GLN J 268 32.53 -6.47 149.02
CA GLN J 268 31.97 -7.11 150.21
C GLN J 268 33.03 -7.32 151.28
N ASN J 269 34.24 -7.73 150.89
CA ASN J 269 35.37 -7.85 151.80
C ASN J 269 35.79 -6.51 152.36
N GLY J 270 35.48 -5.41 151.69
CA GLY J 270 35.81 -4.10 152.20
C GLY J 270 37.11 -3.52 151.71
N THR J 271 37.86 -4.25 150.90
CA THR J 271 39.07 -3.75 150.26
C THR J 271 38.73 -2.92 149.02
N PHE J 272 37.44 -2.80 148.72
CA PHE J 272 36.97 -2.14 147.52
C PHE J 272 35.68 -1.38 147.81
N SER J 273 35.53 -0.90 149.04
CA SER J 273 34.29 -0.29 149.48
C SER J 273 34.61 0.84 150.44
N SER J 274 33.64 1.16 151.31
CA SER J 274 33.87 2.02 152.46
C SER J 274 34.20 3.46 152.08
N ASN J 275 34.29 3.75 150.78
CA ASN J 275 34.54 5.08 150.26
C ASN J 275 33.48 5.39 149.22
N VAL J 276 32.97 6.62 149.23
CA VAL J 276 31.90 6.98 148.31
C VAL J 276 32.38 6.86 146.86
N HIS J 277 33.59 7.36 146.57
CA HIS J 277 34.10 7.27 145.21
C HIS J 277 34.26 5.82 144.76
N MET J 278 34.86 4.97 145.60
CA MET J 278 35.10 3.59 145.21
C MET J 278 33.80 2.82 145.05
N GLU J 279 32.83 3.05 145.95
CA GLU J 279 31.54 2.39 145.82
C GLU J 279 30.82 2.83 144.55
N ALA J 280 30.87 4.12 144.23
CA ALA J 280 30.28 4.60 142.98
C ALA J 280 30.96 3.96 141.77
N VAL J 281 32.29 3.86 141.81
CA VAL J 281 33.03 3.25 140.72
C VAL J 281 32.62 1.79 140.54
N CYS J 282 32.51 1.06 141.64
CA CYS J 282 32.11 -0.35 141.54
C CYS J 282 30.69 -0.48 140.99
N ARG J 283 29.78 0.39 141.43
CA ARG J 283 28.42 0.38 140.91
C ARG J 283 28.41 0.64 139.42
N VAL J 284 29.21 1.60 138.97
CA VAL J 284 29.28 1.91 137.53
C VAL J 284 29.89 0.72 136.77
N LEU J 285 30.91 0.09 137.34
CA LEU J 285 31.52 -1.07 136.70
C LEU J 285 30.50 -2.18 136.50
N LEU J 286 29.70 -2.46 137.52
CA LEU J 286 28.62 -3.42 137.36
C LEU J 286 27.47 -2.88 136.51
N GLY J 287 27.46 -1.58 136.24
CA GLY J 287 26.41 -0.97 135.43
C GLY J 287 25.33 -0.37 136.29
N ASP J 288 25.28 0.96 136.39
CA ASP J 288 24.35 1.63 137.30
C ASP J 288 23.82 2.88 136.63
N GLU J 289 22.60 2.78 136.08
CA GLU J 289 22.04 3.81 135.22
C GLU J 289 21.87 5.15 135.93
N GLU J 290 21.38 5.13 137.17
CA GLU J 290 21.14 6.40 137.87
C GLU J 290 22.44 7.10 138.21
N VAL J 291 23.49 6.34 138.55
CA VAL J 291 24.80 6.95 138.78
C VAL J 291 25.34 7.56 137.49
N LEU J 292 25.19 6.85 136.36
CA LEU J 292 25.62 7.47 135.09
C LEU J 292 24.83 8.74 134.80
N LEU J 293 23.51 8.71 134.99
CA LEU J 293 22.69 9.88 134.70
C LEU J 293 23.00 11.04 135.64
N GLU J 294 23.43 10.75 136.87
CA GLU J 294 23.95 11.79 137.73
C GLU J 294 25.29 12.32 137.22
N LYS J 295 26.12 11.42 136.69
CA LYS J 295 27.37 11.78 136.03
C LYS J 295 27.16 12.27 134.61
N ARG J 296 25.93 12.68 134.27
CA ARG J 296 25.65 13.18 132.93
C ARG J 296 26.55 14.35 132.53
N ASP J 297 27.12 15.04 133.52
CA ASP J 297 28.08 16.11 133.23
C ASP J 297 29.36 15.58 132.58
N LEU J 298 29.95 14.50 133.10
CA LEU J 298 31.23 14.02 132.58
C LEU J 298 31.09 13.35 131.22
N MET J 299 29.94 12.76 130.94
CA MET J 299 29.57 12.29 129.61
C MET J 299 29.10 13.39 128.66
N THR J 300 28.09 14.18 129.06
CA THR J 300 27.61 15.35 128.34
C THR J 300 26.90 14.95 127.05
N THR J 301 26.96 13.68 126.65
CA THR J 301 26.40 13.26 125.38
C THR J 301 25.80 11.86 125.48
N TRP J 302 24.66 11.66 124.79
CA TRP J 302 23.97 10.38 124.90
C TRP J 302 24.69 9.29 124.14
N TYR J 303 25.48 9.62 123.11
CA TYR J 303 26.25 8.56 122.48
C TYR J 303 27.36 8.08 123.40
N HIS J 304 27.95 8.99 124.17
CA HIS J 304 28.87 8.56 125.22
C HIS J 304 28.12 7.75 126.28
N PHE J 305 26.86 8.11 126.54
CA PHE J 305 26.04 7.30 127.44
C PHE J 305 25.91 5.89 126.91
N LEU J 306 25.66 5.78 125.61
CA LEU J 306 25.47 4.50 124.96
C LEU J 306 26.75 3.67 125.02
N VAL J 307 27.89 4.28 124.69
CA VAL J 307 29.14 3.53 124.69
C VAL J 307 29.52 3.12 126.11
N SER J 308 29.23 3.95 127.11
CA SER J 308 29.47 3.57 128.49
C SER J 308 28.57 2.41 128.90
N ARG J 309 27.29 2.48 128.54
CA ARG J 309 26.36 1.41 128.87
C ARG J 309 26.82 0.09 128.27
N LEU J 310 27.25 0.12 127.01
CA LEU J 310 27.71 -1.11 126.37
C LEU J 310 29.02 -1.59 126.97
N LEU J 311 29.95 -0.68 127.22
CA LEU J 311 31.23 -1.06 127.81
C LEU J 311 31.04 -1.69 129.18
N PHE J 312 30.01 -1.28 129.91
CA PHE J 312 29.86 -1.69 131.29
C PHE J 312 28.78 -2.74 131.51
N LYS J 313 27.99 -3.06 130.50
CA LYS J 313 27.04 -4.15 130.66
C LYS J 313 27.04 -5.12 129.50
N HIS J 314 27.32 -4.67 128.27
CA HIS J 314 27.22 -5.53 127.09
C HIS J 314 28.40 -5.25 126.17
N PRO J 315 29.61 -5.64 126.56
CA PRO J 315 30.79 -5.34 125.73
C PRO J 315 30.76 -5.98 124.35
N THR J 316 29.99 -7.04 124.16
CA THR J 316 29.81 -7.68 122.86
C THR J 316 28.39 -7.41 122.38
N VAL J 317 28.25 -6.40 121.52
CA VAL J 317 26.93 -5.96 121.06
C VAL J 317 26.74 -6.36 119.60
N LYS J 318 25.50 -6.64 119.24
CA LYS J 318 25.01 -6.94 117.91
C LYS J 318 24.11 -5.82 117.42
N PRO J 319 24.00 -5.63 116.10
CA PRO J 319 23.05 -4.62 115.58
C PRO J 319 21.62 -4.88 116.01
N THR J 320 21.28 -6.14 116.27
CA THR J 320 19.94 -6.50 116.73
C THR J 320 19.60 -5.86 118.07
N GLU J 321 20.60 -5.49 118.86
CA GLU J 321 20.37 -4.87 120.15
C GLU J 321 20.92 -3.46 120.23
N LEU J 322 21.73 -3.06 119.25
CA LEU J 322 22.22 -1.69 119.20
C LEU J 322 21.07 -0.70 119.17
N HIS J 323 20.00 -1.01 118.44
CA HIS J 323 18.86 -0.10 118.37
C HIS J 323 18.15 0.01 119.72
N PHE J 324 17.96 -1.12 120.41
CA PHE J 324 17.36 -1.07 121.74
C PHE J 324 18.20 -0.21 122.67
N TYR J 325 19.52 -0.42 122.67
CA TYR J 325 20.38 0.32 123.58
C TYR J 325 20.43 1.79 123.22
N ALA J 326 20.43 2.12 121.92
CA ALA J 326 20.41 3.51 121.51
C ALA J 326 19.12 4.19 121.92
N GLN J 327 17.99 3.48 121.77
CA GLN J 327 16.72 4.03 122.22
C GLN J 327 16.75 4.30 123.72
N SER J 328 17.25 3.34 124.49
CA SER J 328 17.35 3.52 125.94
C SER J 328 18.24 4.70 126.28
N SER J 329 19.39 4.81 125.62
CA SER J 329 20.32 5.89 125.89
C SER J 329 19.71 7.25 125.56
N LEU J 330 19.03 7.33 124.41
CA LEU J 330 18.37 8.58 124.03
C LEU J 330 17.31 8.97 125.04
N ASP J 331 16.46 8.01 125.41
CA ASP J 331 15.37 8.30 126.35
C ASP J 331 15.93 8.76 127.69
N MET J 332 16.96 8.07 128.19
CA MET J 332 17.46 8.38 129.53
C MET J 332 18.27 9.68 129.54
N PHE J 333 18.96 10.00 128.44
CA PHE J 333 19.71 11.24 128.41
C PHE J 333 18.85 12.43 128.00
N LEU J 334 17.64 12.18 127.50
CA LEU J 334 16.70 13.25 127.20
C LEU J 334 15.53 13.27 128.16
N ALA J 335 15.56 12.45 129.21
CA ALA J 335 14.45 12.41 130.16
C ALA J 335 14.28 13.74 130.88
N GLY J 336 15.35 14.53 130.96
CA GLY J 336 15.26 15.83 131.61
C GLY J 336 14.53 16.86 130.76
N ASP J 337 14.84 18.13 130.97
CA ASP J 337 14.23 19.21 130.20
C ASP J 337 14.98 19.49 128.90
N SER J 338 15.65 18.49 128.35
CA SER J 338 16.45 18.62 127.14
C SER J 338 15.62 18.19 125.93
N CYS J 339 15.38 19.12 125.01
CA CYS J 339 14.66 18.85 123.78
C CYS J 339 15.58 18.19 122.75
N PRO J 340 15.01 17.43 121.82
CA PRO J 340 15.85 16.76 120.80
C PRO J 340 16.58 17.75 119.90
N GLU J 341 17.56 17.26 119.16
CA GLU J 341 18.32 18.08 118.23
C GLU J 341 18.36 17.40 116.87
N PRO J 342 18.52 18.18 115.79
CA PRO J 342 18.58 17.57 114.46
C PRO J 342 19.66 16.51 114.35
N LEU J 343 20.85 16.76 114.90
CA LEU J 343 21.91 15.76 114.85
C LEU J 343 21.56 14.54 115.70
N ASP J 344 20.80 14.75 116.78
CA ASP J 344 20.32 13.62 117.55
C ASP J 344 19.45 12.72 116.70
N ASN J 345 18.53 13.32 115.95
CA ASN J 345 17.70 12.52 115.03
C ASN J 345 18.55 11.88 113.95
N ILE J 346 19.58 12.58 113.48
CA ILE J 346 20.46 12.03 112.46
C ILE J 346 21.12 10.76 112.97
N LEU J 347 21.66 10.82 114.19
CA LEU J 347 22.34 9.67 114.76
C LEU J 347 21.35 8.55 115.04
N LEU J 348 20.13 8.90 115.47
CA LEU J 348 19.11 7.88 115.68
C LEU J 348 18.79 7.15 114.38
N ALA J 349 18.66 7.89 113.28
CA ALA J 349 18.40 7.25 111.99
C ALA J 349 19.59 6.41 111.55
N ALA J 350 20.82 6.92 111.77
CA ALA J 350 22.01 6.16 111.41
C ALA J 350 22.06 4.85 112.18
N PHE J 351 21.65 4.87 113.44
CA PHE J 351 21.57 3.63 114.22
C PHE J 351 20.43 2.76 113.76
N GLU J 352 19.35 3.35 113.25
CA GLU J 352 18.26 2.61 112.62
C GLU J 352 18.70 1.93 111.33
N PHE J 353 19.80 2.40 110.71
CA PHE J 353 20.39 1.80 109.53
C PHE J 353 19.54 1.92 108.28
N ASP J 354 18.70 2.96 108.17
CA ASP J 354 17.87 3.14 106.99
C ASP J 354 18.56 4.12 106.04
N ILE J 355 19.16 3.56 104.99
CA ILE J 355 19.84 4.35 103.96
C ILE J 355 18.92 5.43 103.40
N HIS J 356 17.65 5.07 103.16
CA HIS J 356 16.73 6.02 102.53
C HIS J 356 16.51 7.24 103.42
N GLN J 357 16.15 7.02 104.68
CA GLN J 357 15.86 8.17 105.55
C GLN J 357 17.12 8.97 105.79
N VAL J 358 18.27 8.31 105.93
CA VAL J 358 19.48 9.05 106.25
C VAL J 358 19.94 9.89 105.07
N ILE J 359 19.83 9.36 103.85
CA ILE J 359 20.19 10.17 102.70
C ILE J 359 19.22 11.33 102.55
N LYS J 360 17.94 11.09 102.86
CA LYS J 360 16.98 12.19 102.94
C LYS J 360 17.44 13.26 103.92
N GLU J 361 17.83 12.84 105.12
CA GLU J 361 18.19 13.78 106.17
C GLU J 361 19.42 14.60 105.79
N PHE J 362 20.44 13.95 105.22
CA PHE J 362 21.62 14.71 104.82
C PHE J 362 21.35 15.58 103.61
N SER J 363 20.46 15.16 102.71
CA SER J 363 20.07 16.05 101.63
C SER J 363 19.41 17.31 102.16
N ILE J 364 18.56 17.16 103.20
CA ILE J 364 17.92 18.35 103.77
C ILE J 364 18.93 19.21 104.53
N VAL J 365 19.71 18.59 105.41
CA VAL J 365 20.56 19.35 106.33
C VAL J 365 21.72 20.00 105.57
N SER J 366 22.34 19.26 104.66
CA SER J 366 23.50 19.74 103.94
C SER J 366 23.11 20.90 103.03
N SER J 367 23.75 22.04 103.21
CA SER J 367 23.50 23.17 102.32
C SER J 367 23.93 22.85 100.90
N ASN J 368 24.84 21.90 100.72
CA ASN J 368 25.30 21.49 99.41
C ASN J 368 25.64 20.02 99.44
N TRP J 369 26.16 19.52 98.32
CA TRP J 369 26.08 18.08 98.10
C TRP J 369 27.42 17.36 98.06
N TRP J 370 28.54 18.00 98.39
CA TRP J 370 29.80 17.28 98.35
C TRP J 370 29.78 16.14 99.37
N PHE J 371 29.31 16.45 100.57
CA PHE J 371 29.28 15.46 101.65
C PHE J 371 28.33 14.32 101.33
N VAL J 372 27.11 14.65 100.89
CA VAL J 372 26.13 13.62 100.62
C VAL J 372 26.57 12.77 99.44
N ALA J 373 27.18 13.40 98.43
CA ALA J 373 27.69 12.65 97.28
C ALA J 373 28.82 11.72 97.70
N HIS J 374 29.68 12.19 98.59
CA HIS J 374 30.80 11.36 99.05
C HIS J 374 30.29 10.15 99.81
N LEU J 375 29.42 10.37 100.79
CA LEU J 375 28.87 9.24 101.53
C LEU J 375 28.10 8.33 100.59
N THR J 376 27.40 8.91 99.61
CA THR J 376 26.63 8.11 98.68
C THR J 376 27.51 7.20 97.85
N ASP J 377 28.58 7.74 97.29
CA ASP J 377 29.45 6.91 96.46
C ASP J 377 30.11 5.84 97.31
N LEU J 378 30.43 6.17 98.55
CA LEU J 378 31.00 5.17 99.44
C LEU J 378 30.03 4.03 99.71
N LEU J 379 28.79 4.36 100.08
CA LEU J 379 27.82 3.28 100.31
C LEU J 379 27.47 2.57 99.02
N ASP J 380 27.66 3.23 97.88
CA ASP J 380 27.50 2.55 96.59
C ASP J 380 28.57 1.48 96.41
N HIS J 381 29.83 1.82 96.66
CA HIS J 381 30.86 0.80 96.71
C HIS J 381 30.51 -0.31 97.70
N CYS J 382 29.90 0.06 98.83
CA CYS J 382 29.49 -0.92 99.83
C CYS J 382 28.34 -1.80 99.35
N GLN J 383 27.57 -1.35 98.37
CA GLN J 383 26.49 -2.15 97.77
C GLN J 383 25.43 -2.55 98.79
N LEU J 384 24.93 -1.56 99.54
CA LEU J 384 23.92 -1.85 100.56
C LEU J 384 22.53 -1.95 99.97
N PHE J 385 22.35 -1.52 98.73
CA PHE J 385 21.02 -1.34 98.17
C PHE J 385 20.43 -2.65 97.67
N GLN J 386 19.19 -2.53 97.18
CA GLN J 386 18.52 -3.57 96.40
C GLN J 386 18.16 -3.06 95.01
N ALA J 387 19.10 -2.38 94.34
CA ALA J 387 18.93 -1.73 93.04
C ALA J 387 18.03 -0.50 93.13
N HIS J 388 18.06 0.19 94.27
CA HIS J 388 17.29 1.42 94.42
C HIS J 388 17.93 2.57 93.66
N ASN J 389 17.11 3.58 93.34
CA ASN J 389 17.58 4.82 92.72
C ASN J 389 16.71 5.96 93.22
N LEU J 390 16.87 7.13 92.60
CA LEU J 390 16.02 8.28 92.94
C LEU J 390 14.55 8.01 92.63
N TYR J 391 14.28 7.38 91.48
CA TYR J 391 12.91 7.20 90.99
C TYR J 391 12.25 8.56 90.78
N PHE J 392 13.04 9.63 90.89
CA PHE J 392 12.68 10.97 90.44
C PHE J 392 13.40 11.31 89.14
N GLY J 393 14.64 10.85 89.00
CA GLY J 393 15.34 10.83 87.74
C GLY J 393 16.80 10.45 87.93
N ALA J 394 17.30 9.49 87.14
CA ALA J 394 18.66 8.99 87.28
C ALA J 394 18.94 8.52 88.71
N ASN J 395 20.22 8.32 89.02
CA ASN J 395 20.61 7.94 90.36
C ASN J 395 20.97 9.16 91.20
N MET J 396 21.01 8.95 92.51
CA MET J 396 21.38 10.01 93.44
C MET J 396 22.70 10.65 93.04
N ARG J 397 23.63 9.83 92.58
CA ARG J 397 24.93 10.31 92.15
C ARG J 397 24.79 11.38 91.07
N GLU J 398 24.02 11.09 90.02
CA GLU J 398 23.90 12.03 88.92
C GLU J 398 23.22 13.32 89.36
N PHE J 399 22.20 13.21 90.22
CA PHE J 399 21.59 14.39 90.82
C PHE J 399 22.61 15.28 91.49
N LEU J 400 23.37 14.72 92.42
CA LEU J 400 24.30 15.52 93.19
C LEU J 400 25.43 16.05 92.32
N LEU J 401 25.90 15.23 91.38
CA LEU J 401 26.91 15.68 90.43
C LEU J 401 26.42 16.89 89.65
N LEU J 402 25.18 16.84 89.16
CA LEU J 402 24.64 17.96 88.41
C LEU J 402 24.55 19.22 89.26
N ASP J 403 23.95 19.13 90.44
CA ASP J 403 23.76 20.34 91.25
C ASP J 403 25.11 20.94 91.63
N TYR J 404 26.01 20.10 92.12
CA TYR J 404 27.33 20.55 92.54
C TYR J 404 28.10 21.14 91.37
N ALA J 405 28.03 20.49 90.20
CA ALA J 405 28.75 20.96 89.04
C ALA J 405 28.23 22.30 88.55
N SER J 406 26.91 22.49 88.54
CA SER J 406 26.37 23.78 88.13
C SER J 406 26.79 24.88 89.10
N GLY J 407 26.75 24.58 90.39
CA GLY J 407 27.27 25.53 91.37
C GLY J 407 28.69 25.92 91.07
N LEU J 408 29.52 24.93 90.71
CA LEU J 408 30.88 25.20 90.29
C LEU J 408 30.91 26.07 89.03
N PHE J 409 30.06 25.73 88.07
CA PHE J 409 30.02 26.40 86.77
C PHE J 409 29.81 27.88 86.98
N SER J 410 29.12 28.24 88.07
CA SER J 410 28.98 29.63 88.46
C SER J 410 30.33 30.37 88.42
N HIS J 411 31.43 29.65 88.56
CA HIS J 411 32.73 30.27 88.74
C HIS J 411 33.62 30.04 87.52
N HIS J 412 34.45 31.05 87.23
CA HIS J 412 35.23 31.14 86.00
C HIS J 412 36.32 30.09 85.88
N SER J 413 36.60 29.35 86.94
CA SER J 413 37.57 28.28 86.84
C SER J 413 36.92 26.98 87.29
N LEU J 414 35.94 27.10 88.17
CA LEU J 414 35.27 25.97 88.77
C LEU J 414 34.38 25.22 87.79
N TRP J 415 34.08 25.83 86.64
CA TRP J 415 33.35 25.14 85.59
C TRP J 415 33.97 23.81 85.21
N GLN J 416 35.31 23.72 85.23
CA GLN J 416 35.97 22.55 84.67
C GLN J 416 35.55 21.28 85.39
N LEU J 417 35.21 21.41 86.67
CA LEU J 417 35.05 20.22 87.50
C LEU J 417 33.90 19.35 87.01
N GLY J 418 32.78 19.96 86.63
CA GLY J 418 31.64 19.18 86.17
C GLY J 418 32.00 18.26 85.02
N VAL J 419 32.94 18.67 84.17
CA VAL J 419 33.45 17.79 83.12
C VAL J 419 33.93 16.48 83.74
N ASP J 420 34.73 16.59 84.77
CA ASP J 420 35.33 15.41 85.36
C ASP J 420 34.31 14.62 86.16
N TYR J 421 33.34 15.30 86.76
CA TYR J 421 32.25 14.60 87.42
C TYR J 421 31.50 13.72 86.44
N PHE J 422 31.22 14.25 85.26
CA PHE J 422 30.38 13.52 84.32
C PHE J 422 31.22 12.63 83.41
N ASP J 423 32.54 12.64 83.57
CA ASP J 423 33.38 11.63 82.91
C ASP J 423 32.93 10.21 83.24
N TYR J 424 32.09 10.03 84.26
CA TYR J 424 31.54 8.74 84.61
C TYR J 424 30.03 8.65 84.40
N CYS J 425 29.44 9.61 83.69
CA CYS J 425 28.03 9.54 83.33
C CYS J 425 27.91 8.84 81.97
N PRO J 426 27.30 7.65 81.90
CA PRO J 426 27.40 6.86 80.67
C PRO J 426 26.65 7.43 79.49
N ASN J 427 25.55 8.15 79.70
CA ASN J 427 24.68 8.56 78.60
C ASN J 427 24.20 10.00 78.69
N LEU J 428 24.42 10.70 79.80
CA LEU J 428 23.74 11.95 80.06
C LEU J 428 24.67 13.15 80.24
N GLY J 429 25.85 12.94 80.83
CA GLY J 429 26.77 14.04 81.04
C GLY J 429 27.10 14.77 79.76
N ARG J 430 27.07 14.07 78.64
CA ARG J 430 27.19 14.71 77.34
C ARG J 430 26.20 15.86 77.22
N GLU J 431 24.93 15.57 77.51
CA GLU J 431 23.89 16.55 77.29
C GLU J 431 23.91 17.62 78.37
N TYR J 432 24.29 17.25 79.58
CA TYR J 432 24.45 18.27 80.61
C TYR J 432 25.56 19.24 80.23
N LEU J 433 26.68 18.69 79.77
CA LEU J 433 27.76 19.49 79.23
C LEU J 433 27.27 20.43 78.16
N LYS J 434 26.42 19.93 77.26
CA LYS J 434 25.81 20.79 76.28
C LYS J 434 25.09 21.93 76.96
N LEU J 435 24.00 21.61 77.67
CA LEU J 435 23.21 22.61 78.39
C LEU J 435 24.09 23.70 78.98
N HIS J 436 25.16 23.31 79.67
CA HIS J 436 25.93 24.31 80.37
C HIS J 436 26.87 25.08 79.45
N MET J 437 27.37 24.45 78.38
CA MET J 437 28.25 25.18 77.48
C MET J 437 27.48 26.03 76.48
N GLU J 438 26.16 25.87 76.45
CA GLU J 438 25.31 26.96 75.92
C GLU J 438 24.66 27.79 77.02
N ARG J 439 24.97 27.56 78.28
CA ARG J 439 24.69 28.60 79.26
C ARG J 439 25.87 29.55 79.49
N ILE J 440 27.07 29.13 79.15
CA ILE J 440 28.27 29.94 79.42
C ILE J 440 28.32 31.12 78.45
N PRO J 441 28.57 32.33 78.94
CA PRO J 441 28.94 33.49 78.08
C PRO J 441 30.44 33.61 77.83
N LEU J 442 30.91 32.83 76.85
CA LEU J 442 32.34 32.77 76.54
C LEU J 442 32.90 34.14 76.20
N SER J 443 34.01 34.50 76.86
CA SER J 443 34.72 35.73 76.56
C SER J 443 36.23 35.49 76.58
N THR J 444 36.63 34.27 76.89
CA THR J 444 38.04 33.90 77.02
C THR J 444 38.36 32.80 76.03
N GLU J 445 39.19 33.12 75.04
CA GLU J 445 39.45 32.17 73.96
C GLU J 445 40.24 30.98 74.47
N LYS J 446 41.09 31.17 75.48
CA LYS J 446 41.85 30.04 76.01
C LYS J 446 40.92 29.09 76.75
N LYS J 447 40.00 29.61 77.55
CA LYS J 447 38.96 28.77 78.13
C LYS J 447 38.19 28.04 77.03
N ALA J 448 37.93 28.75 75.93
CA ALA J 448 37.31 28.11 74.78
C ALA J 448 38.15 26.95 74.30
N LEU J 449 39.48 27.13 74.24
CA LEU J 449 40.37 26.06 73.80
C LEU J 449 40.30 24.84 74.70
N LYS J 450 40.27 25.09 76.01
CA LYS J 450 40.13 23.97 76.94
C LYS J 450 38.82 23.23 76.68
N ALA J 451 37.73 23.97 76.52
CA ALA J 451 36.47 23.33 76.16
C ALA J 451 36.60 22.58 74.83
N LEU J 452 37.41 23.11 73.91
CA LEU J 452 37.59 22.48 72.62
C LEU J 452 38.17 21.08 72.79
N ARG J 453 39.28 20.98 73.52
CA ARG J 453 39.84 19.66 73.77
C ARG J 453 38.86 18.78 74.55
N ILE J 454 38.14 19.38 75.50
CA ILE J 454 37.16 18.63 76.27
C ILE J 454 36.19 17.94 75.34
N CYS J 455 35.66 18.68 74.36
CA CYS J 455 34.76 18.10 73.38
C CYS J 455 35.51 17.12 72.48
N GLU J 456 36.80 17.38 72.23
CA GLU J 456 37.59 16.52 71.35
C GLU J 456 37.62 15.10 71.87
N GLN J 457 37.79 14.94 73.18
CA GLN J 457 37.97 13.59 73.70
C GLN J 457 36.74 12.71 73.51
N ARG J 458 35.57 13.29 73.28
CA ARG J 458 34.37 12.48 73.10
C ARG J 458 33.69 12.74 71.76
N GLN J 459 34.29 13.56 70.90
CA GLN J 459 33.86 13.76 69.52
C GLN J 459 32.45 14.37 69.44
N MET J 460 32.21 15.48 70.14
CA MET J 460 30.98 16.26 69.97
C MET J 460 31.20 17.26 68.84
N THR J 461 30.85 16.86 67.62
CA THR J 461 31.07 17.72 66.46
C THR J 461 30.22 18.97 66.53
N GLU J 462 28.95 18.83 66.92
CA GLU J 462 27.97 19.89 66.71
C GLU J 462 28.23 21.06 67.65
N GLN J 463 28.57 20.78 68.90
CA GLN J 463 28.96 21.85 69.81
C GLN J 463 30.14 22.62 69.27
N VAL J 464 31.12 21.90 68.71
CA VAL J 464 32.27 22.55 68.10
C VAL J 464 31.81 23.48 67.00
N ARG J 465 30.91 22.99 66.14
CA ARG J 465 30.41 23.83 65.06
C ARG J 465 29.80 25.11 65.60
N SER J 466 28.94 24.99 66.61
CA SER J 466 28.25 26.15 67.16
C SER J 466 29.24 27.14 67.73
N ILE J 467 30.15 26.67 68.58
CA ILE J 467 31.07 27.57 69.27
C ILE J 467 32.00 28.23 68.27
N CYS J 468 32.47 27.46 67.28
CA CYS J 468 33.35 28.03 66.27
C CYS J 468 32.65 29.11 65.47
N LYS J 469 31.39 28.88 65.11
CA LYS J 469 30.63 29.91 64.42
C LYS J 469 30.49 31.17 65.27
N THR J 470 30.16 30.99 66.55
CA THR J 470 29.94 32.13 67.43
C THR J 470 31.22 32.95 67.58
N MET J 471 32.34 32.28 67.78
CA MET J 471 33.60 33.00 67.99
C MET J 471 34.11 33.60 66.69
N ALA J 472 33.84 32.96 65.55
CA ALA J 472 34.17 33.58 64.28
C ALA J 472 33.41 34.88 64.09
N MET J 473 32.13 34.88 64.46
CA MET J 473 31.35 36.12 64.35
C MET J 473 31.86 37.17 65.32
N GLN J 474 32.26 36.78 66.52
CA GLN J 474 32.92 37.73 67.40
C GLN J 474 34.16 38.32 66.75
N SER J 475 34.96 37.47 66.10
CA SER J 475 36.16 37.94 65.42
C SER J 475 35.83 38.94 64.33
N LEU J 476 34.83 38.64 63.51
CA LEU J 476 34.46 39.54 62.43
C LEU J 476 33.87 40.83 62.97
N CYS J 477 33.16 40.75 64.09
CA CYS J 477 32.66 41.96 64.74
C CYS J 477 33.82 42.84 65.17
N ASN J 478 34.85 42.25 65.74
CA ASN J 478 36.10 42.97 65.99
C ASN J 478 36.94 43.13 64.73
N ARG J 479 36.37 42.76 63.58
CA ARG J 479 37.07 42.77 62.29
C ARG J 479 38.37 41.97 62.36
N ARG J 480 38.40 40.97 63.23
CA ARG J 480 39.52 40.04 63.31
C ARG J 480 39.30 38.99 62.23
N LEU J 481 39.66 39.39 61.01
CA LEU J 481 39.29 38.61 59.83
C LEU J 481 39.98 37.25 59.84
N GLY J 482 41.27 37.22 60.14
CA GLY J 482 41.97 35.95 60.17
C GLY J 482 41.47 35.04 61.28
N SER J 483 41.08 35.63 62.40
CA SER J 483 40.54 34.82 63.49
C SER J 483 39.21 34.20 63.11
N ALA J 484 38.32 35.01 62.52
CA ALA J 484 37.06 34.47 62.01
C ALA J 484 37.33 33.38 60.99
N LEU J 485 38.34 33.59 60.15
CA LEU J 485 38.78 32.59 59.20
C LEU J 485 39.14 31.27 59.90
N SER J 486 39.92 31.37 60.97
CA SER J 486 40.34 30.19 61.71
C SER J 486 39.14 29.45 62.28
N TRP J 487 38.25 30.20 62.96
CA TRP J 487 37.05 29.58 63.53
C TRP J 487 36.21 28.93 62.46
N SER J 488 36.13 29.56 61.29
CA SER J 488 35.32 29.01 60.21
C SER J 488 35.89 27.70 59.72
N ILE J 489 37.21 27.64 59.48
CA ILE J 489 37.78 26.40 58.98
C ILE J 489 37.69 25.29 60.03
N ARG J 490 37.72 25.65 61.31
CA ARG J 490 37.30 24.71 62.34
C ARG J 490 35.86 24.25 62.15
N ALA J 491 34.94 25.20 61.92
CA ALA J 491 33.53 24.85 61.74
C ALA J 491 33.27 24.02 60.48
N LYS J 492 34.19 24.07 59.51
CA LYS J 492 34.02 23.44 58.20
C LYS J 492 32.75 23.93 57.48
N ASP J 493 32.42 25.22 57.60
CA ASP J 493 31.27 25.81 56.91
C ASP J 493 31.79 26.64 55.74
N ALA J 494 31.67 26.11 54.52
CA ALA J 494 32.15 26.84 53.36
C ALA J 494 31.27 28.03 53.04
N ALA J 495 30.07 28.10 53.62
CA ALA J 495 29.20 29.25 53.39
C ALA J 495 29.88 30.53 53.88
N PHE J 496 30.30 30.54 55.14
CA PHE J 496 31.02 31.71 55.65
C PHE J 496 32.33 31.90 54.91
N ALA J 497 32.99 30.79 54.56
CA ALA J 497 34.21 30.89 53.78
C ALA J 497 33.99 31.73 52.55
N THR J 498 32.95 31.42 51.78
CA THR J 498 32.65 32.17 50.57
C THR J 498 32.18 33.57 50.91
N LEU J 499 31.42 33.73 52.00
CA LEU J 499 30.91 35.04 52.35
C LEU J 499 32.04 36.04 52.59
N ILE J 500 33.03 35.64 53.38
CA ILE J 500 34.16 36.52 53.61
C ILE J 500 35.15 36.43 52.46
N SER J 501 35.04 35.39 51.65
CA SER J 501 35.81 35.37 50.41
C SER J 501 35.38 36.53 49.53
N ASP J 502 34.11 36.88 49.58
CA ASP J 502 33.62 38.06 48.87
C ASP J 502 34.24 39.31 49.45
N ARG J 503 34.41 39.38 50.77
CA ARG J 503 35.21 40.43 51.38
C ARG J 503 36.57 40.50 50.70
N PHE J 504 37.24 39.34 50.58
CA PHE J 504 38.54 39.30 49.92
C PHE J 504 38.45 39.84 48.50
N LEU J 505 37.45 39.40 47.74
CA LEU J 505 37.34 39.78 46.33
C LEU J 505 37.18 41.28 46.18
N LYS J 506 36.25 41.87 46.90
CA LYS J 506 35.99 43.29 46.71
C LYS J 506 37.09 44.16 47.33
N GLU J 507 37.73 43.68 48.38
CA GLU J 507 38.87 44.43 48.90
C GLU J 507 40.07 44.32 47.95
N TYR J 508 40.18 43.20 47.23
CA TYR J 508 41.19 43.11 46.19
C TYR J 508 40.85 44.05 45.04
N CYS J 509 39.57 44.18 44.72
CA CYS J 509 39.17 45.18 43.73
C CYS J 509 39.56 46.57 44.19
N GLU J 510 39.39 46.85 45.48
CA GLU J 510 39.63 48.18 46.04
C GLU J 510 41.12 48.50 46.20
N ARG J 511 41.95 47.52 46.52
CA ARG J 511 43.34 47.78 46.90
C ARG J 511 44.37 47.12 46.01
N GLY J 512 43.99 46.16 45.17
CA GLY J 512 44.90 45.55 44.23
C GLY J 512 45.93 44.61 44.83
N ASN J 513 45.67 44.07 46.02
CA ASN J 513 46.68 43.28 46.70
C ASN J 513 46.06 42.00 47.24
N PHE J 514 46.88 40.95 47.30
CA PHE J 514 46.43 39.70 47.89
C PHE J 514 46.39 39.80 49.41
N THR J 515 45.31 39.30 49.99
CA THR J 515 45.00 39.50 51.40
C THR J 515 45.08 38.17 52.13
N ASP J 516 45.82 38.16 53.24
CA ASP J 516 46.21 36.91 53.91
C ASP J 516 46.84 35.96 52.91
N LEU J 517 47.65 36.52 52.00
CA LEU J 517 48.19 35.75 50.88
C LEU J 517 48.95 34.53 51.38
N ASP J 518 49.70 34.69 52.46
CA ASP J 518 50.36 33.57 53.08
C ASP J 518 49.38 32.49 53.52
N LEU J 519 48.26 32.87 54.15
CA LEU J 519 47.23 31.88 54.46
C LEU J 519 46.70 31.24 53.19
N ILE J 520 46.55 32.03 52.14
CA ILE J 520 45.96 31.54 50.90
C ILE J 520 46.82 30.45 50.29
N ASP J 521 48.13 30.65 50.27
CA ASP J 521 49.01 29.82 49.46
C ASP J 521 49.00 28.35 49.89
N ASN J 522 48.69 28.08 51.15
CA ASN J 522 48.98 26.78 51.75
C ASN J 522 47.80 26.14 52.45
N LEU J 523 46.62 26.07 51.80
CA LEU J 523 45.45 25.54 52.49
C LEU J 523 45.19 24.06 52.18
N GLY J 524 45.76 23.52 51.12
CA GLY J 524 45.62 22.09 50.88
C GLY J 524 44.40 21.74 50.05
N SER J 525 43.85 20.55 50.28
CA SER J 525 42.72 20.06 49.49
C SER J 525 41.40 20.69 49.91
N ALA J 526 41.38 21.44 51.01
CA ALA J 526 40.15 22.09 51.44
C ALA J 526 39.67 23.14 50.44
N MET J 527 40.53 23.55 49.51
CA MET J 527 40.11 24.42 48.42
C MET J 527 38.93 23.83 47.66
N LEU J 528 38.94 22.51 47.44
CA LEU J 528 37.86 21.85 46.73
C LEU J 528 36.56 21.84 47.50
N LEU J 529 36.49 22.54 48.63
CA LEU J 529 35.28 22.67 49.42
C LEU J 529 34.68 24.06 49.36
N SER J 530 35.41 25.04 48.80
CA SER J 530 34.91 26.41 48.72
C SER J 530 35.32 26.99 47.38
N ASP J 531 34.32 27.30 46.55
CA ASP J 531 34.60 27.78 45.20
C ASP J 531 35.23 29.16 45.20
N ARG J 532 34.81 30.03 46.13
CA ARG J 532 35.38 31.36 46.15
C ARG J 532 36.85 31.31 46.52
N LEU J 533 37.18 30.49 47.52
CA LEU J 533 38.58 30.16 47.76
C LEU J 533 39.19 29.40 46.60
N THR J 534 38.42 28.55 45.92
CA THR J 534 38.90 27.96 44.69
C THR J 534 39.33 29.05 43.71
N PHE J 535 38.47 30.04 43.52
CA PHE J 535 38.81 31.17 42.68
C PHE J 535 40.09 31.85 43.13
N LEU J 536 40.18 32.20 44.41
CA LEU J 536 41.32 32.97 44.88
C LEU J 536 42.61 32.20 44.71
N GLY J 537 42.57 30.90 45.03
CA GLY J 537 43.75 30.06 44.85
C GLY J 537 44.16 29.97 43.39
N LYS J 538 43.21 29.73 42.49
CA LYS J 538 43.57 29.66 41.08
C LYS J 538 44.06 31.01 40.57
N TYR J 539 43.57 32.09 41.15
CA TYR J 539 44.03 33.42 40.77
C TYR J 539 45.49 33.64 41.11
N ARG J 540 45.88 33.31 42.35
CA ARG J 540 47.28 33.37 42.71
C ARG J 540 48.11 32.38 41.89
N GLU J 541 47.57 31.20 41.66
CA GLU J 541 48.23 30.22 40.80
C GLU J 541 48.56 30.84 39.45
N PHE J 542 47.58 31.49 38.83
CA PHE J 542 47.80 32.12 37.55
C PHE J 542 48.82 33.23 37.62
N HIS J 543 48.69 34.13 38.59
CA HIS J 543 49.68 35.18 38.74
C HIS J 543 51.08 34.60 38.72
N ARG J 544 51.31 33.55 39.51
CA ARG J 544 52.60 32.89 39.49
C ARG J 544 52.92 32.33 38.11
N MET J 545 52.21 31.28 37.70
CA MET J 545 52.64 30.50 36.54
C MET J 545 52.76 31.36 35.30
N TYR J 546 51.97 32.42 35.20
CA TYR J 546 52.25 33.43 34.18
C TYR J 546 53.56 34.14 34.46
N SER J 547 53.79 34.57 35.71
CA SER J 547 55.00 35.32 36.02
C SER J 547 56.26 34.56 35.64
N GLN J 548 56.21 33.24 35.69
CA GLN J 548 57.27 32.43 35.08
C GLN J 548 56.90 31.86 33.70
N GLU J 549 55.83 32.36 33.08
CA GLU J 549 55.63 32.21 31.63
C GLU J 549 55.34 30.78 31.22
N GLN J 550 54.51 30.07 31.98
CA GLN J 550 53.95 28.81 31.51
C GLN J 550 52.54 29.09 30.99
N PHE J 551 52.53 29.65 29.78
CA PHE J 551 51.32 30.07 29.12
C PHE J 551 50.40 28.90 28.80
N SER J 552 50.96 27.74 28.49
CA SER J 552 50.13 26.58 28.16
C SER J 552 49.26 26.18 29.35
N GLU J 553 49.89 26.04 30.53
CA GLU J 553 49.13 25.69 31.71
C GLU J 553 48.28 26.86 32.17
N ALA J 554 48.72 28.08 31.89
CA ALA J 554 47.86 29.24 32.14
C ALA J 554 46.56 29.10 31.37
N ALA J 555 46.64 28.79 30.09
CA ALA J 555 45.45 28.62 29.26
C ALA J 555 44.62 27.45 29.76
N SER J 556 45.28 26.37 30.16
CA SER J 556 44.56 25.23 30.69
C SER J 556 43.74 25.63 31.92
N LEU J 557 44.37 26.31 32.86
CA LEU J 557 43.68 26.72 34.08
C LEU J 557 42.55 27.68 33.76
N LEU J 558 42.79 28.63 32.86
CA LEU J 558 41.76 29.59 32.50
C LEU J 558 40.58 28.92 31.84
N LEU J 559 40.84 28.02 30.89
CA LEU J 559 39.73 27.34 30.23
C LEU J 559 38.94 26.53 31.23
N SER J 560 39.64 25.88 32.16
CA SER J 560 38.95 25.11 33.19
C SER J 560 38.07 26.01 34.04
N LEU J 561 38.58 27.17 34.44
CA LEU J 561 37.79 28.00 35.35
C LEU J 561 36.63 28.69 34.63
N MET J 562 36.80 29.09 33.37
CA MET J 562 35.64 29.62 32.65
C MET J 562 34.59 28.54 32.43
N THR J 563 35.00 27.34 32.00
CA THR J 563 33.97 26.31 31.81
C THR J 563 33.45 25.84 33.17
N ALA J 564 34.13 26.22 34.25
CA ALA J 564 33.54 26.20 35.58
C ALA J 564 32.63 27.39 35.84
N ARG J 565 32.72 28.44 35.02
CA ARG J 565 31.87 29.63 35.16
C ARG J 565 31.98 30.23 36.55
N ILE J 566 33.22 30.48 37.00
CA ILE J 566 33.44 30.84 38.38
C ILE J 566 33.25 32.34 38.59
N ALA J 567 33.07 32.74 39.86
CA ALA J 567 33.05 34.11 40.37
C ALA J 567 31.77 34.87 40.04
N PRO J 568 31.35 35.80 40.90
CA PRO J 568 30.12 36.56 40.63
C PRO J 568 30.25 37.52 39.46
N CYS J 569 29.17 38.27 39.21
CA CYS J 569 29.10 39.14 38.04
C CYS J 569 30.20 40.19 38.06
N SER J 570 30.41 40.85 39.20
CA SER J 570 31.44 41.88 39.28
C SER J 570 32.85 41.32 39.14
N PHE J 571 32.98 40.02 38.93
CA PHE J 571 34.28 39.37 38.92
C PHE J 571 34.50 38.51 37.68
N TRP J 572 33.42 38.11 36.99
CA TRP J 572 33.60 37.71 35.60
C TRP J 572 34.20 38.85 34.80
N LEU J 573 34.06 40.08 35.30
CA LEU J 573 34.93 41.17 34.85
C LEU J 573 36.38 40.72 34.76
N THR J 574 36.95 40.32 35.89
CA THR J 574 38.35 39.92 35.92
C THR J 574 38.57 38.67 35.08
N LEU J 575 37.61 37.73 35.11
CA LEU J 575 37.73 36.55 34.27
C LEU J 575 37.95 36.93 32.81
N LEU J 576 37.13 37.85 32.31
CA LEU J 576 37.35 38.40 30.97
C LEU J 576 38.72 39.06 30.87
N LEU J 577 39.07 39.86 31.88
CA LEU J 577 40.30 40.65 31.81
C LEU J 577 41.53 39.76 31.65
N ASP J 578 41.44 38.52 32.13
CA ASP J 578 42.61 37.65 32.22
C ASP J 578 43.24 37.31 30.87
N ALA J 579 42.49 37.39 29.77
CA ALA J 579 42.98 36.85 28.51
C ALA J 579 44.06 37.73 27.86
N LEU J 580 44.32 38.91 28.40
CA LEU J 580 45.16 39.89 27.72
C LEU J 580 46.56 39.40 27.39
N PRO J 581 47.34 38.81 28.30
CA PRO J 581 48.68 38.34 27.90
C PRO J 581 48.64 37.27 26.84
N LEU J 582 47.64 36.38 26.89
CA LEU J 582 47.47 35.40 25.84
C LEU J 582 47.28 36.08 24.50
N LEU J 583 46.58 37.21 24.50
CA LEU J 583 46.55 38.06 23.33
C LEU J 583 47.95 38.57 23.00
N GLU J 584 48.71 38.95 24.01
CA GLU J 584 50.04 39.51 23.84
C GLU J 584 51.02 38.51 23.28
N GLN J 585 50.67 37.22 23.25
CA GLN J 585 51.54 36.22 22.65
C GLN J 585 51.93 36.61 21.23
N LYS J 586 53.21 36.92 21.04
CA LYS J 586 53.76 37.12 19.70
C LYS J 586 54.27 35.81 19.11
N GLN J 587 54.31 34.76 19.93
CA GLN J 587 54.66 33.42 19.49
C GLN J 587 53.80 32.45 20.28
N VAL J 588 53.16 31.53 19.60
CA VAL J 588 52.18 30.63 20.22
C VAL J 588 52.54 29.20 19.86
N ILE J 589 52.17 28.25 20.73
CA ILE J 589 52.28 26.82 20.48
C ILE J 589 50.95 26.12 20.60
N PHE J 590 49.87 26.87 20.78
CA PHE J 590 48.56 26.29 21.01
C PHE J 590 47.95 25.76 19.72
N SER J 591 47.08 24.78 19.86
CA SER J 591 46.47 24.15 18.71
C SER J 591 45.35 25.02 18.14
N ALA J 592 45.03 24.77 16.87
CA ALA J 592 43.92 25.49 16.23
C ALA J 592 42.62 25.22 16.97
N GLU J 593 42.41 23.97 17.36
CA GLU J 593 41.26 23.65 18.21
C GLU J 593 41.34 24.42 19.52
N GLN J 594 42.54 24.56 20.08
CA GLN J 594 42.70 25.32 21.31
C GLN J 594 42.20 26.74 21.13
N THR J 595 42.69 27.41 20.10
CA THR J 595 42.21 28.75 19.77
C THR J 595 40.70 28.75 19.60
N TYR J 596 40.17 27.71 18.96
CA TYR J 596 38.73 27.57 18.85
C TYR J 596 38.07 27.71 20.20
N GLU J 597 38.28 26.73 21.09
CA GLU J 597 37.53 26.74 22.34
C GLU J 597 37.82 28.01 23.13
N LEU J 598 39.05 28.51 23.04
CA LEU J 598 39.37 29.79 23.68
C LEU J 598 38.37 30.85 23.28
N MET J 599 38.32 31.16 21.99
CA MET J 599 37.46 32.24 21.55
C MET J 599 35.99 31.87 21.74
N ARG J 600 35.63 30.61 21.43
CA ARG J 600 34.31 30.10 21.79
C ARG J 600 33.88 30.66 23.14
N CYS J 601 34.64 30.32 24.17
CA CYS J 601 34.26 30.71 25.53
C CYS J 601 34.35 32.22 25.71
N LEU J 602 35.24 32.88 24.97
CA LEU J 602 35.34 34.33 25.12
C LEU J 602 34.01 35.01 24.84
N GLU J 603 33.47 34.85 23.63
CA GLU J 603 32.14 35.43 23.37
C GLU J 603 31.03 34.70 24.10
N ASP J 604 31.22 33.43 24.48
CA ASP J 604 30.19 32.79 25.28
C ASP J 604 29.99 33.55 26.58
N ARG J 605 31.10 33.77 27.30
CA ARG J 605 31.06 34.61 28.48
C ARG J 605 30.63 36.02 28.13
N MET J 606 30.93 36.48 26.93
CA MET J 606 30.52 37.83 26.54
C MET J 606 29.00 37.97 26.54
N ALA J 607 28.31 37.07 25.84
CA ALA J 607 26.86 37.07 25.85
C ALA J 607 26.35 36.83 27.26
N ALA J 608 27.00 35.92 27.99
CA ALA J 608 26.58 35.63 29.35
C ALA J 608 26.68 36.86 30.24
N LYS J 609 27.73 37.66 30.06
CA LYS J 609 27.87 38.89 30.83
C LYS J 609 26.85 39.93 30.41
N LEU J 610 26.55 40.00 29.10
CA LEU J 610 25.49 40.88 28.66
C LEU J 610 24.18 40.55 29.37
N GLU J 611 23.94 39.27 29.63
CA GLU J 611 22.65 38.89 30.21
C GLU J 611 22.67 38.87 31.73
N SER J 612 23.82 38.60 32.35
CA SER J 612 23.93 38.61 33.80
C SER J 612 23.64 39.98 34.39
N THR J 613 24.11 41.04 33.73
CA THR J 613 23.69 42.40 34.03
C THR J 613 22.17 42.50 34.04
N SER J 614 21.54 42.25 32.89
CA SER J 614 20.10 42.19 32.79
C SER J 614 19.74 41.19 31.71
N PRO J 615 18.66 40.44 31.87
CA PRO J 615 18.37 39.33 30.94
C PRO J 615 18.12 39.77 29.52
N ASP J 616 18.06 41.08 29.28
CA ASP J 616 18.01 41.61 27.92
C ASP J 616 18.81 42.90 27.82
N GLU J 617 19.48 43.30 28.89
CA GLU J 617 20.15 44.60 28.97
C GLU J 617 21.43 44.50 29.77
N ILE J 618 22.21 45.59 29.77
CA ILE J 618 23.35 45.73 30.65
C ILE J 618 23.22 47.06 31.37
N GLN J 619 23.67 47.08 32.63
CA GLN J 619 23.51 48.28 33.44
C GLN J 619 24.75 48.59 34.28
N LYS J 620 25.81 47.81 34.11
CA LYS J 620 27.01 48.09 34.87
C LYS J 620 27.79 49.23 34.26
N GLN J 621 28.28 50.11 35.13
CA GLN J 621 29.00 51.31 34.70
C GLN J 621 30.29 50.99 33.97
N ASP J 622 30.90 49.83 34.24
CA ASP J 622 32.19 49.50 33.66
C ASP J 622 32.07 49.06 32.21
N SER J 623 30.89 48.56 31.80
CA SER J 623 30.79 47.79 30.56
C SER J 623 31.17 48.58 29.33
N SER J 624 30.71 49.83 29.22
CA SER J 624 30.84 50.58 27.97
C SER J 624 32.28 50.66 27.49
N ILE J 625 33.15 51.33 28.25
CA ILE J 625 34.55 51.39 27.87
C ILE J 625 35.15 49.99 27.89
N ASP J 626 34.67 49.14 28.79
CA ASP J 626 35.08 47.74 28.77
C ASP J 626 34.67 47.10 27.45
N ASN J 627 33.48 47.41 26.96
CA ASN J 627 33.09 46.92 25.65
C ASN J 627 34.07 47.41 24.59
N THR J 628 34.50 48.67 24.68
CA THR J 628 35.50 49.17 23.75
C THR J 628 36.76 48.30 23.80
N LYS J 629 37.27 48.06 25.01
CA LYS J 629 38.39 47.14 25.13
C LYS J 629 38.06 45.81 24.49
N VAL J 630 36.80 45.38 24.60
CA VAL J 630 36.39 44.12 23.99
C VAL J 630 36.66 44.16 22.49
N GLU J 631 36.22 45.22 21.82
CA GLU J 631 36.45 45.27 20.38
C GLU J 631 37.93 45.29 20.06
N MET J 632 38.73 46.11 20.75
CA MET J 632 40.13 46.16 20.39
C MET J 632 40.82 44.82 20.65
N LEU J 633 40.47 44.18 21.77
CA LEU J 633 41.13 42.94 22.12
C LEU J 633 40.75 41.84 21.13
N ARG J 634 39.49 41.81 20.69
CA ARG J 634 39.12 40.77 19.74
C ARG J 634 39.71 41.08 18.36
N LEU J 635 39.88 42.36 18.05
CA LEU J 635 40.68 42.74 16.89
C LEU J 635 42.04 42.05 16.94
N ALA J 636 42.79 42.33 18.01
CA ALA J 636 44.11 41.72 18.16
C ALA J 636 43.99 40.21 18.11
N LEU J 637 42.94 39.67 18.72
CA LEU J 637 42.74 38.24 18.72
C LEU J 637 42.63 37.71 17.30
N ALA J 638 41.74 38.28 16.50
CA ALA J 638 41.49 37.76 15.17
C ALA J 638 42.72 37.87 14.29
N ARG J 639 43.45 38.98 14.44
CA ARG J 639 44.70 39.08 13.70
C ARG J 639 45.67 37.98 14.11
N ASN J 640 45.79 37.75 15.42
CA ASN J 640 46.64 36.66 15.87
C ASN J 640 46.05 35.32 15.48
N LEU J 641 44.75 35.27 15.21
CA LEU J 641 44.14 34.03 14.78
C LEU J 641 44.56 33.70 13.37
N ALA J 642 44.53 34.70 12.50
CA ALA J 642 45.14 34.55 11.20
C ALA J 642 46.59 34.10 11.33
N ARG J 643 47.33 34.72 12.25
CA ARG J 643 48.73 34.36 12.45
C ARG J 643 48.87 32.90 12.89
N ALA J 644 48.07 32.48 13.87
CA ALA J 644 48.18 31.13 14.39
C ALA J 644 47.78 30.11 13.34
N ILE J 645 46.74 30.41 12.55
CA ILE J 645 46.28 29.43 11.57
C ILE J 645 47.28 29.31 10.44
N VAL J 646 47.90 30.42 10.02
CA VAL J 646 48.91 30.29 8.97
C VAL J 646 50.10 29.52 9.49
N THR J 647 50.50 29.77 10.75
CA THR J 647 51.59 28.99 11.31
C THR J 647 51.24 27.50 11.36
N GLU J 648 50.03 27.18 11.84
CA GLU J 648 49.64 25.77 11.99
C GLU J 648 49.53 25.09 10.64
N GLY J 649 48.98 25.77 9.64
CA GLY J 649 48.96 25.21 8.31
C GLY J 649 50.34 24.99 7.75
N ALA J 650 51.25 25.95 7.95
CA ALA J 650 52.64 25.76 7.62
C ALA J 650 53.31 24.74 8.52
N LEU J 651 52.80 24.52 9.73
CA LEU J 651 53.28 23.44 10.59
C LEU J 651 53.05 22.07 10.00
N GLN J 652 52.10 21.94 9.07
CA GLN J 652 51.84 20.69 8.39
C GLN J 652 52.73 20.50 7.17
N GLU J 653 53.58 21.47 6.86
CA GLU J 653 54.54 21.35 5.78
C GLU J 653 55.67 20.40 6.14
N MET K 1 66.14 20.76 55.34
CA MET K 1 66.96 19.81 56.09
C MET K 1 66.26 19.36 57.37
N ALA K 2 65.70 18.15 57.34
CA ALA K 2 64.94 17.63 58.46
C ALA K 2 65.13 16.12 58.53
N ASP K 3 65.17 15.61 59.76
CA ASP K 3 65.30 14.16 59.97
C ASP K 3 64.03 13.63 60.63
N LYS K 4 63.70 14.18 61.78
CA LYS K 4 62.41 14.02 62.44
C LYS K 4 62.00 15.41 62.92
N PHE K 5 62.65 16.42 62.35
CA PHE K 5 62.62 17.76 62.90
C PHE K 5 63.16 18.78 61.90
N ALA K 6 62.42 19.86 61.72
CA ALA K 6 62.91 20.99 60.94
C ALA K 6 64.08 21.63 61.67
N ALA K 7 65.23 21.69 61.02
CA ALA K 7 66.42 22.33 61.53
C ALA K 7 66.69 23.58 60.70
N LYS K 8 66.54 24.75 61.32
CA LYS K 8 66.69 26.03 60.64
C LYS K 8 67.86 26.78 61.26
N PHE K 9 68.88 27.08 60.47
CA PHE K 9 70.00 27.89 60.91
C PHE K 9 69.81 29.31 60.39
N VAL K 10 69.57 30.25 61.32
CA VAL K 10 69.36 31.64 60.95
C VAL K 10 70.53 32.54 61.30
N SER K 11 71.57 32.02 61.97
CA SER K 11 72.74 32.80 62.36
C SER K 11 72.38 33.94 63.31
N HIS K 12 71.18 33.92 63.88
CA HIS K 12 70.78 34.86 64.92
C HIS K 12 70.54 34.12 66.22
N LYS K 13 71.12 34.62 67.28
CA LYS K 13 70.92 34.03 68.60
C LYS K 13 69.43 34.04 68.93
N ILE K 14 68.88 32.84 69.09
CA ILE K 14 67.44 32.62 69.19
C ILE K 14 67.01 32.91 70.62
N SER K 15 66.09 33.88 70.78
CA SER K 15 65.45 34.09 72.07
C SER K 15 63.99 33.67 72.07
N ARG K 16 63.24 34.07 71.05
CA ARG K 16 61.81 33.79 71.04
C ARG K 16 61.44 33.14 69.72
N THR K 17 60.78 31.98 69.80
CA THR K 17 60.14 31.36 68.66
C THR K 17 58.79 30.84 69.11
N ARG K 18 57.73 31.63 68.93
CA ARG K 18 56.42 31.20 69.39
C ARG K 18 55.44 31.21 68.24
N TRP K 19 54.59 30.19 68.19
CA TRP K 19 53.65 30.06 67.10
C TRP K 19 52.67 31.22 67.10
N ARG K 20 52.65 31.96 65.99
CA ARG K 20 51.50 32.80 65.75
C ARG K 20 50.28 31.88 65.69
N PRO K 21 49.46 31.86 66.74
CA PRO K 21 48.68 30.66 67.08
C PRO K 21 47.91 30.04 65.94
N VAL K 22 48.24 28.79 65.59
CA VAL K 22 47.51 28.06 64.55
C VAL K 22 47.08 26.67 65.04
N SER K 23 47.72 26.13 66.08
CA SER K 23 47.28 24.85 66.61
C SER K 23 45.89 24.94 67.22
N ALA K 24 45.18 23.82 67.21
CA ALA K 24 43.78 23.76 67.60
C ALA K 24 42.94 24.73 66.79
N SER K 25 43.24 24.86 65.50
CA SER K 25 42.62 25.91 64.70
C SER K 25 42.42 25.45 63.26
N SER K 26 41.45 26.10 62.60
CA SER K 26 41.19 25.87 61.19
C SER K 26 41.07 24.39 60.85
N LEU K 27 41.27 24.04 59.59
CA LEU K 27 41.62 22.69 59.20
C LEU K 27 43.08 22.59 58.79
N GLN K 28 43.91 23.54 59.20
CA GLN K 28 45.33 23.56 58.86
C GLN K 28 46.17 23.70 60.13
N GLN K 29 47.27 22.98 60.19
CA GLN K 29 48.15 22.97 61.34
C GLN K 29 49.06 24.20 61.31
N PRO K 30 49.72 24.49 62.43
CA PRO K 30 50.60 25.67 62.48
C PRO K 30 51.65 25.70 61.39
N ASP K 31 51.81 26.89 60.81
CA ASP K 31 52.88 27.15 59.87
C ASP K 31 53.37 28.60 59.94
N VAL K 32 52.88 29.41 60.87
CA VAL K 32 53.27 30.81 60.97
C VAL K 32 53.74 31.08 62.39
N PHE K 33 54.91 31.68 62.52
CA PHE K 33 55.53 31.87 63.83
C PHE K 33 56.18 33.24 63.91
N ALA K 34 56.37 33.70 65.15
CA ALA K 34 56.99 34.98 65.42
C ALA K 34 58.29 34.74 66.17
N THR K 35 59.31 35.49 65.77
CA THR K 35 60.67 35.33 66.26
C THR K 35 61.15 36.62 66.89
N GLY K 36 61.91 36.48 67.96
CA GLY K 36 62.55 37.59 68.65
C GLY K 36 64.01 37.30 68.89
N SER K 37 64.87 38.22 68.45
CA SER K 37 66.31 38.02 68.51
C SER K 37 66.90 38.64 69.77
N TRP K 38 67.94 37.99 70.29
CA TRP K 38 68.60 38.49 71.49
C TRP K 38 70.10 38.46 71.24
N ASP K 39 70.80 39.46 71.78
CA ASP K 39 72.24 39.64 71.63
C ASP K 39 72.69 39.63 70.17
N ASN K 40 71.79 39.86 69.23
CA ASN K 40 72.14 40.05 67.83
C ASN K 40 72.22 41.54 67.52
N GLU K 41 72.93 41.88 66.45
CA GLU K 41 73.18 43.28 66.13
C GLU K 41 71.87 44.04 65.94
N GLU K 42 70.93 43.45 65.20
CA GLU K 42 69.59 43.99 65.06
C GLU K 42 68.68 43.23 66.01
N ASN K 43 68.54 43.71 67.24
CA ASN K 43 67.56 43.18 68.18
C ASN K 43 66.19 43.44 67.55
N LYS K 44 65.50 42.38 67.17
CA LYS K 44 64.42 42.50 66.22
C LYS K 44 63.29 41.55 66.56
N VAL K 45 62.12 41.89 66.03
CA VAL K 45 60.96 41.01 66.01
C VAL K 45 60.61 40.74 64.56
N CYS K 46 60.50 39.47 64.20
CA CYS K 46 60.21 39.07 62.84
C CYS K 46 58.99 38.17 62.80
N VAL K 47 58.33 38.19 61.65
CA VAL K 47 57.34 37.19 61.30
C VAL K 47 58.01 36.21 60.36
N TRP K 48 57.72 34.92 60.53
CA TRP K 48 58.29 33.88 59.68
C TRP K 48 57.23 32.87 59.34
N ALA K 49 57.37 32.25 58.17
CA ALA K 49 56.48 31.22 57.71
C ALA K 49 57.28 29.96 57.39
N THR K 50 56.83 28.85 57.95
CA THR K 50 57.42 27.55 57.69
C THR K 50 56.48 26.75 56.80
N SER K 51 57.07 26.00 55.87
CA SER K 51 56.31 25.17 54.95
C SER K 51 56.39 23.70 55.38
N ASP K 52 55.38 22.93 54.97
CA ASP K 52 55.35 21.51 55.29
C ASP K 52 56.44 20.76 54.54
N PHE K 53 56.99 19.73 55.17
CA PHE K 53 57.98 18.90 54.51
C PHE K 53 57.35 18.18 53.32
N GLY K 54 58.17 17.91 52.32
CA GLY K 54 57.66 17.22 51.15
C GLY K 54 56.71 18.08 50.34
N ALA K 55 55.82 17.39 49.64
CA ALA K 55 54.83 18.02 48.77
C ALA K 55 53.43 17.57 49.18
N THR K 56 52.56 18.55 49.41
CA THR K 56 51.18 18.26 49.75
C THR K 56 50.28 19.00 48.79
N SER K 57 48.97 18.79 48.96
CA SER K 57 47.96 19.42 48.14
C SER K 57 48.11 20.93 48.09
N LEU K 58 48.36 21.47 46.89
CA LEU K 58 48.20 22.89 46.61
C LEU K 58 48.90 23.81 47.60
N ASP K 59 49.98 23.33 48.23
CA ASP K 59 50.69 24.15 49.20
C ASP K 59 52.12 24.42 48.78
N GLU K 60 52.42 24.30 47.49
CA GLU K 60 53.72 24.66 46.91
C GLU K 60 54.88 23.88 47.54
N GLU K 61 54.60 22.66 48.02
CA GLU K 61 55.58 21.74 48.62
C GLU K 61 56.60 22.44 49.52
N TYR K 62 57.87 22.02 49.39
CA TYR K 62 59.09 22.50 50.05
C TYR K 62 59.66 21.42 50.97
N GLN K 63 60.98 21.21 50.88
CA GLN K 63 61.63 20.26 51.78
C GLN K 63 61.99 20.92 53.10
N GLY K 64 61.93 22.26 53.17
CA GLY K 64 62.22 22.95 54.41
C GLY K 64 62.38 24.44 54.21
N ASP K 65 63.31 25.01 54.98
CA ASP K 65 63.71 26.42 54.91
C ASP K 65 62.56 27.38 55.20
N PRO K 66 62.10 27.49 56.44
CA PRO K 66 61.16 28.56 56.78
C PRO K 66 61.80 29.92 56.53
N LYS K 67 60.98 30.87 56.08
CA LYS K 67 61.48 32.15 55.60
C LYS K 67 60.86 33.29 56.39
N GLN K 68 61.66 34.35 56.60
CA GLN K 68 61.12 35.57 57.18
C GLN K 68 60.22 36.26 56.18
N LEU K 69 59.13 36.84 56.69
CA LEU K 69 58.24 37.69 55.93
C LEU K 69 58.58 39.16 56.16
N CYS K 70 58.90 39.51 57.40
CA CYS K 70 59.14 40.90 57.76
C CYS K 70 59.88 40.94 59.08
N ASP K 71 60.60 42.05 59.27
CA ASP K 71 61.40 42.30 60.46
C ASP K 71 61.15 43.74 60.92
N ILE K 72 61.34 43.97 62.21
CA ILE K 72 61.24 45.32 62.76
C ILE K 72 62.19 45.43 63.95
N LYS K 73 62.75 46.62 64.12
CA LYS K 73 63.70 46.86 65.19
C LYS K 73 63.02 46.78 66.55
N HIS K 74 63.67 46.12 67.50
CA HIS K 74 63.25 46.19 68.89
C HIS K 74 64.40 46.74 69.72
N PRO K 75 64.27 47.91 70.33
CA PRO K 75 65.37 48.46 71.14
C PRO K 75 65.69 47.55 72.31
N GLY K 76 66.97 47.43 72.62
CA GLY K 76 67.41 46.58 73.71
C GLY K 76 67.18 45.11 73.42
N ASP K 77 67.51 44.25 74.39
CA ASP K 77 67.33 42.82 74.18
C ASP K 77 65.85 42.46 74.21
N VAL K 78 65.54 41.28 73.68
CA VAL K 78 64.16 40.81 73.55
C VAL K 78 64.01 39.59 74.44
N MET K 79 63.37 39.77 75.60
CA MET K 79 63.35 38.71 76.61
C MET K 79 62.03 37.95 76.64
N ASP K 80 60.92 38.63 76.92
CA ASP K 80 59.68 37.93 77.22
C ASP K 80 58.58 38.41 76.28
N MET K 81 57.64 37.51 76.00
CA MET K 81 56.64 37.75 74.97
C MET K 81 55.46 36.81 75.13
N GLN K 82 54.29 37.27 74.68
CA GLN K 82 53.09 36.45 74.59
C GLN K 82 52.20 36.98 73.49
N PHE K 83 51.56 36.07 72.76
CA PHE K 83 50.60 36.48 71.75
C PHE K 83 49.32 36.99 72.42
N LEU K 84 49.08 38.29 72.32
CA LEU K 84 47.81 38.85 72.78
C LEU K 84 46.65 38.30 71.97
N ASP K 85 46.82 38.22 70.66
CA ASP K 85 45.99 37.40 69.78
C ASP K 85 46.90 36.91 68.65
N LYS K 86 46.32 36.30 67.63
CA LYS K 86 47.13 35.91 66.48
C LYS K 86 47.74 37.12 65.81
N GLU K 87 47.06 38.26 65.88
CA GLU K 87 47.48 39.47 65.17
C GLU K 87 48.24 40.46 66.03
N ARG K 88 48.26 40.27 67.35
CA ARG K 88 48.96 41.17 68.26
C ARG K 88 49.97 40.37 69.08
N ILE K 89 51.18 40.89 69.17
CA ILE K 89 52.26 40.27 69.93
C ILE K 89 52.69 41.25 71.01
N VAL K 90 52.95 40.75 72.22
CA VAL K 90 53.38 41.57 73.34
C VAL K 90 54.80 41.19 73.71
N THR K 91 55.70 42.17 73.70
CA THR K 91 57.13 41.97 73.86
C THR K 91 57.68 42.94 74.89
N GLY K 92 58.63 42.48 75.70
CA GLY K 92 59.35 43.34 76.63
C GLY K 92 60.68 43.77 76.07
N SER K 93 61.17 44.91 76.56
CA SER K 93 62.47 45.43 76.17
C SER K 93 63.30 45.76 77.41
N SER K 94 64.62 45.65 77.26
CA SER K 94 65.53 46.00 78.34
C SER K 94 65.51 47.50 78.64
N THR K 95 65.04 48.32 77.71
CA THR K 95 64.93 49.76 77.92
C THR K 95 63.67 50.16 78.65
N GLY K 96 62.93 49.21 79.21
CA GLY K 96 61.67 49.53 79.85
C GLY K 96 60.52 49.77 78.90
N THR K 97 60.70 49.42 77.63
CA THR K 97 59.64 49.59 76.64
C THR K 97 58.95 48.26 76.39
N VAL K 98 57.65 48.24 76.62
CA VAL K 98 56.81 47.07 76.35
C VAL K 98 55.96 47.39 75.13
N THR K 99 56.14 46.62 74.07
CA THR K 99 55.52 46.93 72.79
C THR K 99 54.57 45.81 72.37
N ILE K 100 53.34 46.19 72.06
CA ILE K 100 52.40 45.32 71.37
C ILE K 100 52.44 45.70 69.90
N PHE K 101 52.78 44.74 69.05
CA PHE K 101 52.81 44.94 67.61
C PHE K 101 51.59 44.29 66.98
N ARG K 102 50.92 45.04 66.13
CA ARG K 102 49.89 44.50 65.24
C ARG K 102 50.60 44.05 63.98
N HIS K 103 50.74 42.75 63.82
CA HIS K 103 51.41 42.17 62.67
C HIS K 103 50.36 41.69 61.67
N HIS K 104 50.76 41.60 60.41
CA HIS K 104 49.81 41.37 59.34
C HIS K 104 50.20 40.12 58.56
N GLU K 105 49.23 39.22 58.37
CA GLU K 105 49.39 38.11 57.45
C GLU K 105 48.96 38.48 56.05
N ASN K 106 48.50 39.70 55.84
CA ASN K 106 47.93 40.14 54.58
C ASN K 106 48.94 40.88 53.73
N ASN K 107 49.87 41.60 54.36
CA ASN K 107 50.88 42.41 53.70
C ASN K 107 52.25 42.11 54.29
N GLN K 108 52.29 41.26 55.32
CA GLN K 108 53.53 40.80 55.92
C GLN K 108 54.39 41.93 56.44
N THR K 109 53.89 42.66 57.45
CA THR K 109 54.70 43.62 58.18
C THR K 109 54.15 43.75 59.59
N LEU K 110 54.98 44.28 60.48
CA LEU K 110 54.59 44.56 61.85
C LEU K 110 54.44 46.07 62.03
N SER K 111 53.42 46.47 62.77
CA SER K 111 53.17 47.88 63.04
C SER K 111 53.11 48.08 64.55
N VAL K 112 53.58 49.23 64.99
CA VAL K 112 53.60 49.53 66.42
C VAL K 112 52.17 49.79 66.88
N ASN K 113 51.52 48.76 67.41
CA ASN K 113 50.13 48.87 67.88
C ASN K 113 50.04 49.60 69.21
N GLN K 114 51.05 49.45 70.06
CA GLN K 114 51.06 50.05 71.39
C GLN K 114 52.48 50.00 71.93
N ARG K 115 52.89 51.05 72.63
CA ARG K 115 54.21 51.06 73.24
C ARG K 115 54.18 51.79 74.58
N TRP K 116 54.43 51.04 75.64
CA TRP K 116 54.62 51.56 76.99
C TRP K 116 56.12 51.82 77.14
N GLU K 117 56.53 53.07 76.92
CA GLU K 117 57.96 53.38 77.02
C GLU K 117 58.43 53.32 78.47
N GLN K 118 57.51 53.40 79.43
CA GLN K 118 57.83 53.41 80.85
C GLN K 118 56.88 52.48 81.61
N ALA K 119 57.44 51.62 82.47
CA ALA K 119 56.66 50.67 83.26
C ALA K 119 57.50 49.95 84.31
N HIS K 120 56.85 49.38 85.34
CA HIS K 120 57.46 48.40 86.24
C HIS K 120 58.66 48.92 87.05
N TYR K 121 58.41 49.72 88.07
CA TYR K 121 59.50 50.19 88.92
C TYR K 121 59.18 49.87 90.37
N HIS K 122 60.16 49.26 91.06
CA HIS K 122 60.00 48.83 92.43
C HIS K 122 59.64 50.02 93.31
N VAL K 123 58.73 49.81 94.26
CA VAL K 123 58.33 50.90 95.14
C VAL K 123 59.19 50.87 96.40
N GLY K 124 59.62 52.04 96.83
CA GLY K 124 60.53 52.15 97.95
C GLY K 124 61.73 52.98 97.55
N SER K 125 62.13 52.85 96.28
CA SER K 125 63.18 53.69 95.72
C SER K 125 62.84 54.13 94.29
N ASN K 126 61.76 53.59 93.74
CA ASN K 126 61.33 53.89 92.37
C ASN K 126 62.45 53.64 91.35
N MET K 127 63.10 52.48 91.48
CA MET K 127 64.13 52.07 90.52
C MET K 127 63.51 51.24 89.40
N ARG K 128 63.92 51.54 88.17
CA ARG K 128 63.44 50.81 87.00
C ARG K 128 64.02 49.39 87.00
N ALA K 129 63.24 48.44 86.48
CA ALA K 129 63.71 47.08 86.32
C ALA K 129 63.14 46.52 85.03
N PRO K 130 63.84 45.59 84.38
CA PRO K 130 63.32 44.97 83.17
C PRO K 130 62.14 44.04 83.47
N CYS K 131 61.29 43.89 82.46
CA CYS K 131 60.10 43.06 82.57
C CYS K 131 60.50 41.59 82.56
N THR K 132 60.59 41.00 83.75
CA THR K 132 61.09 39.64 83.88
C THR K 132 60.19 38.59 83.23
N ALA K 133 58.90 38.59 83.53
CA ALA K 133 58.01 37.56 82.99
C ALA K 133 56.74 38.20 82.49
N ILE K 134 56.14 37.58 81.47
CA ILE K 134 54.96 38.10 80.79
C ILE K 134 54.01 36.95 80.51
N VAL K 135 52.71 37.19 80.72
CA VAL K 135 51.67 36.24 80.35
C VAL K 135 50.39 36.99 80.00
N CYS K 136 49.81 36.67 78.86
CA CYS K 136 48.61 37.34 78.37
C CYS K 136 47.38 36.50 78.65
N SER K 137 46.33 37.16 79.15
CA SER K 137 45.02 36.54 79.36
C SER K 137 43.98 37.55 78.86
N SER K 138 43.61 37.44 77.60
CA SER K 138 42.85 38.48 76.94
C SER K 138 41.56 38.78 77.72
N PRO K 139 41.24 40.06 77.95
CA PRO K 139 42.03 41.20 77.46
C PRO K 139 43.21 41.58 78.35
N GLU K 140 43.32 40.97 79.52
CA GLU K 140 44.34 41.34 80.50
C GLU K 140 45.72 40.84 80.09
N ILE K 141 46.75 41.60 80.45
CA ILE K 141 48.13 41.19 80.29
C ILE K 141 48.83 41.42 81.62
N VAL K 142 49.48 40.37 82.15
CA VAL K 142 50.12 40.43 83.45
C VAL K 142 51.62 40.28 83.28
N SER K 143 52.37 41.25 83.82
CA SER K 143 53.82 41.29 83.68
C SER K 143 54.46 41.51 85.04
N VAL K 144 55.65 40.96 85.20
CA VAL K 144 56.45 41.14 86.41
C VAL K 144 57.89 41.43 86.01
N GLY K 145 58.61 42.06 86.93
CA GLY K 145 60.02 42.36 86.73
C GLY K 145 60.79 42.02 87.98
N GLU K 146 62.12 42.09 87.87
CA GLU K 146 62.97 41.85 89.03
C GLU K 146 62.80 42.92 90.11
N ASP K 147 62.15 44.03 89.78
CA ASP K 147 61.76 45.00 90.80
C ASP K 147 60.86 44.36 91.84
N GLY K 148 60.11 43.34 91.45
CA GLY K 148 59.14 42.72 92.30
C GLY K 148 57.75 43.28 92.19
N ARG K 149 57.57 44.42 91.52
CA ARG K 149 56.23 44.92 91.25
C ARG K 149 55.57 44.11 90.16
N ILE K 150 54.25 44.26 90.07
CA ILE K 150 53.44 43.58 89.06
C ILE K 150 52.64 44.63 88.33
N ASN K 151 52.61 44.54 87.00
CA ASN K 151 51.81 45.45 86.19
C ASN K 151 50.79 44.69 85.36
N CYS K 152 49.53 45.09 85.49
CA CYS K 152 48.45 44.58 84.66
C CYS K 152 48.06 45.66 83.65
N PHE K 153 48.24 45.34 82.37
CA PHE K 153 47.94 46.24 81.27
C PHE K 153 46.79 45.67 80.46
N ARG K 154 46.22 46.53 79.63
CA ARG K 154 45.32 46.13 78.56
C ARG K 154 45.96 46.49 77.23
N ALA K 155 45.49 45.85 76.16
CA ALA K 155 46.07 46.06 74.85
C ALA K 155 46.09 47.53 74.44
N GLU K 156 45.01 48.26 74.70
CA GLU K 156 44.86 49.61 74.20
C GLU K 156 45.31 50.68 75.20
N SER K 157 45.65 50.28 76.43
CA SER K 157 46.05 51.25 77.43
C SER K 157 47.45 51.76 77.18
N ARG K 158 47.69 53.01 77.57
CA ARG K 158 49.03 53.60 77.58
C ARG K 158 49.55 53.78 79.00
N ASP K 159 48.67 53.75 79.99
CA ASP K 159 49.05 53.86 81.39
C ASP K 159 49.15 52.47 82.00
N VAL K 160 49.78 52.41 83.18
CA VAL K 160 49.77 51.18 83.96
C VAL K 160 48.38 51.03 84.56
N LEU K 161 47.57 50.15 83.96
CA LEU K 161 46.17 50.03 84.38
C LEU K 161 46.06 49.58 85.82
N ARG K 162 46.81 48.55 86.21
CA ARG K 162 46.89 48.16 87.61
C ARG K 162 48.34 47.92 87.97
N THR K 163 48.72 48.32 89.19
CA THR K 163 50.08 48.10 89.68
C THR K 163 50.03 47.56 91.10
N ILE K 164 50.64 46.39 91.29
CA ILE K 164 50.84 45.83 92.63
C ILE K 164 52.28 46.18 92.99
N ASP K 165 52.42 47.07 93.97
CA ASP K 165 53.71 47.56 94.39
C ASP K 165 54.38 46.57 95.32
N ASP K 166 55.64 46.83 95.66
CA ASP K 166 56.31 46.05 96.70
C ASP K 166 57.46 46.88 97.24
N ALA K 167 57.71 46.72 98.54
CA ALA K 167 58.89 47.31 99.18
C ALA K 167 60.00 46.29 99.34
N ASP K 168 59.77 45.04 98.95
CA ASP K 168 60.76 43.97 99.05
C ASP K 168 61.16 43.55 97.65
N SER K 169 62.34 43.96 97.21
CA SER K 169 62.82 43.64 95.88
C SER K 169 63.06 42.13 95.75
N SER K 170 62.58 41.56 94.67
CA SER K 170 62.71 40.13 94.45
C SER K 170 62.90 39.85 92.97
N THR K 171 63.88 39.01 92.67
CA THR K 171 64.16 38.58 91.31
C THR K 171 63.37 37.29 91.03
N MET K 172 62.32 37.41 90.22
CA MET K 172 61.54 36.25 89.85
C MET K 172 62.08 35.62 88.57
N HIS K 173 61.53 34.47 88.21
CA HIS K 173 61.97 33.73 87.04
C HIS K 173 60.85 33.41 86.05
N GLY K 174 59.65 33.12 86.53
CA GLY K 174 58.55 32.77 85.66
C GLY K 174 57.21 33.00 86.34
N VAL K 175 56.17 33.18 85.52
CA VAL K 175 54.84 33.52 85.99
C VAL K 175 53.82 32.62 85.29
N THR K 176 52.66 32.46 85.92
CA THR K 176 51.54 31.73 85.33
C THR K 176 50.25 32.18 86.00
N PHE K 177 49.12 31.80 85.42
CA PHE K 177 47.81 32.17 85.95
C PHE K 177 47.23 31.02 86.76
N LEU K 178 46.90 31.30 88.03
CA LEU K 178 46.10 30.37 88.82
C LEU K 178 44.63 30.42 88.41
N ARG K 179 44.11 31.62 88.16
CA ARG K 179 42.75 31.82 87.70
C ARG K 179 42.75 32.87 86.61
N THR K 180 41.56 33.34 86.27
CA THR K 180 41.46 34.52 85.42
C THR K 180 41.99 35.76 86.13
N THR K 181 41.86 35.81 87.45
CA THR K 181 42.22 36.99 88.21
C THR K 181 43.37 36.76 89.18
N GLU K 182 44.08 35.63 89.07
CA GLU K 182 45.11 35.26 90.04
C GLU K 182 46.39 34.86 89.31
N ILE K 183 47.52 35.32 89.82
CA ILE K 183 48.82 35.03 89.21
C ILE K 183 49.76 34.44 90.27
N LEU K 184 50.66 33.59 89.81
CA LEU K 184 51.65 32.94 90.64
C LEU K 184 53.02 33.04 89.96
N THR K 185 54.08 33.10 90.75
CA THR K 185 55.43 33.21 90.22
C THR K 185 56.37 32.27 90.96
N VAL K 186 57.43 31.83 90.26
CA VAL K 186 58.58 31.22 90.91
C VAL K 186 59.53 32.32 91.35
N ASN K 187 60.40 31.99 92.29
CA ASN K 187 61.39 32.92 92.80
C ASN K 187 62.76 32.27 92.74
N SER K 188 63.79 33.10 92.61
CA SER K 188 65.16 32.65 92.50
C SER K 188 65.66 31.94 93.77
N VAL K 189 64.77 31.72 94.75
CA VAL K 189 65.11 30.99 95.96
C VAL K 189 64.17 29.81 96.20
N GLY K 190 63.40 29.39 95.20
CA GLY K 190 62.46 28.31 95.41
C GLY K 190 61.15 28.74 96.04
N GLN K 191 60.82 30.01 95.98
CA GLN K 191 59.59 30.53 96.56
C GLN K 191 58.52 30.68 95.49
N LEU K 192 57.29 30.47 95.91
CA LEU K 192 56.12 30.66 95.06
C LEU K 192 55.21 31.66 95.77
N LYS K 193 55.05 32.84 95.19
CA LYS K 193 54.32 33.91 95.85
C LYS K 193 53.06 34.24 95.07
N LEU K 194 51.99 34.52 95.80
CA LEU K 194 50.68 34.81 95.23
C LEU K 194 50.28 36.23 95.57
N TRP K 195 49.60 36.88 94.63
CA TRP K 195 49.06 38.21 94.81
C TRP K 195 47.67 38.29 94.20
N ASP K 196 46.80 39.08 94.81
CA ASP K 196 45.48 39.35 94.26
C ASP K 196 45.60 40.56 93.34
N LEU K 197 45.25 40.36 92.07
CA LEU K 197 45.28 41.45 91.10
C LEU K 197 44.26 42.54 91.43
N ARG K 198 43.34 42.25 92.35
CA ARG K 198 42.37 43.23 92.83
C ARG K 198 42.77 43.80 94.20
N LYS K 199 43.92 43.39 94.74
CA LYS K 199 44.46 43.96 95.96
C LYS K 199 45.87 44.45 95.70
N GLN K 200 46.11 45.73 95.97
CA GLN K 200 47.37 46.38 95.61
C GLN K 200 48.06 46.93 96.86
N GLY K 201 49.39 47.01 96.79
CA GLY K 201 50.17 47.52 97.89
C GLY K 201 51.51 46.83 98.08
N ASN K 202 52.39 47.43 98.89
CA ASN K 202 53.73 46.90 99.09
C ASN K 202 53.71 45.61 99.90
N ASP K 203 54.85 44.90 99.86
CA ASP K 203 55.11 43.62 100.52
C ASP K 203 54.31 42.52 99.82
N PRO K 204 54.88 41.32 99.69
CA PRO K 204 54.16 40.25 98.98
C PRO K 204 52.86 39.90 99.66
N THR K 205 51.82 39.62 98.85
CA THR K 205 50.54 39.24 99.41
C THR K 205 50.65 37.93 100.18
N GLN K 206 51.20 36.90 99.56
CA GLN K 206 51.56 35.69 100.28
C GLN K 206 52.78 35.05 99.65
N ILE K 207 53.59 34.40 100.47
CA ILE K 207 54.80 33.72 100.04
C ILE K 207 54.71 32.28 100.54
N PHE K 208 55.11 31.33 99.70
CA PHE K 208 55.15 29.92 100.07
C PHE K 208 56.48 29.33 99.59
N SER K 209 56.88 28.23 100.20
CA SER K 209 58.20 27.71 99.90
C SER K 209 58.15 26.19 99.80
N VAL K 210 59.10 25.63 99.05
CA VAL K 210 59.31 24.20 99.05
C VAL K 210 59.84 23.78 100.41
N THR K 211 59.29 22.69 100.94
CA THR K 211 59.59 22.24 102.28
C THR K 211 60.48 21.01 102.22
N GLY K 212 61.49 20.98 103.09
CA GLY K 212 62.43 19.87 103.11
C GLY K 212 63.45 19.95 102.01
N GLU K 213 62.99 19.80 100.77
CA GLU K 213 63.83 19.90 99.59
C GLU K 213 63.72 21.31 99.02
N ARG K 214 64.82 22.06 99.06
CA ARG K 214 64.81 23.48 98.73
C ARG K 214 65.81 23.74 97.61
N VAL K 215 65.29 24.06 96.43
CA VAL K 215 66.13 24.51 95.31
C VAL K 215 65.48 25.74 94.69
N PRO K 216 66.27 26.67 94.15
CA PRO K 216 65.67 27.84 93.47
C PRO K 216 64.78 27.41 92.31
N LEU K 217 63.64 28.08 92.16
CA LEU K 217 62.67 27.75 91.14
C LEU K 217 62.80 28.71 89.97
N HIS K 218 62.91 28.16 88.76
CA HIS K 218 63.16 28.95 87.55
C HIS K 218 61.96 29.02 86.61
N CYS K 219 60.99 28.13 86.75
CA CYS K 219 59.85 28.14 85.83
C CYS K 219 58.58 27.70 86.56
N VAL K 220 57.46 28.26 86.13
CA VAL K 220 56.16 27.88 86.69
C VAL K 220 55.12 27.88 85.58
N ASP K 221 54.23 26.90 85.60
CA ASP K 221 53.06 26.91 84.75
C ASP K 221 51.92 26.19 85.45
N ARG K 222 50.71 26.73 85.28
CA ARG K 222 49.51 26.04 85.71
C ARG K 222 49.24 24.91 84.74
N HIS K 223 48.75 23.79 85.25
CA HIS K 223 48.40 22.69 84.37
C HIS K 223 47.13 23.06 83.61
N PRO K 224 47.05 22.70 82.32
CA PRO K 224 45.84 23.03 81.56
C PRO K 224 44.59 22.41 82.17
N ASN K 225 44.65 21.11 82.47
CA ASN K 225 43.49 20.45 83.06
C ASN K 225 43.19 21.01 84.43
N GLN K 226 44.23 21.34 85.20
CA GLN K 226 44.05 21.94 86.52
C GLN K 226 45.03 23.09 86.68
N GLN K 227 44.51 24.32 86.59
CA GLN K 227 45.33 25.47 86.92
C GLN K 227 45.78 25.45 88.37
N HIS K 228 44.92 24.98 89.29
CA HIS K 228 45.31 24.78 90.67
C HIS K 228 46.48 23.81 90.81
N VAL K 229 46.56 22.82 89.92
CA VAL K 229 47.78 22.03 89.78
C VAL K 229 48.82 22.92 89.12
N VAL K 230 49.99 23.02 89.73
CA VAL K 230 51.04 23.92 89.28
C VAL K 230 52.36 23.17 89.26
N ALA K 231 53.13 23.35 88.17
CA ALA K 231 54.44 22.74 88.03
C ALA K 231 55.51 23.82 88.02
N THR K 232 56.59 23.58 88.78
CA THR K 232 57.70 24.50 88.86
C THR K 232 59.02 23.75 88.66
N GLY K 233 59.83 24.29 87.76
CA GLY K 233 61.14 23.75 87.49
C GLY K 233 62.22 24.59 88.14
N GLY K 234 63.24 23.92 88.66
CA GLY K 234 64.21 24.52 89.55
C GLY K 234 65.65 24.38 89.08
N GLN K 235 66.55 24.87 89.92
CA GLN K 235 67.97 24.91 89.60
C GLN K 235 68.59 23.51 89.60
N ASP K 236 68.21 22.68 90.58
CA ASP K 236 68.75 21.33 90.61
C ASP K 236 68.15 20.49 89.50
N GLY K 237 66.87 20.62 89.25
CA GLY K 237 66.16 19.72 88.37
C GLY K 237 65.13 18.94 89.17
N MET K 238 64.81 19.45 90.35
CA MET K 238 63.77 18.87 91.18
C MET K 238 62.41 19.39 90.75
N LEU K 239 61.42 18.50 90.77
CA LEU K 239 60.07 18.82 90.30
C LEU K 239 59.11 18.77 91.48
N CYS K 240 58.27 19.79 91.59
CA CYS K 240 57.27 19.87 92.65
C CYS K 240 55.88 19.77 92.04
N ILE K 241 55.11 18.79 92.52
CA ILE K 241 53.71 18.64 92.16
C ILE K 241 52.87 19.31 93.23
N TRP K 242 52.00 20.21 92.81
CA TRP K 242 51.20 21.07 93.66
C TRP K 242 49.71 20.90 93.39
N ASP K 243 48.92 21.04 94.45
CA ASP K 243 47.49 21.35 94.34
C ASP K 243 47.29 22.63 95.13
N VAL K 244 47.51 23.77 94.46
CA VAL K 244 47.64 25.05 95.13
C VAL K 244 46.70 26.07 94.49
N ARG K 245 45.87 26.68 95.32
CA ARG K 245 45.10 27.87 95.01
C ARG K 245 45.11 28.80 96.21
N HIS K 246 45.50 28.24 97.37
CA HIS K 246 45.84 29.00 98.57
C HIS K 246 46.97 28.31 99.32
N GLY K 247 47.55 27.26 98.75
CA GLY K 247 48.45 26.37 99.46
C GLY K 247 49.78 26.98 99.84
N LYS K 248 50.47 26.31 100.77
CA LYS K 248 51.74 26.79 101.30
C LYS K 248 52.84 25.73 101.19
N MET K 249 52.51 24.48 101.49
CA MET K 249 53.46 23.40 101.54
C MET K 249 53.28 22.50 100.32
N PRO K 250 54.36 22.17 99.63
CA PRO K 250 54.25 21.30 98.45
C PRO K 250 53.91 19.87 98.85
N MET K 251 53.00 19.28 98.09
CA MET K 251 52.60 17.90 98.36
C MET K 251 53.26 16.91 97.41
N SER K 252 54.23 17.35 96.62
CA SER K 252 55.18 16.42 96.04
C SER K 252 56.48 17.13 95.68
N LEU K 253 57.60 16.61 96.20
CA LEU K 253 58.94 17.09 95.86
C LEU K 253 59.77 15.90 95.40
N LEU K 254 60.12 15.87 94.13
CA LEU K 254 60.75 14.72 93.51
C LEU K 254 62.04 15.18 92.84
N ASN K 255 63.18 14.76 93.37
CA ASN K 255 64.47 15.16 92.80
C ASN K 255 64.65 14.44 91.47
N ALA K 256 64.29 15.11 90.39
CA ALA K 256 64.30 14.46 89.09
C ALA K 256 65.62 14.65 88.34
N HIS K 257 65.97 15.89 88.02
CA HIS K 257 67.13 16.15 87.19
C HIS K 257 68.29 16.71 88.00
N GLU K 258 69.46 16.69 87.38
CA GLU K 258 70.68 17.19 87.98
C GLU K 258 71.21 18.43 87.28
N ALA K 259 70.38 19.08 86.47
CA ALA K 259 70.76 20.29 85.76
C ALA K 259 69.60 21.29 85.86
N GLU K 260 69.90 22.56 85.61
CA GLU K 260 68.88 23.59 85.82
C GLU K 260 67.74 23.42 84.83
N MET K 261 66.53 23.72 85.29
CA MET K 261 65.34 23.56 84.48
C MET K 261 64.99 24.90 83.86
N TRP K 262 65.33 25.08 82.58
CA TRP K 262 64.97 26.32 81.90
C TRP K 262 63.46 26.48 81.81
N GLU K 263 62.79 25.61 81.05
CA GLU K 263 61.34 25.64 80.92
C GLU K 263 60.81 24.23 80.66
N VAL K 264 59.60 23.98 81.18
CA VAL K 264 58.82 22.80 80.86
C VAL K 264 57.42 23.29 80.49
N HIS K 265 56.86 22.77 79.41
CA HIS K 265 55.53 23.22 79.05
C HIS K 265 54.59 22.04 78.83
N PHE K 266 53.32 22.27 79.12
CA PHE K 266 52.27 21.32 78.84
C PHE K 266 51.89 21.38 77.37
N HIS K 267 51.78 20.23 76.76
CA HIS K 267 51.19 20.12 75.45
C HIS K 267 49.73 20.59 75.51
N PRO K 268 49.36 21.60 74.74
CA PRO K 268 48.03 22.19 74.92
C PRO K 268 46.91 21.29 74.43
N SER K 269 47.14 20.56 73.33
CA SER K 269 46.17 19.58 72.85
C SER K 269 46.34 18.22 73.51
N ASN K 270 47.21 18.12 74.51
CA ASN K 270 47.47 16.90 75.24
C ASN K 270 48.22 17.23 76.52
N PRO K 271 47.57 17.85 77.51
CA PRO K 271 48.26 18.23 78.75
C PRO K 271 48.89 17.06 79.48
N ASP K 272 48.48 15.83 79.16
CA ASP K 272 49.19 14.65 79.60
C ASP K 272 50.56 14.54 78.97
N HIS K 273 50.84 15.29 77.91
CA HIS K 273 52.19 15.42 77.38
C HIS K 273 52.83 16.66 77.99
N LEU K 274 54.08 16.52 78.41
CA LEU K 274 54.91 17.65 78.84
C LEU K 274 56.27 17.57 78.16
N PHE K 275 56.82 18.73 77.85
CA PHE K 275 58.09 18.80 77.14
C PHE K 275 59.08 19.59 77.97
N THR K 276 60.31 19.08 78.08
CA THR K 276 61.26 19.57 79.06
C THR K 276 62.64 19.75 78.43
N CYS K 277 63.29 20.86 78.79
CA CYS K 277 64.63 21.17 78.31
C CYS K 277 65.56 21.29 79.50
N SER K 278 66.86 21.13 79.25
CA SER K 278 67.86 21.34 80.29
C SER K 278 68.99 22.21 79.76
N GLU K 279 69.81 22.70 80.70
CA GLU K 279 70.93 23.56 80.35
C GLU K 279 71.96 22.83 79.51
N ASP K 280 72.22 21.56 79.83
CA ASP K 280 73.25 20.82 79.10
C ASP K 280 72.91 20.71 77.63
N GLY K 281 71.63 20.82 77.28
CA GLY K 281 71.21 20.72 75.91
C GLY K 281 70.35 19.50 75.69
N SER K 282 70.08 18.77 76.76
CA SER K 282 69.27 17.56 76.65
C SER K 282 67.79 17.87 76.83
N LEU K 283 66.96 16.95 76.33
CA LEU K 283 65.52 17.16 76.23
C LEU K 283 64.82 15.91 76.74
N TRP K 284 63.59 16.07 77.22
CA TRP K 284 62.84 14.98 77.80
C TRP K 284 61.36 15.06 77.51
N HIS K 285 60.77 13.90 77.24
CA HIS K 285 59.37 13.73 76.88
C HIS K 285 58.64 13.10 78.06
N TRP K 286 57.59 13.75 78.54
CA TRP K 286 56.82 13.28 79.68
C TRP K 286 55.42 12.93 79.22
N ASP K 287 54.97 11.73 79.53
CA ASP K 287 53.60 11.32 79.18
C ASP K 287 52.90 10.80 80.43
N ALA K 288 52.35 11.73 81.22
CA ALA K 288 51.55 11.42 82.40
C ALA K 288 51.03 12.70 83.05
N SER K 289 49.88 12.63 83.72
CA SER K 289 49.41 13.73 84.55
C SER K 289 49.33 13.31 86.01
N ALA K 290 48.52 12.30 86.28
CA ALA K 290 48.49 11.62 87.57
C ALA K 290 48.62 10.13 87.41
N ASP K 291 48.98 9.66 86.22
CA ASP K 291 49.04 8.25 85.84
C ASP K 291 50.43 8.01 85.25
N SER K 292 50.64 6.90 84.56
CA SER K 292 51.91 6.72 83.86
C SER K 292 51.70 5.92 82.58
N GLU K 293 52.21 6.47 81.47
CA GLU K 293 52.31 5.74 80.21
C GLU K 293 53.74 5.52 79.75
N LYS K 294 54.65 6.47 79.96
CA LYS K 294 56.07 6.32 79.73
C LYS K 294 56.72 5.87 81.03
N PRO K 295 57.94 5.37 80.97
CA PRO K 295 58.73 5.18 82.19
C PRO K 295 59.38 6.51 82.59
N THR K 296 60.07 6.48 83.72
CA THR K 296 60.90 7.59 84.16
C THR K 296 62.16 7.00 84.80
N PHE K 297 63.27 7.75 84.73
CA PHE K 297 64.55 7.15 85.06
C PHE K 297 65.33 7.88 86.15
N LEU K 298 64.97 9.12 86.45
CA LEU K 298 65.62 9.86 87.53
C LEU K 298 64.63 10.63 88.38
N LEU K 299 63.33 10.49 88.12
CA LEU K 299 62.28 11.09 88.91
C LEU K 299 62.15 10.39 90.26
N GLY K 300 61.75 11.15 91.27
CA GLY K 300 61.47 10.60 92.57
C GLY K 300 60.07 10.00 92.65
N GLY K 301 59.64 9.77 93.88
CA GLY K 301 58.28 9.33 94.14
C GLY K 301 58.08 7.83 94.00
N ARG K 302 56.88 7.40 94.35
CA ARG K 302 56.52 5.99 94.27
C ARG K 302 55.70 5.70 93.02
N SER K 303 55.68 4.42 92.62
CA SER K 303 54.70 3.85 91.71
C SER K 303 55.01 4.13 90.24
N THR K 304 54.82 3.10 89.39
CA THR K 304 54.95 3.23 87.94
C THR K 304 53.78 2.53 87.26
N PHE K 305 53.38 3.10 86.13
CA PHE K 305 52.29 2.56 85.30
C PHE K 305 50.98 2.47 86.05
N ASN K 306 49.98 1.82 85.45
CA ASN K 306 48.61 1.87 85.96
C ASN K 306 48.00 0.49 86.00
N ILE K 307 47.07 0.29 86.94
CA ILE K 307 46.29 -0.93 87.06
C ILE K 307 45.21 -0.95 85.99
N SER K 308 44.88 -2.15 85.48
CA SER K 308 43.86 -2.32 84.48
C SER K 308 42.53 -2.69 85.13
N ARG K 309 41.45 -2.29 84.47
CA ARG K 309 40.11 -2.72 84.90
C ARG K 309 39.94 -4.22 84.65
N SER K 310 38.80 -4.75 85.09
CA SER K 310 38.44 -6.16 84.93
C SER K 310 39.27 -7.02 85.87
N SER K 311 38.61 -7.73 86.77
CA SER K 311 39.28 -8.45 87.85
C SER K 311 39.47 -9.91 87.48
N ILE K 312 40.67 -10.25 87.02
CA ILE K 312 41.09 -11.64 86.88
C ILE K 312 42.42 -11.77 87.61
N ALA K 313 42.35 -12.13 88.89
CA ALA K 313 43.49 -12.10 89.79
C ALA K 313 43.14 -12.89 91.03
N PRO K 314 44.13 -13.29 91.84
CA PRO K 314 43.82 -13.95 93.11
C PRO K 314 43.06 -13.02 94.03
N PRO K 315 42.27 -13.55 94.96
CA PRO K 315 41.54 -12.67 95.88
C PRO K 315 42.50 -11.87 96.73
N ASN K 316 42.58 -10.58 96.47
CA ASN K 316 43.58 -9.71 97.09
C ASN K 316 42.89 -8.57 97.81
N ALA K 317 43.54 -8.11 98.88
CA ALA K 317 43.20 -6.84 99.50
C ALA K 317 44.29 -5.86 99.15
N ASN K 318 43.91 -4.82 98.42
CA ASN K 318 44.82 -3.78 98.00
C ASN K 318 44.42 -2.52 98.75
N GLN K 319 45.40 -1.71 99.10
CA GLN K 319 45.12 -0.54 99.91
C GLN K 319 45.17 0.73 99.05
N SER K 320 44.30 1.69 99.38
CA SER K 320 44.36 3.02 98.78
C SER K 320 45.65 3.73 99.19
N LEU K 321 46.04 4.71 98.37
CA LEU K 321 47.28 5.43 98.58
C LEU K 321 47.19 6.31 99.82
N ALA K 322 48.35 6.48 100.48
CA ALA K 322 48.41 7.14 101.78
C ALA K 322 48.16 8.63 101.68
N CYS K 323 48.00 9.28 102.84
CA CYS K 323 47.79 10.72 102.94
C CYS K 323 49.08 11.43 102.59
N ALA K 324 49.16 11.94 101.37
CA ALA K 324 50.38 12.60 100.91
C ALA K 324 50.67 13.86 101.71
N TRP K 325 49.63 14.48 102.27
CA TRP K 325 49.83 15.72 103.02
C TRP K 325 50.45 15.46 104.40
N LEU K 326 50.54 14.21 104.83
CA LEU K 326 51.11 13.87 106.12
C LEU K 326 52.63 13.71 106.07
N SER K 327 53.24 13.86 104.91
CA SER K 327 54.67 13.68 104.76
C SER K 327 55.25 14.76 103.85
N THR K 328 56.58 14.86 103.85
CA THR K 328 57.28 15.81 102.99
C THR K 328 58.42 15.12 102.24
N ASP K 329 58.13 13.99 101.62
CA ASP K 329 59.10 13.16 100.93
C ASP K 329 58.61 12.88 99.52
N PRO K 330 59.52 12.54 98.60
CA PRO K 330 59.10 12.17 97.23
C PRO K 330 58.05 11.06 97.26
N THR K 331 56.91 11.34 96.66
CA THR K 331 55.77 10.44 96.66
C THR K 331 55.03 10.65 95.33
N LYS K 332 53.76 10.25 95.25
CA LYS K 332 53.00 10.35 94.01
C LYS K 332 53.01 11.79 93.49
N GLY K 333 52.71 11.93 92.20
CA GLY K 333 52.93 13.16 91.47
C GLY K 333 53.69 12.82 90.22
N GLN K 334 53.68 11.53 89.88
CA GLN K 334 54.46 11.03 88.76
C GLN K 334 53.95 11.64 87.45
N LEU K 335 54.89 11.97 86.58
CA LEU K 335 54.54 12.53 85.29
C LEU K 335 55.50 12.03 84.22
N GLU K 336 56.41 11.13 84.63
CA GLU K 336 57.24 10.32 83.74
C GLU K 336 58.30 11.17 83.04
N ILE K 337 59.41 10.54 82.64
CA ILE K 337 60.49 11.19 81.92
C ILE K 337 61.04 10.20 80.91
N THR K 338 61.25 10.65 79.68
CA THR K 338 61.83 9.82 78.65
C THR K 338 62.91 10.62 77.95
N ASN K 339 64.15 10.13 77.98
CA ASN K 339 65.23 10.83 77.31
C ASN K 339 65.19 10.50 75.83
N LEU K 340 64.27 11.12 75.11
CA LEU K 340 64.27 11.06 73.67
C LEU K 340 65.51 11.66 73.06
N LEU K 341 66.17 12.58 73.76
CA LEU K 341 67.40 13.17 73.24
C LEU K 341 68.28 13.70 74.36
N PRO K 342 69.47 13.15 74.53
CA PRO K 342 70.50 13.84 75.31
C PRO K 342 71.10 14.98 74.48
N SER K 343 71.87 15.82 75.18
CA SER K 343 72.46 17.02 74.57
C SER K 343 73.06 16.76 73.20
N SER K 344 72.69 17.57 72.21
CA SER K 344 73.16 17.37 70.85
C SER K 344 73.72 18.65 70.24
N THR K 345 73.26 19.80 70.73
CA THR K 345 73.72 21.10 70.26
C THR K 345 74.00 21.99 71.47
N LEU K 346 74.18 23.29 71.20
CA LEU K 346 74.42 24.24 72.29
C LEU K 346 73.21 24.33 73.20
N SER K 347 73.39 24.93 74.38
CA SER K 347 72.37 24.96 75.42
C SER K 347 71.02 25.44 74.88
N VAL K 348 69.98 24.64 75.08
CA VAL K 348 68.62 24.98 74.69
C VAL K 348 68.02 25.81 75.81
N ASN K 349 67.48 26.97 75.45
CA ASN K 349 66.94 27.88 76.45
C ASN K 349 65.44 28.09 76.32
N SER K 350 64.87 27.83 75.15
CA SER K 350 63.44 28.07 74.94
C SER K 350 62.84 26.93 74.14
N LEU K 351 61.71 26.42 74.64
CA LEU K 351 60.92 25.42 73.93
C LEU K 351 59.46 25.81 74.04
N ASP K 352 58.67 25.38 73.05
CA ASP K 352 57.25 25.67 73.02
C ASP K 352 56.53 24.53 72.32
N VAL K 353 55.31 24.27 72.77
CA VAL K 353 54.43 23.31 72.13
C VAL K 353 53.07 23.95 71.96
N LEU K 354 52.56 23.89 70.74
CA LEU K 354 51.20 24.34 70.43
C LEU K 354 50.56 23.21 69.64
N GLY K 355 49.44 22.70 70.14
CA GLY K 355 48.87 21.49 69.57
C GLY K 355 49.89 20.38 69.57
N GLN K 356 49.82 19.52 68.57
CA GLN K 356 50.79 18.45 68.39
C GLN K 356 52.07 18.94 67.73
N ASN K 357 52.35 20.24 67.79
CA ASN K 357 53.51 20.84 67.16
C ASN K 357 54.46 21.38 68.22
N LEU K 358 55.76 21.20 68.01
CA LEU K 358 56.76 21.70 68.95
C LEU K 358 57.84 22.47 68.20
N VAL K 359 58.31 23.53 68.83
CA VAL K 359 59.44 24.32 68.34
C VAL K 359 60.37 24.56 69.50
N CYS K 360 61.64 24.84 69.20
CA CYS K 360 62.59 25.21 70.23
C CYS K 360 63.76 25.95 69.59
N GLY K 361 64.43 26.77 70.40
CA GLY K 361 65.58 27.52 69.96
C GLY K 361 66.78 27.23 70.82
N THR K 362 67.97 27.25 70.20
CA THR K 362 69.20 26.96 70.90
C THR K 362 70.14 28.16 70.81
N ASP K 363 71.16 28.15 71.67
CA ASP K 363 72.24 29.13 71.60
C ASP K 363 73.09 28.97 70.35
N ALA K 364 72.93 27.87 69.62
CA ALA K 364 73.58 27.69 68.34
C ALA K 364 72.91 28.48 67.22
N GLU K 365 72.03 29.43 67.57
CA GLU K 365 71.31 30.24 66.59
C GLU K 365 70.50 29.33 65.67
N ALA K 366 69.96 28.26 66.23
CA ALA K 366 69.25 27.23 65.49
C ALA K 366 67.87 27.01 66.05
N ILE K 367 66.92 26.67 65.18
CA ILE K 367 65.54 26.40 65.53
C ILE K 367 65.20 24.97 65.13
N TYR K 368 64.66 24.21 66.07
CA TYR K 368 64.35 22.81 65.85
C TYR K 368 62.87 22.57 66.11
N VAL K 369 62.21 21.95 65.14
CA VAL K 369 60.75 21.81 65.15
C VAL K 369 60.41 20.33 65.03
N THR K 370 59.58 19.84 65.94
CA THR K 370 59.21 18.43 65.98
C THR K 370 57.69 18.27 65.89
N ARG K 371 57.26 17.12 65.36
CA ARG K 371 55.84 16.85 65.16
C ARG K 371 55.40 15.43 65.49
N ARG K 372 56.30 14.56 65.96
CA ARG K 372 55.95 13.14 66.06
C ARG K 372 56.54 12.54 67.33
N LEU K 373 56.25 11.25 67.51
CA LEU K 373 56.67 10.46 68.67
C LEU K 373 55.97 10.92 69.94
N PHE K 374 55.03 11.84 69.82
CA PHE K 374 54.13 12.19 70.91
C PHE K 374 52.71 12.41 70.39
N SER K 375 52.55 12.35 69.08
CA SER K 375 51.26 12.59 68.46
C SER K 375 50.60 11.29 68.04
N ALA L 9 10.03 59.74 84.62
CA ALA L 9 10.17 60.06 83.20
C ALA L 9 10.13 58.80 82.35
N ASP L 10 11.29 58.19 82.13
CA ASP L 10 11.40 56.96 81.35
C ASP L 10 11.82 55.82 82.27
N HIS L 11 11.01 54.76 82.27
CA HIS L 11 11.27 53.56 83.06
C HIS L 11 11.18 53.84 84.56
N LYS L 12 10.93 55.09 84.93
CA LYS L 12 10.83 55.50 86.33
C LYS L 12 9.41 55.51 86.83
N ASP L 13 8.44 55.19 85.97
CA ASP L 13 7.03 55.16 86.34
C ASP L 13 6.47 53.75 86.35
N LEU L 14 6.95 52.89 85.46
CA LEU L 14 6.55 51.49 85.40
C LEU L 14 7.46 50.76 84.42
N ILE L 15 7.71 49.48 84.64
CA ILE L 15 8.51 48.67 83.72
C ILE L 15 7.59 47.71 82.99
N HIS L 16 7.57 47.80 81.65
CA HIS L 16 6.67 46.99 80.84
C HIS L 16 7.30 45.70 80.36
N ASP L 17 8.63 45.66 80.20
CA ASP L 17 9.34 44.44 79.86
C ASP L 17 10.80 44.60 80.22
N VAL L 18 11.41 43.51 80.66
CA VAL L 18 12.84 43.44 80.92
C VAL L 18 13.39 42.20 80.24
N SER L 19 14.49 42.36 79.50
CA SER L 19 15.04 41.29 78.67
C SER L 19 16.54 41.18 78.90
N PHE L 20 17.03 39.95 78.84
CA PHE L 20 18.45 39.65 79.05
C PHE L 20 19.03 39.00 77.82
N ASP L 21 20.36 39.04 77.71
CA ASP L 21 21.02 38.38 76.60
C ASP L 21 21.20 36.89 76.90
N PHE L 22 21.57 36.16 75.86
CA PHE L 22 21.84 34.74 76.03
C PHE L 22 23.11 34.55 76.84
N HIS L 23 23.07 33.56 77.74
CA HIS L 23 24.11 33.18 78.68
C HIS L 23 24.20 34.22 79.80
N GLY L 24 23.65 35.40 79.57
CA GLY L 24 23.43 36.41 80.58
C GLY L 24 24.62 37.33 80.73
N ARG L 25 24.64 38.48 80.04
CA ARG L 25 25.58 39.54 80.36
C ARG L 25 24.98 40.93 80.14
N ARG L 26 23.80 41.00 79.55
CA ARG L 26 23.21 42.27 79.16
C ARG L 26 21.74 42.25 79.51
N MET L 27 21.18 43.45 79.75
CA MET L 27 19.81 43.60 80.18
C MET L 27 19.23 44.84 79.49
N ALA L 28 17.92 44.92 79.46
CA ALA L 28 17.22 46.09 78.93
C ALA L 28 15.82 46.18 79.50
N THR L 29 15.33 47.42 79.63
CA THR L 29 13.99 47.70 80.11
C THR L 29 13.25 48.59 79.12
N CYS L 30 12.01 48.20 78.79
CA CYS L 30 11.12 49.02 77.99
C CYS L 30 9.84 49.25 78.78
N SER L 31 9.24 50.41 78.59
CA SER L 31 8.12 50.82 79.41
C SER L 31 7.01 51.40 78.53
N SER L 32 5.96 51.88 79.20
CA SER L 32 4.92 52.67 78.56
C SER L 32 5.36 54.10 78.29
N ASP L 33 6.66 54.39 78.50
CA ASP L 33 7.21 55.71 78.31
C ASP L 33 7.72 55.92 76.89
N GLN L 34 7.52 54.94 76.01
CA GLN L 34 7.88 54.95 74.59
C GLN L 34 9.39 54.88 74.36
N SER L 35 10.20 54.74 75.39
CA SER L 35 11.65 54.65 75.26
C SER L 35 12.14 53.31 75.77
N VAL L 36 13.35 52.94 75.33
CA VAL L 36 14.02 51.73 75.76
C VAL L 36 15.37 52.12 76.36
N LYS L 37 15.74 51.41 77.43
CA LYS L 37 17.03 51.58 78.09
C LYS L 37 17.77 50.24 78.04
N VAL L 38 19.04 50.28 77.66
CA VAL L 38 19.86 49.09 77.54
C VAL L 38 21.06 49.21 78.47
N TRP L 39 21.26 48.15 79.26
CA TRP L 39 22.12 48.06 80.42
C TRP L 39 23.07 46.91 80.16
N ASP L 40 24.32 47.03 80.59
CA ASP L 40 25.32 46.01 80.33
C ASP L 40 26.05 45.66 81.62
N LYS L 41 26.07 44.37 81.97
CA LYS L 41 26.82 43.90 83.11
C LYS L 41 28.30 43.87 82.76
N SER L 42 29.08 44.76 83.35
CA SER L 42 30.50 44.57 83.30
C SER L 42 30.88 43.29 84.04
N GLU L 43 31.78 42.52 83.43
CA GLU L 43 32.29 41.33 84.07
C GLU L 43 33.12 41.66 85.31
N ASN L 44 33.45 42.93 85.50
CA ASN L 44 33.98 43.42 86.76
C ASN L 44 32.89 43.90 87.71
N GLY L 45 31.63 43.72 87.34
CA GLY L 45 30.54 44.06 88.23
C GLY L 45 29.84 45.34 87.84
N ASN L 46 28.67 45.56 88.47
CA ASN L 46 27.91 46.80 88.39
C ASN L 46 27.20 46.94 87.05
N TRP L 47 25.97 47.44 87.09
CA TRP L 47 25.09 47.55 85.93
C TRP L 47 25.08 48.99 85.44
N HIS L 48 25.34 49.18 84.14
CA HIS L 48 25.60 50.49 83.56
C HIS L 48 24.66 50.75 82.40
N CYS L 49 23.99 51.89 82.43
CA CYS L 49 23.08 52.25 81.35
C CYS L 49 23.91 52.60 80.14
N THR L 50 23.98 51.65 79.21
CA THR L 50 24.82 51.82 78.04
C THR L 50 24.14 52.57 76.91
N ALA L 51 22.82 52.52 76.79
CA ALA L 51 22.14 53.40 75.84
C ALA L 51 20.66 53.51 76.17
N SER L 52 19.98 54.40 75.46
CA SER L 52 18.53 54.53 75.60
C SER L 52 18.02 55.38 74.44
N TRP L 53 16.88 54.99 73.88
CA TRP L 53 16.30 55.75 72.78
C TRP L 53 14.85 55.36 72.58
N LYS L 54 14.10 56.25 71.93
CA LYS L 54 12.72 55.97 71.58
C LYS L 54 12.68 55.00 70.41
N THR L 55 11.77 54.02 70.49
CA THR L 55 11.60 53.05 69.41
C THR L 55 10.19 53.02 68.84
N HIS L 56 9.18 53.43 69.60
CA HIS L 56 7.81 53.38 69.12
C HIS L 56 6.96 54.43 69.84
N SER L 57 5.65 54.38 69.55
CA SER L 57 4.73 55.41 69.99
C SER L 57 3.78 54.97 71.10
N GLY L 58 3.52 53.66 71.23
CA GLY L 58 2.65 53.16 72.26
C GLY L 58 3.44 52.71 73.48
N SER L 59 2.71 52.09 74.41
CA SER L 59 3.35 51.46 75.56
C SER L 59 4.17 50.26 75.10
N VAL L 60 5.49 50.38 75.16
CA VAL L 60 6.38 49.37 74.59
C VAL L 60 6.18 48.08 75.36
N TRP L 61 5.57 47.10 74.72
CA TRP L 61 5.18 45.89 75.44
C TRP L 61 6.34 44.98 75.76
N ARG L 62 7.02 44.45 74.73
CA ARG L 62 8.06 43.46 74.95
C ARG L 62 9.30 43.83 74.16
N VAL L 63 10.43 43.32 74.62
CA VAL L 63 11.63 43.25 73.80
C VAL L 63 12.22 41.85 73.94
N THR L 64 12.60 41.26 72.81
CA THR L 64 13.24 39.96 72.77
C THR L 64 14.46 40.07 71.87
N TRP L 65 15.52 39.35 72.22
CA TRP L 65 16.81 39.60 71.60
C TRP L 65 17.20 38.43 70.73
N ALA L 66 17.70 38.73 69.53
CA ALA L 66 18.26 37.68 68.70
C ALA L 66 19.53 37.14 69.35
N HIS L 67 19.86 35.91 68.98
CA HIS L 67 20.97 35.23 69.63
C HIS L 67 22.27 36.01 69.45
N PRO L 68 23.16 35.99 70.43
CA PRO L 68 24.53 36.49 70.20
C PRO L 68 25.22 35.75 69.08
N GLU L 69 24.87 34.49 68.85
CA GLU L 69 25.29 33.81 67.63
C GLU L 69 24.65 34.43 66.40
N PHE L 70 23.92 35.53 66.57
CA PHE L 70 23.28 36.21 65.46
C PHE L 70 23.29 37.72 65.63
N GLY L 71 24.20 38.25 66.43
CA GLY L 71 24.35 39.69 66.58
C GLY L 71 23.50 40.25 67.71
N GLN L 72 23.82 41.48 68.09
CA GLN L 72 23.13 42.17 69.17
C GLN L 72 21.92 42.86 68.56
N VAL L 73 20.79 42.14 68.56
CA VAL L 73 19.59 42.53 67.84
C VAL L 73 18.43 42.55 68.81
N LEU L 74 17.66 43.64 68.79
CA LEU L 74 16.53 43.83 69.67
C LEU L 74 15.24 43.85 68.84
N ALA L 75 14.19 43.21 69.37
CA ALA L 75 12.88 43.20 68.74
C ALA L 75 11.86 43.70 69.74
N SER L 76 11.23 44.82 69.43
CA SER L 76 10.36 45.50 70.39
C SER L 76 8.95 45.66 69.84
N CYS L 77 7.97 45.54 70.74
CA CYS L 77 6.57 45.56 70.38
C CYS L 77 5.77 46.28 71.46
N SER L 78 4.61 46.80 71.04
CA SER L 78 3.86 47.77 71.82
C SER L 78 2.40 47.82 71.37
N PHE L 79 1.68 48.83 71.88
CA PHE L 79 0.39 49.24 71.33
C PHE L 79 0.64 50.12 70.13
N ASP L 80 1.12 49.52 69.05
CA ASP L 80 1.50 50.31 67.88
C ASP L 80 1.13 49.62 66.58
N ARG L 81 0.52 48.44 66.67
CA ARG L 81 0.15 47.63 65.51
C ARG L 81 1.38 47.21 64.73
N THR L 82 2.56 47.47 65.30
CA THR L 82 3.83 47.40 64.59
C THR L 82 4.90 46.81 65.51
N ALA L 83 5.95 46.26 64.91
CA ALA L 83 7.05 45.67 65.65
C ALA L 83 8.39 46.04 65.03
N ALA L 84 9.24 46.68 65.84
CA ALA L 84 10.49 47.25 65.37
C ALA L 84 11.65 46.29 65.59
N VAL L 85 12.61 46.32 64.68
CA VAL L 85 13.80 45.48 64.72
C VAL L 85 15.02 46.37 64.69
N TRP L 86 15.66 46.57 65.84
CA TRP L 86 16.84 47.41 65.94
C TRP L 86 18.09 46.54 65.97
N GLU L 87 19.14 47.00 65.32
CA GLU L 87 20.43 46.31 65.30
C GLU L 87 21.47 47.17 65.98
N GLU L 88 22.46 46.55 66.61
CA GLU L 88 23.59 47.30 67.14
C GLU L 88 24.66 47.44 66.07
N ILE L 89 24.88 48.66 65.60
CA ILE L 89 25.90 48.95 64.61
C ILE L 89 27.10 49.55 65.31
N VAL L 90 28.24 48.90 65.15
CA VAL L 90 29.49 49.34 65.78
C VAL L 90 30.05 50.51 64.97
N GLY L 91 30.38 51.59 65.66
CA GLY L 91 31.02 52.72 65.02
C GLY L 91 32.36 52.34 64.42
N GLU L 92 33.32 51.97 65.26
CA GLU L 92 34.65 51.59 64.84
C GLU L 92 35.02 50.25 65.47
N SER L 93 35.85 49.49 64.77
CA SER L 93 36.29 48.19 65.23
C SER L 93 37.75 48.00 64.86
N ASN L 94 38.20 46.74 64.96
CA ASN L 94 39.52 46.36 64.48
C ASN L 94 40.62 47.14 65.19
N ASP L 95 40.81 46.87 66.48
CA ASP L 95 41.93 47.37 67.29
C ASP L 95 41.59 48.78 67.77
N LYS L 96 42.39 49.79 67.43
CA LYS L 96 42.38 51.06 68.15
C LYS L 96 41.02 51.75 68.07
N LEU L 97 40.45 52.04 69.23
CA LEU L 97 39.21 52.79 69.39
C LEU L 97 38.00 52.01 68.87
N ARG L 98 36.94 51.96 69.66
CA ARG L 98 35.66 51.45 69.22
C ARG L 98 34.67 52.60 69.18
N GLY L 99 34.14 52.86 67.99
CA GLY L 99 33.24 53.98 67.80
C GLY L 99 31.90 53.72 68.48
N GLN L 100 31.12 54.79 68.56
CA GLN L 100 29.82 54.72 69.22
C GLN L 100 28.95 53.68 68.55
N SER L 101 28.60 52.63 69.30
CA SER L 101 27.68 51.63 68.78
C SER L 101 26.27 52.21 68.74
N HIS L 102 25.60 52.04 67.61
CA HIS L 102 24.34 52.69 67.37
C HIS L 102 23.28 51.67 66.98
N TRP L 103 22.02 52.04 67.24
CA TRP L 103 20.89 51.17 66.99
C TRP L 103 20.21 51.56 65.69
N VAL L 104 20.16 50.63 64.75
CA VAL L 104 19.48 50.82 63.48
C VAL L 104 18.25 49.91 63.46
N LYS L 105 17.07 50.51 63.41
CA LYS L 105 15.85 49.74 63.27
C LYS L 105 15.87 49.08 61.89
N ARG L 106 16.14 47.77 61.86
CA ARG L 106 16.29 47.07 60.59
C ARG L 106 15.01 47.07 59.77
N THR L 107 13.91 46.66 60.37
CA THR L 107 12.60 46.86 59.77
C THR L 107 11.56 46.72 60.87
N THR L 108 10.38 47.26 60.60
CA THR L 108 9.24 47.10 61.48
C THR L 108 8.18 46.31 60.74
N LEU L 109 7.96 45.08 61.16
CA LEU L 109 6.83 44.31 60.67
C LEU L 109 5.58 44.93 61.26
N VAL L 110 4.81 45.61 60.41
CA VAL L 110 3.64 46.36 60.85
C VAL L 110 2.39 45.51 60.86
N ASP L 111 2.53 44.19 60.78
CA ASP L 111 1.41 43.30 60.56
C ASP L 111 0.54 43.18 61.82
N SER L 112 -0.30 44.20 62.04
CA SER L 112 -1.25 44.19 63.14
C SER L 112 -2.26 45.33 63.01
N ARG L 113 -3.49 45.08 63.47
CA ARG L 113 -4.48 46.13 63.65
C ARG L 113 -4.98 46.14 65.09
N THR L 114 -4.36 45.36 65.96
CA THR L 114 -4.71 45.29 67.36
C THR L 114 -3.43 45.31 68.20
N SER L 115 -3.55 45.00 69.49
CA SER L 115 -2.39 44.93 70.35
C SER L 115 -1.44 43.85 69.86
N VAL L 116 -0.17 44.21 69.72
CA VAL L 116 0.88 43.24 69.44
C VAL L 116 1.15 42.50 70.75
N THR L 117 0.86 41.20 70.78
CA THR L 117 0.74 40.52 72.06
C THR L 117 1.98 39.71 72.45
N ASP L 118 2.80 39.27 71.50
CA ASP L 118 4.11 38.72 71.81
C ASP L 118 4.98 38.68 70.57
N VAL L 119 6.30 38.74 70.81
CA VAL L 119 7.32 38.55 69.79
C VAL L 119 8.38 37.61 70.35
N LYS L 120 8.82 36.65 69.55
CA LYS L 120 9.78 35.67 70.06
C LYS L 120 10.56 35.03 68.92
N PHE L 121 11.88 34.99 69.09
CA PHE L 121 12.73 34.31 68.11
C PHE L 121 12.60 32.81 68.25
N ALA L 122 13.11 32.10 67.28
CA ALA L 122 13.08 30.67 67.25
C ALA L 122 14.33 30.09 67.91
N PRO L 123 14.35 28.79 68.16
CA PRO L 123 15.64 28.11 68.38
C PRO L 123 16.45 28.10 67.09
N LYS L 124 17.76 28.06 67.25
CA LYS L 124 18.66 28.30 66.11
C LYS L 124 19.00 27.03 65.35
N HIS L 125 18.94 25.88 66.02
CA HIS L 125 19.48 24.66 65.44
C HIS L 125 18.73 24.18 64.20
N MET L 126 17.51 24.63 63.96
CA MET L 126 16.88 24.44 62.65
C MET L 126 16.99 25.67 61.78
N GLY L 127 17.76 26.67 62.20
CA GLY L 127 17.63 27.99 61.65
C GLY L 127 16.78 28.85 62.54
N LEU L 128 17.05 30.15 62.49
CA LEU L 128 16.37 31.11 63.36
C LEU L 128 15.20 31.73 62.60
N MET L 129 14.01 31.59 63.16
CA MET L 129 12.83 32.27 62.68
C MET L 129 12.36 33.27 63.72
N LEU L 130 11.25 33.95 63.42
CA LEU L 130 10.67 34.90 64.36
C LEU L 130 9.16 34.80 64.28
N ALA L 131 8.51 34.73 65.45
CA ALA L 131 7.06 34.63 65.53
C ALA L 131 6.50 35.85 66.23
N THR L 132 5.47 36.45 65.64
CA THR L 132 4.74 37.55 66.25
C THR L 132 3.25 37.24 66.33
N CYS L 133 2.70 37.40 67.51
CA CYS L 133 1.29 37.15 67.74
C CYS L 133 0.59 38.45 68.06
N SER L 134 -0.64 38.59 67.58
CA SER L 134 -1.39 39.82 67.83
C SER L 134 -2.71 39.47 68.49
N ALA L 135 -3.29 40.46 69.16
CA ALA L 135 -4.60 40.32 69.82
C ALA L 135 -5.70 40.04 68.81
N ASP L 136 -5.34 39.94 67.53
CA ASP L 136 -6.25 39.58 66.46
C ASP L 136 -6.51 38.08 66.39
N GLY L 137 -5.88 37.29 67.24
CA GLY L 137 -5.96 35.85 67.10
C GLY L 137 -5.18 35.33 65.92
N VAL L 138 -4.11 36.02 65.53
CA VAL L 138 -3.30 35.64 64.38
C VAL L 138 -1.84 35.70 64.76
N VAL L 139 -1.07 34.74 64.27
CA VAL L 139 0.37 34.68 64.47
C VAL L 139 1.04 34.66 63.10
N ARG L 140 2.20 35.30 63.03
CA ARG L 140 2.95 35.49 61.80
C ARG L 140 4.35 34.94 62.03
N ILE L 141 4.85 34.18 61.05
CA ILE L 141 6.08 33.41 61.18
C ILE L 141 6.97 33.79 60.04
N TYR L 142 8.02 34.54 60.32
CA TYR L 142 8.97 34.95 59.31
C TYR L 142 10.29 34.20 59.50
N GLU L 143 11.01 34.04 58.40
CA GLU L 143 12.41 33.61 58.42
C GLU L 143 13.19 34.53 57.50
N ALA L 144 14.51 34.61 57.71
CA ALA L 144 15.34 35.44 56.85
C ALA L 144 15.97 34.56 55.77
N PRO L 145 15.47 34.60 54.53
CA PRO L 145 16.16 33.89 53.46
C PRO L 145 17.58 34.41 53.28
N ASP L 146 17.74 35.72 53.46
CA ASP L 146 19.06 36.33 53.37
C ASP L 146 19.84 36.09 54.66
N VAL L 147 20.99 35.43 54.53
CA VAL L 147 21.82 35.12 55.70
C VAL L 147 22.83 36.24 55.89
N MET L 148 22.60 37.36 55.21
CA MET L 148 23.50 38.50 55.30
C MET L 148 22.78 39.83 55.52
N ASN L 149 21.50 39.93 55.17
CA ASN L 149 20.73 41.15 55.40
C ASN L 149 20.00 41.04 56.72
N LEU L 150 20.04 42.11 57.50
CA LEU L 150 19.39 42.12 58.81
C LEU L 150 18.02 42.77 58.74
N SER L 151 17.62 43.26 57.57
CA SER L 151 16.30 43.84 57.39
C SER L 151 15.39 42.96 56.56
N GLN L 152 15.82 41.76 56.20
CA GLN L 152 15.05 40.85 55.36
C GLN L 152 14.23 39.92 56.23
N TRP L 153 12.92 39.85 55.96
CA TRP L 153 12.07 38.82 56.56
C TRP L 153 11.04 38.38 55.54
N SER L 154 11.00 37.08 55.27
CA SER L 154 9.99 36.48 54.43
C SER L 154 9.02 35.74 55.32
N LEU L 155 7.74 36.02 55.14
CA LEU L 155 6.71 35.46 56.01
C LEU L 155 6.36 34.05 55.54
N GLN L 156 7.00 33.06 56.14
CA GLN L 156 6.70 31.67 55.87
C GLN L 156 5.27 31.31 56.22
N HIS L 157 4.77 31.77 57.36
CA HIS L 157 3.52 31.22 57.85
C HIS L 157 2.68 32.27 58.55
N GLU L 158 1.38 32.01 58.61
CA GLU L 158 0.46 32.70 59.52
C GLU L 158 -0.62 31.72 59.93
N ILE L 159 -1.00 31.78 61.19
CA ILE L 159 -2.08 30.95 61.70
C ILE L 159 -3.13 31.87 62.31
N SER L 160 -4.38 31.68 61.91
CA SER L 160 -5.50 32.34 62.54
C SER L 160 -5.93 31.50 63.74
N CYS L 161 -5.73 32.04 64.94
CA CYS L 161 -5.92 31.26 66.15
C CYS L 161 -7.37 31.15 66.57
N LYS L 162 -8.27 31.96 65.99
CA LYS L 162 -9.69 32.04 66.33
C LYS L 162 -9.88 32.43 67.79
N LEU L 163 -8.77 32.69 68.48
CA LEU L 163 -8.76 33.20 69.85
C LEU L 163 -7.66 34.25 69.96
N SER L 164 -7.99 35.37 70.58
CA SER L 164 -7.04 36.48 70.70
C SER L 164 -5.74 35.99 71.36
N CYS L 165 -4.63 36.21 70.65
CA CYS L 165 -3.33 35.72 71.09
C CYS L 165 -2.90 36.47 72.35
N SER L 166 -2.32 35.74 73.30
CA SER L 166 -1.73 36.33 74.49
C SER L 166 -0.31 35.84 74.77
N CYS L 167 -0.04 34.54 74.56
CA CYS L 167 1.29 34.00 74.79
C CYS L 167 1.52 32.85 73.85
N ILE L 168 2.72 32.81 73.29
CA ILE L 168 3.13 31.78 72.33
C ILE L 168 4.49 31.26 72.80
N SER L 169 4.81 30.02 72.41
CA SER L 169 6.07 29.43 72.84
C SER L 169 6.50 28.31 71.90
N TRP L 170 7.80 28.29 71.61
CA TRP L 170 8.39 27.37 70.66
C TRP L 170 8.49 25.97 71.25
N ASN L 171 8.53 24.96 70.39
CA ASN L 171 8.76 23.60 70.83
C ASN L 171 10.23 23.22 70.62
N PRO L 172 10.98 22.93 71.68
CA PRO L 172 12.39 22.55 71.50
C PRO L 172 12.52 21.28 70.66
N SER L 173 13.51 21.31 69.76
CA SER L 173 13.83 20.17 68.92
C SER L 173 15.27 19.72 69.20
N SER L 174 15.43 18.45 69.54
CA SER L 174 16.75 17.91 69.81
C SER L 174 16.87 16.50 69.25
N SER L 175 16.16 16.21 68.17
CA SER L 175 16.17 14.88 67.59
C SER L 175 16.17 14.98 66.08
N ARG L 176 16.69 13.93 65.43
CA ARG L 176 16.75 13.86 63.98
C ARG L 176 15.39 13.54 63.38
N ALA L 177 14.38 13.28 64.21
CA ALA L 177 13.02 13.07 63.75
C ALA L 177 12.04 14.05 64.38
N HIS L 178 12.48 14.90 65.29
CA HIS L 178 11.61 15.89 65.93
C HIS L 178 11.42 17.07 65.01
N SER L 179 10.18 17.45 64.78
CA SER L 179 9.92 18.69 64.09
C SER L 179 9.20 19.67 65.03
N PRO L 180 9.55 20.95 64.97
CA PRO L 180 9.02 21.90 65.96
C PRO L 180 7.52 22.17 65.90
N MET L 181 7.07 22.92 66.90
CA MET L 181 5.67 23.10 67.23
C MET L 181 5.51 24.42 67.99
N ILE L 182 4.28 24.87 68.15
CA ILE L 182 3.97 26.13 68.82
C ILE L 182 2.82 25.91 69.78
N ALA L 183 2.99 26.37 71.01
CA ALA L 183 1.91 26.36 71.99
C ALA L 183 1.43 27.78 72.20
N VAL L 184 0.12 27.95 72.34
CA VAL L 184 -0.47 29.27 72.42
C VAL L 184 -1.53 29.26 73.52
N GLY L 185 -1.31 30.08 74.54
CA GLY L 185 -2.34 30.33 75.53
C GLY L 185 -2.99 31.69 75.32
N SER L 186 -4.30 31.74 75.54
CA SER L 186 -5.09 32.92 75.20
C SER L 186 -5.60 33.60 76.47
N ASP L 187 -5.45 34.92 76.51
CA ASP L 187 -5.94 35.73 77.62
C ASP L 187 -7.46 35.74 77.74
N ASP L 188 -8.16 35.01 76.87
CA ASP L 188 -9.61 34.98 76.92
C ASP L 188 -10.09 34.33 78.21
N SER L 189 -11.09 34.93 78.83
CA SER L 189 -11.64 34.46 80.09
C SER L 189 -13.14 34.24 80.04
N SER L 190 -13.71 34.05 78.86
CA SER L 190 -15.14 33.83 78.74
C SER L 190 -15.51 32.46 79.30
N PRO L 191 -16.48 32.38 80.21
CA PRO L 191 -16.79 31.10 80.84
C PRO L 191 -17.70 30.23 79.99
N ASN L 192 -17.40 30.15 78.71
CA ASN L 192 -18.16 29.29 77.79
C ASN L 192 -17.20 28.69 76.79
N ILE L 193 -15.93 29.05 76.91
CA ILE L 193 -14.88 28.56 76.03
C ILE L 193 -14.01 27.63 76.86
N MET L 194 -13.85 26.41 76.39
CA MET L 194 -13.24 25.36 77.19
C MET L 194 -11.92 24.95 76.56
N GLY L 195 -10.81 25.36 77.19
CA GLY L 195 -9.50 25.11 76.60
C GLY L 195 -8.94 26.35 75.93
N LYS L 196 -8.05 27.06 76.62
CA LYS L 196 -7.51 28.31 76.12
C LYS L 196 -6.13 28.16 75.49
N VAL L 197 -5.62 26.94 75.36
CA VAL L 197 -4.29 26.70 74.82
C VAL L 197 -4.40 25.75 73.63
N GLN L 198 -3.76 26.11 72.54
CA GLN L 198 -3.77 25.35 71.30
C GLN L 198 -2.34 25.03 70.88
N ILE L 199 -2.21 23.98 70.09
CA ILE L 199 -0.93 23.36 69.77
C ILE L 199 -0.87 23.10 68.28
N TYR L 200 0.13 23.67 67.61
CA TYR L 200 0.25 23.49 66.17
C TYR L 200 1.68 23.12 65.82
N GLU L 201 1.86 21.95 65.20
CA GLU L 201 3.18 21.43 64.91
C GLU L 201 3.39 21.42 63.40
N TYR L 202 4.61 21.71 62.96
CA TYR L 202 4.89 21.67 61.54
C TYR L 202 4.80 20.24 61.02
N ASN L 203 3.64 19.88 60.47
CA ASN L 203 3.48 18.62 59.75
C ASN L 203 4.47 18.67 58.59
N GLU L 204 5.55 17.92 58.70
CA GLU L 204 6.55 17.91 57.65
C GLU L 204 5.99 17.32 56.37
N ASN L 205 5.11 16.32 56.49
CA ASN L 205 4.63 15.61 55.32
C ASN L 205 3.96 16.57 54.34
N THR L 206 3.08 17.41 54.84
CA THR L 206 2.52 18.48 54.04
C THR L 206 3.47 19.65 53.89
N ARG L 207 4.60 19.61 54.59
CA ARG L 207 5.58 20.68 54.58
C ARG L 207 5.00 21.95 55.16
N LYS L 208 4.08 21.83 56.12
CA LYS L 208 3.46 23.01 56.71
C LYS L 208 2.87 22.60 58.05
N TYR L 209 2.57 23.60 58.88
CA TYR L 209 1.95 23.30 60.17
C TYR L 209 0.61 22.62 60.00
N ALA L 210 0.36 21.62 60.83
CA ALA L 210 -0.97 21.14 61.10
C ALA L 210 -1.17 21.20 62.61
N LYS L 211 -2.41 21.44 63.03
CA LYS L 211 -2.70 21.48 64.45
C LYS L 211 -2.39 20.11 65.06
N ALA L 212 -1.50 20.09 66.05
CA ALA L 212 -1.18 18.84 66.70
C ALA L 212 -2.18 18.53 67.81
N GLU L 213 -2.43 19.49 68.70
CA GLU L 213 -3.35 19.30 69.81
C GLU L 213 -4.07 20.60 70.13
N THR L 214 -5.16 20.45 70.86
CA THR L 214 -5.73 21.53 71.67
C THR L 214 -6.17 20.89 72.97
N LEU L 215 -5.91 21.56 74.09
CA LEU L 215 -6.15 20.94 75.39
C LEU L 215 -7.34 21.60 76.08
N MET L 216 -8.27 20.74 76.47
CA MET L 216 -9.39 21.14 77.29
C MET L 216 -8.90 21.40 78.71
N SER L 217 -9.84 21.48 79.64
CA SER L 217 -9.55 21.66 81.06
C SER L 217 -8.95 23.03 81.30
N VAL L 218 -9.11 23.95 80.34
CA VAL L 218 -8.61 25.31 80.46
C VAL L 218 -9.77 26.26 80.25
N SER L 219 -9.94 27.20 81.16
CA SER L 219 -10.91 28.26 80.93
C SER L 219 -10.44 29.62 81.44
N ASP L 220 -9.20 29.74 81.93
CA ASP L 220 -8.68 30.93 82.58
C ASP L 220 -7.96 31.83 81.57
N PRO L 221 -7.90 33.14 81.84
CA PRO L 221 -7.13 34.02 80.96
C PRO L 221 -5.64 33.75 81.09
N VAL L 222 -5.05 33.25 80.01
CA VAL L 222 -3.70 32.70 80.03
C VAL L 222 -2.69 33.84 80.06
N HIS L 223 -1.72 33.74 80.97
CA HIS L 223 -0.67 34.72 81.11
C HIS L 223 0.74 34.20 80.86
N ASP L 224 1.00 32.92 81.09
CA ASP L 224 2.35 32.40 80.89
C ASP L 224 2.31 30.89 80.65
N ILE L 225 3.14 30.45 79.70
CA ILE L 225 3.29 29.04 79.35
C ILE L 225 4.77 28.74 79.26
N ALA L 226 5.17 27.52 79.66
CA ALA L 226 6.58 27.17 79.75
C ALA L 226 6.82 25.73 79.30
N PHE L 227 7.59 25.59 78.23
CA PHE L 227 8.00 24.29 77.72
C PHE L 227 9.08 23.65 78.56
N ALA L 228 9.12 22.32 78.54
CA ALA L 228 10.26 21.59 79.02
C ALA L 228 11.41 21.66 78.02
N PRO L 229 12.65 21.79 78.48
CA PRO L 229 13.79 21.51 77.61
C PRO L 229 13.69 20.10 77.06
N ASN L 230 13.91 19.95 75.75
CA ASN L 230 13.60 18.68 75.08
C ASN L 230 14.40 17.53 75.66
N LEU L 231 15.73 17.63 75.62
CA LEU L 231 16.65 16.61 76.14
C LEU L 231 16.31 15.26 75.50
N GLY L 232 16.72 14.16 76.12
CA GLY L 232 16.48 12.86 75.53
C GLY L 232 15.10 12.31 75.85
N ARG L 233 14.42 12.89 76.83
CA ARG L 233 13.09 12.43 77.20
C ARG L 233 12.10 12.67 76.07
N SER L 234 11.43 11.61 75.63
CA SER L 234 10.40 11.76 74.60
C SER L 234 9.24 12.58 75.12
N PHE L 235 8.78 12.28 76.34
CA PHE L 235 7.71 13.04 76.97
C PHE L 235 8.12 14.47 77.22
N HIS L 236 7.15 15.37 77.27
CA HIS L 236 7.38 16.78 77.47
C HIS L 236 6.50 17.30 78.61
N ILE L 237 6.92 18.41 79.21
CA ILE L 237 6.23 18.98 80.35
C ILE L 237 5.88 20.43 80.07
N LEU L 238 4.72 20.85 80.53
CA LEU L 238 4.27 22.22 80.35
C LEU L 238 3.86 22.80 81.69
N ALA L 239 4.27 24.05 81.94
CA ALA L 239 3.73 24.79 83.07
C ALA L 239 2.90 25.97 82.58
N VAL L 240 1.84 26.28 83.33
CA VAL L 240 0.84 27.26 82.95
C VAL L 240 0.55 28.14 84.16
N ALA L 241 0.65 29.46 83.96
CA ALA L 241 0.31 30.46 84.96
C ALA L 241 -0.70 31.43 84.36
N THR L 242 -1.98 31.22 84.68
CA THR L 242 -3.01 32.12 84.21
C THR L 242 -3.64 32.84 85.40
N LYS L 243 -4.26 32.04 86.26
CA LYS L 243 -4.72 32.44 87.57
C LYS L 243 -4.42 31.34 88.57
N ASP L 244 -3.88 30.22 88.09
CA ASP L 244 -3.60 29.03 88.86
C ASP L 244 -2.18 28.56 88.52
N VAL L 245 -1.84 27.37 88.99
CA VAL L 245 -0.54 26.76 88.73
C VAL L 245 -0.78 25.37 88.17
N ARG L 246 -0.66 25.22 86.85
CA ARG L 246 -0.94 23.94 86.20
C ARG L 246 0.34 23.40 85.56
N ILE L 247 0.52 22.09 85.66
CA ILE L 247 1.67 21.43 85.07
C ILE L 247 1.21 20.11 84.48
N PHE L 248 1.68 19.81 83.27
CA PHE L 248 1.14 18.76 82.43
C PHE L 248 2.26 17.90 81.87
N THR L 249 2.00 16.60 81.80
CA THR L 249 2.91 15.60 81.24
C THR L 249 2.36 15.06 79.93
N MET L 250 3.20 15.00 78.90
CA MET L 250 2.77 14.73 77.54
C MET L 250 3.69 13.67 76.94
N LYS L 251 3.26 12.42 76.97
CA LYS L 251 4.10 11.36 76.41
C LYS L 251 3.73 11.15 74.95
N PRO L 252 4.69 11.25 74.02
CA PRO L 252 4.40 10.88 72.63
C PRO L 252 4.36 9.36 72.47
N LEU L 253 3.17 8.84 72.17
CA LEU L 253 3.01 7.39 71.95
C LEU L 253 3.50 7.02 70.56
N ARG L 254 2.83 7.53 69.53
CA ARG L 254 3.19 7.25 68.15
C ARG L 254 2.30 8.13 67.28
N LYS L 255 2.80 8.45 66.08
CA LYS L 255 2.06 9.31 65.17
C LYS L 255 2.07 8.70 63.78
N GLU L 256 1.01 9.00 63.03
CA GLU L 256 0.94 8.54 61.65
C GLU L 256 2.06 9.17 60.84
N LEU L 257 2.70 8.35 60.02
CA LEU L 257 3.90 8.75 59.32
C LEU L 257 3.67 9.86 58.30
N SER L 258 2.44 10.02 57.83
CA SER L 258 2.11 11.06 56.86
C SER L 258 1.19 12.12 57.44
N SER L 259 0.63 11.90 58.62
CA SER L 259 -0.25 12.86 59.26
C SER L 259 0.27 13.18 60.66
N SER L 260 1.59 13.21 60.80
CA SER L 260 2.20 13.40 62.11
C SER L 260 1.83 14.73 62.74
N GLY L 261 1.85 15.82 61.97
CA GLY L 261 1.53 17.12 62.53
C GLY L 261 0.04 17.35 62.65
N GLY L 262 -0.75 16.50 62.01
CA GLY L 262 -2.19 16.61 62.08
C GLY L 262 -2.76 15.84 63.24
N VAL L 263 -2.36 14.58 63.39
CA VAL L 263 -2.82 13.73 64.48
C VAL L 263 -1.63 13.40 65.37
N THR L 264 -1.82 13.53 66.67
CA THR L 264 -0.78 13.24 67.65
C THR L 264 -1.37 12.42 68.78
N LYS L 265 -0.68 11.35 69.15
CA LYS L 265 -1.02 10.55 70.31
C LYS L 265 -0.15 11.02 71.46
N PHE L 266 -0.72 11.87 72.32
CA PHE L 266 -0.08 12.32 73.53
C PHE L 266 -0.84 11.79 74.75
N GLU L 267 -0.13 11.05 75.57
CA GLU L 267 -0.60 10.73 76.91
C GLU L 267 -0.50 12.01 77.73
N ILE L 268 -1.63 12.68 77.89
CA ILE L 268 -1.70 14.02 78.45
C ILE L 268 -2.19 13.92 79.89
N HIS L 269 -1.52 14.63 80.79
CA HIS L 269 -1.73 14.42 82.22
C HIS L 269 -1.65 15.73 82.97
N THR L 270 -2.75 16.07 83.64
CA THR L 270 -2.78 17.19 84.57
C THR L 270 -2.01 16.80 85.82
N VAL L 271 -0.69 17.00 85.82
CA VAL L 271 0.13 16.35 86.84
C VAL L 271 0.41 17.22 88.06
N ALA L 272 0.32 18.54 87.96
CA ALA L 272 0.60 19.36 89.14
C ALA L 272 -0.32 20.56 89.17
N GLN L 273 -1.01 20.72 90.29
CA GLN L 273 -2.09 21.69 90.37
C GLN L 273 -2.01 22.42 91.71
N PHE L 274 -1.74 23.72 91.66
CA PHE L 274 -1.51 24.53 92.85
C PHE L 274 -2.20 25.86 92.68
N ASP L 275 -3.22 26.12 93.48
CA ASP L 275 -3.99 27.35 93.40
C ASP L 275 -3.61 28.32 94.52
N ASN L 276 -2.40 28.17 95.07
CA ASN L 276 -2.05 28.78 96.34
C ASN L 276 -1.77 30.27 96.25
N HIS L 277 -1.62 30.83 95.05
CA HIS L 277 -1.29 32.25 94.91
C HIS L 277 -2.44 33.13 95.39
N ASN L 278 -3.67 32.72 95.12
CA ASN L 278 -4.90 33.45 95.45
C ASN L 278 -5.06 34.72 94.62
N SER L 279 -4.39 34.81 93.47
CA SER L 279 -4.53 35.97 92.59
C SER L 279 -4.24 35.52 91.16
N GLN L 280 -4.17 36.49 90.25
CA GLN L 280 -3.83 36.18 88.88
C GLN L 280 -2.37 35.75 88.79
N VAL L 281 -2.16 34.45 88.64
CA VAL L 281 -0.82 33.89 88.54
C VAL L 281 -0.27 34.28 87.18
N TRP L 282 0.54 35.32 87.16
CA TRP L 282 1.02 35.85 85.89
C TRP L 282 2.00 34.92 85.19
N ARG L 283 2.94 34.33 85.92
CA ARG L 283 4.18 33.90 85.28
C ARG L 283 4.66 32.56 85.81
N VAL L 284 5.28 31.77 84.93
CA VAL L 284 6.07 30.61 85.30
C VAL L 284 7.43 30.69 84.61
N SER L 285 8.48 30.36 85.36
CA SER L 285 9.83 30.31 84.81
C SER L 285 10.52 29.07 85.33
N TRP L 286 11.32 28.43 84.49
CA TRP L 286 11.92 27.17 84.88
C TRP L 286 13.45 27.27 84.96
N ASN L 287 14.03 26.26 85.57
CA ASN L 287 15.47 26.07 85.53
C ASN L 287 15.95 26.04 84.08
N ILE L 288 17.25 26.24 83.92
CA ILE L 288 17.86 26.06 82.61
C ILE L 288 17.64 24.63 82.10
N THR L 289 17.56 23.65 82.99
CA THR L 289 17.11 22.31 82.62
C THR L 289 15.59 22.20 82.68
N GLY L 290 14.92 23.27 83.10
CA GLY L 290 13.49 23.20 83.33
C GLY L 290 13.12 22.29 84.47
N THR L 291 13.85 22.39 85.58
CA THR L 291 13.71 21.45 86.67
C THR L 291 13.43 22.09 88.03
N VAL L 292 13.46 23.42 88.13
CA VAL L 292 12.95 24.12 89.30
C VAL L 292 11.99 25.20 88.83
N LEU L 293 10.90 25.37 89.55
CA LEU L 293 9.84 26.27 89.15
C LEU L 293 9.84 27.54 89.98
N ALA L 294 9.64 28.67 89.32
CA ALA L 294 9.28 29.91 89.97
C ALA L 294 7.96 30.41 89.39
N SER L 295 6.99 30.67 90.26
CA SER L 295 5.65 31.05 89.86
C SER L 295 5.27 32.37 90.49
N SER L 296 4.77 33.29 89.66
CA SER L 296 4.44 34.63 90.10
C SER L 296 2.96 34.92 89.90
N GLY L 297 2.35 35.48 90.94
CA GLY L 297 0.94 35.83 90.91
C GLY L 297 0.75 37.34 90.92
N ASP L 298 -0.52 37.76 90.88
CA ASP L 298 -0.88 39.16 90.88
C ASP L 298 -0.85 39.78 92.27
N ASP L 299 -0.68 38.98 93.31
CA ASP L 299 -0.61 39.47 94.68
C ASP L 299 0.79 39.88 95.09
N GLY L 300 1.73 39.93 94.14
CA GLY L 300 3.11 40.16 94.48
C GLY L 300 3.77 39.04 95.24
N THR L 301 3.42 37.79 94.92
CA THR L 301 4.04 36.64 95.57
C THR L 301 4.54 35.64 94.53
N VAL L 302 5.71 35.07 94.84
CA VAL L 302 6.37 34.09 93.99
C VAL L 302 6.63 32.84 94.81
N ARG L 303 6.33 31.68 94.23
CA ARG L 303 6.53 30.40 94.86
C ARG L 303 7.58 29.61 94.09
N LEU L 304 8.43 28.92 94.83
CA LEU L 304 9.56 28.18 94.28
C LEU L 304 9.26 26.70 94.47
N TRP L 305 9.63 25.88 93.50
CA TRP L 305 9.13 24.52 93.42
C TRP L 305 10.23 23.55 93.04
N LYS L 306 10.30 22.46 93.80
CA LYS L 306 11.08 21.27 93.45
C LYS L 306 10.18 20.05 93.36
N ALA L 307 10.49 19.16 92.42
CA ALA L 307 9.82 17.87 92.35
C ALA L 307 10.64 16.83 93.11
N ASN L 308 9.96 16.00 93.88
CA ASN L 308 10.56 15.21 94.94
C ASN L 308 11.06 13.87 94.39
N TYR L 309 11.43 12.97 95.30
CA TYR L 309 11.84 11.62 94.94
C TYR L 309 10.82 10.95 94.05
N MET L 310 9.55 11.32 94.21
CA MET L 310 8.46 10.83 93.36
C MET L 310 8.03 11.85 92.32
N ASP L 311 8.90 12.78 91.93
CA ASP L 311 8.60 13.73 90.86
C ASP L 311 7.49 14.69 91.24
N ASN L 312 7.14 14.74 92.52
CA ASN L 312 5.98 15.51 92.97
C ASN L 312 6.40 16.93 93.25
N TRP L 313 5.67 17.88 92.69
CA TRP L 313 6.10 19.26 92.62
C TRP L 313 5.62 20.00 93.86
N LYS L 314 6.50 20.78 94.45
CA LYS L 314 6.18 21.38 95.73
C LYS L 314 6.80 22.76 95.86
N CYS L 315 6.07 23.63 96.57
CA CYS L 315 6.52 24.98 96.82
C CYS L 315 7.65 24.98 97.82
N ILE L 316 8.88 25.17 97.34
CA ILE L 316 10.05 25.18 98.20
C ILE L 316 10.38 26.57 98.73
N GLY L 317 9.52 27.56 98.51
CA GLY L 317 9.78 28.88 99.03
C GLY L 317 8.75 29.91 98.59
N VAL L 318 8.52 30.92 99.43
CA VAL L 318 7.54 31.95 99.14
C VAL L 318 8.18 33.31 99.35
N LEU L 319 8.15 34.15 98.32
CA LEU L 319 8.70 35.50 98.38
C LEU L 319 7.57 36.48 98.13
N LYS L 320 7.41 37.44 99.02
CA LYS L 320 6.40 38.47 98.82
C LYS L 320 7.02 39.70 98.16
N GLY L 321 6.33 40.20 97.14
CA GLY L 321 6.68 41.47 96.55
C GLY L 321 5.90 42.57 97.23
N ASP L 322 4.82 42.17 97.90
CA ASP L 322 4.04 43.08 98.74
C ASP L 322 4.35 42.90 100.22
N GLY L 323 5.41 42.18 100.54
CA GLY L 323 5.84 42.00 101.92
C GLY L 323 7.25 41.47 101.96
N ASN L 324 7.68 41.08 103.16
CA ASN L 324 9.03 40.56 103.22
C ASN L 324 9.03 39.06 102.96
N PRO L 325 10.05 38.54 102.28
CA PRO L 325 10.07 37.11 101.95
C PRO L 325 10.16 36.21 103.18
N VAL L 326 9.80 34.95 103.03
CA VAL L 326 10.01 33.98 104.09
C VAL L 326 11.51 33.73 104.22
N GLY L 327 11.94 33.40 105.43
CA GLY L 327 13.38 33.33 105.70
C GLY L 327 14.04 32.18 104.98
N ASN L 328 15.37 32.30 104.82
CA ASN L 328 16.19 31.22 104.28
C ASN L 328 16.44 30.15 105.33
N SER L 329 16.71 28.92 104.89
CA SER L 329 16.89 27.80 105.79
C SER L 329 17.79 26.73 105.17
N TYR L 330 18.56 26.03 106.01
CA TYR L 330 19.30 24.83 105.61
C TYR L 330 19.25 23.73 106.67
N GLN L 331 18.37 23.85 107.65
CA GLN L 331 18.26 22.86 108.71
C GLN L 331 16.82 22.42 108.84
N GLY L 332 16.45 21.39 108.10
CA GLY L 332 15.13 20.80 108.22
C GLY L 332 15.17 19.49 108.98
N PHE L 333 15.10 18.37 108.27
CA PHE L 333 15.23 17.06 108.89
C PHE L 333 16.60 16.44 108.60
N SER M 39 108.55 5.93 -79.89
CA SER M 39 107.29 5.94 -80.63
C SER M 39 106.20 5.19 -79.87
N VAL M 40 105.08 5.87 -79.63
CA VAL M 40 103.97 5.28 -78.89
C VAL M 40 102.70 6.02 -79.29
N ASN M 41 101.58 5.27 -79.37
CA ASN M 41 100.32 5.86 -79.76
C ASN M 41 99.56 6.28 -78.50
N LEU M 42 99.14 5.33 -77.66
CA LEU M 42 98.49 5.66 -76.40
C LEU M 42 98.55 4.46 -75.47
N GLU M 43 99.34 4.56 -74.41
CA GLU M 43 99.41 3.55 -73.37
C GLU M 43 100.01 4.17 -72.12
N ARG M 44 99.45 3.80 -70.97
CA ARG M 44 99.86 4.35 -69.68
C ARG M 44 100.19 3.23 -68.71
N SER M 45 101.02 3.54 -67.73
CA SER M 45 101.29 2.61 -66.65
C SER M 45 100.06 2.43 -65.77
N TYR M 46 99.81 1.18 -65.36
CA TYR M 46 98.63 0.84 -64.59
C TYR M 46 99.00 0.51 -63.16
N MET M 47 97.98 0.37 -62.31
CA MET M 47 98.15 0.08 -60.89
C MET M 47 97.36 -1.17 -60.51
N GLU M 48 97.87 -1.89 -59.51
CA GLU M 48 97.18 -3.07 -58.98
C GLU M 48 96.23 -2.67 -57.86
N LEU M 49 95.04 -3.25 -57.85
CA LEU M 49 94.00 -2.96 -56.88
C LEU M 49 93.48 -4.27 -56.31
N ILE M 50 93.38 -4.35 -54.99
CA ILE M 50 92.94 -5.59 -54.34
C ILE M 50 91.42 -5.66 -54.43
N GLY M 51 90.90 -6.68 -55.10
CA GLY M 51 89.48 -6.93 -55.20
C GLY M 51 89.00 -8.02 -54.26
N ALA M 52 88.11 -8.86 -54.78
CA ALA M 52 87.59 -10.03 -54.07
C ALA M 52 86.91 -9.65 -52.75
N GLU M 53 86.08 -8.62 -52.78
CA GLU M 53 85.18 -8.25 -51.69
C GLU M 53 85.92 -7.67 -50.49
N ARG M 54 85.21 -6.86 -49.69
CA ARG M 54 85.72 -6.36 -48.42
C ARG M 54 85.25 -7.21 -47.24
N GLU M 55 84.64 -8.36 -47.51
CA GLU M 55 84.12 -9.24 -46.48
C GLU M 55 85.15 -10.30 -46.14
N THR M 56 85.24 -10.65 -44.84
CA THR M 56 86.10 -11.75 -44.43
C THR M 56 85.50 -13.11 -44.75
N SER M 57 84.21 -13.16 -45.09
CA SER M 57 83.59 -14.41 -45.50
C SER M 57 83.62 -14.54 -47.01
N ARG M 58 84.08 -15.69 -47.50
CA ARG M 58 84.22 -15.96 -48.92
C ARG M 58 83.23 -17.04 -49.33
N ARG M 59 82.91 -17.07 -50.63
CA ARG M 59 81.95 -18.03 -51.16
C ARG M 59 82.41 -19.46 -50.94
N ASN M 60 81.49 -20.31 -50.49
CA ASN M 60 81.82 -21.71 -50.30
C ASN M 60 82.02 -22.40 -51.66
N PHE M 61 82.73 -23.52 -51.62
CA PHE M 61 83.03 -24.29 -52.81
C PHE M 61 82.30 -25.63 -52.75
N ARG M 62 81.56 -25.95 -53.80
CA ARG M 62 80.83 -27.21 -53.88
C ARG M 62 81.85 -28.33 -54.06
N ASP M 63 82.15 -29.02 -52.97
CA ASP M 63 83.23 -30.01 -52.98
C ASP M 63 82.84 -31.20 -53.84
N LEU M 64 83.41 -31.27 -55.03
CA LEU M 64 83.19 -32.36 -55.97
C LEU M 64 84.53 -32.98 -56.34
N SER M 65 84.63 -34.29 -56.20
CA SER M 65 85.86 -35.01 -56.51
C SER M 65 85.58 -35.96 -57.67
N LEU M 66 86.35 -35.80 -58.75
CA LEU M 66 86.24 -36.65 -59.93
C LEU M 66 87.35 -37.69 -59.90
N ARG M 67 87.01 -38.94 -60.24
CA ARG M 67 87.97 -40.02 -60.11
C ARG M 67 88.39 -40.49 -61.49
N PRO M 68 89.59 -40.13 -61.97
CA PRO M 68 90.13 -40.82 -63.16
C PRO M 68 90.62 -42.19 -62.77
N ASP M 69 90.78 -43.09 -63.75
CA ASP M 69 91.30 -44.43 -63.48
C ASP M 69 92.81 -44.50 -63.62
N VAL M 70 93.45 -43.45 -64.14
CA VAL M 70 94.90 -43.40 -64.31
C VAL M 70 95.37 -42.02 -63.89
N SER M 71 96.66 -41.93 -63.54
CA SER M 71 97.23 -40.69 -63.08
C SER M 71 98.34 -40.24 -64.02
N LEU M 72 98.92 -39.08 -63.71
CA LEU M 72 99.98 -38.47 -64.49
C LEU M 72 101.20 -39.38 -64.60
N VAL M 73 102.12 -39.04 -65.50
CA VAL M 73 103.38 -39.74 -65.66
C VAL M 73 104.48 -38.84 -65.11
N ILE M 74 105.34 -39.40 -64.26
CA ILE M 74 106.48 -38.66 -63.72
C ILE M 74 107.67 -38.81 -64.65
N GLY M 75 108.66 -37.95 -64.48
CA GLY M 75 109.85 -37.96 -65.29
C GLY M 75 110.07 -36.75 -66.17
N GLY M 76 109.48 -35.60 -65.82
CA GLY M 76 109.61 -34.40 -66.61
C GLY M 76 109.17 -33.16 -65.85
N PRO M 77 108.84 -32.10 -66.58
CA PRO M 77 108.40 -30.87 -65.91
C PRO M 77 107.11 -31.08 -65.13
N LYS M 78 106.99 -30.38 -64.01
CA LYS M 78 105.80 -30.46 -63.17
C LYS M 78 104.60 -29.84 -63.88
N TYR M 79 103.40 -30.25 -63.47
CA TYR M 79 102.17 -29.77 -64.09
C TYR M 79 101.25 -29.04 -63.12
N SER M 80 101.53 -29.09 -61.82
CA SER M 80 100.72 -28.39 -60.84
C SER M 80 100.93 -26.89 -60.97
N ASP M 81 100.25 -26.14 -60.10
CA ASP M 81 100.39 -24.69 -60.03
C ASP M 81 100.11 -24.01 -61.36
N CYS M 82 98.88 -24.13 -61.84
CA CYS M 82 98.46 -23.40 -63.03
C CYS M 82 97.15 -22.68 -62.72
N ALA M 83 96.74 -21.83 -63.64
CA ALA M 83 95.49 -21.09 -63.50
C ALA M 83 95.12 -20.47 -64.83
N GLY M 84 93.90 -19.97 -64.91
CA GLY M 84 93.44 -19.37 -66.14
C GLY M 84 92.09 -18.71 -65.93
N GLY M 85 91.56 -18.15 -67.02
CA GLY M 85 90.28 -17.47 -66.98
C GLY M 85 89.65 -17.37 -68.35
N TYR M 86 88.33 -17.20 -68.34
CA TYR M 86 87.53 -17.00 -69.54
C TYR M 86 86.56 -15.86 -69.29
N CYS M 87 86.60 -14.86 -70.17
CA CYS M 87 85.72 -13.70 -70.10
C CYS M 87 84.60 -13.86 -71.11
N TYR M 88 83.36 -13.66 -70.65
CA TYR M 88 82.21 -13.83 -71.53
C TYR M 88 82.17 -12.76 -72.60
N ASN M 89 82.03 -13.19 -73.85
CA ASN M 89 81.82 -12.28 -74.97
C ASN M 89 80.43 -11.66 -74.94
N GLU M 90 79.52 -12.22 -74.15
CA GLU M 90 78.19 -11.66 -73.96
C GLU M 90 78.18 -10.58 -72.90
N SER M 91 79.32 -10.31 -72.26
CA SER M 91 79.40 -9.23 -71.29
C SER M 91 79.14 -7.89 -71.97
N GLY M 92 78.59 -6.96 -71.21
CA GLY M 92 78.13 -5.71 -71.75
C GLY M 92 76.62 -5.69 -71.92
N SER M 93 76.04 -4.50 -71.73
CA SER M 93 74.61 -4.27 -71.77
C SER M 93 73.92 -4.89 -70.55
N LEU M 94 72.92 -4.20 -70.01
CA LEU M 94 72.23 -4.70 -68.83
C LEU M 94 71.66 -6.09 -69.07
N LEU M 95 71.18 -6.36 -70.27
CA LEU M 95 70.52 -7.61 -70.61
C LEU M 95 71.03 -8.12 -71.94
N SER M 96 72.13 -8.88 -71.94
CA SER M 96 72.40 -9.69 -73.13
C SER M 96 72.42 -11.18 -72.79
N ALA M 97 73.44 -11.61 -72.06
CA ALA M 97 73.38 -12.86 -71.29
C ALA M 97 74.17 -12.67 -70.00
N THR M 98 75.14 -11.75 -70.04
CA THR M 98 76.09 -11.51 -68.96
C THR M 98 76.46 -10.04 -68.93
N ARG M 99 76.98 -9.59 -67.78
CA ARG M 99 77.46 -8.21 -67.64
C ARG M 99 78.60 -8.24 -66.63
N ASN M 100 79.82 -7.98 -67.12
CA ASN M 100 81.04 -8.04 -66.31
C ASN M 100 81.29 -9.43 -65.74
N ARG M 101 80.61 -10.44 -66.25
CA ARG M 101 80.73 -11.80 -65.74
C ARG M 101 81.84 -12.55 -66.48
N PHE M 102 82.63 -13.28 -65.69
CA PHE M 102 83.66 -14.14 -66.24
C PHE M 102 83.89 -15.27 -65.25
N ILE M 103 84.72 -16.23 -65.65
CA ILE M 103 85.06 -17.37 -64.83
C ILE M 103 86.58 -17.43 -64.72
N HIS M 104 87.09 -17.78 -63.54
CA HIS M 104 88.51 -18.03 -63.37
C HIS M 104 88.69 -19.35 -62.65
N TRP M 105 89.85 -19.97 -62.83
CA TRP M 105 90.14 -21.21 -62.15
C TRP M 105 91.62 -21.23 -61.77
N THR M 106 91.90 -21.84 -60.63
CA THR M 106 93.26 -22.13 -60.20
C THR M 106 93.38 -23.61 -59.93
N SER M 107 94.31 -24.27 -60.61
CA SER M 107 94.59 -25.68 -60.43
C SER M 107 95.87 -25.86 -59.63
N TYR M 108 95.71 -26.45 -58.45
CA TYR M 108 96.82 -26.91 -57.64
C TYR M 108 96.87 -28.42 -57.77
N ALA M 109 97.72 -28.92 -58.67
CA ALA M 109 97.86 -30.35 -58.90
C ALA M 109 96.52 -31.01 -59.19
N ASP M 110 96.05 -31.81 -58.24
CA ASP M 110 94.85 -32.62 -58.42
C ASP M 110 93.57 -31.89 -58.02
N THR M 111 93.66 -30.63 -57.59
CA THR M 111 92.49 -29.85 -57.24
C THR M 111 92.40 -28.67 -58.20
N LEU M 112 91.18 -28.25 -58.54
CA LEU M 112 90.96 -27.14 -59.45
C LEU M 112 89.73 -26.36 -58.99
N GLU M 113 89.93 -25.11 -58.60
CA GLU M 113 88.86 -24.26 -58.09
C GLU M 113 88.39 -23.32 -59.19
N LEU M 114 87.09 -23.38 -59.49
CA LEU M 114 86.47 -22.52 -60.49
C LEU M 114 85.50 -21.57 -59.80
N VAL M 115 85.73 -20.27 -59.97
CA VAL M 115 84.86 -19.25 -59.41
C VAL M 115 84.39 -18.34 -60.54
N GLU M 116 83.07 -18.13 -60.61
CA GLU M 116 82.49 -17.21 -61.57
C GLU M 116 82.20 -15.88 -60.87
N LEU M 117 82.79 -14.80 -61.37
CA LEU M 117 82.70 -13.51 -60.71
C LEU M 117 82.21 -12.46 -61.70
N SER M 118 81.40 -11.53 -61.19
CA SER M 118 80.94 -10.38 -61.95
C SER M 118 81.32 -9.12 -61.19
N LEU M 119 81.84 -8.13 -61.91
CA LEU M 119 82.34 -6.92 -61.26
C LEU M 119 81.22 -6.10 -60.65
N ASP M 120 80.11 -5.93 -61.37
CA ASP M 120 79.06 -5.04 -60.92
C ASP M 120 77.97 -5.72 -60.11
N ILE M 121 77.86 -7.05 -60.17
CA ILE M 121 76.83 -7.76 -59.42
C ILE M 121 77.48 -8.95 -58.71
N ASN M 122 77.03 -9.20 -57.48
CA ASN M 122 77.52 -10.33 -56.71
C ASN M 122 76.77 -11.59 -57.14
N LEU M 123 77.52 -12.65 -57.45
CA LEU M 123 76.94 -13.91 -57.88
C LEU M 123 76.83 -14.87 -56.70
N LEU M 124 75.60 -15.33 -56.43
CA LEU M 124 75.36 -16.21 -55.30
C LEU M 124 75.70 -17.65 -55.67
N ASN M 125 76.41 -18.34 -54.77
CA ASN M 125 76.84 -19.71 -54.96
C ASN M 125 77.57 -19.86 -56.30
N ASN M 126 78.71 -19.19 -56.43
CA ASN M 126 79.43 -19.13 -57.70
C ASN M 126 80.80 -19.81 -57.66
N ALA M 127 81.10 -20.58 -56.61
CA ALA M 127 82.40 -21.23 -56.47
C ALA M 127 82.21 -22.73 -56.41
N VAL M 128 83.02 -23.45 -57.19
CA VAL M 128 82.99 -24.91 -57.24
C VAL M 128 84.43 -25.41 -57.16
N ARG M 129 84.62 -26.55 -56.52
CA ARG M 129 85.94 -27.18 -56.41
C ARG M 129 85.85 -28.58 -57.03
N LEU M 130 86.61 -28.80 -58.10
CA LEU M 130 86.64 -30.08 -58.80
C LEU M 130 87.99 -30.75 -58.52
N LYS M 131 87.93 -31.94 -57.95
CA LYS M 131 89.15 -32.67 -57.59
C LYS M 131 89.38 -33.79 -58.61
N ILE M 132 90.28 -33.54 -59.56
CA ILE M 132 90.76 -34.56 -60.48
C ILE M 132 91.90 -35.23 -59.74
N LEU M 133 91.56 -36.18 -58.87
CA LEU M 133 92.51 -36.67 -57.89
C LEU M 133 93.70 -37.36 -58.55
N ASN M 134 93.44 -38.15 -59.59
CA ASN M 134 94.51 -38.96 -60.18
C ASN M 134 95.52 -38.11 -60.92
N CYS M 135 95.10 -37.46 -61.98
CA CYS M 135 96.01 -36.67 -62.78
C CYS M 135 95.99 -35.21 -62.35
N SER M 136 97.16 -34.65 -62.10
CA SER M 136 97.25 -33.21 -61.93
C SER M 136 96.95 -32.54 -63.26
N ILE M 137 96.22 -31.42 -63.18
CA ILE M 137 95.80 -30.72 -64.40
C ILE M 137 97.02 -30.08 -65.06
N LEU M 138 97.20 -30.34 -66.35
CA LEU M 138 98.33 -29.79 -67.08
C LEU M 138 98.22 -28.26 -67.13
N PRO M 139 99.36 -27.55 -67.07
CA PRO M 139 99.32 -26.10 -67.21
C PRO M 139 98.86 -25.69 -68.60
N GLY M 140 97.88 -24.79 -68.67
CA GLY M 140 97.33 -24.40 -69.96
C GLY M 140 96.47 -25.45 -70.61
N GLY M 141 95.94 -26.40 -69.84
CA GLY M 141 95.13 -27.48 -70.36
C GLY M 141 93.64 -27.35 -70.15
N VAL M 142 93.15 -26.18 -69.72
CA VAL M 142 91.73 -25.95 -69.51
C VAL M 142 91.24 -24.99 -70.59
N HIS M 143 90.23 -25.41 -71.34
CA HIS M 143 89.69 -24.64 -72.45
C HIS M 143 88.18 -24.58 -72.32
N ILE M 144 87.58 -23.52 -72.84
CA ILE M 144 86.13 -23.31 -72.74
C ILE M 144 85.60 -22.95 -74.13
N CYS M 145 84.54 -23.63 -74.55
CA CYS M 145 83.87 -23.36 -75.81
C CYS M 145 82.39 -23.10 -75.53
N GLU M 146 81.75 -22.34 -76.41
CA GLU M 146 80.36 -21.95 -76.23
C GLU M 146 79.50 -22.59 -77.31
N THR M 147 78.33 -23.08 -76.92
CA THR M 147 77.29 -23.51 -77.83
C THR M 147 75.99 -22.85 -77.38
N GLN M 148 75.08 -22.65 -78.33
CA GLN M 148 73.88 -21.87 -78.07
C GLN M 148 73.06 -22.38 -76.88
N ASN M 149 73.37 -23.57 -76.38
CA ASN M 149 72.67 -24.12 -75.22
C ASN M 149 73.54 -24.31 -73.99
N ASN M 150 74.85 -24.56 -74.16
CA ASN M 150 75.68 -24.95 -73.03
C ASN M 150 77.12 -24.52 -73.24
N ILE M 151 77.86 -24.46 -72.13
CA ILE M 151 79.28 -24.17 -72.12
C ILE M 151 80.03 -25.49 -71.96
N ILE M 152 80.93 -25.78 -72.89
CA ILE M 152 81.67 -27.04 -72.92
C ILE M 152 83.07 -26.76 -72.41
N VAL M 153 83.46 -27.45 -71.34
CA VAL M 153 84.76 -27.27 -70.70
C VAL M 153 85.61 -28.49 -71.02
N LEU M 154 86.73 -28.27 -71.70
CA LEU M 154 87.62 -29.35 -72.13
C LEU M 154 88.93 -29.23 -71.35
N ILE M 155 89.26 -30.25 -70.57
CA ILE M 155 90.42 -30.20 -69.70
C ILE M 155 91.31 -31.41 -69.94
N LEU M 156 92.59 -31.17 -70.21
CA LEU M 156 93.56 -32.22 -70.48
C LEU M 156 94.53 -32.33 -69.31
N THR M 157 94.81 -33.56 -68.91
CA THR M 157 95.83 -33.88 -67.91
C THR M 157 96.89 -34.77 -68.57
N ASN M 158 97.85 -35.20 -67.75
CA ASN M 158 98.98 -35.96 -68.29
C ASN M 158 98.50 -37.25 -68.96
N GLN M 159 97.60 -37.98 -68.32
CA GLN M 159 97.17 -39.27 -68.82
C GLN M 159 95.66 -39.39 -68.97
N THR M 160 94.93 -38.28 -68.95
CA THR M 160 93.47 -38.34 -69.02
C THR M 160 92.96 -37.06 -69.68
N VAL M 161 91.76 -37.15 -70.25
CA VAL M 161 91.09 -36.02 -70.87
C VAL M 161 89.63 -36.02 -70.45
N HIS M 162 89.08 -34.84 -70.17
CA HIS M 162 87.73 -34.70 -69.65
C HIS M 162 86.95 -33.65 -70.42
N ARG M 163 85.66 -33.91 -70.59
CA ARG M 163 84.72 -32.94 -71.16
C ARG M 163 83.55 -32.77 -70.21
N LEU M 164 83.26 -31.53 -69.83
CA LEU M 164 82.18 -31.20 -68.91
C LEU M 164 81.19 -30.27 -69.60
N ILE M 165 79.93 -30.38 -69.21
CA ILE M 165 78.84 -29.58 -69.78
C ILE M 165 78.28 -28.71 -68.67
N LEU M 166 78.15 -27.41 -68.93
CA LEU M 166 77.61 -26.47 -67.97
C LEU M 166 76.47 -25.69 -68.58
N PRO M 167 75.48 -25.29 -67.78
CA PRO M 167 74.36 -24.51 -68.33
C PRO M 167 74.82 -23.14 -68.83
N HIS M 168 74.20 -22.71 -69.92
CA HIS M 168 74.52 -21.41 -70.49
C HIS M 168 73.79 -20.31 -69.72
N PRO M 169 74.42 -19.13 -69.55
CA PRO M 169 73.75 -18.05 -68.82
C PRO M 169 72.42 -17.62 -69.44
N SER M 170 72.33 -17.57 -70.76
CA SER M 170 71.08 -17.21 -71.41
C SER M 170 70.07 -18.35 -71.36
N ARG M 171 70.54 -19.59 -71.29
CA ARG M 171 69.65 -20.74 -71.14
C ARG M 171 69.20 -20.93 -69.70
N MET M 172 69.83 -20.24 -68.75
CA MET M 172 69.33 -20.15 -67.38
C MET M 172 68.47 -18.91 -67.18
N TYR M 173 67.82 -18.43 -68.24
CA TYR M 173 66.89 -17.32 -68.24
C TYR M 173 67.64 -16.00 -68.05
N ARG M 174 67.21 -14.95 -68.74
CA ARG M 174 67.93 -13.69 -68.76
C ARG M 174 66.96 -12.54 -68.51
N SER M 175 66.98 -12.00 -67.30
CA SER M 175 66.19 -10.84 -66.95
C SER M 175 66.72 -10.26 -65.63
N GLU M 176 67.03 -8.97 -65.67
CA GLU M 176 67.44 -8.24 -64.46
C GLU M 176 66.69 -6.92 -64.37
N ILE M 177 65.39 -6.96 -64.66
CA ILE M 177 64.56 -5.77 -64.54
C ILE M 177 64.53 -5.29 -63.10
N ILE M 178 64.43 -6.23 -62.15
CA ILE M 178 64.35 -5.86 -60.75
C ILE M 178 65.67 -5.24 -60.29
N SER M 179 65.57 -4.19 -59.48
CA SER M 179 66.72 -3.45 -58.97
C SER M 179 67.26 -4.20 -57.76
N ASP M 180 68.34 -4.95 -57.95
CA ASP M 180 68.96 -5.74 -56.91
C ASP M 180 70.46 -5.44 -56.86
N SER M 181 71.07 -5.82 -55.74
CA SER M 181 72.52 -5.71 -55.56
C SER M 181 73.24 -7.04 -55.66
N HIS M 182 72.58 -8.16 -55.35
CA HIS M 182 73.15 -9.49 -55.46
C HIS M 182 72.26 -10.33 -56.35
N ILE M 183 72.84 -11.34 -57.00
CA ILE M 183 72.11 -12.20 -57.91
C ILE M 183 72.65 -13.62 -57.79
N GLN M 184 71.79 -14.59 -58.03
CA GLN M 184 72.19 -15.98 -58.04
C GLN M 184 73.06 -16.27 -59.26
N SER M 185 74.13 -17.05 -59.06
CA SER M 185 74.94 -17.49 -60.18
C SER M 185 74.29 -18.70 -60.84
N ILE M 186 75.00 -19.30 -61.80
CA ILE M 186 74.50 -20.47 -62.52
C ILE M 186 74.78 -21.77 -61.80
N PHE M 187 75.36 -21.71 -60.60
CA PHE M 187 75.59 -22.89 -59.76
C PHE M 187 74.63 -22.87 -58.59
N THR M 188 73.78 -23.89 -58.50
CA THR M 188 72.81 -23.96 -57.42
C THR M 188 72.93 -25.28 -56.67
N ASP M 189 73.23 -26.35 -57.40
CA ASP M 189 73.25 -27.69 -56.81
C ASP M 189 74.19 -28.56 -57.64
N ILE M 190 74.27 -29.84 -57.25
CA ILE M 190 75.09 -30.81 -57.98
C ILE M 190 74.55 -31.02 -59.39
N GLY M 191 73.26 -30.71 -59.61
CA GLY M 191 72.67 -30.89 -60.92
C GLY M 191 73.20 -29.94 -61.97
N LYS M 192 73.86 -28.85 -61.56
CA LYS M 192 74.40 -27.89 -62.50
C LYS M 192 75.74 -28.33 -63.08
N THR M 193 76.37 -29.36 -62.52
CA THR M 193 77.65 -29.87 -63.01
C THR M 193 77.52 -31.36 -63.33
N ASN M 194 78.35 -31.82 -64.27
CA ASN M 194 78.29 -33.20 -64.74
C ASN M 194 79.66 -33.65 -65.22
N PHE M 195 79.92 -34.95 -65.08
CA PHE M 195 81.15 -35.56 -65.57
C PHE M 195 80.86 -36.94 -66.15
N HIS M 196 79.66 -37.11 -66.70
CA HIS M 196 79.14 -38.38 -67.19
C HIS M 196 79.72 -38.76 -68.55
N ASP M 197 79.26 -39.90 -69.10
CA ASP M 197 79.67 -40.38 -70.42
C ASP M 197 81.17 -40.67 -70.53
N PRO M 198 81.63 -41.82 -70.08
CA PRO M 198 83.00 -42.26 -70.45
C PRO M 198 83.24 -42.29 -71.95
N ASN M 199 82.34 -41.72 -72.74
CA ASN M 199 82.66 -41.20 -74.05
C ASN M 199 83.07 -39.73 -74.02
N ASN M 200 82.49 -38.93 -73.12
CA ASN M 200 82.98 -37.59 -72.85
C ASN M 200 84.29 -37.60 -72.08
N THR M 201 84.61 -38.71 -71.42
CA THR M 201 85.91 -38.89 -70.78
C THR M 201 86.53 -40.18 -71.28
N TYR M 202 87.72 -40.09 -71.87
CA TYR M 202 88.35 -41.23 -72.50
C TYR M 202 89.77 -41.37 -71.99
N VAL M 203 90.24 -42.62 -71.92
CA VAL M 203 91.56 -42.93 -71.38
C VAL M 203 92.57 -42.87 -72.52
N ILE M 204 93.69 -42.20 -72.28
CA ILE M 204 94.79 -42.17 -73.24
C ILE M 204 95.28 -43.61 -73.43
N PRO M 205 95.24 -44.14 -74.65
CA PRO M 205 95.62 -45.55 -74.85
C PRO M 205 97.11 -45.76 -74.60
N ALA M 206 97.45 -47.00 -74.29
CA ALA M 206 98.85 -47.37 -74.09
C ALA M 206 99.68 -47.11 -75.35
N ILE M 207 99.05 -47.19 -76.52
CA ILE M 207 99.69 -46.80 -77.79
C ILE M 207 99.07 -45.48 -78.22
N PRO M 208 99.82 -44.37 -78.23
CA PRO M 208 101.21 -44.33 -77.78
C PRO M 208 101.39 -43.93 -76.31
N GLY M 209 100.48 -43.11 -75.79
CA GLY M 209 100.58 -42.61 -74.44
C GLY M 209 100.82 -41.11 -74.39
N ARG M 210 101.55 -40.69 -73.36
CA ARG M 210 101.90 -39.29 -73.17
C ARG M 210 103.16 -39.19 -72.31
N ALA M 211 104.18 -38.54 -72.86
CA ALA M 211 105.47 -38.47 -72.20
C ALA M 211 105.46 -37.43 -71.08
N PRO M 212 106.16 -37.65 -69.97
CA PRO M 212 106.21 -36.65 -68.90
C PRO M 212 107.10 -35.46 -69.19
N ASN M 213 107.96 -35.54 -70.21
CA ASN M 213 108.97 -34.53 -70.49
C ASN M 213 108.41 -33.36 -71.28
N SER M 214 107.10 -33.16 -71.26
CA SER M 214 106.46 -32.09 -72.00
C SER M 214 105.24 -31.63 -71.24
N THR M 215 104.84 -30.38 -71.49
CA THR M 215 103.66 -29.79 -70.86
C THR M 215 102.60 -29.37 -71.86
N ALA M 216 102.74 -29.79 -73.13
CA ALA M 216 101.79 -29.38 -74.15
C ALA M 216 100.42 -30.02 -73.92
N SER M 217 99.38 -29.26 -74.23
CA SER M 217 98.00 -29.74 -74.17
C SER M 217 97.07 -28.75 -74.84
N THR M 218 96.20 -29.21 -75.73
CA THR M 218 95.18 -28.32 -76.27
C THR M 218 93.93 -29.12 -76.63
N ALA M 219 92.81 -28.41 -76.73
CA ALA M 219 91.54 -29.01 -77.07
C ALA M 219 90.70 -28.02 -77.87
N TRP M 220 89.80 -28.55 -78.69
CA TRP M 220 88.92 -27.68 -79.45
C TRP M 220 87.72 -28.47 -79.93
N LEU M 221 86.70 -27.75 -80.37
CA LEU M 221 85.59 -28.31 -81.13
C LEU M 221 85.84 -28.05 -82.60
N SER M 222 85.96 -29.11 -83.38
CA SER M 222 86.17 -28.96 -84.81
C SER M 222 84.94 -28.30 -85.44
N SER M 223 85.13 -27.76 -86.65
CA SER M 223 83.98 -27.20 -87.36
C SER M 223 82.92 -28.26 -87.62
N ASP M 224 83.33 -29.53 -87.68
CA ASP M 224 82.35 -30.62 -87.71
C ASP M 224 81.57 -30.69 -86.41
N GLY M 225 82.25 -30.57 -85.27
CA GLY M 225 81.61 -30.68 -83.98
C GLY M 225 82.31 -31.65 -83.05
N GLU M 226 83.26 -32.41 -83.59
CA GLU M 226 83.98 -33.39 -82.80
C GLU M 226 84.85 -32.70 -81.76
N ALA M 227 84.97 -33.34 -80.59
CA ALA M 227 85.86 -32.87 -79.54
C ALA M 227 87.25 -33.42 -79.81
N LEU M 228 88.16 -32.57 -80.26
CA LEU M 228 89.49 -32.98 -80.64
C LEU M 228 90.48 -32.55 -79.57
N PHE M 229 91.25 -33.52 -79.06
CA PHE M 229 92.17 -33.32 -77.95
C PHE M 229 93.58 -33.63 -78.44
N ALA M 230 94.44 -32.61 -78.50
CA ALA M 230 95.81 -32.78 -78.95
C ALA M 230 96.74 -32.80 -77.75
N LEU M 231 97.53 -33.87 -77.65
CA LEU M 231 98.51 -34.11 -76.60
C LEU M 231 99.85 -34.39 -77.25
N PRO M 232 100.96 -34.13 -76.56
CA PRO M 232 102.26 -34.46 -77.13
C PRO M 232 102.52 -35.95 -77.06
N SER M 233 102.61 -36.58 -78.22
CA SER M 233 102.88 -38.00 -78.31
C SER M 233 104.30 -38.30 -77.85
N VAL M 234 104.48 -39.47 -77.22
CA VAL M 234 105.79 -39.87 -76.72
C VAL M 234 106.80 -39.94 -77.87
N SER M 235 106.36 -40.42 -79.03
CA SER M 235 107.25 -40.49 -80.19
C SER M 235 107.60 -39.10 -80.70
N GLY M 236 106.90 -38.08 -80.22
CA GLY M 236 107.13 -36.72 -80.66
C GLY M 236 106.09 -36.17 -81.62
N GLY M 237 105.09 -36.95 -81.98
CA GLY M 237 103.98 -36.48 -82.76
C GLY M 237 102.90 -35.87 -81.89
N ILE M 238 101.68 -35.87 -82.42
CA ILE M 238 100.52 -35.38 -81.68
C ILE M 238 99.52 -36.51 -81.54
N LEU M 239 99.20 -36.88 -80.30
CA LEU M 239 98.13 -37.82 -80.04
C LEU M 239 96.81 -37.08 -79.99
N VAL M 240 95.88 -37.45 -80.86
CA VAL M 240 94.58 -36.79 -80.95
C VAL M 240 93.52 -37.77 -80.47
N ILE M 241 92.86 -37.39 -79.38
CA ILE M 241 91.68 -38.09 -78.90
C ILE M 241 90.47 -37.43 -79.55
N LYS M 242 89.74 -38.19 -80.37
CA LYS M 242 88.57 -37.71 -81.07
C LYS M 242 87.33 -38.24 -80.37
N MET M 243 86.66 -37.38 -79.61
CA MET M 243 85.38 -37.72 -79.02
C MET M 243 84.24 -37.29 -79.95
N PRO M 244 83.25 -38.15 -80.08
CA PRO M 244 82.13 -37.91 -81.00
C PRO M 244 81.51 -36.54 -80.78
N PRO M 245 80.89 -35.96 -81.81
CA PRO M 245 80.33 -34.60 -81.68
C PRO M 245 79.21 -34.51 -80.67
N ARG M 246 78.64 -33.32 -80.50
CA ARG M 246 77.57 -33.08 -79.55
C ARG M 246 76.23 -33.61 -80.05
N ASP M 247 76.25 -34.47 -81.06
CA ASP M 247 75.03 -35.00 -81.67
C ASP M 247 74.84 -36.49 -81.49
N MET M 248 75.93 -37.25 -81.39
CA MET M 248 75.85 -38.71 -81.26
C MET M 248 77.07 -39.16 -80.47
N GLU M 249 76.98 -40.38 -79.93
CA GLU M 249 78.03 -40.94 -79.08
C GLU M 249 78.41 -42.32 -79.56
N GLY M 250 79.55 -42.42 -80.24
CA GLY M 250 80.13 -43.68 -80.62
C GLY M 250 81.30 -44.06 -79.75
N LEU M 251 82.25 -44.76 -80.35
CA LEU M 251 83.50 -45.05 -79.67
C LEU M 251 84.50 -43.93 -79.88
N VAL M 252 85.17 -43.54 -78.79
CA VAL M 252 86.18 -42.49 -78.88
C VAL M 252 87.36 -43.00 -79.70
N THR M 253 87.73 -42.26 -80.74
CA THR M 253 88.72 -42.71 -81.69
C THR M 253 90.07 -42.06 -81.40
N ILE M 254 91.12 -42.67 -81.97
CA ILE M 254 92.49 -42.26 -81.74
C ILE M 254 93.13 -41.91 -83.08
N ALA M 255 93.89 -40.82 -83.10
CA ALA M 255 94.66 -40.41 -84.27
C ALA M 255 96.08 -40.08 -83.84
N GLU M 256 97.03 -40.31 -84.73
CA GLU M 256 98.45 -40.08 -84.45
C GLU M 256 99.01 -39.16 -85.54
N LEU M 257 98.94 -37.85 -85.30
CA LEU M 257 99.55 -36.89 -86.20
C LEU M 257 101.06 -37.09 -86.18
N LYS M 258 101.58 -37.68 -87.25
CA LYS M 258 103.00 -38.01 -87.38
C LYS M 258 103.60 -37.25 -88.56
N GLN M 259 104.84 -37.60 -88.90
CA GLN M 259 105.53 -36.90 -89.97
C GLN M 259 104.81 -37.07 -91.30
N SER M 260 104.31 -38.27 -91.58
CA SER M 260 103.63 -38.56 -92.84
C SER M 260 102.38 -39.39 -92.57
N SER M 261 101.60 -39.59 -93.63
CA SER M 261 100.35 -40.32 -93.54
C SER M 261 100.61 -41.82 -93.42
N VAL M 262 99.53 -42.60 -93.45
CA VAL M 262 99.64 -44.05 -93.27
C VAL M 262 100.40 -44.68 -94.44
N MET M 263 100.09 -44.27 -95.67
CA MET M 263 100.73 -44.87 -96.84
C MET M 263 102.23 -44.58 -96.84
N GLN M 264 102.60 -43.32 -96.60
CA GLN M 264 104.02 -42.97 -96.59
C GLN M 264 104.74 -43.58 -95.39
N ARG M 265 104.04 -43.72 -94.26
CA ARG M 265 104.63 -44.41 -93.11
C ARG M 265 104.92 -45.87 -93.44
N LEU M 266 103.99 -46.54 -94.12
CA LEU M 266 104.23 -47.90 -94.57
C LEU M 266 105.39 -47.95 -95.55
N LEU M 267 105.48 -46.97 -96.44
CA LEU M 267 106.58 -46.91 -97.41
C LEU M 267 107.92 -46.77 -96.71
N THR M 268 107.99 -45.93 -95.68
CA THR M 268 109.23 -45.68 -94.97
C THR M 268 109.43 -46.59 -93.77
N GLY M 269 108.55 -47.58 -93.57
CA GLY M 269 108.66 -48.45 -92.41
C GLY M 269 109.90 -49.31 -92.41
N TRP M 270 110.51 -49.52 -93.57
CA TRP M 270 111.72 -50.33 -93.67
C TRP M 270 112.98 -49.49 -93.84
N MET M 271 112.93 -48.20 -93.51
CA MET M 271 114.11 -47.37 -93.52
C MET M 271 114.06 -46.37 -92.37
N PRO M 272 115.23 -45.93 -91.86
CA PRO M 272 115.27 -45.09 -90.65
C PRO M 272 114.84 -43.64 -90.92
N SER M 273 113.54 -43.40 -90.85
CA SER M 273 112.99 -42.06 -91.05
C SER M 273 112.46 -41.49 -89.75
N SER M 274 112.80 -40.23 -89.49
CA SER M 274 112.15 -39.48 -88.43
C SER M 274 111.56 -38.17 -88.96
N ILE M 275 111.56 -37.97 -90.28
CA ILE M 275 111.07 -36.75 -90.91
C ILE M 275 109.91 -37.10 -91.83
N ARG M 276 109.81 -38.39 -92.20
CA ARG M 276 108.70 -38.86 -93.01
C ARG M 276 108.11 -40.14 -92.41
N GLY M 277 108.57 -40.50 -91.22
CA GLY M 277 108.04 -41.67 -90.54
C GLY M 277 107.60 -41.35 -89.12
N ASP M 278 108.00 -42.18 -88.16
CA ASP M 278 107.74 -41.88 -86.76
C ASP M 278 108.78 -40.89 -86.24
N PRO M 279 108.36 -39.76 -85.67
CA PRO M 279 109.32 -38.78 -85.18
C PRO M 279 110.06 -39.27 -83.96
N GLY M 280 110.90 -38.40 -83.41
CA GLY M 280 111.67 -38.72 -82.23
C GLY M 280 111.24 -37.90 -81.02
N PRO M 281 111.74 -38.27 -79.84
CA PRO M 281 111.43 -37.50 -78.63
C PRO M 281 111.94 -36.06 -78.70
N ALA M 282 112.88 -35.80 -79.60
CA ALA M 282 113.32 -34.43 -79.85
C ALA M 282 112.20 -33.57 -80.40
N HIS M 283 111.24 -34.20 -81.10
CA HIS M 283 110.08 -33.49 -81.63
C HIS M 283 108.93 -33.45 -80.65
N LEU M 284 109.14 -33.91 -79.41
CA LEU M 284 108.10 -33.93 -78.40
C LEU M 284 107.47 -32.55 -78.26
N PRO M 285 106.20 -32.38 -78.60
CA PRO M 285 105.58 -31.04 -78.55
C PRO M 285 105.61 -30.48 -77.14
N VAL M 286 106.06 -29.23 -77.03
CA VAL M 286 106.14 -28.53 -75.76
C VAL M 286 104.95 -27.60 -75.55
N SER M 287 104.55 -26.89 -76.60
CA SER M 287 103.39 -26.01 -76.54
C SER M 287 102.56 -26.19 -77.80
N LEU M 288 101.25 -26.01 -77.67
CA LEU M 288 100.31 -26.31 -78.75
C LEU M 288 99.35 -25.15 -79.01
N ALA M 289 99.01 -24.96 -80.28
CA ALA M 289 97.96 -24.05 -80.71
C ALA M 289 97.21 -24.69 -81.86
N VAL M 290 95.97 -24.25 -82.09
CA VAL M 290 95.09 -24.91 -83.06
C VAL M 290 94.32 -23.86 -83.85
N HIS M 291 94.13 -24.12 -85.15
CA HIS M 291 93.29 -23.28 -86.01
C HIS M 291 92.40 -24.18 -86.86
N THR M 292 91.12 -23.83 -86.95
CA THR M 292 90.17 -24.59 -87.76
C THR M 292 89.88 -23.84 -89.06
N LEU M 293 89.97 -24.54 -90.18
CA LEU M 293 89.62 -23.99 -91.48
C LEU M 293 88.78 -25.00 -92.23
N ASP M 294 87.60 -24.58 -92.69
CA ASP M 294 86.67 -25.47 -93.37
C ASP M 294 86.31 -26.64 -92.46
N HIS M 295 87.02 -27.76 -92.60
CA HIS M 295 86.81 -28.90 -91.71
C HIS M 295 88.11 -29.53 -91.25
N ASP M 296 89.23 -28.82 -91.39
CA ASP M 296 90.55 -29.30 -91.00
C ASP M 296 91.04 -28.52 -89.79
N SER M 297 91.72 -29.23 -88.89
CA SER M 297 92.30 -28.66 -87.69
C SER M 297 93.81 -28.68 -87.81
N TYR M 298 94.40 -27.51 -88.02
CA TYR M 298 95.85 -27.38 -88.18
C TYR M 298 96.47 -27.05 -86.82
N LEU M 299 97.45 -27.87 -86.42
CA LEU M 299 98.04 -27.80 -85.09
C LEU M 299 99.47 -27.30 -85.19
N PHE M 300 99.78 -26.24 -84.44
CA PHE M 300 101.12 -25.67 -84.37
C PHE M 300 101.76 -26.09 -83.07
N ALA M 301 102.95 -26.70 -83.15
CA ALA M 301 103.61 -27.28 -81.98
C ALA M 301 105.01 -26.71 -81.85
N LEU M 302 105.25 -26.01 -80.75
CA LEU M 302 106.60 -25.61 -80.35
C LEU M 302 107.21 -26.78 -79.58
N CYS M 303 108.42 -27.18 -79.96
CA CYS M 303 109.06 -28.37 -79.43
C CYS M 303 110.45 -28.05 -78.87
N GLN M 304 111.02 -29.03 -78.16
CA GLN M 304 112.28 -28.82 -77.46
C GLN M 304 113.46 -28.60 -78.40
N ASP M 305 113.27 -28.73 -79.71
CA ASP M 305 114.32 -28.38 -80.64
C ASP M 305 114.05 -27.08 -81.40
N HIS M 306 113.07 -26.29 -80.96
CA HIS M 306 112.79 -24.96 -81.53
C HIS M 306 112.36 -25.07 -82.99
N LYS M 307 111.69 -26.16 -83.33
CA LYS M 307 111.04 -26.32 -84.63
C LYS M 307 109.53 -26.26 -84.42
N LEU M 308 108.89 -25.25 -85.01
CA LEU M 308 107.44 -25.13 -84.95
C LEU M 308 106.82 -26.03 -86.01
N ARG M 309 106.09 -27.05 -85.55
CA ARG M 309 105.65 -28.13 -86.41
C ARG M 309 104.13 -28.08 -86.58
N MET M 310 103.67 -28.26 -87.81
CA MET M 310 102.26 -28.14 -88.15
C MET M 310 101.75 -29.46 -88.69
N TRP M 311 100.66 -29.95 -88.11
CA TRP M 311 100.06 -31.24 -88.46
C TRP M 311 98.65 -31.03 -88.98
N SER M 312 98.26 -31.80 -90.00
CA SER M 312 96.95 -31.70 -90.60
C SER M 312 96.02 -32.79 -90.07
N TYR M 313 94.89 -32.37 -89.49
CA TYR M 313 94.03 -33.31 -88.74
C TYR M 313 93.45 -34.40 -89.61
N LYS M 314 92.93 -34.07 -90.80
CA LYS M 314 92.51 -35.08 -91.76
C LYS M 314 93.67 -35.80 -92.44
N ASP M 315 94.73 -35.08 -92.79
CA ASP M 315 95.85 -35.70 -93.48
C ASP M 315 96.69 -36.55 -92.53
N GLN M 316 96.57 -36.31 -91.23
CA GLN M 316 97.30 -37.04 -90.18
C GLN M 316 98.81 -36.97 -90.36
N MET M 317 99.29 -35.95 -91.07
CA MET M 317 100.71 -35.84 -91.40
C MET M 317 101.19 -34.41 -91.17
N CYS M 318 102.50 -34.27 -91.02
CA CYS M 318 103.12 -32.97 -90.82
C CYS M 318 103.33 -32.29 -92.16
N LEU M 319 102.84 -31.06 -92.29
CA LEU M 319 103.00 -30.30 -93.53
C LEU M 319 104.18 -29.36 -93.52
N MET M 320 104.34 -28.54 -92.48
CA MET M 320 105.36 -27.51 -92.47
C MET M 320 106.13 -27.55 -91.16
N VAL M 321 107.46 -27.47 -91.25
CA VAL M 321 108.34 -27.39 -90.09
C VAL M 321 109.27 -26.21 -90.30
N ALA M 322 109.16 -25.20 -89.43
CA ALA M 322 109.90 -23.96 -89.60
C ALA M 322 110.87 -23.75 -88.45
N ASP M 323 112.08 -23.31 -88.77
CA ASP M 323 113.08 -22.96 -87.77
C ASP M 323 112.80 -21.54 -87.29
N MET M 324 112.14 -21.43 -86.14
CA MET M 324 111.83 -20.10 -85.61
C MET M 324 113.07 -19.41 -85.07
N LEU M 325 114.18 -20.15 -84.87
CA LEU M 325 115.44 -19.56 -84.46
C LEU M 325 115.97 -18.56 -85.47
N GLU M 326 115.49 -18.59 -86.71
CA GLU M 326 115.81 -17.56 -87.68
C GLU M 326 115.36 -16.18 -87.23
N TYR M 327 114.30 -16.09 -86.43
CA TYR M 327 113.72 -14.82 -86.01
C TYR M 327 114.19 -14.37 -84.64
N VAL M 328 115.06 -15.12 -83.98
CA VAL M 328 115.55 -14.75 -82.65
C VAL M 328 117.07 -14.87 -82.64
N PRO M 329 117.73 -14.16 -81.74
CA PRO M 329 119.15 -14.43 -81.49
C PRO M 329 119.33 -15.86 -81.01
N VAL M 330 120.08 -16.64 -81.78
CA VAL M 330 120.21 -18.07 -81.55
C VAL M 330 121.15 -18.29 -80.38
N SER M 331 120.58 -18.45 -79.19
CA SER M 331 121.33 -18.80 -78.00
C SER M 331 121.22 -20.30 -77.77
N LYS M 332 122.33 -20.90 -77.38
CA LYS M 332 122.34 -22.31 -77.02
C LYS M 332 121.67 -22.55 -75.68
N ASP M 333 121.48 -21.49 -74.88
CA ASP M 333 120.74 -21.57 -73.63
C ASP M 333 119.25 -21.65 -73.86
N ILE M 334 118.78 -21.35 -75.07
CA ILE M 334 117.36 -21.52 -75.39
C ILE M 334 116.99 -23.00 -75.32
N ARG M 335 117.98 -23.87 -75.55
CA ARG M 335 117.72 -25.31 -75.65
C ARG M 335 117.46 -25.95 -74.29
N GLN M 336 118.06 -25.43 -73.22
CA GLN M 336 117.80 -25.90 -71.88
C GLN M 336 116.53 -25.31 -71.29
N THR M 337 115.89 -24.36 -71.99
CA THR M 337 114.56 -23.88 -71.64
C THR M 337 113.52 -24.44 -72.61
N ALA M 338 113.99 -25.14 -73.65
CA ALA M 338 113.12 -25.77 -74.63
C ALA M 338 112.20 -26.84 -74.05
N GLY M 339 112.27 -27.06 -72.73
CA GLY M 339 111.34 -27.99 -72.11
C GLY M 339 110.06 -27.35 -71.62
N THR M 340 110.16 -26.31 -70.79
CA THR M 340 108.97 -25.72 -70.19
C THR M 340 109.03 -24.20 -70.09
N GLY M 341 110.22 -23.61 -70.21
CA GLY M 341 110.31 -22.16 -70.18
C GLY M 341 109.71 -21.50 -71.40
N HIS M 342 109.66 -22.21 -72.52
CA HIS M 342 108.98 -21.72 -73.70
C HIS M 342 107.47 -21.75 -73.52
N LYS M 343 106.82 -20.70 -74.02
CA LYS M 343 105.38 -20.54 -73.94
C LYS M 343 104.84 -20.24 -75.33
N LEU M 344 103.56 -20.57 -75.56
CA LEU M 344 102.90 -20.24 -76.82
C LEU M 344 101.46 -19.87 -76.52
N ARG M 345 101.02 -18.74 -77.08
CA ARG M 345 99.63 -18.33 -77.01
C ARG M 345 99.13 -18.07 -78.42
N LEU M 346 97.85 -18.29 -78.62
CA LEU M 346 97.20 -18.08 -79.91
C LEU M 346 95.98 -17.19 -79.71
N ALA M 347 95.79 -16.23 -80.62
CA ALA M 347 94.64 -15.35 -80.56
C ALA M 347 94.08 -15.18 -81.96
N TYR M 348 92.81 -15.51 -82.15
CA TYR M 348 92.20 -15.49 -83.46
C TYR M 348 91.36 -14.23 -83.63
N SER M 349 91.81 -13.33 -84.51
CA SER M 349 91.11 -12.10 -84.82
C SER M 349 90.01 -12.41 -85.82
N ASP M 350 88.75 -12.25 -85.38
CA ASP M 350 87.60 -12.41 -86.25
C ASP M 350 87.44 -11.26 -87.23
N THR M 351 87.83 -10.05 -86.83
CA THR M 351 87.75 -8.89 -87.72
C THR M 351 88.68 -9.02 -88.92
N LEU M 352 89.65 -9.92 -88.87
CA LEU M 352 90.53 -10.19 -90.00
C LEU M 352 90.48 -11.65 -90.45
N GLU M 353 89.81 -12.52 -89.69
CA GLU M 353 89.82 -13.97 -89.89
C GLU M 353 91.24 -14.52 -89.86
N ILE M 354 92.11 -13.95 -89.04
CA ILE M 354 93.53 -14.30 -89.01
C ILE M 354 93.91 -14.65 -87.59
N LEU M 355 94.62 -15.76 -87.41
CA LEU M 355 95.06 -16.17 -86.08
C LEU M 355 96.52 -15.78 -85.92
N TYR M 356 96.86 -15.26 -84.74
CA TYR M 356 98.20 -14.81 -84.43
C TYR M 356 98.80 -15.74 -83.39
N LEU M 357 100.04 -16.15 -83.61
CA LEU M 357 100.80 -16.96 -82.67
C LEU M 357 101.84 -16.07 -82.00
N GLY M 358 101.71 -15.89 -80.69
CA GLY M 358 102.74 -15.24 -79.91
C GLY M 358 103.55 -16.30 -79.19
N VAL M 359 104.86 -16.34 -79.44
CA VAL M 359 105.71 -17.39 -78.95
C VAL M 359 106.79 -16.77 -78.07
N TYR M 360 106.93 -17.31 -76.86
CA TYR M 360 107.96 -16.92 -75.90
C TYR M 360 109.06 -17.97 -75.91
N LEU M 361 110.17 -17.66 -76.55
CA LEU M 361 111.37 -18.48 -76.51
C LEU M 361 112.18 -18.02 -75.32
N HIS M 362 112.05 -18.73 -74.20
CA HIS M 362 112.72 -18.29 -72.98
C HIS M 362 114.18 -18.71 -73.01
N THR M 363 115.02 -17.94 -72.32
CA THR M 363 116.45 -18.16 -72.19
C THR M 363 116.91 -17.61 -70.84
N PRO M 364 117.72 -18.35 -70.09
CA PRO M 364 118.24 -17.81 -68.82
C PRO M 364 119.04 -16.55 -69.04
N ARG M 365 119.36 -16.25 -70.29
CA ARG M 365 119.86 -14.95 -70.69
C ARG M 365 118.74 -13.92 -70.82
N GLN M 366 117.77 -14.20 -71.70
CA GLN M 366 116.67 -13.29 -71.96
C GLN M 366 115.69 -13.99 -72.89
N GLY M 367 114.40 -13.88 -72.60
CA GLY M 367 113.39 -14.46 -73.48
C GLY M 367 113.12 -13.58 -74.68
N GLN M 368 112.56 -14.20 -75.72
CA GLN M 368 112.16 -13.47 -76.93
C GLN M 368 110.70 -13.77 -77.25
N PHE M 369 109.91 -12.71 -77.37
CA PHE M 369 108.55 -12.82 -77.88
C PHE M 369 108.54 -12.56 -79.38
N CYS M 370 107.84 -13.41 -80.12
CA CYS M 370 107.68 -13.25 -81.55
C CYS M 370 106.22 -13.44 -81.93
N VAL M 371 105.73 -12.57 -82.81
CA VAL M 371 104.33 -12.60 -83.25
C VAL M 371 104.29 -12.99 -84.72
N PHE M 372 103.51 -14.01 -85.04
CA PHE M 372 103.34 -14.48 -86.40
C PHE M 372 101.86 -14.47 -86.79
N GLN M 373 101.59 -14.00 -88.00
CA GLN M 373 100.24 -13.99 -88.55
C GLN M 373 100.06 -15.21 -89.43
N LEU M 374 98.88 -15.83 -89.37
CA LEU M 374 98.58 -16.95 -90.25
C LEU M 374 97.91 -16.44 -91.53
N VAL M 375 98.55 -16.69 -92.66
CA VAL M 375 98.01 -16.34 -93.98
C VAL M 375 97.85 -17.62 -94.78
N CYS M 376 96.70 -17.79 -95.41
CA CYS M 376 96.32 -19.03 -96.06
C CYS M 376 96.59 -18.95 -97.56
N THR M 377 97.19 -20.02 -98.10
CA THR M 377 97.38 -20.13 -99.54
C THR M 377 96.20 -20.86 -100.17
N GLU M 378 96.25 -20.98 -101.50
CA GLU M 378 95.19 -21.66 -102.25
C GLU M 378 95.50 -23.16 -102.30
N SER M 379 95.81 -23.70 -101.12
CA SER M 379 96.01 -25.14 -100.97
C SER M 379 95.45 -25.59 -99.63
N ASN M 380 94.82 -24.66 -98.91
CA ASN M 380 94.32 -24.86 -97.55
C ASN M 380 95.47 -25.08 -96.58
N ARG M 381 96.61 -24.44 -96.84
CA ARG M 381 97.75 -24.44 -95.92
C ARG M 381 98.01 -23.02 -95.45
N TYR M 382 98.21 -22.87 -94.14
CA TYR M 382 98.53 -21.58 -93.55
C TYR M 382 100.04 -21.45 -93.35
N SER M 383 100.53 -20.21 -93.35
CA SER M 383 101.93 -19.91 -93.11
C SER M 383 102.03 -18.74 -92.15
N LEU M 384 103.13 -18.73 -91.40
CA LEU M 384 103.40 -17.70 -90.40
C LEU M 384 104.24 -16.60 -91.02
N GLU M 385 103.76 -15.36 -90.94
CA GLU M 385 104.54 -14.21 -91.32
C GLU M 385 104.93 -13.44 -90.07
N HIS M 386 106.20 -13.03 -90.00
CA HIS M 386 106.69 -12.31 -88.83
C HIS M 386 106.13 -10.90 -88.81
N THR M 387 105.23 -10.63 -87.88
CA THR M 387 104.71 -9.28 -87.70
C THR M 387 105.66 -8.45 -86.84
N SER M 388 106.12 -9.02 -85.73
CA SER M 388 107.04 -8.35 -84.83
C SER M 388 107.68 -9.37 -83.91
N SER M 389 108.88 -9.04 -83.42
CA SER M 389 109.59 -9.86 -82.44
C SER M 389 110.05 -8.95 -81.32
N ILE M 390 109.36 -9.00 -80.18
CA ILE M 390 109.64 -8.13 -79.05
C ILE M 390 110.55 -8.87 -78.08
N PHE M 391 111.73 -8.31 -77.86
CA PHE M 391 112.69 -8.92 -76.95
C PHE M 391 112.25 -8.77 -75.50
N THR M 392 112.63 -9.74 -74.68
CA THR M 392 112.09 -9.91 -73.34
C THR M 392 113.20 -10.33 -72.39
N ASN M 393 112.91 -10.28 -71.09
CA ASN M 393 113.87 -10.61 -70.06
C ASN M 393 114.01 -12.12 -69.86
N GLN M 394 115.00 -12.50 -69.07
CA GLN M 394 115.08 -13.87 -68.60
C GLN M 394 114.27 -14.08 -67.33
N GLU M 395 113.69 -13.02 -66.79
CA GLU M 395 112.67 -13.18 -65.77
C GLU M 395 111.65 -14.18 -66.26
N THR M 396 111.37 -15.19 -65.45
CA THR M 396 110.67 -16.35 -65.98
C THR M 396 109.18 -16.05 -66.04
N LEU M 397 108.60 -16.33 -67.20
CA LEU M 397 107.24 -15.90 -67.48
C LEU M 397 106.23 -16.77 -66.75
N ILE M 398 105.53 -16.20 -65.79
CA ILE M 398 104.36 -16.85 -65.23
C ILE M 398 103.28 -17.01 -66.28
N ASP M 399 103.05 -15.97 -67.08
CA ASP M 399 102.05 -16.07 -68.15
C ASP M 399 102.21 -14.90 -69.11
N PHE M 400 101.64 -15.05 -70.30
CA PHE M 400 101.44 -13.90 -71.18
C PHE M 400 100.23 -14.16 -72.05
N THR M 401 99.61 -13.07 -72.50
CA THR M 401 98.53 -13.12 -73.47
C THR M 401 98.69 -11.94 -74.42
N PHE M 402 97.87 -11.91 -75.46
CA PHE M 402 97.82 -10.73 -76.33
C PHE M 402 96.44 -10.62 -76.96
N THR M 403 95.82 -9.46 -76.75
CA THR M 403 94.47 -9.17 -77.20
C THR M 403 94.53 -8.45 -78.53
N LEU M 404 93.72 -8.91 -79.47
CA LEU M 404 93.70 -8.37 -80.83
C LEU M 404 92.62 -7.31 -81.02
N SER M 405 91.83 -7.02 -79.99
CA SER M 405 91.02 -5.82 -80.00
C SER M 405 91.87 -4.57 -79.80
N SER M 406 93.13 -4.73 -79.43
CA SER M 406 94.03 -3.62 -79.18
C SER M 406 95.42 -3.85 -79.74
N MET M 407 95.70 -5.05 -80.27
CA MET M 407 97.04 -5.45 -80.69
C MET M 407 98.03 -5.44 -79.52
N ASN M 408 97.55 -5.67 -78.30
CA ASN M 408 98.35 -5.42 -77.11
C ASN M 408 98.78 -6.74 -76.45
N ILE M 409 100.06 -6.81 -76.10
CA ILE M 409 100.63 -7.98 -75.42
C ILE M 409 100.78 -7.65 -73.93
N TRP M 410 100.20 -8.49 -73.08
CA TRP M 410 100.30 -8.39 -71.63
C TRP M 410 101.16 -9.54 -71.11
N ALA M 411 102.11 -9.23 -70.23
CA ALA M 411 103.06 -10.26 -69.80
C ALA M 411 103.37 -10.15 -68.32
N LEU M 412 103.18 -11.28 -67.63
CA LEU M 412 103.46 -11.46 -66.21
C LEU M 412 104.69 -12.33 -66.07
N TRP M 413 105.78 -11.73 -65.58
CA TRP M 413 106.99 -12.46 -65.23
C TRP M 413 107.19 -12.44 -63.73
N LEU M 414 107.93 -13.44 -63.26
CA LEU M 414 108.57 -13.39 -61.96
C LEU M 414 110.05 -13.09 -62.17
N ASP M 415 110.49 -11.97 -61.61
CA ASP M 415 111.89 -11.61 -61.52
C ASP M 415 112.53 -12.30 -60.32
N ASP M 416 113.69 -11.80 -59.91
CA ASP M 416 114.40 -12.34 -58.77
C ASP M 416 114.08 -11.60 -57.47
N ASP M 417 112.90 -10.96 -57.40
CA ASP M 417 112.41 -10.38 -56.15
C ASP M 417 110.89 -10.42 -56.20
N ASN M 418 110.28 -10.59 -55.02
CA ASN M 418 108.82 -10.71 -54.97
C ASN M 418 108.12 -9.44 -55.42
N GLN M 419 108.87 -8.41 -55.81
CA GLN M 419 108.30 -7.37 -56.66
C GLN M 419 108.06 -8.02 -58.02
N THR M 420 106.87 -8.56 -58.20
CA THR M 420 106.53 -9.38 -59.37
C THR M 420 106.36 -8.47 -60.58
N VAL M 421 106.86 -8.90 -61.73
CA VAL M 421 107.06 -8.03 -62.87
C VAL M 421 105.85 -8.12 -63.80
N MET M 422 105.29 -6.96 -64.12
CA MET M 422 104.13 -6.81 -64.99
C MET M 422 104.43 -5.77 -66.06
N LYS M 423 104.32 -6.14 -67.34
CA LYS M 423 104.24 -5.08 -68.34
C LYS M 423 103.25 -5.41 -69.45
N HIS M 424 103.13 -4.44 -70.36
CA HIS M 424 102.34 -4.53 -71.58
C HIS M 424 103.04 -3.73 -72.67
N ILE M 425 103.01 -4.25 -73.90
CA ILE M 425 103.53 -3.54 -75.06
C ILE M 425 102.87 -4.07 -76.32
N ASN M 426 102.72 -3.20 -77.31
CA ASN M 426 102.23 -3.61 -78.62
C ASN M 426 103.39 -4.16 -79.45
N PHE M 427 103.17 -5.32 -80.06
CA PHE M 427 104.21 -5.89 -80.92
C PHE M 427 104.40 -5.05 -82.18
N GLU M 428 103.30 -4.65 -82.82
CA GLU M 428 103.40 -3.97 -84.11
C GLU M 428 104.09 -2.62 -84.01
N ARG M 429 104.03 -1.98 -82.84
CA ARG M 429 104.56 -0.63 -82.71
C ARG M 429 106.08 -0.60 -82.67
N ASN M 430 106.71 -1.58 -82.00
CA ASN M 430 108.15 -1.53 -81.76
C ASN M 430 108.80 -2.82 -82.24
N GLN M 431 110.13 -2.81 -82.25
CA GLN M 431 110.92 -4.00 -82.56
C GLN M 431 111.52 -4.66 -81.33
N ALA M 432 111.46 -4.00 -80.17
CA ALA M 432 111.85 -4.64 -78.92
C ALA M 432 110.88 -4.24 -77.82
N GLY M 433 109.94 -3.35 -78.15
CA GLY M 433 108.97 -2.86 -77.20
C GLY M 433 109.57 -1.96 -76.14
N HIS M 434 108.77 -1.08 -75.54
CA HIS M 434 109.22 -0.32 -74.38
C HIS M 434 108.51 -0.75 -73.10
N TRP M 435 107.44 -1.54 -73.21
CA TRP M 435 106.88 -2.25 -72.06
C TRP M 435 106.49 -1.30 -70.93
N ASN M 436 105.41 -0.53 -71.13
CA ASN M 436 104.94 0.39 -70.10
C ASN M 436 104.75 -0.35 -68.79
N PRO M 437 105.28 0.15 -67.68
CA PRO M 437 105.28 -0.62 -66.43
C PRO M 437 103.89 -0.69 -65.80
N VAL M 438 103.75 -1.62 -64.86
CA VAL M 438 102.54 -1.75 -64.04
C VAL M 438 103.00 -1.86 -62.59
N PHE M 439 102.43 -1.02 -61.73
CA PHE M 439 102.87 -0.92 -60.34
C PHE M 439 101.96 -1.76 -59.45
N VAL M 440 102.54 -2.73 -58.75
CA VAL M 440 101.82 -3.69 -57.92
C VAL M 440 101.51 -3.11 -56.56
N ASN M 441 100.71 -3.84 -55.77
CA ASN M 441 100.47 -3.44 -54.39
C ASN M 441 101.78 -3.41 -53.60
N PRO M 442 101.86 -2.57 -52.58
CA PRO M 442 103.12 -2.49 -51.82
C PRO M 442 103.35 -3.76 -51.00
N LEU M 443 104.52 -4.33 -51.17
CA LEU M 443 104.92 -5.42 -50.29
C LEU M 443 105.13 -4.88 -48.88
N PRO M 444 104.94 -5.71 -47.85
CA PRO M 444 105.04 -5.20 -46.47
C PRO M 444 106.39 -4.59 -46.18
N ASP M 445 106.40 -3.52 -45.39
CA ASP M 445 107.58 -2.67 -45.26
C ASP M 445 108.54 -3.23 -44.22
N ASP M 446 109.78 -2.73 -44.24
CA ASP M 446 110.79 -3.23 -43.33
C ASP M 446 110.78 -2.56 -41.97
N ASP M 447 111.17 -1.31 -41.90
CA ASP M 447 111.47 -0.68 -40.62
C ASP M 447 110.40 0.31 -40.23
N LEU M 448 109.89 0.15 -39.01
CA LEU M 448 108.76 0.94 -38.54
C LEU M 448 109.17 1.83 -37.38
N ALA M 449 109.71 1.23 -36.32
CA ALA M 449 110.18 1.96 -35.15
C ALA M 449 111.13 1.05 -34.39
N ILE M 450 112.41 1.41 -34.36
CA ILE M 450 113.45 0.58 -33.79
C ILE M 450 113.39 0.71 -32.27
N GLY M 451 113.27 -0.42 -31.58
CA GLY M 451 113.30 -0.43 -30.13
C GLY M 451 114.58 0.17 -29.60
N ASP M 452 114.49 0.83 -28.44
CA ASP M 452 115.57 1.63 -27.85
C ASP M 452 115.89 2.85 -28.68
N GLU M 453 115.22 3.03 -29.81
CA GLU M 453 115.44 4.19 -30.67
C GLU M 453 114.08 4.74 -31.10
N GLN M 454 113.03 3.98 -30.82
CA GLN M 454 111.66 4.37 -31.10
C GLN M 454 110.73 3.35 -30.47
N GLU M 455 109.53 3.80 -30.10
CA GLU M 455 108.49 2.90 -29.62
C GLU M 455 107.97 2.08 -30.78
N PRO M 456 108.33 0.80 -30.86
CA PRO M 456 107.99 0.01 -32.05
C PRO M 456 106.50 -0.19 -32.23
N GLN M 457 105.75 -0.26 -31.13
CA GLN M 457 104.39 -0.77 -31.16
C GLN M 457 103.48 0.06 -32.06
N GLU M 458 103.50 1.39 -31.92
CA GLU M 458 102.58 2.22 -32.69
C GLU M 458 102.82 2.10 -34.18
N ALA M 459 104.10 2.14 -34.59
CA ALA M 459 104.43 1.99 -36.00
C ALA M 459 104.08 0.60 -36.50
N TYR M 460 104.29 -0.43 -35.67
CA TYR M 460 103.93 -1.79 -36.06
C TYR M 460 102.43 -1.90 -36.31
N LEU M 461 101.62 -1.36 -35.41
CA LEU M 461 100.18 -1.39 -35.59
C LEU M 461 99.77 -0.62 -36.85
N GLU M 462 100.34 0.57 -37.06
CA GLU M 462 99.97 1.37 -38.22
C GLU M 462 100.32 0.65 -39.52
N CYS M 463 101.50 0.03 -39.58
CA CYS M 463 101.88 -0.68 -40.80
C CYS M 463 101.02 -1.92 -41.02
N LEU M 464 100.75 -2.67 -39.94
CA LEU M 464 99.89 -3.84 -40.07
C LEU M 464 98.49 -3.46 -40.52
N PHE M 465 98.02 -2.27 -40.14
CA PHE M 465 96.73 -1.78 -40.59
C PHE M 465 96.84 -1.01 -41.90
N ALA M 466 98.05 -0.90 -42.46
CA ALA M 466 98.20 -0.25 -43.77
C ALA M 466 97.74 -1.19 -44.86
N PRO M 467 96.73 -0.80 -45.66
CA PRO M 467 96.22 -1.71 -46.70
C PRO M 467 97.19 -1.91 -47.85
N GLY M 468 97.03 -3.01 -48.57
CA GLY M 468 97.89 -3.33 -49.69
C GLY M 468 99.14 -4.10 -49.33
N ARG M 469 99.47 -4.20 -48.05
CA ARG M 469 100.67 -4.91 -47.61
C ARG M 469 100.31 -5.86 -46.48
N PHE M 470 99.05 -5.86 -46.05
CA PHE M 470 98.59 -6.75 -45.01
C PHE M 470 97.10 -7.02 -45.22
N THR M 471 96.65 -8.16 -44.70
CA THR M 471 95.29 -8.64 -44.96
C THR M 471 94.63 -9.07 -43.66
N ILE M 472 93.30 -9.13 -43.72
CA ILE M 472 92.52 -9.56 -42.56
C ILE M 472 92.84 -11.00 -42.18
N ALA M 473 93.06 -11.86 -43.19
CA ALA M 473 93.47 -13.23 -42.91
C ALA M 473 94.83 -13.28 -42.22
N ALA M 474 95.77 -12.44 -42.67
CA ALA M 474 97.07 -12.37 -42.02
C ALA M 474 96.95 -11.92 -40.58
N LEU M 475 96.10 -10.92 -40.33
CA LEU M 475 95.89 -10.44 -38.96
C LEU M 475 95.30 -11.55 -38.09
N GLN M 476 94.30 -12.26 -38.61
CA GLN M 476 93.69 -13.36 -37.88
C GLN M 476 94.72 -14.43 -37.54
N LYS M 477 95.54 -14.79 -38.50
CA LYS M 477 96.45 -15.91 -38.31
C LYS M 477 97.66 -15.52 -37.47
N ALA M 478 98.02 -14.23 -37.46
CA ALA M 478 99.02 -13.79 -36.50
C ALA M 478 98.42 -13.65 -35.11
N ILE M 479 97.12 -13.39 -35.03
CA ILE M 479 96.45 -13.50 -33.74
C ILE M 479 96.54 -14.91 -33.22
N GLN M 480 96.35 -15.90 -34.09
CA GLN M 480 96.48 -17.28 -33.66
C GLN M 480 97.94 -17.68 -33.46
N ILE M 481 98.88 -16.94 -34.05
CA ILE M 481 100.26 -16.96 -33.58
C ILE M 481 100.33 -16.61 -32.11
N LEU M 482 99.95 -15.37 -31.77
CA LEU M 482 100.30 -14.87 -30.45
C LEU M 482 99.34 -15.40 -29.39
N ARG M 483 98.27 -16.08 -29.82
CA ARG M 483 97.36 -16.79 -28.92
C ARG M 483 97.73 -18.25 -28.74
N LYS M 484 98.70 -18.76 -29.49
CA LYS M 484 99.12 -20.15 -29.43
C LYS M 484 97.95 -21.10 -29.70
N GLY M 485 98.12 -22.37 -29.36
CA GLY M 485 97.09 -23.37 -29.55
C GLY M 485 96.94 -23.81 -31.00
N SER M 486 96.45 -25.03 -31.19
CA SER M 486 96.23 -25.57 -32.52
C SER M 486 94.92 -25.12 -33.14
N GLY M 487 94.10 -24.37 -32.39
CA GLY M 487 92.87 -23.87 -32.96
C GLY M 487 93.12 -22.78 -33.98
N ARG M 488 92.14 -22.57 -34.87
CA ARG M 488 92.25 -21.55 -35.90
C ARG M 488 91.52 -20.29 -35.50
N VAL M 489 92.08 -19.14 -35.89
CA VAL M 489 91.46 -17.84 -35.68
C VAL M 489 91.16 -17.27 -37.05
N LEU M 490 89.89 -17.28 -37.45
CA LEU M 490 89.45 -16.86 -38.77
C LEU M 490 88.00 -16.38 -38.71
N ASP M 491 87.57 -15.69 -39.77
CA ASP M 491 86.21 -15.21 -39.93
C ASP M 491 85.76 -14.35 -38.75
N LEU M 492 86.38 -13.18 -38.59
CA LEU M 492 86.09 -12.30 -37.48
C LEU M 492 85.66 -10.92 -37.98
N SER M 493 84.88 -10.23 -37.17
CA SER M 493 84.52 -8.85 -37.45
C SER M 493 85.76 -7.96 -37.31
N TRP M 494 85.67 -6.74 -37.84
CA TRP M 494 86.85 -5.88 -37.89
C TRP M 494 87.23 -5.34 -36.51
N GLU M 495 86.25 -4.84 -35.77
CA GLU M 495 86.56 -4.28 -34.46
C GLU M 495 87.00 -5.37 -33.48
N GLU M 496 86.33 -6.52 -33.52
CA GLU M 496 86.78 -7.66 -32.73
C GLU M 496 88.16 -8.12 -33.18
N LEU M 497 88.46 -7.98 -34.47
CA LEU M 497 89.76 -8.35 -34.98
C LEU M 497 90.86 -7.47 -34.40
N LYS M 498 90.68 -6.16 -34.45
CA LYS M 498 91.69 -5.26 -33.91
C LYS M 498 91.81 -5.40 -32.40
N LYS M 499 90.68 -5.62 -31.72
CA LYS M 499 90.75 -5.89 -30.29
C LYS M 499 91.52 -7.17 -30.01
N GLU M 500 91.31 -8.20 -30.81
CA GLU M 500 92.07 -9.44 -30.67
C GLU M 500 93.55 -9.24 -30.93
N VAL M 501 93.89 -8.42 -31.94
CA VAL M 501 95.29 -8.11 -32.20
C VAL M 501 95.92 -7.49 -30.96
N THR M 502 95.29 -6.45 -30.44
CA THR M 502 95.83 -5.76 -29.28
C THR M 502 95.93 -6.70 -28.08
N LEU M 503 94.88 -7.49 -27.84
CA LEU M 503 94.84 -8.36 -26.69
C LEU M 503 95.90 -9.46 -26.77
N THR M 504 96.11 -10.04 -27.96
CA THR M 504 97.07 -11.14 -28.05
C THR M 504 98.51 -10.62 -27.98
N VAL M 505 98.79 -9.46 -28.58
CA VAL M 505 100.12 -8.88 -28.43
C VAL M 505 100.37 -8.51 -26.97
N GLU M 506 99.35 -8.00 -26.29
CA GLU M 506 99.51 -7.64 -24.88
C GLU M 506 99.68 -8.88 -24.00
N LYS M 507 99.02 -9.99 -24.37
CA LYS M 507 99.19 -11.22 -23.62
C LYS M 507 100.61 -11.76 -23.78
N GLU M 508 101.16 -11.71 -25.00
CA GLU M 508 102.56 -12.08 -25.17
C GLU M 508 103.49 -11.14 -24.39
N ILE M 509 103.17 -9.85 -24.39
CA ILE M 509 103.96 -8.88 -23.62
C ILE M 509 103.96 -9.26 -22.14
N GLN M 510 102.79 -9.55 -21.59
CA GLN M 510 102.66 -9.80 -20.16
C GLN M 510 103.38 -11.08 -19.76
N ASN M 511 103.35 -12.10 -20.62
CA ASN M 511 104.13 -13.31 -20.38
C ASN M 511 105.63 -13.04 -20.51
N ALA M 512 106.02 -12.13 -21.40
CA ALA M 512 107.43 -11.81 -21.59
C ALA M 512 108.01 -11.01 -20.43
N VAL M 513 107.22 -10.13 -19.83
CA VAL M 513 107.74 -9.21 -18.81
C VAL M 513 107.64 -9.86 -17.43
N VAL M 514 108.78 -9.94 -16.75
CA VAL M 514 108.84 -10.41 -15.37
C VAL M 514 109.75 -9.46 -14.57
N ASP M 515 110.01 -8.29 -15.13
CA ASP M 515 111.03 -7.40 -14.59
C ASP M 515 110.63 -6.85 -13.22
N TYR M 516 111.66 -6.62 -12.40
CA TYR M 516 111.50 -5.86 -11.16
C TYR M 516 111.68 -4.37 -11.37
N ASP M 517 112.33 -3.95 -12.46
CA ASP M 517 112.46 -2.56 -12.84
C ASP M 517 112.01 -2.42 -14.29
N VAL M 518 111.09 -1.49 -14.54
CA VAL M 518 110.57 -1.23 -15.87
C VAL M 518 111.29 -0.03 -16.44
N SER M 519 111.75 -0.13 -17.68
CA SER M 519 112.57 0.90 -18.29
C SER M 519 112.10 1.19 -19.71
N GLN M 520 112.49 2.38 -20.18
CA GLN M 520 112.18 2.81 -21.54
C GLN M 520 112.66 1.80 -22.57
N GLU M 521 113.92 1.39 -22.48
CA GLU M 521 114.48 0.48 -23.48
C GLU M 521 113.87 -0.89 -23.38
N GLU M 522 113.67 -1.41 -22.16
CA GLU M 522 113.04 -2.71 -22.00
C GLU M 522 111.63 -2.69 -22.60
N PHE M 523 110.89 -1.61 -22.36
CA PHE M 523 109.56 -1.47 -22.92
C PHE M 523 109.61 -1.48 -24.44
N ARG M 524 110.45 -0.62 -25.03
CA ARG M 524 110.55 -0.56 -26.48
C ARG M 524 110.96 -1.89 -27.07
N GLN M 525 111.83 -2.61 -26.37
CA GLN M 525 112.27 -3.91 -26.83
C GLN M 525 111.14 -4.93 -26.80
N ILE M 526 110.57 -5.19 -25.62
CA ILE M 526 109.45 -6.13 -25.56
C ILE M 526 108.42 -5.80 -26.62
N ASN M 527 108.20 -4.50 -26.85
CA ASN M 527 107.38 -4.07 -27.97
C ASN M 527 107.92 -4.61 -29.30
N ILE M 528 109.21 -4.41 -29.56
CA ILE M 528 109.71 -4.67 -30.91
C ILE M 528 109.65 -6.18 -31.20
N GLU M 529 110.07 -7.02 -30.26
CA GLU M 529 109.93 -8.46 -30.49
C GLU M 529 108.48 -8.90 -30.60
N ASN M 530 107.58 -8.42 -29.73
CA ASN M 530 106.20 -8.91 -29.85
C ASN M 530 105.52 -8.42 -31.13
N TRP M 531 105.45 -7.11 -31.33
CA TRP M 531 104.86 -6.59 -32.56
C TRP M 531 105.63 -7.01 -33.81
N CYS M 532 106.93 -7.27 -33.70
CA CYS M 532 107.67 -7.73 -34.87
C CYS M 532 107.29 -9.16 -35.20
N LYS M 533 107.06 -9.98 -34.17
CA LYS M 533 106.57 -11.33 -34.41
C LYS M 533 105.24 -11.29 -35.14
N PHE M 534 104.29 -10.55 -34.60
CA PHE M 534 102.97 -10.45 -35.23
C PHE M 534 103.08 -9.85 -36.62
N TYR M 535 103.85 -8.76 -36.75
CA TYR M 535 103.97 -8.03 -38.00
C TYR M 535 104.62 -8.89 -39.07
N THR M 536 105.65 -9.65 -38.70
CA THR M 536 106.37 -10.44 -39.68
C THR M 536 105.59 -11.69 -40.05
N CYS M 537 104.76 -12.22 -39.14
CA CYS M 537 103.83 -13.27 -39.54
C CYS M 537 102.86 -12.76 -40.60
N CYS M 538 102.25 -11.59 -40.35
CA CYS M 538 101.35 -11.02 -41.35
C CYS M 538 102.08 -10.68 -42.63
N LEU M 539 103.33 -10.22 -42.51
CA LEU M 539 104.16 -9.90 -43.66
C LEU M 539 104.43 -11.14 -44.51
N GLN M 540 104.77 -12.25 -43.86
CA GLN M 540 105.00 -13.49 -44.59
C GLN M 540 103.73 -13.96 -45.26
N TYR M 541 102.58 -13.82 -44.58
CA TYR M 541 101.34 -14.19 -45.26
C TYR M 541 101.04 -13.29 -46.46
N GLN M 542 101.28 -11.99 -46.34
CA GLN M 542 101.07 -11.11 -47.48
C GLN M 542 102.02 -11.45 -48.61
N GLU M 543 103.23 -11.89 -48.27
CA GLU M 543 104.17 -12.32 -49.31
C GLU M 543 103.67 -13.62 -49.97
N THR M 544 103.07 -14.51 -49.18
CA THR M 544 102.42 -15.69 -49.74
C THR M 544 101.31 -15.29 -50.69
N LEU M 545 100.57 -14.25 -50.33
CA LEU M 545 99.52 -13.73 -51.19
C LEU M 545 100.07 -13.07 -52.45
N SER M 546 101.26 -12.45 -52.35
CA SER M 546 101.90 -11.77 -53.46
C SER M 546 102.41 -12.72 -54.53
N ARG M 547 102.38 -14.02 -54.27
CA ARG M 547 102.79 -15.00 -55.27
C ARG M 547 101.81 -14.98 -56.44
N PRO M 548 102.30 -14.83 -57.68
CA PRO M 548 101.39 -14.75 -58.82
C PRO M 548 101.00 -16.12 -59.34
N LEU M 549 99.81 -16.20 -59.93
CA LEU M 549 99.35 -17.42 -60.57
C LEU M 549 99.03 -17.24 -62.05
N ALA M 550 98.23 -16.24 -62.41
CA ALA M 550 97.75 -16.13 -63.79
C ALA M 550 97.32 -14.71 -64.11
N LEU M 551 97.03 -14.48 -65.38
CA LEU M 551 96.62 -13.18 -65.91
C LEU M 551 95.41 -13.36 -66.82
N VAL M 552 94.49 -12.38 -66.81
CA VAL M 552 93.25 -12.43 -67.58
C VAL M 552 92.94 -11.01 -68.05
N VAL M 553 92.41 -10.89 -69.27
CA VAL M 553 92.09 -9.59 -69.87
C VAL M 553 90.64 -9.63 -70.37
N HIS M 554 89.90 -8.50 -70.19
CA HIS M 554 88.54 -8.42 -70.72
C HIS M 554 88.45 -7.31 -71.77
N PRO M 555 88.58 -7.66 -73.06
CA PRO M 555 88.56 -6.64 -74.12
C PRO M 555 87.32 -5.76 -74.14
N ASN M 556 86.14 -6.33 -73.89
CA ASN M 556 84.90 -5.59 -74.13
C ASN M 556 84.71 -4.44 -73.15
N THR M 557 84.86 -4.69 -71.86
CA THR M 557 84.69 -3.67 -70.84
C THR M 557 86.01 -3.19 -70.26
N ASN M 558 87.13 -3.71 -70.75
CA ASN M 558 88.46 -3.15 -70.51
C ASN M 558 88.89 -3.15 -69.04
N MET M 559 89.04 -4.32 -68.44
CA MET M 559 89.83 -4.43 -67.23
C MET M 559 90.65 -5.72 -67.25
N VAL M 560 91.76 -5.69 -66.51
CA VAL M 560 92.70 -6.80 -66.45
C VAL M 560 92.72 -7.32 -65.02
N CYS M 561 92.65 -8.64 -64.88
CA CYS M 561 92.66 -9.31 -63.59
C CYS M 561 93.93 -10.14 -63.46
N LEU M 562 94.50 -10.17 -62.26
CA LEU M 562 95.70 -10.92 -61.98
C LEU M 562 95.42 -11.88 -60.82
N LEU M 563 95.40 -13.17 -61.11
CA LEU M 563 95.18 -14.19 -60.09
C LEU M 563 96.50 -14.38 -59.36
N ARG M 564 96.56 -13.92 -58.12
CA ARG M 564 97.64 -14.28 -57.22
C ARG M 564 97.29 -15.59 -56.53
N LYS M 565 98.17 -16.04 -55.65
CA LYS M 565 97.83 -17.20 -54.83
C LYS M 565 96.55 -16.91 -54.06
N GLY M 566 95.46 -17.56 -54.46
CA GLY M 566 94.18 -17.22 -53.90
C GLY M 566 93.54 -16.06 -54.63
N PHE M 567 93.71 -14.86 -54.08
CA PHE M 567 92.97 -13.68 -54.50
C PHE M 567 93.16 -13.34 -55.98
N LEU M 568 92.29 -12.47 -56.46
CA LEU M 568 92.38 -11.88 -57.79
C LEU M 568 92.39 -10.36 -57.66
N SER M 569 93.35 -9.72 -58.30
CA SER M 569 93.49 -8.28 -58.28
C SER M 569 93.10 -7.70 -59.64
N PHE M 570 92.93 -6.38 -59.69
CA PHE M 570 92.58 -5.67 -60.91
C PHE M 570 93.67 -4.68 -61.27
N LEU M 571 93.71 -4.29 -62.53
CA LEU M 571 94.66 -3.28 -63.00
C LEU M 571 93.90 -2.07 -63.55
N ALA M 572 94.28 -0.88 -63.08
CA ALA M 572 93.55 0.34 -63.40
C ALA M 572 94.49 1.37 -64.04
N PRO M 573 93.99 2.14 -65.00
CA PRO M 573 94.81 3.19 -65.60
C PRO M 573 94.94 4.40 -64.68
N CYS M 574 96.05 5.12 -64.84
CA CYS M 574 96.35 6.29 -64.02
C CYS M 574 95.97 7.58 -64.75
N SER M 575 95.96 8.68 -64.02
CA SER M 575 95.90 9.99 -64.65
C SER M 575 97.25 10.34 -65.25
N SER M 576 97.27 11.41 -66.06
CA SER M 576 98.52 11.84 -66.66
C SER M 576 99.53 12.24 -65.59
N VAL M 577 99.12 13.05 -64.63
CA VAL M 577 100.04 13.56 -63.62
C VAL M 577 100.58 12.41 -62.77
N GLU M 578 99.70 11.51 -62.34
CA GLU M 578 100.13 10.41 -61.48
C GLU M 578 100.99 9.42 -62.23
N HIS M 579 100.66 9.13 -63.50
CA HIS M 579 101.54 8.33 -64.34
C HIS M 579 102.93 8.96 -64.40
N LEU M 580 102.99 10.26 -64.68
CA LEU M 580 104.28 10.93 -64.77
C LEU M 580 105.04 10.84 -63.47
N TYR M 581 104.36 11.04 -62.34
CA TYR M 581 105.02 11.07 -61.06
C TYR M 581 105.50 9.70 -60.60
N LEU M 582 104.74 8.65 -60.92
CA LEU M 582 105.12 7.31 -60.50
C LEU M 582 106.09 6.63 -61.45
N VAL M 583 106.04 6.95 -62.74
CA VAL M 583 106.99 6.41 -63.70
C VAL M 583 108.34 7.10 -63.52
N PRO M 584 109.43 6.36 -63.41
CA PRO M 584 110.75 6.99 -63.31
C PRO M 584 111.13 7.66 -64.62
N GLY M 585 112.24 8.40 -64.57
CA GLY M 585 112.62 9.25 -65.69
C GLY M 585 112.87 8.48 -66.97
N GLU M 586 113.37 7.25 -66.87
CA GLU M 586 113.72 6.49 -68.06
C GLU M 586 112.51 6.21 -68.94
N HIS M 587 111.44 5.65 -68.38
CA HIS M 587 110.25 5.35 -69.16
C HIS M 587 109.46 6.59 -69.55
N LEU M 588 109.63 7.70 -68.83
CA LEU M 588 108.98 8.95 -69.23
C LEU M 588 109.45 9.39 -70.61
N LEU M 589 110.76 9.29 -70.86
CA LEU M 589 111.28 9.60 -72.19
C LEU M 589 110.78 8.62 -73.24
N THR M 590 110.46 7.39 -72.84
CA THR M 590 109.84 6.42 -73.75
C THR M 590 108.39 6.76 -74.05
N VAL M 591 107.82 7.75 -73.36
CA VAL M 591 106.48 8.26 -73.63
C VAL M 591 106.65 9.53 -74.45
N ASP M 592 106.01 9.58 -75.62
CA ASP M 592 106.17 10.72 -76.50
C ASP M 592 105.51 11.96 -75.93
N GLU M 593 105.95 13.13 -76.43
CA GLU M 593 105.46 14.39 -75.89
C GLU M 593 104.00 14.65 -76.28
N SER M 594 103.48 13.89 -77.25
CA SER M 594 102.12 14.12 -77.74
C SER M 594 101.05 13.83 -76.70
N VAL M 595 101.18 12.79 -75.90
CA VAL M 595 100.16 12.43 -74.92
C VAL M 595 100.41 13.04 -73.56
N ILE M 596 101.65 13.37 -73.21
CA ILE M 596 101.92 14.05 -71.95
C ILE M 596 101.24 15.41 -71.93
N CYS M 597 101.39 16.19 -73.00
CA CYS M 597 100.76 17.48 -73.12
C CYS M 597 100.52 17.75 -74.61
N ASP M 598 99.59 18.67 -74.89
CA ASP M 598 99.32 19.03 -76.28
C ASP M 598 100.54 19.66 -76.92
N ASP M 599 101.24 20.53 -76.19
CA ASP M 599 102.44 21.18 -76.69
C ASP M 599 103.67 20.35 -76.34
N VAL M 600 104.65 20.32 -77.24
CA VAL M 600 105.93 19.73 -76.90
C VAL M 600 106.63 20.57 -75.85
N ASP M 601 106.50 21.90 -75.95
CA ASP M 601 107.04 22.79 -74.92
C ASP M 601 106.40 22.53 -73.57
N GLY M 602 105.06 22.47 -73.54
CA GLY M 602 104.38 22.17 -72.29
C GLY M 602 104.74 20.80 -71.75
N ALA M 603 104.88 19.81 -72.64
CA ALA M 603 105.26 18.47 -72.22
C ALA M 603 106.66 18.47 -71.60
N SER M 604 107.60 19.19 -72.21
CA SER M 604 108.95 19.28 -71.64
C SER M 604 108.92 19.99 -70.30
N ASP M 605 108.11 21.05 -70.18
CA ASP M 605 107.98 21.74 -68.91
C ASP M 605 107.45 20.81 -67.83
N ILE M 606 106.42 20.03 -68.15
CA ILE M 606 105.84 19.12 -67.18
C ILE M 606 106.83 18.00 -66.84
N VAL M 607 107.60 17.54 -67.82
CA VAL M 607 108.60 16.50 -67.56
C VAL M 607 109.65 17.02 -66.59
N SER M 608 110.13 18.24 -66.82
CA SER M 608 111.10 18.83 -65.91
C SER M 608 110.50 19.01 -64.51
N LEU M 609 109.24 19.43 -64.45
CA LEU M 609 108.57 19.59 -63.16
C LEU M 609 108.49 18.26 -62.41
N ILE M 610 108.13 17.19 -63.12
CA ILE M 610 108.02 15.87 -62.50
C ILE M 610 109.40 15.36 -62.09
N GLN M 611 110.44 15.68 -62.87
CA GLN M 611 111.79 15.30 -62.49
C GLN M 611 112.22 16.01 -61.21
N CYS M 612 111.89 17.30 -61.09
CA CYS M 612 112.18 18.02 -59.85
C CYS M 612 111.41 17.40 -58.69
N LEU M 613 110.15 17.03 -58.92
CA LEU M 613 109.38 16.35 -57.88
C LEU M 613 110.04 15.04 -57.47
N HIS M 614 110.54 14.27 -58.44
CA HIS M 614 111.17 12.99 -58.13
C HIS M 614 112.44 13.18 -57.31
N MET M 615 113.27 14.15 -57.69
CA MET M 615 114.50 14.38 -56.94
C MET M 615 114.20 14.90 -55.53
N ILE M 616 113.18 15.75 -55.39
CA ILE M 616 112.78 16.20 -54.05
C ILE M 616 112.31 15.01 -53.22
N ALA M 617 111.52 14.13 -53.83
CA ALA M 617 111.01 12.96 -53.11
C ALA M 617 112.13 12.04 -52.68
N ASP M 618 113.11 11.80 -53.56
CA ASP M 618 114.22 10.93 -53.20
C ASP M 618 115.12 11.56 -52.15
N TYR M 619 115.27 12.89 -52.18
CA TYR M 619 116.02 13.59 -51.15
C TYR M 619 115.30 13.62 -49.81
N ILE M 620 113.98 13.52 -49.80
CA ILE M 620 113.19 13.46 -48.59
C ILE M 620 113.20 12.02 -48.08
N THR M 621 113.55 11.84 -46.81
CA THR M 621 113.62 10.51 -46.22
C THR M 621 112.42 10.27 -45.31
N GLU M 622 112.43 9.10 -44.65
CA GLU M 622 111.31 8.72 -43.80
C GLU M 622 111.25 9.56 -42.53
N ASP M 623 112.41 9.90 -41.96
CA ASP M 623 112.43 10.76 -40.77
C ASP M 623 111.84 12.12 -41.09
N MET M 624 112.19 12.69 -42.24
CA MET M 624 111.58 13.94 -42.65
C MET M 624 110.08 13.79 -42.83
N ALA M 625 109.63 12.67 -43.41
CA ALA M 625 108.19 12.44 -43.57
C ALA M 625 107.49 12.42 -42.24
N TYR M 626 108.08 11.74 -41.25
CA TYR M 626 107.54 11.76 -39.90
C TYR M 626 107.50 13.18 -39.36
N GLN M 627 108.53 13.98 -39.67
CA GLN M 627 108.56 15.36 -39.23
C GLN M 627 107.40 16.15 -39.81
N MET M 628 107.15 16.00 -41.12
CA MET M 628 106.01 16.68 -41.73
C MET M 628 104.68 16.22 -41.12
N GLU M 629 104.53 14.90 -40.89
CA GLU M 629 103.29 14.42 -40.29
C GLU M 629 103.07 15.04 -38.92
N SER M 630 104.11 15.04 -38.08
CA SER M 630 103.98 15.59 -36.73
C SER M 630 103.67 17.07 -36.76
N ALA M 631 104.39 17.83 -37.60
CA ALA M 631 104.18 19.28 -37.64
C ALA M 631 102.82 19.64 -38.22
N CYS M 632 102.31 18.85 -39.17
CA CYS M 632 101.00 19.13 -39.75
C CYS M 632 99.87 18.78 -38.79
N CYS M 633 99.99 17.66 -38.08
CA CYS M 633 98.97 17.36 -37.07
C CYS M 633 99.05 18.36 -35.93
N HIS M 634 100.26 18.84 -35.61
CA HIS M 634 100.42 20.01 -34.79
C HIS M 634 99.75 21.20 -35.48
N PRO M 635 99.18 22.15 -34.74
CA PRO M 635 98.54 23.28 -35.41
C PRO M 635 99.58 24.17 -36.08
N GLN M 636 99.67 24.02 -37.40
CA GLN M 636 100.67 24.68 -38.22
C GLN M 636 100.14 24.75 -39.65
N SER M 637 100.31 25.90 -40.29
CA SER M 637 99.94 26.01 -41.68
C SER M 637 100.86 25.13 -42.53
N PRO M 638 100.34 24.50 -43.58
CA PRO M 638 101.21 23.66 -44.43
C PRO M 638 102.34 24.43 -45.08
N GLU M 639 102.13 25.71 -45.42
CA GLU M 639 103.19 26.51 -46.02
C GLU M 639 104.37 26.67 -45.07
N ARG M 640 104.08 26.91 -43.78
CA ARG M 640 105.15 27.08 -42.80
C ARG M 640 105.97 25.80 -42.65
N VAL M 641 105.32 24.65 -42.56
CA VAL M 641 106.06 23.40 -42.46
C VAL M 641 106.84 23.15 -43.75
N ALA M 642 106.26 23.47 -44.89
CA ALA M 642 106.95 23.26 -46.17
C ALA M 642 108.20 24.12 -46.25
N GLU M 643 108.13 25.38 -45.84
CA GLU M 643 109.32 26.23 -45.89
C GLU M 643 110.35 25.81 -44.84
N GLN M 644 109.88 25.32 -43.68
CA GLN M 644 110.79 24.77 -42.70
C GLN M 644 111.59 23.60 -43.27
N ILE M 645 110.89 22.69 -43.95
CA ILE M 645 111.55 21.51 -44.50
C ILE M 645 112.44 21.90 -45.68
N LEU M 646 112.03 22.90 -46.45
CA LEU M 646 112.89 23.41 -47.51
C LEU M 646 114.17 23.98 -46.94
N GLU M 647 114.08 24.71 -45.83
CA GLU M 647 115.27 25.19 -45.14
C GLU M 647 116.13 24.03 -44.66
N ASP M 648 115.49 22.97 -44.17
CA ASP M 648 116.24 21.78 -43.75
C ASP M 648 117.02 21.19 -44.92
N LEU M 649 116.37 21.09 -46.08
CA LEU M 649 117.06 20.55 -47.25
C LEU M 649 118.18 21.48 -47.70
N ILE M 650 117.97 22.80 -47.61
CA ILE M 650 119.05 23.73 -47.95
C ILE M 650 120.23 23.55 -47.00
N ALA M 651 119.96 23.43 -45.70
CA ALA M 651 121.03 23.26 -44.73
C ALA M 651 121.77 21.94 -44.94
N ASN M 652 121.05 20.88 -45.29
CA ASN M 652 121.64 19.56 -45.51
C ASN M 652 122.12 19.40 -46.95
N ASP M 653 122.01 20.44 -47.76
CA ASP M 653 122.33 20.35 -49.18
C ASP M 653 123.83 20.41 -49.39
N ILE M 654 124.44 19.26 -49.66
CA ILE M 654 125.86 19.17 -50.00
C ILE M 654 125.97 18.36 -51.29
N ASP M 655 124.87 17.75 -51.71
CA ASP M 655 124.83 16.94 -52.91
C ASP M 655 124.49 17.73 -54.16
N ASN M 656 124.19 19.02 -54.02
CA ASN M 656 123.79 19.87 -55.14
C ASN M 656 122.54 19.33 -55.83
N ILE M 657 121.75 18.55 -55.11
CA ILE M 657 120.48 18.08 -55.65
C ILE M 657 119.55 19.26 -55.90
N MET M 658 119.55 20.24 -54.99
CA MET M 658 118.84 21.48 -55.27
C MET M 658 119.44 22.24 -56.44
N GLU M 659 120.76 22.10 -56.66
CA GLU M 659 121.35 22.73 -57.84
C GLU M 659 120.79 22.10 -59.12
N ASN M 660 120.66 20.78 -59.16
CA ASN M 660 120.05 20.12 -60.31
C ASN M 660 118.58 20.50 -60.45
N ILE M 661 117.88 20.60 -59.32
CA ILE M 661 116.46 20.98 -59.36
C ILE M 661 116.30 22.39 -59.92
N GLN M 662 117.17 23.32 -59.48
CA GLN M 662 117.13 24.68 -59.98
C GLN M 662 117.50 24.73 -61.46
N ASN M 663 118.47 23.91 -61.89
CA ASN M 663 118.82 23.85 -63.30
C ASN M 663 117.64 23.36 -64.13
N LYS M 664 116.93 22.34 -63.66
CA LYS M 664 115.77 21.84 -64.39
C LYS M 664 114.61 22.84 -64.35
N LEU M 665 114.48 23.59 -63.25
CA LEU M 665 113.48 24.66 -63.20
C LEU M 665 113.78 25.76 -64.20
N GLN M 666 115.05 26.14 -64.33
CA GLN M 666 115.44 27.11 -65.35
C GLN M 666 115.28 26.55 -66.76
N ASP M 667 115.42 25.24 -66.94
CA ASP M 667 115.15 24.61 -68.23
C ASP M 667 113.71 24.83 -68.68
N ILE M 668 112.79 25.08 -67.75
CA ILE M 668 111.39 25.30 -68.09
C ILE M 668 111.22 26.70 -68.67
N ARG M 669 110.47 26.79 -69.77
CA ARG M 669 110.20 28.07 -70.40
C ARG M 669 108.94 28.74 -69.87
N ASN M 670 108.03 27.99 -69.26
CA ASN M 670 106.80 28.58 -68.75
C ASN M 670 106.15 27.64 -67.74
N PRO M 671 106.60 27.65 -66.48
CA PRO M 671 106.07 26.68 -65.50
C PRO M 671 104.61 26.93 -65.14
N ILE M 672 104.06 28.08 -65.50
CA ILE M 672 102.71 28.43 -65.05
C ILE M 672 101.68 27.46 -65.63
N GLN M 673 101.77 27.17 -66.92
CA GLN M 673 100.78 26.28 -67.52
C GLN M 673 100.95 24.84 -67.03
N ALA M 674 102.19 24.42 -66.76
CA ALA M 674 102.40 23.09 -66.19
C ALA M 674 101.77 22.97 -64.82
N ILE M 675 101.99 23.97 -63.96
CA ILE M 675 101.40 23.96 -62.62
C ILE M 675 99.88 23.99 -62.73
N SER M 676 99.36 24.84 -63.62
CA SER M 676 97.91 24.97 -63.75
C SER M 676 97.30 23.68 -64.31
N PHE M 677 98.03 22.96 -65.16
CA PHE M 677 97.53 21.70 -65.68
C PHE M 677 97.50 20.62 -64.61
N LEU M 678 98.57 20.53 -63.82
CA LEU M 678 98.60 19.57 -62.72
C LEU M 678 97.52 19.89 -61.70
N LEU M 679 97.21 21.19 -61.53
CA LEU M 679 96.21 21.58 -60.56
C LEU M 679 94.80 21.55 -61.17
N GLN M 680 94.70 21.49 -62.49
CA GLN M 680 93.39 21.41 -63.11
C GLN M 680 92.91 19.98 -63.22
N ASN M 681 93.83 19.03 -63.46
CA ASN M 681 93.49 17.63 -63.27
C ASN M 681 93.11 17.33 -61.83
N MET M 682 93.52 18.20 -60.92
CA MET M 682 93.12 18.23 -59.52
C MET M 682 91.73 18.80 -59.28
N ASP M 683 91.50 20.04 -59.68
CA ASP M 683 90.39 20.86 -59.20
C ASP M 683 89.09 20.36 -59.80
N TYR M 684 88.36 19.56 -59.02
CA TYR M 684 86.95 19.30 -59.25
C TYR M 684 86.21 19.71 -57.99
N GLU M 685 85.65 20.92 -57.99
CA GLU M 685 84.88 21.40 -56.85
C GLU M 685 83.53 21.93 -57.35
N THR M 686 82.46 21.49 -56.70
CA THR M 686 81.12 21.98 -56.99
C THR M 686 80.50 22.41 -55.66
N ASN M 687 80.37 23.72 -55.47
CA ASN M 687 79.73 24.24 -54.27
C ASN M 687 78.24 23.90 -54.28
N MET M 688 77.57 24.18 -53.17
CA MET M 688 76.13 24.02 -53.01
C MET M 688 75.73 22.56 -52.93
N ASP M 689 74.50 22.29 -52.50
CA ASP M 689 73.95 20.95 -52.42
C ASP M 689 72.50 20.98 -52.89
N MET M 690 72.30 20.77 -54.20
CA MET M 690 70.94 20.66 -54.73
C MET M 690 70.85 19.52 -55.73
N GLU M 691 71.98 18.93 -56.08
CA GLU M 691 72.04 17.73 -56.90
C GLU M 691 72.25 16.48 -56.08
N GLN M 692 72.22 16.59 -54.75
CA GLN M 692 72.47 15.45 -53.89
C GLN M 692 71.35 14.43 -54.01
N SER M 693 71.73 13.15 -54.02
CA SER M 693 70.79 12.04 -54.08
C SER M 693 71.24 10.98 -53.10
N GLN M 694 70.54 10.87 -51.97
CA GLN M 694 70.88 9.91 -50.92
C GLN M 694 70.12 8.60 -51.08
N HIS M 695 69.36 8.45 -52.16
CA HIS M 695 68.70 7.19 -52.48
C HIS M 695 68.61 7.07 -54.00
N ASN M 696 68.45 5.83 -54.46
CA ASN M 696 68.38 5.57 -55.90
C ASN M 696 67.09 6.13 -56.48
N VAL M 697 67.23 6.93 -57.53
CA VAL M 697 66.10 7.34 -58.37
C VAL M 697 65.83 6.19 -59.32
N ARG M 698 64.74 5.46 -59.08
CA ARG M 698 64.53 4.17 -59.71
C ARG M 698 64.26 4.39 -61.20
N LEU M 699 65.33 4.30 -62.00
CA LEU M 699 65.25 4.45 -63.44
C LEU M 699 65.96 3.33 -64.19
N ASN M 700 66.06 2.14 -63.60
CA ASN M 700 66.83 0.97 -64.03
C ASN M 700 68.33 1.20 -63.92
N LEU M 701 68.77 2.38 -63.49
CA LEU M 701 70.20 2.63 -63.28
C LEU M 701 70.72 2.00 -62.00
N SER M 702 69.87 1.85 -60.98
CA SER M 702 70.32 1.33 -59.69
C SER M 702 70.77 -0.13 -59.77
N THR M 703 70.47 -0.83 -60.86
CA THR M 703 70.98 -2.17 -61.08
C THR M 703 72.47 -2.19 -61.40
N LEU M 704 73.10 -1.03 -61.60
CA LEU M 704 74.47 -0.95 -62.07
C LEU M 704 75.41 -0.66 -60.91
N TYR M 705 76.49 -1.45 -60.82
CA TYR M 705 77.53 -1.29 -59.80
C TYR M 705 76.96 -1.29 -58.38
N GLY M 706 77.71 -0.71 -57.45
CA GLY M 706 77.27 -0.63 -56.07
C GLY M 706 77.47 -1.90 -55.26
N SER M 707 78.18 -2.88 -55.80
CA SER M 707 78.33 -4.16 -55.11
C SER M 707 79.52 -4.12 -54.16
N VAL M 708 79.69 -5.22 -53.42
CA VAL M 708 80.80 -5.32 -52.47
C VAL M 708 82.14 -5.32 -53.21
N THR M 709 82.23 -6.08 -54.30
CA THR M 709 83.46 -6.10 -55.09
C THR M 709 83.75 -4.74 -55.70
N ALA M 710 82.71 -4.07 -56.20
CA ALA M 710 82.90 -2.73 -56.73
C ALA M 710 83.40 -1.77 -55.66
N SER M 711 82.83 -1.85 -54.46
CA SER M 711 83.28 -1.01 -53.36
C SER M 711 84.73 -1.30 -53.02
N SER M 712 85.11 -2.57 -52.98
CA SER M 712 86.49 -2.93 -52.65
C SER M 712 87.47 -2.37 -53.68
N VAL M 713 87.18 -2.57 -54.96
CA VAL M 713 88.09 -2.09 -56.00
C VAL M 713 88.15 -0.57 -55.99
N VAL M 714 87.00 0.10 -55.85
CA VAL M 714 86.98 1.56 -55.82
C VAL M 714 87.77 2.09 -54.63
N CYS M 715 87.62 1.47 -53.46
CA CYS M 715 88.33 1.95 -52.28
C CYS M 715 89.82 1.69 -52.38
N GLN M 716 90.23 0.56 -52.96
CA GLN M 716 91.66 0.35 -53.18
C GLN M 716 92.21 1.39 -54.15
N ALA M 717 91.48 1.68 -55.22
CA ALA M 717 91.88 2.73 -56.15
C ALA M 717 92.02 4.06 -55.44
N ILE M 718 91.04 4.40 -54.60
CA ILE M 718 91.05 5.67 -53.89
C ILE M 718 92.25 5.74 -52.96
N TYR M 719 92.54 4.64 -52.27
CA TYR M 719 93.69 4.62 -51.37
C TYR M 719 94.98 4.87 -52.14
N LYS M 720 95.17 4.18 -53.26
CA LYS M 720 96.39 4.39 -54.03
C LYS M 720 96.47 5.81 -54.58
N ILE M 721 95.36 6.32 -55.12
CA ILE M 721 95.36 7.66 -55.69
C ILE M 721 95.70 8.70 -54.64
N SER M 722 95.06 8.60 -53.47
CA SER M 722 95.31 9.56 -52.39
C SER M 722 96.74 9.45 -51.88
N ALA M 723 97.22 8.23 -51.67
CA ALA M 723 98.57 8.03 -51.17
C ALA M 723 99.60 8.65 -52.12
N THR M 724 99.40 8.47 -53.42
CA THR M 724 100.32 9.09 -54.38
C THR M 724 100.16 10.61 -54.41
N ARG M 725 98.92 11.09 -54.49
CA ARG M 725 98.74 12.48 -54.91
C ARG M 725 98.88 13.44 -53.73
N PHE M 726 98.68 12.96 -52.50
CA PHE M 726 99.01 13.80 -51.34
C PHE M 726 100.51 14.08 -51.28
N LEU M 727 101.32 13.05 -51.53
CA LEU M 727 102.77 13.27 -51.63
C LEU M 727 103.09 14.19 -52.79
N ILE M 728 102.36 14.06 -53.91
CA ILE M 728 102.56 14.97 -55.02
C ILE M 728 102.27 16.41 -54.58
N CYS M 729 101.21 16.59 -53.78
CA CYS M 729 100.87 17.91 -53.25
C CYS M 729 102.01 18.47 -52.41
N ARG M 730 102.52 17.65 -51.49
CA ARG M 730 103.59 18.07 -50.59
C ARG M 730 104.85 18.44 -51.36
N ASP M 731 105.26 17.58 -52.30
CA ASP M 731 106.44 17.88 -53.09
C ASP M 731 106.24 19.10 -53.98
N LEU M 732 105.03 19.29 -54.51
CA LEU M 732 104.76 20.45 -55.35
C LEU M 732 104.83 21.74 -54.55
N LEU M 733 104.28 21.74 -53.34
CA LEU M 733 104.38 22.94 -52.50
C LEU M 733 105.83 23.24 -52.14
N ILE M 734 106.60 22.19 -51.82
CA ILE M 734 108.02 22.39 -51.51
C ILE M 734 108.75 22.95 -52.72
N LEU M 735 108.44 22.43 -53.91
CA LEU M 735 109.11 22.88 -55.12
C LEU M 735 108.73 24.31 -55.47
N GLN M 736 107.47 24.69 -55.24
CA GLN M 736 107.06 26.06 -55.48
C GLN M 736 107.74 27.02 -54.52
N HIS M 737 107.89 26.62 -53.25
CA HIS M 737 108.66 27.45 -52.32
C HIS M 737 110.12 27.57 -52.76
N LEU M 738 110.70 26.47 -53.26
CA LEU M 738 112.07 26.52 -53.75
C LEU M 738 112.20 27.43 -54.96
N LEU M 739 111.22 27.39 -55.87
CA LEU M 739 111.22 28.29 -57.02
C LEU M 739 111.08 29.73 -56.59
N LEU M 740 110.24 29.99 -55.57
CA LEU M 740 110.10 31.33 -55.03
C LEU M 740 111.42 31.84 -54.46
N ARG M 741 112.14 30.99 -53.72
CA ARG M 741 113.42 31.41 -53.18
C ARG M 741 114.48 31.56 -54.27
N LEU M 742 114.37 30.78 -55.35
CA LEU M 742 115.29 30.93 -56.47
C LEU M 742 115.05 32.24 -57.22
N GLY M 743 113.80 32.64 -57.40
CA GLY M 743 113.47 33.86 -58.12
C GLY M 743 112.66 33.64 -59.37
N ASP M 744 111.56 34.40 -59.51
CA ASP M 744 110.68 34.31 -60.66
C ASP M 744 110.99 35.34 -61.73
N MET M 745 112.09 36.07 -61.59
CA MET M 745 112.47 37.09 -62.55
C MET M 745 113.50 36.58 -63.56
N ALA M 746 113.83 35.29 -63.51
CA ALA M 746 114.87 34.71 -64.37
C ALA M 746 114.33 33.63 -65.29
N LEU M 747 113.03 33.64 -65.60
CA LEU M 747 112.43 32.65 -66.48
C LEU M 747 111.60 33.32 -67.55
N VAL M 748 111.40 32.62 -68.67
CA VAL M 748 110.56 33.13 -69.74
C VAL M 748 109.13 33.25 -69.24
N GLY M 749 108.50 34.39 -69.52
CA GLY M 749 107.21 34.70 -68.94
C GLY M 749 107.27 35.17 -67.50
N ALA M 750 108.35 35.86 -67.12
CA ALA M 750 108.56 36.22 -65.72
C ALA M 750 107.49 37.16 -65.19
N GLY M 751 107.02 38.09 -66.03
CA GLY M 751 106.07 39.09 -65.57
C GLY M 751 104.80 38.50 -65.00
N GLN M 752 104.20 37.54 -65.70
CA GLN M 752 103.01 36.87 -65.17
C GLN M 752 103.37 35.69 -64.27
N LEU M 753 104.63 35.27 -64.27
CA LEU M 753 105.06 34.21 -63.37
C LEU M 753 105.03 34.66 -61.92
N LEU M 754 105.41 35.92 -61.67
CA LEU M 754 105.58 36.39 -60.29
C LEU M 754 104.27 36.36 -59.52
N HIS M 755 103.19 36.88 -60.11
CA HIS M 755 101.91 36.91 -59.41
C HIS M 755 101.23 35.54 -59.42
N SER M 756 101.47 34.76 -60.47
CA SER M 756 100.84 33.44 -60.57
C SER M 756 101.28 32.53 -59.42
N GLN M 757 102.57 32.49 -59.12
CA GLN M 757 103.07 31.66 -58.03
C GLN M 757 102.53 32.13 -56.68
N GLN M 758 102.50 33.45 -56.46
CA GLN M 758 101.95 33.98 -55.23
C GLN M 758 100.48 33.65 -55.07
N GLU M 759 99.72 33.63 -56.16
CA GLU M 759 98.32 33.22 -56.12
C GLU M 759 98.17 31.72 -55.88
N LEU M 760 99.06 30.90 -56.44
CA LEU M 760 98.87 29.46 -56.38
C LEU M 760 99.41 28.86 -55.08
N ILE M 761 100.32 29.54 -54.39
CA ILE M 761 100.90 28.97 -53.17
C ILE M 761 99.85 28.69 -52.09
N PRO M 762 98.96 29.63 -51.74
CA PRO M 762 97.88 29.27 -50.80
C PRO M 762 96.97 28.19 -51.35
N ARG M 763 96.74 28.18 -52.67
CA ARG M 763 95.98 27.10 -53.28
C ARG M 763 96.66 25.76 -53.08
N ALA M 764 97.99 25.73 -53.27
CA ALA M 764 98.74 24.50 -53.05
C ALA M 764 98.67 24.07 -51.59
N ALA M 765 98.74 25.04 -50.67
CA ALA M 765 98.63 24.72 -49.25
C ALA M 765 97.28 24.08 -48.93
N GLN M 766 96.20 24.71 -49.37
CA GLN M 766 94.86 24.19 -49.09
C GLN M 766 94.66 22.82 -49.74
N LEU M 767 95.15 22.65 -50.97
CA LEU M 767 94.96 21.38 -51.67
C LEU M 767 95.80 20.28 -51.03
N LEU M 768 96.99 20.61 -50.54
CA LEU M 768 97.79 19.69 -49.75
C LEU M 768 97.03 19.27 -48.49
N LEU M 769 96.41 20.24 -47.82
CA LEU M 769 95.60 19.91 -46.64
C LEU M 769 94.44 18.99 -47.02
N SER M 770 93.79 19.27 -48.15
CA SER M 770 92.63 18.49 -48.57
C SER M 770 93.00 17.04 -48.85
N TYR M 771 94.12 16.83 -49.56
CA TYR M 771 94.50 15.45 -49.88
C TYR M 771 95.22 14.78 -48.71
N TYR M 772 95.75 15.56 -47.77
CA TYR M 772 96.09 15.00 -46.46
C TYR M 772 94.86 14.41 -45.80
N MET M 773 93.77 15.18 -45.77
CA MET M 773 92.52 14.71 -45.20
C MET M 773 92.01 13.48 -45.93
N ILE M 774 92.10 13.50 -47.26
CA ILE M 774 91.59 12.39 -48.06
C ILE M 774 92.39 11.12 -47.82
N ARG M 775 93.73 11.23 -47.84
CA ARG M 775 94.57 10.06 -47.62
C ARG M 775 94.40 9.54 -46.19
N TRP M 776 94.22 10.45 -45.23
CA TRP M 776 93.96 10.01 -43.86
C TRP M 776 92.63 9.29 -43.76
N GLY M 777 91.61 9.81 -44.44
CA GLY M 777 90.31 9.14 -44.41
C GLY M 777 90.35 7.78 -45.06
N SER M 778 91.15 7.63 -46.13
CA SER M 778 91.30 6.34 -46.78
C SER M 778 91.86 5.27 -45.84
N GLN M 779 92.54 5.67 -44.77
CA GLN M 779 93.07 4.72 -43.81
C GLN M 779 92.39 4.78 -42.45
N CYS M 780 91.50 5.74 -42.22
CA CYS M 780 90.80 5.83 -40.94
C CYS M 780 89.69 4.80 -40.91
N LEU M 781 89.76 3.88 -39.95
CA LEU M 781 88.90 2.71 -39.98
C LEU M 781 87.49 3.05 -39.49
N ALA M 782 86.55 2.16 -39.82
CA ALA M 782 85.17 2.27 -39.38
C ALA M 782 84.82 1.03 -38.58
N CYS M 783 84.12 1.23 -37.46
CA CYS M 783 83.81 0.12 -36.57
C CYS M 783 82.83 -0.86 -37.23
N ALA M 784 83.01 -2.15 -36.93
CA ALA M 784 82.12 -3.19 -37.44
C ALA M 784 81.06 -3.49 -36.39
N VAL M 785 79.95 -2.76 -36.45
CA VAL M 785 78.89 -2.86 -35.43
C VAL M 785 77.56 -3.10 -36.15
N PRO M 786 76.55 -3.70 -35.49
CA PRO M 786 75.30 -3.93 -36.16
C PRO M 786 74.44 -2.69 -36.41
N VAL M 787 73.60 -2.77 -37.45
CA VAL M 787 72.87 -1.60 -37.89
C VAL M 787 71.87 -1.16 -36.83
N ASP M 788 71.27 -2.11 -36.09
CA ASP M 788 70.21 -1.76 -35.17
C ASP M 788 70.73 -0.96 -33.98
N LEU M 789 71.96 -1.24 -33.54
CA LEU M 789 72.53 -0.46 -32.45
C LEU M 789 72.72 1.00 -32.86
N LEU M 790 73.24 1.24 -34.07
CA LEU M 790 73.38 2.59 -34.56
C LEU M 790 72.03 3.25 -34.76
N GLU M 791 71.01 2.45 -35.15
CA GLU M 791 69.66 2.97 -35.26
C GLU M 791 69.15 3.46 -33.91
N SER M 792 69.39 2.68 -32.85
CA SER M 792 69.01 3.10 -31.51
C SER M 792 69.74 4.37 -31.09
N ASN M 793 71.03 4.45 -31.42
CA ASN M 793 71.78 5.67 -31.08
C ASN M 793 71.23 6.88 -31.81
N LEU M 794 70.89 6.73 -33.09
CA LEU M 794 70.28 7.83 -33.82
C LEU M 794 68.92 8.20 -33.25
N GLN M 795 68.18 7.21 -32.76
CA GLN M 795 66.91 7.50 -32.10
C GLN M 795 67.13 8.31 -30.82
N HIS M 796 68.17 7.98 -30.06
CA HIS M 796 68.50 8.77 -28.88
C HIS M 796 68.84 10.20 -29.28
N LEU M 797 69.63 10.36 -30.35
CA LEU M 797 69.92 11.70 -30.86
C LEU M 797 68.64 12.45 -31.19
N SER M 798 67.72 11.81 -31.92
CA SER M 798 66.48 12.46 -32.28
C SER M 798 65.66 12.84 -31.05
N VAL M 799 65.68 11.99 -30.02
CA VAL M 799 65.05 12.34 -28.75
C VAL M 799 65.66 13.61 -28.18
N LEU M 800 66.98 13.77 -28.32
CA LEU M 800 67.62 14.99 -27.89
C LEU M 800 67.26 16.21 -28.75
N GLU M 801 66.28 16.09 -29.64
CA GLU M 801 65.99 17.10 -30.67
C GLU M 801 67.25 17.39 -31.46
N LEU M 802 67.75 16.40 -32.21
CA LEU M 802 68.92 16.61 -33.03
C LEU M 802 68.60 16.24 -34.47
N SER M 803 68.86 17.17 -35.37
CA SER M 803 68.72 16.91 -36.80
C SER M 803 69.96 16.18 -37.31
N ASP M 804 69.90 15.80 -38.59
CA ASP M 804 70.98 15.06 -39.25
C ASP M 804 71.20 13.70 -38.59
N SER M 805 70.21 13.23 -37.84
CA SER M 805 70.25 11.92 -37.20
C SER M 805 69.64 10.84 -38.10
N GLN M 806 69.73 11.03 -39.42
CA GLN M 806 69.04 10.16 -40.36
C GLN M 806 69.57 8.73 -40.28
N VAL M 807 68.66 7.79 -40.50
CA VAL M 807 69.00 6.37 -40.49
C VAL M 807 69.04 5.88 -41.93
N GLU M 808 70.14 5.22 -42.31
CA GLU M 808 70.31 4.73 -43.68
C GLU M 808 70.74 3.27 -43.64
N LYS M 809 69.92 2.42 -44.26
CA LYS M 809 70.23 0.99 -44.30
C LYS M 809 71.38 0.73 -45.26
N ARG M 810 72.51 0.28 -44.70
CA ARG M 810 73.70 -0.06 -45.46
C ARG M 810 74.18 -1.43 -45.00
N ARG M 811 74.85 -2.16 -45.88
CA ARG M 811 75.31 -3.51 -45.59
C ARG M 811 76.80 -3.46 -45.25
N TYR M 812 77.12 -3.70 -43.98
CA TYR M 812 78.52 -3.82 -43.55
C TYR M 812 79.14 -5.07 -44.15
N THR M 813 80.41 -4.97 -44.52
CA THR M 813 81.16 -6.13 -44.99
C THR M 813 81.70 -6.90 -43.80
N SER M 814 81.77 -8.22 -43.94
CA SER M 814 82.25 -9.06 -42.85
C SER M 814 83.69 -8.74 -42.49
N GLY M 815 84.41 -8.11 -43.42
CA GLY M 815 85.81 -7.78 -43.21
C GLY M 815 86.02 -6.34 -42.83
N ILE M 816 87.09 -5.76 -43.38
CA ILE M 816 87.59 -4.45 -43.01
C ILE M 816 86.59 -3.34 -43.35
N GLN M 817 86.61 -2.27 -42.56
CA GLN M 817 85.85 -1.05 -42.82
C GLN M 817 86.68 0.17 -42.44
N THR M 818 86.98 0.99 -43.43
CA THR M 818 87.49 2.33 -43.20
C THR M 818 86.33 3.31 -43.25
N ILE M 819 86.59 4.55 -42.84
CA ILE M 819 85.54 5.55 -42.93
C ILE M 819 85.23 5.86 -44.39
N VAL M 820 86.22 5.74 -45.28
CA VAL M 820 85.96 5.90 -46.70
C VAL M 820 85.08 4.77 -47.22
N GLU M 821 85.35 3.54 -46.80
CA GLU M 821 84.47 2.43 -47.16
C GLU M 821 83.05 2.67 -46.66
N LEU M 822 82.92 3.11 -45.41
CA LEU M 822 81.62 3.43 -44.85
C LEU M 822 80.90 4.47 -45.69
N PHE M 823 81.57 5.59 -46.01
CA PHE M 823 80.95 6.65 -46.77
C PHE M 823 80.55 6.19 -48.16
N PHE M 824 81.44 5.49 -48.86
CA PHE M 824 81.10 5.02 -50.20
C PHE M 824 79.89 4.11 -50.16
N GLU M 825 79.95 3.05 -49.34
CA GLU M 825 78.87 2.08 -49.30
C GLU M 825 77.57 2.70 -48.81
N ASP M 826 77.65 3.79 -48.06
CA ASP M 826 76.44 4.38 -47.50
C ASP M 826 75.80 5.41 -48.42
N VAL M 827 76.61 6.18 -49.16
CA VAL M 827 76.11 7.31 -49.94
C VAL M 827 76.32 7.11 -51.44
N GLY M 828 77.53 6.71 -51.84
CA GLY M 828 77.87 6.75 -53.25
C GLY M 828 77.00 5.86 -54.10
N ARG M 829 76.73 4.64 -53.62
CA ARG M 829 75.83 3.74 -54.35
C ARG M 829 74.45 4.36 -54.49
N LYS M 830 73.96 5.02 -53.44
CA LYS M 830 72.65 5.65 -53.50
C LYS M 830 72.63 6.79 -54.50
N HIS M 831 73.75 7.49 -54.67
CA HIS M 831 73.80 8.61 -55.61
C HIS M 831 74.20 8.16 -57.02
N PHE M 832 74.40 6.86 -57.23
CA PHE M 832 74.75 6.37 -58.56
C PHE M 832 73.74 6.78 -59.63
N PRO M 833 72.42 6.63 -59.45
CA PRO M 833 71.50 6.98 -60.56
C PRO M 833 71.64 8.39 -61.08
N GLN M 834 71.84 9.38 -60.20
CA GLN M 834 72.11 10.73 -60.68
C GLN M 834 73.47 10.80 -61.36
N VAL M 835 74.47 10.16 -60.76
CA VAL M 835 75.77 10.01 -61.41
C VAL M 835 75.61 9.23 -62.72
N PHE M 836 74.83 8.16 -62.69
CA PHE M 836 74.58 7.41 -63.91
C PHE M 836 73.84 8.24 -64.94
N ALA M 837 72.84 9.01 -64.49
CA ALA M 837 72.10 9.86 -65.42
C ALA M 837 73.02 10.87 -66.10
N HIS M 838 73.92 11.49 -65.33
CA HIS M 838 74.86 12.43 -65.92
C HIS M 838 75.86 11.73 -66.85
N LEU M 839 76.50 10.66 -66.37
CA LEU M 839 77.62 10.07 -67.09
C LEU M 839 77.16 9.34 -68.34
N PHE M 840 76.01 8.66 -68.28
CA PHE M 840 75.52 7.96 -69.46
C PHE M 840 75.23 8.94 -70.60
N ILE M 841 74.77 10.14 -70.27
CA ILE M 841 74.62 11.17 -71.27
C ILE M 841 75.98 11.69 -71.73
N GLN M 842 76.89 11.91 -70.77
CA GLN M 842 78.18 12.53 -71.09
C GLN M 842 79.03 11.65 -72.00
N SER M 843 79.09 10.35 -71.72
CA SER M 843 79.93 9.44 -72.47
C SER M 843 79.30 8.05 -72.41
N GLY M 844 79.69 7.22 -73.37
CA GLY M 844 79.13 5.88 -73.44
C GLY M 844 77.64 5.93 -73.78
N SER M 845 77.02 4.76 -73.67
CA SER M 845 75.59 4.67 -73.96
C SER M 845 74.78 5.24 -72.81
N SER M 846 73.77 6.03 -73.15
CA SER M 846 72.91 6.63 -72.13
C SER M 846 71.97 5.60 -71.52
N GLN M 847 71.72 4.51 -72.24
CA GLN M 847 70.86 3.46 -71.74
C GLN M 847 71.54 2.67 -70.62
N VAL M 848 70.71 2.01 -69.81
CA VAL M 848 71.21 1.11 -68.78
C VAL M 848 72.00 -0.05 -69.36
N HIS M 849 71.95 -0.24 -70.68
CA HIS M 849 72.71 -1.27 -71.38
C HIS M 849 74.01 -0.75 -71.96
N ARG M 850 74.63 0.23 -71.31
CA ARG M 850 75.86 0.82 -71.82
C ARG M 850 77.00 -0.20 -71.80
N SER M 851 77.75 -0.25 -72.89
CA SER M 851 79.07 -0.88 -72.90
C SER M 851 80.00 0.04 -72.14
N LEU M 852 80.13 -0.20 -70.83
CA LEU M 852 80.76 0.76 -69.93
C LEU M 852 82.20 1.02 -70.34
N ASN M 853 82.53 2.30 -70.49
CA ASN M 853 83.90 2.75 -70.78
C ASN M 853 84.58 2.98 -69.43
N TRP M 854 85.38 2.01 -69.01
CA TRP M 854 85.83 1.96 -67.63
C TRP M 854 86.92 3.01 -67.35
N ALA M 855 87.80 3.22 -68.33
CA ALA M 855 88.88 4.19 -68.14
C ALA M 855 88.33 5.61 -67.97
N ASP M 856 87.31 5.97 -68.75
CA ASP M 856 86.68 7.28 -68.57
C ASP M 856 85.79 7.29 -67.34
N LEU M 857 85.14 6.16 -67.06
CA LEU M 857 84.23 6.07 -65.92
C LEU M 857 84.95 6.33 -64.62
N ILE M 858 86.14 5.75 -64.45
CA ILE M 858 86.88 5.95 -63.21
C ILE M 858 87.29 7.40 -63.05
N HIS M 859 87.72 8.04 -64.14
CA HIS M 859 88.12 9.44 -64.05
C HIS M 859 86.94 10.33 -63.69
N ARG M 860 85.78 10.07 -64.29
CA ARG M 860 84.61 10.90 -63.99
C ARG M 860 84.13 10.67 -62.56
N ILE M 861 84.16 9.41 -62.10
CA ILE M 861 83.79 9.11 -60.72
C ILE M 861 84.74 9.80 -59.75
N THR M 862 86.04 9.78 -60.08
CA THR M 862 87.02 10.47 -59.24
C THR M 862 86.75 11.96 -59.18
N SER M 863 86.42 12.56 -60.33
CA SER M 863 86.11 13.98 -60.36
C SER M 863 84.90 14.30 -59.49
N TYR M 864 83.84 13.49 -59.61
CA TYR M 864 82.65 13.72 -58.81
C TYR M 864 82.92 13.54 -57.32
N LEU M 865 83.70 12.53 -56.95
CA LEU M 865 84.02 12.32 -55.55
C LEU M 865 84.86 13.46 -55.00
N LEU M 866 85.79 13.99 -55.79
CA LEU M 866 86.55 15.15 -55.35
C LEU M 866 85.64 16.37 -55.19
N GLN M 867 84.65 16.50 -56.08
CA GLN M 867 83.68 17.58 -55.95
C GLN M 867 82.92 17.48 -54.64
N LEU M 868 82.49 16.27 -54.27
CA LEU M 868 81.73 16.11 -53.03
C LEU M 868 82.62 16.12 -51.79
N LEU M 869 83.92 15.87 -51.95
CA LEU M 869 84.85 15.91 -50.85
C LEU M 869 85.63 17.21 -50.75
N TRP M 870 85.33 18.18 -51.60
CA TRP M 870 86.01 19.46 -51.51
C TRP M 870 85.67 20.16 -50.20
N PRO M 871 86.66 20.58 -49.42
CA PRO M 871 86.38 21.21 -48.13
C PRO M 871 86.10 22.70 -48.23
N SER M 872 86.34 23.26 -49.41
CA SER M 872 85.99 24.64 -49.70
C SER M 872 84.56 24.76 -50.22
N ASN M 873 83.82 23.66 -50.24
CA ASN M 873 82.46 23.56 -50.73
C ASN M 873 81.50 23.27 -49.59
N PRO M 874 80.22 23.59 -49.75
CA PRO M 874 79.22 23.21 -48.75
C PRO M 874 78.96 21.71 -48.72
N ASN M 875 79.75 20.95 -49.48
CA ASN M 875 79.59 19.49 -49.55
C ASN M 875 80.00 18.90 -48.21
N PHE M 876 79.02 18.56 -47.37
CA PHE M 876 79.24 18.05 -46.03
C PHE M 876 78.86 16.58 -45.90
N GLN M 877 78.86 15.86 -47.02
CA GLN M 877 78.26 14.53 -47.06
C GLN M 877 79.09 13.51 -46.29
N PHE M 878 80.42 13.66 -46.25
CA PHE M 878 81.24 12.69 -45.54
C PHE M 878 80.97 12.73 -44.03
N ALA M 879 81.02 13.93 -43.45
CA ALA M 879 80.69 14.06 -42.03
C ALA M 879 79.23 13.73 -41.78
N GLU M 880 78.36 14.03 -42.74
CA GLU M 880 76.96 13.65 -42.62
C GLU M 880 76.81 12.13 -42.49
N CYS M 881 77.51 11.38 -43.34
CA CYS M 881 77.48 9.93 -43.27
C CYS M 881 78.09 9.42 -41.97
N LEU M 882 79.18 10.05 -41.53
CA LEU M 882 79.80 9.64 -40.26
C LEU M 882 78.82 9.80 -39.10
N MET M 883 78.09 10.91 -39.07
CA MET M 883 77.15 11.13 -37.96
C MET M 883 75.94 10.20 -38.07
N ARG M 884 75.47 9.93 -39.30
CA ARG M 884 74.39 8.98 -39.47
C ARG M 884 74.81 7.58 -39.08
N ASN M 885 76.10 7.27 -39.19
CA ASN M 885 76.62 5.95 -38.84
C ASN M 885 77.29 5.92 -37.48
N CYS M 886 77.20 6.99 -36.70
CA CYS M 886 77.65 7.01 -35.31
C CYS M 886 79.11 6.61 -35.18
N GLN M 887 80.00 7.45 -35.71
CA GLN M 887 81.44 7.21 -35.68
C GLN M 887 82.09 8.43 -35.00
N TYR M 888 81.56 8.78 -33.83
CA TYR M 888 81.84 10.07 -33.22
C TYR M 888 83.33 10.27 -32.96
N THR M 889 84.07 9.20 -32.65
CA THR M 889 85.52 9.36 -32.46
C THR M 889 86.20 9.75 -33.77
N GLN M 890 85.91 9.00 -34.84
CA GLN M 890 86.44 9.34 -36.16
C GLN M 890 86.05 10.76 -36.54
N LEU M 891 84.83 11.17 -36.20
CA LEU M 891 84.40 12.54 -36.46
C LEU M 891 85.19 13.53 -35.63
N GLN M 892 85.53 13.16 -34.39
CA GLN M 892 86.27 14.08 -33.53
C GLN M 892 87.66 14.35 -34.07
N GLU M 893 88.39 13.31 -34.48
CA GLU M 893 89.69 13.60 -35.08
C GLU M 893 89.53 14.21 -36.47
N TYR M 894 88.44 13.88 -37.17
CA TYR M 894 88.12 14.53 -38.44
C TYR M 894 88.03 16.04 -38.28
N VAL M 895 87.21 16.51 -37.34
CA VAL M 895 87.05 17.93 -37.11
C VAL M 895 88.32 18.52 -36.52
N ARG M 896 89.06 17.75 -35.72
CA ARG M 896 90.33 18.25 -35.20
C ARG M 896 91.29 18.59 -36.33
N LEU M 897 91.38 17.72 -37.33
CA LEU M 897 92.27 17.98 -38.45
C LEU M 897 91.70 19.02 -39.43
N LEU M 898 90.37 19.16 -39.50
CA LEU M 898 89.79 20.04 -40.49
C LEU M 898 89.66 21.48 -40.00
N LEU M 899 89.29 21.67 -38.73
CA LEU M 899 88.95 22.99 -38.23
C LEU M 899 90.05 24.05 -38.35
N PRO M 900 91.34 23.77 -38.07
CA PRO M 900 92.33 24.85 -38.07
C PRO M 900 92.50 25.57 -39.40
N TRP M 901 92.11 24.93 -40.50
CA TRP M 901 92.30 25.53 -41.82
C TRP M 901 91.01 25.48 -42.63
N CYS M 902 89.89 25.17 -41.98
CA CYS M 902 88.61 24.97 -42.64
C CYS M 902 88.17 26.20 -43.43
N GLN M 903 87.67 25.98 -44.65
CA GLN M 903 87.23 27.10 -45.48
C GLN M 903 85.81 27.54 -45.13
N VAL M 904 84.84 26.64 -45.30
CA VAL M 904 83.45 26.92 -45.04
C VAL M 904 82.90 25.84 -44.12
N ASN M 905 81.75 26.14 -43.50
CA ASN M 905 81.06 25.23 -42.60
C ASN M 905 81.88 24.96 -41.34
N VAL M 906 82.60 25.98 -40.88
CA VAL M 906 83.21 25.94 -39.54
C VAL M 906 82.11 25.79 -38.49
N GLY M 907 80.97 26.45 -38.73
CA GLY M 907 79.81 26.22 -37.89
C GLY M 907 79.37 24.78 -37.90
N SER M 908 79.42 24.13 -39.06
CA SER M 908 79.09 22.71 -39.13
C SER M 908 80.07 21.87 -38.33
N CYS M 909 81.36 22.23 -38.39
CA CYS M 909 82.36 21.57 -37.56
C CYS M 909 81.99 21.68 -36.09
N HIS M 910 81.59 22.88 -35.66
CA HIS M 910 81.19 23.07 -34.26
C HIS M 910 79.92 22.28 -33.94
N PHE M 911 78.98 22.22 -34.87
CA PHE M 911 77.80 21.37 -34.70
C PHE M 911 78.19 19.95 -34.37
N MET M 912 78.94 19.31 -35.27
CA MET M 912 79.26 17.88 -35.09
C MET M 912 80.14 17.66 -33.87
N LEU M 913 81.09 18.57 -33.63
CA LEU M 913 81.85 18.57 -32.39
C LEU M 913 80.95 18.48 -31.17
N ALA M 914 80.03 19.44 -31.05
CA ALA M 914 79.19 19.51 -29.87
C ALA M 914 78.18 18.37 -29.83
N GLN M 915 77.81 17.82 -30.99
CA GLN M 915 76.93 16.67 -31.00
C GLN M 915 77.61 15.46 -30.37
N CYS M 916 78.86 15.20 -30.75
CA CYS M 916 79.62 14.17 -30.06
C CYS M 916 79.79 14.52 -28.59
N TYR M 917 79.97 15.81 -28.28
CA TYR M 917 80.13 16.23 -26.90
C TYR M 917 78.89 15.96 -26.06
N LEU M 918 77.70 16.23 -26.62
CA LEU M 918 76.46 15.96 -25.92
C LEU M 918 76.23 14.46 -25.78
N VAL M 919 76.59 13.69 -26.81
CA VAL M 919 76.54 12.24 -26.67
C VAL M 919 77.41 11.79 -25.50
N ALA M 920 78.58 12.41 -25.34
CA ALA M 920 79.42 12.13 -24.20
C ALA M 920 78.83 12.63 -22.88
N GLY M 921 78.05 13.70 -22.92
CA GLY M 921 77.45 14.24 -21.71
C GLY M 921 78.26 15.32 -21.04
N GLU M 922 78.78 16.28 -21.83
CA GLU M 922 79.45 17.47 -21.30
C GLU M 922 78.56 18.66 -21.62
N GLY M 923 77.69 19.00 -20.65
CA GLY M 923 76.69 20.01 -20.90
C GLY M 923 77.26 21.36 -21.27
N HIS M 924 78.07 21.95 -20.39
CA HIS M 924 78.49 23.34 -20.61
C HIS M 924 79.27 23.49 -21.91
N LYS M 925 80.27 22.63 -22.14
CA LYS M 925 81.13 22.80 -23.29
C LYS M 925 80.43 22.37 -24.58
N ALA M 926 79.62 21.31 -24.52
CA ALA M 926 78.80 20.95 -25.67
C ALA M 926 77.90 22.11 -26.07
N LEU M 927 77.29 22.77 -25.08
CA LEU M 927 76.44 23.91 -25.35
C LEU M 927 77.23 25.09 -25.89
N ASP M 928 78.47 25.24 -25.43
CA ASP M 928 79.32 26.29 -25.98
C ASP M 928 79.55 26.06 -27.47
N CYS M 929 79.82 24.82 -27.86
CA CYS M 929 80.03 24.55 -29.27
C CYS M 929 78.71 24.67 -30.06
N PHE M 930 77.59 24.34 -29.42
CA PHE M 930 76.28 24.75 -29.96
C PHE M 930 76.19 26.26 -30.15
N SER M 931 76.78 27.03 -29.23
CA SER M 931 76.70 28.48 -29.35
C SER M 931 77.46 28.95 -30.58
N GLN M 932 78.66 28.40 -30.79
CA GLN M 932 79.39 28.72 -32.02
C GLN M 932 78.65 28.22 -33.26
N ALA M 933 77.95 27.09 -33.14
CA ALA M 933 77.13 26.61 -34.26
C ALA M 933 76.00 27.59 -34.58
N ALA M 934 75.32 28.08 -33.54
CA ALA M 934 74.27 29.08 -33.71
C ALA M 934 74.84 30.39 -34.25
N SER M 935 76.11 30.66 -34.00
CA SER M 935 76.80 31.81 -34.57
C SER M 935 76.91 31.74 -36.08
N GLU M 936 76.67 30.57 -36.68
CA GLU M 936 76.74 30.44 -38.13
C GLU M 936 75.60 29.62 -38.73
N VAL M 937 74.50 29.41 -38.01
CA VAL M 937 73.38 28.68 -38.58
C VAL M 937 72.88 29.32 -39.87
N GLU M 938 72.66 30.63 -39.87
CA GLU M 938 72.15 31.33 -41.04
C GLU M 938 73.28 31.94 -41.87
N ARG M 939 74.52 31.54 -41.60
CA ARG M 939 75.68 32.10 -42.27
C ARG M 939 76.57 31.06 -42.95
N GLU M 940 76.28 29.77 -42.85
CA GLU M 940 76.95 28.74 -43.63
C GLU M 940 75.91 28.05 -44.51
N ASP M 941 76.30 27.78 -45.76
CA ASP M 941 75.32 27.39 -46.77
C ASP M 941 74.69 26.04 -46.44
N PHE M 942 75.49 25.07 -46.02
CA PHE M 942 74.95 23.74 -45.73
C PHE M 942 73.97 23.79 -44.57
N LEU M 943 74.26 24.61 -43.55
CA LEU M 943 73.33 24.77 -42.45
C LEU M 943 72.08 25.52 -42.86
N GLU M 944 72.21 26.52 -43.73
CA GLU M 944 71.02 27.22 -44.24
C GLU M 944 70.15 26.27 -45.04
N LYS M 945 70.75 25.25 -45.67
CA LYS M 945 69.96 24.18 -46.25
C LYS M 945 69.09 23.50 -45.20
N LEU M 946 69.64 23.27 -44.01
CA LEU M 946 68.95 22.57 -42.95
C LEU M 946 67.87 23.41 -42.28
N ILE M 947 67.86 24.72 -42.54
CA ILE M 947 66.94 25.65 -41.88
C ILE M 947 66.21 26.46 -42.94
N ARG M 948 65.52 27.51 -42.52
CA ARG M 948 64.50 28.27 -43.24
C ARG M 948 63.16 27.57 -43.15
N VAL M 949 63.13 26.43 -42.45
CA VAL M 949 61.87 25.86 -41.98
C VAL M 949 61.72 26.37 -40.56
N GLU M 950 62.76 27.05 -40.08
CA GLU M 950 62.80 27.61 -38.73
C GLU M 950 62.91 29.12 -38.72
N GLU M 951 62.98 29.78 -39.87
CA GLU M 951 63.11 31.22 -39.98
C GLU M 951 61.80 31.82 -40.50
N GLY M 952 61.80 33.14 -40.68
CA GLY M 952 60.67 33.81 -41.30
C GLY M 952 59.43 33.76 -40.44
N GLU M 953 58.28 33.67 -41.11
CA GLU M 953 56.97 33.51 -40.47
C GLU M 953 56.59 34.75 -39.66
N SER M 954 55.57 34.61 -38.81
CA SER M 954 55.00 35.76 -38.11
C SER M 954 56.02 36.49 -37.25
N VAL M 955 56.94 35.76 -36.62
CA VAL M 955 57.90 36.37 -35.73
C VAL M 955 59.21 36.57 -36.47
N SER M 956 60.13 37.31 -35.88
CA SER M 956 61.45 37.46 -36.47
C SER M 956 62.10 36.08 -36.62
N PRO M 957 62.83 35.85 -37.71
CA PRO M 957 63.46 34.54 -37.90
C PRO M 957 64.40 34.16 -36.78
N ARG M 958 65.15 35.12 -36.25
CA ARG M 958 66.07 34.82 -35.17
C ARG M 958 65.32 34.49 -33.88
N LEU M 959 64.22 35.19 -33.62
CA LEU M 959 63.40 34.86 -32.46
C LEU M 959 62.78 33.47 -32.61
N GLN M 960 62.36 33.13 -33.83
CA GLN M 960 61.81 31.80 -34.08
C GLN M 960 62.87 30.73 -33.85
N TYR M 961 64.10 30.98 -34.29
CA TYR M 961 65.18 30.05 -34.02
C TYR M 961 65.46 29.96 -32.52
N TYR M 962 65.40 31.11 -31.83
CA TYR M 962 65.49 31.11 -30.37
C TYR M 962 64.47 30.16 -29.77
N ASN M 963 63.22 30.27 -30.20
CA ASN M 963 62.16 29.44 -29.63
C ASN M 963 62.37 27.96 -29.94
N ARG M 964 62.80 27.65 -31.17
CA ARG M 964 63.02 26.25 -31.51
C ARG M 964 64.16 25.66 -30.69
N VAL M 965 65.25 26.41 -30.54
CA VAL M 965 66.35 25.92 -29.72
C VAL M 965 65.96 25.90 -28.25
N LEU M 966 65.02 26.75 -27.85
CA LEU M 966 64.47 26.68 -26.51
C LEU M 966 63.76 25.35 -26.30
N ARG M 967 62.97 24.93 -27.30
CA ARG M 967 62.36 23.61 -27.26
C ARG M 967 63.43 22.52 -27.24
N LEU M 968 64.51 22.72 -28.00
CA LEU M 968 65.61 21.76 -28.01
C LEU M 968 66.23 21.64 -26.63
N LEU M 969 66.43 22.76 -25.94
CA LEU M 969 66.98 22.73 -24.59
C LEU M 969 65.98 22.16 -23.60
N GLU M 970 64.69 22.30 -23.86
CA GLU M 970 63.70 21.64 -23.02
C GLU M 970 63.68 20.14 -23.29
N ASP M 971 64.17 19.72 -24.46
CA ASP M 971 64.37 18.30 -24.71
C ASP M 971 65.71 17.83 -24.18
N VAL M 972 66.61 18.77 -23.89
CA VAL M 972 67.90 18.42 -23.29
C VAL M 972 67.82 18.32 -21.77
N GLY M 973 67.10 19.24 -21.13
CA GLY M 973 67.04 19.27 -19.67
C GLY M 973 67.62 20.55 -19.09
N LEU M 974 67.83 20.52 -17.77
CA LEU M 974 68.52 21.59 -17.07
C LEU M 974 67.80 22.92 -17.23
N PRO M 975 66.68 23.12 -16.52
CA PRO M 975 65.94 24.39 -16.66
C PRO M 975 66.80 25.64 -16.63
N GLU M 976 67.99 25.58 -16.02
CA GLU M 976 68.91 26.70 -16.10
C GLU M 976 69.26 27.02 -17.54
N LEU M 977 69.38 26.00 -18.39
CA LEU M 977 69.74 26.23 -19.78
C LEU M 977 68.63 26.96 -20.52
N VAL M 978 67.38 26.56 -20.27
CA VAL M 978 66.24 27.29 -20.82
C VAL M 978 66.26 28.72 -20.30
N ILE M 979 66.62 28.91 -19.03
CA ILE M 979 66.77 30.25 -18.48
C ILE M 979 67.75 31.06 -19.30
N GLN M 980 68.91 30.47 -19.60
CA GLN M 980 69.97 31.22 -20.28
C GLN M 980 69.56 31.55 -21.71
N LEU M 981 68.94 30.59 -22.41
CA LEU M 981 68.52 30.87 -23.78
C LEU M 981 67.42 31.92 -23.81
N ALA M 982 66.52 31.90 -22.83
CA ALA M 982 65.53 32.96 -22.73
C ALA M 982 66.19 34.31 -22.49
N THR M 983 67.21 34.35 -21.63
CA THR M 983 67.93 35.60 -21.38
C THR M 983 68.59 36.10 -22.66
N ILE M 984 69.10 35.18 -23.48
CA ILE M 984 69.69 35.60 -24.75
C ILE M 984 68.61 36.11 -25.70
N ALA M 985 67.45 35.45 -25.71
CA ALA M 985 66.39 35.80 -26.65
C ALA M 985 65.67 37.08 -26.25
N ILE M 986 65.83 37.52 -24.99
CA ILE M 986 65.08 38.68 -24.52
C ILE M 986 65.38 39.92 -25.35
N SER M 987 66.58 39.99 -25.96
CA SER M 987 66.88 41.12 -26.84
C SER M 987 65.98 41.12 -28.07
N GLU M 988 65.76 39.95 -28.68
CA GLU M 988 64.87 39.83 -29.82
C GLU M 988 63.40 39.85 -29.42
N ALA M 989 63.08 39.63 -28.16
CA ALA M 989 61.71 39.49 -27.70
C ALA M 989 61.00 40.83 -27.51
N SER M 990 61.64 41.94 -27.85
CA SER M 990 61.00 43.25 -27.72
C SER M 990 59.89 43.47 -28.74
N ASP M 991 59.75 42.59 -29.72
CA ASP M 991 58.77 42.76 -30.80
C ASP M 991 57.45 42.05 -30.55
N ASP M 992 57.44 40.96 -29.79
CA ASP M 992 56.21 40.18 -29.59
C ASP M 992 55.87 40.14 -28.11
N TRP M 993 54.72 40.71 -27.76
CA TRP M 993 54.24 40.61 -26.39
C TRP M 993 53.93 39.16 -26.01
N ARG M 994 53.52 38.35 -26.98
CA ARG M 994 53.27 36.94 -26.69
C ARG M 994 54.56 36.24 -26.25
N SER M 995 55.64 36.46 -27.00
CA SER M 995 56.93 35.87 -26.63
C SER M 995 57.43 36.44 -25.32
N GLN M 996 57.25 37.74 -25.10
CA GLN M 996 57.64 38.36 -23.83
C GLN M 996 56.93 37.67 -22.67
N ALA M 997 55.61 37.52 -22.78
CA ALA M 997 54.84 36.88 -21.71
C ALA M 997 55.27 35.43 -21.52
N ALA M 998 55.51 34.71 -22.61
CA ALA M 998 55.91 33.31 -22.49
C ALA M 998 57.24 33.18 -21.76
N LEU M 999 58.24 33.98 -22.15
CA LEU M 999 59.53 33.89 -21.49
C LEU M 999 59.45 34.33 -20.02
N ARG M 1000 58.68 35.39 -19.75
CA ARG M 1000 58.53 35.85 -18.37
C ARG M 1000 57.83 34.81 -17.51
N THR M 1001 56.84 34.12 -18.08
CA THR M 1001 56.15 33.06 -17.34
C THR M 1001 57.07 31.87 -17.12
N ARG M 1002 57.96 31.58 -18.08
CA ARG M 1002 58.96 30.54 -17.86
C ARG M 1002 59.87 30.92 -16.69
N ILE M 1003 60.26 32.19 -16.61
CA ILE M 1003 61.05 32.69 -15.48
C ILE M 1003 60.30 32.49 -14.17
N PHE M 1004 59.02 32.88 -14.17
CA PHE M 1004 58.16 32.64 -13.01
C PHE M 1004 58.14 31.18 -12.59
N LYS M 1005 57.92 30.29 -13.56
CA LYS M 1005 57.79 28.87 -13.24
C LYS M 1005 59.11 28.31 -12.73
N HIS M 1006 60.23 28.83 -13.25
CA HIS M 1006 61.52 28.41 -12.72
C HIS M 1006 61.69 28.87 -11.28
N HIS M 1007 61.29 30.12 -11.00
CA HIS M 1007 61.27 30.60 -9.61
C HIS M 1007 60.53 29.62 -8.72
N LEU M 1008 59.38 29.15 -9.20
CA LEU M 1008 58.63 28.13 -8.48
C LEU M 1008 59.47 26.86 -8.31
N ASP M 1009 60.15 26.42 -9.38
CA ASP M 1009 60.87 25.16 -9.33
C ASP M 1009 61.92 25.18 -8.25
N MET M 1010 62.67 26.28 -8.12
CA MET M 1010 63.64 26.25 -7.04
C MET M 1010 63.15 26.99 -5.79
N GLY M 1011 61.87 27.32 -5.72
CA GLY M 1011 61.28 27.70 -4.45
C GLY M 1011 61.53 29.12 -4.01
N HIS M 1012 62.17 29.94 -4.83
CA HIS M 1012 62.24 31.37 -4.55
C HIS M 1012 60.87 32.00 -4.75
N ASN M 1013 60.13 32.02 -3.64
CA ASN M 1013 58.74 32.43 -3.67
C ASN M 1013 58.62 33.94 -3.85
N SER M 1014 59.43 34.71 -3.13
CA SER M 1014 59.44 36.16 -3.33
C SER M 1014 59.85 36.48 -4.75
N GLN M 1015 60.80 35.74 -5.28
CA GLN M 1015 61.29 35.96 -6.63
C GLN M 1015 60.22 35.62 -7.65
N ALA M 1016 59.46 34.55 -7.41
CA ALA M 1016 58.31 34.25 -8.25
C ALA M 1016 57.28 35.37 -8.17
N TYR M 1017 57.05 35.89 -6.97
CA TYR M 1017 56.10 36.99 -6.82
C TYR M 1017 56.54 38.18 -7.64
N ASP M 1018 57.84 38.49 -7.63
CA ASP M 1018 58.35 39.60 -8.42
C ASP M 1018 58.21 39.32 -9.91
N ALA M 1019 58.48 38.09 -10.33
CA ALA M 1019 58.28 37.72 -11.72
C ALA M 1019 56.83 37.88 -12.13
N LEU M 1020 55.91 37.54 -11.24
CA LEU M 1020 54.49 37.71 -11.51
C LEU M 1020 54.13 39.19 -11.63
N THR M 1021 54.62 40.01 -10.70
CA THR M 1021 54.37 41.44 -10.77
C THR M 1021 54.93 42.04 -12.06
N GLN M 1022 55.97 41.44 -12.62
CA GLN M 1022 56.47 41.84 -13.94
C GLN M 1022 55.46 41.64 -15.05
N ILE M 1023 54.61 40.62 -14.96
CA ILE M 1023 53.78 40.19 -16.08
C ILE M 1023 52.80 41.29 -16.49
N PRO M 1024 52.84 41.74 -17.75
CA PRO M 1024 51.89 42.76 -18.20
C PRO M 1024 50.45 42.25 -18.33
N ASP M 1025 50.27 41.12 -19.03
CA ASP M 1025 48.93 40.67 -19.37
C ASP M 1025 48.19 40.19 -18.13
N THR M 1026 46.96 40.69 -17.96
CA THR M 1026 46.16 40.29 -16.82
C THR M 1026 45.63 38.86 -16.98
N SER M 1027 45.44 38.41 -18.22
CA SER M 1027 44.97 37.04 -18.43
C SER M 1027 46.04 36.04 -18.00
N ARG M 1028 47.26 36.22 -18.50
CA ARG M 1028 48.35 35.36 -18.05
C ARG M 1028 48.64 35.57 -16.58
N GLN M 1029 48.40 36.80 -16.08
CA GLN M 1029 48.55 37.04 -14.66
C GLN M 1029 47.58 36.18 -13.85
N LEU M 1030 46.33 36.10 -14.29
CA LEU M 1030 45.34 35.27 -13.62
C LEU M 1030 45.71 33.80 -13.71
N ASP M 1031 46.17 33.37 -14.89
CA ASP M 1031 46.55 31.96 -15.07
C ASP M 1031 47.69 31.58 -14.14
N CYS M 1032 48.74 32.39 -14.11
CA CYS M 1032 49.88 32.08 -13.26
C CYS M 1032 49.54 32.26 -11.79
N LEU M 1033 48.58 33.14 -11.49
CA LEU M 1033 48.08 33.25 -10.13
C LEU M 1033 47.41 31.95 -9.70
N ARG M 1034 46.62 31.35 -10.58
CA ARG M 1034 46.03 30.05 -10.28
C ARG M 1034 47.10 28.98 -10.09
N GLN M 1035 48.11 28.97 -10.97
CA GLN M 1035 49.22 28.04 -10.81
C GLN M 1035 49.88 28.21 -9.44
N LEU M 1036 50.17 29.47 -9.09
CA LEU M 1036 50.81 29.80 -7.82
C LEU M 1036 49.99 29.31 -6.64
N VAL M 1037 48.69 29.60 -6.65
CA VAL M 1037 47.84 29.24 -5.53
C VAL M 1037 47.81 27.72 -5.37
N VAL M 1038 47.63 27.00 -6.49
CA VAL M 1038 47.55 25.55 -6.42
C VAL M 1038 48.85 24.98 -5.87
N VAL M 1039 49.98 25.43 -6.40
CA VAL M 1039 51.26 24.84 -6.00
C VAL M 1039 51.59 25.20 -4.56
N LEU M 1040 51.28 26.42 -4.13
CA LEU M 1040 51.55 26.79 -2.74
C LEU M 1040 50.67 26.02 -1.78
N CYS M 1041 49.41 25.80 -2.16
CA CYS M 1041 48.52 24.98 -1.33
C CYS M 1041 49.06 23.55 -1.21
N GLU M 1042 49.49 22.97 -2.33
CA GLU M 1042 49.98 21.59 -2.27
C GLU M 1042 51.31 21.51 -1.54
N ARG M 1043 52.11 22.57 -1.60
CA ARG M 1043 53.38 22.64 -0.90
C ARG M 1043 53.23 23.11 0.54
N SER M 1044 52.01 23.42 0.97
CA SER M 1044 51.71 23.84 2.34
C SER M 1044 52.42 25.16 2.67
N GLN M 1045 52.68 25.93 1.62
CA GLN M 1045 53.33 27.24 1.73
C GLN M 1045 52.25 28.31 1.78
N LEU M 1046 51.64 28.44 2.95
CA LEU M 1046 50.52 29.35 3.14
C LEU M 1046 50.98 30.77 3.39
N GLN M 1047 51.99 30.93 4.25
CA GLN M 1047 52.53 32.24 4.59
C GLN M 1047 52.88 33.03 3.35
N ASP M 1048 53.33 32.35 2.30
CA ASP M 1048 53.61 33.03 1.04
C ASP M 1048 52.38 33.77 0.56
N LEU M 1049 51.27 33.05 0.48
CA LEU M 1049 50.04 33.60 -0.08
C LEU M 1049 49.57 34.84 0.67
N VAL M 1050 49.65 34.82 1.99
CA VAL M 1050 49.21 35.99 2.74
C VAL M 1050 50.21 37.12 2.65
N GLU M 1051 51.49 36.84 2.94
CA GLU M 1051 52.46 37.91 3.02
C GLU M 1051 52.72 38.56 1.67
N PHE M 1052 52.22 37.96 0.58
CA PHE M 1052 52.21 38.68 -0.67
C PHE M 1052 51.48 40.02 -0.51
N PRO M 1053 52.13 41.15 -0.78
CA PRO M 1053 51.45 42.44 -0.70
C PRO M 1053 50.86 42.87 -2.04
N TYR M 1054 49.90 42.07 -2.53
CA TYR M 1054 49.27 42.37 -3.81
C TYR M 1054 48.51 43.70 -3.73
N VAL M 1055 48.43 44.37 -4.87
CA VAL M 1055 47.58 45.55 -5.02
C VAL M 1055 47.15 45.64 -6.48
N ASN M 1056 45.86 45.93 -6.69
CA ASN M 1056 45.26 45.99 -8.02
C ASN M 1056 45.19 44.59 -8.63
N LEU M 1057 45.79 43.62 -7.94
CA LEU M 1057 45.59 42.21 -8.19
C LEU M 1057 44.73 41.58 -7.12
N HIS M 1058 44.34 42.38 -6.12
CA HIS M 1058 43.51 41.90 -5.02
C HIS M 1058 42.22 41.29 -5.53
N ASN M 1059 41.60 41.95 -6.51
CA ASN M 1059 40.34 41.44 -7.04
C ASN M 1059 40.53 40.17 -7.85
N GLU M 1060 41.62 40.07 -8.61
CA GLU M 1060 41.93 38.81 -9.28
C GLU M 1060 42.07 37.68 -8.27
N VAL M 1061 42.83 37.93 -7.20
CA VAL M 1061 43.03 36.89 -6.19
C VAL M 1061 41.71 36.56 -5.52
N VAL M 1062 40.88 37.57 -5.24
CA VAL M 1062 39.60 37.35 -4.59
C VAL M 1062 38.73 36.46 -5.46
N GLY M 1063 38.64 36.78 -6.75
CA GLY M 1063 37.85 35.96 -7.66
C GLY M 1063 38.39 34.54 -7.75
N ILE M 1064 39.71 34.40 -7.87
CA ILE M 1064 40.31 33.07 -7.95
C ILE M 1064 39.97 32.26 -6.73
N ILE M 1065 40.17 32.83 -5.54
CA ILE M 1065 40.02 32.08 -4.31
C ILE M 1065 38.55 31.75 -4.05
N GLU M 1066 37.64 32.67 -4.40
CA GLU M 1066 36.23 32.37 -4.21
C GLU M 1066 35.78 31.28 -5.17
N SER M 1067 36.25 31.32 -6.42
CA SER M 1067 35.92 30.26 -7.36
C SER M 1067 36.43 28.92 -6.87
N ARG M 1068 37.67 28.90 -6.37
CA ARG M 1068 38.21 27.65 -5.88
C ARG M 1068 37.49 27.20 -4.63
N ALA M 1069 37.01 28.15 -3.82
CA ALA M 1069 36.17 27.79 -2.68
C ALA M 1069 34.89 27.12 -3.14
N ARG M 1070 34.27 27.65 -4.19
CA ARG M 1070 33.18 26.93 -4.85
C ARG M 1070 33.63 25.53 -5.25
N ALA M 1071 34.88 25.38 -5.65
CA ALA M 1071 35.37 24.16 -6.27
C ALA M 1071 35.82 23.09 -5.30
N VAL M 1072 36.17 23.43 -4.06
CA VAL M 1072 36.97 22.54 -3.23
C VAL M 1072 36.12 21.83 -2.19
N ASP M 1073 36.67 20.74 -1.66
CA ASP M 1073 36.09 20.09 -0.50
C ASP M 1073 36.31 20.93 0.74
N LEU M 1074 35.32 20.93 1.64
CA LEU M 1074 35.38 21.76 2.83
C LEU M 1074 36.47 21.30 3.80
N MET M 1075 36.66 19.98 3.94
CA MET M 1075 37.60 19.44 4.90
C MET M 1075 39.02 19.32 4.35
N THR M 1076 39.18 18.85 3.12
CA THR M 1076 40.51 18.62 2.55
C THR M 1076 41.09 19.90 1.94
N HIS M 1077 40.34 21.00 2.01
CA HIS M 1077 40.82 22.27 1.48
C HIS M 1077 40.30 23.39 2.38
N ASN M 1078 41.10 24.44 2.52
CA ASN M 1078 40.83 25.49 3.49
C ASN M 1078 40.74 26.87 2.85
N TYR M 1079 40.32 26.94 1.59
CA TYR M 1079 40.41 28.18 0.83
C TYR M 1079 39.51 29.28 1.39
N TYR M 1080 38.37 28.90 1.99
CA TYR M 1080 37.54 29.90 2.66
C TYR M 1080 38.31 30.54 3.80
N GLU M 1081 38.98 29.73 4.61
CA GLU M 1081 39.83 30.24 5.66
C GLU M 1081 40.99 31.05 5.11
N LEU M 1082 41.47 30.69 3.91
CA LEU M 1082 42.55 31.47 3.31
C LEU M 1082 42.07 32.86 2.92
N LEU M 1083 40.89 32.95 2.29
CA LEU M 1083 40.33 34.25 1.95
C LEU M 1083 39.99 35.02 3.22
N TYR M 1084 39.46 34.33 4.22
CA TYR M 1084 39.39 34.86 5.57
C TYR M 1084 40.68 35.56 5.98
N ALA M 1085 41.76 34.80 6.15
CA ALA M 1085 42.99 35.38 6.68
C ALA M 1085 43.50 36.49 5.78
N PHE M 1086 43.23 36.38 4.48
CA PHE M 1086 43.46 37.50 3.58
C PHE M 1086 42.70 38.74 4.03
N HIS M 1087 41.43 38.56 4.37
CA HIS M 1087 40.60 39.68 4.78
C HIS M 1087 41.13 40.32 6.06
N ILE M 1088 41.54 39.50 7.01
CA ILE M 1088 42.23 40.03 8.19
C ILE M 1088 43.46 40.81 7.77
N TYR M 1089 44.31 40.20 6.96
CA TYR M 1089 45.58 40.83 6.56
C TYR M 1089 45.31 42.17 5.88
N ARG M 1090 44.14 42.33 5.29
CA ARG M 1090 43.71 43.59 4.72
C ARG M 1090 42.62 44.27 5.53
N HIS M 1091 42.53 43.99 6.83
CA HIS M 1091 41.62 44.69 7.74
C HIS M 1091 40.17 44.53 7.33
N ASN M 1092 39.84 43.45 6.62
CA ASN M 1092 38.50 43.31 6.06
C ASN M 1092 37.59 42.66 7.10
N TYR M 1093 37.13 43.51 8.02
CA TYR M 1093 36.21 43.05 9.05
C TYR M 1093 34.92 42.48 8.49
N ARG M 1094 34.14 43.30 7.79
CA ARG M 1094 32.87 42.85 7.26
C ARG M 1094 33.06 41.68 6.31
N LYS M 1095 34.18 41.69 5.58
CA LYS M 1095 34.41 40.70 4.54
C LYS M 1095 34.79 39.34 5.13
N ALA M 1096 35.63 39.35 6.16
CA ALA M 1096 35.94 38.12 6.85
C ALA M 1096 34.70 37.57 7.54
N GLY M 1097 33.87 38.46 8.10
CA GLY M 1097 32.60 38.01 8.64
C GLY M 1097 31.74 37.35 7.58
N THR M 1098 31.69 37.95 6.39
CA THR M 1098 30.92 37.37 5.30
C THR M 1098 31.44 35.98 4.94
N VAL M 1099 32.77 35.84 4.86
CA VAL M 1099 33.35 34.54 4.56
C VAL M 1099 32.95 33.51 5.59
N MET M 1100 33.04 33.88 6.88
CA MET M 1100 32.69 32.93 7.93
C MET M 1100 31.22 32.53 7.87
N PHE M 1101 30.31 33.50 7.81
CA PHE M 1101 28.90 33.13 7.77
C PHE M 1101 28.58 32.28 6.55
N GLU M 1102 29.13 32.68 5.40
CA GLU M 1102 28.91 31.94 4.17
C GLU M 1102 29.39 30.50 4.30
N TYR M 1103 30.58 30.32 4.86
CA TYR M 1103 31.12 28.97 4.96
C TYR M 1103 30.35 28.17 5.99
N GLY M 1104 29.80 28.83 7.00
CA GLY M 1104 28.92 28.16 7.94
C GLY M 1104 27.64 27.69 7.28
N MET M 1105 27.07 28.52 6.42
CA MET M 1105 25.95 28.07 5.58
C MET M 1105 26.35 26.89 4.72
N ARG M 1106 27.53 26.94 4.12
CA ARG M 1106 27.98 25.84 3.28
C ARG M 1106 28.12 24.56 4.09
N LEU M 1107 28.63 24.67 5.30
CA LEU M 1107 28.72 23.50 6.17
C LEU M 1107 27.33 23.00 6.53
N GLY M 1108 26.41 23.91 6.85
CA GLY M 1108 25.05 23.51 7.15
C GLY M 1108 24.42 22.75 6.01
N ARG M 1109 24.71 23.16 4.78
CA ARG M 1109 24.23 22.44 3.60
C ARG M 1109 24.89 21.07 3.47
N GLU M 1110 26.21 21.05 3.27
CA GLU M 1110 26.92 19.84 2.90
C GLU M 1110 26.98 18.82 4.02
N VAL M 1111 27.17 19.26 5.26
CA VAL M 1111 27.61 18.43 6.36
C VAL M 1111 26.55 18.46 7.45
N ARG M 1112 26.25 17.29 8.02
CA ARG M 1112 25.44 17.19 9.22
C ARG M 1112 26.17 16.47 10.36
N THR M 1113 27.49 16.41 10.30
CA THR M 1113 28.29 15.76 11.33
C THR M 1113 28.53 16.71 12.51
N LEU M 1114 29.00 16.15 13.63
CA LEU M 1114 29.31 16.97 14.77
C LEU M 1114 30.50 17.89 14.50
N ARG M 1115 31.48 17.39 13.72
CA ARG M 1115 32.56 18.28 13.30
C ARG M 1115 32.00 19.46 12.56
N GLY M 1116 31.07 19.19 11.64
CA GLY M 1116 30.36 20.28 11.02
C GLY M 1116 29.75 21.20 12.05
N LEU M 1117 29.01 20.61 13.00
CA LEU M 1117 28.28 21.42 13.98
C LEU M 1117 29.21 22.39 14.69
N GLN M 1118 30.34 21.88 15.16
CA GLN M 1118 31.37 22.74 15.71
C GLN M 1118 31.71 23.84 14.74
N LYS M 1119 31.86 23.49 13.46
CA LYS M 1119 32.36 24.45 12.49
C LYS M 1119 31.33 25.50 12.10
N GLN M 1120 30.05 25.13 11.95
CA GLN M 1120 29.05 26.17 11.69
C GLN M 1120 28.98 27.12 12.87
N VAL M 1121 29.03 26.58 14.09
CA VAL M 1121 29.03 27.45 15.26
C VAL M 1121 30.23 28.39 15.21
N ASN M 1122 31.39 27.84 14.89
CA ASN M 1122 32.59 28.66 14.78
C ASN M 1122 32.39 29.80 13.79
N SER M 1123 31.86 29.48 12.61
CA SER M 1123 31.77 30.44 11.52
C SER M 1123 30.75 31.53 11.82
N TYR M 1124 29.54 31.13 12.23
CA TYR M 1124 28.52 32.13 12.57
C TYR M 1124 29.02 33.01 13.70
N LEU M 1125 29.63 32.42 14.69
CA LEU M 1125 30.14 33.18 15.80
C LEU M 1125 31.20 34.17 15.35
N ALA M 1126 32.13 33.72 14.51
CA ALA M 1126 33.22 34.55 14.07
C ALA M 1126 32.69 35.76 13.31
N CYS M 1127 31.77 35.53 12.39
CA CYS M 1127 31.19 36.67 11.68
C CYS M 1127 30.45 37.57 12.64
N LEU M 1128 29.79 36.99 13.65
CA LEU M 1128 29.17 37.80 14.68
C LEU M 1128 30.15 38.79 15.27
N ASN M 1129 31.31 38.31 15.68
CA ASN M 1129 32.30 39.22 16.23
C ASN M 1129 32.72 40.24 15.18
N CYS M 1130 33.02 39.75 13.98
CA CYS M 1130 33.52 40.60 12.90
C CYS M 1130 32.59 41.77 12.66
N LEU M 1131 31.30 41.55 12.87
CA LEU M 1131 30.33 42.57 12.47
C LEU M 1131 29.85 43.40 13.66
N ARG M 1132 29.68 42.80 14.83
CA ARG M 1132 29.31 43.61 15.98
C ARG M 1132 30.48 44.45 16.44
N LEU M 1133 31.64 44.25 15.82
CA LEU M 1133 32.70 45.24 15.84
C LEU M 1133 32.29 46.57 15.18
N ILE M 1134 31.48 46.53 14.13
CA ILE M 1134 31.40 47.63 13.17
C ILE M 1134 30.40 48.67 13.66
N ARG M 1135 30.56 49.89 13.15
CA ARG M 1135 29.57 50.94 13.34
C ARG M 1135 28.28 50.55 12.60
N PRO M 1136 27.13 51.11 12.99
CA PRO M 1136 25.84 50.59 12.51
C PRO M 1136 25.62 50.68 11.02
N GLU M 1137 26.40 51.47 10.29
CA GLU M 1137 26.16 51.62 8.86
C GLU M 1137 26.33 50.30 8.13
N TYR M 1138 27.34 49.51 8.48
CA TYR M 1138 27.55 48.23 7.83
C TYR M 1138 26.92 47.08 8.60
N ALA M 1139 25.82 47.31 9.31
CA ALA M 1139 25.35 46.35 10.30
C ALA M 1139 24.60 45.17 9.69
N TRP M 1140 24.53 45.11 8.36
CA TRP M 1140 23.78 44.09 7.68
C TRP M 1140 24.65 43.39 6.64
N ILE M 1141 24.27 42.17 6.29
CA ILE M 1141 24.91 41.44 5.21
C ILE M 1141 23.86 40.78 4.35
N VAL M 1142 24.07 40.82 3.05
CA VAL M 1142 23.18 40.13 2.13
C VAL M 1142 23.25 38.63 2.39
N GLN M 1143 22.12 37.95 2.28
CA GLN M 1143 22.16 36.50 2.27
C GLN M 1143 22.86 36.04 0.99
N PRO M 1144 23.80 35.11 1.08
CA PRO M 1144 24.44 34.60 -0.14
C PRO M 1144 23.45 33.89 -1.04
N VAL M 1145 23.86 33.68 -2.29
CA VAL M 1145 23.04 32.96 -3.25
C VAL M 1145 23.22 31.47 -3.05
N SER M 1146 22.15 30.71 -3.27
CA SER M 1146 22.16 29.27 -3.03
C SER M 1146 23.01 28.54 -4.07
N GLY M 1147 23.49 27.36 -3.69
CA GLY M 1147 24.23 26.49 -4.58
C GLY M 1147 25.64 26.98 -4.86
N ALA M 1148 26.15 26.59 -6.03
CA ALA M 1148 27.47 26.99 -6.52
C ALA M 1148 28.60 26.44 -5.66
N VAL M 1149 28.51 25.18 -5.25
CA VAL M 1149 29.56 24.53 -4.49
C VAL M 1149 29.78 23.12 -5.01
N TYR M 1150 31.05 22.70 -5.02
CA TYR M 1150 31.41 21.31 -5.20
C TYR M 1150 32.78 21.08 -4.57
N GLU M 1151 33.18 19.82 -4.51
CA GLU M 1151 34.42 19.44 -3.84
C GLU M 1151 35.47 18.99 -4.84
N ARG M 1152 36.72 18.88 -4.36
CA ARG M 1152 37.81 18.38 -5.19
C ARG M 1152 37.99 19.25 -6.42
N PRO M 1153 38.61 20.43 -6.27
CA PRO M 1153 38.55 21.45 -7.34
C PRO M 1153 38.91 20.92 -8.71
N GLY M 1154 38.30 21.52 -9.73
CA GLY M 1154 38.45 21.03 -11.09
C GLY M 1154 37.53 19.87 -11.42
N ALA M 1155 36.39 19.77 -10.75
CA ALA M 1155 35.47 18.66 -10.93
C ALA M 1155 34.13 19.13 -11.48
N SER M 1156 33.15 18.24 -11.50
CA SER M 1156 31.80 18.57 -11.95
C SER M 1156 31.24 19.69 -11.09
N PRO M 1157 30.41 20.58 -11.65
CA PRO M 1157 30.02 21.79 -10.90
C PRO M 1157 29.22 21.55 -9.64
N LYS M 1158 28.57 20.39 -9.47
CA LYS M 1158 27.69 20.15 -8.33
C LYS M 1158 28.13 18.89 -7.59
N ARG M 1159 28.45 19.05 -6.30
CA ARG M 1159 28.80 17.94 -5.42
C ARG M 1159 28.34 18.25 -4.01
N ASN M 1160 27.59 17.33 -3.41
CA ASN M 1160 27.07 17.53 -2.06
C ASN M 1160 27.09 16.21 -1.31
N TYR M 1161 27.17 16.31 0.02
CA TYR M 1161 27.04 15.16 0.90
C TYR M 1161 25.64 14.98 1.46
N ASP M 1162 24.90 16.07 1.62
CA ASP M 1162 23.51 16.02 2.10
C ASP M 1162 22.61 16.54 0.99
N GLY M 1163 22.18 15.63 0.12
CA GLY M 1163 21.47 16.00 -1.09
C GLY M 1163 19.96 15.82 -1.03
N GLU M 1164 19.35 15.75 -2.22
CA GLU M 1164 17.91 15.68 -2.41
C GLU M 1164 17.22 16.97 -2.00
N SER M 1165 16.29 17.44 -2.83
CA SER M 1165 15.64 18.72 -2.58
C SER M 1165 14.30 18.73 -3.31
N SER M 1166 13.45 19.67 -2.90
CA SER M 1166 12.19 19.88 -3.59
C SER M 1166 11.88 21.35 -3.87
N ALA M 1167 12.69 22.29 -3.36
CA ALA M 1167 12.50 23.71 -3.59
C ALA M 1167 13.76 24.43 -3.18
N VAL M 1168 13.84 25.72 -3.53
CA VAL M 1168 15.01 26.54 -3.20
C VAL M 1168 14.55 27.88 -2.62
N PRO M 1169 15.32 28.49 -1.74
CA PRO M 1169 14.97 29.84 -1.28
C PRO M 1169 15.08 30.85 -2.41
N SER M 1170 14.32 31.93 -2.30
CA SER M 1170 14.31 32.95 -3.35
C SER M 1170 15.69 33.57 -3.52
N SER M 1171 16.27 33.36 -4.72
CA SER M 1171 17.58 33.95 -5.00
C SER M 1171 17.48 35.07 -6.03
N SER M 1172 16.40 35.14 -6.80
CA SER M 1172 16.15 36.30 -7.64
C SER M 1172 15.93 37.55 -6.80
N GLN M 1173 15.23 37.42 -5.68
CA GLN M 1173 15.16 38.47 -4.67
C GLN M 1173 16.05 38.08 -3.51
N ILE M 1174 17.11 38.85 -3.31
CA ILE M 1174 18.06 38.58 -2.24
C ILE M 1174 17.58 39.25 -0.97
N GLU M 1175 18.19 38.86 0.15
CA GLU M 1175 17.85 39.40 1.46
C GLU M 1175 19.12 39.77 2.20
N ILE M 1176 19.00 40.73 3.11
CA ILE M 1176 20.11 41.21 3.91
C ILE M 1176 19.93 40.67 5.31
N LEU M 1177 21.04 40.31 5.96
CA LEU M 1177 21.00 39.63 7.25
C LEU M 1177 21.54 40.56 8.31
N GLU M 1178 20.79 40.70 9.40
CA GLU M 1178 21.05 41.71 10.40
C GLU M 1178 21.29 41.08 11.77
N LEU M 1179 21.92 41.87 12.65
CA LEU M 1179 22.30 41.42 13.98
C LEU M 1179 21.26 40.54 14.63
N ARG M 1180 19.99 40.93 14.58
CA ARG M 1180 18.97 40.15 15.27
C ARG M 1180 18.78 38.78 14.61
N ASP M 1181 18.64 38.77 13.28
CA ASP M 1181 18.62 37.52 12.54
C ASP M 1181 19.79 36.62 12.87
N LEU M 1182 20.99 37.20 12.87
CA LEU M 1182 22.19 36.44 13.15
C LEU M 1182 22.20 35.94 14.59
N GLU M 1183 21.65 36.73 15.50
CA GLU M 1183 21.51 36.30 16.88
C GLU M 1183 20.63 35.08 16.98
N LYS M 1184 19.51 35.08 16.27
CA LYS M 1184 18.62 33.92 16.30
C LYS M 1184 19.30 32.69 15.71
N GLU M 1185 20.02 32.87 14.59
CA GLU M 1185 20.72 31.74 14.01
C GLU M 1185 21.76 31.18 14.98
N TYR M 1186 22.51 32.06 15.63
CA TYR M 1186 23.46 31.63 16.66
C TYR M 1186 22.77 30.91 17.79
N VAL M 1187 21.62 31.42 18.23
CA VAL M 1187 20.91 30.77 19.31
C VAL M 1187 20.55 29.35 18.89
N LEU M 1188 20.07 29.20 17.66
CA LEU M 1188 19.84 27.86 17.12
C LEU M 1188 21.10 27.02 17.23
N ALA M 1189 22.22 27.54 16.75
CA ALA M 1189 23.46 26.76 16.70
C ALA M 1189 23.93 26.35 18.10
N GLN M 1190 23.94 27.30 19.03
CA GLN M 1190 24.44 27.01 20.36
C GLN M 1190 23.50 26.09 21.11
N THR M 1191 22.19 26.22 20.86
CA THR M 1191 21.27 25.26 21.42
C THR M 1191 21.54 23.85 20.88
N ARG M 1192 21.80 23.75 19.58
CA ARG M 1192 22.13 22.45 18.99
C ARG M 1192 23.35 21.84 19.67
N LEU M 1193 24.38 22.66 19.88
CA LEU M 1193 25.58 22.15 20.51
C LEU M 1193 25.35 21.77 21.96
N THR M 1194 24.59 22.58 22.71
CA THR M 1194 24.30 22.22 24.09
C THR M 1194 23.53 20.92 24.18
N LEU M 1195 22.62 20.71 23.23
CA LEU M 1195 21.91 19.46 23.14
C LEU M 1195 22.85 18.30 22.94
N ALA M 1196 23.69 18.38 21.91
CA ALA M 1196 24.64 17.31 21.65
C ALA M 1196 25.56 17.09 22.83
N LYS M 1197 25.84 18.14 23.59
CA LYS M 1197 26.72 18.00 24.75
C LYS M 1197 26.07 17.17 25.85
N HIS M 1198 24.90 17.59 26.33
CA HIS M 1198 24.36 16.84 27.47
C HIS M 1198 24.01 15.43 27.01
N ASN M 1199 23.60 15.29 25.76
CA ASN M 1199 23.35 13.97 25.20
C ASN M 1199 23.52 14.01 23.69
N PRO M 1200 24.44 13.22 23.15
CA PRO M 1200 24.69 13.28 21.70
C PRO M 1200 23.47 13.02 20.84
N SER M 1201 22.51 12.23 21.31
CA SER M 1201 21.40 11.78 20.47
C SER M 1201 20.59 12.90 19.86
N THR M 1202 20.86 14.15 20.21
CA THR M 1202 19.93 15.24 19.96
C THR M 1202 20.26 16.13 18.77
N ALA M 1203 21.48 16.03 18.22
CA ALA M 1203 21.91 17.00 17.21
C ALA M 1203 21.07 16.92 15.94
N ALA M 1204 20.64 15.72 15.56
CA ALA M 1204 19.88 15.57 14.31
C ALA M 1204 18.58 16.37 14.37
N ILE M 1205 17.79 16.17 15.42
CA ILE M 1205 16.55 16.94 15.55
C ILE M 1205 16.86 18.41 15.81
N ALA M 1206 17.98 18.68 16.48
CA ALA M 1206 18.40 20.07 16.64
C ALA M 1206 18.56 20.75 15.30
N GLY M 1207 19.07 20.02 14.31
CA GLY M 1207 19.13 20.55 12.96
C GLY M 1207 17.77 20.77 12.35
N SER M 1208 16.74 20.14 12.91
CA SER M 1208 15.39 20.29 12.41
C SER M 1208 14.45 20.96 13.40
N SER M 1209 14.91 21.30 14.60
CA SER M 1209 14.03 21.77 15.65
C SER M 1209 13.77 23.27 15.51
N ALA M 1210 12.55 23.67 15.86
CA ALA M 1210 12.17 25.08 15.91
C ALA M 1210 12.28 25.58 17.36
N ALA M 1211 11.81 26.82 17.57
CA ALA M 1211 11.99 27.46 18.87
C ALA M 1211 11.23 26.74 19.97
N GLU M 1212 9.92 26.60 19.84
CA GLU M 1212 9.12 25.92 20.86
C GLU M 1212 9.45 24.44 20.91
N GLU M 1213 9.85 23.87 19.78
CA GLU M 1213 10.29 22.47 19.78
C GLU M 1213 11.49 22.28 20.69
N MET M 1214 12.50 23.14 20.52
CA MET M 1214 13.65 23.12 21.41
C MET M 1214 13.24 23.47 22.83
N VAL M 1215 12.21 24.29 22.98
CA VAL M 1215 11.74 24.62 24.33
C VAL M 1215 11.26 23.36 25.03
N ALA M 1216 10.46 22.55 24.36
CA ALA M 1216 9.97 21.31 24.95
C ALA M 1216 11.09 20.31 25.16
N LEU M 1217 12.02 20.22 24.19
CA LEU M 1217 13.17 19.35 24.37
C LEU M 1217 13.98 19.78 25.59
N LEU M 1218 14.08 21.07 25.81
CA LEU M 1218 14.76 21.55 27.00
C LEU M 1218 13.94 21.25 28.25
N VAL M 1219 12.62 21.30 28.13
CA VAL M 1219 11.77 20.97 29.27
C VAL M 1219 12.07 19.57 29.74
N GLN M 1220 12.19 18.63 28.79
CA GLN M 1220 12.53 17.26 29.17
C GLN M 1220 14.00 17.15 29.58
N ALA M 1221 14.87 18.01 29.05
CA ALA M 1221 16.28 17.91 29.36
C ALA M 1221 16.64 18.48 30.73
N GLY M 1222 16.33 19.76 30.97
CA GLY M 1222 16.61 20.40 32.25
C GLY M 1222 17.48 21.64 32.19
N LEU M 1223 17.64 22.26 31.03
CA LEU M 1223 18.52 23.43 30.88
C LEU M 1223 17.73 24.72 31.15
N PHE M 1224 17.36 24.89 32.41
CA PHE M 1224 16.38 25.91 32.78
C PHE M 1224 16.89 27.30 32.42
N ASP M 1225 18.15 27.58 32.71
CA ASP M 1225 18.69 28.89 32.41
C ASP M 1225 18.85 29.08 30.90
N THR M 1226 19.11 27.99 30.18
CA THR M 1226 19.14 28.06 28.73
C THR M 1226 17.77 28.45 28.19
N ALA M 1227 16.70 27.87 28.76
CA ALA M 1227 15.36 28.29 28.37
C ALA M 1227 15.10 29.74 28.74
N ILE M 1228 15.65 30.17 29.88
CA ILE M 1228 15.60 31.56 30.26
C ILE M 1228 16.15 32.43 29.12
N SER M 1229 17.31 32.07 28.63
CA SER M 1229 17.92 32.80 27.52
C SER M 1229 17.05 32.72 26.26
N LEU M 1230 16.51 31.54 25.97
CA LEU M 1230 15.76 31.35 24.73
C LEU M 1230 14.47 32.15 24.74
N CYS M 1231 13.78 32.20 25.87
CA CYS M 1231 12.60 33.04 25.95
C CYS M 1231 12.98 34.50 25.79
N GLN M 1232 14.12 34.89 26.36
CA GLN M 1232 14.60 36.25 26.12
C GLN M 1232 14.74 36.53 24.63
N THR M 1233 15.42 35.64 23.90
CA THR M 1233 15.75 35.96 22.51
C THR M 1233 14.55 35.81 21.59
N PHE M 1234 13.90 34.65 21.62
CA PHE M 1234 12.82 34.35 20.70
C PHE M 1234 11.48 34.88 21.18
N LYS M 1235 11.43 35.50 22.36
CA LYS M 1235 10.20 36.02 22.92
C LYS M 1235 9.14 34.93 22.98
N LEU M 1236 9.49 33.82 23.65
CA LEU M 1236 8.62 32.66 23.69
C LEU M 1236 7.84 32.60 25.00
N GLY M 1237 6.87 31.70 25.04
CA GLY M 1237 5.99 31.58 26.20
C GLY M 1237 6.70 30.89 27.35
N LEU M 1238 7.05 31.64 28.38
CA LEU M 1238 7.65 31.09 29.59
C LEU M 1238 6.73 30.06 30.26
N THR M 1239 5.43 30.16 30.01
CA THR M 1239 4.47 29.30 30.68
C THR M 1239 4.85 27.84 30.56
N SER M 1240 5.08 27.36 29.33
CA SER M 1240 5.40 25.96 29.12
C SER M 1240 6.52 25.50 30.04
N ILE M 1241 7.51 26.37 30.21
CA ILE M 1241 8.57 26.10 31.17
C ILE M 1241 8.00 26.02 32.57
N PHE M 1242 7.05 26.89 32.91
CA PHE M 1242 6.46 26.82 34.24
C PHE M 1242 5.77 25.48 34.48
N GLU M 1243 4.97 25.02 33.52
CA GLU M 1243 4.33 23.72 33.71
C GLU M 1243 5.36 22.61 33.85
N GLY M 1244 6.37 22.60 33.00
CA GLY M 1244 7.38 21.55 33.10
C GLY M 1244 8.06 21.53 34.45
N LEU M 1245 8.65 22.65 34.84
CA LEU M 1245 9.39 22.69 36.10
C LEU M 1245 8.48 22.41 37.27
N ALA M 1246 7.25 22.92 37.23
CA ALA M 1246 6.31 22.68 38.32
C ALA M 1246 5.97 21.20 38.43
N CYS M 1247 5.81 20.52 37.29
CA CYS M 1247 5.48 19.10 37.35
C CYS M 1247 6.64 18.29 37.93
N LYS M 1248 7.87 18.59 37.52
CA LYS M 1248 8.99 17.94 38.19
C LYS M 1248 9.03 18.29 39.68
N CYS M 1249 8.70 19.53 40.02
CA CYS M 1249 8.77 19.96 41.42
C CYS M 1249 7.71 19.27 42.28
N ILE M 1250 6.55 18.99 41.68
CA ILE M 1250 5.53 18.20 42.38
C ILE M 1250 6.01 16.78 42.57
N ARG M 1251 6.61 16.21 41.51
CA ARG M 1251 7.25 14.90 41.68
C ARG M 1251 8.30 14.96 42.78
N LEU M 1252 8.90 16.12 43.00
CA LEU M 1252 9.83 16.27 44.11
C LEU M 1252 9.11 16.24 45.46
N GLN M 1253 8.22 17.22 45.67
CA GLN M 1253 7.38 17.28 46.86
C GLN M 1253 6.81 15.93 47.26
N GLN M 1254 6.50 15.08 46.28
CA GLN M 1254 6.08 13.73 46.61
C GLN M 1254 7.24 12.75 46.76
N GLY M 1255 8.37 12.99 46.09
CA GLY M 1255 9.45 12.03 46.06
C GLY M 1255 10.33 12.09 47.29
N GLY M 1256 11.21 11.10 47.38
CA GLY M 1256 12.10 10.96 48.51
C GLY M 1256 13.55 11.28 48.19
N GLU M 1257 14.45 10.51 48.78
CA GLU M 1257 15.88 10.80 48.69
C GLU M 1257 16.40 10.66 47.25
N ALA M 1258 16.01 9.58 46.57
CA ALA M 1258 16.53 9.33 45.23
C ALA M 1258 16.15 10.44 44.27
N ALA M 1259 14.90 10.88 44.35
CA ALA M 1259 14.45 11.99 43.51
C ALA M 1259 15.32 13.22 43.73
N GLN M 1260 15.56 13.59 44.98
CA GLN M 1260 16.45 14.72 45.25
C GLN M 1260 17.86 14.45 44.74
N ALA M 1261 18.30 13.19 44.77
CA ALA M 1261 19.64 12.86 44.30
C ALA M 1261 19.78 13.20 42.84
N GLU M 1262 18.80 12.80 42.02
CA GLU M 1262 18.85 13.24 40.63
C GLU M 1262 18.68 14.76 40.55
N ALA M 1263 17.79 15.32 41.36
CA ALA M 1263 17.47 16.73 41.28
C ALA M 1263 18.71 17.60 41.45
N TRP M 1264 19.56 17.27 42.42
CA TRP M 1264 20.78 18.04 42.64
C TRP M 1264 21.59 18.14 41.36
N GLU M 1265 21.60 17.06 40.56
CA GLU M 1265 22.48 17.00 39.40
C GLU M 1265 22.20 18.13 38.42
N TRP M 1266 20.98 18.63 38.40
CA TRP M 1266 20.69 19.76 37.54
C TRP M 1266 20.45 21.04 38.33
N LEU M 1267 20.10 20.92 39.60
CA LEU M 1267 19.96 22.09 40.44
C LEU M 1267 21.30 22.79 40.64
N ALA M 1268 22.39 22.03 40.52
CA ALA M 1268 23.73 22.63 40.62
C ALA M 1268 23.96 23.67 39.54
N ALA M 1269 23.39 23.47 38.35
CA ALA M 1269 23.50 24.46 37.28
C ALA M 1269 22.90 25.80 37.67
N ASN M 1270 21.88 25.82 38.50
CA ASN M 1270 21.31 27.06 39.00
C ASN M 1270 22.04 27.49 40.27
N GLN M 1271 22.07 28.81 40.50
CA GLN M 1271 22.79 29.40 41.63
C GLN M 1271 21.82 30.17 42.51
N LEU M 1272 22.11 30.21 43.80
CA LEU M 1272 21.20 30.80 44.78
C LEU M 1272 21.92 31.85 45.61
N ALA M 1273 21.34 33.05 45.66
CA ALA M 1273 21.94 34.18 46.35
C ALA M 1273 21.86 34.06 47.87
N THR M 1274 20.79 33.49 48.41
CA THR M 1274 20.74 33.22 49.84
C THR M 1274 21.91 32.35 50.28
N VAL M 1275 22.10 31.21 49.62
CA VAL M 1275 23.33 30.43 49.67
C VAL M 1275 23.28 29.49 48.49
N ILE M 1276 24.39 29.35 47.76
CA ILE M 1276 24.45 28.40 46.67
C ILE M 1276 24.66 27.01 47.24
N THR M 1277 23.81 26.08 46.85
CA THR M 1277 23.84 24.66 47.27
C THR M 1277 23.68 24.59 48.79
N THR M 1278 24.12 23.50 49.42
CA THR M 1278 23.79 22.99 50.76
C THR M 1278 22.93 21.74 50.61
N LYS M 1279 23.48 20.56 50.92
CA LYS M 1279 22.66 19.36 50.84
C LYS M 1279 21.63 19.31 51.95
N GLU M 1280 21.84 20.07 53.04
CA GLU M 1280 20.82 20.23 54.06
C GLU M 1280 19.56 20.81 53.43
N SER M 1281 18.40 20.29 53.84
CA SER M 1281 17.07 20.61 53.30
C SER M 1281 16.85 19.88 51.98
N SER M 1282 15.61 19.51 51.71
CA SER M 1282 15.31 18.71 50.54
C SER M 1282 15.39 19.55 49.27
N ALA M 1283 15.40 18.86 48.13
CA ALA M 1283 15.45 19.54 46.85
C ALA M 1283 14.19 20.37 46.57
N THR M 1284 13.02 19.86 46.95
CA THR M 1284 11.79 20.55 46.58
C THR M 1284 11.69 21.90 47.28
N ASP M 1285 12.37 22.05 48.41
CA ASP M 1285 12.44 23.35 49.08
C ASP M 1285 13.03 24.40 48.16
N GLU M 1286 14.29 24.20 47.75
CA GLU M 1286 14.90 25.17 46.86
C GLU M 1286 14.27 25.11 45.48
N ALA M 1287 13.44 24.11 45.21
CA ALA M 1287 12.63 24.16 43.99
C ALA M 1287 11.55 25.23 44.08
N TRP M 1288 10.80 25.25 45.19
CA TRP M 1288 9.88 26.37 45.41
C TRP M 1288 10.64 27.69 45.40
N ARG M 1289 11.80 27.72 46.05
CA ARG M 1289 12.58 28.96 46.13
C ARG M 1289 13.09 29.37 44.75
N LEU M 1290 13.46 28.41 43.92
CA LEU M 1290 13.94 28.69 42.57
C LEU M 1290 12.81 29.25 41.72
N MET M 1291 11.60 28.70 41.88
CA MET M 1291 10.45 29.30 41.23
C MET M 1291 10.24 30.72 41.70
N ILE M 1292 10.34 30.95 43.01
CA ILE M 1292 10.21 32.29 43.56
C ILE M 1292 11.23 33.23 42.92
N SER M 1293 12.48 32.81 42.85
CA SER M 1293 13.52 33.67 42.30
C SER M 1293 13.30 33.94 40.82
N TYR M 1294 12.98 32.89 40.05
CA TYR M 1294 12.66 33.09 38.64
C TYR M 1294 11.53 34.08 38.48
N LEU M 1295 10.55 34.05 39.39
CA LEU M 1295 9.51 35.06 39.38
C LEU M 1295 10.06 36.44 39.68
N ASP M 1296 10.92 36.53 40.70
CA ASP M 1296 11.43 37.84 41.10
C ASP M 1296 12.28 38.45 40.00
N LYS M 1297 12.75 37.64 39.07
CA LYS M 1297 13.66 38.17 38.06
C LYS M 1297 13.06 38.18 36.66
N TYR M 1298 11.99 37.43 36.42
CA TYR M 1298 11.21 37.55 35.20
C TYR M 1298 9.77 37.89 35.58
N GLU M 1299 9.24 38.91 34.92
CA GLU M 1299 7.89 39.37 35.19
C GLU M 1299 7.09 39.42 33.90
N SER M 1300 5.82 39.06 34.01
CA SER M 1300 4.87 39.25 32.93
C SER M 1300 3.74 40.07 33.50
N LYS M 1301 3.34 41.10 32.76
CA LYS M 1301 2.29 42.00 33.20
C LYS M 1301 0.93 41.31 33.21
N ASN M 1302 0.90 39.99 33.05
CA ASN M 1302 -0.33 39.27 32.74
C ASN M 1302 -0.55 38.02 33.59
N THR M 1303 0.40 37.67 34.46
CA THR M 1303 0.31 36.58 35.45
C THR M 1303 -0.15 35.24 34.87
N LEU M 1304 0.02 35.02 33.56
CA LEU M 1304 -0.09 33.68 33.00
C LEU M 1304 0.68 32.69 33.85
N TYR M 1305 1.80 33.14 34.38
CA TYR M 1305 2.70 32.26 35.09
C TYR M 1305 2.09 31.84 36.43
N HIS M 1306 1.55 32.81 37.17
CA HIS M 1306 0.76 32.48 38.36
C HIS M 1306 -0.32 31.49 38.03
N HIS M 1307 -1.09 31.77 36.97
CA HIS M 1307 -2.27 30.96 36.70
C HIS M 1307 -1.91 29.54 36.32
N CYS M 1308 -0.91 29.38 35.47
CA CYS M 1308 -0.49 28.03 35.08
C CYS M 1308 0.05 27.27 36.28
N ILE M 1309 0.86 27.93 37.10
CA ILE M 1309 1.43 27.24 38.25
C ILE M 1309 0.32 26.80 39.21
N ILE M 1310 -0.62 27.70 39.50
CA ILE M 1310 -1.65 27.37 40.49
C ILE M 1310 -2.58 26.31 39.93
N ASN M 1311 -2.88 26.37 38.63
CA ASN M 1311 -3.75 25.36 38.06
C ASN M 1311 -3.10 23.99 38.08
N LYS M 1312 -1.79 23.94 37.84
CA LYS M 1312 -1.11 22.66 37.97
C LYS M 1312 -1.12 22.18 39.41
N LEU M 1313 -0.93 23.12 40.35
CA LEU M 1313 -1.01 22.78 41.77
C LEU M 1313 -2.31 22.06 42.06
N LEU M 1314 -3.42 22.67 41.67
CA LEU M 1314 -4.71 22.12 42.05
C LEU M 1314 -5.03 20.89 41.21
N SER M 1315 -4.59 20.86 39.96
CA SER M 1315 -4.75 19.67 39.14
C SER M 1315 -4.04 18.48 39.73
N HIS M 1316 -2.99 18.72 40.48
CA HIS M 1316 -2.34 17.66 41.24
C HIS M 1316 -2.69 17.73 42.71
N GLY M 1317 -3.72 18.48 43.07
CA GLY M 1317 -4.28 18.44 44.40
C GLY M 1317 -3.57 19.29 45.42
N VAL M 1318 -2.84 20.31 44.99
CA VAL M 1318 -2.00 21.06 45.91
C VAL M 1318 -2.76 22.23 46.50
N PRO M 1319 -2.92 22.28 47.82
CA PRO M 1319 -3.35 23.52 48.47
C PRO M 1319 -2.30 24.60 48.24
N LEU M 1320 -2.77 25.82 48.06
CA LEU M 1320 -1.88 26.87 47.58
C LEU M 1320 -0.88 27.24 48.69
N PRO M 1321 0.40 27.36 48.36
CA PRO M 1321 1.38 27.71 49.39
C PRO M 1321 1.17 29.11 49.91
N ASN M 1322 1.53 29.31 51.18
CA ASN M 1322 1.30 30.59 51.84
C ASN M 1322 2.11 31.70 51.20
N TRP M 1323 3.35 31.42 50.82
CA TRP M 1323 4.17 32.48 50.22
C TRP M 1323 3.55 32.96 48.92
N LEU M 1324 3.11 32.04 48.07
CA LEU M 1324 2.39 32.44 46.87
C LEU M 1324 1.11 33.16 47.24
N ILE M 1325 0.39 32.67 48.25
CA ILE M 1325 -0.78 33.36 48.75
C ILE M 1325 -0.48 34.83 48.96
N ASN M 1326 0.52 35.11 49.79
CA ASN M 1326 0.78 36.47 50.25
C ASN M 1326 1.29 37.34 49.11
N ARG M 1327 2.19 36.81 48.28
CA ARG M 1327 2.75 37.62 47.22
C ARG M 1327 1.70 37.93 46.15
N TYR M 1328 0.98 36.91 45.72
CA TYR M 1328 0.07 37.08 44.60
C TYR M 1328 -1.20 37.77 45.05
N LYS M 1329 -1.52 37.73 46.34
CA LYS M 1329 -2.59 38.59 46.86
C LYS M 1329 -2.11 40.03 46.96
N ALA M 1330 -0.90 40.23 47.48
CA ALA M 1330 -0.37 41.58 47.60
C ALA M 1330 -0.19 42.23 46.24
N MET M 1331 -0.23 41.43 45.19
CA MET M 1331 -0.40 41.99 43.85
C MET M 1331 -1.88 42.13 43.48
N ASP M 1332 -2.68 41.09 43.72
CA ASP M 1332 -4.08 41.09 43.32
C ASP M 1332 -4.89 39.94 43.94
N ALA M 1333 -6.21 40.14 44.13
CA ALA M 1333 -6.95 39.17 44.95
C ALA M 1333 -8.23 38.66 44.30
N ALA M 1334 -8.93 39.48 43.52
CA ALA M 1334 -10.21 39.03 42.96
C ALA M 1334 -10.01 37.94 41.92
N GLU M 1335 -8.86 37.96 41.24
CA GLU M 1335 -8.51 36.85 40.37
C GLU M 1335 -8.42 35.55 41.17
N LEU M 1336 -7.74 35.61 42.31
CA LEU M 1336 -7.79 34.50 43.24
C LEU M 1336 -9.21 34.16 43.60
N LEU M 1337 -10.08 35.18 43.65
CA LEU M 1337 -11.43 34.94 44.10
C LEU M 1337 -12.19 34.06 43.12
N ARG M 1338 -12.14 34.41 41.83
CA ARG M 1338 -12.87 33.59 40.89
C ARG M 1338 -12.16 32.27 40.59
N LEU M 1339 -10.89 32.12 40.96
CA LEU M 1339 -10.38 30.74 40.98
C LEU M 1339 -10.79 29.95 42.21
N TYR M 1340 -11.01 30.62 43.35
CA TYR M 1340 -11.73 29.92 44.41
C TYR M 1340 -13.00 29.34 43.84
N LEU M 1341 -13.76 30.20 43.16
CA LEU M 1341 -15.00 29.77 42.54
C LEU M 1341 -14.78 28.59 41.62
N LYS M 1342 -13.83 28.72 40.69
CA LYS M 1342 -13.67 27.71 39.66
C LYS M 1342 -13.28 26.38 40.25
N TYR M 1343 -12.45 26.37 41.29
CA TYR M 1343 -11.94 25.14 41.84
C TYR M 1343 -12.35 24.92 43.29
N ASP M 1344 -13.58 25.28 43.63
CA ASP M 1344 -14.22 24.84 44.86
C ASP M 1344 -13.47 25.32 46.10
N LEU M 1345 -12.80 26.46 46.00
CA LEU M 1345 -12.01 26.91 47.12
C LEU M 1345 -12.89 27.80 47.99
N LEU M 1346 -13.95 27.20 48.51
CA LEU M 1346 -15.11 27.98 48.93
C LEU M 1346 -14.90 28.59 50.31
N GLU M 1347 -14.45 27.80 51.27
CA GLU M 1347 -14.21 28.33 52.61
C GLU M 1347 -13.22 29.47 52.53
N GLU M 1348 -12.13 29.22 51.80
CA GLU M 1348 -11.03 30.17 51.71
C GLU M 1348 -11.48 31.45 51.04
N ALA M 1349 -12.30 31.31 50.00
CA ALA M 1349 -12.96 32.47 49.43
C ALA M 1349 -13.76 33.21 50.48
N ALA M 1350 -14.44 32.46 51.35
CA ALA M 1350 -15.23 33.11 52.38
C ALA M 1350 -14.35 34.00 53.23
N GLU M 1351 -13.21 33.49 53.70
CA GLU M 1351 -12.29 34.40 54.38
C GLU M 1351 -11.94 35.57 53.49
N LEU M 1352 -11.44 35.30 52.28
CA LEU M 1352 -11.02 36.39 51.40
C LEU M 1352 -12.05 37.50 51.40
N VAL M 1353 -13.32 37.13 51.37
CA VAL M 1353 -14.40 38.09 51.49
C VAL M 1353 -14.37 38.78 52.85
N LEU M 1354 -14.15 38.00 53.92
CA LEU M 1354 -14.20 38.60 55.25
C LEU M 1354 -13.16 39.70 55.39
N GLU M 1355 -11.91 39.41 55.02
CA GLU M 1355 -10.93 40.50 55.08
C GLU M 1355 -11.14 41.54 53.98
N TYR M 1356 -11.81 41.19 52.88
CA TYR M 1356 -12.22 42.25 51.96
C TYR M 1356 -13.04 43.29 52.68
N VAL M 1357 -14.10 42.85 53.35
CA VAL M 1357 -14.99 43.77 54.06
C VAL M 1357 -14.23 44.46 55.18
N ASP M 1358 -13.36 43.73 55.85
CA ASP M 1358 -12.63 44.31 56.97
C ASP M 1358 -11.70 45.42 56.49
N ALA M 1359 -11.03 45.23 55.36
CA ALA M 1359 -10.19 46.27 54.80
C ALA M 1359 -11.04 47.43 54.31
N LEU M 1360 -12.23 47.14 53.77
CA LEU M 1360 -13.18 48.20 53.49
C LEU M 1360 -13.39 49.06 54.72
N LEU M 1361 -13.61 48.40 55.85
CA LEU M 1361 -13.76 49.06 57.14
C LEU M 1361 -12.50 49.80 57.56
N GLY M 1362 -11.32 49.29 57.18
CA GLY M 1362 -10.05 49.82 57.62
C GLY M 1362 -9.13 50.05 56.45
N LYS M 1363 -7.96 49.40 56.43
CA LYS M 1363 -7.04 49.54 55.31
C LYS M 1363 -6.21 48.27 55.16
N GLY M 1364 -6.54 47.47 54.14
CA GLY M 1364 -5.79 46.26 53.86
C GLY M 1364 -5.64 46.06 52.37
N HIS M 1365 -5.98 47.09 51.60
CA HIS M 1365 -5.85 47.03 50.15
C HIS M 1365 -4.43 46.69 49.74
N GLN M 1366 -3.46 47.12 50.54
CA GLN M 1366 -2.07 46.74 50.32
C GLN M 1366 -1.94 45.23 50.21
N TYR M 1367 -2.56 44.49 51.13
CA TYR M 1367 -2.54 43.05 51.07
C TYR M 1367 -3.26 42.52 49.85
N PHE M 1368 -4.24 43.27 49.35
CA PHE M 1368 -5.03 42.86 48.20
C PHE M 1368 -4.39 43.29 46.89
N GLY M 1369 -3.24 43.96 46.96
CA GLY M 1369 -2.70 44.59 45.77
C GLY M 1369 -3.53 45.75 45.31
N ILE M 1370 -4.44 46.22 46.17
CA ILE M 1370 -5.31 47.35 45.88
C ILE M 1370 -4.66 48.57 46.51
N GLN M 1371 -5.01 49.75 46.01
CA GLN M 1371 -4.30 50.97 46.37
C GLN M 1371 -5.22 52.07 46.88
N ALA M 1372 -6.53 51.95 46.66
CA ALA M 1372 -7.44 53.00 47.07
C ALA M 1372 -7.44 53.15 48.58
N PRO M 1373 -7.45 54.37 49.09
CA PRO M 1373 -7.55 54.57 50.53
C PRO M 1373 -8.91 54.12 51.04
N LEU M 1374 -8.94 53.43 52.17
CA LEU M 1374 -10.16 52.81 52.65
C LEU M 1374 -10.50 53.33 54.04
N SER M 1375 -11.76 53.70 54.19
CA SER M 1375 -12.29 54.06 55.50
C SER M 1375 -13.60 53.32 55.75
N ALA M 1376 -14.34 53.04 54.68
CA ALA M 1376 -15.66 52.46 54.77
C ALA M 1376 -16.05 51.90 53.40
N THR M 1377 -17.36 51.68 53.21
CA THR M 1377 -17.88 51.11 51.97
C THR M 1377 -18.98 51.97 51.37
N SER M 1378 -19.05 51.97 50.03
CA SER M 1378 -20.09 52.68 49.30
C SER M 1378 -20.23 52.10 47.91
N GLN M 1379 -21.37 52.40 47.29
CA GLN M 1379 -21.65 52.01 45.91
C GLN M 1379 -20.68 52.64 44.93
N LEU M 1380 -20.06 53.75 45.28
CA LEU M 1380 -19.08 54.42 44.44
C LEU M 1380 -17.72 53.74 44.49
N VAL M 1381 -17.56 52.73 45.32
CA VAL M 1381 -16.33 51.96 45.37
C VAL M 1381 -16.58 50.60 44.73
N TRP M 1382 -15.74 50.26 43.76
CA TRP M 1382 -15.92 49.03 43.00
C TRP M 1382 -15.28 47.84 43.71
N PHE M 1383 -15.96 46.71 43.66
CA PHE M 1383 -15.39 45.41 43.95
C PHE M 1383 -16.34 44.35 43.42
N PRO M 1384 -15.90 43.11 43.27
CA PRO M 1384 -16.82 42.18 42.58
C PRO M 1384 -18.05 41.81 43.42
N TYR M 1385 -19.00 42.74 43.46
CA TYR M 1385 -20.33 42.39 43.94
C TYR M 1385 -20.87 41.20 43.17
N SER M 1386 -20.48 41.09 41.90
CA SER M 1386 -20.90 39.96 41.09
C SER M 1386 -20.40 38.64 41.67
N ALA M 1387 -19.11 38.56 41.96
CA ALA M 1387 -18.57 37.35 42.56
C ALA M 1387 -19.19 37.13 43.94
N ILE M 1388 -19.35 38.22 44.70
CA ILE M 1388 -20.05 38.18 45.97
C ILE M 1388 -21.36 37.42 45.81
N ASP M 1389 -22.16 37.85 44.86
CA ASP M 1389 -23.53 37.37 44.79
C ASP M 1389 -23.57 35.98 44.17
N HIS M 1390 -22.65 35.67 43.26
CA HIS M 1390 -22.59 34.30 42.76
C HIS M 1390 -22.18 33.35 43.86
N LEU M 1391 -21.35 33.81 44.79
CA LEU M 1391 -21.00 32.93 45.88
C LEU M 1391 -22.14 32.80 46.87
N ARG M 1392 -22.91 33.88 47.05
CA ARG M 1392 -24.17 33.74 47.77
C ARG M 1392 -25.06 32.70 47.10
N LEU M 1393 -25.02 32.67 45.77
CA LEU M 1393 -25.70 31.61 45.02
C LEU M 1393 -25.17 30.24 45.39
N ALA M 1394 -23.85 30.10 45.40
CA ALA M 1394 -23.27 28.82 45.75
C ALA M 1394 -23.68 28.41 47.16
N LEU M 1395 -23.76 29.39 48.06
CA LEU M 1395 -24.19 29.13 49.42
C LEU M 1395 -25.63 28.68 49.48
N GLY M 1396 -26.51 29.33 48.73
CA GLY M 1396 -27.89 28.90 48.68
C GLY M 1396 -28.03 27.50 48.12
N GLU M 1397 -27.23 27.19 47.10
CA GLU M 1397 -27.40 25.91 46.41
C GLU M 1397 -26.84 24.75 47.21
N ASN M 1398 -25.73 24.97 47.93
CA ASN M 1398 -25.04 23.87 48.59
C ASN M 1398 -25.55 23.68 50.03
N GLU M 1399 -26.87 23.58 50.16
CA GLU M 1399 -27.49 23.40 51.46
C GLU M 1399 -28.18 22.05 51.53
N ASN M 1400 -27.63 21.16 52.34
CA ASN M 1400 -28.32 19.95 52.73
C ASN M 1400 -28.02 19.66 54.19
N ASN M 1401 -27.28 20.56 54.84
CA ASN M 1401 -26.74 20.30 56.16
C ASN M 1401 -26.64 21.59 56.96
N GLN M 1402 -26.71 21.44 58.29
CA GLN M 1402 -26.88 22.58 59.16
C GLN M 1402 -25.55 23.25 59.50
N HIS M 1403 -24.44 22.56 59.31
CA HIS M 1403 -23.14 23.24 59.33
C HIS M 1403 -23.12 24.35 58.31
N ASN M 1404 -23.58 24.06 57.09
CA ASN M 1404 -23.68 25.07 56.06
C ASN M 1404 -24.62 26.19 56.48
N GLN M 1405 -25.71 25.83 57.15
CA GLN M 1405 -26.67 26.84 57.61
C GLN M 1405 -26.04 27.77 58.63
N ALA M 1406 -25.22 27.22 59.53
CA ALA M 1406 -24.51 28.05 60.49
C ALA M 1406 -23.56 29.00 59.79
N ILE M 1407 -22.73 28.47 58.89
CA ILE M 1407 -21.80 29.33 58.16
C ILE M 1407 -22.56 30.41 57.42
N LEU M 1408 -23.67 30.03 56.77
CA LEU M 1408 -24.54 31.00 56.14
C LEU M 1408 -24.93 32.09 57.12
N GLY M 1409 -25.66 31.74 58.17
CA GLY M 1409 -26.13 32.74 59.12
C GLY M 1409 -25.03 33.67 59.58
N LYS M 1410 -23.82 33.13 59.75
CA LYS M 1410 -22.69 34.00 60.06
C LYS M 1410 -22.44 35.01 58.96
N LEU M 1411 -22.32 34.53 57.72
CA LEU M 1411 -22.06 35.43 56.60
C LEU M 1411 -23.20 36.42 56.42
N GLN M 1412 -24.43 35.94 56.66
CA GLN M 1412 -25.58 36.81 56.60
C GLN M 1412 -25.42 37.95 57.59
N ARG M 1413 -25.12 37.62 58.85
CA ARG M 1413 -24.82 38.64 59.86
C ARG M 1413 -23.76 39.62 59.40
N LYS M 1414 -22.68 39.09 58.82
CA LYS M 1414 -21.61 39.97 58.37
C LYS M 1414 -22.12 40.95 57.32
N MET M 1415 -22.87 40.43 56.36
CA MET M 1415 -23.42 41.27 55.30
C MET M 1415 -24.42 42.26 55.85
N ASP M 1416 -25.13 41.90 56.91
CA ASP M 1416 -26.11 42.83 57.48
C ASP M 1416 -25.40 43.99 58.16
N GLU M 1417 -24.39 43.70 58.96
CA GLU M 1417 -23.60 44.79 59.56
C GLU M 1417 -23.00 45.66 58.46
N TYR M 1418 -22.47 45.00 57.42
CA TYR M 1418 -21.98 45.71 56.25
C TYR M 1418 -23.03 46.66 55.68
N PHE M 1419 -24.23 46.15 55.43
CA PHE M 1419 -25.25 46.95 54.78
C PHE M 1419 -25.70 48.09 55.66
N GLN M 1420 -25.80 47.85 56.97
CA GLN M 1420 -26.21 48.92 57.87
C GLN M 1420 -25.21 50.05 57.87
N LYS M 1421 -23.93 49.76 58.11
CA LYS M 1421 -22.94 50.83 58.09
C LYS M 1421 -22.78 51.40 56.70
N LEU M 1422 -23.04 50.58 55.68
CA LEU M 1422 -22.99 51.03 54.30
C LEU M 1422 -24.05 52.08 54.03
N LYS M 1423 -25.26 51.85 54.55
CA LYS M 1423 -26.30 52.86 54.42
C LYS M 1423 -25.98 54.09 55.24
N LYS M 1424 -25.32 53.90 56.39
CA LYS M 1424 -24.86 55.06 57.16
C LYS M 1424 -23.96 55.94 56.31
N ALA M 1425 -22.92 55.34 55.73
CA ALA M 1425 -21.99 56.10 54.89
C ALA M 1425 -22.67 56.60 53.63
N THR M 1426 -23.64 55.87 53.11
CA THR M 1426 -24.35 56.29 51.90
C THR M 1426 -25.19 57.52 52.17
N ASP M 1427 -25.86 57.58 53.31
CA ASP M 1427 -26.57 58.78 53.70
C ASP M 1427 -25.60 59.94 53.90
N ASP M 1428 -24.46 59.67 54.53
CA ASP M 1428 -23.45 60.70 54.70
C ASP M 1428 -23.02 61.27 53.36
N TYR M 1429 -22.79 60.40 52.38
CA TYR M 1429 -22.47 60.85 51.03
C TYR M 1429 -23.62 61.57 50.37
N LYS M 1430 -24.86 61.13 50.64
CA LYS M 1430 -26.02 61.79 50.08
C LYS M 1430 -26.15 63.22 50.59
N LYS M 1431 -25.64 63.49 51.80
CA LYS M 1431 -25.57 64.88 52.24
C LYS M 1431 -24.61 65.71 51.39
N ILE M 1432 -23.73 65.05 50.64
CA ILE M 1432 -22.79 65.74 49.77
C ILE M 1432 -23.44 66.01 48.42
N MET N 1 56.90 -4.41 -10.76
CA MET N 1 57.81 -3.28 -10.93
C MET N 1 58.93 -3.30 -9.90
N LYS N 2 59.97 -2.50 -10.15
CA LYS N 2 61.17 -2.55 -9.33
C LYS N 2 61.80 -1.17 -9.25
N GLN N 3 62.50 -0.92 -8.15
CA GLN N 3 63.28 0.29 -7.93
C GLN N 3 64.55 -0.10 -7.20
N ASP N 4 65.67 0.55 -7.55
CA ASP N 4 66.96 0.00 -7.16
C ASP N 4 67.48 0.55 -5.83
N SER N 5 67.79 1.85 -5.78
CA SER N 5 68.13 2.54 -4.54
C SER N 5 68.33 4.02 -4.82
N ALA N 6 67.85 4.87 -3.90
CA ALA N 6 68.05 6.30 -3.97
C ALA N 6 67.77 6.90 -2.59
N SER N 7 68.31 8.08 -2.35
CA SER N 7 68.15 8.71 -1.05
C SER N 7 68.54 10.18 -1.14
N ASN N 8 68.17 10.92 -0.10
CA ASN N 8 68.56 12.32 0.03
C ASN N 8 69.92 12.42 0.70
N ALA N 9 70.64 13.49 0.36
CA ALA N 9 72.02 13.64 0.80
C ALA N 9 72.11 13.58 2.32
N THR N 10 73.16 12.90 2.81
CA THR N 10 73.35 12.79 4.26
C THR N 10 73.48 14.16 4.89
N TYR N 11 74.17 15.08 4.21
CA TYR N 11 74.25 16.46 4.64
C TYR N 11 74.01 17.37 3.45
N THR N 12 73.57 18.59 3.71
CA THR N 12 73.37 19.56 2.66
C THR N 12 73.68 20.95 3.21
N VAL N 13 74.45 21.71 2.45
CA VAL N 13 74.84 23.06 2.82
C VAL N 13 74.17 24.02 1.85
N ASP N 14 73.48 25.02 2.39
CA ASP N 14 72.86 26.06 1.59
C ASP N 14 73.91 26.98 1.01
N CYS N 15 73.57 27.60 -0.13
CA CYS N 15 74.47 28.52 -0.80
C CYS N 15 73.66 29.61 -1.47
N GLU N 16 74.24 30.82 -1.51
CA GLU N 16 73.71 31.92 -2.28
C GLU N 16 74.33 31.99 -3.66
N ASP N 17 75.11 30.99 -4.05
CA ASP N 17 75.74 30.92 -5.35
C ASP N 17 75.73 29.47 -5.83
N TYR N 18 75.80 29.30 -7.15
CA TYR N 18 75.92 27.97 -7.73
C TYR N 18 77.33 27.42 -7.52
N VAL N 19 77.45 26.10 -7.48
CA VAL N 19 78.74 25.44 -7.30
C VAL N 19 79.10 24.74 -8.60
N HIS N 20 79.93 25.38 -9.42
CA HIS N 20 80.56 24.72 -10.55
C HIS N 20 81.49 23.60 -10.15
N VAL N 21 82.30 23.81 -9.12
CA VAL N 21 83.31 22.86 -8.70
C VAL N 21 83.54 23.02 -7.21
N VAL N 22 83.74 21.89 -6.53
CA VAL N 22 83.98 21.84 -5.09
C VAL N 22 84.87 20.64 -4.79
N GLU N 23 85.92 20.85 -3.99
CA GLU N 23 86.95 19.84 -3.78
C GLU N 23 87.55 19.97 -2.38
N PHE N 24 87.82 18.83 -1.76
CA PHE N 24 88.62 18.80 -0.54
C PHE N 24 90.09 18.67 -0.85
N ASN N 25 90.85 18.26 0.15
CA ASN N 25 92.29 18.08 -0.01
C ASN N 25 92.61 16.64 -0.38
N PRO N 26 93.48 16.40 -1.37
CA PRO N 26 93.88 15.01 -1.64
C PRO N 26 94.81 14.47 -0.56
N PHE N 27 95.64 15.32 0.01
CA PHE N 27 96.53 14.97 1.10
C PHE N 27 96.28 15.93 2.26
N ASP N 28 96.52 15.46 3.47
CA ASP N 28 96.21 16.26 4.65
C ASP N 28 97.17 17.43 4.78
N SER N 29 96.64 18.60 5.11
CA SER N 29 97.42 19.82 5.28
C SER N 29 97.78 20.10 6.73
N GLY N 30 97.33 19.26 7.66
CA GLY N 30 97.58 19.51 9.07
C GLY N 30 96.46 20.29 9.74
N GLU N 31 95.21 19.98 9.37
CA GLU N 31 94.04 20.62 9.96
C GLU N 31 92.98 19.57 10.21
N ALA N 32 92.41 19.60 11.42
CA ALA N 32 91.27 18.74 11.71
C ALA N 32 90.08 19.12 10.85
N GLY N 33 89.71 20.41 10.86
CA GLY N 33 88.65 20.89 10.00
C GLY N 33 89.02 20.72 8.54
N SER N 34 88.15 20.05 7.80
CA SER N 34 88.50 19.66 6.43
C SER N 34 88.36 20.88 5.53
N LEU N 35 89.46 21.28 4.90
CA LEU N 35 89.42 22.40 3.98
C LEU N 35 88.62 22.03 2.74
N LEU N 36 87.82 22.96 2.26
CA LEU N 36 86.97 22.74 1.11
C LEU N 36 87.01 24.01 0.25
N ALA N 37 87.18 23.82 -1.05
CA ALA N 37 87.25 24.93 -1.99
C ALA N 37 86.16 24.77 -3.04
N TYR N 38 85.36 25.81 -3.24
CA TYR N 38 84.34 25.76 -4.29
C TYR N 38 84.32 27.07 -5.06
N GLY N 39 84.10 26.98 -6.37
CA GLY N 39 84.22 28.12 -7.27
C GLY N 39 82.98 28.32 -8.12
N GLY N 40 82.78 29.58 -8.54
CA GLY N 40 81.71 29.90 -9.46
C GLY N 40 82.01 31.20 -10.20
N ILE N 41 81.00 31.68 -10.92
CA ILE N 41 81.13 32.92 -11.67
C ILE N 41 81.39 34.11 -10.75
N SER N 42 80.70 34.18 -9.61
CA SER N 42 80.77 35.37 -8.79
C SER N 42 81.78 35.25 -7.66
N TYR N 43 81.98 34.06 -7.12
CA TYR N 43 82.78 33.91 -5.91
C TYR N 43 83.51 32.58 -5.92
N VAL N 44 84.70 32.59 -5.33
CA VAL N 44 85.44 31.36 -5.03
C VAL N 44 85.78 31.38 -3.54
N VAL N 45 85.39 30.32 -2.84
CA VAL N 45 85.41 30.30 -1.38
C VAL N 45 86.24 29.13 -0.88
N ILE N 46 87.13 29.43 0.06
CA ILE N 46 87.86 28.44 0.85
C ILE N 46 87.23 28.42 2.22
N ALA N 47 87.02 27.23 2.77
CA ALA N 47 86.35 27.14 4.07
C ALA N 47 86.82 25.90 4.82
N SER N 48 86.51 25.88 6.11
CA SER N 48 86.72 24.72 6.95
C SER N 48 85.37 24.08 7.25
N CYS N 49 85.30 22.76 7.06
CA CYS N 49 84.06 22.01 7.23
C CYS N 49 84.22 21.03 8.37
N ARG N 50 83.15 20.88 9.15
CA ARG N 50 83.07 19.89 10.23
C ARG N 50 81.68 19.29 10.28
N PHE N 51 81.62 17.98 10.47
CA PHE N 51 80.38 17.27 10.73
C PHE N 51 80.45 16.62 12.11
N GLN N 52 79.33 16.61 12.82
CA GLN N 52 79.33 16.23 14.22
C GLN N 52 79.79 14.78 14.40
N GLU N 53 80.82 14.61 15.23
CA GLU N 53 81.25 13.30 15.70
C GLU N 53 81.36 13.30 17.22
N GLU N 54 81.78 14.44 17.77
CA GLU N 54 81.90 14.62 19.21
C GLU N 54 81.51 16.03 19.60
N ASP N 55 81.15 16.20 20.88
CA ASP N 55 80.80 17.48 21.49
C ASP N 55 79.44 17.98 21.03
N SER N 56 78.65 18.52 21.95
CA SER N 56 77.34 19.09 21.63
C SER N 56 77.44 20.54 21.20
N THR N 57 78.62 21.14 21.29
CA THR N 57 78.83 22.47 20.72
C THR N 57 78.69 22.45 19.20
N VAL N 58 78.97 21.31 18.58
CA VAL N 58 78.81 21.13 17.15
C VAL N 58 77.53 20.33 16.95
N GLU N 59 76.58 20.91 16.22
CA GLU N 59 75.31 20.26 15.93
C GLU N 59 75.16 20.16 14.41
N GLY N 60 74.94 18.94 13.94
CA GLY N 60 74.84 18.71 12.51
C GLY N 60 76.14 19.03 11.79
N ILE N 61 76.15 20.16 11.10
CA ILE N 61 77.30 20.58 10.31
C ILE N 61 77.69 22.01 10.70
N GLU N 62 78.99 22.25 10.76
CA GLU N 62 79.52 23.60 10.95
C GLU N 62 80.46 23.93 9.79
N PHE N 63 80.13 25.01 9.08
CA PHE N 63 80.84 25.44 7.89
C PHE N 63 81.34 26.86 8.14
N LYS N 64 82.66 27.03 8.21
CA LYS N 64 83.26 28.33 8.50
C LYS N 64 84.05 28.77 7.27
N THR N 65 83.52 29.75 6.54
CA THR N 65 84.23 30.29 5.40
C THR N 65 85.53 30.93 5.86
N LEU N 66 86.65 30.29 5.53
CA LEU N 66 87.93 30.87 5.86
C LEU N 66 88.16 32.14 5.05
N LYS N 67 87.77 32.13 3.77
CA LYS N 67 87.90 33.34 2.98
C LYS N 67 87.06 33.19 1.71
N THR N 68 86.60 34.32 1.17
CA THR N 68 85.81 34.37 -0.05
C THR N 68 86.38 35.43 -0.98
N PHE N 69 86.61 35.04 -2.23
CA PHE N 69 87.20 35.92 -3.22
C PHE N 69 86.15 36.27 -4.26
N HIS N 70 86.06 37.56 -4.59
CA HIS N 70 85.16 38.03 -5.64
C HIS N 70 85.66 37.51 -6.98
N HIS N 71 84.79 36.83 -7.71
CA HIS N 71 85.16 36.27 -9.01
C HIS N 71 84.26 36.84 -10.10
N GLY N 72 84.70 36.67 -11.35
CA GLY N 72 83.92 37.09 -12.50
C GLY N 72 83.99 36.09 -13.63
N GLU N 73 84.45 34.88 -13.33
CA GLU N 73 84.66 33.86 -14.35
C GLU N 73 84.15 32.52 -13.83
N ARG N 74 83.70 31.67 -14.76
CA ARG N 74 83.41 30.29 -14.42
C ARG N 74 84.71 29.52 -14.27
N VAL N 75 84.90 28.89 -13.12
CA VAL N 75 86.12 28.13 -12.87
C VAL N 75 86.08 26.85 -13.68
N VAL N 76 87.17 26.55 -14.38
CA VAL N 76 87.26 25.34 -15.18
C VAL N 76 87.86 24.17 -14.42
N ALA N 77 89.03 24.33 -13.84
CA ALA N 77 89.66 23.26 -13.07
C ALA N 77 90.57 23.87 -12.01
N ILE N 78 90.73 23.16 -10.90
CA ILE N 78 91.60 23.60 -9.81
C ILE N 78 92.42 22.41 -9.33
N ALA N 79 93.71 22.64 -9.11
CA ALA N 79 94.60 21.63 -8.56
C ALA N 79 95.48 22.24 -7.49
N TRP N 80 95.37 21.74 -6.27
CA TRP N 80 96.27 22.13 -5.20
C TRP N 80 97.64 21.50 -5.41
N SER N 81 98.66 22.09 -4.80
CA SER N 81 99.95 21.43 -4.79
C SER N 81 99.88 20.15 -3.96
N PRO N 82 100.52 19.06 -4.40
CA PRO N 82 100.54 17.86 -3.55
C PRO N 82 101.25 18.10 -2.22
N GLU N 83 102.12 19.11 -2.16
CA GLU N 83 102.61 19.62 -0.89
C GLU N 83 101.46 20.34 -0.20
N THR N 84 100.85 19.69 0.80
CA THR N 84 99.70 20.21 1.51
C THR N 84 100.15 20.68 2.88
N ARG N 85 99.84 21.93 3.22
CA ARG N 85 100.31 22.51 4.47
C ARG N 85 99.35 23.58 4.94
N CYS N 86 98.76 23.36 6.11
CA CYS N 86 98.12 24.43 6.86
C CYS N 86 98.27 24.13 8.34
N ASP N 87 99.37 24.59 8.93
CA ASP N 87 99.63 24.37 10.34
C ASP N 87 100.37 25.56 10.93
N ALA N 88 100.59 26.59 10.11
CA ALA N 88 101.41 27.72 10.48
C ALA N 88 100.55 28.86 11.00
N LEU N 89 101.22 29.90 11.50
CA LEU N 89 100.52 31.11 11.89
C LEU N 89 99.83 31.75 10.68
N LEU N 90 100.51 31.76 9.54
CA LEU N 90 99.94 32.24 8.29
C LEU N 90 100.13 31.16 7.24
N PRO N 91 99.30 30.11 7.24
CA PRO N 91 99.52 28.98 6.33
C PRO N 91 99.52 29.42 4.87
N LEU N 92 100.40 28.79 4.09
CA LEU N 92 100.60 29.12 2.69
C LEU N 92 99.83 28.11 1.85
N LEU N 93 98.97 28.61 0.97
CA LEU N 93 98.11 27.76 0.15
C LEU N 93 98.47 28.01 -1.31
N ARG N 94 98.80 26.94 -2.04
CA ARG N 94 99.26 27.06 -3.42
C ARG N 94 98.45 26.14 -4.32
N PHE N 95 97.90 26.71 -5.40
CA PHE N 95 97.11 25.91 -6.32
C PHE N 95 97.03 26.61 -7.66
N ALA N 96 96.54 25.88 -8.66
CA ALA N 96 96.41 26.35 -10.02
C ALA N 96 94.95 26.27 -10.47
N THR N 97 94.52 27.29 -11.21
CA THR N 97 93.15 27.40 -11.68
C THR N 97 93.12 27.66 -13.18
N ALA N 98 92.07 27.14 -13.81
CA ALA N 98 91.77 27.40 -15.21
C ALA N 98 90.42 28.10 -15.31
N ALA N 99 90.35 29.09 -16.19
CA ALA N 99 89.12 29.84 -16.43
C ALA N 99 88.72 29.67 -17.89
N GLY N 100 87.70 30.42 -18.29
CA GLY N 100 87.19 30.34 -19.64
C GLY N 100 88.06 31.06 -20.65
N ASP N 101 89.08 31.78 -20.16
CA ASP N 101 89.99 32.52 -21.03
C ASP N 101 91.13 31.66 -21.54
N LYS N 102 91.06 30.34 -21.37
CA LYS N 102 92.09 29.39 -21.76
C LYS N 102 93.43 29.67 -21.07
N LYS N 103 93.41 30.32 -19.91
CA LYS N 103 94.62 30.73 -19.22
C LYS N 103 94.78 29.98 -17.91
N ILE N 104 96.02 29.94 -17.42
CA ILE N 104 96.38 29.27 -16.18
C ILE N 104 96.77 30.31 -15.16
N ARG N 105 96.18 30.23 -13.96
CA ARG N 105 96.47 31.15 -12.88
C ARG N 105 97.01 30.39 -11.68
N ILE N 106 98.22 30.72 -11.27
CA ILE N 106 98.82 30.16 -10.06
C ILE N 106 98.39 31.03 -8.89
N PHE N 107 97.33 30.61 -8.20
CA PHE N 107 96.81 31.33 -7.05
C PHE N 107 97.50 30.86 -5.78
N THR N 108 98.03 31.81 -5.03
CA THR N 108 98.67 31.55 -3.75
C THR N 108 98.07 32.49 -2.70
N SER N 109 97.96 31.99 -1.47
CA SER N 109 97.36 32.74 -0.39
C SER N 109 98.20 32.58 0.87
N ASP N 110 98.28 33.64 1.67
CA ASP N 110 99.06 33.67 2.89
C ASP N 110 98.21 33.94 4.14
N PHE N 111 96.95 33.49 4.14
CA PHE N 111 96.12 33.51 5.33
C PHE N 111 95.88 34.91 5.88
N GLN N 112 95.05 35.69 5.19
CA GLN N 112 94.49 36.94 5.70
C GLN N 112 95.45 38.12 5.59
N ASP N 113 96.54 37.95 4.85
CA ASP N 113 97.43 39.07 4.58
C ASP N 113 97.36 39.38 3.11
N LYS N 114 97.61 38.43 2.21
CA LYS N 114 97.57 38.68 0.78
C LYS N 114 97.02 37.48 0.02
N ASN N 115 96.54 37.74 -1.20
CA ASN N 115 96.14 36.69 -2.14
C ASN N 115 96.62 37.13 -3.52
N GLU N 116 97.40 36.28 -4.18
CA GLU N 116 97.99 36.59 -5.47
C GLU N 116 97.68 35.51 -6.49
N TYR N 117 97.80 35.86 -7.76
CA TYR N 117 97.73 34.90 -8.84
C TYR N 117 98.65 35.35 -9.96
N LYS N 118 99.23 34.38 -10.66
CA LYS N 118 100.17 34.63 -11.75
C LYS N 118 99.49 34.31 -13.07
N VAL N 119 99.91 34.99 -14.13
CA VAL N 119 99.39 34.76 -15.47
C VAL N 119 100.31 33.77 -16.17
N ILE N 120 99.75 32.63 -16.57
CA ILE N 120 100.50 31.57 -17.23
C ILE N 120 99.84 31.30 -18.57
N GLU N 121 100.66 31.21 -19.62
CA GLU N 121 100.15 30.93 -20.95
C GLU N 121 99.39 29.61 -20.96
N GLY N 122 98.21 29.62 -21.56
CA GLY N 122 97.37 28.44 -21.58
C GLY N 122 97.46 27.70 -22.89
N HIS N 123 96.35 27.02 -23.22
CA HIS N 123 96.25 26.20 -24.41
C HIS N 123 95.51 26.93 -25.51
N SER N 124 95.73 26.47 -26.75
CA SER N 124 94.99 27.01 -27.89
C SER N 124 93.49 26.86 -27.69
N GLY N 125 93.07 25.77 -27.04
CA GLY N 125 91.71 25.61 -26.59
C GLY N 125 91.63 25.67 -25.07
N TYR N 126 90.49 25.22 -24.56
CA TYR N 126 90.33 25.06 -23.13
C TYR N 126 91.25 23.96 -22.61
N ILE N 127 91.75 24.17 -21.39
CA ILE N 127 92.58 23.18 -20.72
C ILE N 127 91.67 22.19 -20.02
N ASN N 128 91.69 20.94 -20.46
CA ASN N 128 90.83 19.93 -19.86
C ASN N 128 91.13 19.70 -18.39
N ASP N 129 92.39 19.41 -18.05
CA ASP N 129 92.77 19.19 -16.66
C ASP N 129 94.21 19.62 -16.46
N LEU N 130 94.61 19.68 -15.19
CA LEU N 130 95.93 20.13 -14.82
C LEU N 130 96.23 19.67 -13.39
N VAL N 131 97.51 19.37 -13.14
CA VAL N 131 97.99 18.98 -11.83
C VAL N 131 99.32 19.66 -11.57
N PHE N 132 99.76 19.61 -10.32
CA PHE N 132 101.13 20.00 -10.00
C PHE N 132 102.03 18.78 -10.09
N CYS N 133 102.84 18.72 -11.14
CA CYS N 133 103.68 17.56 -11.42
C CYS N 133 104.97 17.56 -10.61
N SER N 134 104.98 18.28 -9.48
CA SER N 134 106.10 18.29 -8.57
C SER N 134 105.60 18.13 -7.13
N PRO N 135 106.27 17.33 -6.31
CA PRO N 135 105.73 17.04 -4.96
C PRO N 135 105.76 18.22 -4.02
N GLU N 136 106.24 19.38 -4.45
CA GLU N 136 106.19 20.59 -3.65
C GLU N 136 105.32 21.69 -4.24
N GLY N 137 105.06 21.67 -5.54
CA GLY N 137 104.19 22.66 -6.14
C GLY N 137 104.88 23.73 -6.97
N THR N 138 105.96 23.39 -7.66
CA THR N 138 106.68 24.37 -8.46
C THR N 138 106.47 24.21 -9.95
N ASP N 139 106.11 23.01 -10.41
CA ASP N 139 105.87 22.74 -11.82
C ASP N 139 104.45 22.24 -12.02
N ILE N 140 103.83 22.68 -13.10
CA ILE N 140 102.42 22.41 -13.39
C ILE N 140 102.32 21.71 -14.74
N ALA N 141 101.63 20.58 -14.75
CA ALA N 141 101.35 19.85 -15.98
C ALA N 141 99.91 20.09 -16.39
N SER N 142 99.71 20.53 -17.64
CA SER N 142 98.40 20.91 -18.13
C SER N 142 98.11 20.19 -19.44
N VAL N 143 96.89 19.70 -19.57
CA VAL N 143 96.43 19.00 -20.77
C VAL N 143 95.06 19.53 -21.17
N GLY N 144 94.88 19.75 -22.47
CA GLY N 144 93.66 20.34 -22.97
C GLY N 144 93.29 19.79 -24.32
N ASP N 145 92.37 20.48 -24.98
CA ASP N 145 91.82 20.05 -26.26
C ASP N 145 92.77 20.24 -27.42
N ASP N 146 94.03 20.55 -27.14
CA ASP N 146 95.04 20.76 -28.18
C ASP N 146 96.10 19.68 -28.21
N HIS N 147 95.80 18.50 -27.64
CA HIS N 147 96.71 17.34 -27.61
C HIS N 147 98.15 17.73 -27.32
N THR N 148 98.34 18.65 -26.38
CA THR N 148 99.66 19.01 -25.90
C THR N 148 99.69 18.95 -24.38
N CYS N 149 100.62 18.17 -23.85
CA CYS N 149 100.89 18.15 -22.41
C CYS N 149 102.02 19.14 -22.13
N ARG N 150 101.66 20.24 -21.48
CA ARG N 150 102.58 21.35 -21.27
C ARG N 150 103.00 21.40 -19.82
N ILE N 151 104.31 21.42 -19.58
CA ILE N 151 104.88 21.54 -18.25
C ILE N 151 105.42 22.95 -18.11
N TRP N 152 104.93 23.67 -17.09
CA TRP N 152 105.27 25.06 -16.85
C TRP N 152 105.92 25.19 -15.49
N ASP N 153 106.82 26.15 -15.36
CA ASP N 153 107.37 26.50 -14.05
C ASP N 153 106.42 27.45 -13.33
N LEU N 154 106.84 27.90 -12.15
CA LEU N 154 106.06 28.89 -11.42
C LEU N 154 106.05 30.24 -12.14
N ASP N 155 107.05 30.48 -13.00
CA ASP N 155 107.15 31.77 -13.68
C ASP N 155 106.10 31.90 -14.79
N GLY N 156 105.67 30.77 -15.35
CA GLY N 156 104.79 30.81 -16.50
C GLY N 156 105.54 30.46 -17.76
N LYS N 157 106.76 29.96 -17.60
CA LYS N 157 107.60 29.53 -18.71
C LYS N 157 107.37 28.04 -18.96
N GLN N 158 107.14 27.70 -20.22
CA GLN N 158 106.80 26.33 -20.59
C GLN N 158 108.03 25.44 -20.49
N ILE N 159 108.13 24.68 -19.41
CA ILE N 159 109.29 23.84 -19.16
C ILE N 159 109.40 22.72 -20.19
N ALA N 160 108.31 22.05 -20.52
CA ALA N 160 108.40 20.83 -21.31
C ALA N 160 107.15 20.61 -22.14
N MET N 161 107.31 19.77 -23.17
CA MET N 161 106.27 19.44 -24.13
C MET N 161 106.16 17.94 -24.33
N PHE N 162 104.92 17.45 -24.35
CA PHE N 162 104.63 16.09 -24.77
C PHE N 162 103.51 16.14 -25.81
N ILE N 163 103.80 15.64 -27.01
CA ILE N 163 102.87 15.76 -28.13
C ILE N 163 101.94 14.56 -28.11
N LEU N 164 100.66 14.80 -28.38
CA LEU N 164 99.64 13.76 -28.39
C LEU N 164 98.95 13.71 -29.74
N ARG N 165 98.45 12.53 -30.08
CA ARG N 165 97.73 12.32 -31.33
C ARG N 165 96.22 12.50 -31.15
N SER N 166 95.79 12.95 -29.97
CA SER N 166 94.40 13.17 -29.64
C SER N 166 94.36 14.09 -28.44
N PRO N 167 93.38 15.00 -28.36
CA PRO N 167 93.36 16.01 -27.27
C PRO N 167 93.52 15.41 -25.88
N GLY N 168 94.64 15.70 -25.23
CA GLY N 168 94.89 15.16 -23.90
C GLY N 168 93.91 15.73 -22.89
N MET N 169 93.08 14.86 -22.32
CA MET N 169 92.12 15.29 -21.31
C MET N 169 92.67 15.25 -19.90
N SER N 170 93.26 14.14 -19.45
CA SER N 170 93.55 14.01 -18.03
C SER N 170 95.04 13.85 -17.79
N VAL N 171 95.56 14.62 -16.83
CA VAL N 171 96.94 14.53 -16.37
C VAL N 171 96.92 14.35 -14.86
N ALA N 172 97.82 13.49 -14.37
CA ALA N 172 97.86 13.19 -12.94
C ALA N 172 99.31 13.08 -12.48
N TRP N 173 99.66 13.87 -11.47
CA TRP N 173 100.95 13.72 -10.81
C TRP N 173 100.98 12.45 -9.98
N HIS N 174 102.16 11.87 -9.81
CA HIS N 174 102.29 10.81 -8.83
C HIS N 174 101.94 11.36 -7.45
N PRO N 175 100.96 10.78 -6.75
CA PRO N 175 100.55 11.37 -5.46
C PRO N 175 101.70 11.49 -4.48
N GLU N 176 102.62 10.54 -4.50
CA GLU N 176 103.83 10.62 -3.69
C GLU N 176 104.95 11.35 -4.40
N GLY N 177 105.09 11.19 -5.70
CA GLY N 177 106.07 11.94 -6.45
C GLY N 177 107.30 11.11 -6.79
N ALA N 178 107.31 10.62 -8.02
CA ALA N 178 108.45 9.85 -8.53
C ALA N 178 108.75 10.22 -9.97
N PHE N 179 108.50 11.48 -10.34
CA PHE N 179 108.52 11.98 -11.71
C PHE N 179 107.54 11.23 -12.60
N LYS N 180 106.58 10.51 -12.04
CA LYS N 180 105.60 9.75 -12.81
C LYS N 180 104.41 10.64 -13.10
N LEU N 181 104.05 10.74 -14.37
CA LEU N 181 102.90 11.53 -14.80
C LEU N 181 101.96 10.64 -15.60
N MET N 182 100.75 10.45 -15.08
CA MET N 182 99.72 9.65 -15.74
C MET N 182 98.97 10.51 -16.74
N VAL N 183 98.73 9.94 -17.93
CA VAL N 183 98.01 10.62 -19.00
C VAL N 183 96.85 9.73 -19.41
N ALA N 184 95.63 10.26 -19.28
CA ALA N 184 94.42 9.56 -19.69
C ALA N 184 93.82 10.27 -20.89
N GLU N 185 93.63 9.51 -21.97
CA GLU N 185 93.15 10.05 -23.24
C GLU N 185 91.74 9.53 -23.55
N LYS N 186 91.01 10.31 -24.35
CA LYS N 186 89.60 10.05 -24.65
C LYS N 186 89.33 8.67 -25.25
N THR N 187 90.26 8.11 -26.03
CA THR N 187 90.04 6.77 -26.56
C THR N 187 90.02 5.75 -25.44
N GLY N 188 90.81 5.98 -24.40
CA GLY N 188 90.84 5.10 -23.24
C GLY N 188 92.24 4.67 -22.86
N THR N 189 93.25 5.36 -23.38
CA THR N 189 94.63 4.94 -23.16
C THR N 189 95.24 5.67 -21.97
N ILE N 190 96.18 4.99 -21.31
CA ILE N 190 96.92 5.51 -20.17
C ILE N 190 98.39 5.45 -20.51
N ARG N 191 99.09 6.58 -20.35
CA ARG N 191 100.51 6.66 -20.66
C ARG N 191 101.25 7.27 -19.48
N PHE N 192 102.31 6.61 -19.03
CA PHE N 192 103.11 7.07 -17.91
C PHE N 192 104.38 7.71 -18.43
N TYR N 193 104.58 8.99 -18.12
CA TYR N 193 105.77 9.71 -18.53
C TYR N 193 106.70 9.93 -17.35
N ASP N 194 107.99 9.72 -17.58
CA ASP N 194 109.02 10.08 -16.61
C ASP N 194 109.50 11.48 -16.91
N LEU N 195 109.22 12.42 -16.00
CA LEU N 195 109.58 13.81 -16.22
C LEU N 195 111.08 14.03 -16.36
N THR N 196 111.90 13.11 -15.83
CA THR N 196 113.34 13.26 -15.94
C THR N 196 113.82 12.99 -17.36
N THR N 197 113.34 11.92 -17.98
CA THR N 197 113.79 11.51 -19.30
C THR N 197 112.83 11.91 -20.42
N HIS N 198 111.66 12.45 -20.08
CA HIS N 198 110.67 12.91 -21.03
C HIS N 198 110.18 11.81 -21.98
N GLN N 199 110.03 10.59 -21.47
CA GLN N 199 109.59 9.46 -22.28
C GLN N 199 108.63 8.59 -21.46
N ALA N 200 107.83 7.80 -22.18
CA ALA N 200 106.90 6.88 -21.54
C ALA N 200 107.62 5.66 -21.00
N ILE N 201 107.38 5.35 -19.73
CA ILE N 201 107.91 4.16 -19.09
C ILE N 201 106.93 3.00 -19.16
N LEU N 202 105.63 3.29 -19.20
CA LEU N 202 104.62 2.25 -19.18
C LEU N 202 103.34 2.77 -19.82
N SER N 203 102.46 1.86 -20.22
CA SER N 203 101.21 2.22 -20.86
C SER N 203 100.16 1.13 -20.63
N LEU N 204 98.93 1.58 -20.44
CA LEU N 204 97.75 0.73 -20.40
C LEU N 204 96.89 1.03 -21.62
N GLU N 205 96.48 -0.02 -22.32
CA GLU N 205 95.88 0.10 -23.63
C GLU N 205 94.42 -0.30 -23.59
N SER N 206 93.56 0.56 -24.16
CA SER N 206 92.15 0.29 -24.28
C SER N 206 91.60 1.09 -25.46
N VAL N 207 90.41 0.71 -25.90
CA VAL N 207 89.84 1.29 -27.11
C VAL N 207 88.39 1.70 -26.87
N GLN N 208 87.87 1.42 -25.67
CA GLN N 208 86.50 1.76 -25.35
C GLN N 208 86.35 3.27 -25.29
N VAL N 209 85.78 3.85 -26.34
CA VAL N 209 85.55 5.29 -26.42
C VAL N 209 84.18 5.59 -25.83
N PRO N 210 84.01 6.71 -25.12
CA PRO N 210 85.10 7.60 -24.73
C PRO N 210 85.55 7.35 -23.31
N LEU N 211 86.73 7.83 -22.94
CA LEU N 211 87.13 7.86 -21.54
C LEU N 211 86.77 9.22 -20.96
N MET N 212 86.16 9.22 -19.77
CA MET N 212 85.70 10.45 -19.14
C MET N 212 86.57 10.88 -17.97
N SER N 213 86.93 9.97 -17.08
CA SER N 213 87.72 10.31 -15.91
C SER N 213 88.43 9.07 -15.40
N ALA N 214 89.43 9.29 -14.56
CA ALA N 214 90.20 8.21 -13.96
C ALA N 214 90.69 8.64 -12.59
N ASP N 215 91.13 7.67 -11.81
CA ASP N 215 91.63 7.93 -10.47
C ASP N 215 92.50 6.77 -9.99
N TRP N 216 93.70 7.12 -9.54
CA TRP N 216 94.51 6.20 -8.77
C TRP N 216 93.81 5.88 -7.46
N CYS N 217 94.09 4.71 -6.90
CA CYS N 217 93.77 4.50 -5.51
C CYS N 217 94.80 5.22 -4.65
N VAL N 218 94.31 6.11 -3.79
CA VAL N 218 95.23 6.88 -2.95
C VAL N 218 96.04 5.95 -2.06
N ARG N 219 95.45 4.82 -1.66
CA ARG N 219 96.14 3.82 -0.87
C ARG N 219 96.82 2.75 -1.71
N ASN N 220 96.57 2.73 -3.03
CA ASN N 220 97.23 1.78 -3.95
C ASN N 220 97.43 2.50 -5.28
N THR N 221 98.62 3.09 -5.44
CA THR N 221 98.94 3.77 -6.69
C THR N 221 98.95 2.78 -7.85
N LEU N 222 99.23 1.52 -7.54
CA LEU N 222 99.25 0.48 -8.56
C LEU N 222 97.86 0.12 -9.05
N ARG N 223 96.83 0.43 -8.27
CA ARG N 223 95.44 0.22 -8.69
C ARG N 223 94.90 1.51 -9.29
N ILE N 224 94.36 1.39 -10.51
CA ILE N 224 93.77 2.52 -11.21
C ILE N 224 92.34 2.16 -11.59
N GLY N 225 91.41 3.06 -11.29
CA GLY N 225 90.03 2.91 -11.74
C GLY N 225 89.69 4.07 -12.64
N ALA N 226 88.61 3.92 -13.41
CA ALA N 226 88.24 4.95 -14.39
C ALA N 226 86.80 4.74 -14.83
N VAL N 227 86.29 5.73 -15.55
CA VAL N 227 84.97 5.65 -16.20
C VAL N 227 85.18 5.84 -17.70
N ALA N 228 84.60 4.94 -18.49
CA ALA N 228 84.71 4.96 -19.93
C ALA N 228 83.44 4.39 -20.56
N GLY N 229 82.87 5.15 -21.48
CA GLY N 229 81.70 4.71 -22.23
C GLY N 229 80.45 4.81 -21.40
N ASN N 230 80.23 3.82 -20.53
CA ASN N 230 79.21 3.90 -19.49
C ASN N 230 79.69 3.23 -18.20
N ASP N 231 80.88 2.63 -18.23
CA ASP N 231 81.26 1.66 -17.20
C ASP N 231 82.55 2.06 -16.51
N TRP N 232 82.69 1.63 -15.25
CA TRP N 232 83.94 1.79 -14.51
C TRP N 232 84.84 0.58 -14.73
N ILE N 233 86.11 0.90 -14.99
CA ILE N 233 87.13 -0.08 -15.33
C ILE N 233 88.24 0.02 -14.29
N ILE N 234 89.02 -1.05 -14.16
CA ILE N 234 90.11 -1.10 -13.19
C ILE N 234 91.28 -1.88 -13.79
N TRP N 235 92.47 -1.27 -13.71
CA TRP N 235 93.75 -1.92 -13.93
C TRP N 235 94.48 -2.09 -12.61
N GLU N 236 95.33 -3.11 -12.56
CA GLU N 236 96.30 -3.30 -11.48
C GLU N 236 97.67 -3.41 -12.10
N MET N 237 98.32 -2.27 -12.32
CA MET N 237 99.62 -2.25 -12.97
C MET N 237 100.68 -2.87 -12.07
N PRO N 238 101.81 -3.32 -12.63
CA PRO N 238 102.17 -3.37 -14.05
C PRO N 238 101.89 -4.72 -14.69
N ARG N 239 100.80 -5.36 -14.28
CA ARG N 239 100.42 -6.67 -14.78
C ARG N 239 99.23 -6.56 -15.73
N SER N 240 99.01 -5.38 -16.30
CA SER N 240 97.88 -5.15 -17.18
C SER N 240 98.32 -4.33 -18.37
N SER N 241 97.73 -4.62 -19.53
CA SER N 241 97.87 -3.77 -20.71
C SER N 241 96.51 -3.63 -21.37
N TYR N 242 95.51 -4.29 -20.79
CA TYR N 242 94.12 -4.22 -21.20
C TYR N 242 93.32 -4.25 -19.91
N PRO N 243 92.10 -3.68 -19.89
CA PRO N 243 91.36 -3.61 -18.62
C PRO N 243 91.06 -4.98 -18.05
N GLN N 244 91.27 -5.11 -16.75
CA GLN N 244 91.01 -6.36 -16.04
C GLN N 244 89.71 -6.36 -15.26
N ASP N 245 89.19 -5.19 -14.89
CA ASP N 245 87.85 -5.12 -14.33
C ASP N 245 87.02 -4.17 -15.16
N ASN N 246 85.77 -4.55 -15.45
CA ASN N 246 84.92 -3.80 -16.35
C ASN N 246 83.47 -3.99 -15.93
N LYS N 247 82.93 -3.09 -15.14
CA LYS N 247 81.56 -3.22 -14.65
C LYS N 247 80.84 -1.90 -14.83
N PRO N 248 79.54 -1.93 -15.12
CA PRO N 248 78.81 -0.67 -15.42
C PRO N 248 78.90 0.33 -14.28
N ALA N 249 79.09 1.60 -14.65
CA ALA N 249 79.25 2.68 -13.68
C ALA N 249 77.94 3.38 -13.36
N HIS N 250 77.07 3.55 -14.35
CA HIS N 250 75.82 4.25 -14.14
C HIS N 250 74.84 3.84 -15.22
N ALA N 251 73.55 3.98 -14.91
CA ALA N 251 72.56 4.17 -15.95
C ALA N 251 72.70 5.52 -16.62
N ASP N 252 73.46 6.43 -16.02
CA ASP N 252 73.72 7.74 -16.58
C ASP N 252 75.08 7.76 -17.26
N ARG N 253 75.34 8.83 -17.99
CA ARG N 253 76.66 9.04 -18.55
C ARG N 253 77.65 9.28 -17.41
N ALA N 254 78.50 8.30 -17.15
CA ALA N 254 79.49 8.45 -16.10
C ALA N 254 80.47 9.56 -16.45
N ARG N 255 80.61 10.52 -15.53
CA ARG N 255 81.43 11.70 -15.80
C ARG N 255 82.77 11.67 -15.07
N MET N 256 82.77 11.52 -13.75
CA MET N 256 84.01 11.42 -12.98
C MET N 256 84.10 10.10 -12.24
N PHE N 257 85.32 9.56 -12.22
CA PHE N 257 85.72 8.46 -11.36
C PHE N 257 86.62 9.02 -10.26
N ARG N 258 86.32 8.67 -9.01
CA ARG N 258 87.08 9.18 -7.87
C ARG N 258 87.30 8.05 -6.87
N TRP N 259 88.36 8.16 -6.08
CA TRP N 259 88.63 7.18 -5.05
C TRP N 259 88.41 7.80 -3.67
N SER N 260 87.76 7.05 -2.78
CA SER N 260 87.61 7.52 -1.41
C SER N 260 88.96 7.52 -0.71
N LYS N 261 89.33 8.67 -0.15
CA LYS N 261 90.65 8.86 0.44
C LYS N 261 90.59 8.49 1.92
N CYS N 262 90.04 7.32 2.20
CA CYS N 262 90.15 6.71 3.51
C CYS N 262 90.51 5.24 3.36
N ASN N 263 90.09 4.64 2.26
CA ASN N 263 90.14 3.20 2.09
C ASN N 263 90.90 2.83 0.82
N GLU N 264 91.04 1.51 0.62
CA GLU N 264 91.69 0.95 -0.55
C GLU N 264 90.71 0.21 -1.44
N ASN N 265 89.42 0.29 -1.12
CA ASN N 265 88.39 -0.46 -1.83
C ASN N 265 87.13 0.35 -2.11
N VAL N 266 87.13 1.65 -1.82
CA VAL N 266 85.94 2.49 -1.95
C VAL N 266 86.19 3.53 -3.02
N PHE N 267 85.24 3.66 -3.95
CA PHE N 267 85.35 4.63 -5.01
C PHE N 267 83.95 5.04 -5.45
N ALA N 268 83.89 6.10 -6.26
CA ALA N 268 82.64 6.65 -6.76
C ALA N 268 82.73 6.92 -8.25
N THR N 269 81.63 6.67 -8.94
CA THR N 269 81.44 7.08 -10.33
C THR N 269 80.17 7.91 -10.40
N THR N 270 80.25 9.10 -10.99
CA THR N 270 79.12 10.01 -10.97
C THR N 270 78.33 9.91 -12.27
N GLY N 271 77.01 9.98 -12.14
CA GLY N 271 76.16 9.95 -13.31
C GLY N 271 75.92 11.34 -13.88
N TYR N 272 75.54 11.37 -15.15
CA TYR N 272 75.39 12.69 -15.75
C TYR N 272 73.97 13.21 -15.53
N PRO N 273 73.81 14.38 -14.94
CA PRO N 273 72.49 14.97 -14.83
C PRO N 273 72.01 15.59 -16.13
N GLY N 274 71.43 14.77 -17.01
CA GLY N 274 70.84 15.30 -18.22
C GLY N 274 69.38 15.62 -18.00
N LYS N 275 68.50 14.89 -18.66
CA LYS N 275 67.07 14.97 -18.37
C LYS N 275 66.73 14.61 -16.93
N MET N 276 67.39 13.63 -16.35
CA MET N 276 67.04 13.16 -15.02
C MET N 276 68.13 13.51 -14.01
N LYS N 277 67.72 13.59 -12.76
CA LYS N 277 68.59 14.03 -11.68
C LYS N 277 69.81 13.12 -11.57
N SER N 278 70.97 13.74 -11.35
CA SER N 278 72.23 13.02 -11.37
C SER N 278 72.23 11.88 -10.35
N GLN N 279 72.63 10.70 -10.80
CA GLN N 279 72.84 9.55 -9.93
C GLN N 279 74.26 9.61 -9.36
N ILE N 280 74.38 9.31 -8.07
CA ILE N 280 75.69 9.16 -7.43
C ILE N 280 75.76 7.76 -6.85
N ALA N 281 76.74 6.98 -7.30
CA ALA N 281 76.83 5.56 -6.97
C ALA N 281 78.20 5.26 -6.39
N ILE N 282 78.24 4.89 -5.12
CA ILE N 282 79.44 4.40 -4.45
C ILE N 282 79.45 2.88 -4.57
N HIS N 283 80.50 2.35 -5.20
CA HIS N 283 80.71 0.92 -5.37
C HIS N 283 81.60 0.37 -4.28
N HIS N 284 82.03 -0.87 -4.46
CA HIS N 284 83.08 -1.49 -3.65
C HIS N 284 83.78 -2.54 -4.50
N LEU N 285 85.03 -2.82 -4.16
CA LEU N 285 85.78 -3.85 -4.88
C LEU N 285 85.21 -5.23 -4.62
N ALA N 286 85.24 -6.07 -5.65
CA ALA N 286 84.69 -7.43 -5.66
C ALA N 286 83.18 -7.43 -5.48
N HIS N 287 82.52 -6.29 -5.70
CA HIS N 287 81.06 -6.20 -5.60
C HIS N 287 80.57 -5.30 -6.73
N PRO N 288 80.11 -5.89 -7.84
CA PRO N 288 79.82 -5.07 -9.04
C PRO N 288 78.77 -4.00 -8.83
N GLN N 289 77.71 -4.28 -8.07
CA GLN N 289 76.70 -3.28 -7.84
C GLN N 289 77.20 -2.24 -6.84
N PRO N 290 76.87 -0.96 -7.04
CA PRO N 290 77.28 0.07 -6.07
C PRO N 290 76.66 -0.20 -4.71
N ILE N 291 77.44 0.07 -3.66
CA ILE N 291 76.92 -0.14 -2.32
C ILE N 291 75.87 0.91 -1.99
N LEU N 292 76.07 2.15 -2.41
CA LEU N 292 75.13 3.23 -2.10
C LEU N 292 74.80 3.98 -3.37
N ILE N 293 73.55 4.41 -3.52
CA ILE N 293 73.14 5.27 -4.62
C ILE N 293 72.22 6.35 -4.07
N GLY N 294 72.52 7.60 -4.44
CA GLY N 294 71.68 8.74 -4.13
C GLY N 294 71.35 9.54 -5.39
N THR N 295 70.40 10.46 -5.21
CA THR N 295 69.90 11.29 -6.30
C THR N 295 70.13 12.76 -5.96
N ALA N 296 70.64 13.52 -6.92
CA ALA N 296 70.86 14.94 -6.73
C ALA N 296 70.25 15.71 -7.90
N PRO N 297 69.47 16.75 -7.62
CA PRO N 297 68.82 17.48 -8.72
C PRO N 297 69.80 18.02 -9.75
N VAL N 298 70.99 18.45 -9.31
CA VAL N 298 72.04 18.85 -10.22
C VAL N 298 73.36 18.27 -9.73
N GLY N 299 74.11 17.64 -10.63
CA GLY N 299 75.40 17.09 -10.27
C GLY N 299 76.54 17.60 -11.13
N SER N 300 77.44 18.37 -10.52
CA SER N 300 78.61 18.92 -11.21
C SER N 300 79.78 18.95 -10.25
N GLY N 301 80.78 18.12 -10.49
CA GLY N 301 81.92 18.00 -9.62
C GLY N 301 81.67 17.03 -8.49
N LEU N 302 82.61 16.11 -8.27
CA LEU N 302 82.51 15.14 -7.19
C LEU N 302 83.88 14.97 -6.56
N SER N 303 83.92 14.94 -5.23
CA SER N 303 85.19 14.79 -4.54
C SER N 303 85.03 13.87 -3.33
N TRP N 304 86.16 13.45 -2.78
CA TRP N 304 86.20 12.62 -1.59
C TRP N 304 86.96 13.32 -0.48
N HIS N 305 86.58 13.05 0.76
CA HIS N 305 87.20 13.70 1.91
C HIS N 305 88.66 13.30 2.03
N ARG N 306 89.46 14.19 2.65
CA ARG N 306 90.91 14.01 2.70
C ARG N 306 91.29 12.70 3.38
N ARG N 307 90.66 12.39 4.50
CA ARG N 307 91.04 11.20 5.27
C ARG N 307 89.88 10.26 5.52
N LEU N 308 88.66 10.58 5.08
CA LEU N 308 87.47 9.85 5.47
C LEU N 308 86.62 9.58 4.24
N PRO N 309 85.75 8.56 4.30
CA PRO N 309 84.85 8.25 3.16
C PRO N 309 83.59 9.11 3.11
N LEU N 310 83.75 10.31 2.57
CA LEU N 310 82.64 11.21 2.30
C LEU N 310 82.78 11.73 0.88
N CYS N 311 81.70 11.61 0.10
CA CYS N 311 81.71 12.10 -1.27
C CYS N 311 80.78 13.29 -1.41
N VAL N 312 81.27 14.32 -2.08
CA VAL N 312 80.66 15.64 -2.14
C VAL N 312 80.36 16.00 -3.59
N VAL N 313 79.17 16.57 -3.82
CA VAL N 313 78.79 17.10 -5.12
C VAL N 313 78.11 18.46 -4.92
N GLY N 314 78.49 19.44 -5.74
CA GLY N 314 77.89 20.75 -5.63
C GLY N 314 77.00 21.07 -6.84
N GLY N 315 75.89 21.75 -6.55
CA GLY N 315 74.92 22.10 -7.58
C GLY N 315 74.36 23.47 -7.35
N TYR N 316 73.14 23.69 -7.86
CA TYR N 316 72.50 25.00 -7.81
C TYR N 316 72.17 25.33 -6.36
N ARG N 317 72.90 26.28 -5.80
CA ARG N 317 72.66 26.83 -4.46
C ARG N 317 72.73 25.76 -3.37
N LYS N 318 73.17 24.55 -3.69
CA LYS N 318 73.20 23.49 -2.70
C LYS N 318 74.51 22.73 -2.81
N LEU N 319 74.93 22.16 -1.68
CA LEU N 319 76.13 21.33 -1.64
C LEU N 319 75.82 20.06 -0.86
N PHE N 320 75.87 18.93 -1.55
CA PHE N 320 75.36 17.66 -1.03
C PHE N 320 76.52 16.79 -0.60
N PHE N 321 76.38 16.21 0.59
CA PHE N 321 77.39 15.39 1.25
C PHE N 321 76.82 14.00 1.47
N TRP N 322 77.56 12.98 1.05
CA TRP N 322 77.21 11.59 1.29
C TRP N 322 78.26 10.98 2.19
N LEU N 323 77.87 10.66 3.42
CA LEU N 323 78.75 10.02 4.38
C LEU N 323 78.65 8.51 4.23
N THR N 324 79.66 7.89 3.61
CA THR N 324 79.67 6.46 3.39
C THR N 324 80.42 5.80 4.54
N GLU N 325 79.71 4.99 5.33
CA GLU N 325 80.31 4.34 6.49
C GLU N 325 79.97 2.86 6.43
N MET N 326 80.52 2.11 7.37
CA MET N 326 80.42 0.65 7.29
C MET N 326 79.88 0.09 8.60
N THR O 238 -29.84 33.93 35.75
CA THR O 238 -29.61 34.26 37.15
C THR O 238 -30.84 34.85 37.79
N LEU O 239 -30.77 35.03 39.11
CA LEU O 239 -31.86 35.60 39.89
C LEU O 239 -31.33 36.72 40.76
N MET O 240 -31.69 37.95 40.42
CA MET O 240 -31.42 39.08 41.29
C MET O 240 -32.49 39.12 42.36
N ILE O 241 -32.12 38.76 43.58
CA ILE O 241 -33.07 38.67 44.67
C ILE O 241 -32.53 39.40 45.88
N ASP O 242 -31.43 40.14 45.68
CA ASP O 242 -30.76 40.83 46.76
C ASP O 242 -30.81 42.33 46.51
N MET O 243 -31.98 42.78 46.06
CA MET O 243 -32.13 44.19 45.73
C MET O 243 -31.97 45.06 46.96
N GLY O 244 -30.86 45.78 47.01
CA GLY O 244 -30.68 46.78 48.05
C GLY O 244 -31.14 48.12 47.54
N LEU O 245 -30.19 49.03 47.30
CA LEU O 245 -30.52 50.36 46.81
C LEU O 245 -29.24 51.04 46.30
N PHE O 246 -29.35 51.90 45.29
CA PHE O 246 -28.21 52.57 44.66
C PHE O 246 -27.21 51.58 44.10
N MET O 247 -27.64 50.66 43.24
CA MET O 247 -26.88 49.46 42.98
C MET O 247 -25.78 49.67 41.93
N GLY O 248 -25.23 48.55 41.48
CA GLY O 248 -24.06 48.51 40.64
C GLY O 248 -24.34 48.87 39.19
N ARG O 249 -23.72 48.11 38.29
CA ARG O 249 -23.76 48.44 36.88
C ARG O 249 -24.27 47.27 36.03
N SER O 250 -24.65 47.59 34.80
CA SER O 250 -25.29 46.68 33.88
C SER O 250 -24.65 46.78 32.50
N PHE O 251 -25.32 46.17 31.52
CA PHE O 251 -24.66 45.72 30.31
C PHE O 251 -25.52 45.93 29.07
N ARG O 252 -24.89 45.86 27.90
CA ARG O 252 -25.56 46.03 26.63
C ARG O 252 -24.94 45.13 25.58
N VAL O 253 -25.80 44.53 24.75
CA VAL O 253 -25.34 43.78 23.59
C VAL O 253 -24.88 44.78 22.54
N GLY O 254 -24.22 44.31 21.50
CA GLY O 254 -23.61 45.21 20.54
C GLY O 254 -24.47 45.38 19.31
N TRP O 255 -24.43 46.59 18.76
CA TRP O 255 -25.07 46.89 17.49
C TRP O 255 -24.27 46.28 16.35
N GLY O 256 -24.90 46.16 15.19
CA GLY O 256 -24.26 45.76 13.98
C GLY O 256 -24.88 46.51 12.82
N PRO O 257 -24.17 46.55 11.68
CA PRO O 257 -24.53 47.49 10.63
C PRO O 257 -25.96 47.35 10.18
N ASN O 258 -26.68 48.48 10.16
CA ASN O 258 -28.08 48.54 9.73
C ASN O 258 -28.89 47.46 10.47
N TRP O 259 -28.98 47.66 11.78
CA TRP O 259 -29.90 46.89 12.61
C TRP O 259 -29.54 45.42 12.61
N THR O 260 -28.25 45.16 12.41
CA THR O 260 -27.67 43.88 12.74
C THR O 260 -27.47 43.90 14.27
N LEU O 261 -27.42 42.72 14.87
CA LEU O 261 -27.26 42.64 16.31
C LEU O 261 -26.27 41.56 16.69
N VAL O 262 -25.26 41.96 17.45
CA VAL O 262 -24.36 41.07 18.14
C VAL O 262 -24.97 40.80 19.51
N HIS O 263 -25.44 39.58 19.71
CA HIS O 263 -26.32 39.30 20.83
C HIS O 263 -25.89 38.00 21.49
N ASN O 264 -25.64 38.09 22.78
CA ASN O 264 -25.52 36.92 23.64
C ASN O 264 -26.88 36.40 24.10
N GLY O 265 -27.88 37.26 24.17
CA GLY O 265 -29.23 36.88 24.52
C GLY O 265 -30.05 36.53 23.30
N ASP O 266 -31.38 36.46 23.48
CA ASP O 266 -32.27 36.03 22.43
C ASP O 266 -33.41 37.02 22.19
N LYS O 267 -33.98 36.96 20.99
CA LYS O 267 -35.08 37.84 20.60
C LYS O 267 -36.44 37.15 20.66
N LEU O 268 -36.65 36.10 19.87
CA LEU O 268 -37.92 35.37 19.91
C LEU O 268 -37.70 33.95 20.38
N SER O 269 -36.88 33.21 19.65
CA SER O 269 -36.45 31.87 20.04
C SER O 269 -35.10 31.61 19.39
N GLU O 270 -34.01 31.88 20.11
CA GLU O 270 -32.69 31.93 19.49
C GLU O 270 -31.66 31.04 20.17
N ARG O 271 -31.87 30.66 21.43
CA ARG O 271 -30.87 29.93 22.20
C ARG O 271 -31.49 28.65 22.73
N LEU O 272 -30.64 27.66 23.03
CA LEU O 272 -31.10 26.31 23.30
C LEU O 272 -30.83 25.89 24.76
N ASN O 273 -31.56 24.87 25.19
CA ASN O 273 -31.40 24.28 26.52
C ASN O 273 -30.44 23.09 26.41
N ALA O 274 -30.37 22.19 27.39
CA ALA O 274 -29.33 21.17 27.45
C ALA O 274 -29.85 19.81 26.98
N GLU O 275 -28.96 18.83 27.02
CA GLU O 275 -29.17 17.42 26.67
C GLU O 275 -29.11 17.20 25.16
N GLU O 276 -28.44 16.14 24.74
CA GLU O 276 -28.31 15.80 23.32
C GLU O 276 -29.36 14.80 22.86
N ASP O 277 -30.29 14.40 23.73
CA ASP O 277 -31.18 13.30 23.40
C ASP O 277 -32.54 13.48 24.06
N ARG O 278 -33.60 13.44 23.25
CA ARG O 278 -34.94 13.70 23.72
C ARG O 278 -35.94 12.76 23.05
N ASP O 279 -37.01 12.47 23.79
CA ASP O 279 -37.99 11.47 23.37
C ASP O 279 -38.46 11.70 21.94
N MET O 280 -38.82 12.94 21.61
CA MET O 280 -39.43 13.25 20.34
C MET O 280 -38.37 13.55 19.28
N ASP O 281 -37.23 12.85 19.34
CA ASP O 281 -36.21 12.95 18.30
C ASP O 281 -35.61 14.35 18.28
N THR O 282 -35.00 14.76 19.39
CA THR O 282 -34.50 16.13 19.53
C THR O 282 -33.09 16.11 20.14
N ILE O 283 -32.25 17.01 19.65
CA ILE O 283 -30.87 17.18 20.13
C ILE O 283 -30.65 18.65 20.42
N ASP O 284 -29.90 18.94 21.49
CA ASP O 284 -29.65 20.32 21.91
C ASP O 284 -28.19 20.46 22.36
N TYR O 285 -27.87 21.66 22.87
CA TYR O 285 -26.49 22.02 23.18
C TYR O 285 -26.13 21.67 24.63
N GLY O 286 -24.87 21.90 24.97
CA GLY O 286 -24.46 22.05 26.35
C GLY O 286 -22.97 22.26 26.51
N PHE O 287 -22.58 23.32 27.24
CA PHE O 287 -21.18 23.68 27.43
C PHE O 287 -20.85 23.88 28.90
N LEU O 288 -21.76 24.55 29.60
CA LEU O 288 -21.51 25.14 30.90
C LEU O 288 -21.20 24.11 31.98
N PRO O 289 -21.90 22.95 32.03
CA PRO O 289 -21.63 22.01 33.13
C PRO O 289 -20.40 21.13 32.90
N LYS O 290 -19.68 21.34 31.79
CA LYS O 290 -18.51 20.50 31.51
C LYS O 290 -17.43 20.61 32.59
N PRO O 291 -17.00 21.81 33.00
CA PRO O 291 -15.90 21.88 33.98
C PRO O 291 -16.29 21.51 35.41
N THR O 292 -17.57 21.41 35.74
CA THR O 292 -17.98 21.19 37.12
C THR O 292 -18.77 19.89 37.26
N SER O 293 -18.56 19.23 38.40
CA SER O 293 -19.40 18.11 38.81
C SER O 293 -20.42 18.60 39.83
N ALA O 294 -20.45 19.92 40.04
CA ALA O 294 -21.41 20.56 40.93
C ALA O 294 -21.65 21.99 40.46
N LYS O 295 -22.83 22.24 39.89
CA LYS O 295 -23.11 23.51 39.25
C LYS O 295 -23.23 24.64 40.27
N SER O 296 -22.81 25.83 39.87
CA SER O 296 -23.07 27.04 40.61
C SER O 296 -23.81 28.07 39.76
N LEU O 297 -24.87 27.66 39.07
CA LEU O 297 -25.52 28.47 38.04
C LEU O 297 -24.46 29.02 37.08
N THR O 298 -23.77 28.11 36.40
CA THR O 298 -22.69 28.48 35.49
C THR O 298 -23.36 29.18 34.31
N GLU O 299 -23.34 30.51 34.34
CA GLU O 299 -23.99 31.34 33.33
C GLU O 299 -22.91 32.24 32.73
N SER O 300 -22.19 31.71 31.75
CA SER O 300 -21.14 32.44 31.08
C SER O 300 -21.22 32.17 29.59
N PRO O 301 -21.12 33.20 28.77
CA PRO O 301 -21.32 33.03 27.33
C PRO O 301 -20.07 32.49 26.64
N PHE O 302 -20.30 31.64 25.65
CA PHE O 302 -19.18 31.16 24.86
C PHE O 302 -19.47 31.19 23.36
N LYS O 303 -20.69 31.51 22.95
CA LYS O 303 -20.93 31.93 21.58
C LYS O 303 -22.02 32.99 21.59
N VAL O 304 -21.67 34.13 21.01
CA VAL O 304 -22.59 35.24 20.79
C VAL O 304 -22.96 35.23 19.33
N HIS O 305 -24.25 35.14 19.04
CA HIS O 305 -24.66 35.08 17.65
C HIS O 305 -24.97 36.47 17.15
N VAL O 306 -24.88 36.64 15.84
CA VAL O 306 -25.17 37.93 15.24
C VAL O 306 -26.21 37.73 14.15
N GLU O 307 -27.32 38.43 14.28
CA GLU O 307 -28.43 38.27 13.35
C GLU O 307 -28.88 39.62 12.80
N LYS O 308 -29.49 39.59 11.62
CA LYS O 308 -30.00 40.80 10.99
C LYS O 308 -31.49 40.58 10.73
N LEU O 309 -32.32 41.48 11.25
CA LEU O 309 -33.76 41.32 11.15
C LEU O 309 -34.19 41.21 9.70
N SER O 310 -35.03 40.21 9.41
CA SER O 310 -35.46 39.94 8.05
C SER O 310 -36.93 39.58 8.05
N LEU O 311 -37.65 40.10 7.06
CA LEU O 311 -39.03 39.76 6.82
C LEU O 311 -39.12 38.78 5.66
N GLU O 312 -39.91 37.73 5.87
CA GLU O 312 -40.12 36.69 4.86
C GLU O 312 -38.82 35.97 4.56
N GLN O 313 -38.89 34.96 3.70
CA GLN O 313 -37.76 34.09 3.48
C GLN O 313 -37.56 33.89 2.00
N LYS O 314 -38.23 34.73 1.21
CA LYS O 314 -38.37 34.51 -0.22
C LYS O 314 -37.07 34.82 -0.95
N THR O 315 -36.84 34.12 -2.05
CA THR O 315 -35.66 34.35 -2.88
C THR O 315 -36.10 34.70 -4.29
N LYS O 316 -37.41 34.63 -4.52
CA LYS O 316 -38.01 35.01 -5.79
C LYS O 316 -38.43 36.46 -5.82
N ASP O 317 -38.41 37.15 -4.68
CA ASP O 317 -38.69 38.58 -4.64
C ASP O 317 -37.67 39.38 -5.44
N LEU O 318 -36.66 38.71 -5.99
CA LEU O 318 -35.69 39.37 -6.85
C LEU O 318 -36.36 40.17 -7.93
N GLN O 319 -37.09 39.49 -8.83
CA GLN O 319 -37.81 40.20 -9.87
C GLN O 319 -38.86 41.13 -9.30
N SER O 320 -39.48 40.74 -8.18
CA SER O 320 -40.51 41.55 -7.57
C SER O 320 -40.01 42.95 -7.24
N TYR O 321 -38.83 43.07 -6.66
CA TYR O 321 -38.24 44.38 -6.43
C TYR O 321 -37.62 44.93 -7.72
N LEU O 322 -37.16 44.04 -8.59
CA LEU O 322 -36.44 44.45 -9.80
C LEU O 322 -37.33 45.28 -10.71
N LEU O 323 -38.51 44.77 -11.02
CA LEU O 323 -39.33 45.38 -12.07
C LEU O 323 -39.70 46.83 -11.74
N PRO O 324 -40.29 47.15 -10.58
CA PRO O 324 -40.71 48.55 -10.35
C PRO O 324 -39.52 49.49 -10.37
N LEU O 325 -38.38 48.99 -9.90
CA LEU O 325 -37.19 49.83 -9.88
C LEU O 325 -36.70 50.11 -11.29
N GLU O 326 -36.72 49.10 -12.16
CA GLU O 326 -36.39 49.37 -13.55
C GLU O 326 -37.51 50.13 -14.25
N ILE O 327 -38.65 50.30 -13.60
CA ILE O 327 -39.64 51.24 -14.09
C ILE O 327 -39.23 52.67 -13.80
N GLU O 328 -38.84 52.93 -12.55
CA GLU O 328 -38.31 54.27 -12.26
C GLU O 328 -37.04 54.53 -13.06
N LEU O 329 -36.35 53.46 -13.47
CA LEU O 329 -35.27 53.58 -14.44
C LEU O 329 -35.60 54.54 -15.57
N LYS O 330 -36.73 54.34 -16.23
CA LYS O 330 -37.14 55.21 -17.31
C LYS O 330 -37.92 56.42 -16.81
N ASN O 331 -38.74 56.26 -15.78
CA ASN O 331 -39.51 57.37 -15.25
C ASN O 331 -38.67 58.29 -14.37
N SER O 332 -37.36 58.18 -14.45
CA SER O 332 -36.46 59.11 -13.77
C SER O 332 -35.35 59.54 -14.71
N THR O 333 -34.55 60.49 -14.23
CA THR O 333 -33.46 61.06 -15.00
C THR O 333 -32.22 61.23 -14.11
N VAL O 334 -31.06 60.97 -14.70
CA VAL O 334 -29.79 61.04 -14.01
C VAL O 334 -29.30 62.48 -14.07
N ASP O 335 -29.65 63.25 -13.05
CA ASP O 335 -29.15 64.61 -12.95
C ASP O 335 -27.66 64.58 -12.62
N LYS O 336 -26.81 64.87 -13.61
CA LYS O 336 -25.38 64.74 -13.43
C LYS O 336 -24.77 65.95 -12.71
N SER O 337 -25.59 66.67 -11.95
CA SER O 337 -25.14 67.90 -11.30
C SER O 337 -24.13 67.59 -10.21
N GLY O 338 -22.94 68.15 -10.34
CA GLY O 338 -21.85 67.81 -9.48
C GLY O 338 -21.23 66.50 -9.91
N PRO O 339 -20.03 66.20 -9.40
CA PRO O 339 -19.44 64.89 -9.74
C PRO O 339 -20.34 63.74 -9.33
N CYS O 340 -20.99 63.86 -8.20
CA CYS O 340 -22.04 62.92 -7.85
C CYS O 340 -23.29 63.27 -8.65
N PRO O 341 -23.84 62.36 -9.45
CA PRO O 341 -25.11 62.64 -10.14
C PRO O 341 -26.26 62.78 -9.15
N HIS O 342 -27.46 62.96 -9.69
CA HIS O 342 -28.69 63.06 -8.91
C HIS O 342 -29.84 62.45 -9.70
N PHE O 343 -30.83 61.92 -9.02
CA PHE O 343 -31.95 61.32 -9.72
C PHE O 343 -33.22 62.10 -9.45
N ARG O 344 -33.96 62.41 -10.51
CA ARG O 344 -35.29 62.94 -10.29
C ARG O 344 -36.26 62.18 -11.16
N PRO O 345 -37.45 61.88 -10.63
CA PRO O 345 -38.40 61.06 -11.39
C PRO O 345 -38.96 61.83 -12.57
N ASN O 346 -39.80 61.18 -13.32
CA ASN O 346 -40.43 61.88 -14.40
C ASN O 346 -41.94 61.92 -14.20
N PRO O 347 -42.58 63.03 -14.53
CA PRO O 347 -44.03 63.17 -14.33
C PRO O 347 -44.88 62.21 -15.16
N GLY O 348 -44.25 61.29 -15.89
CA GLY O 348 -45.02 60.36 -16.70
C GLY O 348 -46.06 59.62 -15.89
N VAL O 349 -47.30 59.67 -16.38
CA VAL O 349 -48.41 59.04 -15.71
C VAL O 349 -48.64 57.68 -16.36
N THR O 350 -48.01 57.48 -17.52
CA THR O 350 -48.00 56.16 -18.13
C THR O 350 -47.22 55.18 -17.27
N ALA O 351 -46.40 55.69 -16.36
CA ALA O 351 -45.77 54.85 -15.36
C ALA O 351 -46.82 54.12 -14.53
N ILE O 352 -47.88 54.83 -14.15
CA ILE O 352 -48.98 54.21 -13.43
C ILE O 352 -49.52 53.02 -14.21
N HIS O 353 -49.80 53.25 -15.49
CA HIS O 353 -50.41 52.24 -16.34
C HIS O 353 -49.49 51.04 -16.51
N ASP O 354 -48.21 51.28 -16.75
CA ASP O 354 -47.27 50.18 -16.92
C ASP O 354 -47.12 49.39 -15.63
N TYR O 355 -46.96 50.10 -14.50
CA TYR O 355 -46.97 49.47 -13.19
C TYR O 355 -48.14 48.52 -13.05
N ALA O 356 -49.35 49.06 -13.05
CA ALA O 356 -50.53 48.27 -12.73
C ALA O 356 -50.80 47.19 -13.77
N GLY O 357 -50.66 47.53 -15.05
CA GLY O 357 -50.85 46.55 -16.09
C GLY O 357 -49.89 45.39 -15.94
N TRP O 358 -48.63 45.66 -15.65
CA TRP O 358 -47.70 44.57 -15.40
C TRP O 358 -48.07 43.82 -14.13
N VAL O 359 -48.62 44.52 -13.15
CA VAL O 359 -49.05 43.83 -11.95
C VAL O 359 -50.03 42.72 -12.33
N ARG O 360 -51.02 43.05 -13.14
CA ARG O 360 -51.90 42.01 -13.68
C ARG O 360 -51.13 41.02 -14.54
N ASN O 361 -50.25 41.51 -15.42
CA ASN O 361 -49.56 40.63 -16.36
C ASN O 361 -48.84 39.52 -15.61
N PHE O 362 -48.03 39.90 -14.64
CA PHE O 362 -47.40 38.92 -13.77
C PHE O 362 -48.42 38.11 -13.00
N SER O 363 -49.45 38.76 -12.49
CA SER O 363 -50.46 38.06 -11.69
C SER O 363 -51.13 36.95 -12.48
N SER O 364 -51.08 37.03 -13.81
CA SER O 364 -51.57 35.96 -14.67
C SER O 364 -50.49 35.02 -15.13
N GLU O 365 -49.29 35.52 -15.46
CA GLU O 365 -48.22 34.67 -15.93
C GLU O 365 -47.73 33.71 -14.85
N ALA O 366 -47.68 34.17 -13.61
CA ALA O 366 -47.35 33.32 -12.48
C ALA O 366 -48.54 33.30 -11.53
N ALA O 367 -49.09 32.12 -11.31
CA ALA O 367 -50.21 31.93 -10.39
C ALA O 367 -49.76 31.85 -8.94
N GLU O 368 -48.56 32.31 -8.64
CA GLU O 368 -47.98 32.21 -7.31
C GLU O 368 -47.86 33.56 -6.63
N VAL O 369 -48.67 34.54 -7.04
CA VAL O 369 -48.62 35.85 -6.42
C VAL O 369 -49.19 35.77 -5.00
N GLU O 370 -48.99 36.83 -4.25
CA GLU O 370 -49.46 36.86 -2.87
C GLU O 370 -50.66 37.78 -2.73
N ALA O 371 -51.42 37.54 -1.65
CA ALA O 371 -52.57 38.38 -1.37
C ALA O 371 -52.14 39.82 -1.15
N VAL O 372 -50.93 40.02 -0.64
CA VAL O 372 -50.39 41.37 -0.54
C VAL O 372 -50.13 41.95 -1.92
N VAL O 373 -49.67 41.12 -2.85
CA VAL O 373 -49.55 41.56 -4.24
C VAL O 373 -50.91 41.99 -4.76
N LYS O 374 -51.95 41.23 -4.41
CA LYS O 374 -53.30 41.60 -4.78
C LYS O 374 -53.70 42.93 -4.15
N GLN O 375 -53.30 43.16 -2.91
CA GLN O 375 -53.58 44.43 -2.23
C GLN O 375 -52.94 45.59 -2.98
N TRP O 376 -51.71 45.40 -3.42
CA TRP O 376 -51.03 46.50 -4.10
C TRP O 376 -51.62 46.72 -5.48
N GLY O 377 -52.04 45.66 -6.16
CA GLY O 377 -52.79 45.86 -7.40
C GLY O 377 -54.08 46.61 -7.16
N LEU O 378 -54.74 46.31 -6.04
CA LEU O 378 -55.91 47.07 -5.61
C LEU O 378 -55.62 48.55 -5.56
N THR O 379 -54.57 48.91 -4.84
CA THR O 379 -54.20 50.31 -4.71
C THR O 379 -53.85 50.90 -6.08
N TRP O 380 -53.15 50.12 -6.91
CA TRP O 380 -52.86 50.54 -8.28
C TRP O 380 -54.12 50.96 -9.01
N THR O 381 -55.10 50.08 -9.02
CA THR O 381 -56.33 50.33 -9.75
C THR O 381 -57.06 51.53 -9.18
N LEU O 382 -57.09 51.67 -7.86
CA LEU O 382 -57.82 52.78 -7.25
C LEU O 382 -57.19 54.12 -7.62
N CYS O 383 -55.86 54.19 -7.56
CA CYS O 383 -55.19 55.41 -7.97
C CYS O 383 -55.40 55.69 -9.45
N GLU O 384 -55.27 54.66 -10.29
CA GLU O 384 -55.55 54.82 -11.72
C GLU O 384 -56.92 55.40 -11.94
N SER O 385 -57.92 54.84 -11.26
CA SER O 385 -59.28 55.34 -11.40
C SER O 385 -59.38 56.80 -10.99
N LEU O 386 -58.72 57.18 -9.90
CA LEU O 386 -58.88 58.57 -9.50
C LEU O 386 -58.08 59.51 -10.38
N TRP O 387 -57.01 59.06 -11.00
CA TRP O 387 -56.32 59.96 -11.92
C TRP O 387 -55.91 59.34 -13.22
N GLY O 388 -55.49 58.09 -13.23
CA GLY O 388 -54.96 57.49 -14.44
C GLY O 388 -56.01 57.36 -15.52
N GLN O 389 -55.54 57.20 -16.75
CA GLN O 389 -56.38 57.12 -17.93
C GLN O 389 -56.35 55.71 -18.50
N LEU O 390 -57.52 55.08 -18.56
CA LEU O 390 -57.66 53.73 -19.06
C LEU O 390 -57.72 53.71 -20.58
N LYS O 391 -57.78 52.52 -21.15
CA LYS O 391 -57.84 52.33 -22.59
C LYS O 391 -59.26 52.41 -23.16
N GLU O 392 -60.29 52.10 -22.38
CA GLU O 392 -61.65 52.19 -22.87
C GLU O 392 -62.07 53.63 -23.18
N LEU O 393 -61.43 54.62 -22.55
CA LEU O 393 -61.64 56.01 -22.89
C LEU O 393 -60.44 56.63 -23.59
N GLU O 394 -59.46 55.82 -23.98
CA GLU O 394 -58.43 56.24 -24.91
C GLU O 394 -58.73 55.74 -26.33
N ALA O 395 -59.52 54.67 -26.44
CA ALA O 395 -60.10 54.26 -27.71
C ALA O 395 -61.42 54.97 -27.97
N SER O 396 -61.86 55.82 -27.05
CA SER O 396 -63.05 56.63 -27.23
C SER O 396 -62.72 58.05 -26.82
N LEU O 397 -63.10 59.01 -27.66
CA LEU O 397 -62.83 60.41 -27.36
C LEU O 397 -63.49 60.80 -26.05
N ASP O 398 -62.76 61.52 -25.22
CA ASP O 398 -63.30 61.95 -23.94
C ASP O 398 -63.71 63.42 -24.00
N GLU O 399 -64.66 63.78 -23.18
CA GLU O 399 -65.35 65.06 -23.31
C GLU O 399 -65.26 65.85 -22.02
N PRO O 400 -65.03 67.17 -22.12
CA PRO O 400 -64.65 67.97 -20.95
C PRO O 400 -65.79 68.43 -20.06
N ASN O 401 -67.04 68.20 -20.42
CA ASN O 401 -68.14 68.60 -19.55
C ASN O 401 -68.03 67.90 -18.22
N GLU O 402 -68.17 68.68 -17.14
CA GLU O 402 -68.02 68.16 -15.79
C GLU O 402 -68.87 66.91 -15.59
N TYR O 403 -70.07 66.91 -16.13
CA TYR O 403 -70.95 65.75 -16.02
C TYR O 403 -70.35 64.55 -16.73
N VAL O 404 -69.77 64.78 -17.91
CA VAL O 404 -69.09 63.71 -18.62
C VAL O 404 -67.97 63.15 -17.77
N LYS O 405 -67.20 64.03 -17.13
CA LYS O 405 -66.10 63.57 -16.30
C LYS O 405 -66.61 62.72 -15.15
N ASN O 406 -67.67 63.17 -14.48
CA ASN O 406 -68.21 62.42 -13.36
C ASN O 406 -68.68 61.04 -13.79
N LEU O 407 -69.48 60.98 -14.85
CA LEU O 407 -70.00 59.69 -15.29
C LEU O 407 -68.89 58.79 -15.80
N GLU O 408 -67.87 59.36 -16.43
CA GLU O 408 -66.77 58.54 -16.90
C GLU O 408 -65.98 57.98 -15.74
N ARG O 409 -65.75 58.78 -14.70
CA ARG O 409 -65.14 58.26 -13.49
C ARG O 409 -65.98 57.14 -12.90
N ARG O 410 -67.30 57.31 -12.95
CA ARG O 410 -68.18 56.32 -12.35
C ARG O 410 -68.22 55.02 -13.16
N LYS O 411 -68.19 55.13 -14.49
CA LYS O 411 -68.21 53.94 -15.32
C LYS O 411 -66.88 53.20 -15.23
N ALA O 412 -65.78 53.95 -15.11
CA ALA O 412 -64.50 53.32 -14.83
C ALA O 412 -64.54 52.61 -13.48
N PHE O 413 -65.15 53.25 -12.49
CA PHE O 413 -65.34 52.63 -11.19
C PHE O 413 -66.13 51.33 -11.30
N SER O 414 -67.14 51.33 -12.17
CA SER O 414 -67.94 50.12 -12.37
C SER O 414 -67.11 49.00 -13.00
N HIS O 415 -66.35 49.33 -14.05
CA HIS O 415 -65.47 48.32 -14.64
C HIS O 415 -64.46 47.80 -13.62
N TRP O 416 -63.98 48.69 -12.76
CA TRP O 416 -63.11 48.28 -11.66
C TRP O 416 -63.79 47.25 -10.78
N LEU O 417 -64.97 47.56 -10.28
CA LEU O 417 -65.69 46.62 -9.44
C LEU O 417 -65.94 45.32 -10.18
N ALA O 418 -66.17 45.41 -11.49
CA ALA O 418 -66.32 44.20 -12.29
C ALA O 418 -65.07 43.35 -12.22
N GLN O 419 -63.91 43.97 -12.33
CA GLN O 419 -62.67 43.23 -12.18
C GLN O 419 -62.54 42.67 -10.76
N THR O 420 -62.91 43.47 -9.77
CA THR O 420 -62.66 43.09 -8.37
C THR O 420 -63.52 41.90 -7.97
N ALA O 421 -64.82 41.99 -8.18
CA ALA O 421 -65.76 41.02 -7.64
C ALA O 421 -65.69 39.68 -8.34
N GLN O 422 -64.77 39.49 -9.29
CA GLN O 422 -64.69 38.22 -9.99
C GLN O 422 -64.43 37.07 -9.03
N GLU O 423 -63.40 37.20 -8.19
CA GLU O 423 -63.05 36.12 -7.27
C GLU O 423 -64.08 36.00 -6.15
N ARG O 424 -64.66 37.12 -5.71
CA ARG O 424 -65.74 37.03 -4.74
C ARG O 424 -66.90 36.22 -5.30
N ILE O 425 -67.31 36.49 -6.53
CA ILE O 425 -68.37 35.68 -7.13
C ILE O 425 -67.93 34.22 -7.21
N GLU O 426 -66.69 33.99 -7.62
CA GLU O 426 -66.21 32.63 -7.73
C GLU O 426 -66.18 31.91 -6.38
N GLU O 427 -66.01 32.64 -5.29
CA GLU O 427 -65.99 31.99 -3.99
C GLU O 427 -67.40 31.69 -3.49
N GLU O 428 -68.27 32.70 -3.44
CA GLU O 428 -69.61 32.41 -2.91
C GLU O 428 -70.48 31.63 -3.88
N VAL O 429 -70.05 31.48 -5.14
CA VAL O 429 -70.84 30.67 -6.05
C VAL O 429 -70.81 29.20 -5.68
N SER O 430 -69.65 28.68 -5.29
CA SER O 430 -69.59 27.36 -4.71
C SER O 430 -70.39 27.28 -3.42
N LEU O 431 -70.50 28.39 -2.70
CA LEU O 431 -71.19 28.37 -1.42
C LEU O 431 -72.69 28.23 -1.61
N TYR O 432 -73.24 28.88 -2.63
CA TYR O 432 -74.68 29.06 -2.66
C TYR O 432 -75.36 28.19 -3.71
N GLY O 433 -76.68 28.27 -3.72
CA GLY O 433 -77.50 27.53 -4.65
C GLY O 433 -78.92 28.07 -4.64
N PRO O 434 -79.83 27.41 -5.36
CA PRO O 434 -81.23 27.85 -5.35
C PRO O 434 -81.85 27.75 -3.96
N GLU O 435 -81.24 26.95 -3.09
CA GLU O 435 -81.53 27.05 -1.68
C GLU O 435 -81.08 28.39 -1.12
N ARG O 436 -79.87 28.82 -1.48
CA ARG O 436 -79.30 30.08 -1.03
C ARG O 436 -79.56 31.19 -2.05
N HIS O 437 -80.64 31.06 -2.84
CA HIS O 437 -80.79 31.87 -4.03
C HIS O 437 -80.98 33.35 -3.69
N ILE O 438 -81.56 33.65 -2.54
CA ILE O 438 -81.75 35.05 -2.16
C ILE O 438 -80.41 35.64 -1.70
N GLU O 439 -79.58 34.82 -1.08
CA GLU O 439 -78.22 35.25 -0.78
C GLU O 439 -77.47 35.53 -2.08
N ALA O 440 -77.66 34.68 -3.09
CA ALA O 440 -77.13 34.98 -4.42
C ALA O 440 -77.71 36.29 -4.95
N VAL O 441 -78.98 36.55 -4.68
CA VAL O 441 -79.60 37.81 -5.07
C VAL O 441 -78.87 38.98 -4.42
N PHE O 442 -78.61 38.87 -3.13
CA PHE O 442 -77.88 39.92 -2.41
C PHE O 442 -76.51 40.14 -3.02
N SER O 443 -75.79 39.05 -3.31
CA SER O 443 -74.49 39.16 -3.94
C SER O 443 -74.59 39.83 -5.29
N TYR O 444 -75.59 39.45 -6.08
CA TYR O 444 -75.72 39.94 -7.44
C TYR O 444 -76.07 41.42 -7.41
N LEU O 445 -76.89 41.81 -6.45
CA LEU O 445 -77.21 43.22 -6.24
C LEU O 445 -75.98 44.01 -5.81
N THR O 446 -75.19 43.47 -4.88
CA THR O 446 -73.94 44.09 -4.51
C THR O 446 -73.00 44.25 -5.69
N GLY O 447 -73.07 43.35 -6.67
CA GLY O 447 -72.24 43.47 -7.84
C GLY O 447 -72.80 44.38 -8.91
N GLY O 448 -74.11 44.58 -8.92
CA GLY O 448 -74.72 45.16 -10.10
C GLY O 448 -74.51 44.27 -11.31
N ARG O 449 -74.39 42.97 -11.06
CA ARG O 449 -74.11 41.98 -12.10
C ARG O 449 -75.40 41.38 -12.63
N ILE O 450 -76.24 42.27 -13.15
CA ILE O 450 -77.59 41.88 -13.57
C ILE O 450 -77.53 40.84 -14.68
N SER O 451 -76.53 40.94 -15.56
CA SER O 451 -76.46 40.06 -16.72
C SER O 451 -76.43 38.59 -16.32
N ASP O 452 -75.36 38.18 -15.65
CA ASP O 452 -75.22 36.79 -15.27
C ASP O 452 -76.18 36.38 -14.18
N ALA O 453 -76.67 37.33 -13.38
CA ALA O 453 -77.78 37.05 -12.48
C ALA O 453 -78.99 36.55 -13.27
N CYS O 454 -79.36 37.29 -14.31
CA CYS O 454 -80.50 36.89 -15.15
C CYS O 454 -80.21 35.57 -15.84
N ARG O 455 -78.98 35.39 -16.32
CA ARG O 455 -78.64 34.13 -16.98
C ARG O 455 -78.82 32.96 -16.03
N LEU O 456 -78.37 33.10 -14.78
CA LEU O 456 -78.59 32.08 -13.77
C LEU O 456 -80.07 31.84 -13.55
N ALA O 457 -80.82 32.93 -13.32
CA ALA O 457 -82.25 32.78 -13.04
C ALA O 457 -82.96 32.08 -14.17
N GLN O 458 -82.52 32.25 -15.40
CA GLN O 458 -83.19 31.59 -16.51
C GLN O 458 -82.74 30.15 -16.66
N LYS O 459 -81.44 29.88 -16.54
CA LYS O 459 -80.98 28.50 -16.56
C LYS O 459 -81.66 27.69 -15.46
N SER O 460 -82.09 28.38 -14.41
CA SER O 460 -82.92 27.78 -13.37
C SER O 460 -84.41 28.02 -13.61
N GLY O 461 -84.78 28.73 -14.67
CA GLY O 461 -86.18 29.01 -14.92
C GLY O 461 -86.83 29.90 -13.89
N ASP O 462 -86.15 30.94 -13.43
CA ASP O 462 -86.66 31.80 -12.37
C ASP O 462 -87.22 33.08 -13.00
N HIS O 463 -88.44 32.94 -13.52
CA HIS O 463 -89.00 33.99 -14.37
C HIS O 463 -89.39 35.23 -13.55
N ARG O 464 -90.11 35.05 -12.45
CA ARG O 464 -90.50 36.19 -11.63
C ARG O 464 -89.29 36.95 -11.14
N LEU O 465 -88.29 36.23 -10.65
CA LEU O 465 -87.07 36.88 -10.17
C LEU O 465 -86.35 37.58 -11.29
N SER O 466 -86.29 36.95 -12.47
CA SER O 466 -85.66 37.58 -13.63
C SER O 466 -86.34 38.89 -13.97
N LEU O 467 -87.67 38.91 -13.94
CA LEU O 467 -88.40 40.15 -14.19
C LEU O 467 -88.09 41.18 -13.13
N LEU O 468 -88.00 40.75 -11.87
CA LEU O 468 -87.61 41.66 -10.80
C LEU O 468 -86.25 42.27 -11.10
N LEU O 469 -85.36 41.50 -11.71
CA LEU O 469 -83.98 41.94 -11.92
C LEU O 469 -83.91 43.22 -12.74
N SER O 470 -84.66 43.30 -13.83
CA SER O 470 -84.64 44.52 -14.63
C SER O 470 -85.10 45.73 -13.84
N GLN O 471 -86.03 45.55 -12.91
CA GLN O 471 -86.61 46.64 -12.14
C GLN O 471 -85.63 47.24 -11.13
N MET O 472 -84.51 46.59 -10.89
CA MET O 472 -83.57 47.06 -9.88
C MET O 472 -83.07 48.47 -10.15
N VAL O 473 -82.85 48.84 -11.41
CA VAL O 473 -82.38 50.18 -11.75
C VAL O 473 -83.35 50.85 -12.71
N GLY O 474 -84.63 50.58 -12.54
CA GLY O 474 -85.65 51.23 -13.36
C GLY O 474 -85.75 52.72 -13.07
N SER O 475 -86.88 53.29 -13.46
CA SER O 475 -87.12 54.70 -13.24
C SER O 475 -87.47 54.97 -11.77
N GLN O 476 -87.39 56.25 -11.39
CA GLN O 476 -87.75 56.65 -10.04
C GLN O 476 -89.16 56.21 -9.68
N GLU O 477 -90.03 56.12 -10.69
CA GLU O 477 -91.38 55.63 -10.45
C GLU O 477 -91.37 54.22 -9.86
N VAL O 478 -90.37 53.42 -10.22
CA VAL O 478 -90.22 52.11 -9.58
C VAL O 478 -90.12 52.28 -8.08
N ARG O 479 -89.31 53.23 -7.63
CA ARG O 479 -89.13 53.43 -6.19
C ARG O 479 -90.33 54.09 -5.55
N ASP O 480 -91.06 54.93 -6.28
CA ASP O 480 -92.34 55.41 -5.75
C ASP O 480 -93.28 54.24 -5.51
N LEU O 481 -93.34 53.33 -6.49
CA LEU O 481 -94.09 52.09 -6.35
C LEU O 481 -93.71 51.36 -5.08
N ILE O 482 -92.42 51.16 -4.88
CA ILE O 482 -91.97 50.36 -3.74
C ILE O 482 -92.27 51.06 -2.43
N THR O 483 -92.09 52.39 -2.37
CA THR O 483 -92.41 53.12 -1.14
C THR O 483 -93.85 52.93 -0.76
N LEU O 484 -94.77 53.19 -1.69
CA LEU O 484 -96.18 53.07 -1.33
C LEU O 484 -96.56 51.62 -1.06
N GLN O 485 -96.02 50.70 -1.84
CA GLN O 485 -96.31 49.27 -1.70
C GLN O 485 -95.88 48.76 -0.33
N LEU O 486 -94.70 49.19 0.12
CA LEU O 486 -94.18 48.70 1.39
C LEU O 486 -94.86 49.40 2.57
N VAL O 487 -95.25 50.67 2.38
CA VAL O 487 -96.11 51.30 3.38
C VAL O 487 -97.39 50.49 3.55
N ASP O 488 -97.92 50.00 2.43
CA ASP O 488 -99.07 49.13 2.47
C ASP O 488 -98.78 47.86 3.24
N TRP O 489 -97.68 47.18 2.92
CA TRP O 489 -97.36 45.94 3.64
C TRP O 489 -97.19 46.20 5.12
N ASN O 490 -96.67 47.39 5.47
CA ASN O 490 -96.60 47.80 6.86
C ASN O 490 -97.98 47.85 7.49
N LYS O 491 -98.92 48.51 6.81
CA LYS O 491 -100.28 48.55 7.32
C LYS O 491 -100.88 47.15 7.35
N LEU O 492 -100.29 46.22 6.61
CA LEU O 492 -100.80 44.86 6.47
C LEU O 492 -100.15 43.85 7.41
N GLN O 493 -99.05 44.22 8.08
CA GLN O 493 -98.36 43.37 9.04
C GLN O 493 -97.81 42.09 8.44
N VAL O 494 -97.68 42.02 7.11
CA VAL O 494 -97.41 40.76 6.43
C VAL O 494 -95.99 40.29 6.70
N ASP O 495 -95.11 41.24 7.04
CA ASP O 495 -93.72 40.93 7.34
C ASP O 495 -93.60 39.82 8.36
N HIS O 496 -94.50 39.80 9.33
CA HIS O 496 -94.47 38.78 10.36
C HIS O 496 -94.65 37.39 9.76
N TYR O 497 -95.17 37.35 8.54
CA TYR O 497 -95.51 36.11 7.86
C TYR O 497 -94.57 35.89 6.68
N ILE O 498 -93.74 36.89 6.40
CA ILE O 498 -92.81 36.88 5.28
C ILE O 498 -91.39 36.98 5.80
N GLN O 499 -90.53 36.09 5.33
CA GLN O 499 -89.14 36.11 5.72
C GLN O 499 -88.48 37.44 5.32
N GLU O 500 -87.63 37.93 6.22
CA GLU O 500 -86.93 39.19 5.95
C GLU O 500 -85.89 39.01 4.85
N GLU O 501 -85.79 37.81 4.29
CA GLU O 501 -84.82 37.53 3.26
C GLU O 501 -85.20 38.23 1.94
N ARG O 502 -86.33 37.86 1.37
CA ARG O 502 -86.91 38.63 0.28
C ARG O 502 -87.13 40.08 0.70
N LEU O 503 -87.37 40.33 1.98
CA LEU O 503 -87.57 41.71 2.44
C LEU O 503 -86.31 42.54 2.29
N ARG O 504 -85.14 41.92 2.52
CA ARG O 504 -83.90 42.67 2.33
C ARG O 504 -83.62 42.82 0.85
N VAL O 505 -84.03 41.85 0.03
CA VAL O 505 -84.05 42.08 -1.41
C VAL O 505 -84.85 43.33 -1.72
N PHE O 506 -86.00 43.47 -1.06
CA PHE O 506 -86.90 44.58 -1.31
C PHE O 506 -86.29 45.89 -0.87
N CYS O 507 -85.61 45.88 0.27
CA CYS O 507 -84.89 47.06 0.72
C CYS O 507 -83.81 47.43 -0.28
N LEU O 508 -83.11 46.44 -0.82
CA LEU O 508 -82.09 46.71 -1.84
C LEU O 508 -82.70 47.35 -3.07
N LEU O 509 -83.84 46.83 -3.53
CA LEU O 509 -84.52 47.44 -4.67
C LEU O 509 -84.99 48.86 -4.34
N SER O 510 -85.52 49.07 -3.14
CA SER O 510 -86.14 50.33 -2.77
C SER O 510 -85.14 51.38 -2.35
N GLY O 511 -83.87 51.03 -2.21
CA GLY O 511 -82.91 52.01 -1.75
C GLY O 511 -83.04 52.34 -0.28
N THR O 512 -83.68 51.46 0.47
CA THR O 512 -83.83 51.64 1.91
C THR O 512 -82.79 50.83 2.63
N PRO O 513 -81.77 51.46 3.21
CA PRO O 513 -80.70 50.70 3.86
C PRO O 513 -81.09 50.14 5.21
N VAL O 514 -81.96 50.88 5.91
CA VAL O 514 -82.43 50.50 7.24
C VAL O 514 -83.94 50.63 7.27
N TRP O 515 -84.62 49.56 7.67
CA TRP O 515 -86.06 49.51 7.78
C TRP O 515 -86.50 49.67 9.22
N ARG O 516 -87.56 50.44 9.43
CA ARG O 516 -88.17 50.62 10.74
C ARG O 516 -89.58 50.05 10.67
N SER O 517 -89.76 48.85 11.20
CA SER O 517 -91.06 48.18 11.12
C SER O 517 -92.08 48.84 12.02
N SER O 518 -93.31 48.32 12.02
CA SER O 518 -94.29 48.75 13.01
C SER O 518 -93.81 48.43 14.41
N ASP O 519 -93.23 47.25 14.59
CA ASP O 519 -92.52 46.92 15.83
C ASP O 519 -91.23 47.71 15.95
N ASN O 520 -90.98 48.64 15.04
CA ASN O 520 -89.74 49.40 14.97
C ASN O 520 -88.57 48.45 14.79
N ARG O 521 -88.80 47.36 14.07
CA ARG O 521 -87.75 46.39 13.77
C ARG O 521 -86.85 47.01 12.72
N SER O 522 -85.56 47.13 13.05
CA SER O 522 -84.60 47.69 12.11
C SER O 522 -84.06 46.61 11.20
N ILE O 523 -84.62 46.53 10.00
CA ILE O 523 -84.16 45.56 8.99
C ILE O 523 -83.08 46.22 8.16
N ASN O 524 -81.82 45.92 8.47
CA ASN O 524 -80.71 46.55 7.78
C ASN O 524 -80.25 45.69 6.61
N VAL O 525 -79.60 46.32 5.64
CA VAL O 525 -79.25 45.68 4.38
C VAL O 525 -77.83 45.11 4.41
N CYS O 526 -77.03 45.46 5.40
CA CYS O 526 -75.61 45.17 5.34
C CYS O 526 -75.32 43.72 5.76
N SER O 527 -74.58 43.01 4.90
CA SER O 527 -74.20 41.62 5.16
C SER O 527 -73.12 41.11 4.21
N GLN O 528 -72.02 40.58 4.77
CA GLN O 528 -70.99 39.85 4.02
C GLN O 528 -70.25 40.75 3.03
N LEU O 529 -70.71 41.98 2.92
CA LEU O 529 -70.31 42.95 1.92
C LEU O 529 -68.84 43.33 2.02
N ASP O 530 -68.45 44.20 1.09
CA ASP O 530 -67.26 45.03 1.19
C ASP O 530 -67.73 46.48 1.26
N TRP O 531 -66.92 47.33 1.90
CA TRP O 531 -67.22 48.76 1.85
C TRP O 531 -67.25 49.24 0.41
N LYS O 532 -66.44 48.62 -0.44
CA LYS O 532 -66.53 48.81 -1.88
C LYS O 532 -67.95 48.56 -2.36
N ARG O 533 -68.50 47.41 -2.00
CA ARG O 533 -69.86 47.07 -2.40
C ARG O 533 -70.86 48.06 -1.82
N THR O 534 -70.61 48.55 -0.60
CA THR O 534 -71.49 49.54 -0.02
C THR O 534 -71.59 50.75 -0.93
N LEU O 535 -70.45 51.38 -1.23
CA LEU O 535 -70.53 52.61 -2.01
C LEU O 535 -70.99 52.33 -3.43
N GLY O 536 -70.75 51.11 -3.94
CA GLY O 536 -71.29 50.77 -5.26
C GLY O 536 -72.80 50.71 -5.26
N ILE O 537 -73.38 50.09 -4.23
CA ILE O 537 -74.82 50.15 -4.03
C ILE O 537 -75.28 51.58 -3.93
N HIS O 538 -74.55 52.39 -3.18
CA HIS O 538 -74.91 53.80 -3.04
C HIS O 538 -75.02 54.46 -4.40
N LEU O 539 -73.97 54.30 -5.21
CA LEU O 539 -74.01 54.77 -6.59
C LEU O 539 -75.23 54.28 -7.34
N TRP O 540 -75.35 52.97 -7.53
CA TRP O 540 -76.40 52.44 -8.39
C TRP O 540 -77.79 52.78 -7.89
N TYR O 541 -77.96 52.94 -6.58
CA TYR O 541 -79.30 52.88 -6.01
C TYR O 541 -79.66 54.01 -5.06
N MET O 542 -78.73 54.52 -4.26
CA MET O 542 -79.13 55.55 -3.31
C MET O 542 -79.50 56.84 -4.02
N LEU O 543 -78.65 57.29 -4.92
CA LEU O 543 -78.92 58.44 -5.78
C LEU O 543 -78.95 57.99 -7.22
N PRO O 544 -79.19 58.89 -8.18
CA PRO O 544 -79.06 58.52 -9.59
C PRO O 544 -77.79 57.72 -9.83
N PRO O 545 -77.93 56.51 -10.37
CA PRO O 545 -76.73 55.68 -10.60
C PRO O 545 -75.74 56.33 -11.53
N THR O 546 -76.14 57.33 -12.30
CA THR O 546 -75.27 58.05 -13.20
C THR O 546 -74.63 59.26 -12.56
N ALA O 547 -74.81 59.45 -11.26
CA ALA O 547 -74.30 60.63 -10.58
C ALA O 547 -72.77 60.58 -10.47
N THR O 548 -72.22 61.53 -9.72
CA THR O 548 -70.78 61.69 -9.62
C THR O 548 -70.18 60.75 -8.58
N VAL O 549 -68.89 60.95 -8.30
CA VAL O 549 -68.20 60.16 -7.29
C VAL O 549 -68.38 60.80 -5.92
N ALA O 550 -68.14 62.11 -5.84
CA ALA O 550 -67.81 62.76 -4.58
C ALA O 550 -69.00 62.84 -3.64
N GLN O 551 -70.16 63.22 -4.15
CA GLN O 551 -71.31 63.39 -3.26
C GLN O 551 -71.78 62.06 -2.72
N ALA O 552 -71.72 61.01 -3.54
CA ALA O 552 -72.03 59.67 -3.06
C ALA O 552 -71.06 59.26 -1.97
N LEU O 553 -69.78 59.56 -2.17
CA LEU O 553 -68.81 59.31 -1.11
C LEU O 553 -69.17 60.09 0.15
N HIS O 554 -69.60 61.33 -0.03
CA HIS O 554 -69.93 62.20 1.09
C HIS O 554 -71.08 61.62 1.90
N MET O 555 -72.11 61.15 1.21
CA MET O 555 -73.22 60.50 1.89
C MET O 555 -72.78 59.21 2.57
N TYR O 556 -71.93 58.42 1.91
CA TYR O 556 -71.48 57.18 2.54
C TYR O 556 -70.69 57.47 3.81
N GLU O 557 -69.78 58.45 3.76
CA GLU O 557 -69.00 58.79 4.93
C GLU O 557 -69.88 59.32 6.06
N GLN O 558 -70.84 60.19 5.76
CA GLN O 558 -71.77 60.58 6.80
C GLN O 558 -72.59 59.40 7.32
N ALA O 559 -72.84 58.41 6.47
CA ALA O 559 -73.63 57.25 6.86
C ALA O 559 -72.92 56.36 7.85
N PHE O 560 -71.65 56.04 7.64
CA PHE O 560 -70.93 55.30 8.66
C PHE O 560 -70.26 56.21 9.68
N GLN O 561 -70.50 57.51 9.62
CA GLN O 561 -70.08 58.37 10.71
C GLN O 561 -71.29 58.82 11.51
N GLU O 562 -71.01 59.57 12.57
CA GLU O 562 -72.08 60.19 13.34
C GLU O 562 -72.79 61.23 12.49
N GLN O 563 -74.12 61.20 12.52
CA GLN O 563 -74.89 62.09 11.66
C GLN O 563 -75.26 63.38 12.40
N GLU O 564 -76.03 63.25 13.47
CA GLU O 564 -76.36 64.36 14.35
C GLU O 564 -76.11 63.99 15.81
N GLY O 565 -74.98 63.33 16.06
CA GLY O 565 -74.79 62.62 17.29
C GLY O 565 -75.42 61.25 17.30
N GLY O 566 -76.10 60.88 16.21
CA GLY O 566 -76.73 59.59 16.11
C GLY O 566 -75.77 58.51 15.68
N GLU O 567 -76.23 57.34 15.62
CA GLU O 567 -75.40 56.19 15.33
C GLU O 567 -75.05 56.12 13.85
N PRO O 568 -73.81 55.78 13.54
CA PRO O 568 -73.47 55.50 12.14
C PRO O 568 -74.32 54.37 11.59
N TYR O 569 -74.55 54.39 10.29
CA TYR O 569 -75.38 53.34 9.72
C TYR O 569 -74.74 52.63 8.54
N ALA O 570 -73.47 52.91 8.23
CA ALA O 570 -72.82 52.29 7.09
C ALA O 570 -71.51 51.65 7.55
N CYS O 571 -70.71 51.26 6.58
CA CYS O 571 -69.53 50.46 6.87
C CYS O 571 -68.29 51.33 7.02
N TYR O 572 -67.54 51.07 8.09
CA TYR O 572 -66.37 51.86 8.43
C TYR O 572 -65.14 51.24 7.80
N PRO O 573 -64.44 51.93 6.91
CA PRO O 573 -63.39 51.29 6.12
C PRO O 573 -62.22 50.84 6.99
N LEU O 574 -61.68 49.68 6.64
CA LEU O 574 -60.55 49.09 7.33
C LEU O 574 -59.57 48.54 6.32
N PRO O 575 -58.29 48.41 6.71
CA PRO O 575 -57.34 47.77 5.83
C PRO O 575 -57.55 46.25 5.83
N PRO O 576 -57.09 45.56 4.78
CA PRO O 576 -57.51 44.17 4.56
C PRO O 576 -57.21 43.24 5.71
N TYR O 577 -56.00 43.31 6.26
CA TYR O 577 -55.66 42.49 7.41
C TYR O 577 -56.46 42.87 8.64
N LEU O 578 -57.11 44.04 8.67
CA LEU O 578 -57.97 44.41 9.77
C LEU O 578 -59.42 43.97 9.59
N GLU O 579 -60.00 44.05 8.39
CA GLU O 579 -61.28 43.36 8.31
C GLU O 579 -61.12 41.85 8.40
N ASP O 580 -59.92 41.33 8.19
CA ASP O 580 -59.66 39.97 8.64
C ASP O 580 -59.97 39.80 10.12
N CYS O 581 -59.75 40.82 10.94
CA CYS O 581 -60.17 40.82 12.34
C CYS O 581 -61.44 41.64 12.57
N GLY O 582 -62.54 41.30 11.89
CA GLY O 582 -63.81 41.93 12.16
C GLY O 582 -64.04 43.19 11.36
N PHE O 583 -65.32 43.57 11.25
CA PHE O 583 -65.76 44.71 10.44
C PHE O 583 -67.08 45.23 10.97
N SER O 584 -67.45 46.45 10.56
CA SER O 584 -68.64 47.09 11.09
C SER O 584 -69.62 47.46 9.98
N PHE O 585 -70.90 47.57 10.37
CA PHE O 585 -71.96 48.00 9.47
C PHE O 585 -72.62 49.31 9.91
N GLY O 586 -72.08 49.99 10.92
CA GLY O 586 -72.67 51.21 11.43
C GLY O 586 -72.96 51.10 12.91
N ASP O 587 -73.45 52.20 13.51
CA ASP O 587 -73.96 52.21 14.89
C ASP O 587 -72.84 52.11 15.91
N ASP O 588 -73.06 52.69 17.09
CA ASP O 588 -72.13 52.59 18.22
C ASP O 588 -70.77 53.17 17.89
N PRO O 589 -70.65 54.51 17.79
CA PRO O 589 -69.37 55.11 17.44
C PRO O 589 -68.25 54.84 18.45
N SER O 590 -68.58 54.40 19.67
CA SER O 590 -67.54 54.04 20.62
C SER O 590 -66.75 52.82 20.14
N ALA O 591 -67.45 51.82 19.61
CA ALA O 591 -66.77 50.65 19.06
C ALA O 591 -65.99 51.00 17.80
N LYS O 592 -66.25 52.17 17.21
CA LYS O 592 -65.40 52.69 16.16
C LYS O 592 -64.19 53.42 16.75
N PHE O 593 -64.43 54.11 17.87
CA PHE O 593 -63.36 54.84 18.54
C PHE O 593 -62.32 53.91 19.13
N ILE O 594 -62.68 52.65 19.39
CA ILE O 594 -61.74 51.79 20.12
C ILE O 594 -60.40 51.69 19.38
N SER O 595 -60.35 51.07 18.20
CA SER O 595 -59.19 51.31 17.34
C SER O 595 -59.56 51.74 15.92
N LEU O 596 -60.10 50.81 15.14
CA LEU O 596 -60.67 51.00 13.80
C LEU O 596 -60.00 52.06 12.94
N GLN O 597 -58.77 51.82 12.51
CA GLN O 597 -58.14 52.64 11.49
C GLN O 597 -58.84 52.44 10.15
N ARG O 598 -58.34 53.13 9.13
CA ARG O 598 -59.00 53.18 7.84
C ARG O 598 -58.12 52.57 6.74
N ASP O 599 -58.57 52.71 5.50
CA ASP O 599 -57.79 52.30 4.34
C ASP O 599 -57.23 53.53 3.62
N VAL O 600 -56.15 53.32 2.87
CA VAL O 600 -55.41 54.43 2.28
C VAL O 600 -55.99 54.84 0.94
N CYS O 601 -56.61 53.90 0.23
CA CYS O 601 -57.29 54.27 -1.01
C CYS O 601 -58.40 55.27 -0.73
N VAL O 602 -58.98 55.19 0.48
CA VAL O 602 -59.96 56.20 0.88
C VAL O 602 -59.28 57.55 1.01
N HIS O 603 -58.04 57.57 1.50
CA HIS O 603 -57.27 58.81 1.54
C HIS O 603 -57.05 59.33 0.14
N LEU O 604 -56.74 58.43 -0.79
CA LEU O 604 -56.65 58.76 -2.20
C LEU O 604 -57.90 59.47 -2.65
N LEU O 605 -59.05 58.96 -2.21
CA LEU O 605 -60.31 59.55 -2.58
C LEU O 605 -60.45 60.97 -2.02
N LYS O 606 -60.14 61.17 -0.74
CA LYS O 606 -60.27 62.53 -0.22
C LYS O 606 -59.41 63.49 -1.02
N LEU O 607 -58.19 63.06 -1.36
CA LEU O 607 -57.36 63.96 -2.17
C LEU O 607 -58.02 64.26 -3.50
N TYR O 608 -58.37 63.21 -4.25
CA TYR O 608 -58.90 63.43 -5.59
C TYR O 608 -60.04 64.43 -5.56
N SER O 609 -60.87 64.38 -4.53
CA SER O 609 -61.88 65.41 -4.31
C SER O 609 -61.26 66.77 -4.03
N GLU O 610 -60.54 66.91 -2.92
CA GLU O 610 -60.17 68.22 -2.42
C GLU O 610 -58.69 68.26 -2.09
N ARG O 611 -58.09 69.43 -2.30
CA ARG O 611 -56.70 69.67 -1.99
C ARG O 611 -56.52 70.43 -0.68
N GLN O 612 -57.60 70.92 -0.07
CA GLN O 612 -57.54 71.45 1.29
C GLN O 612 -57.27 70.36 2.32
N TYR O 613 -57.36 69.10 1.92
CA TYR O 613 -57.14 67.99 2.84
C TYR O 613 -55.71 67.99 3.35
N ASP O 614 -55.54 67.54 4.60
CA ASP O 614 -54.25 67.55 5.26
C ASP O 614 -53.63 66.16 5.22
N LEU O 615 -52.42 66.07 4.68
CA LEU O 615 -51.74 64.80 4.45
C LEU O 615 -50.64 64.63 5.49
N CYS O 616 -50.83 63.66 6.39
CA CYS O 616 -49.80 63.34 7.37
C CYS O 616 -49.75 61.84 7.61
N GLN O 617 -50.55 61.09 6.85
CA GLN O 617 -50.87 59.72 7.21
C GLN O 617 -50.93 58.84 5.98
N LEU O 618 -50.71 59.44 4.82
CA LEU O 618 -51.03 58.82 3.54
C LEU O 618 -50.35 57.47 3.34
N LEU O 619 -49.03 57.47 3.25
CA LEU O 619 -48.29 56.28 2.86
C LEU O 619 -47.64 55.66 4.09
N ASP O 620 -48.12 54.50 4.47
CA ASP O 620 -47.68 53.75 5.64
C ASP O 620 -48.12 52.29 5.50
N PRO O 621 -47.37 51.49 4.72
CA PRO O 621 -47.88 50.18 4.29
C PRO O 621 -48.25 49.24 5.44
N SER O 622 -47.60 49.34 6.59
CA SER O 622 -47.98 48.54 7.73
C SER O 622 -49.39 48.83 8.20
N SER O 623 -49.91 50.03 7.92
CA SER O 623 -51.29 50.34 8.26
C SER O 623 -52.28 49.64 7.34
N ALA O 624 -51.83 49.16 6.18
CA ALA O 624 -52.70 48.48 5.23
C ALA O 624 -52.29 47.05 4.95
N THR O 625 -51.14 46.62 5.47
CA THR O 625 -50.66 45.25 5.30
C THR O 625 -50.17 44.75 6.65
N PRO O 626 -50.25 43.45 6.90
CA PRO O 626 -49.79 42.93 8.19
C PRO O 626 -48.28 43.03 8.37
N ASP O 627 -47.53 42.77 7.31
CA ASP O 627 -46.07 42.76 7.43
C ASP O 627 -45.53 44.18 7.48
N PRO O 628 -44.40 44.41 8.16
CA PRO O 628 -43.89 45.77 8.29
C PRO O 628 -43.15 46.27 7.07
N LEU O 629 -42.44 45.41 6.36
CA LEU O 629 -41.41 45.80 5.41
C LEU O 629 -42.00 45.88 3.99
N ASP O 630 -41.12 45.91 2.99
CA ASP O 630 -41.46 46.12 1.57
C ASP O 630 -42.13 47.47 1.34
N TYR O 631 -41.35 48.53 1.48
CA TYR O 631 -41.84 49.87 1.22
C TYR O 631 -41.97 50.19 -0.27
N ARG O 632 -41.93 49.18 -1.14
CA ARG O 632 -42.22 49.43 -2.55
C ARG O 632 -43.53 50.20 -2.68
N LEU O 633 -44.57 49.70 -2.02
CA LEU O 633 -45.90 50.30 -2.14
C LEU O 633 -45.84 51.80 -1.90
N SER O 634 -45.50 52.20 -0.68
CA SER O 634 -45.52 53.62 -0.34
C SER O 634 -44.54 54.41 -1.19
N TRP O 635 -43.41 53.80 -1.57
CA TRP O 635 -42.34 54.61 -2.13
C TRP O 635 -42.56 54.84 -3.61
N HIS O 636 -42.86 53.78 -4.37
CA HIS O 636 -43.36 53.96 -5.72
C HIS O 636 -44.59 54.86 -5.70
N MET O 637 -45.38 54.78 -4.62
CA MET O 637 -46.58 55.61 -4.53
C MET O 637 -46.24 57.08 -4.48
N TRP O 638 -45.37 57.49 -3.56
CA TRP O 638 -44.97 58.90 -3.53
C TRP O 638 -44.27 59.30 -4.80
N MET O 639 -43.52 58.38 -5.42
CA MET O 639 -42.95 58.69 -6.72
C MET O 639 -44.03 59.09 -7.71
N VAL O 640 -45.10 58.30 -7.76
CA VAL O 640 -46.21 58.63 -8.66
C VAL O 640 -46.88 59.92 -8.22
N LEU O 641 -46.93 60.17 -6.91
CA LEU O 641 -47.52 61.40 -6.41
C LEU O 641 -46.76 62.61 -6.94
N GLN O 642 -45.44 62.50 -6.99
CA GLN O 642 -44.64 63.57 -7.57
C GLN O 642 -44.91 63.67 -9.07
N ALA O 643 -44.99 62.52 -9.73
CA ALA O 643 -45.30 62.51 -11.16
C ALA O 643 -46.64 63.19 -11.43
N LEU O 644 -47.51 63.20 -10.43
CA LEU O 644 -48.83 63.81 -10.54
C LEU O 644 -48.95 65.11 -9.77
N ASN O 645 -47.81 65.68 -9.34
CA ASN O 645 -47.55 67.00 -8.77
C ASN O 645 -47.93 66.99 -7.30
N TYR O 646 -48.40 65.85 -6.83
CA TYR O 646 -48.80 65.70 -5.43
C TYR O 646 -47.53 65.49 -4.62
N THR O 647 -46.71 66.54 -4.65
CA THR O 647 -45.43 66.62 -3.96
C THR O 647 -45.56 67.35 -2.64
N HIS O 648 -46.71 67.21 -1.98
CA HIS O 648 -47.17 68.26 -1.08
C HIS O 648 -46.80 67.96 0.37
N LEU O 649 -45.86 67.05 0.61
CA LEU O 649 -45.52 66.71 1.99
C LEU O 649 -44.01 66.80 2.24
N SER O 650 -43.63 66.61 3.50
CA SER O 650 -42.29 66.95 3.97
C SER O 650 -41.22 66.02 3.37
N GLY O 651 -40.15 66.66 2.90
CA GLY O 651 -38.96 65.92 2.54
C GLY O 651 -38.39 65.16 3.71
N HIS O 652 -38.66 65.62 4.94
CA HIS O 652 -38.37 64.78 6.10
C HIS O 652 -38.81 63.36 5.84
N ARG O 653 -40.10 63.18 5.65
CA ARG O 653 -40.67 61.85 5.52
C ARG O 653 -40.31 61.24 4.16
N GLN O 654 -40.15 62.08 3.15
CA GLN O 654 -39.71 61.58 1.85
C GLN O 654 -38.37 60.87 1.96
N GLY O 655 -37.33 61.61 2.34
CA GLY O 655 -36.02 61.02 2.48
C GLY O 655 -36.00 59.94 3.55
N MET O 656 -36.85 60.08 4.56
CA MET O 656 -37.06 59.00 5.52
C MET O 656 -37.41 57.70 4.82
N LEU O 657 -38.42 57.74 3.95
CA LEU O 657 -38.84 56.53 3.26
C LEU O 657 -37.77 56.04 2.31
N HIS O 658 -37.12 56.98 1.61
CA HIS O 658 -36.01 56.60 0.74
C HIS O 658 -34.97 55.81 1.52
N ALA O 659 -34.57 56.32 2.68
CA ALA O 659 -33.56 55.67 3.50
C ALA O 659 -34.03 54.33 4.01
N SER O 660 -35.29 54.26 4.45
CA SER O 660 -35.81 53.00 4.98
C SER O 660 -35.80 51.92 3.90
N TYR O 661 -36.28 52.25 2.72
CA TYR O 661 -36.37 51.26 1.66
C TYR O 661 -34.98 50.92 1.11
N ALA O 662 -34.07 51.89 1.09
CA ALA O 662 -32.70 51.58 0.70
C ALA O 662 -32.01 50.73 1.75
N ALA O 663 -32.36 50.91 3.02
CA ALA O 663 -31.86 50.02 4.05
C ALA O 663 -32.40 48.61 3.87
N GLN O 664 -33.65 48.50 3.42
CA GLN O 664 -34.17 47.21 3.00
C GLN O 664 -33.31 46.63 1.87
N LEU O 665 -32.94 47.47 0.92
CA LEU O 665 -32.08 47.03 -0.18
C LEU O 665 -30.73 46.57 0.33
N GLU O 666 -30.20 47.26 1.33
CA GLU O 666 -29.04 46.77 2.05
C GLU O 666 -29.28 45.38 2.59
N ASN O 667 -30.34 45.23 3.38
CA ASN O 667 -30.60 43.97 4.08
C ASN O 667 -30.65 42.82 3.09
N VAL O 668 -31.24 43.05 1.92
CA VAL O 668 -31.31 42.00 0.92
C VAL O 668 -30.03 41.88 0.09
N GLY O 669 -29.21 42.93 0.06
CA GLY O 669 -28.01 42.90 -0.75
C GLY O 669 -28.16 43.50 -2.13
N LEU O 670 -28.88 44.61 -2.26
CA LEU O 670 -29.06 45.27 -3.56
C LEU O 670 -28.69 46.74 -3.47
N TRP O 671 -27.44 46.97 -3.05
CA TRP O 671 -26.88 48.30 -2.82
C TRP O 671 -26.85 49.16 -4.08
N GLU O 672 -26.49 48.60 -5.23
CA GLU O 672 -26.47 49.39 -6.45
C GLU O 672 -27.87 49.78 -6.92
N TRP O 673 -28.90 49.36 -6.19
CA TRP O 673 -30.23 49.89 -6.44
C TRP O 673 -30.68 50.78 -5.30
N ALA O 674 -30.20 50.50 -4.09
CA ALA O 674 -30.36 51.49 -3.04
C ALA O 674 -29.79 52.83 -3.47
N ILE O 675 -28.71 52.80 -4.26
CA ILE O 675 -28.17 54.02 -4.86
C ILE O 675 -29.23 54.71 -5.70
N PHE O 676 -29.85 53.93 -6.57
CA PHE O 676 -30.93 54.42 -7.40
C PHE O 676 -32.00 55.10 -6.54
N VAL O 677 -32.33 54.48 -5.42
CA VAL O 677 -33.30 55.06 -4.49
C VAL O 677 -32.79 56.38 -3.95
N LEU O 678 -31.54 56.40 -3.52
CA LEU O 678 -31.03 57.53 -2.76
C LEU O 678 -30.91 58.77 -3.61
N LEU O 679 -30.58 58.61 -4.88
CA LEU O 679 -30.18 59.81 -5.58
C LEU O 679 -31.35 60.72 -5.91
N HIS O 680 -32.52 60.45 -5.33
CA HIS O 680 -33.69 61.26 -5.57
C HIS O 680 -33.79 62.41 -4.59
N ILE O 681 -32.96 62.41 -3.55
CA ILE O 681 -32.86 63.56 -2.67
C ILE O 681 -31.93 64.57 -3.32
N GLN O 682 -32.05 65.83 -2.93
CA GLN O 682 -31.28 66.90 -3.53
C GLN O 682 -30.16 67.40 -2.63
N ASP O 683 -29.79 66.64 -1.62
CA ASP O 683 -28.77 67.09 -0.68
C ASP O 683 -27.43 66.46 -1.01
N PRO O 684 -26.57 67.15 -1.78
CA PRO O 684 -25.44 66.44 -2.42
C PRO O 684 -24.48 65.84 -1.42
N HIS O 685 -24.11 66.62 -0.41
CA HIS O 685 -23.21 66.20 0.66
C HIS O 685 -23.63 64.92 1.35
N VAL O 686 -24.80 64.91 1.98
CA VAL O 686 -25.21 63.72 2.73
C VAL O 686 -25.53 62.58 1.78
N ARG O 687 -26.02 62.89 0.58
CA ARG O 687 -26.22 61.84 -0.39
C ARG O 687 -24.90 61.15 -0.70
N GLU O 688 -23.90 61.95 -1.04
CA GLU O 688 -22.54 61.45 -1.23
C GLU O 688 -22.12 60.61 -0.05
N ALA O 689 -22.42 61.06 1.16
CA ALA O 689 -22.08 60.27 2.34
C ALA O 689 -22.70 58.88 2.23
N ALA O 690 -24.04 58.84 2.22
CA ALA O 690 -24.73 57.55 2.21
C ALA O 690 -24.15 56.63 1.15
N VAL O 691 -23.85 57.20 -0.02
CA VAL O 691 -23.18 56.42 -1.05
C VAL O 691 -21.84 55.93 -0.56
N ARG O 692 -21.08 56.80 0.09
CA ARG O 692 -19.73 56.40 0.49
C ARG O 692 -19.77 55.20 1.41
N GLU O 693 -20.56 55.25 2.46
CA GLU O 693 -20.56 54.08 3.35
C GLU O 693 -21.16 52.84 2.67
N LEU O 694 -22.11 52.98 1.75
CA LEU O 694 -22.60 51.76 1.11
C LEU O 694 -21.54 51.16 0.20
N LEU O 695 -20.85 52.01 -0.55
CA LEU O 695 -19.79 51.51 -1.42
C LEU O 695 -18.62 50.98 -0.60
N ASN O 696 -18.48 51.42 0.65
CA ASN O 696 -17.48 50.75 1.49
C ASN O 696 -17.94 49.39 2.01
N ARG O 697 -19.23 49.19 2.30
CA ARG O 697 -19.67 47.79 2.40
C ARG O 697 -19.35 47.02 1.12
N HIS O 698 -19.59 47.61 -0.04
CA HIS O 698 -19.63 46.79 -1.26
C HIS O 698 -18.60 47.14 -2.31
N CYS O 699 -17.40 47.53 -1.92
CA CYS O 699 -16.30 47.57 -2.87
C CYS O 699 -15.62 46.21 -2.89
N VAL O 700 -15.62 45.59 -4.06
CA VAL O 700 -14.99 44.29 -4.24
C VAL O 700 -13.78 44.48 -5.14
N VAL O 701 -12.62 44.71 -4.53
CA VAL O 701 -11.39 44.87 -5.29
C VAL O 701 -11.00 43.58 -6.00
N HIS O 702 -11.52 42.43 -5.55
CA HIS O 702 -11.17 41.17 -6.16
C HIS O 702 -11.81 41.03 -7.54
N ASP O 703 -11.14 40.26 -8.40
CA ASP O 703 -11.63 40.06 -9.76
C ASP O 703 -12.87 39.18 -9.74
N SER O 704 -13.93 39.64 -10.42
CA SER O 704 -15.19 38.91 -10.45
C SER O 704 -16.01 39.42 -11.62
N PRO O 705 -16.51 38.52 -12.47
CA PRO O 705 -17.49 38.94 -13.50
C PRO O 705 -18.75 39.53 -12.89
N GLU O 706 -19.15 39.07 -11.71
CA GLU O 706 -20.27 39.70 -11.02
C GLU O 706 -19.94 41.15 -10.68
N SER O 707 -18.75 41.41 -10.16
CA SER O 707 -18.31 42.78 -9.98
C SER O 707 -18.32 43.51 -11.31
N LEU O 708 -17.90 42.81 -12.37
CA LEU O 708 -17.90 43.39 -13.71
C LEU O 708 -19.27 43.92 -14.09
N ALA O 709 -20.28 43.09 -13.94
CA ALA O 709 -21.64 43.51 -14.22
C ALA O 709 -22.04 44.68 -13.34
N LYS O 710 -21.65 44.63 -12.06
CA LYS O 710 -21.99 45.73 -11.17
C LYS O 710 -21.42 47.06 -11.66
N GLU O 711 -20.13 47.08 -12.03
CA GLU O 711 -19.58 48.38 -12.43
C GLU O 711 -20.14 48.80 -13.77
N ASN O 712 -20.36 47.85 -14.69
CA ASN O 712 -21.02 48.21 -15.94
C ASN O 712 -22.33 48.94 -15.68
N PHE O 713 -23.16 48.37 -14.79
CA PHE O 713 -24.36 49.05 -14.32
C PHE O 713 -24.03 50.46 -13.82
N LEU O 714 -23.14 50.56 -12.85
CA LEU O 714 -23.01 51.81 -12.11
C LEU O 714 -22.47 52.94 -12.98
N ILE O 715 -21.44 52.66 -13.79
CA ILE O 715 -20.85 53.72 -14.60
C ILE O 715 -21.70 53.97 -15.84
N GLN O 716 -22.06 52.91 -16.56
CA GLN O 716 -22.75 53.09 -17.83
C GLN O 716 -24.19 53.53 -17.61
N ARG O 717 -24.84 52.98 -16.59
CA ARG O 717 -26.26 53.26 -16.39
C ARG O 717 -26.49 54.28 -15.28
N LEU O 718 -25.97 54.02 -14.08
CA LEU O 718 -26.13 54.98 -13.00
C LEU O 718 -25.26 56.22 -13.18
N CYS O 719 -24.42 56.24 -14.20
CA CYS O 719 -23.59 57.39 -14.57
C CYS O 719 -22.69 57.83 -13.43
N LEU O 720 -22.48 56.99 -12.43
CA LEU O 720 -21.61 57.36 -11.33
C LEU O 720 -20.17 57.39 -11.80
N PRO O 721 -19.44 58.47 -11.56
CA PRO O 721 -18.02 58.49 -11.92
C PRO O 721 -17.25 57.39 -11.22
N ALA O 722 -16.38 56.73 -11.98
CA ALA O 722 -15.45 55.77 -11.40
C ALA O 722 -14.51 56.43 -10.41
N GLN O 723 -14.53 57.76 -10.35
CA GLN O 723 -13.84 58.47 -9.27
C GLN O 723 -14.26 57.92 -7.91
N TRP O 724 -15.56 57.81 -7.68
CA TRP O 724 -16.06 57.31 -6.41
C TRP O 724 -15.69 55.86 -6.21
N ILE O 725 -15.81 55.05 -7.26
CA ILE O 725 -15.46 53.63 -7.18
C ILE O 725 -14.00 53.45 -6.83
N HIS O 726 -13.13 54.25 -7.43
CA HIS O 726 -11.72 54.11 -7.17
C HIS O 726 -11.32 54.71 -5.84
N LYS O 727 -12.12 55.64 -5.31
CA LYS O 727 -11.96 56.00 -3.91
C LYS O 727 -12.30 54.83 -3.00
N ALA O 728 -13.37 54.10 -3.32
CA ALA O 728 -13.70 52.89 -2.58
C ALA O 728 -12.54 51.92 -2.60
N LYS O 729 -12.03 51.63 -3.78
CA LYS O 729 -10.89 50.71 -3.91
C LYS O 729 -9.67 51.27 -3.21
N ALA O 730 -9.51 52.59 -3.18
CA ALA O 730 -8.34 53.21 -2.56
C ALA O 730 -8.35 52.99 -1.06
N VAL O 731 -9.47 53.26 -0.40
CA VAL O 731 -9.54 53.04 1.04
C VAL O 731 -9.49 51.55 1.35
N ARG O 732 -10.17 50.74 0.55
CA ARG O 732 -10.19 49.30 0.79
C ARG O 732 -8.78 48.73 0.68
N SER O 733 -7.99 49.22 -0.28
CA SER O 733 -6.60 48.82 -0.38
C SER O 733 -5.76 49.47 0.70
N ARG O 734 -6.12 50.67 1.14
CA ARG O 734 -5.46 51.27 2.29
C ARG O 734 -5.57 50.34 3.49
N ARG O 735 -6.65 49.57 3.54
CA ARG O 735 -6.85 48.65 4.66
C ARG O 735 -6.31 47.25 4.35
N ASP O 736 -6.26 46.85 3.08
CA ASP O 736 -5.99 45.46 2.74
C ASP O 736 -4.65 45.21 2.04
N GLY O 737 -4.07 46.20 1.37
CA GLY O 737 -2.75 46.06 0.76
C GLY O 737 -2.65 45.43 -0.62
N ASP O 738 -3.26 46.05 -1.64
CA ASP O 738 -3.06 45.61 -3.03
C ASP O 738 -2.39 46.72 -3.82
N LYS O 739 -1.08 46.59 -3.98
CA LYS O 739 -0.23 47.64 -4.55
C LYS O 739 -0.79 48.18 -5.86
N HIS O 740 -1.26 47.29 -6.73
CA HIS O 740 -1.73 47.68 -8.04
C HIS O 740 -2.83 48.72 -7.94
N LYS O 741 -3.53 48.75 -6.81
CA LYS O 741 -4.60 49.71 -6.65
C LYS O 741 -4.19 50.90 -5.80
N GLU O 742 -3.44 50.69 -4.71
CA GLU O 742 -3.08 51.88 -3.92
C GLU O 742 -2.29 52.85 -4.77
N ALA O 743 -1.37 52.34 -5.58
CA ALA O 743 -0.51 53.23 -6.36
C ALA O 743 -1.34 54.16 -7.23
N LEU O 744 -2.13 53.58 -8.13
CA LEU O 744 -2.97 54.36 -9.03
C LEU O 744 -3.83 55.35 -8.25
N TYR O 745 -4.53 54.85 -7.24
CA TYR O 745 -5.60 55.66 -6.68
C TYR O 745 -5.06 56.75 -5.76
N LEU O 746 -4.00 56.47 -5.00
CA LEU O 746 -3.36 57.52 -4.22
C LEU O 746 -2.72 58.57 -5.12
N LEU O 747 -2.13 58.14 -6.24
CA LEU O 747 -1.59 59.12 -7.17
C LEU O 747 -2.70 60.03 -7.68
N LYS O 748 -3.85 59.46 -8.01
CA LYS O 748 -4.95 60.31 -8.45
C LYS O 748 -5.49 61.17 -7.32
N SER O 749 -5.38 60.72 -6.07
CA SER O 749 -5.92 61.41 -4.91
C SER O 749 -4.93 62.37 -4.28
N HIS O 750 -3.73 62.48 -4.85
CA HIS O 750 -2.73 63.46 -4.41
C HIS O 750 -2.30 63.17 -2.97
N GLN O 751 -1.70 62.00 -2.79
CA GLN O 751 -1.28 61.49 -1.48
C GLN O 751 0.21 61.25 -1.47
N TRP O 752 0.96 62.27 -1.92
CA TRP O 752 2.33 62.06 -2.39
C TRP O 752 3.26 61.52 -1.31
N ASN O 753 3.12 62.01 -0.08
CA ASN O 753 4.00 61.51 0.98
C ASN O 753 3.77 60.02 1.22
N GLN O 754 2.52 59.59 1.20
CA GLN O 754 2.19 58.18 1.36
C GLN O 754 2.67 57.37 0.17
N CYS O 755 2.52 57.93 -1.04
CA CYS O 755 3.03 57.25 -2.22
C CYS O 755 4.53 57.08 -2.14
N HIS O 756 5.23 58.10 -1.63
CA HIS O 756 6.63 57.94 -1.24
C HIS O 756 6.82 56.74 -0.33
N LYS O 757 6.28 56.81 0.88
CA LYS O 757 6.54 55.81 1.89
C LYS O 757 6.02 54.43 1.49
N LEU O 758 5.38 54.31 0.33
CA LEU O 758 5.11 53.00 -0.21
C LEU O 758 6.06 52.63 -1.34
N VAL O 759 6.03 53.40 -2.42
CA VAL O 759 6.78 53.03 -3.62
C VAL O 759 8.27 53.01 -3.32
N THR O 760 8.78 54.11 -2.77
CA THR O 760 10.20 54.16 -2.45
C THR O 760 10.57 53.03 -1.50
N ARG O 761 9.76 52.80 -0.49
CA ARG O 761 10.12 51.86 0.55
C ARG O 761 10.10 50.43 0.02
N HIS O 762 9.20 50.11 -0.90
CA HIS O 762 9.04 48.72 -1.29
C HIS O 762 9.49 48.52 -2.72
N LEU O 763 8.80 49.20 -3.62
CA LEU O 763 8.90 48.87 -5.04
C LEU O 763 10.24 49.31 -5.61
N ALA O 764 10.75 50.45 -5.15
CA ALA O 764 12.05 50.89 -5.63
C ALA O 764 13.10 49.82 -5.38
N ALA O 765 13.21 49.36 -4.12
CA ALA O 765 14.18 48.32 -3.79
C ALA O 765 13.88 47.03 -4.54
N ASP O 766 12.61 46.64 -4.59
CA ASP O 766 12.25 45.40 -5.26
C ASP O 766 12.71 45.40 -6.70
N ALA O 767 12.32 46.43 -7.45
CA ALA O 767 12.64 46.47 -8.87
C ALA O 767 14.13 46.62 -9.12
N VAL O 768 14.82 47.43 -8.30
CA VAL O 768 16.27 47.59 -8.54
C VAL O 768 16.99 46.29 -8.28
N ILE O 769 16.53 45.52 -7.29
CA ILE O 769 17.16 44.23 -7.01
C ILE O 769 16.84 43.23 -8.12
N ASN O 770 15.61 43.24 -8.62
CA ASN O 770 15.10 42.10 -9.38
C ASN O 770 15.02 42.35 -10.88
N GLU O 771 15.35 43.54 -11.36
CA GLU O 771 15.41 43.83 -12.79
C GLU O 771 14.04 43.63 -13.47
N ASN O 772 13.00 44.27 -12.94
CA ASN O 772 11.65 44.19 -13.50
C ASN O 772 11.10 45.59 -13.68
N TYR O 773 11.85 46.45 -14.38
CA TYR O 773 11.70 47.89 -14.20
C TYR O 773 10.50 48.43 -14.97
N ARG O 774 9.74 47.57 -15.64
CA ARG O 774 8.70 48.05 -16.55
C ARG O 774 7.59 48.75 -15.78
N TYR O 775 6.96 48.02 -14.85
CA TYR O 775 5.88 48.60 -14.07
C TYR O 775 6.38 49.81 -13.31
N LEU O 776 7.58 49.68 -12.73
CA LEU O 776 8.16 50.77 -11.97
C LEU O 776 8.28 52.03 -12.80
N ARG O 777 8.77 51.90 -14.04
CA ARG O 777 8.90 53.07 -14.89
C ARG O 777 7.54 53.64 -15.24
N GLY O 778 6.53 52.77 -15.37
CA GLY O 778 5.17 53.27 -15.54
C GLY O 778 4.76 54.17 -14.40
N PHE O 779 5.01 53.73 -13.17
CA PHE O 779 4.57 54.51 -12.01
C PHE O 779 5.40 55.78 -11.85
N LEU O 780 6.69 55.70 -12.11
CA LEU O 780 7.49 56.92 -12.05
C LEU O 780 7.07 57.91 -13.11
N GLY O 781 6.69 57.44 -14.30
CA GLY O 781 6.19 58.34 -15.31
C GLY O 781 4.90 59.01 -14.91
N GLU O 782 3.97 58.24 -14.35
CA GLU O 782 2.72 58.85 -13.90
C GLU O 782 2.96 59.80 -12.73
N LEU O 783 3.96 59.53 -11.90
CA LEU O 783 4.35 60.47 -10.86
C LEU O 783 4.91 61.75 -11.45
N ALA O 784 5.67 61.65 -12.53
CA ALA O 784 6.38 62.77 -13.13
C ALA O 784 5.46 63.82 -13.72
N ARG O 785 4.15 63.67 -13.58
CA ARG O 785 3.26 64.60 -14.23
C ARG O 785 3.39 65.98 -13.60
N PRO O 786 3.77 67.00 -14.38
CA PRO O 786 3.97 68.34 -13.80
C PRO O 786 2.73 68.87 -13.13
N GLU O 787 1.54 68.55 -13.63
CA GLU O 787 0.33 68.90 -12.91
C GLU O 787 0.31 68.23 -11.54
N HIS O 788 0.79 66.99 -11.45
CA HIS O 788 1.03 66.43 -10.14
C HIS O 788 2.19 67.14 -9.44
N CYS O 789 3.28 67.38 -10.18
CA CYS O 789 4.52 67.83 -9.56
C CYS O 789 4.32 69.16 -8.82
N LYS O 790 3.52 70.06 -9.38
CA LYS O 790 3.33 71.37 -8.76
C LYS O 790 2.71 71.27 -7.37
N HIS O 791 1.95 70.22 -7.10
CA HIS O 791 1.44 69.96 -5.76
C HIS O 791 2.33 69.01 -4.98
N ILE O 792 3.11 68.20 -5.68
CA ILE O 792 4.01 67.24 -5.06
C ILE O 792 5.20 68.01 -4.49
N GLN O 793 5.76 67.50 -3.40
CA GLN O 793 6.99 68.02 -2.84
C GLN O 793 8.03 66.92 -2.87
N ASP O 794 9.24 67.25 -3.33
CA ASP O 794 10.40 66.37 -3.33
C ASP O 794 10.27 65.22 -4.32
N TRP O 795 9.36 65.35 -5.30
CA TRP O 795 9.38 64.43 -6.43
C TRP O 795 10.72 64.52 -7.14
N GLU O 796 11.23 65.74 -7.27
CA GLU O 796 12.59 65.95 -7.77
C GLU O 796 13.61 65.28 -6.86
N THR O 797 13.35 65.27 -5.57
CA THR O 797 14.38 64.86 -4.62
C THR O 797 14.77 63.40 -4.82
N ALA O 798 13.79 62.52 -4.99
CA ALA O 798 14.07 61.11 -5.22
C ALA O 798 13.41 60.61 -6.49
N GLY O 799 12.19 61.06 -6.74
CA GLY O 799 11.38 60.41 -7.75
C GLY O 799 11.93 60.56 -9.15
N LYS O 800 12.00 61.80 -9.66
CA LYS O 800 12.60 61.95 -10.98
C LYS O 800 14.09 61.64 -10.94
N VAL O 801 14.67 61.58 -9.75
CA VAL O 801 16.03 61.07 -9.62
C VAL O 801 16.11 59.64 -10.14
N TYR O 802 15.35 58.74 -9.51
CA TYR O 802 15.26 57.36 -10.01
C TYR O 802 14.84 57.35 -11.46
N LEU O 803 13.93 58.24 -11.84
CA LEU O 803 13.43 58.27 -13.20
C LEU O 803 14.55 58.58 -14.20
N ASP O 804 15.43 59.51 -13.85
CA ASP O 804 16.52 59.82 -14.75
C ASP O 804 17.54 58.69 -14.79
N TYR O 805 17.70 57.96 -13.67
CA TYR O 805 18.53 56.76 -13.74
C TYR O 805 17.95 55.77 -14.74
N ILE O 806 16.63 55.64 -14.74
CA ILE O 806 15.97 54.78 -15.72
C ILE O 806 16.25 55.27 -17.13
N SER O 807 16.16 56.58 -17.34
CA SER O 807 16.44 57.14 -18.64
C SER O 807 17.86 56.83 -19.08
N VAL O 808 18.82 56.97 -18.14
CA VAL O 808 20.21 56.71 -18.45
C VAL O 808 20.42 55.26 -18.86
N ILE O 809 19.91 54.32 -18.08
CA ILE O 809 20.14 52.91 -18.41
C ILE O 809 19.45 52.56 -19.72
N GLU O 810 18.24 53.09 -19.94
CA GLU O 810 17.52 52.74 -21.16
C GLU O 810 18.20 53.31 -22.39
N MET O 811 18.71 54.54 -22.32
CA MET O 811 19.36 55.08 -23.51
C MET O 811 20.74 54.48 -23.67
N LEU O 812 21.32 53.96 -22.58
CA LEU O 812 22.50 53.12 -22.73
C LEU O 812 22.17 51.84 -23.51
N ASN O 813 21.05 51.21 -23.19
CA ASN O 813 20.60 50.05 -23.96
C ASN O 813 20.35 50.43 -25.41
N GLN O 814 19.84 51.64 -25.64
CA GLN O 814 19.76 52.19 -26.98
C GLN O 814 21.14 52.26 -27.61
N ILE O 815 22.13 52.70 -26.85
CA ILE O 815 23.51 52.81 -27.31
C ILE O 815 24.02 51.40 -27.61
N ARG O 816 23.60 50.43 -26.81
CA ARG O 816 23.98 49.04 -27.02
C ARG O 816 23.39 48.46 -28.31
N GLN O 817 22.15 48.78 -28.63
CA GLN O 817 21.55 48.40 -29.90
C GLN O 817 22.12 49.23 -31.05
N ASP O 818 22.75 50.36 -30.73
CA ASP O 818 23.44 51.19 -31.70
C ASP O 818 24.91 50.81 -31.74
N GLU O 819 25.63 51.36 -32.72
CA GLU O 819 27.06 51.17 -32.82
C GLU O 819 27.85 52.46 -32.78
N CYS O 820 27.27 53.58 -33.22
CA CYS O 820 28.00 54.86 -33.26
C CYS O 820 27.00 55.99 -33.04
N SER O 821 27.00 56.58 -31.86
CA SER O 821 26.24 57.81 -31.61
C SER O 821 26.95 58.70 -30.59
N GLY O 822 27.83 59.57 -31.07
CA GLY O 822 28.60 60.40 -30.17
C GLY O 822 27.78 61.49 -29.51
N GLY O 823 26.78 62.00 -30.24
CA GLY O 823 25.92 63.05 -29.73
C GLY O 823 24.89 62.51 -28.77
N GLU O 824 25.03 61.23 -28.42
CA GLU O 824 24.20 60.60 -27.40
C GLU O 824 25.11 60.09 -26.29
N LEU O 825 26.31 59.63 -26.66
CA LEU O 825 27.31 59.33 -25.65
C LEU O 825 27.66 60.56 -24.82
N GLU O 826 27.73 61.74 -25.46
CA GLU O 826 28.02 62.95 -24.69
C GLU O 826 26.85 63.31 -23.77
N LYS O 827 25.62 63.10 -24.23
CA LYS O 827 24.47 63.30 -23.35
C LYS O 827 24.55 62.37 -22.14
N LEU O 828 24.87 61.10 -22.38
CA LEU O 828 25.03 60.15 -21.28
C LEU O 828 26.16 60.56 -20.34
N HIS O 829 27.24 61.13 -20.90
CA HIS O 829 28.37 61.50 -20.07
C HIS O 829 28.03 62.69 -19.19
N THR O 830 27.33 63.68 -19.76
CA THR O 830 26.84 64.79 -18.94
C THR O 830 25.86 64.30 -17.88
N LYS O 831 24.96 63.40 -18.25
CA LYS O 831 24.01 62.88 -17.27
C LYS O 831 24.72 62.14 -16.14
N VAL O 832 25.72 61.32 -16.47
CA VAL O 832 26.39 60.54 -15.42
C VAL O 832 27.23 61.45 -14.53
N MET O 833 27.88 62.48 -15.12
CA MET O 833 28.62 63.39 -14.26
C MET O 833 27.68 64.14 -13.32
N SER O 834 26.50 64.52 -13.82
CA SER O 834 25.53 65.19 -12.95
C SER O 834 25.02 64.25 -11.87
N LEU O 835 24.77 62.99 -12.21
CA LEU O 835 24.15 62.08 -11.26
C LEU O 835 25.13 61.56 -10.23
N CYS O 836 26.42 61.51 -10.58
CA CYS O 836 27.39 60.97 -9.64
C CYS O 836 27.49 61.84 -8.39
N LYS O 837 27.12 63.12 -8.50
CA LYS O 837 27.14 64.02 -7.35
C LYS O 837 25.79 64.14 -6.68
N TRP O 838 24.74 63.52 -7.22
CA TRP O 838 23.43 63.53 -6.61
C TRP O 838 23.00 62.17 -6.08
N VAL O 839 23.75 61.12 -6.39
CA VAL O 839 23.43 59.78 -5.90
C VAL O 839 23.33 59.75 -4.37
N GLU O 840 24.32 60.32 -3.68
CA GLU O 840 24.49 59.99 -2.28
C GLU O 840 23.79 60.97 -1.34
N LEU O 841 23.21 62.05 -1.87
CA LEU O 841 22.56 63.02 -1.00
C LEU O 841 21.36 62.45 -0.25
N ILE O 842 20.77 61.37 -0.74
CA ILE O 842 19.55 60.81 -0.19
C ILE O 842 19.85 59.34 0.11
N GLN O 843 18.82 58.57 0.45
CA GLN O 843 18.91 57.14 0.74
C GLN O 843 19.50 56.93 2.12
N CYS O 844 19.53 55.68 2.57
CA CYS O 844 19.92 55.33 3.94
C CYS O 844 18.96 56.00 4.91
N TYR O 845 17.68 55.66 4.78
CA TYR O 845 16.71 56.02 5.80
C TYR O 845 16.82 54.96 6.88
N SER O 846 17.32 53.80 6.49
CA SER O 846 17.49 52.65 7.37
C SER O 846 18.60 51.81 6.77
N ALA O 847 18.72 50.58 7.26
CA ALA O 847 19.60 49.62 6.61
C ALA O 847 19.12 49.32 5.20
N LYS O 848 17.80 49.30 5.00
CA LYS O 848 17.28 49.11 3.66
C LYS O 848 17.64 50.29 2.77
N GLY O 849 17.54 51.50 3.30
CA GLY O 849 18.00 52.66 2.55
C GLY O 849 19.48 52.58 2.25
N ARG O 850 20.24 52.01 3.20
CA ARG O 850 21.66 51.82 2.99
C ARG O 850 21.90 50.86 1.82
N LEU O 851 21.13 49.78 1.76
CA LEU O 851 21.23 48.85 0.64
C LEU O 851 20.92 49.53 -0.68
N ALA O 852 19.85 50.33 -0.69
CA ALA O 852 19.48 51.04 -1.91
C ALA O 852 20.59 51.98 -2.35
N GLN O 853 21.14 52.75 -1.41
CA GLN O 853 22.22 53.67 -1.75
C GLN O 853 23.46 52.93 -2.23
N SER O 854 23.79 51.81 -1.59
CA SER O 854 24.96 51.03 -2.00
C SER O 854 24.81 50.54 -3.43
N GLU O 855 23.66 49.94 -3.73
CA GLU O 855 23.43 49.45 -5.08
C GLU O 855 23.43 50.60 -6.08
N MET O 856 22.83 51.72 -5.70
CA MET O 856 22.80 52.89 -6.58
C MET O 856 24.19 53.39 -6.90
N ALA O 857 25.03 53.55 -5.88
CA ALA O 857 26.38 54.07 -6.09
C ALA O 857 27.21 53.08 -6.90
N LYS O 858 27.08 51.78 -6.61
CA LYS O 858 27.82 50.79 -7.35
C LYS O 858 27.42 50.77 -8.82
N ARG O 859 26.11 50.85 -9.10
CA ARG O 859 25.65 50.89 -10.48
C ARG O 859 26.08 52.17 -11.18
N VAL O 860 26.04 53.32 -10.51
CA VAL O 860 26.43 54.56 -11.18
C VAL O 860 27.92 54.55 -11.46
N ALA O 861 28.73 53.97 -10.57
CA ALA O 861 30.14 53.82 -10.85
C ALA O 861 30.39 52.89 -12.03
N ASN O 862 29.64 51.78 -12.09
CA ASN O 862 29.76 50.87 -13.22
C ASN O 862 29.39 51.55 -14.53
N ILE O 863 28.30 52.32 -14.54
CA ILE O 863 27.89 53.00 -15.76
C ILE O 863 28.91 54.07 -16.14
N LEU O 864 29.47 54.77 -15.14
CA LEU O 864 30.49 55.76 -15.42
C LEU O 864 31.71 55.13 -16.07
N ARG O 865 32.20 54.01 -15.52
CA ARG O 865 33.36 53.37 -16.12
C ARG O 865 33.03 52.85 -17.51
N VAL O 866 31.81 52.34 -17.70
CA VAL O 866 31.43 51.83 -19.02
C VAL O 866 31.43 52.95 -20.05
N VAL O 867 30.82 54.09 -19.72
CA VAL O 867 30.72 55.18 -20.69
C VAL O 867 32.09 55.77 -20.95
N LEU O 868 32.93 55.89 -19.92
CA LEU O 868 34.28 56.38 -20.14
C LEU O 868 35.10 55.43 -21.01
N SER O 869 34.96 54.12 -20.83
CA SER O 869 35.67 53.17 -21.68
C SER O 869 35.18 53.21 -23.11
N LEU O 870 33.87 53.33 -23.31
CA LEU O 870 33.32 53.33 -24.67
C LEU O 870 33.55 54.64 -25.40
N GLN O 871 33.69 55.75 -24.69
CA GLN O 871 33.96 57.04 -25.33
C GLN O 871 35.45 57.25 -25.63
N GLN O 872 36.24 56.16 -25.70
CA GLN O 872 37.65 56.24 -26.00
C GLN O 872 37.90 56.07 -27.50
N PRO O 873 38.95 56.69 -28.02
CA PRO O 873 39.26 56.56 -29.46
C PRO O 873 39.61 55.13 -29.81
N PRO O 874 39.31 54.69 -31.04
CA PRO O 874 39.61 53.33 -31.50
C PRO O 874 41.11 53.11 -31.71
N SER P 11 -16.23 32.23 24.12
CA SER P 11 -16.23 33.65 24.44
C SER P 11 -15.65 33.89 25.82
N HIS P 12 -15.96 35.06 26.38
CA HIS P 12 -15.49 35.40 27.71
C HIS P 12 -16.13 34.48 28.74
N GLU P 13 -15.75 34.67 30.00
CA GLU P 13 -16.24 33.83 31.08
C GLU P 13 -16.95 34.65 32.15
N ASP P 14 -17.61 35.72 31.75
CA ASP P 14 -18.20 36.65 32.70
C ASP P 14 -19.35 37.38 32.03
N MET P 15 -19.82 38.42 32.73
CA MET P 15 -20.76 39.36 32.14
C MET P 15 -20.10 40.13 31.00
N ILE P 16 -20.91 40.67 30.12
CA ILE P 16 -20.41 41.33 28.92
C ILE P 16 -20.66 42.82 29.03
N HIS P 17 -19.60 43.62 28.92
CA HIS P 17 -19.72 45.06 29.00
C HIS P 17 -20.06 45.70 27.67
N ASP P 18 -19.24 45.51 26.64
CA ASP P 18 -19.54 46.08 25.33
C ASP P 18 -18.90 45.24 24.24
N ALA P 19 -19.68 44.98 23.19
CA ALA P 19 -19.24 44.23 22.03
C ALA P 19 -19.22 45.18 20.84
N GLN P 20 -18.12 45.17 20.09
CA GLN P 20 -17.86 46.15 19.05
C GLN P 20 -17.46 45.46 17.76
N MET P 21 -18.19 45.76 16.69
CA MET P 21 -18.00 45.08 15.42
C MET P 21 -16.96 45.84 14.60
N ASP P 22 -16.24 45.13 13.75
CA ASP P 22 -15.35 45.85 12.86
C ASP P 22 -16.19 46.53 11.77
N TYR P 23 -15.56 47.43 11.03
CA TYR P 23 -16.29 48.13 9.97
C TYR P 23 -16.62 47.18 8.83
N TYR P 24 -15.69 46.26 8.51
CA TYR P 24 -15.99 45.21 7.56
C TYR P 24 -17.19 44.37 7.95
N GLY P 25 -17.52 44.31 9.23
CA GLY P 25 -18.53 43.37 9.64
C GLY P 25 -18.07 41.94 9.46
N ILE P 26 -16.82 41.64 9.83
CA ILE P 26 -16.32 40.27 9.79
C ILE P 26 -15.64 39.85 11.08
N ARG P 27 -15.45 40.77 12.03
CA ARG P 27 -14.65 40.46 13.21
C ARG P 27 -15.14 41.30 14.39
N LEU P 28 -14.78 40.88 15.59
CA LEU P 28 -15.31 41.43 16.82
C LEU P 28 -14.20 41.77 17.79
N ALA P 29 -14.27 42.98 18.35
CA ALA P 29 -13.68 43.31 19.63
C ALA P 29 -14.75 43.14 20.71
N THR P 30 -14.36 42.61 21.87
CA THR P 30 -15.31 42.30 22.92
C THR P 30 -14.69 42.55 24.29
N CYS P 31 -15.19 43.55 25.00
CA CYS P 31 -14.62 43.91 26.29
C CYS P 31 -15.38 43.22 27.40
N SER P 32 -14.66 42.74 28.41
CA SER P 32 -15.32 42.09 29.52
C SER P 32 -14.70 42.55 30.84
N SER P 33 -15.35 42.20 31.93
CA SER P 33 -14.82 42.46 33.26
C SER P 33 -13.57 41.64 33.54
N ASP P 34 -13.26 40.67 32.69
CA ASP P 34 -12.14 39.77 32.85
C ASP P 34 -10.79 40.46 32.68
N ARG P 35 -10.76 41.79 32.63
CA ARG P 35 -9.58 42.59 32.31
C ARG P 35 -9.09 42.30 30.90
N SER P 36 -9.94 41.68 30.10
CA SER P 36 -9.58 41.19 28.78
C SER P 36 -10.62 41.59 27.75
N VAL P 37 -10.15 41.66 26.51
CA VAL P 37 -11.00 41.88 25.34
C VAL P 37 -10.69 40.75 24.37
N LYS P 38 -11.71 40.02 23.97
CA LYS P 38 -11.57 38.94 22.99
C LYS P 38 -11.84 39.47 21.59
N ILE P 39 -11.12 38.92 20.62
CA ILE P 39 -11.07 39.41 19.25
C ILE P 39 -11.25 38.23 18.33
N PHE P 40 -12.39 38.19 17.65
CA PHE P 40 -12.85 37.03 16.93
C PHE P 40 -13.12 37.37 15.49
N ASP P 41 -12.49 36.64 14.58
CA ASP P 41 -12.95 36.65 13.19
C ASP P 41 -14.08 35.65 13.06
N VAL P 42 -15.06 35.96 12.20
CA VAL P 42 -16.25 35.14 12.05
C VAL P 42 -16.38 34.80 10.57
N LYS P 43 -15.97 33.59 10.21
CA LYS P 43 -16.20 33.07 8.87
C LYS P 43 -16.76 31.67 9.00
N ASN P 44 -17.78 31.36 8.20
CA ASN P 44 -18.47 30.08 8.24
C ASN P 44 -19.22 29.95 9.56
N GLY P 45 -19.73 28.75 9.85
CA GLY P 45 -20.43 28.55 11.11
C GLY P 45 -19.54 28.79 12.31
N GLY P 46 -18.30 28.34 12.23
CA GLY P 46 -17.36 28.51 13.32
C GLY P 46 -16.77 29.90 13.37
N GLN P 47 -15.99 30.13 14.41
CA GLN P 47 -15.36 31.43 14.67
C GLN P 47 -13.96 31.19 15.18
N ILE P 48 -13.10 32.20 15.10
CA ILE P 48 -11.72 32.08 15.54
C ILE P 48 -11.38 33.26 16.43
N LEU P 49 -10.93 32.96 17.66
CA LEU P 49 -10.35 34.02 18.47
C LEU P 49 -8.99 34.33 17.87
N ILE P 50 -8.95 35.24 16.91
CA ILE P 50 -7.69 35.62 16.32
C ILE P 50 -6.78 36.31 17.34
N ALA P 51 -7.35 36.93 18.37
CA ALA P 51 -6.51 37.54 19.39
C ALA P 51 -7.34 37.83 20.63
N ASP P 52 -6.72 37.71 21.80
CA ASP P 52 -7.26 38.31 23.02
C ASP P 52 -6.22 39.28 23.53
N LEU P 53 -6.67 40.40 24.07
CA LEU P 53 -5.77 41.44 24.54
C LEU P 53 -6.07 41.78 25.99
N ARG P 54 -5.03 41.99 26.79
CA ARG P 54 -5.15 42.21 28.21
C ARG P 54 -4.25 43.38 28.59
N GLY P 55 -4.42 43.91 29.80
CA GLY P 55 -3.72 45.09 30.26
C GLY P 55 -4.71 46.10 30.79
N HIS P 56 -5.79 45.59 31.38
CA HIS P 56 -6.94 46.38 31.76
C HIS P 56 -7.21 46.22 33.25
N ASP P 57 -7.82 47.27 33.84
CA ASP P 57 -8.06 47.33 35.28
C ASP P 57 -9.50 47.73 35.54
N GLY P 58 -9.89 47.63 36.81
CA GLY P 58 -11.24 47.95 37.22
C GLY P 58 -12.23 46.99 36.63
N PRO P 59 -13.46 47.45 36.42
CA PRO P 59 -14.29 46.85 35.37
C PRO P 59 -14.17 47.67 34.10
N VAL P 60 -14.23 46.99 32.95
CA VAL P 60 -14.09 47.64 31.66
C VAL P 60 -15.39 48.36 31.34
N TRP P 61 -15.28 49.60 30.89
CA TRP P 61 -16.46 50.35 30.50
C TRP P 61 -16.76 50.22 29.01
N GLN P 62 -15.85 50.67 28.14
CA GLN P 62 -16.18 50.72 26.73
C GLN P 62 -14.92 50.93 25.91
N VAL P 63 -14.89 50.33 24.73
CA VAL P 63 -13.84 50.58 23.74
C VAL P 63 -14.50 50.90 22.40
N ALA P 64 -13.95 51.90 21.71
CA ALA P 64 -14.62 52.49 20.56
C ALA P 64 -13.65 52.53 19.39
N TRP P 65 -14.15 52.15 18.21
CA TRP P 65 -13.38 52.24 16.98
C TRP P 65 -13.31 53.69 16.53
N ALA P 66 -12.09 54.17 16.27
CA ALA P 66 -11.98 55.43 15.56
C ALA P 66 -12.33 55.22 14.09
N HIS P 67 -12.28 56.30 13.33
CA HIS P 67 -12.84 56.27 11.98
C HIS P 67 -11.97 55.43 11.04
N PRO P 68 -12.56 54.66 10.13
CA PRO P 68 -11.77 53.79 9.25
C PRO P 68 -10.82 54.53 8.32
N MET P 69 -11.05 55.81 8.00
CA MET P 69 -10.11 56.53 7.13
C MET P 69 -8.69 56.50 7.67
N TYR P 70 -8.51 56.08 8.91
CA TYR P 70 -7.21 56.03 9.53
C TYR P 70 -6.74 54.61 9.80
N GLY P 71 -7.63 53.62 9.72
CA GLY P 71 -7.22 52.26 9.99
C GLY P 71 -7.98 51.63 11.14
N ASN P 72 -7.33 50.66 11.79
CA ASN P 72 -7.93 49.86 12.86
C ASN P 72 -7.49 50.44 14.20
N ILE P 73 -8.40 51.15 14.86
CA ILE P 73 -8.10 51.97 16.04
C ILE P 73 -9.15 51.72 17.10
N LEU P 74 -8.71 51.37 18.31
CA LEU P 74 -9.64 51.14 19.41
C LEU P 74 -9.20 51.87 20.68
N ALA P 75 -10.13 52.64 21.24
CA ALA P 75 -9.89 53.39 22.46
C ALA P 75 -10.75 52.86 23.60
N SER P 76 -10.11 52.41 24.67
CA SER P 76 -10.80 51.78 25.78
C SER P 76 -10.64 52.62 27.05
N CYS P 77 -11.73 52.66 27.81
CA CYS P 77 -11.81 53.42 29.05
C CYS P 77 -11.95 52.45 30.22
N SER P 78 -11.07 52.59 31.21
CA SER P 78 -11.06 51.62 32.30
C SER P 78 -11.14 52.33 33.64
N TYR P 79 -11.81 51.67 34.56
CA TYR P 79 -11.75 52.01 35.97
C TYR P 79 -10.31 51.84 36.43
N ASP P 80 -10.01 52.37 37.61
CA ASP P 80 -8.64 52.43 38.13
C ASP P 80 -7.82 53.41 37.30
N ARG P 81 -8.50 54.38 36.69
CA ARG P 81 -7.84 55.52 36.04
C ARG P 81 -6.88 55.06 34.96
N LYS P 82 -7.41 54.46 33.89
CA LYS P 82 -6.55 53.98 32.82
C LYS P 82 -7.23 54.20 31.48
N VAL P 83 -6.60 55.00 30.62
CA VAL P 83 -7.13 55.35 29.32
C VAL P 83 -6.24 54.71 28.27
N ILE P 84 -6.73 53.65 27.64
CA ILE P 84 -5.89 52.76 26.85
C ILE P 84 -6.19 53.03 25.39
N ILE P 85 -5.14 53.12 24.58
CA ILE P 85 -5.26 53.59 23.20
C ILE P 85 -4.49 52.64 22.30
N TRP P 86 -5.22 51.71 21.67
CA TRP P 86 -4.69 50.60 20.90
C TRP P 86 -4.74 50.88 19.41
N LYS P 87 -3.70 50.47 18.71
CA LYS P 87 -3.61 50.50 17.26
C LYS P 87 -3.47 49.07 16.78
N GLU P 88 -3.98 48.77 15.59
CA GLU P 88 -3.65 47.53 14.92
C GLU P 88 -2.50 47.78 13.96
N GLU P 89 -1.61 46.80 13.85
CA GLU P 89 -0.58 46.83 12.81
C GLU P 89 -0.03 45.43 12.59
N ASN P 90 0.15 45.06 11.32
CA ASN P 90 0.64 43.74 10.93
C ASN P 90 -0.27 42.66 11.51
N GLY P 91 -1.55 42.99 11.66
CA GLY P 91 -2.47 42.13 12.37
C GLY P 91 -2.33 42.20 13.87
N THR P 92 -1.33 42.92 14.38
CA THR P 92 -1.09 43.01 15.80
C THR P 92 -1.67 44.31 16.33
N TRP P 93 -2.35 44.22 17.45
CA TRP P 93 -2.99 45.37 18.06
C TRP P 93 -2.15 45.92 19.19
N GLU P 94 -1.69 47.14 19.03
CA GLU P 94 -0.76 47.72 19.97
C GLU P 94 -1.27 49.04 20.49
N LYS P 95 -0.94 49.30 21.74
CA LYS P 95 -1.31 50.51 22.42
C LYS P 95 -0.45 51.66 21.93
N THR P 96 -1.06 52.64 21.30
CA THR P 96 -0.32 53.83 20.93
C THR P 96 -0.38 54.93 21.97
N TYR P 97 -1.28 54.85 22.94
CA TYR P 97 -1.28 55.88 23.98
C TYR P 97 -1.95 55.39 25.24
N GLU P 98 -1.70 56.11 26.34
CA GLU P 98 -2.43 55.94 27.59
C GLU P 98 -2.57 57.31 28.22
N TYR P 99 -3.71 57.58 28.82
CA TYR P 99 -3.78 58.70 29.75
C TYR P 99 -4.21 58.26 31.13
N THR P 100 -3.58 58.85 32.13
CA THR P 100 -4.06 58.86 33.50
C THR P 100 -3.65 60.19 34.11
N GLY P 101 -4.43 60.65 35.08
CA GLY P 101 -4.30 61.98 35.64
C GLY P 101 -5.69 62.43 36.00
N HIS P 102 -6.66 61.75 35.40
CA HIS P 102 -8.00 61.72 35.94
C HIS P 102 -8.02 60.93 37.23
N ASP P 103 -8.98 61.25 38.10
CA ASP P 103 -8.96 60.76 39.47
C ASP P 103 -10.13 59.84 39.79
N SER P 104 -11.16 59.83 38.96
CA SER P 104 -12.27 58.89 39.11
C SER P 104 -12.50 58.25 37.76
N SER P 105 -13.23 57.14 37.78
CA SER P 105 -13.33 56.28 36.60
C SER P 105 -13.87 57.06 35.40
N VAL P 106 -13.21 56.88 34.27
CA VAL P 106 -13.64 57.43 32.99
C VAL P 106 -14.81 56.57 32.50
N ASN P 107 -16.00 57.17 32.48
CA ASN P 107 -17.19 56.41 32.17
C ASN P 107 -17.21 55.87 30.75
N SER P 108 -16.82 56.70 29.78
CA SER P 108 -17.06 56.38 28.40
C SER P 108 -16.15 57.22 27.51
N VAL P 109 -15.84 56.65 26.33
CA VAL P 109 -15.00 57.29 25.32
C VAL P 109 -15.68 57.14 23.96
N CYS P 110 -15.69 58.22 23.19
CA CYS P 110 -16.51 58.27 21.98
C CYS P 110 -15.76 58.94 20.85
N TRP P 111 -15.90 58.37 19.66
CA TRP P 111 -15.14 58.80 18.50
C TRP P 111 -15.91 59.77 17.62
N ALA P 112 -15.16 60.68 16.99
CA ALA P 112 -15.75 61.47 15.93
C ALA P 112 -15.48 60.83 14.57
N PRO P 113 -16.30 61.14 13.56
CA PRO P 113 -16.04 60.62 12.22
C PRO P 113 -14.74 61.17 11.64
N HIS P 114 -14.34 60.63 10.50
CA HIS P 114 -13.18 61.11 9.78
C HIS P 114 -13.14 62.61 9.67
N ASP P 115 -14.30 63.25 9.47
CA ASP P 115 -14.34 64.67 9.13
C ASP P 115 -13.59 65.52 10.14
N PHE P 116 -14.00 65.50 11.40
CA PHE P 116 -13.30 66.24 12.43
C PHE P 116 -11.98 65.58 12.81
N GLY P 117 -11.70 64.39 12.29
CA GLY P 117 -10.41 63.78 12.48
C GLY P 117 -10.41 62.63 13.47
N LEU P 118 -9.21 62.40 14.02
CA LEU P 118 -9.00 61.38 15.05
C LEU P 118 -9.12 62.05 16.40
N VAL P 119 -10.34 62.07 16.95
CA VAL P 119 -10.58 62.72 18.23
C VAL P 119 -11.65 61.93 19.00
N LEU P 120 -11.42 61.81 20.29
CA LEU P 120 -12.26 61.05 21.21
C LEU P 120 -12.63 61.96 22.36
N ALA P 121 -13.92 62.07 22.62
CA ALA P 121 -14.41 62.68 23.83
C ALA P 121 -14.41 61.63 24.93
N CYS P 122 -14.14 62.05 26.16
CA CYS P 122 -14.06 61.13 27.27
C CYS P 122 -14.71 61.74 28.49
N GLY P 123 -15.70 61.04 29.03
CA GLY P 123 -16.42 61.49 30.22
C GLY P 123 -15.85 60.84 31.45
N SER P 124 -15.82 61.58 32.56
CA SER P 124 -15.27 61.03 33.78
C SER P 124 -16.35 61.03 34.84
N SER P 125 -16.30 60.01 35.69
CA SER P 125 -17.04 60.04 36.94
C SER P 125 -16.53 61.11 37.89
N ASP P 126 -15.48 61.83 37.49
CA ASP P 126 -14.97 62.96 38.24
C ASP P 126 -15.89 64.17 38.17
N GLY P 127 -16.94 64.14 37.36
CA GLY P 127 -17.69 65.35 37.08
C GLY P 127 -17.01 66.22 36.05
N ALA P 128 -16.11 65.65 35.26
CA ALA P 128 -15.32 66.41 34.32
C ALA P 128 -15.22 65.66 33.00
N ILE P 129 -14.63 66.33 32.02
CA ILE P 129 -14.49 65.81 30.67
C ILE P 129 -13.04 65.96 30.26
N SER P 130 -12.61 65.17 29.28
CA SER P 130 -11.40 65.45 28.54
C SER P 130 -11.60 65.11 27.09
N ILE P 131 -11.33 66.06 26.22
CA ILE P 131 -11.30 65.82 24.78
C ILE P 131 -9.86 65.57 24.36
N LEU P 132 -9.65 64.44 23.69
CA LEU P 132 -8.34 64.09 23.18
C LEU P 132 -8.37 64.10 21.66
N THR P 133 -7.72 65.09 21.08
CA THR P 133 -7.30 65.05 19.70
C THR P 133 -6.08 64.15 19.66
N PHE P 134 -5.88 63.43 18.56
CA PHE P 134 -4.60 62.84 18.27
C PHE P 134 -4.24 63.18 16.84
N THR P 135 -3.00 63.62 16.64
CA THR P 135 -2.59 64.08 15.32
C THR P 135 -2.74 63.00 14.27
N GLY P 136 -2.76 61.74 14.69
CA GLY P 136 -2.83 60.65 13.74
C GLY P 136 -1.50 59.92 13.76
N ASP P 137 -0.44 60.68 13.96
CA ASP P 137 0.87 60.10 14.21
C ASP P 137 1.63 60.94 15.24
N GLY P 138 0.99 61.96 15.78
CA GLY P 138 1.70 62.95 16.56
C GLY P 138 1.21 63.12 17.99
N PRO P 139 1.03 64.36 18.41
CA PRO P 139 0.65 64.63 19.79
C PRO P 139 -0.73 64.12 20.17
N TRP P 140 -0.90 63.90 21.47
CA TRP P 140 -2.18 63.53 22.07
C TRP P 140 -2.70 64.80 22.72
N GLU P 141 -3.32 65.64 21.90
CA GLU P 141 -3.74 66.97 22.34
C GLU P 141 -4.90 66.85 23.33
N VAL P 142 -4.61 67.19 24.58
CA VAL P 142 -5.52 66.96 25.70
C VAL P 142 -6.15 68.28 26.10
N LYS P 143 -7.46 68.28 26.30
CA LYS P 143 -8.18 69.45 26.79
C LYS P 143 -9.15 68.99 27.87
N LYS P 144 -8.83 69.31 29.13
CA LYS P 144 -9.64 68.91 30.27
C LYS P 144 -10.70 69.98 30.52
N ILE P 145 -11.93 69.54 30.72
CA ILE P 145 -13.05 70.42 31.05
C ILE P 145 -13.41 70.10 32.50
N SER P 146 -12.93 70.93 33.41
CA SER P 146 -13.14 70.73 34.83
C SER P 146 -14.51 71.28 35.23
N ASN P 147 -15.13 70.64 36.24
CA ASN P 147 -16.47 70.98 36.67
C ASN P 147 -17.40 70.96 35.46
N ALA P 148 -17.15 70.02 34.54
CA ALA P 148 -17.99 69.91 33.35
C ALA P 148 -19.44 69.70 33.75
N HIS P 149 -19.67 68.76 34.66
CA HIS P 149 -20.90 68.72 35.43
C HIS P 149 -20.54 68.91 36.89
N THR P 150 -21.50 69.45 37.65
CA THR P 150 -21.27 69.64 39.08
C THR P 150 -20.96 68.31 39.75
N ILE P 151 -21.67 67.26 39.37
CA ILE P 151 -21.42 65.91 39.87
C ILE P 151 -20.96 65.10 38.66
N GLY P 152 -20.62 63.83 38.86
CA GLY P 152 -20.06 62.98 37.83
C GLY P 152 -20.74 63.04 36.47
N CYS P 153 -19.98 62.77 35.42
CA CYS P 153 -20.47 62.79 34.05
C CYS P 153 -20.90 61.39 33.64
N ASN P 154 -22.14 61.26 33.17
CA ASN P 154 -22.67 59.96 32.79
C ASN P 154 -22.52 59.66 31.31
N ALA P 155 -23.28 60.36 30.46
CA ALA P 155 -23.34 59.98 29.05
C ALA P 155 -23.16 61.22 28.19
N VAL P 156 -22.40 61.07 27.11
CA VAL P 156 -22.02 62.17 26.24
C VAL P 156 -22.32 61.77 24.81
N SER P 157 -22.39 62.76 23.92
CA SER P 157 -22.65 62.46 22.51
C SER P 157 -22.13 63.59 21.64
N TRP P 158 -21.25 63.25 20.70
CA TRP P 158 -20.81 64.17 19.66
C TRP P 158 -22.01 64.74 18.92
N ALA P 159 -21.76 65.75 18.09
CA ALA P 159 -22.66 66.03 17.00
C ALA P 159 -22.26 65.19 15.79
N PRO P 160 -23.18 64.43 15.20
CA PRO P 160 -22.77 63.44 14.17
C PRO P 160 -22.19 64.12 12.95
N SER P 161 -20.94 63.78 12.64
CA SER P 161 -20.21 64.30 11.48
C SER P 161 -20.26 65.81 11.34
N VAL P 162 -20.31 66.30 10.10
CA VAL P 162 -20.01 67.68 9.75
C VAL P 162 -20.90 68.67 10.49
N ILE P 163 -20.45 69.93 10.55
CA ILE P 163 -21.20 70.99 11.21
C ILE P 163 -22.43 71.27 10.35
N PRO P 164 -23.43 72.03 10.87
CA PRO P 164 -24.62 72.35 10.07
C PRO P 164 -24.36 72.75 8.63
N GLY P 165 -25.38 72.56 7.81
CA GLY P 165 -25.38 72.71 6.38
C GLY P 165 -25.46 71.30 5.80
N SER P 166 -26.69 70.84 5.60
CA SER P 166 -26.89 69.51 5.07
C SER P 166 -28.17 69.45 4.25
N LEU P 167 -28.69 70.62 3.91
CA LEU P 167 -29.87 70.69 3.07
C LEU P 167 -29.45 70.70 1.60
N VAL P 168 -30.37 71.05 0.70
CA VAL P 168 -30.05 71.08 -0.72
C VAL P 168 -28.99 72.15 -0.94
N ASP P 169 -27.78 71.73 -1.33
CA ASP P 169 -26.64 72.63 -1.35
C ASP P 169 -26.08 72.65 -2.75
N GLN P 170 -24.96 73.36 -2.91
CA GLN P 170 -24.31 73.48 -4.22
C GLN P 170 -23.82 72.11 -4.67
N PRO P 171 -23.44 71.94 -5.95
CA PRO P 171 -22.91 70.65 -6.40
C PRO P 171 -21.81 70.08 -5.51
N SER P 172 -21.55 68.78 -5.69
CA SER P 172 -20.78 67.96 -4.76
C SER P 172 -19.33 68.42 -4.54
N SER P 173 -18.67 67.77 -3.58
CA SER P 173 -17.25 67.98 -3.24
C SER P 173 -17.00 69.31 -2.53
N GLN P 174 -17.90 69.72 -1.64
CA GLN P 174 -17.72 70.93 -0.85
C GLN P 174 -17.03 70.60 0.46
N LYS P 175 -16.41 71.61 1.05
CA LYS P 175 -15.65 71.47 2.30
C LYS P 175 -16.08 72.54 3.30
N PRO P 176 -17.08 72.26 4.14
CA PRO P 176 -17.53 73.27 5.11
C PRO P 176 -16.55 73.47 6.26
N ASN P 177 -16.88 74.39 7.16
CA ASN P 177 -16.07 74.66 8.33
C ASN P 177 -16.30 73.58 9.37
N TYR P 178 -15.36 73.42 10.29
CA TYR P 178 -15.38 72.26 11.19
C TYR P 178 -15.18 72.75 12.62
N ILE P 179 -16.25 73.25 13.23
CA ILE P 179 -16.22 73.74 14.60
C ILE P 179 -17.38 73.03 15.29
N LYS P 180 -17.09 72.35 16.40
CA LYS P 180 -17.89 71.20 16.76
C LYS P 180 -19.05 71.55 17.68
N ARG P 181 -19.90 70.56 17.93
CA ARG P 181 -21.03 70.65 18.84
C ARG P 181 -21.16 69.31 19.55
N PHE P 182 -21.77 69.31 20.73
CA PHE P 182 -22.19 68.03 21.28
C PHE P 182 -23.13 68.24 22.44
N VAL P 183 -23.41 67.15 23.13
CA VAL P 183 -24.30 67.12 24.29
C VAL P 183 -23.71 66.19 25.32
N SER P 184 -24.21 66.28 26.55
CA SER P 184 -24.06 65.21 27.53
C SER P 184 -25.01 65.44 28.69
N GLY P 185 -25.52 64.34 29.23
CA GLY P 185 -26.32 64.37 30.43
C GLY P 185 -25.62 63.65 31.56
N GLY P 186 -25.76 64.14 32.79
CA GLY P 186 -25.04 63.61 33.92
C GLY P 186 -25.91 63.53 35.16
N CYS P 187 -25.33 62.91 36.20
CA CYS P 187 -26.01 62.71 37.47
C CYS P 187 -26.13 63.99 38.28
N ASP P 188 -25.87 65.14 37.68
CA ASP P 188 -26.28 66.40 38.28
C ASP P 188 -27.75 66.67 38.07
N ASN P 189 -28.51 65.66 37.59
CA ASN P 189 -29.90 65.77 37.16
C ASN P 189 -30.00 66.56 35.86
N LEU P 190 -28.89 67.08 35.39
CA LEU P 190 -28.87 68.02 34.28
C LEU P 190 -28.33 67.37 33.01
N VAL P 191 -29.01 67.65 31.91
CA VAL P 191 -28.51 67.32 30.57
C VAL P 191 -28.25 68.62 29.85
N LYS P 192 -27.01 68.84 29.43
CA LYS P 192 -26.65 70.09 28.81
C LYS P 192 -26.07 69.84 27.42
N ILE P 193 -25.98 70.92 26.66
CA ILE P 193 -25.58 70.90 25.26
C ILE P 193 -24.52 71.98 25.12
N TRP P 194 -23.49 71.72 24.31
CA TRP P 194 -22.35 72.60 24.22
C TRP P 194 -21.97 72.90 22.78
N ARG P 195 -21.43 74.10 22.58
CA ARG P 195 -20.86 74.52 21.32
C ARG P 195 -19.42 74.94 21.57
N GLU P 196 -18.58 74.79 20.56
CA GLU P 196 -17.21 75.25 20.63
C GLU P 196 -17.20 76.77 20.55
N GLU P 197 -17.36 77.44 21.70
CA GLU P 197 -17.58 78.88 21.76
C GLU P 197 -16.39 79.57 22.41
N ASP P 198 -15.88 80.61 21.74
CA ASP P 198 -14.74 81.41 22.16
C ASP P 198 -13.46 80.59 22.27
N GLY P 199 -13.29 79.57 21.43
CA GLY P 199 -12.23 78.61 21.62
C GLY P 199 -12.45 77.70 22.79
N GLN P 200 -13.20 78.16 23.79
CA GLN P 200 -13.70 77.34 24.87
C GLN P 200 -14.88 76.54 24.36
N TRP P 201 -15.51 75.80 25.25
CA TRP P 201 -16.73 75.09 24.94
C TRP P 201 -17.82 75.54 25.90
N LYS P 202 -18.73 76.34 25.39
CA LYS P 202 -19.72 77.00 26.23
C LYS P 202 -21.08 76.35 26.03
N GLU P 203 -21.88 76.37 27.08
CA GLU P 203 -23.14 75.64 27.07
C GLU P 203 -24.13 76.35 26.16
N ASP P 204 -24.46 75.69 25.06
CA ASP P 204 -25.66 76.00 24.29
C ASP P 204 -26.90 75.94 25.15
N GLN P 205 -27.08 74.86 25.93
CA GLN P 205 -28.30 74.74 26.71
C GLN P 205 -28.09 73.90 27.96
N LYS P 206 -29.01 74.05 28.90
CA LYS P 206 -29.07 73.28 30.13
C LYS P 206 -30.50 72.82 30.32
N LEU P 207 -30.70 71.57 30.76
CA LEU P 207 -32.02 70.98 30.84
C LEU P 207 -32.19 70.23 32.15
N GLU P 208 -33.20 70.61 32.92
CA GLU P 208 -33.63 69.92 34.14
C GLU P 208 -35.09 69.53 33.97
N ALA P 209 -35.32 68.36 33.39
CA ALA P 209 -36.67 67.83 33.26
C ALA P 209 -36.75 66.49 33.98
N HIS P 210 -35.77 65.64 33.75
CA HIS P 210 -35.62 64.45 34.57
C HIS P 210 -35.14 64.87 35.95
N SER P 211 -36.02 64.73 36.95
CA SER P 211 -35.71 65.21 38.28
C SER P 211 -34.59 64.41 38.93
N ASP P 212 -34.20 63.28 38.31
CA ASP P 212 -33.25 62.36 38.89
C ASP P 212 -31.96 62.37 38.07
N TRP P 213 -31.03 61.49 38.45
CA TRP P 213 -29.77 61.38 37.75
C TRP P 213 -29.99 60.86 36.34
N VAL P 214 -29.25 61.42 35.39
CA VAL P 214 -29.40 61.05 33.99
C VAL P 214 -28.60 59.78 33.73
N ARG P 215 -29.16 58.85 32.96
CA ARG P 215 -28.48 57.59 32.74
C ARG P 215 -27.78 57.52 31.40
N ASP P 216 -28.49 57.63 30.29
CA ASP P 216 -27.81 57.55 29.01
C ASP P 216 -28.41 58.55 28.04
N VAL P 217 -27.56 59.03 27.14
CA VAL P 217 -27.94 59.94 26.07
C VAL P 217 -27.65 59.24 24.76
N ALA P 218 -28.40 59.58 23.71
CA ALA P 218 -28.18 58.98 22.40
C ALA P 218 -28.68 59.90 21.31
N TRP P 219 -27.78 60.71 20.75
CA TRP P 219 -28.10 61.42 19.52
C TRP P 219 -28.29 60.41 18.42
N ALA P 220 -29.36 60.55 17.65
CA ALA P 220 -29.48 59.72 16.47
C ALA P 220 -28.35 60.05 15.51
N PRO P 221 -27.55 59.07 15.11
CA PRO P 221 -26.59 59.32 14.02
C PRO P 221 -27.42 59.57 12.78
N SER P 222 -27.97 60.79 12.75
CA SER P 222 -29.04 61.12 11.82
C SER P 222 -28.57 60.97 10.39
N ILE P 223 -29.44 60.41 9.57
CA ILE P 223 -29.14 60.14 8.18
C ILE P 223 -30.14 60.92 7.34
N GLY P 224 -29.76 62.14 6.97
CA GLY P 224 -30.54 62.92 6.03
C GLY P 224 -31.73 63.68 6.57
N LEU P 225 -31.80 63.89 7.87
CA LEU P 225 -32.87 64.68 8.45
C LEU P 225 -32.33 65.92 9.13
N PRO P 226 -32.89 67.10 8.80
CA PRO P 226 -32.53 68.32 9.53
C PRO P 226 -32.95 68.29 10.98
N THR P 227 -33.86 67.38 11.34
CA THR P 227 -34.37 67.28 12.69
C THR P 227 -33.36 66.53 13.55
N SER P 228 -32.66 67.27 14.42
CA SER P 228 -31.79 66.66 15.39
C SER P 228 -32.63 66.06 16.51
N THR P 229 -32.44 64.76 16.75
CA THR P 229 -33.20 64.04 17.75
C THR P 229 -32.26 63.25 18.62
N ILE P 230 -32.50 63.25 19.93
CA ILE P 230 -31.60 62.64 20.90
C ILE P 230 -32.44 62.01 22.00
N ALA P 231 -32.24 60.72 22.20
CA ALA P 231 -32.88 59.98 23.27
C ALA P 231 -32.21 60.29 24.61
N SER P 232 -33.00 60.34 25.68
CA SER P 232 -32.52 60.62 27.02
C SER P 232 -33.25 59.74 28.02
N CYS P 233 -32.45 58.97 28.79
CA CYS P 233 -32.98 58.04 29.78
C CYS P 233 -32.32 58.28 31.13
N SER P 234 -33.15 58.18 32.17
CA SER P 234 -32.73 58.33 33.56
C SER P 234 -33.38 57.23 34.38
N GLN P 235 -33.39 57.42 35.70
CA GLN P 235 -34.09 56.49 36.56
C GLN P 235 -35.56 56.84 36.75
N ASP P 236 -36.00 57.99 36.24
CA ASP P 236 -37.32 58.50 36.58
C ASP P 236 -38.42 57.55 36.09
N GLY P 237 -38.21 56.93 34.94
CA GLY P 237 -39.22 56.07 34.34
C GLY P 237 -39.81 56.73 33.10
N ARG P 238 -39.58 58.03 32.98
CA ARG P 238 -39.92 58.80 31.80
C ARG P 238 -38.74 58.82 30.85
N VAL P 239 -39.03 58.74 29.55
CA VAL P 239 -38.02 58.71 28.51
C VAL P 239 -38.23 59.91 27.61
N TYR P 240 -37.25 60.81 27.54
CA TYR P 240 -37.41 62.02 26.75
C TYR P 240 -36.56 61.99 25.50
N ILE P 241 -37.22 61.98 24.35
CA ILE P 241 -36.59 62.26 23.06
C ILE P 241 -36.66 63.76 22.86
N TRP P 242 -35.51 64.40 22.72
CA TRP P 242 -35.42 65.85 22.57
C TRP P 242 -35.05 66.17 21.13
N THR P 243 -35.82 67.05 20.54
CA THR P 243 -35.71 67.32 19.11
C THR P 243 -35.66 68.82 18.83
N SER P 244 -34.94 69.17 17.77
CA SER P 244 -34.98 70.49 17.15
C SER P 244 -34.89 70.28 15.65
N ASP P 245 -35.93 70.67 14.93
CA ASP P 245 -36.03 70.35 13.51
C ASP P 245 -34.97 71.06 12.69
N ASP P 246 -34.33 72.09 13.23
CA ASP P 246 -33.34 72.84 12.49
C ASP P 246 -32.48 73.59 13.50
N ALA P 247 -31.42 74.23 13.01
CA ALA P 247 -30.54 75.05 13.83
C ALA P 247 -31.27 76.30 14.36
N ALA P 248 -32.41 76.62 13.78
CA ALA P 248 -33.24 77.73 14.25
C ALA P 248 -34.13 77.33 15.41
N THR P 249 -34.25 76.03 15.71
CA THR P 249 -35.06 75.55 16.82
C THR P 249 -34.21 75.60 18.08
N ASN P 250 -34.21 76.75 18.74
CA ASN P 250 -33.42 76.97 19.93
C ASN P 250 -34.06 76.38 21.18
N CYS P 251 -35.29 75.86 21.07
CA CYS P 251 -35.96 75.22 22.18
C CYS P 251 -36.09 73.74 21.86
N TRP P 252 -35.28 72.93 22.52
CA TRP P 252 -35.39 71.48 22.37
C TRP P 252 -36.70 70.98 22.94
N THR P 253 -37.25 69.97 22.28
CA THR P 253 -38.59 69.51 22.56
C THR P 253 -38.51 68.12 23.18
N PRO P 254 -39.05 67.92 24.38
CA PRO P 254 -39.10 66.57 24.95
C PRO P 254 -40.38 65.86 24.57
N LYS P 255 -40.25 64.56 24.30
CA LYS P 255 -41.40 63.69 24.04
C LYS P 255 -41.16 62.38 24.79
N LEU P 256 -42.21 61.88 25.41
CA LEU P 256 -42.10 60.60 26.10
C LEU P 256 -42.11 59.47 25.08
N LEU P 257 -40.97 58.80 24.95
CA LEU P 257 -40.96 57.53 24.23
C LEU P 257 -41.86 56.52 24.90
N HIS P 258 -41.78 56.41 26.22
CA HIS P 258 -42.63 55.54 27.00
C HIS P 258 -42.38 55.83 28.47
N LYS P 259 -43.41 55.62 29.28
CA LYS P 259 -43.30 55.75 30.72
C LYS P 259 -43.14 54.35 31.28
N PHE P 260 -41.90 53.86 31.29
CA PHE P 260 -41.57 52.68 32.05
C PHE P 260 -41.53 53.04 33.53
N ASN P 261 -41.27 52.04 34.35
CA ASN P 261 -41.03 52.25 35.76
C ASN P 261 -39.86 51.36 36.17
N ASP P 262 -38.65 51.89 35.97
CA ASP P 262 -37.40 51.28 36.37
C ASP P 262 -36.30 52.30 36.07
N VAL P 263 -35.06 51.98 36.39
CA VAL P 263 -33.97 52.84 35.97
C VAL P 263 -33.55 52.39 34.57
N VAL P 264 -33.74 53.26 33.59
CA VAL P 264 -33.43 52.95 32.20
C VAL P 264 -32.00 53.40 31.94
N TRP P 265 -31.17 52.48 31.46
CA TRP P 265 -29.74 52.69 31.55
C TRP P 265 -29.09 53.11 30.24
N HIS P 266 -29.43 52.46 29.14
CA HIS P 266 -28.69 52.65 27.90
C HIS P 266 -29.66 53.06 26.81
N VAL P 267 -29.22 53.99 25.98
CA VAL P 267 -29.93 54.33 24.75
C VAL P 267 -28.91 54.33 23.61
N SER P 268 -29.19 53.56 22.56
CA SER P 268 -28.21 53.41 21.49
C SER P 268 -28.91 53.16 20.16
N TRP P 269 -28.93 54.18 19.30
CA TRP P 269 -29.34 54.00 17.92
C TRP P 269 -28.29 53.13 17.27
N SER P 270 -28.64 52.44 16.19
CA SER P 270 -27.46 52.03 15.44
C SER P 270 -27.17 53.04 14.33
N ILE P 271 -26.37 52.60 13.37
CA ILE P 271 -25.77 53.48 12.37
C ILE P 271 -26.81 54.38 11.72
N THR P 272 -27.79 53.78 11.03
CA THR P 272 -28.73 54.61 10.29
C THR P 272 -29.66 55.36 11.24
N ALA P 273 -29.59 55.05 12.53
CA ALA P 273 -30.32 55.74 13.59
C ALA P 273 -31.82 55.47 13.50
N ASN P 274 -32.22 54.58 12.59
CA ASN P 274 -33.61 54.17 12.43
C ASN P 274 -34.22 53.60 13.71
N ILE P 275 -33.42 52.96 14.56
CA ILE P 275 -33.90 52.18 15.70
C ILE P 275 -32.97 52.39 16.89
N LEU P 276 -33.56 52.37 18.09
CA LEU P 276 -32.85 52.57 19.34
C LEU P 276 -33.00 51.34 20.23
N ALA P 277 -31.88 50.90 20.81
CA ALA P 277 -31.85 49.88 21.84
C ALA P 277 -31.82 50.53 23.22
N VAL P 278 -32.66 50.00 24.12
CA VAL P 278 -32.94 50.61 25.41
C VAL P 278 -32.66 49.58 26.50
N SER P 279 -31.72 49.91 27.39
CA SER P 279 -31.43 49.08 28.56
C SER P 279 -32.08 49.72 29.79
N GLY P 280 -32.90 48.94 30.48
CA GLY P 280 -33.57 49.41 31.68
C GLY P 280 -33.46 48.38 32.79
N GLY P 281 -34.10 48.70 33.92
CA GLY P 281 -34.18 47.77 35.02
C GLY P 281 -35.24 46.71 34.77
N ASP P 282 -35.09 45.97 33.68
CA ASP P 282 -36.09 45.00 33.26
C ASP P 282 -35.51 43.70 32.72
N ASN P 283 -34.19 43.52 32.79
CA ASN P 283 -33.48 42.35 32.27
C ASN P 283 -33.64 42.24 30.77
N LYS P 284 -34.25 43.23 30.13
CA LYS P 284 -34.55 43.21 28.72
C LYS P 284 -34.15 44.54 28.11
N VAL P 285 -33.61 44.48 26.90
CA VAL P 285 -33.36 45.66 26.10
C VAL P 285 -34.44 45.74 25.05
N THR P 286 -35.08 46.91 24.97
CA THR P 286 -36.21 47.14 24.08
C THR P 286 -35.77 47.90 22.85
N LEU P 287 -36.14 47.38 21.69
CA LEU P 287 -35.87 48.01 20.41
C LEU P 287 -37.11 48.80 20.00
N TRP P 288 -37.02 50.12 20.12
CA TRP P 288 -38.08 51.04 19.72
C TRP P 288 -37.70 51.73 18.42
N LYS P 289 -38.72 52.24 17.73
CA LYS P 289 -38.53 52.89 16.44
C LYS P 289 -39.65 53.86 16.18
N GLU P 290 -39.32 54.98 15.53
CA GLU P 290 -40.32 55.82 14.91
C GLU P 290 -40.88 55.11 13.70
N SER P 291 -42.20 55.13 13.57
CA SER P 291 -42.81 54.55 12.37
C SER P 291 -42.58 55.50 11.20
N VAL P 292 -43.07 55.09 10.03
CA VAL P 292 -43.06 56.02 8.91
C VAL P 292 -43.86 57.27 9.24
N ASP P 293 -44.88 57.12 10.08
CA ASP P 293 -45.56 58.26 10.67
C ASP P 293 -44.93 58.67 12.00
N GLY P 294 -43.65 58.37 12.19
CA GLY P 294 -42.98 58.67 13.44
C GLY P 294 -43.50 57.81 14.57
N GLN P 295 -43.29 58.31 15.79
CA GLN P 295 -43.87 57.76 17.01
C GLN P 295 -43.23 56.43 17.39
N TRP P 296 -42.99 56.25 18.69
CA TRP P 296 -42.11 55.21 19.19
C TRP P 296 -42.83 53.87 19.22
N ALA P 297 -42.43 52.98 18.32
CA ALA P 297 -42.95 51.62 18.27
C ALA P 297 -41.89 50.67 18.80
N CYS P 298 -42.17 50.06 19.95
CA CYS P 298 -41.28 49.04 20.48
C CYS P 298 -41.43 47.79 19.62
N ILE P 299 -40.64 47.72 18.55
CA ILE P 299 -40.80 46.62 17.59
C ILE P 299 -40.01 45.39 17.97
N SER P 300 -39.18 45.44 19.00
CA SER P 300 -38.50 44.22 19.40
C SER P 300 -38.10 44.28 20.86
N ASP P 301 -37.78 43.13 21.43
CA ASP P 301 -37.33 42.99 22.81
C ASP P 301 -36.39 41.79 22.90
N VAL P 302 -35.22 42.00 23.53
CA VAL P 302 -34.16 40.99 23.56
C VAL P 302 -33.58 40.96 24.95
N ASN P 303 -33.37 39.76 25.49
CA ASN P 303 -32.58 39.66 26.70
C ASN P 303 -31.10 39.75 26.34
N LYS P 304 -30.30 40.20 27.29
CA LYS P 304 -28.87 40.10 27.09
C LYS P 304 -28.43 38.83 27.77
N SER Q 119 -123.53 70.51 -26.19
CA SER Q 119 -123.92 71.10 -27.46
C SER Q 119 -125.41 70.96 -27.70
N PRO Q 120 -125.99 71.88 -28.47
CA PRO Q 120 -127.39 71.70 -28.86
C PRO Q 120 -127.64 70.41 -29.62
N SER Q 121 -126.62 69.87 -30.28
CA SER Q 121 -126.79 68.62 -31.03
C SER Q 121 -127.22 67.47 -30.15
N PHE Q 122 -126.67 67.37 -28.93
CA PHE Q 122 -127.06 66.27 -28.04
C PHE Q 122 -128.48 66.45 -27.49
N THR Q 123 -128.84 67.68 -27.12
CA THR Q 123 -130.21 67.94 -26.68
C THR Q 123 -131.20 67.62 -27.80
N GLU Q 124 -130.86 68.00 -29.03
CA GLU Q 124 -131.70 67.66 -30.16
C GLU Q 124 -131.74 66.15 -30.37
N ASP Q 125 -130.61 65.46 -30.17
CA ASP Q 125 -130.60 64.01 -30.31
C ASP Q 125 -131.56 63.36 -29.33
N ILE Q 126 -131.49 63.71 -28.05
CA ILE Q 126 -132.37 63.08 -27.06
C ILE Q 126 -133.82 63.47 -27.32
N THR Q 127 -134.08 64.75 -27.59
CA THR Q 127 -135.45 65.21 -27.72
C THR Q 127 -136.13 64.63 -28.96
N LEU Q 128 -135.40 64.57 -30.08
CA LEU Q 128 -135.97 63.96 -31.27
C LEU Q 128 -136.01 62.44 -31.15
N SER Q 129 -135.16 61.85 -30.30
CA SER Q 129 -135.34 60.44 -29.97
C SER Q 129 -136.68 60.22 -29.28
N ALA Q 130 -137.04 61.12 -28.36
CA ALA Q 130 -138.36 61.06 -27.74
C ALA Q 130 -139.48 61.28 -28.77
N VAL Q 131 -139.32 62.27 -29.65
CA VAL Q 131 -140.38 62.63 -30.59
C VAL Q 131 -140.41 61.65 -31.77
N MET Q 132 -139.43 60.74 -31.82
CA MET Q 132 -139.29 59.86 -32.98
C MET Q 132 -139.53 58.39 -32.63
N LEU Q 133 -139.32 58.01 -31.37
CA LEU Q 133 -139.41 56.61 -30.98
C LEU Q 133 -140.80 56.02 -31.20
N GLN Q 134 -141.83 56.87 -31.27
CA GLN Q 134 -143.18 56.39 -31.53
C GLN Q 134 -143.19 55.51 -32.77
N GLU Q 135 -142.45 55.94 -33.77
CA GLU Q 135 -142.32 55.30 -35.07
C GLU Q 135 -141.51 54.02 -34.95
N GLU Q 136 -141.31 53.36 -36.10
CA GLU Q 136 -140.55 52.12 -36.15
C GLU Q 136 -139.45 52.12 -37.19
N ASP Q 137 -139.38 53.16 -38.04
CA ASP Q 137 -138.29 53.32 -39.01
C ASP Q 137 -137.74 54.74 -38.91
N PRO Q 138 -137.12 55.09 -37.79
CA PRO Q 138 -136.51 56.42 -37.66
C PRO Q 138 -135.24 56.59 -38.46
N GLY Q 139 -134.60 55.47 -38.82
CA GLY Q 139 -133.28 55.54 -39.42
C GLY Q 139 -133.28 56.29 -40.75
N GLU Q 140 -134.24 55.96 -41.61
CA GLU Q 140 -134.30 56.64 -42.90
C GLU Q 140 -134.70 58.10 -42.73
N ALA Q 141 -135.60 58.38 -41.78
CA ALA Q 141 -135.95 59.77 -41.51
C ALA Q 141 -134.72 60.59 -41.20
N ALA Q 142 -133.88 60.09 -40.27
CA ALA Q 142 -132.62 60.76 -40.01
C ALA Q 142 -131.72 60.76 -41.24
N THR Q 143 -131.80 59.69 -42.05
CA THR Q 143 -130.96 59.61 -43.23
C THR Q 143 -131.20 60.79 -44.15
N MET Q 144 -132.47 61.02 -44.49
CA MET Q 144 -132.79 62.19 -45.30
C MET Q 144 -132.48 63.47 -44.56
N SER Q 145 -132.69 63.49 -43.24
CA SER Q 145 -132.37 64.68 -42.47
C SER Q 145 -130.90 65.07 -42.62
N MET Q 146 -130.04 64.10 -42.90
CA MET Q 146 -128.62 64.39 -43.09
C MET Q 146 -128.34 65.30 -44.28
N TYR Q 147 -128.94 65.00 -45.43
CA TYR Q 147 -128.53 65.64 -46.68
C TYR Q 147 -128.65 67.16 -46.69
N PRO Q 148 -129.69 67.78 -46.11
CA PRO Q 148 -129.70 69.25 -46.10
C PRO Q 148 -128.46 69.82 -45.43
N ASP Q 149 -127.99 69.15 -44.38
CA ASP Q 149 -126.73 69.57 -43.78
C ASP Q 149 -125.58 69.40 -44.75
N PHE Q 150 -125.57 68.31 -45.53
CA PHE Q 150 -124.56 68.14 -46.56
C PHE Q 150 -124.50 69.36 -47.45
N LEU Q 151 -125.66 69.78 -47.94
CA LEU Q 151 -125.70 70.84 -48.95
C LEU Q 151 -125.37 72.18 -48.34
N LYS Q 152 -125.87 72.45 -47.13
CA LYS Q 152 -125.50 73.68 -46.45
C LYS Q 152 -124.00 73.75 -46.26
N SER Q 153 -123.39 72.64 -45.85
CA SER Q 153 -121.94 72.62 -45.66
C SER Q 153 -121.21 72.88 -46.97
N PHE Q 154 -121.68 72.25 -48.06
CA PHE Q 154 -121.13 72.59 -49.37
C PHE Q 154 -121.23 74.08 -49.62
N LEU Q 155 -122.30 74.70 -49.13
CA LEU Q 155 -122.43 76.15 -49.23
C LEU Q 155 -121.35 76.88 -48.45
N GLU Q 156 -121.17 76.57 -47.16
CA GLU Q 156 -120.28 77.43 -46.38
C GLU Q 156 -118.81 77.18 -46.68
N HIS Q 157 -118.43 75.99 -47.11
CA HIS Q 157 -117.00 75.69 -47.24
C HIS Q 157 -116.72 75.14 -48.63
N PRO Q 158 -115.50 75.33 -49.15
CA PRO Q 158 -115.19 74.92 -50.53
C PRO Q 158 -114.98 73.42 -50.69
N SER Q 159 -114.63 73.00 -51.90
CA SER Q 159 -114.41 71.60 -52.22
C SER Q 159 -112.95 71.18 -52.07
N SER Q 160 -112.06 72.09 -51.71
CA SER Q 160 -110.71 71.75 -51.33
C SER Q 160 -110.58 71.52 -49.82
N ALA Q 161 -111.66 71.74 -49.07
CA ALA Q 161 -111.71 71.54 -47.62
C ALA Q 161 -112.38 70.22 -47.26
N VAL Q 162 -112.13 69.19 -48.08
CA VAL Q 162 -112.83 67.92 -47.92
C VAL Q 162 -112.58 67.30 -46.56
N PHE Q 163 -111.42 67.58 -45.96
CA PHE Q 163 -111.19 66.98 -44.65
C PHE Q 163 -112.10 67.57 -43.59
N GLU Q 164 -112.18 68.90 -43.48
CA GLU Q 164 -113.14 69.50 -42.56
C GLU Q 164 -114.55 69.04 -42.87
N LEU Q 165 -114.84 68.84 -44.15
CA LEU Q 165 -116.10 68.19 -44.53
C LEU Q 165 -116.22 66.83 -43.84
N ILE Q 166 -115.12 66.08 -43.78
CA ILE Q 166 -115.16 64.75 -43.18
C ILE Q 166 -115.34 64.83 -41.66
N GLU Q 167 -114.69 65.78 -41.00
CA GLU Q 167 -114.97 65.93 -39.57
C GLU Q 167 -116.42 66.32 -39.31
N GLN Q 168 -116.99 67.21 -40.12
CA GLN Q 168 -118.38 67.55 -39.89
C GLN Q 168 -119.29 66.35 -40.18
N TYR Q 169 -118.99 65.59 -41.25
CA TYR Q 169 -119.61 64.30 -41.49
C TYR Q 169 -119.63 63.47 -40.22
N GLU Q 170 -118.45 63.20 -39.67
CA GLU Q 170 -118.32 62.29 -38.57
C GLU Q 170 -119.05 62.80 -37.34
N ALA Q 171 -118.92 64.10 -37.06
CA ALA Q 171 -119.57 64.67 -35.88
C ALA Q 171 -121.08 64.55 -35.98
N THR Q 172 -121.65 64.97 -37.11
CA THR Q 172 -123.10 64.91 -37.25
C THR Q 172 -123.60 63.46 -37.24
N CYS Q 173 -122.89 62.57 -37.93
CA CYS Q 173 -123.31 61.18 -37.97
C CYS Q 173 -123.11 60.51 -36.63
N ASN Q 174 -122.19 61.04 -35.82
CA ASN Q 174 -122.06 60.60 -34.44
C ASN Q 174 -123.24 61.06 -33.60
N THR Q 175 -123.69 62.30 -33.81
CA THR Q 175 -124.89 62.76 -33.13
C THR Q 175 -126.07 61.85 -33.48
N GLN Q 176 -126.14 61.45 -34.73
CA GLN Q 176 -127.20 60.54 -35.14
C GLN Q 176 -126.98 59.13 -34.59
N ILE Q 177 -125.72 58.70 -34.50
CA ILE Q 177 -125.38 57.50 -33.75
C ILE Q 177 -126.03 57.55 -32.38
N THR Q 178 -125.80 58.65 -31.66
CA THR Q 178 -126.37 58.82 -30.33
C THR Q 178 -127.88 58.78 -30.37
N LEU Q 179 -128.46 59.40 -31.41
CA LEU Q 179 -129.91 59.38 -31.57
C LEU Q 179 -130.43 57.95 -31.62
N LEU Q 180 -129.80 57.10 -32.44
CA LEU Q 180 -130.25 55.72 -32.53
C LEU Q 180 -129.97 54.94 -31.25
N LYS Q 181 -128.85 55.25 -30.58
CA LYS Q 181 -128.63 54.66 -29.27
C LYS Q 181 -129.78 54.97 -28.33
N LYS Q 182 -130.20 56.23 -28.31
CA LYS Q 182 -131.27 56.65 -27.43
C LYS Q 182 -132.56 55.93 -27.78
N ILE Q 183 -132.86 55.81 -29.06
CA ILE Q 183 -134.03 55.06 -29.48
C ILE Q 183 -133.95 53.63 -28.96
N VAL Q 184 -132.85 52.94 -29.26
CA VAL Q 184 -132.74 51.52 -28.98
C VAL Q 184 -132.80 51.27 -27.48
N LYS Q 185 -132.20 52.14 -26.69
CA LYS Q 185 -132.25 51.98 -25.24
C LYS Q 185 -133.63 52.32 -24.69
N ARG Q 186 -134.31 53.29 -25.28
CA ARG Q 186 -135.67 53.59 -24.85
C ARG Q 186 -136.66 52.53 -25.29
N VAL Q 187 -136.24 51.60 -26.15
CA VAL Q 187 -137.05 50.44 -26.45
C VAL Q 187 -137.22 49.58 -25.20
N THR Q 188 -138.46 49.16 -24.95
CA THR Q 188 -138.73 48.27 -23.84
C THR Q 188 -138.20 46.87 -24.14
N PRO Q 189 -138.00 46.05 -23.12
CA PRO Q 189 -137.58 44.66 -23.37
C PRO Q 189 -138.66 43.86 -24.07
N GLY Q 190 -138.22 42.87 -24.83
CA GLY Q 190 -139.14 42.00 -25.55
C GLY Q 190 -139.65 42.58 -26.85
N GLN Q 191 -138.87 43.44 -27.48
CA GLN Q 191 -139.22 44.03 -28.76
C GLN Q 191 -138.00 44.08 -29.66
N GLN Q 192 -137.93 43.16 -30.61
CA GLN Q 192 -136.90 43.17 -31.64
C GLN Q 192 -137.32 43.98 -32.86
N LYS Q 193 -138.45 44.66 -32.79
CA LYS Q 193 -138.83 45.59 -33.85
C LYS Q 193 -137.76 46.66 -34.03
N PHE Q 194 -137.14 47.07 -32.94
CA PHE Q 194 -136.00 47.98 -32.99
C PHE Q 194 -134.67 47.25 -32.95
N SER Q 195 -134.68 45.90 -32.96
CA SER Q 195 -133.44 45.19 -33.21
C SER Q 195 -132.91 45.54 -34.59
N LYS Q 196 -133.80 45.75 -35.55
CA LYS Q 196 -133.39 46.25 -36.85
C LYS Q 196 -132.77 47.64 -36.73
N THR Q 197 -133.37 48.49 -35.90
CA THR Q 197 -132.81 49.83 -35.69
C THR Q 197 -131.41 49.75 -35.11
N ALA Q 198 -131.22 48.86 -34.13
CA ALA Q 198 -129.90 48.67 -33.54
C ALA Q 198 -128.90 48.12 -34.56
N SER Q 199 -129.35 47.20 -35.41
CA SER Q 199 -128.46 46.64 -36.44
C SER Q 199 -128.05 47.71 -37.45
N ILE Q 200 -129.00 48.55 -37.85
CA ILE Q 200 -128.67 49.65 -38.74
C ILE Q 200 -127.72 50.63 -38.06
N LEU Q 201 -127.94 50.84 -36.76
CA LEU Q 201 -127.06 51.68 -35.96
C LEU Q 201 -125.65 51.11 -35.94
N TRP Q 202 -125.57 49.79 -35.83
CA TRP Q 202 -124.30 49.06 -35.96
C TRP Q 202 -123.63 49.33 -37.30
N LEU Q 203 -124.37 49.15 -38.38
CA LEU Q 203 -123.82 49.41 -39.71
C LEU Q 203 -123.38 50.87 -39.82
N LEU Q 204 -124.08 51.74 -39.12
CA LEU Q 204 -123.73 53.15 -39.01
C LEU Q 204 -122.38 53.35 -38.35
N GLN Q 205 -122.13 52.66 -37.25
CA GLN Q 205 -120.81 52.75 -36.63
C GLN Q 205 -119.74 52.18 -37.56
N GLN Q 206 -120.07 51.13 -38.31
CA GLN Q 206 -119.12 50.56 -39.25
C GLN Q 206 -118.75 51.56 -40.34
N GLU Q 207 -119.75 52.26 -40.88
CA GLU Q 207 -119.45 53.26 -41.89
C GLU Q 207 -118.68 54.43 -41.29
N MET Q 208 -118.97 54.76 -40.03
CA MET Q 208 -118.20 55.80 -39.35
C MET Q 208 -116.71 55.44 -39.27
N VAL Q 209 -116.41 54.24 -38.78
CA VAL Q 209 -115.02 53.84 -38.69
C VAL Q 209 -114.41 53.77 -40.07
N THR Q 210 -115.21 53.46 -41.09
CA THR Q 210 -114.71 53.55 -42.46
C THR Q 210 -114.32 55.00 -42.79
N TRP Q 211 -115.14 55.97 -42.37
CA TRP Q 211 -114.77 57.38 -42.55
C TRP Q 211 -113.42 57.67 -41.92
N ARG Q 212 -113.26 57.31 -40.65
CA ARG Q 212 -111.99 57.55 -39.98
C ARG Q 212 -110.85 56.94 -40.78
N LEU Q 213 -111.02 55.68 -41.17
CA LEU Q 213 -109.96 54.93 -41.84
C LEU Q 213 -109.52 55.62 -43.12
N ILE Q 214 -110.48 55.92 -43.99
CA ILE Q 214 -110.11 56.49 -45.29
C ILE Q 214 -109.54 57.89 -45.10
N ALA Q 215 -110.17 58.70 -44.25
CA ALA Q 215 -109.73 60.08 -44.09
C ALA Q 215 -108.27 60.13 -43.65
N ALA Q 216 -107.94 59.40 -42.59
CA ALA Q 216 -106.55 59.39 -42.13
C ALA Q 216 -105.63 58.78 -43.17
N LEU Q 217 -106.06 57.68 -43.81
CA LEU Q 217 -105.21 56.97 -44.74
C LEU Q 217 -104.78 57.91 -45.86
N TYR Q 218 -105.72 58.66 -46.39
CA TYR Q 218 -105.39 59.44 -47.56
C TYR Q 218 -104.89 60.82 -47.20
N ARG Q 219 -105.09 61.30 -45.97
CA ARG Q 219 -104.33 62.45 -45.55
C ARG Q 219 -102.86 62.09 -45.43
N ASP Q 220 -102.56 60.89 -44.94
CA ASP Q 220 -101.19 60.42 -44.94
C ASP Q 220 -100.69 60.27 -46.37
N ARG Q 221 -101.56 59.78 -47.26
CA ARG Q 221 -101.18 59.68 -48.66
C ARG Q 221 -100.83 61.05 -49.24
N ILE Q 222 -101.62 62.07 -48.90
CA ILE Q 222 -101.34 63.41 -49.39
C ILE Q 222 -100.03 63.92 -48.84
N GLN Q 223 -99.78 63.71 -47.55
CA GLN Q 223 -98.52 64.17 -46.98
C GLN Q 223 -97.34 63.47 -47.65
N SER Q 224 -97.48 62.17 -47.92
CA SER Q 224 -96.43 61.46 -48.64
C SER Q 224 -96.23 62.04 -50.03
N ALA Q 225 -97.32 62.29 -50.75
CA ALA Q 225 -97.20 62.85 -52.09
C ALA Q 225 -96.53 64.22 -52.05
N LEU Q 226 -96.82 65.00 -51.01
CA LEU Q 226 -96.14 66.28 -50.81
C LEU Q 226 -94.66 66.09 -50.57
N GLU Q 227 -94.28 65.07 -49.81
CA GLU Q 227 -92.92 64.93 -49.32
C GLU Q 227 -92.14 63.81 -49.99
N GLU Q 228 -92.53 63.40 -51.21
CA GLU Q 228 -91.96 62.22 -51.85
C GLU Q 228 -90.44 62.23 -51.99
N GLU Q 229 -89.82 63.39 -52.14
CA GLU Q 229 -88.46 63.47 -52.68
C GLU Q 229 -87.35 63.42 -51.62
N ASN Q 230 -87.67 63.13 -50.36
CA ASN Q 230 -86.63 63.09 -49.33
C ASN Q 230 -86.72 61.88 -48.39
N MET Q 231 -87.16 60.72 -48.87
CA MET Q 231 -87.35 59.57 -47.99
C MET Q 231 -86.03 58.92 -47.62
N PHE Q 232 -85.98 58.40 -46.38
CA PHE Q 232 -84.96 57.49 -45.88
C PHE Q 232 -83.63 58.18 -45.63
N GLU Q 233 -82.86 57.64 -44.68
CA GLU Q 233 -81.72 58.33 -44.10
C GLU Q 233 -80.59 57.35 -43.78
N ILE Q 234 -79.53 57.88 -43.17
CA ILE Q 234 -78.38 57.11 -42.72
C ILE Q 234 -77.61 57.92 -41.70
N ALA Q 235 -77.04 57.23 -40.70
CA ALA Q 235 -76.28 57.87 -39.64
C ALA Q 235 -75.55 56.81 -38.83
N ALA Q 236 -74.85 57.26 -37.79
CA ALA Q 236 -74.14 56.42 -36.85
C ALA Q 236 -74.42 56.91 -35.44
N PRO Q 237 -74.37 56.02 -34.44
CA PRO Q 237 -74.66 56.43 -33.07
C PRO Q 237 -73.71 57.51 -32.57
N ASN Q 238 -74.28 58.64 -32.16
CA ASN Q 238 -73.48 59.77 -31.69
C ASN Q 238 -74.08 60.40 -30.43
N ALA Q 239 -75.31 60.03 -30.09
CA ALA Q 239 -76.01 60.66 -28.98
C ALA Q 239 -77.01 59.66 -28.43
N SER Q 240 -77.94 60.14 -27.61
CA SER Q 240 -78.89 59.27 -26.92
C SER Q 240 -79.76 58.51 -27.91
N GLU Q 241 -80.19 57.32 -27.51
CA GLU Q 241 -80.83 56.39 -28.45
C GLU Q 241 -82.17 56.91 -28.92
N LYS Q 242 -82.71 57.92 -28.25
CA LYS Q 242 -83.95 58.53 -28.73
C LYS Q 242 -83.70 59.20 -30.08
N THR Q 243 -82.46 59.58 -30.36
CA THR Q 243 -82.08 59.95 -31.71
C THR Q 243 -82.33 58.80 -32.67
N ILE Q 244 -81.85 57.61 -32.33
CA ILE Q 244 -82.16 56.44 -33.14
C ILE Q 244 -83.66 56.36 -33.34
N VAL Q 245 -84.41 56.50 -32.26
CA VAL Q 245 -85.84 56.25 -32.27
C VAL Q 245 -86.57 57.20 -33.22
N ASP Q 246 -86.34 58.50 -33.07
CA ASP Q 246 -87.11 59.44 -33.87
C ASP Q 246 -86.65 59.43 -35.33
N LYS Q 247 -85.37 59.14 -35.57
CA LYS Q 247 -84.96 58.85 -36.94
C LYS Q 247 -85.79 57.73 -37.52
N LEU Q 248 -85.88 56.62 -36.79
CA LEU Q 248 -86.57 55.45 -37.31
C LEU Q 248 -88.02 55.79 -37.58
N PHE Q 249 -88.64 56.56 -36.68
CA PHE Q 249 -90.03 56.95 -36.88
C PHE Q 249 -90.19 57.79 -38.15
N GLN Q 250 -89.26 58.70 -38.40
CA GLN Q 250 -89.42 59.59 -39.54
C GLN Q 250 -89.14 58.91 -40.87
N ARG Q 251 -88.21 57.95 -40.90
CA ARG Q 251 -87.63 57.60 -42.20
C ARG Q 251 -88.58 56.81 -43.11
N ASP Q 252 -89.31 55.83 -42.60
CA ASP Q 252 -90.03 54.88 -43.45
C ASP Q 252 -91.51 55.22 -43.57
N THR Q 253 -92.08 54.87 -44.72
CA THR Q 253 -93.51 55.05 -44.94
C THR Q 253 -94.31 53.90 -44.36
N LEU Q 254 -93.98 52.67 -44.75
CA LEU Q 254 -94.82 51.52 -44.45
C LEU Q 254 -95.17 51.47 -42.97
N VAL Q 255 -94.16 51.58 -42.12
CA VAL Q 255 -94.40 51.62 -40.68
C VAL Q 255 -95.20 52.85 -40.31
N ARG Q 256 -95.08 53.93 -41.09
CA ARG Q 256 -95.85 55.12 -40.77
C ARG Q 256 -97.34 54.88 -40.91
N GLN Q 257 -97.76 54.33 -42.06
CA GLN Q 257 -99.20 54.07 -42.19
C GLN Q 257 -99.64 52.97 -41.24
N SER Q 258 -98.74 52.04 -40.93
CA SER Q 258 -99.07 51.05 -39.91
C SER Q 258 -99.35 51.72 -38.58
N GLN Q 259 -98.52 52.70 -38.21
CA GLN Q 259 -98.73 53.46 -36.98
C GLN Q 259 -100.06 54.19 -37.03
N LEU Q 260 -100.39 54.78 -38.17
CA LEU Q 260 -101.65 55.52 -38.27
C LEU Q 260 -102.87 54.60 -38.14
N VAL Q 261 -102.83 53.42 -38.77
CA VAL Q 261 -103.98 52.53 -38.67
C VAL Q 261 -104.10 51.98 -37.26
N VAL Q 262 -102.97 51.76 -36.59
CA VAL Q 262 -103.01 51.37 -35.18
C VAL Q 262 -103.65 52.48 -34.35
N ASP Q 263 -103.26 53.73 -34.61
CA ASP Q 263 -103.86 54.87 -33.92
C ASP Q 263 -105.37 54.90 -34.14
N TRP Q 264 -105.79 54.63 -35.37
CA TRP Q 264 -107.20 54.41 -35.67
C TRP Q 264 -107.83 53.42 -34.70
N LEU Q 265 -107.35 52.18 -34.73
CA LEU Q 265 -108.03 51.14 -33.96
C LEU Q 265 -108.04 51.46 -32.48
N GLU Q 266 -106.97 52.02 -31.97
CA GLU Q 266 -106.91 52.22 -30.53
C GLU Q 266 -107.60 53.52 -30.13
N SER Q 267 -107.77 54.45 -31.07
CA SER Q 267 -108.69 55.55 -30.85
C SER Q 267 -110.10 55.01 -30.70
N ILE Q 268 -110.45 54.03 -31.54
CA ILE Q 268 -111.71 53.33 -31.37
C ILE Q 268 -111.78 52.76 -29.96
N ALA Q 269 -110.71 52.09 -29.54
CA ALA Q 269 -110.69 51.46 -28.24
C ALA Q 269 -110.91 52.47 -27.12
N LYS Q 270 -110.21 53.60 -27.15
CA LYS Q 270 -110.29 54.56 -26.06
C LYS Q 270 -111.64 55.28 -26.07
N ASP Q 271 -112.22 55.49 -27.24
CA ASP Q 271 -113.58 55.99 -27.29
C ASP Q 271 -114.55 55.01 -26.63
N GLU Q 272 -114.33 53.72 -26.85
CA GLU Q 272 -115.10 52.72 -26.12
C GLU Q 272 -114.85 52.80 -24.62
N VAL Q 273 -113.59 53.10 -24.24
CA VAL Q 273 -113.23 53.14 -22.83
C VAL Q 273 -113.96 54.27 -22.12
N GLY Q 274 -113.60 55.50 -22.45
CA GLY Q 274 -114.18 56.63 -21.73
C GLY Q 274 -113.85 56.61 -20.25
N ASP Q 275 -114.90 56.60 -19.42
CA ASP Q 275 -114.81 56.86 -17.99
C ASP Q 275 -114.66 55.58 -17.15
N PHE Q 276 -113.99 54.55 -17.67
CA PHE Q 276 -113.77 53.34 -16.89
C PHE Q 276 -113.09 53.67 -15.58
N SER Q 277 -112.37 54.79 -15.53
CA SER Q 277 -111.87 55.31 -14.27
C SER Q 277 -112.98 55.43 -13.24
N ASP Q 278 -113.95 56.32 -13.46
CA ASP Q 278 -115.02 56.49 -12.48
C ASP Q 278 -115.85 55.23 -12.32
N ASN Q 279 -115.92 54.39 -13.35
CA ASN Q 279 -116.70 53.16 -13.20
C ASN Q 279 -116.04 52.12 -12.31
N ILE Q 280 -114.70 52.05 -12.27
CA ILE Q 280 -114.07 51.12 -11.35
C ILE Q 280 -114.22 51.57 -9.91
N GLU Q 281 -114.74 52.79 -9.67
CA GLU Q 281 -114.99 53.23 -8.31
C GLU Q 281 -115.74 52.17 -7.51
N TYR Q 282 -116.37 51.24 -8.22
CA TYR Q 282 -117.26 50.28 -7.60
C TYR Q 282 -116.83 48.83 -7.89
N TYR Q 283 -115.58 48.62 -8.26
CA TYR Q 283 -115.02 47.29 -8.43
C TYR Q 283 -114.01 46.93 -7.37
N ALA Q 284 -113.84 47.75 -6.34
CA ALA Q 284 -112.58 47.84 -5.61
C ALA Q 284 -112.49 46.86 -4.45
N LYS Q 285 -111.34 46.21 -4.34
CA LYS Q 285 -110.91 45.51 -3.14
C LYS Q 285 -109.42 45.72 -2.99
N SER Q 286 -108.99 46.05 -1.77
CA SER Q 286 -107.57 46.33 -1.57
C SER Q 286 -106.97 45.49 -0.45
N VAL Q 287 -107.40 44.24 -0.32
CA VAL Q 287 -106.80 43.34 0.65
C VAL Q 287 -106.16 42.17 -0.10
N TYR Q 288 -104.87 41.97 0.10
CA TYR Q 288 -104.08 41.04 -0.69
C TYR Q 288 -104.37 39.61 -0.24
N TRP Q 289 -105.03 38.84 -1.09
CA TRP Q 289 -105.31 37.42 -0.86
C TRP Q 289 -106.05 37.24 0.46
N GLU Q 290 -107.08 38.07 0.63
CA GLU Q 290 -107.71 38.23 1.94
C GLU Q 290 -108.16 36.90 2.51
N ASN Q 291 -108.60 35.98 1.65
CA ASN Q 291 -109.10 34.71 2.16
C ASN Q 291 -107.97 33.89 2.75
N THR Q 292 -106.86 33.77 2.02
CA THR Q 292 -105.68 33.09 2.54
C THR Q 292 -105.16 33.77 3.78
N LEU Q 293 -105.15 35.10 3.76
CA LEU Q 293 -104.87 35.88 4.96
C LEU Q 293 -105.66 35.38 6.16
N HIS Q 294 -106.97 35.46 6.07
CA HIS Q 294 -107.80 35.17 7.24
C HIS Q 294 -107.69 33.71 7.65
N THR Q 295 -107.55 32.81 6.69
CA THR Q 295 -107.52 31.39 7.05
C THR Q 295 -106.19 30.99 7.69
N LEU Q 296 -105.07 31.52 7.19
CA LEU Q 296 -103.83 31.27 7.90
C LEU Q 296 -103.82 31.97 9.25
N LYS Q 297 -104.47 33.13 9.34
CA LYS Q 297 -104.65 33.77 10.63
C LYS Q 297 -105.38 32.86 11.60
N GLN Q 298 -106.47 32.23 11.15
CA GLN Q 298 -107.23 31.39 12.07
C GLN Q 298 -106.48 30.10 12.39
N ARG Q 299 -105.71 29.57 11.43
CA ARG Q 299 -104.85 28.44 11.75
C ARG Q 299 -103.87 28.80 12.85
N SER Q 300 -103.27 29.98 12.78
CA SER Q 300 -102.37 30.43 13.85
C SER Q 300 -103.13 30.88 15.09
N MET Q 301 -104.44 31.09 14.98
CA MET Q 301 -105.20 31.89 15.92
C MET Q 301 -106.12 31.06 16.82
N LEU Q 302 -106.48 29.86 16.40
CA LEU Q 302 -107.55 29.08 17.01
C LEU Q 302 -107.02 27.85 17.72
N SER Q 303 -107.95 27.10 18.32
CA SER Q 303 -107.64 25.73 18.74
C SER Q 303 -107.37 24.85 17.52
N LEU Q 304 -108.19 24.97 16.48
CA LEU Q 304 -108.07 24.16 15.28
C LEU Q 304 -107.63 25.02 14.09
N GLY Q 305 -106.67 24.50 13.35
CA GLY Q 305 -106.24 25.13 12.11
C GLY Q 305 -107.07 24.66 10.94
N SER Q 306 -106.39 24.38 9.84
CA SER Q 306 -107.03 23.88 8.64
C SER Q 306 -106.17 22.78 8.04
N SER Q 307 -106.81 21.86 7.33
CA SER Q 307 -106.12 20.79 6.62
C SER Q 307 -105.77 21.21 5.20
N ARG Q 308 -105.71 22.51 4.96
CA ARG Q 308 -105.66 23.02 3.60
C ARG Q 308 -104.33 23.70 3.33
N PRO Q 309 -103.65 23.31 2.24
CA PRO Q 309 -102.33 23.89 1.96
C PRO Q 309 -102.41 25.29 1.39
N LEU Q 310 -101.56 26.18 1.89
CA LEU Q 310 -101.49 27.54 1.38
C LEU Q 310 -100.06 28.03 1.42
N VAL Q 311 -99.82 29.10 0.66
CA VAL Q 311 -98.50 29.73 0.64
C VAL Q 311 -98.20 30.33 2.00
N SER Q 312 -96.93 30.35 2.35
CA SER Q 312 -96.44 31.19 3.42
C SER Q 312 -95.96 32.53 2.91
N GLU Q 313 -96.10 32.76 1.61
CA GLU Q 313 -95.49 33.92 0.95
C GLU Q 313 -96.54 34.66 0.14
N LEU Q 314 -96.39 35.98 0.10
CA LEU Q 314 -97.29 36.85 -0.65
C LEU Q 314 -96.81 37.04 -2.08
N ASP Q 315 -95.75 36.32 -2.44
CA ASP Q 315 -95.06 36.60 -3.69
C ASP Q 315 -96.00 36.44 -4.87
N PRO Q 316 -95.89 37.30 -5.88
CA PRO Q 316 -96.68 37.10 -7.10
C PRO Q 316 -96.44 35.74 -7.72
N ASP Q 317 -95.28 35.14 -7.46
CA ASP Q 317 -95.02 33.76 -7.84
C ASP Q 317 -94.97 32.83 -6.65
N ALA Q 318 -95.43 33.26 -5.48
CA ALA Q 318 -95.44 32.37 -4.31
C ALA Q 318 -96.15 31.06 -4.56
N PRO Q 319 -97.38 31.01 -5.07
CA PRO Q 319 -98.00 29.70 -5.28
C PRO Q 319 -97.26 28.85 -6.28
N ILE Q 320 -97.13 29.29 -7.53
CA ILE Q 320 -96.61 28.42 -8.58
C ILE Q 320 -95.16 28.06 -8.31
N ARG Q 321 -94.39 28.99 -7.75
CA ARG Q 321 -93.05 28.64 -7.30
C ARG Q 321 -93.12 27.58 -6.20
N GLN Q 322 -94.06 27.75 -5.27
CA GLN Q 322 -94.27 26.80 -4.20
C GLN Q 322 -95.26 25.71 -4.56
N LYS Q 323 -95.94 25.85 -5.70
CA LYS Q 323 -96.96 24.91 -6.16
C LYS Q 323 -98.13 24.91 -5.18
N LEU Q 324 -98.11 25.82 -4.23
CA LEU Q 324 -99.11 25.83 -3.18
C LEU Q 324 -100.42 26.43 -3.69
N PRO Q 325 -101.57 26.00 -3.18
CA PRO Q 325 -102.85 26.53 -3.66
C PRO Q 325 -103.10 27.94 -3.15
N LEU Q 326 -104.06 28.59 -3.80
CA LEU Q 326 -104.64 29.85 -3.35
C LEU Q 326 -106.16 29.77 -3.41
N ASP Q 327 -106.80 30.71 -2.72
CA ASP Q 327 -108.24 30.66 -2.56
C ASP Q 327 -108.96 31.17 -3.80
N ASP Q 328 -110.15 30.62 -4.02
CA ASP Q 328 -110.90 30.91 -5.24
C ASP Q 328 -111.34 32.35 -5.30
N LEU Q 329 -111.86 32.90 -4.20
CA LEU Q 329 -112.27 34.30 -4.22
C LEU Q 329 -111.07 35.20 -4.50
N ASP Q 330 -109.95 34.93 -3.85
CA ASP Q 330 -108.70 35.62 -4.17
C ASP Q 330 -108.44 35.59 -5.67
N ARG Q 331 -108.25 34.39 -6.22
CA ARG Q 331 -107.82 34.26 -7.61
C ARG Q 331 -108.85 34.82 -8.58
N GLU Q 332 -110.12 34.87 -8.18
CA GLU Q 332 -111.14 35.24 -9.15
C GLU Q 332 -111.41 36.73 -9.16
N ASP Q 333 -111.35 37.38 -8.00
CA ASP Q 333 -111.25 38.84 -8.06
C ASP Q 333 -109.98 39.25 -8.78
N ASP Q 334 -108.94 38.41 -8.68
CA ASP Q 334 -107.77 38.62 -9.51
C ASP Q 334 -108.14 38.60 -10.98
N ILE Q 335 -108.78 37.52 -11.43
CA ILE Q 335 -109.17 37.39 -12.82
C ILE Q 335 -110.04 38.57 -13.25
N ARG Q 336 -110.87 39.06 -12.33
CA ARG Q 336 -111.73 40.20 -12.63
C ARG Q 336 -110.90 41.45 -12.92
N LEU Q 337 -109.94 41.76 -12.04
CA LEU Q 337 -109.06 42.88 -12.32
C LEU Q 337 -108.22 42.59 -13.56
N LEU Q 338 -108.03 41.32 -13.87
CA LEU Q 338 -107.33 40.94 -15.09
C LEU Q 338 -108.12 41.31 -16.32
N LYS Q 339 -109.43 41.06 -16.31
CA LYS Q 339 -110.27 41.65 -17.34
C LYS Q 339 -110.08 43.16 -17.40
N TYR Q 340 -110.21 43.83 -16.26
CA TYR Q 340 -110.13 45.29 -16.27
C TYR Q 340 -108.87 45.75 -16.99
N LEU Q 341 -107.71 45.38 -16.46
CA LEU Q 341 -106.46 45.95 -16.95
C LEU Q 341 -106.05 45.31 -18.27
N PHE Q 342 -106.34 44.03 -18.45
CA PHE Q 342 -106.16 43.36 -19.73
C PHE Q 342 -106.82 44.14 -20.85
N THR Q 343 -108.09 44.49 -20.67
CA THR Q 343 -108.76 45.33 -21.64
C THR Q 343 -108.10 46.69 -21.73
N LEU Q 344 -107.77 47.26 -20.58
CA LEU Q 344 -107.19 48.61 -20.55
C LEU Q 344 -105.91 48.67 -21.36
N ILE Q 345 -105.21 47.55 -21.48
CA ILE Q 345 -103.92 47.59 -22.14
C ILE Q 345 -103.97 47.00 -23.54
N ARG Q 346 -104.93 46.09 -23.78
CA ARG Q 346 -105.28 45.80 -25.16
C ARG Q 346 -105.67 47.09 -25.86
N ALA Q 347 -106.23 48.03 -25.11
CA ALA Q 347 -106.40 49.41 -25.55
C ALA Q 347 -105.18 50.27 -25.26
N GLY Q 348 -104.27 49.82 -24.42
CA GLY Q 348 -103.13 50.62 -24.00
C GLY Q 348 -103.45 51.76 -23.06
N MET Q 349 -104.55 51.68 -22.31
CA MET Q 349 -105.02 52.80 -21.50
C MET Q 349 -104.15 52.89 -20.23
N THR Q 350 -102.97 53.48 -20.42
CA THR Q 350 -101.89 53.29 -19.47
C THR Q 350 -102.06 54.12 -18.21
N ASP Q 351 -102.58 55.35 -18.33
CA ASP Q 351 -102.85 56.13 -17.13
C ASP Q 351 -103.79 55.39 -16.20
N GLU Q 352 -104.89 54.88 -16.75
CA GLU Q 352 -105.79 54.03 -15.98
C GLU Q 352 -105.08 52.76 -15.54
N ALA Q 353 -104.05 52.33 -16.28
CA ALA Q 353 -103.31 51.15 -15.88
C ALA Q 353 -102.60 51.38 -14.55
N GLN Q 354 -101.82 52.45 -14.45
CA GLN Q 354 -101.16 52.70 -13.17
C GLN Q 354 -102.19 53.06 -12.11
N ARG Q 355 -103.30 53.67 -12.53
CA ARG Q 355 -104.41 53.91 -11.62
C ARG Q 355 -104.83 52.61 -10.93
N LEU Q 356 -105.10 51.57 -11.72
CA LEU Q 356 -105.58 50.31 -11.17
C LEU Q 356 -104.49 49.61 -10.37
N CYS Q 357 -103.25 49.71 -10.83
CA CYS Q 357 -102.15 49.15 -10.07
C CYS Q 357 -102.12 49.72 -8.67
N LYS Q 358 -102.23 51.05 -8.56
CA LYS Q 358 -102.11 51.70 -7.26
C LYS Q 358 -103.42 51.67 -6.48
N ARG Q 359 -104.53 51.33 -7.14
CA ARG Q 359 -105.68 50.82 -6.41
C ARG Q 359 -105.37 49.53 -5.67
N CYS Q 360 -105.06 48.47 -6.42
CA CYS Q 360 -105.10 47.13 -5.84
C CYS Q 360 -103.77 46.71 -5.25
N GLY Q 361 -102.77 47.57 -5.27
CA GLY Q 361 -101.52 47.25 -4.59
C GLY Q 361 -100.64 46.28 -5.33
N GLN Q 362 -100.75 46.20 -6.66
CA GLN Q 362 -99.81 45.42 -7.46
C GLN Q 362 -98.67 46.26 -7.97
N ALA Q 363 -98.24 47.25 -7.18
CA ALA Q 363 -97.08 48.06 -7.55
C ALA Q 363 -95.94 47.21 -8.07
N TRP Q 364 -95.81 45.98 -7.57
CA TRP Q 364 -94.93 45.02 -8.23
C TRP Q 364 -95.30 44.85 -9.69
N ARG Q 365 -96.58 44.62 -9.98
CA ARG Q 365 -97.00 44.39 -11.36
C ARG Q 365 -96.82 45.65 -12.19
N ALA Q 366 -97.12 46.82 -11.62
CA ALA Q 366 -96.87 48.06 -12.30
C ALA Q 366 -95.40 48.22 -12.62
N ALA Q 367 -94.54 47.78 -11.70
CA ALA Q 367 -93.11 47.71 -11.99
C ALA Q 367 -92.86 46.77 -13.16
N THR Q 368 -93.47 45.58 -13.14
CA THR Q 368 -93.29 44.63 -14.24
C THR Q 368 -93.70 45.25 -15.57
N LEU Q 369 -94.61 46.22 -15.53
CA LEU Q 369 -95.08 46.88 -16.74
C LEU Q 369 -93.98 47.66 -17.45
N GLU Q 370 -92.88 47.97 -16.78
CA GLU Q 370 -91.93 48.97 -17.23
C GLU Q 370 -90.71 48.37 -17.91
N GLY Q 371 -90.65 47.04 -18.05
CA GLY Q 371 -89.45 46.36 -18.51
C GLY Q 371 -89.07 46.64 -19.94
N TRP Q 372 -90.03 47.16 -20.72
CA TRP Q 372 -89.83 47.40 -22.14
C TRP Q 372 -89.61 48.86 -22.49
N LYS Q 373 -90.15 49.80 -21.72
CA LYS Q 373 -90.01 51.21 -22.06
C LYS Q 373 -88.57 51.67 -21.88
N LEU Q 374 -88.01 52.24 -22.95
CA LEU Q 374 -86.57 52.47 -23.08
C LEU Q 374 -86.08 53.56 -22.13
N TYR Q 375 -84.81 53.94 -22.30
CA TYR Q 375 -84.12 54.80 -21.37
C TYR Q 375 -83.58 56.03 -22.07
N HIS Q 376 -83.50 57.15 -21.35
CA HIS Q 376 -82.96 58.37 -21.92
C HIS Q 376 -82.56 59.30 -20.79
N ASP Q 377 -81.78 60.32 -21.16
CA ASP Q 377 -81.65 61.55 -20.38
C ASP Q 377 -80.95 62.59 -21.24
N ALA Q 378 -81.33 63.86 -21.07
CA ALA Q 378 -80.74 64.95 -21.83
C ALA Q 378 -80.26 66.08 -20.93
N ASN Q 379 -80.02 65.79 -19.66
CA ASN Q 379 -79.58 66.83 -18.73
C ASN Q 379 -78.12 67.14 -19.01
N ILE Q 380 -77.85 67.63 -20.21
CA ILE Q 380 -76.53 68.08 -20.60
C ILE Q 380 -76.55 69.60 -20.53
N ASN Q 381 -77.51 70.12 -19.79
CA ASN Q 381 -77.86 71.54 -19.83
C ASN Q 381 -78.31 72.03 -18.47
N GLY Q 382 -78.06 73.31 -18.20
CA GLY Q 382 -78.56 73.94 -16.99
C GLY Q 382 -78.05 73.25 -15.74
N GLY Q 383 -78.84 73.35 -14.68
CA GLY Q 383 -78.54 72.63 -13.46
C GLY Q 383 -78.86 71.14 -13.60
N THR Q 384 -78.60 70.42 -12.52
CA THR Q 384 -78.95 69.01 -12.46
C THR Q 384 -80.46 68.91 -12.41
N GLU Q 385 -81.08 68.67 -13.57
CA GLU Q 385 -82.52 68.71 -13.73
C GLU Q 385 -82.97 67.49 -14.54
N LEU Q 386 -84.20 67.09 -14.30
CA LEU Q 386 -84.72 65.85 -14.89
C LEU Q 386 -85.07 66.08 -16.36
N GLN Q 387 -84.35 65.42 -17.24
CA GLN Q 387 -84.76 65.27 -18.63
C GLN Q 387 -85.33 63.89 -18.90
N ALA Q 388 -84.72 62.83 -18.33
CA ALA Q 388 -85.29 61.49 -18.35
C ALA Q 388 -84.52 60.58 -17.41
N VAL Q 389 -85.22 59.72 -16.68
CA VAL Q 389 -84.60 58.79 -15.74
C VAL Q 389 -85.22 57.42 -15.98
N GLU Q 390 -85.91 57.29 -17.11
CA GLU Q 390 -86.90 56.25 -17.27
C GLU Q 390 -86.25 54.88 -17.50
N GLY Q 391 -86.35 54.03 -16.47
CA GLY Q 391 -86.09 52.61 -16.56
C GLY Q 391 -84.65 52.11 -16.55
N ASN Q 392 -84.50 50.88 -17.03
CA ASN Q 392 -83.28 50.10 -17.03
C ASN Q 392 -82.91 49.76 -18.46
N PRO Q 393 -81.72 50.13 -18.90
CA PRO Q 393 -81.36 49.94 -20.32
C PRO Q 393 -81.12 48.50 -20.71
N TYR Q 394 -81.57 47.56 -19.89
CA TYR Q 394 -81.37 46.13 -20.11
C TYR Q 394 -82.52 45.55 -20.92
N ARG Q 395 -83.12 46.36 -21.78
CA ARG Q 395 -84.45 46.03 -22.26
C ARG Q 395 -84.42 45.15 -23.49
N CYS Q 396 -83.44 45.35 -24.38
CA CYS Q 396 -83.34 44.45 -25.53
C CYS Q 396 -83.21 43.01 -25.05
N VAL Q 397 -82.25 42.76 -24.18
CA VAL Q 397 -82.08 41.44 -23.61
C VAL Q 397 -83.28 41.08 -22.75
N TRP Q 398 -83.97 42.07 -22.20
CA TRP Q 398 -85.11 41.75 -21.32
C TRP Q 398 -86.29 41.25 -22.15
N LYS Q 399 -86.54 41.87 -23.30
CA LYS Q 399 -87.50 41.30 -24.23
C LYS Q 399 -87.06 39.93 -24.73
N THR Q 400 -85.76 39.73 -24.92
CA THR Q 400 -85.31 38.38 -25.28
C THR Q 400 -85.67 37.39 -24.18
N CYS Q 401 -85.51 37.82 -22.93
CA CYS Q 401 -85.86 36.99 -21.79
C CYS Q 401 -87.34 36.68 -21.79
N CYS Q 402 -88.17 37.68 -22.05
CA CYS Q 402 -89.61 37.44 -22.17
C CYS Q 402 -89.91 36.50 -23.33
N TRP Q 403 -89.16 36.64 -24.42
CA TRP Q 403 -89.28 35.73 -25.56
C TRP Q 403 -89.12 34.29 -25.12
N ARG Q 404 -88.10 34.04 -24.29
CA ARG Q 404 -87.84 32.67 -23.88
C ARG Q 404 -88.82 32.22 -22.80
N MET Q 405 -89.27 33.15 -21.96
CA MET Q 405 -90.36 32.83 -21.03
C MET Q 405 -91.60 32.37 -21.78
N ALA Q 406 -91.89 33.01 -22.90
CA ALA Q 406 -93.00 32.56 -23.74
C ALA Q 406 -92.76 31.15 -24.25
N GLU Q 407 -91.54 30.86 -24.69
CA GLU Q 407 -91.19 29.51 -25.07
C GLU Q 407 -91.31 28.54 -23.92
N ASP Q 408 -91.33 29.06 -22.69
CA ASP Q 408 -91.52 28.26 -21.50
C ASP Q 408 -92.99 28.05 -21.15
N GLU Q 409 -93.85 28.99 -21.50
CA GLU Q 409 -95.32 28.87 -21.35
C GLU Q 409 -95.67 28.75 -19.86
N GLN Q 410 -96.75 28.02 -19.56
CA GLN Q 410 -97.33 27.92 -18.22
C GLN Q 410 -97.77 29.28 -17.69
N PHE Q 411 -98.76 29.89 -18.33
CA PHE Q 411 -99.18 31.23 -17.92
C PHE Q 411 -100.69 31.28 -17.81
N ASN Q 412 -101.15 32.27 -17.08
CA ASN Q 412 -102.55 32.68 -17.17
C ASN Q 412 -102.78 33.33 -18.53
N LYS Q 413 -104.06 33.39 -18.93
CA LYS Q 413 -104.40 33.98 -20.22
C LYS Q 413 -103.88 35.41 -20.31
N TYR Q 414 -104.08 36.20 -19.27
CA TYR Q 414 -103.75 37.62 -19.30
C TYR Q 414 -102.26 37.87 -19.43
N GLU Q 415 -101.45 37.26 -18.57
CA GLU Q 415 -100.01 37.45 -18.65
C GLU Q 415 -99.48 36.86 -19.96
N ARG Q 416 -99.99 35.69 -20.33
CA ARG Q 416 -99.63 35.08 -21.60
C ARG Q 416 -99.85 36.06 -22.75
N ALA Q 417 -101.05 36.64 -22.82
CA ALA Q 417 -101.36 37.55 -23.92
C ALA Q 417 -100.50 38.79 -23.86
N ILE Q 418 -100.38 39.42 -22.69
CA ILE Q 418 -99.69 40.71 -22.60
C ILE Q 418 -98.22 40.56 -22.97
N TYR Q 419 -97.58 39.48 -22.53
CA TYR Q 419 -96.15 39.43 -22.80
C TYR Q 419 -95.84 38.73 -24.12
N ALA Q 420 -96.68 37.79 -24.57
CA ALA Q 420 -96.56 37.35 -25.94
C ALA Q 420 -96.80 38.51 -26.89
N THR Q 421 -97.56 39.51 -26.44
CA THR Q 421 -97.73 40.75 -27.19
C THR Q 421 -96.46 41.57 -27.17
N LEU Q 422 -95.96 41.86 -25.97
CA LEU Q 422 -94.72 42.59 -25.82
C LEU Q 422 -93.57 41.92 -26.58
N SER Q 423 -93.73 40.65 -26.96
CA SER Q 423 -92.77 39.95 -27.79
C SER Q 423 -93.23 39.81 -29.24
N GLY Q 424 -94.48 40.08 -29.55
CA GLY Q 424 -95.00 39.78 -30.87
C GLY Q 424 -94.96 38.30 -31.20
N ASN Q 425 -95.23 37.44 -30.22
CA ASN Q 425 -95.08 36.00 -30.40
C ASN Q 425 -96.37 35.43 -30.96
N LEU Q 426 -96.32 35.03 -32.23
CA LEU Q 426 -97.55 34.76 -32.99
C LEU Q 426 -98.38 33.66 -32.37
N LYS Q 427 -97.76 32.54 -31.98
CA LYS Q 427 -98.53 31.38 -31.57
C LYS Q 427 -99.23 31.64 -30.23
N GLN Q 428 -98.52 32.23 -29.29
CA GLN Q 428 -99.09 32.58 -28.00
C GLN Q 428 -99.90 33.87 -28.04
N LEU Q 429 -99.94 34.53 -29.18
CA LEU Q 429 -100.91 35.61 -29.38
C LEU Q 429 -102.16 35.09 -30.07
N LEU Q 430 -102.07 33.94 -30.71
CA LEU Q 430 -103.27 33.30 -31.25
C LEU Q 430 -104.40 33.17 -30.25
N PRO Q 431 -104.20 32.71 -29.01
CA PRO Q 431 -105.36 32.39 -28.16
C PRO Q 431 -106.36 33.51 -27.95
N VAL Q 432 -105.91 34.75 -27.76
CA VAL Q 432 -106.79 35.79 -27.25
C VAL Q 432 -107.45 36.64 -28.34
N CYS Q 433 -106.76 36.87 -29.45
CA CYS Q 433 -107.31 37.68 -30.54
C CYS Q 433 -108.01 36.77 -31.53
N GLU Q 434 -109.32 36.95 -31.69
CA GLU Q 434 -110.12 36.13 -32.59
C GLU Q 434 -110.98 36.98 -33.50
N SER Q 435 -111.14 38.25 -33.16
CA SER Q 435 -111.92 39.17 -33.98
C SER Q 435 -111.16 39.52 -35.25
N TRP Q 436 -111.91 39.96 -36.26
CA TRP Q 436 -111.31 40.56 -37.43
C TRP Q 436 -110.41 41.73 -37.05
N GLU Q 437 -110.93 42.63 -36.23
CA GLU Q 437 -110.15 43.77 -35.78
C GLU Q 437 -108.93 43.32 -35.00
N ASP Q 438 -109.09 42.35 -34.10
CA ASP Q 438 -107.96 41.86 -33.33
C ASP Q 438 -106.89 41.22 -34.20
N THR Q 439 -107.29 40.44 -35.21
CA THR Q 439 -106.29 39.74 -36.01
C THR Q 439 -105.53 40.70 -36.93
N VAL Q 440 -106.23 41.67 -37.54
CA VAL Q 440 -105.50 42.66 -38.33
C VAL Q 440 -104.62 43.50 -37.42
N TRP Q 441 -105.16 43.87 -36.25
CA TRP Q 441 -104.41 44.56 -35.23
C TRP Q 441 -103.11 43.84 -34.92
N ALA Q 442 -103.21 42.54 -34.65
CA ALA Q 442 -102.04 41.75 -34.33
C ALA Q 442 -101.07 41.68 -35.51
N HIS Q 443 -101.61 41.55 -36.72
CA HIS Q 443 -100.73 41.60 -37.90
C HIS Q 443 -99.87 42.85 -37.84
N PHE Q 444 -100.50 44.00 -37.67
CA PHE Q 444 -99.78 45.25 -37.63
C PHE Q 444 -98.80 45.29 -36.46
N LYS Q 445 -99.24 44.82 -35.29
CA LYS Q 445 -98.37 44.86 -34.12
C LYS Q 445 -97.10 44.05 -34.38
N VAL Q 446 -97.26 42.82 -34.84
CA VAL Q 446 -96.12 41.93 -35.06
C VAL Q 446 -95.17 42.51 -36.10
N MET Q 447 -95.71 42.97 -37.22
CA MET Q 447 -94.85 43.43 -38.30
C MET Q 447 -94.15 44.73 -37.92
N VAL Q 448 -94.88 45.64 -37.25
CA VAL Q 448 -94.26 46.86 -36.77
C VAL Q 448 -93.13 46.55 -35.81
N ASP Q 449 -93.35 45.62 -34.88
CA ASP Q 449 -92.28 45.24 -33.96
C ASP Q 449 -91.09 44.70 -34.72
N SER Q 450 -91.27 43.61 -35.45
CA SER Q 450 -90.14 43.01 -36.17
C SER Q 450 -89.38 44.05 -36.96
N LEU Q 451 -90.09 44.88 -37.73
CA LEU Q 451 -89.41 45.97 -38.42
C LEU Q 451 -88.62 46.82 -37.44
N VAL Q 452 -89.29 47.38 -36.43
CA VAL Q 452 -88.68 48.40 -35.59
C VAL Q 452 -87.42 47.86 -34.95
N GLU Q 453 -87.44 46.61 -34.49
CA GLU Q 453 -86.22 46.02 -33.92
C GLU Q 453 -85.17 45.80 -34.99
N GLN Q 454 -85.58 45.48 -36.23
CA GLN Q 454 -84.59 45.35 -37.29
C GLN Q 454 -83.81 46.64 -37.47
N GLU Q 455 -84.48 47.78 -37.53
CA GLU Q 455 -83.68 48.99 -37.74
C GLU Q 455 -83.13 49.53 -36.41
N ILE Q 456 -83.60 49.03 -35.27
CA ILE Q 456 -82.85 49.25 -34.02
C ILE Q 456 -81.45 48.66 -34.15
N ARG Q 457 -81.38 47.37 -34.47
CA ARG Q 457 -80.06 46.74 -34.59
C ARG Q 457 -79.29 47.33 -35.76
N ALA Q 458 -79.99 47.79 -36.78
CA ALA Q 458 -79.32 48.43 -37.90
C ALA Q 458 -78.69 49.76 -37.52
N SER Q 459 -79.44 50.62 -36.83
CA SER Q 459 -78.97 51.96 -36.49
C SER Q 459 -77.95 51.94 -35.37
N ILE Q 460 -78.14 51.11 -34.37
CA ILE Q 460 -77.19 50.98 -33.27
C ILE Q 460 -76.11 50.00 -33.72
N ILE Q 461 -74.88 50.50 -33.85
CA ILE Q 461 -73.84 49.75 -34.54
C ILE Q 461 -73.51 48.47 -33.77
N SER Q 462 -73.88 47.34 -34.35
CA SER Q 462 -73.53 46.02 -33.83
C SER Q 462 -73.97 44.94 -34.81
N PHE Q 463 -73.20 43.86 -34.92
CA PHE Q 463 -73.62 42.71 -35.71
C PHE Q 463 -73.27 41.41 -34.99
N ASN Q 464 -72.96 41.51 -33.71
CA ASN Q 464 -72.60 40.35 -32.89
C ASN Q 464 -73.77 39.96 -31.99
N GLU Q 465 -73.54 38.92 -31.19
CA GLU Q 465 -74.58 38.38 -30.34
C GLU Q 465 -74.85 39.29 -29.15
N ALA Q 466 -76.05 39.87 -29.12
CA ALA Q 466 -76.51 40.65 -27.98
C ALA Q 466 -77.94 40.26 -27.63
N ASN Q 467 -78.60 39.57 -28.56
CA ASN Q 467 -79.93 39.01 -28.35
C ASN Q 467 -80.07 37.77 -29.21
N GLU Q 468 -81.00 36.90 -28.82
CA GLU Q 468 -81.25 35.65 -29.54
C GLU Q 468 -82.72 35.61 -29.93
N LEU Q 469 -82.99 35.26 -31.19
CA LEU Q 469 -84.32 35.03 -31.73
C LEU Q 469 -84.20 33.97 -32.81
N PRO Q 470 -85.27 33.22 -33.06
CA PRO Q 470 -85.21 32.20 -34.12
C PRO Q 470 -84.94 32.81 -35.49
N ARG Q 471 -84.25 32.02 -36.32
CA ARG Q 471 -83.78 32.51 -37.60
C ARG Q 471 -84.93 32.98 -38.49
N GLU Q 472 -86.01 32.21 -38.54
CA GLU Q 472 -87.14 32.59 -39.37
C GLU Q 472 -87.76 33.90 -38.92
N TYR Q 473 -87.85 34.11 -37.60
CA TYR Q 473 -88.29 35.38 -37.06
C TYR Q 473 -87.39 36.52 -37.52
N LEU Q 474 -86.08 36.31 -37.48
CA LEU Q 474 -85.14 37.33 -37.91
C LEU Q 474 -85.29 37.66 -39.40
N GLU Q 475 -85.47 36.64 -40.23
CA GLU Q 475 -85.42 36.80 -41.67
C GLU Q 475 -86.79 36.90 -42.34
N ALA Q 476 -87.87 36.99 -41.57
CA ALA Q 476 -89.18 37.17 -42.18
C ALA Q 476 -89.34 38.57 -42.73
N ASN Q 477 -89.77 38.65 -44.00
CA ASN Q 477 -89.96 39.92 -44.69
C ASN Q 477 -91.33 40.47 -44.39
N TRP Q 478 -91.50 41.77 -44.57
CA TRP Q 478 -92.68 42.49 -44.12
C TRP Q 478 -93.20 43.40 -45.22
N THR Q 479 -94.52 43.38 -45.43
CA THR Q 479 -95.16 44.25 -46.41
C THR Q 479 -96.65 44.37 -46.07
N LEU Q 480 -97.28 45.40 -46.65
CA LEU Q 480 -98.70 45.60 -46.41
C LEU Q 480 -99.54 44.53 -47.10
N ASP Q 481 -98.97 43.87 -48.11
CA ASP Q 481 -99.62 42.71 -48.70
C ASP Q 481 -99.77 41.59 -47.68
N SER Q 482 -98.73 41.38 -46.87
CA SER Q 482 -98.75 40.30 -45.89
C SER Q 482 -99.86 40.50 -44.86
N VAL Q 483 -100.19 41.76 -44.54
CA VAL Q 483 -101.30 42.05 -43.65
C VAL Q 483 -102.53 41.27 -44.06
N PHE Q 484 -103.00 41.53 -45.26
CA PHE Q 484 -104.26 40.98 -45.73
C PHE Q 484 -104.09 39.55 -46.20
N GLU Q 485 -102.89 39.16 -46.60
CA GLU Q 485 -102.69 37.74 -46.90
C GLU Q 485 -102.85 36.91 -45.64
N GLU Q 486 -102.25 37.35 -44.54
CA GLU Q 486 -102.48 36.71 -43.25
C GLU Q 486 -103.94 36.73 -42.88
N LEU Q 487 -104.55 37.92 -42.96
CA LEU Q 487 -105.95 38.07 -42.62
C LEU Q 487 -106.83 37.09 -43.39
N GLN Q 488 -106.60 36.97 -44.70
CA GLN Q 488 -107.35 36.05 -45.53
C GLN Q 488 -107.06 34.60 -45.16
N ALA Q 489 -105.80 34.24 -45.01
CA ALA Q 489 -105.40 32.87 -44.75
C ALA Q 489 -105.75 32.38 -43.36
N THR Q 490 -106.20 33.28 -42.47
CA THR Q 490 -106.70 32.85 -41.18
C THR Q 490 -107.72 31.73 -41.35
N ASP Q 491 -107.37 30.55 -40.85
CA ASP Q 491 -108.27 29.39 -40.91
C ASP Q 491 -109.30 29.44 -39.80
N LYS Q 492 -109.45 30.58 -39.14
CA LYS Q 492 -110.42 30.77 -38.07
C LYS Q 492 -111.70 31.30 -38.68
N LYS Q 493 -112.82 30.62 -38.39
CA LYS Q 493 -114.05 30.93 -39.12
C LYS Q 493 -114.63 32.27 -38.68
N ARG Q 494 -114.35 32.70 -37.46
CA ARG Q 494 -114.76 34.04 -37.07
C ARG Q 494 -114.16 35.08 -38.01
N VAL Q 495 -112.84 35.03 -38.20
CA VAL Q 495 -112.20 35.94 -39.13
C VAL Q 495 -112.67 35.68 -40.55
N LEU Q 496 -112.90 34.42 -40.90
CA LEU Q 496 -113.32 34.09 -42.26
C LEU Q 496 -114.67 34.71 -42.59
N GLU Q 497 -115.64 34.58 -41.70
CA GLU Q 497 -116.95 35.18 -41.94
C GLU Q 497 -116.88 36.70 -41.87
N GLU Q 498 -116.03 37.23 -40.98
CA GLU Q 498 -115.87 38.69 -40.92
C GLU Q 498 -115.29 39.22 -42.22
N ASN Q 499 -114.41 38.44 -42.85
CA ASN Q 499 -113.78 38.83 -44.11
C ASN Q 499 -114.79 39.12 -45.21
N ARG Q 500 -115.89 38.38 -45.28
CA ARG Q 500 -116.87 38.59 -46.33
C ARG Q 500 -117.80 39.74 -46.01
N GLU Q 501 -117.73 40.30 -44.81
CA GLU Q 501 -118.56 41.43 -44.45
C GLU Q 501 -118.17 42.64 -45.30
N HIS Q 502 -119.17 43.44 -45.65
CA HIS Q 502 -118.97 44.50 -46.63
C HIS Q 502 -118.01 45.55 -46.11
N TYR Q 503 -118.25 46.06 -44.91
CA TYR Q 503 -117.42 47.13 -44.35
C TYR Q 503 -115.95 46.71 -44.31
N HIS Q 504 -115.70 45.46 -43.94
CA HIS Q 504 -114.33 44.97 -43.92
C HIS Q 504 -113.71 44.99 -45.30
N ILE Q 505 -114.44 44.47 -46.29
CA ILE Q 505 -113.96 44.51 -47.67
C ILE Q 505 -113.71 45.94 -48.11
N ILE Q 506 -114.64 46.83 -47.77
CA ILE Q 506 -114.52 48.23 -48.15
C ILE Q 506 -113.24 48.83 -47.59
N GLN Q 507 -113.02 48.66 -46.29
CA GLN Q 507 -111.92 49.35 -45.64
C GLN Q 507 -110.57 48.74 -46.05
N LYS Q 508 -110.56 47.44 -46.34
CA LYS Q 508 -109.32 46.82 -46.77
C LYS Q 508 -108.98 47.18 -48.22
N PHE Q 509 -110.00 47.36 -49.06
CA PHE Q 509 -109.76 48.04 -50.33
C PHE Q 509 -109.29 49.48 -50.12
N VAL Q 510 -109.76 50.14 -49.06
CA VAL Q 510 -109.27 51.48 -48.78
C VAL Q 510 -107.77 51.44 -48.54
N ILE Q 511 -107.32 50.44 -47.79
CA ILE Q 511 -105.89 50.31 -47.53
C ILE Q 511 -105.14 49.92 -48.79
N LEU Q 512 -105.74 49.05 -49.62
CA LEU Q 512 -105.01 48.45 -50.73
C LEU Q 512 -105.04 49.26 -52.02
N ALA Q 513 -105.97 50.20 -52.16
CA ALA Q 513 -106.19 50.89 -53.44
C ALA Q 513 -106.40 49.89 -54.58
N ASP Q 514 -107.19 48.85 -54.33
CA ASP Q 514 -107.48 47.82 -55.34
C ASP Q 514 -108.71 48.27 -56.11
N VAL Q 515 -108.50 49.14 -57.10
CA VAL Q 515 -109.61 49.77 -57.79
C VAL Q 515 -110.37 48.76 -58.65
N ASP Q 516 -109.66 47.84 -59.31
CA ASP Q 516 -110.33 46.84 -60.13
C ASP Q 516 -111.17 45.91 -59.27
N GLY Q 517 -110.61 45.44 -58.16
CA GLY Q 517 -111.39 44.61 -57.25
C GLY Q 517 -112.59 45.35 -56.70
N LEU Q 518 -112.41 46.63 -56.35
CA LEU Q 518 -113.52 47.41 -55.82
C LEU Q 518 -114.63 47.59 -56.84
N MET Q 519 -114.26 47.91 -58.09
CA MET Q 519 -115.28 48.11 -59.10
C MET Q 519 -116.02 46.81 -59.42
N ASP Q 520 -115.29 45.69 -59.49
CA ASP Q 520 -115.97 44.42 -59.71
C ASP Q 520 -116.90 44.09 -58.55
N GLU Q 521 -116.45 44.31 -57.33
CA GLU Q 521 -117.26 44.00 -56.15
C GLU Q 521 -118.50 44.88 -56.10
N PHE Q 522 -118.35 46.16 -56.42
CA PHE Q 522 -119.51 47.03 -56.61
C PHE Q 522 -120.43 46.47 -57.69
N SER Q 523 -119.83 45.86 -58.72
CA SER Q 523 -120.65 45.28 -59.79
C SER Q 523 -121.51 44.14 -59.28
N GLU Q 524 -120.96 43.27 -58.44
CA GLU Q 524 -121.82 42.22 -57.88
C GLU Q 524 -122.83 42.81 -56.91
N TRP Q 525 -122.46 43.88 -56.20
CA TRP Q 525 -123.43 44.56 -55.36
C TRP Q 525 -124.64 45.01 -56.16
N LEU Q 526 -124.41 45.74 -57.25
CA LEU Q 526 -125.51 46.25 -58.05
C LEU Q 526 -126.22 45.13 -58.79
N SER Q 527 -125.49 44.05 -59.10
CA SER Q 527 -126.14 42.87 -59.66
C SER Q 527 -127.16 42.31 -58.68
N ASN Q 528 -126.80 42.24 -57.40
CA ASN Q 528 -127.76 41.96 -56.36
C ASN Q 528 -128.83 43.05 -56.27
N GLY Q 529 -128.50 44.26 -56.67
CA GLY Q 529 -129.47 45.33 -56.75
C GLY Q 529 -129.14 46.49 -55.83
N LYS Q 530 -130.20 47.08 -55.28
CA LYS Q 530 -130.09 48.24 -54.40
C LYS Q 530 -130.69 47.97 -53.03
N ASN Q 531 -131.44 46.88 -52.89
CA ASN Q 531 -131.96 46.48 -51.60
C ASN Q 531 -130.86 46.20 -50.60
N LEU Q 532 -129.78 45.55 -51.02
CA LEU Q 532 -128.59 45.41 -50.20
C LEU Q 532 -127.83 46.72 -50.06
N LEU Q 533 -128.02 47.67 -50.96
CA LEU Q 533 -127.31 48.95 -50.94
C LEU Q 533 -128.34 50.03 -50.64
N LEU Q 534 -128.62 50.25 -49.35
CA LEU Q 534 -129.67 51.17 -48.97
C LEU Q 534 -129.31 52.58 -49.43
N GLY Q 535 -130.23 53.52 -49.24
CA GLY Q 535 -129.99 54.87 -49.69
C GLY Q 535 -128.74 55.47 -49.08
N HIS Q 536 -128.50 55.21 -47.80
CA HIS Q 536 -127.30 55.72 -47.16
C HIS Q 536 -126.05 54.98 -47.63
N LEU Q 537 -126.14 53.69 -47.95
CA LEU Q 537 -125.00 53.02 -48.56
C LEU Q 537 -124.65 53.65 -49.90
N LEU Q 538 -125.66 53.94 -50.71
CA LEU Q 538 -125.44 54.57 -52.00
C LEU Q 538 -124.82 55.94 -51.83
N ARG Q 539 -125.32 56.71 -50.87
CA ARG Q 539 -124.73 58.01 -50.57
C ARG Q 539 -123.29 57.87 -50.13
N PHE Q 540 -122.99 56.80 -49.40
CA PHE Q 540 -121.64 56.64 -48.88
C PHE Q 540 -120.67 56.29 -50.00
N MET Q 541 -121.07 55.38 -50.87
CA MET Q 541 -120.28 55.10 -52.08
C MET Q 541 -120.19 56.35 -52.94
N THR Q 542 -121.21 57.20 -52.87
CA THR Q 542 -121.18 58.45 -53.61
C THR Q 542 -120.11 59.38 -53.07
N HIS Q 543 -120.04 59.53 -51.74
CA HIS Q 543 -118.96 60.32 -51.17
C HIS Q 543 -117.61 59.71 -51.46
N LEU Q 544 -117.52 58.38 -51.34
CA LEU Q 544 -116.40 57.63 -51.89
C LEU Q 544 -115.92 58.21 -53.20
N LEU Q 545 -116.78 58.19 -54.21
CA LEU Q 545 -116.40 58.67 -55.53
C LEU Q 545 -116.09 60.16 -55.51
N LEU Q 546 -116.82 60.92 -54.69
CA LEU Q 546 -116.61 62.35 -54.57
C LEU Q 546 -115.18 62.68 -54.17
N PHE Q 547 -114.70 62.05 -53.11
CA PHE Q 547 -113.36 62.36 -52.65
C PHE Q 547 -112.32 61.72 -53.55
N PHE Q 548 -112.64 60.60 -54.18
CA PHE Q 548 -111.80 60.16 -55.29
C PHE Q 548 -111.55 61.29 -56.25
N ARG Q 549 -112.62 61.91 -56.75
CA ARG Q 549 -112.47 62.95 -57.76
C ARG Q 549 -111.75 64.17 -57.22
N THR Q 550 -112.07 64.59 -56.00
CA THR Q 550 -111.40 65.78 -55.46
C THR Q 550 -109.93 65.49 -55.22
N LEU Q 551 -109.57 64.21 -55.16
CA LEU Q 551 -108.18 63.81 -55.19
C LEU Q 551 -107.65 63.61 -56.61
N GLY Q 552 -108.48 63.83 -57.61
CA GLY Q 552 -108.11 63.52 -58.97
C GLY Q 552 -107.94 62.04 -59.16
N LEU Q 553 -108.75 61.24 -58.46
CA LEU Q 553 -108.77 59.81 -58.66
C LEU Q 553 -110.12 59.45 -59.25
N GLN Q 554 -110.10 58.66 -60.31
CA GLN Q 554 -111.30 58.39 -61.09
C GLN Q 554 -111.58 56.89 -61.07
N ALA Q 555 -112.80 56.54 -60.70
CA ALA Q 555 -113.23 55.14 -60.68
C ALA Q 555 -113.92 54.79 -62.00
N LYS Q 556 -114.53 53.61 -62.05
CA LYS Q 556 -115.09 53.15 -63.30
C LYS Q 556 -116.47 53.76 -63.50
N GLU Q 557 -116.68 54.38 -64.67
CA GLU Q 557 -117.72 55.38 -64.78
C GLU Q 557 -119.10 54.77 -64.94
N GLU Q 558 -119.21 53.65 -65.65
CA GLU Q 558 -120.53 53.03 -65.78
C GLU Q 558 -121.02 52.51 -64.44
N VAL Q 559 -120.12 51.93 -63.66
CA VAL Q 559 -120.47 51.51 -62.30
C VAL Q 559 -120.87 52.72 -61.47
N SER Q 560 -120.11 53.81 -61.61
CA SER Q 560 -120.43 55.02 -60.87
C SER Q 560 -121.83 55.52 -61.20
N VAL Q 561 -122.17 55.56 -62.49
CA VAL Q 561 -123.46 56.11 -62.89
C VAL Q 561 -124.59 55.16 -62.51
N GLU Q 562 -124.33 53.86 -62.52
CA GLU Q 562 -125.32 52.92 -62.03
C GLU Q 562 -125.62 53.14 -60.56
N VAL Q 563 -124.58 53.25 -59.75
CA VAL Q 563 -124.76 53.52 -58.31
C VAL Q 563 -125.53 54.82 -58.12
N LEU Q 564 -125.14 55.85 -58.87
CA LEU Q 564 -125.74 57.17 -58.66
C LEU Q 564 -127.20 57.17 -59.12
N LYS Q 565 -127.52 56.48 -60.22
CA LYS Q 565 -128.91 56.48 -60.64
C LYS Q 565 -129.77 55.73 -59.65
N THR Q 566 -129.28 54.61 -59.12
CA THR Q 566 -130.03 53.94 -58.07
C THR Q 566 -130.19 54.83 -56.84
N TYR Q 567 -129.14 55.55 -56.49
CA TYR Q 567 -129.20 56.46 -55.36
C TYR Q 567 -130.23 57.56 -55.58
N ILE Q 568 -130.28 58.10 -56.78
CA ILE Q 568 -131.23 59.17 -57.06
C ILE Q 568 -132.63 58.60 -57.14
N GLN Q 569 -132.75 57.33 -57.54
CA GLN Q 569 -134.03 56.66 -57.42
C GLN Q 569 -134.51 56.67 -55.98
N ARG Q 570 -133.64 56.26 -55.06
CA ARG Q 570 -133.93 56.47 -53.65
C ARG Q 570 -134.35 57.91 -53.41
N LEU Q 571 -133.48 58.84 -53.75
CA LEU Q 571 -133.65 60.25 -53.39
C LEU Q 571 -135.00 60.78 -53.84
N ILE Q 572 -135.48 60.33 -54.99
CA ILE Q 572 -136.77 60.80 -55.48
C ILE Q 572 -137.90 60.05 -54.78
N ASN Q 573 -137.66 58.81 -54.37
CA ASN Q 573 -138.62 58.17 -53.47
C ASN Q 573 -138.83 59.02 -52.23
N GLU Q 574 -137.77 59.69 -51.79
CA GLU Q 574 -137.92 60.67 -50.73
C GLU Q 574 -137.98 62.11 -51.22
N LYS Q 575 -138.28 62.33 -52.50
CA LYS Q 575 -138.78 63.61 -53.03
C LYS Q 575 -137.93 64.79 -52.54
N GLN Q 576 -138.57 65.86 -52.08
CA GLN Q 576 -137.92 67.06 -51.58
C GLN Q 576 -137.11 67.76 -52.66
N ILE Q 577 -137.82 68.48 -53.52
CA ILE Q 577 -137.23 69.20 -54.66
C ILE Q 577 -135.91 69.86 -54.29
N GLU Q 578 -135.79 70.35 -53.05
CA GLU Q 578 -134.57 71.04 -52.65
C GLU Q 578 -133.33 70.14 -52.75
N LEU Q 579 -133.53 68.83 -52.86
CA LEU Q 579 -132.43 67.88 -52.78
C LEU Q 579 -131.82 67.49 -54.11
N ILE Q 580 -132.59 67.57 -55.20
CA ILE Q 580 -132.34 66.69 -56.34
C ILE Q 580 -131.19 67.21 -57.20
N ALA Q 581 -131.13 68.53 -57.39
CA ALA Q 581 -130.48 69.10 -58.58
C ALA Q 581 -128.98 68.88 -58.58
N PHE Q 582 -128.32 69.17 -57.47
CA PHE Q 582 -126.86 69.02 -57.43
C PHE Q 582 -126.46 67.60 -57.72
N TYR Q 583 -127.10 66.63 -57.07
CA TYR Q 583 -126.75 65.24 -57.30
C TYR Q 583 -127.01 64.83 -58.73
N VAL Q 584 -128.08 65.34 -59.33
CA VAL Q 584 -128.32 65.06 -60.74
C VAL Q 584 -127.22 65.68 -61.60
N SER Q 585 -126.67 66.81 -61.16
CA SER Q 585 -125.68 67.55 -61.95
C SER Q 585 -124.42 66.75 -62.23
N HIS Q 586 -124.35 65.50 -61.78
CA HIS Q 586 -123.14 64.69 -61.82
C HIS Q 586 -123.16 63.67 -62.93
N LEU Q 587 -124.05 63.80 -63.90
CA LEU Q 587 -124.40 62.73 -64.80
C LEU Q 587 -123.97 63.01 -66.24
N PRO Q 588 -123.98 61.98 -67.09
CA PRO Q 588 -124.03 62.22 -68.53
C PRO Q 588 -125.29 63.02 -68.86
N GLN Q 589 -125.15 63.90 -69.85
CA GLN Q 589 -126.13 64.96 -70.05
C GLN Q 589 -127.50 64.40 -70.40
N GLU Q 590 -127.55 63.41 -71.30
CA GLU Q 590 -128.82 62.85 -71.70
C GLU Q 590 -129.56 62.27 -70.52
N LEU Q 591 -128.83 61.55 -69.67
CA LEU Q 591 -129.45 60.90 -68.52
C LEU Q 591 -129.94 61.94 -67.51
N ALA Q 592 -129.11 62.95 -67.23
CA ALA Q 592 -129.50 63.99 -66.29
C ALA Q 592 -130.75 64.72 -66.76
N ILE Q 593 -130.79 65.06 -68.06
CA ILE Q 593 -131.97 65.70 -68.62
C ILE Q 593 -133.19 64.82 -68.43
N SER Q 594 -133.08 63.54 -68.80
CA SER Q 594 -134.22 62.65 -68.69
C SER Q 594 -134.72 62.56 -67.26
N GLN Q 595 -133.80 62.49 -66.30
CA GLN Q 595 -134.22 62.27 -64.92
C GLN Q 595 -134.82 63.52 -64.30
N TYR Q 596 -134.24 64.70 -64.56
CA TYR Q 596 -134.91 65.89 -64.08
C TYR Q 596 -136.24 66.09 -64.76
N ALA Q 597 -136.38 65.61 -66.00
CA ALA Q 597 -137.69 65.62 -66.64
C ALA Q 597 -138.67 64.78 -65.86
N VAL Q 598 -138.29 63.54 -65.57
CA VAL Q 598 -139.14 62.64 -64.80
C VAL Q 598 -139.51 63.28 -63.47
N PHE Q 599 -138.58 64.05 -62.90
CA PHE Q 599 -138.86 64.72 -61.64
C PHE Q 599 -139.87 65.84 -61.82
N LEU Q 600 -139.50 66.88 -62.57
CA LEU Q 600 -140.28 68.11 -62.61
C LEU Q 600 -141.65 67.88 -63.23
N GLU Q 601 -141.81 66.85 -64.06
CA GLU Q 601 -143.14 66.60 -64.61
C GLU Q 601 -144.13 66.23 -63.53
N ASN Q 602 -143.64 65.76 -62.39
CA ASN Q 602 -144.50 65.58 -61.23
C ASN Q 602 -144.71 66.88 -60.48
N ILE Q 603 -143.78 67.82 -60.59
CA ILE Q 603 -143.93 69.14 -59.99
C ILE Q 603 -144.99 69.85 -60.82
N THR Q 604 -146.20 69.99 -60.27
CA THR Q 604 -147.33 70.43 -61.07
C THR Q 604 -148.12 71.56 -60.41
N ASP Q 605 -147.78 71.92 -59.18
CA ASP Q 605 -148.46 73.00 -58.47
C ASP Q 605 -147.55 74.21 -58.47
N PRO Q 606 -148.00 75.35 -59.02
CA PRO Q 606 -147.04 76.39 -59.40
C PRO Q 606 -146.14 76.88 -58.27
N ASP Q 607 -146.58 76.82 -57.02
CA ASP Q 607 -145.71 77.24 -55.93
C ASP Q 607 -144.41 76.44 -55.91
N GLN Q 608 -144.50 75.14 -55.61
CA GLN Q 608 -143.28 74.33 -55.61
C GLN Q 608 -142.73 74.20 -57.03
N ARG Q 609 -143.55 74.45 -58.04
CA ARG Q 609 -143.04 74.47 -59.40
C ARG Q 609 -141.97 75.54 -59.57
N GLN Q 610 -142.35 76.80 -59.38
CA GLN Q 610 -141.38 77.89 -59.52
C GLN Q 610 -140.23 77.69 -58.53
N ARG Q 611 -140.54 77.20 -57.33
CA ARG Q 611 -139.48 76.93 -56.36
C ARG Q 611 -138.47 75.94 -56.93
N CYS Q 612 -138.96 74.89 -57.58
CA CYS Q 612 -138.08 73.91 -58.21
C CYS Q 612 -137.28 74.54 -59.34
N LEU Q 613 -137.89 75.46 -60.09
CA LEU Q 613 -137.12 76.16 -61.11
C LEU Q 613 -135.99 76.98 -60.52
N GLU Q 614 -136.24 77.72 -59.43
CA GLU Q 614 -135.13 78.49 -58.86
C GLU Q 614 -134.06 77.57 -58.29
N LEU Q 615 -134.47 76.49 -57.63
CA LEU Q 615 -133.48 75.55 -57.12
C LEU Q 615 -132.67 74.92 -58.25
N ALA Q 616 -133.32 74.66 -59.38
CA ALA Q 616 -132.62 74.06 -60.51
C ALA Q 616 -131.65 75.05 -61.13
N LYS Q 617 -132.08 76.29 -61.34
CA LYS Q 617 -131.15 77.26 -61.89
C LYS Q 617 -130.00 77.54 -60.92
N GLU Q 618 -130.24 77.33 -59.63
CA GLU Q 618 -129.15 77.46 -58.66
C GLU Q 618 -128.18 76.28 -58.73
N ALA Q 619 -128.71 75.07 -58.80
CA ALA Q 619 -127.89 73.86 -58.66
C ALA Q 619 -127.70 73.11 -59.97
N GLY Q 620 -127.84 73.78 -61.12
CA GLY Q 620 -127.54 73.16 -62.40
C GLY Q 620 -128.73 72.58 -63.13
N LEU Q 621 -128.51 72.20 -64.39
CA LEU Q 621 -129.52 71.55 -65.23
C LEU Q 621 -130.75 72.42 -65.43
N ASP Q 622 -130.59 73.50 -66.19
CA ASP Q 622 -131.70 74.40 -66.54
C ASP Q 622 -132.97 73.64 -66.91
N VAL Q 623 -134.11 74.23 -66.53
CA VAL Q 623 -135.40 73.55 -66.68
C VAL Q 623 -135.96 73.70 -68.09
N ALA Q 624 -135.49 74.69 -68.85
CA ALA Q 624 -136.09 74.95 -70.16
C ALA Q 624 -135.80 73.81 -71.13
N SER Q 625 -134.53 73.42 -71.26
CA SER Q 625 -134.17 72.28 -72.08
C SER Q 625 -134.89 71.03 -71.60
N ILE Q 626 -135.11 70.93 -70.29
CA ILE Q 626 -135.89 69.82 -69.74
C ILE Q 626 -137.29 69.80 -70.33
N THR Q 627 -137.96 70.95 -70.33
CA THR Q 627 -139.32 71.01 -70.87
C THR Q 627 -139.35 70.64 -72.34
N LYS Q 628 -138.41 71.19 -73.12
CA LYS Q 628 -138.35 70.77 -74.53
C LYS Q 628 -138.17 69.27 -74.64
N THR Q 629 -137.23 68.69 -73.87
CA THR Q 629 -136.95 67.27 -73.99
C THR Q 629 -138.19 66.45 -73.69
N VAL Q 630 -138.95 66.87 -72.68
CA VAL Q 630 -140.26 66.25 -72.44
C VAL Q 630 -141.09 66.32 -73.70
N VAL Q 631 -141.06 67.46 -74.38
CA VAL Q 631 -141.89 67.62 -75.57
C VAL Q 631 -141.48 66.64 -76.67
N GLU Q 632 -140.19 66.54 -77.00
CA GLU Q 632 -139.87 65.67 -78.14
C GLU Q 632 -139.98 64.21 -77.75
N ASN Q 633 -139.76 63.88 -76.48
CA ASN Q 633 -140.00 62.51 -76.06
C ASN Q 633 -141.47 62.15 -76.20
N THR Q 634 -142.35 63.06 -75.78
CA THR Q 634 -143.78 62.89 -76.01
C THR Q 634 -144.08 62.69 -77.49
N ARG Q 635 -143.48 63.53 -78.34
CA ARG Q 635 -143.66 63.39 -79.78
C ARG Q 635 -143.19 62.02 -80.27
N LYS Q 636 -142.10 61.52 -79.71
CA LYS Q 636 -141.56 60.23 -80.12
C LYS Q 636 -142.45 59.06 -79.74
N LYS Q 637 -143.10 59.09 -78.57
CA LYS Q 637 -144.01 58.00 -78.27
C LYS Q 637 -145.24 58.00 -79.18
N ASP Q 638 -145.89 59.15 -79.33
CA ASP Q 638 -147.22 59.12 -79.93
C ASP Q 638 -147.34 60.16 -81.03
N ALA Q 639 -148.30 59.94 -81.93
CA ALA Q 639 -148.56 60.82 -83.06
C ALA Q 639 -150.00 60.66 -83.49
N GLY Q 640 -150.46 61.59 -84.33
CA GLY Q 640 -151.86 61.61 -84.73
C GLY Q 640 -152.08 61.12 -86.16
N GLU Q 641 -153.35 61.05 -86.53
CA GLU Q 641 -153.72 60.60 -87.86
C GLU Q 641 -153.27 61.60 -88.91
N PHE Q 642 -153.13 61.12 -90.14
CA PHE Q 642 -152.84 61.94 -91.31
C PHE Q 642 -153.55 61.37 -92.51
N ALA Q 643 -154.35 62.18 -93.20
CA ALA Q 643 -155.10 61.74 -94.36
C ALA Q 643 -155.57 62.95 -95.17
N HIS Q 644 -155.17 63.01 -96.44
CA HIS Q 644 -155.64 64.05 -97.34
C HIS Q 644 -156.88 63.63 -98.12
N HIS Q 645 -157.39 62.42 -97.88
CA HIS Q 645 -158.65 61.95 -98.42
C HIS Q 645 -159.77 62.30 -97.45
N ASP Q 646 -160.98 62.46 -98.00
CA ASP Q 646 -162.11 62.98 -97.23
C ASP Q 646 -162.40 62.13 -96.00
N PHE Q 647 -162.49 62.79 -94.84
CA PHE Q 647 -163.02 62.24 -93.60
C PHE Q 647 -162.05 61.24 -92.96
N ALA Q 648 -161.84 61.37 -91.64
CA ALA Q 648 -160.88 60.53 -90.92
C ALA Q 648 -161.48 59.16 -90.62
N PRO Q 649 -160.80 58.07 -91.00
CA PRO Q 649 -161.38 56.74 -90.81
C PRO Q 649 -161.48 56.36 -89.33
N ALA Q 650 -162.68 55.93 -88.94
CA ALA Q 650 -162.95 55.43 -87.59
C ALA Q 650 -164.37 54.88 -87.55
N LEU Q 651 -164.57 53.86 -86.70
CA LEU Q 651 -165.91 53.38 -86.42
C LEU Q 651 -166.42 54.17 -85.23
N ASP Q 652 -165.77 54.13 -84.07
CA ASP Q 652 -166.04 55.05 -82.97
C ASP Q 652 -164.75 55.75 -82.57
N SER Q 653 -164.90 56.99 -82.08
CA SER Q 653 -163.73 57.81 -81.77
C SER Q 653 -163.93 58.49 -80.42
N GLY Q 654 -162.81 58.77 -79.76
CA GLY Q 654 -162.82 59.42 -78.46
C GLY Q 654 -161.43 59.83 -77.99
N THR Q 655 -161.34 60.37 -76.78
CA THR Q 655 -160.04 60.79 -76.25
C THR Q 655 -159.16 59.57 -75.99
N SER Q 656 -157.86 59.75 -76.20
CA SER Q 656 -156.89 58.70 -75.99
C SER Q 656 -155.88 59.14 -74.93
N GLU Q 657 -155.22 58.15 -74.35
CA GLU Q 657 -154.12 58.41 -73.44
C GLU Q 657 -153.02 59.20 -74.14
N GLU Q 658 -152.72 58.82 -75.38
CA GLU Q 658 -151.76 59.58 -76.17
C GLU Q 658 -152.24 61.00 -76.38
N ASP Q 659 -153.53 61.16 -76.65
CA ASP Q 659 -154.09 62.49 -76.84
C ASP Q 659 -153.89 63.35 -75.60
N ARG Q 660 -154.26 62.83 -74.44
CA ARG Q 660 -154.12 63.58 -73.20
C ARG Q 660 -152.65 63.87 -72.89
N ALA Q 661 -151.76 62.93 -73.21
CA ALA Q 661 -150.34 63.15 -72.98
C ALA Q 661 -149.82 64.30 -73.84
N LYS Q 662 -150.21 64.32 -75.11
CA LYS Q 662 -149.83 65.45 -75.96
C LYS Q 662 -150.47 66.75 -75.48
N ILE Q 663 -151.68 66.67 -74.91
CA ILE Q 663 -152.31 67.86 -74.34
C ILE Q 663 -151.51 68.39 -73.17
N ASP Q 664 -151.00 67.49 -72.34
CA ASP Q 664 -150.54 67.90 -71.03
C ASP Q 664 -149.02 67.98 -70.96
N VAL Q 665 -148.31 67.62 -72.03
CA VAL Q 665 -146.89 67.95 -72.11
C VAL Q 665 -146.71 69.45 -72.32
N ILE Q 666 -147.77 70.14 -72.77
CA ILE Q 666 -147.69 71.55 -73.12
C ILE Q 666 -147.38 72.42 -71.91
N ASP Q 667 -147.89 72.05 -70.74
CA ASP Q 667 -147.79 72.91 -69.57
C ASP Q 667 -146.34 73.23 -69.25
N TRP Q 668 -145.43 72.28 -69.47
CA TRP Q 668 -144.04 72.48 -69.11
C TRP Q 668 -143.43 73.60 -69.93
N LEU Q 669 -143.74 73.66 -71.22
CA LEU Q 669 -143.33 74.80 -72.03
C LEU Q 669 -144.07 76.07 -71.66
N VAL Q 670 -145.38 76.01 -71.42
CA VAL Q 670 -146.15 77.23 -71.23
C VAL Q 670 -145.82 77.91 -69.90
N PHE Q 671 -145.27 77.17 -68.93
CA PHE Q 671 -144.91 77.79 -67.66
C PHE Q 671 -143.86 78.88 -67.85
N ASP Q 672 -142.84 78.61 -68.67
CA ASP Q 672 -141.77 79.58 -68.87
C ASP Q 672 -142.16 80.59 -69.93
N PRO Q 673 -142.18 81.88 -69.60
CA PRO Q 673 -142.45 82.90 -70.63
C PRO Q 673 -141.40 82.94 -71.73
N ALA Q 674 -140.20 82.45 -71.47
CA ALA Q 674 -139.13 82.54 -72.46
C ALA Q 674 -139.23 81.47 -73.53
N GLN Q 675 -140.03 80.42 -73.32
CA GLN Q 675 -140.13 79.31 -74.25
C GLN Q 675 -141.20 79.52 -75.30
N ARG Q 676 -141.72 80.73 -75.44
CA ARG Q 676 -142.93 80.95 -76.22
C ARG Q 676 -142.73 80.59 -77.70
N ALA Q 677 -141.54 80.82 -78.24
CA ALA Q 677 -141.31 80.56 -79.66
C ALA Q 677 -141.49 79.08 -79.97
N GLU Q 678 -140.69 78.23 -79.36
CA GLU Q 678 -140.78 76.79 -79.60
C GLU Q 678 -142.12 76.25 -79.12
N ALA Q 679 -142.65 76.83 -78.04
CA ALA Q 679 -143.96 76.42 -77.55
C ALA Q 679 -145.02 76.62 -78.64
N LEU Q 680 -145.01 77.79 -79.29
CA LEU Q 680 -145.95 78.06 -80.37
C LEU Q 680 -145.72 77.11 -81.54
N LYS Q 681 -144.46 76.87 -81.88
CA LYS Q 681 -144.17 75.99 -83.02
C LYS Q 681 -144.75 74.60 -82.79
N GLN Q 682 -144.42 73.99 -81.66
CA GLN Q 682 -144.91 72.65 -81.38
C GLN Q 682 -146.41 72.64 -81.13
N SER Q 683 -146.96 73.73 -80.58
CA SER Q 683 -148.39 73.79 -80.36
C SER Q 683 -149.14 73.81 -81.68
N ASN Q 684 -148.63 74.54 -82.66
CA ASN Q 684 -149.27 74.54 -83.99
C ASN Q 684 -149.12 73.18 -84.65
N ALA Q 685 -147.96 72.53 -84.48
CA ALA Q 685 -147.82 71.18 -84.99
C ALA Q 685 -148.85 70.24 -84.37
N ILE Q 686 -149.07 70.37 -83.07
CA ILE Q 686 -150.02 69.49 -82.40
C ILE Q 686 -151.46 69.91 -82.73
N MET Q 687 -151.65 71.18 -83.09
CA MET Q 687 -152.93 71.59 -83.67
C MET Q 687 -153.19 70.82 -84.96
N ARG Q 688 -152.15 70.71 -85.79
CA ARG Q 688 -152.23 69.89 -87.00
C ARG Q 688 -152.63 68.46 -86.65
N LYS Q 689 -151.97 67.88 -85.66
CA LYS Q 689 -152.31 66.51 -85.26
C LYS Q 689 -153.75 66.43 -84.78
N PHE Q 690 -154.18 67.41 -83.99
CA PHE Q 690 -155.59 67.51 -83.58
C PHE Q 690 -156.51 67.35 -84.76
N LEU Q 691 -156.42 68.28 -85.69
CA LEU Q 691 -157.37 68.32 -86.79
C LEU Q 691 -157.28 67.07 -87.65
N ALA Q 692 -156.05 66.63 -87.94
CA ALA Q 692 -155.88 65.46 -88.80
C ALA Q 692 -156.31 64.18 -88.10
N SER Q 693 -156.40 64.21 -86.77
CA SER Q 693 -156.95 63.10 -86.02
C SER Q 693 -158.41 63.32 -85.65
N LYS Q 694 -159.02 64.39 -86.17
CA LYS Q 694 -160.44 64.65 -85.99
C LYS Q 694 -160.76 64.91 -84.51
N LYS Q 695 -160.01 65.87 -83.98
CA LYS Q 695 -160.24 66.40 -82.65
C LYS Q 695 -160.08 67.92 -82.71
N HIS Q 696 -160.79 68.51 -83.67
CA HIS Q 696 -160.96 69.96 -83.72
C HIS Q 696 -161.42 70.52 -82.38
N GLU Q 697 -162.19 69.74 -81.62
CA GLU Q 697 -162.56 70.19 -80.28
C GLU Q 697 -161.32 70.31 -79.40
N ALA Q 698 -160.40 69.36 -79.51
CA ALA Q 698 -159.12 69.49 -78.82
C ALA Q 698 -158.37 70.72 -79.31
N ALA Q 699 -158.41 70.97 -80.62
CA ALA Q 699 -157.73 72.14 -81.16
C ALA Q 699 -158.31 73.43 -80.57
N LYS Q 700 -159.64 73.52 -80.49
CA LYS Q 700 -160.25 74.75 -79.98
C LYS Q 700 -160.03 74.90 -78.48
N GLU Q 701 -160.02 73.79 -77.73
CA GLU Q 701 -159.72 73.90 -76.31
C GLU Q 701 -158.29 74.37 -76.08
N VAL Q 702 -157.34 73.85 -76.86
CA VAL Q 702 -155.96 74.30 -76.74
C VAL Q 702 -155.83 75.75 -77.17
N PHE Q 703 -156.60 76.16 -78.18
CA PHE Q 703 -156.59 77.56 -78.59
C PHE Q 703 -157.09 78.46 -77.47
N ALA Q 704 -158.16 78.04 -76.78
CA ALA Q 704 -158.62 78.78 -75.62
C ALA Q 704 -157.57 78.81 -74.52
N LYS Q 705 -156.86 77.69 -74.32
CA LYS Q 705 -155.76 77.65 -73.35
C LYS Q 705 -154.66 78.64 -73.68
N ILE Q 706 -154.19 78.67 -74.93
CA ILE Q 706 -153.05 79.48 -75.34
C ILE Q 706 -153.53 80.92 -75.51
N PRO Q 707 -152.71 81.90 -75.16
CA PRO Q 707 -153.10 83.29 -75.36
C PRO Q 707 -153.19 83.63 -76.84
N GLN Q 708 -154.12 84.54 -77.16
CA GLN Q 708 -154.30 85.00 -78.53
C GLN Q 708 -153.24 86.01 -78.95
N ASP Q 709 -152.50 86.58 -78.00
CA ASP Q 709 -151.48 87.57 -78.31
C ASP Q 709 -150.06 87.00 -78.27
N SER Q 710 -149.91 85.68 -78.27
CA SER Q 710 -148.58 85.09 -78.13
C SER Q 710 -147.67 85.48 -79.28
N ILE Q 711 -148.21 85.53 -80.50
CA ILE Q 711 -147.40 85.92 -81.66
C ILE Q 711 -146.89 87.35 -81.49
N ALA Q 712 -147.76 88.26 -81.08
CA ALA Q 712 -147.34 89.64 -80.88
C ALA Q 712 -146.33 89.76 -79.75
N GLU Q 713 -146.52 88.96 -78.69
CA GLU Q 713 -145.57 88.97 -77.58
C GLU Q 713 -144.19 88.51 -78.03
N ILE Q 714 -144.14 87.45 -78.84
CA ILE Q 714 -142.86 86.94 -79.33
C ILE Q 714 -142.21 87.95 -80.26
N TYR Q 715 -143.01 88.59 -81.13
CA TYR Q 715 -142.48 89.61 -82.01
C TYR Q 715 -141.89 90.77 -81.22
N SER Q 716 -142.62 91.23 -80.20
CA SER Q 716 -142.12 92.32 -79.37
C SER Q 716 -140.86 91.91 -78.63
N GLN Q 717 -140.80 90.67 -78.16
CA GLN Q 717 -139.61 90.21 -77.44
C GLN Q 717 -138.39 90.15 -78.35
N TRP Q 718 -138.57 89.66 -79.58
CA TRP Q 718 -137.44 89.62 -80.51
C TRP Q 718 -137.05 91.03 -80.94
N GLU Q 719 -138.01 91.96 -80.94
CA GLU Q 719 -137.68 93.36 -81.22
C GLU Q 719 -136.89 93.98 -80.06
N GLU Q 720 -137.30 93.67 -78.83
CA GLU Q 720 -136.78 94.38 -77.66
C GLU Q 720 -135.30 94.10 -77.43
N GLN Q 721 -134.79 93.01 -77.99
CA GLN Q 721 -133.36 92.72 -77.88
C GLN Q 721 -132.51 93.62 -78.72
N ALA Q 722 -133.14 94.58 -79.41
CA ALA Q 722 -132.47 95.49 -80.34
C ALA Q 722 -131.78 94.73 -81.47
N MET Q 723 -132.11 93.46 -81.63
CA MET Q 723 -131.55 92.65 -82.70
C MET Q 723 -132.67 91.96 -83.44
N ASP Q 724 -132.71 92.17 -84.75
CA ASP Q 724 -133.70 91.50 -85.58
C ASP Q 724 -133.07 90.89 -86.82
N SER Q 725 -131.76 91.05 -87.00
CA SER Q 725 -131.06 90.49 -88.15
C SER Q 725 -131.01 88.97 -88.13
N ALA Q 726 -130.72 88.38 -86.98
CA ALA Q 726 -130.68 86.92 -86.86
C ALA Q 726 -132.09 86.33 -86.82
N LEU Q 727 -133.12 87.14 -87.04
CA LEU Q 727 -134.47 86.62 -87.12
C LEU Q 727 -134.59 85.73 -88.34
N PRO Q 728 -134.72 84.43 -88.16
CA PRO Q 728 -134.85 83.54 -89.33
C PRO Q 728 -136.28 83.55 -89.82
N ALA Q 729 -136.60 82.65 -90.72
CA ALA Q 729 -137.99 82.52 -91.16
C ALA Q 729 -138.86 81.89 -90.07
N GLU Q 730 -138.24 81.31 -89.04
CA GLU Q 730 -138.95 80.36 -88.19
C GLU Q 730 -139.95 81.03 -87.24
N ASP Q 731 -139.55 82.11 -86.56
CA ASP Q 731 -140.48 82.76 -85.65
C ASP Q 731 -141.67 83.33 -86.41
N ASP Q 732 -141.37 83.99 -87.51
CA ASP Q 732 -142.43 84.55 -88.34
C ASP Q 732 -143.30 83.45 -88.93
N ASN Q 733 -142.71 82.29 -89.23
CA ASN Q 733 -143.52 81.13 -89.62
C ASN Q 733 -144.50 80.79 -88.51
N ALA Q 734 -143.99 80.61 -87.30
CA ALA Q 734 -144.85 80.28 -86.16
C ALA Q 734 -146.01 81.26 -86.08
N ILE Q 735 -145.74 82.53 -86.36
CA ILE Q 735 -146.81 83.52 -86.45
C ILE Q 735 -147.83 83.11 -87.52
N ARG Q 736 -147.34 82.76 -88.72
CA ARG Q 736 -148.29 82.33 -89.76
C ARG Q 736 -149.07 81.09 -89.36
N GLU Q 737 -148.42 80.05 -88.82
CA GLU Q 737 -149.23 78.90 -88.43
C GLU Q 737 -150.30 79.32 -87.45
N HIS Q 738 -149.91 79.94 -86.33
CA HIS Q 738 -150.89 80.37 -85.33
C HIS Q 738 -152.06 81.08 -86.00
N LEU Q 739 -151.76 82.01 -86.91
CA LEU Q 739 -152.81 82.77 -87.58
C LEU Q 739 -153.66 81.88 -88.50
N CYS Q 740 -153.04 80.93 -89.19
CA CYS Q 740 -153.77 80.11 -90.15
C CYS Q 740 -154.71 79.14 -89.44
N ILE Q 741 -154.23 78.50 -88.36
CA ILE Q 741 -155.12 77.72 -87.53
C ILE Q 741 -156.26 78.58 -87.00
N ARG Q 742 -155.95 79.78 -86.50
CA ARG Q 742 -156.99 80.67 -86.02
C ARG Q 742 -158.05 80.90 -87.09
N ALA Q 743 -157.60 81.24 -88.30
CA ALA Q 743 -158.53 81.57 -89.37
C ALA Q 743 -159.38 80.38 -89.75
N TYR Q 744 -158.76 79.20 -89.91
CA TYR Q 744 -159.51 78.03 -90.34
C TYR Q 744 -160.55 77.64 -89.29
N LEU Q 745 -160.14 77.59 -88.02
CA LEU Q 745 -161.10 77.26 -86.98
C LEU Q 745 -162.23 78.28 -86.93
N GLU Q 746 -161.88 79.57 -86.99
CA GLU Q 746 -162.88 80.62 -86.85
C GLU Q 746 -163.90 80.56 -87.96
N SER Q 747 -163.44 80.36 -89.20
CA SER Q 747 -164.38 80.16 -90.30
C SER Q 747 -165.24 78.93 -90.06
N HIS Q 748 -164.66 77.90 -89.44
CA HIS Q 748 -165.44 76.72 -89.13
C HIS Q 748 -166.62 77.04 -88.21
N GLU Q 749 -166.37 77.68 -87.06
CA GLU Q 749 -167.50 77.93 -86.17
C GLU Q 749 -168.39 79.03 -86.73
N ALA Q 750 -167.86 79.88 -87.61
CA ALA Q 750 -168.69 80.89 -88.25
C ALA Q 750 -169.73 80.24 -89.16
N PHE Q 751 -169.28 79.26 -89.96
CA PHE Q 751 -170.21 78.51 -90.78
C PHE Q 751 -171.23 77.78 -89.91
N ASN Q 752 -170.76 77.17 -88.82
CA ASN Q 752 -171.70 76.47 -87.94
C ASN Q 752 -172.73 77.43 -87.33
N GLU Q 753 -172.29 78.62 -86.94
CA GLU Q 753 -173.20 79.61 -86.36
C GLU Q 753 -174.23 80.06 -87.39
N TRP Q 754 -173.80 80.32 -88.62
CA TRP Q 754 -174.74 80.70 -89.66
C TRP Q 754 -175.73 79.56 -89.92
N PHE Q 755 -175.24 78.32 -89.92
CA PHE Q 755 -176.09 77.16 -90.15
C PHE Q 755 -177.13 77.01 -89.05
N LYS Q 756 -176.74 77.20 -87.80
CA LYS Q 756 -177.70 77.08 -86.70
C LYS Q 756 -178.67 78.26 -86.71
N HIS Q 757 -178.21 79.44 -87.10
CA HIS Q 757 -179.08 80.60 -87.10
C HIS Q 757 -180.15 80.49 -88.17
N ILE Q 758 -179.76 80.09 -89.39
CA ILE Q 758 -180.75 79.97 -90.47
C ILE Q 758 -181.78 78.92 -90.12
N ASN Q 759 -181.38 77.87 -89.43
CA ASN Q 759 -182.29 76.80 -89.02
C ASN Q 759 -183.23 77.22 -87.90
N SER Q 760 -183.05 78.42 -87.36
CA SER Q 760 -183.88 78.90 -86.26
C SER Q 760 -184.76 80.05 -86.75
N PRO Q 761 -185.89 79.78 -87.40
CA PRO Q 761 -186.76 80.87 -87.84
C PRO Q 761 -187.39 81.58 -86.66
N PRO Q 762 -187.73 82.86 -86.80
CA PRO Q 762 -188.41 83.56 -85.70
C PRO Q 762 -189.77 82.98 -85.39
N GLN Q 763 -190.66 82.95 -86.37
CA GLN Q 763 -191.97 82.31 -86.25
C GLN Q 763 -192.67 82.28 -87.60
N LYS Q 764 -193.59 81.34 -87.78
CA LYS Q 764 -194.33 81.39 -89.04
C LYS Q 764 -195.47 82.40 -88.94
N PRO Q 765 -195.88 82.98 -90.06
CA PRO Q 765 -197.01 83.92 -90.03
C PRO Q 765 -198.26 83.25 -89.47
N THR Q 766 -199.04 84.01 -88.71
CA THR Q 766 -200.28 83.51 -88.15
C THR Q 766 -201.26 83.20 -89.29
N LEU Q 767 -201.86 82.02 -89.25
CA LEU Q 767 -202.73 81.55 -90.33
C LEU Q 767 -204.10 81.09 -89.83
N VAL Q 768 -204.47 81.44 -88.60
CA VAL Q 768 -205.77 81.04 -88.08
C VAL Q 768 -206.85 81.90 -88.73
N GLY Q 769 -208.00 81.29 -89.02
CA GLY Q 769 -209.09 81.96 -89.71
C GLY Q 769 -209.93 82.82 -88.79
N GLN Q 770 -211.25 82.79 -89.03
CA GLN Q 770 -212.20 83.60 -88.29
C GLN Q 770 -212.15 83.31 -86.79
N ALA Q 771 -212.07 84.36 -85.98
CA ALA Q 771 -211.98 84.21 -84.53
C ALA Q 771 -212.64 85.37 -83.81
N SER Q 772 -212.41 85.49 -82.51
CA SER Q 772 -213.01 86.54 -81.69
C SER Q 772 -212.20 87.83 -81.78
N PHE Q 773 -212.80 88.91 -81.28
CA PHE Q 773 -212.13 90.21 -81.30
C PHE Q 773 -210.87 90.21 -80.46
N THR Q 774 -210.96 89.63 -79.25
CA THR Q 774 -209.76 89.48 -78.42
C THR Q 774 -208.74 88.59 -79.12
N GLU Q 775 -209.21 87.56 -79.83
CA GLU Q 775 -208.30 86.75 -80.63
C GLU Q 775 -207.71 87.55 -81.78
N LYS Q 776 -208.45 88.49 -82.36
CA LYS Q 776 -207.86 89.36 -83.36
C LYS Q 776 -206.78 90.25 -82.77
N VAL Q 777 -206.99 90.76 -81.56
CA VAL Q 777 -205.96 91.56 -80.89
C VAL Q 777 -204.73 90.68 -80.63
N ALA Q 778 -204.96 89.42 -80.24
CA ALA Q 778 -203.86 88.50 -80.04
C ALA Q 778 -203.12 88.22 -81.35
N HIS Q 779 -203.84 88.11 -82.46
CA HIS Q 779 -203.20 87.93 -83.76
C HIS Q 779 -202.37 89.15 -84.12
N GLU Q 780 -202.88 90.34 -83.84
CA GLU Q 780 -202.11 91.56 -84.10
C GLU Q 780 -200.83 91.59 -83.28
N HIS Q 781 -200.92 91.20 -82.00
CA HIS Q 781 -199.73 91.13 -81.17
C HIS Q 781 -198.76 90.08 -81.69
N LYS Q 782 -199.28 88.93 -82.13
CA LYS Q 782 -198.44 87.90 -82.73
C LYS Q 782 -197.72 88.42 -83.96
N GLU Q 783 -198.42 89.19 -84.79
CA GLU Q 783 -197.81 89.72 -86.00
C GLU Q 783 -196.75 90.78 -85.68
N LYS Q 784 -197.00 91.63 -84.68
CA LYS Q 784 -195.97 92.58 -84.27
C LYS Q 784 -194.73 91.87 -83.75
N LYS Q 785 -194.94 90.87 -82.89
CA LYS Q 785 -193.83 90.07 -82.39
C LYS Q 785 -193.09 89.41 -83.53
N TYR Q 786 -193.83 88.89 -84.52
CA TYR Q 786 -193.23 88.30 -85.69
C TYR Q 786 -192.38 89.34 -86.43
N GLU Q 787 -192.88 90.58 -86.49
CA GLU Q 787 -192.12 91.63 -87.17
C GLU Q 787 -190.78 91.88 -86.49
N MET Q 788 -190.79 92.10 -85.18
CA MET Q 788 -189.53 92.36 -84.48
C MET Q 788 -188.59 91.15 -84.58
N ASP Q 789 -189.10 89.96 -84.30
CA ASP Q 789 -188.25 88.78 -84.30
C ASP Q 789 -187.69 88.50 -85.70
N PHE Q 790 -188.53 88.63 -86.73
CA PHE Q 790 -188.07 88.40 -88.10
C PHE Q 790 -187.02 89.42 -88.50
N GLY Q 791 -187.23 90.69 -88.17
CA GLY Q 791 -186.23 91.70 -88.51
C GLY Q 791 -184.90 91.42 -87.85
N ILE Q 792 -184.93 91.16 -86.54
CA ILE Q 792 -183.69 90.91 -85.81
C ILE Q 792 -182.99 89.66 -86.34
N TRP Q 793 -183.75 88.58 -86.51
CA TRP Q 793 -183.18 87.33 -86.96
C TRP Q 793 -182.63 87.41 -88.37
N LYS Q 794 -183.34 88.11 -89.26
CA LYS Q 794 -182.86 88.26 -90.63
C LYS Q 794 -181.63 89.13 -90.69
N GLY Q 795 -181.58 90.22 -89.90
CA GLY Q 795 -180.38 91.03 -89.87
C GLY Q 795 -179.18 90.23 -89.40
N HIS Q 796 -179.34 89.48 -88.31
CA HIS Q 796 -178.25 88.63 -87.84
C HIS Q 796 -177.88 87.57 -88.89
N LEU Q 797 -178.89 86.98 -89.54
CA LEU Q 797 -178.64 85.94 -90.53
C LEU Q 797 -177.82 86.48 -91.69
N ASP Q 798 -178.18 87.66 -92.20
CA ASP Q 798 -177.47 88.21 -93.35
C ASP Q 798 -176.08 88.69 -92.96
N ALA Q 799 -175.93 89.26 -91.76
CA ALA Q 799 -174.60 89.61 -91.29
C ALA Q 799 -173.71 88.38 -91.18
N LEU Q 800 -174.26 87.30 -90.62
CA LEU Q 800 -173.51 86.05 -90.53
C LEU Q 800 -173.16 85.53 -91.91
N THR Q 801 -174.12 85.58 -92.85
CA THR Q 801 -173.86 85.10 -94.20
C THR Q 801 -172.70 85.85 -94.83
N SER Q 802 -172.73 87.19 -94.73
CA SER Q 802 -171.67 88.01 -95.30
C SER Q 802 -170.33 87.71 -94.65
N ASP Q 803 -170.30 87.60 -93.33
CA ASP Q 803 -169.03 87.33 -92.65
C ASP Q 803 -168.50 85.95 -93.03
N VAL Q 804 -169.39 84.97 -93.14
CA VAL Q 804 -168.97 83.63 -93.52
C VAL Q 804 -168.34 83.63 -94.89
N LYS Q 805 -168.99 84.26 -95.87
CA LYS Q 805 -168.39 84.26 -97.21
C LYS Q 805 -167.09 85.07 -97.22
N GLU Q 806 -167.04 86.15 -96.44
CA GLU Q 806 -165.80 86.92 -96.32
C GLU Q 806 -164.66 86.02 -95.89
N LYS Q 807 -164.85 85.27 -94.81
CA LYS Q 807 -163.77 84.43 -94.30
C LYS Q 807 -163.52 83.24 -95.21
N ILE Q 808 -164.55 82.79 -95.93
CA ILE Q 808 -164.36 81.74 -96.92
C ILE Q 808 -163.37 82.20 -97.97
N TYR Q 809 -163.57 83.41 -98.50
CA TYR Q 809 -162.62 83.96 -99.45
C TYR Q 809 -161.25 84.12 -98.82
N ASN Q 810 -161.21 84.62 -97.59
CA ASN Q 810 -159.95 84.87 -96.90
C ASN Q 810 -159.12 83.60 -96.79
N VAL Q 811 -159.78 82.49 -96.48
CA VAL Q 811 -159.09 81.17 -96.34
C VAL Q 811 -159.06 80.48 -97.71
N LEU Q 812 -159.86 80.99 -98.66
CA LEU Q 812 -159.91 80.41 -100.04
C LEU Q 812 -159.06 81.26 -100.98
N LEU Q 813 -158.84 82.54 -100.62
CA LEU Q 813 -158.03 83.47 -101.45
C LEU Q 813 -156.83 83.96 -100.62
N PHE Q 814 -156.44 83.20 -99.60
CA PHE Q 814 -155.30 83.57 -98.72
C PHE Q 814 -153.99 83.07 -99.35
N VAL Q 815 -153.02 83.97 -99.51
CA VAL Q 815 -151.70 83.62 -100.11
C VAL Q 815 -151.92 82.90 -101.44
N ASP Q 816 -152.55 83.58 -102.41
CA ASP Q 816 -152.82 82.98 -103.74
C ASP Q 816 -153.79 81.81 -103.58
N GLY Q 817 -154.62 81.86 -102.54
CA GLY Q 817 -155.61 80.78 -102.27
C GLY Q 817 -154.95 79.55 -101.66
N GLY Q 818 -153.91 79.76 -100.85
CA GLY Q 818 -153.18 78.65 -100.20
C GLY Q 818 -153.66 78.43 -98.77
N TRP Q 819 -153.08 77.43 -98.09
CA TRP Q 819 -153.47 77.11 -96.69
C TRP Q 819 -152.27 76.46 -95.97
N MET Q 820 -152.22 76.62 -94.64
CA MET Q 820 -151.12 76.05 -93.84
C MET Q 820 -149.77 76.36 -94.47
N VAL Q 821 -149.72 77.19 -95.51
CA VAL Q 821 -148.47 77.39 -96.24
C VAL Q 821 -147.44 78.06 -95.34
N ASP Q 822 -146.17 77.70 -95.57
CA ASP Q 822 -145.08 78.21 -94.77
C ASP Q 822 -143.82 78.29 -95.62
N VAL Q 823 -142.90 79.17 -95.21
CA VAL Q 823 -141.70 79.41 -96.02
C VAL Q 823 -140.78 78.21 -96.00
N ARG Q 824 -140.52 77.65 -94.82
CA ARG Q 824 -139.59 76.53 -94.67
C ARG Q 824 -140.40 75.24 -94.59
N GLU Q 825 -140.43 74.50 -95.70
CA GLU Q 825 -141.04 73.18 -95.78
C GLU Q 825 -139.96 72.13 -95.99
N ASP Q 826 -138.75 72.43 -95.52
CA ASP Q 826 -137.58 71.61 -95.84
C ASP Q 826 -137.77 70.18 -95.34
N THR Q 827 -137.49 69.22 -96.23
CA THR Q 827 -137.45 67.81 -95.88
C THR Q 827 -136.15 67.44 -95.18
N GLU Q 828 -135.17 68.32 -95.21
CA GLU Q 828 -134.02 68.23 -94.32
C GLU Q 828 -134.39 68.55 -92.88
N GLU Q 829 -135.25 69.56 -92.68
CA GLU Q 829 -135.80 69.82 -91.36
C GLU Q 829 -136.82 68.76 -90.99
N ASP Q 830 -137.89 68.65 -91.77
CA ASP Q 830 -138.89 67.60 -91.55
C ASP Q 830 -139.61 67.27 -92.85
N PRO Q 831 -139.27 66.14 -93.49
CA PRO Q 831 -140.05 65.70 -94.65
C PRO Q 831 -141.49 65.42 -94.29
N GLU Q 832 -141.71 64.91 -93.08
CA GLU Q 832 -143.07 64.64 -92.65
C GLU Q 832 -143.87 65.92 -92.50
N ARG Q 833 -143.19 67.02 -92.15
CA ARG Q 833 -143.88 68.30 -92.09
C ARG Q 833 -144.45 68.67 -93.46
N SER Q 834 -143.63 68.56 -94.49
CA SER Q 834 -144.09 68.85 -95.85
C SER Q 834 -145.20 67.90 -96.27
N HIS Q 835 -145.05 66.62 -95.94
CA HIS Q 835 -146.08 65.64 -96.26
C HIS Q 835 -147.39 66.01 -95.60
N GLN Q 836 -147.34 66.35 -94.30
CA GLN Q 836 -148.53 66.76 -93.57
C GLN Q 836 -149.15 68.01 -94.16
N MET Q 837 -148.31 68.96 -94.60
CA MET Q 837 -148.83 70.25 -95.03
C MET Q 837 -149.52 70.13 -96.39
N VAL Q 838 -148.91 69.40 -97.33
CA VAL Q 838 -149.55 69.11 -98.61
C VAL Q 838 -150.82 68.30 -98.39
N LEU Q 839 -150.76 67.34 -97.45
CA LEU Q 839 -151.94 66.56 -97.08
C LEU Q 839 -153.06 67.46 -96.58
N LEU Q 840 -152.72 68.44 -95.73
CA LEU Q 840 -153.71 69.36 -95.18
C LEU Q 840 -154.39 70.15 -96.28
N ARG Q 841 -153.60 70.66 -97.24
CA ARG Q 841 -154.20 71.37 -98.35
C ARG Q 841 -155.11 70.47 -99.17
N ARG Q 842 -154.61 69.32 -99.61
CA ARG Q 842 -155.40 68.40 -100.42
C ARG Q 842 -156.65 67.96 -99.70
N LEU Q 843 -156.64 67.96 -98.36
CA LEU Q 843 -157.82 67.60 -97.59
C LEU Q 843 -158.82 68.75 -97.54
N CYS Q 844 -158.38 69.93 -97.08
CA CYS Q 844 -159.33 70.96 -96.70
C CYS Q 844 -159.85 71.77 -97.87
N LEU Q 845 -159.01 71.94 -98.90
CA LEU Q 845 -159.40 72.78 -100.07
C LEU Q 845 -160.74 72.35 -100.68
N PRO Q 846 -160.91 71.08 -101.11
CA PRO Q 846 -162.11 70.66 -101.87
C PRO Q 846 -163.43 71.08 -101.25
N MET Q 847 -163.70 70.63 -100.03
CA MET Q 847 -164.98 70.92 -99.41
C MET Q 847 -165.12 72.39 -99.08
N MET Q 848 -164.01 73.08 -98.81
CA MET Q 848 -164.14 74.52 -98.55
C MET Q 848 -164.68 75.23 -99.78
N CYS Q 849 -164.14 74.89 -100.96
CA CYS Q 849 -164.66 75.44 -102.21
C CYS Q 849 -166.11 75.02 -102.43
N PHE Q 850 -166.44 73.76 -102.17
CA PHE Q 850 -167.81 73.31 -102.42
C PHE Q 850 -168.80 73.99 -101.49
N LEU Q 851 -168.42 74.22 -100.24
CA LEU Q 851 -169.29 74.93 -99.32
C LEU Q 851 -169.49 76.37 -99.76
N LEU Q 852 -168.43 77.00 -100.27
CA LEU Q 852 -168.60 78.33 -100.86
C LEU Q 852 -169.60 78.29 -102.02
N HIS Q 853 -169.49 77.27 -102.87
CA HIS Q 853 -170.43 77.13 -103.98
C HIS Q 853 -171.86 77.01 -103.46
N THR Q 854 -172.06 76.20 -102.43
CA THR Q 854 -173.41 76.01 -101.88
C THR Q 854 -173.95 77.31 -101.29
N VAL Q 855 -173.11 78.03 -100.55
CA VAL Q 855 -173.57 79.28 -99.93
C VAL Q 855 -173.94 80.30 -100.99
N LEU Q 856 -173.10 80.45 -102.02
CA LEU Q 856 -173.38 81.41 -103.07
C LEU Q 856 -174.63 81.00 -103.84
N HIS Q 857 -174.80 79.70 -104.10
CA HIS Q 857 -175.99 79.22 -104.77
C HIS Q 857 -177.25 79.51 -103.97
N ASN Q 858 -177.18 79.28 -102.65
CA ASN Q 858 -178.32 79.59 -101.80
C ASN Q 858 -178.62 81.08 -101.76
N THR Q 859 -177.58 81.91 -101.78
CA THR Q 859 -177.76 83.35 -101.91
C THR Q 859 -177.98 83.79 -103.35
N LYS Q 860 -178.31 82.86 -104.24
CA LYS Q 860 -178.59 83.12 -105.64
C LYS Q 860 -177.41 83.77 -106.35
N GLN Q 861 -176.19 83.55 -105.85
CA GLN Q 861 -174.99 84.10 -106.46
C GLN Q 861 -174.39 83.09 -107.44
N TYR Q 862 -175.23 82.65 -108.38
CA TYR Q 862 -174.79 81.71 -109.39
C TYR Q 862 -173.73 82.33 -110.30
N LYS Q 863 -173.82 83.63 -110.55
CA LYS Q 863 -172.77 84.30 -111.32
C LYS Q 863 -171.43 84.22 -110.58
N ASP Q 864 -171.47 84.24 -109.25
CA ASP Q 864 -170.26 84.04 -108.48
C ASP Q 864 -169.83 82.57 -108.48
N CYS Q 865 -170.81 81.65 -108.54
CA CYS Q 865 -170.47 80.23 -108.63
C CYS Q 865 -169.74 79.90 -109.91
N LEU Q 866 -170.13 80.55 -111.02
CA LEU Q 866 -169.53 80.22 -112.31
C LEU Q 866 -168.09 80.70 -112.42
N ARG Q 867 -167.79 81.85 -111.82
CA ARG Q 867 -166.42 82.43 -111.84
C ARG Q 867 -165.58 81.79 -110.72
N LEU Q 868 -166.23 81.44 -109.61
CA LEU Q 868 -165.53 80.80 -108.46
C LEU Q 868 -165.23 79.34 -108.80
N ALA Q 869 -166.12 78.69 -109.57
CA ALA Q 869 -165.94 77.28 -109.97
C ALA Q 869 -164.86 77.18 -111.04
N ASP Q 870 -164.67 78.25 -111.81
CA ASP Q 870 -163.65 78.30 -112.89
C ASP Q 870 -162.32 78.74 -112.30
N ILE Q 871 -162.35 79.25 -111.07
CA ILE Q 871 -161.11 79.75 -110.39
C ILE Q 871 -160.78 78.83 -109.21
N VAL Q 872 -160.03 77.76 -109.47
CA VAL Q 872 -159.63 76.78 -108.42
C VAL Q 872 -158.34 76.09 -108.84
N SER Q 873 -157.39 76.86 -109.38
CA SER Q 873 -156.08 76.30 -109.83
C SER Q 873 -154.95 77.26 -109.46
N SER Q 874 -154.45 77.16 -108.23
CA SER Q 874 -153.33 78.02 -107.75
C SER Q 874 -152.11 77.15 -107.44
N GLU Q 875 -151.28 76.87 -108.46
CA GLU Q 875 -150.07 76.03 -108.27
C GLU Q 875 -148.91 76.92 -107.82
N ASN Q 876 -149.21 78.15 -107.42
CA ASN Q 876 -148.16 79.10 -106.95
C ASN Q 876 -147.74 78.73 -105.53
N GLN Q 877 -148.72 78.49 -104.66
CA GLN Q 877 -148.46 78.09 -103.24
C GLN Q 877 -149.11 76.73 -102.99
N LYS Q 878 -148.88 75.77 -103.88
CA LYS Q 878 -149.47 74.40 -103.74
C LYS Q 878 -150.99 74.52 -103.62
N LEU Q 879 -151.66 74.93 -104.71
CA LEU Q 879 -153.15 75.07 -104.71
C LEU Q 879 -153.66 74.97 -106.15
N TYR Q 880 -153.46 73.81 -106.79
CA TYR Q 880 -153.92 73.59 -108.18
C TYR Q 880 -153.91 72.08 -108.48
N THR Q 881 -153.40 71.29 -107.54
CA THR Q 881 -153.33 69.81 -107.68
C THR Q 881 -153.96 69.14 -106.46
N VAL Q 882 -154.90 69.81 -105.80
CA VAL Q 882 -155.55 69.24 -104.62
C VAL Q 882 -156.91 68.64 -104.95
N PHE Q 883 -157.46 68.90 -106.13
CA PHE Q 883 -158.75 68.35 -106.48
C PHE Q 883 -158.60 67.04 -107.24
N SER Q 884 -159.56 66.14 -107.06
CA SER Q 884 -159.47 64.81 -107.64
C SER Q 884 -160.45 64.63 -108.80
N LYS Q 885 -160.32 63.50 -109.48
CA LYS Q 885 -161.14 63.22 -110.66
C LYS Q 885 -162.63 63.19 -110.31
N THR Q 886 -163.00 62.38 -109.32
CA THR Q 886 -164.39 62.35 -108.91
C THR Q 886 -164.82 63.70 -108.35
N GLU Q 887 -163.94 64.35 -107.58
CA GLU Q 887 -164.26 65.67 -107.05
C GLU Q 887 -164.46 66.69 -108.16
N MET Q 888 -163.61 66.68 -109.18
CA MET Q 888 -163.78 67.65 -110.25
C MET Q 888 -165.05 67.36 -111.03
N ARG Q 889 -165.43 66.07 -111.15
CA ARG Q 889 -166.75 65.77 -111.70
C ARG Q 889 -167.85 66.39 -110.84
N ASN Q 890 -167.74 66.26 -109.53
CA ASN Q 890 -168.76 66.81 -108.64
C ASN Q 890 -168.87 68.31 -108.79
N LEU Q 891 -167.73 69.00 -108.88
CA LEU Q 891 -167.75 70.44 -109.10
C LEU Q 891 -168.30 70.77 -110.47
N LEU Q 892 -168.10 69.88 -111.46
CA LEU Q 892 -168.72 70.08 -112.75
C LEU Q 892 -170.24 70.08 -112.63
N GLN Q 893 -170.79 69.16 -111.85
CA GLN Q 893 -172.25 69.16 -111.66
C GLN Q 893 -172.70 70.35 -110.81
N LYS Q 894 -171.85 70.83 -109.89
CA LYS Q 894 -172.20 72.04 -109.15
C LYS Q 894 -172.26 73.26 -110.07
N LEU Q 895 -171.26 73.39 -110.94
CA LEU Q 895 -171.32 74.44 -111.95
C LEU Q 895 -172.48 74.23 -112.90
N ARG Q 896 -172.89 72.97 -113.11
CA ARG Q 896 -174.01 72.69 -113.99
C ARG Q 896 -175.34 73.10 -113.36
N GLU Q 897 -175.49 72.89 -112.05
CA GLU Q 897 -176.69 73.36 -111.37
C GLU Q 897 -176.73 74.89 -111.37
N SER Q 898 -175.57 75.53 -111.18
CA SER Q 898 -175.54 76.98 -111.28
C SER Q 898 -175.81 77.45 -112.70
N SER R 59 118.61 -1.92 -17.71
CA SER R 59 117.77 -2.32 -18.83
C SER R 59 118.13 -3.71 -19.33
N ARG R 60 117.11 -4.46 -19.78
CA ARG R 60 117.31 -5.79 -20.34
C ARG R 60 116.50 -5.89 -21.61
N VAL R 61 116.84 -6.86 -22.44
CA VAL R 61 116.14 -7.04 -23.70
C VAL R 61 114.99 -8.01 -23.51
N TYR R 62 114.03 -7.94 -24.42
CA TYR R 62 112.83 -8.77 -24.40
C TYR R 62 113.18 -10.22 -24.08
N LEU R 63 112.46 -10.78 -23.10
CA LEU R 63 112.76 -12.08 -22.55
C LEU R 63 111.59 -13.03 -22.78
N HIS R 64 111.90 -14.27 -23.16
CA HIS R 64 110.88 -15.30 -23.30
C HIS R 64 110.36 -15.71 -21.91
N PRO R 65 109.07 -16.06 -21.81
CA PRO R 65 108.54 -16.45 -20.48
C PRO R 65 109.30 -17.57 -19.82
N ALA R 66 109.36 -18.75 -20.45
CA ALA R 66 110.11 -19.87 -19.87
C ALA R 66 111.61 -19.58 -19.80
N ALA R 67 112.11 -18.71 -20.66
CA ALA R 67 113.50 -18.28 -20.61
C ALA R 67 113.70 -17.05 -19.73
N SER R 68 112.64 -16.56 -19.07
CA SER R 68 112.75 -15.36 -18.27
C SER R 68 113.79 -15.51 -17.17
N GLU R 69 113.82 -16.66 -16.52
CA GLU R 69 114.82 -16.91 -15.50
C GLU R 69 116.23 -16.87 -16.08
N THR R 70 116.38 -17.27 -17.34
CA THR R 70 117.68 -17.29 -18.00
C THR R 70 118.00 -15.90 -18.52
N VAL R 71 119.03 -15.28 -17.95
CA VAL R 71 119.51 -13.99 -18.42
C VAL R 71 120.94 -14.06 -18.94
N ASN R 72 121.68 -15.15 -18.65
CA ASN R 72 123.05 -15.26 -19.10
C ASN R 72 123.15 -15.20 -20.62
N TYR R 73 122.17 -15.78 -21.31
CA TYR R 73 121.96 -15.54 -22.73
C TYR R 73 120.59 -14.91 -22.92
N ASN R 74 120.49 -14.01 -23.90
CA ASN R 74 119.28 -13.24 -24.12
C ASN R 74 118.61 -13.71 -25.40
N VAL R 75 117.34 -14.09 -25.29
CA VAL R 75 116.55 -14.55 -26.43
C VAL R 75 115.85 -13.34 -27.05
N GLN R 76 116.11 -13.10 -28.33
CA GLN R 76 115.54 -11.96 -29.03
C GLN R 76 114.96 -12.43 -30.35
N LEU R 77 113.86 -11.80 -30.76
CA LEU R 77 113.31 -12.08 -32.08
C LEU R 77 114.32 -11.65 -33.14
N PHE R 78 114.62 -12.58 -34.06
CA PHE R 78 115.67 -12.34 -35.03
C PHE R 78 115.33 -11.18 -35.96
N GLY R 79 114.06 -10.79 -35.99
CA GLY R 79 113.60 -9.77 -36.91
C GLY R 79 112.69 -10.44 -37.92
N SER R 80 112.37 -11.69 -37.64
CA SER R 80 111.59 -12.53 -38.54
C SER R 80 110.77 -13.53 -37.73
N SER R 81 109.50 -13.66 -38.08
CA SER R 81 108.62 -14.66 -37.51
C SER R 81 107.97 -15.44 -38.64
N LEU R 82 107.53 -16.65 -38.32
CA LEU R 82 107.11 -17.63 -39.32
C LEU R 82 105.85 -17.20 -40.05
N PRO R 83 105.71 -17.60 -41.31
CA PRO R 83 104.43 -17.38 -42.02
C PRO R 83 103.29 -18.11 -41.32
N VAL R 84 102.10 -17.57 -41.53
CA VAL R 84 100.93 -18.11 -40.85
C VAL R 84 100.54 -19.47 -41.44
N LYS R 85 100.81 -19.65 -42.73
CA LYS R 85 100.62 -20.95 -43.35
C LYS R 85 101.41 -22.02 -42.59
N VAL R 86 102.53 -21.62 -41.99
CA VAL R 86 103.37 -22.58 -41.28
C VAL R 86 102.66 -23.11 -40.04
N MET R 87 102.02 -22.23 -39.26
CA MET R 87 101.32 -22.75 -38.08
C MET R 87 100.18 -23.63 -38.51
N GLU R 88 99.49 -23.24 -39.58
CA GLU R 88 98.32 -24.01 -39.97
C GLU R 88 98.73 -25.39 -40.46
N ALA R 89 99.81 -25.47 -41.25
CA ALA R 89 100.32 -26.77 -41.67
C ALA R 89 100.79 -27.60 -40.49
N LEU R 90 101.47 -26.98 -39.53
CA LEU R 90 101.98 -27.73 -38.39
C LEU R 90 100.86 -28.23 -37.50
N SER R 91 99.83 -27.41 -37.29
CA SER R 91 98.71 -27.83 -36.44
C SER R 91 97.85 -28.87 -37.14
N ASN R 92 97.79 -28.83 -38.47
CA ASN R 92 97.13 -29.90 -39.21
C ASN R 92 97.96 -31.18 -39.26
N ALA R 93 99.28 -31.06 -39.19
CA ALA R 93 100.18 -32.21 -39.13
C ALA R 93 101.30 -31.88 -38.15
N SER R 94 101.09 -32.22 -36.88
CA SER R 94 101.95 -31.84 -35.77
C SER R 94 103.42 -32.09 -36.02
N ALA R 95 104.28 -31.30 -35.37
CA ALA R 95 105.73 -31.44 -35.46
C ALA R 95 106.26 -32.64 -34.71
N ASP R 96 105.49 -33.19 -33.77
CA ASP R 96 105.80 -34.48 -33.17
C ASP R 96 105.57 -35.63 -34.15
N GLU R 97 104.96 -35.34 -35.29
CA GLU R 97 104.96 -36.23 -36.44
C GLU R 97 106.22 -35.89 -37.23
N PRO R 98 106.69 -36.75 -38.12
CA PRO R 98 107.95 -36.43 -38.82
C PRO R 98 107.78 -35.30 -39.82
N MET R 99 108.22 -34.11 -39.43
CA MET R 99 108.24 -32.92 -40.28
C MET R 99 109.57 -32.22 -40.09
N ALA R 100 110.21 -31.83 -41.19
CA ALA R 100 111.60 -31.42 -41.15
C ALA R 100 111.75 -29.96 -41.54
N ALA R 101 112.27 -29.14 -40.63
CA ALA R 101 112.49 -27.73 -40.88
C ALA R 101 113.97 -27.41 -40.83
N CYS R 102 114.38 -26.40 -41.60
CA CYS R 102 115.77 -26.00 -41.71
C CYS R 102 115.90 -24.48 -41.78
N ILE R 103 116.92 -23.96 -41.11
CA ILE R 103 117.29 -22.55 -41.13
C ILE R 103 118.59 -22.43 -41.93
N HIS R 104 118.61 -21.50 -42.89
CA HIS R 104 119.75 -21.31 -43.76
C HIS R 104 120.48 -20.03 -43.38
N GLU R 105 121.80 -20.14 -43.21
CA GLU R 105 122.64 -19.00 -42.85
C GLU R 105 122.60 -17.90 -43.90
N GLY R 106 122.24 -18.22 -45.13
CA GLY R 106 122.05 -17.22 -46.15
C GLY R 106 120.80 -16.40 -45.99
N GLY R 107 119.97 -16.70 -44.99
CA GLY R 107 118.79 -15.90 -44.72
C GLY R 107 117.48 -16.53 -45.14
N TRP R 108 117.35 -17.84 -45.02
CA TRP R 108 116.13 -18.54 -45.40
C TRP R 108 115.68 -19.52 -44.33
N ALA R 109 114.47 -20.05 -44.52
CA ALA R 109 113.96 -21.11 -43.68
C ALA R 109 112.92 -21.89 -44.45
N TRP R 110 112.85 -23.20 -44.22
CA TRP R 110 111.82 -24.01 -44.87
C TRP R 110 111.36 -25.11 -43.92
N LEU R 111 110.20 -25.67 -44.25
CA LEU R 111 109.58 -26.74 -43.47
C LEU R 111 108.89 -27.71 -44.42
N ALA R 112 109.20 -28.98 -44.30
CA ALA R 112 108.56 -30.03 -45.09
C ALA R 112 107.61 -30.81 -44.19
N CYS R 113 106.38 -31.00 -44.67
CA CYS R 113 105.35 -31.72 -43.93
C CYS R 113 104.56 -32.59 -44.89
N ASN R 114 104.39 -33.86 -44.54
CA ASN R 114 103.53 -34.80 -45.27
C ASN R 114 104.04 -35.03 -46.69
N ASP R 115 103.73 -34.12 -47.61
CA ASP R 115 104.43 -34.09 -48.89
C ASP R 115 104.58 -32.68 -49.42
N ARG R 116 104.63 -31.69 -48.53
CA ARG R 116 104.67 -30.30 -48.94
C ARG R 116 105.85 -29.60 -48.30
N LEU R 117 106.36 -28.56 -48.97
CA LEU R 117 107.41 -27.71 -48.44
C LEU R 117 106.91 -26.27 -48.41
N ILE R 118 107.35 -25.52 -47.41
CA ILE R 118 107.02 -24.10 -47.29
C ILE R 118 108.30 -23.35 -46.97
N ILE R 119 108.56 -22.26 -47.70
CA ILE R 119 109.81 -21.52 -47.55
C ILE R 119 109.48 -20.07 -47.22
N TRP R 120 110.38 -19.42 -46.48
CA TRP R 120 110.25 -18.01 -46.17
C TRP R 120 111.60 -17.44 -45.79
N LYS R 121 111.82 -16.20 -46.21
CA LYS R 121 113.05 -15.50 -45.87
C LYS R 121 113.11 -15.23 -44.37
N ILE R 122 114.33 -15.15 -43.85
CA ILE R 122 114.59 -14.74 -42.47
C ILE R 122 115.78 -13.79 -42.49
N SER R 123 115.73 -12.76 -41.65
CA SER R 123 116.81 -11.78 -41.64
C SER R 123 116.80 -11.05 -40.30
N HIS R 124 117.97 -10.55 -39.92
CA HIS R 124 118.07 -9.67 -38.77
C HIS R 124 117.49 -8.32 -39.14
N SER R 125 116.87 -7.66 -38.15
CA SER R 125 116.09 -6.47 -38.42
C SER R 125 116.40 -5.40 -37.39
N SER R 126 116.22 -4.14 -37.80
CA SER R 126 116.24 -3.01 -36.89
C SER R 126 114.85 -2.66 -36.38
N SER R 127 113.84 -2.60 -37.26
CA SER R 127 112.46 -2.44 -36.86
C SER R 127 111.56 -3.32 -37.73
N ALA R 128 111.95 -4.59 -37.87
CA ALA R 128 111.37 -5.61 -38.75
C ALA R 128 111.94 -5.48 -40.15
N LYS R 129 111.74 -6.50 -40.99
CA LYS R 129 112.16 -6.48 -42.39
C LYS R 129 111.12 -7.19 -43.23
N LEU R 130 111.34 -7.20 -44.55
CA LEU R 130 110.45 -7.92 -45.46
C LEU R 130 111.04 -9.28 -45.79
N MET R 131 110.23 -10.32 -45.65
CA MET R 131 110.63 -11.69 -45.95
C MET R 131 109.54 -12.32 -46.80
N VAL R 132 109.92 -12.89 -47.92
CA VAL R 132 108.98 -13.49 -48.83
C VAL R 132 108.65 -14.90 -48.35
N CYS R 133 107.38 -15.28 -48.48
CA CYS R 133 106.92 -16.63 -48.17
C CYS R 133 106.33 -17.26 -49.41
N LYS R 134 106.71 -18.51 -49.67
CA LYS R 134 106.23 -19.26 -50.83
C LYS R 134 105.89 -20.69 -50.43
N GLU R 135 105.00 -21.30 -51.21
CA GLU R 135 104.53 -22.67 -50.99
C GLU R 135 105.02 -23.52 -52.14
N LEU R 136 105.60 -24.68 -51.83
CA LEU R 136 106.21 -25.54 -52.83
C LEU R 136 105.76 -26.98 -52.66
N PRO R 137 105.61 -27.74 -53.75
CA PRO R 137 105.31 -29.17 -53.62
C PRO R 137 106.59 -29.98 -53.56
N LEU R 138 106.69 -30.84 -52.54
CA LEU R 138 107.79 -31.78 -52.52
C LEU R 138 107.61 -32.78 -53.66
N PRO R 139 108.69 -33.08 -54.39
CA PRO R 139 108.57 -33.98 -55.55
C PRO R 139 107.97 -35.32 -55.16
N LEU R 140 107.20 -35.91 -56.06
CA LEU R 140 106.51 -37.15 -55.77
C LEU R 140 107.51 -38.30 -55.71
N SER R 141 106.98 -39.53 -55.56
CA SER R 141 107.78 -40.73 -55.47
C SER R 141 108.60 -40.73 -54.19
N ASP R 142 108.15 -40.01 -53.17
CA ASP R 142 108.86 -39.94 -51.90
C ASP R 142 108.77 -41.26 -51.15
N SER R 143 109.92 -41.91 -50.93
CA SER R 143 109.96 -43.01 -49.99
C SER R 143 109.58 -42.55 -48.60
N GLU R 144 110.08 -41.39 -48.18
CA GLU R 144 109.57 -40.68 -47.02
C GLU R 144 109.89 -39.20 -47.24
N TRP R 145 108.95 -38.36 -46.85
CA TRP R 145 109.07 -36.93 -47.10
C TRP R 145 110.04 -36.29 -46.11
N SER R 146 110.83 -35.34 -46.60
CA SER R 146 111.78 -34.61 -45.78
C SER R 146 112.22 -33.36 -46.51
N ALA R 147 112.68 -32.36 -45.75
CA ALA R 147 113.23 -31.16 -46.36
C ALA R 147 114.71 -31.34 -46.71
N ASP R 148 115.29 -32.47 -46.31
CA ASP R 148 116.72 -32.71 -46.54
C ASP R 148 117.03 -33.08 -47.98
N LEU R 149 116.02 -33.40 -48.79
CA LEU R 149 116.22 -33.60 -50.21
C LEU R 149 116.24 -32.29 -50.97
N VAL R 150 116.06 -31.16 -50.28
CA VAL R 150 116.06 -29.84 -50.88
C VAL R 150 117.09 -28.98 -50.16
N ASP R 151 117.99 -28.36 -50.92
CA ASP R 151 119.00 -27.49 -50.34
C ASP R 151 119.25 -26.33 -51.30
N ILE R 152 119.77 -25.24 -50.75
CA ILE R 152 120.01 -24.03 -51.51
C ILE R 152 121.48 -23.64 -51.42
N CYS R 153 122.04 -23.24 -52.55
CA CYS R 153 123.37 -22.63 -52.60
C CYS R 153 123.18 -21.12 -52.66
N ALA R 154 122.93 -20.51 -51.51
CA ALA R 154 122.62 -19.08 -51.44
C ALA R 154 123.88 -18.31 -51.08
N GLN R 155 124.24 -17.36 -51.92
CA GLN R 155 125.41 -16.53 -51.71
C GLN R 155 125.06 -15.21 -51.02
N THR R 156 123.81 -15.06 -50.60
CA THR R 156 123.30 -13.83 -50.02
C THR R 156 123.13 -13.97 -48.51
N GLY R 157 123.02 -12.82 -47.83
CA GLY R 157 122.80 -12.80 -46.39
C GLY R 157 121.97 -11.63 -45.92
N ASP R 158 121.37 -10.89 -46.84
CA ASP R 158 120.70 -9.63 -46.59
C ASP R 158 119.23 -9.85 -46.25
N PRO R 159 118.51 -8.78 -45.85
CA PRO R 159 117.05 -8.88 -45.77
C PRO R 159 116.40 -8.94 -47.14
N ALA R 160 117.23 -8.86 -48.18
CA ALA R 160 116.85 -9.12 -49.56
C ALA R 160 117.68 -10.25 -50.11
N ALA R 161 117.82 -11.32 -49.32
CA ALA R 161 118.76 -12.40 -49.62
C ALA R 161 118.28 -13.33 -50.72
N ALA R 162 117.27 -12.95 -51.51
CA ALA R 162 116.75 -13.85 -52.53
C ALA R 162 117.52 -13.74 -53.84
N GLN R 163 118.73 -13.17 -53.80
CA GLN R 163 119.39 -12.79 -55.05
C GLN R 163 120.35 -13.84 -55.60
N SER R 164 120.66 -14.90 -54.86
CA SER R 164 121.61 -15.91 -55.34
C SER R 164 121.11 -17.32 -55.03
N VAL R 165 119.86 -17.61 -55.38
CA VAL R 165 119.19 -18.82 -54.95
C VAL R 165 119.13 -19.81 -56.11
N ALA R 166 119.59 -21.04 -55.88
CA ALA R 166 119.45 -22.15 -56.81
C ALA R 166 119.12 -23.44 -56.06
N LEU R 167 118.23 -24.25 -56.64
CA LEU R 167 117.72 -25.46 -55.99
C LEU R 167 118.03 -26.70 -56.80
N MET R 168 118.45 -27.75 -56.11
CA MET R 168 118.36 -29.11 -56.62
C MET R 168 117.59 -29.93 -55.59
N ALA R 169 116.65 -30.73 -56.07
CA ALA R 169 115.89 -31.65 -55.23
C ALA R 169 115.90 -33.02 -55.89
N ALA R 170 115.86 -34.07 -55.09
CA ALA R 170 115.83 -35.43 -55.61
C ALA R 170 114.71 -36.22 -54.96
N THR R 171 114.14 -37.13 -55.72
CA THR R 171 113.15 -38.08 -55.25
C THR R 171 113.85 -39.42 -55.03
N PRO R 172 113.29 -40.30 -54.21
CA PRO R 172 113.95 -41.59 -53.99
C PRO R 172 113.92 -42.51 -55.20
N GLU R 173 114.28 -41.96 -56.37
CA GLU R 173 114.49 -42.76 -57.57
C GLU R 173 115.68 -42.27 -58.37
N GLY R 174 116.30 -41.18 -57.95
CA GLY R 174 117.44 -40.62 -58.67
C GLY R 174 117.12 -39.59 -59.72
N SER R 175 115.84 -39.25 -59.91
CA SER R 175 115.51 -38.08 -60.72
C SER R 175 115.75 -36.83 -59.89
N SER R 176 116.30 -35.79 -60.53
CA SER R 176 116.58 -34.56 -59.84
C SER R 176 115.92 -33.41 -60.59
N ARG R 177 115.24 -32.55 -59.83
CA ARG R 177 114.61 -31.34 -60.34
C ARG R 177 115.46 -30.14 -59.91
N TYR R 178 115.87 -29.34 -60.87
CA TYR R 178 116.69 -28.16 -60.63
C TYR R 178 115.90 -26.90 -60.94
N TRP R 179 115.87 -25.99 -59.96
CA TRP R 179 115.42 -24.62 -60.13
C TRP R 179 116.61 -23.69 -60.27
N PRO R 180 116.72 -22.95 -61.38
CA PRO R 180 117.62 -21.79 -61.39
C PRO R 180 117.26 -20.80 -60.31
N ASN R 181 115.97 -20.71 -59.94
CA ASN R 181 115.50 -19.86 -58.86
C ASN R 181 114.12 -20.32 -58.45
N ILE R 182 113.84 -20.24 -57.14
CA ILE R 182 112.49 -20.48 -56.67
C ILE R 182 111.51 -19.51 -57.29
N LEU R 183 111.92 -18.26 -57.48
CA LEU R 183 111.04 -17.19 -57.93
C LEU R 183 111.14 -16.98 -59.44
N HIS R 184 111.53 -18.03 -60.16
CA HIS R 184 111.46 -18.05 -61.62
C HIS R 184 110.52 -19.18 -62.02
N GLU R 185 109.36 -19.22 -61.38
CA GLU R 185 108.36 -20.25 -61.65
C GLU R 185 108.01 -20.29 -63.14
N GLY R 186 108.06 -21.47 -63.72
CA GLY R 186 107.86 -21.66 -65.14
C GLY R 186 108.99 -22.35 -65.87
N THR R 187 109.99 -22.86 -65.15
CA THR R 187 111.11 -23.58 -65.76
C THR R 187 111.59 -24.63 -64.78
N TYR R 188 111.78 -25.86 -65.27
CA TYR R 188 112.29 -26.98 -64.50
C TYR R 188 113.47 -27.57 -65.24
N ILE R 189 114.41 -28.16 -64.50
CA ILE R 189 115.49 -28.95 -65.10
C ILE R 189 115.37 -30.38 -64.60
N GLU R 190 115.15 -31.33 -65.51
CA GLU R 190 115.08 -32.74 -65.15
C GLU R 190 116.39 -33.43 -65.48
N SER R 191 117.06 -33.95 -64.46
CA SER R 191 118.32 -34.64 -64.66
C SER R 191 118.21 -36.05 -64.10
N TYR R 192 118.57 -37.02 -64.93
CA TYR R 192 118.67 -38.41 -64.50
C TYR R 192 120.01 -38.60 -63.82
N THR R 193 120.03 -38.50 -62.49
CA THR R 193 121.25 -38.82 -61.76
C THR R 193 121.54 -40.31 -61.95
N GLU R 194 122.67 -40.75 -61.44
CA GLU R 194 123.12 -42.12 -61.67
C GLU R 194 122.19 -43.15 -61.04
N PHE R 195 121.28 -42.74 -60.16
CA PHE R 195 120.39 -43.68 -59.50
C PHE R 195 119.28 -44.13 -60.44
N GLY R 196 118.93 -45.40 -60.36
CA GLY R 196 117.83 -45.92 -61.17
C GLY R 196 116.48 -45.72 -60.50
N SER R 197 116.33 -46.28 -59.30
CA SER R 197 115.17 -46.02 -58.47
C SER R 197 115.61 -45.95 -57.01
N SER R 198 116.90 -45.73 -56.80
CA SER R 198 117.46 -45.74 -55.46
C SER R 198 116.92 -44.59 -54.64
N LEU R 199 116.72 -44.86 -53.34
CA LEU R 199 116.15 -43.89 -52.43
C LEU R 199 117.21 -42.85 -52.09
N CYS R 200 117.15 -41.69 -52.74
CA CYS R 200 118.02 -40.58 -52.39
C CYS R 200 117.76 -40.13 -50.96
N ALA R 201 118.83 -39.91 -50.20
CA ALA R 201 118.70 -39.56 -48.80
C ALA R 201 118.87 -38.06 -48.53
N PHE R 202 119.99 -37.47 -48.93
CA PHE R 202 120.37 -36.14 -48.45
C PHE R 202 120.78 -35.28 -49.62
N VAL R 203 120.82 -33.96 -49.41
CA VAL R 203 121.35 -33.01 -50.37
C VAL R 203 122.22 -32.00 -49.61
N THR R 204 123.46 -31.82 -50.07
CA THR R 204 124.41 -30.93 -49.40
C THR R 204 124.84 -29.84 -50.37
N ALA R 205 124.43 -28.61 -50.10
CA ALA R 205 124.83 -27.50 -50.95
C ALA R 205 126.28 -27.14 -50.71
N VAL R 206 127.09 -27.18 -51.77
CA VAL R 206 128.51 -26.87 -51.70
C VAL R 206 128.77 -25.68 -52.62
N LYS R 207 129.96 -25.09 -52.47
CA LYS R 207 130.30 -23.90 -53.24
C LYS R 207 130.41 -24.22 -54.72
N GLY R 208 130.21 -23.20 -55.54
CA GLY R 208 130.00 -23.37 -56.96
C GLY R 208 128.55 -23.49 -57.35
N ASN R 209 127.63 -23.16 -56.43
CA ASN R 209 126.19 -23.33 -56.63
C ASN R 209 125.85 -24.79 -56.92
N SER R 210 126.73 -25.69 -56.52
CA SER R 210 126.59 -27.12 -56.81
C SER R 210 126.08 -27.84 -55.58
N PHE R 211 125.66 -29.08 -55.78
CA PHE R 211 125.02 -29.86 -54.75
C PHE R 211 125.68 -31.23 -54.67
N ILE R 212 125.55 -31.89 -53.53
CA ILE R 212 125.97 -33.26 -53.33
C ILE R 212 124.73 -34.08 -52.98
N LEU R 213 124.25 -34.87 -53.93
CA LEU R 213 123.14 -35.78 -53.72
C LEU R 213 123.65 -37.03 -53.03
N SER R 214 122.93 -37.46 -51.99
CA SER R 214 123.33 -38.54 -51.12
C SER R 214 122.22 -39.59 -51.08
N SER R 215 122.60 -40.86 -51.16
CA SER R 215 121.66 -41.96 -51.05
C SER R 215 121.62 -42.47 -49.61
N GLU R 216 120.69 -43.41 -49.38
CA GLU R 216 120.60 -44.06 -48.07
C GLU R 216 121.88 -44.84 -47.78
N LYS R 217 122.54 -45.34 -48.82
CA LYS R 217 123.84 -46.01 -48.67
C LYS R 217 125.01 -45.06 -48.83
N ASN R 218 124.76 -43.75 -48.86
CA ASN R 218 125.80 -42.72 -48.94
C ASN R 218 126.55 -42.73 -50.27
N GLN R 219 125.80 -42.82 -51.38
CA GLN R 219 126.36 -42.50 -52.68
C GLN R 219 126.31 -40.99 -52.87
N LEU R 220 127.45 -40.38 -53.16
CA LEU R 220 127.51 -38.93 -53.32
C LEU R 220 127.73 -38.60 -54.79
N VAL R 221 126.90 -37.71 -55.33
CA VAL R 221 127.06 -37.21 -56.69
C VAL R 221 126.94 -35.71 -56.65
N ARG R 222 127.98 -35.01 -57.09
CA ARG R 222 127.88 -33.57 -57.25
C ARG R 222 127.06 -33.27 -58.49
N LEU R 223 125.96 -32.56 -58.29
CA LEU R 223 125.13 -32.05 -59.37
C LEU R 223 125.51 -30.58 -59.54
N THR R 224 125.93 -30.24 -60.75
CA THR R 224 126.50 -28.94 -61.08
C THR R 224 125.58 -28.21 -62.04
N PRO R 225 125.05 -27.05 -61.67
CA PRO R 225 124.23 -26.27 -62.62
C PRO R 225 125.09 -25.80 -63.79
N ASP R 226 124.45 -25.66 -64.95
CA ASP R 226 125.08 -25.01 -66.09
C ASP R 226 124.47 -23.63 -66.29
N ALA R 227 125.30 -22.69 -66.76
CA ALA R 227 124.77 -21.40 -67.16
C ALA R 227 123.79 -21.53 -68.31
N SER R 228 123.89 -22.63 -69.07
CA SER R 228 122.92 -22.91 -70.11
C SER R 228 121.59 -23.39 -69.53
N GLY R 229 121.65 -24.28 -68.54
CA GLY R 229 120.44 -24.79 -67.93
C GLY R 229 120.37 -26.31 -67.92
N LYS R 230 121.50 -26.97 -68.13
CA LYS R 230 121.58 -28.41 -67.94
C LYS R 230 122.17 -28.68 -66.56
N MET R 231 122.02 -29.92 -66.10
CA MET R 231 122.38 -30.25 -64.72
C MET R 231 123.34 -31.42 -64.78
N ASN R 232 124.55 -31.25 -64.25
CA ASN R 232 125.63 -32.20 -64.42
C ASN R 232 125.71 -33.17 -63.25
N GLN R 233 125.89 -34.45 -63.56
CA GLN R 233 126.08 -35.48 -62.55
C GLN R 233 127.52 -35.96 -62.58
N ARG R 234 128.26 -35.70 -61.51
CA ARG R 234 129.63 -36.19 -61.38
C ARG R 234 129.76 -36.90 -60.03
N VAL R 235 129.95 -38.22 -60.05
CA VAL R 235 129.94 -39.00 -58.83
C VAL R 235 131.21 -38.72 -58.04
N LEU R 236 131.04 -38.38 -56.76
CA LEU R 236 132.18 -38.27 -55.86
C LEU R 236 132.83 -39.64 -55.66
N PRO R 237 134.16 -39.73 -55.70
CA PRO R 237 134.82 -40.98 -55.34
C PRO R 237 134.57 -41.33 -53.88
N GLN R 238 134.49 -42.62 -53.59
CA GLN R 238 134.08 -43.12 -52.28
C GLN R 238 135.25 -43.79 -51.58
N GLY R 239 135.86 -43.09 -50.63
CA GLY R 239 136.78 -43.69 -49.70
C GLY R 239 138.16 -44.05 -50.24
N GLN R 240 139.17 -43.94 -49.39
CA GLN R 240 140.51 -44.45 -49.71
C GLN R 240 141.05 -45.30 -48.57
N GLY R 241 140.57 -45.04 -47.35
CA GLY R 241 140.90 -45.85 -46.18
C GLY R 241 142.37 -46.01 -45.90
N MET R 242 142.70 -46.96 -45.01
CA MET R 242 144.10 -47.28 -44.72
C MET R 242 144.31 -48.79 -44.65
N LEU R 243 143.23 -49.57 -44.67
CA LEU R 243 143.35 -51.03 -44.58
C LEU R 243 142.50 -51.79 -45.58
N SER R 244 141.42 -51.22 -46.11
CA SER R 244 140.53 -51.95 -47.00
C SER R 244 141.16 -52.11 -48.38
N GLY R 245 140.36 -52.62 -49.32
CA GLY R 245 140.82 -52.88 -50.66
C GLY R 245 140.80 -51.67 -51.57
N ILE R 246 140.32 -51.84 -52.80
CA ILE R 246 140.32 -50.75 -53.76
C ILE R 246 139.19 -49.78 -53.44
N GLY R 247 139.53 -48.50 -53.37
CA GLY R 247 138.54 -47.46 -53.13
C GLY R 247 138.64 -46.35 -54.14
N ARG R 248 139.58 -46.47 -55.09
CA ARG R 248 139.77 -45.49 -56.14
C ARG R 248 138.90 -45.81 -57.36
N ARG R 249 138.23 -46.95 -57.36
CA ARG R 249 137.22 -47.24 -58.36
C ARG R 249 135.91 -46.57 -57.98
N VAL R 250 135.23 -46.01 -58.98
CA VAL R 250 133.98 -45.31 -58.71
C VAL R 250 132.93 -46.28 -58.16
N SER R 251 132.25 -45.85 -57.11
CA SER R 251 131.29 -46.70 -56.40
C SER R 251 129.93 -46.02 -56.45
N THR R 252 128.98 -46.64 -57.15
CA THR R 252 127.63 -46.09 -57.27
C THR R 252 126.64 -47.24 -57.37
N LEU R 253 125.48 -47.05 -56.75
CA LEU R 253 124.40 -48.02 -56.88
C LEU R 253 123.95 -48.11 -58.33
N PHE R 254 123.28 -49.21 -58.67
CA PHE R 254 122.96 -49.55 -60.05
C PHE R 254 124.24 -49.66 -60.89
N GLY R 255 125.32 -50.11 -60.26
CA GLY R 255 126.59 -50.24 -60.95
C GLY R 255 127.48 -51.32 -60.35
N ILE R 256 128.73 -51.37 -60.76
CA ILE R 256 129.65 -52.39 -60.26
C ILE R 256 130.01 -52.10 -58.80
N LEU R 257 130.61 -53.10 -58.16
CA LEU R 257 130.95 -53.01 -56.75
C LEU R 257 132.47 -53.04 -56.54
N SER R 258 132.93 -52.27 -55.57
CA SER R 258 134.32 -52.20 -55.18
C SER R 258 134.44 -52.37 -53.67
N PRO R 259 135.58 -52.90 -53.17
CA PRO R 259 135.74 -53.14 -51.73
C PRO R 259 136.10 -51.89 -50.93
N ALA R 260 135.31 -50.84 -51.09
CA ALA R 260 135.48 -49.61 -50.34
C ALA R 260 134.38 -49.49 -49.28
N VAL R 261 134.59 -48.56 -48.35
CA VAL R 261 133.59 -48.32 -47.31
C VAL R 261 132.42 -47.57 -47.92
N GLU R 262 131.21 -48.09 -47.68
CA GLU R 262 130.01 -47.46 -48.22
C GLU R 262 128.93 -47.44 -47.14
N SER R 263 129.34 -47.17 -45.92
CA SER R 263 128.41 -47.11 -44.79
C SER R 263 127.43 -45.96 -44.98
N THR R 264 126.26 -46.09 -44.36
CA THR R 264 125.21 -45.09 -44.51
C THR R 264 125.66 -43.75 -43.94
N LEU R 265 125.17 -42.67 -44.55
CA LEU R 265 125.56 -41.33 -44.16
C LEU R 265 124.84 -40.91 -42.89
N CYS R 266 125.60 -40.52 -41.87
CA CYS R 266 125.05 -40.10 -40.59
C CYS R 266 124.94 -38.58 -40.47
N SER R 267 126.00 -37.86 -40.80
CA SER R 267 125.99 -36.40 -40.66
C SER R 267 126.89 -35.80 -41.73
N VAL R 268 126.60 -34.55 -42.07
CA VAL R 268 127.43 -33.79 -43.00
C VAL R 268 127.69 -32.42 -42.41
N LEU R 269 128.77 -31.80 -42.89
CA LEU R 269 129.16 -30.47 -42.46
C LEU R 269 130.01 -29.85 -43.56
N TRP R 270 129.46 -28.83 -44.21
CA TRP R 270 130.21 -28.06 -45.20
C TRP R 270 131.02 -27.03 -44.43
N ASP R 271 132.16 -27.46 -43.90
CA ASP R 271 133.06 -26.58 -43.18
C ASP R 271 133.54 -25.50 -44.12
N LYS R 272 133.30 -24.24 -43.75
CA LYS R 272 133.69 -23.11 -44.58
C LYS R 272 135.17 -22.83 -44.43
N GLY R 273 135.94 -23.90 -44.53
CA GLY R 273 137.39 -23.86 -44.63
C GLY R 273 137.74 -24.74 -45.80
N ASP R 274 136.86 -24.73 -46.80
CA ASP R 274 136.95 -25.52 -48.03
C ASP R 274 136.70 -27.01 -47.79
N CYS R 275 136.07 -27.39 -46.69
CA CYS R 275 135.98 -28.79 -46.30
C CYS R 275 134.55 -29.29 -46.39
N PHE R 276 134.40 -30.53 -46.83
CA PHE R 276 133.15 -31.25 -46.82
C PHE R 276 133.31 -32.50 -45.97
N TYR R 277 132.85 -32.44 -44.73
CA TYR R 277 132.99 -33.54 -43.79
C TYR R 277 131.72 -34.37 -43.78
N THR R 278 131.86 -35.68 -43.87
CA THR R 278 130.75 -36.59 -43.72
C THR R 278 131.08 -37.57 -42.61
N LEU R 279 130.38 -37.43 -41.49
CA LEU R 279 130.41 -38.39 -40.41
C LEU R 279 129.53 -39.57 -40.80
N THR R 280 130.03 -40.77 -40.58
CA THR R 280 129.27 -41.99 -40.75
C THR R 280 129.34 -42.80 -39.47
N ASP R 281 128.76 -44.00 -39.50
CA ASP R 281 128.89 -44.92 -38.37
C ASP R 281 130.27 -45.59 -38.35
N SER R 282 131.07 -45.40 -39.40
CA SER R 282 132.36 -46.05 -39.51
C SER R 282 133.51 -45.15 -39.92
N SER R 283 133.26 -44.01 -40.56
CA SER R 283 134.35 -43.16 -41.04
C SER R 283 133.89 -41.72 -41.18
N ILE R 284 134.85 -40.81 -41.05
CA ILE R 284 134.68 -39.41 -41.43
C ILE R 284 135.43 -39.18 -42.72
N ASN R 285 134.73 -38.67 -43.72
CA ASN R 285 135.30 -38.42 -45.02
C ASN R 285 135.37 -36.91 -45.27
N LYS R 286 136.56 -36.40 -45.54
CA LYS R 286 136.75 -34.98 -45.81
C LYS R 286 137.13 -34.78 -47.26
N TRP R 287 136.33 -33.96 -47.95
CA TRP R 287 136.60 -33.53 -49.32
C TRP R 287 136.96 -32.05 -49.34
N ASP R 288 137.61 -31.65 -50.42
CA ASP R 288 137.64 -30.26 -50.84
C ASP R 288 136.82 -30.16 -52.13
N LEU R 289 135.76 -29.36 -52.10
CA LEU R 289 134.82 -29.26 -53.21
C LEU R 289 134.85 -27.84 -53.75
N ASP R 290 135.74 -27.58 -54.70
CA ASP R 290 135.83 -26.29 -55.36
C ASP R 290 134.74 -26.21 -56.42
N ASP R 291 134.51 -24.99 -56.93
CA ASP R 291 133.38 -24.68 -57.79
C ASP R 291 133.12 -25.74 -58.84
N THR R 292 134.17 -26.38 -59.36
CA THR R 292 134.01 -27.41 -60.37
C THR R 292 134.81 -28.67 -60.08
N SER R 293 135.42 -28.80 -58.91
CA SER R 293 136.31 -29.93 -58.65
C SER R 293 136.01 -30.53 -57.29
N GLU R 294 136.32 -31.82 -57.16
CA GLU R 294 136.13 -32.57 -55.92
C GLU R 294 137.37 -33.42 -55.66
N SER R 295 137.91 -33.36 -54.45
CA SER R 295 139.07 -34.16 -54.09
C SER R 295 138.97 -34.58 -52.63
N GLN R 296 138.84 -35.89 -52.39
CA GLN R 296 138.77 -36.39 -51.03
C GLN R 296 140.15 -36.34 -50.38
N VAL R 297 140.37 -35.33 -49.54
CA VAL R 297 141.62 -35.17 -48.85
C VAL R 297 141.80 -36.22 -47.75
N LEU R 298 140.73 -36.56 -47.02
CA LEU R 298 140.91 -37.41 -45.85
C LEU R 298 139.82 -38.47 -45.76
N ASN R 299 140.19 -39.62 -45.19
CA ASN R 299 139.28 -40.70 -44.84
C ASN R 299 139.75 -41.32 -43.55
N TRP R 300 139.11 -40.96 -42.44
CA TRP R 300 139.48 -41.47 -41.12
C TRP R 300 138.51 -42.58 -40.75
N ASP R 301 139.05 -43.79 -40.59
CA ASP R 301 138.24 -44.96 -40.24
C ASP R 301 138.03 -44.95 -38.73
N MET R 302 136.85 -44.48 -38.32
CA MET R 302 136.49 -44.32 -36.93
C MET R 302 135.60 -45.44 -36.39
N SER R 303 135.45 -46.53 -37.14
CA SER R 303 134.54 -47.60 -36.73
C SER R 303 134.96 -48.22 -35.41
N ARG R 304 136.27 -48.38 -35.20
CA ARG R 304 136.78 -48.99 -33.97
C ARG R 304 137.14 -47.95 -32.92
N VAL R 305 138.02 -47.00 -33.30
CA VAL R 305 138.77 -46.21 -32.32
C VAL R 305 137.84 -45.44 -31.40
N LEU R 306 136.98 -44.59 -31.98
CA LEU R 306 136.08 -43.81 -31.15
C LEU R 306 135.12 -44.71 -30.38
N ARG R 307 134.82 -45.88 -30.91
CA ARG R 307 134.01 -46.82 -30.15
C ARG R 307 134.67 -47.19 -28.83
N GLU R 308 135.96 -47.59 -28.87
CA GLU R 308 136.55 -47.96 -27.59
C GLU R 308 136.74 -46.74 -26.70
N TYR R 309 137.09 -45.59 -27.29
CA TYR R 309 137.28 -44.41 -26.44
C TYR R 309 135.97 -43.99 -25.75
N ILE R 310 134.85 -44.00 -26.48
CA ILE R 310 133.58 -43.64 -25.88
C ILE R 310 133.16 -44.69 -24.84
N SER R 311 133.38 -45.97 -25.14
CA SER R 311 133.04 -47.01 -24.17
C SER R 311 133.85 -46.84 -22.90
N ASP R 312 135.13 -46.49 -23.01
CA ASP R 312 135.94 -46.26 -21.82
C ASP R 312 135.51 -44.98 -21.10
N ALA R 313 135.11 -43.95 -21.87
CA ALA R 313 134.72 -42.68 -21.26
C ALA R 313 133.43 -42.81 -20.46
N ILE R 314 132.57 -43.74 -20.85
CA ILE R 314 131.29 -43.89 -20.14
C ILE R 314 131.36 -45.00 -19.11
N TRP R 315 131.77 -46.21 -19.51
CA TRP R 315 131.64 -47.40 -18.68
C TRP R 315 132.97 -48.09 -18.41
N GLY R 316 134.10 -47.39 -18.48
CA GLY R 316 135.40 -48.03 -18.45
C GLY R 316 135.79 -48.63 -17.10
N SER R 317 135.00 -48.41 -16.05
CA SER R 317 135.39 -48.86 -14.71
C SER R 317 135.27 -50.38 -14.58
N GLU R 318 134.26 -50.98 -15.20
CA GLU R 318 133.93 -52.36 -14.92
C GLU R 318 135.02 -53.31 -15.43
N SER R 319 135.04 -54.51 -14.84
CA SER R 319 136.04 -55.53 -15.15
C SER R 319 135.59 -56.52 -16.22
N ASP R 320 134.33 -56.47 -16.64
CA ASP R 320 133.82 -57.33 -17.70
C ASP R 320 133.75 -56.60 -19.05
N TYR R 321 134.73 -55.73 -19.31
CA TYR R 321 134.69 -54.86 -20.50
C TYR R 321 134.66 -55.67 -21.78
N ASP R 322 135.49 -56.72 -21.86
CA ASP R 322 135.55 -57.51 -23.09
C ASP R 322 134.23 -58.22 -23.37
N ASP R 323 133.60 -58.79 -22.34
CA ASP R 323 132.32 -59.46 -22.53
C ASP R 323 131.22 -58.47 -22.88
N ILE R 324 131.22 -57.29 -22.26
CA ILE R 324 130.10 -56.37 -22.41
C ILE R 324 130.20 -55.59 -23.73
N LYS R 325 131.43 -55.31 -24.19
CA LYS R 325 131.62 -54.43 -25.34
C LYS R 325 130.89 -54.90 -26.58
N ALA R 326 130.66 -56.21 -26.70
CA ALA R 326 129.93 -56.73 -27.87
C ALA R 326 128.55 -56.10 -27.99
N GLY R 327 127.96 -55.69 -26.85
CA GLY R 327 126.62 -55.15 -26.87
C GLY R 327 126.49 -53.67 -27.04
N ILE R 328 127.53 -52.87 -26.75
CA ILE R 328 127.39 -51.43 -26.87
C ILE R 328 127.35 -51.03 -28.34
N ASN R 329 126.28 -50.33 -28.71
CA ASN R 329 126.16 -49.71 -30.02
C ASN R 329 126.38 -48.22 -29.87
N ILE R 330 127.39 -47.69 -30.57
CA ILE R 330 127.72 -46.28 -30.51
C ILE R 330 127.44 -45.65 -31.86
N ASN R 331 126.40 -44.83 -31.93
CA ASN R 331 126.01 -44.15 -33.15
C ASN R 331 126.42 -42.69 -33.05
N TYR R 332 127.33 -42.28 -33.92
CA TYR R 332 127.82 -40.92 -33.93
C TYR R 332 126.81 -40.03 -34.65
N LEU R 333 126.03 -39.29 -33.86
CA LEU R 333 124.89 -38.55 -34.37
C LEU R 333 125.27 -37.41 -35.30
N SER R 334 126.23 -36.57 -34.91
CA SER R 334 126.45 -35.33 -35.64
C SER R 334 127.93 -35.03 -35.75
N LEU R 335 128.29 -34.30 -36.82
CA LEU R 335 129.64 -33.81 -37.03
C LEU R 335 129.62 -32.29 -37.06
N ASN R 336 129.89 -31.66 -35.92
CA ASN R 336 129.92 -30.21 -35.83
C ASN R 336 131.38 -29.77 -35.77
N GLN R 337 131.61 -28.47 -35.65
CA GLN R 337 132.96 -27.96 -35.59
C GLN R 337 132.98 -26.71 -34.72
N ASN R 338 133.96 -26.65 -33.82
CA ASN R 338 134.15 -25.51 -32.94
C ASN R 338 135.64 -25.17 -32.91
N CYS R 339 136.02 -24.31 -31.96
CA CYS R 339 137.34 -23.70 -31.98
C CYS R 339 138.45 -24.76 -31.95
N ASP R 340 138.30 -25.77 -31.11
CA ASP R 340 139.28 -26.85 -31.09
C ASP R 340 139.31 -27.65 -32.39
N GLY R 341 138.15 -27.92 -32.98
CA GLY R 341 138.10 -28.68 -34.22
C GLY R 341 136.77 -29.38 -34.44
N LEU R 342 136.78 -30.48 -35.20
CA LEU R 342 135.55 -31.23 -35.41
C LEU R 342 135.14 -31.94 -34.13
N VAL R 343 133.86 -31.84 -33.79
CA VAL R 343 133.27 -32.54 -32.65
C VAL R 343 132.32 -33.59 -33.19
N ILE R 344 132.46 -34.80 -32.68
CA ILE R 344 131.69 -35.95 -33.16
C ILE R 344 130.67 -36.30 -32.08
N LEU R 345 129.49 -35.70 -32.17
CA LEU R 345 128.39 -35.98 -31.26
C LEU R 345 127.98 -37.44 -31.46
N SER R 346 128.09 -38.21 -30.39
CA SER R 346 127.97 -39.66 -30.43
C SER R 346 126.84 -40.10 -29.52
N ALA R 347 126.12 -41.14 -29.95
CA ALA R 347 125.10 -41.77 -29.12
C ALA R 347 125.56 -43.18 -28.79
N ALA R 348 125.97 -43.39 -27.54
CA ALA R 348 126.44 -44.68 -27.07
C ALA R 348 125.52 -45.21 -25.98
N TRP R 349 125.11 -46.47 -26.12
CA TRP R 349 124.25 -47.12 -25.15
C TRP R 349 124.39 -48.62 -25.25
N HIS R 350 123.98 -49.31 -24.19
CA HIS R 350 124.05 -50.77 -24.10
C HIS R 350 122.66 -51.35 -23.92
N PRO R 351 122.08 -52.00 -24.93
CA PRO R 351 120.75 -52.59 -24.77
C PRO R 351 120.69 -53.77 -23.83
N GLY R 352 121.83 -54.37 -23.47
CA GLY R 352 121.84 -55.48 -22.53
C GLY R 352 121.58 -55.08 -21.09
N ASP R 353 121.82 -53.82 -20.75
CA ASP R 353 121.51 -53.29 -19.43
C ASP R 353 120.29 -52.38 -19.57
N ASN R 354 119.26 -52.64 -18.77
CA ASN R 354 118.00 -51.92 -18.89
C ASN R 354 117.69 -51.16 -17.61
N PRO R 355 116.97 -50.03 -17.70
CA PRO R 355 116.39 -49.42 -18.92
C PRO R 355 117.43 -48.78 -19.83
N CYS R 356 117.07 -48.60 -21.09
CA CYS R 356 117.99 -48.04 -22.07
C CYS R 356 118.33 -46.60 -21.73
N GLN R 357 119.62 -46.32 -21.60
CA GLN R 357 120.12 -44.98 -21.31
C GLN R 357 121.09 -44.58 -22.41
N ILE R 358 120.73 -43.56 -23.19
CA ILE R 358 121.55 -43.09 -24.30
C ILE R 358 122.57 -42.10 -23.75
N TYR R 359 123.83 -42.52 -23.69
CA TYR R 359 124.92 -41.67 -23.22
C TYR R 359 125.50 -40.92 -24.42
N TYR R 360 125.52 -39.59 -24.33
CA TYR R 360 126.11 -38.77 -25.37
C TYR R 360 127.54 -38.41 -24.99
N THR R 361 128.44 -38.54 -25.96
CA THR R 361 129.84 -38.19 -25.76
C THR R 361 130.28 -37.24 -26.86
N LEU R 362 130.77 -36.07 -26.47
CA LEU R 362 131.32 -35.10 -27.39
C LEU R 362 132.72 -35.58 -27.76
N VAL R 363 132.86 -36.07 -28.99
CA VAL R 363 134.13 -36.58 -29.48
C VAL R 363 134.77 -35.50 -30.35
N THR R 364 135.61 -34.69 -29.74
CA THR R 364 136.25 -33.57 -30.41
C THR R 364 137.56 -34.02 -31.03
N VAL R 365 137.74 -33.72 -32.32
CA VAL R 365 138.99 -33.93 -33.02
C VAL R 365 139.43 -32.59 -33.60
N LYS R 366 140.69 -32.23 -33.34
CA LYS R 366 141.17 -30.88 -33.66
C LYS R 366 141.31 -30.71 -35.16
N ASP R 367 140.25 -30.20 -35.78
CA ASP R 367 140.30 -29.75 -37.16
C ASP R 367 141.14 -28.48 -37.24
N GLU R 368 142.25 -28.53 -37.97
CA GLU R 368 143.12 -27.38 -38.15
C GLU R 368 142.62 -26.42 -39.21
N GLY R 369 141.34 -26.50 -39.58
CA GLY R 369 140.80 -25.78 -40.71
C GLY R 369 140.55 -26.66 -41.90
N TYR R 370 141.45 -27.62 -42.18
CA TYR R 370 141.19 -28.63 -43.19
C TYR R 370 141.10 -30.01 -42.54
N ASN R 371 142.15 -30.39 -41.82
CA ASN R 371 142.23 -31.76 -41.33
C ASN R 371 142.12 -31.81 -39.81
N ILE R 372 141.64 -32.94 -39.31
CA ILE R 372 141.49 -33.14 -37.88
C ILE R 372 142.71 -33.89 -37.35
N SER R 373 143.25 -33.43 -36.23
CA SER R 373 144.43 -34.06 -35.66
C SER R 373 144.10 -35.46 -35.16
N ASP R 374 145.14 -36.29 -35.07
CA ASP R 374 144.97 -37.64 -34.54
C ASP R 374 144.57 -37.65 -33.07
N GLU R 375 144.74 -36.53 -32.36
CA GLU R 375 144.30 -36.44 -30.97
C GLU R 375 142.79 -36.49 -30.98
N ILE R 376 142.22 -37.17 -29.98
CA ILE R 376 140.77 -37.26 -29.82
C ILE R 376 140.45 -37.01 -28.35
N THR R 377 139.43 -36.21 -28.09
CA THR R 377 138.98 -35.93 -26.73
C THR R 377 137.50 -36.27 -26.62
N VAL R 378 137.18 -37.33 -25.91
CA VAL R 378 135.81 -37.82 -25.75
C VAL R 378 135.34 -37.43 -24.36
N GLU R 379 134.45 -36.45 -24.29
CA GLU R 379 133.86 -36.01 -23.03
C GLU R 379 132.47 -36.60 -22.92
N VAL R 380 132.28 -37.50 -21.97
CA VAL R 380 130.97 -38.10 -21.70
C VAL R 380 130.08 -37.01 -21.09
N THR R 381 128.98 -36.71 -21.77
CA THR R 381 128.14 -35.58 -21.40
C THR R 381 126.68 -35.99 -21.40
N GLN R 382 126.00 -35.75 -20.28
CA GLN R 382 124.61 -36.13 -20.13
C GLN R 382 123.72 -34.88 -20.03
N PHE R 383 122.52 -35.00 -20.60
CA PHE R 383 121.50 -33.94 -20.58
C PHE R 383 120.17 -34.55 -20.14
N ASN R 384 119.93 -34.51 -18.82
CA ASN R 384 118.68 -34.91 -18.19
C ASN R 384 118.38 -36.39 -18.40
N PRO R 385 117.45 -36.97 -17.62
CA PRO R 385 117.04 -38.35 -17.88
C PRO R 385 115.88 -38.49 -18.86
N VAL R 386 115.20 -37.39 -19.19
CA VAL R 386 113.99 -37.45 -19.99
C VAL R 386 114.31 -37.14 -21.43
N PHE R 387 113.58 -37.78 -22.34
CA PHE R 387 113.71 -37.57 -23.78
C PHE R 387 112.37 -37.13 -24.37
N GLN R 388 112.45 -36.23 -25.34
CA GLN R 388 111.32 -35.89 -26.20
C GLN R 388 111.49 -36.59 -27.54
N ALA R 389 110.46 -36.50 -28.38
CA ALA R 389 110.52 -37.17 -29.67
C ALA R 389 109.56 -36.51 -30.65
N ARG R 390 109.87 -36.66 -31.94
CA ARG R 390 108.97 -36.37 -33.03
C ARG R 390 108.79 -37.59 -33.93
N GLY R 391 108.98 -38.77 -33.37
CA GLY R 391 109.09 -40.01 -34.13
C GLY R 391 110.39 -40.75 -33.90
N MET R 392 111.46 -40.03 -33.54
CA MET R 392 112.74 -40.63 -33.17
C MET R 392 113.18 -40.02 -31.86
N GLN R 393 114.02 -40.73 -31.11
CA GLN R 393 114.59 -40.17 -29.90
C GLN R 393 115.62 -39.11 -30.25
N LEU R 394 115.33 -37.85 -29.91
CA LEU R 394 116.10 -36.72 -30.39
C LEU R 394 116.64 -35.87 -29.24
N CYS R 395 117.93 -35.53 -29.35
CA CYS R 395 118.56 -34.47 -28.58
C CYS R 395 119.78 -33.98 -29.36
N GLN R 396 119.65 -32.87 -30.07
CA GLN R 396 120.61 -32.57 -31.14
C GLN R 396 121.51 -31.40 -30.76
N LEU R 397 122.79 -31.55 -31.08
CA LEU R 397 123.79 -30.52 -30.80
C LEU R 397 124.08 -29.75 -32.09
N VAL R 398 123.97 -28.42 -32.02
CA VAL R 398 124.27 -27.53 -33.12
C VAL R 398 125.35 -26.56 -32.67
N VAL R 399 126.34 -26.32 -33.53
CA VAL R 399 127.35 -25.32 -33.25
C VAL R 399 127.18 -24.23 -34.30
N PRO R 400 126.59 -23.08 -33.96
CA PRO R 400 126.19 -22.10 -34.97
C PRO R 400 127.34 -21.53 -35.78
N ASN R 401 128.53 -21.51 -35.21
CA ASN R 401 129.69 -20.95 -35.88
C ASN R 401 130.89 -21.86 -35.63
N PHE R 402 131.89 -21.75 -36.50
CA PHE R 402 133.09 -22.58 -36.42
C PHE R 402 134.19 -21.93 -35.60
N SER R 403 133.88 -20.88 -34.86
CA SER R 403 134.86 -20.22 -33.99
C SER R 403 134.26 -19.97 -32.61
N SER R 404 132.96 -20.24 -32.44
CA SER R 404 132.28 -20.02 -31.17
C SER R 404 132.39 -21.25 -30.29
N GLN R 405 132.76 -21.03 -29.01
CA GLN R 405 132.91 -22.15 -28.08
C GLN R 405 131.56 -22.75 -27.70
N ALA R 406 130.50 -21.93 -27.66
CA ALA R 406 129.20 -22.42 -27.23
C ALA R 406 128.63 -23.41 -28.23
N CYS R 407 128.19 -24.56 -27.73
CA CYS R 407 127.47 -25.55 -28.51
C CYS R 407 126.11 -25.76 -27.85
N TYR R 408 125.05 -25.78 -28.65
CA TYR R 408 123.69 -25.82 -28.14
C TYR R 408 123.10 -27.19 -28.39
N LEU R 409 122.95 -27.98 -27.33
CA LEU R 409 122.03 -29.10 -27.36
C LEU R 409 120.62 -28.52 -27.37
N TYR R 410 119.70 -29.22 -28.00
CA TYR R 410 118.32 -28.76 -28.00
C TYR R 410 117.38 -29.94 -28.17
N THR R 411 116.18 -29.78 -27.60
CA THR R 411 115.10 -30.74 -27.66
C THR R 411 113.78 -30.01 -27.91
N GLN R 412 112.66 -30.70 -27.70
CA GLN R 412 111.36 -30.08 -27.91
C GLN R 412 111.03 -29.04 -26.84
N GLU R 413 111.75 -29.04 -25.72
CA GLU R 413 111.35 -28.23 -24.57
C GLU R 413 112.47 -27.36 -23.98
N MET R 414 113.73 -27.76 -24.13
CA MET R 414 114.83 -26.96 -23.59
C MET R 414 115.98 -26.90 -24.59
N ILE R 415 116.73 -25.78 -24.51
CA ILE R 415 118.05 -25.66 -25.12
C ILE R 415 119.06 -25.74 -23.98
N PHE R 416 120.25 -26.24 -24.29
CA PHE R 416 121.36 -26.29 -23.35
C PHE R 416 122.60 -25.77 -24.06
N ALA R 417 122.97 -24.53 -23.75
CA ALA R 417 124.23 -24.00 -24.23
C ALA R 417 125.35 -24.43 -23.29
N CYS R 418 126.38 -25.04 -23.84
CA CYS R 418 127.48 -25.57 -23.02
C CYS R 418 128.72 -25.64 -23.89
N SER R 419 129.72 -26.40 -23.42
CA SER R 419 130.95 -26.57 -24.16
C SER R 419 131.32 -28.06 -24.12
N THR R 420 132.30 -28.43 -24.94
CA THR R 420 132.73 -29.82 -24.97
C THR R 420 133.32 -30.24 -23.63
N GLY R 421 134.01 -29.32 -22.97
CA GLY R 421 134.72 -29.62 -21.74
C GLY R 421 136.16 -30.01 -21.94
N THR R 422 136.68 -29.92 -23.16
CA THR R 422 138.05 -30.29 -23.46
C THR R 422 138.66 -29.32 -24.47
N GLY R 423 137.92 -28.26 -24.80
CA GLY R 423 138.36 -27.33 -25.82
C GLY R 423 139.36 -26.32 -25.32
N ARG R 424 139.67 -25.31 -26.14
CA ARG R 424 140.65 -24.29 -25.82
C ARG R 424 140.07 -23.17 -24.94
N SER R 425 138.75 -23.11 -24.79
CA SER R 425 138.12 -22.13 -23.91
C SER R 425 136.75 -22.70 -23.51
N THR R 426 135.93 -21.88 -22.86
CA THR R 426 134.63 -22.35 -22.40
C THR R 426 133.67 -21.18 -22.28
N LEU R 427 132.38 -21.50 -22.25
CA LEU R 427 131.29 -20.59 -21.98
C LEU R 427 130.36 -21.22 -20.96
N PRO R 428 129.59 -20.41 -20.20
CA PRO R 428 128.76 -20.96 -19.13
C PRO R 428 127.77 -22.01 -19.60
N GLN R 429 127.55 -23.05 -18.79
CA GLN R 429 126.59 -24.09 -19.08
C GLN R 429 125.22 -23.66 -18.57
N GLU R 430 124.34 -23.25 -19.49
CA GLU R 430 123.04 -22.72 -19.11
C GLU R 430 121.93 -23.34 -19.95
N LYS R 431 120.78 -23.56 -19.32
CA LYS R 431 119.62 -24.11 -19.99
C LYS R 431 118.61 -23.00 -20.26
N ILE R 432 118.18 -22.90 -21.51
CA ILE R 432 117.16 -21.94 -21.91
C ILE R 432 115.86 -22.70 -22.14
N PRO R 433 114.89 -22.62 -21.25
CA PRO R 433 113.66 -23.38 -21.41
C PRO R 433 112.67 -22.67 -22.32
N PHE R 434 111.81 -23.47 -22.96
CA PHE R 434 110.68 -22.97 -23.71
C PHE R 434 109.48 -23.86 -23.47
N GLU R 435 109.27 -24.23 -22.20
CA GLU R 435 108.27 -25.20 -21.82
C GLU R 435 106.88 -24.61 -21.98
N ALA R 436 106.23 -24.90 -23.12
CA ALA R 436 104.88 -24.43 -23.38
C ALA R 436 104.26 -25.15 -24.57
N GLN R 437 103.00 -24.84 -24.86
CA GLN R 437 102.31 -25.35 -26.05
C GLN R 437 102.46 -24.34 -27.16
N GLY R 438 102.91 -24.79 -28.32
CA GLY R 438 103.30 -23.91 -29.39
C GLY R 438 104.70 -23.37 -29.27
N ASP R 439 105.47 -23.81 -28.26
CA ASP R 439 106.85 -23.39 -28.09
C ASP R 439 107.84 -24.52 -28.33
N ASN R 440 107.38 -25.62 -28.92
CA ASN R 440 108.28 -26.72 -29.26
C ASN R 440 109.26 -26.26 -30.34
N ILE R 441 110.52 -26.66 -30.20
CA ILE R 441 111.54 -26.25 -31.16
C ILE R 441 111.35 -27.04 -32.44
N VAL R 442 110.81 -26.37 -33.47
CA VAL R 442 110.69 -26.98 -34.79
C VAL R 442 112.05 -27.15 -35.46
N GLY R 443 112.97 -26.20 -35.30
CA GLY R 443 114.28 -26.36 -35.88
C GLY R 443 115.28 -25.43 -35.21
N ALA R 444 116.54 -25.56 -35.64
CA ALA R 444 117.62 -24.75 -35.12
C ALA R 444 118.64 -24.51 -36.24
N GLY R 445 119.50 -23.51 -36.03
CA GLY R 445 120.52 -23.21 -37.01
C GLY R 445 121.19 -21.88 -36.68
N SER R 446 121.84 -21.31 -37.69
CA SER R 446 122.55 -20.04 -37.56
C SER R 446 122.16 -19.10 -38.69
N CYS R 447 122.10 -17.80 -38.37
CA CYS R 447 121.81 -16.78 -39.36
C CYS R 447 122.40 -15.46 -38.91
N GLU R 448 123.27 -14.90 -39.75
CA GLU R 448 123.90 -13.59 -39.50
C GLU R 448 124.72 -13.59 -38.21
N GLY R 449 125.40 -14.72 -37.95
CA GLY R 449 126.29 -14.83 -36.82
C GLY R 449 125.63 -15.12 -35.49
N TRP R 450 124.32 -15.39 -35.47
CA TRP R 450 123.72 -15.63 -34.16
C TRP R 450 122.86 -16.88 -34.18
N PRO R 451 122.91 -17.70 -33.12
CA PRO R 451 122.18 -18.98 -33.12
C PRO R 451 120.68 -18.77 -33.02
N VAL R 452 119.97 -19.22 -34.06
CA VAL R 452 118.54 -19.00 -34.23
C VAL R 452 117.83 -20.34 -34.11
N PHE R 453 116.58 -20.31 -33.65
CA PHE R 453 115.74 -21.49 -33.50
C PHE R 453 114.36 -21.16 -34.02
N PHE R 454 113.80 -22.07 -34.82
CA PHE R 454 112.45 -21.94 -35.36
C PHE R 454 111.49 -22.63 -34.40
N ILE R 455 110.54 -21.86 -33.87
CA ILE R 455 109.64 -22.28 -32.80
C ILE R 455 108.22 -22.33 -33.36
N ARG R 456 107.42 -23.26 -32.81
CA ARG R 456 106.16 -23.67 -33.43
C ARG R 456 105.23 -22.48 -33.71
N LYS R 457 104.94 -21.69 -32.70
CA LYS R 457 104.00 -20.58 -32.87
C LYS R 457 104.66 -19.26 -32.51
N SER R 458 105.98 -19.18 -32.62
CA SER R 458 106.71 -17.96 -32.37
C SER R 458 107.70 -17.60 -33.46
N GLY R 459 108.16 -18.57 -34.26
CA GLY R 459 109.05 -18.23 -35.36
C GLY R 459 110.51 -18.26 -34.98
N MET R 460 111.26 -17.33 -35.56
CA MET R 460 112.71 -17.35 -35.51
C MET R 460 113.22 -16.53 -34.33
N LEU R 461 113.85 -17.19 -33.36
CA LEU R 461 114.34 -16.55 -32.15
C LEU R 461 115.81 -16.92 -31.92
N THR R 462 116.65 -15.91 -31.71
CA THR R 462 118.07 -16.14 -31.55
C THR R 462 118.50 -15.90 -30.10
N VAL R 463 119.49 -16.69 -29.67
CA VAL R 463 120.09 -16.53 -28.36
C VAL R 463 121.41 -15.81 -28.55
N VAL R 464 121.53 -14.63 -27.94
CA VAL R 464 122.72 -13.79 -28.05
C VAL R 464 123.44 -13.85 -26.70
N ALA R 465 124.75 -14.09 -26.75
CA ALA R 465 125.52 -14.15 -25.52
C ALA R 465 125.72 -12.76 -24.94
N ARG R 466 124.90 -12.43 -23.93
CA ARG R 466 125.05 -11.18 -23.20
C ARG R 466 124.30 -11.25 -21.88
N GLU R 467 124.57 -10.30 -20.99
CA GLU R 467 123.99 -10.29 -19.63
C GLU R 467 124.43 -11.53 -18.85
N THR R 468 125.73 -11.81 -18.87
CA THR R 468 126.34 -12.92 -18.16
C THR R 468 127.48 -12.40 -17.29
N ALA R 469 127.75 -13.11 -16.20
CA ALA R 469 128.80 -12.68 -15.27
C ALA R 469 130.19 -12.88 -15.87
N SER R 470 131.14 -12.09 -15.37
CA SER R 470 132.52 -12.14 -15.82
C SER R 470 133.42 -12.78 -14.76
N VAL R 471 134.66 -13.05 -15.17
CA VAL R 471 135.65 -13.71 -14.31
C VAL R 471 136.87 -12.80 -14.20
N LEU R 472 137.38 -12.64 -12.95
CA LEU R 472 138.51 -11.77 -12.65
C LEU R 472 139.77 -12.57 -12.34
N PRO R 473 140.92 -12.15 -12.84
CA PRO R 473 142.17 -12.87 -12.58
C PRO R 473 142.88 -12.48 -11.30
N GLU R 474 142.47 -11.40 -10.65
CA GLU R 474 143.18 -10.90 -9.47
C GLU R 474 142.96 -11.79 -8.25
N HIS R 475 141.80 -12.44 -8.15
CA HIS R 475 141.50 -13.28 -6.99
C HIS R 475 142.45 -14.46 -6.91
N MET R 476 142.76 -15.09 -8.05
CA MET R 476 143.61 -16.26 -8.06
C MET R 476 145.04 -15.88 -7.65
N GLU R 477 145.50 -14.73 -8.15
CA GLU R 477 146.79 -14.18 -7.72
C GLU R 477 146.81 -13.89 -6.23
N GLU R 478 145.71 -13.36 -5.70
CA GLU R 478 145.60 -13.13 -4.28
C GLU R 478 145.71 -14.42 -3.50
N SER R 479 145.08 -15.48 -4.00
CA SER R 479 145.18 -16.79 -3.36
C SER R 479 146.62 -17.29 -3.36
N LEU R 480 147.32 -17.13 -4.50
CA LEU R 480 148.73 -17.50 -4.57
C LEU R 480 149.57 -16.73 -3.57
N SER R 481 149.32 -15.43 -3.44
CA SER R 481 150.04 -14.61 -2.48
C SER R 481 149.75 -15.03 -1.04
N SER R 482 148.49 -15.30 -0.72
CA SER R 482 148.09 -15.58 0.64
C SER R 482 148.45 -16.99 1.10
N VAL R 483 148.58 -17.95 0.19
CA VAL R 483 148.84 -19.33 0.60
C VAL R 483 150.21 -19.48 1.25
N SER R 484 151.12 -18.53 1.02
CA SER R 484 152.47 -18.64 1.54
C SER R 484 152.58 -17.99 2.92
N LYS R 485 153.75 -18.16 3.54
CA LYS R 485 154.12 -17.59 4.84
C LYS R 485 153.36 -18.23 6.00
N SER R 486 154.04 -18.42 7.13
CA SER R 486 153.46 -19.06 8.30
C SER R 486 153.88 -18.30 9.55
N SER R 487 153.53 -18.87 10.71
CA SER R 487 153.85 -18.25 11.99
C SER R 487 153.87 -19.32 13.08
N ARG R 488 154.69 -19.07 14.10
CA ARG R 488 154.75 -19.93 15.28
C ARG R 488 155.35 -19.13 16.43
N GLN R 489 154.93 -19.48 17.64
CA GLN R 489 155.37 -18.77 18.84
C GLN R 489 155.35 -19.70 20.04
N ALA R 490 156.53 -19.98 20.59
CA ALA R 490 156.64 -20.76 21.81
C ALA R 490 157.65 -20.15 22.79
N VAL R 491 158.40 -19.16 22.32
CA VAL R 491 159.41 -18.48 23.13
C VAL R 491 159.35 -17.00 22.79
N VAL R 492 159.14 -16.16 23.80
CA VAL R 492 159.06 -14.72 23.61
C VAL R 492 160.02 -14.04 24.57
N LYS R 493 160.83 -13.12 24.05
CA LYS R 493 161.84 -12.44 24.84
C LYS R 493 161.53 -10.95 24.87
N ASP R 494 161.47 -10.39 26.08
CA ASP R 494 161.07 -9.00 26.28
C ASP R 494 162.27 -8.12 26.61
N SER R 495 162.08 -6.81 26.45
CA SER R 495 163.05 -5.80 26.83
C SER R 495 162.32 -4.60 27.43
N ARG R 496 163.05 -3.80 28.17
CA ARG R 496 162.51 -2.62 28.85
C ARG R 496 163.47 -1.46 28.67
N PRO R 497 162.98 -0.20 28.87
CA PRO R 497 163.81 0.97 28.58
C PRO R 497 165.21 0.96 29.21
N ASP R 498 166.21 1.36 28.43
CA ASP R 498 167.60 1.32 28.82
C ASP R 498 168.02 2.72 29.28
N GLN R 499 168.44 2.84 30.54
CA GLN R 499 168.95 4.09 31.06
C GLN R 499 170.45 3.93 31.23
N ILE R 500 170.92 2.92 31.97
CA ILE R 500 172.35 2.72 32.24
C ILE R 500 172.68 1.34 31.67
N ALA R 501 173.94 0.92 31.71
CA ALA R 501 174.26 -0.47 31.42
C ALA R 501 173.70 -1.39 32.50
N HIS R 502 173.95 -1.05 33.78
CA HIS R 502 173.37 -1.79 34.88
C HIS R 502 171.85 -1.68 34.87
N ASP R 503 171.34 -0.48 34.59
CA ASP R 503 169.90 -0.32 34.45
C ASP R 503 169.35 -1.12 33.28
N ASP R 504 170.15 -1.27 32.21
CA ASP R 504 169.68 -1.99 31.03
C ASP R 504 169.59 -3.48 31.30
N LYS R 505 170.63 -4.04 31.92
CA LYS R 505 170.56 -5.44 32.31
C LYS R 505 169.46 -5.68 33.33
N THR R 506 169.25 -4.73 34.25
CA THR R 506 168.17 -4.83 35.21
C THR R 506 166.81 -4.82 34.51
N LYS R 507 166.63 -3.94 33.53
CA LYS R 507 165.36 -3.85 32.81
C LYS R 507 165.15 -5.06 31.94
N HIS R 508 166.23 -5.64 31.41
CA HIS R 508 166.12 -6.89 30.68
C HIS R 508 165.67 -8.04 31.59
N LEU R 509 166.19 -8.08 32.82
CA LEU R 509 165.72 -9.06 33.79
C LEU R 509 164.26 -8.82 34.14
N LYS R 510 163.87 -7.55 34.34
CA LYS R 510 162.48 -7.22 34.64
C LYS R 510 161.58 -7.55 33.46
N ALA R 511 162.11 -7.49 32.24
CA ALA R 511 161.33 -7.86 31.07
C ALA R 511 161.22 -9.37 30.94
N ALA R 512 162.24 -10.11 31.39
CA ALA R 512 162.08 -11.55 31.51
C ALA R 512 161.01 -11.89 32.53
N PHE R 513 160.97 -11.14 33.63
CA PHE R 513 159.83 -11.18 34.53
C PHE R 513 158.52 -10.85 33.83
N LEU R 514 158.52 -9.88 32.92
CA LEU R 514 157.31 -9.55 32.19
C LEU R 514 156.85 -10.74 31.34
N ARG R 515 157.79 -11.42 30.69
CA ARG R 515 157.46 -12.62 29.95
C ARG R 515 156.91 -13.69 30.87
N TYR R 516 157.51 -13.85 32.05
CA TYR R 516 157.00 -14.80 33.02
C TYR R 516 155.56 -14.48 33.39
N CYS R 517 155.26 -13.20 33.61
CA CYS R 517 153.90 -12.78 33.94
C CYS R 517 152.94 -13.05 32.79
N ARG R 518 153.39 -12.85 31.56
CA ARG R 518 152.57 -13.14 30.39
C ARG R 518 152.57 -14.62 30.02
N LYS R 519 152.92 -15.49 30.97
CA LYS R 519 152.93 -16.93 30.78
C LYS R 519 153.91 -17.37 29.69
N ASP R 520 155.19 -17.09 29.90
CA ASP R 520 156.23 -17.60 29.01
C ASP R 520 157.45 -18.01 29.81
N ILE R 521 157.51 -19.30 30.20
CA ILE R 521 158.67 -19.79 30.93
C ILE R 521 159.89 -19.88 30.02
N LEU R 522 159.67 -20.31 28.77
CA LEU R 522 160.81 -20.56 27.89
C LEU R 522 161.53 -19.27 27.50
N GLY R 523 160.78 -18.22 27.15
CA GLY R 523 161.42 -16.95 26.85
C GLY R 523 162.15 -16.34 28.02
N ALA R 524 161.54 -16.37 29.21
CA ALA R 524 162.22 -15.86 30.40
C ALA R 524 163.47 -16.66 30.70
N GLN R 525 163.41 -17.99 30.56
CA GLN R 525 164.58 -18.82 30.81
C GLN R 525 165.68 -18.54 29.79
N SER R 526 165.30 -18.35 28.53
CA SER R 526 166.30 -18.04 27.51
C SER R 526 166.98 -16.70 27.78
N MET R 527 166.19 -15.70 28.17
CA MET R 527 166.78 -14.40 28.51
C MET R 527 167.64 -14.48 29.76
N VAL R 528 167.26 -15.29 30.74
CA VAL R 528 168.09 -15.43 31.94
C VAL R 528 169.40 -16.14 31.60
N ASP R 529 169.34 -17.13 30.71
CA ASP R 529 170.57 -17.77 30.24
C ASP R 529 171.44 -16.77 29.50
N SER R 530 170.83 -15.91 28.68
CA SER R 530 171.59 -14.93 27.92
C SER R 530 172.22 -13.87 28.83
N LEU R 531 171.53 -13.46 29.89
CA LEU R 531 172.03 -12.42 30.77
C LEU R 531 172.96 -12.96 31.85
N PHE R 532 172.89 -14.27 32.14
CA PHE R 532 173.65 -14.86 33.23
C PHE R 532 174.09 -16.26 32.81
N SER R 533 175.39 -16.53 32.87
CA SER R 533 175.92 -17.85 32.59
C SER R 533 177.16 -18.08 33.45
N ASP R 534 177.44 -19.35 33.73
CA ASP R 534 178.53 -19.68 34.63
C ASP R 534 179.88 -19.56 33.93
N SER R 535 180.73 -18.69 34.47
CA SER R 535 182.11 -18.53 34.00
C SER R 535 183.04 -18.48 35.20
N ASP R 536 182.92 -19.48 36.09
CA ASP R 536 183.43 -19.52 37.47
C ASP R 536 182.42 -18.83 38.37
N MET R 537 182.14 -19.42 39.53
CA MET R 537 181.06 -18.95 40.40
C MET R 537 181.63 -18.59 41.76
N GLU R 538 181.85 -17.30 41.99
CA GLU R 538 182.21 -16.76 43.29
C GLU R 538 181.44 -15.47 43.49
N PRO R 539 181.17 -15.07 44.73
CA PRO R 539 180.25 -13.95 44.98
C PRO R 539 180.63 -12.64 44.31
N ASP R 540 179.62 -11.90 43.84
CA ASP R 540 179.81 -10.56 43.31
C ASP R 540 178.58 -9.75 43.70
N ASP R 541 178.76 -8.43 43.82
CA ASP R 541 177.70 -7.60 44.39
C ASP R 541 176.60 -7.27 43.38
N GLU R 542 176.89 -7.42 42.08
CA GLU R 542 176.03 -6.79 41.07
C GLU R 542 174.71 -7.51 40.83
N LEU R 543 174.69 -8.84 40.83
CA LEU R 543 173.41 -9.55 40.66
C LEU R 543 172.46 -9.22 41.80
N ASP R 544 172.98 -9.24 43.02
CA ASP R 544 172.19 -8.85 44.18
C ASP R 544 171.76 -7.40 44.08
N LEU R 545 172.65 -6.53 43.57
CA LEU R 545 172.31 -5.12 43.39
C LEU R 545 171.14 -4.95 42.44
N ALA R 546 171.15 -5.68 41.32
CA ALA R 546 170.08 -5.55 40.34
C ALA R 546 168.76 -6.07 40.88
N VAL R 547 168.77 -7.24 41.52
CA VAL R 547 167.53 -7.76 42.09
C VAL R 547 167.01 -6.82 43.18
N ASN R 548 167.91 -6.29 44.00
CA ASN R 548 167.53 -5.38 45.07
C ASN R 548 166.93 -4.10 44.52
N GLN R 549 167.51 -3.56 43.44
CA GLN R 549 166.96 -2.32 42.88
C GLN R 549 165.62 -2.58 42.20
N ILE R 550 165.43 -3.78 41.64
CA ILE R 550 164.10 -4.18 41.18
C ILE R 550 163.11 -4.12 42.33
N SER R 551 163.46 -4.74 43.46
CA SER R 551 162.55 -4.78 44.61
C SER R 551 162.30 -3.39 45.18
N VAL R 552 163.34 -2.57 45.27
CA VAL R 552 163.21 -1.23 45.83
C VAL R 552 162.32 -0.38 44.96
N ASP R 553 162.45 -0.51 43.63
CA ASP R 553 161.55 0.21 42.74
C ASP R 553 160.11 -0.25 42.92
N LEU R 554 159.90 -1.57 42.96
CA LEU R 554 158.53 -2.09 43.06
C LEU R 554 157.88 -1.69 44.38
N ILE R 555 158.68 -1.52 45.44
CA ILE R 555 158.10 -1.11 46.73
C ILE R 555 157.96 0.40 46.85
N ASP R 556 158.91 1.19 46.36
CA ASP R 556 158.90 2.63 46.49
C ASP R 556 158.12 3.30 45.38
N ASP R 557 157.52 2.52 44.49
CA ASP R 557 156.76 3.08 43.38
C ASP R 557 155.63 3.99 43.89
N TYR R 558 155.55 5.16 43.28
CA TYR R 558 154.41 6.06 43.43
C TYR R 558 153.73 6.12 42.08
N PRO R 559 152.48 5.68 41.96
CA PRO R 559 151.90 5.45 40.63
C PRO R 559 151.98 6.68 39.75
N ALA R 560 152.41 6.47 38.50
CA ALA R 560 152.44 7.53 37.50
C ALA R 560 152.12 7.03 36.09
N SER R 561 151.81 5.73 35.95
CA SER R 561 151.84 5.10 34.63
C SER R 561 150.64 5.48 33.78
N ASP R 562 149.46 5.02 34.14
CA ASP R 562 148.25 5.38 33.43
C ASP R 562 147.73 6.70 33.96
N PRO R 563 146.88 7.42 33.21
CA PRO R 563 146.60 8.82 33.59
C PRO R 563 146.14 8.99 35.02
N ARG R 564 145.33 8.07 35.55
CA ARG R 564 144.98 8.15 36.97
C ARG R 564 146.19 7.99 37.87
N TRP R 565 147.26 7.37 37.38
CA TRP R 565 148.47 7.26 38.19
C TRP R 565 149.40 8.43 37.97
N ALA R 566 149.58 8.89 36.73
CA ALA R 566 150.13 10.22 36.54
C ALA R 566 149.35 11.23 37.35
N GLU R 567 148.11 10.90 37.70
CA GLU R 567 147.29 11.68 38.61
C GLU R 567 147.27 11.12 40.03
N SER R 568 147.68 9.86 40.22
CA SER R 568 148.11 9.46 41.55
C SER R 568 149.19 10.38 42.08
N VAL R 569 150.17 10.68 41.25
CA VAL R 569 150.95 11.92 41.37
C VAL R 569 149.94 13.05 41.45
N PRO R 570 149.85 13.77 42.57
CA PRO R 570 148.65 14.60 42.81
C PRO R 570 148.33 15.68 41.81
N GLU R 571 147.27 15.47 41.03
CA GLU R 571 146.45 16.54 40.45
C GLU R 571 145.00 16.06 40.36
N GLU R 572 144.59 15.23 41.32
CA GLU R 572 143.44 14.33 41.18
C GLU R 572 142.23 14.91 40.49
N ALA R 573 141.83 14.27 39.39
CA ALA R 573 140.50 14.35 38.81
C ALA R 573 140.13 12.93 38.43
N ALA R 574 141.16 12.07 38.42
CA ALA R 574 141.02 10.63 38.36
C ALA R 574 142.08 10.02 39.26
N GLY R 575 142.85 10.88 39.94
CA GLY R 575 143.87 10.44 40.85
C GLY R 575 143.29 9.93 42.16
N PHE R 576 144.19 9.56 43.07
CA PHE R 576 143.76 9.02 44.36
C PHE R 576 142.95 10.04 45.13
N SER R 577 141.66 9.73 45.35
CA SER R 577 140.72 10.65 45.97
C SER R 577 139.89 9.97 47.05
N ASN R 578 140.54 9.33 48.01
CA ASN R 578 139.85 8.62 49.08
C ASN R 578 139.01 7.49 48.49
N THR R 579 139.67 6.48 47.93
CA THR R 579 138.99 5.24 47.57
C THR R 579 139.75 4.06 48.14
N SER R 580 139.01 3.06 48.66
CA SER R 580 139.64 1.93 49.33
C SER R 580 139.85 0.74 48.41
N LEU R 581 138.80 0.28 47.72
CA LEU R 581 138.92 -0.93 46.92
C LEU R 581 139.95 -0.81 45.82
N ILE R 582 140.02 0.34 45.15
CA ILE R 582 140.92 0.50 44.02
C ILE R 582 142.37 0.41 44.49
N LEU R 583 142.72 1.15 45.54
CA LEU R 583 144.08 1.07 46.05
C LEU R 583 144.37 -0.30 46.63
N LEU R 584 143.36 -0.97 47.20
CA LEU R 584 143.54 -2.36 47.60
C LEU R 584 143.90 -3.22 46.39
N HIS R 585 143.29 -2.94 45.25
CA HIS R 585 143.61 -3.68 44.04
C HIS R 585 145.03 -3.39 43.57
N GLN R 586 145.47 -2.14 43.69
CA GLN R 586 146.87 -1.84 43.35
C GLN R 586 147.82 -2.57 44.28
N LEU R 587 147.51 -2.61 45.57
CA LEU R 587 148.32 -3.38 46.51
C LEU R 587 148.31 -4.85 46.16
N GLU R 588 147.15 -5.37 45.76
CA GLU R 588 147.03 -6.75 45.29
C GLU R 588 147.92 -7.00 44.09
N ASP R 589 147.94 -6.08 43.13
CA ASP R 589 148.74 -6.27 41.93
C ASP R 589 150.23 -6.17 42.22
N LYS R 590 150.61 -5.31 43.17
CA LYS R 590 152.01 -5.23 43.56
C LYS R 590 152.44 -6.48 44.31
N MET R 591 151.54 -7.03 45.14
CA MET R 591 151.82 -8.32 45.76
C MET R 591 151.96 -9.40 44.71
N LYS R 592 151.09 -9.36 43.70
CA LYS R 592 151.22 -10.24 42.55
C LYS R 592 152.59 -10.11 41.92
N ALA R 593 153.03 -8.87 41.73
CA ALA R 593 154.32 -8.62 41.08
C ALA R 593 155.47 -9.18 41.88
N HIS R 594 155.49 -8.91 43.18
CA HIS R 594 156.58 -9.43 44.01
C HIS R 594 156.57 -10.95 44.06
N SER R 595 155.38 -11.55 44.20
CA SER R 595 155.29 -13.01 44.24
C SER R 595 155.74 -13.63 42.93
N PHE R 596 155.28 -13.07 41.81
CA PHE R 596 155.68 -13.57 40.51
C PHE R 596 157.17 -13.36 40.27
N PHE R 597 157.74 -12.30 40.86
CA PHE R 597 159.17 -12.07 40.68
C PHE R 597 159.98 -13.11 41.42
N VAL R 598 159.58 -13.43 42.65
CA VAL R 598 160.25 -14.50 43.38
C VAL R 598 160.10 -15.83 42.64
N ASP R 599 158.90 -16.11 42.13
CA ASP R 599 158.68 -17.36 41.41
C ASP R 599 159.50 -17.41 40.13
N PHE R 600 159.56 -16.28 39.41
CA PHE R 600 160.36 -16.17 38.19
C PHE R 600 161.83 -16.43 38.47
N LEU R 601 162.36 -15.80 39.52
CA LEU R 601 163.76 -16.02 39.87
C LEU R 601 164.00 -17.47 40.26
N HIS R 602 163.06 -18.07 41.00
CA HIS R 602 163.21 -19.47 41.38
C HIS R 602 163.22 -20.38 40.15
N GLN R 603 162.32 -20.13 39.20
CA GLN R 603 162.19 -21.03 38.06
C GLN R 603 163.31 -20.83 37.05
N VAL R 604 163.96 -19.67 37.07
CA VAL R 604 165.15 -19.49 36.23
C VAL R 604 166.43 -19.92 36.93
N GLY R 605 166.43 -20.02 38.26
CA GLY R 605 167.55 -20.62 38.96
C GLY R 605 168.62 -19.67 39.44
N LEU R 606 168.39 -18.36 39.34
CA LEU R 606 169.35 -17.39 39.89
C LEU R 606 169.31 -17.31 41.41
N PHE R 607 168.33 -17.97 42.05
CA PHE R 607 168.19 -17.86 43.50
C PHE R 607 169.43 -18.39 44.21
N SER R 608 169.91 -19.56 43.78
CA SER R 608 171.13 -20.12 44.35
C SER R 608 172.35 -19.27 44.04
N ARG R 609 172.30 -18.48 42.96
CA ARG R 609 173.38 -17.55 42.63
C ARG R 609 173.24 -16.22 43.35
N LEU R 610 172.12 -15.96 44.00
CA LEU R 610 171.97 -14.76 44.80
C LEU R 610 172.90 -14.84 46.02
N SER R 611 173.29 -13.67 46.51
CA SER R 611 174.26 -13.61 47.60
C SER R 611 173.96 -12.43 48.52
N THR R 612 174.95 -12.07 49.34
CA THR R 612 174.80 -10.96 50.27
C THR R 612 175.38 -9.70 49.64
N CYS R 613 174.61 -8.62 49.71
CA CYS R 613 174.95 -7.37 49.05
C CYS R 613 174.98 -6.24 50.05
N GLN R 614 175.88 -5.28 49.81
CA GLN R 614 175.87 -4.04 50.56
C GLN R 614 174.58 -3.29 50.25
N THR R 615 173.94 -2.76 51.29
CA THR R 615 172.76 -1.93 51.13
C THR R 615 172.79 -0.86 52.21
N LYS R 616 172.68 0.41 51.80
CA LYS R 616 172.85 1.57 52.66
C LYS R 616 174.06 1.40 53.57
N GLY R 617 175.07 0.69 53.08
CA GLY R 617 176.24 0.33 53.87
C GLY R 617 176.13 -0.98 54.61
N MET R 618 175.00 -1.68 54.50
CA MET R 618 174.75 -2.90 55.24
C MET R 618 174.68 -4.09 54.30
N LEU R 619 175.37 -5.17 54.66
CA LEU R 619 175.35 -6.40 53.89
C LEU R 619 174.11 -7.18 54.26
N VAL R 620 173.26 -7.48 53.27
CA VAL R 620 171.95 -8.07 53.51
C VAL R 620 171.76 -9.27 52.59
N ALA R 621 171.08 -10.30 53.10
CA ALA R 621 170.69 -11.43 52.26
C ALA R 621 169.54 -11.02 51.34
N THR R 622 169.64 -11.43 50.08
CA THR R 622 168.64 -11.01 49.09
C THR R 622 167.27 -11.59 49.42
N ARG R 623 167.21 -12.85 49.80
CA ARG R 623 165.92 -13.48 50.08
C ARG R 623 165.24 -12.87 51.30
N LEU R 624 166.01 -12.57 52.35
CA LEU R 624 165.43 -11.89 53.49
C LEU R 624 165.05 -10.46 53.16
N LEU R 625 165.77 -9.81 52.24
CA LEU R 625 165.36 -8.50 51.76
C LEU R 625 164.00 -8.57 51.07
N LEU R 626 163.81 -9.59 50.23
CA LEU R 626 162.51 -9.80 49.61
C LEU R 626 161.43 -10.02 50.68
N SER R 627 161.77 -10.80 51.72
CA SER R 627 160.84 -11.00 52.82
C SER R 627 160.44 -9.67 53.46
N GLU R 628 161.43 -8.81 53.73
CA GLU R 628 161.15 -7.53 54.37
C GLU R 628 160.27 -6.65 53.49
N HIS R 629 160.60 -6.56 52.20
CA HIS R 629 159.82 -5.71 51.31
C HIS R 629 158.38 -6.23 51.18
N ALA R 630 158.23 -7.54 51.04
CA ALA R 630 156.89 -8.11 50.95
C ALA R 630 156.12 -7.94 52.25
N GLU R 631 156.82 -7.92 53.39
CA GLU R 631 156.14 -7.67 54.66
C GLU R 631 155.71 -6.22 54.76
N LYS R 632 156.49 -5.28 54.23
CA LYS R 632 156.03 -3.90 54.11
C LYS R 632 154.77 -3.80 53.26
N LEU R 633 154.77 -4.50 52.12
CA LEU R 633 153.59 -4.49 51.25
C LEU R 633 152.39 -5.12 51.97
N SER R 634 152.63 -6.17 52.74
CA SER R 634 151.56 -6.78 53.52
C SER R 634 151.02 -5.82 54.57
N ALA R 635 151.90 -5.03 55.18
CA ALA R 635 151.45 -4.01 56.11
C ALA R 635 150.57 -2.97 55.42
N ALA R 636 150.95 -2.56 54.22
CA ALA R 636 150.11 -1.64 53.47
C ALA R 636 148.74 -2.26 53.17
N ILE R 637 148.74 -3.53 52.76
CA ILE R 637 147.47 -4.23 52.52
C ILE R 637 146.63 -4.26 53.78
N VAL R 638 147.27 -4.52 54.92
CA VAL R 638 146.54 -4.64 56.18
C VAL R 638 145.92 -3.31 56.57
N LEU R 639 146.66 -2.21 56.42
CA LEU R 639 146.09 -0.90 56.69
C LEU R 639 144.91 -0.64 55.75
N LYS R 640 145.05 -1.04 54.50
CA LYS R 640 143.94 -0.90 53.56
C LYS R 640 142.73 -1.69 54.03
N ASN R 641 142.95 -2.91 54.53
CA ASN R 641 141.86 -3.72 55.05
C ASN R 641 141.19 -3.05 56.24
N HIS R 642 141.98 -2.49 57.15
CA HIS R 642 141.41 -1.80 58.29
C HIS R 642 140.62 -0.58 57.86
N HIS R 643 141.09 0.13 56.84
CA HIS R 643 140.30 1.20 56.26
C HIS R 643 138.98 0.66 55.73
N ALA R 644 139.02 -0.44 54.98
CA ALA R 644 137.81 -1.02 54.43
C ALA R 644 136.85 -1.47 55.52
N LYS R 645 137.38 -1.85 56.68
CA LYS R 645 136.56 -2.32 57.79
C LYS R 645 135.95 -1.18 58.59
N LEU R 646 136.75 -0.21 59.03
CA LEU R 646 136.27 0.94 59.79
C LEU R 646 136.81 2.20 59.12
N PRO R 647 136.18 2.61 58.02
CA PRO R 647 136.74 3.75 57.27
C PRO R 647 136.88 5.01 58.08
N VAL R 648 135.78 5.55 58.60
CA VAL R 648 135.84 6.83 59.32
C VAL R 648 136.84 6.76 60.44
N LEU R 649 136.82 5.67 61.20
CA LEU R 649 137.80 5.49 62.26
C LEU R 649 139.22 5.44 61.70
N VAL R 650 139.46 4.51 60.76
CA VAL R 650 140.82 4.31 60.28
C VAL R 650 141.27 5.49 59.41
N ASN R 651 140.38 6.02 58.59
CA ASN R 651 140.78 7.16 57.75
C ASN R 651 141.06 8.40 58.60
N SER R 652 140.21 8.66 59.60
CA SER R 652 140.49 9.76 60.52
C SER R 652 141.80 9.55 61.23
N ALA R 653 142.07 8.30 61.63
CA ALA R 653 143.33 7.99 62.29
C ALA R 653 144.52 8.29 61.40
N ILE R 654 144.47 7.85 60.14
CA ILE R 654 145.63 8.03 59.28
C ILE R 654 145.83 9.50 58.94
N GLN R 655 144.74 10.25 58.74
CA GLN R 655 144.90 11.67 58.44
C GLN R 655 145.48 12.42 59.62
N LEU R 656 145.01 12.10 60.84
CA LEU R 656 145.61 12.69 62.03
C LEU R 656 147.07 12.28 62.19
N ALA R 657 147.38 11.04 61.83
CA ALA R 657 148.75 10.53 61.94
C ALA R 657 149.70 11.30 61.04
N LEU R 658 149.32 11.51 59.78
CA LEU R 658 150.15 12.33 58.90
C LEU R 658 150.17 13.79 59.36
N ASP R 659 149.06 14.25 59.95
CA ASP R 659 149.02 15.61 60.49
C ASP R 659 150.17 15.83 61.47
N LYS R 660 150.20 15.06 62.56
CA LYS R 660 151.25 15.27 63.56
C LYS R 660 152.65 14.97 63.04
N ARG R 661 152.79 14.19 61.97
CA ARG R 661 154.13 14.12 61.39
C ARG R 661 154.39 15.26 60.41
N MET R 662 153.42 16.15 60.20
CA MET R 662 153.56 17.31 59.31
C MET R 662 153.76 16.84 57.88
N CYS R 663 152.91 15.92 57.41
CA CYS R 663 153.04 15.37 56.07
C CYS R 663 151.99 15.98 55.16
N THR R 664 152.24 15.92 53.87
CA THR R 664 151.37 16.58 52.90
C THR R 664 150.03 15.86 52.77
N VAL R 665 148.96 16.64 52.92
CA VAL R 665 147.60 16.17 52.69
C VAL R 665 146.93 17.18 51.77
N PRO R 666 147.23 17.19 50.48
CA PRO R 666 146.71 18.23 49.60
C PRO R 666 145.24 18.03 49.27
N GLN R 667 144.71 18.84 48.36
CA GLN R 667 143.34 18.68 47.89
C GLN R 667 143.23 17.71 46.72
N ASN R 668 144.32 17.05 46.34
CA ASN R 668 144.27 16.01 45.33
C ASN R 668 144.21 14.63 45.98
N LEU R 669 145.16 14.34 46.86
CA LEU R 669 145.22 13.05 47.54
C LEU R 669 145.05 13.20 49.04
N THR R 670 144.61 12.11 49.68
CA THR R 670 144.42 12.09 51.12
C THR R 670 145.71 11.71 51.82
N ALA R 671 145.71 11.88 53.14
CA ALA R 671 146.85 11.46 53.94
C ALA R 671 147.06 9.95 53.82
N ALA R 672 145.98 9.17 53.86
CA ALA R 672 146.10 7.73 53.74
C ALA R 672 146.69 7.33 52.39
N ASP R 673 146.19 7.94 51.31
CA ASP R 673 146.69 7.60 49.97
C ASP R 673 148.15 8.02 49.80
N VAL R 674 148.49 9.20 50.31
CA VAL R 674 149.88 9.64 50.27
C VAL R 674 150.77 8.67 51.03
N TYR R 675 150.31 8.23 52.21
CA TYR R 675 151.06 7.27 52.99
C TYR R 675 151.21 5.95 52.24
N PHE R 676 150.14 5.48 51.61
CA PHE R 676 150.17 4.22 50.88
C PHE R 676 151.10 4.26 49.68
N ARG R 677 151.21 5.39 48.98
CA ARG R 677 152.17 5.48 47.89
C ARG R 677 153.59 5.53 48.44
N GLU R 678 153.79 6.25 49.54
CA GLU R 678 155.10 6.34 50.19
C GLU R 678 155.29 5.13 51.11
N VAL R 679 155.71 4.02 50.51
CA VAL R 679 155.86 2.79 51.26
C VAL R 679 157.12 2.81 52.12
N SER R 680 158.13 3.59 51.73
CA SER R 680 159.36 3.66 52.50
C SER R 680 159.16 4.28 53.87
N GLN R 681 158.02 4.93 54.10
CA GLN R 681 157.74 5.61 55.36
C GLN R 681 156.75 4.84 56.23
N MET R 682 156.82 3.51 56.23
CA MET R 682 155.97 2.72 57.11
C MET R 682 156.24 3.05 58.58
N GLU R 683 157.51 3.15 58.95
CA GLU R 683 157.86 3.23 60.36
C GLU R 683 157.44 4.56 60.99
N ILE R 684 157.25 5.60 60.18
CA ILE R 684 156.88 6.90 60.73
C ILE R 684 155.47 6.85 61.30
N ILE R 685 154.56 6.18 60.59
CA ILE R 685 153.18 6.12 61.08
C ILE R 685 153.12 5.38 62.41
N PHE R 686 154.14 4.59 62.72
CA PHE R 686 154.15 3.88 64.00
C PHE R 686 154.10 4.87 65.17
N GLU R 687 155.00 5.85 65.15
CA GLU R 687 154.95 6.88 66.18
C GLU R 687 153.79 7.84 65.96
N CYS R 688 153.35 7.98 64.70
CA CYS R 688 152.19 8.83 64.46
C CYS R 688 150.94 8.31 65.17
N LEU R 689 150.71 7.00 65.14
CA LEU R 689 149.64 6.39 65.92
C LEU R 689 149.73 6.79 67.38
N VAL R 690 150.91 6.64 67.98
CA VAL R 690 151.06 6.92 69.41
C VAL R 690 150.79 8.38 69.69
N ASP R 691 151.31 9.27 68.84
CA ASP R 691 151.15 10.70 69.07
C ASP R 691 149.69 11.12 68.95
N LYS R 692 149.00 10.67 67.91
CA LYS R 692 147.61 11.06 67.75
C LYS R 692 146.75 10.44 68.85
N GLU R 693 147.10 9.23 69.29
CA GLU R 693 146.43 8.64 70.44
C GLU R 693 146.57 9.53 71.67
N GLU R 694 147.80 9.96 71.95
CA GLU R 694 148.04 10.79 73.13
C GLU R 694 147.27 12.09 73.05
N ALA R 695 147.34 12.78 71.90
CA ALA R 695 146.66 14.07 71.78
C ALA R 695 145.15 13.91 71.88
N ASP R 696 144.59 12.95 71.15
CA ASP R 696 143.14 12.77 71.14
C ASP R 696 142.64 12.36 72.51
N LEU R 697 143.39 11.55 73.25
CA LEU R 697 142.90 11.14 74.56
C LEU R 697 143.12 12.22 75.60
N GLU R 698 144.18 13.03 75.45
CA GLU R 698 144.26 14.26 76.23
C GLU R 698 143.02 15.09 76.03
N SER R 699 142.56 15.18 74.78
CA SER R 699 141.30 15.86 74.48
C SER R 699 140.11 15.19 75.15
N THR R 700 140.02 13.87 75.08
CA THR R 700 138.88 13.13 75.61
C THR R 700 138.89 13.17 77.13
N SER R 701 137.68 13.19 77.70
CA SER R 701 137.54 12.98 79.13
C SER R 701 137.73 11.51 79.44
N ILE R 702 137.85 11.20 80.74
CA ILE R 702 138.12 9.84 81.19
C ILE R 702 136.90 8.93 81.12
N ASP R 703 135.69 9.49 81.19
CA ASP R 703 134.48 8.68 81.24
C ASP R 703 134.02 8.20 79.87
N SER R 704 134.64 8.67 78.80
CA SER R 704 134.21 8.31 77.45
C SER R 704 134.75 6.95 77.06
N VAL R 705 133.87 6.13 76.47
CA VAL R 705 134.26 4.80 76.03
C VAL R 705 135.13 4.86 74.78
N GLU R 706 134.84 5.77 73.86
CA GLU R 706 135.66 5.86 72.66
C GLU R 706 137.09 6.26 73.01
N TRP R 707 137.27 6.92 74.15
CA TRP R 707 138.61 7.10 74.70
C TRP R 707 139.37 5.78 74.71
N ALA R 708 138.73 4.70 75.15
CA ALA R 708 139.38 3.40 75.15
C ALA R 708 139.25 2.72 73.79
N ASN R 709 138.21 3.05 73.03
CA ASN R 709 138.01 2.40 71.75
C ASN R 709 139.10 2.78 70.76
N ILE R 710 139.55 4.04 70.81
CA ILE R 710 140.71 4.45 70.03
C ILE R 710 141.88 3.56 70.38
N VAL R 711 142.10 3.33 71.67
CA VAL R 711 143.23 2.52 72.12
C VAL R 711 143.13 1.13 71.55
N VAL R 712 141.96 0.51 71.66
CA VAL R 712 141.83 -0.89 71.25
C VAL R 712 141.94 -1.00 69.73
N ASN R 713 141.40 -0.04 69.00
CA ASN R 713 141.51 -0.08 67.55
C ASN R 713 142.95 0.05 67.10
N VAL R 714 143.69 0.99 67.71
CA VAL R 714 145.09 1.17 67.35
C VAL R 714 145.90 -0.07 67.71
N ASN R 715 145.65 -0.62 68.90
CA ASN R 715 146.36 -1.82 69.31
C ASN R 715 146.08 -2.96 68.35
N THR R 716 144.83 -3.13 67.95
CA THR R 716 144.47 -4.19 67.03
C THR R 716 145.17 -4.03 65.70
N ILE R 717 145.17 -2.82 65.15
CA ILE R 717 145.78 -2.63 63.83
C ILE R 717 147.28 -2.87 63.88
N LEU R 718 147.94 -2.39 64.94
CA LEU R 718 149.38 -2.56 65.01
C LEU R 718 149.76 -4.03 65.23
N LYS R 719 149.00 -4.73 66.06
CA LYS R 719 149.30 -6.15 66.26
C LYS R 719 149.02 -6.93 64.98
N ASP R 720 148.00 -6.52 64.22
CA ASP R 720 147.77 -7.15 62.93
C ASP R 720 148.96 -6.96 62.01
N MET R 721 149.49 -5.73 61.94
CA MET R 721 150.67 -5.47 61.14
C MET R 721 151.82 -6.37 61.56
N LEU R 722 152.14 -6.38 62.86
CA LEU R 722 153.28 -7.15 63.32
C LEU R 722 153.09 -8.64 63.06
N HIS R 723 151.88 -9.15 63.33
CA HIS R 723 151.61 -10.57 63.16
C HIS R 723 151.70 -10.98 61.70
N VAL R 724 151.17 -10.14 60.79
CA VAL R 724 151.21 -10.52 59.38
C VAL R 724 152.64 -10.47 58.88
N ALA R 725 153.44 -9.51 59.34
CA ALA R 725 154.85 -9.48 58.95
C ALA R 725 155.56 -10.75 59.38
N CYS R 726 155.38 -11.12 60.65
CA CYS R 726 156.04 -12.33 61.17
C CYS R 726 155.55 -13.57 60.44
N GLN R 727 154.24 -13.65 60.19
CA GLN R 727 153.68 -14.81 59.51
C GLN R 727 154.21 -14.94 58.10
N TYR R 728 154.33 -13.82 57.38
CA TYR R 728 154.93 -13.87 56.06
C TYR R 728 156.36 -14.36 56.15
N ARG R 729 157.13 -13.83 57.09
CA ARG R 729 158.52 -14.25 57.20
C ARG R 729 158.62 -15.74 57.44
N GLN R 730 157.88 -16.26 58.41
CA GLN R 730 157.96 -17.68 58.73
C GLN R 730 157.43 -18.54 57.58
N SER R 731 156.33 -18.12 56.95
CA SER R 731 155.74 -18.90 55.87
C SER R 731 156.65 -18.96 54.65
N LYS R 732 157.28 -17.85 54.28
CA LYS R 732 158.08 -17.78 53.07
C LYS R 732 159.56 -18.01 53.35
N ASN R 733 159.92 -18.32 54.60
CA ASN R 733 161.29 -18.70 54.89
C ASN R 733 161.70 -19.92 54.06
N SER R 734 160.77 -20.84 53.82
CA SER R 734 161.07 -21.99 52.97
C SER R 734 161.40 -21.57 51.54
N LEU R 735 160.65 -20.61 50.99
CA LEU R 735 160.95 -20.08 49.67
C LEU R 735 162.26 -19.30 49.64
N TYR R 736 162.61 -18.66 50.76
CA TYR R 736 163.83 -17.88 50.85
C TYR R 736 164.97 -18.78 51.32
N LYS R 737 165.33 -19.72 50.46
CA LYS R 737 166.46 -20.62 50.72
C LYS R 737 167.18 -20.89 49.40
N ASN R 738 168.48 -20.59 49.40
CA ASN R 738 169.31 -20.91 48.24
C ASN R 738 169.59 -22.41 48.23
N GLU R 739 170.28 -22.89 49.27
CA GLU R 739 170.32 -24.32 49.55
C GLU R 739 169.58 -24.64 50.83
N SER R 740 169.97 -24.01 51.93
CA SER R 740 169.18 -23.98 53.16
C SER R 740 169.28 -22.57 53.74
N GLY R 741 169.98 -21.69 53.03
CA GLY R 741 170.18 -20.33 53.48
C GLY R 741 171.39 -20.20 54.38
N ILE R 742 172.03 -19.04 54.34
CA ILE R 742 173.15 -18.73 55.21
C ILE R 742 172.78 -17.52 56.06
N GLN R 743 172.84 -17.68 57.37
CA GLN R 743 172.48 -16.64 58.32
C GLN R 743 173.63 -15.66 58.44
N GLU R 744 173.52 -14.51 57.78
CA GLU R 744 174.45 -13.43 58.02
C GLU R 744 173.92 -12.59 59.16
N PRO R 745 174.63 -12.54 60.29
CA PRO R 745 174.08 -11.93 61.50
C PRO R 745 173.81 -10.44 61.37
N GLU R 746 174.55 -9.74 60.52
CA GLU R 746 174.29 -8.33 60.26
C GLU R 746 173.13 -8.25 59.27
N HIS R 747 171.95 -7.93 59.79
CA HIS R 747 170.73 -7.92 59.02
C HIS R 747 169.68 -7.13 59.78
N VAL R 748 169.20 -6.04 59.20
CA VAL R 748 168.32 -5.13 59.93
C VAL R 748 167.01 -4.96 59.17
N PRO R 749 166.01 -5.78 59.44
CA PRO R 749 164.68 -5.52 58.91
C PRO R 749 164.11 -4.24 59.51
N TRP R 750 163.22 -3.60 58.74
CA TRP R 750 162.57 -2.38 59.21
C TRP R 750 161.81 -2.62 60.51
N THR R 751 161.12 -3.76 60.62
CA THR R 751 160.46 -4.11 61.87
C THR R 751 161.44 -4.42 62.99
N ALA R 752 162.70 -4.67 62.65
CA ALA R 752 163.74 -4.89 63.65
C ALA R 752 164.47 -3.60 64.00
N SER R 753 164.08 -2.48 63.40
CA SER R 753 164.69 -1.21 63.71
C SER R 753 164.36 -0.78 65.14
N SER R 754 165.35 -0.18 65.80
CA SER R 754 165.23 0.24 67.18
C SER R 754 165.44 1.75 67.27
N GLY R 755 165.10 2.30 68.42
CA GLY R 755 165.26 3.72 68.66
C GLY R 755 163.93 4.32 69.05
N THR R 756 163.92 5.66 69.17
CA THR R 756 162.71 6.37 69.50
C THR R 756 161.60 6.08 68.51
N ALA R 757 161.87 6.25 67.21
CA ALA R 757 160.96 5.79 66.19
C ALA R 757 161.09 4.29 65.94
N GLY R 758 162.14 3.66 66.46
CA GLY R 758 162.26 2.23 66.33
C GLY R 758 161.16 1.52 67.10
N ILE R 759 160.92 0.26 66.73
CA ILE R 759 159.80 -0.49 67.27
C ILE R 759 159.89 -0.59 68.79
N ARG R 760 161.11 -0.58 69.34
CA ARG R 760 161.29 -0.90 70.75
C ARG R 760 160.74 0.20 71.64
N SER R 761 161.08 1.45 71.35
CA SER R 761 160.53 2.56 72.12
C SER R 761 159.03 2.67 71.94
N VAL R 762 158.55 2.41 70.72
CA VAL R 762 157.12 2.49 70.46
C VAL R 762 156.37 1.46 71.31
N VAL R 763 156.86 0.22 71.34
CA VAL R 763 156.18 -0.81 72.10
C VAL R 763 156.31 -0.56 73.59
N THR R 764 157.44 0.01 74.03
CA THR R 764 157.56 0.38 75.44
C THR R 764 156.52 1.42 75.83
N ARG R 765 156.36 2.46 75.01
CA ARG R 765 155.37 3.49 75.31
C ARG R 765 153.96 2.91 75.27
N GLN R 766 153.69 2.02 74.31
CA GLN R 766 152.37 1.41 74.25
C GLN R 766 152.10 0.56 75.49
N HIS R 767 153.11 -0.19 75.93
CA HIS R 767 153.02 -0.91 77.19
C HIS R 767 152.65 0.02 78.33
N GLY R 768 153.34 1.15 78.43
CA GLY R 768 153.04 2.11 79.48
C GLY R 768 151.63 2.67 79.39
N ILE R 769 151.17 2.96 78.18
CA ILE R 769 149.82 3.49 77.99
C ILE R 769 148.77 2.46 78.36
N ILE R 770 148.97 1.20 77.95
CA ILE R 770 148.06 0.14 78.34
C ILE R 770 147.99 0.05 79.85
N LEU R 771 149.15 0.14 80.51
CA LEU R 771 149.16 0.07 81.96
C LEU R 771 148.44 1.26 82.59
N LYS R 772 148.62 2.45 82.03
CA LYS R 772 147.92 3.62 82.58
C LYS R 772 146.41 3.48 82.42
N VAL R 773 145.97 2.93 81.29
CA VAL R 773 144.55 2.70 81.07
C VAL R 773 144.02 1.63 82.03
N TYR R 774 144.84 0.64 82.33
CA TYR R 774 144.38 -0.55 83.05
C TYR R 774 143.62 -0.27 84.33
N PRO R 775 144.10 0.55 85.28
CA PRO R 775 143.31 0.78 86.49
C PRO R 775 141.96 1.40 86.20
N GLN R 776 141.91 2.29 85.20
CA GLN R 776 140.67 2.94 84.83
C GLN R 776 139.82 2.07 83.90
N ALA R 777 140.39 1.01 83.35
CA ALA R 777 139.65 0.12 82.47
C ALA R 777 138.77 -0.83 83.28
N ASP R 778 137.69 -1.29 82.67
CA ASP R 778 136.83 -2.29 83.30
C ASP R 778 137.52 -3.64 83.29
N SER R 779 136.86 -4.65 83.83
CA SER R 779 137.49 -5.96 83.96
C SER R 779 137.74 -6.60 82.59
N GLY R 780 136.71 -6.67 81.74
CA GLY R 780 136.90 -7.24 80.42
C GLY R 780 137.81 -6.39 79.56
N LEU R 781 137.72 -5.07 79.71
CA LEU R 781 138.66 -4.16 79.06
C LEU R 781 140.09 -4.52 79.43
N ARG R 782 140.34 -4.68 80.73
CA ARG R 782 141.66 -5.03 81.23
C ARG R 782 142.11 -6.38 80.71
N THR R 783 141.16 -7.32 80.60
CA THR R 783 141.47 -8.64 80.05
C THR R 783 141.97 -8.52 78.62
N ILE R 784 141.22 -7.81 77.77
CA ILE R 784 141.64 -7.62 76.39
C ILE R 784 143.00 -6.92 76.35
N LEU R 785 143.20 -5.94 77.24
CA LEU R 785 144.50 -5.28 77.35
C LEU R 785 145.61 -6.28 77.59
N ILE R 786 145.42 -7.19 78.55
CA ILE R 786 146.53 -8.06 78.93
C ILE R 786 146.81 -9.06 77.81
N GLU R 787 145.78 -9.62 77.16
CA GLU R 787 146.08 -10.54 76.05
C GLU R 787 146.79 -9.82 74.92
N GLN R 788 146.31 -8.61 74.56
CA GLN R 788 146.93 -7.89 73.46
C GLN R 788 148.39 -7.57 73.76
N LEU R 789 148.66 -7.05 74.96
CA LEU R 789 150.01 -6.69 75.33
C LEU R 789 150.90 -7.93 75.40
N ALA R 790 150.35 -9.03 75.91
CA ALA R 790 151.12 -10.27 75.99
C ALA R 790 151.51 -10.76 74.61
N ALA R 791 150.59 -10.72 73.65
CA ALA R 791 150.93 -11.14 72.29
C ALA R 791 152.00 -10.24 71.69
N LEU R 792 151.89 -8.93 71.92
CA LEU R 792 152.88 -8.00 71.38
C LEU R 792 154.27 -8.30 71.94
N LEU R 793 154.36 -8.48 73.26
CA LEU R 793 155.64 -8.80 73.87
C LEU R 793 156.16 -10.15 73.40
N ASN R 794 155.25 -11.12 73.19
CA ASN R 794 155.66 -12.39 72.61
C ASN R 794 156.37 -12.18 71.29
N TYR R 795 155.77 -11.39 70.41
CA TYR R 795 156.36 -11.18 69.09
C TYR R 795 157.70 -10.45 69.21
N LEU R 796 157.79 -9.45 70.09
CA LEU R 796 159.05 -8.73 70.25
C LEU R 796 160.16 -9.65 70.76
N LEU R 797 159.84 -10.50 71.73
CA LEU R 797 160.83 -11.45 72.23
C LEU R 797 161.22 -12.45 71.15
N ASP R 798 160.26 -12.86 70.31
CA ASP R 798 160.61 -13.68 69.16
C ASP R 798 161.62 -12.97 68.27
N ASP R 799 161.41 -11.66 68.05
CA ASP R 799 162.34 -10.87 67.25
C ASP R 799 163.74 -10.90 67.85
N TYR R 800 163.85 -10.62 69.15
CA TYR R 800 165.16 -10.61 69.79
C TYR R 800 165.82 -11.98 69.75
N VAL R 801 165.05 -13.04 69.99
CA VAL R 801 165.62 -14.39 70.01
C VAL R 801 166.14 -14.77 68.63
N THR R 802 165.37 -14.46 67.58
CA THR R 802 165.83 -14.74 66.24
C THR R 802 167.08 -13.94 65.90
N GLN R 803 167.13 -12.67 66.35
CA GLN R 803 168.35 -11.89 66.20
C GLN R 803 169.53 -12.60 66.83
N LEU R 804 169.36 -13.05 68.07
CA LEU R 804 170.44 -13.71 68.80
C LEU R 804 170.90 -14.97 68.09
N LYS R 805 169.95 -15.78 67.61
CA LYS R 805 170.29 -16.99 66.90
C LYS R 805 170.97 -16.71 65.57
N SER R 806 170.63 -15.60 64.93
CA SER R 806 171.35 -15.17 63.74
C SER R 806 172.78 -14.76 64.03
N ILE R 807 173.01 -14.09 65.16
CA ILE R 807 174.35 -13.62 65.52
C ILE R 807 175.29 -14.79 65.73
N ASP R 808 176.53 -14.64 65.24
CA ASP R 808 177.61 -15.58 65.55
C ASP R 808 178.61 -14.93 66.49
N LYS R 809 179.57 -15.74 66.96
CA LYS R 809 180.43 -15.28 68.04
C LYS R 809 181.91 -15.57 67.79
N LEU R 810 182.23 -16.30 66.72
CA LEU R 810 183.61 -16.69 66.44
C LEU R 810 184.55 -15.51 66.41
N ALA R 811 184.06 -14.36 65.97
CA ALA R 811 184.81 -13.12 66.08
C ALA R 811 183.88 -12.07 66.67
N ASN R 812 182.58 -12.28 66.50
CA ASN R 812 181.58 -11.29 66.85
C ASN R 812 180.84 -11.65 68.13
N GLU R 813 181.51 -12.32 69.06
CA GLU R 813 180.89 -12.60 70.34
C GLU R 813 180.48 -11.30 71.02
N GLU R 814 181.22 -10.22 70.78
CA GLU R 814 180.90 -8.98 71.47
C GLU R 814 179.61 -8.35 70.96
N ARG R 815 179.35 -8.41 69.65
CA ARG R 815 178.04 -7.96 69.19
C ARG R 815 176.97 -8.86 69.78
N TYR R 816 177.25 -10.15 69.88
CA TYR R 816 176.30 -11.04 70.55
C TYR R 816 176.02 -10.56 71.96
N ASN R 817 177.06 -10.15 72.68
CA ASN R 817 176.88 -9.63 74.03
C ASN R 817 176.03 -8.37 74.02
N ILE R 818 176.28 -7.47 73.06
CA ILE R 818 175.54 -6.22 73.01
C ILE R 818 174.06 -6.50 72.80
N LEU R 819 173.75 -7.39 71.86
CA LEU R 819 172.35 -7.72 71.57
C LEU R 819 171.69 -8.39 72.77
N GLU R 820 172.41 -9.31 73.42
CA GLU R 820 171.83 -9.97 74.60
C GLU R 820 171.61 -8.98 75.73
N MET R 821 172.52 -8.01 75.88
CA MET R 821 172.37 -7.02 76.94
C MET R 821 171.17 -6.11 76.69
N GLU R 822 170.98 -5.65 75.45
CA GLU R 822 169.80 -4.84 75.18
C GLU R 822 168.53 -5.67 75.33
N TYR R 823 168.62 -6.96 74.98
CA TYR R 823 167.51 -7.88 75.19
C TYR R 823 167.13 -7.96 76.66
N ALA R 824 168.11 -8.21 77.52
CA ALA R 824 167.83 -8.26 78.96
C ALA R 824 167.33 -6.92 79.47
N GLN R 825 167.92 -5.83 78.97
CA GLN R 825 167.46 -4.50 79.34
C GLN R 825 165.97 -4.34 79.09
N LYS R 826 165.55 -4.51 77.84
CA LYS R 826 164.16 -4.30 77.50
C LYS R 826 163.26 -5.32 78.20
N ARG R 827 163.71 -6.56 78.31
CA ARG R 827 162.92 -7.59 78.99
C ARG R 827 162.61 -7.18 80.43
N SER R 828 163.64 -6.74 81.17
CA SER R 828 163.42 -6.29 82.53
C SER R 828 162.54 -5.04 82.57
N GLU R 829 162.84 -4.07 81.71
CA GLU R 829 162.13 -2.79 81.73
C GLU R 829 160.65 -2.98 81.46
N LEU R 830 160.31 -4.01 80.69
CA LEU R 830 158.91 -4.24 80.33
C LEU R 830 158.24 -5.27 81.23
N LEU R 831 159.01 -6.11 81.92
CA LEU R 831 158.40 -7.12 82.79
C LEU R 831 158.23 -6.66 84.23
N SER R 832 159.08 -5.76 84.71
CA SER R 832 158.91 -5.27 86.09
C SER R 832 157.57 -4.58 86.32
N PRO R 833 157.08 -3.70 85.44
CA PRO R 833 155.74 -3.13 85.67
C PRO R 833 154.65 -4.17 85.76
N LEU R 834 154.75 -5.27 84.99
CA LEU R 834 153.76 -6.32 85.12
C LEU R 834 153.79 -6.92 86.52
N LEU R 835 154.98 -7.11 87.09
CA LEU R 835 155.09 -7.62 88.44
C LEU R 835 154.49 -6.64 89.44
N ILE R 836 154.76 -5.34 89.28
CA ILE R 836 154.25 -4.37 90.25
C ILE R 836 152.73 -4.27 90.14
N LEU R 837 152.18 -4.54 88.97
CA LEU R 837 150.73 -4.59 88.83
C LEU R 837 150.12 -5.85 89.43
N GLY R 838 150.76 -7.01 89.26
CA GLY R 838 150.25 -8.22 89.85
C GLY R 838 149.68 -9.23 88.88
N GLN R 839 150.03 -9.16 87.61
CA GLN R 839 149.60 -10.17 86.64
C GLN R 839 150.45 -11.43 86.74
N TYR R 840 150.38 -12.06 87.91
CA TYR R 840 151.30 -13.14 88.25
C TYR R 840 151.11 -14.35 87.35
N ALA R 841 149.88 -14.62 86.92
CA ALA R 841 149.64 -15.76 86.04
C ALA R 841 150.34 -15.58 84.70
N TRP R 842 150.17 -14.40 84.09
CA TRP R 842 150.82 -14.11 82.82
C TRP R 842 152.33 -14.07 82.97
N ALA R 843 152.80 -13.52 84.09
CA ALA R 843 154.23 -13.55 84.38
C ALA R 843 154.74 -14.98 84.46
N SER R 844 153.97 -15.87 85.09
CA SER R 844 154.36 -17.26 85.19
C SER R 844 154.41 -17.92 83.81
N ASN R 845 153.42 -17.65 82.96
CA ASN R 845 153.44 -18.22 81.62
C ASN R 845 154.66 -17.75 80.84
N LEU R 846 154.93 -16.45 80.88
CA LEU R 846 156.08 -15.91 80.15
C LEU R 846 157.39 -16.45 80.71
N ALA R 847 157.51 -16.54 82.03
CA ALA R 847 158.73 -17.06 82.63
C ALA R 847 158.91 -18.55 82.30
N GLU R 848 157.81 -19.30 82.23
CA GLU R 848 157.89 -20.68 81.79
C GLU R 848 158.41 -20.75 80.36
N LYS R 849 157.91 -19.88 79.48
CA LYS R 849 158.28 -19.98 78.09
C LYS R 849 159.70 -19.45 77.84
N TYR R 850 160.21 -18.62 78.75
CA TYR R 850 161.47 -17.93 78.52
C TYR R 850 162.54 -18.19 79.58
N CYS R 851 162.35 -19.20 80.45
CA CYS R 851 163.32 -19.54 81.50
C CYS R 851 163.71 -18.33 82.34
N ASP R 852 162.71 -17.54 82.77
CA ASP R 852 163.00 -16.32 83.52
C ASP R 852 163.13 -16.61 85.01
N PHE R 853 164.38 -16.78 85.46
CA PHE R 853 164.63 -17.36 86.76
C PHE R 853 164.27 -16.39 87.89
N ASP R 854 164.50 -15.09 87.70
CA ASP R 854 164.12 -14.14 88.73
C ASP R 854 162.60 -14.03 88.87
N ILE R 855 161.89 -14.07 87.75
CA ILE R 855 160.44 -14.11 87.83
C ILE R 855 160.00 -15.35 88.59
N LEU R 856 160.61 -16.50 88.28
CA LEU R 856 160.27 -17.72 88.99
C LEU R 856 160.52 -17.59 90.49
N VAL R 857 161.69 -17.07 90.87
CA VAL R 857 162.03 -17.01 92.29
C VAL R 857 161.08 -16.06 93.00
N GLN R 858 160.81 -14.90 92.40
CA GLN R 858 159.99 -13.89 93.05
C GLN R 858 158.55 -14.37 93.22
N ILE R 859 158.02 -15.05 92.21
CA ILE R 859 156.65 -15.55 92.33
C ILE R 859 156.59 -16.70 93.34
N CYS R 860 157.55 -17.63 93.28
CA CYS R 860 157.53 -18.76 94.20
C CYS R 860 157.73 -18.29 95.63
N GLU R 861 158.41 -17.17 95.83
CA GLU R 861 158.56 -16.62 97.18
C GLU R 861 157.31 -15.90 97.62
N MET R 862 156.79 -14.97 96.80
CA MET R 862 155.64 -14.18 97.22
C MET R 862 154.41 -15.05 97.43
N THR R 863 154.16 -16.01 96.56
CA THR R 863 153.09 -16.96 96.74
C THR R 863 153.54 -18.17 97.56
N ASP R 864 154.83 -18.26 97.87
CA ASP R 864 155.42 -19.38 98.60
C ASP R 864 154.99 -20.72 97.98
N ASN R 865 155.37 -20.89 96.71
CA ASN R 865 155.07 -22.13 96.00
C ASN R 865 156.40 -22.84 95.71
N GLN R 866 156.88 -23.55 96.71
CA GLN R 866 158.19 -24.18 96.62
C GLN R 866 158.12 -25.46 95.80
N SER R 867 156.93 -26.05 95.70
CA SER R 867 156.77 -27.22 94.84
C SER R 867 156.96 -26.86 93.37
N ARG R 868 156.31 -25.78 92.91
CA ARG R 868 156.56 -25.34 91.55
C ARG R 868 157.98 -24.83 91.41
N LEU R 869 158.57 -24.30 92.50
CA LEU R 869 159.99 -23.99 92.46
C LEU R 869 160.83 -25.23 92.19
N GLN R 870 160.47 -26.35 92.83
CA GLN R 870 161.20 -27.60 92.62
C GLN R 870 161.01 -28.11 91.19
N ARG R 871 159.80 -27.98 90.64
CA ARG R 871 159.59 -28.34 89.25
C ARG R 871 160.41 -27.44 88.32
N TYR R 872 160.56 -26.18 88.69
CA TYR R 872 161.42 -25.26 87.95
C TYR R 872 162.86 -25.76 87.97
N MET R 873 163.30 -26.24 89.14
CA MET R 873 164.59 -26.90 89.25
C MET R 873 164.68 -28.11 88.33
N THR R 874 163.65 -28.94 88.31
CA THR R 874 163.68 -30.14 87.47
C THR R 874 163.81 -29.78 86.01
N LEU R 875 163.16 -28.70 85.58
CA LEU R 875 163.23 -28.30 84.19
C LEU R 875 164.54 -27.59 83.85
N PHE R 876 165.05 -26.75 84.76
CA PHE R 876 166.18 -25.87 84.46
C PHE R 876 167.35 -26.08 85.40
N ALA R 877 167.63 -27.32 85.81
CA ALA R 877 168.70 -27.57 86.76
C ALA R 877 170.06 -27.19 86.18
N GLU R 878 170.30 -27.54 84.92
CA GLU R 878 171.56 -27.19 84.27
C GLU R 878 171.75 -25.68 84.18
N GLN R 879 170.68 -24.91 84.29
CA GLN R 879 170.74 -23.46 84.23
C GLN R 879 170.92 -22.84 85.61
N ASN R 880 171.09 -23.67 86.65
CA ASN R 880 171.52 -23.23 87.97
C ASN R 880 170.50 -22.29 88.62
N PHE R 881 169.25 -22.75 88.63
CA PHE R 881 168.20 -21.98 89.28
C PHE R 881 168.42 -21.85 90.78
N SER R 882 168.87 -22.93 91.44
CA SER R 882 169.20 -22.85 92.86
C SER R 882 170.38 -21.93 93.10
N ASP R 883 171.35 -21.96 92.19
CA ASP R 883 172.48 -21.06 92.32
C ASP R 883 172.01 -19.61 92.26
N PHE R 884 171.13 -19.31 91.31
CA PHE R 884 170.59 -17.96 91.24
C PHE R 884 169.75 -17.65 92.47
N LEU R 885 169.12 -18.67 93.06
CA LEU R 885 168.47 -18.48 94.36
C LEU R 885 169.47 -17.99 95.39
N PHE R 886 170.64 -18.59 95.41
CA PHE R 886 171.66 -18.20 96.39
C PHE R 886 172.07 -16.76 96.17
N ARG R 887 172.32 -16.36 94.92
CA ARG R 887 172.55 -14.93 94.67
C ARG R 887 171.35 -14.08 95.04
N TRP R 888 170.13 -14.57 94.85
CA TRP R 888 168.99 -13.70 95.05
C TRP R 888 168.85 -13.35 96.53
N TYR R 889 168.95 -14.36 97.38
CA TYR R 889 169.00 -14.09 98.82
C TYR R 889 170.25 -13.33 99.23
N LEU R 890 171.38 -13.58 98.58
CA LEU R 890 172.59 -12.84 98.93
C LEU R 890 172.41 -11.35 98.69
N GLU R 891 171.83 -10.99 97.54
CA GLU R 891 171.60 -9.57 97.26
C GLU R 891 170.50 -9.03 98.16
N LYS R 892 169.52 -9.85 98.52
CA LYS R 892 168.56 -9.45 99.54
C LYS R 892 169.21 -9.26 100.90
N GLY R 893 170.40 -9.81 101.12
CA GLY R 893 171.13 -9.63 102.36
C GLY R 893 170.41 -10.27 103.53
N LYS R 894 170.53 -9.62 104.68
CA LYS R 894 169.88 -10.05 105.91
C LYS R 894 170.27 -11.47 106.27
N ARG R 895 171.53 -11.66 106.68
CA ARG R 895 172.11 -12.98 106.91
C ARG R 895 171.12 -13.94 107.57
N GLY R 896 170.25 -13.46 108.45
CA GLY R 896 169.26 -14.35 109.04
C GLY R 896 168.29 -14.91 108.00
N LYS R 897 167.73 -14.04 107.17
CA LYS R 897 166.84 -14.52 106.13
C LYS R 897 167.61 -15.26 105.04
N LEU R 898 168.89 -14.95 104.89
CA LEU R 898 169.76 -15.76 104.05
C LEU R 898 169.85 -17.19 104.57
N LEU R 899 170.05 -17.34 105.88
CA LEU R 899 170.07 -18.65 106.52
C LEU R 899 168.69 -19.30 106.54
N SER R 900 167.63 -18.52 106.27
CA SER R 900 166.26 -19.02 106.30
C SER R 900 165.91 -19.84 105.05
N GLN R 901 166.89 -20.39 104.36
CA GLN R 901 166.70 -21.21 103.18
C GLN R 901 166.27 -22.62 103.55
N PRO R 902 165.62 -23.35 102.63
CA PRO R 902 164.99 -24.61 102.97
C PRO R 902 165.95 -25.79 103.08
N ALA R 903 165.50 -26.83 103.79
CA ALA R 903 166.32 -28.01 103.99
C ALA R 903 166.61 -28.71 102.67
N SER R 904 165.73 -28.55 101.68
CA SER R 904 165.99 -29.13 100.37
C SER R 904 167.20 -28.49 99.69
N GLN R 905 167.49 -27.22 99.99
CA GLN R 905 168.58 -26.50 99.37
C GLN R 905 169.69 -26.14 100.34
N HIS R 906 169.65 -26.69 101.56
CA HIS R 906 170.63 -26.33 102.59
C HIS R 906 172.06 -26.64 102.14
N GLY R 907 172.30 -27.82 101.58
CA GLY R 907 173.65 -28.20 101.22
C GLY R 907 174.20 -27.38 100.08
N GLN R 908 173.38 -27.13 99.06
CA GLN R 908 173.81 -26.28 97.95
C GLN R 908 174.05 -24.86 98.42
N LEU R 909 173.24 -24.38 99.37
CA LEU R 909 173.51 -23.08 99.97
C LEU R 909 174.83 -23.08 100.71
N ALA R 910 175.14 -24.17 101.43
CA ALA R 910 176.41 -24.24 102.14
C ALA R 910 177.58 -24.20 101.18
N ALA R 911 177.47 -24.93 100.07
CA ALA R 911 178.50 -24.86 99.03
C ALA R 911 178.64 -23.45 98.49
N PHE R 912 177.53 -22.74 98.35
CA PHE R 912 177.58 -21.34 97.95
C PHE R 912 178.22 -20.48 99.04
N LEU R 913 177.99 -20.83 100.31
CA LEU R 913 178.32 -20.03 101.48
C LEU R 913 179.71 -20.37 102.04
N GLN R 914 180.45 -21.25 101.39
CA GLN R 914 181.77 -21.66 101.86
C GLN R 914 182.65 -20.48 102.28
N ALA R 915 182.38 -19.29 101.75
CA ALA R 915 183.19 -18.12 102.11
C ALA R 915 182.82 -17.57 103.48
N HIS R 916 181.56 -17.22 103.70
CA HIS R 916 181.12 -16.58 104.94
C HIS R 916 181.17 -17.61 106.06
N ASP R 917 182.38 -17.81 106.60
CA ASP R 917 182.59 -18.83 107.61
C ASP R 917 181.86 -18.49 108.91
N HIS R 918 181.51 -17.22 109.11
CA HIS R 918 180.77 -16.83 110.30
C HIS R 918 179.40 -17.48 110.38
N LEU R 919 178.87 -17.97 109.25
CA LEU R 919 177.61 -18.70 109.26
C LEU R 919 177.70 -20.10 108.68
N SER R 920 178.84 -20.46 108.09
CA SER R 920 178.96 -21.77 107.45
C SER R 920 178.82 -22.91 108.46
N TRP R 921 179.22 -22.66 109.71
CA TRP R 921 179.15 -23.70 110.73
C TRP R 921 177.72 -24.13 110.99
N LEU R 922 176.77 -23.20 111.01
CA LEU R 922 175.38 -23.56 111.28
C LEU R 922 174.84 -24.50 110.22
N HIS R 923 175.11 -24.22 108.94
CA HIS R 923 174.63 -25.08 107.88
C HIS R 923 175.37 -26.40 107.85
N GLU R 924 176.66 -26.41 108.20
CA GLU R 924 177.37 -27.68 108.29
C GLU R 924 176.78 -28.57 109.38
N LEU R 925 176.43 -27.96 110.53
CA LEU R 925 175.75 -28.69 111.59
C LEU R 925 174.43 -29.24 111.10
N ASN R 926 173.62 -28.39 110.45
CA ASN R 926 172.32 -28.85 109.97
C ASN R 926 172.45 -29.92 108.90
N SER R 927 173.55 -29.92 108.15
CA SER R 927 173.77 -30.85 107.06
C SER R 927 174.59 -32.06 107.46
N GLN R 928 174.96 -32.19 108.74
CA GLN R 928 175.72 -33.34 109.22
C GLN R 928 177.11 -33.38 108.57
N GLU R 929 177.75 -32.22 108.49
CA GLU R 929 179.11 -32.10 107.99
C GLU R 929 179.99 -31.56 109.11
N PHE R 930 179.85 -32.19 110.29
CA PHE R 930 180.51 -31.72 111.49
C PHE R 930 182.03 -31.62 111.30
N GLU R 931 182.61 -32.52 110.51
CA GLU R 931 184.04 -32.43 110.23
C GLU R 931 184.38 -31.13 109.52
N LYS R 932 183.59 -30.79 108.49
CA LYS R 932 183.80 -29.54 107.77
C LYS R 932 183.60 -28.35 108.70
N ALA R 933 182.58 -28.43 109.56
CA ALA R 933 182.32 -27.35 110.51
C ALA R 933 183.51 -27.15 111.46
N HIS R 934 184.07 -28.25 111.96
CA HIS R 934 185.19 -28.15 112.90
C HIS R 934 186.44 -27.62 112.21
N ARG R 935 186.67 -28.03 110.96
CA ARG R 935 187.77 -27.46 110.19
C ARG R 935 187.59 -25.96 110.02
N THR R 936 186.36 -25.55 109.67
CA THR R 936 186.06 -24.13 109.52
C THR R 936 186.32 -23.37 110.82
N LEU R 937 185.89 -23.94 111.95
CA LEU R 937 186.07 -23.30 113.25
C LEU R 937 187.55 -23.16 113.59
N GLN R 938 188.33 -24.22 113.36
CA GLN R 938 189.75 -24.17 113.70
C GLN R 938 190.48 -23.15 112.84
N THR R 939 190.18 -23.13 111.53
CA THR R 939 190.82 -22.15 110.65
C THR R 939 190.40 -20.74 111.01
N LEU R 940 189.14 -20.55 111.39
CA LEU R 940 188.68 -19.23 111.83
C LEU R 940 189.40 -18.80 113.09
N ALA R 941 189.64 -19.73 114.00
CA ALA R 941 190.43 -19.42 115.19
C ALA R 941 191.84 -19.01 114.80
N ASN R 942 192.43 -19.72 113.84
CA ASN R 942 193.78 -19.39 113.39
C ASN R 942 193.82 -17.97 112.82
N MET R 943 192.84 -17.63 111.98
CA MET R 943 192.85 -16.35 111.29
C MET R 943 192.44 -15.18 112.16
N GLU R 944 191.49 -15.37 113.07
CA GLU R 944 190.96 -14.25 113.85
C GLU R 944 192.05 -13.63 114.71
N THR R 945 191.99 -12.32 114.88
CA THR R 945 192.86 -11.62 115.81
C THR R 945 192.10 -10.54 116.58
N ARG R 946 191.03 -10.04 115.97
CA ARG R 946 190.42 -8.79 116.44
C ARG R 946 189.76 -8.97 117.79
N TYR R 947 188.99 -10.04 117.97
CA TYR R 947 188.04 -10.13 119.07
C TYR R 947 188.45 -11.26 120.01
N PHE R 948 188.72 -10.90 121.27
CA PHE R 948 189.22 -11.87 122.24
C PHE R 948 188.12 -12.86 122.64
N CYS R 949 186.95 -12.35 123.00
CA CYS R 949 185.86 -13.24 123.40
C CYS R 949 185.31 -14.02 122.22
N LYS R 950 185.27 -13.40 121.04
CA LYS R 950 184.89 -14.16 119.85
C LYS R 950 185.90 -15.26 119.56
N LYS R 951 187.19 -14.98 119.80
CA LYS R 951 188.20 -16.03 119.72
C LYS R 951 187.87 -17.17 120.66
N LYS R 952 187.53 -16.84 121.91
CA LYS R 952 187.21 -17.87 122.88
C LYS R 952 186.02 -18.70 122.44
N THR R 953 184.98 -18.03 121.92
CA THR R 953 183.81 -18.74 121.43
C THR R 953 184.17 -19.66 120.28
N LEU R 954 184.99 -19.17 119.34
CA LEU R 954 185.38 -19.98 118.19
C LEU R 954 186.18 -21.19 118.63
N LEU R 955 187.10 -21.00 119.58
CA LEU R 955 187.91 -22.12 120.05
C LEU R 955 187.05 -23.15 120.78
N GLY R 956 186.11 -22.69 121.60
CA GLY R 956 185.21 -23.61 122.25
C GLY R 956 184.36 -24.39 121.27
N LEU R 957 183.84 -23.70 120.25
CA LEU R 957 183.07 -24.38 119.22
C LEU R 957 183.94 -25.40 118.47
N SER R 958 185.18 -25.03 118.18
CA SER R 958 186.08 -25.94 117.48
C SER R 958 186.33 -27.21 118.29
N LYS R 959 186.65 -27.05 119.58
CA LYS R 959 186.92 -28.22 120.41
C LYS R 959 185.67 -29.07 120.61
N LEU R 960 184.51 -28.41 120.76
CA LEU R 960 183.27 -29.17 120.94
C LEU R 960 182.92 -29.95 119.69
N ALA R 961 183.08 -29.34 118.52
CA ALA R 961 182.86 -30.06 117.27
C ALA R 961 183.84 -31.21 117.13
N ALA R 962 185.09 -30.99 117.53
CA ALA R 962 186.09 -32.05 117.47
C ALA R 962 185.68 -33.24 118.32
N LEU R 963 185.28 -32.98 119.57
CA LEU R 963 184.87 -34.06 120.45
C LEU R 963 183.61 -34.76 119.97
N ALA R 964 182.63 -33.99 119.47
CA ALA R 964 181.44 -34.61 118.89
C ALA R 964 181.76 -35.48 117.70
N SER R 965 182.74 -35.10 116.90
CA SER R 965 183.20 -35.93 115.81
C SER R 965 183.80 -37.21 116.35
N ASP R 966 183.61 -38.30 115.62
CA ASP R 966 184.04 -39.62 116.05
C ASP R 966 185.27 -40.01 115.25
N PHE R 967 186.45 -39.59 115.72
CA PHE R 967 187.72 -39.98 115.13
C PHE R 967 188.49 -40.82 116.13
N GLN R 968 189.75 -41.10 115.80
CA GLN R 968 190.60 -41.89 116.67
C GLN R 968 191.10 -41.04 117.83
N GLU R 969 191.26 -41.69 118.99
CA GLU R 969 191.62 -41.00 120.21
C GLU R 969 192.92 -40.22 120.07
N ASP R 970 193.86 -40.76 119.30
CA ASP R 970 195.12 -40.06 119.09
C ASP R 970 194.89 -38.70 118.43
N VAL R 971 194.12 -38.69 117.33
CA VAL R 971 193.85 -37.44 116.63
C VAL R 971 193.07 -36.49 117.52
N LEU R 972 192.08 -37.02 118.24
CA LEU R 972 191.26 -36.18 119.10
C LEU R 972 192.10 -35.51 120.19
N GLN R 973 192.94 -36.28 120.86
CA GLN R 973 193.78 -35.72 121.93
C GLN R 973 194.83 -34.77 121.35
N GLU R 974 195.31 -35.07 120.14
CA GLU R 974 196.28 -34.18 119.50
C GLU R 974 195.66 -32.80 119.24
N LYS R 975 194.45 -32.77 118.68
CA LYS R 975 193.85 -31.46 118.41
C LYS R 975 193.40 -30.78 119.69
N VAL R 976 193.03 -31.55 120.72
CA VAL R 976 192.73 -30.96 122.02
C VAL R 976 193.97 -30.26 122.58
N GLU R 977 195.11 -30.94 122.53
CA GLU R 977 196.36 -30.33 123.00
C GLU R 977 196.73 -29.12 122.16
N GLU R 978 196.52 -29.21 120.84
CA GLU R 978 196.71 -28.06 119.97
C GLU R 978 195.94 -26.86 120.48
N ILE R 979 194.60 -26.99 120.56
CA ILE R 979 193.78 -25.86 121.01
C ILE R 979 194.23 -25.38 122.38
N ALA R 980 194.62 -26.32 123.25
CA ALA R 980 195.10 -25.95 124.57
C ALA R 980 196.33 -25.06 124.49
N GLU R 981 197.18 -25.27 123.48
CA GLU R 981 198.37 -24.44 123.34
C GLU R 981 198.00 -22.97 123.13
N GLN R 982 197.09 -22.70 122.18
CA GLN R 982 196.71 -21.31 121.95
C GLN R 982 195.96 -20.74 123.14
N GLU R 983 195.18 -21.56 123.84
CA GLU R 983 194.51 -21.04 125.03
C GLU R 983 195.52 -20.71 126.12
N HIS R 984 196.59 -21.51 126.22
CA HIS R 984 197.65 -21.18 127.16
C HIS R 984 198.29 -19.84 126.81
N PHE R 985 198.48 -19.59 125.52
CA PHE R 985 198.93 -18.26 125.10
C PHE R 985 197.94 -17.19 125.54
N LEU R 986 196.64 -17.43 125.33
CA LEU R 986 195.61 -16.48 125.70
C LEU R 986 195.54 -16.25 127.20
N LEU R 987 196.07 -17.20 127.99
CA LEU R 987 196.15 -16.98 129.43
C LEU R 987 196.96 -15.73 129.75
N HIS R 988 198.02 -15.48 129.00
CA HIS R 988 198.82 -14.28 129.22
C HIS R 988 198.02 -13.02 128.88
N GLN R 989 197.23 -13.08 127.80
CA GLN R 989 196.40 -11.93 127.46
C GLN R 989 195.36 -11.65 128.52
N GLU R 990 194.72 -12.70 129.04
CA GLU R 990 193.68 -12.50 130.04
C GLU R 990 194.28 -12.10 131.39
N THR R 991 195.50 -12.53 131.67
CA THR R 991 196.20 -12.11 132.87
C THR R 991 196.80 -10.71 132.76
N LEU R 992 196.70 -10.08 131.58
CA LEU R 992 197.03 -8.68 131.48
C LEU R 992 196.19 -7.89 132.47
N PRO R 993 196.82 -7.04 133.30
CA PRO R 993 196.05 -6.25 134.27
C PRO R 993 195.02 -5.39 133.56
N LYS R 994 193.87 -5.22 134.21
CA LYS R 994 192.77 -4.51 133.57
C LYS R 994 193.09 -3.03 133.38
N LYS R 995 193.74 -2.41 134.37
CA LYS R 995 194.17 -1.03 134.21
C LYS R 995 195.26 -0.92 133.16
N LEU R 996 196.15 -1.92 133.09
CA LEU R 996 197.14 -1.95 132.02
C LEU R 996 196.47 -2.00 130.65
N LEU R 997 195.42 -2.81 130.53
CA LEU R 997 194.66 -2.89 129.28
C LEU R 997 194.00 -1.57 128.95
N GLU R 998 193.39 -0.92 129.95
CA GLU R 998 192.75 0.37 129.73
C GLU R 998 193.77 1.42 129.30
N GLU R 999 194.97 1.37 129.87
CA GLU R 999 195.99 2.36 129.56
C GLU R 999 196.63 2.09 128.20
N LYS R 1000 196.76 0.82 127.81
CA LYS R 1000 197.36 0.45 126.54
C LYS R 1000 196.35 0.46 125.40
N GLN R 1001 195.14 0.98 125.64
CA GLN R 1001 194.12 1.17 124.62
C GLN R 1001 193.71 -0.14 123.96
N LEU R 1002 193.53 -1.19 124.74
CA LEU R 1002 193.03 -2.47 124.25
C LEU R 1002 191.69 -2.73 124.91
N ASP R 1003 190.63 -2.78 124.11
CA ASP R 1003 189.28 -2.87 124.63
C ASP R 1003 189.06 -4.20 125.37
N LEU R 1004 188.41 -4.12 126.53
CA LEU R 1004 188.18 -5.32 127.32
C LEU R 1004 187.29 -6.31 126.56
N ASN R 1005 187.70 -7.58 126.59
CA ASN R 1005 186.92 -8.70 126.05
C ASN R 1005 186.84 -8.66 124.53
N ALA R 1006 187.43 -7.63 123.92
CA ALA R 1006 187.36 -7.48 122.46
C ALA R 1006 188.65 -6.96 121.88
N MET R 1007 189.72 -6.94 122.66
CA MET R 1007 190.97 -6.34 122.21
C MET R 1007 191.55 -7.15 121.06
N PRO R 1008 192.14 -6.49 120.06
CA PRO R 1008 192.84 -7.23 119.01
C PRO R 1008 194.04 -7.95 119.60
N VAL R 1009 194.19 -9.21 119.22
CA VAL R 1009 195.19 -10.07 119.84
C VAL R 1009 196.58 -9.67 119.36
N LEU R 1010 197.52 -9.58 120.29
CA LEU R 1010 198.83 -9.02 120.03
C LEU R 1010 199.93 -10.05 120.30
N ALA R 1011 201.20 -9.61 120.10
CA ALA R 1011 202.46 -10.34 120.08
C ALA R 1011 202.94 -10.72 121.47
N PRO R 1012 203.68 -11.83 121.58
CA PRO R 1012 204.25 -12.21 122.88
C PRO R 1012 205.19 -11.14 123.42
N PHE R 1013 206.12 -10.69 122.60
CA PHE R 1013 207.02 -9.61 123.01
C PHE R 1013 206.25 -8.35 123.35
N GLN R 1014 205.15 -8.09 122.63
CA GLN R 1014 204.35 -6.91 122.89
C GLN R 1014 203.72 -6.98 124.28
N LEU R 1015 203.12 -8.13 124.63
CA LEU R 1015 202.58 -8.30 125.97
C LEU R 1015 203.70 -8.24 127.02
N ILE R 1016 204.88 -8.73 126.66
CA ILE R 1016 206.04 -8.60 127.55
C ILE R 1016 206.31 -7.13 127.85
N GLN R 1017 206.28 -6.29 126.82
CA GLN R 1017 206.48 -4.86 126.99
C GLN R 1017 205.38 -4.25 127.83
N LEU R 1018 204.14 -4.69 127.63
CA LEU R 1018 203.03 -4.19 128.44
C LEU R 1018 203.25 -4.51 129.92
N TYR R 1019 203.67 -5.74 130.22
CA TYR R 1019 203.90 -6.11 131.61
C TYR R 1019 205.06 -5.34 132.21
N VAL R 1020 206.18 -5.23 131.49
CA VAL R 1020 207.41 -4.74 132.10
C VAL R 1020 207.66 -3.26 131.89
N CYS R 1021 206.78 -2.55 131.19
CA CYS R 1021 206.95 -1.12 131.03
C CYS R 1021 206.86 -0.42 132.39
N GLU R 1022 207.66 0.63 132.54
CA GLU R 1022 207.73 1.36 133.80
C GLU R 1022 206.38 1.96 134.20
N GLU R 1023 205.54 2.33 133.23
CA GLU R 1023 204.24 2.91 133.54
C GLU R 1023 203.17 1.87 133.82
N ASN R 1024 203.56 0.59 133.89
CA ASN R 1024 202.68 -0.48 134.38
C ASN R 1024 202.87 -0.55 135.89
N LYS R 1025 202.14 0.29 136.61
CA LYS R 1025 202.26 0.40 138.06
C LYS R 1025 201.82 -0.86 138.78
N ARG R 1026 201.18 -1.79 138.09
CA ARG R 1026 200.77 -3.06 138.68
C ARG R 1026 201.66 -4.22 138.25
N ALA R 1027 202.78 -3.95 137.59
CA ALA R 1027 203.74 -4.99 137.28
C ALA R 1027 204.33 -5.56 138.56
N ASN R 1028 204.45 -6.88 138.62
CA ASN R 1028 204.83 -7.55 139.86
C ASN R 1028 205.59 -8.83 139.55
N GLU R 1029 205.73 -9.67 140.58
CA GLU R 1029 206.24 -11.02 140.38
C GLU R 1029 205.50 -11.73 139.26
N ASN R 1030 204.17 -11.72 139.31
CA ASN R 1030 203.38 -12.45 138.32
C ASN R 1030 203.48 -11.81 136.94
N ASP R 1031 203.43 -10.48 136.84
CA ASP R 1031 203.55 -9.84 135.54
C ASP R 1031 204.89 -10.14 134.90
N PHE R 1032 205.96 -10.03 135.68
CA PHE R 1032 207.28 -10.34 135.14
C PHE R 1032 207.42 -11.82 134.82
N MET R 1033 206.82 -12.68 135.64
CA MET R 1033 206.89 -14.12 135.42
C MET R 1033 206.21 -14.51 134.11
N LYS R 1034 205.02 -13.97 133.86
CA LYS R 1034 204.33 -14.33 132.62
C LYS R 1034 204.90 -13.58 131.42
N ALA R 1035 205.53 -12.43 131.66
CA ALA R 1035 206.34 -11.82 130.60
C ALA R 1035 207.48 -12.76 130.21
N LEU R 1036 208.12 -13.39 131.18
CA LEU R 1036 209.16 -14.37 130.88
C LEU R 1036 208.58 -15.60 130.18
N ASP R 1037 207.39 -16.04 130.61
CA ASP R 1037 206.77 -17.19 129.96
C ASP R 1037 206.41 -16.90 128.51
N LEU R 1038 206.08 -15.65 128.19
CA LEU R 1038 205.79 -15.28 126.81
C LEU R 1038 207.01 -15.36 125.91
N LEU R 1039 208.21 -15.48 126.48
CA LEU R 1039 209.41 -15.64 125.67
C LEU R 1039 209.36 -16.93 124.85
N GLU R 1040 208.83 -18.01 125.44
CA GLU R 1040 208.73 -19.27 124.73
C GLU R 1040 207.85 -19.16 123.49
N TYR R 1041 207.02 -18.12 123.41
CA TYR R 1041 206.17 -17.89 122.25
C TYR R 1041 206.89 -17.11 121.16
N ILE R 1042 208.13 -16.72 121.39
CA ILE R 1042 208.96 -16.05 120.40
C ILE R 1042 210.34 -16.70 120.43
N GLY R 1043 211.29 -16.16 119.67
CA GLY R 1043 212.61 -16.76 119.55
C GLY R 1043 213.31 -17.03 120.86
N ASP R 1044 213.95 -18.20 120.99
CA ASP R 1044 214.55 -18.61 122.25
C ASP R 1044 216.05 -18.86 122.18
N ASP R 1045 216.71 -18.55 121.06
CA ASP R 1045 218.14 -18.75 120.92
C ASP R 1045 218.92 -17.45 121.03
N SER R 1046 218.55 -16.57 121.96
CA SER R 1046 219.03 -15.19 122.01
C SER R 1046 218.56 -14.47 120.76
N GLU R 1047 217.38 -14.85 120.26
CA GLU R 1047 216.80 -14.25 119.07
C GLU R 1047 216.04 -12.97 119.36
N VAL R 1048 215.63 -12.76 120.61
CA VAL R 1048 214.84 -11.58 120.97
C VAL R 1048 215.41 -10.93 122.22
N ASP R 1049 216.68 -11.24 122.52
CA ASP R 1049 217.39 -10.67 123.67
C ASP R 1049 216.71 -11.02 124.99
N VAL R 1050 216.60 -12.32 125.27
CA VAL R 1050 215.94 -12.78 126.49
C VAL R 1050 216.70 -12.31 127.72
N GLU R 1051 218.03 -12.29 127.65
CA GLU R 1051 218.80 -11.85 128.81
C GLU R 1051 218.67 -10.35 129.00
N GLU R 1052 218.59 -9.60 127.91
CA GLU R 1052 218.29 -8.18 128.01
C GLU R 1052 216.93 -7.93 128.66
N LEU R 1053 215.93 -8.72 128.27
CA LEU R 1053 214.61 -8.58 128.88
C LEU R 1053 214.64 -8.97 130.35
N LYS R 1054 215.43 -9.99 130.70
CA LYS R 1054 215.58 -10.36 132.11
C LYS R 1054 216.22 -9.23 132.92
N LEU R 1055 217.24 -8.60 132.36
CA LEU R 1055 217.88 -7.47 133.03
C LEU R 1055 216.90 -6.32 133.20
N GLU R 1056 216.09 -6.04 132.17
CA GLU R 1056 215.08 -4.99 132.28
C GLU R 1056 214.05 -5.34 133.33
N ILE R 1057 213.69 -6.62 133.44
CA ILE R 1057 212.72 -7.06 134.44
C ILE R 1057 213.28 -6.83 135.83
N LEU R 1058 214.55 -7.20 136.05
CA LEU R 1058 215.15 -6.97 137.35
C LEU R 1058 215.21 -5.48 137.66
N CYS R 1059 215.58 -4.66 136.67
CA CYS R 1059 215.63 -3.22 136.88
C CYS R 1059 214.26 -2.66 137.24
N LYS R 1060 213.22 -3.08 136.52
CA LYS R 1060 211.88 -2.61 136.82
C LYS R 1060 211.41 -3.09 138.19
N ALA R 1061 211.77 -4.31 138.56
CA ALA R 1061 211.40 -4.83 139.88
C ALA R 1061 212.04 -4.01 140.98
N ILE R 1062 213.29 -3.59 140.77
CA ILE R 1062 213.91 -2.63 141.70
C ILE R 1062 213.15 -1.31 141.68
N LYS R 1063 212.76 -0.85 140.49
CA LYS R 1063 212.11 0.45 140.34
C LYS R 1063 210.76 0.52 141.05
N ARG R 1064 210.03 -0.60 141.13
CA ARG R 1064 208.70 -0.57 141.73
C ARG R 1064 208.73 -0.10 143.18
N ASP R 1065 209.80 -0.37 143.91
CA ASP R 1065 209.99 0.13 145.27
C ASP R 1065 211.28 0.92 145.32
N GLU R 1066 211.19 2.25 145.31
CA GLU R 1066 212.35 3.10 145.33
C GLU R 1066 213.06 3.01 146.68
N TRP R 1067 214.39 2.98 146.63
CA TRP R 1067 215.20 2.93 147.85
C TRP R 1067 216.53 3.59 147.59
N SER R 1068 217.40 3.56 148.59
CA SER R 1068 218.69 4.23 148.53
C SER R 1068 219.65 3.60 149.55
N ALA R 1069 220.94 3.92 149.38
CA ALA R 1069 221.95 3.48 150.32
C ALA R 1069 223.01 4.54 150.59
N THR R 1070 222.82 5.77 150.13
CA THR R 1070 223.81 6.83 150.26
C THR R 1070 223.74 7.53 151.62
N ASP R 1071 222.84 7.11 152.49
CA ASP R 1071 222.68 7.73 153.80
C ASP R 1071 223.80 7.35 154.77
N GLY R 1072 224.90 6.79 154.28
CA GLY R 1072 225.96 6.32 155.16
C GLY R 1072 225.75 4.86 155.49
N LYS R 1073 224.78 4.25 154.82
CA LYS R 1073 224.47 2.84 155.06
C LYS R 1073 225.59 1.94 154.59
N ASP R 1074 226.16 1.18 155.53
CA ASP R 1074 227.15 0.17 155.22
C ASP R 1074 226.56 -1.24 155.21
N ASP R 1075 225.23 -1.36 155.25
CA ASP R 1075 224.55 -2.63 155.24
C ASP R 1075 223.93 -2.86 153.86
N PRO R 1076 224.64 -3.53 152.95
CA PRO R 1076 224.09 -3.67 151.58
C PRO R 1076 222.79 -4.44 151.51
N ILE R 1077 222.59 -5.44 152.36
CA ILE R 1077 221.38 -6.25 152.29
C ILE R 1077 220.18 -5.45 152.77
N GLU R 1078 220.32 -4.73 153.88
CA GLU R 1078 219.18 -4.05 154.48
C GLU R 1078 218.74 -2.84 153.68
N ALA R 1079 219.67 -2.17 152.99
CA ALA R 1079 219.32 -1.00 152.20
C ALA R 1079 218.34 -1.36 151.10
N THR R 1080 218.54 -2.49 150.44
CA THR R 1080 217.64 -2.97 149.41
C THR R 1080 216.67 -4.03 149.90
N LYS R 1081 216.62 -4.29 151.22
CA LYS R 1081 215.83 -5.40 151.74
C LYS R 1081 214.34 -5.25 151.42
N ASP R 1082 213.77 -4.06 151.60
CA ASP R 1082 212.33 -3.87 151.44
C ASP R 1082 212.06 -3.43 150.01
N SER R 1083 211.74 -4.40 149.15
CA SER R 1083 211.42 -4.10 147.76
C SER R 1083 210.69 -5.28 147.13
N ILE R 1084 210.06 -5.02 145.98
CA ILE R 1084 209.41 -6.07 145.22
C ILE R 1084 210.45 -7.01 144.62
N PHE R 1085 211.61 -6.47 144.23
CA PHE R 1085 212.63 -7.26 143.55
C PHE R 1085 213.21 -8.33 144.49
N VAL R 1086 213.30 -8.02 145.78
CA VAL R 1086 213.76 -9.01 146.75
C VAL R 1086 212.78 -10.17 146.86
N LYS R 1087 211.47 -9.87 146.83
CA LYS R 1087 210.49 -10.95 146.80
C LYS R 1087 210.58 -11.76 145.52
N VAL R 1088 210.89 -11.09 144.41
CA VAL R 1088 211.12 -11.81 143.15
C VAL R 1088 212.28 -12.78 143.32
N LEU R 1089 213.38 -12.31 143.93
CA LEU R 1089 214.55 -13.16 144.10
C LEU R 1089 214.28 -14.32 145.05
N GLN R 1090 213.51 -14.09 146.12
CA GLN R 1090 213.20 -15.19 147.02
C GLN R 1090 212.29 -16.21 146.34
N ASN R 1091 211.38 -15.75 145.48
CA ASN R 1091 210.59 -16.68 144.69
C ASN R 1091 211.48 -17.52 143.78
N LEU R 1092 212.48 -16.89 143.15
CA LEU R 1092 213.40 -17.63 142.30
C LEU R 1092 214.20 -18.63 143.11
N LEU R 1093 214.60 -18.25 144.32
CA LEU R 1093 215.30 -19.19 145.21
C LEU R 1093 214.41 -20.34 145.59
N ASN R 1094 213.13 -20.08 145.84
CA ASN R 1094 212.18 -21.15 146.11
C ASN R 1094 212.11 -22.11 144.94
N LYS R 1095 212.03 -21.60 143.71
CA LYS R 1095 212.12 -22.49 142.55
C LYS R 1095 213.50 -23.12 142.40
N GLY R 1096 214.52 -22.60 143.09
CA GLY R 1096 215.83 -23.23 143.06
C GLY R 1096 216.56 -23.09 141.74
N ILE R 1097 216.22 -22.08 140.94
CA ILE R 1097 216.89 -21.83 139.68
C ILE R 1097 218.10 -20.94 139.94
N GLU R 1098 219.25 -21.33 139.38
CA GLU R 1098 220.52 -20.68 139.70
C GLU R 1098 220.64 -19.38 138.92
N LEU R 1099 220.81 -18.28 139.66
CA LEU R 1099 220.81 -16.95 139.04
C LEU R 1099 222.06 -16.71 138.22
N LYS R 1100 223.19 -17.33 138.57
CA LYS R 1100 224.42 -17.10 137.80
C LYS R 1100 224.27 -17.57 136.35
N GLY R 1101 223.48 -18.61 136.12
CA GLY R 1101 223.24 -19.08 134.78
C GLY R 1101 222.01 -18.47 134.15
N TYR R 1102 220.94 -18.28 134.94
CA TYR R 1102 219.71 -17.75 134.38
C TYR R 1102 219.84 -16.25 134.08
N LEU R 1103 220.81 -15.59 134.68
CA LEU R 1103 221.04 -14.15 134.58
C LEU R 1103 222.51 -13.91 134.27
N PRO R 1104 222.91 -12.70 133.86
CA PRO R 1104 224.34 -12.44 133.62
C PRO R 1104 225.11 -12.41 134.93
N LYS R 1105 226.40 -12.15 134.81
CA LYS R 1105 227.26 -11.99 135.97
C LYS R 1105 227.00 -10.60 136.58
N ALA R 1106 227.46 -10.42 137.82
CA ALA R 1106 227.08 -9.25 138.60
C ALA R 1106 227.67 -7.97 138.02
N GLU R 1107 228.62 -8.08 137.08
CA GLU R 1107 229.22 -6.88 136.51
C GLU R 1107 228.22 -6.03 135.73
N THR R 1108 227.44 -6.68 134.85
CA THR R 1108 226.44 -5.93 134.08
C THR R 1108 225.38 -5.33 135.00
N LEU R 1109 224.97 -6.08 136.01
CA LEU R 1109 223.97 -5.59 136.95
C LEU R 1109 224.48 -4.40 137.74
N LEU R 1110 225.76 -4.44 138.14
CA LEU R 1110 226.39 -3.30 138.79
C LEU R 1110 226.49 -2.09 137.88
N GLN R 1111 226.78 -2.29 136.60
CA GLN R 1111 226.93 -1.20 135.66
C GLN R 1111 225.62 -0.75 135.03
N SER R 1112 224.49 -1.35 135.42
CA SER R 1112 223.18 -0.96 134.92
C SER R 1112 222.96 0.54 134.96
N GLU R 1113 222.68 1.14 133.80
CA GLU R 1113 222.51 2.58 133.71
C GLU R 1113 221.12 3.02 134.15
N GLU R 1114 220.15 2.10 134.14
CA GLU R 1114 218.77 2.47 134.47
C GLU R 1114 218.67 3.03 135.89
N LEU R 1115 219.48 2.50 136.80
CA LEU R 1115 219.34 2.78 138.23
C LEU R 1115 220.14 4.00 138.68
N ASN R 1116 220.42 4.94 137.78
CA ASN R 1116 221.19 6.13 138.12
C ASN R 1116 220.50 7.38 137.59
N SER R 1117 220.22 8.32 138.49
CA SER R 1117 219.67 9.61 138.10
C SER R 1117 220.36 10.74 138.85
N LEU R 1118 221.26 10.39 139.78
CA LEU R 1118 221.96 11.35 140.61
C LEU R 1118 223.47 11.19 140.44
N LYS R 1119 224.20 12.23 140.87
CA LYS R 1119 225.64 12.28 140.62
C LYS R 1119 226.37 11.15 141.33
N THR R 1120 226.43 11.20 142.67
CA THR R 1120 227.10 10.17 143.44
C THR R 1120 226.05 9.21 143.98
N ASN R 1121 225.90 8.08 143.30
CA ASN R 1121 224.97 7.04 143.71
C ASN R 1121 225.59 5.66 143.50
N SER R 1122 226.91 5.58 143.63
CA SER R 1122 227.59 4.29 143.47
C SER R 1122 227.25 3.34 144.61
N TYR R 1123 226.83 3.88 145.76
CA TYR R 1123 226.52 3.03 146.91
C TYR R 1123 225.26 2.21 146.65
N PHE R 1124 224.29 2.79 145.95
CA PHE R 1124 223.10 2.06 145.52
C PHE R 1124 223.49 0.85 144.67
N GLU R 1125 224.38 1.07 143.69
CA GLU R 1125 224.85 -0.02 142.85
C GLU R 1125 225.60 -1.08 143.66
N PHE R 1126 226.47 -0.64 144.56
CA PHE R 1126 227.21 -1.60 145.38
C PHE R 1126 226.27 -2.45 146.22
N SER R 1127 225.28 -1.82 146.83
CA SER R 1127 224.34 -2.56 147.68
C SER R 1127 223.53 -3.56 146.87
N LEU R 1128 223.02 -3.14 145.70
CA LEU R 1128 222.24 -4.08 144.89
C LEU R 1128 223.11 -5.24 144.40
N LYS R 1129 224.35 -4.94 144.00
CA LYS R 1129 225.25 -6.00 143.52
C LYS R 1129 225.58 -6.98 144.64
N ALA R 1130 225.81 -6.46 145.85
CA ALA R 1130 226.07 -7.34 146.99
C ALA R 1130 224.85 -8.21 147.31
N ASN R 1131 223.65 -7.63 147.24
CA ASN R 1131 222.44 -8.41 147.46
C ASN R 1131 222.31 -9.51 146.42
N TYR R 1132 222.60 -9.18 145.15
CA TYR R 1132 222.58 -10.20 144.10
C TYR R 1132 223.52 -11.33 144.44
N GLU R 1133 224.77 -11.01 144.75
CA GLU R 1133 225.76 -12.07 145.01
C GLU R 1133 225.40 -12.88 146.24
N CYS R 1134 224.77 -12.24 147.23
CA CYS R 1134 224.25 -12.97 148.38
C CYS R 1134 223.20 -13.98 147.93
N TYR R 1135 222.31 -13.57 147.04
CA TYR R 1135 221.31 -14.51 146.55
C TYR R 1135 221.94 -15.65 145.76
N MET R 1136 222.92 -15.37 144.90
CA MET R 1136 223.57 -16.46 144.18
C MET R 1136 224.31 -17.40 145.13
N LYS R 1137 224.95 -16.86 146.18
CA LYS R 1137 225.69 -17.75 147.07
C LYS R 1137 224.75 -18.57 147.94
N MET R 1138 223.59 -18.02 148.30
CA MET R 1138 222.59 -18.83 148.99
C MET R 1138 221.93 -19.82 148.06
N GLN R 1139 221.97 -19.57 146.74
CA GLN R 1139 221.41 -20.52 145.80
C GLN R 1139 222.35 -21.69 145.52
N SER R 1140 223.58 -21.42 145.12
CA SER R 1140 224.55 -22.48 144.83
C SER R 1140 225.98 -21.93 144.80
N MET S 1 21.25 -73.84 20.58
CA MET S 1 22.57 -73.35 20.23
C MET S 1 22.86 -72.02 20.91
N ALA S 2 24.15 -71.67 21.01
CA ALA S 2 24.56 -70.44 21.66
C ALA S 2 25.79 -69.84 20.99
N ALA S 3 25.58 -68.92 20.05
CA ALA S 3 26.69 -68.26 19.38
C ALA S 3 26.40 -66.77 19.22
N GLN S 4 25.27 -66.32 19.76
CA GLN S 4 24.86 -64.93 19.67
C GLN S 4 25.39 -64.06 20.80
N LEU S 5 26.08 -64.65 21.77
CA LEU S 5 26.65 -63.86 22.86
C LEU S 5 27.76 -62.95 22.35
N ALA S 6 28.36 -63.29 21.20
CA ALA S 6 29.40 -62.50 20.59
C ALA S 6 28.91 -61.79 19.32
N LEU S 7 27.61 -61.58 19.22
CA LEU S 7 27.00 -60.94 18.06
C LEU S 7 26.10 -59.80 18.50
N ASN S 8 25.34 -59.26 17.54
CA ASN S 8 24.37 -58.20 17.79
C ASN S 8 25.03 -56.96 18.37
N SER S 9 26.00 -56.39 17.64
CA SER S 9 26.67 -55.17 18.07
C SER S 9 26.23 -54.01 17.19
N GLU S 10 25.70 -54.32 16.01
CA GLU S 10 25.13 -53.32 15.11
C GLU S 10 23.66 -53.54 14.83
N ALA S 11 23.10 -54.69 15.19
CA ALA S 11 21.67 -54.94 15.07
C ALA S 11 20.87 -54.31 16.19
N SER S 12 21.53 -53.84 17.24
CA SER S 12 20.89 -53.07 18.30
C SER S 12 20.71 -51.65 17.78
N LEU S 13 19.47 -51.24 17.58
CA LEU S 13 19.16 -49.98 16.92
C LEU S 13 19.02 -48.82 17.90
N TRP S 14 19.28 -49.05 19.19
CA TRP S 14 19.21 -47.96 20.15
C TRP S 14 20.57 -47.69 20.80
N GLY S 15 21.18 -48.73 21.35
CA GLY S 15 22.41 -48.60 22.11
C GLY S 15 23.55 -47.96 21.33
N PRO S 16 24.01 -48.64 20.28
CA PRO S 16 25.11 -48.08 19.48
C PRO S 16 24.81 -46.70 18.92
N TYR S 17 23.56 -46.44 18.51
CA TYR S 17 23.23 -45.14 17.94
C TYR S 17 23.18 -44.05 19.01
N ARG S 18 22.69 -44.37 20.21
CA ARG S 18 22.78 -43.42 21.31
C ARG S 18 24.24 -43.13 21.66
N GLU S 19 25.09 -44.16 21.63
CA GLU S 19 26.52 -43.95 21.85
C GLU S 19 27.10 -43.02 20.79
N ILE S 20 26.71 -43.23 19.53
CA ILE S 20 27.18 -42.37 18.44
C ILE S 20 26.73 -40.93 18.69
N TRP S 21 25.47 -40.76 19.11
CA TRP S 21 24.95 -39.42 19.35
C TRP S 21 25.70 -38.73 20.49
N GLN S 22 25.96 -39.46 21.58
CA GLN S 22 26.68 -38.87 22.71
C GLN S 22 28.11 -38.52 22.33
N THR S 23 28.78 -39.40 21.58
CA THR S 23 30.14 -39.12 21.13
C THR S 23 30.18 -37.91 20.20
N VAL S 24 29.17 -37.78 19.34
CA VAL S 24 29.09 -36.62 18.45
C VAL S 24 28.93 -35.35 19.27
N LEU S 25 28.04 -35.38 20.26
CA LEU S 25 27.82 -34.21 21.11
C LEU S 25 29.10 -33.83 21.83
N SER S 26 29.84 -34.83 22.34
CA SER S 26 31.08 -34.55 23.04
C SER S 26 32.13 -33.96 22.10
N ALA S 27 32.36 -34.60 20.96
CA ALA S 27 33.45 -34.21 20.08
C ALA S 27 33.19 -32.88 19.40
N LEU S 28 31.99 -32.69 18.83
CA LEU S 28 31.71 -31.52 18.01
C LEU S 28 31.17 -30.35 18.80
N ILE S 29 30.27 -30.61 19.76
CA ILE S 29 29.63 -29.52 20.49
C ILE S 29 30.48 -29.11 21.69
N LYS S 30 30.73 -30.03 22.61
CA LYS S 30 31.48 -29.68 23.80
C LYS S 30 32.99 -29.66 23.55
N ARG S 31 33.43 -30.21 22.41
CA ARG S 31 34.81 -30.06 21.96
C ARG S 31 35.83 -30.63 22.94
N GLN S 32 35.78 -31.94 23.19
CA GLN S 32 36.75 -32.58 24.06
C GLN S 32 37.83 -33.28 23.24
N PRO S 33 39.11 -33.18 23.62
CA PRO S 33 40.16 -33.82 22.80
C PRO S 33 40.14 -35.34 22.87
N GLU S 34 39.77 -35.91 24.01
CA GLU S 34 39.58 -37.36 24.06
C GLU S 34 38.40 -37.77 23.20
N ALA S 35 37.35 -36.94 23.16
CA ALA S 35 36.23 -37.19 22.27
C ALA S 35 36.63 -37.16 20.81
N VAL S 36 37.78 -36.55 20.48
CA VAL S 36 38.27 -36.60 19.11
C VAL S 36 38.61 -38.03 18.71
N HIS S 37 39.41 -38.72 19.52
CA HIS S 37 39.72 -40.12 19.22
C HIS S 37 38.51 -41.01 19.46
N SER S 38 37.62 -40.61 20.37
CA SER S 38 36.36 -41.34 20.53
C SER S 38 35.56 -41.31 19.22
N LEU S 39 35.47 -40.13 18.59
CA LEU S 39 34.81 -40.02 17.29
C LEU S 39 35.54 -40.83 16.25
N ASP S 40 36.87 -40.82 16.29
CA ASP S 40 37.65 -41.66 15.37
C ASP S 40 37.21 -43.12 15.46
N ILE S 41 37.19 -43.66 16.67
CA ILE S 41 36.88 -45.08 16.85
C ILE S 41 35.42 -45.36 16.52
N VAL S 42 34.53 -44.43 16.88
CA VAL S 42 33.10 -44.61 16.60
C VAL S 42 32.88 -44.65 15.09
N LEU S 43 33.50 -43.74 14.36
CA LEU S 43 33.36 -43.74 12.91
C LEU S 43 33.93 -45.02 12.30
N LYS S 44 35.10 -45.44 12.78
CA LYS S 44 35.71 -46.65 12.25
C LYS S 44 34.83 -47.88 12.48
N LYS S 45 34.23 -47.96 13.68
CA LYS S 45 33.40 -49.12 14.01
C LYS S 45 32.09 -49.10 13.26
N TYR S 46 31.41 -47.95 13.23
CA TYR S 46 30.06 -47.84 12.71
C TYR S 46 30.01 -47.37 11.27
N LYS S 47 31.13 -47.41 10.55
CA LYS S 47 31.12 -47.10 9.12
C LYS S 47 30.05 -47.85 8.36
N PRO S 48 29.81 -49.16 8.56
CA PRO S 48 28.64 -49.78 7.91
C PRO S 48 27.32 -49.14 8.29
N ASP S 49 27.14 -48.75 9.56
CA ASP S 49 25.90 -48.08 9.96
C ASP S 49 25.77 -46.73 9.26
N PHE S 50 26.85 -45.97 9.18
CA PHE S 50 26.79 -44.67 8.53
C PHE S 50 26.60 -44.81 7.03
N ILE S 51 27.23 -45.81 6.42
CA ILE S 51 27.03 -46.07 4.99
C ILE S 51 25.59 -46.42 4.71
N SER S 52 25.01 -47.30 5.53
CA SER S 52 23.63 -47.74 5.32
C SER S 52 22.61 -46.67 5.66
N LEU S 53 22.94 -45.73 6.56
CA LEU S 53 22.11 -44.55 6.78
C LEU S 53 20.69 -44.92 7.21
N PHE S 54 20.53 -45.30 8.48
CA PHE S 54 19.41 -46.06 9.03
C PHE S 54 19.48 -47.52 8.60
N LYS S 55 20.59 -48.18 8.96
CA LYS S 55 20.77 -49.60 8.68
C LYS S 55 19.67 -50.42 9.33
N ASN S 56 19.18 -51.41 8.59
CA ASN S 56 18.20 -52.37 9.10
C ASN S 56 18.52 -53.73 8.49
N PRO S 57 18.87 -54.73 9.30
CA PRO S 57 19.24 -56.05 8.75
C PRO S 57 18.09 -56.64 7.95
N PRO S 58 18.39 -57.30 6.83
CA PRO S 58 17.33 -57.84 5.99
C PRO S 58 16.62 -59.01 6.67
N LYS S 59 15.41 -59.27 6.19
CA LYS S 59 14.63 -60.43 6.63
C LYS S 59 15.21 -61.69 5.98
N SER S 60 15.45 -62.71 6.79
CA SER S 60 16.07 -63.94 6.30
C SER S 60 15.35 -65.16 6.88
N ALA S 61 15.20 -66.19 6.06
CA ALA S 61 14.60 -67.43 6.51
C ALA S 61 15.44 -68.08 7.60
N GLN S 62 16.77 -67.94 7.50
CA GLN S 62 17.64 -68.48 8.55
C GLN S 62 17.37 -67.82 9.89
N GLN S 63 17.26 -66.48 9.90
CA GLN S 63 16.93 -65.79 11.15
C GLN S 63 15.54 -66.16 11.64
N HIS S 64 14.58 -66.29 10.72
CA HIS S 64 13.23 -66.66 11.12
C HIS S 64 13.20 -68.03 11.81
N GLU S 65 13.89 -69.01 11.21
CA GLU S 65 13.93 -70.35 11.79
C GLU S 65 14.74 -70.37 13.08
N ARG S 66 15.80 -69.56 13.15
CA ARG S 66 16.57 -69.45 14.39
C ARG S 66 15.71 -68.91 15.52
N VAL S 67 14.90 -67.88 15.23
CA VAL S 67 14.01 -67.32 16.25
C VAL S 67 12.93 -68.33 16.62
N GLN S 68 12.43 -69.09 15.64
CA GLN S 68 11.43 -70.11 15.95
C GLN S 68 12.00 -71.19 16.87
N LYS S 69 13.22 -71.63 16.62
CA LYS S 69 13.86 -72.64 17.45
C LYS S 69 14.51 -72.06 18.70
N ALA S 70 14.48 -70.74 18.87
CA ALA S 70 14.92 -70.12 20.11
C ALA S 70 14.17 -70.63 21.32
N SER S 71 13.01 -71.28 21.13
CA SER S 71 12.27 -71.92 22.20
C SER S 71 13.06 -73.03 22.88
N THR S 72 14.12 -73.51 22.24
CA THR S 72 15.00 -74.51 22.85
C THR S 72 16.45 -74.06 22.75
N GLU S 73 16.72 -73.07 21.90
CA GLU S 73 18.08 -72.60 21.68
C GLU S 73 18.45 -71.39 22.54
N GLY S 74 17.53 -70.45 22.74
CA GLY S 74 17.78 -69.29 23.58
C GLY S 74 18.48 -68.15 22.88
N ILE S 75 18.09 -66.93 23.24
CA ILE S 75 18.72 -65.71 22.75
C ILE S 75 19.29 -64.97 23.94
N PRO S 76 20.57 -64.59 23.94
CA PRO S 76 21.15 -63.93 25.11
C PRO S 76 20.63 -62.51 25.29
N ILE S 77 20.03 -62.25 26.45
CA ILE S 77 19.52 -60.91 26.75
C ILE S 77 20.72 -59.98 26.96
N LYS S 78 20.53 -58.71 26.64
CA LYS S 78 21.62 -57.73 26.69
C LYS S 78 22.23 -57.64 28.08
N GLY S 79 23.55 -57.62 28.14
CA GLY S 79 24.29 -57.55 29.39
C GLY S 79 24.72 -58.89 29.94
N THR S 80 24.26 -60.00 29.36
CA THR S 80 24.60 -61.33 29.85
C THR S 80 25.03 -62.18 28.66
N GLN S 81 25.71 -63.28 28.96
CA GLN S 81 26.17 -64.23 27.95
C GLN S 81 25.38 -65.53 27.96
N ARG S 82 24.43 -65.70 28.87
CA ARG S 82 23.60 -66.89 28.93
C ARG S 82 22.35 -66.66 28.10
N THR S 83 22.14 -67.52 27.11
CA THR S 83 20.99 -67.38 26.22
C THR S 83 19.70 -67.54 27.00
N ARG S 84 18.75 -66.63 26.77
CA ARG S 84 17.45 -66.64 27.43
C ARG S 84 16.43 -67.24 26.47
N ILE S 85 15.72 -68.27 26.94
CA ILE S 85 14.73 -68.93 26.11
C ILE S 85 13.57 -67.99 25.84
N LEU S 86 13.18 -67.88 24.58
CA LEU S 86 12.05 -67.05 24.19
C LEU S 86 10.76 -67.85 24.25
N GLU S 87 9.68 -67.18 24.62
CA GLU S 87 8.36 -67.78 24.61
C GLU S 87 7.62 -67.41 23.32
N GLU S 88 6.46 -68.04 23.12
CA GLU S 88 5.75 -67.88 21.86
C GLU S 88 5.26 -66.46 21.65
N GLN S 89 4.87 -65.76 22.71
CA GLN S 89 4.47 -64.36 22.55
C GLN S 89 5.64 -63.52 22.07
N LEU S 90 6.84 -63.76 22.62
CA LEU S 90 8.02 -63.05 22.14
C LEU S 90 8.33 -63.40 20.70
N ILE S 91 8.15 -64.67 20.33
CA ILE S 91 8.39 -65.09 18.95
C ILE S 91 7.46 -64.35 18.01
N LYS S 92 6.17 -64.30 18.36
CA LYS S 92 5.19 -63.65 17.50
C LYS S 92 5.45 -62.15 17.42
N GLU S 93 5.79 -61.51 18.55
CA GLU S 93 6.10 -60.09 18.53
C GLU S 93 7.32 -59.81 17.67
N ALA S 94 8.35 -60.66 17.77
CA ALA S 94 9.55 -60.48 16.95
C ALA S 94 9.23 -60.64 15.47
N PHE S 95 8.41 -61.64 15.12
CA PHE S 95 8.03 -61.81 13.73
C PHE S 95 7.25 -60.61 13.22
N ILE S 96 6.31 -60.10 14.02
CA ILE S 96 5.53 -58.93 13.62
C ILE S 96 6.43 -57.72 13.42
N LEU S 97 7.36 -57.50 14.35
CA LEU S 97 8.28 -56.37 14.23
C LEU S 97 9.17 -56.51 13.00
N SER S 98 9.66 -57.74 12.74
CA SER S 98 10.49 -57.98 11.57
C SER S 98 9.73 -57.70 10.28
N ASP S 99 8.48 -58.15 10.20
CA ASP S 99 7.69 -57.89 9.01
C ASP S 99 7.37 -56.40 8.87
N LEU S 100 7.13 -55.72 10.00
CA LEU S 100 6.78 -54.31 9.94
C LEU S 100 7.96 -53.46 9.46
N TYR S 101 9.14 -53.63 10.07
CA TYR S 101 10.28 -52.79 9.77
C TYR S 101 11.22 -53.40 8.73
N ASN S 102 10.85 -54.52 8.13
CA ASN S 102 11.71 -55.23 7.17
C ASN S 102 13.06 -55.59 7.78
N ILE S 103 13.09 -55.77 9.10
CA ILE S 103 14.32 -56.03 9.84
C ILE S 103 14.44 -57.53 10.09
N GLY S 104 15.65 -57.97 10.43
CA GLY S 104 15.84 -59.38 10.76
C GLY S 104 15.11 -59.76 12.04
N GLU S 105 14.69 -61.02 12.08
CA GLU S 105 13.99 -61.51 13.27
C GLU S 105 14.89 -61.54 14.49
N ILE S 106 16.20 -61.80 14.29
CA ILE S 106 17.14 -61.74 15.40
C ILE S 106 17.22 -60.31 15.95
N ALA S 107 17.28 -59.33 15.06
CA ALA S 107 17.29 -57.93 15.50
C ALA S 107 15.99 -57.58 16.20
N ALA S 108 14.85 -58.11 15.73
CA ALA S 108 13.59 -57.87 16.40
C ALA S 108 13.60 -58.46 17.82
N VAL S 109 14.13 -59.67 17.97
CA VAL S 109 14.24 -60.28 19.29
C VAL S 109 15.13 -59.42 20.19
N GLU S 110 16.26 -58.96 19.66
CA GLU S 110 17.17 -58.14 20.46
C GLU S 110 16.51 -56.84 20.90
N LEU S 111 15.78 -56.19 19.98
CA LEU S 111 15.10 -54.95 20.34
C LEU S 111 13.98 -55.19 21.35
N LEU S 112 13.29 -56.32 21.24
CA LEU S 112 12.26 -56.66 22.22
C LEU S 112 12.87 -56.87 23.59
N LEU S 113 14.03 -57.54 23.65
CA LEU S 113 14.71 -57.75 24.93
C LEU S 113 15.21 -56.42 25.50
N ILE S 114 15.70 -55.53 24.64
CA ILE S 114 16.14 -54.21 25.11
C ILE S 114 14.94 -53.44 25.67
N GLY S 115 13.79 -53.54 25.01
CA GLY S 115 12.58 -52.95 25.56
C GLY S 115 12.19 -53.54 26.90
N GLU S 116 12.33 -54.86 27.04
CA GLU S 116 12.09 -55.50 28.33
C GLU S 116 13.01 -54.93 29.40
N GLN S 117 14.29 -54.75 29.08
CA GLN S 117 15.24 -54.20 30.05
C GLN S 117 14.91 -52.75 30.40
N GLN S 118 14.52 -51.95 29.41
CA GLN S 118 14.24 -50.53 29.65
C GLN S 118 12.83 -50.25 30.12
N GLN S 119 12.00 -51.29 30.25
CA GLN S 119 10.65 -51.11 30.78
C GLN S 119 10.58 -50.35 32.09
N PRO S 120 11.45 -50.56 33.09
CA PRO S 120 11.39 -49.70 34.29
C PRO S 120 11.55 -48.23 33.99
N THR S 121 12.40 -47.87 33.03
CA THR S 121 12.57 -46.47 32.66
C THR S 121 11.32 -45.92 31.96
N PHE S 122 10.58 -46.79 31.28
CA PHE S 122 9.42 -46.39 30.48
C PHE S 122 8.20 -47.18 30.93
N HIS S 123 7.99 -47.18 32.25
CA HIS S 123 6.93 -47.95 32.89
C HIS S 123 5.57 -47.70 32.25
N GLY S 124 4.68 -48.68 32.39
CA GLY S 124 3.33 -48.57 31.88
C GLY S 124 3.20 -48.88 30.40
N LEU S 125 4.14 -49.65 29.83
CA LEU S 125 4.13 -49.97 28.42
C LEU S 125 4.58 -51.41 28.23
N THR S 126 4.16 -52.01 27.10
CA THR S 126 4.60 -53.35 26.77
C THR S 126 5.89 -53.31 25.95
N ARG S 127 6.64 -54.41 25.99
CA ARG S 127 7.96 -54.42 25.38
C ARG S 127 7.89 -54.23 23.87
N GLY S 128 6.79 -54.60 23.23
CA GLY S 128 6.65 -54.31 21.81
C GLY S 128 6.58 -52.82 21.53
N LEU S 129 5.76 -52.10 22.28
CA LEU S 129 5.70 -50.65 22.14
C LEU S 129 7.03 -50.00 22.49
N VAL S 130 7.70 -50.52 23.53
CA VAL S 130 9.00 -49.98 23.91
C VAL S 130 10.01 -50.22 22.81
N ALA S 131 9.95 -51.37 22.14
CA ALA S 131 10.84 -51.64 21.01
C ALA S 131 10.57 -50.71 19.85
N ILE S 132 9.30 -50.43 19.57
CA ILE S 132 8.98 -49.46 18.52
C ILE S 132 9.56 -48.09 18.86
N LEU S 133 9.40 -47.66 20.11
CA LEU S 133 9.92 -46.37 20.53
C LEU S 133 11.45 -46.35 20.49
N LEU S 134 12.09 -47.48 20.83
CA LEU S 134 13.54 -47.57 20.75
C LEU S 134 14.00 -47.48 19.30
N TYR S 135 13.29 -48.13 18.38
CA TYR S 135 13.59 -47.99 16.96
C TYR S 135 13.54 -46.52 16.54
N TRP S 136 12.47 -45.82 16.93
CA TRP S 136 12.34 -44.42 16.51
C TRP S 136 13.39 -43.54 17.17
N ASP S 137 13.70 -43.79 18.44
CA ASP S 137 14.75 -43.02 19.12
C ASP S 137 16.11 -43.24 18.48
N GLY S 138 16.41 -44.49 18.11
CA GLY S 138 17.66 -44.76 17.43
C GLY S 138 17.74 -44.07 16.08
N LYS S 139 16.65 -44.09 15.33
CA LYS S 139 16.62 -43.37 14.06
C LYS S 139 16.84 -41.87 14.27
N SER S 140 16.20 -41.30 15.30
CA SER S 140 16.35 -39.88 15.58
C SER S 140 17.79 -39.54 15.96
N CYS S 141 18.42 -40.37 16.79
CA CYS S 141 19.79 -40.11 17.21
C CYS S 141 20.76 -40.28 16.05
N MET S 142 20.50 -41.25 15.18
CA MET S 142 21.29 -41.39 13.95
C MET S 142 21.20 -40.14 13.09
N ALA S 143 19.98 -39.62 12.90
CA ALA S 143 19.82 -38.41 12.12
C ALA S 143 20.52 -37.22 12.78
N GLU S 144 20.42 -37.11 14.11
CA GLU S 144 21.06 -36.02 14.82
C GLU S 144 22.58 -36.10 14.68
N SER S 145 23.13 -37.30 14.82
CA SER S 145 24.58 -37.47 14.69
C SER S 145 25.05 -37.11 13.28
N LEU S 146 24.31 -37.56 12.26
CA LEU S 146 24.67 -37.21 10.89
C LEU S 146 24.61 -35.71 10.67
N LEU S 147 23.55 -35.07 11.16
CA LEU S 147 23.39 -33.62 10.98
C LEU S 147 24.51 -32.85 11.67
N HIS S 148 24.86 -33.25 12.90
CA HIS S 148 25.90 -32.54 13.61
C HIS S 148 27.28 -32.78 12.99
N LEU S 149 27.53 -33.98 12.46
CA LEU S 149 28.78 -34.20 11.73
C LEU S 149 28.85 -33.32 10.49
N ILE S 150 27.74 -33.20 9.76
CA ILE S 150 27.73 -32.34 8.58
C ILE S 150 27.94 -30.89 8.98
N GLN S 151 27.32 -30.45 10.08
CA GLN S 151 27.53 -29.09 10.57
C GLN S 151 28.99 -28.85 10.94
N ALA S 152 29.62 -29.80 11.63
CA ALA S 152 31.02 -29.68 12.01
C ALA S 152 31.96 -29.79 10.83
N ARG S 153 31.50 -30.34 9.70
CA ARG S 153 32.33 -30.36 8.50
C ARG S 153 32.73 -28.94 8.11
N LYS S 154 33.97 -28.80 7.65
CA LYS S 154 34.59 -27.48 7.47
C LYS S 154 33.86 -26.63 6.44
N GLY S 155 33.84 -25.33 6.70
CA GLY S 155 33.30 -24.32 5.82
C GLY S 155 33.44 -22.96 6.45
N LYS S 156 32.43 -22.11 6.30
CA LYS S 156 32.37 -20.87 7.06
C LYS S 156 31.02 -20.84 7.77
N THR S 157 30.23 -21.88 7.57
CA THR S 157 28.90 -22.00 8.15
C THR S 157 28.91 -23.15 9.15
N PHE S 158 28.27 -22.94 10.30
CA PHE S 158 28.17 -23.94 11.37
C PHE S 158 29.53 -24.44 11.84
N THR S 159 30.57 -23.64 11.69
CA THR S 159 31.92 -24.04 12.06
C THR S 159 32.34 -23.37 13.36
N LEU S 160 32.65 -24.21 14.36
CA LEU S 160 33.20 -23.75 15.63
C LEU S 160 34.72 -23.73 15.60
N ASP S 161 35.32 -23.72 14.41
CA ASP S 161 36.78 -23.73 14.25
C ASP S 161 37.35 -24.95 14.95
N HIS S 162 36.98 -26.14 14.47
CA HIS S 162 37.25 -27.38 15.19
C HIS S 162 38.70 -27.83 15.00
N SER S 163 39.09 -28.84 15.77
CA SER S 163 40.47 -29.30 15.79
C SER S 163 40.82 -30.02 14.49
N PRO S 164 42.08 -29.91 14.05
CA PRO S 164 42.48 -30.52 12.77
C PRO S 164 42.24 -32.01 12.68
N GLU S 165 42.37 -32.76 13.78
CA GLU S 165 42.10 -34.19 13.71
C GLU S 165 40.64 -34.44 13.34
N VAL S 166 39.73 -33.73 13.98
CA VAL S 166 38.31 -33.81 13.63
C VAL S 166 38.10 -33.34 12.20
N VAL S 167 38.86 -32.32 11.79
CA VAL S 167 38.76 -31.84 10.41
C VAL S 167 39.06 -32.96 9.43
N SER S 168 40.19 -33.64 9.62
CA SER S 168 40.59 -34.71 8.72
C SER S 168 39.61 -35.87 8.76
N MET S 169 39.17 -36.26 9.96
CA MET S 169 38.29 -37.40 10.08
C MET S 169 36.93 -37.14 9.46
N VAL S 170 36.35 -35.98 9.74
CA VAL S 170 35.05 -35.64 9.18
C VAL S 170 35.16 -35.45 7.67
N THR S 171 36.29 -34.93 7.20
CA THR S 171 36.51 -34.81 5.76
C THR S 171 36.52 -36.17 5.09
N ARG S 172 37.27 -37.13 5.66
CA ARG S 172 37.32 -38.46 5.09
C ARG S 172 35.95 -39.14 5.14
N PHE S 173 35.24 -38.97 6.25
CA PHE S 173 33.90 -39.54 6.41
C PHE S 173 32.93 -38.96 5.38
N THR S 174 32.97 -37.64 5.19
CA THR S 174 32.09 -37.01 4.22
C THR S 174 32.45 -37.39 2.80
N ASP S 175 33.74 -37.61 2.52
CA ASP S 175 34.14 -38.10 1.20
C ASP S 175 33.61 -39.51 0.97
N ASP S 176 33.70 -40.37 1.98
CA ASP S 176 33.19 -41.73 1.85
C ASP S 176 31.69 -41.72 1.57
N LEU S 177 30.95 -40.85 2.26
CA LEU S 177 29.51 -40.78 2.01
C LEU S 177 29.20 -40.13 0.67
N MET S 178 29.97 -39.12 0.27
CA MET S 178 29.71 -38.41 -0.97
C MET S 178 29.95 -39.29 -2.19
N GLU S 179 30.95 -40.18 -2.11
CA GLU S 179 31.20 -41.09 -3.23
C GLU S 179 30.03 -42.02 -3.48
N GLN S 180 29.11 -42.14 -2.52
CA GLN S 180 27.95 -43.00 -2.65
C GLN S 180 26.66 -42.23 -2.92
N GLY S 181 26.75 -40.96 -3.33
CA GLY S 181 25.55 -40.19 -3.61
C GLY S 181 24.76 -39.81 -2.38
N LEU S 182 25.30 -38.89 -1.58
CA LEU S 182 24.65 -38.47 -0.34
C LEU S 182 23.23 -37.98 -0.59
N THR S 183 23.05 -37.11 -1.58
CA THR S 183 21.72 -36.60 -1.90
C THR S 183 20.77 -37.72 -2.28
N ASN S 184 21.28 -38.71 -3.02
CA ASN S 184 20.45 -39.84 -3.44
C ASN S 184 19.87 -40.56 -2.23
N LYS S 185 20.72 -40.93 -1.27
CA LYS S 185 20.25 -41.65 -0.08
C LYS S 185 19.33 -40.77 0.76
N ILE S 186 19.67 -39.48 0.91
CA ILE S 186 18.84 -38.58 1.71
C ILE S 186 17.44 -38.51 1.14
N LEU S 187 17.33 -38.24 -0.17
CA LEU S 187 16.03 -38.11 -0.81
C LEU S 187 15.30 -39.45 -0.82
N THR S 188 16.03 -40.56 -0.97
CA THR S 188 15.38 -41.87 -0.91
C THR S 188 14.74 -42.11 0.45
N LEU S 189 15.47 -41.84 1.53
CA LEU S 189 14.91 -42.02 2.86
C LEU S 189 13.73 -41.09 3.08
N ILE S 190 13.85 -39.84 2.63
CA ILE S 190 12.76 -38.89 2.81
C ILE S 190 11.51 -39.36 2.08
N SER S 191 11.66 -39.81 0.83
CA SER S 191 10.50 -40.24 0.05
C SER S 191 9.92 -41.53 0.59
N GLN S 192 10.74 -42.40 1.17
CA GLN S 192 10.25 -43.69 1.64
C GLN S 192 9.57 -43.59 3.00
N ILE S 193 10.14 -42.82 3.93
CA ILE S 193 9.58 -42.72 5.27
C ILE S 193 8.47 -41.67 5.26
N ASP S 194 7.25 -42.10 5.57
CA ASP S 194 6.09 -41.23 5.58
C ASP S 194 5.44 -41.24 6.95
N VAL S 195 5.14 -40.04 7.48
CA VAL S 195 4.53 -39.95 8.80
C VAL S 195 3.17 -40.62 8.81
N ASN S 196 2.35 -40.34 7.79
CA ASN S 196 1.00 -40.88 7.75
C ASN S 196 0.99 -42.40 7.66
N ASN S 197 1.89 -42.95 6.85
CA ASN S 197 1.92 -44.41 6.66
C ASN S 197 2.26 -45.12 7.96
N GLU S 198 3.33 -44.68 8.63
CA GLU S 198 3.71 -45.30 9.89
C GLU S 198 2.64 -45.06 10.96
N PHE S 199 2.07 -43.85 11.00
CA PHE S 199 0.98 -43.57 11.93
C PHE S 199 -0.14 -44.57 11.76
N ASP S 200 -0.63 -44.74 10.53
CA ASP S 200 -1.74 -45.65 10.29
C ASP S 200 -1.36 -47.09 10.62
N LYS S 201 -0.16 -47.53 10.20
CA LYS S 201 0.23 -48.91 10.43
C LYS S 201 0.34 -49.22 11.91
N LEU S 202 1.00 -48.35 12.68
CA LEU S 202 1.17 -48.61 14.11
C LEU S 202 -0.16 -48.47 14.85
N LYS S 203 -1.01 -47.53 14.43
CA LYS S 203 -2.31 -47.39 15.07
C LYS S 203 -3.17 -48.62 14.83
N LYS S 204 -3.13 -49.17 13.62
CA LYS S 204 -3.87 -50.39 13.32
C LYS S 204 -3.31 -51.58 14.08
N GLU S 205 -1.99 -51.71 14.12
CA GLU S 205 -1.31 -52.83 14.76
C GLU S 205 -1.20 -52.67 16.27
N ARG S 206 -1.98 -51.74 16.85
CA ARG S 206 -1.94 -51.47 18.29
C ARG S 206 -0.56 -51.04 18.77
N GLY S 207 0.28 -50.58 17.84
CA GLY S 207 1.50 -49.91 18.24
C GLY S 207 1.27 -48.54 18.82
N LEU S 208 0.08 -47.99 18.62
CA LEU S 208 -0.35 -46.72 19.19
C LEU S 208 -1.69 -46.92 19.87
N GLY S 209 -1.79 -46.52 21.14
CA GLY S 209 -3.02 -46.67 21.86
C GLY S 209 -3.44 -45.42 22.62
N ASN S 210 -2.57 -44.41 22.62
CA ASN S 210 -2.81 -43.18 23.35
C ASN S 210 -2.45 -41.99 22.47
N LYS S 211 -3.15 -40.87 22.72
CA LYS S 211 -2.87 -39.65 21.96
C LYS S 211 -1.44 -39.19 22.18
N LYS S 212 -0.95 -39.29 23.42
CA LYS S 212 0.43 -38.92 23.70
C LYS S 212 1.41 -39.76 22.90
N HIS S 213 1.19 -41.07 22.88
CA HIS S 213 2.09 -41.97 22.14
C HIS S 213 2.03 -41.69 20.64
N ARG S 214 0.83 -41.47 20.11
CA ARG S 214 0.70 -41.16 18.69
C ARG S 214 1.44 -39.87 18.35
N LYS S 215 1.27 -38.84 19.17
CA LYS S 215 1.96 -37.58 18.95
C LYS S 215 3.47 -37.77 19.02
N GLU S 216 3.94 -38.54 20.00
CA GLU S 216 5.38 -38.75 20.16
C GLU S 216 5.96 -39.46 18.95
N VAL S 217 5.29 -40.51 18.47
CA VAL S 217 5.80 -41.24 17.31
C VAL S 217 5.79 -40.36 16.07
N SER S 218 4.70 -39.62 15.85
CA SER S 218 4.64 -38.74 14.68
C SER S 218 5.71 -37.67 14.73
N ASP S 219 5.94 -37.09 15.91
CA ASP S 219 6.99 -36.09 16.06
C ASP S 219 8.36 -36.68 15.83
N LEU S 220 8.58 -37.93 16.26
CA LEU S 220 9.83 -38.60 15.98
C LEU S 220 10.05 -38.75 14.49
N ILE S 221 9.03 -39.18 13.76
CA ILE S 221 9.16 -39.34 12.31
C ILE S 221 9.44 -38.00 11.65
N LYS S 222 8.71 -36.96 12.06
CA LYS S 222 8.91 -35.63 11.49
C LYS S 222 10.31 -35.10 11.78
N GLU S 223 10.81 -35.32 12.99
CA GLU S 223 12.14 -34.86 13.35
C GLU S 223 13.21 -35.60 12.54
N CYS S 224 13.02 -36.90 12.34
CA CYS S 224 13.94 -37.66 11.49
C CYS S 224 13.96 -37.11 10.07
N GLN S 225 12.77 -36.83 9.52
CA GLN S 225 12.69 -36.31 8.16
C GLN S 225 13.34 -34.95 8.03
N GLN S 226 13.08 -34.05 8.98
CA GLN S 226 13.66 -32.71 8.90
C GLN S 226 15.16 -32.75 9.13
N SER S 227 15.63 -33.67 9.99
CA SER S 227 17.06 -33.85 10.13
C SER S 227 17.68 -34.36 8.83
N LEU S 228 17.01 -35.27 8.14
CA LEU S 228 17.51 -35.74 6.85
C LEU S 228 17.63 -34.59 5.85
N ALA S 229 16.62 -33.72 5.79
CA ALA S 229 16.68 -32.59 4.87
C ALA S 229 17.76 -31.58 5.28
N HIS S 230 17.85 -31.29 6.57
CA HIS S 230 18.78 -30.26 7.03
C HIS S 230 20.22 -30.75 6.95
N SER S 231 20.44 -32.07 6.94
CA SER S 231 21.78 -32.58 6.70
C SER S 231 22.28 -32.20 5.31
N LEU S 232 21.42 -32.38 4.29
CA LEU S 232 21.79 -31.95 2.95
C LEU S 232 21.92 -30.44 2.87
N TYR S 233 21.05 -29.70 3.57
CA TYR S 233 21.16 -28.25 3.58
C TYR S 233 22.50 -27.81 4.17
N SER S 234 22.91 -28.43 5.27
CA SER S 234 24.19 -28.07 5.90
C SER S 234 25.36 -28.51 5.04
N TRP S 235 25.21 -29.62 4.31
CA TRP S 235 26.27 -30.03 3.39
C TRP S 235 26.46 -29.01 2.28
N SER S 236 25.35 -28.46 1.78
CA SER S 236 25.44 -27.33 0.87
C SER S 236 26.07 -26.12 1.53
N CYS S 237 25.75 -25.90 2.81
CA CYS S 237 26.30 -24.75 3.52
C CYS S 237 27.82 -24.82 3.64
N GLN S 238 28.35 -26.00 3.99
CA GLN S 238 29.78 -26.14 4.16
C GLN S 238 30.52 -25.93 2.85
N THR S 239 30.11 -26.66 1.81
CA THR S 239 30.70 -26.54 0.49
C THR S 239 29.57 -26.48 -0.53
N PRO S 240 29.74 -25.74 -1.61
CA PRO S 240 28.70 -25.70 -2.65
C PRO S 240 28.45 -27.08 -3.21
N LEU S 241 27.18 -27.39 -3.46
CA LEU S 241 26.82 -28.69 -3.98
C LEU S 241 27.38 -28.89 -5.37
N ASN S 242 27.70 -30.14 -5.69
CA ASN S 242 28.26 -30.46 -7.00
C ASN S 242 27.19 -30.33 -8.07
N ARG S 243 27.63 -30.52 -9.32
CA ARG S 243 26.70 -30.52 -10.44
C ARG S 243 25.61 -31.56 -10.25
N GLU S 244 26.00 -32.77 -9.86
CA GLU S 244 25.04 -33.85 -9.67
C GLU S 244 24.08 -33.54 -8.53
N ASP S 245 24.60 -32.98 -7.42
CA ASP S 245 23.73 -32.63 -6.30
C ASP S 245 22.70 -31.57 -6.70
N THR S 246 23.16 -30.52 -7.41
CA THR S 246 22.24 -29.47 -7.83
C THR S 246 21.18 -30.03 -8.77
N LEU S 247 21.58 -30.89 -9.72
CA LEU S 247 20.61 -31.48 -10.63
C LEU S 247 19.59 -32.33 -9.89
N LEU S 248 20.05 -33.13 -8.92
CA LEU S 248 19.14 -34.00 -8.19
C LEU S 248 18.13 -33.18 -7.38
N LEU S 249 18.61 -32.13 -6.71
CA LEU S 249 17.67 -31.28 -5.97
C LEU S 249 16.66 -30.62 -6.89
N ILE S 250 17.11 -30.11 -8.04
CA ILE S 250 16.18 -29.45 -8.96
C ILE S 250 15.14 -30.44 -9.46
N GLY S 251 15.59 -31.63 -9.84
CA GLY S 251 14.67 -32.65 -10.33
C GLY S 251 13.68 -33.11 -9.28
N TYR S 252 14.12 -33.29 -8.04
CA TYR S 252 13.20 -33.71 -6.98
C TYR S 252 12.18 -32.61 -6.69
N LEU S 253 12.62 -31.35 -6.69
CA LEU S 253 11.71 -30.27 -6.33
C LEU S 253 10.77 -29.90 -7.47
N GLU S 254 11.13 -30.22 -8.72
CA GLU S 254 10.21 -29.96 -9.83
C GLU S 254 8.90 -30.71 -9.66
N LYS S 255 8.94 -31.85 -8.99
CA LYS S 255 7.77 -32.71 -8.81
C LYS S 255 6.96 -32.34 -7.59
N VAL S 256 7.40 -31.37 -6.80
CA VAL S 256 6.75 -31.03 -5.53
C VAL S 256 5.51 -30.20 -5.81
N THR S 257 4.38 -30.63 -5.24
CA THR S 257 3.15 -29.86 -5.32
C THR S 257 2.72 -29.51 -3.90
N VAL S 258 3.14 -30.34 -2.95
CA VAL S 258 2.71 -30.20 -1.56
C VAL S 258 3.10 -28.83 -1.03
N GLU S 259 2.11 -28.11 -0.50
CA GLU S 259 2.31 -26.76 0.00
C GLU S 259 1.12 -26.41 0.89
N GLY S 260 1.37 -25.53 1.85
CA GLY S 260 0.32 -25.05 2.72
C GLY S 260 -0.44 -23.90 2.10
N ASP S 261 -1.31 -23.29 2.91
CA ASP S 261 -2.07 -22.11 2.53
C ASP S 261 -1.49 -20.96 3.34
N GLY S 262 -0.52 -20.28 2.75
CA GLY S 262 0.25 -19.29 3.47
C GLY S 262 1.56 -19.78 4.03
N SER S 263 1.97 -21.01 3.69
CA SER S 263 3.17 -21.61 4.25
C SER S 263 3.67 -22.69 3.31
N LEU S 264 4.89 -23.15 3.55
CA LEU S 264 5.49 -24.26 2.82
C LEU S 264 5.90 -25.34 3.81
N ASP S 265 5.93 -26.58 3.34
CA ASP S 265 6.34 -27.70 4.19
C ASP S 265 7.79 -27.50 4.62
N LYS S 266 8.11 -28.03 5.81
CA LYS S 266 9.43 -27.79 6.39
C LYS S 266 10.54 -28.39 5.52
N VAL S 267 10.39 -29.64 5.11
CA VAL S 267 11.44 -30.30 4.33
C VAL S 267 11.63 -29.63 2.98
N ASN S 268 10.52 -29.32 2.29
CA ASN S 268 10.64 -28.66 1.00
C ASN S 268 11.23 -27.26 1.13
N LEU S 269 10.84 -26.53 2.18
CA LEU S 269 11.41 -25.21 2.41
C LEU S 269 12.90 -25.29 2.67
N THR S 270 13.33 -26.30 3.44
CA THR S 270 14.75 -26.48 3.70
C THR S 270 15.50 -26.84 2.43
N LEU S 271 14.88 -27.63 1.55
CA LEU S 271 15.52 -27.95 0.27
C LEU S 271 15.65 -26.70 -0.60
N LEU S 272 14.60 -25.87 -0.62
CA LEU S 272 14.67 -24.60 -1.32
C LEU S 272 15.82 -23.75 -0.79
N MET S 273 15.93 -23.67 0.53
CA MET S 273 17.04 -22.94 1.15
C MET S 273 18.39 -23.51 0.79
N SER S 274 18.51 -24.85 0.76
CA SER S 274 19.79 -25.46 0.41
C SER S 274 20.19 -25.08 -1.01
N LEU S 275 19.25 -25.12 -1.94
CA LEU S 275 19.56 -24.72 -3.30
C LEU S 275 19.89 -23.23 -3.39
N LEU S 276 19.18 -22.42 -2.60
CA LEU S 276 19.49 -20.99 -2.58
C LEU S 276 20.90 -20.73 -2.10
N TYR S 277 21.32 -21.41 -1.02
CA TYR S 277 22.68 -21.24 -0.56
C TYR S 277 23.68 -21.72 -1.61
N CYS S 278 23.41 -22.87 -2.24
CA CYS S 278 24.31 -23.35 -3.28
C CYS S 278 24.47 -22.34 -4.41
N LEU S 279 23.39 -21.66 -4.78
CA LEU S 279 23.44 -20.69 -5.86
C LEU S 279 23.90 -19.32 -5.37
N ASP S 280 24.01 -19.12 -4.06
CA ASP S 280 24.37 -17.83 -3.49
C ASP S 280 25.80 -17.50 -3.90
N VAL S 281 25.94 -16.61 -4.89
CA VAL S 281 27.22 -16.24 -5.48
C VAL S 281 27.40 -14.72 -5.43
N GLY S 282 26.87 -14.08 -4.37
CA GLY S 282 26.67 -12.64 -4.39
C GLY S 282 27.91 -11.80 -4.58
N PHE S 283 29.10 -12.41 -4.48
CA PHE S 283 30.33 -11.65 -4.65
C PHE S 283 30.52 -11.14 -6.08
N LEU S 284 29.70 -11.62 -7.02
CA LEU S 284 29.95 -11.38 -8.44
C LEU S 284 29.36 -10.07 -8.94
N GLU S 285 28.56 -9.37 -8.13
CA GLU S 285 27.86 -8.18 -8.62
C GLU S 285 28.82 -7.15 -9.18
N GLN S 286 29.86 -6.81 -8.41
CA GLN S 286 30.95 -5.99 -8.91
C GLN S 286 32.23 -6.82 -8.87
N GLY S 287 33.28 -6.26 -9.47
CA GLY S 287 34.58 -6.92 -9.39
C GLY S 287 35.03 -7.06 -7.95
N THR S 288 35.37 -8.28 -7.55
CA THR S 288 35.78 -8.57 -6.19
C THR S 288 37.18 -9.16 -6.20
N ASP S 289 38.01 -8.74 -5.23
CA ASP S 289 39.37 -9.25 -5.15
C ASP S 289 39.37 -10.76 -4.94
N ASP S 290 38.47 -11.26 -4.10
CA ASP S 290 38.36 -12.69 -3.84
C ASP S 290 37.50 -13.42 -4.85
N ARG S 291 36.93 -12.70 -5.82
CA ARG S 291 35.97 -13.30 -6.75
C ARG S 291 36.59 -14.43 -7.56
N GLU S 292 37.84 -14.26 -8.01
CA GLU S 292 38.45 -15.26 -8.88
C GLU S 292 38.70 -16.57 -8.14
N GLU S 293 39.18 -16.51 -6.89
CA GLU S 293 39.37 -17.74 -6.14
C GLU S 293 38.05 -18.33 -5.70
N LEU S 294 37.05 -17.49 -5.39
CA LEU S 294 35.71 -18.03 -5.18
C LEU S 294 35.22 -18.75 -6.42
N MET S 295 35.59 -18.26 -7.60
CA MET S 295 35.27 -18.94 -8.85
C MET S 295 35.96 -20.30 -8.93
N LYS S 296 37.26 -20.35 -8.64
CA LYS S 296 37.97 -21.62 -8.80
C LYS S 296 37.50 -22.67 -7.80
N GLN S 297 37.34 -22.32 -6.52
CA GLN S 297 36.74 -23.28 -5.60
C GLN S 297 35.21 -23.29 -5.61
N ALA S 298 34.58 -22.65 -6.59
CA ALA S 298 33.15 -22.82 -6.81
C ALA S 298 32.92 -23.95 -7.81
N SER S 299 31.94 -24.81 -7.51
CA SER S 299 31.67 -25.97 -8.35
C SER S 299 31.22 -25.56 -9.74
N MET S 300 30.46 -24.47 -9.83
CA MET S 300 29.86 -24.04 -11.10
C MET S 300 30.90 -23.84 -12.19
N PHE S 301 32.10 -23.39 -11.83
CA PHE S 301 33.13 -23.09 -12.81
C PHE S 301 34.17 -24.19 -12.95
N MET S 302 34.46 -24.94 -11.87
CA MET S 302 35.36 -26.07 -12.00
C MET S 302 34.71 -27.19 -12.79
N ASP S 303 33.38 -27.24 -12.82
CA ASP S 303 32.65 -28.06 -13.79
C ASP S 303 32.29 -27.18 -14.98
N ARG S 304 33.01 -27.38 -16.09
CA ARG S 304 32.66 -26.66 -17.32
C ARG S 304 31.27 -27.06 -17.80
N GLN S 305 30.85 -28.29 -17.52
CA GLN S 305 29.55 -28.78 -17.93
C GLN S 305 28.43 -28.33 -17.00
N TYR S 306 28.77 -27.73 -15.86
CA TYR S 306 27.75 -27.31 -14.89
C TYR S 306 26.82 -26.28 -15.50
N ILE S 307 27.37 -25.10 -15.82
CA ILE S 307 26.55 -23.97 -16.24
C ILE S 307 25.83 -24.30 -17.54
N ALA S 308 26.55 -24.89 -18.49
CA ALA S 308 25.94 -25.27 -19.75
C ALA S 308 24.83 -26.29 -19.55
N ALA S 309 25.06 -27.26 -18.65
CA ALA S 309 24.06 -28.30 -18.42
C ALA S 309 22.77 -27.73 -17.87
N ILE S 310 22.85 -26.95 -16.79
CA ILE S 310 21.62 -26.37 -16.24
C ILE S 310 20.99 -25.38 -17.21
N HIS S 311 21.81 -24.63 -17.96
CA HIS S 311 21.24 -23.70 -18.93
C HIS S 311 20.43 -24.44 -19.99
N ASN S 312 21.02 -25.48 -20.59
CA ASN S 312 20.33 -26.25 -21.61
C ASN S 312 19.08 -26.92 -21.04
N ARG S 313 19.19 -27.51 -19.84
CA ARG S 313 18.04 -28.19 -19.26
C ARG S 313 16.89 -27.22 -19.01
N LEU S 314 17.19 -26.07 -18.38
CA LEU S 314 16.12 -25.11 -18.10
C LEU S 314 15.50 -24.59 -19.38
N GLN S 315 16.30 -24.30 -20.41
CA GLN S 315 15.71 -23.92 -21.68
C GLN S 315 14.94 -25.05 -22.33
N ASN S 316 15.21 -26.29 -21.96
CA ASN S 316 14.38 -27.40 -22.39
C ASN S 316 13.07 -27.41 -21.61
N THR S 317 12.27 -28.45 -21.83
CA THR S 317 10.96 -28.55 -21.21
C THR S 317 11.02 -29.57 -20.07
N GLN S 318 10.61 -29.13 -18.87
CA GLN S 318 10.61 -29.98 -17.70
C GLN S 318 9.30 -29.85 -16.94
N PRO S 319 8.87 -30.89 -16.24
CA PRO S 319 7.65 -30.77 -15.42
C PRO S 319 7.82 -29.73 -14.33
N TRP S 320 6.76 -28.95 -14.12
CA TRP S 320 6.76 -27.91 -13.09
C TRP S 320 5.38 -27.91 -12.43
N LYS S 321 5.27 -28.65 -11.32
CA LYS S 321 3.99 -28.79 -10.66
C LYS S 321 3.51 -27.47 -10.07
N SER S 322 4.43 -26.55 -9.80
CA SER S 322 4.08 -25.22 -9.32
C SER S 322 4.72 -24.18 -10.23
N PRO S 323 3.92 -23.41 -10.98
CA PRO S 323 4.50 -22.30 -11.74
C PRO S 323 5.21 -21.29 -10.86
N GLY S 324 4.83 -21.18 -9.59
CA GLY S 324 5.57 -20.31 -8.69
C GLY S 324 7.02 -20.73 -8.55
N MET S 325 7.28 -22.01 -8.29
CA MET S 325 8.66 -22.45 -8.17
C MET S 325 9.34 -22.51 -9.54
N GLN S 326 8.56 -22.75 -10.60
CA GLN S 326 9.14 -22.71 -11.94
C GLN S 326 9.66 -21.31 -12.26
N ALA S 327 8.85 -20.30 -12.00
CA ALA S 327 9.28 -18.91 -12.12
C ALA S 327 10.45 -18.63 -11.20
N THR S 328 10.42 -19.19 -9.98
CA THR S 328 11.52 -19.02 -9.05
C THR S 328 12.83 -19.50 -9.64
N VAL S 329 12.83 -20.73 -10.17
CA VAL S 329 14.04 -21.33 -10.71
C VAL S 329 14.51 -20.58 -11.94
N ARG S 330 13.58 -20.17 -12.80
CA ARG S 330 13.98 -19.40 -13.98
C ARG S 330 14.65 -18.09 -13.57
N LEU S 331 14.06 -17.38 -12.61
CA LEU S 331 14.63 -16.12 -12.14
C LEU S 331 16.00 -16.34 -11.52
N ALA S 332 16.13 -17.39 -10.70
CA ALA S 332 17.40 -17.65 -10.02
C ALA S 332 18.51 -17.98 -11.00
N TRP S 333 18.23 -18.86 -11.96
CA TRP S 333 19.24 -19.22 -12.95
C TRP S 333 19.56 -18.03 -13.85
N ALA S 334 18.57 -17.18 -14.09
CA ALA S 334 18.82 -15.96 -14.87
C ALA S 334 19.77 -15.03 -14.15
N LEU S 335 19.55 -14.79 -12.85
CA LEU S 335 20.48 -13.96 -12.09
C LEU S 335 21.86 -14.59 -12.04
N ALA S 336 21.91 -15.92 -11.90
CA ALA S 336 23.20 -16.61 -11.88
C ALA S 336 23.96 -16.39 -13.19
N LEU S 337 23.28 -16.58 -14.32
CA LEU S 337 23.93 -16.40 -15.61
C LEU S 337 24.31 -14.94 -15.83
N ARG S 338 23.48 -14.00 -15.35
CA ARG S 338 23.80 -12.59 -15.47
C ARG S 338 25.06 -12.24 -14.70
N GLY S 339 25.20 -12.78 -13.49
CA GLY S 339 26.43 -12.57 -12.75
C GLY S 339 27.63 -13.24 -13.40
N ILE S 340 27.42 -14.44 -13.97
CA ILE S 340 28.51 -15.17 -14.60
C ILE S 340 29.02 -14.43 -15.83
N SER S 341 28.10 -13.84 -16.61
CA SER S 341 28.45 -13.24 -17.89
C SER S 341 29.45 -12.10 -17.76
N GLN S 342 29.38 -11.30 -16.69
CA GLN S 342 30.23 -10.13 -16.57
C GLN S 342 31.71 -10.50 -16.46
N PHE S 343 32.03 -11.74 -16.03
CA PHE S 343 33.41 -12.14 -15.92
C PHE S 343 33.64 -13.53 -16.51
N SER S 344 32.77 -13.96 -17.42
CA SER S 344 32.96 -15.24 -18.11
C SER S 344 32.86 -15.00 -19.61
N GLU S 345 33.53 -15.86 -20.38
CA GLU S 345 33.54 -15.73 -21.84
C GLU S 345 33.17 -17.04 -22.52
N VAL S 346 33.44 -18.17 -21.86
CA VAL S 346 33.08 -19.47 -22.40
C VAL S 346 32.00 -20.17 -21.59
N LEU S 347 31.86 -19.87 -20.30
CA LEU S 347 30.73 -20.32 -19.50
C LEU S 347 29.68 -19.22 -19.38
N GLU S 348 29.72 -18.24 -20.29
CA GLU S 348 28.87 -17.06 -20.23
C GLU S 348 27.58 -17.31 -21.00
N PHE S 349 26.44 -17.03 -20.37
CA PHE S 349 25.15 -17.05 -21.03
C PHE S 349 24.37 -15.81 -20.64
N SER S 350 23.84 -15.12 -21.64
CA SER S 350 23.04 -13.93 -21.40
C SER S 350 21.82 -13.92 -22.32
N GLU S 351 21.65 -14.99 -23.09
CA GLU S 351 20.56 -15.09 -24.05
C GLU S 351 19.28 -15.61 -23.42
N ALA S 352 19.37 -16.64 -22.59
CA ALA S 352 18.19 -17.24 -21.97
C ALA S 352 17.72 -16.48 -20.74
N ASP S 353 18.52 -15.55 -20.22
CA ASP S 353 18.15 -14.83 -19.01
C ASP S 353 16.88 -14.02 -19.23
N GLU S 354 16.79 -13.32 -20.36
CA GLU S 354 15.62 -12.49 -20.63
C GLU S 354 14.33 -13.29 -20.65
N PRO S 355 14.21 -14.38 -21.42
CA PRO S 355 12.96 -15.17 -21.35
C PRO S 355 12.73 -15.80 -19.98
N MET S 356 13.79 -16.28 -19.33
CA MET S 356 13.62 -16.82 -17.98
C MET S 356 13.06 -15.75 -17.05
N ALA S 357 13.60 -14.53 -17.12
CA ALA S 357 13.14 -13.44 -16.27
C ALA S 357 11.70 -13.07 -16.58
N GLU S 358 11.34 -13.02 -17.86
CA GLU S 358 9.98 -12.66 -18.22
C GLU S 358 8.99 -13.72 -17.74
N ILE S 359 9.34 -15.00 -17.90
CA ILE S 359 8.50 -16.06 -17.37
C ILE S 359 8.37 -15.93 -15.86
N ALA S 360 9.48 -15.62 -15.19
CA ALA S 360 9.47 -15.52 -13.74
C ALA S 360 8.54 -14.41 -13.26
N ILE S 361 8.65 -13.23 -13.86
CA ILE S 361 7.82 -12.10 -13.43
C ILE S 361 6.37 -12.33 -13.81
N GLY S 362 6.12 -12.91 -14.99
CA GLY S 362 4.76 -13.20 -15.40
C GLY S 362 4.08 -14.23 -14.53
N GLY S 363 4.81 -15.22 -14.04
CA GLY S 363 4.28 -16.18 -13.12
C GLY S 363 4.11 -15.65 -11.71
N ASN S 364 4.46 -14.39 -11.48
CA ASN S 364 4.34 -13.75 -10.17
C ASN S 364 5.01 -14.60 -9.09
N VAL S 365 6.25 -14.98 -9.36
CA VAL S 365 7.08 -15.66 -8.37
C VAL S 365 7.11 -14.87 -7.06
N PHE S 366 6.91 -13.56 -7.16
CA PHE S 366 6.99 -12.70 -5.99
C PHE S 366 5.99 -13.12 -4.92
N LEU S 367 4.72 -13.23 -5.30
CA LEU S 367 3.70 -13.65 -4.36
C LEU S 367 3.87 -15.11 -3.95
N PHE S 368 4.35 -15.95 -4.86
CA PHE S 368 4.58 -17.35 -4.51
C PHE S 368 5.60 -17.46 -3.38
N LEU S 369 6.68 -16.70 -3.46
CA LEU S 369 7.69 -16.73 -2.41
C LEU S 369 7.20 -16.00 -1.17
N THR S 370 6.41 -14.95 -1.35
CA THR S 370 5.84 -14.24 -0.22
C THR S 370 4.98 -15.16 0.63
N GLU S 371 4.15 -15.96 -0.04
CA GLU S 371 3.20 -16.83 0.66
C GLU S 371 3.87 -18.10 1.15
N ALA S 372 4.39 -18.91 0.23
CA ALA S 372 4.85 -20.24 0.59
C ALA S 372 6.01 -20.23 1.57
N VAL S 373 7.05 -19.45 1.29
CA VAL S 373 8.27 -19.54 2.08
C VAL S 373 8.16 -18.67 3.32
N VAL S 374 7.96 -17.36 3.12
CA VAL S 374 8.02 -16.44 4.25
C VAL S 374 6.84 -16.63 5.19
N GLY S 375 5.64 -16.82 4.64
CA GLY S 375 4.49 -17.04 5.50
C GLY S 375 4.67 -18.24 6.40
N SER S 376 5.40 -19.24 5.94
CA SER S 376 5.77 -20.34 6.79
C SER S 376 6.69 -19.86 7.91
N GLU S 377 6.37 -20.27 9.13
CA GLU S 377 7.23 -20.00 10.28
C GLU S 377 8.35 -21.03 10.39
N SER S 378 8.33 -22.05 9.53
CA SER S 378 9.48 -22.89 9.30
C SER S 378 10.64 -22.11 8.70
N PHE S 379 10.37 -20.92 8.18
CA PHE S 379 11.34 -20.06 7.54
C PHE S 379 12.12 -19.20 8.53
N CYS S 380 11.71 -19.15 9.79
CA CYS S 380 12.42 -18.38 10.80
C CYS S 380 13.41 -19.23 11.59
N THR S 381 13.61 -20.48 11.18
CA THR S 381 14.43 -21.40 11.95
C THR S 381 15.88 -20.94 12.01
N ASP S 382 16.44 -20.50 10.89
CA ASP S 382 17.83 -20.06 10.83
C ASP S 382 17.93 -18.66 10.27
N GLU S 383 18.90 -17.91 10.80
CA GLU S 383 19.21 -16.58 10.29
C GLU S 383 19.62 -16.66 8.83
N PHE S 384 20.27 -17.76 8.43
CA PHE S 384 20.72 -17.91 7.07
C PHE S 384 19.59 -17.80 6.06
N PHE S 385 18.38 -18.22 6.44
CA PHE S 385 17.23 -18.02 5.57
C PHE S 385 17.04 -16.54 5.28
N ILE S 386 17.04 -15.72 6.33
CA ILE S 386 16.86 -14.28 6.19
C ILE S 386 18.00 -13.69 5.36
N ARG S 387 19.22 -14.14 5.64
CA ARG S 387 20.38 -13.61 4.93
C ARG S 387 20.28 -13.91 3.44
N ARG S 388 19.97 -15.16 3.10
CA ARG S 388 19.87 -15.56 1.71
C ARG S 388 18.79 -14.78 0.99
N ILE S 389 17.62 -14.63 1.61
CA ILE S 389 16.56 -13.89 0.94
C ILE S 389 16.96 -12.44 0.78
N HIS S 390 17.66 -11.87 1.77
CA HIS S 390 18.04 -10.46 1.70
C HIS S 390 19.00 -10.22 0.54
N LYS S 391 20.01 -11.08 0.41
CA LYS S 391 20.92 -10.93 -0.73
C LYS S 391 20.26 -11.28 -2.06
N LEU S 392 19.27 -12.16 -2.06
CA LEU S 392 18.49 -12.33 -3.29
C LEU S 392 17.74 -11.04 -3.64
N VAL S 393 17.19 -10.38 -2.62
CA VAL S 393 16.49 -9.12 -2.79
C VAL S 393 17.41 -8.07 -3.34
N THR S 394 18.62 -7.96 -2.80
CA THR S 394 19.58 -7.00 -3.30
C THR S 394 20.12 -7.40 -4.67
N ASP S 395 20.11 -8.70 -4.99
CA ASP S 395 20.58 -9.19 -6.27
C ASP S 395 19.64 -8.79 -7.40
N PHE S 396 18.34 -8.96 -7.19
CA PHE S 396 17.39 -8.80 -8.29
C PHE S 396 17.52 -7.46 -9.01
N PRO S 397 17.56 -6.30 -8.33
CA PRO S 397 17.56 -5.04 -9.07
C PRO S 397 18.89 -4.70 -9.69
N THR S 398 20.00 -5.01 -9.02
CA THR S 398 21.31 -4.61 -9.52
C THR S 398 21.62 -5.27 -10.86
N LEU S 399 21.24 -6.53 -11.03
CA LEU S 399 21.53 -7.20 -12.30
C LEU S 399 20.61 -6.76 -13.42
N MET S 400 19.36 -6.42 -13.12
CA MET S 400 18.38 -6.02 -14.13
C MET S 400 17.93 -4.56 -13.97
N PRO S 401 18.85 -3.60 -14.06
CA PRO S 401 18.42 -2.19 -14.01
C PRO S 401 17.51 -1.80 -15.17
N MET S 402 17.73 -2.37 -16.35
CA MET S 402 16.85 -2.09 -17.48
C MET S 402 15.44 -2.58 -17.18
N LYS S 403 15.32 -3.77 -16.59
CA LYS S 403 14.01 -4.27 -16.19
C LYS S 403 13.39 -3.40 -15.11
N VAL S 404 14.21 -2.89 -14.18
CA VAL S 404 13.70 -1.98 -13.17
C VAL S 404 13.07 -0.76 -13.83
N LYS S 405 13.78 -0.15 -14.77
CA LYS S 405 13.24 1.04 -15.43
C LYS S 405 11.99 0.70 -16.23
N GLN S 406 12.01 -0.43 -16.95
CA GLN S 406 10.87 -0.84 -17.76
C GLN S 406 9.64 -1.06 -16.91
N LEU S 407 9.80 -1.76 -15.79
CA LEU S 407 8.66 -2.02 -14.90
C LEU S 407 8.19 -0.74 -14.22
N ARG S 408 9.11 0.17 -13.89
CA ARG S 408 8.70 1.44 -13.33
C ARG S 408 7.81 2.20 -14.31
N ASN S 409 8.25 2.28 -15.57
CA ASN S 409 7.46 2.98 -16.57
C ASN S 409 6.15 2.25 -16.84
N ARG S 410 6.17 0.92 -16.79
CA ARG S 410 4.96 0.15 -17.05
C ARG S 410 3.96 0.31 -15.91
N ALA S 411 4.45 0.41 -14.68
CA ALA S 411 3.56 0.72 -13.56
C ALA S 411 2.99 2.13 -13.69
N GLU S 412 3.80 3.08 -14.14
CA GLU S 412 3.30 4.44 -14.33
C GLU S 412 2.21 4.47 -15.41
N GLU S 413 2.42 3.77 -16.52
CA GLU S 413 1.41 3.75 -17.57
C GLU S 413 0.19 2.94 -17.13
N ASP S 414 0.39 1.93 -16.28
CA ASP S 414 -0.76 1.26 -15.67
C ASP S 414 -1.58 2.24 -14.84
N ALA S 415 -0.92 3.09 -14.07
CA ALA S 415 -1.63 4.13 -13.33
C ALA S 415 -2.37 5.05 -14.27
N ARG S 416 -1.74 5.44 -15.38
CA ARG S 416 -2.41 6.31 -16.35
C ARG S 416 -3.64 5.64 -16.94
N LEU S 417 -3.53 4.36 -17.30
CA LEU S 417 -4.65 3.63 -17.86
C LEU S 417 -5.79 3.49 -16.86
N ILE S 418 -5.47 3.19 -15.60
CA ILE S 418 -6.51 3.08 -14.58
C ILE S 418 -7.16 4.44 -14.35
N GLN S 419 -6.36 5.51 -14.39
CA GLN S 419 -6.90 6.84 -14.22
C GLN S 419 -7.90 7.18 -15.32
N MET S 420 -7.53 6.90 -16.57
CA MET S 420 -8.44 7.22 -17.67
C MET S 420 -9.66 6.30 -17.65
N SER S 421 -9.49 5.05 -17.22
CA SER S 421 -10.62 4.14 -17.12
C SER S 421 -11.62 4.61 -16.06
N MET S 422 -11.12 5.06 -14.91
CA MET S 422 -11.99 5.62 -13.89
C MET S 422 -12.66 6.89 -14.37
N GLN S 423 -11.91 7.72 -15.10
CA GLN S 423 -12.48 8.97 -15.63
C GLN S 423 -13.63 8.67 -16.60
N MET S 424 -13.46 7.68 -17.45
CA MET S 424 -14.53 7.27 -18.37
C MET S 424 -15.52 6.32 -17.72
N GLY S 425 -15.34 5.99 -16.45
CA GLY S 425 -16.29 5.12 -15.76
C GLY S 425 -16.18 3.67 -16.14
N ASN S 426 -15.05 3.25 -16.68
CA ASN S 426 -14.83 1.87 -17.08
C ASN S 426 -13.77 1.24 -16.19
N GLU S 427 -13.47 -0.03 -16.48
CA GLU S 427 -12.48 -0.79 -15.76
C GLU S 427 -11.13 -0.67 -16.44
N PRO S 428 -10.03 -0.94 -15.73
CA PRO S 428 -8.72 -0.92 -16.36
C PRO S 428 -8.66 -1.86 -17.55
N PRO S 429 -8.08 -1.42 -18.67
CA PRO S 429 -8.06 -2.26 -19.87
C PRO S 429 -7.23 -3.52 -19.71
N ALA S 430 -7.72 -4.59 -20.31
CA ALA S 430 -7.04 -5.89 -20.36
C ALA S 430 -6.72 -6.35 -18.94
N SER S 431 -5.61 -7.06 -18.79
CA SER S 431 -5.16 -7.58 -17.50
C SER S 431 -4.20 -6.60 -16.85
N LEU S 432 -3.96 -6.81 -15.55
CA LEU S 432 -3.07 -5.97 -14.78
C LEU S 432 -1.87 -6.78 -14.29
N ARG S 433 -0.67 -6.23 -14.51
CA ARG S 433 0.56 -6.78 -13.97
C ARG S 433 1.09 -5.84 -12.91
N ARG S 434 1.31 -6.36 -11.71
CA ARG S 434 1.70 -5.55 -10.55
C ARG S 434 2.92 -6.13 -9.86
N ASP S 435 3.92 -6.56 -10.63
CA ASP S 435 5.06 -7.26 -10.05
C ASP S 435 5.83 -6.38 -9.07
N LEU S 436 6.00 -5.11 -9.39
CA LEU S 436 6.61 -4.20 -8.41
C LEU S 436 5.75 -4.06 -7.17
N GLU S 437 4.42 -4.02 -7.35
CA GLU S 437 3.52 -4.05 -6.21
C GLU S 437 3.75 -5.29 -5.36
N HIS S 438 3.93 -6.45 -6.00
CA HIS S 438 4.21 -7.67 -5.27
C HIS S 438 5.51 -7.55 -4.49
N LEU S 439 6.53 -6.97 -5.12
CA LEU S 439 7.81 -6.79 -4.44
C LEU S 439 7.66 -5.88 -3.23
N LEU S 440 6.92 -4.79 -3.38
CA LEU S 440 6.72 -3.86 -2.28
C LEU S 440 6.01 -4.55 -1.12
N LEU S 441 4.91 -5.24 -1.42
CA LEU S 441 4.21 -5.99 -0.40
C LEU S 441 5.13 -7.00 0.27
N LEU S 442 5.87 -7.77 -0.54
CA LEU S 442 6.73 -8.83 -0.02
C LEU S 442 7.80 -8.30 0.92
N ILE S 443 8.55 -7.28 0.49
CA ILE S 443 9.68 -6.83 1.29
C ILE S 443 9.18 -6.14 2.56
N GLY S 444 8.09 -5.37 2.43
CA GLY S 444 7.49 -4.81 3.62
C GLY S 444 7.13 -5.87 4.64
N GLU S 445 6.43 -6.92 4.19
CA GLU S 445 6.10 -8.01 5.09
C GLU S 445 7.35 -8.67 5.65
N LEU S 446 8.37 -8.81 4.82
CA LEU S 446 9.61 -9.44 5.26
C LEU S 446 10.20 -8.71 6.45
N TYR S 447 10.23 -7.38 6.40
CA TYR S 447 10.95 -6.71 7.47
C TYR S 447 10.01 -6.30 8.61
N ARG S 448 8.95 -7.07 8.86
CA ARG S 448 8.41 -7.18 10.21
C ARG S 448 8.63 -8.56 10.83
N LYS S 449 9.37 -9.44 10.19
CA LYS S 449 9.51 -10.82 10.65
C LYS S 449 10.97 -11.16 10.84
N ASP S 450 11.50 -10.89 12.05
CA ASP S 450 12.83 -11.34 12.43
C ASP S 450 12.96 -11.35 13.95
N PRO S 451 13.30 -12.49 14.55
CA PRO S 451 13.60 -12.50 15.99
C PRO S 451 15.04 -12.09 16.26
N PHE S 452 15.91 -12.33 15.28
CA PHE S 452 17.34 -12.17 15.50
C PHE S 452 17.75 -10.71 15.46
N HIS S 453 16.89 -9.85 14.90
CA HIS S 453 17.16 -8.43 14.78
C HIS S 453 18.44 -8.18 14.00
N LEU S 454 18.48 -8.68 12.76
CA LEU S 454 19.69 -8.62 11.95
C LEU S 454 19.95 -7.23 11.37
N GLU S 455 18.95 -6.34 11.42
CA GLU S 455 19.08 -4.96 10.96
C GLU S 455 19.58 -4.88 9.52
N LEU S 456 19.21 -5.85 8.69
CA LEU S 456 19.64 -5.84 7.31
C LEU S 456 19.00 -4.70 6.54
N ALA S 457 17.94 -4.10 7.08
CA ALA S 457 17.37 -2.90 6.48
C ALA S 457 18.25 -1.68 6.70
N LEU S 458 19.11 -1.71 7.73
CA LEU S 458 20.05 -0.62 7.92
C LEU S 458 20.97 -0.49 6.72
N GLU S 459 21.17 -1.57 5.96
CA GLU S 459 21.85 -1.47 4.69
C GLU S 459 21.15 -0.49 3.75
N TYR S 460 19.85 -0.65 3.57
CA TYR S 460 19.04 0.31 2.85
C TYR S 460 19.02 1.68 3.52
N TRP S 461 19.69 1.82 4.64
CA TRP S 461 19.93 3.11 5.28
C TRP S 461 21.41 3.44 5.24
N CYS S 462 21.83 4.02 4.12
CA CYS S 462 23.21 4.44 3.98
C CYS S 462 23.52 5.56 4.98
N PRO S 463 24.73 5.57 5.53
CA PRO S 463 25.09 6.61 6.49
C PRO S 463 25.46 7.92 5.83
N THR S 464 25.35 7.99 4.50
CA THR S 464 25.41 9.27 3.83
C THR S 464 24.20 10.13 4.21
N GLU S 465 23.05 9.48 4.48
CA GLU S 465 21.85 10.15 4.95
C GLU S 465 22.14 10.87 6.27
N PRO S 466 21.83 12.17 6.35
CA PRO S 466 22.08 12.90 7.60
C PRO S 466 21.20 12.36 8.74
N LEU S 467 21.82 11.68 9.68
CA LEU S 467 21.13 11.17 10.86
C LEU S 467 22.13 10.87 11.97
N GLN S 468 21.83 11.23 13.21
CA GLN S 468 22.76 11.05 14.31
C GLN S 468 22.00 10.70 15.59
N SER S 469 22.63 9.89 16.42
CA SER S 469 22.11 9.52 17.72
C SER S 469 23.26 9.44 18.71
N THR S 470 22.93 9.19 19.97
CA THR S 470 23.95 9.07 21.00
C THR S 470 24.71 7.75 20.91
N SER S 471 24.43 6.95 19.89
CA SER S 471 25.21 5.77 19.58
C SER S 471 25.84 5.84 18.19
N LEU S 472 25.52 6.86 17.40
CA LEU S 472 25.97 6.96 16.02
C LEU S 472 27.28 7.69 15.86
N MET S 473 27.98 8.00 16.95
CA MET S 473 29.32 8.56 16.84
C MET S 473 30.34 7.57 16.31
N GLY S 474 30.06 6.26 16.42
CA GLY S 474 30.91 5.26 15.83
C GLY S 474 30.72 5.20 14.34
N SER S 475 29.67 5.84 13.84
CA SER S 475 29.42 5.98 12.42
C SER S 475 30.11 7.24 11.89
N PHE S 476 30.02 7.44 10.58
CA PHE S 476 30.59 8.61 9.93
C PHE S 476 29.54 9.68 9.68
N LEU S 477 28.61 9.83 10.62
CA LEU S 477 27.67 10.94 10.63
C LEU S 477 28.00 11.94 11.73
N GLY S 478 29.12 11.73 12.42
CA GLY S 478 29.70 12.71 13.30
C GLY S 478 31.08 13.06 12.79
N VAL S 479 31.55 12.26 11.84
CA VAL S 479 32.83 12.47 11.16
C VAL S 479 32.57 12.41 9.66
N ALA S 480 33.19 13.32 8.92
CA ALA S 480 32.84 13.52 7.52
C ALA S 480 33.07 12.27 6.68
N HIS S 481 32.13 12.05 5.75
CA HIS S 481 32.28 11.15 4.59
C HIS S 481 32.16 9.67 4.92
N GLN S 482 31.34 8.96 4.14
CA GLN S 482 31.26 7.50 4.12
C GLN S 482 30.43 7.03 2.93
N ARG S 483 30.95 6.06 2.17
CA ARG S 483 30.25 5.57 0.98
C ARG S 483 30.08 4.06 1.04
N PRO S 484 28.85 3.56 1.11
CA PRO S 484 28.63 2.10 1.15
C PRO S 484 29.00 1.44 -0.16
N PRO S 485 28.95 0.11 -0.23
CA PRO S 485 29.22 -0.57 -1.52
C PRO S 485 28.20 -0.19 -2.58
N GLN S 486 28.64 -0.31 -3.84
CA GLN S 486 27.90 0.24 -4.97
C GLN S 486 26.49 -0.31 -5.06
N ARG S 487 26.32 -1.61 -4.81
CA ARG S 487 25.02 -2.25 -4.98
C ARG S 487 24.00 -1.67 -4.00
N GLN S 488 24.36 -1.62 -2.72
CA GLN S 488 23.43 -1.11 -1.72
C GLN S 488 23.26 0.40 -1.86
N VAL S 489 24.29 1.10 -2.31
CA VAL S 489 24.13 2.51 -2.62
C VAL S 489 23.07 2.69 -3.69
N LEU S 490 23.15 1.91 -4.77
CA LEU S 490 22.16 1.98 -5.82
C LEU S 490 20.76 1.65 -5.29
N LEU S 491 20.66 0.61 -4.46
CA LEU S 491 19.36 0.20 -3.96
C LEU S 491 18.73 1.29 -3.09
N SER S 492 19.44 1.73 -2.05
CA SER S 492 18.88 2.72 -1.14
C SER S 492 18.72 4.07 -1.82
N LYS S 493 19.54 4.36 -2.85
CA LYS S 493 19.39 5.60 -3.58
C LYS S 493 18.14 5.57 -4.44
N PHE S 494 17.92 4.46 -5.16
CA PHE S 494 16.69 4.30 -5.92
C PHE S 494 15.48 4.39 -4.98
N VAL S 495 15.65 3.90 -3.75
CA VAL S 495 14.65 4.10 -2.71
C VAL S 495 14.43 5.59 -2.44
N ARG S 496 15.54 6.33 -2.31
CA ARG S 496 15.45 7.74 -1.96
C ARG S 496 14.75 8.54 -3.05
N GLN S 497 14.95 8.14 -4.31
CA GLN S 497 14.20 8.80 -5.39
C GLN S 497 12.74 8.36 -5.41
N MET S 498 12.47 7.08 -5.17
CA MET S 498 11.08 6.65 -5.05
C MET S 498 10.37 7.34 -3.89
N SER S 499 11.12 7.91 -2.95
CA SER S 499 10.48 8.76 -1.95
C SER S 499 9.80 9.96 -2.60
N ASP S 500 10.18 10.30 -3.83
CA ASP S 500 9.80 11.55 -4.46
C ASP S 500 9.05 11.35 -5.78
N LEU S 501 8.88 10.10 -6.22
CA LEU S 501 8.20 9.83 -7.48
C LEU S 501 7.28 8.63 -7.31
N LEU S 502 5.97 8.82 -7.46
CA LEU S 502 5.02 7.78 -7.16
C LEU S 502 3.75 7.88 -7.98
N PRO S 503 3.33 6.81 -8.67
CA PRO S 503 1.98 6.72 -9.19
C PRO S 503 1.02 6.13 -8.17
N ALA S 504 -0.22 6.63 -8.20
CA ALA S 504 -1.17 6.34 -7.12
C ALA S 504 -1.51 4.86 -7.02
N THR S 505 -1.40 4.10 -8.12
CA THR S 505 -1.70 2.68 -8.06
C THR S 505 -0.73 1.92 -7.16
N LEU S 506 0.51 2.39 -7.04
CA LEU S 506 1.51 1.77 -6.20
C LEU S 506 1.63 2.44 -4.83
N TYR S 507 0.72 3.36 -4.53
CA TYR S 507 0.79 4.13 -3.30
C TYR S 507 0.82 3.23 -2.08
N LEU S 508 -0.02 2.20 -2.08
CA LEU S 508 -0.13 1.34 -0.89
C LEU S 508 1.03 0.35 -0.76
N PRO S 509 1.39 -0.44 -1.78
CA PRO S 509 2.51 -1.38 -1.59
C PRO S 509 3.80 -0.68 -1.24
N TYR S 510 3.98 0.52 -1.79
CA TYR S 510 5.05 1.40 -1.33
C TYR S 510 4.89 1.69 0.16
N LEU S 511 3.65 1.86 0.61
CA LEU S 511 3.45 2.01 2.05
C LEU S 511 3.81 0.72 2.79
N LYS S 512 3.81 -0.42 2.10
CA LYS S 512 4.26 -1.66 2.72
C LYS S 512 5.77 -1.69 2.86
N MET S 513 6.49 -1.27 1.81
CA MET S 513 7.85 -0.77 2.01
C MET S 513 7.97 0.00 3.32
N LEU S 514 7.11 1.00 3.48
CA LEU S 514 7.26 1.91 4.60
C LEU S 514 7.11 1.18 5.93
N ARG S 515 6.08 0.34 6.06
CA ARG S 515 5.84 -0.30 7.35
C ARG S 515 6.83 -1.41 7.61
N GLY S 516 7.30 -2.08 6.55
CA GLY S 516 8.41 -3.00 6.72
C GLY S 516 9.58 -2.28 7.34
N LEU S 517 10.09 -1.27 6.63
CA LEU S 517 11.24 -0.51 7.10
C LEU S 517 10.98 0.20 8.42
N ALA S 518 9.73 0.36 8.81
CA ALA S 518 9.35 1.01 10.06
C ALA S 518 9.67 0.17 11.29
N SER S 519 10.04 -1.10 11.10
CA SER S 519 10.43 -1.95 12.20
C SER S 519 11.85 -1.62 12.63
N GLY S 520 12.10 -1.69 13.93
CA GLY S 520 13.42 -1.42 14.47
C GLY S 520 13.63 0.05 14.75
N PRO S 521 14.34 0.35 15.85
CA PRO S 521 14.48 1.76 16.23
C PRO S 521 15.35 2.57 15.30
N GLN S 522 16.54 2.08 14.95
CA GLN S 522 17.43 2.88 14.12
C GLN S 522 16.93 2.98 12.69
N CYS S 523 16.42 1.87 12.13
CA CYS S 523 15.79 1.93 10.82
C CYS S 523 14.60 2.87 10.84
N ALA S 524 13.86 2.88 11.96
CA ALA S 524 12.75 3.81 12.11
C ALA S 524 13.24 5.25 12.10
N HIS S 525 14.34 5.54 12.78
CA HIS S 525 14.90 6.89 12.76
C HIS S 525 15.35 7.27 11.35
N TYR S 526 15.94 6.33 10.63
CA TYR S 526 16.35 6.59 9.26
C TYR S 526 15.15 6.88 8.37
N CYS S 527 14.09 6.10 8.50
CA CYS S 527 12.89 6.33 7.71
C CYS S 527 12.22 7.63 8.13
N PHE S 528 12.30 7.98 9.41
CA PHE S 528 11.87 9.29 9.86
C PHE S 528 12.63 10.38 9.13
N SER S 529 13.94 10.23 9.03
CA SER S 529 14.74 11.20 8.31
C SER S 529 14.31 11.28 6.85
N LEU S 530 14.05 10.12 6.24
CA LEU S 530 13.66 10.09 4.85
C LEU S 530 12.33 10.77 4.63
N LEU S 531 11.38 10.57 5.54
CA LEU S 531 10.10 11.23 5.37
C LEU S 531 10.20 12.71 5.71
N LYS S 532 11.15 13.09 6.58
CA LYS S 532 11.41 14.51 6.81
C LYS S 532 11.90 15.16 5.54
N ALA S 533 12.77 14.46 4.81
CA ALA S 533 13.12 14.89 3.46
C ALA S 533 11.88 14.98 2.59
N ASN S 534 10.99 14.00 2.73
CA ASN S 534 9.69 14.10 2.07
C ASN S 534 8.80 15.15 2.71
N GLY S 535 9.15 15.61 3.91
CA GLY S 535 8.44 16.71 4.54
C GLY S 535 8.85 18.07 3.99
N GLY S 536 8.34 19.14 4.57
CA GLY S 536 8.62 20.48 4.09
C GLY S 536 7.78 20.87 2.90
N SER S 537 7.76 22.17 2.56
CA SER S 537 7.00 22.61 1.40
C SER S 537 7.65 22.09 0.12
N SER S 538 6.81 21.63 -0.80
CA SER S 538 7.31 20.99 -2.01
C SER S 538 6.22 21.06 -3.08
N ALA S 539 6.40 20.27 -4.14
CA ALA S 539 5.37 20.08 -5.15
C ALA S 539 5.39 18.62 -5.60
N GLU S 540 6.20 17.81 -4.93
CA GLU S 540 6.38 16.41 -5.32
C GLU S 540 5.92 15.44 -4.24
N ASN S 541 5.64 15.93 -3.03
CA ASN S 541 4.99 15.09 -2.04
C ASN S 541 3.55 15.54 -1.88
N LEU S 542 3.15 16.54 -2.67
CA LEU S 542 1.78 17.03 -2.71
C LEU S 542 0.95 16.35 -3.79
N GLN S 543 1.57 15.49 -4.59
CA GLN S 543 0.92 14.87 -5.73
C GLN S 543 0.72 13.38 -5.49
N ALA S 544 -0.42 12.87 -5.95
CA ALA S 544 -0.68 11.44 -5.94
C ALA S 544 -0.14 10.73 -7.16
N ALA S 545 0.32 11.49 -8.17
CA ALA S 545 0.94 10.93 -9.37
C ALA S 545 2.26 11.66 -9.60
N GLY S 546 3.32 10.91 -9.87
CA GLY S 546 4.63 11.48 -10.02
C GLY S 546 5.33 11.81 -8.72
N GLY S 547 4.70 11.53 -7.59
CA GLY S 547 5.29 11.81 -6.29
C GLY S 547 4.44 11.19 -5.20
N SER S 548 4.94 11.28 -3.98
CA SER S 548 4.23 10.56 -2.94
C SER S 548 3.26 11.47 -2.19
N PRO S 549 1.95 11.25 -2.32
CA PRO S 549 1.00 12.07 -1.55
C PRO S 549 1.02 11.69 -0.09
N VAL S 550 2.20 11.83 0.53
CA VAL S 550 2.40 11.43 1.90
C VAL S 550 3.65 12.10 2.44
N SER S 551 3.53 12.62 3.66
CA SER S 551 4.61 13.20 4.44
C SER S 551 3.96 13.54 5.77
N TRP S 552 4.71 14.00 6.77
CA TRP S 552 4.01 14.56 7.92
C TRP S 552 3.17 15.74 7.48
N ASP S 553 3.73 16.57 6.61
CA ASP S 553 2.99 17.71 6.09
C ASP S 553 1.75 17.25 5.34
N HIS S 554 1.92 16.29 4.42
CA HIS S 554 0.79 15.85 3.60
C HIS S 554 -0.31 15.24 4.47
N PHE S 555 0.06 14.26 5.30
CA PHE S 555 -0.91 13.57 6.12
C PHE S 555 -1.56 14.52 7.12
N PHE S 556 -0.80 15.49 7.63
CA PHE S 556 -1.34 16.40 8.61
C PHE S 556 -2.29 17.42 7.99
N HIS S 557 -1.98 17.97 6.80
CA HIS S 557 -2.96 18.86 6.23
C HIS S 557 -4.21 18.08 5.85
N SER S 558 -4.04 16.85 5.37
CA SER S 558 -5.20 16.01 5.07
C SER S 558 -6.07 15.82 6.31
N LEU S 559 -5.44 15.49 7.45
CA LEU S 559 -6.20 15.28 8.67
C LEU S 559 -6.86 16.57 9.16
N MET S 560 -6.13 17.68 9.14
CA MET S 560 -6.68 18.92 9.68
C MET S 560 -7.86 19.39 8.82
N LEU S 561 -7.76 19.20 7.50
CA LEU S 561 -8.87 19.58 6.64
C LEU S 561 -10.06 18.64 6.83
N TYR S 562 -9.80 17.34 6.96
CA TYR S 562 -10.86 16.40 7.34
C TYR S 562 -11.56 16.89 8.60
N HIS S 563 -10.78 17.25 9.62
CA HIS S 563 -11.34 17.59 10.92
C HIS S 563 -12.11 18.90 10.86
N GLU S 564 -11.57 19.91 10.19
CA GLU S 564 -12.28 21.17 10.07
C GLU S 564 -13.59 20.97 9.30
N HIS S 565 -13.54 20.17 8.25
CA HIS S 565 -14.76 19.85 7.52
C HIS S 565 -15.77 19.18 8.44
N LEU S 566 -15.31 18.23 9.25
CA LEU S 566 -16.24 17.48 10.08
C LEU S 566 -16.71 18.31 11.27
N ARG S 567 -15.95 19.32 11.68
CA ARG S 567 -16.43 20.22 12.73
C ARG S 567 -17.38 21.28 12.16
N ARG S 568 -17.35 21.47 10.84
CA ARG S 568 -18.44 22.21 10.21
C ARG S 568 -19.65 21.31 9.97
N ASP S 569 -19.43 20.02 9.74
CA ASP S 569 -20.48 19.03 9.54
C ASP S 569 -21.08 18.53 10.85
N LEU S 570 -20.47 18.89 11.96
CA LEU S 570 -20.90 18.53 13.31
C LEU S 570 -20.80 19.80 14.14
N PRO S 571 -21.19 19.78 15.43
CA PRO S 571 -21.07 21.00 16.24
C PRO S 571 -19.63 21.32 16.59
N ASN S 572 -19.47 22.39 17.36
CA ASN S 572 -18.18 22.80 17.88
C ASN S 572 -17.73 21.86 19.00
N THR S 573 -16.62 22.21 19.62
CA THR S 573 -16.07 21.40 20.71
C THR S 573 -17.05 21.28 21.86
N ASP S 574 -16.75 20.38 22.79
CA ASP S 574 -17.59 20.08 23.94
C ASP S 574 -18.94 19.57 23.44
N ASN S 575 -18.92 18.82 22.35
CA ASN S 575 -20.12 18.20 21.79
C ASN S 575 -19.71 16.94 21.04
N ILE S 576 -20.70 16.11 20.73
CA ILE S 576 -20.52 14.90 19.94
C ILE S 576 -21.28 14.96 18.63
N HIS S 577 -22.52 15.48 18.66
CA HIS S 577 -23.41 15.44 17.50
C HIS S 577 -24.38 16.61 17.54
N GLN S 578 -24.76 17.08 16.36
CA GLN S 578 -25.75 18.14 16.18
C GLN S 578 -26.10 18.22 14.70
N ARG S 579 -27.31 18.71 14.43
CA ARG S 579 -27.78 18.88 13.06
C ARG S 579 -26.90 19.90 12.34
N HIS S 580 -26.34 19.50 11.20
CA HIS S 580 -25.34 20.26 10.50
C HIS S 580 -25.30 19.81 9.05
N PRO S 581 -24.55 20.50 8.20
CA PRO S 581 -24.37 20.03 6.81
C PRO S 581 -23.75 18.64 6.77
N PRO S 582 -24.04 17.85 5.73
CA PRO S 582 -23.53 16.48 5.66
C PRO S 582 -22.01 16.39 5.65
N LEU S 583 -21.48 15.27 6.15
CA LEU S 583 -20.05 15.11 6.28
C LEU S 583 -19.39 14.91 4.93
N ARG S 584 -18.07 14.78 4.96
CA ARG S 584 -17.32 14.44 3.75
C ARG S 584 -17.57 13.01 3.35
N GLY S 585 -17.58 12.77 2.04
CA GLY S 585 -17.68 11.42 1.51
C GLY S 585 -16.38 10.66 1.62
N ILE S 586 -16.44 9.40 2.02
CA ILE S 586 -15.26 8.56 2.19
C ILE S 586 -15.34 7.41 1.19
N THR S 587 -14.25 7.22 0.45
CA THR S 587 -14.08 6.08 -0.42
C THR S 587 -13.38 4.97 0.32
N GLN S 588 -13.63 3.73 -0.11
CA GLN S 588 -12.89 2.60 0.44
C GLN S 588 -11.41 2.77 0.21
N ARG S 589 -11.02 3.43 -0.88
CA ARG S 589 -9.61 3.73 -1.09
C ARG S 589 -9.11 4.71 -0.05
N GLU S 590 -9.91 5.71 0.30
CA GLU S 590 -9.55 6.60 1.40
C GLU S 590 -9.36 5.82 2.68
N LEU S 591 -10.26 4.87 2.94
CA LEU S 591 -10.14 4.02 4.13
C LEU S 591 -8.83 3.25 4.13
N ASP S 592 -8.52 2.58 3.01
CA ASP S 592 -7.31 1.78 2.93
C ASP S 592 -6.08 2.64 3.16
N GLY S 593 -6.01 3.79 2.48
CA GLY S 593 -4.85 4.65 2.65
C GLY S 593 -4.71 5.14 4.08
N LEU S 594 -5.81 5.59 4.68
CA LEU S 594 -5.74 6.11 6.04
C LEU S 594 -5.29 5.03 7.02
N ILE S 595 -5.92 3.85 6.97
CA ILE S 595 -5.60 2.82 7.95
C ILE S 595 -4.16 2.35 7.77
N ALA S 596 -3.71 2.19 6.51
CA ALA S 596 -2.35 1.78 6.28
C ALA S 596 -1.36 2.81 6.80
N CYS S 597 -1.57 4.08 6.45
CA CYS S 597 -0.67 5.13 6.90
C CYS S 597 -0.63 5.20 8.42
N LEU S 598 -1.76 4.94 9.07
CA LEU S 598 -1.78 4.90 10.52
C LEU S 598 -0.96 3.74 11.06
N GLN S 599 -1.03 2.59 10.40
CA GLN S 599 -0.16 1.47 10.79
C GLN S 599 1.31 1.88 10.72
N LEU S 600 1.68 2.52 9.60
CA LEU S 600 3.04 3.01 9.45
C LEU S 600 3.42 3.97 10.56
N THR S 601 2.55 4.94 10.85
CA THR S 601 2.85 5.96 11.83
C THR S 601 3.03 5.33 13.21
N CYS S 602 2.17 4.38 13.56
CA CYS S 602 2.28 3.71 14.85
C CYS S 602 3.60 2.95 14.95
N THR S 603 3.97 2.23 13.89
CA THR S 603 5.23 1.51 13.90
C THR S 603 6.39 2.47 14.13
N ILE S 604 6.37 3.59 13.42
CA ILE S 604 7.46 4.54 13.48
C ILE S 604 7.55 5.16 14.87
N ILE S 605 6.42 5.61 15.41
CA ILE S 605 6.44 6.27 16.71
C ILE S 605 6.81 5.29 17.81
N ASP S 606 6.40 4.03 17.70
CA ASP S 606 6.88 3.02 18.63
C ASP S 606 8.39 2.91 18.57
N TRP S 607 8.93 2.58 17.40
CA TRP S 607 10.36 2.30 17.33
C TRP S 607 11.24 3.52 17.53
N SER S 608 10.71 4.73 17.34
CA SER S 608 11.48 5.96 17.44
C SER S 608 10.78 6.89 18.41
N GLU S 609 11.43 7.12 19.56
CA GLU S 609 10.92 8.10 20.50
C GLU S 609 11.11 9.51 19.98
N SER S 610 12.14 9.71 19.15
CA SER S 610 12.41 11.03 18.59
C SER S 610 11.26 11.49 17.70
N ALA S 611 10.78 10.62 16.83
CA ALA S 611 9.63 10.98 16.01
C ALA S 611 8.40 11.24 16.87
N ARG S 612 8.22 10.44 17.91
CA ARG S 612 7.11 10.63 18.82
C ARG S 612 7.12 12.01 19.46
N LEU S 613 8.26 12.40 20.02
CA LEU S 613 8.38 13.72 20.64
C LEU S 613 8.23 14.82 19.60
N ALA S 614 8.79 14.61 18.41
CA ALA S 614 8.65 15.60 17.35
C ALA S 614 7.19 15.83 17.01
N LEU S 615 6.43 14.75 16.90
CA LEU S 615 5.00 14.88 16.60
C LEU S 615 4.25 15.56 17.73
N CYS S 616 4.53 15.19 18.98
CA CYS S 616 3.77 15.79 20.07
C CYS S 616 4.11 17.27 20.22
N GLU S 617 5.30 17.67 19.76
CA GLU S 617 5.71 19.06 19.91
C GLU S 617 5.23 19.96 18.78
N HIS S 618 4.61 19.43 17.73
CA HIS S 618 4.34 20.24 16.55
C HIS S 618 3.24 21.25 16.84
N ALA S 619 3.64 22.48 17.14
CA ALA S 619 2.74 23.55 17.53
C ALA S 619 1.76 23.93 16.43
N GLN S 620 2.08 23.64 15.17
CA GLN S 620 1.17 23.96 14.08
C GLN S 620 0.31 22.79 13.64
N TRP S 621 0.32 21.70 14.38
CA TRP S 621 -0.60 20.59 14.11
C TRP S 621 -1.47 20.20 15.30
N MET S 622 -0.91 20.21 16.53
CA MET S 622 -1.68 19.83 17.71
C MET S 622 -2.57 18.62 17.50
N PRO S 623 -2.00 17.47 17.14
CA PRO S 623 -2.84 16.28 16.94
C PRO S 623 -3.58 15.89 18.20
N VAL S 624 -3.16 16.38 19.36
CA VAL S 624 -3.92 16.15 20.58
C VAL S 624 -5.34 16.69 20.46
N VAL S 625 -5.48 18.00 20.28
CA VAL S 625 -6.80 18.60 20.16
C VAL S 625 -7.48 18.12 18.87
N VAL S 626 -6.69 17.88 17.83
CA VAL S 626 -7.27 17.35 16.60
C VAL S 626 -8.00 16.03 16.88
N ILE S 627 -7.32 15.10 17.53
CA ILE S 627 -7.89 13.78 17.76
C ILE S 627 -8.98 13.88 18.82
N LEU S 628 -8.88 14.89 19.70
CA LEU S 628 -10.00 15.16 20.61
C LEU S 628 -11.26 15.45 19.84
N GLY S 629 -11.21 16.38 18.90
CA GLY S 629 -12.37 16.65 18.07
C GLY S 629 -12.78 15.45 17.24
N LEU S 630 -11.79 14.69 16.76
CA LEU S 630 -12.08 13.54 15.91
C LEU S 630 -12.86 12.47 16.68
N LEU S 631 -12.47 12.18 17.91
CA LEU S 631 -13.20 11.20 18.69
C LEU S 631 -14.52 11.76 19.21
N GLN S 632 -14.59 13.08 19.42
CA GLN S 632 -15.89 13.69 19.62
C GLN S 632 -16.82 13.49 18.43
N CYS S 633 -16.26 13.45 17.22
CA CYS S 633 -17.03 13.12 16.04
C CYS S 633 -17.50 11.67 16.09
N SER S 634 -18.66 11.41 15.50
CA SER S 634 -19.23 10.08 15.40
C SER S 634 -19.04 9.59 13.98
N ILE S 635 -18.44 8.40 13.84
CA ILE S 635 -18.04 7.91 12.52
C ILE S 635 -17.98 6.40 12.58
N PRO S 636 -17.94 5.69 11.45
CA PRO S 636 -17.49 4.31 11.48
C PRO S 636 -16.26 4.18 12.32
N PRO S 637 -16.36 3.55 13.49
CA PRO S 637 -15.36 3.75 14.54
C PRO S 637 -14.05 3.04 14.27
N LEU S 638 -13.84 2.50 13.08
CA LEU S 638 -12.54 1.95 12.74
C LEU S 638 -11.46 3.01 12.92
N LEU S 639 -11.69 4.21 12.38
CA LEU S 639 -10.70 5.26 12.50
C LEU S 639 -10.68 5.84 13.91
N LYS S 640 -11.81 5.81 14.61
CA LYS S 640 -11.81 6.22 16.01
C LYS S 640 -10.90 5.32 16.83
N ALA S 641 -10.99 4.01 16.58
CA ALA S 641 -10.09 3.04 17.18
C ALA S 641 -8.64 3.32 16.82
N GLU S 642 -8.41 3.68 15.54
CA GLU S 642 -7.06 4.02 15.14
C GLU S 642 -6.54 5.21 15.93
N LEU S 643 -7.38 6.23 16.11
CA LEU S 643 -7.04 7.37 16.95
C LEU S 643 -6.66 6.91 18.35
N LEU S 644 -7.45 5.99 18.90
CA LEU S 644 -7.20 5.52 20.25
C LEU S 644 -5.85 4.82 20.34
N LYS S 645 -5.53 3.95 19.38
CA LYS S 645 -4.27 3.22 19.46
C LYS S 645 -3.10 4.15 19.22
N THR S 646 -3.29 5.18 18.39
CA THR S 646 -2.27 6.20 18.25
C THR S 646 -2.02 6.91 19.56
N LEU S 647 -3.09 7.28 20.28
CA LEU S 647 -2.91 7.92 21.58
C LEU S 647 -2.21 6.98 22.56
N ALA S 648 -2.51 5.69 22.46
CA ALA S 648 -1.81 4.70 23.28
C ALA S 648 -0.32 4.70 22.99
N ALA S 649 0.04 4.75 21.70
CA ALA S 649 1.45 4.78 21.35
C ALA S 649 2.09 6.11 21.72
N PHE S 650 1.29 7.17 21.84
CA PHE S 650 1.83 8.46 22.26
C PHE S 650 2.11 8.48 23.75
N GLY S 651 1.22 7.91 24.55
CA GLY S 651 1.36 7.94 26.00
C GLY S 651 2.64 7.36 26.55
N LYS S 652 3.49 6.79 25.69
CA LYS S 652 4.75 6.22 26.15
C LYS S 652 5.63 7.29 26.78
N SER S 653 5.44 8.54 26.40
CA SER S 653 6.10 9.64 27.08
C SER S 653 5.34 9.96 28.36
N PRO S 654 6.00 9.95 29.53
CA PRO S 654 5.25 10.06 30.79
C PRO S 654 4.50 11.37 30.95
N GLU S 655 5.10 12.49 30.58
CA GLU S 655 4.38 13.75 30.68
C GLU S 655 3.33 13.86 29.59
N ILE S 656 3.61 13.31 28.41
CA ILE S 656 2.56 13.16 27.42
C ILE S 656 1.46 12.27 27.93
N ALA S 657 1.83 11.22 28.69
CA ALA S 657 0.82 10.37 29.31
C ALA S 657 -0.05 11.16 30.28
N ALA S 658 0.58 12.01 31.09
CA ALA S 658 -0.18 12.81 32.05
C ALA S 658 -1.10 13.80 31.34
N SER S 659 -0.59 14.43 30.29
CA SER S 659 -1.42 15.33 29.50
C SER S 659 -2.61 14.60 28.90
N LEU S 660 -2.39 13.40 28.38
CA LEU S 660 -3.50 12.60 27.84
C LEU S 660 -4.50 12.26 28.93
N TRP S 661 -4.00 11.87 30.11
CA TRP S 661 -4.87 11.52 31.22
C TRP S 661 -5.79 12.69 31.59
N GLN S 662 -5.19 13.86 31.83
CA GLN S 662 -5.99 15.02 32.22
C GLN S 662 -6.88 15.49 31.08
N SER S 663 -6.40 15.41 29.84
CA SER S 663 -7.22 15.82 28.71
C SER S 663 -8.44 14.93 28.58
N LEU S 664 -8.23 13.62 28.69
CA LEU S 664 -9.34 12.69 28.51
C LEU S 664 -10.33 12.83 29.66
N GLU S 665 -9.84 13.10 30.87
CA GLU S 665 -10.78 13.32 31.98
C GLU S 665 -11.60 14.58 31.74
N TYR S 666 -10.98 15.62 31.19
CA TYR S 666 -11.76 16.80 30.84
C TYR S 666 -12.81 16.47 29.77
N THR S 667 -12.42 15.69 28.76
CA THR S 667 -13.32 15.38 27.65
C THR S 667 -14.48 14.48 28.04
N GLN S 668 -14.23 13.46 28.85
CA GLN S 668 -15.23 12.44 29.16
C GLN S 668 -15.75 11.83 27.86
N ILE S 669 -14.88 11.11 27.16
CA ILE S 669 -15.28 10.45 25.91
C ILE S 669 -16.36 9.45 26.21
N LEU S 670 -16.04 8.44 27.02
CA LEU S 670 -17.02 7.54 27.56
C LEU S 670 -17.74 8.21 28.73
N GLN S 671 -18.36 7.39 29.57
CA GLN S 671 -19.34 7.91 30.51
C GLN S 671 -18.75 8.04 31.90
N THR S 672 -18.55 9.28 32.36
CA THR S 672 -17.93 9.54 33.66
C THR S 672 -18.89 10.22 34.63
N VAL S 673 -19.44 11.38 34.26
CA VAL S 673 -20.39 12.11 35.08
C VAL S 673 -21.79 11.86 34.56
N ARG S 674 -22.69 11.42 35.44
CA ARG S 674 -24.04 11.04 35.03
C ARG S 674 -25.03 12.19 35.20
N ALA S 675 -24.54 13.37 35.57
CA ALA S 675 -25.40 14.55 35.55
C ALA S 675 -25.87 14.79 34.12
N THR S 676 -27.16 15.10 33.96
CA THR S 676 -27.73 15.26 32.64
C THR S 676 -27.21 16.53 31.98
N GLY S 677 -27.62 16.72 30.72
CA GLY S 677 -27.14 17.83 29.93
C GLY S 677 -26.44 17.34 28.68
N LEU S 678 -26.71 16.08 28.32
CA LEU S 678 -26.00 15.41 27.25
C LEU S 678 -26.71 14.10 26.96
N ARG S 679 -26.18 13.37 25.97
CA ARG S 679 -26.57 11.99 25.74
C ARG S 679 -25.51 11.10 26.38
N GLN S 680 -25.76 10.67 27.61
CA GLN S 680 -24.81 9.88 28.38
C GLN S 680 -25.11 8.39 28.21
N GLY S 681 -24.20 7.57 28.73
CA GLY S 681 -24.30 6.14 28.56
C GLY S 681 -23.96 5.67 27.17
N VAL S 682 -23.02 6.33 26.50
CA VAL S 682 -22.71 6.05 25.10
C VAL S 682 -21.24 5.67 24.99
N GLY S 683 -20.85 5.28 23.78
CA GLY S 683 -19.47 4.99 23.48
C GLY S 683 -19.29 3.56 22.99
N ILE S 684 -18.10 3.02 23.23
CA ILE S 684 -17.75 1.67 22.81
C ILE S 684 -18.80 0.67 23.23
N GLU S 685 -19.50 0.93 24.33
CA GLU S 685 -20.60 0.07 24.73
C GLU S 685 -21.56 -0.15 23.58
N VAL S 686 -22.01 0.95 22.96
CA VAL S 686 -23.01 0.88 21.91
C VAL S 686 -22.49 0.07 20.74
N GLU S 687 -21.39 0.52 20.14
CA GLU S 687 -20.86 -0.14 18.96
C GLU S 687 -20.52 -1.60 19.23
N LEU S 688 -20.11 -1.92 20.45
CA LEU S 688 -19.98 -3.32 20.82
C LEU S 688 -21.31 -4.03 20.74
N ASN S 689 -22.37 -3.38 21.23
CA ASN S 689 -23.69 -3.99 21.14
C ASN S 689 -24.05 -4.29 19.70
N GLU S 690 -23.86 -3.34 18.80
CA GLU S 690 -24.28 -3.59 17.42
C GLU S 690 -23.28 -4.38 16.61
N ILE S 691 -22.12 -3.80 16.31
CA ILE S 691 -21.36 -4.19 15.13
C ILE S 691 -20.38 -5.31 15.44
N GLU S 692 -19.54 -5.10 16.46
CA GLU S 692 -18.55 -6.12 16.81
C GLU S 692 -19.21 -7.47 16.99
N SER S 693 -20.38 -7.49 17.61
CA SER S 693 -21.13 -8.73 17.78
C SER S 693 -21.39 -9.41 16.44
N ARG S 694 -21.88 -8.67 15.45
CA ARG S 694 -22.11 -9.25 14.15
C ARG S 694 -20.83 -9.74 13.50
N CYS S 695 -19.76 -8.96 13.61
CA CYS S 695 -18.51 -9.35 12.98
C CYS S 695 -17.96 -10.64 13.59
N GLU S 696 -18.14 -10.82 14.89
CA GLU S 696 -17.50 -11.81 15.75
C GLU S 696 -16.06 -11.43 16.04
N GLU S 697 -15.62 -10.25 15.59
CA GLU S 697 -14.29 -9.74 15.88
C GLU S 697 -14.42 -8.45 16.69
N TYR S 698 -13.63 -8.35 17.75
CA TYR S 698 -13.85 -7.34 18.79
C TYR S 698 -12.54 -6.63 19.16
N PRO S 699 -11.93 -5.93 18.21
CA PRO S 699 -10.59 -5.38 18.49
C PRO S 699 -10.61 -4.09 19.30
N LEU S 700 -11.60 -3.23 19.07
CA LEU S 700 -11.67 -1.95 19.80
C LEU S 700 -11.73 -2.18 21.30
N THR S 701 -12.49 -3.17 21.74
CA THR S 701 -12.58 -3.45 23.15
C THR S 701 -11.19 -3.66 23.76
N ARG S 702 -10.41 -4.55 23.15
CA ARG S 702 -9.08 -4.86 23.67
C ARG S 702 -8.17 -3.65 23.55
N ALA S 703 -8.29 -2.92 22.45
CA ALA S 703 -7.44 -1.74 22.27
C ALA S 703 -7.68 -0.72 23.37
N PHE S 704 -8.95 -0.50 23.71
CA PHE S 704 -9.26 0.47 24.75
C PHE S 704 -8.89 -0.08 26.13
N CYS S 705 -8.97 -1.39 26.30
CA CYS S 705 -8.41 -2.01 27.49
C CYS S 705 -6.94 -1.65 27.66
N GLN S 706 -6.16 -1.86 26.59
CA GLN S 706 -4.75 -1.48 26.64
C GLN S 706 -4.60 0.02 26.83
N LEU S 707 -5.57 0.80 26.34
CA LEU S 707 -5.55 2.23 26.56
C LEU S 707 -5.54 2.57 28.05
N ILE S 708 -6.52 2.05 28.80
CA ILE S 708 -6.49 2.34 30.24
C ILE S 708 -5.26 1.72 30.88
N SER S 709 -4.84 0.54 30.40
CA SER S 709 -3.67 -0.09 30.99
C SER S 709 -2.49 0.84 30.94
N THR S 710 -2.18 1.36 29.75
CA THR S 710 -1.07 2.28 29.59
C THR S 710 -1.32 3.56 30.37
N LEU S 711 -2.55 4.08 30.33
CA LEU S 711 -2.85 5.31 31.05
C LEU S 711 -2.51 5.20 32.52
N VAL S 712 -2.95 4.10 33.16
CA VAL S 712 -2.70 3.93 34.58
C VAL S 712 -1.24 3.64 34.85
N GLU S 713 -0.63 2.76 34.04
CA GLU S 713 0.74 2.36 34.36
C GLU S 713 1.70 3.52 34.19
N SER S 714 1.48 4.37 33.19
CA SER S 714 2.35 5.52 33.02
C SER S 714 1.92 6.67 33.92
N SER S 715 0.70 7.14 33.76
CA SER S 715 0.16 8.24 34.54
C SER S 715 -0.61 7.71 35.74
N PHE S 716 -0.44 8.40 36.86
CA PHE S 716 -1.11 8.01 38.09
C PHE S 716 -2.08 9.11 38.45
N PRO S 717 -3.15 8.79 39.16
CA PRO S 717 -4.13 9.81 39.53
C PRO S 717 -3.49 10.93 40.33
N THR S 718 -3.67 12.16 39.86
CA THR S 718 -3.30 13.35 40.61
C THR S 718 -4.58 13.93 41.19
N ASN S 719 -5.65 13.91 40.39
CA ASN S 719 -6.99 14.23 40.83
C ASN S 719 -8.01 13.50 39.96
N LEU S 720 -9.21 13.29 40.46
CA LEU S 720 -10.25 12.62 39.68
C LEU S 720 -11.59 13.33 39.82
N GLY S 721 -11.70 14.24 40.79
CA GLY S 721 -12.93 14.96 41.00
C GLY S 721 -13.14 15.40 42.43
N ALA S 722 -13.57 16.64 42.62
CA ALA S 722 -13.82 17.18 43.95
C ALA S 722 -15.09 18.02 43.95
N GLY S 723 -16.14 17.51 43.33
CA GLY S 723 -17.26 18.33 42.95
C GLY S 723 -17.05 19.05 41.65
N LEU S 724 -15.87 18.90 41.04
CA LEU S 724 -15.56 19.39 39.71
C LEU S 724 -15.57 18.30 38.66
N ARG S 725 -15.03 17.13 38.98
CA ARG S 725 -15.11 15.97 38.12
C ARG S 725 -15.77 14.85 38.91
N ALA S 726 -15.91 13.70 38.27
CA ALA S 726 -16.36 12.52 38.98
C ALA S 726 -15.16 11.76 39.52
N PRO S 727 -14.84 11.89 40.80
CA PRO S 727 -13.66 11.20 41.34
C PRO S 727 -13.80 9.69 41.24
N GLY S 728 -12.68 9.04 40.97
CA GLY S 728 -12.63 7.60 40.94
C GLY S 728 -12.79 7.02 39.55
N PHE S 729 -11.93 6.06 39.24
CA PHE S 729 -12.06 5.25 38.04
C PHE S 729 -13.24 4.31 38.13
N GLU S 730 -13.81 4.15 39.32
CA GLU S 730 -14.93 3.23 39.55
C GLU S 730 -15.94 3.18 38.41
N PRO S 731 -16.33 4.29 37.77
CA PRO S 731 -17.18 4.16 36.57
C PRO S 731 -16.63 3.15 35.57
N TYR S 732 -15.45 3.41 35.02
CA TYR S 732 -14.94 2.52 34.00
C TYR S 732 -14.47 1.21 34.60
N LEU S 733 -14.25 1.20 35.91
CA LEU S 733 -14.03 -0.06 36.62
C LEU S 733 -15.21 -1.00 36.44
N GLN S 734 -16.37 -0.57 36.91
CA GLN S 734 -17.58 -1.35 36.75
C GLN S 734 -17.83 -1.63 35.28
N PHE S 735 -17.63 -0.61 34.45
CA PHE S 735 -17.67 -0.81 33.01
C PHE S 735 -16.89 -2.04 32.59
N LEU S 736 -15.58 -2.02 32.77
CA LEU S 736 -14.73 -3.07 32.24
C LEU S 736 -15.07 -4.42 32.85
N ARG S 737 -15.31 -4.45 34.16
CA ARG S 737 -15.54 -5.74 34.80
C ARG S 737 -16.85 -6.34 34.32
N ASP S 738 -17.91 -5.55 34.32
CA ASP S 738 -19.22 -6.04 33.94
C ASP S 738 -19.35 -6.17 32.44
N THR S 739 -19.21 -5.06 31.73
CA THR S 739 -19.44 -5.03 30.29
C THR S 739 -18.50 -5.96 29.55
N VAL S 740 -17.30 -6.18 30.06
CA VAL S 740 -16.33 -6.98 29.34
C VAL S 740 -16.04 -8.25 30.12
N PHE S 741 -15.43 -8.07 31.29
CA PHE S 741 -14.94 -9.23 32.03
C PHE S 741 -16.08 -10.15 32.43
N LEU S 742 -17.29 -9.63 32.51
CA LEU S 742 -18.38 -10.56 32.64
C LEU S 742 -18.86 -11.05 31.28
N ARG S 743 -18.60 -10.29 30.22
CA ARG S 743 -19.25 -10.55 28.96
C ARG S 743 -18.33 -11.06 27.88
N TYR S 744 -17.02 -11.09 28.12
CA TYR S 744 -16.13 -11.53 27.06
C TYR S 744 -16.41 -12.98 26.69
N ARG S 745 -16.68 -13.82 27.68
CA ARG S 745 -16.96 -15.22 27.42
C ARG S 745 -18.26 -15.39 26.65
N THR S 746 -19.14 -14.40 26.73
CA THR S 746 -20.46 -14.49 26.14
C THR S 746 -20.48 -14.15 24.65
N ARG S 747 -19.34 -14.21 23.97
CA ARG S 747 -19.29 -13.70 22.60
C ARG S 747 -19.30 -14.83 21.58
N ALA S 748 -19.65 -14.47 20.35
CA ALA S 748 -19.57 -15.40 19.24
C ALA S 748 -18.29 -15.16 18.46
N TYR S 749 -17.67 -16.25 18.02
CA TYR S 749 -16.36 -16.21 17.38
C TYR S 749 -16.39 -17.08 16.15
N ARG S 750 -16.09 -16.51 14.98
CA ARG S 750 -15.90 -17.37 13.82
C ARG S 750 -14.66 -18.24 13.97
N ARG S 751 -13.58 -17.66 14.50
CA ARG S 751 -12.35 -18.39 14.79
C ARG S 751 -12.13 -18.40 16.30
N ALA S 752 -11.75 -19.56 16.82
CA ALA S 752 -11.53 -19.72 18.25
C ALA S 752 -10.38 -18.87 18.77
N ALA S 753 -9.39 -18.56 17.93
CA ALA S 753 -8.20 -17.87 18.40
C ALA S 753 -8.53 -16.53 19.07
N GLU S 754 -9.67 -15.94 18.72
CA GLU S 754 -10.05 -14.64 19.24
C GLU S 754 -10.19 -14.65 20.75
N LYS S 755 -10.79 -15.71 21.31
CA LYS S 755 -11.03 -15.78 22.74
C LYS S 755 -9.74 -15.65 23.53
N TRP S 756 -8.69 -16.33 23.08
CA TRP S 756 -7.40 -16.30 23.74
C TRP S 756 -6.86 -14.90 23.91
N GLU S 757 -6.78 -14.16 22.80
CA GLU S 757 -6.18 -12.83 22.83
C GLU S 757 -7.10 -11.82 23.51
N VAL S 758 -8.41 -12.00 23.43
CA VAL S 758 -9.30 -11.17 24.23
C VAL S 758 -9.03 -11.38 25.72
N ALA S 759 -9.00 -12.64 26.15
CA ALA S 759 -8.79 -12.93 27.55
C ALA S 759 -7.45 -12.40 28.02
N GLU S 760 -6.43 -12.49 27.18
CA GLU S 760 -5.14 -11.92 27.55
C GLU S 760 -5.25 -10.41 27.72
N ALA S 761 -5.95 -9.76 26.80
CA ALA S 761 -6.09 -8.30 26.86
C ALA S 761 -6.80 -7.87 28.14
N VAL S 762 -7.60 -8.76 28.71
CA VAL S 762 -8.29 -8.36 29.95
C VAL S 762 -7.46 -8.75 31.18
N LEU S 763 -6.85 -9.94 31.14
CA LEU S 763 -6.08 -10.44 32.27
C LEU S 763 -4.88 -9.56 32.57
N ASP S 764 -4.14 -9.18 31.54
CA ASP S 764 -2.97 -8.35 31.75
C ASP S 764 -3.35 -7.05 32.44
N VAL S 765 -4.49 -6.47 32.05
CA VAL S 765 -4.96 -5.24 32.66
C VAL S 765 -5.19 -5.45 34.15
N PHE S 766 -5.96 -6.49 34.48
CA PHE S 766 -6.17 -6.76 35.91
C PHE S 766 -4.84 -6.95 36.62
N TYR S 767 -3.86 -7.55 35.95
CA TYR S 767 -2.57 -7.71 36.60
C TYR S 767 -1.91 -6.39 36.90
N LYS S 768 -1.89 -5.46 35.96
CA LYS S 768 -1.31 -4.17 36.30
C LYS S 768 -2.06 -3.53 37.44
N LEU S 769 -3.38 -3.66 37.46
CA LEU S 769 -4.13 -3.14 38.61
C LEU S 769 -3.63 -3.73 39.93
N LEU S 770 -3.56 -5.05 40.01
CA LEU S 770 -3.09 -5.66 41.25
C LEU S 770 -1.66 -5.27 41.55
N LYS S 771 -0.78 -5.42 40.58
CA LYS S 771 0.63 -5.11 40.76
C LYS S 771 0.83 -3.71 41.27
N ASP S 772 0.11 -2.75 40.69
CA ASP S 772 0.27 -1.38 41.10
C ASP S 772 -0.32 -1.11 42.48
N TYR S 773 -1.49 -1.65 42.79
CA TYR S 773 -2.16 -1.25 44.01
C TYR S 773 -1.41 -1.79 45.21
N GLU S 774 -0.86 -0.88 46.01
CA GLU S 774 -0.20 -1.20 47.25
C GLU S 774 -1.04 -0.67 48.41
N PRO S 775 -1.52 -1.53 49.29
CA PRO S 775 -2.47 -1.09 50.31
C PRO S 775 -1.81 -0.20 51.34
N GLN S 776 -2.66 0.46 52.13
CA GLN S 776 -2.18 1.23 53.27
C GLN S 776 -3.16 1.11 54.43
N PRO S 777 -2.69 1.32 55.66
CA PRO S 777 -3.62 1.25 56.80
C PRO S 777 -4.76 2.24 56.72
N GLU S 778 -4.54 3.40 56.10
CA GLU S 778 -5.59 4.42 56.07
C GLU S 778 -6.64 4.11 55.01
N ASP S 779 -6.42 3.06 54.21
CA ASP S 779 -7.44 2.62 53.26
C ASP S 779 -8.73 2.21 53.96
N PHE S 780 -8.67 1.94 55.26
CA PHE S 780 -9.81 1.46 56.02
C PHE S 780 -10.56 2.57 56.71
N VAL S 781 -10.12 3.82 56.54
CA VAL S 781 -10.58 4.94 57.35
C VAL S 781 -11.59 5.75 56.57
N ASP S 782 -12.84 5.74 57.04
CA ASP S 782 -13.90 6.64 56.62
C ASP S 782 -14.41 6.40 55.20
N GLN S 783 -15.71 6.59 55.03
CA GLN S 783 -16.38 6.65 53.73
C GLN S 783 -17.16 7.94 53.52
N TYR S 784 -17.84 8.45 54.54
CA TYR S 784 -18.45 9.76 54.47
C TYR S 784 -17.50 10.78 55.09
N VAL S 785 -17.25 11.84 54.33
CA VAL S 785 -16.32 12.89 54.72
C VAL S 785 -17.10 14.18 54.81
N GLU S 786 -16.95 14.90 55.92
CA GLU S 786 -17.74 16.10 56.17
C GLU S 786 -17.23 17.25 55.32
N LEU S 787 -17.68 17.31 54.07
CA LEU S 787 -17.59 18.52 53.27
C LEU S 787 -18.43 19.57 53.97
N GLN S 788 -17.78 20.46 54.71
CA GLN S 788 -18.47 21.50 55.47
C GLN S 788 -19.51 20.90 56.40
N GLY S 789 -19.08 19.92 57.20
CA GLY S 789 -19.99 19.24 58.09
C GLY S 789 -20.99 18.35 57.38
N GLU S 790 -20.78 18.06 56.10
CA GLU S 790 -21.67 17.21 55.32
C GLU S 790 -20.98 15.90 55.01
N GLU S 791 -21.39 14.83 55.69
CA GLU S 791 -20.82 13.51 55.41
C GLU S 791 -21.21 13.07 53.99
N ARG S 792 -20.24 13.09 53.09
CA ARG S 792 -20.45 12.75 51.69
C ARG S 792 -19.75 11.44 51.37
N VAL S 793 -20.40 10.64 50.53
CA VAL S 793 -19.83 9.36 50.11
C VAL S 793 -18.59 9.61 49.26
N ALA S 794 -17.51 8.91 49.60
CA ALA S 794 -16.25 9.01 48.87
C ALA S 794 -15.69 7.60 48.75
N PHE S 795 -15.94 6.96 47.62
CA PHE S 795 -15.79 5.52 47.49
C PHE S 795 -14.35 5.08 47.73
N LYS S 796 -14.22 3.92 48.36
CA LYS S 796 -12.98 3.31 48.82
C LYS S 796 -11.96 3.16 47.70
N PRO S 797 -10.70 2.88 48.01
CA PRO S 797 -9.72 2.67 46.94
C PRO S 797 -10.20 1.57 46.02
N PRO S 798 -10.06 1.78 44.70
CA PRO S 798 -10.39 0.69 43.76
C PRO S 798 -9.62 -0.57 44.07
N GLY S 799 -8.36 -0.46 44.45
CA GLY S 799 -7.67 -1.62 45.00
C GLY S 799 -8.44 -2.25 46.14
N PHE S 800 -8.54 -1.54 47.26
CA PHE S 800 -9.33 -2.00 48.40
C PHE S 800 -10.54 -2.81 47.96
N SER S 801 -11.35 -2.22 47.09
CA SER S 801 -12.59 -2.86 46.67
C SER S 801 -12.31 -4.13 45.89
N LEU S 802 -11.37 -4.09 44.95
CA LEU S 802 -11.14 -5.25 44.10
C LEU S 802 -10.60 -6.41 44.91
N MET S 803 -9.68 -6.13 45.83
CA MET S 803 -9.30 -7.19 46.77
C MET S 803 -10.52 -7.73 47.46
N HIS S 804 -11.21 -6.91 48.25
CA HIS S 804 -12.26 -7.44 49.09
C HIS S 804 -13.26 -8.26 48.29
N HIS S 805 -13.55 -7.83 47.05
CA HIS S 805 -14.39 -8.62 46.17
C HIS S 805 -13.76 -9.97 45.87
N LEU S 806 -12.46 -9.99 45.58
CA LEU S 806 -11.75 -11.25 45.36
C LEU S 806 -11.67 -12.08 46.63
N LEU S 807 -11.50 -11.42 47.78
CA LEU S 807 -11.37 -11.97 49.10
C LEU S 807 -12.64 -12.66 49.55
N ASN S 808 -13.76 -12.24 49.00
CA ASN S 808 -15.00 -12.98 49.10
C ASN S 808 -15.28 -13.58 47.73
N GLU S 809 -16.44 -14.20 47.58
CA GLU S 809 -16.75 -14.86 46.31
C GLU S 809 -16.75 -13.82 45.19
N SER S 810 -15.93 -14.05 44.18
CA SER S 810 -15.88 -13.18 43.03
C SER S 810 -16.05 -14.02 41.77
N PRO S 811 -16.76 -13.49 40.77
CA PRO S 811 -16.79 -14.18 39.47
C PRO S 811 -15.41 -14.23 38.85
N MET S 812 -14.51 -13.38 39.32
CA MET S 812 -13.11 -13.51 38.94
C MET S 812 -12.59 -14.89 39.29
N LEU S 813 -12.95 -15.39 40.48
CA LEU S 813 -12.57 -16.75 40.84
C LEU S 813 -13.08 -17.73 39.81
N GLU S 814 -14.35 -17.59 39.43
CA GLU S 814 -14.99 -18.56 38.55
C GLU S 814 -14.36 -18.54 37.18
N LEU S 815 -14.03 -17.36 36.68
CA LEU S 815 -13.45 -17.27 35.34
C LEU S 815 -12.00 -17.72 35.35
N CYS S 816 -11.27 -17.44 36.44
CA CYS S 816 -9.97 -18.04 36.64
C CYS S 816 -10.05 -19.54 36.55
N LEU S 817 -11.01 -20.12 37.27
CA LEU S 817 -11.27 -21.54 37.16
C LEU S 817 -11.41 -21.95 35.71
N SER S 818 -12.43 -21.40 35.05
CA SER S 818 -12.66 -21.67 33.63
C SER S 818 -11.36 -21.69 32.85
N LEU S 819 -10.69 -20.54 32.78
CA LEU S 819 -9.35 -20.46 32.21
C LEU S 819 -8.55 -21.72 32.47
N MET S 820 -8.52 -22.18 33.71
CA MET S 820 -7.72 -23.36 34.02
C MET S 820 -8.26 -24.59 33.31
N GLU S 821 -9.59 -24.79 33.27
CA GLU S 821 -10.07 -26.02 32.64
C GLU S 821 -9.84 -26.01 31.13
N GLU S 822 -10.10 -24.89 30.47
CA GLU S 822 -9.80 -24.87 29.02
C GLU S 822 -8.30 -24.96 28.76
N GLY S 823 -7.47 -24.49 29.70
CA GLY S 823 -6.06 -24.69 29.51
C GLY S 823 -5.72 -26.16 29.50
N VAL S 824 -6.23 -26.87 30.50
CA VAL S 824 -6.03 -28.32 30.54
C VAL S 824 -6.56 -28.96 29.27
N THR S 825 -7.74 -28.55 28.83
CA THR S 825 -8.39 -29.17 27.69
C THR S 825 -7.56 -29.00 26.43
N GLN S 826 -7.14 -27.78 26.14
CA GLN S 826 -6.34 -27.57 24.94
C GLN S 826 -5.02 -28.32 25.02
N LEU S 827 -4.42 -28.39 26.21
CA LEU S 827 -3.20 -29.17 26.35
C LEU S 827 -3.45 -30.65 26.06
N ASP S 828 -4.60 -31.15 26.49
CA ASP S 828 -4.98 -32.51 26.13
C ASP S 828 -5.12 -32.68 24.62
N THR S 829 -5.36 -31.58 23.92
CA THR S 829 -5.36 -31.57 22.46
C THR S 829 -3.93 -31.29 22.01
N TYR S 830 -3.14 -32.35 21.93
CA TYR S 830 -1.73 -32.26 21.55
C TYR S 830 -1.55 -31.92 20.08
N ALA S 831 -2.61 -32.01 19.29
CA ALA S 831 -2.55 -31.49 17.94
C ALA S 831 -2.42 -29.98 17.98
N PRO S 832 -1.42 -29.40 17.32
CA PRO S 832 -1.15 -27.96 17.49
C PRO S 832 -2.31 -27.11 17.01
N PHE S 833 -2.49 -25.97 17.66
CA PHE S 833 -3.57 -25.06 17.30
C PHE S 833 -3.05 -23.64 17.30
N PRO S 834 -3.58 -22.79 16.42
CA PRO S 834 -3.22 -21.36 16.44
C PRO S 834 -3.88 -20.60 17.58
N GLY S 835 -3.24 -20.57 18.74
CA GLY S 835 -3.82 -19.94 19.91
C GLY S 835 -3.41 -20.60 21.20
N LYS S 836 -2.85 -21.81 21.10
CA LYS S 836 -2.21 -22.44 22.25
C LYS S 836 -1.20 -21.49 22.89
N LYS S 837 -0.47 -20.77 22.03
CA LYS S 837 0.50 -19.79 22.51
C LYS S 837 -0.16 -18.75 23.41
N HIS S 838 -1.28 -18.19 22.94
CA HIS S 838 -1.99 -17.22 23.73
C HIS S 838 -2.52 -17.87 24.98
N LEU S 839 -2.74 -19.18 24.93
CA LEU S 839 -3.18 -19.90 26.11
C LEU S 839 -2.11 -19.89 27.19
N GLU S 840 -0.87 -20.23 26.84
CA GLU S 840 0.12 -20.26 27.93
C GLU S 840 0.33 -18.85 28.45
N LYS S 841 0.28 -17.85 27.57
CA LYS S 841 0.43 -16.49 28.07
C LYS S 841 -0.70 -16.13 29.04
N ALA S 842 -1.94 -16.47 28.68
CA ALA S 842 -3.07 -16.11 29.52
C ALA S 842 -3.00 -16.82 30.86
N VAL S 843 -2.78 -18.12 30.84
CA VAL S 843 -2.72 -18.85 32.10
C VAL S 843 -1.52 -18.39 32.91
N ALA S 844 -0.46 -17.96 32.23
CA ALA S 844 0.68 -17.41 32.96
C ALA S 844 0.26 -16.18 33.74
N TYR S 845 -0.47 -15.27 33.08
CA TYR S 845 -0.97 -14.13 33.84
C TYR S 845 -1.83 -14.60 35.01
N CYS S 846 -2.60 -15.67 34.80
CA CYS S 846 -3.37 -16.23 35.90
C CYS S 846 -2.48 -16.61 37.08
N PHE S 847 -1.48 -17.44 36.83
CA PHE S 847 -0.57 -17.87 37.89
C PHE S 847 -0.04 -16.66 38.65
N MET S 848 0.56 -15.74 37.92
CA MET S 848 1.34 -14.68 38.54
C MET S 848 0.45 -13.64 39.21
N LEU S 849 -0.71 -13.37 38.62
CA LEU S 849 -1.70 -12.55 39.28
C LEU S 849 -2.10 -13.16 40.62
N LEU S 850 -2.44 -14.44 40.63
CA LEU S 850 -2.84 -15.08 41.87
C LEU S 850 -1.69 -15.11 42.86
N ASN S 851 -0.47 -15.21 42.36
CA ASN S 851 0.68 -15.13 43.23
C ASN S 851 0.66 -13.82 44.00
N LEU S 852 0.54 -12.70 43.28
CA LEU S 852 0.51 -11.41 43.97
C LEU S 852 -0.70 -11.31 44.89
N THR S 853 -1.84 -11.88 44.47
CA THR S 853 -3.00 -11.94 45.36
C THR S 853 -2.59 -12.52 46.70
N LEU S 854 -1.85 -13.63 46.65
CA LEU S 854 -1.40 -14.25 47.89
C LEU S 854 -0.45 -13.33 48.66
N GLN S 855 0.52 -12.75 47.97
CA GLN S 855 1.52 -11.96 48.71
C GLN S 855 0.92 -10.72 49.33
N LYS S 856 -0.25 -10.29 48.88
CA LYS S 856 -0.85 -9.09 49.45
C LYS S 856 -1.98 -9.39 50.42
N GLU S 857 -2.67 -10.51 50.27
CA GLU S 857 -3.80 -10.81 51.13
C GLU S 857 -3.38 -10.93 52.59
N ASN S 858 -2.19 -11.48 52.82
CA ASN S 858 -1.63 -11.52 54.15
C ASN S 858 -1.70 -10.15 54.81
N ARG S 859 -1.00 -9.17 54.22
CA ARG S 859 -0.96 -7.84 54.78
C ARG S 859 -2.34 -7.22 54.85
N PHE S 860 -3.19 -7.54 53.88
CA PHE S 860 -4.54 -6.98 53.90
C PHE S 860 -5.28 -7.44 55.15
N MET S 861 -5.28 -8.75 55.39
CA MET S 861 -5.89 -9.25 56.63
C MET S 861 -5.25 -8.58 57.83
N ASP S 862 -3.93 -8.45 57.77
CA ASP S 862 -3.18 -7.88 58.88
C ASP S 862 -3.74 -6.52 59.24
N LEU S 863 -3.88 -5.65 58.24
CA LEU S 863 -4.44 -4.34 58.50
C LEU S 863 -5.88 -4.45 58.96
N LEU S 864 -6.62 -5.42 58.41
CA LEU S 864 -8.04 -5.53 58.75
C LEU S 864 -8.24 -5.81 60.23
N ARG S 865 -7.37 -6.63 60.80
CA ARG S 865 -7.63 -7.13 62.14
C ARG S 865 -7.78 -6.00 63.16
N GLU S 866 -6.93 -4.98 63.07
CA GLU S 866 -7.07 -3.85 63.98
C GLU S 866 -8.24 -2.96 63.62
N SER S 867 -8.68 -3.00 62.37
CA SER S 867 -9.70 -2.10 61.89
C SER S 867 -11.02 -2.34 62.60
N HIS S 868 -11.71 -1.24 62.90
CA HIS S 868 -13.07 -1.29 63.44
C HIS S 868 -14.10 -1.38 62.35
N LEU S 869 -13.69 -1.28 61.09
CA LEU S 869 -14.58 -1.42 59.96
C LEU S 869 -14.89 -2.89 59.72
N SER S 870 -16.17 -3.17 59.47
CA SER S 870 -16.65 -4.54 59.33
C SER S 870 -16.60 -5.00 57.89
N MET S 871 -15.49 -5.64 57.52
CA MET S 871 -15.30 -6.25 56.21
C MET S 871 -15.18 -7.75 56.40
N ILE S 872 -15.65 -8.48 55.40
CA ILE S 872 -15.63 -9.94 55.43
C ILE S 872 -14.66 -10.45 54.38
N VAL S 873 -13.83 -11.41 54.76
CA VAL S 873 -12.84 -12.01 53.87
C VAL S 873 -12.76 -13.49 54.20
N THR S 874 -12.69 -14.33 53.16
CA THR S 874 -12.46 -15.75 53.36
C THR S 874 -11.06 -16.11 52.89
N PRO S 875 -10.25 -16.75 53.73
CA PRO S 875 -8.93 -17.21 53.28
C PRO S 875 -9.05 -18.19 52.11
N LEU S 876 -8.04 -18.15 51.24
CA LEU S 876 -8.21 -18.68 49.90
C LEU S 876 -8.03 -20.19 49.84
N GLU S 877 -7.38 -20.78 50.84
CA GLU S 877 -7.30 -22.23 50.87
C GLU S 877 -8.68 -22.84 50.91
N GLN S 878 -9.59 -22.19 51.63
CA GLN S 878 -10.99 -22.60 51.65
C GLN S 878 -11.57 -22.57 50.25
N LEU S 879 -11.21 -21.56 49.47
CA LEU S 879 -11.58 -21.54 48.07
C LEU S 879 -10.99 -22.73 47.33
N LEU S 880 -9.74 -23.07 47.65
CA LEU S 880 -9.06 -24.15 46.95
C LEU S 880 -9.72 -25.50 47.21
N GLN S 881 -10.42 -25.65 48.33
CA GLN S 881 -11.20 -26.86 48.57
C GLN S 881 -12.69 -26.63 48.38
N GLY S 882 -13.10 -25.44 47.93
CA GLY S 882 -14.49 -25.20 47.62
C GLY S 882 -15.04 -26.12 46.55
N ILE S 883 -16.32 -26.42 46.66
CA ILE S 883 -17.01 -27.30 45.71
C ILE S 883 -17.17 -26.54 44.40
N ASN S 884 -16.47 -26.98 43.37
CA ASN S 884 -16.57 -26.32 42.08
C ASN S 884 -17.96 -26.56 41.50
N PRO S 885 -18.72 -25.51 41.25
CA PRO S 885 -20.13 -25.70 40.86
C PRO S 885 -20.30 -25.99 39.38
N ARG S 886 -19.46 -26.87 38.83
CA ARG S 886 -19.73 -27.44 37.52
C ARG S 886 -19.43 -28.93 37.60
N SER S 887 -18.63 -29.30 38.59
CA SER S 887 -18.21 -30.67 38.77
C SER S 887 -18.66 -31.14 40.15
N LYS S 888 -19.05 -30.18 40.99
CA LYS S 888 -19.54 -30.45 42.34
C LYS S 888 -18.49 -31.23 43.13
N LYS S 889 -17.27 -30.71 43.09
CA LYS S 889 -16.13 -31.39 43.68
C LYS S 889 -14.97 -30.41 43.71
N ALA S 890 -14.06 -30.61 44.67
CA ALA S 890 -13.00 -29.65 44.96
C ALA S 890 -11.70 -30.06 44.25
N ASP S 891 -11.77 -30.08 42.92
CA ASP S 891 -10.61 -30.40 42.10
C ASP S 891 -9.81 -29.16 41.73
N ASN S 892 -9.82 -28.13 42.56
CA ASN S 892 -8.93 -27.00 42.32
C ASN S 892 -7.48 -27.47 42.21
N VAL S 893 -7.05 -28.24 43.21
CA VAL S 893 -5.68 -28.74 43.23
C VAL S 893 -5.45 -29.73 42.09
N VAL S 894 -6.46 -30.52 41.74
CA VAL S 894 -6.30 -31.48 40.65
C VAL S 894 -6.09 -30.74 39.34
N ASN S 895 -6.86 -29.69 39.10
CA ASN S 895 -6.68 -28.86 37.92
C ASN S 895 -5.29 -28.24 37.94
N ILE S 896 -4.81 -27.83 39.11
CA ILE S 896 -3.45 -27.32 39.22
C ILE S 896 -2.46 -28.38 38.74
N ALA S 897 -2.65 -29.61 39.21
CA ALA S 897 -1.70 -30.68 38.91
C ALA S 897 -1.77 -31.10 37.45
N ARG S 898 -2.92 -30.91 36.80
CA ARG S 898 -3.07 -31.35 35.42
C ARG S 898 -2.02 -30.74 34.50
N TYR S 899 -1.51 -29.57 34.86
CA TYR S 899 -0.54 -28.89 34.01
C TYR S 899 0.87 -29.43 34.20
N LEU S 900 1.13 -30.12 35.31
CA LEU S 900 2.43 -30.76 35.47
C LEU S 900 2.66 -31.83 34.42
N CYS S 901 1.63 -32.62 34.12
CA CYS S 901 1.71 -33.59 33.03
C CYS S 901 1.95 -32.91 31.69
N HIS S 902 1.25 -31.81 31.43
CA HIS S 902 1.36 -31.07 30.18
C HIS S 902 2.69 -30.38 30.03
N GLY S 903 3.37 -30.06 31.13
CA GLY S 903 4.62 -29.34 31.03
C GLY S 903 5.76 -30.19 30.52
N ASN S 904 5.51 -30.99 29.49
CA ASN S 904 6.55 -31.76 28.82
C ASN S 904 7.52 -30.87 28.06
N SER S 905 7.13 -29.64 27.74
CA SER S 905 8.06 -28.63 27.27
C SER S 905 7.73 -27.32 27.95
N ASN S 906 7.02 -27.38 29.08
CA ASN S 906 6.60 -26.19 29.80
C ASN S 906 7.11 -26.26 31.23
N ALA S 907 8.41 -25.96 31.37
CA ALA S 907 9.01 -25.88 32.68
C ALA S 907 8.50 -24.68 33.43
N GLU S 908 8.30 -23.57 32.72
CA GLU S 908 7.62 -22.43 33.30
C GLU S 908 6.31 -22.87 33.94
N LEU S 909 5.39 -23.42 33.14
CA LEU S 909 4.04 -23.70 33.63
C LEU S 909 4.10 -24.61 34.85
N ALA S 910 4.91 -25.66 34.77
CA ALA S 910 5.15 -26.47 35.95
C ALA S 910 5.61 -25.61 37.13
N PHE S 911 6.50 -24.66 36.86
CA PHE S 911 7.07 -23.83 37.93
C PHE S 911 6.01 -22.99 38.61
N GLU S 912 5.22 -22.25 37.84
CA GLU S 912 4.23 -21.41 38.50
C GLU S 912 3.19 -22.26 39.23
N SER S 913 2.78 -23.38 38.62
CA SER S 913 1.86 -24.26 39.33
C SER S 913 2.43 -24.67 40.68
N ALA S 914 3.66 -25.16 40.70
CA ALA S 914 4.25 -25.68 41.93
C ALA S 914 4.50 -24.57 42.94
N LYS S 915 4.93 -23.40 42.48
CA LYS S 915 5.20 -22.33 43.43
C LYS S 915 3.92 -21.86 44.09
N ILE S 916 2.83 -21.79 43.34
CA ILE S 916 1.55 -21.48 43.97
C ILE S 916 1.17 -22.59 44.94
N LEU S 917 1.43 -23.84 44.57
CA LEU S 917 1.14 -24.95 45.47
C LEU S 917 1.83 -24.78 46.81
N CYS S 918 3.14 -24.49 46.80
CA CYS S 918 3.86 -24.37 48.07
C CYS S 918 3.46 -23.10 48.80
N SER S 919 3.20 -22.03 48.06
CA SER S 919 2.72 -20.81 48.68
C SER S 919 1.44 -21.06 49.46
N ILE S 920 0.56 -21.90 48.91
CA ILE S 920 -0.60 -22.34 49.68
C ILE S 920 -0.17 -23.22 50.83
N SER S 921 0.72 -24.18 50.56
CA SER S 921 1.20 -25.13 51.55
C SER S 921 1.83 -24.46 52.76
N CYS S 922 2.08 -23.16 52.67
CA CYS S 922 2.65 -22.42 53.79
C CYS S 922 1.85 -22.55 55.09
N ASN S 923 0.68 -23.19 55.05
CA ASN S 923 -0.10 -23.42 56.27
C ASN S 923 -0.58 -24.86 56.34
N SER S 924 -1.38 -25.16 57.37
CA SER S 924 -1.61 -26.53 57.82
C SER S 924 -2.98 -27.07 57.41
N LYS S 925 -3.19 -28.36 57.73
CA LYS S 925 -4.48 -29.03 57.69
C LYS S 925 -5.02 -29.25 56.28
N ILE S 926 -4.20 -29.81 55.38
CA ILE S 926 -4.65 -30.10 54.03
C ILE S 926 -4.25 -31.49 53.55
N GLN S 927 -3.27 -32.12 54.18
CA GLN S 927 -2.73 -33.39 53.68
C GLN S 927 -3.83 -34.42 53.54
N GLU S 928 -4.84 -34.33 54.39
CA GLU S 928 -5.97 -35.25 54.34
C GLU S 928 -6.71 -35.14 53.01
N LYS S 929 -7.08 -33.92 52.66
CA LYS S 929 -7.75 -33.66 51.39
C LYS S 929 -6.85 -34.04 50.24
N ILE S 930 -5.55 -33.76 50.35
CA ILE S 930 -4.61 -34.10 49.30
C ILE S 930 -4.60 -35.61 49.08
N VAL S 931 -4.60 -36.37 50.17
CA VAL S 931 -4.60 -37.82 50.08
C VAL S 931 -5.86 -38.31 49.40
N GLY S 932 -7.01 -37.77 49.80
CA GLY S 932 -8.25 -38.14 49.12
C GLY S 932 -8.18 -37.86 47.63
N ASP S 933 -7.64 -36.69 47.27
CA ASP S 933 -7.51 -36.33 45.87
C ASP S 933 -6.64 -37.32 45.13
N PHE S 934 -5.51 -37.70 45.72
CA PHE S 934 -4.66 -38.71 45.12
C PHE S 934 -5.37 -40.05 45.00
N THR S 935 -6.20 -40.39 45.98
CA THR S 935 -6.75 -41.72 46.10
C THR S 935 -8.10 -41.89 45.43
N GLN S 936 -8.60 -40.87 44.70
CA GLN S 936 -9.75 -41.14 43.84
C GLN S 936 -9.61 -42.46 43.09
N ASP S 937 -8.59 -42.59 42.24
CA ASP S 937 -8.58 -43.72 41.32
C ASP S 937 -7.17 -44.18 41.00
N GLN S 938 -7.06 -45.45 40.61
CA GLN S 938 -5.81 -46.00 40.10
C GLN S 938 -5.37 -45.32 38.82
N ASN S 939 -6.28 -45.14 37.87
CA ASN S 939 -5.89 -44.51 36.61
C ASN S 939 -5.60 -43.02 36.80
N VAL S 940 -6.31 -42.38 37.73
CA VAL S 940 -5.97 -41.01 38.10
C VAL S 940 -4.53 -40.94 38.57
N SER S 941 -4.17 -41.82 39.50
CA SER S 941 -2.80 -41.81 40.01
C SER S 941 -1.81 -42.24 38.95
N GLN S 942 -2.27 -43.04 37.97
CA GLN S 942 -1.39 -43.46 36.89
C GLN S 942 -1.02 -42.29 35.99
N LYS S 943 -2.02 -41.51 35.58
CA LYS S 943 -1.72 -40.30 34.82
C LYS S 943 -0.93 -39.32 35.66
N LEU S 944 -1.22 -39.27 36.97
CA LEU S 944 -0.45 -38.42 37.87
C LEU S 944 1.03 -38.81 37.87
N MET S 945 1.32 -40.11 37.98
CA MET S 945 2.70 -40.55 38.04
C MET S 945 3.37 -40.38 36.68
N VAL S 946 2.59 -40.51 35.60
CA VAL S 946 3.12 -40.16 34.28
C VAL S 946 3.59 -38.71 34.27
N GLY S 947 2.76 -37.82 34.82
CA GLY S 947 3.14 -36.42 34.88
C GLY S 947 4.36 -36.17 35.75
N PHE S 948 4.40 -36.79 36.92
CA PHE S 948 5.55 -36.58 37.81
C PHE S 948 6.83 -37.14 37.21
N VAL S 949 6.72 -38.27 36.52
CA VAL S 949 7.87 -38.81 35.80
C VAL S 949 8.34 -37.83 34.74
N SER S 950 7.38 -37.25 34.00
CA SER S 950 7.73 -36.22 33.04
C SER S 950 8.45 -35.05 33.71
N CYS S 951 7.99 -34.66 34.90
CA CYS S 951 8.61 -33.54 35.61
C CYS S 951 10.01 -33.88 36.11
N LEU S 952 10.25 -35.12 36.49
CA LEU S 952 11.46 -35.42 37.26
C LEU S 952 12.56 -36.05 36.42
N ASP S 953 12.22 -36.81 35.37
CA ASP S 953 13.25 -37.51 34.61
C ASP S 953 14.24 -36.57 33.93
N SER S 954 13.90 -35.29 33.77
CA SER S 954 14.83 -34.30 33.25
C SER S 954 15.09 -33.26 34.32
N GLU S 955 16.06 -33.54 35.20
CA GLU S 955 16.49 -32.55 36.15
C GLU S 955 17.89 -32.07 35.77
N GLU S 956 18.60 -32.85 34.95
CA GLU S 956 19.67 -32.33 34.12
C GLU S 956 19.79 -33.08 32.79
N ALA S 957 18.71 -33.71 32.32
CA ALA S 957 18.80 -34.63 31.21
C ALA S 957 17.77 -34.30 30.15
N GLU S 958 18.19 -33.57 29.12
CA GLU S 958 17.29 -33.26 28.01
C GLU S 958 18.00 -33.44 26.67
N GLU S 959 19.26 -33.85 26.70
CA GLU S 959 20.07 -34.11 25.51
C GLU S 959 20.31 -32.83 24.71
N LEU S 960 19.79 -31.70 25.18
CA LEU S 960 19.93 -30.44 24.47
C LEU S 960 20.51 -29.34 25.36
N LEU S 961 20.59 -29.55 26.67
CA LEU S 961 21.16 -28.55 27.57
C LEU S 961 22.63 -28.29 27.29
N ASP S 962 23.36 -29.28 26.78
CA ASP S 962 24.75 -29.10 26.40
C ASP S 962 24.92 -28.66 24.95
N SER S 963 23.84 -28.63 24.18
CA SER S 963 23.93 -28.27 22.76
C SER S 963 23.82 -26.76 22.59
N GLU S 964 24.80 -26.19 21.90
CA GLU S 964 24.78 -24.77 21.56
C GLU S 964 23.97 -24.50 20.29
N LYS S 965 23.57 -25.54 19.57
CA LYS S 965 22.62 -25.39 18.47
C LYS S 965 21.29 -24.85 18.94
N GLU S 966 20.76 -25.38 20.04
CA GLU S 966 19.57 -24.83 20.68
C GLU S 966 19.89 -23.64 21.57
N ALA S 967 21.12 -23.56 22.08
CA ALA S 967 21.62 -22.43 22.85
C ALA S 967 20.82 -22.13 24.12
N GLU S 968 20.50 -20.85 24.32
CA GLU S 968 20.11 -20.34 25.64
C GLU S 968 18.85 -20.97 26.18
N ASP S 969 17.95 -21.43 25.30
CA ASP S 969 16.66 -21.94 25.77
C ASP S 969 16.83 -23.14 26.69
N GLN S 970 17.69 -24.09 26.31
CA GLN S 970 17.84 -25.31 27.10
C GLN S 970 18.41 -25.01 28.47
N VAL S 971 19.47 -24.19 28.53
CA VAL S 971 20.07 -23.89 29.82
C VAL S 971 19.11 -23.06 30.68
N LYS S 972 18.33 -22.18 30.07
CA LYS S 972 17.38 -21.41 30.85
C LYS S 972 16.32 -22.31 31.45
N GLN S 973 15.81 -23.27 30.68
CA GLN S 973 14.82 -24.19 31.22
C GLN S 973 15.45 -25.11 32.26
N THR S 974 16.75 -25.39 32.13
CA THR S 974 17.42 -26.11 33.20
C THR S 974 17.40 -25.29 34.49
N ASN S 975 17.68 -24.00 34.39
CA ASN S 975 17.52 -23.14 35.56
C ASN S 975 16.11 -23.23 36.10
N ILE S 976 15.13 -23.23 35.21
CA ILE S 976 13.74 -23.20 35.64
C ILE S 976 13.40 -24.43 36.46
N ARG S 977 13.70 -25.63 35.94
CA ARG S 977 13.30 -26.81 36.72
C ARG S 977 14.23 -27.00 37.91
N TYR S 978 15.41 -26.37 37.88
CA TYR S 978 16.20 -26.29 39.10
C TYR S 978 15.42 -25.60 40.21
N MET S 979 14.91 -24.40 39.93
CA MET S 979 14.11 -23.73 40.95
C MET S 979 12.83 -24.51 41.27
N THR S 980 12.28 -25.21 40.27
CA THR S 980 11.09 -26.01 40.55
C THR S 980 11.38 -27.02 41.64
N LYS S 981 12.45 -27.81 41.47
CA LYS S 981 12.77 -28.81 42.46
C LYS S 981 13.19 -28.15 43.77
N ILE S 982 13.82 -26.99 43.71
CA ILE S 982 14.04 -26.20 44.91
C ILE S 982 12.77 -26.12 45.73
N HIS S 983 11.72 -25.58 45.13
CA HIS S 983 10.52 -25.31 45.89
C HIS S 983 9.72 -26.59 46.14
N ILE S 984 9.90 -27.60 45.27
CA ILE S 984 9.36 -28.93 45.55
C ILE S 984 9.89 -29.43 46.88
N LEU S 985 11.20 -29.31 47.07
CA LEU S 985 11.82 -29.84 48.28
C LEU S 985 11.46 -28.97 49.47
N ASN S 986 11.35 -27.66 49.27
CA ASN S 986 10.84 -26.80 50.32
C ASN S 986 9.48 -27.28 50.80
N LEU S 987 8.57 -27.52 49.86
CA LEU S 987 7.23 -27.99 50.20
C LEU S 987 7.29 -29.33 50.92
N LEU S 988 8.16 -30.23 50.47
CA LEU S 988 8.24 -31.55 51.09
C LEU S 988 8.72 -31.44 52.53
N ILE S 989 9.72 -30.59 52.76
CA ILE S 989 10.20 -30.37 54.12
C ILE S 989 9.09 -29.83 54.99
N THR S 990 8.33 -28.87 54.47
CA THR S 990 7.20 -28.34 55.23
C THR S 990 6.18 -29.42 55.53
N SER S 991 5.87 -30.26 54.55
CA SER S 991 4.91 -31.34 54.77
C SER S 991 5.36 -32.27 55.87
N LEU S 992 6.63 -32.64 55.87
CA LEU S 992 7.12 -33.52 56.91
C LEU S 992 7.27 -32.81 58.25
N GLU S 993 7.31 -31.48 58.24
CA GLU S 993 7.24 -30.75 59.49
C GLU S 993 5.94 -30.99 60.22
N MET S 994 4.91 -31.46 59.53
CA MET S 994 3.65 -31.83 60.12
C MET S 994 3.58 -33.35 60.30
N LYS S 995 2.68 -33.79 61.17
CA LYS S 995 2.49 -35.20 61.49
C LYS S 995 1.90 -35.94 60.29
N ALA S 996 1.70 -37.24 60.46
CA ALA S 996 1.06 -38.05 59.45
C ALA S 996 -0.38 -37.57 59.26
N PRO S 997 -0.90 -37.53 58.02
CA PRO S 997 -0.18 -37.91 56.79
C PRO S 997 0.80 -36.85 56.31
N ASN S 998 1.85 -37.28 55.61
CA ASN S 998 2.76 -36.38 54.91
C ASN S 998 2.95 -36.93 53.51
N LEU S 999 2.69 -36.09 52.52
CA LEU S 999 2.52 -36.60 51.15
C LEU S 999 3.84 -37.08 50.57
N ALA S 1000 4.95 -36.83 51.24
CA ALA S 1000 6.24 -37.27 50.68
C ALA S 1000 6.35 -38.78 50.67
N MET S 1001 5.82 -39.46 51.69
CA MET S 1001 5.84 -40.92 51.65
C MET S 1001 5.06 -41.41 50.45
N PHE S 1002 3.86 -40.87 50.25
CA PHE S 1002 3.11 -41.09 49.03
C PHE S 1002 3.99 -40.92 47.81
N LEU S 1003 4.55 -39.73 47.64
CA LEU S 1003 5.23 -39.38 46.41
C LEU S 1003 6.44 -40.26 46.16
N LEU S 1004 7.17 -40.60 47.22
CA LEU S 1004 8.22 -41.61 47.16
C LEU S 1004 7.67 -42.99 46.86
N GLY S 1005 6.37 -43.21 47.07
CA GLY S 1005 5.75 -44.48 46.78
C GLY S 1005 5.46 -45.33 47.99
N TYR S 1006 4.95 -44.73 49.06
CA TYR S 1006 4.89 -45.41 50.34
C TYR S 1006 3.59 -45.09 51.06
N GLU S 1007 3.21 -45.97 51.99
CA GLU S 1007 2.00 -45.82 52.78
C GLU S 1007 2.30 -46.07 54.25
N LEU S 1008 1.82 -45.15 55.10
CA LEU S 1008 1.76 -45.40 56.54
C LEU S 1008 0.49 -46.13 56.95
N LYS S 1009 -0.51 -46.18 56.09
CA LYS S 1009 -1.72 -46.94 56.33
C LYS S 1009 -1.55 -48.42 55.98
N LYS S 1010 -0.39 -48.79 55.44
CA LYS S 1010 -0.03 -50.16 55.15
C LYS S 1010 1.39 -50.36 55.66
N PRO S 1011 1.80 -51.61 55.88
CA PRO S 1011 3.17 -51.85 56.37
C PRO S 1011 4.20 -51.19 55.48
N VAL S 1012 5.12 -50.44 56.10
CA VAL S 1012 6.08 -49.65 55.35
C VAL S 1012 6.97 -50.55 54.50
N SER S 1013 7.40 -51.68 55.07
CA SER S 1013 8.26 -52.60 54.32
C SER S 1013 7.55 -53.17 53.11
N THR S 1014 6.27 -53.52 53.24
CA THR S 1014 5.50 -54.05 52.11
C THR S 1014 5.21 -52.99 51.06
N THR S 1015 4.99 -51.73 51.47
CA THR S 1015 4.76 -50.62 50.55
C THR S 1015 6.06 -50.19 49.91
N ASN S 1016 7.18 -50.61 50.50
CA ASN S 1016 8.49 -50.37 49.90
C ASN S 1016 8.56 -51.21 48.64
N LEU S 1017 8.86 -50.57 47.52
CA LEU S 1017 8.91 -51.28 46.25
C LEU S 1017 10.11 -52.22 46.24
N GLN S 1018 9.86 -53.50 45.95
CA GLN S 1018 10.93 -54.46 45.79
C GLN S 1018 11.32 -54.65 44.33
N ASP S 1019 10.64 -53.97 43.41
CA ASP S 1019 10.92 -54.06 41.99
C ASP S 1019 11.97 -53.05 41.59
N SER S 1020 12.78 -53.43 40.58
CA SER S 1020 13.73 -52.50 39.99
C SER S 1020 13.50 -52.45 38.49
N GLY S 1021 13.14 -53.59 37.91
CA GLY S 1021 12.82 -53.67 36.50
C GLY S 1021 11.64 -54.58 36.21
N VAL S 1022 11.07 -55.16 37.27
CA VAL S 1022 10.04 -56.17 37.12
C VAL S 1022 8.77 -55.52 36.58
N LEU S 1023 8.29 -56.01 35.44
CA LEU S 1023 7.08 -55.51 34.80
C LEU S 1023 7.17 -54.01 34.52
N GLY S 1024 8.38 -53.52 34.25
CA GLY S 1024 8.58 -52.10 34.12
C GLY S 1024 8.35 -51.33 35.39
N CYS S 1025 9.20 -51.51 36.40
CA CYS S 1025 9.04 -50.88 37.71
C CYS S 1025 8.91 -49.37 37.56
N PRO S 1026 7.80 -48.80 37.99
CA PRO S 1026 7.60 -47.35 37.86
C PRO S 1026 8.67 -46.58 38.63
N ARG S 1027 9.09 -45.46 38.06
CA ARG S 1027 10.10 -44.64 38.71
C ARG S 1027 9.48 -43.87 39.87
N THR S 1028 10.07 -44.02 41.05
CA THR S 1028 9.68 -43.27 42.23
C THR S 1028 10.68 -42.17 42.49
N CYS S 1029 10.31 -41.24 43.37
CA CYS S 1029 11.26 -40.21 43.78
C CYS S 1029 12.52 -40.84 44.35
N LEU S 1030 12.39 -42.03 44.94
CA LEU S 1030 13.54 -42.82 45.30
C LEU S 1030 14.45 -43.04 44.10
N HIS S 1031 13.89 -43.51 42.98
CA HIS S 1031 14.70 -43.79 41.81
C HIS S 1031 15.27 -42.50 41.21
N SER S 1032 14.51 -41.41 41.30
CA SER S 1032 15.01 -40.13 40.81
C SER S 1032 16.24 -39.70 41.59
N ILE S 1033 16.17 -39.74 42.92
CA ILE S 1033 17.31 -39.33 43.75
C ILE S 1033 18.46 -40.29 43.53
N LEU S 1034 18.16 -41.57 43.32
CA LEU S 1034 19.18 -42.54 42.93
C LEU S 1034 19.94 -42.06 41.70
N ASP S 1035 19.22 -41.71 40.64
CA ASP S 1035 19.88 -41.27 39.41
C ASP S 1035 20.67 -39.99 39.66
N ILE S 1036 20.11 -39.06 40.41
CA ILE S 1036 20.77 -37.79 40.69
C ILE S 1036 22.13 -38.04 41.33
N LEU S 1037 22.14 -38.85 42.39
CA LEU S 1037 23.38 -39.07 43.11
C LEU S 1037 24.31 -40.03 42.40
N ARG S 1038 23.79 -40.85 41.47
CA ARG S 1038 24.66 -41.73 40.71
C ARG S 1038 25.25 -41.04 39.49
N LYS S 1039 24.78 -39.83 39.18
CA LYS S 1039 25.41 -39.06 38.11
C LYS S 1039 26.90 -38.90 38.35
N GLY S 1040 27.67 -38.84 37.28
CA GLY S 1040 29.11 -38.80 37.41
C GLY S 1040 29.67 -40.19 37.69
N THR S 1041 30.76 -40.54 37.02
CA THR S 1041 31.32 -41.87 37.13
C THR S 1041 32.79 -41.80 37.52
N ASP S 1042 33.26 -42.83 38.23
CA ASP S 1042 34.63 -42.93 38.70
C ASP S 1042 35.00 -41.69 39.52
N VAL S 1043 34.06 -41.21 40.32
CA VAL S 1043 34.25 -40.02 41.14
C VAL S 1043 34.90 -40.41 42.46
N ARG S 1044 35.34 -39.42 43.24
CA ARG S 1044 35.72 -39.65 44.63
C ARG S 1044 35.46 -38.37 45.43
N ALA S 1045 34.61 -37.49 44.88
CA ALA S 1045 34.17 -36.32 45.63
C ALA S 1045 32.69 -36.01 45.39
N GLY S 1046 31.93 -36.91 44.78
CA GLY S 1046 30.50 -36.70 44.60
C GLY S 1046 30.05 -36.74 43.14
N PRO S 1047 28.74 -36.74 42.93
CA PRO S 1047 28.20 -36.71 41.56
C PRO S 1047 28.45 -35.38 40.87
N VAL S 1048 28.08 -35.30 39.59
CA VAL S 1048 28.22 -34.04 38.85
C VAL S 1048 27.29 -32.99 39.46
N ALA S 1049 26.23 -33.43 40.13
CA ALA S 1049 25.34 -32.52 40.83
C ALA S 1049 26.09 -31.65 41.82
N VAL S 1050 27.08 -32.19 42.53
CA VAL S 1050 27.84 -31.40 43.49
C VAL S 1050 28.49 -30.20 42.82
N TRP S 1051 29.19 -30.43 41.71
CA TRP S 1051 29.85 -29.34 41.00
C TRP S 1051 28.85 -28.35 40.41
N ASP S 1052 27.84 -28.85 39.72
CA ASP S 1052 26.93 -27.93 39.05
C ASP S 1052 25.89 -27.36 40.01
N THR S 1053 25.25 -28.23 40.80
CA THR S 1053 24.12 -27.83 41.65
C THR S 1053 24.34 -28.38 43.04
N PRO S 1054 25.26 -27.79 43.81
CA PRO S 1054 25.61 -28.38 45.11
C PRO S 1054 24.43 -28.53 46.03
N HIS S 1055 23.49 -27.58 45.98
CA HIS S 1055 22.25 -27.70 46.73
C HIS S 1055 21.54 -29.00 46.39
N LEU S 1056 21.56 -29.38 45.12
CA LEU S 1056 20.89 -30.61 44.70
C LEU S 1056 21.42 -31.82 45.44
N ALA S 1057 22.74 -32.01 45.46
CA ALA S 1057 23.29 -33.19 46.12
C ALA S 1057 23.06 -33.13 47.62
N GLU S 1058 23.31 -31.97 48.24
CA GLU S 1058 23.20 -31.91 49.69
C GLU S 1058 21.75 -32.12 50.13
N LEU S 1059 20.80 -31.73 49.27
CA LEU S 1059 19.41 -31.93 49.65
C LEU S 1059 18.93 -33.34 49.30
N CYS S 1060 19.48 -33.95 48.25
CA CYS S 1060 19.22 -35.37 48.04
C CYS S 1060 19.72 -36.17 49.22
N TYR S 1061 20.72 -35.65 49.91
CA TYR S 1061 21.20 -36.28 51.14
C TYR S 1061 20.30 -35.94 52.31
N GLN S 1062 19.86 -34.68 52.39
CA GLN S 1062 18.92 -34.29 53.43
C GLN S 1062 17.64 -35.11 53.34
N VAL S 1063 17.33 -35.60 52.14
CA VAL S 1063 16.22 -36.54 51.98
C VAL S 1063 16.36 -37.68 52.97
N ILE S 1064 17.45 -38.46 52.83
CA ILE S 1064 17.66 -39.59 53.71
C ILE S 1064 17.83 -39.12 55.15
N TYR S 1065 18.34 -37.90 55.33
CA TYR S 1065 18.43 -37.32 56.66
C TYR S 1065 17.07 -37.34 57.35
N GLN S 1066 16.07 -36.69 56.74
CA GLN S 1066 14.73 -36.73 57.30
C GLN S 1066 14.20 -38.15 57.37
N LEU S 1067 14.48 -38.96 56.35
CA LEU S 1067 13.93 -40.32 56.28
C LEU S 1067 14.32 -41.12 57.51
N CYS S 1068 15.61 -41.16 57.82
CA CYS S 1068 16.04 -41.87 59.00
C CYS S 1068 15.73 -41.09 60.27
N ALA S 1069 15.50 -39.78 60.16
CA ALA S 1069 14.99 -39.04 61.30
C ALA S 1069 13.61 -39.55 61.71
N CYS S 1070 12.84 -40.05 60.76
CA CYS S 1070 11.62 -40.77 61.11
C CYS S 1070 11.93 -42.24 61.36
N ALA S 1071 11.58 -42.71 62.56
CA ALA S 1071 11.85 -44.10 62.92
C ALA S 1071 11.09 -45.06 62.02
N ASP S 1072 9.83 -44.75 61.71
CA ASP S 1072 9.03 -45.60 60.85
C ASP S 1072 9.62 -45.76 59.46
N THR S 1073 10.44 -44.81 59.02
CA THR S 1073 11.04 -44.87 57.70
C THR S 1073 12.53 -45.15 57.72
N SER S 1074 13.19 -44.90 58.85
CA SER S 1074 14.62 -45.17 58.95
C SER S 1074 14.94 -46.60 58.54
N GLY S 1075 14.24 -47.56 59.13
CA GLY S 1075 14.47 -48.96 58.90
C GLY S 1075 14.37 -49.35 57.44
N PRO S 1076 13.16 -49.27 56.88
CA PRO S 1076 12.98 -49.64 55.46
C PRO S 1076 13.90 -48.85 54.54
N THR S 1077 14.05 -47.56 54.80
CA THR S 1077 14.97 -46.73 54.04
C THR S 1077 16.33 -47.38 53.96
N MET S 1078 17.03 -47.45 55.10
CA MET S 1078 18.39 -47.92 55.11
C MET S 1078 18.51 -49.37 54.64
N ARG S 1079 17.54 -50.21 54.98
CA ARG S 1079 17.65 -51.62 54.60
C ARG S 1079 17.57 -51.78 53.10
N TYR S 1080 16.64 -51.08 52.45
CA TYR S 1080 16.57 -51.13 51.00
C TYR S 1080 17.83 -50.54 50.40
N LEU S 1081 18.29 -49.41 50.96
CA LEU S 1081 19.46 -48.74 50.44
C LEU S 1081 20.68 -49.64 50.45
N ARG S 1082 20.84 -50.45 51.49
CA ARG S 1082 22.01 -51.33 51.51
C ARG S 1082 21.77 -52.59 50.67
N THR S 1083 20.71 -53.33 50.95
CA THR S 1083 20.55 -54.65 50.34
C THR S 1083 20.34 -54.56 48.83
N SER S 1084 19.55 -53.59 48.38
CA SER S 1084 19.17 -53.58 46.97
C SER S 1084 20.33 -53.20 46.06
N GLN S 1085 20.86 -51.98 46.19
CA GLN S 1085 21.88 -51.48 45.28
C GLN S 1085 23.20 -51.17 45.95
N ASP S 1086 23.33 -51.42 47.25
CA ASP S 1086 24.58 -51.18 47.99
C ASP S 1086 24.97 -49.71 47.96
N PHE S 1087 23.98 -48.84 47.78
CA PHE S 1087 24.26 -47.45 47.47
C PHE S 1087 24.91 -46.72 48.64
N LEU S 1088 24.51 -47.04 49.87
CA LEU S 1088 25.05 -46.34 51.02
C LEU S 1088 26.57 -46.47 51.07
N PHE S 1089 27.06 -47.70 51.00
CA PHE S 1089 28.50 -47.93 50.93
C PHE S 1089 29.09 -47.29 49.68
N SER S 1090 28.40 -47.46 48.54
CA SER S 1090 28.92 -46.93 47.29
C SER S 1090 29.21 -45.44 47.40
N GLN S 1091 28.27 -44.67 47.95
CA GLN S 1091 28.46 -43.23 48.04
C GLN S 1091 29.38 -42.85 49.19
N LEU S 1092 29.30 -43.55 50.32
CA LEU S 1092 30.14 -43.17 51.44
C LEU S 1092 31.61 -43.42 51.17
N GLN S 1093 31.95 -44.28 50.20
CA GLN S 1093 33.35 -44.38 49.81
C GLN S 1093 33.88 -43.11 49.16
N HIS S 1094 33.03 -42.37 48.46
CA HIS S 1094 33.50 -41.27 47.63
C HIS S 1094 33.75 -39.99 48.42
N LEU S 1095 33.84 -40.10 49.73
CA LEU S 1095 34.31 -38.99 50.54
C LEU S 1095 35.85 -38.97 50.49
N PRO S 1096 36.47 -37.80 50.71
CA PRO S 1096 35.86 -36.50 50.99
C PRO S 1096 35.39 -35.79 49.74
N PHE S 1097 34.36 -34.95 49.88
CA PHE S 1097 33.90 -34.15 48.77
C PHE S 1097 34.64 -32.83 48.74
N SER S 1098 34.83 -32.30 47.54
CA SER S 1098 35.56 -31.05 47.34
C SER S 1098 34.63 -30.03 46.72
N VAL S 1099 34.40 -28.93 47.42
CA VAL S 1099 33.68 -27.79 46.88
C VAL S 1099 34.51 -26.56 47.15
N GLU S 1100 35.35 -26.18 46.18
CA GLU S 1100 36.11 -24.95 46.24
C GLU S 1100 35.24 -23.75 45.90
N GLU S 1101 34.09 -23.99 45.29
CA GLU S 1101 33.09 -22.95 45.10
C GLU S 1101 32.61 -22.42 46.44
N SER S 1102 32.41 -23.30 47.40
CA SER S 1102 32.09 -22.92 48.76
C SER S 1102 32.62 -23.98 49.70
N GLU S 1103 33.60 -23.61 50.50
CA GLU S 1103 34.03 -24.44 51.63
C GLU S 1103 32.83 -24.96 52.41
N ILE S 1104 31.83 -24.09 52.59
CA ILE S 1104 30.63 -24.44 53.36
C ILE S 1104 29.92 -25.61 52.71
N SER S 1105 29.81 -25.58 51.38
CA SER S 1105 29.12 -26.66 50.67
C SER S 1105 29.78 -28.01 50.91
N ALA S 1106 31.10 -28.08 50.72
CA ALA S 1106 31.80 -29.35 50.93
C ALA S 1106 31.67 -29.80 52.38
N MET S 1107 31.85 -28.88 53.33
CA MET S 1107 31.87 -29.31 54.73
C MET S 1107 30.50 -29.83 55.14
N ASN S 1108 29.42 -29.22 54.67
CA ASN S 1108 28.10 -29.76 54.99
C ASN S 1108 27.82 -31.03 54.21
N GLN S 1109 28.41 -31.19 53.01
CA GLN S 1109 28.36 -32.46 52.31
C GLN S 1109 28.85 -33.59 53.20
N MET S 1110 30.11 -33.49 53.61
CA MET S 1110 30.65 -34.51 54.51
C MET S 1110 29.87 -34.57 55.81
N SER S 1111 29.39 -33.43 56.30
CA SER S 1111 28.68 -33.41 57.57
C SER S 1111 27.42 -34.26 57.50
N TRP S 1112 26.63 -34.09 56.46
CA TRP S 1112 25.44 -34.91 56.29
C TRP S 1112 25.81 -36.38 56.15
N LEU S 1113 26.84 -36.68 55.33
CA LEU S 1113 27.17 -38.10 55.14
C LEU S 1113 27.62 -38.76 56.43
N MET S 1114 28.41 -38.04 57.22
CA MET S 1114 28.95 -38.63 58.44
C MET S 1114 27.91 -38.66 59.55
N LYS S 1115 26.92 -37.76 59.52
CA LYS S 1115 25.78 -37.96 60.41
C LYS S 1115 24.98 -39.20 60.00
N THR S 1116 24.83 -39.43 58.70
CA THR S 1116 24.19 -40.66 58.24
C THR S 1116 24.94 -41.87 58.77
N ALA S 1117 26.26 -41.88 58.61
CA ALA S 1117 27.06 -42.97 59.12
C ALA S 1117 26.91 -43.11 60.63
N THR S 1118 26.79 -41.98 61.33
CA THR S 1118 26.59 -42.00 62.79
C THR S 1118 25.34 -42.78 63.13
N ILE S 1119 24.22 -42.44 62.49
CA ILE S 1119 22.98 -43.13 62.81
C ILE S 1119 23.05 -44.57 62.34
N GLU S 1120 23.69 -44.83 61.20
CA GLU S 1120 23.90 -46.19 60.73
C GLU S 1120 24.56 -47.03 61.81
N LEU S 1121 25.68 -46.54 62.34
CA LEU S 1121 26.40 -47.28 63.37
C LEU S 1121 25.58 -47.41 64.64
N ARG S 1122 24.88 -46.35 65.04
CA ARG S 1122 24.08 -46.43 66.24
C ARG S 1122 23.04 -47.54 66.15
N ILE S 1123 22.31 -47.59 65.03
CA ILE S 1123 21.27 -48.59 64.90
C ILE S 1123 21.87 -49.99 64.73
N THR S 1124 22.97 -50.10 63.98
CA THR S 1124 23.60 -51.42 63.82
C THR S 1124 24.11 -51.94 65.15
N SER S 1125 24.66 -51.06 65.98
CA SER S 1125 25.06 -51.46 67.33
C SER S 1125 23.86 -51.86 68.17
N LEU S 1126 22.76 -51.11 68.06
CA LEU S 1126 21.58 -51.43 68.85
C LEU S 1126 21.02 -52.80 68.49
N ASN S 1127 20.98 -53.13 67.20
CA ASN S 1127 20.41 -54.39 66.74
C ASN S 1127 21.45 -55.45 66.41
N ARG S 1128 22.69 -55.26 66.86
CA ARG S 1128 23.80 -56.19 66.61
C ARG S 1128 23.92 -56.57 65.13
N GLN S 1129 23.65 -55.62 64.23
CA GLN S 1129 23.90 -55.85 62.81
C GLN S 1129 25.40 -55.85 62.61
N ARG S 1130 26.02 -56.94 63.07
CA ARG S 1130 27.47 -57.00 63.16
C ARG S 1130 28.09 -56.91 61.77
N SER S 1131 27.44 -57.51 60.78
CA SER S 1131 28.03 -57.56 59.44
C SER S 1131 28.18 -56.16 58.85
N HIS S 1132 27.08 -55.42 58.83
CA HIS S 1132 27.13 -54.04 58.37
C HIS S 1132 28.01 -53.21 59.29
N THR S 1133 28.11 -53.62 60.55
CA THR S 1133 29.03 -52.97 61.47
C THR S 1133 30.49 -53.13 61.01
N GLN S 1134 30.86 -54.33 60.56
CA GLN S 1134 32.24 -54.49 60.09
C GLN S 1134 32.46 -53.72 58.80
N ARG S 1135 31.50 -53.70 57.88
CA ARG S 1135 31.66 -52.76 56.77
C ARG S 1135 31.88 -51.34 57.26
N LEU S 1136 31.03 -50.86 58.17
CA LEU S 1136 31.12 -49.47 58.60
C LEU S 1136 32.47 -49.16 59.23
N LEU S 1137 32.95 -50.05 60.09
CA LEU S 1137 34.24 -49.84 60.72
C LEU S 1137 35.38 -49.95 59.70
N HIS S 1138 35.35 -50.97 58.85
CA HIS S 1138 36.45 -51.22 57.94
C HIS S 1138 36.65 -50.07 56.97
N LEU S 1139 35.59 -49.69 56.25
CA LEU S 1139 35.76 -48.68 55.21
C LEU S 1139 36.32 -47.38 55.79
N LEU S 1140 35.89 -47.02 56.98
CA LEU S 1140 36.49 -45.90 57.70
C LEU S 1140 37.93 -46.19 58.07
N LEU S 1141 38.22 -47.44 58.41
CA LEU S 1141 39.43 -47.80 59.11
C LEU S 1141 40.34 -48.70 58.29
N ASP S 1142 40.02 -48.91 57.01
CA ASP S 1142 40.96 -49.57 56.11
C ASP S 1142 42.04 -48.58 55.70
N ASP S 1143 43.20 -48.65 56.36
CA ASP S 1143 44.28 -47.73 56.01
C ASP S 1143 44.71 -47.91 54.57
N MET S 1144 44.75 -49.16 54.10
CA MET S 1144 44.99 -49.40 52.69
C MET S 1144 43.82 -48.84 51.88
N PRO S 1145 44.08 -48.29 50.69
CA PRO S 1145 43.01 -47.69 49.89
C PRO S 1145 41.95 -48.71 49.53
N THR S 1146 40.70 -48.25 49.41
CA THR S 1146 39.56 -49.09 49.07
C THR S 1146 38.74 -48.43 47.97
N ARG S 1147 38.12 -49.27 47.14
CA ARG S 1147 37.29 -48.81 46.03
C ARG S 1147 36.01 -49.64 45.96
N PRO S 1148 34.97 -49.20 45.24
CA PRO S 1148 33.71 -49.95 45.21
C PRO S 1148 33.86 -51.33 44.57
N TYR S 1149 33.68 -52.37 45.38
CA TYR S 1149 33.58 -53.74 44.90
C TYR S 1149 32.50 -54.44 45.73
N SER S 1150 32.46 -55.77 45.63
CA SER S 1150 31.55 -56.56 46.44
C SER S 1150 32.28 -57.11 47.67
N ALA S 1151 31.56 -57.19 48.79
CA ALA S 1151 32.16 -57.59 50.06
C ALA S 1151 31.28 -58.64 50.73
N ASP S 1152 31.64 -58.97 51.96
CA ASP S 1152 30.92 -59.99 52.72
C ASP S 1152 29.58 -59.45 53.21
N GLY S 1153 28.59 -60.33 53.27
CA GLY S 1153 27.31 -59.99 53.87
C GLY S 1153 27.25 -60.44 55.32
N GLU S 1154 28.26 -61.21 55.74
CA GLU S 1154 28.39 -61.65 57.11
C GLU S 1154 29.39 -60.82 57.89
N GLY S 1155 30.24 -60.07 57.19
CA GLY S 1155 31.20 -59.18 57.81
C GLY S 1155 31.67 -58.17 56.79
N GLY S 1156 32.76 -57.46 57.09
CA GLY S 1156 33.31 -56.49 56.18
C GLY S 1156 34.23 -57.14 55.15
N MET S 1157 34.77 -56.28 54.29
CA MET S 1157 35.72 -56.75 53.28
C MET S 1157 37.08 -57.02 53.92
N GLU S 1158 37.62 -58.21 53.65
CA GLU S 1158 38.86 -58.63 54.27
C GLU S 1158 39.74 -59.43 53.32
N ASP S 1159 39.29 -59.61 52.09
CA ASP S 1159 40.01 -60.38 51.08
C ASP S 1159 40.87 -59.43 50.24
N GLU S 1160 41.77 -60.03 49.46
CA GLU S 1160 42.67 -59.26 48.59
C GLU S 1160 42.56 -59.76 47.15
N SER S 1161 41.40 -60.33 46.80
CA SER S 1161 41.18 -60.83 45.45
C SER S 1161 39.88 -60.31 44.87
N ARG S 1162 38.94 -59.95 45.73
CA ARG S 1162 37.69 -59.34 45.31
C ARG S 1162 37.43 -58.09 46.14
N SER S 1163 38.32 -57.84 47.11
CA SER S 1163 38.21 -56.69 47.98
C SER S 1163 39.61 -56.20 48.32
N LEU S 1164 39.68 -55.06 49.01
CA LEU S 1164 40.92 -54.40 49.40
C LEU S 1164 41.86 -54.18 48.23
N SER S 1165 41.33 -54.15 47.01
CA SER S 1165 42.12 -54.00 45.79
C SER S 1165 42.49 -52.55 45.52
N GLY S 1166 41.94 -51.61 46.29
CA GLY S 1166 42.37 -50.23 46.19
C GLY S 1166 43.83 -50.10 46.59
N PHE S 1167 44.24 -50.89 47.59
CA PHE S 1167 45.64 -50.95 48.00
C PHE S 1167 46.55 -51.46 46.89
N LEU S 1168 46.14 -52.50 46.17
CA LEU S 1168 46.89 -53.02 45.05
C LEU S 1168 46.91 -52.06 43.86
N HIS S 1169 45.81 -51.36 43.61
CA HIS S 1169 45.78 -50.26 42.65
C HIS S 1169 46.73 -49.14 43.05
N PHE S 1170 46.90 -48.92 44.34
CA PHE S 1170 47.90 -48.04 44.91
C PHE S 1170 49.21 -48.81 45.03
N ASP S 1171 50.22 -48.18 45.62
CA ASP S 1171 51.50 -48.85 45.81
C ASP S 1171 51.37 -49.99 46.82
N THR S 1172 52.18 -51.03 46.63
CA THR S 1172 52.24 -52.12 47.58
C THR S 1172 53.04 -51.76 48.83
N THR S 1173 53.90 -50.74 48.75
CA THR S 1173 54.66 -50.27 49.90
C THR S 1173 54.08 -49.02 50.53
N SER S 1174 52.99 -48.49 49.98
CA SER S 1174 52.37 -47.27 50.48
C SER S 1174 50.87 -47.44 50.54
N LYS S 1175 50.25 -46.82 51.53
CA LYS S 1175 48.80 -46.74 51.65
C LYS S 1175 48.41 -45.30 51.88
N VAL S 1176 47.33 -44.87 51.21
CA VAL S 1176 46.85 -43.53 51.43
C VAL S 1176 46.52 -43.33 52.91
N ARG S 1177 46.83 -42.14 53.40
CA ARG S 1177 46.64 -41.87 54.82
C ARG S 1177 45.16 -41.92 55.17
N ARG S 1178 44.89 -41.90 56.47
CA ARG S 1178 43.58 -42.21 57.00
C ARG S 1178 42.52 -41.36 56.31
N LYS S 1179 41.38 -41.96 55.99
CA LYS S 1179 40.38 -41.24 55.22
C LYS S 1179 39.52 -40.34 56.10
N ILE S 1180 39.29 -40.73 57.36
CA ILE S 1180 38.71 -39.76 58.28
C ILE S 1180 39.69 -38.61 58.46
N LEU S 1181 40.98 -38.91 58.41
CA LEU S 1181 41.99 -37.87 58.36
C LEU S 1181 41.87 -37.02 57.11
N ARG S 1182 41.59 -37.63 55.96
CA ARG S 1182 41.42 -36.84 54.74
C ARG S 1182 40.23 -35.92 54.86
N ILE S 1183 39.17 -36.42 55.48
CA ILE S 1183 38.01 -35.59 55.78
C ILE S 1183 38.43 -34.40 56.65
N LEU S 1184 39.25 -34.68 57.66
CA LEU S 1184 39.78 -33.61 58.50
C LEU S 1184 40.63 -32.64 57.68
N ASP S 1185 41.42 -33.16 56.75
CA ASP S 1185 42.29 -32.35 55.92
C ASP S 1185 41.48 -31.39 55.07
N SER S 1186 40.38 -31.88 54.51
CA SER S 1186 39.52 -31.05 53.69
C SER S 1186 38.94 -29.88 54.46
N ILE S 1187 38.94 -29.96 55.79
CA ILE S 1187 38.45 -28.86 56.60
C ILE S 1187 39.41 -27.69 56.50
N GLN S 1188 38.86 -26.49 56.32
CA GLN S 1188 39.66 -25.29 56.23
C GLN S 1188 40.02 -24.80 57.63
N PHE S 1189 41.19 -24.21 57.75
CA PHE S 1189 41.71 -23.69 59.01
C PHE S 1189 42.29 -22.31 58.77
N SER S 1190 41.79 -21.32 59.50
CA SER S 1190 42.19 -19.94 59.28
C SER S 1190 42.01 -19.17 60.59
N ASN S 1191 42.45 -17.93 60.62
CA ASN S 1191 42.14 -17.03 61.72
C ASN S 1191 41.92 -15.63 61.18
N GLU S 1192 41.31 -15.55 59.99
CA GLU S 1192 41.28 -14.33 59.20
C GLU S 1192 40.60 -13.18 59.94
N ILE S 1193 40.95 -11.96 59.55
CA ILE S 1193 40.38 -10.75 60.12
C ILE S 1193 40.12 -9.75 58.99
N PRO S 1194 39.14 -8.85 59.11
CA PRO S 1194 38.85 -7.91 58.03
C PRO S 1194 39.85 -6.77 57.96
N GLU S 1195 39.95 -6.20 56.76
CA GLU S 1195 40.81 -5.04 56.56
C GLU S 1195 40.17 -3.82 57.22
N PRO S 1196 40.94 -3.01 57.96
CA PRO S 1196 40.36 -1.83 58.60
C PRO S 1196 39.86 -0.84 57.57
N LEU S 1197 38.78 -0.15 57.91
CA LEU S 1197 38.31 0.93 57.09
C LEU S 1197 39.12 2.20 57.34
N GLN S 1198 39.40 2.91 56.26
CA GLN S 1198 40.15 4.16 56.31
C GLN S 1198 39.26 5.23 55.70
N LEU S 1199 38.34 5.76 56.51
CA LEU S 1199 37.34 6.70 56.04
C LEU S 1199 37.86 8.11 56.17
N ASP S 1200 37.86 8.84 55.05
CA ASP S 1200 38.41 10.18 54.98
C ASP S 1200 37.40 11.28 55.27
N PHE S 1201 36.16 11.11 54.84
CA PHE S 1201 35.12 12.10 55.12
C PHE S 1201 34.52 11.91 56.50
N PHE S 1202 34.94 10.87 57.22
CA PHE S 1202 34.11 10.28 58.25
C PHE S 1202 34.96 9.89 59.47
N ASP S 1203 34.27 9.70 60.60
CA ASP S 1203 34.91 9.32 61.86
C ASP S 1203 34.53 7.88 62.21
N ARG S 1204 35.46 6.95 61.97
CA ARG S 1204 35.14 5.53 62.08
C ARG S 1204 34.48 5.18 63.40
N SER S 1205 34.90 5.84 64.48
CA SER S 1205 34.20 5.67 65.74
C SER S 1205 32.72 6.01 65.61
N GLN S 1206 32.41 7.14 64.98
CA GLN S 1206 31.02 7.56 64.84
C GLN S 1206 30.25 6.61 63.94
N ILE S 1207 30.85 6.17 62.83
CA ILE S 1207 30.16 5.21 61.96
C ILE S 1207 29.86 3.92 62.71
N GLU S 1208 30.83 3.40 63.45
CA GLU S 1208 30.58 2.15 64.16
C GLU S 1208 29.57 2.33 65.28
N GLN S 1209 29.55 3.52 65.91
CA GLN S 1209 28.49 3.81 66.87
C GLN S 1209 27.13 3.71 66.20
N VAL S 1210 26.97 4.38 65.07
CA VAL S 1210 25.69 4.35 64.35
C VAL S 1210 25.37 2.93 63.91
N ILE S 1211 26.39 2.18 63.52
CA ILE S 1211 26.19 0.80 63.09
C ILE S 1211 25.64 -0.05 64.22
N ALA S 1212 26.28 0.04 65.40
CA ALA S 1212 25.80 -0.71 66.55
C ALA S 1212 24.38 -0.29 66.92
N ASN S 1213 24.07 1.00 66.78
CA ASN S 1213 22.73 1.47 67.10
C ASN S 1213 21.69 1.01 66.09
N CYS S 1214 22.06 0.85 64.82
CA CYS S 1214 21.08 0.67 63.77
C CYS S 1214 21.01 -0.76 63.22
N GLU S 1215 21.92 -1.64 63.62
CA GLU S 1215 21.81 -3.03 63.19
C GLU S 1215 20.56 -3.66 63.76
N HIS S 1216 19.96 -4.59 63.00
CA HIS S 1216 18.71 -5.20 63.36
C HIS S 1216 18.79 -6.70 63.17
N LYS S 1217 17.97 -7.42 63.95
CA LYS S 1217 17.90 -8.87 63.85
C LYS S 1217 17.39 -9.28 62.48
N ASN S 1218 18.23 -9.96 61.71
CA ASN S 1218 17.81 -10.48 60.42
C ASN S 1218 17.34 -11.92 60.59
N ARG S 1219 16.85 -12.51 59.50
CA ARG S 1219 16.30 -13.86 59.52
C ARG S 1219 17.38 -14.92 59.32
N ARG S 1220 18.63 -14.62 59.63
CA ARG S 1220 19.68 -15.61 59.63
C ARG S 1220 20.22 -15.89 61.03
N GLY S 1221 19.69 -15.21 62.05
CA GLY S 1221 20.14 -15.45 63.41
C GLY S 1221 21.17 -14.45 63.92
N GLN S 1222 21.06 -13.19 63.53
CA GLN S 1222 22.01 -12.18 63.98
C GLN S 1222 21.40 -10.79 63.84
N THR S 1223 21.96 -9.84 64.58
CA THR S 1223 21.51 -8.45 64.52
C THR S 1223 22.45 -7.67 63.61
N VAL S 1224 22.09 -7.51 62.34
CA VAL S 1224 22.89 -6.76 61.38
C VAL S 1224 21.97 -5.91 60.52
N CYS S 1225 22.40 -4.68 60.26
CA CYS S 1225 21.64 -3.79 59.39
C CYS S 1225 21.75 -4.24 57.94
N ASN S 1226 20.67 -4.06 57.18
CA ASN S 1226 20.66 -4.42 55.77
C ASN S 1226 21.48 -3.43 54.97
N VAL S 1227 22.00 -3.89 53.84
CA VAL S 1227 22.86 -3.05 53.00
C VAL S 1227 22.09 -1.86 52.45
N LYS S 1228 20.83 -2.06 52.04
CA LYS S 1228 20.07 -0.97 51.47
C LYS S 1228 19.83 0.12 52.50
N LEU S 1229 19.28 -0.28 53.66
CA LEU S 1229 19.06 0.66 54.76
C LEU S 1229 20.34 1.37 55.11
N LEU S 1230 21.42 0.60 55.23
CA LEU S 1230 22.74 1.16 55.51
C LEU S 1230 23.06 2.29 54.54
N HIS S 1231 23.04 1.98 53.25
CA HIS S 1231 23.57 2.93 52.28
C HIS S 1231 22.73 4.19 52.23
N ARG S 1232 21.40 4.07 52.34
CA ARG S 1232 20.66 5.32 52.16
C ARG S 1232 20.59 6.10 53.46
N VAL S 1233 20.73 5.44 54.61
CA VAL S 1233 21.04 6.19 55.82
C VAL S 1233 22.34 6.96 55.63
N LEU S 1234 23.33 6.32 55.01
CA LEU S 1234 24.60 6.98 54.76
C LEU S 1234 24.40 8.23 53.92
N VAL S 1235 23.67 8.09 52.82
CA VAL S 1235 23.46 9.22 51.93
C VAL S 1235 22.71 10.32 52.66
N ALA S 1236 21.68 9.94 53.43
CA ALA S 1236 20.93 10.92 54.20
C ALA S 1236 21.82 11.69 55.15
N GLU S 1237 22.67 10.99 55.89
CA GLU S 1237 23.47 11.66 56.91
C GLU S 1237 24.55 12.52 56.27
N VAL S 1238 25.16 12.06 55.17
CA VAL S 1238 26.16 12.88 54.51
C VAL S 1238 25.50 14.11 53.89
N ASN S 1239 24.26 13.99 53.44
CA ASN S 1239 23.57 15.16 52.90
C ASN S 1239 23.11 16.09 54.01
N ALA S 1240 22.93 15.57 55.23
CA ALA S 1240 22.43 16.39 56.32
C ALA S 1240 23.30 17.61 56.59
N LEU S 1241 24.57 17.57 56.22
CA LEU S 1241 25.51 18.65 56.51
C LEU S 1241 26.12 19.15 55.20
N GLN S 1242 26.18 20.47 55.06
CA GLN S 1242 26.88 21.13 53.97
C GLN S 1242 26.33 20.79 52.60
N GLY S 1243 27.17 20.82 51.57
CA GLY S 1243 26.73 20.59 50.21
C GLY S 1243 27.25 21.61 49.21
N MET S 1244 28.26 22.39 49.61
CA MET S 1244 28.73 23.46 48.74
C MET S 1244 29.46 22.92 47.51
N ALA S 1245 30.62 22.30 47.73
CA ALA S 1245 31.46 21.90 46.61
C ALA S 1245 31.59 20.38 46.56
N ALA S 1246 30.89 19.68 47.47
CA ALA S 1246 30.89 18.23 47.47
C ALA S 1246 30.38 17.74 46.12
N ILE S 1247 29.59 18.58 45.45
CA ILE S 1247 29.04 18.24 44.14
C ILE S 1247 30.06 17.54 43.26
N GLY S 1248 31.29 18.07 43.19
CA GLY S 1248 32.32 17.43 42.41
C GLY S 1248 32.82 16.14 43.01
N GLN S 1249 32.78 16.03 44.34
CA GLN S 1249 33.32 14.88 45.06
C GLN S 1249 32.29 13.80 45.27
N ARG S 1250 31.06 14.05 44.81
CA ARG S 1250 30.00 13.05 44.89
C ARG S 1250 30.45 11.68 44.40
N PRO S 1251 31.22 11.56 43.31
CA PRO S 1251 31.86 10.26 43.06
C PRO S 1251 32.54 9.69 44.28
N LEU S 1252 33.55 10.39 44.82
CA LEU S 1252 34.32 9.84 45.92
C LEU S 1252 33.43 9.36 47.05
N LEU S 1253 32.42 10.16 47.40
CA LEU S 1253 31.40 9.72 48.33
C LEU S 1253 30.82 8.38 47.91
N MET S 1254 30.47 8.24 46.62
CA MET S 1254 29.82 7.02 46.17
C MET S 1254 30.75 5.81 46.25
N GLU S 1255 31.99 5.92 45.75
CA GLU S 1255 32.88 4.77 45.85
C GLU S 1255 33.16 4.42 47.30
N GLU S 1256 33.29 5.42 48.17
CA GLU S 1256 33.56 5.10 49.57
C GLU S 1256 32.38 4.39 50.21
N ILE S 1257 31.16 4.84 49.89
CA ILE S 1257 29.97 4.12 50.36
C ILE S 1257 29.99 2.69 49.87
N ASN S 1258 30.23 2.50 48.57
CA ASN S 1258 30.25 1.15 48.02
C ASN S 1258 31.29 0.30 48.70
N THR S 1259 32.47 0.87 48.95
CA THR S 1259 33.56 0.13 49.56
C THR S 1259 33.20 -0.32 50.97
N ILE S 1260 32.58 0.56 51.75
CA ILE S 1260 32.09 0.14 53.06
C ILE S 1260 31.05 -0.96 52.89
N LEU S 1261 30.30 -0.89 51.79
CA LEU S 1261 29.34 -1.96 51.52
C LEU S 1261 30.05 -3.30 51.36
N GLN S 1262 31.08 -3.38 50.51
CA GLN S 1262 31.78 -4.66 50.39
C GLN S 1262 32.47 -5.05 51.69
N TYR S 1263 32.89 -4.06 52.49
CA TYR S 1263 33.39 -4.37 53.82
C TYR S 1263 32.38 -5.18 54.63
N VAL S 1264 31.15 -4.68 54.73
CA VAL S 1264 30.16 -5.42 55.51
C VAL S 1264 29.79 -6.73 54.81
N VAL S 1265 29.81 -6.74 53.47
CA VAL S 1265 29.54 -7.97 52.73
C VAL S 1265 30.52 -9.06 53.14
N GLU S 1266 31.80 -8.73 53.14
CA GLU S 1266 32.81 -9.74 53.44
C GLU S 1266 32.83 -10.06 54.92
N ARG S 1267 32.41 -9.12 55.77
CA ARG S 1267 32.14 -9.46 57.16
C ARG S 1267 31.11 -10.58 57.24
N ASN S 1268 29.99 -10.42 56.54
CA ASN S 1268 29.00 -11.48 56.48
C ASN S 1268 29.58 -12.76 55.90
N LYS S 1269 30.42 -12.62 54.88
CA LYS S 1269 30.97 -13.78 54.16
C LYS S 1269 31.87 -14.62 55.05
N LEU S 1270 32.70 -13.97 55.87
CA LEU S 1270 33.46 -14.71 56.86
C LEU S 1270 32.53 -15.26 57.93
N LEU S 1271 31.43 -14.56 58.21
CA LEU S 1271 30.56 -14.97 59.30
C LEU S 1271 29.87 -16.30 59.02
N GLN S 1272 29.22 -16.46 57.86
CA GLN S 1272 28.24 -17.54 57.75
C GLN S 1272 28.93 -18.88 57.91
N CYS S 1273 30.18 -18.96 57.48
CA CYS S 1273 30.94 -20.20 57.47
C CYS S 1273 30.97 -20.79 58.88
N LEU S 1274 31.07 -19.91 59.87
CA LEU S 1274 31.43 -20.30 61.23
C LEU S 1274 30.46 -21.33 61.80
N HIS S 1275 29.16 -21.07 61.70
CA HIS S 1275 28.19 -21.93 62.34
C HIS S 1275 28.13 -23.29 61.66
N ALA S 1276 28.31 -23.33 60.35
CA ALA S 1276 28.30 -24.61 59.66
C ALA S 1276 29.61 -25.36 59.89
N LYS S 1277 30.71 -24.63 60.09
CA LYS S 1277 31.91 -25.24 60.67
C LYS S 1277 31.58 -25.92 61.98
N ARG S 1278 30.85 -25.22 62.84
CA ARG S 1278 30.50 -25.77 64.14
C ARG S 1278 29.68 -27.04 63.99
N HIS S 1279 28.67 -27.02 63.12
CA HIS S 1279 27.83 -28.19 62.90
C HIS S 1279 28.65 -29.35 62.34
N ALA S 1280 29.56 -29.05 61.41
CA ALA S 1280 30.41 -30.08 60.83
C ALA S 1280 31.30 -30.70 61.90
N LEU S 1281 31.87 -29.89 62.78
CA LEU S 1281 32.71 -30.44 63.83
C LEU S 1281 31.90 -31.30 64.80
N GLU S 1282 30.71 -30.82 65.16
CA GLU S 1282 29.81 -31.63 65.99
C GLU S 1282 29.60 -32.99 65.37
N SER S 1283 29.29 -33.02 64.07
CA SER S 1283 29.00 -34.27 63.38
C SER S 1283 30.24 -35.16 63.33
N TRP S 1284 31.40 -34.58 62.99
CA TRP S 1284 32.62 -35.36 62.82
C TRP S 1284 33.04 -36.00 64.14
N ARG S 1285 32.98 -35.21 65.21
CA ARG S 1285 33.18 -35.75 66.54
C ARG S 1285 32.19 -36.89 66.80
N GLN S 1286 30.90 -36.57 66.90
CA GLN S 1286 29.91 -37.61 67.23
C GLN S 1286 30.17 -38.88 66.43
N LEU S 1287 30.52 -38.72 65.14
CA LEU S 1287 30.88 -39.86 64.31
C LEU S 1287 32.03 -40.65 64.90
N VAL S 1288 33.13 -39.97 65.22
CA VAL S 1288 34.33 -40.71 65.62
C VAL S 1288 34.12 -41.39 66.97
N GLU S 1289 33.41 -40.74 67.90
CA GLU S 1289 33.19 -41.41 69.18
C GLU S 1289 32.19 -42.56 69.04
N ILE S 1290 31.23 -42.47 68.11
CA ILE S 1290 30.40 -43.63 67.84
C ILE S 1290 31.24 -44.76 67.25
N ILE S 1291 32.23 -44.41 66.43
CA ILE S 1291 33.19 -45.41 65.96
C ILE S 1291 33.89 -46.06 67.14
N LEU S 1292 34.19 -45.27 68.17
CA LEU S 1292 35.08 -45.76 69.21
C LEU S 1292 34.35 -46.46 70.35
N THR S 1293 33.55 -45.73 71.13
CA THR S 1293 33.08 -46.23 72.42
C THR S 1293 32.07 -47.35 72.32
N ALA S 1294 31.34 -47.45 71.20
CA ALA S 1294 30.33 -48.49 71.04
C ALA S 1294 30.80 -49.67 70.23
N CYS S 1295 31.76 -49.49 69.33
CA CYS S 1295 32.14 -50.62 68.50
C CYS S 1295 33.01 -51.60 69.27
N PRO S 1296 32.80 -52.90 69.04
CA PRO S 1296 33.65 -53.91 69.70
C PRO S 1296 35.11 -53.74 69.30
N GLN S 1297 35.99 -53.96 70.27
CA GLN S 1297 37.42 -53.84 70.02
C GLN S 1297 37.94 -54.96 69.14
N ASP S 1298 37.29 -56.12 69.19
CA ASP S 1298 37.79 -57.34 68.54
C ASP S 1298 37.87 -57.24 67.04
N LEU S 1299 37.04 -56.42 66.39
CA LEU S 1299 36.97 -56.43 64.94
C LEU S 1299 38.25 -55.93 64.28
N ILE S 1300 39.03 -55.11 64.96
CA ILE S 1300 40.25 -54.54 64.41
C ILE S 1300 41.37 -54.64 65.44
N PRO S 1301 42.62 -54.92 65.03
CA PRO S 1301 43.73 -54.95 65.99
C PRO S 1301 43.90 -53.66 66.79
N THR S 1302 44.01 -53.81 68.10
CA THR S 1302 44.12 -52.66 68.98
C THR S 1302 45.39 -51.87 68.72
N GLU S 1303 46.43 -52.54 68.20
CA GLU S 1303 47.63 -51.81 67.79
C GLU S 1303 47.27 -50.72 66.80
N HIS S 1304 46.58 -51.10 65.73
CA HIS S 1304 46.16 -50.14 64.72
C HIS S 1304 45.20 -49.13 65.32
N ARG S 1305 44.28 -49.58 66.18
CA ARG S 1305 43.37 -48.65 66.83
C ARG S 1305 44.12 -47.52 67.52
N GLN S 1306 44.98 -47.87 68.47
CA GLN S 1306 45.67 -46.85 69.24
C GLN S 1306 46.58 -46.02 68.34
N LEU S 1307 47.25 -46.67 67.38
CA LEU S 1307 48.06 -45.92 66.43
C LEU S 1307 47.25 -44.81 65.79
N ILE S 1308 46.07 -45.14 65.29
CA ILE S 1308 45.24 -44.15 64.62
C ILE S 1308 44.77 -43.10 65.63
N ILE S 1309 44.49 -43.52 66.86
CA ILE S 1309 44.06 -42.55 67.87
C ILE S 1309 45.12 -41.48 68.05
N ARG S 1310 46.36 -41.90 68.28
CA ARG S 1310 47.44 -40.95 68.49
C ARG S 1310 47.73 -40.13 67.23
N ASP S 1311 47.59 -40.75 66.06
CA ASP S 1311 47.77 -39.98 64.83
C ASP S 1311 46.73 -38.87 64.73
N LEU S 1312 45.48 -39.18 65.04
CA LEU S 1312 44.45 -38.16 65.04
C LEU S 1312 44.77 -37.10 66.08
N LEU S 1313 45.25 -37.52 67.24
CA LEU S 1313 45.56 -36.57 68.30
C LEU S 1313 46.66 -35.61 67.88
N GLN S 1314 47.73 -36.13 67.28
CA GLN S 1314 48.81 -35.28 66.84
C GLN S 1314 48.34 -34.30 65.77
N ASP S 1315 47.54 -34.78 64.81
CA ASP S 1315 47.09 -33.88 63.75
C ASP S 1315 46.16 -32.81 64.29
N LEU S 1316 45.25 -33.19 65.19
CA LEU S 1316 44.33 -32.19 65.74
C LEU S 1316 45.08 -31.19 66.61
N HIS S 1317 46.09 -31.65 67.36
CA HIS S 1317 46.93 -30.73 68.10
C HIS S 1317 47.63 -29.77 67.15
N VAL S 1318 48.19 -30.29 66.06
CA VAL S 1318 48.74 -29.40 65.03
C VAL S 1318 47.74 -28.31 64.71
N LYS S 1319 46.57 -28.71 64.21
CA LYS S 1319 45.60 -27.75 63.71
C LYS S 1319 45.15 -26.76 64.77
N ILE S 1320 44.89 -27.23 66.00
CA ILE S 1320 44.22 -26.37 66.96
C ILE S 1320 45.21 -25.62 67.86
N LEU S 1321 46.35 -26.21 68.19
CA LEU S 1321 47.45 -25.46 68.74
C LEU S 1321 47.88 -24.35 67.80
N ASP S 1322 47.78 -24.56 66.49
CA ASP S 1322 47.95 -23.49 65.53
C ASP S 1322 46.70 -22.64 65.38
N ASP S 1323 45.59 -23.09 65.97
CA ASP S 1323 44.30 -22.39 65.96
C ASP S 1323 43.67 -22.40 64.58
N ASP S 1324 42.36 -22.56 64.56
CA ASP S 1324 41.59 -22.46 63.33
C ASP S 1324 40.40 -21.53 63.48
N ALA S 1325 40.17 -20.98 64.67
CA ALA S 1325 39.10 -20.04 64.95
C ALA S 1325 39.39 -19.27 66.23
N ALA S 1326 38.35 -18.68 66.81
CA ALA S 1326 38.43 -17.89 68.02
C ALA S 1326 37.65 -18.58 69.14
N GLN S 1327 37.36 -17.86 70.22
CA GLN S 1327 36.76 -18.42 71.43
C GLN S 1327 35.65 -19.42 71.14
N GLU S 1328 34.94 -19.25 70.01
CA GLU S 1328 33.83 -20.13 69.68
C GLU S 1328 34.26 -21.58 69.53
N LEU S 1329 35.56 -21.86 69.37
CA LEU S 1329 36.00 -23.23 69.19
C LEU S 1329 36.27 -23.95 70.51
N MET S 1330 36.88 -23.29 71.50
CA MET S 1330 37.36 -24.01 72.68
C MET S 1330 36.30 -24.86 73.37
N PRO S 1331 35.04 -24.44 73.52
CA PRO S 1331 34.05 -25.36 74.09
C PRO S 1331 33.91 -26.67 73.31
N ILE S 1332 33.65 -26.57 72.02
CA ILE S 1332 33.35 -27.75 71.21
C ILE S 1332 34.58 -28.67 71.12
N VAL S 1333 35.74 -28.10 70.81
CA VAL S 1333 36.95 -28.92 70.68
C VAL S 1333 37.38 -29.44 72.04
N ALA S 1334 37.04 -28.70 73.11
CA ALA S 1334 37.42 -29.14 74.45
C ALA S 1334 36.63 -30.37 74.86
N GLY S 1335 35.32 -30.38 74.58
CA GLY S 1335 34.55 -31.59 74.76
C GLY S 1335 35.06 -32.72 73.87
N ALA S 1336 35.45 -32.38 72.64
CA ALA S 1336 36.06 -33.37 71.76
C ALA S 1336 37.26 -34.03 72.43
N VAL S 1337 38.19 -33.22 72.93
CA VAL S 1337 39.40 -33.74 73.55
C VAL S 1337 39.07 -34.55 74.79
N PHE S 1338 38.14 -34.04 75.60
CA PHE S 1338 37.57 -34.82 76.69
C PHE S 1338 37.30 -36.25 76.28
N THR S 1339 36.39 -36.44 75.33
CA THR S 1339 35.97 -37.80 75.01
C THR S 1339 37.07 -38.55 74.28
N LEU S 1340 37.94 -37.85 73.57
CA LEU S 1340 39.04 -38.52 72.88
C LEU S 1340 40.01 -39.15 73.88
N THR S 1341 40.41 -38.39 74.89
CA THR S 1341 41.31 -38.96 75.88
C THR S 1341 40.60 -39.99 76.74
N ALA S 1342 39.29 -39.84 76.93
CA ALA S 1342 38.54 -40.92 77.58
C ALA S 1342 38.68 -42.22 76.80
N HIS S 1343 38.35 -42.19 75.51
CA HIS S 1343 38.40 -43.39 74.70
C HIS S 1343 39.81 -43.94 74.60
N LEU S 1344 40.81 -43.07 74.49
CA LEU S 1344 42.19 -43.53 74.44
C LEU S 1344 42.61 -44.17 75.76
N SER S 1345 42.19 -43.59 76.88
CA SER S 1345 42.54 -44.18 78.16
C SER S 1345 41.99 -45.59 78.28
N GLN S 1346 40.68 -45.75 78.02
CA GLN S 1346 40.10 -47.08 78.14
C GLN S 1346 40.61 -48.02 77.06
N SER S 1347 41.01 -47.49 75.90
CA SER S 1347 41.49 -48.36 74.82
C SER S 1347 42.90 -48.85 75.10
N VAL S 1348 43.76 -47.97 75.62
CA VAL S 1348 45.07 -48.42 76.08
C VAL S 1348 44.89 -49.43 77.20
N ARG S 1349 43.89 -49.22 78.05
CA ARG S 1349 43.54 -50.24 79.03
C ARG S 1349 43.11 -51.55 78.38
N THR S 1350 42.42 -51.50 77.24
CA THR S 1350 42.06 -52.72 76.53
C THR S 1350 43.30 -53.46 76.06
N GLU S 1351 44.28 -52.74 75.52
CA GLU S 1351 45.56 -53.39 75.23
C GLU S 1351 46.24 -53.89 76.50
N LEU S 1352 45.99 -53.23 77.63
CA LEU S 1352 46.66 -53.64 78.87
C LEU S 1352 46.29 -55.05 79.29
N LYS S 1353 45.22 -55.61 78.73
CA LYS S 1353 44.77 -56.97 79.05
C LYS S 1353 45.36 -58.01 78.10
N GLN S 1354 46.16 -57.58 77.12
CA GLN S 1354 46.65 -58.48 76.09
C GLN S 1354 48.14 -58.27 75.87
N PRO S 1355 48.90 -59.36 75.71
CA PRO S 1355 50.33 -59.23 75.37
C PRO S 1355 50.52 -59.00 73.87
N MET S 1356 51.48 -58.13 73.53
CA MET S 1356 51.90 -57.99 72.14
C MET S 1356 53.36 -58.45 72.07
N THR S 1357 54.02 -58.23 70.93
CA THR S 1357 55.38 -58.70 70.62
C THR S 1357 55.36 -60.23 70.63
N ALA S 1358 56.53 -60.85 70.72
CA ALA S 1358 56.65 -62.30 70.76
C ALA S 1358 56.52 -62.85 72.17
N SER S 1359 56.53 -62.00 73.18
CA SER S 1359 56.41 -62.46 74.56
C SER S 1359 55.87 -61.32 75.42
N GLY S 1360 54.69 -61.54 75.97
CA GLY S 1360 54.12 -60.67 76.98
C GLY S 1360 53.54 -61.50 78.10
N LEU S 1361 53.54 -62.81 77.87
CA LEU S 1361 53.08 -63.79 78.86
C LEU S 1361 53.87 -65.07 78.63
N GLY S 1362 54.00 -65.88 79.67
CA GLY S 1362 54.67 -67.16 79.56
C GLY S 1362 55.93 -67.24 80.40
N GLN S 1363 56.70 -68.29 80.14
CA GLN S 1363 57.88 -68.61 80.94
C GLN S 1363 58.97 -67.55 80.84
N SER S 1364 59.29 -67.09 79.63
CA SER S 1364 60.42 -66.20 79.40
C SER S 1364 59.96 -64.92 78.73
N GLN S 1365 60.53 -63.79 79.16
CA GLN S 1365 60.23 -62.49 78.61
C GLN S 1365 61.52 -61.79 78.20
N TYR S 1366 61.49 -61.13 77.05
CA TYR S 1366 62.67 -60.41 76.57
C TYR S 1366 62.32 -59.07 75.98
N VAL S 1367 61.24 -58.45 76.46
CA VAL S 1367 60.85 -57.13 75.98
C VAL S 1367 60.66 -56.11 77.11
N GLN S 1368 60.90 -56.49 78.37
CA GLN S 1368 60.63 -55.62 79.49
C GLN S 1368 61.68 -54.55 79.71
N MET S 1369 62.86 -54.68 79.09
CA MET S 1369 63.84 -53.60 79.15
C MET S 1369 63.37 -52.36 78.42
N LEU S 1370 62.31 -52.46 77.61
CA LEU S 1370 61.81 -51.34 76.83
C LEU S 1370 60.93 -50.39 77.64
N ASP S 1371 60.62 -50.70 78.90
CA ASP S 1371 59.79 -49.85 79.72
C ASP S 1371 60.22 -49.97 81.17
N GLY S 1372 59.72 -49.05 82.00
CA GLY S 1372 59.90 -49.10 83.43
C GLY S 1372 58.99 -50.09 84.12
N SER S 1373 58.12 -50.77 83.38
CA SER S 1373 57.26 -51.81 83.93
C SER S 1373 57.91 -53.17 83.68
N PHE S 1374 57.88 -54.03 84.70
CA PHE S 1374 58.58 -55.30 84.63
C PHE S 1374 57.71 -56.41 85.18
N ALA S 1375 58.33 -57.59 85.32
CA ALA S 1375 57.61 -58.80 85.67
C ALA S 1375 57.15 -58.78 87.12
N ALA S 1376 56.08 -59.53 87.39
CA ALA S 1376 55.53 -59.68 88.73
C ALA S 1376 54.63 -60.90 88.73
N PRO S 1377 54.25 -61.41 89.90
CA PRO S 1377 53.22 -62.44 89.97
C PRO S 1377 51.97 -62.04 89.20
N PRO S 1378 51.15 -63.02 88.78
CA PRO S 1378 50.12 -62.78 87.74
C PRO S 1378 49.32 -61.49 87.88
N GLY S 1379 49.29 -60.71 86.79
CA GLY S 1379 48.51 -59.50 86.72
C GLY S 1379 49.23 -58.32 86.10
N THR S 1380 50.54 -58.24 86.31
CA THR S 1380 51.33 -57.10 85.85
C THR S 1380 52.02 -57.35 84.52
N GLU S 1381 52.23 -58.61 84.14
CA GLU S 1381 52.88 -58.92 82.88
C GLU S 1381 52.07 -58.43 81.67
N ASN S 1382 50.76 -58.61 81.68
CA ASN S 1382 49.94 -58.12 80.58
C ASN S 1382 49.90 -56.61 80.55
N ILE S 1383 49.92 -55.97 81.72
CA ILE S 1383 49.95 -54.51 81.80
C ILE S 1383 51.25 -53.94 81.24
N SER S 1384 52.39 -54.53 81.61
CA SER S 1384 53.68 -54.01 81.14
C SER S 1384 53.81 -54.10 79.62
N ALA S 1385 53.26 -55.15 79.01
CA ALA S 1385 53.29 -55.27 77.56
C ALA S 1385 52.51 -54.15 76.89
N GLY S 1386 51.39 -53.75 77.49
CA GLY S 1386 50.57 -52.70 76.92
C GLY S 1386 51.28 -51.36 76.78
N PHE S 1387 52.28 -51.09 77.62
CA PHE S 1387 53.07 -49.89 77.47
C PHE S 1387 54.37 -50.11 76.74
N ALA S 1388 55.00 -51.29 76.87
CA ALA S 1388 56.16 -51.58 76.05
C ALA S 1388 55.81 -51.58 74.57
N SER S 1389 54.54 -51.85 74.25
CA SER S 1389 54.06 -51.76 72.89
C SER S 1389 54.08 -50.35 72.34
N ILE S 1390 53.71 -49.36 73.15
CA ILE S 1390 53.44 -48.01 72.66
C ILE S 1390 54.68 -47.14 72.80
N GLY S 1391 54.79 -46.16 71.91
CA GLY S 1391 55.91 -45.26 71.92
C GLY S 1391 55.73 -44.16 72.94
N ASP S 1392 56.43 -44.30 74.07
CA ASP S 1392 56.32 -43.35 75.18
C ASP S 1392 56.62 -41.95 74.70
N SER S 1393 57.50 -41.83 73.71
CA SER S 1393 57.76 -40.54 73.10
C SER S 1393 56.46 -39.88 72.65
N SER S 1394 55.62 -40.64 71.94
CA SER S 1394 54.36 -40.09 71.46
C SER S 1394 53.48 -39.66 72.62
N LEU S 1395 53.39 -40.49 73.65
CA LEU S 1395 52.60 -40.14 74.82
C LEU S 1395 53.05 -38.84 75.43
N HIS S 1396 54.36 -38.73 75.69
CA HIS S 1396 54.89 -37.55 76.36
C HIS S 1396 54.69 -36.30 75.50
N MET S 1397 54.97 -36.41 74.21
CA MET S 1397 54.84 -35.24 73.36
C MET S 1397 53.38 -34.82 73.24
N ILE S 1398 52.46 -35.78 73.19
CA ILE S 1398 51.06 -35.42 73.00
C ILE S 1398 50.51 -34.79 74.27
N LEU S 1399 50.98 -35.24 75.43
CA LEU S 1399 50.53 -34.60 76.66
C LEU S 1399 51.16 -33.22 76.81
N ARG S 1400 52.42 -33.07 76.37
CA ARG S 1400 52.96 -31.73 76.17
C ARG S 1400 52.04 -30.88 75.33
N ASN S 1401 51.56 -31.44 74.22
CA ASN S 1401 50.68 -30.70 73.33
C ASN S 1401 49.43 -30.26 74.07
N LEU S 1402 48.83 -31.18 74.82
CA LEU S 1402 47.69 -30.84 75.64
C LEU S 1402 48.02 -29.68 76.57
N LEU S 1403 49.10 -29.81 77.33
CA LEU S 1403 49.37 -28.86 78.39
C LEU S 1403 49.70 -27.48 77.84
N GLU S 1404 50.44 -27.42 76.75
CA GLU S 1404 50.72 -26.14 76.13
C GLU S 1404 49.45 -25.51 75.57
N PHE S 1405 48.59 -26.33 74.98
CA PHE S 1405 47.30 -25.82 74.53
C PHE S 1405 46.53 -25.26 75.71
N ILE S 1406 46.65 -25.91 76.86
CA ILE S 1406 46.00 -25.45 78.08
C ILE S 1406 46.53 -24.09 78.47
N LEU S 1407 47.85 -24.00 78.56
CA LEU S 1407 48.47 -22.85 79.21
C LEU S 1407 48.31 -21.61 78.36
N LYS S 1408 48.25 -21.74 77.03
CA LYS S 1408 48.05 -20.52 76.25
C LYS S 1408 46.63 -19.96 76.40
N THR S 1409 45.70 -20.77 76.91
CA THR S 1409 44.32 -20.30 77.07
C THR S 1409 44.21 -19.31 78.24
N GLY S 1410 43.29 -18.37 78.11
CA GLY S 1410 43.00 -17.42 79.14
C GLY S 1410 41.91 -17.90 80.09
N GLY S 1411 41.40 -16.96 80.89
CA GLY S 1411 40.39 -17.26 81.89
C GLY S 1411 38.97 -17.02 81.41
N GLY S 1412 38.03 -17.26 82.31
CA GLY S 1412 36.62 -17.07 82.04
C GLY S 1412 35.97 -18.16 81.20
N PHE S 1413 36.58 -19.34 81.13
CA PHE S 1413 36.10 -20.40 80.25
C PHE S 1413 35.91 -21.67 81.07
N GLN S 1414 35.20 -21.53 82.19
CA GLN S 1414 35.22 -22.54 83.25
C GLN S 1414 34.83 -23.92 82.72
N ARG S 1415 33.86 -24.00 81.83
CA ARG S 1415 33.45 -25.32 81.35
C ARG S 1415 34.42 -25.85 80.29
N VAL S 1416 35.02 -24.96 79.50
CA VAL S 1416 36.11 -25.39 78.63
C VAL S 1416 37.23 -26.01 79.45
N ARG S 1417 37.66 -25.28 80.48
CA ARG S 1417 38.75 -25.77 81.31
C ARG S 1417 38.31 -27.00 82.08
N ALA S 1418 37.01 -27.15 82.32
CA ALA S 1418 36.51 -28.39 82.91
C ALA S 1418 36.75 -29.56 81.98
N HIS S 1419 36.42 -29.41 80.70
CA HIS S 1419 36.80 -30.42 79.73
C HIS S 1419 38.29 -30.69 79.80
N LEU S 1420 39.06 -29.63 80.03
CA LEU S 1420 40.50 -29.76 80.02
C LEU S 1420 41.00 -30.58 81.22
N TYR S 1421 40.52 -30.23 82.42
CA TYR S 1421 40.88 -30.97 83.61
C TYR S 1421 40.49 -32.43 83.48
N GLY S 1422 39.30 -32.70 82.91
CA GLY S 1422 38.88 -34.07 82.73
C GLY S 1422 39.73 -34.81 81.73
N SER S 1423 40.19 -34.11 80.70
CA SER S 1423 41.10 -34.73 79.75
C SER S 1423 42.41 -35.13 80.44
N LEU S 1424 42.91 -34.25 81.32
CA LEU S 1424 44.12 -34.58 82.07
C LEU S 1424 43.88 -35.77 82.99
N LEU S 1425 42.70 -35.80 83.62
CA LEU S 1425 42.29 -36.96 84.43
C LEU S 1425 42.32 -38.23 83.58
N TYR S 1426 41.75 -38.18 82.39
CA TYR S 1426 41.69 -39.34 81.51
C TYR S 1426 43.08 -39.84 81.14
N TYR S 1427 44.01 -38.93 80.85
CA TYR S 1427 45.36 -39.39 80.57
C TYR S 1427 45.98 -40.04 81.80
N LEU S 1428 46.06 -39.30 82.91
CA LEU S 1428 46.79 -39.83 84.07
C LEU S 1428 46.09 -41.04 84.65
N GLN S 1429 44.83 -41.26 84.27
CA GLN S 1429 44.15 -42.52 84.59
C GLN S 1429 44.97 -43.71 84.15
N ILE S 1430 45.50 -43.66 82.93
CA ILE S 1430 46.31 -44.77 82.42
C ILE S 1430 47.51 -45.00 83.31
N ALA S 1431 48.14 -43.93 83.76
CA ALA S 1431 49.34 -44.03 84.58
C ALA S 1431 49.03 -44.27 86.06
N GLN S 1432 47.76 -44.28 86.45
CA GLN S 1432 47.41 -44.51 87.84
C GLN S 1432 47.59 -45.97 88.23
N ARG S 1433 47.91 -46.18 89.51
CA ARG S 1433 48.14 -47.48 90.11
C ARG S 1433 47.22 -47.71 91.28
N PRO S 1434 46.85 -48.95 91.56
CA PRO S 1434 45.94 -49.24 92.67
C PRO S 1434 46.70 -49.44 93.99
N ASP S 1435 45.92 -49.68 95.03
CA ASP S 1435 46.48 -49.94 96.35
C ASP S 1435 47.07 -51.34 96.43
N GLU S 1436 48.01 -51.52 97.36
CA GLU S 1436 48.75 -52.77 97.47
C GLU S 1436 48.01 -53.76 98.37
N PRO S 1437 48.20 -55.06 98.17
CA PRO S 1437 47.56 -56.05 99.04
C PRO S 1437 48.22 -56.09 100.42
N ASP S 1438 47.59 -56.85 101.31
CA ASP S 1438 48.08 -57.07 102.68
C ASP S 1438 48.33 -58.56 102.86
N THR S 1439 49.61 -58.93 102.94
CA THR S 1439 50.02 -60.32 103.10
C THR S 1439 50.76 -60.50 104.42
N LEU S 1440 50.60 -61.68 105.02
CA LEU S 1440 51.33 -62.06 106.22
C LEU S 1440 52.42 -63.09 105.93
N GLU S 1441 52.07 -64.14 105.18
CA GLU S 1441 53.04 -65.18 104.88
C GLU S 1441 53.98 -64.76 103.75
N SER S 1442 53.68 -63.62 103.11
CA SER S 1442 54.43 -63.13 101.96
C SER S 1442 54.40 -64.14 100.81
N ALA S 1443 53.22 -64.41 100.26
CA ALA S 1443 53.10 -65.36 99.16
C ALA S 1443 52.40 -64.78 97.94
N HIS S 1444 52.19 -63.47 97.91
CA HIS S 1444 51.66 -62.83 96.71
C HIS S 1444 52.28 -61.45 96.55
N LYS S 1445 52.13 -60.89 95.35
CA LYS S 1445 52.93 -59.76 94.90
C LYS S 1445 52.65 -58.50 95.70
N SER S 1446 53.66 -57.64 95.80
CA SER S 1446 53.53 -56.32 96.41
C SER S 1446 54.34 -55.28 95.66
N MET S 1447 54.46 -55.42 94.33
CA MET S 1447 55.38 -54.61 93.54
C MET S 1447 54.69 -53.99 92.33
N TRP S 1448 55.26 -52.89 91.84
CA TRP S 1448 54.83 -52.18 90.63
C TRP S 1448 53.44 -51.56 90.73
N GLU S 1449 52.87 -51.50 91.95
CA GLU S 1449 51.75 -50.60 92.18
C GLU S 1449 52.19 -49.26 92.73
N ARG S 1450 53.50 -49.05 92.90
CA ARG S 1450 54.04 -47.79 93.42
C ARG S 1450 55.22 -47.35 92.58
N LEU S 1451 55.92 -46.30 93.01
CA LEU S 1451 57.06 -45.76 92.29
C LEU S 1451 58.39 -46.16 92.91
N THR S 1452 58.38 -47.11 93.84
CA THR S 1452 59.58 -47.38 94.64
C THR S 1452 60.65 -48.07 93.81
N ALA S 1453 61.28 -47.30 92.90
CA ALA S 1453 62.36 -47.78 92.04
C ALA S 1453 62.94 -46.62 91.23
N PRO S 1454 64.24 -46.67 90.87
CA PRO S 1454 64.78 -45.71 89.90
C PRO S 1454 64.07 -45.85 88.56
N GLU S 1455 63.60 -47.08 88.31
CA GLU S 1455 62.78 -47.46 87.18
C GLU S 1455 61.35 -47.01 87.46
N ASP S 1456 60.37 -47.67 86.86
CA ASP S 1456 58.98 -47.21 86.89
C ASP S 1456 58.86 -45.95 86.04
N VAL S 1457 58.98 -46.17 84.72
CA VAL S 1457 58.75 -45.13 83.74
C VAL S 1457 57.52 -44.31 84.09
N PHE S 1458 56.52 -44.91 84.72
CA PHE S 1458 55.49 -44.14 85.39
C PHE S 1458 56.11 -43.01 86.19
N SER S 1459 56.94 -43.36 87.16
CA SER S 1459 57.48 -42.35 88.07
C SER S 1459 58.37 -41.36 87.33
N LYS S 1460 59.17 -41.84 86.38
CA LYS S 1460 60.08 -40.90 85.71
C LYS S 1460 59.32 -39.89 84.86
N LEU S 1461 58.31 -40.34 84.10
CA LEU S 1461 57.50 -39.39 83.36
C LEU S 1461 56.74 -38.48 84.31
N GLN S 1462 56.35 -38.99 85.47
CA GLN S 1462 55.73 -38.14 86.47
C GLN S 1462 56.68 -37.04 86.92
N ARG S 1463 57.94 -37.39 87.12
CA ARG S 1463 58.93 -36.40 87.52
C ARG S 1463 59.13 -35.35 86.43
N ASP S 1464 59.20 -35.80 85.18
CA ASP S 1464 59.31 -34.87 84.05
C ASP S 1464 58.12 -33.92 84.03
N ASN S 1465 56.93 -34.47 84.20
CA ASN S 1465 55.73 -33.65 84.12
C ASN S 1465 55.62 -32.73 85.34
N LEU S 1466 56.16 -33.17 86.47
CA LEU S 1466 56.27 -32.31 87.64
C LEU S 1466 57.16 -31.12 87.33
N SER S 1467 58.26 -31.37 86.64
CA SER S 1467 59.13 -30.28 86.21
C SER S 1467 58.39 -29.34 85.27
N ILE S 1468 57.58 -29.87 84.38
CA ILE S 1468 56.80 -29.00 83.49
C ILE S 1468 55.79 -28.19 84.28
N PHE S 1469 55.17 -28.82 85.27
CA PHE S 1469 54.27 -28.11 86.18
C PHE S 1469 54.96 -26.92 86.79
N GLU S 1470 56.12 -27.15 87.39
CA GLU S 1470 56.85 -26.08 88.06
C GLU S 1470 57.38 -25.08 87.06
N SER S 1471 57.62 -25.51 85.82
CA SER S 1471 57.92 -24.58 84.74
C SER S 1471 56.76 -23.63 84.49
N TYR S 1472 55.54 -24.15 84.49
CA TYR S 1472 54.36 -23.30 84.47
C TYR S 1472 54.26 -22.43 85.70
N GLY S 1473 54.69 -22.95 86.85
CA GLY S 1473 54.87 -22.14 88.05
C GLY S 1473 53.60 -21.51 88.56
N THR S 1474 53.72 -20.24 88.94
CA THR S 1474 52.67 -19.55 89.70
C THR S 1474 51.37 -19.44 88.92
N ALA S 1475 51.43 -19.12 87.63
CA ALA S 1475 50.20 -18.84 86.88
C ALA S 1475 49.31 -20.07 86.80
N LEU S 1476 49.87 -21.23 86.46
CA LEU S 1476 49.06 -22.43 86.32
C LEU S 1476 48.36 -22.79 87.62
N MET S 1477 49.10 -22.76 88.72
CA MET S 1477 48.51 -23.21 89.98
C MET S 1477 47.61 -22.13 90.58
N GLU S 1478 47.88 -20.86 90.25
CA GLU S 1478 46.90 -19.81 90.46
C GLU S 1478 45.58 -20.17 89.79
N VAL S 1479 45.64 -20.55 88.53
CA VAL S 1479 44.45 -20.91 87.78
C VAL S 1479 43.72 -22.07 88.45
N VAL S 1480 44.48 -23.11 88.80
CA VAL S 1480 43.82 -24.28 89.35
C VAL S 1480 43.25 -23.98 90.73
N CYS S 1481 43.92 -23.13 91.51
CA CYS S 1481 43.42 -22.79 92.84
C CYS S 1481 42.14 -21.97 92.74
N ARG S 1482 42.11 -20.98 91.85
CA ARG S 1482 40.88 -20.21 91.68
C ARG S 1482 39.75 -21.09 91.16
N ASP S 1483 40.06 -22.01 90.25
CA ASP S 1483 39.04 -22.90 89.71
C ASP S 1483 38.52 -23.86 90.76
N ALA S 1484 39.38 -24.31 91.67
CA ALA S 1484 38.93 -25.19 92.73
C ALA S 1484 38.17 -24.44 93.80
N CYS S 1485 38.47 -23.15 94.00
CA CYS S 1485 37.81 -22.41 95.07
C CYS S 1485 36.45 -21.87 94.64
N ASP S 1486 36.33 -21.32 93.44
CA ASP S 1486 35.07 -20.74 93.00
C ASP S 1486 34.49 -21.40 91.75
N GLY S 1487 35.03 -22.53 91.31
CA GLY S 1487 34.54 -23.16 90.10
C GLY S 1487 33.19 -23.84 90.26
N HIS S 1488 32.88 -24.78 89.37
CA HIS S 1488 31.62 -25.49 89.40
C HIS S 1488 31.86 -26.93 89.85
N ASP S 1489 30.89 -27.47 90.58
CA ASP S 1489 30.95 -28.74 91.29
C ASP S 1489 31.74 -29.81 90.53
N ILE S 1490 31.33 -30.10 89.29
CA ILE S 1490 32.03 -31.10 88.51
C ILE S 1490 33.48 -30.69 88.32
N GLY S 1491 33.71 -29.46 87.86
CA GLY S 1491 35.07 -28.98 87.68
C GLY S 1491 35.87 -28.99 88.98
N ARG S 1492 35.20 -28.72 90.09
CA ARG S 1492 35.86 -28.82 91.39
C ARG S 1492 36.34 -30.24 91.64
N MET S 1493 35.50 -31.23 91.34
CA MET S 1493 35.90 -32.63 91.52
C MET S 1493 37.08 -32.98 90.62
N LEU S 1494 37.02 -32.55 89.36
CA LEU S 1494 38.12 -32.77 88.42
C LEU S 1494 39.43 -32.16 88.93
N ALA S 1495 39.38 -30.90 89.37
CA ALA S 1495 40.58 -30.25 89.88
C ALA S 1495 41.10 -30.94 91.12
N LEU S 1496 40.20 -31.36 92.03
CA LEU S 1496 40.64 -32.04 93.25
C LEU S 1496 41.32 -33.35 92.93
N ALA S 1497 40.76 -34.13 92.01
CA ALA S 1497 41.40 -35.38 91.62
C ALA S 1497 42.75 -35.15 90.97
N LEU S 1498 42.83 -34.16 90.09
CA LEU S 1498 44.11 -33.83 89.47
C LEU S 1498 45.14 -33.49 90.53
N LEU S 1499 44.76 -32.62 91.48
CA LEU S 1499 45.68 -32.22 92.54
C LEU S 1499 46.08 -33.41 93.40
N ASP S 1500 45.13 -34.28 93.72
CA ASP S 1500 45.44 -35.41 94.58
C ASP S 1500 46.47 -36.33 93.92
N ARG S 1501 46.26 -36.64 92.64
CA ARG S 1501 47.21 -37.53 91.96
C ARG S 1501 48.55 -36.84 91.75
N ILE S 1502 48.56 -35.54 91.52
CA ILE S 1502 49.82 -34.82 91.36
C ILE S 1502 50.59 -34.79 92.67
N VAL S 1503 49.89 -34.51 93.77
CA VAL S 1503 50.53 -34.44 95.09
C VAL S 1503 51.02 -35.81 95.52
N SER S 1504 50.29 -36.86 95.15
CA SER S 1504 50.68 -38.22 95.53
C SER S 1504 52.04 -38.60 94.96
N VAL S 1505 52.53 -37.87 93.96
CA VAL S 1505 53.85 -38.13 93.39
C VAL S 1505 54.81 -36.95 93.53
N ASP S 1506 54.32 -35.78 93.95
CA ASP S 1506 55.20 -34.63 94.11
C ASP S 1506 56.09 -34.82 95.34
N ARG S 1507 57.37 -34.46 95.21
CA ARG S 1507 58.28 -34.42 96.33
C ARG S 1507 58.92 -33.06 96.50
N GLN S 1508 58.42 -32.02 95.83
CA GLN S 1508 59.06 -30.73 95.81
C GLN S 1508 58.21 -29.61 96.40
N GLN S 1509 56.90 -29.81 96.52
CA GLN S 1509 56.01 -29.01 97.37
C GLN S 1509 55.93 -27.55 96.98
N GLN S 1510 56.23 -27.20 95.74
CA GLN S 1510 56.01 -25.83 95.28
C GLN S 1510 54.57 -25.43 95.49
N TRP S 1511 53.66 -26.38 95.28
CA TRP S 1511 52.24 -26.11 95.38
C TRP S 1511 51.86 -25.75 96.80
N LEU S 1512 52.31 -26.56 97.75
CA LEU S 1512 52.08 -26.27 99.15
C LEU S 1512 52.67 -24.93 99.53
N LEU S 1513 53.91 -24.67 99.10
CA LEU S 1513 54.56 -23.41 99.42
C LEU S 1513 53.76 -22.24 98.91
N TYR S 1514 53.31 -22.30 97.65
CA TYR S 1514 52.62 -21.16 97.05
C TYR S 1514 51.26 -20.95 97.69
N LEU S 1515 50.51 -22.04 97.91
CA LEU S 1515 49.18 -21.89 98.49
C LEU S 1515 49.29 -21.36 99.92
N SER S 1516 50.34 -21.77 100.64
CA SER S 1516 50.60 -21.19 101.94
C SER S 1516 50.93 -19.71 101.83
N ASN S 1517 51.72 -19.33 100.83
CA ASN S 1517 52.14 -17.94 100.69
C ASN S 1517 50.96 -17.04 100.33
N SER S 1518 50.03 -17.56 99.52
CA SER S 1518 48.97 -16.75 98.95
C SER S 1518 47.80 -16.53 99.91
N GLY S 1519 47.71 -17.28 101.01
CA GLY S 1519 46.58 -17.12 101.90
C GLY S 1519 45.28 -17.70 101.39
N TYR S 1520 45.32 -18.55 100.36
CA TYR S 1520 44.12 -19.26 99.93
C TYR S 1520 43.53 -20.07 101.06
N LEU S 1521 44.39 -20.60 101.92
CA LEU S 1521 43.93 -21.31 103.11
C LEU S 1521 43.06 -20.41 103.98
N LYS S 1522 43.37 -19.11 104.04
CA LYS S 1522 42.58 -18.20 104.86
C LYS S 1522 41.16 -18.09 104.34
N VAL S 1523 41.00 -17.80 103.05
CA VAL S 1523 39.66 -17.66 102.49
C VAL S 1523 38.92 -18.99 102.55
N LEU S 1524 39.63 -20.09 102.34
CA LEU S 1524 39.00 -21.41 102.39
C LEU S 1524 38.47 -21.72 103.79
N VAL S 1525 39.26 -21.44 104.82
CA VAL S 1525 38.82 -21.72 106.18
C VAL S 1525 37.68 -20.78 106.57
N ASP S 1526 37.74 -19.53 106.12
CA ASP S 1526 36.64 -18.62 106.39
C ASP S 1526 35.37 -19.03 105.66
N SER S 1527 35.50 -19.76 104.54
CA SER S 1527 34.35 -20.31 103.86
C SER S 1527 33.66 -21.42 104.64
N LEU S 1528 34.35 -22.02 105.60
CA LEU S 1528 33.70 -23.00 106.46
C LEU S 1528 32.66 -22.36 107.36
N ALA S 1529 32.79 -21.06 107.63
CA ALA S 1529 31.72 -20.35 108.32
C ALA S 1529 30.44 -20.36 107.51
N GLU S 1530 30.55 -20.21 106.19
CA GLU S 1530 29.39 -20.32 105.31
C GLU S 1530 28.89 -21.76 105.23
N ASP S 1531 29.83 -22.72 105.25
CA ASP S 1531 29.45 -24.12 105.29
C ASP S 1531 28.55 -24.40 106.50
N ASP S 1532 28.93 -23.87 107.66
CA ASP S 1532 28.14 -24.07 108.87
C ASP S 1532 26.71 -23.60 108.67
N VAL S 1533 26.54 -22.38 108.15
CA VAL S 1533 25.21 -21.81 107.99
C VAL S 1533 24.39 -22.61 106.99
N VAL S 1534 24.99 -22.98 105.86
CA VAL S 1534 24.22 -23.70 104.84
C VAL S 1534 23.81 -25.06 105.36
N LEU S 1535 24.71 -25.76 106.08
CA LEU S 1535 24.33 -27.06 106.63
C LEU S 1535 23.28 -26.92 107.72
N ARG S 1536 23.31 -25.82 108.48
CA ARG S 1536 22.25 -25.58 109.46
C ARG S 1536 20.91 -25.40 108.76
N ASN S 1537 20.91 -24.83 107.56
CA ASN S 1537 19.70 -24.82 106.75
C ASN S 1537 19.34 -26.22 106.29
N LEU S 1538 20.34 -27.01 105.91
CA LEU S 1538 20.10 -28.34 105.37
C LEU S 1538 19.52 -29.31 106.39
N LEU S 1539 19.74 -29.10 107.68
CA LEU S 1539 19.22 -30.02 108.69
C LEU S 1539 17.71 -29.89 108.87
N THR S 1540 17.10 -28.84 108.37
CA THR S 1540 15.67 -28.58 108.46
C THR S 1540 14.90 -29.56 107.59
N PRO S 1541 13.63 -29.81 107.90
CA PRO S 1541 12.81 -30.72 107.09
C PRO S 1541 12.74 -30.29 105.63
N GLN S 1542 12.67 -31.26 104.72
CA GLN S 1542 12.72 -31.04 103.28
C GLN S 1542 13.97 -30.27 102.91
N PRO S 1543 15.15 -30.84 103.10
CA PRO S 1543 16.40 -30.12 102.78
C PRO S 1543 16.52 -29.88 101.29
N PRO S 1544 17.24 -28.83 100.90
CA PRO S 1544 17.48 -28.59 99.47
C PRO S 1544 18.36 -29.68 98.86
N LEU S 1545 18.69 -29.50 97.59
CA LEU S 1545 19.43 -30.51 96.85
C LEU S 1545 20.81 -30.72 97.46
N LEU S 1546 21.34 -31.94 97.30
CA LEU S 1546 22.57 -32.46 97.87
C LEU S 1546 23.81 -31.79 97.34
N LYS S 1547 23.69 -30.76 96.49
CA LYS S 1547 24.88 -30.13 95.93
C LYS S 1547 25.69 -29.40 96.98
N ALA S 1548 25.02 -28.79 97.97
CA ALA S 1548 25.74 -28.17 99.08
C ALA S 1548 26.52 -29.22 99.87
N LEU S 1549 25.91 -30.39 100.07
CA LEU S 1549 26.61 -31.49 100.74
C LEU S 1549 27.82 -31.93 99.94
N TYR S 1550 27.66 -32.04 98.62
CA TYR S 1550 28.81 -32.38 97.77
C TYR S 1550 29.90 -31.33 97.87
N ILE S 1551 29.51 -30.05 97.93
CA ILE S 1551 30.48 -28.96 98.04
C ILE S 1551 31.27 -29.10 99.33
N TYR S 1552 30.57 -29.30 100.44
CA TYR S 1552 31.24 -29.42 101.72
C TYR S 1552 32.13 -30.65 101.73
N GLU S 1553 31.66 -31.74 101.11
CA GLU S 1553 32.47 -32.96 100.99
C GLU S 1553 33.76 -32.70 100.23
N SER S 1554 33.66 -31.97 99.11
CA SER S 1554 34.86 -31.68 98.33
C SER S 1554 35.82 -30.78 99.10
N LYS S 1555 35.29 -29.79 99.82
CA LYS S 1555 36.16 -28.95 100.64
C LYS S 1555 36.87 -29.79 101.69
N MET S 1556 36.14 -30.71 102.33
CA MET S 1556 36.74 -31.51 103.38
C MET S 1556 37.79 -32.46 102.80
N ALA S 1557 37.54 -33.00 101.62
CA ALA S 1557 38.54 -33.84 100.96
C ALA S 1557 39.80 -33.04 100.64
N PHE S 1558 39.63 -31.80 100.20
CA PHE S 1558 40.78 -30.94 99.97
C PHE S 1558 41.56 -30.69 101.25
N LEU S 1559 40.85 -30.40 102.34
CA LEU S 1559 41.54 -30.22 103.62
C LEU S 1559 42.24 -31.50 104.08
N THR S 1560 41.68 -32.66 103.74
CA THR S 1560 42.36 -33.92 104.04
C THR S 1560 43.65 -34.04 103.24
N ARG S 1561 43.59 -33.72 101.95
CA ARG S 1561 44.80 -33.67 101.14
C ARG S 1561 45.83 -32.72 101.76
N VAL S 1562 45.35 -31.61 102.32
CA VAL S 1562 46.23 -30.67 103.01
C VAL S 1562 46.87 -31.31 104.22
N ALA S 1563 46.06 -31.92 105.08
CA ALA S 1563 46.53 -32.52 106.32
C ALA S 1563 47.46 -33.70 106.08
N LYS S 1564 47.41 -34.30 104.88
CA LYS S 1564 48.33 -35.39 104.56
C LYS S 1564 49.78 -34.97 104.78
N SER S 1565 50.14 -33.76 104.34
CA SER S 1565 51.47 -33.24 104.60
C SER S 1565 51.62 -32.93 106.08
N SER S 1566 52.80 -33.25 106.62
CA SER S 1566 53.10 -32.86 108.00
C SER S 1566 53.08 -31.35 108.14
N GLN S 1567 53.75 -30.64 107.22
CA GLN S 1567 53.76 -29.19 107.26
C GLN S 1567 52.36 -28.62 107.06
N GLY S 1568 51.59 -29.22 106.15
CA GLY S 1568 50.22 -28.79 105.99
C GLY S 1568 49.40 -28.92 107.25
N ALA S 1569 49.56 -30.05 107.96
CA ALA S 1569 48.92 -30.18 109.26
C ALA S 1569 49.44 -29.14 110.25
N ILE S 1570 50.72 -28.81 110.14
CA ILE S 1570 51.29 -27.78 111.02
C ILE S 1570 50.56 -26.46 110.81
N GLU S 1571 50.38 -26.07 109.56
CA GLU S 1571 49.72 -24.80 109.28
C GLU S 1571 48.24 -24.87 109.62
N LEU S 1572 47.63 -26.03 109.45
CA LEU S 1572 46.24 -26.21 109.89
C LEU S 1572 46.11 -25.96 111.37
N LEU S 1573 47.03 -26.51 112.17
CA LEU S 1573 47.01 -26.26 113.60
C LEU S 1573 47.28 -24.79 113.91
N ARG S 1574 48.24 -24.20 113.21
CA ARG S 1574 48.57 -22.80 113.44
C ARG S 1574 47.40 -21.88 113.12
N SER S 1575 46.53 -22.31 112.20
CA SER S 1575 45.39 -21.50 111.81
C SER S 1575 44.23 -21.58 112.81
N GLY S 1576 44.32 -22.45 113.80
CA GLY S 1576 43.21 -22.62 114.73
C GLY S 1576 41.96 -23.21 114.10
N VAL S 1577 42.12 -24.25 113.29
CA VAL S 1577 40.99 -24.84 112.57
C VAL S 1577 39.97 -25.39 113.56
N ILE S 1578 40.43 -26.10 114.59
CA ILE S 1578 39.52 -26.71 115.55
C ILE S 1578 38.77 -25.64 116.33
N VAL S 1579 39.40 -24.48 116.54
CA VAL S 1579 38.71 -23.38 117.20
C VAL S 1579 37.52 -22.91 116.36
N ARG S 1580 37.73 -22.75 115.06
CA ARG S 1580 36.63 -22.37 114.17
C ARG S 1580 35.55 -23.44 114.15
N LEU S 1581 35.96 -24.72 114.12
CA LEU S 1581 34.97 -25.80 114.15
C LEU S 1581 34.15 -25.76 115.42
N ALA S 1582 34.80 -25.53 116.56
CA ALA S 1582 34.09 -25.42 117.83
C ALA S 1582 33.15 -24.23 117.87
N GLN S 1583 33.56 -23.10 117.31
CA GLN S 1583 32.67 -21.94 117.20
C GLN S 1583 31.50 -22.20 116.27
N CYS S 1584 31.66 -23.07 115.28
CA CYS S 1584 30.54 -23.50 114.46
C CYS S 1584 29.56 -24.31 115.30
N GLN S 1585 28.27 -24.23 114.93
CA GLN S 1585 27.20 -24.86 115.69
C GLN S 1585 26.57 -26.05 115.00
N VAL S 1586 27.05 -26.45 113.82
CA VAL S 1586 26.34 -27.45 113.02
C VAL S 1586 26.32 -28.81 113.69
N TYR S 1587 27.42 -29.20 114.34
CA TYR S 1587 27.46 -30.53 114.94
C TYR S 1587 26.69 -30.58 116.24
N ASP S 1588 26.31 -29.44 116.80
CA ASP S 1588 25.50 -29.39 118.01
C ASP S 1588 24.10 -29.94 117.79
N MET S 1589 23.56 -29.83 116.58
CA MET S 1589 22.24 -30.34 116.26
C MET S 1589 22.40 -31.75 115.69
N ARG S 1590 21.71 -32.71 116.31
CA ARG S 1590 21.74 -34.08 115.82
C ARG S 1590 20.33 -34.65 115.73
N PRO S 1591 19.95 -35.20 114.58
CA PRO S 1591 18.64 -35.85 114.46
C PRO S 1591 18.56 -37.06 115.37
N GLU S 1592 17.70 -36.96 116.40
CA GLU S 1592 17.52 -38.03 117.36
C GLU S 1592 16.03 -38.17 117.66
N THR S 1593 15.58 -39.41 117.81
CA THR S 1593 14.17 -39.70 117.97
C THR S 1593 13.77 -39.77 119.43
N ASP S 1594 12.46 -39.78 119.67
CA ASP S 1594 11.86 -39.89 120.99
C ASP S 1594 10.72 -40.90 120.95
N PRO S 1595 10.40 -41.53 122.07
CA PRO S 1595 9.20 -42.38 122.13
C PRO S 1595 7.89 -41.62 122.03
N HIS S 1596 7.95 -40.31 121.83
CA HIS S 1596 6.77 -39.46 121.74
C HIS S 1596 6.87 -38.52 120.56
N GLY S 1597 5.82 -37.73 120.33
CA GLY S 1597 5.81 -36.76 119.25
C GLY S 1597 5.60 -37.36 117.88
N VAL S 1598 5.89 -36.55 116.87
CA VAL S 1598 5.75 -36.95 115.48
C VAL S 1598 6.94 -37.80 115.03
N PHE S 1599 7.84 -38.12 115.95
CA PHE S 1599 9.03 -38.89 115.65
C PHE S 1599 8.64 -40.32 115.27
N GLY S 1600 9.43 -40.92 114.39
CA GLY S 1600 9.08 -42.16 113.77
C GLY S 1600 8.64 -42.04 112.33
N MET S 1601 8.68 -40.84 111.75
CA MET S 1601 8.34 -40.61 110.35
C MET S 1601 9.05 -39.35 109.87
N ARG S 1602 9.71 -39.45 108.71
CA ARG S 1602 10.49 -38.32 108.22
C ARG S 1602 9.75 -37.57 107.13
N GLU S 1603 9.84 -36.24 107.15
CA GLU S 1603 9.33 -35.40 106.09
C GLU S 1603 10.42 -35.00 105.09
N THR S 1604 11.65 -35.49 105.27
CA THR S 1604 12.74 -35.30 104.33
C THR S 1604 12.59 -36.28 103.16
N PRO S 1605 13.24 -35.99 102.03
CA PRO S 1605 13.14 -36.89 100.87
C PRO S 1605 13.56 -38.32 101.22
N VAL S 1606 12.87 -39.28 100.61
CA VAL S 1606 13.09 -40.69 100.88
C VAL S 1606 14.25 -41.20 100.04
N PHE S 1607 14.58 -40.49 98.97
CA PHE S 1607 15.70 -40.86 98.12
C PHE S 1607 17.04 -40.41 98.69
N ILE S 1608 17.03 -39.51 99.67
CA ILE S 1608 18.24 -39.13 100.40
C ILE S 1608 18.24 -39.93 101.70
N PRO S 1609 19.41 -40.20 102.29
CA PRO S 1609 19.43 -41.00 103.52
C PRO S 1609 18.78 -40.25 104.68
N ALA S 1610 18.74 -40.93 105.82
CA ALA S 1610 18.12 -40.39 107.02
C ALA S 1610 18.84 -39.11 107.44
N PRO S 1611 18.13 -38.15 108.00
CA PRO S 1611 18.79 -36.93 108.50
C PRO S 1611 19.86 -37.23 109.53
N VAL S 1612 19.67 -38.27 110.34
CA VAL S 1612 20.71 -38.68 111.28
C VAL S 1612 21.95 -39.14 110.53
N GLU S 1613 21.78 -39.87 109.43
CA GLU S 1613 22.91 -40.27 108.60
C GLU S 1613 23.58 -39.04 107.99
N ARG S 1614 22.78 -38.07 107.55
CA ARG S 1614 23.36 -36.87 106.96
C ARG S 1614 24.18 -36.11 107.99
N TYR S 1615 23.70 -36.02 109.23
CA TYR S 1615 24.48 -35.39 110.29
C TYR S 1615 25.74 -36.19 110.58
N ARG S 1616 25.65 -37.52 110.51
CA ARG S 1616 26.84 -38.34 110.67
C ARG S 1616 27.88 -37.99 109.61
N GLN S 1617 27.44 -37.86 108.36
CA GLN S 1617 28.34 -37.44 107.29
C GLN S 1617 28.87 -36.03 107.54
N ILE S 1618 28.07 -35.17 108.14
CA ILE S 1618 28.51 -33.81 108.48
C ILE S 1618 29.65 -33.82 109.48
N LEU S 1619 29.50 -34.64 110.52
CA LEU S 1619 30.47 -34.62 111.62
C LEU S 1619 31.70 -35.46 111.30
N LEU S 1620 31.58 -36.42 110.37
CA LEU S 1620 32.67 -37.35 110.10
C LEU S 1620 33.98 -36.69 109.67
N PRO S 1621 34.01 -35.77 108.69
CA PRO S 1621 35.31 -35.24 108.26
C PRO S 1621 36.06 -34.49 109.34
N ALA S 1622 35.34 -33.80 110.24
CA ALA S 1622 36.00 -33.12 111.33
C ALA S 1622 36.74 -34.13 112.22
N LEU S 1623 36.10 -35.27 112.47
CA LEU S 1623 36.76 -36.28 113.28
C LEU S 1623 37.92 -36.93 112.53
N GLN S 1624 37.77 -37.10 111.22
CA GLN S 1624 38.87 -37.65 110.42
C GLN S 1624 40.09 -36.74 110.46
N ILE S 1625 39.87 -35.43 110.28
CA ILE S 1625 40.99 -34.49 110.30
C ILE S 1625 41.58 -34.41 111.70
N CYS S 1626 40.73 -34.53 112.73
CA CYS S 1626 41.23 -34.55 114.10
C CYS S 1626 42.16 -35.74 114.33
N GLN S 1627 41.75 -36.94 113.86
CA GLN S 1627 42.60 -38.11 114.09
C GLN S 1627 43.86 -38.04 113.24
N LEU S 1628 43.79 -37.41 112.07
CA LEU S 1628 45.00 -37.21 111.28
C LEU S 1628 45.96 -36.26 111.96
N ILE S 1629 45.46 -35.13 112.48
CA ILE S 1629 46.34 -34.13 113.08
C ILE S 1629 46.93 -34.65 114.39
N LEU S 1630 46.15 -35.40 115.17
CA LEU S 1630 46.70 -35.97 116.39
C LEU S 1630 47.83 -36.94 116.09
N THR S 1631 47.66 -37.77 115.05
CA THR S 1631 48.71 -38.70 114.63
C THR S 1631 49.95 -38.00 114.11
N SER S 1632 49.79 -37.03 113.22
CA SER S 1632 50.94 -36.43 112.55
C SER S 1632 51.48 -35.19 113.23
N SER S 1633 50.89 -34.80 114.36
CA SER S 1633 51.22 -33.51 114.99
C SER S 1633 52.15 -33.70 116.19
N THR S 1634 53.00 -34.72 116.08
CA THR S 1634 53.74 -35.20 117.24
C THR S 1634 54.46 -34.07 117.98
N ALA S 1635 55.04 -33.11 117.25
CA ALA S 1635 55.74 -32.02 117.89
C ALA S 1635 54.79 -31.15 118.71
N GLN S 1636 53.70 -30.68 118.10
CA GLN S 1636 52.71 -29.87 118.78
C GLN S 1636 51.45 -30.66 119.09
N HIS S 1637 51.59 -31.96 119.33
CA HIS S 1637 50.43 -32.79 119.60
C HIS S 1637 49.81 -32.40 120.93
N LEU S 1638 50.57 -31.72 121.79
CA LEU S 1638 49.98 -31.15 123.00
C LEU S 1638 48.84 -30.21 122.65
N GLN S 1639 49.13 -29.22 121.81
CA GLN S 1639 48.12 -28.25 121.42
C GLN S 1639 47.06 -28.89 120.54
N ALA S 1640 47.47 -29.83 119.69
CA ALA S 1640 46.51 -30.53 118.84
C ALA S 1640 45.48 -31.27 119.69
N ALA S 1641 45.94 -31.99 120.71
CA ALA S 1641 45.04 -32.73 121.58
C ALA S 1641 44.22 -31.79 122.46
N GLY S 1642 44.81 -30.65 122.84
CA GLY S 1642 44.02 -29.67 123.58
C GLY S 1642 42.84 -29.16 122.78
N GLN S 1643 43.09 -28.80 121.52
CA GLN S 1643 41.99 -28.36 120.66
C GLN S 1643 41.01 -29.50 120.41
N VAL S 1644 41.52 -30.71 120.24
CA VAL S 1644 40.66 -31.86 120.00
C VAL S 1644 39.74 -32.11 121.19
N LEU S 1645 40.27 -32.03 122.40
CA LEU S 1645 39.44 -32.23 123.58
C LEU S 1645 38.46 -31.07 123.76
N GLN S 1646 38.85 -29.86 123.36
CA GLN S 1646 37.87 -28.77 123.33
C GLN S 1646 36.73 -29.09 122.39
N PHE S 1647 37.04 -29.62 121.21
CA PHE S 1647 36.00 -30.08 120.28
C PHE S 1647 35.10 -31.10 120.94
N LEU S 1648 35.70 -32.11 121.59
CA LEU S 1648 34.93 -33.17 122.21
C LEU S 1648 34.01 -32.63 123.31
N VAL S 1649 34.54 -31.80 124.21
CA VAL S 1649 33.73 -31.31 125.31
C VAL S 1649 32.64 -30.39 124.79
N ALA S 1650 32.91 -29.64 123.72
CA ALA S 1650 31.88 -28.83 123.11
C ALA S 1650 30.77 -29.70 122.53
N HIS S 1651 31.13 -30.84 121.95
CA HIS S 1651 30.16 -31.73 121.32
C HIS S 1651 29.94 -33.01 122.12
N SER S 1652 30.20 -32.96 123.42
CA SER S 1652 30.10 -34.15 124.25
C SER S 1652 28.67 -34.69 124.29
N ASP S 1653 27.68 -33.79 124.24
CA ASP S 1653 26.28 -34.22 124.32
C ASP S 1653 25.95 -35.21 123.21
N THR S 1654 26.23 -34.83 121.96
CA THR S 1654 26.07 -35.77 120.85
C THR S 1654 27.03 -36.94 121.01
N ILE S 1655 28.26 -36.66 121.47
CA ILE S 1655 29.23 -37.71 121.70
C ILE S 1655 28.74 -38.67 122.76
N GLN S 1656 28.19 -38.14 123.86
CA GLN S 1656 27.65 -39.00 124.90
C GLN S 1656 26.47 -39.82 124.39
N ALA S 1657 25.61 -39.22 123.56
CA ALA S 1657 24.50 -39.96 122.99
C ALA S 1657 24.99 -41.11 122.13
N ILE S 1658 26.01 -40.88 121.31
CA ILE S 1658 26.55 -41.95 120.47
C ILE S 1658 27.18 -43.04 121.34
N LEU S 1659 27.91 -42.62 122.38
CA LEU S 1659 28.54 -43.57 123.28
C LEU S 1659 27.50 -44.45 123.97
N ARG S 1660 26.40 -43.86 124.42
CA ARG S 1660 25.34 -44.59 125.09
C ARG S 1660 24.35 -45.23 124.14
N SER S 1661 24.51 -45.01 122.84
CA SER S 1661 23.60 -45.60 121.86
C SER S 1661 24.07 -47.00 121.46
N GLN S 1662 23.16 -47.96 121.57
CA GLN S 1662 23.43 -49.34 121.18
C GLN S 1662 22.67 -49.61 119.89
N GLU S 1663 23.38 -49.68 118.77
CA GLU S 1663 22.71 -49.73 117.47
C GLU S 1663 23.00 -51.05 116.75
N GLY S 1664 24.28 -51.34 116.51
CA GLY S 1664 24.65 -52.52 115.76
C GLY S 1664 24.79 -52.26 114.28
N SER S 1665 24.39 -51.06 113.84
CA SER S 1665 24.56 -50.69 112.45
C SER S 1665 26.02 -50.36 112.16
N LEU S 1666 26.41 -50.54 110.89
CA LEU S 1666 27.79 -50.24 110.49
C LEU S 1666 28.15 -48.79 110.78
N GLY S 1667 27.21 -47.87 110.52
CA GLY S 1667 27.48 -46.46 110.78
C GLY S 1667 27.79 -46.19 112.23
N SER S 1668 27.02 -46.78 113.14
CA SER S 1668 27.27 -46.58 114.57
C SER S 1668 28.61 -47.15 114.99
N LEU S 1669 28.97 -48.33 114.45
CA LEU S 1669 30.26 -48.91 114.80
C LEU S 1669 31.39 -48.02 114.34
N GLN S 1670 31.28 -47.46 113.14
CA GLN S 1670 32.30 -46.51 112.69
C GLN S 1670 32.35 -45.27 113.58
N GLU S 1671 31.16 -44.78 113.98
CA GLU S 1671 31.10 -43.64 114.90
C GLU S 1671 31.91 -43.92 116.15
N LEU S 1672 31.61 -45.04 116.80
CA LEU S 1672 32.28 -45.37 118.06
C LEU S 1672 33.77 -45.61 117.82
N ALA S 1673 34.12 -46.26 116.71
CA ALA S 1673 35.54 -46.52 116.44
C ALA S 1673 36.32 -45.21 116.32
N LEU S 1674 35.79 -44.24 115.59
CA LEU S 1674 36.53 -43.00 115.41
C LEU S 1674 36.50 -42.15 116.68
N LEU S 1675 35.39 -42.23 117.43
CA LEU S 1675 35.36 -41.56 118.73
C LEU S 1675 36.45 -42.11 119.63
N THR S 1676 36.59 -43.43 119.68
CA THR S 1676 37.67 -44.03 120.47
C THR S 1676 39.03 -43.63 119.93
N GLY S 1677 39.15 -43.50 118.60
CA GLY S 1677 40.41 -43.05 118.04
C GLY S 1677 40.80 -41.70 118.54
N ILE S 1678 39.83 -40.82 118.69
CA ILE S 1678 40.08 -39.50 119.27
C ILE S 1678 40.41 -39.63 120.76
N ILE S 1679 39.62 -40.40 121.49
CA ILE S 1679 39.71 -40.42 122.95
C ILE S 1679 41.00 -41.09 123.43
N SER S 1680 41.39 -42.19 122.80
CA SER S 1680 42.52 -42.97 123.25
C SER S 1680 43.80 -42.14 123.28
N LYS S 1681 43.88 -41.11 122.45
CA LYS S 1681 45.05 -40.25 122.39
C LYS S 1681 44.82 -38.88 123.02
N ALA S 1682 43.57 -38.39 123.04
CA ALA S 1682 43.27 -37.05 123.52
C ALA S 1682 42.85 -37.01 124.98
N ALA S 1683 41.94 -37.88 125.41
CA ALA S 1683 41.35 -37.79 126.74
C ALA S 1683 42.30 -38.39 127.79
N LEU S 1684 43.44 -37.74 127.96
CA LEU S 1684 44.37 -38.17 128.98
C LEU S 1684 44.55 -37.08 130.04
N PRO S 1685 44.52 -37.45 131.31
CA PRO S 1685 44.78 -36.45 132.36
C PRO S 1685 46.14 -35.81 132.25
N GLY S 1686 47.09 -36.46 131.59
CA GLY S 1686 48.36 -35.81 131.29
C GLY S 1686 48.20 -34.59 130.42
N VAL S 1687 47.24 -34.61 129.49
CA VAL S 1687 47.00 -33.44 128.67
C VAL S 1687 46.46 -32.30 129.52
N LEU S 1688 45.62 -32.61 130.51
CA LEU S 1688 45.14 -31.57 131.42
C LEU S 1688 46.25 -31.10 132.35
N ASN S 1689 47.23 -31.97 132.62
CA ASN S 1689 48.36 -31.57 133.43
C ASN S 1689 49.33 -30.69 132.66
N GLU S 1690 49.38 -30.84 131.33
CA GLU S 1690 50.31 -30.09 130.50
C GLU S 1690 49.72 -28.81 129.92
N LEU S 1691 48.42 -28.78 129.64
CA LEU S 1691 47.75 -27.58 129.17
C LEU S 1691 46.61 -27.27 130.12
N ASP S 1692 45.99 -26.10 129.95
CA ASP S 1692 44.88 -25.65 130.77
C ASP S 1692 45.34 -25.45 132.22
N ILE S 1693 46.64 -25.35 132.43
CA ILE S 1693 47.18 -25.20 133.77
C ILE S 1693 46.89 -23.80 134.29
N GLY S 1694 46.74 -23.69 135.60
CA GLY S 1694 46.43 -22.43 136.23
C GLY S 1694 44.97 -22.06 136.22
N LEU S 1695 44.11 -22.88 135.62
CA LEU S 1695 42.69 -22.60 135.59
C LEU S 1695 42.06 -22.87 136.95
N ASN S 1696 40.83 -22.39 137.12
CA ASN S 1696 40.15 -22.50 138.39
C ASN S 1696 39.76 -23.95 138.68
N ASP S 1697 39.56 -24.23 139.97
CA ASP S 1697 39.20 -25.59 140.38
C ASP S 1697 37.85 -26.01 139.81
N GLY S 1698 36.94 -25.06 139.58
CA GLY S 1698 35.68 -25.41 138.94
C GLY S 1698 35.88 -25.92 137.52
N SER S 1699 36.70 -25.22 136.74
CA SER S 1699 37.04 -25.70 135.42
C SER S 1699 37.74 -27.04 135.48
N MET S 1700 38.68 -27.20 136.42
CA MET S 1700 39.38 -28.47 136.56
C MET S 1700 38.41 -29.60 136.83
N MET S 1701 37.47 -29.39 137.76
CA MET S 1701 36.56 -30.47 138.15
C MET S 1701 35.58 -30.78 137.04
N GLU S 1702 35.09 -29.77 136.32
CA GLU S 1702 34.21 -30.05 135.19
C GLU S 1702 34.93 -30.85 134.11
N LEU S 1703 36.15 -30.42 133.76
CA LEU S 1703 36.91 -31.12 132.74
C LEU S 1703 37.17 -32.57 133.15
N GLN S 1704 37.54 -32.78 134.42
CA GLN S 1704 37.87 -34.14 134.85
C GLN S 1704 36.63 -34.99 135.00
N GLY S 1705 35.49 -34.38 135.35
CA GLY S 1705 34.26 -35.14 135.38
C GLY S 1705 33.85 -35.62 134.01
N HIS S 1706 34.01 -34.75 133.01
CA HIS S 1706 33.78 -35.20 131.63
C HIS S 1706 34.76 -36.29 131.24
N ILE S 1707 36.03 -36.11 131.63
CA ILE S 1707 37.02 -37.15 131.35
C ILE S 1707 36.58 -38.48 131.92
N GLY S 1708 36.18 -38.49 133.19
CA GLY S 1708 35.70 -39.70 133.83
C GLY S 1708 34.49 -40.29 133.16
N ARG S 1709 33.62 -39.43 132.63
CA ARG S 1709 32.55 -39.90 131.76
C ARG S 1709 33.13 -40.68 130.59
N PHE S 1710 34.20 -40.17 129.99
CA PHE S 1710 34.80 -40.86 128.84
C PHE S 1710 35.43 -42.20 129.24
N GLN S 1711 36.14 -42.24 130.37
CA GLN S 1711 36.66 -43.54 130.81
C GLN S 1711 35.53 -44.52 131.09
N ARG S 1712 34.46 -44.07 131.76
CA ARG S 1712 33.36 -45.00 132.05
C ARG S 1712 32.71 -45.51 130.77
N GLN S 1713 32.51 -44.62 129.78
CA GLN S 1713 31.94 -45.07 128.52
C GLN S 1713 32.88 -46.04 127.81
N CYS S 1714 34.18 -45.75 127.83
CA CYS S 1714 35.15 -46.65 127.21
C CYS S 1714 35.13 -48.02 127.87
N LEU S 1715 35.05 -48.04 129.20
CA LEU S 1715 34.96 -49.32 129.91
C LEU S 1715 33.68 -50.06 129.55
N ALA S 1716 32.56 -49.34 129.49
CA ALA S 1716 31.30 -50.00 129.15
C ALA S 1716 31.30 -50.50 127.71
N LEU S 1717 32.15 -49.92 126.85
CA LEU S 1717 32.24 -50.41 125.48
C LEU S 1717 32.65 -51.86 125.43
N LEU S 1718 33.64 -52.24 126.24
CA LEU S 1718 34.07 -53.63 126.28
C LEU S 1718 32.96 -54.54 126.77
N ASN S 1719 32.22 -54.10 127.80
CA ASN S 1719 31.09 -54.89 128.30
C ASN S 1719 30.03 -55.06 127.22
N ARG S 1720 29.76 -54.00 126.44
CA ARG S 1720 28.74 -54.07 125.41
C ARG S 1720 29.15 -54.99 124.27
N PHE S 1721 30.36 -54.79 123.74
CA PHE S 1721 30.74 -55.47 122.51
C PHE S 1721 31.96 -56.37 122.63
N GLY S 1722 32.39 -56.70 123.84
CA GLY S 1722 33.35 -57.79 123.98
C GLY S 1722 32.72 -59.17 123.95
N GLY S 1723 31.39 -59.24 123.90
CA GLY S 1723 30.72 -60.53 123.90
C GLY S 1723 30.80 -61.21 122.54
N SER S 1724 30.54 -62.52 122.55
CA SER S 1724 30.63 -63.29 121.32
C SER S 1724 29.31 -63.30 120.55
N ASP S 1725 28.19 -63.04 121.24
CA ASP S 1725 26.90 -63.03 120.56
C ASP S 1725 26.83 -61.94 119.51
N ARG S 1726 27.64 -60.90 119.66
CA ARG S 1726 27.73 -59.89 118.61
C ARG S 1726 28.21 -60.50 117.31
N LEU S 1727 29.08 -61.51 117.39
CA LEU S 1727 29.53 -62.20 116.18
C LEU S 1727 28.38 -62.83 115.44
N ARG S 1728 27.53 -63.59 116.15
CA ARG S 1728 26.38 -64.20 115.50
C ARG S 1728 25.41 -63.14 114.99
N GLN S 1729 25.16 -62.09 115.77
CA GLN S 1729 24.22 -61.06 115.36
C GLN S 1729 24.68 -60.39 114.07
N LEU S 1730 25.95 -60.01 113.99
CA LEU S 1730 26.44 -59.30 112.81
C LEU S 1730 26.63 -60.24 111.62
N SER S 1731 26.92 -61.52 111.89
CA SER S 1731 26.98 -62.49 110.80
C SER S 1731 25.60 -62.73 110.20
N LEU S 1732 24.55 -62.66 111.02
CA LEU S 1732 23.19 -62.82 110.52
C LEU S 1732 22.64 -61.55 109.90
N GLN S 1733 23.12 -60.37 110.32
CA GLN S 1733 22.58 -59.11 109.83
C GLN S 1733 22.91 -58.87 108.35
N ASP S 1734 23.83 -59.63 107.77
CA ASP S 1734 24.29 -59.37 106.41
C ASP S 1734 23.89 -60.48 105.43
N ASP S 1735 22.79 -61.18 105.70
CA ASP S 1735 22.28 -62.18 104.77
C ASP S 1735 21.17 -61.66 103.87
N SER S 1736 20.79 -60.38 104.01
CA SER S 1736 19.76 -59.82 103.15
C SER S 1736 20.23 -59.72 101.70
N SER S 1737 21.43 -59.19 101.50
CA SER S 1737 22.04 -59.11 100.18
C SER S 1737 23.45 -59.67 100.28
N ARG S 1738 23.72 -60.71 99.50
CA ARG S 1738 24.99 -61.42 99.56
C ARG S 1738 26.06 -60.82 98.66
N LEU S 1739 25.69 -59.95 97.72
CA LEU S 1739 26.68 -59.29 96.88
C LEU S 1739 27.60 -58.41 97.71
N ASP S 1740 27.03 -57.65 98.65
CA ASP S 1740 27.80 -56.79 99.54
C ASP S 1740 27.81 -57.32 100.97
N GLY S 1741 27.11 -58.43 101.24
CA GLY S 1741 27.07 -58.97 102.59
C GLY S 1741 28.43 -59.38 103.11
N VAL S 1742 29.26 -59.96 102.25
CA VAL S 1742 30.62 -60.32 102.66
C VAL S 1742 31.39 -59.07 103.08
N SER S 1743 31.28 -58.01 102.27
CA SER S 1743 31.96 -56.76 102.60
C SER S 1743 31.44 -56.19 103.91
N LYS S 1744 30.12 -56.26 104.13
CA LYS S 1744 29.55 -55.77 105.38
C LYS S 1744 30.07 -56.57 106.57
N LYS S 1745 30.07 -57.90 106.45
CA LYS S 1745 30.58 -58.71 107.54
C LYS S 1745 32.01 -58.34 107.86
N ASP S 1746 32.86 -58.26 106.84
CA ASP S 1746 34.25 -57.88 107.07
C ASP S 1746 34.34 -56.49 107.70
N ASP S 1747 33.50 -55.56 107.25
CA ASP S 1747 33.58 -54.20 107.76
C ASP S 1747 33.19 -54.13 109.24
N MET S 1748 32.09 -54.76 109.63
CA MET S 1748 31.74 -54.73 111.04
C MET S 1748 32.76 -55.49 111.89
N GLU S 1749 33.26 -56.63 111.38
CA GLU S 1749 34.26 -57.37 112.14
C GLU S 1749 35.51 -56.54 112.37
N LEU S 1750 36.02 -55.92 111.30
CA LEU S 1750 37.20 -55.07 111.43
C LEU S 1750 36.89 -53.88 112.33
N ALA S 1751 35.69 -53.32 112.22
CA ALA S 1751 35.33 -52.18 113.06
C ALA S 1751 35.41 -52.54 114.52
N MET S 1752 34.80 -53.66 114.91
CA MET S 1752 34.97 -54.17 116.27
C MET S 1752 36.44 -54.38 116.61
N GLN S 1753 37.22 -54.88 115.66
CA GLN S 1753 38.63 -55.10 115.94
C GLN S 1753 39.35 -53.81 116.28
N GLN S 1754 39.14 -52.75 115.50
CA GLN S 1754 39.79 -51.48 115.81
C GLN S 1754 39.24 -50.90 117.11
N ILE S 1755 37.95 -51.12 117.40
CA ILE S 1755 37.40 -50.62 118.65
C ILE S 1755 38.09 -51.28 119.84
N CYS S 1756 38.29 -52.60 119.77
CA CYS S 1756 39.03 -53.29 120.82
C CYS S 1756 40.46 -52.78 120.91
N SER S 1757 41.16 -52.74 119.77
CA SER S 1757 42.53 -52.26 119.73
C SER S 1757 42.62 -50.87 120.35
N ASN S 1758 41.57 -50.09 120.19
CA ASN S 1758 41.62 -48.66 120.41
C ASN S 1758 41.28 -48.31 121.86
N VAL S 1759 40.26 -48.97 122.43
CA VAL S 1759 40.07 -48.87 123.87
C VAL S 1759 41.29 -49.41 124.59
N MET S 1760 41.93 -50.44 124.03
CA MET S 1760 43.19 -50.89 124.61
C MET S 1760 44.28 -49.84 124.48
N GLU S 1761 44.31 -49.11 123.37
CA GLU S 1761 45.25 -48.00 123.25
C GLU S 1761 45.05 -47.00 124.37
N TYR S 1762 43.79 -46.65 124.63
CA TYR S 1762 43.47 -45.73 125.71
C TYR S 1762 43.96 -46.26 127.05
N CYS S 1763 43.67 -47.55 127.32
CA CYS S 1763 44.08 -48.16 128.58
C CYS S 1763 45.61 -48.20 128.71
N GLN S 1764 46.30 -48.56 127.62
CA GLN S 1764 47.76 -48.64 127.68
C GLN S 1764 48.38 -47.28 127.90
N ALA S 1765 47.83 -46.24 127.26
CA ALA S 1765 48.33 -44.89 127.51
C ALA S 1765 48.14 -44.50 128.96
N LEU S 1766 46.96 -44.81 129.52
CA LEU S 1766 46.71 -44.48 130.92
C LEU S 1766 47.66 -45.22 131.84
N MET S 1767 47.89 -46.51 131.57
CA MET S 1767 48.75 -47.31 132.44
C MET S 1767 50.20 -46.86 132.35
N ILE S 1768 50.67 -46.55 131.14
CA ILE S 1768 52.03 -46.05 130.99
C ILE S 1768 52.17 -44.72 131.72
N GLN S 1769 51.17 -43.86 131.63
CA GLN S 1769 51.21 -42.58 132.32
C GLN S 1769 51.24 -42.75 133.84
N ASN S 1770 50.45 -43.68 134.38
CA ASN S 1770 50.35 -43.86 135.82
C ASN S 1770 51.44 -44.79 136.36
N SER S 1771 52.28 -45.34 135.47
CA SER S 1771 53.33 -46.26 135.92
C SER S 1771 54.25 -45.69 136.99
N PRO S 1772 54.83 -44.48 136.86
CA PRO S 1772 55.78 -44.03 137.87
C PRO S 1772 55.20 -43.85 139.26
N SER S 1773 53.89 -43.73 139.39
CA SER S 1773 53.26 -43.52 140.69
C SER S 1773 53.30 -44.79 141.52
N PHE S 1774 53.26 -44.61 142.84
CA PHE S 1774 53.23 -45.74 143.76
C PHE S 1774 52.13 -45.62 144.80
N GLN S 1775 51.40 -44.51 144.86
CA GLN S 1775 50.23 -44.37 145.72
C GLN S 1775 48.97 -43.95 144.98
N GLN S 1776 49.08 -43.54 143.72
CA GLN S 1776 47.93 -43.11 142.93
C GLN S 1776 47.68 -44.01 141.73
N THR S 1777 48.17 -45.24 141.77
CA THR S 1777 47.99 -46.20 140.68
C THR S 1777 46.98 -47.27 141.12
N VAL S 1778 45.81 -47.27 140.49
CA VAL S 1778 44.76 -48.21 140.79
C VAL S 1778 44.54 -49.08 139.55
N CYS S 1779 44.01 -50.28 139.77
CA CYS S 1779 43.65 -51.17 138.68
C CYS S 1779 42.15 -51.15 138.45
N LEU S 1780 41.77 -51.01 137.18
CA LEU S 1780 40.39 -50.86 136.78
C LEU S 1780 39.53 -52.07 137.09
N PHE S 1781 40.11 -53.25 137.19
CA PHE S 1781 39.32 -54.46 137.39
C PHE S 1781 39.60 -55.09 138.73
N THR S 1782 38.67 -55.94 139.13
CA THR S 1782 38.76 -56.77 140.32
C THR S 1782 38.87 -58.21 139.89
N PRO S 1783 39.62 -59.04 140.63
CA PRO S 1783 39.90 -60.40 140.17
C PRO S 1783 38.76 -61.36 140.43
N SER S 1784 38.30 -61.97 139.34
CA SER S 1784 37.26 -63.01 139.39
C SER S 1784 37.11 -63.70 138.04
N LEU S 1785 36.85 -65.00 138.06
CA LEU S 1785 36.54 -65.75 136.84
C LEU S 1785 35.09 -66.20 136.80
N LYS S 1786 34.31 -65.89 137.83
CA LYS S 1786 32.86 -66.10 137.74
C LYS S 1786 32.29 -65.31 136.56
N GLU S 1787 32.71 -64.04 136.43
CA GLU S 1787 32.26 -63.24 135.30
C GLU S 1787 32.90 -63.71 134.00
N SER S 1788 34.11 -64.26 134.07
CA SER S 1788 34.71 -64.87 132.88
C SER S 1788 33.81 -65.98 132.34
N ALA S 1789 33.34 -66.86 133.23
CA ALA S 1789 32.42 -67.91 132.82
C ALA S 1789 31.08 -67.32 132.36
N SER S 1790 30.59 -66.29 133.05
CA SER S 1790 29.29 -65.72 132.72
C SER S 1790 29.27 -65.08 131.34
N ARG S 1791 30.35 -64.37 130.98
CA ARG S 1791 30.38 -63.68 129.69
C ARG S 1791 30.42 -64.63 128.50
N ASP S 1792 30.87 -65.87 128.70
CA ASP S 1792 30.89 -66.83 127.60
C ASP S 1792 29.49 -67.18 127.12
N GLY S 1793 28.46 -66.89 127.91
CA GLY S 1793 27.09 -67.09 127.52
C GLY S 1793 26.44 -65.83 126.99
N THR S 1794 25.11 -65.82 127.02
CA THR S 1794 24.36 -64.67 126.52
C THR S 1794 24.42 -63.51 127.52
N ARG S 1795 24.20 -62.31 127.01
CA ARG S 1795 24.13 -61.11 127.83
C ARG S 1795 22.70 -60.61 127.98
N GLN S 1796 21.74 -61.52 128.17
CA GLN S 1796 20.31 -61.26 128.14
C GLN S 1796 19.99 -60.35 126.97
N ASP S 1797 20.18 -60.86 125.75
CA ASP S 1797 20.28 -60.04 124.56
C ASP S 1797 18.93 -59.42 124.23
N SER S 1798 18.45 -58.55 125.13
CA SER S 1798 17.40 -57.59 124.84
C SER S 1798 18.02 -56.22 125.10
N GLN S 1799 18.77 -56.14 126.19
CA GLN S 1799 19.74 -55.09 126.42
C GLN S 1799 21.07 -55.75 126.74
N VAL S 1800 22.14 -55.29 126.10
CA VAL S 1800 23.44 -55.93 126.25
C VAL S 1800 23.91 -55.77 127.70
N SER S 1801 24.23 -56.88 128.34
CA SER S 1801 24.69 -56.84 129.72
C SER S 1801 26.03 -56.12 129.80
N ILE S 1802 26.14 -55.23 130.78
CA ILE S 1802 27.36 -54.48 131.01
C ILE S 1802 27.77 -54.65 132.47
N LEU S 1803 29.04 -54.99 132.67
CA LEU S 1803 29.39 -54.90 134.08
C LEU S 1803 29.41 -53.44 134.52
N PRO S 1804 29.10 -53.15 135.77
CA PRO S 1804 29.01 -51.75 136.22
C PRO S 1804 30.30 -51.00 135.96
N SER S 1805 30.22 -50.00 135.07
CA SER S 1805 31.38 -49.25 134.62
C SER S 1805 31.77 -48.10 135.54
N TRP S 1806 30.87 -47.67 136.43
CA TRP S 1806 31.24 -46.80 137.53
C TRP S 1806 31.67 -47.59 138.75
N ARG S 1807 31.55 -48.92 138.69
CA ARG S 1807 31.93 -49.81 139.78
C ARG S 1807 33.02 -50.80 139.41
N LEU S 1808 33.86 -50.51 138.40
CA LEU S 1808 35.07 -51.29 138.17
C LEU S 1808 34.80 -52.76 137.82
N PRO S 1809 34.51 -53.07 136.55
CA PRO S 1809 34.27 -54.46 136.15
C PRO S 1809 35.51 -55.33 136.37
N SER S 1810 35.44 -56.56 135.87
CA SER S 1810 36.37 -57.60 136.28
C SER S 1810 37.30 -58.06 135.17
N LEU S 1811 38.39 -58.72 135.59
CA LEU S 1811 39.36 -59.31 134.67
C LEU S 1811 38.81 -60.52 133.92
N GLY S 1812 37.64 -61.02 134.33
CA GLY S 1812 36.98 -62.04 133.54
C GLY S 1812 36.72 -61.59 132.13
N VAL S 1813 36.42 -60.29 131.95
CA VAL S 1813 36.29 -59.73 130.61
C VAL S 1813 37.59 -59.90 129.84
N VAL S 1814 38.72 -59.58 130.47
CA VAL S 1814 40.00 -59.69 129.80
C VAL S 1814 40.25 -61.13 129.36
N ILE S 1815 40.07 -62.07 130.28
CA ILE S 1815 40.40 -63.46 129.95
C ILE S 1815 39.44 -64.02 128.91
N HIS S 1816 38.14 -63.68 129.02
CA HIS S 1816 37.19 -64.16 128.04
C HIS S 1816 37.47 -63.60 126.65
N LEU S 1817 37.75 -62.30 126.56
CA LEU S 1817 38.08 -61.71 125.28
C LEU S 1817 39.35 -62.32 124.72
N LEU S 1818 40.34 -62.57 125.57
CA LEU S 1818 41.60 -63.14 125.10
C LEU S 1818 41.38 -64.54 124.54
N LYS S 1819 40.59 -65.36 125.24
CA LYS S 1819 40.32 -66.72 124.76
C LYS S 1819 39.54 -66.69 123.46
N GLN S 1820 38.52 -65.83 123.38
CA GLN S 1820 37.75 -65.69 122.15
C GLN S 1820 38.64 -65.25 121.00
N SER S 1821 39.54 -64.30 121.26
CA SER S 1821 40.43 -63.82 120.24
C SER S 1821 41.38 -64.91 119.77
N ALA S 1822 41.87 -65.73 120.70
CA ALA S 1822 42.73 -66.84 120.29
C ALA S 1822 41.98 -67.81 119.40
N ASN S 1823 40.75 -68.15 119.77
CA ASN S 1823 39.96 -69.07 118.96
C ASN S 1823 39.73 -68.50 117.57
N ASN S 1824 39.29 -67.25 117.50
CA ASN S 1824 39.06 -66.62 116.21
C ASN S 1824 40.36 -66.43 115.44
N PHE S 1825 41.48 -66.32 116.15
CA PHE S 1825 42.76 -66.15 115.47
C PHE S 1825 43.15 -67.44 114.77
N PHE S 1826 42.99 -68.57 115.44
CA PHE S 1826 43.17 -69.84 114.72
C PHE S 1826 42.20 -69.96 113.56
N THR S 1827 40.96 -69.54 113.77
CA THR S 1827 39.98 -69.54 112.68
C THR S 1827 40.51 -68.81 111.46
N TYR S 1828 40.80 -67.52 111.62
CA TYR S 1828 41.19 -66.69 110.50
C TYR S 1828 42.57 -67.04 109.98
N TYR S 1829 43.47 -67.51 110.84
CA TYR S 1829 44.75 -68.02 110.41
C TYR S 1829 44.58 -69.18 109.43
N ASP S 1830 43.76 -70.16 109.80
CA ASP S 1830 43.61 -71.33 108.96
C ASP S 1830 42.88 -70.98 107.65
N ILE S 1831 41.83 -70.17 107.73
CA ILE S 1831 41.12 -69.82 106.50
C ILE S 1831 42.01 -68.95 105.61
N HIS S 1832 42.85 -68.10 106.22
CA HIS S 1832 43.79 -67.31 105.46
C HIS S 1832 44.80 -68.20 104.74
N ARG S 1833 45.29 -69.22 105.43
CA ARG S 1833 46.21 -70.17 104.81
C ARG S 1833 45.55 -70.87 103.63
N GLN S 1834 44.31 -71.32 103.82
CA GLN S 1834 43.62 -72.00 102.73
C GLN S 1834 43.36 -71.05 101.57
N SER S 1835 43.01 -69.80 101.86
CA SER S 1835 42.79 -68.82 100.81
C SER S 1835 44.06 -68.54 100.04
N VAL S 1836 45.20 -68.52 100.73
CA VAL S 1836 46.49 -68.35 100.06
C VAL S 1836 46.77 -69.56 99.16
N GLY S 1837 46.47 -70.75 99.65
CA GLY S 1837 46.59 -71.94 98.81
C GLY S 1837 45.73 -71.84 97.56
N LYS S 1838 44.51 -71.37 97.71
CA LYS S 1838 43.65 -71.16 96.54
C LYS S 1838 44.24 -70.11 95.60
N LEU S 1839 44.78 -69.02 96.16
CA LEU S 1839 45.36 -67.98 95.33
C LEU S 1839 46.55 -68.49 94.53
N GLN S 1840 47.37 -69.34 95.14
CA GLN S 1840 48.52 -69.88 94.42
C GLN S 1840 48.12 -70.98 93.45
N ASN S 1841 46.99 -71.65 93.70
CA ASN S 1841 46.54 -72.75 92.84
C ASN S 1841 45.51 -72.28 91.83
N VAL S 1842 45.25 -70.98 91.79
CA VAL S 1842 44.24 -70.43 90.88
C VAL S 1842 44.57 -70.78 89.44
N GLU S 1843 45.86 -70.91 89.11
CA GLU S 1843 46.23 -71.34 87.76
C GLU S 1843 45.73 -72.75 87.48
N GLN S 1844 45.68 -73.61 88.47
CA GLN S 1844 45.33 -75.01 88.30
C GLN S 1844 43.84 -75.27 88.47
N LEU S 1845 43.06 -74.26 88.83
CA LEU S 1845 41.65 -74.49 89.09
C LEU S 1845 40.88 -74.72 87.78
N PRO S 1846 39.83 -75.54 87.82
CA PRO S 1846 39.01 -75.76 86.63
C PRO S 1846 38.15 -74.55 86.32
N PRO S 1847 37.53 -74.50 85.15
CA PRO S 1847 36.70 -73.33 84.79
C PRO S 1847 35.57 -73.06 85.77
N ASP S 1848 34.99 -74.10 86.39
CA ASP S 1848 33.73 -73.90 87.12
C ASP S 1848 33.96 -73.15 88.44
N GLU S 1849 34.99 -73.51 89.20
CA GLU S 1849 35.25 -72.80 90.45
C GLU S 1849 35.61 -71.35 90.22
N ILE S 1850 36.44 -71.09 89.21
CA ILE S 1850 36.82 -69.71 88.89
C ILE S 1850 35.61 -68.94 88.37
N LYS S 1851 34.73 -69.62 87.63
CA LYS S 1851 33.46 -69.02 87.22
C LYS S 1851 32.61 -68.64 88.41
N GLU S 1852 32.54 -69.51 89.41
CA GLU S 1852 31.80 -69.21 90.64
C GLU S 1852 32.42 -68.01 91.35
N LEU S 1853 33.75 -67.94 91.39
CA LEU S 1853 34.42 -66.83 92.04
C LEU S 1853 34.15 -65.51 91.32
N CYS S 1854 34.16 -65.53 89.99
CA CYS S 1854 33.89 -64.33 89.22
C CYS S 1854 32.44 -63.89 89.37
N GLN S 1855 31.51 -64.85 89.41
CA GLN S 1855 30.11 -64.52 89.70
C GLN S 1855 29.96 -63.91 91.09
N SER S 1856 30.70 -64.43 92.07
CA SER S 1856 30.65 -63.88 93.43
C SER S 1856 31.26 -62.49 93.48
N GLU S 1857 32.10 -62.14 92.50
CA GLU S 1857 32.68 -60.81 92.47
C GLU S 1857 31.80 -59.80 91.75
N MET S 1858 31.38 -60.11 90.52
CA MET S 1858 30.54 -59.23 89.74
C MET S 1858 29.44 -60.06 89.09
N PRO S 1859 28.27 -59.48 88.84
CA PRO S 1859 27.16 -60.26 88.30
C PRO S 1859 27.30 -60.54 86.81
N VAL S 1860 28.49 -60.97 86.38
CA VAL S 1860 28.75 -61.36 85.01
C VAL S 1860 30.01 -62.21 84.99
N GLY S 1861 30.03 -63.23 84.15
CA GLY S 1861 31.11 -64.20 84.18
C GLY S 1861 30.99 -65.29 83.14
N ALA S 1862 31.15 -66.55 83.60
CA ALA S 1862 31.06 -67.77 82.80
C ALA S 1862 32.33 -67.96 81.97
N ASP S 1863 32.29 -68.93 81.05
CA ASP S 1863 33.47 -69.31 80.27
C ASP S 1863 33.53 -68.59 78.93
N LYS S 1864 32.54 -67.74 78.63
CA LYS S 1864 32.61 -66.95 77.41
C LYS S 1864 33.70 -65.88 77.51
N ILE S 1865 34.01 -65.43 78.73
CA ILE S 1865 35.10 -64.48 78.91
C ILE S 1865 36.43 -65.23 78.95
N SER S 1866 37.52 -64.46 78.86
CA SER S 1866 38.84 -65.07 78.79
C SER S 1866 39.20 -65.73 80.11
N THR S 1867 39.94 -66.84 80.00
CA THR S 1867 40.45 -67.53 81.19
C THR S 1867 41.32 -66.59 82.01
N THR S 1868 42.12 -65.75 81.35
CA THR S 1868 42.96 -64.79 82.07
C THR S 1868 42.12 -63.79 82.84
N GLN S 1869 41.03 -63.29 82.24
CA GLN S 1869 40.14 -62.40 82.97
C GLN S 1869 39.53 -63.10 84.17
N LYS S 1870 39.14 -64.36 83.99
CA LYS S 1870 38.57 -65.12 85.10
C LYS S 1870 39.59 -65.26 86.24
N TYR S 1871 40.83 -65.60 85.89
CA TYR S 1871 41.87 -65.73 86.91
C TYR S 1871 42.09 -64.40 87.62
N GLY S 1872 42.12 -63.30 86.87
CA GLY S 1872 42.33 -62.00 87.48
C GLY S 1872 41.21 -61.63 88.44
N LEU S 1873 39.96 -61.88 88.04
CA LEU S 1873 38.84 -61.56 88.91
C LEU S 1873 38.88 -62.39 90.20
N ALA S 1874 39.12 -63.70 90.06
CA ALA S 1874 39.23 -64.54 91.25
C ALA S 1874 40.36 -64.10 92.14
N ARG S 1875 41.51 -63.77 91.54
CA ARG S 1875 42.66 -63.34 92.32
C ARG S 1875 42.41 -62.03 93.02
N ARG S 1876 41.62 -61.14 92.41
CA ARG S 1876 41.34 -59.85 93.05
C ARG S 1876 40.43 -60.03 94.25
N ARG S 1877 39.42 -60.89 94.11
CA ARG S 1877 38.63 -61.28 95.28
C ARG S 1877 39.53 -61.82 96.38
N LEU S 1878 40.40 -62.76 96.03
CA LEU S 1878 41.29 -63.36 97.01
C LEU S 1878 42.19 -62.33 97.65
N VAL S 1879 42.63 -61.34 96.87
CA VAL S 1879 43.51 -60.29 97.38
C VAL S 1879 42.79 -59.46 98.43
N LYS S 1880 41.58 -59.00 98.12
CA LYS S 1880 40.85 -58.20 99.10
C LYS S 1880 40.56 -59.00 100.36
N LEU S 1881 40.15 -60.26 100.21
CA LEU S 1881 39.83 -61.05 101.39
C LEU S 1881 41.07 -61.35 102.22
N ILE S 1882 42.21 -61.59 101.55
CA ILE S 1882 43.47 -61.82 102.24
C ILE S 1882 43.90 -60.56 102.99
N ASN S 1883 43.68 -59.40 102.36
CA ASN S 1883 43.96 -58.14 103.05
C ASN S 1883 43.13 -58.02 104.32
N SER S 1884 41.83 -58.30 104.21
CA SER S 1884 40.95 -58.23 105.38
C SER S 1884 41.45 -59.17 106.49
N ARG S 1885 41.72 -60.42 106.13
CA ARG S 1885 42.13 -61.40 107.14
C ARG S 1885 43.49 -61.06 107.72
N ALA S 1886 44.40 -60.50 106.91
CA ALA S 1886 45.71 -60.14 107.40
C ALA S 1886 45.63 -59.01 108.42
N LYS S 1887 44.87 -57.96 108.10
CA LYS S 1887 44.66 -56.89 109.07
C LYS S 1887 44.02 -57.44 110.34
N LEU S 1888 43.04 -58.34 110.16
CA LEU S 1888 42.39 -58.94 111.31
C LEU S 1888 43.39 -59.67 112.20
N LEU S 1889 44.20 -60.55 111.63
CA LEU S 1889 45.13 -61.33 112.42
C LEU S 1889 46.16 -60.44 113.10
N SER S 1890 46.66 -59.43 112.39
CA SER S 1890 47.64 -58.53 112.98
C SER S 1890 47.08 -57.81 114.20
N LEU S 1891 45.92 -57.18 114.05
CA LEU S 1891 45.39 -56.43 115.19
C LEU S 1891 44.96 -57.37 116.30
N CYS S 1892 44.49 -58.57 115.96
CA CYS S 1892 44.14 -59.53 117.01
C CYS S 1892 45.37 -59.91 117.82
N SER S 1893 46.51 -60.11 117.17
CA SER S 1893 47.75 -60.30 117.91
C SER S 1893 48.04 -59.10 118.80
N TYR S 1894 47.75 -57.89 118.28
CA TYR S 1894 47.91 -56.70 119.11
C TYR S 1894 47.11 -56.80 120.40
N ILE S 1895 45.81 -57.09 120.29
CA ILE S 1895 44.98 -57.21 121.48
C ILE S 1895 45.48 -58.32 122.38
N ILE S 1896 45.97 -59.42 121.80
CA ILE S 1896 46.47 -60.53 122.61
C ILE S 1896 47.61 -60.06 123.49
N GLU S 1897 48.60 -59.40 122.88
CA GLU S 1897 49.78 -59.00 123.64
C GLU S 1897 49.42 -57.91 124.66
N THR S 1898 48.50 -57.02 124.29
CA THR S 1898 48.08 -55.99 125.24
C THR S 1898 47.27 -56.59 126.39
N CYS S 1899 46.54 -57.68 126.13
CA CYS S 1899 45.89 -58.41 127.21
C CYS S 1899 46.94 -59.00 128.16
N LEU S 1900 48.05 -59.48 127.59
CA LEU S 1900 49.16 -59.91 128.42
C LEU S 1900 49.66 -58.77 129.29
N TYR S 1901 49.79 -57.58 128.72
CA TYR S 1901 50.24 -56.42 129.50
C TYR S 1901 49.25 -56.10 130.62
N ILE S 1902 47.95 -56.14 130.32
CA ILE S 1902 46.93 -55.91 131.33
C ILE S 1902 47.05 -56.90 132.46
N LEU S 1903 47.17 -58.18 132.12
CA LEU S 1903 47.27 -59.22 133.14
C LEU S 1903 48.50 -59.00 134.00
N TRP S 1904 49.62 -58.67 133.36
CA TRP S 1904 50.85 -58.41 134.09
C TRP S 1904 50.67 -57.28 135.08
N ARG S 1905 50.10 -56.15 134.65
CA ARG S 1905 50.03 -54.99 135.52
C ARG S 1905 49.02 -55.21 136.65
N HIS S 1906 47.89 -55.86 136.35
CA HIS S 1906 46.94 -56.19 137.40
C HIS S 1906 47.55 -57.11 138.44
N LEU S 1907 48.26 -58.15 138.00
CA LEU S 1907 48.90 -59.06 138.95
C LEU S 1907 49.92 -58.32 139.80
N GLU S 1908 50.70 -57.43 139.18
CA GLU S 1908 51.67 -56.64 139.93
C GLU S 1908 50.98 -55.81 141.00
N TYR S 1909 49.90 -55.13 140.64
CA TYR S 1909 49.19 -54.30 141.60
C TYR S 1909 48.61 -55.13 142.73
N TYR S 1910 47.93 -56.23 142.40
CA TYR S 1910 47.19 -56.96 143.42
C TYR S 1910 48.11 -57.75 144.33
N LEU S 1911 48.98 -58.59 143.75
CA LEU S 1911 49.77 -59.51 144.55
C LEU S 1911 50.87 -58.83 145.35
N LEU S 1912 51.13 -57.54 145.11
CA LEU S 1912 52.25 -56.86 145.73
C LEU S 1912 51.88 -55.62 146.53
N HIS S 1913 50.74 -55.00 146.25
CA HIS S 1913 50.44 -53.69 146.83
C HIS S 1913 49.08 -53.59 147.50
N CYS S 1914 48.08 -54.39 147.09
CA CYS S 1914 46.74 -54.25 147.63
C CYS S 1914 46.66 -54.77 149.06
N THR S 1915 46.03 -53.98 149.93
CA THR S 1915 45.83 -54.40 151.32
C THR S 1915 44.86 -55.55 151.39
N THR S 1916 45.19 -56.55 152.21
CA THR S 1916 44.35 -57.72 152.40
C THR S 1916 43.57 -57.60 153.70
N SER S 1917 42.33 -58.07 153.68
CA SER S 1917 41.42 -57.96 154.82
C SER S 1917 41.46 -59.16 155.74
N ASP S 1918 42.29 -60.16 155.45
CA ASP S 1918 42.39 -61.36 156.28
C ASP S 1918 43.64 -61.37 157.15
N SER S 1919 44.56 -60.44 156.96
CA SER S 1919 45.79 -60.40 157.72
C SER S 1919 46.41 -59.01 157.58
N GLN S 1920 47.53 -58.80 158.25
CA GLN S 1920 48.27 -57.55 158.22
C GLN S 1920 49.51 -57.73 157.35
N ASP S 1921 49.55 -57.04 156.21
CA ASP S 1921 50.68 -57.10 155.30
C ASP S 1921 51.89 -56.42 155.94
N PRO S 1922 53.11 -56.81 155.56
CA PRO S 1922 54.30 -56.17 156.18
C PRO S 1922 54.35 -54.67 156.00
N VAL S 1923 54.34 -54.18 154.75
CA VAL S 1923 54.35 -52.73 154.52
C VAL S 1923 53.28 -52.40 153.47
N PHE S 1924 52.43 -53.37 153.14
CA PHE S 1924 51.41 -53.18 152.12
C PHE S 1924 50.04 -52.85 152.68
N SER S 1925 49.78 -53.14 153.95
CA SER S 1925 48.52 -52.78 154.59
C SER S 1925 48.45 -51.29 154.92
N ASN S 1926 49.59 -50.61 154.99
CA ASN S 1926 49.63 -49.16 155.11
C ASN S 1926 49.48 -48.47 153.77
N MET S 1927 49.53 -49.20 152.67
CA MET S 1927 49.37 -48.64 151.33
C MET S 1927 47.91 -48.70 150.93
N THR S 1928 47.29 -47.53 150.78
CA THR S 1928 45.91 -47.47 150.32
C THR S 1928 45.84 -47.83 148.85
N PHE S 1929 44.62 -48.16 148.40
CA PHE S 1929 44.39 -48.42 146.99
C PHE S 1929 44.72 -47.18 146.16
N GLY S 1930 44.87 -47.40 144.85
CA GLY S 1930 45.31 -46.30 143.99
C GLY S 1930 44.34 -45.14 144.01
N ASN S 1931 44.91 -43.94 143.84
CA ASN S 1931 44.18 -42.66 143.86
C ASN S 1931 43.68 -42.34 145.25
N ARG S 1932 43.53 -41.06 145.55
CA ARG S 1932 42.97 -40.64 146.82
C ARG S 1932 41.44 -40.66 146.77
N ARG S 1933 40.82 -40.42 147.91
CA ARG S 1933 39.38 -40.57 148.04
C ARG S 1933 38.67 -39.22 147.91
N PHE S 1934 37.42 -39.27 147.48
CA PHE S 1934 36.59 -38.08 147.43
C PHE S 1934 36.30 -37.55 148.82
N GLN S 1935 36.29 -36.22 148.96
CA GLN S 1935 35.78 -35.58 150.16
C GLN S 1935 34.31 -35.19 150.03
N ASP S 1936 33.74 -35.30 148.83
CA ASP S 1936 32.34 -34.98 148.61
C ASP S 1936 31.44 -36.12 149.05
N THR S 1937 30.32 -35.77 149.67
CA THR S 1937 29.38 -36.75 150.22
C THR S 1937 28.42 -37.20 149.13
N PHE S 1938 28.30 -38.51 148.96
CA PHE S 1938 27.34 -39.09 148.03
C PHE S 1938 26.81 -40.39 148.60
N ASN S 1939 25.62 -40.77 148.13
CA ASN S 1939 25.01 -42.03 148.52
C ASN S 1939 25.26 -43.07 147.43
N THR S 1940 25.64 -44.27 147.87
CA THR S 1940 25.90 -45.36 146.94
C THR S 1940 24.63 -45.72 146.18
N ASP S 1941 24.61 -45.41 144.89
CA ASP S 1941 23.46 -45.67 144.05
C ASP S 1941 23.90 -46.45 142.81
N PRO S 1942 23.05 -47.35 142.30
CA PRO S 1942 23.49 -48.21 141.20
C PRO S 1942 23.42 -47.53 139.85
N ASN S 1943 23.92 -46.30 139.75
CA ASN S 1943 23.99 -45.60 138.47
C ASN S 1943 24.94 -44.41 138.55
N MET S 1944 25.95 -44.39 137.67
CA MET S 1944 26.86 -43.26 137.54
C MET S 1944 27.52 -42.87 138.86
N ASP S 1945 28.21 -43.81 139.51
CA ASP S 1945 28.89 -43.47 140.75
C ASP S 1945 30.39 -43.64 140.59
N PRO S 1946 31.11 -42.58 140.21
CA PRO S 1946 32.57 -42.68 140.11
C PRO S 1946 33.24 -42.90 141.45
N ARG S 1947 32.54 -42.61 142.55
CA ARG S 1947 33.07 -42.91 143.88
C ARG S 1947 33.37 -44.39 144.04
N ASN S 1948 32.65 -45.26 143.32
CA ASN S 1948 32.95 -46.68 143.35
C ASN S 1948 34.15 -47.05 142.50
N LEU S 1949 34.59 -46.15 141.61
CA LEU S 1949 35.75 -46.43 140.76
C LEU S 1949 37.05 -46.40 141.53
N ARG S 1950 37.05 -45.99 142.80
CA ARG S 1950 38.27 -45.74 143.54
C ARG S 1950 38.68 -46.90 144.46
N GLN S 1951 37.83 -47.91 144.63
CA GLN S 1951 38.09 -48.99 145.59
C GLN S 1951 38.17 -50.32 144.86
N ASN S 1952 39.26 -51.06 145.12
CA ASN S 1952 39.32 -52.47 144.76
C ASN S 1952 38.99 -53.31 145.98
N LYS S 1953 38.44 -54.49 145.75
CA LYS S 1953 38.12 -55.43 146.81
C LYS S 1953 39.08 -56.61 146.73
N VAL S 1954 40.01 -56.69 147.68
CA VAL S 1954 41.09 -57.66 147.65
C VAL S 1954 41.18 -58.37 148.99
N SER S 1955 41.31 -59.69 148.96
CA SER S 1955 41.47 -60.51 150.16
C SER S 1955 42.28 -61.75 149.80
N GLN S 1956 42.82 -62.39 150.83
CA GLN S 1956 43.63 -63.59 150.60
C GLN S 1956 42.80 -64.73 150.07
N GLN S 1957 41.55 -64.88 150.54
CA GLN S 1957 40.65 -65.88 149.98
C GLN S 1957 40.42 -65.61 148.49
N ASP S 1958 40.22 -64.33 148.14
CA ASP S 1958 40.08 -63.97 146.75
C ASP S 1958 41.32 -64.33 145.96
N VAL S 1959 42.51 -64.08 146.52
CA VAL S 1959 43.75 -64.41 145.83
C VAL S 1959 43.85 -65.91 145.58
N ASP S 1960 43.55 -66.72 146.60
CA ASP S 1960 43.65 -68.17 146.45
C ASP S 1960 42.66 -68.69 145.42
N THR S 1961 41.40 -68.24 145.49
CA THR S 1961 40.40 -68.69 144.55
C THR S 1961 40.77 -68.27 143.13
N LEU S 1962 41.24 -67.02 142.97
CA LEU S 1962 41.68 -66.54 141.67
C LEU S 1962 42.82 -67.39 141.13
N LEU S 1963 43.80 -67.72 141.98
CA LEU S 1963 44.94 -68.49 141.51
C LEU S 1963 44.53 -69.88 141.06
N ARG S 1964 43.63 -70.52 141.82
CA ARG S 1964 43.17 -71.84 141.42
C ARG S 1964 42.37 -71.79 140.12
N GLU S 1965 41.50 -70.78 140.01
CA GLU S 1965 40.69 -70.64 138.80
C GLU S 1965 41.57 -70.33 137.59
N GLY S 1966 42.62 -69.52 137.78
CA GLY S 1966 43.54 -69.27 136.69
C GLY S 1966 44.32 -70.51 136.29
N ALA S 1967 44.81 -71.25 137.29
CA ALA S 1967 45.56 -72.47 137.02
C ALA S 1967 44.70 -73.47 136.25
N ASN S 1968 43.39 -73.47 136.51
CA ASN S 1968 42.54 -74.46 135.85
C ASN S 1968 42.07 -74.01 134.47
N SER S 1969 41.65 -72.75 134.34
CA SER S 1969 41.07 -72.31 133.08
C SER S 1969 42.11 -71.72 132.13
N PHE S 1970 43.35 -71.55 132.57
CA PHE S 1970 44.40 -70.93 131.78
C PHE S 1970 45.38 -71.98 131.27
N GLY S 1971 44.83 -73.07 130.75
CA GLY S 1971 45.59 -74.25 130.37
C GLY S 1971 46.90 -74.04 129.64
N GLU S 1972 47.81 -74.98 129.88
CA GLU S 1972 49.10 -74.98 129.21
C GLU S 1972 48.93 -75.02 127.69
N SER S 1973 47.82 -75.57 127.21
CA SER S 1973 47.51 -75.47 125.79
C SER S 1973 47.34 -74.01 125.38
N LEU S 1974 46.61 -73.24 126.18
CA LEU S 1974 46.48 -71.82 125.89
C LEU S 1974 47.83 -71.12 125.95
N GLN S 1975 48.66 -71.48 126.94
CA GLN S 1975 49.97 -70.86 127.04
C GLN S 1975 50.84 -71.15 125.83
N LYS S 1976 50.84 -72.41 125.39
CA LYS S 1976 51.62 -72.79 124.21
C LYS S 1976 51.10 -72.12 122.96
N ARG S 1977 49.77 -71.97 122.86
CA ARG S 1977 49.19 -71.25 121.74
C ARG S 1977 49.66 -69.81 121.72
N LEU S 1978 49.67 -69.15 122.89
CA LEU S 1978 50.16 -67.78 122.95
C LEU S 1978 51.63 -67.71 122.53
N LEU S 1979 52.46 -68.61 123.05
CA LEU S 1979 53.88 -68.57 122.78
C LEU S 1979 54.18 -68.81 121.30
N ASP S 1980 53.47 -69.75 120.67
CA ASP S 1980 53.77 -70.03 119.27
C ASP S 1980 53.18 -68.95 118.35
N ILE S 1981 52.08 -68.32 118.78
CA ILE S 1981 51.52 -67.22 118.00
C ILE S 1981 52.44 -66.01 118.05
N GLU S 1982 53.06 -65.75 119.20
CA GLU S 1982 53.86 -64.55 119.38
C GLU S 1982 55.28 -64.69 118.82
N SER S 1983 55.49 -65.60 117.88
CA SER S 1983 56.84 -65.87 117.38
C SER S 1983 57.07 -65.32 115.97
N LEU S 1984 56.19 -64.45 115.48
CA LEU S 1984 56.36 -63.89 114.14
C LEU S 1984 56.10 -62.39 114.05
N TYR S 1985 55.49 -61.77 115.05
CA TYR S 1985 55.10 -60.35 115.00
C TYR S 1985 56.18 -59.48 115.63
N CYS S 1986 55.80 -58.22 115.89
CA CYS S 1986 56.64 -57.22 116.54
C CYS S 1986 57.76 -56.77 115.61
N LYS S 1987 57.76 -57.28 114.38
CA LYS S 1987 58.77 -56.87 113.41
C LYS S 1987 58.47 -55.49 112.84
N VAL S 1988 57.19 -55.10 112.82
CA VAL S 1988 56.81 -53.84 112.18
C VAL S 1988 57.28 -52.65 113.00
N ARG S 1989 57.08 -52.67 114.32
CA ARG S 1989 57.51 -51.58 115.18
C ARG S 1989 58.92 -51.79 115.72
N SER S 1990 59.47 -52.99 115.57
CA SER S 1990 60.87 -53.30 115.83
C SER S 1990 61.38 -52.79 117.18
N ARG S 1991 60.77 -53.24 118.28
CA ARG S 1991 61.34 -53.03 119.59
C ARG S 1991 61.57 -54.38 120.23
N HIS S 1992 62.64 -54.47 121.02
CA HIS S 1992 63.10 -55.76 121.52
C HIS S 1992 62.02 -56.43 122.36
N SER S 1993 62.18 -57.74 122.54
CA SER S 1993 61.11 -58.59 123.04
C SER S 1993 60.61 -58.14 124.41
N PHE S 1994 59.29 -58.01 124.51
CA PHE S 1994 58.61 -57.78 125.77
C PHE S 1994 57.56 -58.88 125.93
N ILE S 1995 57.32 -59.60 124.83
CA ILE S 1995 56.27 -60.61 124.78
C ILE S 1995 56.59 -61.78 125.69
N GLN S 1996 57.80 -62.33 125.59
CA GLN S 1996 58.17 -63.45 126.43
C GLN S 1996 58.25 -63.03 127.88
N ALA S 1997 58.69 -61.78 128.11
CA ALA S 1997 58.70 -61.24 129.47
C ALA S 1997 57.31 -61.22 130.07
N LEU S 1998 56.32 -60.71 129.33
CA LEU S 1998 54.95 -60.70 129.83
C LEU S 1998 54.44 -62.11 130.07
N VAL S 1999 54.66 -63.02 129.12
CA VAL S 1999 54.15 -64.37 129.27
C VAL S 1999 54.73 -65.03 130.52
N ARG S 2000 56.06 -65.00 130.65
CA ARG S 2000 56.70 -65.68 131.77
C ARG S 2000 56.36 -65.01 133.10
N ARG S 2001 56.27 -63.68 133.12
CA ARG S 2001 56.01 -63.00 134.38
C ARG S 2001 54.56 -63.17 134.81
N ILE S 2002 53.64 -63.24 133.84
CA ILE S 2002 52.25 -63.60 134.15
C ILE S 2002 52.20 -65.02 134.72
N ARG S 2003 52.95 -65.93 134.09
CA ARG S 2003 53.01 -67.30 134.59
C ARG S 2003 53.52 -67.35 136.02
N GLY S 2004 54.57 -66.58 136.32
CA GLY S 2004 55.10 -66.55 137.67
C GLY S 2004 54.14 -65.93 138.66
N LEU S 2005 53.50 -64.82 138.26
CA LEU S 2005 52.57 -64.14 139.16
C LEU S 2005 51.36 -65.01 139.46
N LEU S 2006 50.92 -65.81 138.48
CA LEU S 2006 49.89 -66.79 138.74
C LEU S 2006 50.29 -67.77 139.83
N ARG S 2007 51.57 -68.13 139.89
CA ARG S 2007 52.07 -69.03 140.91
C ARG S 2007 52.60 -68.30 142.14
N VAL S 2008 52.47 -66.97 142.18
CA VAL S 2008 52.96 -66.16 143.29
C VAL S 2008 51.77 -65.47 143.95
N SER S 2009 51.65 -65.63 145.26
CA SER S 2009 50.55 -65.05 146.00
C SER S 2009 51.00 -63.79 146.74
N ARG S 2010 50.13 -63.29 147.62
CA ARG S 2010 50.41 -62.09 148.40
C ARG S 2010 51.63 -62.27 149.30
N VAL S 2011 52.43 -61.23 149.45
CA VAL S 2011 53.62 -61.29 150.29
C VAL S 2011 53.28 -60.94 151.73
N MET T 1 43.81 7.11 -94.64
CA MET T 1 43.88 6.39 -93.37
C MET T 1 44.14 4.91 -93.66
N GLN T 2 44.94 4.26 -92.81
CA GLN T 2 45.41 2.92 -93.09
C GLN T 2 44.27 1.91 -93.08
N ASN T 3 44.46 0.84 -93.85
CA ASN T 3 43.49 -0.24 -94.00
C ASN T 3 44.02 -1.50 -93.35
N LEU T 4 43.26 -2.58 -93.50
CA LEU T 4 43.71 -3.92 -93.12
C LEU T 4 43.44 -4.88 -94.26
N GLU T 5 44.23 -5.94 -94.34
CA GLU T 5 44.10 -6.94 -95.40
C GLU T 5 42.72 -7.59 -95.38
N ALA T 6 42.40 -8.34 -96.43
CA ALA T 6 41.08 -8.93 -96.59
C ALA T 6 40.75 -9.80 -95.38
N GLN T 7 39.55 -9.63 -94.84
CA GLN T 7 39.09 -10.37 -93.67
C GLN T 7 38.25 -11.55 -94.15
N VAL T 8 38.70 -12.76 -93.83
CA VAL T 8 37.99 -13.96 -94.26
C VAL T 8 36.74 -14.15 -93.41
N THR T 9 35.62 -14.46 -94.08
CA THR T 9 34.36 -14.74 -93.42
C THR T 9 33.77 -16.07 -93.84
N GLY T 10 34.58 -17.12 -93.88
CA GLY T 10 34.16 -18.40 -94.40
C GLY T 10 34.93 -18.76 -95.67
N SER T 11 35.85 -19.69 -95.56
CA SER T 11 36.79 -19.95 -96.64
C SER T 11 36.38 -21.10 -97.55
N LEU T 12 36.62 -20.94 -98.85
CA LEU T 12 36.49 -21.99 -99.85
C LEU T 12 35.16 -22.73 -99.75
N VAL T 13 34.06 -22.04 -100.06
CA VAL T 13 32.78 -22.69 -100.24
C VAL T 13 32.87 -23.35 -101.62
N ALA T 14 33.34 -24.59 -101.62
CA ALA T 14 33.77 -25.24 -102.85
C ALA T 14 32.58 -25.55 -103.76
N PHE T 15 32.87 -25.75 -105.04
CA PHE T 15 31.83 -26.08 -106.00
C PHE T 15 31.36 -27.51 -105.79
N PRO T 16 30.15 -27.87 -106.26
CA PRO T 16 29.67 -29.24 -106.11
C PRO T 16 30.57 -30.26 -106.77
N ASP T 17 30.43 -31.53 -106.37
CA ASP T 17 31.21 -32.61 -106.97
C ASP T 17 30.92 -32.73 -108.46
N VAL T 18 29.65 -32.59 -108.85
CA VAL T 18 29.30 -32.63 -110.26
C VAL T 18 29.98 -31.48 -111.01
N THR T 19 30.01 -30.30 -110.40
CA THR T 19 30.65 -29.16 -111.05
C THR T 19 32.15 -29.39 -111.21
N GLN T 20 32.80 -29.89 -110.15
CA GLN T 20 34.23 -30.16 -110.24
C GLN T 20 34.55 -31.23 -111.28
N LYS T 21 33.76 -32.29 -111.33
CA LYS T 21 33.96 -33.31 -112.36
C LYS T 21 33.76 -32.72 -113.75
N ALA T 22 32.71 -31.94 -113.92
CA ALA T 22 32.37 -31.41 -115.24
C ALA T 22 33.45 -30.45 -115.75
N LEU T 23 33.98 -29.60 -114.87
CA LEU T 23 35.00 -28.67 -115.30
C LEU T 23 36.33 -29.36 -115.60
N LYS T 24 36.68 -30.38 -114.81
CA LYS T 24 38.00 -30.98 -114.92
C LYS T 24 38.05 -32.18 -115.86
N GLU T 25 36.90 -32.66 -116.35
CA GLU T 25 36.92 -33.80 -117.26
C GLU T 25 37.42 -33.42 -118.65
N ASP T 26 37.11 -32.22 -119.11
CA ASP T 26 37.44 -31.83 -120.49
C ASP T 26 38.82 -31.22 -120.62
N GLU T 27 39.53 -30.99 -119.51
CA GLU T 27 40.86 -30.38 -119.59
C GLU T 27 41.89 -31.31 -120.22
N ILE T 28 41.57 -32.58 -120.43
CA ILE T 28 42.49 -33.50 -121.07
C ILE T 28 42.27 -33.52 -122.59
N ASN T 29 41.02 -33.34 -123.02
CA ASN T 29 40.71 -33.37 -124.45
C ASN T 29 41.36 -32.19 -125.16
N LEU T 30 41.67 -32.39 -126.44
CA LEU T 30 42.31 -31.38 -127.26
C LEU T 30 41.37 -30.21 -127.48
N ASP T 31 41.94 -29.01 -127.62
CA ASP T 31 41.18 -27.76 -127.82
C ASP T 31 40.18 -27.52 -126.69
N SER T 32 40.61 -27.69 -125.45
CA SER T 32 39.77 -27.42 -124.30
C SER T 32 40.60 -26.87 -123.16
N VAL T 33 40.15 -25.75 -122.59
CA VAL T 33 40.82 -25.12 -121.47
C VAL T 33 39.75 -24.59 -120.52
N LEU T 34 40.00 -24.71 -119.22
CA LEU T 34 39.03 -24.28 -118.22
C LEU T 34 39.00 -22.75 -118.15
N ARG T 35 37.79 -22.19 -118.20
CA ARG T 35 37.57 -20.76 -118.09
C ARG T 35 36.51 -20.50 -117.04
N GLY T 36 36.60 -19.33 -116.41
CA GLY T 36 35.64 -18.96 -115.39
C GLY T 36 35.60 -17.46 -115.20
N LYS T 37 34.39 -16.95 -114.95
CA LYS T 37 34.22 -15.54 -114.66
C LYS T 37 32.84 -15.31 -114.06
N PHE T 38 32.72 -14.20 -113.33
CA PHE T 38 31.43 -13.80 -112.78
C PHE T 38 30.61 -13.08 -113.84
N SER T 39 29.29 -13.22 -113.75
CA SER T 39 28.37 -12.53 -114.64
C SER T 39 27.74 -11.35 -113.90
N THR T 40 27.83 -10.17 -114.50
CA THR T 40 27.41 -8.94 -113.85
C THR T 40 26.15 -8.42 -114.52
N GLY T 41 25.21 -7.99 -113.71
CA GLY T 41 23.94 -7.48 -114.19
C GLY T 41 22.83 -7.90 -113.24
N ARG T 42 21.63 -8.10 -113.80
CA ARG T 42 20.52 -8.60 -113.01
C ARG T 42 20.75 -10.04 -112.57
N THR T 43 21.72 -10.73 -113.16
CA THR T 43 22.09 -12.06 -112.73
C THR T 43 23.04 -11.99 -111.53
N SER T 44 23.08 -13.08 -110.77
CA SER T 44 23.96 -13.22 -109.62
C SER T 44 24.76 -14.51 -109.74
N LEU T 45 25.37 -14.72 -110.89
CA LEU T 45 25.90 -16.02 -111.29
C LEU T 45 27.40 -15.96 -111.56
N ALA T 46 28.02 -17.12 -111.46
CA ALA T 46 29.41 -17.33 -111.88
C ALA T 46 29.45 -18.50 -112.85
N TRP T 47 30.01 -18.27 -114.03
CA TRP T 47 30.07 -19.28 -115.06
C TRP T 47 31.46 -19.86 -115.13
N LEU T 48 31.52 -21.19 -115.28
CA LEU T 48 32.76 -21.91 -115.51
C LEU T 48 32.52 -22.98 -116.56
N ALA T 49 33.45 -23.07 -117.51
CA ALA T 49 33.25 -23.99 -118.63
C ALA T 49 34.57 -24.60 -119.07
N CYS T 50 34.49 -25.86 -119.50
CA CYS T 50 35.58 -26.53 -120.19
C CYS T 50 34.96 -27.25 -121.39
N GLY T 51 35.04 -26.64 -122.56
CA GLY T 51 34.42 -27.16 -123.74
C GLY T 51 32.91 -27.18 -123.66
N PRO T 52 32.30 -28.30 -124.08
CA PRO T 52 30.83 -28.35 -124.17
C PRO T 52 30.13 -28.09 -122.84
N GLN T 53 30.74 -28.47 -121.73
CA GLN T 53 30.11 -28.31 -120.43
C GLN T 53 30.08 -26.84 -120.01
N LEU T 54 28.95 -26.42 -119.46
CA LEU T 54 28.81 -25.09 -118.88
C LEU T 54 28.15 -25.23 -117.52
N GLU T 55 28.83 -24.74 -116.47
CA GLU T 55 28.34 -24.75 -115.11
C GLU T 55 28.07 -23.32 -114.67
N ILE T 56 26.86 -23.08 -114.17
CA ILE T 56 26.48 -21.79 -113.62
C ILE T 56 26.22 -21.99 -112.14
N THR T 57 26.97 -21.30 -111.30
CA THR T 57 26.84 -21.40 -109.86
C THR T 57 26.44 -20.05 -109.28
N ASN T 58 26.06 -20.05 -108.01
CA ASN T 58 25.77 -18.80 -107.33
C ASN T 58 27.06 -18.00 -107.16
N SER T 59 26.98 -16.69 -107.40
CA SER T 59 28.16 -15.83 -107.40
C SER T 59 28.67 -15.52 -106.00
N VAL T 60 27.87 -15.74 -104.95
CA VAL T 60 28.28 -15.48 -103.58
C VAL T 60 28.31 -16.73 -102.72
N THR T 61 27.82 -17.87 -103.24
CA THR T 61 27.90 -19.12 -102.49
C THR T 61 28.74 -20.15 -103.24
N GLY T 62 28.37 -20.45 -104.47
CA GLY T 62 29.06 -21.46 -105.25
C GLY T 62 28.19 -22.65 -105.60
N GLU T 63 26.97 -22.68 -105.06
CA GLU T 63 26.06 -23.78 -105.33
C GLU T 63 25.68 -23.79 -106.81
N ARG T 64 25.62 -25.00 -107.38
CA ARG T 64 25.33 -25.16 -108.80
C ARG T 64 23.92 -24.68 -109.10
N ILE T 65 23.82 -23.52 -109.75
CA ILE T 65 22.52 -23.03 -110.20
C ILE T 65 22.01 -23.87 -111.36
N SER T 66 22.88 -24.17 -112.32
CA SER T 66 22.51 -24.97 -113.49
C SER T 66 23.76 -25.58 -114.08
N ALA T 67 23.57 -26.60 -114.91
CA ALA T 67 24.66 -27.26 -115.60
C ALA T 67 24.13 -27.82 -116.91
N TYR T 68 24.95 -27.73 -117.96
CA TYR T 68 24.47 -28.18 -119.26
C TYR T 68 25.60 -28.70 -120.14
N HIS T 69 25.25 -29.69 -120.95
CA HIS T 69 26.15 -30.29 -121.94
C HIS T 69 25.62 -29.91 -123.31
N PHE T 70 26.42 -29.18 -124.08
CA PHE T 70 25.98 -28.73 -125.39
C PHE T 70 27.20 -28.37 -126.24
N SER T 71 27.13 -28.71 -127.52
CA SER T 71 28.20 -28.43 -128.48
C SER T 71 27.59 -27.82 -129.73
N GLY T 72 28.45 -27.54 -130.70
CA GLY T 72 28.02 -27.07 -132.00
C GLY T 72 27.84 -28.20 -132.99
N LEU T 73 28.07 -27.91 -134.26
CA LEU T 73 28.02 -28.92 -135.30
C LEU T 73 29.31 -29.73 -135.40
N THR T 74 30.32 -29.38 -134.61
CA THR T 74 31.56 -30.15 -134.51
C THR T 74 31.76 -30.55 -133.06
N GLU T 75 32.37 -31.73 -132.87
CA GLU T 75 32.57 -32.29 -131.54
C GLU T 75 33.77 -31.72 -130.82
N ARG T 76 34.53 -30.84 -131.48
CA ARG T 76 35.65 -30.18 -130.82
C ARG T 76 35.14 -29.31 -129.68
N PRO T 77 35.72 -29.38 -128.50
CA PRO T 77 35.16 -28.70 -127.32
C PRO T 77 35.02 -27.21 -127.54
N PRO T 78 33.79 -26.69 -127.55
CA PRO T 78 33.61 -25.23 -127.62
C PRO T 78 33.81 -24.58 -126.26
N VAL T 79 34.94 -23.91 -126.06
CA VAL T 79 35.30 -23.35 -124.77
C VAL T 79 34.65 -21.98 -124.65
N VAL T 80 33.88 -21.78 -123.58
CA VAL T 80 33.24 -20.50 -123.33
C VAL T 80 34.31 -19.45 -123.02
N VAL T 81 34.50 -18.52 -123.94
CA VAL T 81 35.49 -17.47 -123.74
C VAL T 81 34.83 -16.14 -123.39
N ALA T 82 33.58 -15.93 -123.82
CA ALA T 82 32.91 -14.66 -123.56
C ALA T 82 31.52 -14.89 -122.99
N VAL T 83 31.13 -14.06 -122.03
CA VAL T 83 29.78 -14.05 -121.47
C VAL T 83 29.37 -12.61 -121.20
N LYS T 84 28.25 -12.20 -121.78
CA LYS T 84 27.74 -10.83 -121.58
C LYS T 84 26.23 -10.85 -121.44
N GLU T 85 25.72 -10.03 -120.52
CA GLU T 85 24.27 -9.99 -120.31
C GLU T 85 23.56 -9.39 -121.51
N PHE T 86 22.29 -9.79 -121.70
CA PHE T 86 21.52 -9.38 -122.86
C PHE T 86 20.03 -9.38 -122.49
N THR T 87 19.36 -8.26 -122.75
CA THR T 87 17.93 -8.13 -122.48
C THR T 87 17.20 -7.94 -123.80
N TRP T 88 16.40 -8.93 -124.17
CA TRP T 88 15.60 -8.88 -125.39
C TRP T 88 14.14 -9.13 -125.05
N GLN T 89 13.27 -8.22 -125.48
CA GLN T 89 11.84 -8.31 -125.22
C GLN T 89 11.57 -8.52 -123.74
N LYS T 90 12.29 -7.77 -122.89
CA LYS T 90 12.22 -7.86 -121.44
C LYS T 90 12.62 -9.23 -120.89
N LYS T 91 13.12 -10.12 -121.75
CA LYS T 91 13.73 -11.35 -121.29
C LYS T 91 15.20 -11.08 -120.97
N THR T 92 15.58 -11.39 -119.74
CA THR T 92 16.94 -11.16 -119.26
C THR T 92 17.72 -12.47 -119.34
N GLY T 93 18.81 -12.47 -120.09
CA GLY T 93 19.61 -13.66 -120.24
C GLY T 93 21.05 -13.34 -120.58
N LEU T 94 21.75 -14.32 -121.13
CA LEU T 94 23.18 -14.20 -121.40
C LEU T 94 23.46 -14.57 -122.85
N LEU T 95 24.35 -13.80 -123.47
CA LEU T 95 24.95 -14.14 -124.75
C LEU T 95 26.36 -14.68 -124.47
N VAL T 96 26.61 -15.90 -124.93
CA VAL T 96 27.83 -16.64 -124.62
C VAL T 96 28.55 -16.94 -125.92
N GLY T 97 29.82 -16.55 -126.00
CA GLY T 97 30.68 -16.88 -127.10
C GLY T 97 31.66 -17.98 -126.76
N LEU T 98 31.50 -19.11 -127.44
CA LEU T 98 32.34 -20.29 -127.26
C LEU T 98 33.27 -20.44 -128.46
N VAL T 99 34.54 -20.75 -128.19
CA VAL T 99 35.56 -20.83 -129.22
C VAL T 99 35.87 -22.30 -129.51
N GLU T 100 35.99 -22.62 -130.80
CA GLU T 100 36.35 -23.95 -131.26
C GLU T 100 37.51 -23.86 -132.25
N ALA T 101 38.12 -25.01 -132.53
CA ALA T 101 39.16 -25.09 -133.55
C ALA T 101 38.58 -24.98 -134.96
N GLU T 102 37.28 -25.24 -135.11
CA GLU T 102 36.62 -25.17 -136.40
C GLU T 102 35.70 -23.95 -136.54
N GLY T 103 35.57 -23.15 -135.50
CA GLY T 103 34.70 -21.98 -135.56
C GLY T 103 34.32 -21.46 -134.18
N SER T 104 33.06 -21.05 -134.03
CA SER T 104 32.59 -20.50 -132.76
C SER T 104 31.09 -20.74 -132.63
N VAL T 105 30.59 -20.58 -131.42
CA VAL T 105 29.16 -20.74 -131.13
C VAL T 105 28.69 -19.52 -130.34
N LEU T 106 27.57 -18.94 -130.78
CA LEU T 106 26.92 -17.85 -130.07
C LEU T 106 25.62 -18.39 -129.47
N CYS T 107 25.47 -18.28 -128.15
CA CYS T 107 24.33 -18.84 -127.46
C CYS T 107 23.58 -17.78 -126.67
N LEU T 108 22.26 -17.84 -126.72
CA LEU T 108 21.38 -17.00 -125.90
C LEU T 108 20.77 -17.93 -124.84
N TYR T 109 20.68 -17.42 -123.61
CA TYR T 109 20.53 -18.25 -122.42
C TYR T 109 19.65 -17.50 -121.41
N ASP T 110 18.36 -17.84 -121.35
CA ASP T 110 17.35 -17.09 -120.61
C ASP T 110 17.04 -17.79 -119.28
N ILE T 111 17.13 -17.05 -118.17
CA ILE T 111 17.55 -17.61 -116.87
C ILE T 111 16.74 -18.83 -116.39
N GLY T 112 15.68 -19.23 -117.11
CA GLY T 112 14.63 -20.01 -116.47
C GLY T 112 14.99 -21.41 -115.98
N ILE T 113 15.12 -22.39 -116.89
CA ILE T 113 15.06 -23.80 -116.50
C ILE T 113 16.16 -24.68 -117.09
N SER T 114 17.37 -24.16 -117.31
CA SER T 114 18.58 -24.96 -117.54
C SER T 114 18.68 -25.65 -118.90
N LYS T 115 18.48 -24.90 -119.98
CA LYS T 115 18.95 -25.28 -121.31
C LYS T 115 19.47 -24.04 -122.01
N VAL T 116 19.62 -24.15 -123.33
CA VAL T 116 19.97 -22.99 -124.14
C VAL T 116 18.76 -22.59 -124.98
N VAL T 117 18.49 -21.30 -125.06
CA VAL T 117 17.33 -20.82 -125.81
C VAL T 117 17.68 -20.41 -127.24
N LYS T 118 18.94 -20.11 -127.55
CA LYS T 118 19.32 -19.88 -128.95
C LYS T 118 20.77 -20.30 -129.18
N ALA T 119 21.02 -20.87 -130.35
CA ALA T 119 22.37 -21.29 -130.73
C ALA T 119 22.62 -20.97 -132.20
N VAL T 120 23.78 -20.37 -132.47
CA VAL T 120 24.16 -19.96 -133.82
C VAL T 120 25.63 -20.33 -134.03
N VAL T 121 25.94 -20.89 -135.20
CA VAL T 121 27.31 -21.22 -135.54
C VAL T 121 27.96 -20.03 -136.24
N LEU T 122 29.12 -19.60 -135.74
CA LEU T 122 29.89 -18.49 -136.25
C LEU T 122 31.15 -19.00 -136.97
N PRO T 123 31.34 -18.64 -138.23
CA PRO T 123 32.51 -19.13 -138.97
C PRO T 123 33.84 -18.66 -138.41
N GLY T 124 33.87 -17.55 -137.68
CA GLY T 124 35.10 -17.02 -137.12
C GLY T 124 35.46 -17.65 -135.80
N SER T 125 36.53 -17.15 -135.20
CA SER T 125 37.00 -17.62 -133.90
C SER T 125 36.83 -16.48 -132.91
N VAL T 126 35.94 -16.66 -131.93
CA VAL T 126 35.62 -15.59 -131.01
C VAL T 126 36.72 -15.46 -129.96
N THR T 127 37.17 -14.23 -129.74
CA THR T 127 38.06 -13.90 -128.62
C THR T 127 37.38 -13.04 -127.57
N ALA T 128 36.49 -12.15 -127.98
CA ALA T 128 35.69 -11.36 -127.06
C ALA T 128 34.47 -10.82 -127.80
N VAL T 129 33.37 -10.68 -127.08
CA VAL T 129 32.12 -10.17 -127.63
C VAL T 129 31.60 -9.05 -126.74
N GLU T 130 30.78 -8.18 -127.32
CA GLU T 130 30.18 -7.10 -126.56
C GLU T 130 28.89 -6.62 -127.22
N PRO T 131 27.79 -6.56 -126.48
CA PRO T 131 26.55 -6.01 -127.05
C PRO T 131 26.61 -4.50 -127.11
N ILE T 132 26.43 -3.95 -128.32
CA ILE T 132 26.41 -2.50 -128.49
C ILE T 132 25.06 -1.92 -128.11
N ILE T 133 23.98 -2.46 -128.67
CA ILE T 133 22.64 -1.98 -128.39
C ILE T 133 21.73 -3.19 -128.23
N ASN T 134 20.88 -3.16 -127.19
CA ASN T 134 19.92 -4.23 -126.98
C ASN T 134 18.78 -4.18 -127.98
N HIS T 135 18.33 -2.98 -128.36
CA HIS T 135 17.25 -2.78 -129.32
C HIS T 135 17.72 -1.75 -130.35
N GLY T 136 18.41 -2.22 -131.38
CA GLY T 136 18.96 -1.32 -132.38
C GLY T 136 17.90 -0.61 -133.21
N GLY T 137 16.86 -1.31 -133.64
CA GLY T 137 15.80 -0.69 -134.40
C GLY T 137 14.90 0.21 -133.60
N ALA T 138 14.87 0.06 -132.28
CA ALA T 138 14.14 0.95 -131.39
C ALA T 138 15.03 2.08 -130.87
N SER T 139 16.30 2.12 -131.29
CA SER T 139 17.24 3.15 -130.87
C SER T 139 17.34 4.19 -131.97
N ALA T 140 16.61 5.30 -131.80
CA ALA T 140 16.66 6.36 -132.83
C ALA T 140 16.75 7.76 -132.22
N SER T 141 16.80 7.90 -130.89
CA SER T 141 16.90 9.21 -130.26
C SER T 141 18.23 9.44 -129.57
N THR T 142 19.00 8.39 -129.30
CA THR T 142 20.32 8.51 -128.71
C THR T 142 21.34 8.14 -129.77
N GLN T 143 22.30 9.03 -130.01
CA GLN T 143 23.20 8.93 -131.15
C GLN T 143 24.47 8.19 -130.74
N HIS T 144 24.43 6.86 -130.82
CA HIS T 144 25.62 6.06 -130.61
C HIS T 144 25.79 5.05 -131.72
N LEU T 145 24.73 4.84 -132.50
CA LEU T 145 24.72 3.84 -133.56
C LEU T 145 24.90 4.50 -134.92
N HIS T 146 25.23 3.67 -135.90
CA HIS T 146 25.36 4.08 -137.29
C HIS T 146 24.05 3.79 -138.01
N GLN T 147 23.95 4.29 -139.24
CA GLN T 147 22.76 4.03 -140.04
C GLN T 147 22.52 2.54 -140.22
N SER T 148 23.59 1.78 -140.50
CA SER T 148 23.45 0.33 -140.63
C SER T 148 23.00 -0.30 -139.32
N LEU T 149 23.54 0.17 -138.19
CA LEU T 149 23.18 -0.42 -136.91
C LEU T 149 21.74 -0.13 -136.53
N ARG T 150 21.22 1.04 -136.89
CA ARG T 150 19.82 1.34 -136.60
C ARG T 150 18.88 0.49 -137.44
N TRP T 151 19.32 -0.01 -138.58
CA TRP T 151 18.55 -1.01 -139.32
C TRP T 151 18.59 -2.38 -138.66
N PHE T 152 19.45 -2.57 -137.67
CA PHE T 152 19.56 -3.82 -136.95
C PHE T 152 18.70 -3.80 -135.69
N PHE T 153 18.45 -4.98 -135.14
CA PHE T 153 17.74 -5.14 -133.87
C PHE T 153 18.65 -5.96 -132.97
N GLY T 154 19.55 -5.27 -132.26
CA GLY T 154 20.57 -5.95 -131.48
C GLY T 154 21.85 -6.12 -132.28
N VAL T 155 22.90 -5.42 -131.87
CA VAL T 155 24.17 -5.45 -132.57
C VAL T 155 25.22 -6.03 -131.62
N THR T 156 25.96 -7.02 -132.10
CA THR T 156 27.02 -7.65 -131.31
C THR T 156 28.36 -7.38 -131.99
N ALA T 157 29.25 -6.71 -131.27
CA ALA T 157 30.61 -6.47 -131.76
C ALA T 157 31.52 -7.57 -131.24
N VAL T 158 32.10 -8.35 -132.15
CA VAL T 158 32.96 -9.47 -131.80
C VAL T 158 34.34 -9.23 -132.40
N VAL T 159 35.37 -9.55 -131.63
CA VAL T 159 36.75 -9.45 -132.12
C VAL T 159 37.30 -10.86 -132.31
N THR T 160 37.91 -11.08 -133.47
CA THR T 160 38.42 -12.38 -133.85
C THR T 160 39.94 -12.40 -133.72
N ASP T 161 40.52 -13.57 -134.00
CA ASP T 161 41.96 -13.78 -133.89
C ASP T 161 42.72 -13.28 -135.12
N VAL T 162 42.06 -12.53 -135.99
CA VAL T 162 42.70 -11.93 -137.15
C VAL T 162 42.78 -10.41 -137.05
N GLY T 163 42.43 -9.85 -135.90
CA GLY T 163 42.49 -8.41 -135.71
C GLY T 163 41.30 -7.65 -136.24
N HIS T 164 40.30 -8.32 -136.77
CA HIS T 164 39.12 -7.67 -137.32
C HIS T 164 38.00 -7.61 -136.29
N VAL T 165 37.07 -6.69 -136.52
CA VAL T 165 35.90 -6.51 -135.66
C VAL T 165 34.67 -6.72 -136.53
N LEU T 166 33.82 -7.65 -136.14
CA LEU T 166 32.62 -8.01 -136.88
C LEU T 166 31.40 -7.59 -136.08
N LEU T 167 30.51 -6.83 -136.71
CA LEU T 167 29.25 -6.40 -136.12
C LEU T 167 28.16 -7.31 -136.69
N ILE T 168 27.56 -8.13 -135.83
CA ILE T 168 26.59 -9.13 -136.23
C ILE T 168 25.21 -8.72 -135.74
N ASP T 169 24.21 -8.88 -136.60
CA ASP T 169 22.83 -8.69 -136.18
C ASP T 169 22.29 -10.02 -135.64
N LEU T 170 21.81 -10.00 -134.39
CA LEU T 170 21.26 -11.21 -133.81
C LEU T 170 19.98 -11.63 -134.50
N CYS T 171 19.37 -10.72 -135.28
CA CYS T 171 18.17 -10.99 -136.04
C CYS T 171 17.04 -11.48 -135.16
N LEU T 172 16.85 -10.85 -133.99
CA LEU T 172 15.73 -11.13 -133.13
C LEU T 172 14.46 -10.42 -133.58
N ASP T 173 14.58 -9.49 -134.53
CA ASP T 173 13.43 -8.91 -135.20
C ASP T 173 12.90 -9.77 -136.33
N GLU T 174 13.69 -10.75 -136.78
CA GLU T 174 13.30 -11.63 -137.86
C GLU T 174 13.12 -13.05 -137.33
N VAL T 175 11.98 -13.65 -137.68
CA VAL T 175 11.66 -15.01 -137.25
C VAL T 175 12.24 -16.05 -138.20
N SER T 176 12.58 -15.66 -139.43
CA SER T 176 13.22 -16.56 -140.37
C SER T 176 14.73 -16.63 -140.19
N SER T 177 15.30 -15.80 -139.31
CA SER T 177 16.72 -15.86 -138.98
C SER T 177 16.95 -16.22 -137.51
N ASN T 178 15.87 -16.43 -136.75
CA ASN T 178 15.98 -16.91 -135.38
C ASN T 178 16.17 -18.42 -135.40
N GLN T 179 17.23 -18.87 -134.74
CA GLN T 179 17.63 -20.27 -134.78
C GLN T 179 17.30 -20.98 -133.47
N ASP T 180 17.25 -22.31 -133.54
CA ASP T 180 16.97 -23.15 -132.39
C ASP T 180 18.27 -23.66 -131.78
N GLU T 181 18.15 -24.62 -130.86
CA GLU T 181 19.34 -25.19 -130.24
C GLU T 181 20.17 -25.98 -131.24
N LEU T 182 19.53 -26.82 -132.04
CA LEU T 182 20.21 -27.63 -133.05
C LEU T 182 20.17 -27.00 -134.43
N ASP T 183 19.50 -25.86 -134.58
CA ASP T 183 19.47 -25.14 -135.84
C ASP T 183 20.32 -23.88 -135.74
N ALA T 184 20.93 -23.49 -136.85
CA ALA T 184 21.80 -22.33 -136.87
C ALA T 184 21.87 -21.77 -138.28
N SER T 185 22.37 -20.54 -138.39
CA SER T 185 22.53 -19.88 -139.66
C SER T 185 23.94 -19.28 -139.75
N ASP T 186 24.46 -19.22 -140.97
CA ASP T 186 25.75 -18.61 -141.22
C ASP T 186 25.62 -17.09 -141.26
N LEU T 187 26.74 -16.42 -141.46
CA LEU T 187 26.79 -14.97 -141.48
C LEU T 187 27.10 -14.48 -142.89
N GLU T 188 26.25 -13.58 -143.41
CA GLU T 188 26.55 -12.90 -144.67
C GLU T 188 27.41 -11.69 -144.34
N VAL T 189 28.70 -11.95 -144.12
CA VAL T 189 29.63 -10.93 -143.66
C VAL T 189 29.98 -10.00 -144.83
N MET T 190 29.60 -8.73 -144.69
CA MET T 190 29.92 -7.70 -145.68
C MET T 190 31.08 -6.87 -145.14
N SER T 191 32.24 -6.97 -145.80
CA SER T 191 33.40 -6.20 -145.37
C SER T 191 33.14 -4.70 -145.50
N VAL T 192 32.40 -4.30 -146.53
CA VAL T 192 32.08 -2.90 -146.75
C VAL T 192 30.90 -2.49 -145.85
N ILE T 193 30.66 -1.19 -145.76
CA ILE T 193 29.52 -0.65 -145.01
C ILE T 193 28.51 -0.16 -146.03
N PRO T 194 27.38 -0.86 -146.22
CA PRO T 194 26.50 -0.54 -147.34
C PRO T 194 25.43 0.49 -147.01
N THR T 195 24.70 0.93 -148.05
CA THR T 195 23.57 1.82 -147.90
C THR T 195 22.25 1.14 -148.24
N LYS T 196 22.29 -0.14 -148.60
CA LYS T 196 21.09 -0.94 -148.88
C LYS T 196 20.86 -1.95 -147.76
N ILE T 197 21.09 -1.52 -146.53
CA ILE T 197 21.08 -2.39 -145.34
C ILE T 197 19.78 -3.18 -145.21
N PRO T 198 18.59 -2.56 -145.35
CA PRO T 198 17.37 -3.39 -145.27
C PRO T 198 17.31 -4.47 -146.33
N LYS T 199 17.69 -4.15 -147.57
CA LYS T 199 17.64 -5.14 -148.64
C LYS T 199 18.63 -6.28 -148.38
N LEU T 200 19.83 -5.95 -147.92
CA LEU T 200 20.83 -6.98 -147.66
C LEU T 200 20.44 -7.83 -146.45
N ARG T 201 19.81 -7.22 -145.45
CA ARG T 201 19.30 -7.98 -144.32
C ARG T 201 18.20 -8.95 -144.77
N GLU T 202 17.32 -8.48 -145.66
CA GLU T 202 16.30 -9.35 -146.24
C GLU T 202 16.94 -10.51 -147.01
N ALA T 203 17.98 -10.22 -147.79
CA ALA T 203 18.66 -11.26 -148.55
C ALA T 203 19.29 -12.30 -147.62
N ALA T 204 19.95 -11.84 -146.55
CA ALA T 204 20.53 -12.75 -145.58
C ALA T 204 19.45 -13.61 -144.92
N THR T 205 18.33 -12.97 -144.56
CA THR T 205 17.25 -13.71 -143.93
C THR T 205 16.68 -14.77 -144.85
N ARG T 206 16.48 -14.44 -146.12
CA ARG T 206 15.94 -15.42 -147.05
C ARG T 206 16.95 -16.53 -147.33
N GLU T 207 18.24 -16.21 -147.37
CA GLU T 207 19.29 -17.20 -147.53
C GLU T 207 19.69 -17.84 -146.21
N ARG T 208 18.92 -17.60 -145.14
CA ARG T 208 19.16 -18.20 -143.83
C ARG T 208 20.54 -17.77 -143.30
N ARG T 209 20.67 -16.46 -143.14
CA ARG T 209 21.92 -15.85 -142.73
C ARG T 209 21.63 -14.63 -141.86
N HIS T 210 22.56 -14.33 -140.98
CA HIS T 210 22.56 -13.09 -140.22
C HIS T 210 23.39 -12.06 -140.96
N LEU T 211 23.02 -10.79 -140.85
CA LEU T 211 23.75 -9.73 -141.50
C LEU T 211 24.94 -9.31 -140.64
N CYS T 212 26.14 -9.39 -141.22
CA CYS T 212 27.37 -9.09 -140.51
C CYS T 212 28.20 -8.10 -141.32
N LEU T 213 28.79 -7.13 -140.63
CA LEU T 213 29.68 -6.15 -141.23
C LEU T 213 31.05 -6.28 -140.57
N GLN T 214 32.06 -6.72 -141.34
CA GLN T 214 33.41 -6.83 -140.83
C GLN T 214 34.18 -5.57 -141.19
N LEU T 215 34.57 -4.79 -140.19
CA LEU T 215 35.23 -3.51 -140.45
C LEU T 215 36.66 -3.75 -140.93
N ALA T 216 37.13 -2.87 -141.81
CA ALA T 216 38.48 -2.95 -142.34
C ALA T 216 39.45 -2.67 -141.20
N ALA T 217 40.10 -3.72 -140.70
CA ALA T 217 40.94 -3.67 -139.52
C ALA T 217 42.27 -4.33 -139.83
N PRO T 218 43.32 -4.03 -139.06
CA PRO T 218 44.62 -4.66 -139.30
C PRO T 218 44.53 -6.18 -139.25
N THR T 219 45.18 -6.82 -140.21
CA THR T 219 45.19 -8.27 -140.35
C THR T 219 46.57 -8.79 -140.03
N GLY T 220 46.65 -9.76 -139.13
CA GLY T 220 47.93 -10.26 -138.64
C GLY T 220 48.03 -10.03 -137.15
N THR T 221 47.53 -8.89 -136.70
CA THR T 221 47.41 -8.63 -135.27
C THR T 221 46.23 -9.40 -134.70
N THR T 222 46.27 -9.61 -133.38
CA THR T 222 45.20 -10.29 -132.67
C THR T 222 44.66 -9.37 -131.59
N VAL T 223 43.34 -9.22 -131.55
CA VAL T 223 42.71 -8.34 -130.57
C VAL T 223 42.87 -8.95 -129.19
N SER T 224 43.62 -8.27 -128.33
CA SER T 224 43.82 -8.73 -126.96
C SER T 224 42.71 -8.30 -126.02
N CYS T 225 41.97 -7.24 -126.34
CA CYS T 225 40.93 -6.76 -125.46
C CYS T 225 39.83 -6.09 -126.27
N LEU T 226 38.59 -6.29 -125.85
CA LEU T 226 37.43 -5.65 -126.47
C LEU T 226 36.54 -5.09 -125.37
N SER T 227 36.10 -3.85 -125.55
CA SER T 227 35.19 -3.22 -124.60
C SER T 227 34.34 -2.19 -125.30
N TYR T 228 33.21 -1.86 -124.69
CA TYR T 228 32.29 -0.85 -125.20
C TYR T 228 32.07 0.22 -124.14
N ILE T 229 32.51 1.44 -124.44
CA ILE T 229 32.24 2.59 -123.58
C ILE T 229 31.01 3.28 -124.17
N SER T 230 29.85 2.99 -123.60
CA SER T 230 28.62 3.61 -124.06
C SER T 230 28.54 5.08 -123.68
N ARG T 231 29.27 5.50 -122.64
CA ARG T 231 29.33 6.91 -122.29
C ARG T 231 29.92 7.73 -123.42
N THR T 232 30.98 7.23 -124.06
CA THR T 232 31.60 7.90 -125.18
C THR T 232 31.21 7.31 -126.53
N ASN T 233 30.34 6.30 -126.54
CA ASN T 233 29.88 5.65 -127.77
C ASN T 233 31.04 5.07 -128.57
N GLN T 234 32.01 4.48 -127.88
CA GLN T 234 33.26 4.07 -128.49
C GLN T 234 33.53 2.59 -128.26
N LEU T 235 34.24 1.98 -129.21
CA LEU T 235 34.60 0.56 -129.14
C LEU T 235 36.11 0.47 -128.91
N ALA T 236 36.51 0.13 -127.69
CA ALA T 236 37.92 -0.02 -127.36
C ALA T 236 38.42 -1.38 -127.81
N VAL T 237 39.38 -1.39 -128.73
CA VAL T 237 39.94 -2.61 -129.29
C VAL T 237 41.45 -2.56 -129.10
N GLY T 238 41.99 -3.51 -128.35
CA GLY T 238 43.41 -3.58 -128.09
C GLY T 238 44.02 -4.85 -128.66
N TYR T 239 45.15 -4.69 -129.34
CA TYR T 239 45.84 -5.78 -129.99
C TYR T 239 46.98 -6.30 -129.13
N SER T 240 47.31 -7.57 -129.31
CA SER T 240 48.30 -8.26 -128.48
C SER T 240 49.67 -7.57 -128.49
N ASP T 241 49.87 -6.57 -129.33
CA ASP T 241 51.14 -5.88 -129.42
C ASP T 241 51.10 -4.45 -128.87
N GLY T 242 50.10 -4.12 -128.06
CA GLY T 242 50.01 -2.81 -127.45
C GLY T 242 49.40 -1.73 -128.30
N TYR T 243 48.95 -2.05 -129.51
CA TYR T 243 48.26 -1.06 -130.32
C TYR T 243 46.82 -0.91 -129.87
N PHE T 244 46.45 0.33 -129.55
CA PHE T 244 45.11 0.63 -129.07
C PHE T 244 44.39 1.46 -130.12
N SER T 245 43.27 0.94 -130.60
CA SER T 245 42.48 1.59 -131.63
C SER T 245 41.07 1.84 -131.10
N LEU T 246 40.61 3.07 -131.24
CA LEU T 246 39.31 3.48 -130.71
C LEU T 246 38.44 3.90 -131.91
N TRP T 247 37.25 3.31 -131.99
CA TRP T 247 36.41 3.35 -133.18
C TRP T 247 35.17 4.20 -132.91
N ASN T 248 34.89 5.15 -133.79
CA ASN T 248 33.63 5.88 -133.76
C ASN T 248 32.59 5.10 -134.55
N MET T 249 31.72 4.40 -133.84
CA MET T 249 30.71 3.58 -134.48
C MET T 249 29.51 4.39 -134.97
N LYS T 250 29.44 5.67 -134.61
CA LYS T 250 28.54 6.59 -135.29
C LYS T 250 28.95 6.81 -136.73
N THR T 251 30.22 6.54 -137.05
CA THR T 251 30.70 6.41 -138.41
C THR T 251 31.28 5.03 -138.71
N LEU T 252 31.39 4.14 -137.71
CA LEU T 252 31.99 2.81 -137.80
C LEU T 252 33.45 2.89 -138.22
N ARG T 253 34.12 4.01 -137.98
CA ARG T 253 35.50 4.20 -138.41
C ARG T 253 36.41 4.42 -137.21
N ARG T 254 37.72 4.26 -137.46
CA ARG T 254 38.74 4.40 -136.42
C ARG T 254 39.00 5.88 -136.17
N ASP T 255 38.34 6.44 -135.16
CA ASP T 255 38.64 7.83 -134.81
C ASP T 255 40.04 8.00 -134.22
N TYR T 256 40.63 6.93 -133.70
CA TYR T 256 41.98 7.05 -133.16
C TYR T 256 42.68 5.70 -133.21
N HIS T 257 43.99 5.74 -133.34
CA HIS T 257 44.81 4.51 -133.30
C HIS T 257 46.22 4.90 -132.91
N VAL T 258 46.70 4.36 -131.78
CA VAL T 258 48.00 4.74 -131.22
C VAL T 258 48.67 3.48 -130.73
N GLN T 259 49.94 3.61 -130.36
CA GLN T 259 50.68 2.54 -129.69
C GLN T 259 50.89 2.92 -128.24
N ILE T 260 50.33 2.13 -127.33
CA ILE T 260 50.54 2.29 -125.90
C ILE T 260 51.76 1.45 -125.55
N GLU T 261 52.66 2.02 -124.73
CA GLU T 261 54.00 1.48 -124.50
C GLU T 261 54.00 -0.04 -124.34
N GLY T 262 54.76 -0.71 -125.19
CA GLY T 262 54.81 -2.16 -125.24
C GLY T 262 54.67 -2.65 -126.67
N GLY T 263 55.51 -3.61 -127.04
CA GLY T 263 55.48 -4.15 -128.39
C GLY T 263 55.15 -5.62 -128.39
N ARG T 264 55.26 -6.26 -127.23
CA ARG T 264 54.88 -7.65 -127.06
C ARG T 264 53.96 -7.75 -125.85
N VAL T 265 53.77 -6.63 -125.16
CA VAL T 265 52.91 -6.56 -123.98
C VAL T 265 51.53 -6.13 -124.44
N PRO T 266 50.53 -7.00 -124.37
CA PRO T 266 49.19 -6.62 -124.83
C PRO T 266 48.52 -5.64 -123.87
N VAL T 267 47.51 -4.96 -124.38
CA VAL T 267 46.63 -4.13 -123.56
C VAL T 267 45.69 -5.06 -122.82
N CYS T 268 46.00 -5.34 -121.55
CA CYS T 268 45.31 -6.39 -120.80
C CYS T 268 43.92 -5.98 -120.31
N ALA T 269 43.71 -4.73 -119.95
CA ALA T 269 42.42 -4.30 -119.43
C ALA T 269 42.22 -2.81 -119.68
N VAL T 270 40.97 -2.42 -119.84
CA VAL T 270 40.58 -1.02 -119.99
C VAL T 270 39.46 -0.72 -119.00
N ALA T 271 39.62 0.39 -118.27
CA ALA T 271 38.67 0.79 -117.24
C ALA T 271 38.30 2.25 -117.43
N PHE T 272 37.00 2.53 -117.51
CA PHE T 272 36.53 3.89 -117.71
C PHE T 272 36.29 4.58 -116.37
N GLN T 273 36.68 5.85 -116.29
CA GLN T 273 36.50 6.62 -115.07
C GLN T 273 36.04 8.03 -115.41
N GLU T 274 35.01 8.47 -114.69
CA GLU T 274 34.44 9.80 -114.83
C GLU T 274 34.67 10.59 -113.55
N PRO T 275 35.41 11.67 -113.59
CA PRO T 275 35.53 12.54 -112.42
C PRO T 275 34.17 13.09 -112.02
N GLU T 276 34.02 13.37 -110.72
CA GLU T 276 32.73 13.83 -110.20
C GLU T 276 32.26 15.10 -110.91
N ASN T 277 33.19 15.94 -111.39
CA ASN T 277 32.83 17.13 -112.15
C ASN T 277 33.93 17.41 -113.16
N ASP T 278 33.58 17.33 -114.44
CA ASP T 278 34.52 17.62 -115.52
C ASP T 278 33.92 18.66 -116.47
N PRO T 279 34.46 19.87 -116.53
CA PRO T 279 33.95 20.86 -117.49
C PRO T 279 34.70 20.83 -118.82
N ARG T 280 35.79 20.08 -118.88
CA ARG T 280 36.55 19.90 -120.12
C ARG T 280 35.99 18.79 -121.00
N ASN T 281 34.97 18.06 -120.51
CA ASN T 281 34.33 16.94 -121.19
C ASN T 281 35.28 15.77 -121.40
N CYS T 282 36.40 15.73 -120.69
CA CYS T 282 37.36 14.64 -120.84
C CYS T 282 37.31 13.72 -119.62
N CYS T 283 37.13 12.43 -119.87
CA CYS T 283 37.18 11.40 -118.85
C CYS T 283 38.48 10.62 -119.01
N TYR T 284 38.67 9.60 -118.17
CA TYR T 284 39.91 8.86 -118.15
C TYR T 284 39.68 7.40 -118.46
N LEU T 285 40.69 6.76 -119.06
CA LEU T 285 40.61 5.34 -119.40
C LEU T 285 41.94 4.69 -119.01
N TRP T 286 41.92 3.92 -117.93
CA TRP T 286 43.08 3.16 -117.54
C TRP T 286 43.28 1.98 -118.49
N ALA T 287 44.41 1.96 -119.18
CA ALA T 287 44.82 0.84 -120.02
C ALA T 287 46.01 0.16 -119.37
N VAL T 288 45.88 -1.14 -119.13
CA VAL T 288 46.88 -1.91 -118.41
C VAL T 288 47.62 -2.78 -119.41
N GLN T 289 48.91 -2.52 -119.56
CA GLN T 289 49.77 -3.39 -120.35
C GLN T 289 50.38 -4.44 -119.43
N SER T 290 50.02 -5.70 -119.66
CA SER T 290 50.46 -6.78 -118.78
C SER T 290 50.99 -7.94 -119.61
N SER T 291 52.18 -8.40 -119.27
CA SER T 291 52.73 -9.59 -119.91
C SER T 291 52.01 -10.84 -119.41
N GLU T 292 51.74 -11.75 -120.35
CA GLU T 292 51.05 -13.00 -120.04
C GLU T 292 52.03 -14.12 -119.73
N SER T 293 53.32 -13.85 -119.85
CA SER T 293 54.32 -14.85 -119.49
C SER T 293 55.50 -14.26 -118.73
N GLY T 294 55.37 -13.06 -118.17
CA GLY T 294 56.46 -12.40 -117.51
C GLY T 294 57.04 -11.27 -118.36
N GLY T 295 57.44 -10.20 -117.67
CA GLY T 295 58.01 -9.05 -118.34
C GLY T 295 57.50 -7.73 -117.81
N ASP T 296 57.63 -6.66 -118.60
CA ASP T 296 57.21 -5.34 -118.17
C ASP T 296 55.70 -5.25 -118.13
N VAL T 297 55.18 -4.71 -117.02
CA VAL T 297 53.75 -4.52 -116.83
C VAL T 297 53.53 -3.06 -116.42
N SER T 298 52.71 -2.34 -117.19
CA SER T 298 52.52 -0.92 -116.97
C SER T 298 51.03 -0.59 -116.91
N LEU T 299 50.67 0.27 -115.96
CA LEU T 299 49.33 0.82 -115.83
C LEU T 299 49.37 2.23 -116.42
N HIS T 300 48.57 2.46 -117.46
CA HIS T 300 48.56 3.72 -118.18
C HIS T 300 47.22 4.40 -117.98
N LEU T 301 47.26 5.67 -117.56
CA LEU T 301 46.07 6.49 -117.42
C LEU T 301 45.87 7.28 -118.70
N LEU T 302 45.09 6.72 -119.63
CA LEU T 302 44.86 7.35 -120.91
C LEU T 302 43.76 8.42 -120.78
N GLN T 303 44.15 9.68 -120.97
CA GLN T 303 43.19 10.76 -121.08
C GLN T 303 42.58 10.73 -122.49
N LEU T 304 41.26 10.86 -122.53
CA LEU T 304 40.47 10.85 -123.76
C LEU T 304 39.95 12.26 -123.98
N ALA T 305 40.12 12.80 -125.19
CA ALA T 305 39.63 14.13 -125.51
C ALA T 305 38.37 14.03 -126.35
N PHE T 306 37.28 14.63 -125.86
CA PHE T 306 36.03 14.73 -126.58
C PHE T 306 35.54 16.16 -126.58
N SER T 307 35.10 16.65 -127.75
CA SER T 307 34.63 18.01 -127.86
C SER T 307 33.22 18.19 -127.31
N ASP T 308 32.37 17.18 -127.39
CA ASP T 308 30.95 17.36 -127.08
C ASP T 308 30.59 16.47 -125.90
N ARG T 309 29.79 17.03 -124.99
CA ARG T 309 29.25 16.30 -123.84
C ARG T 309 27.73 16.49 -123.89
N LYS T 310 27.06 15.64 -124.67
CA LYS T 310 25.66 15.82 -125.00
C LYS T 310 24.77 15.11 -124.00
N CYS T 311 23.58 15.66 -123.77
CA CYS T 311 22.55 15.00 -123.00
C CYS T 311 21.48 14.47 -123.94
N LEU T 312 21.42 13.15 -124.09
CA LEU T 312 20.48 12.51 -125.00
C LEU T 312 19.54 11.62 -124.19
N ALA T 313 18.32 11.48 -124.69
CA ALA T 313 17.26 10.80 -123.96
C ALA T 313 17.48 9.29 -123.93
N SER T 314 18.46 8.85 -123.14
CA SER T 314 18.69 7.43 -122.90
C SER T 314 19.04 7.23 -121.43
N GLY T 315 18.87 8.28 -120.64
CA GLY T 315 19.32 8.27 -119.26
C GLY T 315 20.83 8.22 -119.12
N GLN T 316 21.55 8.86 -120.05
CA GLN T 316 22.99 8.82 -120.07
C GLN T 316 23.54 10.15 -120.59
N ILE T 317 24.77 10.46 -120.20
CA ILE T 317 25.52 11.59 -120.75
C ILE T 317 26.53 11.04 -121.75
N MET T 318 26.45 11.51 -122.98
CA MET T 318 27.13 10.88 -124.11
C MET T 318 28.25 11.78 -124.59
N TYR T 319 29.46 11.22 -124.67
CA TYR T 319 30.63 12.00 -125.06
C TYR T 319 30.95 11.74 -126.53
N GLU T 320 31.18 12.81 -127.28
CA GLU T 320 31.30 12.75 -128.73
C GLU T 320 32.42 13.65 -129.22
N LEU T 321 32.77 13.46 -130.50
CA LEU T 321 33.84 14.18 -131.18
C LEU T 321 35.19 13.94 -130.52
N LEU T 322 35.66 12.69 -130.56
CA LEU T 322 36.98 12.34 -130.03
C LEU T 322 38.08 13.06 -130.79
N GLU T 323 39.10 13.52 -130.06
CA GLU T 323 40.28 14.07 -130.69
C GLU T 323 41.51 13.19 -130.48
N TYR T 324 41.84 12.86 -129.24
CA TYR T 324 43.04 12.08 -128.97
C TYR T 324 42.82 11.15 -127.78
N CYS T 325 43.70 10.16 -127.69
CA CYS T 325 43.84 9.28 -126.54
C CYS T 325 45.31 9.18 -126.19
N GLU T 326 45.70 9.79 -125.07
CA GLU T 326 47.12 9.82 -124.71
C GLU T 326 47.31 9.41 -123.26
N GLU T 327 48.29 8.53 -123.03
CA GLU T 327 48.64 8.13 -121.69
C GLU T 327 49.20 9.33 -120.94
N ARG T 328 48.73 9.54 -119.72
CA ARG T 328 49.14 10.69 -118.93
C ARG T 328 49.76 10.33 -117.59
N TYR T 329 49.73 9.06 -117.19
CA TYR T 329 50.34 8.63 -115.95
C TYR T 329 50.66 7.15 -116.06
N SER T 330 51.94 6.80 -115.93
CA SER T 330 52.40 5.43 -116.07
C SER T 330 52.90 4.91 -114.73
N LEU T 331 52.51 3.68 -114.39
CA LEU T 331 52.93 3.04 -113.15
C LEU T 331 53.45 1.65 -113.49
N ASP T 332 54.72 1.40 -113.20
CA ASP T 332 55.33 0.11 -113.50
C ASP T 332 55.07 -0.87 -112.36
N LEU T 333 54.22 -1.86 -112.61
CA LEU T 333 53.94 -2.90 -111.64
C LEU T 333 54.88 -4.09 -111.77
N SER T 334 55.56 -4.23 -112.91
CA SER T 334 56.57 -5.28 -113.04
C SER T 334 57.67 -5.11 -112.01
N GLY T 335 58.10 -3.88 -111.77
CA GLY T 335 59.03 -3.56 -110.71
C GLY T 335 58.33 -3.46 -109.38
N SER T 336 58.58 -2.37 -108.66
CA SER T 336 57.96 -2.11 -107.38
C SER T 336 57.28 -0.75 -107.40
N THR T 337 55.94 -0.77 -107.45
CA THR T 337 55.17 0.46 -107.32
C THR T 337 54.18 0.31 -106.17
N LEU T 338 53.71 -0.92 -105.94
CA LEU T 338 52.82 -1.23 -104.84
C LEU T 338 53.18 -2.58 -104.23
N SER T 339 54.25 -3.20 -104.74
CA SER T 339 54.71 -4.50 -104.28
C SER T 339 56.13 -4.40 -103.75
N LEU T 340 56.59 -5.48 -103.14
CA LEU T 340 57.92 -5.54 -102.52
C LEU T 340 58.92 -6.34 -103.35
N ARG T 341 58.58 -6.70 -104.58
CA ARG T 341 59.47 -7.46 -105.45
C ARG T 341 59.89 -6.57 -106.62
N GLY T 342 61.16 -6.20 -106.64
CA GLY T 342 61.67 -5.26 -107.62
C GLY T 342 61.93 -5.83 -109.00
N GLN T 343 62.30 -7.11 -109.08
CA GLN T 343 62.59 -7.71 -110.36
C GLN T 343 61.31 -7.85 -111.18
N SER T 344 61.47 -8.18 -112.46
CA SER T 344 60.33 -8.29 -113.37
C SER T 344 59.33 -9.31 -112.85
N ASN T 345 58.06 -8.92 -112.83
CA ASN T 345 56.99 -9.73 -112.26
C ASN T 345 55.94 -10.02 -113.32
N ASN T 346 55.46 -11.27 -113.35
CA ASN T 346 54.43 -11.67 -114.31
C ASN T 346 53.06 -11.33 -113.72
N THR T 347 52.44 -10.28 -114.22
CA THR T 347 51.17 -9.78 -113.67
C THR T 347 50.02 -10.23 -114.55
N LYS T 348 49.02 -10.86 -113.93
CA LYS T 348 47.81 -11.29 -114.62
C LYS T 348 46.59 -10.66 -113.97
N LEU T 349 45.71 -10.11 -114.80
CA LEU T 349 44.52 -9.42 -114.30
C LEU T 349 43.41 -10.42 -114.02
N LEU T 350 43.20 -10.73 -112.74
CA LEU T 350 42.11 -11.59 -112.32
C LEU T 350 40.76 -10.91 -112.54
N GLY T 351 40.69 -9.60 -112.27
CA GLY T 351 39.45 -8.87 -112.43
C GLY T 351 39.68 -7.39 -112.69
N CYS T 352 38.76 -6.81 -113.44
CA CYS T 352 38.80 -5.38 -113.77
C CYS T 352 37.37 -4.88 -113.83
N GLN T 353 36.96 -4.09 -112.84
CA GLN T 353 35.59 -3.61 -112.76
C GLN T 353 35.57 -2.13 -112.41
N THR T 354 34.43 -1.49 -112.64
CA THR T 354 34.19 -0.10 -112.25
C THR T 354 32.92 -0.03 -111.43
N ILE T 355 33.03 0.54 -110.23
CA ILE T 355 31.92 0.62 -109.29
C ILE T 355 31.60 2.07 -109.02
N GLU T 356 30.35 2.46 -109.24
CA GLU T 356 29.85 3.80 -108.94
C GLU T 356 28.67 3.68 -107.98
N LYS T 357 28.74 4.41 -106.87
CA LYS T 357 27.71 4.39 -105.85
C LYS T 357 26.96 5.72 -105.87
N PHE T 358 25.65 5.67 -106.07
CA PHE T 358 24.80 6.84 -106.09
C PHE T 358 24.06 6.96 -104.76
N ARG T 359 24.01 8.17 -104.21
CA ARG T 359 23.35 8.42 -102.93
C ARG T 359 22.29 9.49 -103.15
N VAL T 360 21.03 9.08 -103.09
CA VAL T 360 19.89 9.98 -103.30
C VAL T 360 18.97 9.89 -102.10
N HIS T 361 18.64 11.04 -101.53
CA HIS T 361 17.75 11.08 -100.38
C HIS T 361 16.28 11.11 -100.81
N GLY T 362 15.48 10.33 -100.11
CA GLY T 362 14.03 10.46 -100.20
C GLY T 362 13.51 11.22 -99.00
N GLU T 363 12.85 10.51 -98.09
CA GLU T 363 12.47 11.05 -96.79
C GLU T 363 11.53 12.24 -96.88
N ARG T 364 10.74 12.31 -97.94
CA ARG T 364 9.62 13.23 -98.03
C ARG T 364 8.33 12.43 -98.14
N GLU T 365 7.24 13.15 -98.32
CA GLU T 365 5.96 12.50 -98.56
C GLU T 365 6.01 11.74 -99.88
N ASP T 366 5.08 10.80 -100.05
CA ASP T 366 5.07 9.80 -101.11
C ASP T 366 5.58 10.32 -102.46
N GLY T 367 6.56 9.63 -103.02
CA GLY T 367 7.17 10.04 -104.27
C GLY T 367 8.38 9.18 -104.57
N VAL T 368 9.07 9.53 -105.65
CA VAL T 368 10.23 8.80 -106.15
C VAL T 368 11.34 9.78 -106.49
N HIS T 369 12.57 9.38 -106.20
CA HIS T 369 13.76 10.15 -106.54
C HIS T 369 14.60 9.36 -107.52
N GLU T 370 15.49 10.06 -108.23
CA GLU T 370 16.30 9.47 -109.28
C GLU T 370 17.78 9.60 -108.95
N VAL T 371 18.58 8.71 -109.53
CA VAL T 371 20.03 8.69 -109.31
C VAL T 371 20.66 9.93 -109.92
N THR T 372 21.80 10.35 -109.38
CA THR T 372 22.52 11.54 -109.78
C THR T 372 23.97 11.15 -110.10
N SER T 373 24.85 12.15 -110.25
CA SER T 373 26.26 11.88 -110.42
C SER T 373 26.81 11.19 -109.16
N PRO T 374 27.69 10.22 -109.32
CA PRO T 374 28.16 9.45 -108.16
C PRO T 374 29.09 10.26 -107.28
N ASP T 375 28.83 10.20 -105.97
CA ASP T 375 29.79 10.75 -105.00
C ASP T 375 30.98 9.84 -104.81
N THR T 376 30.86 8.57 -105.21
CA THR T 376 31.95 7.60 -105.12
C THR T 376 32.02 6.84 -106.44
N SER T 377 33.14 6.98 -107.15
CA SER T 377 33.38 6.29 -108.41
C SER T 377 34.79 5.73 -108.38
N VAL T 378 34.93 4.42 -108.52
CA VAL T 378 36.22 3.74 -108.36
C VAL T 378 36.41 2.73 -109.47
N SER T 379 37.66 2.53 -109.85
CA SER T 379 38.06 1.41 -110.70
C SER T 379 38.81 0.40 -109.84
N VAL T 380 38.31 -0.82 -109.79
CA VAL T 380 38.89 -1.89 -109.00
C VAL T 380 39.63 -2.84 -109.94
N PHE T 381 40.90 -3.06 -109.66
CA PHE T 381 41.72 -4.01 -110.39
C PHE T 381 42.21 -5.07 -109.41
N SER T 382 41.83 -6.31 -109.63
CA SER T 382 42.33 -7.43 -108.87
C SER T 382 43.36 -8.16 -109.73
N TRP T 383 44.59 -8.28 -109.20
CA TRP T 383 45.67 -8.83 -110.01
C TRP T 383 46.46 -9.83 -109.19
N GLN T 384 47.09 -10.76 -109.90
CA GLN T 384 48.02 -11.71 -109.32
C GLN T 384 49.41 -11.44 -109.89
N VAL T 385 50.42 -11.44 -109.02
CA VAL T 385 51.79 -11.17 -109.39
C VAL T 385 52.60 -12.42 -109.13
N ASN T 386 53.21 -12.96 -110.18
CA ASN T 386 54.05 -14.15 -110.11
C ASN T 386 55.51 -13.70 -110.10
N THR T 387 56.23 -14.09 -109.06
CA THR T 387 57.68 -13.97 -109.05
C THR T 387 58.31 -15.32 -109.40
N TYR T 388 58.98 -15.37 -110.54
CA TYR T 388 59.48 -16.63 -111.06
C TYR T 388 60.52 -17.24 -110.14
N GLY T 389 60.51 -18.57 -110.07
CA GLY T 389 61.35 -19.29 -109.13
C GLY T 389 60.53 -20.30 -108.35
N GLN T 390 59.29 -19.94 -108.05
CA GLN T 390 58.36 -20.86 -107.40
C GLN T 390 56.99 -20.77 -108.07
N GLY T 391 56.78 -19.71 -108.85
CA GLY T 391 55.51 -19.51 -109.52
C GLY T 391 54.34 -19.29 -108.60
N LYS T 392 54.54 -18.58 -107.49
CA LYS T 392 53.46 -18.35 -106.54
C LYS T 392 52.86 -16.96 -106.75
N PRO T 393 51.56 -16.85 -107.07
CA PRO T 393 50.96 -15.54 -107.31
C PRO T 393 50.51 -14.90 -106.00
N SER T 394 51.00 -13.70 -105.74
CA SER T 394 50.50 -12.84 -104.68
C SER T 394 49.43 -11.92 -105.25
N VAL T 395 48.26 -11.90 -104.64
CA VAL T 395 47.10 -11.20 -105.17
C VAL T 395 46.93 -9.88 -104.43
N TYR T 396 46.70 -8.81 -105.20
CA TYR T 396 46.41 -7.50 -104.65
C TYR T 396 45.17 -6.92 -105.33
N LEU T 397 44.36 -6.22 -104.53
CA LEU T 397 43.14 -5.60 -105.03
C LEU T 397 43.29 -4.09 -104.91
N GLY T 398 43.66 -3.44 -106.00
CA GLY T 398 43.87 -1.99 -106.03
C GLY T 398 42.58 -1.28 -106.40
N VAL T 399 42.36 -0.13 -105.76
CA VAL T 399 41.19 0.70 -105.98
C VAL T 399 41.66 2.10 -106.31
N PHE T 400 41.32 2.58 -107.50
CA PHE T 400 41.62 3.95 -107.90
C PHE T 400 40.34 4.75 -107.90
N ASP T 401 40.26 5.73 -106.99
CA ASP T 401 39.09 6.60 -106.86
C ASP T 401 39.33 7.83 -107.72
N ILE T 402 38.54 7.99 -108.78
CA ILE T 402 38.70 9.16 -109.64
C ILE T 402 38.25 10.42 -108.91
N ASN T 403 37.18 10.34 -108.13
CA ASN T 403 36.72 11.51 -107.39
C ASN T 403 37.72 11.92 -106.33
N ARG T 404 38.22 10.96 -105.54
CA ARG T 404 39.24 11.28 -104.54
C ARG T 404 40.53 11.76 -105.19
N TRP T 405 40.86 11.22 -106.36
CA TRP T 405 42.06 11.66 -107.09
C TRP T 405 41.91 13.10 -107.54
N TYR T 406 40.73 13.47 -108.04
CA TYR T 406 40.47 14.86 -108.39
C TYR T 406 40.50 15.76 -107.17
N GLN T 407 39.96 15.27 -106.04
CA GLN T 407 40.02 16.03 -104.79
C GLN T 407 41.45 16.15 -104.28
N ALA T 408 42.31 15.24 -104.70
CA ALA T 408 43.75 15.32 -104.46
C ALA T 408 44.47 16.08 -105.55
N GLN T 409 43.71 16.55 -106.55
CA GLN T 409 44.21 17.41 -107.61
C GLN T 409 45.31 16.77 -108.43
N MET T 410 44.96 15.69 -109.14
CA MET T 410 45.82 15.04 -110.11
C MET T 410 47.19 14.65 -109.55
N PRO T 411 47.26 13.75 -108.56
CA PRO T 411 48.56 13.22 -108.16
C PRO T 411 49.25 12.53 -109.33
N ASP T 412 50.56 12.74 -109.44
CA ASP T 412 51.30 12.16 -110.55
C ASP T 412 52.64 11.57 -110.13
N SER T 413 52.89 11.41 -108.83
CA SER T 413 54.15 10.83 -108.37
C SER T 413 54.03 9.32 -108.35
N LEU T 414 55.00 8.64 -108.96
CA LEU T 414 55.00 7.18 -108.97
C LEU T 414 55.33 6.64 -107.59
N ARG T 415 54.38 5.92 -106.99
CA ARG T 415 54.57 5.30 -105.68
C ARG T 415 55.54 4.14 -105.82
N SER T 416 56.24 3.82 -104.73
CA SER T 416 57.29 2.80 -104.75
C SER T 416 57.13 1.86 -103.57
N GLY T 417 56.47 0.73 -103.81
CA GLY T 417 56.40 -0.35 -102.84
C GLY T 417 55.80 0.02 -101.50
N GLN T 418 55.97 -0.87 -100.52
CA GLN T 418 55.52 -0.66 -99.14
C GLN T 418 54.01 -0.49 -99.07
N PHE T 419 53.51 -0.17 -97.88
CA PHE T 419 52.07 -0.01 -97.67
C PHE T 419 51.69 1.46 -97.78
N LEU T 420 50.79 1.77 -98.75
CA LEU T 420 50.29 3.13 -98.92
C LEU T 420 48.79 3.15 -99.12
N ARG T 421 48.07 2.23 -98.47
CA ARG T 421 46.62 2.15 -98.61
C ARG T 421 45.90 3.36 -98.03
N ASN T 422 46.58 4.17 -97.22
CA ASN T 422 45.96 5.36 -96.66
C ASN T 422 45.66 6.40 -97.73
N CYS T 423 46.33 6.33 -98.87
CA CYS T 423 46.10 7.30 -99.93
C CYS T 423 44.70 7.17 -100.49
N SER T 424 44.04 8.32 -100.66
CA SER T 424 42.66 8.32 -101.13
C SER T 424 42.56 8.21 -102.64
N TYR T 425 43.47 8.83 -103.39
CA TYR T 425 43.42 8.76 -104.85
C TYR T 425 43.61 7.32 -105.33
N PHE T 426 44.54 6.59 -104.74
CA PHE T 426 44.75 5.19 -105.06
C PHE T 426 45.11 4.44 -103.79
N ALA T 427 44.46 3.30 -103.57
CA ALA T 427 44.78 2.41 -102.47
C ALA T 427 44.84 0.99 -103.00
N PHE T 428 45.20 0.05 -102.13
CA PHE T 428 45.16 -1.35 -102.49
C PHE T 428 45.14 -2.21 -101.23
N TRP T 429 44.44 -3.33 -101.33
CA TRP T 429 44.33 -4.30 -100.26
C TRP T 429 45.21 -5.50 -100.56
N SER T 430 46.00 -5.89 -99.56
CA SER T 430 46.80 -7.11 -99.62
C SER T 430 45.87 -8.30 -99.42
N LEU T 431 45.77 -9.14 -100.44
CA LEU T 431 44.91 -10.32 -100.39
C LEU T 431 45.68 -11.55 -99.92
N GLU T 432 46.69 -11.35 -99.08
CA GLU T 432 47.55 -12.46 -98.65
C GLU T 432 46.74 -13.51 -97.89
N ALA T 433 45.74 -13.09 -97.13
CA ALA T 433 44.91 -14.06 -96.41
C ALA T 433 44.19 -14.99 -97.38
N VAL T 434 43.59 -14.43 -98.44
CA VAL T 434 42.92 -15.25 -99.43
C VAL T 434 43.93 -16.10 -100.20
N VAL T 435 45.12 -15.55 -100.43
CA VAL T 435 46.18 -16.31 -101.11
C VAL T 435 46.56 -17.53 -100.30
N ASN T 436 46.58 -17.39 -98.97
CA ASN T 436 46.94 -18.52 -98.11
C ASN T 436 46.02 -19.71 -98.30
N ILE T 437 44.81 -19.49 -98.81
CA ILE T 437 43.95 -20.60 -99.20
C ILE T 437 44.11 -20.93 -100.68
N THR T 438 44.13 -19.91 -101.53
CA THR T 438 44.27 -20.07 -102.98
C THR T 438 45.73 -20.00 -103.41
N THR T 439 46.59 -20.79 -102.76
CA THR T 439 47.98 -20.87 -103.17
C THR T 439 48.10 -21.46 -104.58
N GLN T 440 47.28 -22.47 -104.87
CA GLN T 440 47.31 -23.14 -106.16
C GLN T 440 46.02 -23.01 -106.95
N ASP T 441 44.90 -22.74 -106.28
CA ASP T 441 43.62 -22.56 -106.97
C ASP T 441 43.74 -21.41 -107.97
N ILE T 442 43.36 -21.68 -109.21
CA ILE T 442 43.47 -20.70 -110.29
C ILE T 442 42.30 -19.73 -110.14
N ILE T 443 42.59 -18.52 -109.68
CA ILE T 443 41.57 -17.49 -109.54
C ILE T 443 41.14 -17.04 -110.94
N PHE T 444 39.88 -17.29 -111.28
CA PHE T 444 39.37 -16.98 -112.61
C PHE T 444 38.77 -15.57 -112.68
N ASP T 445 38.17 -15.10 -111.59
CA ASP T 445 37.66 -13.75 -111.52
C ASP T 445 37.52 -13.36 -110.05
N ILE T 446 37.41 -12.06 -109.79
CA ILE T 446 37.16 -11.56 -108.45
C ILE T 446 36.08 -10.49 -108.55
N LEU T 447 34.94 -10.72 -107.90
CA LEU T 447 33.82 -9.80 -107.93
C LEU T 447 33.69 -9.09 -106.59
N VAL T 448 33.79 -7.77 -106.61
CA VAL T 448 33.46 -6.93 -105.47
C VAL T 448 32.03 -6.46 -105.64
N HIS T 449 31.17 -6.87 -104.71
CA HIS T 449 29.74 -6.66 -104.85
C HIS T 449 29.39 -5.18 -104.66
N GLU T 450 28.56 -4.64 -105.54
CA GLU T 450 28.12 -3.26 -105.41
C GLU T 450 27.32 -3.06 -104.13
N ARG T 451 26.42 -4.00 -103.82
CA ARG T 451 25.67 -3.92 -102.57
C ARG T 451 26.59 -4.02 -101.37
N SER T 452 27.70 -4.75 -101.50
CA SER T 452 28.67 -4.85 -100.41
C SER T 452 29.46 -3.55 -100.23
N LEU T 453 29.89 -2.94 -101.32
CA LEU T 453 30.65 -1.69 -101.24
C LEU T 453 29.72 -0.57 -100.80
N SER T 454 29.86 -0.14 -99.55
CA SER T 454 29.02 0.91 -98.99
C SER T 454 29.73 1.55 -97.82
N ARG T 455 29.25 2.73 -97.41
CA ARG T 455 29.81 3.47 -96.30
C ARG T 455 28.79 3.60 -95.18
N GLY T 456 29.27 3.96 -93.99
CA GLY T 456 28.42 4.09 -92.82
C GLY T 456 27.55 5.33 -92.86
N ILE T 457 26.69 5.49 -91.85
CA ILE T 457 25.80 6.64 -91.78
C ILE T 457 26.31 7.57 -90.68
N PRO T 458 26.22 8.89 -90.84
CA PRO T 458 26.70 9.79 -89.81
C PRO T 458 25.58 10.20 -88.88
N PRO T 459 25.90 10.53 -87.61
CA PRO T 459 24.88 11.07 -86.71
C PRO T 459 24.41 12.47 -87.08
N SER T 460 25.16 13.17 -87.93
CA SER T 460 24.78 14.50 -88.37
C SER T 460 25.45 14.85 -89.70
N TYR T 461 24.65 15.07 -90.74
CA TYR T 461 25.18 15.47 -92.04
C TYR T 461 25.78 16.86 -91.93
N PRO T 462 26.85 17.15 -92.71
CA PRO T 462 27.51 16.31 -93.72
C PRO T 462 28.42 15.25 -93.10
N PRO T 463 28.78 14.22 -93.87
CA PRO T 463 29.63 13.15 -93.35
C PRO T 463 31.02 13.67 -92.99
N PRO T 464 31.67 13.07 -91.99
CA PRO T 464 33.02 13.51 -91.61
C PRO T 464 34.05 13.09 -92.65
N GLU T 465 35.31 13.45 -92.38
CA GLU T 465 36.38 13.14 -93.31
C GLU T 465 36.64 11.64 -93.38
N GLN T 466 36.27 10.89 -92.33
CA GLN T 466 36.38 9.45 -92.39
C GLN T 466 35.61 8.86 -93.57
N PHE T 467 34.49 9.49 -93.94
CA PHE T 467 33.75 9.06 -95.11
C PHE T 467 34.59 9.14 -96.39
N TYR T 468 35.52 10.10 -96.42
CA TYR T 468 36.33 10.35 -97.61
C TYR T 468 37.61 9.52 -97.64
N TYR T 469 37.78 8.60 -96.70
CA TYR T 469 38.93 7.69 -96.66
C TYR T 469 38.50 6.30 -97.09
N PRO T 470 39.38 5.52 -97.73
CA PRO T 470 39.02 4.13 -98.08
C PRO T 470 38.80 3.24 -96.88
N SER T 471 39.28 3.64 -95.69
CA SER T 471 39.06 2.83 -94.50
C SER T 471 37.59 2.67 -94.15
N THR T 472 36.77 3.67 -94.47
CA THR T 472 35.34 3.60 -94.28
C THR T 472 34.67 2.61 -95.23
N TYR T 473 35.26 2.39 -96.40
CA TYR T 473 34.69 1.43 -97.35
C TYR T 473 34.76 0.02 -96.78
N ASN T 474 33.62 -0.50 -96.36
CA ASN T 474 33.49 -1.88 -95.91
C ASN T 474 32.84 -2.67 -97.03
N PHE T 475 33.52 -3.71 -97.53
CA PHE T 475 32.93 -4.41 -98.67
C PHE T 475 33.35 -5.87 -98.67
N ASP T 476 32.40 -6.75 -98.97
CA ASP T 476 32.68 -8.16 -99.13
C ASP T 476 32.81 -8.50 -100.61
N ALA T 477 33.65 -9.49 -100.90
CA ALA T 477 33.93 -9.85 -102.28
C ALA T 477 34.16 -11.35 -102.38
N THR T 478 34.04 -11.87 -103.60
CA THR T 478 34.15 -13.29 -103.87
C THR T 478 35.17 -13.54 -104.96
N CYS T 479 36.10 -14.45 -104.70
CA CYS T 479 37.05 -14.90 -105.70
C CYS T 479 36.65 -16.27 -106.22
N LEU T 480 36.57 -16.37 -107.55
CA LEU T 480 36.26 -17.61 -108.26
C LEU T 480 37.54 -18.41 -108.39
N LEU T 481 37.44 -19.73 -108.26
CA LEU T 481 38.58 -20.62 -108.40
C LEU T 481 38.22 -21.75 -109.38
N ASN T 482 39.09 -22.74 -109.43
CA ASN T 482 38.79 -24.00 -110.13
C ASN T 482 38.28 -25.06 -109.18
N SER T 483 38.01 -24.67 -107.93
CA SER T 483 37.54 -25.60 -106.92
C SER T 483 36.32 -25.06 -106.18
N GLY T 484 36.05 -23.77 -106.32
CA GLY T 484 34.90 -23.19 -105.65
C GLY T 484 34.99 -21.68 -105.62
N LEU T 485 34.44 -21.11 -104.55
CA LEU T 485 34.47 -19.67 -104.31
C LEU T 485 35.02 -19.41 -102.92
N ILE T 486 35.78 -18.33 -102.79
CA ILE T 486 36.27 -17.88 -101.49
C ILE T 486 35.81 -16.45 -101.26
N HIS T 487 35.10 -16.24 -100.15
CA HIS T 487 34.50 -14.95 -99.84
C HIS T 487 35.22 -14.29 -98.69
N PHE T 488 35.47 -12.99 -98.82
CA PHE T 488 36.19 -12.26 -97.78
C PHE T 488 35.53 -10.90 -97.57
N ALA T 489 35.88 -10.28 -96.45
CA ALA T 489 35.43 -8.94 -96.11
C ALA T 489 36.64 -8.01 -96.09
N CYS T 490 36.39 -6.73 -96.35
CA CYS T 490 37.44 -5.72 -96.38
C CYS T 490 37.03 -4.53 -95.53
N THR T 491 37.96 -4.13 -94.65
CA THR T 491 37.83 -3.08 -93.65
C THR T 491 36.77 -3.38 -92.60
N GLY T 492 36.62 -4.65 -92.26
CA GLY T 492 35.82 -5.06 -91.11
C GLY T 492 36.57 -5.03 -89.79
N PHE T 493 37.83 -4.60 -89.82
CA PHE T 493 38.67 -4.62 -88.63
C PHE T 493 38.10 -3.74 -87.53
N GLN T 494 37.55 -2.58 -87.91
CA GLN T 494 36.96 -1.65 -86.96
C GLN T 494 35.81 -2.29 -86.18
N LYS T 495 34.87 -2.94 -86.87
CA LYS T 495 33.76 -3.57 -86.19
C LYS T 495 34.21 -4.82 -85.44
N GLU T 496 35.23 -5.51 -85.93
CA GLU T 496 35.79 -6.64 -85.19
C GLU T 496 36.32 -6.18 -83.83
N THR T 497 37.10 -5.10 -83.81
CA THR T 497 37.59 -4.57 -82.55
C THR T 497 36.45 -4.09 -81.66
N LEU T 498 35.47 -3.41 -82.25
CA LEU T 498 34.35 -2.88 -81.46
C LEU T 498 33.57 -4.01 -80.80
N HIS T 499 33.26 -5.08 -81.54
CA HIS T 499 32.47 -6.16 -80.98
C HIS T 499 33.29 -6.98 -79.99
N PHE T 500 34.59 -7.14 -80.24
CA PHE T 500 35.44 -7.82 -79.25
C PHE T 500 35.45 -7.05 -77.93
N LEU T 501 35.59 -5.73 -78.00
CA LEU T 501 35.54 -4.92 -76.79
C LEU T 501 34.19 -5.03 -76.10
N LYS T 502 33.10 -4.99 -76.87
CA LYS T 502 31.77 -5.05 -76.27
C LYS T 502 31.52 -6.40 -75.59
N LYS T 503 31.94 -7.50 -76.22
CA LYS T 503 31.79 -8.80 -75.58
C LYS T 503 32.72 -8.92 -74.37
N SER T 504 33.84 -8.21 -74.39
CA SER T 504 34.67 -8.09 -73.20
C SER T 504 34.20 -6.96 -72.30
N GLY T 505 33.01 -6.43 -72.52
CA GLY T 505 32.50 -5.29 -71.78
C GLY T 505 32.42 -5.48 -70.28
N SER T 506 32.39 -6.74 -69.83
CA SER T 506 32.44 -7.05 -68.41
C SER T 506 33.82 -6.75 -67.82
N SER T 507 34.84 -6.69 -68.67
CA SER T 507 36.18 -6.29 -68.27
C SER T 507 36.73 -5.30 -69.29
N LEU T 508 35.86 -4.42 -69.78
CA LEU T 508 36.18 -3.56 -70.91
C LEU T 508 37.34 -2.62 -70.59
N ASN T 509 37.50 -2.26 -69.31
CA ASN T 509 38.46 -1.23 -68.93
C ASN T 509 39.88 -1.61 -69.28
N GLU T 510 40.29 -2.85 -69.04
CA GLU T 510 41.66 -3.26 -69.31
C GLU T 510 41.95 -3.31 -70.81
N ALA T 511 40.94 -3.61 -71.62
CA ALA T 511 41.12 -3.67 -73.07
C ALA T 511 40.89 -2.32 -73.76
N ILE T 512 40.43 -1.31 -73.01
CA ILE T 512 40.28 0.02 -73.62
C ILE T 512 41.55 0.55 -74.28
N PRO T 513 42.74 0.40 -73.69
CA PRO T 513 43.94 0.90 -74.41
C PRO T 513 44.10 0.30 -75.80
N ASP T 514 44.21 -1.03 -75.86
CA ASP T 514 44.45 -1.68 -77.14
C ASP T 514 43.25 -1.54 -78.07
N GLY T 515 42.04 -1.67 -77.52
CA GLY T 515 40.86 -1.55 -78.36
C GLY T 515 40.69 -0.16 -78.94
N TYR T 516 40.91 0.87 -78.13
CA TYR T 516 40.85 2.24 -78.60
C TYR T 516 41.93 2.51 -79.64
N ASN T 517 43.13 1.94 -79.42
CA ASN T 517 44.19 2.05 -80.42
C ASN T 517 43.76 1.43 -81.75
N ARG T 518 43.15 0.24 -81.69
CA ARG T 518 42.69 -0.42 -82.91
C ARG T 518 41.60 0.37 -83.62
N CYS T 519 40.65 0.93 -82.85
CA CYS T 519 39.60 1.74 -83.44
C CYS T 519 40.19 2.99 -84.11
N LEU T 520 41.14 3.63 -83.45
CA LEU T 520 41.80 4.80 -84.03
C LEU T 520 42.53 4.43 -85.32
N ALA T 521 43.24 3.30 -85.31
CA ALA T 521 43.95 2.86 -86.50
C ALA T 521 43.01 2.55 -87.65
N ALA T 522 41.88 1.91 -87.37
CA ALA T 522 40.88 1.62 -88.40
C ALA T 522 40.10 2.86 -88.82
N GLY T 523 40.15 3.92 -88.04
CA GLY T 523 39.37 5.12 -88.36
C GLY T 523 37.94 5.07 -87.92
N LEU T 524 37.58 4.07 -87.11
CA LEU T 524 36.23 3.98 -86.55
C LEU T 524 35.87 5.18 -85.70
N LEU T 525 36.82 5.66 -84.89
CA LEU T 525 36.59 6.85 -84.10
C LEU T 525 36.34 8.05 -85.01
N ALA T 526 35.66 9.06 -84.46
CA ALA T 526 35.40 10.28 -85.19
C ALA T 526 36.73 10.96 -85.50
N PRO T 527 36.80 11.82 -86.52
CA PRO T 527 38.09 12.43 -86.87
C PRO T 527 38.75 13.16 -85.71
N LYS T 528 37.96 13.66 -84.76
CA LYS T 528 38.50 14.36 -83.60
C LYS T 528 39.17 13.43 -82.58
N PHE T 529 38.79 12.15 -82.55
CA PHE T 529 39.38 11.20 -81.62
C PHE T 529 40.69 10.59 -82.12
N THR T 530 41.05 10.84 -83.38
CA THR T 530 42.29 10.31 -83.94
C THR T 530 43.52 11.06 -83.41
N ASP T 531 43.36 12.31 -83.00
CA ASP T 531 44.48 13.12 -82.52
C ASP T 531 45.00 12.70 -81.15
N VAL T 532 44.26 11.87 -80.42
CA VAL T 532 44.66 11.43 -79.08
C VAL T 532 44.75 9.92 -79.06
N GLN T 533 45.89 9.40 -78.61
CA GLN T 533 46.19 7.98 -78.59
C GLN T 533 45.86 7.37 -77.23
N ALA T 534 45.61 6.06 -77.23
CA ALA T 534 45.32 5.37 -75.99
C ALA T 534 46.56 5.23 -75.11
N SER T 535 47.75 5.27 -75.71
CA SER T 535 48.98 5.20 -74.92
C SER T 535 49.18 6.44 -74.07
N SER T 536 48.86 7.62 -74.59
CA SER T 536 48.98 8.86 -73.82
C SER T 536 47.75 9.16 -72.98
N LEU T 537 46.65 8.46 -73.19
CA LEU T 537 45.46 8.58 -72.36
C LEU T 537 45.35 7.38 -71.43
N SER T 538 44.40 7.45 -70.52
CA SER T 538 44.04 6.31 -69.70
C SER T 538 42.69 5.76 -70.14
N GLN T 539 42.44 4.51 -69.76
CA GLN T 539 41.21 3.83 -70.16
C GLN T 539 39.98 4.59 -69.70
N GLU T 540 40.06 5.27 -68.56
CA GLU T 540 38.87 5.97 -68.05
C GLU T 540 38.50 7.16 -68.91
N GLU T 541 39.47 8.01 -69.27
CA GLU T 541 39.13 9.16 -70.12
C GLU T 541 38.82 8.71 -71.53
N GLN T 542 39.47 7.65 -72.00
CA GLN T 542 39.10 7.08 -73.29
C GLN T 542 37.64 6.64 -73.29
N LEU T 543 37.22 5.96 -72.23
CA LEU T 543 35.83 5.53 -72.12
C LEU T 543 34.89 6.71 -72.03
N GLN T 544 35.28 7.75 -71.29
CA GLN T 544 34.42 8.93 -71.20
C GLN T 544 34.24 9.59 -72.56
N ALA T 545 35.32 9.70 -73.34
CA ALA T 545 35.21 10.24 -74.69
C ALA T 545 34.31 9.36 -75.56
N ILE T 546 34.47 8.03 -75.44
CA ILE T 546 33.63 7.13 -76.22
C ILE T 546 32.16 7.28 -75.84
N LEU T 547 31.88 7.43 -74.55
CA LEU T 547 30.51 7.59 -74.08
C LEU T 547 29.93 8.92 -74.58
N ALA T 548 30.72 9.99 -74.53
CA ALA T 548 30.29 11.25 -75.10
C ALA T 548 29.93 11.08 -76.56
N ALA T 549 30.83 10.48 -77.34
CA ALA T 549 30.57 10.27 -78.76
C ALA T 549 29.31 9.44 -78.99
N ALA T 550 29.08 8.43 -78.15
CA ALA T 550 27.85 7.65 -78.26
C ALA T 550 26.64 8.52 -77.98
N VAL T 551 26.79 9.52 -77.10
CA VAL T 551 25.69 10.44 -76.85
C VAL T 551 25.41 11.29 -78.09
N GLU T 552 26.44 11.86 -78.71
CA GLU T 552 26.16 12.63 -79.93
C GLU T 552 25.74 11.74 -81.10
N THR T 553 26.02 10.45 -81.04
CA THR T 553 25.56 9.51 -82.06
C THR T 553 24.12 9.06 -81.83
N SER T 554 23.51 9.54 -80.74
CA SER T 554 22.14 9.16 -80.36
C SER T 554 22.04 7.65 -80.15
N SER T 555 23.03 7.13 -79.42
CA SER T 555 23.16 5.69 -79.17
C SER T 555 23.26 5.48 -77.65
N LEU T 556 22.10 5.46 -76.99
CA LEU T 556 22.04 5.18 -75.56
C LEU T 556 22.27 3.70 -75.28
N GLY T 557 22.00 2.85 -76.26
CA GLY T 557 22.10 1.42 -76.06
C GLY T 557 23.50 0.95 -75.76
N LEU T 558 24.50 1.56 -76.38
CA LEU T 558 25.89 1.18 -76.10
C LEU T 558 26.23 1.45 -74.65
N LEU T 559 25.86 2.62 -74.13
CA LEU T 559 26.13 2.92 -72.72
C LEU T 559 25.40 1.95 -71.81
N THR T 560 24.12 1.69 -72.10
CA THR T 560 23.35 0.77 -71.25
C THR T 560 23.95 -0.63 -71.25
N SER T 561 24.29 -1.15 -72.42
CA SER T 561 24.87 -2.48 -72.51
C SER T 561 26.23 -2.54 -71.83
N CYS T 562 27.06 -1.50 -71.98
CA CYS T 562 28.37 -1.50 -71.37
C CYS T 562 28.28 -1.49 -69.85
N ILE T 563 27.37 -0.68 -69.30
CA ILE T 563 27.25 -0.62 -67.84
C ILE T 563 26.68 -1.94 -67.30
N LYS T 564 25.74 -2.54 -68.03
CA LYS T 564 25.23 -3.84 -67.61
C LYS T 564 26.33 -4.91 -67.64
N ARG T 565 27.21 -4.86 -68.66
CA ARG T 565 28.35 -5.75 -68.69
C ARG T 565 29.27 -5.52 -67.49
N TRP T 566 29.53 -4.26 -67.16
CA TRP T 566 30.42 -3.94 -66.05
C TRP T 566 29.84 -4.40 -64.72
N THR T 567 28.50 -4.46 -64.60
CA THR T 567 27.90 -4.91 -63.35
C THR T 567 28.32 -6.32 -62.97
N ALA T 568 28.79 -7.13 -63.92
CA ALA T 568 29.23 -8.49 -63.64
C ALA T 568 30.75 -8.58 -63.66
N GLU T 569 31.28 -9.58 -62.95
CA GLU T 569 32.70 -9.89 -62.89
C GLU T 569 33.47 -8.80 -62.15
N GLU T 570 34.64 -9.15 -61.61
CA GLU T 570 35.41 -8.19 -60.81
C GLU T 570 36.08 -7.15 -61.69
N GLN T 571 35.80 -5.88 -61.39
CA GLN T 571 36.40 -4.76 -62.08
C GLN T 571 36.34 -3.53 -61.19
N PRO T 572 37.40 -3.26 -60.41
CA PRO T 572 37.30 -2.24 -59.36
C PRO T 572 37.00 -0.83 -59.85
N ARG T 573 37.46 -0.47 -61.05
CA ARG T 573 37.34 0.93 -61.49
C ARG T 573 35.98 1.20 -62.12
N SER T 574 35.10 0.21 -62.15
CA SER T 574 33.76 0.42 -62.72
C SER T 574 32.97 1.43 -61.91
N ALA T 575 33.07 1.37 -60.59
CA ALA T 575 32.36 2.33 -59.74
C ALA T 575 32.86 3.75 -59.99
N ALA T 576 34.17 3.93 -60.09
CA ALA T 576 34.72 5.25 -60.40
C ALA T 576 34.24 5.72 -61.76
N ASN T 577 34.23 4.83 -62.75
CA ASN T 577 33.81 5.20 -64.09
C ASN T 577 32.34 5.64 -64.09
N LEU T 578 31.48 4.89 -63.40
CA LEU T 578 30.07 5.26 -63.37
C LEU T 578 29.86 6.57 -62.64
N ARG T 579 30.61 6.80 -61.56
CA ARG T 579 30.51 8.08 -60.88
C ARG T 579 30.87 9.22 -61.82
N PHE T 580 32.03 9.12 -62.46
CA PHE T 580 32.48 10.21 -63.34
C PHE T 580 31.48 10.41 -64.47
N VAL T 581 30.94 9.33 -65.02
CA VAL T 581 30.00 9.48 -66.13
C VAL T 581 28.68 10.08 -65.64
N LEU T 582 28.31 9.87 -64.36
CA LEU T 582 27.06 10.46 -63.89
C LEU T 582 27.20 11.96 -63.67
N GLU T 583 28.31 12.42 -63.07
CA GLU T 583 28.46 13.88 -63.01
C GLU T 583 28.62 14.46 -64.40
N TRP T 584 29.29 13.76 -65.31
CA TRP T 584 29.40 14.23 -66.68
C TRP T 584 28.02 14.32 -67.33
N THR T 585 27.17 13.35 -67.07
CA THR T 585 25.82 13.36 -67.62
C THR T 585 25.04 14.56 -67.11
N TRP T 586 25.13 14.84 -65.81
CA TRP T 586 24.37 15.97 -65.27
C TRP T 586 24.89 17.29 -65.82
N LYS T 587 26.22 17.47 -65.89
CA LYS T 587 26.73 18.71 -66.44
C LYS T 587 26.42 18.84 -67.92
N LYS T 588 26.37 17.72 -68.64
CA LYS T 588 25.94 17.75 -70.03
C LYS T 588 24.48 18.16 -70.14
N VAL T 589 23.64 17.69 -69.23
CA VAL T 589 22.25 18.13 -69.17
C VAL T 589 22.19 19.64 -68.99
N THR T 590 23.00 20.16 -68.06
CA THR T 590 22.98 21.60 -67.81
C THR T 590 23.42 22.39 -69.03
N LEU T 591 24.51 21.98 -69.67
CA LEU T 591 24.97 22.71 -70.85
C LEU T 591 23.96 22.61 -71.99
N THR T 592 23.36 21.43 -72.18
CA THR T 592 22.39 21.25 -73.25
C THR T 592 21.16 22.11 -73.01
N LYS T 593 20.68 22.17 -71.76
CA LYS T 593 19.51 22.99 -71.47
C LYS T 593 19.83 24.46 -71.65
N GLN T 594 21.03 24.89 -71.25
CA GLN T 594 21.41 26.28 -71.47
C GLN T 594 21.45 26.62 -72.95
N GLU T 595 22.07 25.75 -73.75
CA GLU T 595 22.16 25.98 -75.19
C GLU T 595 20.78 25.98 -75.84
N PHE T 596 19.91 25.07 -75.41
CA PHE T 596 18.55 25.03 -75.92
C PHE T 596 17.79 26.31 -75.58
N ASP T 597 17.99 26.82 -74.36
CA ASP T 597 17.38 28.10 -73.99
C ASP T 597 17.89 29.22 -74.87
N ARG T 598 19.19 29.21 -75.18
CA ARG T 598 19.75 30.25 -76.03
C ARG T 598 19.15 30.18 -77.43
N LEU T 599 18.97 28.98 -77.96
CA LEU T 599 18.34 28.84 -79.27
C LEU T 599 16.89 29.29 -79.24
N CYS T 600 16.17 28.99 -78.16
CA CYS T 600 14.73 29.18 -78.16
C CYS T 600 14.33 30.60 -77.76
N PHE T 601 15.20 31.34 -77.07
CA PHE T 601 14.82 32.67 -76.60
C PHE T 601 14.60 33.62 -77.77
N ARG T 602 15.46 33.55 -78.79
CA ARG T 602 15.31 34.39 -79.96
C ARG T 602 14.01 34.11 -80.71
N LEU T 603 13.50 32.87 -80.65
CA LEU T 603 12.22 32.54 -81.23
C LEU T 603 11.05 32.97 -80.35
N PHE T 604 11.19 32.85 -79.04
CA PHE T 604 10.14 33.31 -78.14
C PHE T 604 9.94 34.81 -78.25
N ASP T 605 11.05 35.56 -78.27
CA ASP T 605 10.96 37.01 -78.43
C ASP T 605 10.43 37.38 -79.81
N GLY T 606 10.85 36.63 -80.84
CA GLY T 606 10.39 36.86 -82.20
C GLY T 606 11.46 37.33 -83.16
N SER T 607 12.73 37.39 -82.75
CA SER T 607 13.77 37.89 -83.64
C SER T 607 13.91 37.03 -84.88
N CYS T 608 13.92 35.71 -84.70
CA CYS T 608 14.04 34.77 -85.81
C CYS T 608 12.68 34.16 -86.08
N ASN T 609 12.23 34.29 -87.34
CA ASN T 609 10.93 33.77 -87.73
C ASN T 609 11.07 32.38 -88.33
N PHE T 610 12.10 32.17 -89.14
CA PHE T 610 12.41 30.87 -89.72
C PHE T 610 13.87 30.53 -89.47
N ILE T 611 14.10 29.43 -88.73
CA ILE T 611 15.45 28.96 -88.52
C ILE T 611 15.91 28.14 -89.72
N ASP T 612 17.19 27.82 -89.73
CA ASP T 612 17.72 27.02 -90.83
C ASP T 612 17.70 25.53 -90.49
N PRO T 613 17.88 24.67 -91.50
CA PRO T 613 17.99 23.23 -91.21
C PRO T 613 19.06 22.91 -90.20
N HIS T 614 20.12 23.72 -90.13
CA HIS T 614 21.18 23.46 -89.15
C HIS T 614 20.69 23.70 -87.72
N THR T 615 19.95 24.79 -87.50
CA THR T 615 19.37 25.01 -86.18
C THR T 615 18.36 23.91 -85.85
N LEU T 616 17.56 23.51 -86.82
CA LEU T 616 16.61 22.42 -86.59
C LEU T 616 17.35 21.13 -86.23
N GLN T 617 18.46 20.86 -86.92
CA GLN T 617 19.26 19.68 -86.64
C GLN T 617 19.86 19.74 -85.24
N SER T 618 20.34 20.91 -84.83
CA SER T 618 20.89 21.05 -83.47
C SER T 618 19.80 20.81 -82.43
N LEU T 619 18.60 21.32 -82.67
CA LEU T 619 17.50 21.08 -81.75
C LEU T 619 17.16 19.60 -81.66
N GLN T 620 17.14 18.91 -82.80
CA GLN T 620 16.89 17.47 -82.80
C GLN T 620 18.00 16.73 -82.06
N GLN T 621 19.25 17.18 -82.22
CA GLN T 621 20.35 16.58 -81.48
C GLN T 621 20.15 16.75 -79.98
N CYS T 622 19.74 17.94 -79.54
CA CYS T 622 19.52 18.17 -78.12
C CYS T 622 18.40 17.28 -77.59
N HIS T 623 17.31 17.13 -78.36
CA HIS T 623 16.22 16.25 -77.94
C HIS T 623 16.69 14.80 -77.84
N LEU T 624 17.46 14.33 -78.82
CA LEU T 624 17.99 12.99 -78.75
C LEU T 624 18.91 12.81 -77.56
N TYR T 625 19.71 13.83 -77.24
CA TYR T 625 20.54 13.79 -76.05
C TYR T 625 19.69 13.64 -74.80
N PHE T 626 18.58 14.38 -74.72
CA PHE T 626 17.69 14.28 -73.57
C PHE T 626 17.15 12.86 -73.45
N SER T 627 16.72 12.27 -74.57
CA SER T 627 16.19 10.91 -74.55
C SER T 627 17.27 9.92 -74.10
N ASN T 628 18.48 10.05 -74.64
CA ASN T 628 19.55 9.11 -74.31
C ASN T 628 19.94 9.21 -72.85
N LEU T 629 20.01 10.44 -72.31
CA LEU T 629 20.40 10.58 -70.91
C LEU T 629 19.28 10.15 -69.98
N THR T 630 18.02 10.33 -70.39
CA THR T 630 16.92 9.67 -69.70
C THR T 630 17.16 8.16 -69.60
N ALA T 631 17.46 7.54 -70.74
CA ALA T 631 17.68 6.10 -70.74
C ALA T 631 18.86 5.73 -69.86
N VAL T 632 19.92 6.53 -69.88
CA VAL T 632 21.11 6.25 -69.07
C VAL T 632 20.77 6.28 -67.59
N LEU T 633 20.07 7.34 -67.15
CA LEU T 633 19.74 7.47 -65.74
C LEU T 633 18.76 6.37 -65.31
N ASN T 634 17.79 6.04 -66.16
CA ASN T 634 16.83 5.01 -65.81
C ASN T 634 17.47 3.64 -65.75
N CYS T 635 18.41 3.36 -66.66
CA CYS T 635 19.21 2.16 -66.52
C CYS T 635 19.98 2.18 -65.20
N PHE T 636 20.66 3.29 -64.92
CA PHE T 636 21.44 3.40 -63.70
C PHE T 636 20.61 3.04 -62.48
N ILE T 637 19.40 3.58 -62.37
CA ILE T 637 18.55 3.22 -61.25
C ILE T 637 18.06 1.78 -61.36
N ALA T 638 18.04 1.23 -62.59
CA ALA T 638 17.62 -0.16 -62.74
C ALA T 638 18.62 -1.16 -62.18
N GLN T 639 19.90 -1.04 -62.52
CA GLN T 639 20.89 -1.92 -61.90
C GLN T 639 21.51 -1.38 -60.63
N ALA T 640 21.05 -0.25 -60.11
CA ALA T 640 21.52 0.24 -58.82
C ALA T 640 20.90 -0.60 -57.71
N LYS T 641 21.68 -1.55 -57.18
CA LYS T 641 21.20 -2.36 -56.07
C LYS T 641 21.27 -1.59 -54.76
N GLU T 642 22.33 -0.79 -54.57
CA GLU T 642 22.55 0.02 -53.35
C GLU T 642 22.82 1.87 -53.40
N VAL T 643 21.96 2.82 -52.91
CA VAL T 643 22.29 4.23 -52.87
C VAL T 643 21.64 4.80 -51.61
N THR T 644 22.18 5.90 -51.11
CA THR T 644 21.53 6.60 -50.02
C THR T 644 20.14 7.04 -50.46
N GLN T 645 19.24 7.15 -49.47
CA GLN T 645 17.88 7.57 -49.79
C GLN T 645 17.86 9.00 -50.34
N GLN T 646 18.72 9.88 -49.80
CA GLN T 646 18.84 11.22 -50.37
C GLN T 646 19.35 11.16 -51.81
N GLY T 647 20.33 10.29 -52.07
CA GLY T 647 20.81 10.13 -53.43
C GLY T 647 19.73 9.66 -54.37
N ALA T 648 18.92 8.69 -53.95
CA ALA T 648 17.80 8.23 -54.77
C ALA T 648 16.80 9.35 -55.00
N VAL T 649 16.51 10.13 -53.96
CA VAL T 649 15.54 11.22 -54.08
C VAL T 649 16.02 12.24 -55.10
N ASP T 650 17.28 12.67 -55.00
CA ASP T 650 17.76 13.70 -55.91
C ASP T 650 17.97 13.15 -57.32
N LEU T 651 18.31 11.86 -57.43
CA LEU T 651 18.41 11.24 -58.75
C LEU T 651 17.05 11.18 -59.42
N THR T 652 16.00 10.85 -58.67
CA THR T 652 14.64 10.89 -59.21
C THR T 652 14.25 12.33 -59.56
N ASN T 653 14.67 13.30 -58.74
CA ASN T 653 14.42 14.70 -59.06
C ASN T 653 15.04 15.07 -60.40
N LYS T 654 16.28 14.66 -60.62
CA LYS T 654 16.97 15.02 -61.85
C LYS T 654 16.39 14.26 -63.05
N GLN T 655 15.92 13.03 -62.83
CA GLN T 655 15.27 12.30 -63.92
C GLN T 655 13.93 12.95 -64.27
N SER T 656 13.19 13.44 -63.29
CA SER T 656 11.98 14.20 -63.57
C SER T 656 12.31 15.48 -64.32
N VAL T 657 13.41 16.12 -63.95
CA VAL T 657 13.89 17.28 -64.70
C VAL T 657 14.15 16.90 -66.15
N THR T 658 14.80 15.75 -66.37
CA THR T 658 15.03 15.29 -67.73
C THR T 658 13.73 15.06 -68.48
N ARG T 659 12.71 14.54 -67.79
CA ARG T 659 11.41 14.35 -68.43
C ARG T 659 10.80 15.68 -68.85
N LEU T 660 10.88 16.68 -67.95
CA LEU T 660 10.33 17.99 -68.27
C LEU T 660 11.05 18.59 -69.48
N LEU T 661 12.38 18.55 -69.49
CA LEU T 661 13.13 19.06 -70.64
C LEU T 661 12.86 18.27 -71.90
N THR T 662 12.72 16.94 -71.81
CA THR T 662 12.49 16.15 -73.01
C THR T 662 11.13 16.50 -73.63
N LEU T 663 10.08 16.54 -72.82
CA LEU T 663 8.77 16.89 -73.36
C LEU T 663 8.73 18.34 -73.83
N TYR T 664 9.40 19.24 -73.11
CA TYR T 664 9.45 20.64 -73.50
C TYR T 664 10.14 20.80 -74.85
N ALA T 665 11.26 20.09 -75.04
CA ALA T 665 11.94 20.10 -76.32
C ALA T 665 11.06 19.53 -77.41
N SER T 666 10.35 18.44 -77.13
CA SER T 666 9.46 17.87 -78.13
C SER T 666 8.40 18.88 -78.56
N VAL T 667 7.73 19.52 -77.60
CA VAL T 667 6.63 20.41 -77.94
C VAL T 667 7.14 21.67 -78.65
N VAL T 668 8.26 22.23 -78.17
CA VAL T 668 8.80 23.44 -78.79
C VAL T 668 9.28 23.13 -80.21
N LEU T 669 9.90 21.96 -80.40
CA LEU T 669 10.26 21.51 -81.73
C LEU T 669 9.03 21.39 -82.61
N TRP T 670 7.92 20.88 -82.06
CA TRP T 670 6.69 20.77 -82.82
C TRP T 670 6.17 22.13 -83.26
N PHE T 671 6.17 23.11 -82.35
CA PHE T 671 5.74 24.45 -82.74
C PHE T 671 6.67 25.04 -83.80
N CYS T 672 7.98 24.87 -83.64
CA CYS T 672 8.91 25.43 -84.62
C CYS T 672 8.72 24.78 -85.98
N ARG T 673 8.54 23.47 -86.01
CA ARG T 673 8.33 22.75 -87.26
C ARG T 673 7.01 23.13 -87.93
N SER T 674 5.96 23.35 -87.13
CA SER T 674 4.67 23.77 -87.67
C SER T 674 4.61 25.26 -87.97
N GLY T 675 5.64 26.02 -87.60
CA GLY T 675 5.63 27.44 -87.84
C GLY T 675 4.76 28.23 -86.89
N MET T 676 4.46 27.69 -85.72
CA MET T 676 3.60 28.33 -84.74
C MET T 676 4.35 29.35 -83.90
N LEU T 677 5.50 29.81 -84.35
CA LEU T 677 6.29 30.80 -83.65
C LEU T 677 6.76 31.87 -84.62
N PRO T 678 6.81 33.15 -84.21
CA PRO T 678 6.46 33.63 -82.87
C PRO T 678 4.95 33.65 -82.64
N ASP T 679 4.47 32.75 -81.78
CA ASP T 679 3.06 32.59 -81.45
C ASP T 679 2.24 32.16 -82.66
N SER T 680 1.07 31.56 -82.40
CA SER T 680 0.22 31.07 -83.48
C SER T 680 -0.74 32.12 -84.00
N SER T 681 -1.14 33.08 -83.17
CA SER T 681 -2.03 34.15 -83.59
C SER T 681 -1.35 35.15 -84.51
N ASP T 682 -0.03 35.06 -84.66
CA ASP T 682 0.73 35.93 -85.54
C ASP T 682 0.34 35.58 -86.97
N GLU T 683 -0.47 36.43 -87.59
CA GLU T 683 -0.95 36.17 -88.94
C GLU T 683 0.18 36.11 -89.96
N THR T 684 1.33 36.70 -89.65
CA THR T 684 2.46 36.68 -90.59
C THR T 684 3.09 35.30 -90.72
N VAL T 685 3.07 34.49 -89.66
CA VAL T 685 3.68 33.16 -89.72
C VAL T 685 2.68 32.05 -90.01
N GLN T 686 1.44 32.39 -90.33
CA GLN T 686 0.41 31.40 -90.61
C GLN T 686 0.13 31.35 -92.11
N LEU T 687 0.73 30.37 -92.79
CA LEU T 687 0.56 30.23 -94.23
C LEU T 687 0.28 28.78 -94.61
N THR T 688 0.39 27.87 -93.64
CA THR T 688 0.24 26.45 -93.88
C THR T 688 -0.67 25.76 -92.90
N ARG T 689 -1.06 26.42 -91.80
CA ARG T 689 -1.80 25.77 -90.75
C ARG T 689 -2.87 26.73 -90.23
N PRO T 690 -3.93 26.22 -89.60
CA PRO T 690 -4.95 27.11 -89.02
C PRO T 690 -4.39 28.20 -88.13
N PHE T 691 -4.71 29.46 -88.40
CA PHE T 691 -4.27 30.51 -87.50
C PHE T 691 -5.24 30.65 -86.34
N TYR T 692 -4.84 31.45 -85.36
CA TYR T 692 -5.56 31.56 -84.09
C TYR T 692 -6.14 32.96 -83.95
N ASN T 693 -7.34 33.03 -83.39
CA ASN T 693 -8.05 34.29 -83.15
C ASN T 693 -8.20 34.47 -81.65
N TYR T 694 -7.19 35.09 -81.04
CA TYR T 694 -7.16 35.22 -79.58
C TYR T 694 -8.29 36.11 -79.08
N GLN T 695 -8.53 37.22 -79.76
CA GLN T 695 -9.53 38.18 -79.27
C GLN T 695 -10.92 37.57 -79.22
N VAL T 696 -11.32 36.88 -80.29
CA VAL T 696 -12.65 36.28 -80.35
C VAL T 696 -12.86 35.33 -79.18
N ILE T 697 -11.91 34.41 -78.99
CA ILE T 697 -12.06 33.36 -77.99
C ILE T 697 -12.00 33.95 -76.58
N GLN T 698 -11.02 34.84 -76.32
CA GLN T 698 -10.88 35.41 -74.99
C GLN T 698 -12.12 36.24 -74.62
N GLN T 699 -12.62 37.05 -75.55
CA GLN T 699 -13.83 37.82 -75.27
C GLN T 699 -15.03 36.92 -75.09
N TYR T 700 -15.11 35.82 -75.86
CA TYR T 700 -16.23 34.91 -75.71
C TYR T 700 -16.25 34.30 -74.32
N TYR T 701 -15.10 33.86 -73.83
CA TYR T 701 -15.10 33.28 -72.48
C TYR T 701 -15.20 34.34 -71.39
N SER T 702 -14.76 35.58 -71.65
CA SER T 702 -15.03 36.64 -70.69
C SER T 702 -16.54 36.88 -70.57
N ASP T 703 -17.23 36.90 -71.70
CA ASP T 703 -18.68 37.02 -71.69
C ASP T 703 -19.34 35.81 -71.06
N GLN T 704 -18.78 34.61 -71.28
CA GLN T 704 -19.29 33.41 -70.62
C GLN T 704 -19.17 33.56 -69.10
N ARG T 705 -18.03 34.03 -68.62
CA ARG T 705 -17.82 34.22 -67.19
C ARG T 705 -18.80 35.24 -66.63
N LYS T 706 -18.99 36.36 -67.33
CA LYS T 706 -19.94 37.37 -66.86
C LYS T 706 -21.36 36.83 -66.85
N LYS T 707 -21.73 36.07 -67.88
CA LYS T 707 -23.06 35.46 -67.93
C LYS T 707 -23.25 34.48 -66.77
N LEU T 708 -22.24 33.67 -66.48
CA LEU T 708 -22.34 32.72 -65.37
C LEU T 708 -22.47 33.45 -64.04
N GLU T 709 -21.71 34.53 -63.86
CA GLU T 709 -21.83 35.32 -62.64
C GLU T 709 -23.24 35.89 -62.50
N ARG T 710 -23.77 36.45 -63.58
CA ARG T 710 -25.09 37.09 -63.52
C ARG T 710 -26.20 36.07 -63.30
N LEU T 711 -26.02 34.85 -63.82
CA LEU T 711 -27.01 33.80 -63.54
C LEU T 711 -26.89 33.28 -62.12
N ALA T 712 -25.66 33.15 -61.62
CA ALA T 712 -25.46 32.61 -60.28
C ALA T 712 -25.95 33.55 -59.20
N ARG T 713 -25.63 34.84 -59.31
CA ARG T 713 -25.98 35.83 -58.29
C ARG T 713 -25.52 35.37 -56.92
N GLY T 714 -26.47 34.94 -56.09
CA GLY T 714 -26.15 34.41 -54.78
C GLY T 714 -26.89 33.13 -54.46
N LYS T 715 -27.44 32.49 -55.49
CA LYS T 715 -28.15 31.23 -55.33
C LYS T 715 -27.45 30.07 -56.04
N TRP T 716 -26.23 30.28 -56.51
CA TRP T 716 -25.46 29.24 -57.18
C TRP T 716 -24.00 29.36 -56.79
N ASP T 717 -23.30 28.23 -56.76
CA ASP T 717 -21.85 28.25 -56.61
C ASP T 717 -21.14 28.34 -57.95
N THR T 718 -21.78 27.89 -59.02
CA THR T 718 -21.17 27.92 -60.34
C THR T 718 -21.04 29.36 -60.82
N SER T 719 -19.87 29.95 -60.60
CA SER T 719 -19.59 31.28 -61.16
C SER T 719 -18.22 31.34 -61.81
N SER T 720 -17.57 30.20 -62.06
CA SER T 720 -16.25 30.16 -62.68
C SER T 720 -16.25 29.08 -63.74
N LEU T 721 -15.38 29.24 -64.72
CA LEU T 721 -15.30 28.26 -65.78
C LEU T 721 -14.69 26.95 -65.27
N MET T 722 -14.89 25.91 -66.07
CA MET T 722 -14.32 24.60 -65.75
C MET T 722 -12.79 24.66 -65.73
N ILE T 723 -12.18 25.38 -66.67
CA ILE T 723 -10.73 25.54 -66.65
C ILE T 723 -10.31 26.30 -65.40
N ASP T 724 -11.18 27.17 -64.89
CA ASP T 724 -10.86 27.88 -63.64
C ASP T 724 -10.76 26.91 -62.48
N GLY T 725 -11.72 26.00 -62.33
CA GLY T 725 -11.60 24.99 -61.30
C GLY T 725 -10.38 24.11 -61.51
N LEU T 726 -10.09 23.78 -62.79
CA LEU T 726 -8.91 22.99 -63.11
C LEU T 726 -7.63 23.65 -62.57
N ILE T 727 -7.45 24.94 -62.84
CA ILE T 727 -6.26 25.62 -62.34
C ILE T 727 -6.35 25.79 -60.84
N ASN T 728 -7.57 25.82 -60.28
CA ASN T 728 -7.74 25.90 -58.84
C ASN T 728 -7.16 24.69 -58.13
N GLN T 729 -7.33 23.47 -58.66
CA GLN T 729 -6.69 22.34 -57.97
C GLN T 729 -5.19 22.52 -57.91
N PHE T 730 -4.58 23.11 -58.95
CA PHE T 730 -3.17 23.42 -58.91
C PHE T 730 -2.86 24.68 -58.10
N GLY T 731 -3.89 25.40 -57.68
CA GLY T 731 -3.68 26.58 -56.85
C GLY T 731 -3.31 27.80 -57.67
N ASP T 732 -3.04 28.88 -56.95
CA ASP T 732 -2.67 30.15 -57.58
C ASP T 732 -1.22 30.20 -58.01
N ARG T 733 -0.49 29.08 -57.94
CA ARG T 733 0.83 29.01 -58.55
C ARG T 733 0.75 29.31 -60.04
N ILE T 734 -0.25 28.73 -60.71
CA ILE T 734 -0.45 29.02 -62.13
C ILE T 734 -0.91 30.46 -62.32
N GLN T 735 -1.67 31.00 -61.36
CA GLN T 735 -2.04 32.41 -61.42
C GLN T 735 -0.82 33.31 -61.40
N GLN T 736 0.15 33.01 -60.53
CA GLN T 736 1.38 33.79 -60.50
C GLN T 736 2.20 33.56 -61.76
N LEU T 737 2.16 32.34 -62.31
CA LEU T 737 2.87 32.06 -63.55
C LEU T 737 2.33 32.89 -64.70
N TRP T 738 1.01 32.99 -64.81
CA TRP T 738 0.35 33.67 -65.91
C TRP T 738 0.02 35.13 -65.60
N SER T 739 0.42 35.65 -64.45
CA SER T 739 0.10 37.03 -64.08
C SER T 739 1.09 37.97 -64.76
N ARG T 740 1.27 37.79 -66.07
CA ARG T 740 2.08 38.71 -66.87
C ARG T 740 1.40 38.94 -68.21
N ASP T 741 0.16 38.50 -68.35
CA ASP T 741 -0.54 38.52 -69.63
C ASP T 741 -1.57 39.64 -69.65
N ASP T 742 -1.82 40.18 -70.84
CA ASP T 742 -2.89 41.14 -71.05
C ASP T 742 -4.20 40.37 -71.17
N ASN T 743 -5.32 41.10 -71.13
CA ASN T 743 -6.64 40.49 -71.11
C ASN T 743 -6.77 39.53 -69.93
N GLY T 744 -6.58 40.05 -68.72
CA GLY T 744 -6.67 39.24 -67.53
C GLY T 744 -5.33 38.73 -67.05
N THR T 745 -5.19 38.56 -65.73
CA THR T 745 -3.97 38.04 -65.12
C THR T 745 -4.24 36.63 -64.65
N GLY T 746 -3.67 35.65 -65.35
CA GLY T 746 -4.00 34.26 -65.09
C GLY T 746 -5.41 33.88 -65.46
N LYS T 747 -5.91 34.40 -66.58
CA LYS T 747 -7.25 34.07 -67.08
C LYS T 747 -7.12 33.39 -68.43
N TYR T 748 -7.78 32.25 -68.58
CA TYR T 748 -7.72 31.51 -69.82
C TYR T 748 -8.51 32.22 -70.92
N PRO T 749 -7.97 32.29 -72.15
CA PRO T 749 -6.62 31.83 -72.47
C PRO T 749 -5.53 32.82 -72.05
N PRO T 750 -4.47 32.34 -71.42
CA PRO T 750 -3.31 33.20 -71.16
C PRO T 750 -2.68 33.66 -72.46
N ALA T 751 -2.14 34.88 -72.45
CA ALA T 751 -1.69 35.50 -73.69
C ALA T 751 -0.33 35.01 -74.14
N ASN T 752 0.48 34.46 -73.23
CA ASN T 752 1.86 34.11 -73.52
C ASN T 752 1.99 32.61 -73.75
N LEU T 753 2.52 32.24 -74.91
CA LEU T 753 2.77 30.82 -75.19
C LEU T 753 3.85 30.25 -74.29
N HIS T 754 4.87 31.04 -73.96
CA HIS T 754 5.86 30.59 -73.00
C HIS T 754 5.24 30.38 -71.62
N ALA T 755 4.17 31.12 -71.31
CA ALA T 755 3.45 30.87 -70.07
C ALA T 755 2.79 29.50 -70.08
N LEU T 756 2.20 29.10 -71.22
CA LEU T 756 1.67 27.74 -71.34
C LEU T 756 2.79 26.72 -71.21
N LEU T 757 3.93 27.01 -71.83
CA LEU T 757 5.06 26.09 -71.75
C LEU T 757 5.56 25.95 -70.32
N ASP T 758 5.55 27.03 -69.55
CA ASP T 758 6.02 27.00 -68.18
C ASP T 758 5.08 26.22 -67.27
N VAL T 759 3.85 25.95 -67.73
CA VAL T 759 2.97 25.08 -66.98
C VAL T 759 3.59 23.69 -66.83
N TYR T 760 4.25 23.21 -67.87
CA TYR T 760 4.97 21.94 -67.78
C TYR T 760 6.09 22.03 -66.76
N LEU T 761 6.80 23.15 -66.70
CA LEU T 761 7.86 23.34 -65.71
C LEU T 761 7.32 23.40 -64.29
N LEU T 762 6.02 23.63 -64.11
CA LEU T 762 5.43 23.61 -62.78
C LEU T 762 5.38 22.18 -62.25
N GLU T 763 4.99 22.06 -60.98
CA GLU T 763 4.81 20.75 -60.36
C GLU T 763 3.72 19.97 -61.11
N ASN T 764 4.12 18.89 -61.77
CA ASN T 764 3.17 18.09 -62.53
C ASN T 764 2.46 17.08 -61.64
N ALA T 765 1.19 17.34 -61.32
CA ALA T 765 0.34 16.37 -60.65
C ALA T 765 -0.12 15.27 -61.60
N ASP T 766 -0.22 15.59 -62.89
CA ASP T 766 -0.61 14.61 -63.90
C ASP T 766 -0.19 15.11 -65.28
N GLU T 767 0.56 14.28 -66.02
CA GLU T 767 0.90 14.63 -67.39
C GLU T 767 -0.35 14.69 -68.25
N MET T 768 -1.37 13.90 -67.91
CA MET T 768 -2.62 13.92 -68.66
C MET T 768 -3.34 15.25 -68.51
N SER T 769 -3.24 15.90 -67.34
CA SER T 769 -3.86 17.20 -67.16
C SER T 769 -3.25 18.23 -68.11
N LYS T 770 -1.91 18.29 -68.15
CA LYS T 770 -1.24 19.23 -69.02
C LYS T 770 -1.49 18.89 -70.49
N HIS T 771 -1.53 17.60 -70.82
CA HIS T 771 -1.87 17.18 -72.17
C HIS T 771 -3.27 17.63 -72.55
N ALA T 772 -4.23 17.50 -71.64
CA ALA T 772 -5.60 17.93 -71.91
C ALA T 772 -5.67 19.43 -72.12
N ILE T 773 -4.92 20.19 -71.31
CA ILE T 773 -4.87 21.64 -71.50
C ILE T 773 -4.34 21.99 -72.87
N THR T 774 -3.23 21.34 -73.27
CA THR T 774 -2.63 21.62 -74.57
C THR T 774 -3.56 21.20 -75.71
N ILE T 775 -4.25 20.08 -75.55
CA ILE T 775 -5.18 19.61 -76.58
C ILE T 775 -6.35 20.57 -76.71
N TYR T 776 -6.86 21.08 -75.59
CA TYR T 776 -7.94 22.06 -75.65
C TYR T 776 -7.48 23.33 -76.36
N PHE T 777 -6.26 23.78 -76.07
CA PHE T 777 -5.72 24.95 -76.77
C PHE T 777 -5.55 24.68 -78.26
N LEU T 778 -5.09 23.49 -78.63
CA LEU T 778 -4.93 23.15 -80.05
C LEU T 778 -6.28 23.09 -80.75
N LEU T 779 -7.31 22.55 -80.10
CA LEU T 779 -8.64 22.52 -80.69
C LEU T 779 -9.18 23.94 -80.85
N ASP T 780 -8.90 24.81 -79.88
CA ASP T 780 -9.28 26.21 -80.01
C ASP T 780 -8.58 26.85 -81.20
N ILE T 781 -7.31 26.52 -81.41
CA ILE T 781 -6.60 26.99 -82.60
C ILE T 781 -7.30 26.49 -83.87
N MET T 782 -7.67 25.22 -83.89
CA MET T 782 -8.30 24.64 -85.07
C MET T 782 -9.61 25.34 -85.38
N TYR T 783 -10.42 25.60 -84.35
CA TYR T 783 -11.71 26.25 -84.58
C TYR T 783 -11.58 27.75 -84.77
N SER T 784 -10.41 28.33 -84.50
CA SER T 784 -10.18 29.72 -84.84
C SER T 784 -10.11 29.95 -86.35
N PHE T 785 -9.56 29.00 -87.12
CA PHE T 785 -9.51 29.10 -88.56
C PHE T 785 -9.35 27.72 -89.19
N PRO T 786 -10.43 26.97 -89.39
CA PRO T 786 -10.31 25.62 -89.95
C PRO T 786 -9.83 25.67 -91.40
N ASP T 787 -8.63 25.14 -91.62
CA ASP T 787 -8.05 25.05 -92.96
C ASP T 787 -7.67 23.61 -93.22
N LYS T 788 -8.10 23.08 -94.39
CA LYS T 788 -7.86 21.72 -94.83
C LYS T 788 -8.69 20.73 -94.00
N PRO T 789 -9.22 19.67 -94.61
CA PRO T 789 -10.10 18.76 -93.88
C PRO T 789 -9.40 17.81 -92.94
N ASP T 790 -8.06 17.80 -92.90
CA ASP T 790 -7.34 16.90 -92.01
C ASP T 790 -6.03 17.56 -91.60
N SER T 791 -5.60 17.30 -90.37
CA SER T 791 -4.42 17.93 -89.83
C SER T 791 -3.62 16.93 -89.00
N SER T 792 -2.30 17.07 -89.04
CA SER T 792 -1.44 16.28 -88.16
C SER T 792 -1.46 16.80 -86.73
N ILE T 793 -2.03 17.98 -86.50
CA ILE T 793 -2.23 18.47 -85.14
C ILE T 793 -3.25 17.60 -84.42
N GLU T 794 -4.21 17.05 -85.17
CA GLU T 794 -5.13 16.08 -84.60
C GLU T 794 -4.42 14.81 -84.15
N SER T 795 -3.18 14.60 -84.61
CA SER T 795 -2.41 13.44 -84.19
C SER T 795 -1.69 13.66 -82.86
N PHE T 796 -1.80 14.86 -82.29
CA PHE T 796 -1.18 15.13 -81.00
C PHE T 796 -1.62 14.19 -79.89
N PRO T 797 -2.90 13.93 -79.67
CA PRO T 797 -3.28 13.02 -78.58
C PRO T 797 -2.69 11.64 -78.70
N THR T 798 -2.62 11.08 -79.91
CA THR T 798 -1.97 9.79 -80.09
C THR T 798 -0.45 9.91 -79.92
N ALA T 799 0.11 11.06 -80.30
CA ALA T 799 1.54 11.27 -80.14
C ALA T 799 1.95 11.30 -78.67
N PHE T 800 1.15 11.94 -77.83
CA PHE T 800 1.46 12.04 -76.40
C PHE T 800 0.68 11.02 -75.58
N PHE T 801 0.00 10.09 -76.25
CA PHE T 801 -0.62 8.93 -75.61
C PHE T 801 -1.62 9.33 -74.54
N VAL T 802 -2.69 10.01 -74.96
CA VAL T 802 -3.79 10.40 -74.09
C VAL T 802 -4.97 9.51 -74.42
N PRO T 803 -5.63 8.90 -73.44
CA PRO T 803 -6.73 7.98 -73.75
C PRO T 803 -7.87 8.65 -74.52
N GLY T 804 -8.46 7.89 -75.44
CA GLY T 804 -9.63 8.36 -76.16
C GLY T 804 -10.80 8.69 -75.25
N SER T 805 -10.87 8.05 -74.08
CA SER T 805 -11.83 8.47 -73.07
C SER T 805 -11.64 9.93 -72.72
N LEU T 806 -10.41 10.31 -72.38
CA LEU T 806 -10.12 11.71 -72.08
C LEU T 806 -10.29 12.60 -73.30
N ILE T 807 -10.05 12.07 -74.50
CA ILE T 807 -10.27 12.87 -75.71
C ILE T 807 -11.73 13.24 -75.86
N LYS T 808 -12.62 12.25 -75.75
CA LYS T 808 -14.05 12.52 -75.80
C LYS T 808 -14.47 13.43 -74.66
N LEU T 809 -13.84 13.26 -73.49
CA LEU T 809 -14.12 14.18 -72.39
C LEU T 809 -13.80 15.61 -72.77
N ILE T 810 -12.61 15.85 -73.34
CA ILE T 810 -12.20 17.20 -73.72
C ILE T 810 -13.16 17.77 -74.76
N GLN T 811 -13.62 16.91 -75.68
CA GLN T 811 -14.65 17.34 -76.63
C GLN T 811 -15.88 17.82 -75.88
N GLY T 812 -16.31 17.08 -74.87
CA GLY T 812 -17.45 17.49 -74.07
C GLY T 812 -17.21 18.80 -73.34
N PHE T 813 -15.99 18.98 -72.81
CA PHE T 813 -15.66 20.23 -72.13
C PHE T 813 -15.74 21.41 -73.09
N TRP T 814 -15.22 21.23 -74.31
CA TRP T 814 -15.33 22.27 -75.33
C TRP T 814 -16.79 22.60 -75.61
N LEU T 815 -17.62 21.57 -75.81
CA LEU T 815 -19.02 21.82 -76.14
C LEU T 815 -19.76 22.49 -74.99
N LEU T 816 -19.46 22.10 -73.76
CA LEU T 816 -20.13 22.71 -72.61
C LEU T 816 -19.69 24.15 -72.42
N ASP T 817 -18.40 24.43 -72.65
CA ASP T 817 -17.93 25.82 -72.65
C ASP T 817 -18.63 26.66 -73.69
N HIS T 818 -18.81 26.12 -74.90
CA HIS T 818 -19.59 26.82 -75.92
C HIS T 818 -21.08 26.61 -75.77
N ASN T 819 -21.54 26.06 -74.64
CA ASN T 819 -22.95 25.99 -74.29
C ASN T 819 -23.73 25.13 -75.28
N ASP T 820 -23.03 24.23 -75.96
CA ASP T 820 -23.66 23.17 -76.74
C ASP T 820 -23.86 22.02 -75.78
N TYR T 821 -24.79 22.23 -74.84
CA TYR T 821 -24.98 21.28 -73.75
C TYR T 821 -25.39 19.91 -74.25
N GLN T 822 -26.21 19.86 -75.30
CA GLN T 822 -26.68 18.59 -75.82
C GLN T 822 -25.52 17.75 -76.32
N ASN T 823 -24.67 18.32 -77.18
CA ASN T 823 -23.54 17.59 -77.70
C ASN T 823 -22.51 17.28 -76.63
N SER T 824 -22.33 18.21 -75.67
CA SER T 824 -21.42 17.95 -74.56
C SER T 824 -21.89 16.75 -73.75
N VAL T 825 -23.19 16.68 -73.46
CA VAL T 825 -23.75 15.56 -72.72
C VAL T 825 -23.61 14.27 -73.52
N ASP T 826 -23.82 14.34 -74.85
CA ASP T 826 -23.65 13.16 -75.67
C ASP T 826 -22.22 12.62 -75.59
N CYS T 827 -21.23 13.51 -75.73
CA CYS T 827 -19.84 13.09 -75.67
C CYS T 827 -19.48 12.54 -74.29
N ILE T 828 -20.01 13.15 -73.23
CA ILE T 828 -19.70 12.67 -71.89
C ILE T 828 -20.34 11.31 -71.64
N LEU T 829 -21.62 11.16 -71.99
CA LEU T 829 -22.34 9.92 -71.80
C LEU T 829 -21.88 8.83 -72.76
N ASN T 830 -21.05 9.17 -73.74
CA ASN T 830 -20.46 8.16 -74.59
C ASN T 830 -19.72 7.12 -73.74
N PRO T 831 -19.92 5.83 -73.99
CA PRO T 831 -19.35 4.81 -73.10
C PRO T 831 -17.84 4.72 -73.26
N ALA T 832 -17.23 3.87 -72.42
CA ALA T 832 -15.79 3.64 -72.40
C ALA T 832 -15.04 4.92 -72.07
N SER T 833 -15.69 5.81 -71.31
CA SER T 833 -15.10 7.08 -70.89
C SER T 833 -14.77 7.03 -69.40
N SER T 834 -13.56 7.49 -69.06
CA SER T 834 -13.15 7.52 -67.66
C SER T 834 -14.05 8.45 -66.87
N ARG T 835 -14.48 7.99 -65.70
CA ARG T 835 -15.46 8.73 -64.93
C ARG T 835 -14.85 10.01 -64.38
N VAL T 836 -15.58 11.11 -64.52
CA VAL T 836 -15.10 12.41 -64.10
C VAL T 836 -15.24 12.57 -62.59
N MET T 837 -14.72 13.68 -62.08
CA MET T 837 -14.58 13.83 -60.64
C MET T 837 -15.80 14.55 -60.04
N SER T 838 -15.98 14.36 -58.72
CA SER T 838 -17.23 14.75 -58.08
C SER T 838 -17.44 16.26 -58.12
N TRP T 839 -16.36 17.03 -58.00
CA TRP T 839 -16.49 18.49 -58.01
C TRP T 839 -17.07 18.98 -59.33
N GLN T 840 -16.54 18.49 -60.44
CA GLN T 840 -17.06 18.87 -61.75
C GLN T 840 -18.43 18.24 -62.02
N HIS T 841 -18.73 17.06 -61.44
CA HIS T 841 -20.14 16.64 -61.40
C HIS T 841 -21.02 17.72 -60.80
N SER T 842 -20.64 18.21 -59.62
CA SER T 842 -21.47 19.18 -58.91
C SER T 842 -21.62 20.46 -59.71
N GLN T 843 -20.51 20.98 -60.22
CA GLN T 843 -20.58 22.22 -60.99
C GLN T 843 -21.38 22.05 -62.28
N ILE T 844 -21.20 20.91 -62.97
CA ILE T 844 -21.96 20.66 -64.19
C ILE T 844 -23.45 20.64 -63.89
N ILE T 845 -23.86 19.91 -62.85
CA ILE T 845 -25.29 19.78 -62.60
C ILE T 845 -25.87 21.12 -62.13
N GLU T 846 -25.11 21.87 -61.33
CA GLU T 846 -25.61 23.16 -60.86
C GLU T 846 -25.76 24.14 -62.02
N ASN T 847 -24.79 24.15 -62.93
CA ASN T 847 -24.91 25.01 -64.11
C ASN T 847 -26.09 24.60 -64.97
N LEU T 848 -26.29 23.28 -65.16
CA LEU T 848 -27.40 22.82 -65.97
C LEU T 848 -28.74 23.23 -65.36
N LEU T 849 -28.86 23.12 -64.04
CA LEU T 849 -30.11 23.53 -63.39
C LEU T 849 -30.29 25.04 -63.49
N CYS T 850 -29.21 25.81 -63.36
CA CYS T 850 -29.33 27.26 -63.51
C CYS T 850 -29.79 27.63 -64.91
N HIS T 851 -29.27 26.95 -65.92
CA HIS T 851 -29.68 27.16 -67.30
C HIS T 851 -31.04 26.57 -67.61
N GLY T 852 -31.56 25.70 -66.73
CA GLY T 852 -32.87 25.12 -66.95
C GLY T 852 -32.89 23.84 -67.75
N ASP T 853 -31.74 23.17 -67.88
CA ASP T 853 -31.67 21.91 -68.61
C ASP T 853 -31.87 20.73 -67.65
N SER T 854 -33.08 20.67 -67.08
CA SER T 854 -33.40 19.63 -66.12
C SER T 854 -33.35 18.24 -66.74
N ARG T 855 -33.90 18.08 -67.95
CA ARG T 855 -33.85 16.79 -68.63
C ARG T 855 -32.41 16.37 -68.88
N GLN T 856 -31.57 17.29 -69.34
CA GLN T 856 -30.18 16.97 -69.61
C GLN T 856 -29.44 16.58 -68.34
N ALA T 857 -29.67 17.32 -67.26
CA ALA T 857 -29.04 16.98 -65.98
C ALA T 857 -29.50 15.62 -65.49
N LEU T 858 -30.80 15.31 -65.66
CA LEU T 858 -31.31 14.02 -65.25
C LEU T 858 -30.68 12.90 -66.07
N ARG T 859 -30.51 13.11 -67.38
CA ARG T 859 -29.85 12.12 -68.22
C ARG T 859 -28.41 11.91 -67.77
N TYR T 860 -27.72 13.00 -67.47
CA TYR T 860 -26.37 12.90 -66.92
C TYR T 860 -26.34 12.05 -65.67
N LEU T 861 -27.23 12.35 -64.72
CA LEU T 861 -27.23 11.62 -63.46
C LEU T 861 -27.55 10.14 -63.69
N GLN T 862 -28.55 9.86 -64.52
CA GLN T 862 -28.96 8.47 -64.69
C GLN T 862 -27.89 7.64 -65.38
N VAL T 863 -27.17 8.22 -66.35
CA VAL T 863 -26.16 7.42 -67.04
C VAL T 863 -24.88 7.33 -66.21
N MET T 864 -24.32 8.47 -65.81
CA MET T 864 -23.03 8.44 -65.10
C MET T 864 -23.15 7.92 -63.68
N LYS T 865 -24.32 8.02 -63.05
CA LYS T 865 -24.55 7.57 -61.69
C LYS T 865 -23.59 8.27 -60.74
N PRO T 866 -23.77 9.57 -60.52
CA PRO T 866 -22.82 10.32 -59.69
C PRO T 866 -22.89 9.92 -58.21
N VAL T 867 -21.76 10.07 -57.54
CA VAL T 867 -21.68 9.72 -56.13
C VAL T 867 -22.40 10.77 -55.29
N ALA T 868 -22.85 10.35 -54.11
CA ALA T 868 -23.48 11.24 -53.14
C ALA T 868 -23.28 10.67 -51.75
N THR T 869 -22.44 11.33 -50.97
CA THR T 869 -22.21 10.91 -49.59
C THR T 869 -22.20 12.13 -48.67
N THR T 870 -22.48 13.29 -49.24
CA THR T 870 -22.54 14.55 -48.51
C THR T 870 -23.96 15.08 -48.56
N SER T 871 -24.37 15.80 -47.50
CA SER T 871 -25.67 16.42 -47.49
C SER T 871 -25.87 17.33 -48.70
N LYS T 872 -24.82 18.04 -49.11
CA LYS T 872 -24.91 18.90 -50.29
C LYS T 872 -25.13 18.06 -51.55
N GLU T 873 -24.40 16.95 -51.68
CA GLU T 873 -24.60 16.07 -52.84
C GLU T 873 -26.03 15.56 -52.88
N VAL T 874 -26.55 15.12 -51.74
CA VAL T 874 -27.91 14.62 -51.68
C VAL T 874 -28.90 15.71 -52.04
N LYS T 875 -28.69 16.93 -51.53
CA LYS T 875 -29.58 18.02 -51.83
C LYS T 875 -29.58 18.34 -53.32
N LEU T 876 -28.40 18.33 -53.94
CA LEU T 876 -28.33 18.58 -55.37
C LEU T 876 -29.03 17.51 -56.17
N HIS T 877 -28.80 16.24 -55.82
CA HIS T 877 -29.41 15.15 -56.56
C HIS T 877 -30.93 15.16 -56.41
N MET T 878 -31.42 15.41 -55.19
CA MET T 878 -32.87 15.47 -55.00
C MET T 878 -33.45 16.69 -55.69
N THR T 879 -32.68 17.78 -55.79
CA THR T 879 -33.13 18.92 -56.54
C THR T 879 -33.34 18.57 -58.01
N VAL T 880 -32.37 17.89 -58.61
CA VAL T 880 -32.52 17.45 -59.99
C VAL T 880 -33.72 16.54 -60.14
N LEU T 881 -33.85 15.57 -59.23
CA LEU T 881 -34.91 14.58 -59.33
C LEU T 881 -36.28 15.21 -59.14
N LEU T 882 -36.39 16.19 -58.24
CA LEU T 882 -37.70 16.79 -57.96
C LEU T 882 -38.08 17.76 -59.06
N ALA T 883 -37.10 18.46 -59.65
CA ALA T 883 -37.37 19.25 -60.83
C ALA T 883 -37.78 18.38 -62.01
N ASN T 884 -37.27 17.14 -62.06
CA ASN T 884 -37.61 16.20 -63.13
C ASN T 884 -38.74 15.25 -62.73
N ARG T 885 -39.37 15.48 -61.58
CA ARG T 885 -40.48 14.65 -61.09
C ARG T 885 -40.04 13.19 -60.90
N SER T 886 -39.15 13.02 -59.94
CA SER T 886 -38.75 11.71 -59.45
C SER T 886 -38.95 11.67 -57.93
N ILE T 887 -40.14 12.11 -57.52
CA ILE T 887 -40.42 12.34 -56.10
C ILE T 887 -40.26 11.06 -55.29
N LEU T 888 -40.65 9.93 -55.88
CA LEU T 888 -40.58 8.65 -55.16
C LEU T 888 -39.15 8.30 -54.80
N GLU T 889 -38.25 8.30 -55.78
CA GLU T 889 -36.85 8.00 -55.51
C GLU T 889 -36.23 9.06 -54.60
N ALA T 890 -36.65 10.33 -54.76
CA ALA T 890 -36.15 11.36 -53.87
C ALA T 890 -36.48 11.06 -52.42
N TRP T 891 -37.74 10.74 -52.15
CA TRP T 891 -38.16 10.40 -50.79
C TRP T 891 -37.44 9.17 -50.29
N ASN T 892 -37.28 8.17 -51.16
CA ASN T 892 -36.64 6.93 -50.74
C ASN T 892 -35.20 7.16 -50.33
N LEU T 893 -34.44 7.91 -51.12
CA LEU T 893 -33.06 8.20 -50.75
C LEU T 893 -33.00 9.11 -49.54
N GLN T 894 -33.98 10.00 -49.38
CA GLN T 894 -34.06 10.80 -48.17
C GLN T 894 -34.20 9.90 -46.94
N ARG T 895 -35.12 8.94 -47.02
CA ARG T 895 -35.29 7.99 -45.92
C ARG T 895 -34.02 7.19 -45.69
N LEU T 896 -33.34 6.81 -46.77
CA LEU T 896 -32.12 6.03 -46.64
C LEU T 896 -31.04 6.80 -45.90
N HIS T 897 -30.79 8.04 -46.30
CA HIS T 897 -29.68 8.83 -45.77
C HIS T 897 -30.10 9.77 -44.66
N SER T 898 -31.31 9.63 -44.14
CA SER T 898 -31.74 10.48 -43.03
C SER T 898 -30.98 10.07 -41.79
N SER T 899 -29.82 10.69 -41.59
CA SER T 899 -29.04 10.45 -40.38
C SER T 899 -29.63 11.30 -39.26
N ARG T 900 -29.07 11.20 -38.06
CA ARG T 900 -29.55 12.02 -36.96
C ARG T 900 -29.10 13.46 -37.18
N LEU T 901 -28.17 13.67 -38.10
CA LEU T 901 -27.60 14.98 -38.34
C LEU T 901 -28.19 15.68 -39.55
N ASN T 902 -28.58 14.93 -40.58
CA ASN T 902 -29.01 15.52 -41.85
C ASN T 902 -30.51 15.48 -42.07
N VAL T 903 -31.25 14.81 -41.19
CA VAL T 903 -32.67 14.55 -41.47
C VAL T 903 -33.47 15.84 -41.52
N GLU T 904 -33.25 16.75 -40.56
CA GLU T 904 -34.06 17.96 -40.54
C GLU T 904 -33.71 18.88 -41.70
N GLU T 905 -32.43 18.92 -42.09
CA GLU T 905 -32.03 19.69 -43.26
C GLU T 905 -32.70 19.14 -44.52
N LEU T 906 -32.70 17.82 -44.66
CA LEU T 906 -33.39 17.21 -45.81
C LEU T 906 -34.87 17.56 -45.80
N LEU T 907 -35.50 17.49 -44.64
CA LEU T 907 -36.92 17.81 -44.55
C LEU T 907 -37.18 19.24 -44.96
N LYS T 908 -36.39 20.18 -44.44
CA LYS T 908 -36.59 21.59 -44.75
C LYS T 908 -36.40 21.85 -46.24
N HIS T 909 -35.37 21.25 -46.83
CA HIS T 909 -35.13 21.43 -48.26
C HIS T 909 -36.29 20.88 -49.08
N MET T 910 -36.79 19.69 -48.72
CA MET T 910 -37.92 19.13 -49.44
C MET T 910 -39.14 20.03 -49.30
N TYR T 911 -39.40 20.53 -48.10
CA TYR T 911 -40.57 21.38 -47.89
C TYR T 911 -40.50 22.62 -48.77
N GLU T 912 -39.36 23.31 -48.76
CA GLU T 912 -39.22 24.53 -49.56
C GLU T 912 -39.39 24.23 -51.04
N MET T 913 -38.69 23.20 -51.54
CA MET T 913 -38.66 22.97 -52.98
C MET T 913 -40.00 22.44 -53.48
N CYS T 914 -40.65 21.57 -52.70
CA CYS T 914 -41.98 21.09 -53.05
C CYS T 914 -43.00 22.21 -52.97
N GLN T 915 -42.81 23.16 -52.05
CA GLN T 915 -43.68 24.34 -52.07
C GLN T 915 -43.48 25.13 -53.36
N GLU T 916 -42.24 25.22 -53.83
CA GLU T 916 -41.99 26.00 -55.04
C GLU T 916 -42.61 25.34 -56.27
N MET T 917 -42.48 24.02 -56.42
CA MET T 917 -43.01 23.36 -57.62
C MET T 917 -44.23 22.48 -57.40
N GLY T 918 -44.99 22.68 -56.32
CA GLY T 918 -46.36 22.21 -56.25
C GLY T 918 -46.61 20.72 -56.39
N LEU T 919 -45.90 19.89 -55.62
CA LEU T 919 -46.14 18.45 -55.63
C LEU T 919 -46.84 17.96 -54.37
N ILE T 920 -47.75 18.77 -53.82
CA ILE T 920 -48.30 18.52 -52.49
C ILE T 920 -49.17 17.27 -52.47
N GLU T 921 -50.05 17.10 -53.46
CA GLU T 921 -50.94 15.94 -53.42
C GLU T 921 -50.17 14.66 -53.63
N GLU T 922 -49.14 14.70 -54.48
CA GLU T 922 -48.26 13.55 -54.64
C GLU T 922 -47.60 13.20 -53.32
N LEU T 923 -47.07 14.22 -52.63
CA LEU T 923 -46.37 13.96 -51.37
C LEU T 923 -47.32 13.42 -50.31
N LEU T 924 -48.57 13.87 -50.31
CA LEU T 924 -49.51 13.46 -49.28
C LEU T 924 -49.87 11.98 -49.37
N LYS T 925 -49.47 11.30 -50.44
CA LYS T 925 -49.84 9.92 -50.70
C LYS T 925 -48.73 8.92 -50.38
N LEU T 926 -47.96 9.14 -49.31
CA LEU T 926 -46.82 8.29 -48.99
C LEU T 926 -46.90 7.78 -47.56
N THR T 927 -46.11 6.73 -47.30
CA THR T 927 -45.87 6.32 -45.92
C THR T 927 -44.88 7.29 -45.26
N PHE T 928 -45.13 7.58 -43.99
CA PHE T 928 -44.39 8.61 -43.28
C PHE T 928 -43.93 8.10 -41.91
N THR T 929 -43.33 8.99 -41.13
CA THR T 929 -43.00 8.69 -39.75
C THR T 929 -43.42 9.82 -38.81
N ASP T 930 -43.60 9.43 -37.55
CA ASP T 930 -44.11 10.35 -36.54
C ASP T 930 -43.20 11.55 -36.37
N PHE T 931 -41.89 11.33 -36.44
CA PHE T 931 -40.96 12.45 -36.32
C PHE T 931 -41.14 13.43 -37.48
N GLU T 932 -41.32 12.90 -38.70
CA GLU T 932 -41.51 13.78 -39.84
C GLU T 932 -42.75 14.64 -39.67
N GLN T 933 -43.88 14.02 -39.28
CA GLN T 933 -45.08 14.82 -39.08
C GLN T 933 -44.96 15.79 -37.90
N GLY T 934 -44.29 15.37 -36.83
CA GLY T 934 -44.09 16.29 -35.71
C GLY T 934 -43.27 17.50 -36.10
N TYR T 935 -42.19 17.28 -36.85
CA TYR T 935 -41.38 18.39 -37.34
C TYR T 935 -42.18 19.26 -38.31
N LEU T 936 -42.99 18.64 -39.16
CA LEU T 936 -43.87 19.39 -40.04
C LEU T 936 -44.79 20.31 -39.25
N HIS T 937 -45.42 19.77 -38.21
CA HIS T 937 -46.33 20.56 -37.41
C HIS T 937 -45.60 21.71 -36.72
N LYS T 938 -44.41 21.43 -36.18
CA LYS T 938 -43.64 22.48 -35.52
C LYS T 938 -43.25 23.58 -36.50
N PHE T 939 -42.80 23.20 -37.69
CA PHE T 939 -42.39 24.19 -38.69
C PHE T 939 -43.59 25.02 -39.15
N LEU T 940 -44.71 24.36 -39.43
CA LEU T 940 -45.84 25.08 -40.01
C LEU T 940 -46.63 25.86 -38.98
N GLN T 941 -46.50 25.51 -37.69
CA GLN T 941 -47.26 26.20 -36.66
C GLN T 941 -46.87 27.67 -36.54
N THR T 942 -45.58 27.96 -36.65
CA THR T 942 -45.09 29.32 -36.43
C THR T 942 -44.99 30.14 -37.71
N THR T 943 -45.49 29.64 -38.83
CA THR T 943 -45.28 30.27 -40.13
C THR T 943 -46.54 30.93 -40.70
N GLY T 944 -47.35 31.56 -39.87
CA GLY T 944 -48.40 32.42 -40.38
C GLY T 944 -49.75 31.75 -40.51
N VAL T 945 -50.75 32.59 -40.78
CA VAL T 945 -52.14 32.15 -40.81
C VAL T 945 -52.39 31.23 -42.01
N GLN T 946 -51.98 31.66 -43.20
CA GLN T 946 -52.26 30.88 -44.40
C GLN T 946 -51.68 29.48 -44.29
N ASN T 947 -50.48 29.36 -43.73
CA ASN T 947 -49.95 28.05 -43.43
C ASN T 947 -50.78 27.32 -42.38
N GLN T 948 -51.43 28.07 -41.47
CA GLN T 948 -52.32 27.43 -40.51
C GLN T 948 -53.51 26.77 -41.20
N GLU T 949 -54.15 27.46 -42.15
CA GLU T 949 -55.26 26.80 -42.84
C GLU T 949 -54.78 25.68 -43.76
N LEU T 950 -53.60 25.82 -44.36
CA LEU T 950 -53.08 24.73 -45.17
C LEU T 950 -52.82 23.49 -44.32
N LEU T 951 -52.24 23.67 -43.14
CA LEU T 951 -52.00 22.52 -42.26
C LEU T 951 -53.30 22.01 -41.66
N LEU T 952 -54.30 22.88 -41.55
CA LEU T 952 -55.66 22.42 -41.23
C LEU T 952 -56.16 21.45 -42.28
N VAL T 953 -55.99 21.82 -43.56
CA VAL T 953 -56.33 20.92 -44.66
C VAL T 953 -55.57 19.62 -44.53
N HIS T 954 -54.30 19.70 -44.14
CA HIS T 954 -53.50 18.48 -43.99
C HIS T 954 -54.00 17.62 -42.84
N HIS T 955 -54.39 18.24 -41.72
CA HIS T 955 -55.04 17.50 -40.64
C HIS T 955 -56.22 16.72 -41.18
N LEU T 956 -57.09 17.41 -41.92
CA LEU T 956 -58.29 16.75 -42.42
C LEU T 956 -57.95 15.68 -43.43
N GLN T 957 -56.90 15.90 -44.22
CA GLN T 957 -56.48 14.93 -45.21
C GLN T 957 -55.97 13.66 -44.54
N ARG T 958 -55.34 13.81 -43.38
CA ARG T 958 -54.96 12.65 -42.59
C ARG T 958 -56.00 12.34 -41.51
N ALA T 959 -57.21 12.88 -41.64
CA ALA T 959 -58.30 12.64 -40.70
C ALA T 959 -57.89 13.05 -39.28
N ASN T 960 -57.58 14.32 -39.09
CA ASN T 960 -57.18 14.83 -37.78
C ASN T 960 -58.17 15.92 -37.40
N TYR T 961 -59.33 15.52 -36.88
CA TYR T 961 -60.43 16.46 -36.75
C TYR T 961 -60.37 17.18 -35.40
N ILE T 962 -59.95 16.50 -34.34
CA ILE T 962 -59.81 17.18 -33.05
C ILE T 962 -58.75 18.27 -33.15
N SER T 963 -57.59 17.91 -33.69
CA SER T 963 -56.52 18.88 -33.88
C SER T 963 -56.93 19.96 -34.87
N ALA T 964 -57.68 19.58 -35.91
CA ALA T 964 -58.20 20.58 -36.82
C ALA T 964 -59.07 21.59 -36.10
N LEU T 965 -59.92 21.12 -35.18
CA LEU T 965 -60.78 22.02 -34.44
C LEU T 965 -59.99 22.88 -33.46
N GLN T 966 -58.96 22.32 -32.84
CA GLN T 966 -58.11 23.14 -31.97
C GLN T 966 -57.43 24.25 -32.76
N LEU T 967 -56.93 23.92 -33.95
CA LEU T 967 -56.34 24.93 -34.82
C LEU T 967 -57.37 25.95 -35.25
N ASN T 968 -58.61 25.51 -35.50
CA ASN T 968 -59.67 26.44 -35.87
C ASN T 968 -59.98 27.40 -34.73
N GLN T 969 -60.03 26.90 -33.50
CA GLN T 969 -60.24 27.77 -32.35
C GLN T 969 -59.10 28.78 -32.23
N SER T 970 -57.87 28.32 -32.43
CA SER T 970 -56.73 29.23 -32.38
C SER T 970 -56.84 30.32 -33.44
N LEU T 971 -57.20 29.93 -34.66
CA LEU T 971 -57.32 30.90 -35.75
C LEU T 971 -58.44 31.90 -35.49
N LYS T 972 -59.58 31.42 -34.97
CA LYS T 972 -60.69 32.31 -34.67
C LYS T 972 -60.30 33.29 -33.56
N THR T 973 -59.61 32.81 -32.54
CA THR T 973 -59.12 33.70 -31.50
C THR T 973 -58.15 34.73 -32.06
N ASN T 974 -57.28 34.31 -32.97
CA ASN T 974 -56.35 35.21 -33.63
C ASN T 974 -57.06 36.29 -34.44
N HIS T 975 -58.13 35.93 -35.15
CA HIS T 975 -58.75 36.81 -36.12
C HIS T 975 -59.74 37.80 -35.48
N LEU T 976 -59.61 38.05 -34.18
CA LEU T 976 -60.50 38.98 -33.50
C LEU T 976 -60.05 40.43 -33.61
N ASN T 977 -58.85 40.68 -34.12
CA ASN T 977 -58.37 42.04 -34.36
C ASN T 977 -58.01 42.29 -35.82
N ASP T 978 -57.95 41.25 -36.65
CA ASP T 978 -57.74 41.39 -38.08
C ASP T 978 -59.03 41.90 -38.72
N CYS T 979 -58.89 42.71 -39.78
CA CYS T 979 -60.05 43.35 -40.38
C CYS T 979 -60.03 43.29 -41.90
N ASP T 980 -59.21 42.42 -42.48
CA ASP T 980 -59.20 42.21 -43.92
C ASP T 980 -60.53 41.59 -44.33
N ARG T 981 -61.12 42.08 -45.42
CA ARG T 981 -62.46 41.62 -45.80
C ARG T 981 -62.42 40.25 -46.46
N ARG T 982 -61.39 39.98 -47.27
CA ARG T 982 -61.23 38.63 -47.79
C ARG T 982 -61.02 37.63 -46.67
N LEU T 983 -60.22 38.01 -45.68
CA LEU T 983 -60.03 37.16 -44.50
C LEU T 983 -61.33 36.99 -43.73
N ARG T 984 -62.15 38.04 -43.65
CA ARG T 984 -63.45 37.92 -42.99
C ARG T 984 -64.37 36.97 -43.73
N GLU T 985 -64.38 37.04 -45.06
CA GLU T 985 -65.17 36.10 -45.85
C GLU T 985 -64.72 34.67 -45.59
N ARG T 986 -63.41 34.43 -45.71
CA ARG T 986 -62.89 33.08 -45.52
C ARG T 986 -63.13 32.61 -44.10
N SER T 987 -63.06 33.52 -43.11
CA SER T 987 -63.24 33.14 -41.71
C SER T 987 -64.70 32.85 -41.39
N GLY T 988 -65.63 33.60 -41.98
CA GLY T 988 -67.03 33.24 -41.83
C GLY T 988 -67.33 31.89 -42.44
N ALA T 989 -66.78 31.65 -43.63
CA ALA T 989 -66.88 30.32 -44.23
C ALA T 989 -66.33 29.26 -43.29
N ARG T 990 -65.17 29.54 -42.70
CA ARG T 990 -64.51 28.59 -41.80
C ARG T 990 -65.33 28.34 -40.54
N ASN T 991 -65.97 29.39 -40.02
CA ASN T 991 -66.82 29.23 -38.85
C ASN T 991 -68.01 28.34 -39.16
N ALA T 992 -68.64 28.55 -40.32
CA ALA T 992 -69.71 27.64 -40.75
C ALA T 992 -69.16 26.23 -40.89
N ILE T 993 -67.96 26.10 -41.46
CA ILE T 993 -67.31 24.81 -41.65
C ILE T 993 -67.16 24.09 -40.32
N LEU T 994 -66.59 24.77 -39.32
CA LEU T 994 -66.29 24.13 -38.05
C LEU T 994 -67.55 23.84 -37.26
N ASP T 995 -68.54 24.72 -37.32
CA ASP T 995 -69.82 24.42 -36.70
C ASP T 995 -70.48 23.19 -37.33
N GLN T 996 -70.34 23.04 -38.65
CA GLN T 996 -70.84 21.83 -39.32
C GLN T 996 -70.10 20.59 -38.85
N TYR T 997 -68.77 20.67 -38.76
CA TYR T 997 -67.98 19.46 -38.60
C TYR T 997 -67.96 18.99 -37.13
N GLY T 998 -67.74 19.92 -36.20
CA GLY T 998 -67.50 19.52 -34.83
C GLY T 998 -68.67 18.82 -34.17
N LYS T 999 -69.90 19.19 -34.56
CA LYS T 999 -71.07 18.62 -33.92
C LYS T 999 -71.25 17.15 -34.28
N ILE T 1000 -70.72 16.72 -35.43
CA ILE T 1000 -70.90 15.33 -35.85
C ILE T 1000 -69.77 14.45 -35.32
N LEU T 1001 -68.63 15.03 -34.99
CA LEU T 1001 -67.46 14.25 -34.59
C LEU T 1001 -67.74 13.51 -33.28
N PRO T 1002 -66.82 12.62 -32.85
CA PRO T 1002 -66.95 12.01 -31.53
C PRO T 1002 -67.18 13.02 -30.40
N ARG T 1003 -67.63 12.50 -29.26
CA ARG T 1003 -68.45 13.29 -28.34
C ARG T 1003 -67.62 14.22 -27.46
N VAL T 1004 -66.30 14.14 -27.53
CA VAL T 1004 -65.45 14.95 -26.65
C VAL T 1004 -65.69 16.43 -26.91
N GLN T 1005 -65.67 16.82 -28.18
CA GLN T 1005 -65.93 18.22 -28.50
C GLN T 1005 -67.39 18.57 -28.27
N ARG T 1006 -68.28 17.57 -28.25
CA ARG T 1006 -69.66 17.83 -27.88
C ARG T 1006 -69.79 18.18 -26.40
N THR T 1007 -69.03 17.50 -25.54
CA THR T 1007 -68.98 17.88 -24.14
C THR T 1007 -68.34 19.26 -23.98
N LEU T 1008 -67.29 19.52 -24.75
CA LEU T 1008 -66.68 20.85 -24.71
C LEU T 1008 -67.65 21.93 -25.16
N ALA T 1009 -68.54 21.61 -26.11
CA ALA T 1009 -69.57 22.54 -26.53
C ALA T 1009 -70.66 22.71 -25.49
N SER T 1010 -71.06 21.62 -24.82
CA SER T 1010 -71.96 21.71 -23.69
C SER T 1010 -71.37 22.53 -22.55
N GLU T 1011 -70.04 22.58 -22.44
CA GLU T 1011 -69.37 23.45 -21.49
C GLU T 1011 -69.50 24.90 -21.95
N ARG T 1012 -69.61 25.81 -20.97
CA ARG T 1012 -69.79 27.22 -21.28
C ARG T 1012 -68.54 27.80 -21.93
N ALA T 1013 -68.73 28.76 -22.82
CA ALA T 1013 -67.62 29.47 -23.45
C ALA T 1013 -67.77 30.97 -23.26
N MET U 1 -106.41 89.91 -24.18
CA MET U 1 -106.83 91.19 -24.76
C MET U 1 -107.25 92.13 -23.63
N ASP U 2 -108.35 91.78 -22.96
CA ASP U 2 -108.79 92.48 -21.76
C ASP U 2 -109.41 91.48 -20.81
N GLY U 3 -109.46 91.87 -19.53
CA GLY U 3 -109.98 91.00 -18.49
C GLY U 3 -108.88 90.27 -17.76
N GLU U 4 -107.72 90.88 -17.65
CA GLU U 4 -106.58 90.25 -16.99
C GLU U 4 -106.76 90.14 -15.49
N GLY U 5 -107.53 91.04 -14.87
CA GLY U 5 -107.89 90.86 -13.48
C GLY U 5 -108.66 89.59 -13.24
N PHE U 6 -109.56 89.23 -14.17
CA PHE U 6 -110.24 87.94 -14.13
C PHE U 6 -109.34 86.79 -14.51
N GLY U 7 -108.40 87.00 -15.43
CA GLY U 7 -107.43 85.95 -15.74
C GLY U 7 -106.57 85.61 -14.53
N GLU U 8 -106.32 86.59 -13.67
CA GLU U 8 -105.61 86.33 -12.42
C GLU U 8 -106.36 85.33 -11.57
N LEU U 9 -107.67 85.54 -11.36
CA LEU U 9 -108.48 84.58 -10.61
C LEU U 9 -108.55 83.25 -11.35
N LEU U 10 -108.58 83.29 -12.68
CA LEU U 10 -108.60 82.07 -13.47
C LEU U 10 -107.37 81.22 -13.21
N GLN U 11 -106.19 81.84 -13.20
CA GLN U 11 -104.97 81.07 -12.98
C GLN U 11 -104.82 80.68 -11.52
N GLN U 12 -105.33 81.52 -10.61
CA GLN U 12 -105.42 81.10 -9.21
C GLN U 12 -106.23 79.82 -9.07
N ALA U 13 -107.40 79.77 -9.70
CA ALA U 13 -108.23 78.58 -9.67
C ALA U 13 -107.53 77.41 -10.37
N GLU U 14 -106.82 77.70 -11.47
CA GLU U 14 -106.10 76.65 -12.17
C GLU U 14 -105.05 76.01 -11.29
N GLN U 15 -104.31 76.83 -10.53
CA GLN U 15 -103.26 76.27 -9.69
C GLN U 15 -103.83 75.60 -8.45
N LEU U 16 -104.92 76.14 -7.89
CA LEU U 16 -105.57 75.46 -6.78
C LEU U 16 -106.11 74.10 -7.22
N ALA U 17 -106.69 74.04 -8.42
CA ALA U 17 -107.15 72.77 -8.97
C ALA U 17 -105.98 71.85 -9.31
N ALA U 18 -104.85 72.42 -9.75
CA ALA U 18 -103.66 71.62 -9.99
C ALA U 18 -103.19 70.96 -8.71
N GLU U 19 -103.20 71.71 -7.60
CA GLU U 19 -102.99 71.09 -6.30
C GLU U 19 -104.01 70.01 -6.02
N THR U 20 -105.29 70.34 -6.13
CA THR U 20 -106.37 69.41 -5.83
C THR U 20 -106.30 68.13 -6.67
N GLU U 21 -105.69 68.19 -7.85
CA GLU U 21 -105.64 67.05 -8.76
C GLU U 21 -104.33 66.29 -8.72
N GLY U 22 -103.21 66.95 -8.40
CA GLY U 22 -101.95 66.25 -8.32
C GLY U 22 -101.71 65.76 -6.92
N VAL U 23 -102.12 66.56 -5.94
CA VAL U 23 -102.14 66.14 -4.55
C VAL U 23 -103.59 66.21 -4.10
N THR U 24 -103.84 65.97 -2.82
CA THR U 24 -105.15 65.88 -2.18
C THR U 24 -105.94 64.69 -2.72
N GLU U 25 -105.28 63.65 -3.24
CA GLU U 25 -105.89 62.34 -3.40
C GLU U 25 -106.88 62.27 -4.56
N LEU U 26 -106.97 63.33 -5.36
CA LEU U 26 -108.03 63.41 -6.37
C LEU U 26 -107.56 63.26 -7.82
N PRO U 27 -108.23 62.40 -8.61
CA PRO U 27 -107.83 62.12 -10.00
C PRO U 27 -106.38 62.02 -10.44
N HIS U 28 -106.23 61.50 -11.66
CA HIS U 28 -104.97 61.03 -12.24
C HIS U 28 -104.09 60.30 -11.24
N VAL U 29 -104.57 59.13 -10.82
CA VAL U 29 -103.80 58.09 -10.14
C VAL U 29 -103.27 58.61 -8.79
N GLU U 30 -104.17 59.16 -7.98
CA GLU U 30 -103.84 59.42 -6.59
C GLU U 30 -104.44 58.35 -5.67
N ARG U 31 -103.71 58.05 -4.60
CA ARG U 31 -104.11 57.03 -3.64
C ARG U 31 -105.30 57.55 -2.85
N ASN U 32 -106.47 57.05 -3.18
CA ASN U 32 -107.73 57.48 -2.61
C ASN U 32 -107.97 56.78 -1.29
N LEU U 33 -108.14 57.60 -0.26
CA LEU U 33 -108.37 57.10 1.09
C LEU U 33 -109.65 56.28 1.14
N GLN U 34 -110.51 56.43 0.14
CA GLN U 34 -111.71 55.61 0.09
C GLN U 34 -111.37 54.13 0.00
N GLU U 35 -110.29 53.78 -0.67
CA GLU U 35 -109.97 52.36 -0.78
C GLU U 35 -109.37 51.84 0.52
N ILE U 36 -108.73 52.73 1.28
CA ILE U 36 -108.32 52.38 2.64
C ILE U 36 -109.53 52.26 3.55
N GLN U 37 -110.54 53.10 3.35
CA GLN U 37 -111.82 52.92 3.99
C GLN U 37 -112.33 51.51 3.74
N GLN U 38 -112.29 51.09 2.47
CA GLN U 38 -112.63 49.72 2.11
C GLN U 38 -111.81 48.72 2.90
N ALA U 39 -110.50 48.93 2.96
CA ALA U 39 -109.64 47.98 3.66
C ALA U 39 -110.05 47.83 5.12
N GLY U 40 -110.27 48.96 5.80
CA GLY U 40 -110.64 48.90 7.20
C GLY U 40 -112.00 48.25 7.43
N GLU U 41 -112.97 48.58 6.58
CA GLU U 41 -114.29 47.99 6.78
C GLU U 41 -114.31 46.52 6.39
N ARG U 42 -113.43 46.11 5.47
CA ARG U 42 -113.28 44.68 5.20
C ARG U 42 -112.56 43.99 6.34
N LEU U 43 -111.65 44.69 7.02
CA LEU U 43 -111.13 44.16 8.27
C LEU U 43 -112.27 43.89 9.25
N ARG U 44 -113.17 44.84 9.36
CA ARG U 44 -114.32 44.68 10.24
C ARG U 44 -115.18 43.50 9.79
N SER U 45 -115.39 43.36 8.49
CA SER U 45 -116.12 42.22 7.96
C SER U 45 -115.42 40.90 8.30
N LYS U 46 -114.10 40.87 8.19
CA LYS U 46 -113.36 39.71 8.66
C LYS U 46 -113.49 39.52 10.16
N THR U 47 -113.67 40.60 10.90
CA THR U 47 -113.91 40.47 12.33
C THR U 47 -115.23 39.78 12.62
N MET U 48 -116.29 40.09 11.87
CA MET U 48 -117.57 39.43 12.05
C MET U 48 -117.69 38.13 11.26
N THR U 49 -116.68 37.77 10.47
CA THR U 49 -116.64 36.44 9.88
C THR U 49 -116.82 35.39 10.96
N ARG U 50 -116.05 35.51 12.04
CA ARG U 50 -116.46 35.14 13.40
C ARG U 50 -117.43 33.96 13.42
N THR U 51 -116.94 32.84 12.91
CA THR U 51 -117.69 31.59 12.92
C THR U 51 -117.71 30.92 14.27
N SER U 52 -117.25 31.59 15.32
CA SER U 52 -117.11 30.99 16.62
C SER U 52 -118.46 30.83 17.30
N GLN U 53 -118.40 30.43 18.57
CA GLN U 53 -119.53 30.39 19.50
C GLN U 53 -120.40 29.18 19.23
N GLU U 54 -121.09 29.17 18.09
CA GLU U 54 -121.92 28.03 17.73
C GLU U 54 -121.12 26.75 17.53
N SER U 55 -120.06 26.82 16.72
CA SER U 55 -119.24 25.64 16.49
C SER U 55 -118.65 25.11 17.78
N ALA U 56 -118.31 26.00 18.71
CA ALA U 56 -117.85 25.55 20.02
C ALA U 56 -118.97 24.89 20.81
N ASN U 57 -120.13 25.54 20.89
CA ASN U 57 -121.17 25.10 21.79
C ASN U 57 -121.81 23.80 21.35
N VAL U 58 -121.93 23.58 20.03
CA VAL U 58 -122.54 22.34 19.56
C VAL U 58 -121.72 21.13 19.98
N LYS U 59 -120.41 21.17 19.75
CA LYS U 59 -119.58 20.03 20.12
C LYS U 59 -119.36 19.98 21.63
N ALA U 60 -119.46 21.13 22.31
CA ALA U 60 -119.44 21.12 23.76
C ALA U 60 -120.63 20.35 24.31
N SER U 61 -121.82 20.60 23.75
CA SER U 61 -123.00 19.83 24.14
C SER U 61 -122.83 18.36 23.78
N VAL U 62 -122.20 18.07 22.64
CA VAL U 62 -121.93 16.68 22.29
C VAL U 62 -121.11 15.99 23.37
N LEU U 63 -120.01 16.63 23.79
CA LEU U 63 -119.17 16.03 24.82
C LEU U 63 -119.91 15.92 26.15
N LEU U 64 -120.68 16.94 26.50
CA LEU U 64 -121.40 16.91 27.78
C LEU U 64 -122.43 15.78 27.79
N GLY U 65 -123.13 15.59 26.68
CA GLY U 65 -124.04 14.46 26.57
C GLY U 65 -123.31 13.14 26.60
N SER U 66 -122.07 13.11 26.10
CA SER U 66 -121.25 11.92 26.22
C SER U 66 -120.94 11.57 27.68
N ARG U 67 -121.14 12.50 28.61
CA ARG U 67 -120.93 12.26 30.03
C ARG U 67 -122.23 12.21 30.82
N GLY U 68 -123.34 12.64 30.22
CA GLY U 68 -124.63 12.50 30.86
C GLY U 68 -125.35 13.83 31.10
N LEU U 69 -126.48 13.72 31.81
CA LEU U 69 -127.35 14.83 32.19
C LEU U 69 -128.15 15.34 30.99
N ASP U 70 -129.38 15.79 31.25
CA ASP U 70 -130.31 16.10 30.17
C ASP U 70 -129.99 17.47 29.54
N ILE U 71 -130.65 17.75 28.41
CA ILE U 71 -130.28 18.88 27.58
C ILE U 71 -130.60 20.23 28.21
N SER U 72 -131.46 20.27 29.24
CA SER U 72 -131.83 21.55 29.83
C SER U 72 -130.65 22.23 30.50
N HIS U 73 -129.89 21.48 31.30
CA HIS U 73 -128.71 22.02 31.95
C HIS U 73 -127.66 22.47 30.94
N ILE U 74 -127.48 21.72 29.86
CA ILE U 74 -126.53 22.11 28.83
C ILE U 74 -126.99 23.36 28.10
N SER U 75 -128.30 23.49 27.88
CA SER U 75 -128.83 24.72 27.29
C SER U 75 -128.55 25.91 28.19
N GLN U 76 -128.79 25.75 29.49
CA GLN U 76 -128.47 26.83 30.44
C GLN U 76 -126.98 27.16 30.42
N ARG U 77 -126.13 26.13 30.37
CA ARG U 77 -124.69 26.34 30.37
C ARG U 77 -124.24 27.08 29.12
N LEU U 78 -124.77 26.72 27.96
CA LEU U 78 -124.37 27.42 26.74
C LEU U 78 -124.95 28.82 26.71
N GLU U 79 -126.13 29.01 27.30
CA GLU U 79 -126.66 30.35 27.51
C GLU U 79 -125.67 31.21 28.27
N SER U 80 -125.20 30.71 29.42
CA SER U 80 -124.24 31.45 30.23
C SER U 80 -122.90 31.59 29.53
N LEU U 81 -122.50 30.62 28.71
CA LEU U 81 -121.33 30.74 27.87
C LEU U 81 -121.44 31.93 26.92
N SER U 82 -122.59 32.08 26.30
CA SER U 82 -122.90 33.26 25.51
C SER U 82 -123.06 34.51 26.38
N ALA U 83 -123.14 34.34 27.70
CA ALA U 83 -123.35 35.45 28.63
C ALA U 83 -122.01 35.89 29.18
N ALA U 84 -121.71 37.17 29.05
CA ALA U 84 -120.45 37.75 29.51
C ALA U 84 -119.30 36.96 28.86
N THR U 85 -118.19 36.84 29.57
CA THR U 85 -117.04 36.11 29.07
C THR U 85 -117.02 34.69 29.64
N THR U 86 -115.92 33.98 29.36
CA THR U 86 -115.80 32.60 29.80
C THR U 86 -115.29 32.52 31.24
N PHE U 87 -115.52 31.35 31.86
CA PHE U 87 -115.02 31.00 33.19
C PHE U 87 -115.78 31.75 34.28
N GLU U 88 -116.34 31.01 35.23
CA GLU U 88 -117.31 31.56 36.16
C GLU U 88 -116.62 32.34 37.27
N PRO U 89 -117.26 33.40 37.78
CA PRO U 89 -116.71 34.06 38.97
C PRO U 89 -116.68 33.12 40.16
N LEU U 90 -117.65 32.22 40.24
CA LEU U 90 -117.61 31.11 41.17
C LEU U 90 -116.98 29.87 40.54
N GLU U 91 -116.38 30.03 39.35
CA GLU U 91 -115.56 29.06 38.65
C GLU U 91 -116.40 27.90 38.13
N PRO U 92 -116.09 27.36 36.95
CA PRO U 92 -116.72 26.11 36.51
C PRO U 92 -116.08 24.95 37.27
N VAL U 93 -116.89 23.97 37.72
CA VAL U 93 -118.32 23.67 37.44
C VAL U 93 -118.55 23.40 35.96
N LYS U 94 -118.03 22.24 35.53
CA LYS U 94 -118.36 21.62 34.27
C LYS U 94 -118.28 20.11 34.45
N ASP U 95 -118.20 19.40 33.32
CA ASP U 95 -118.11 17.94 33.30
C ASP U 95 -116.73 17.50 32.82
N THR U 96 -116.61 16.19 32.60
CA THR U 96 -115.35 15.55 32.24
C THR U 96 -114.71 16.22 31.02
N ASP U 97 -113.40 16.02 30.86
CA ASP U 97 -112.56 16.67 29.86
C ASP U 97 -112.45 18.16 30.17
N ILE U 98 -112.28 18.48 31.45
CA ILE U 98 -112.02 19.85 31.87
C ILE U 98 -110.76 20.38 31.19
N GLN U 99 -109.83 19.49 30.86
CA GLN U 99 -108.59 19.93 30.22
C GLN U 99 -108.85 20.48 28.81
N GLY U 100 -109.59 19.75 27.98
CA GLY U 100 -109.95 20.28 26.67
C GLY U 100 -110.87 21.47 26.79
N PHE U 101 -111.83 21.39 27.72
CA PHE U 101 -112.61 22.55 28.11
C PHE U 101 -111.73 23.78 28.24
N LEU U 102 -110.71 23.71 29.09
CA LEU U 102 -109.92 24.90 29.42
C LEU U 102 -109.01 25.29 28.27
N LYS U 103 -108.50 24.32 27.51
CA LYS U 103 -107.66 24.69 26.37
C LYS U 103 -108.45 25.52 25.38
N ASN U 104 -109.64 25.04 24.99
CA ASN U 104 -110.43 25.80 24.05
C ASN U 104 -111.00 27.04 24.70
N GLU U 105 -111.23 27.00 26.01
CA GLU U 105 -111.71 28.19 26.71
C GLU U 105 -110.68 29.30 26.66
N LYS U 106 -109.41 28.96 26.88
CA LYS U 106 -108.34 29.94 26.75
C LYS U 106 -108.25 30.46 25.33
N ASP U 107 -108.37 29.57 24.34
CA ASP U 107 -108.33 30.02 22.96
C ASP U 107 -109.44 31.02 22.66
N ASN U 108 -110.67 30.72 23.08
CA ASN U 108 -111.78 31.64 22.83
C ASN U 108 -111.64 32.90 23.66
N ALA U 109 -111.07 32.81 24.85
CA ALA U 109 -110.89 34.01 25.67
C ALA U 109 -109.91 34.98 25.01
N LEU U 110 -108.84 34.44 24.43
CA LEU U 110 -107.90 35.30 23.71
C LEU U 110 -108.51 35.83 22.42
N LEU U 111 -109.31 35.01 21.73
CA LEU U 111 -110.16 35.52 20.67
C LEU U 111 -110.99 36.71 21.13
N SER U 112 -111.68 36.57 22.26
CA SER U 112 -112.57 37.63 22.76
C SER U 112 -111.78 38.87 23.10
N ALA U 113 -110.61 38.71 23.71
CA ALA U 113 -109.79 39.86 24.09
C ALA U 113 -109.37 40.64 22.86
N ILE U 114 -108.86 39.95 21.83
CA ILE U 114 -108.46 40.69 20.64
C ILE U 114 -109.69 41.26 19.93
N GLU U 115 -110.84 40.59 20.05
CA GLU U 115 -112.05 41.15 19.45
C GLU U 115 -112.43 42.46 20.14
N GLU U 116 -112.40 42.50 21.47
CA GLU U 116 -112.70 43.73 22.20
C GLU U 116 -111.74 44.84 21.79
N SER U 117 -110.45 44.52 21.75
CA SER U 117 -109.44 45.53 21.41
C SER U 117 -109.66 46.08 20.01
N ARG U 118 -109.78 45.20 19.02
CA ARG U 118 -109.90 45.67 17.65
C ARG U 118 -111.25 46.33 17.41
N LYS U 119 -112.26 45.98 18.22
CA LYS U 119 -113.55 46.64 18.06
C LYS U 119 -113.50 48.06 18.61
N ARG U 120 -112.83 48.27 19.74
CA ARG U 120 -112.63 49.64 20.19
C ARG U 120 -111.84 50.45 19.16
N THR U 121 -110.77 49.86 18.64
CA THR U 121 -109.98 50.54 17.63
C THR U 121 -110.81 50.82 16.39
N PHE U 122 -111.73 49.90 16.04
CA PHE U 122 -112.65 50.14 14.94
C PHE U 122 -113.60 51.30 15.24
N VAL U 123 -114.00 51.44 16.50
CA VAL U 123 -114.84 52.59 16.86
C VAL U 123 -114.11 53.88 16.53
N MET U 124 -112.89 54.03 17.05
CA MET U 124 -112.14 55.25 16.76
C MET U 124 -111.86 55.38 15.26
N ALA U 125 -111.52 54.27 14.60
CA ALA U 125 -111.15 54.31 13.20
C ALA U 125 -112.34 54.66 12.32
N GLU U 126 -113.55 54.23 12.69
CA GLU U 126 -114.74 54.61 11.93
C GLU U 126 -115.07 56.08 12.13
N GLU U 127 -114.85 56.60 13.34
CA GLU U 127 -115.01 58.03 13.51
C GLU U 127 -114.05 58.79 12.60
N TYR U 128 -112.80 58.33 12.52
CA TYR U 128 -111.85 58.96 11.62
C TYR U 128 -112.23 58.72 10.17
N HIS U 129 -112.81 57.57 9.86
CA HIS U 129 -113.37 57.33 8.53
C HIS U 129 -114.39 58.40 8.18
N ARG U 130 -115.30 58.68 9.11
CA ARG U 130 -116.35 59.68 8.88
C ARG U 130 -115.75 61.05 8.63
N GLU U 131 -114.85 61.49 9.51
CA GLU U 131 -114.25 62.81 9.34
C GLU U 131 -113.44 62.89 8.06
N SER U 132 -112.71 61.82 7.75
CA SER U 132 -111.92 61.77 6.52
C SER U 132 -112.80 61.91 5.31
N MET U 133 -113.95 61.24 5.32
CA MET U 133 -114.84 61.32 4.17
C MET U 133 -115.53 62.67 4.11
N LEU U 134 -115.75 63.31 5.26
CA LEU U 134 -116.19 64.70 5.24
C LEU U 134 -115.21 65.57 4.47
N VAL U 135 -113.93 65.48 4.82
CA VAL U 135 -112.91 66.29 4.14
C VAL U 135 -112.81 65.90 2.68
N GLU U 136 -112.92 64.60 2.39
CA GLU U 136 -112.82 64.12 1.02
C GLU U 136 -113.93 64.67 0.15
N TRP U 137 -115.16 64.70 0.68
CA TRP U 137 -116.25 65.30 -0.08
C TRP U 137 -116.08 66.80 -0.20
N GLU U 138 -115.52 67.44 0.83
CA GLU U 138 -115.19 68.86 0.66
C GLU U 138 -114.29 69.04 -0.56
N GLN U 139 -113.28 68.19 -0.68
CA GLN U 139 -112.38 68.24 -1.82
C GLN U 139 -113.13 67.97 -3.12
N VAL U 140 -114.02 66.97 -3.13
CA VAL U 140 -114.73 66.61 -4.35
C VAL U 140 -115.68 67.72 -4.77
N LYS U 141 -116.32 68.37 -3.80
CA LYS U 141 -117.20 69.49 -4.09
C LYS U 141 -116.43 70.66 -4.67
N GLN U 142 -115.29 71.00 -4.08
CA GLN U 142 -114.47 72.06 -4.68
C GLN U 142 -113.98 71.66 -6.05
N ARG U 143 -113.72 70.36 -6.24
CA ARG U 143 -113.37 69.83 -7.55
C ARG U 143 -114.47 70.11 -8.56
N VAL U 144 -115.71 69.82 -8.18
CA VAL U 144 -116.84 70.06 -9.08
C VAL U 144 -116.98 71.55 -9.38
N LEU U 145 -116.83 72.39 -8.35
CA LEU U 145 -116.92 73.83 -8.56
C LEU U 145 -115.87 74.32 -9.54
N HIS U 146 -114.63 73.87 -9.39
CA HIS U 146 -113.56 74.30 -10.28
C HIS U 146 -113.79 73.78 -11.69
N THR U 147 -114.26 72.54 -11.82
CA THR U 147 -114.57 72.02 -13.15
C THR U 147 -115.63 72.84 -13.84
N LEU U 148 -116.73 73.13 -13.14
CA LEU U 148 -117.79 73.90 -13.77
C LEU U 148 -117.34 75.32 -14.10
N LEU U 149 -116.52 75.93 -13.25
CA LEU U 149 -115.99 77.26 -13.56
C LEU U 149 -115.02 77.24 -14.72
N ALA U 150 -114.30 76.14 -14.93
CA ALA U 150 -113.30 76.03 -16.00
C ALA U 150 -113.80 75.22 -17.19
N SER U 151 -115.11 74.99 -17.26
CA SER U 151 -115.75 74.28 -18.37
C SER U 151 -115.42 72.79 -18.33
N GLY U 152 -114.70 72.35 -17.30
CA GLY U 152 -114.46 70.95 -17.09
C GLY U 152 -115.64 70.28 -16.39
N GLU U 153 -115.58 68.95 -16.34
CA GLU U 153 -116.63 68.18 -15.69
C GLU U 153 -116.03 66.96 -15.01
N ASP U 154 -116.78 66.42 -14.04
CA ASP U 154 -116.41 65.21 -13.33
C ASP U 154 -117.31 64.03 -13.69
N ALA U 155 -118.13 64.19 -14.74
CA ALA U 155 -119.08 63.25 -15.34
C ALA U 155 -120.52 63.74 -15.22
N LEU U 156 -121.33 63.54 -16.27
CA LEU U 156 -122.72 63.98 -16.29
C LEU U 156 -123.50 63.10 -17.24
N ASP U 157 -124.83 63.11 -17.10
CA ASP U 157 -125.68 62.27 -17.93
C ASP U 157 -127.07 62.88 -18.06
N PHE U 158 -127.70 62.63 -19.21
CA PHE U 158 -129.08 63.05 -19.48
C PHE U 158 -129.57 62.46 -20.80
N THR U 159 -130.88 62.20 -20.89
CA THR U 159 -131.52 61.71 -22.11
C THR U 159 -132.93 62.31 -22.18
N GLN U 160 -133.80 61.68 -22.95
CA GLN U 160 -135.20 62.08 -23.02
C GLN U 160 -136.09 60.85 -22.87
N GLU U 161 -137.33 61.10 -22.49
CA GLU U 161 -138.28 60.03 -22.19
C GLU U 161 -138.89 59.47 -23.47
N SER U 162 -139.96 58.69 -23.30
CA SER U 162 -140.69 58.09 -24.41
C SER U 162 -142.14 58.57 -24.43
N GLU U 163 -142.75 58.48 -25.61
CA GLU U 163 -144.15 58.86 -25.81
C GLU U 163 -144.91 57.68 -26.40
N THR U 164 -146.24 57.80 -26.42
CA THR U 164 -147.11 56.70 -26.84
C THR U 164 -146.81 56.27 -28.27
N SER U 165 -146.64 54.96 -28.45
CA SER U 165 -146.55 54.34 -29.76
C SER U 165 -147.68 53.34 -29.89
N TYR U 166 -148.31 53.32 -31.07
CA TYR U 166 -149.52 52.54 -31.27
C TYR U 166 -149.29 51.49 -32.35
N ILE U 167 -149.59 50.24 -32.02
CA ILE U 167 -149.45 49.12 -32.94
C ILE U 167 -150.69 48.26 -32.82
N SER U 168 -150.90 47.39 -33.80
CA SER U 168 -152.08 46.52 -33.84
C SER U 168 -151.71 45.21 -34.51
N GLU U 169 -152.74 44.45 -34.90
CA GLU U 169 -152.61 43.18 -35.60
C GLU U 169 -153.46 43.22 -36.87
N SER U 170 -153.66 42.05 -37.49
CA SER U 170 -154.47 41.93 -38.69
C SER U 170 -155.15 40.57 -38.70
N GLY U 171 -156.22 40.48 -39.49
CA GLY U 171 -156.96 39.25 -39.61
C GLY U 171 -156.69 38.49 -40.90
N ALA U 172 -157.41 37.38 -41.08
CA ALA U 172 -157.32 36.60 -42.30
C ALA U 172 -158.57 35.76 -42.44
N PRO U 173 -159.08 35.57 -43.65
CA PRO U 173 -160.26 34.72 -43.82
C PRO U 173 -159.89 33.29 -44.13
N GLY U 174 -160.83 32.37 -43.96
CA GLY U 174 -160.57 30.96 -44.25
C GLY U 174 -159.46 30.43 -43.38
N ARG U 175 -158.30 30.20 -43.99
CA ARG U 175 -157.09 30.04 -43.20
C ARG U 175 -156.84 31.38 -42.53
N SER U 176 -157.18 31.49 -41.25
CA SER U 176 -157.37 32.80 -40.65
C SER U 176 -156.21 33.19 -39.75
N SER U 177 -156.24 34.43 -39.30
CA SER U 177 -155.20 34.99 -38.45
C SER U 177 -155.47 34.81 -36.97
N LEU U 178 -156.65 34.34 -36.60
CA LEU U 178 -156.99 34.10 -35.21
C LEU U 178 -156.39 32.79 -34.72
N ASP U 179 -156.81 32.38 -33.52
CA ASP U 179 -156.32 31.14 -32.94
C ASP U 179 -157.48 30.23 -32.57
N ASN U 180 -157.16 28.96 -32.32
CA ASN U 180 -158.11 28.06 -31.68
C ASN U 180 -158.66 28.65 -30.40
N VAL U 181 -157.83 29.40 -29.66
CA VAL U 181 -158.28 30.12 -28.48
C VAL U 181 -159.43 31.05 -28.85
N GLU U 182 -159.25 31.80 -29.93
CA GLU U 182 -160.26 32.79 -30.30
C GLU U 182 -161.49 32.11 -30.87
N MET U 183 -161.31 30.94 -31.48
CA MET U 183 -162.43 30.17 -32.02
C MET U 183 -163.31 29.62 -30.90
N ALA U 184 -162.67 29.09 -29.85
CA ALA U 184 -163.43 28.68 -28.68
C ALA U 184 -164.13 29.88 -28.06
N TYR U 185 -163.45 31.02 -28.00
CA TYR U 185 -164.11 32.23 -27.54
C TYR U 185 -165.29 32.60 -28.43
N ALA U 186 -165.16 32.35 -29.72
CA ALA U 186 -166.20 32.70 -30.66
C ALA U 186 -167.47 31.92 -30.37
N ARG U 187 -167.32 30.63 -30.10
CA ARG U 187 -168.49 29.87 -29.66
C ARG U 187 -169.18 30.53 -28.48
N GLN U 188 -168.40 30.91 -27.45
CA GLN U 188 -168.97 31.44 -26.23
C GLN U 188 -169.71 32.75 -26.48
N MET U 189 -169.04 33.72 -27.12
CA MET U 189 -169.73 34.99 -27.34
C MET U 189 -170.87 34.84 -28.33
N TYR U 190 -170.80 33.90 -29.26
CA TYR U 190 -171.90 33.70 -30.19
C TYR U 190 -173.15 33.21 -29.45
N MET U 191 -173.00 32.14 -28.66
CA MET U 191 -174.14 31.66 -27.88
C MET U 191 -174.60 32.71 -26.89
N TYR U 192 -173.68 33.48 -26.32
CA TYR U 192 -174.03 34.54 -25.39
C TYR U 192 -174.87 35.61 -26.07
N ASN U 193 -174.42 36.08 -27.23
CA ASN U 193 -175.11 37.14 -27.93
C ASN U 193 -176.46 36.66 -28.45
N GLU U 194 -176.60 35.35 -28.65
CA GLU U 194 -177.92 34.81 -28.97
C GLU U 194 -178.94 35.18 -27.90
N LYS U 195 -178.61 34.91 -26.63
CA LYS U 195 -179.53 35.28 -25.56
C LYS U 195 -179.58 36.78 -25.36
N VAL U 196 -178.48 37.48 -25.62
CA VAL U 196 -178.48 38.94 -25.50
C VAL U 196 -179.52 39.54 -26.43
N VAL U 197 -179.53 39.12 -27.69
CA VAL U 197 -180.49 39.66 -28.65
C VAL U 197 -181.88 39.11 -28.37
N SER U 198 -181.98 37.87 -27.91
CA SER U 198 -183.29 37.32 -27.57
C SER U 198 -183.89 37.96 -26.32
N GLY U 199 -183.11 38.74 -25.59
CA GLY U 199 -183.62 39.39 -24.40
C GLY U 199 -183.69 38.49 -23.20
N HIS U 200 -183.28 37.23 -23.36
CA HIS U 200 -183.23 36.28 -22.26
C HIS U 200 -182.05 36.63 -21.35
N LEU U 201 -182.07 36.06 -20.16
CA LEU U 201 -180.99 36.26 -19.21
C LEU U 201 -180.04 35.07 -19.23
N GLN U 202 -178.76 35.38 -19.22
CA GLN U 202 -177.71 34.38 -19.44
C GLN U 202 -176.65 34.55 -18.37
N PRO U 203 -175.86 33.51 -18.10
CA PRO U 203 -174.85 33.61 -17.05
C PRO U 203 -173.76 34.62 -17.39
N SER U 204 -172.96 34.95 -16.40
CA SER U 204 -171.91 35.94 -16.56
C SER U 204 -170.93 35.53 -17.66
N LEU U 205 -170.56 36.48 -18.51
CA LEU U 205 -169.52 36.21 -19.48
C LEU U 205 -168.24 35.79 -18.81
N VAL U 206 -168.03 36.22 -17.55
CA VAL U 206 -166.86 35.80 -16.79
C VAL U 206 -166.80 34.28 -16.72
N ASP U 207 -167.88 33.66 -16.22
CA ASP U 207 -167.87 32.20 -16.19
C ASP U 207 -167.82 31.65 -17.61
N LEU U 208 -168.73 32.11 -18.48
CA LEU U 208 -168.77 31.60 -19.86
C LEU U 208 -167.37 31.41 -20.42
N CYS U 209 -166.55 32.47 -20.38
CA CYS U 209 -165.20 32.33 -20.90
C CYS U 209 -164.29 31.59 -19.92
N THR U 210 -164.69 31.44 -18.65
CA THR U 210 -163.89 30.62 -17.76
C THR U 210 -163.92 29.15 -18.18
N GLU U 211 -165.13 28.58 -18.28
CA GLU U 211 -165.21 27.21 -18.80
C GLU U 211 -164.75 27.15 -20.25
N ALA U 212 -164.84 28.26 -20.98
CA ALA U 212 -164.13 28.31 -22.26
C ALA U 212 -162.64 28.07 -22.06
N ALA U 213 -162.09 28.61 -20.96
CA ALA U 213 -160.65 28.57 -20.77
C ALA U 213 -160.16 27.17 -20.41
N GLU U 214 -160.74 26.55 -19.38
CA GLU U 214 -160.00 25.41 -18.78
C GLU U 214 -159.69 24.32 -19.79
N ARG U 215 -160.49 24.16 -20.83
CA ARG U 215 -160.30 23.05 -21.77
C ARG U 215 -158.97 23.11 -22.51
N LEU U 216 -158.34 24.28 -22.61
CA LEU U 216 -157.02 24.41 -23.22
C LEU U 216 -155.91 24.02 -22.26
N ASP U 217 -156.23 23.75 -20.99
CA ASP U 217 -155.26 23.49 -19.94
C ASP U 217 -154.46 24.75 -19.62
N ASP U 218 -155.09 25.90 -19.81
CA ASP U 218 -154.54 27.20 -19.44
C ASP U 218 -154.97 27.49 -18.00
N LYS U 219 -154.41 26.72 -17.08
CA LYS U 219 -154.90 26.73 -15.71
C LYS U 219 -154.67 28.08 -15.04
N ASN U 220 -153.57 28.75 -15.38
CA ASN U 220 -153.31 30.07 -14.82
C ASN U 220 -154.37 31.08 -15.26
N VAL U 221 -154.76 31.04 -16.53
CA VAL U 221 -155.83 31.93 -16.99
C VAL U 221 -157.15 31.55 -16.34
N SER U 222 -157.41 30.25 -16.20
CA SER U 222 -158.61 29.81 -15.50
C SER U 222 -158.63 30.38 -14.08
N ASP U 223 -157.47 30.37 -13.43
CA ASP U 223 -157.33 31.00 -12.12
C ASP U 223 -157.55 32.51 -12.19
N LEU U 224 -157.07 33.13 -13.25
CA LEU U 224 -157.27 34.57 -13.39
C LEU U 224 -158.76 34.87 -13.45
N TRP U 225 -159.50 34.07 -14.22
CA TRP U 225 -160.95 34.12 -14.20
C TRP U 225 -161.50 33.80 -12.83
N VAL U 226 -160.83 32.95 -12.07
CA VAL U 226 -161.28 32.68 -10.72
C VAL U 226 -161.26 33.97 -9.89
N MET U 227 -160.16 34.71 -9.96
CA MET U 227 -160.11 35.99 -9.26
C MET U 227 -161.17 36.95 -9.78
N VAL U 228 -161.27 37.07 -11.11
CA VAL U 228 -162.19 38.02 -11.71
C VAL U 228 -163.62 37.69 -11.27
N LYS U 229 -163.99 36.42 -11.42
CA LYS U 229 -165.34 35.98 -11.10
C LYS U 229 -165.61 36.12 -9.61
N GLN U 230 -164.61 35.86 -8.78
CA GLN U 230 -164.77 36.04 -7.34
C GLN U 230 -165.07 37.49 -7.02
N MET U 231 -164.37 38.42 -7.68
CA MET U 231 -164.58 39.82 -7.37
C MET U 231 -165.92 40.31 -7.93
N THR U 232 -166.37 39.71 -9.02
CA THR U 232 -167.74 39.94 -9.46
C THR U 232 -168.76 39.40 -8.48
N ASP U 233 -168.54 38.19 -7.97
CA ASP U 233 -169.45 37.54 -7.04
C ASP U 233 -169.58 38.30 -5.74
N VAL U 234 -168.49 38.80 -5.18
CA VAL U 234 -168.65 39.83 -4.15
C VAL U 234 -169.23 41.02 -4.91
N PRO U 235 -170.45 41.42 -4.61
CA PRO U 235 -171.15 42.30 -5.54
C PRO U 235 -170.72 43.76 -5.56
N LEU U 236 -170.90 44.37 -6.72
CA LEU U 236 -170.35 45.69 -6.99
C LEU U 236 -171.47 46.52 -7.61
N ILE U 237 -171.96 47.50 -6.86
CA ILE U 237 -173.13 48.27 -7.29
C ILE U 237 -172.71 49.17 -8.46
N PRO U 238 -173.37 49.07 -9.61
CA PRO U 238 -173.01 49.95 -10.74
C PRO U 238 -173.40 51.40 -10.45
N ALA U 239 -172.67 52.30 -11.11
CA ALA U 239 -172.95 53.72 -10.96
C ALA U 239 -172.86 54.44 -12.30
N SER U 240 -172.83 53.67 -13.39
CA SER U 240 -172.74 54.24 -14.73
C SER U 240 -171.50 55.10 -14.87
N ASP U 241 -170.33 54.44 -14.86
CA ASP U 241 -168.96 54.96 -14.91
C ASP U 241 -168.30 54.85 -13.54
N THR U 242 -167.04 54.41 -13.53
CA THR U 242 -166.33 54.21 -12.27
C THR U 242 -166.10 55.53 -11.54
N LEU U 243 -166.16 56.65 -12.27
CA LEU U 243 -166.01 57.94 -11.64
C LEU U 243 -167.13 58.19 -10.63
N LYS U 244 -168.35 57.83 -10.99
CA LYS U 244 -169.47 58.00 -10.08
C LYS U 244 -169.31 57.12 -8.85
N SER U 245 -168.87 55.87 -9.05
CA SER U 245 -168.67 54.96 -7.94
C SER U 245 -167.60 55.48 -6.98
N ARG U 246 -166.49 55.97 -7.54
CA ARG U 246 -165.41 56.47 -6.69
C ARG U 246 -165.80 57.78 -6.01
N CYS U 247 -166.61 58.60 -6.66
CA CYS U 247 -167.09 59.84 -6.07
C CYS U 247 -168.13 59.61 -4.97
N SER U 248 -168.85 58.50 -5.04
CA SER U 248 -169.84 58.14 -4.02
C SER U 248 -169.12 57.53 -2.82
N GLY U 249 -169.23 58.19 -1.67
CA GLY U 249 -168.50 57.75 -0.49
C GLY U 249 -169.04 56.46 0.11
N GLN U 250 -170.33 56.20 -0.09
CA GLN U 250 -170.88 54.92 0.37
C GLN U 250 -170.37 53.77 -0.47
N MET U 251 -170.25 54.00 -1.78
CA MET U 251 -169.82 52.94 -2.69
C MET U 251 -168.39 52.51 -2.39
N GLN U 252 -167.51 53.46 -2.07
CA GLN U 252 -166.14 53.08 -1.76
C GLN U 252 -166.06 52.26 -0.47
N MET U 253 -166.91 52.59 0.51
CA MET U 253 -166.97 51.80 1.72
C MET U 253 -167.44 50.38 1.42
N ALA U 254 -168.52 50.25 0.64
CA ALA U 254 -169.00 48.93 0.27
C ALA U 254 -167.94 48.17 -0.54
N PHE U 255 -167.24 48.86 -1.42
CA PHE U 255 -166.18 48.24 -2.21
C PHE U 255 -165.07 47.75 -1.31
N VAL U 256 -164.75 48.51 -0.27
CA VAL U 256 -163.78 48.05 0.73
C VAL U 256 -164.28 46.78 1.40
N ARG U 257 -165.57 46.73 1.71
CA ARG U 257 -166.14 45.54 2.31
C ARG U 257 -165.99 44.33 1.39
N GLN U 258 -166.34 44.49 0.11
CA GLN U 258 -166.17 43.39 -0.83
C GLN U 258 -164.70 43.02 -0.99
N ALA U 259 -163.82 44.02 -0.97
CA ALA U 259 -162.39 43.75 -1.14
C ALA U 259 -161.86 42.93 0.03
N LEU U 260 -162.27 43.26 1.26
CA LEU U 260 -161.78 42.53 2.42
C LEU U 260 -162.35 41.13 2.45
N ASN U 261 -163.65 40.99 2.15
CA ASN U 261 -164.23 39.65 2.02
C ASN U 261 -163.50 38.86 0.95
N TYR U 262 -163.19 39.52 -0.16
CA TYR U 262 -162.52 38.90 -1.29
C TYR U 262 -161.14 38.39 -0.91
N LEU U 263 -160.38 39.21 -0.20
CA LEU U 263 -159.03 38.80 0.13
C LEU U 263 -159.03 37.73 1.22
N GLU U 264 -159.97 37.82 2.17
CA GLU U 264 -160.14 36.75 3.14
C GLU U 264 -160.43 35.42 2.45
N GLN U 265 -161.41 35.42 1.55
CA GLN U 265 -161.76 34.18 0.87
C GLN U 265 -160.62 33.70 -0.01
N SER U 266 -159.87 34.63 -0.61
CA SER U 266 -158.77 34.25 -1.48
C SER U 266 -157.65 33.58 -0.67
N TYR U 267 -157.33 34.15 0.49
CA TYR U 267 -156.35 33.51 1.35
C TYR U 267 -156.85 32.15 1.81
N LYS U 268 -158.13 32.05 2.13
CA LYS U 268 -158.67 30.76 2.53
C LYS U 268 -158.54 29.76 1.38
N ASN U 269 -158.78 30.21 0.15
CA ASN U 269 -158.63 29.32 -1.00
C ASN U 269 -157.20 28.85 -1.16
N TYR U 270 -156.24 29.76 -1.02
CA TYR U 270 -154.84 29.35 -1.14
C TYR U 270 -154.44 28.43 0.01
N THR U 271 -154.99 28.68 1.19
CA THR U 271 -154.79 27.76 2.30
C THR U 271 -155.32 26.38 1.94
N LEU U 272 -156.50 26.33 1.31
CA LEU U 272 -157.08 25.07 0.87
C LEU U 272 -156.21 24.40 -0.17
N ILE U 273 -155.68 25.18 -1.10
CA ILE U 273 -154.81 24.63 -2.14
C ILE U 273 -153.56 24.03 -1.52
N SER U 274 -152.95 24.76 -0.58
CA SER U 274 -151.76 24.26 0.09
C SER U 274 -152.07 23.00 0.88
N VAL U 275 -153.19 23.00 1.59
CA VAL U 275 -153.54 21.86 2.42
C VAL U 275 -153.82 20.64 1.54
N PHE U 276 -154.55 20.81 0.45
CA PHE U 276 -154.82 19.69 -0.43
C PHE U 276 -153.57 19.22 -1.16
N ALA U 277 -152.69 20.14 -1.55
CA ALA U 277 -151.43 19.76 -2.15
C ALA U 277 -150.56 18.97 -1.17
N ASN U 278 -150.67 19.26 0.13
CA ASN U 278 -149.96 18.48 1.14
C ASN U 278 -150.91 17.54 1.85
N LEU U 279 -152.04 17.21 1.22
CA LEU U 279 -153.11 16.45 1.88
C LEU U 279 -152.57 15.28 2.69
N GLN U 280 -151.54 14.60 2.17
CA GLN U 280 -150.92 13.53 2.94
C GLN U 280 -150.29 14.09 4.22
N GLN U 281 -149.60 15.23 4.11
CA GLN U 281 -148.96 15.84 5.27
C GLN U 281 -149.99 16.39 6.24
N ALA U 282 -151.07 16.95 5.71
CA ALA U 282 -152.13 17.55 6.52
C ALA U 282 -153.02 16.48 7.14
N GLN U 283 -152.90 15.24 6.68
CA GLN U 283 -153.56 14.09 7.28
C GLN U 283 -155.08 14.17 7.21
N LEU U 284 -155.63 14.41 6.01
CA LEU U 284 -157.07 14.37 5.82
C LEU U 284 -157.36 13.67 4.50
N GLY U 285 -158.58 13.17 4.38
CA GLY U 285 -159.03 12.57 3.15
C GLY U 285 -159.98 13.50 2.42
N GLY U 286 -159.77 14.80 2.60
CA GLY U 286 -160.72 15.79 2.15
C GLY U 286 -161.72 16.06 3.26
N VAL U 287 -161.40 15.58 4.45
CA VAL U 287 -162.27 15.71 5.62
C VAL U 287 -162.43 17.19 5.96
N PRO U 288 -163.66 17.67 6.08
CA PRO U 288 -163.87 19.08 6.39
C PRO U 288 -163.70 19.39 7.88
N GLY U 289 -164.05 20.61 8.27
CA GLY U 289 -163.92 21.03 9.66
C GLY U 289 -162.93 22.15 9.83
N THR U 290 -163.40 23.33 10.19
CA THR U 290 -162.51 24.48 10.30
C THR U 290 -161.38 24.19 11.29
N TYR U 291 -161.69 23.49 12.38
CA TYR U 291 -160.71 23.32 13.45
C TYR U 291 -159.58 22.39 13.02
N ASN U 292 -159.92 21.22 12.46
CA ASN U 292 -158.86 20.32 12.03
C ASN U 292 -158.11 20.89 10.84
N LEU U 293 -158.80 21.65 9.98
CA LEU U 293 -158.09 22.36 8.92
C LEU U 293 -157.05 23.32 9.52
N VAL U 294 -157.44 24.07 10.55
CA VAL U 294 -156.52 25.00 11.17
C VAL U 294 -155.34 24.26 11.78
N ARG U 295 -155.62 23.17 12.50
CA ARG U 295 -154.55 22.44 13.16
C ARG U 295 -153.59 21.82 12.16
N SER U 296 -154.14 21.23 11.09
CA SER U 296 -153.28 20.65 10.06
C SER U 296 -152.46 21.73 9.37
N PHE U 297 -153.06 22.89 9.12
CA PHE U 297 -152.35 23.96 8.42
C PHE U 297 -151.23 24.53 9.28
N LEU U 298 -151.46 24.59 10.61
CA LEU U 298 -150.35 24.90 11.51
C LEU U 298 -149.28 23.82 11.47
N ASN U 299 -149.69 22.55 11.45
CA ASN U 299 -148.71 21.45 11.36
C ASN U 299 -147.80 21.63 10.16
N ILE U 300 -148.32 22.16 9.06
CA ILE U 300 -147.51 22.35 7.85
C ILE U 300 -146.71 23.64 7.92
N ARG U 301 -147.39 24.79 8.03
CA ARG U 301 -146.71 26.07 7.89
C ARG U 301 -145.94 26.44 9.15
N LEU U 302 -146.59 26.37 10.31
CA LEU U 302 -145.88 26.80 11.51
C LEU U 302 -146.00 25.75 12.62
N PRO U 303 -145.38 24.58 12.47
CA PRO U 303 -145.30 23.68 13.63
C PRO U 303 -144.39 24.23 14.72
N THR U 304 -143.21 24.76 14.33
CA THR U 304 -142.25 25.33 15.27
C THR U 304 -142.03 26.81 14.99
N PRO U 305 -142.09 27.66 15.99
CA PRO U 305 -141.78 29.08 15.78
C PRO U 305 -140.30 29.37 15.93
N ILE U 306 -139.92 30.58 15.52
CA ILE U 306 -138.54 31.03 15.68
C ILE U 306 -138.29 31.33 17.16
N PRO U 307 -137.09 31.15 17.68
CA PRO U 307 -136.78 31.66 19.01
C PRO U 307 -136.99 33.16 19.10
N GLY U 308 -137.53 33.61 20.23
CA GLY U 308 -137.81 35.01 20.43
C GLY U 308 -139.27 35.40 20.39
N LEU U 309 -140.18 34.50 20.72
CA LEU U 309 -141.60 34.80 20.63
C LEU U 309 -142.15 35.22 21.98
N GLN U 310 -143.27 35.95 21.96
CA GLN U 310 -143.99 36.37 23.15
C GLN U 310 -145.21 35.47 23.33
N ASP U 311 -145.43 35.02 24.56
CA ASP U 311 -146.51 34.09 24.94
C ASP U 311 -146.17 32.68 24.48
N GLY U 312 -146.52 31.68 25.29
CA GLY U 312 -146.22 30.31 24.97
C GLY U 312 -147.08 29.75 23.85
N GLU U 313 -146.97 28.45 23.61
CA GLU U 313 -147.71 27.79 22.55
C GLU U 313 -148.71 26.81 23.14
N ILE U 314 -149.89 26.75 22.53
CA ILE U 314 -150.90 25.77 22.87
C ILE U 314 -150.53 24.48 22.16
N GLU U 315 -150.14 23.46 22.94
CA GLU U 315 -149.80 22.11 22.49
C GLU U 315 -148.73 22.11 21.41
N GLY U 316 -148.11 23.27 21.18
CA GLY U 316 -147.07 23.37 20.17
C GLY U 316 -147.44 24.27 19.01
N TYR U 317 -148.62 24.89 19.07
CA TYR U 317 -148.98 25.87 18.06
C TYR U 317 -148.76 27.28 18.60
N PRO U 318 -148.10 28.14 17.83
CA PRO U 318 -147.97 29.54 18.25
C PRO U 318 -149.35 30.19 18.32
N VAL U 319 -149.65 30.76 19.48
CA VAL U 319 -150.99 31.29 19.74
C VAL U 319 -151.28 32.47 18.81
N TRP U 320 -150.34 33.40 18.69
CA TRP U 320 -150.55 34.55 17.81
C TRP U 320 -150.64 34.13 16.36
N ALA U 321 -149.88 33.09 15.98
CA ALA U 321 -150.01 32.55 14.62
C ALA U 321 -151.40 31.99 14.39
N LEU U 322 -151.93 31.24 15.35
CA LEU U 322 -153.29 30.72 15.24
C LEU U 322 -154.28 31.86 15.05
N ILE U 323 -154.15 32.91 15.87
CA ILE U 323 -155.08 34.03 15.81
C ILE U 323 -155.00 34.71 14.44
N TYR U 324 -153.78 34.97 13.98
CA TYR U 324 -153.61 35.65 12.70
C TYR U 324 -154.16 34.82 11.55
N TYR U 325 -153.89 33.51 11.54
CA TYR U 325 -154.44 32.68 10.48
C TYR U 325 -155.96 32.64 10.56
N CYS U 326 -156.50 32.71 11.78
CA CYS U 326 -157.96 32.78 11.93
C CYS U 326 -158.52 34.03 11.26
N MET U 327 -157.90 35.19 11.50
CA MET U 327 -158.38 36.37 10.77
C MET U 327 -158.18 36.24 9.26
N ARG U 328 -157.03 35.72 8.84
CA ARG U 328 -156.69 35.72 7.41
C ARG U 328 -157.61 34.80 6.61
N CYS U 329 -157.99 33.65 7.18
CA CYS U 329 -159.00 32.81 6.55
C CYS U 329 -160.42 33.30 6.81
N GLY U 330 -160.63 34.13 7.84
CA GLY U 330 -161.94 34.68 8.10
C GLY U 330 -162.88 33.79 8.88
N ASP U 331 -162.40 32.66 9.41
CA ASP U 331 -163.24 31.73 10.16
C ASP U 331 -163.42 32.29 11.57
N LEU U 332 -164.49 33.07 11.74
CA LEU U 332 -164.75 33.70 13.03
C LEU U 332 -165.00 32.69 14.12
N MET U 333 -165.67 31.58 13.81
CA MET U 333 -165.90 30.53 14.80
C MET U 333 -164.59 29.91 15.26
N ALA U 334 -163.67 29.66 14.33
CA ALA U 334 -162.37 29.12 14.73
C ALA U 334 -161.57 30.14 15.53
N ALA U 335 -161.69 31.42 15.17
CA ALA U 335 -161.04 32.46 15.96
C ALA U 335 -161.57 32.48 17.39
N GLN U 336 -162.89 32.36 17.55
CA GLN U 336 -163.48 32.30 18.87
C GLN U 336 -163.00 31.06 19.63
N GLN U 337 -162.91 29.92 18.95
CA GLN U 337 -162.40 28.73 19.61
C GLN U 337 -160.97 28.93 20.11
N VAL U 338 -160.11 29.51 19.26
CA VAL U 338 -158.73 29.74 19.64
C VAL U 338 -158.64 30.70 20.83
N VAL U 339 -159.41 31.79 20.78
CA VAL U 339 -159.32 32.79 21.85
C VAL U 339 -159.88 32.22 23.16
N ASN U 340 -160.92 31.38 23.06
CA ASN U 340 -161.44 30.73 24.25
C ASN U 340 -160.44 29.76 24.85
N ARG U 341 -159.66 29.07 24.00
CA ARG U 341 -158.65 28.17 24.53
C ARG U 341 -157.47 28.93 25.12
N ALA U 342 -157.15 30.11 24.57
CA ALA U 342 -156.01 30.89 25.01
C ALA U 342 -156.40 32.04 25.94
N GLN U 343 -157.60 31.99 26.52
CA GLN U 343 -158.04 33.06 27.41
C GLN U 343 -157.08 33.31 28.57
N HIS U 344 -156.40 32.26 29.04
CA HIS U 344 -155.51 32.40 30.18
C HIS U 344 -154.27 33.23 29.84
N GLN U 345 -153.73 33.06 28.64
CA GLN U 345 -152.56 33.82 28.21
C GLN U 345 -152.88 35.29 27.96
N LEU U 346 -154.15 35.62 27.81
CA LEU U 346 -154.54 36.98 27.43
C LEU U 346 -155.27 37.73 28.53
N GLY U 347 -155.98 37.02 29.43
CA GLY U 347 -156.69 37.71 30.49
C GLY U 347 -157.88 38.49 29.96
N ASP U 348 -158.05 39.71 30.45
CA ASP U 348 -159.14 40.57 29.99
C ASP U 348 -158.98 40.96 28.53
N PHE U 349 -157.77 40.88 27.99
CA PHE U 349 -157.59 41.14 26.57
C PHE U 349 -158.30 40.10 25.73
N LYS U 350 -158.49 38.89 26.27
CA LYS U 350 -159.33 37.90 25.62
C LYS U 350 -160.75 38.41 25.44
N ASN U 351 -161.33 38.95 26.51
CA ASN U 351 -162.67 39.50 26.44
C ASN U 351 -162.72 40.69 25.48
N CYS U 352 -161.68 41.53 25.51
CA CYS U 352 -161.62 42.66 24.59
C CYS U 352 -161.60 42.18 23.14
N PHE U 353 -160.81 41.15 22.84
CA PHE U 353 -160.76 40.64 21.47
C PHE U 353 -162.06 39.98 21.06
N GLN U 354 -162.71 39.27 21.99
CA GLN U 354 -163.99 38.66 21.67
C GLN U 354 -165.06 39.73 21.39
N GLU U 355 -165.04 40.81 22.18
CA GLU U 355 -165.94 41.93 21.91
C GLU U 355 -165.63 42.56 20.56
N TYR U 356 -164.35 42.70 20.23
CA TYR U 356 -163.98 43.23 18.92
C TYR U 356 -164.48 42.33 17.80
N ILE U 357 -164.38 41.02 17.99
CA ILE U 357 -164.88 40.06 17.01
C ILE U 357 -166.38 40.25 16.80
N HIS U 358 -167.12 40.34 17.89
CA HIS U 358 -168.56 40.58 17.79
C HIS U 358 -168.86 41.94 17.17
N ASN U 359 -167.99 42.91 17.36
CA ASN U 359 -168.14 44.21 16.73
C ASN U 359 -167.75 44.12 15.26
N LYS U 360 -168.75 44.08 14.39
CA LYS U 360 -168.52 44.08 12.96
C LYS U 360 -168.06 45.45 12.46
N ASP U 361 -168.10 46.47 13.31
CA ASP U 361 -167.39 47.70 13.03
C ASP U 361 -165.90 47.46 12.94
N ARG U 362 -165.43 46.33 13.47
CA ARG U 362 -164.02 45.96 13.51
C ARG U 362 -163.21 46.98 14.28
N ARG U 363 -163.79 47.53 15.34
CA ARG U 363 -163.13 48.46 16.24
C ARG U 363 -164.03 48.67 17.45
N LEU U 364 -163.41 49.00 18.57
CA LEU U 364 -164.15 49.22 19.81
C LEU U 364 -164.65 50.66 19.89
N SER U 365 -165.14 51.03 21.07
CA SER U 365 -165.64 52.37 21.32
C SER U 365 -164.50 53.38 21.20
N PRO U 366 -164.79 54.59 20.73
CA PRO U 366 -163.72 55.60 20.58
C PRO U 366 -162.99 55.94 21.87
N THR U 367 -163.70 55.99 23.00
CA THR U 367 -163.04 56.29 24.26
C THR U 367 -162.07 55.18 24.66
N THR U 368 -162.49 53.93 24.53
CA THR U 368 -161.61 52.80 24.80
C THR U 368 -160.43 52.81 23.84
N GLU U 369 -160.67 53.13 22.57
CA GLU U 369 -159.59 53.21 21.60
C GLU U 369 -158.58 54.29 21.99
N ASN U 370 -159.07 55.44 22.43
CA ASN U 370 -158.19 56.52 22.86
C ASN U 370 -157.35 56.10 24.06
N LYS U 371 -157.98 55.49 25.07
CA LYS U 371 -157.24 55.08 26.24
C LYS U 371 -156.20 54.03 25.90
N LEU U 372 -156.56 53.04 25.07
CA LEU U 372 -155.63 51.98 24.74
C LEU U 372 -154.50 52.48 23.85
N ARG U 373 -154.78 53.41 22.94
CA ARG U 373 -153.71 53.97 22.13
C ARG U 373 -152.80 54.84 22.97
N LEU U 374 -153.35 55.52 23.98
CA LEU U 374 -152.52 56.24 24.94
C LEU U 374 -151.59 55.27 25.66
N HIS U 375 -152.11 54.13 26.07
CA HIS U 375 -151.28 53.13 26.72
C HIS U 375 -150.20 52.60 25.78
N TYR U 376 -150.58 52.32 24.53
CA TYR U 376 -149.64 51.70 23.59
C TYR U 376 -148.54 52.66 23.19
N ARG U 377 -148.89 53.93 22.94
CA ARG U 377 -147.90 54.90 22.48
C ARG U 377 -146.82 55.12 23.54
N ARG U 378 -147.18 54.99 24.80
CA ARG U 378 -146.27 55.34 25.88
C ARG U 378 -145.54 54.12 26.45
N ALA U 379 -146.22 52.98 26.57
CA ALA U 379 -145.61 51.86 27.29
C ALA U 379 -145.42 50.61 26.43
N VAL U 380 -146.48 50.12 25.79
CA VAL U 380 -146.39 48.81 25.14
C VAL U 380 -145.49 48.87 23.91
N ARG U 381 -145.73 49.82 23.00
CA ARG U 381 -144.98 50.02 21.77
C ARG U 381 -144.35 48.76 21.18
N ALA U 382 -143.04 48.78 21.00
CA ALA U 382 -142.34 47.68 20.37
C ALA U 382 -142.20 46.49 21.31
N SER U 383 -142.02 45.31 20.70
CA SER U 383 -141.79 44.07 21.44
C SER U 383 -141.10 43.09 20.49
N THR U 384 -141.05 41.82 20.91
CA THR U 384 -140.48 40.77 20.07
C THR U 384 -141.57 39.87 19.52
N ASP U 385 -142.78 40.40 19.39
CA ASP U 385 -143.89 39.69 18.79
C ASP U 385 -144.46 40.56 17.68
N PRO U 386 -144.16 40.27 16.41
CA PRO U 386 -144.72 41.08 15.32
C PRO U 386 -146.24 41.05 15.33
N TYR U 387 -146.81 39.89 15.69
CA TYR U 387 -148.26 39.78 15.75
C TYR U 387 -148.83 40.64 16.84
N LYS U 388 -148.23 40.63 18.04
CA LYS U 388 -148.72 41.48 19.12
C LYS U 388 -148.60 42.95 18.75
N ARG U 389 -147.46 43.34 18.16
CA ARG U 389 -147.25 44.72 17.77
C ARG U 389 -148.30 45.16 16.74
N ALA U 390 -148.52 44.33 15.72
CA ALA U 390 -149.50 44.65 14.69
C ALA U 390 -150.91 44.73 15.28
N VAL U 391 -151.22 43.82 16.22
CA VAL U 391 -152.54 43.82 16.84
C VAL U 391 -152.76 45.12 17.61
N TYR U 392 -151.78 45.52 18.42
CA TYR U 392 -151.91 46.78 19.14
C TYR U 392 -152.02 47.96 18.18
N CYS U 393 -151.19 47.96 17.13
CA CYS U 393 -151.20 49.06 16.17
C CYS U 393 -152.55 49.17 15.48
N ILE U 394 -153.15 48.05 15.10
CA ILE U 394 -154.42 48.11 14.37
C ILE U 394 -155.57 48.45 15.31
N ILE U 395 -155.55 47.92 16.54
CA ILE U 395 -156.62 48.26 17.48
C ILE U 395 -156.58 49.74 17.83
N GLY U 396 -155.38 50.30 18.00
CA GLY U 396 -155.28 51.73 18.14
C GLY U 396 -155.40 52.50 16.84
N ARG U 397 -155.45 51.78 15.72
CA ARG U 397 -155.40 52.38 14.39
C ARG U 397 -154.27 53.41 14.30
N CYS U 398 -153.07 52.96 14.67
CA CYS U 398 -151.89 53.81 14.68
C CYS U 398 -150.70 53.02 14.17
N ASP U 399 -149.70 53.74 13.65
CA ASP U 399 -148.39 53.19 13.30
C ASP U 399 -148.45 52.30 12.06
N VAL U 400 -147.60 52.58 11.08
CA VAL U 400 -147.49 51.79 9.86
C VAL U 400 -146.12 51.12 9.76
N SER U 401 -145.46 50.87 10.89
CA SER U 401 -144.10 50.36 10.88
C SER U 401 -144.04 48.90 10.45
N ASP U 402 -144.94 48.06 10.97
CA ASP U 402 -144.87 46.64 10.71
C ASP U 402 -145.05 46.34 9.23
N ASN U 403 -143.99 45.82 8.62
CA ASN U 403 -144.04 45.44 7.20
C ASN U 403 -143.64 43.98 7.03
N HIS U 404 -142.63 43.53 7.78
CA HIS U 404 -142.12 42.17 7.71
C HIS U 404 -141.61 41.83 6.32
N SER U 405 -141.59 40.55 5.96
CA SER U 405 -141.00 40.09 4.72
C SER U 405 -141.99 39.20 3.97
N GLU U 406 -142.56 39.72 2.90
CA GLU U 406 -143.61 39.00 2.17
C GLU U 406 -143.55 39.17 0.65
N VAL U 407 -142.35 39.25 0.08
CA VAL U 407 -142.24 39.58 -1.34
C VAL U 407 -142.55 38.36 -2.21
N ALA U 408 -143.14 38.66 -3.38
CA ALA U 408 -143.15 37.82 -4.57
C ALA U 408 -144.09 36.62 -4.55
N ASP U 409 -144.61 36.25 -3.39
CA ASP U 409 -145.71 35.27 -3.42
C ASP U 409 -146.72 35.52 -2.30
N LYS U 410 -146.48 36.56 -1.50
CA LYS U 410 -147.27 36.83 -0.31
C LYS U 410 -147.45 38.33 -0.12
N THR U 411 -147.16 39.08 -1.18
CA THR U 411 -147.50 40.49 -1.21
C THR U 411 -148.99 40.70 -1.07
N GLU U 412 -149.78 39.66 -1.36
CA GLU U 412 -151.21 39.74 -1.04
C GLU U 412 -151.44 39.85 0.46
N ASP U 413 -150.68 39.12 1.26
CA ASP U 413 -150.76 39.29 2.71
C ASP U 413 -150.22 40.65 3.11
N TYR U 414 -149.20 41.14 2.40
CA TYR U 414 -148.79 42.54 2.56
C TYR U 414 -149.98 43.47 2.38
N LEU U 415 -150.74 43.25 1.31
CA LEU U 415 -151.87 44.12 0.99
C LEU U 415 -152.94 44.01 2.06
N TRP U 416 -153.18 42.80 2.56
CA TRP U 416 -154.14 42.63 3.63
C TRP U 416 -153.72 43.41 4.86
N LEU U 417 -152.43 43.32 5.21
CA LEU U 417 -151.89 44.13 6.29
C LEU U 417 -152.18 45.60 6.07
N LYS U 418 -151.89 46.10 4.87
CA LYS U 418 -152.09 47.51 4.59
C LYS U 418 -153.55 47.91 4.73
N LEU U 419 -154.45 47.17 4.07
CA LEU U 419 -155.85 47.53 4.09
C LEU U 419 -156.44 47.45 5.48
N SER U 420 -156.02 46.46 6.27
CA SER U 420 -156.56 46.31 7.62
C SER U 420 -156.23 47.51 8.49
N GLN U 421 -155.03 48.08 8.35
CA GLN U 421 -154.68 49.29 9.05
C GLN U 421 -155.31 50.54 8.43
N VAL U 422 -155.58 50.52 7.13
CA VAL U 422 -156.22 51.68 6.48
C VAL U 422 -157.54 51.96 7.17
N CYS U 423 -157.77 53.23 7.50
CA CYS U 423 -158.98 53.66 8.18
C CYS U 423 -159.98 54.22 7.19
N PHE U 424 -161.20 54.41 7.67
CA PHE U 424 -162.34 54.79 6.84
C PHE U 424 -162.37 56.26 6.48
N GLU U 425 -161.53 57.08 7.12
CA GLU U 425 -161.47 58.51 6.85
C GLU U 425 -160.07 58.90 6.44
N ASP U 426 -159.97 59.80 5.48
CA ASP U 426 -158.68 60.34 5.06
C ASP U 426 -158.28 61.57 5.85
N GLU U 427 -159.15 62.07 6.71
CA GLU U 427 -158.89 63.29 7.47
C GLU U 427 -157.99 62.97 8.67
N ALA U 428 -156.90 63.72 8.80
CA ALA U 428 -155.91 63.45 9.82
C ALA U 428 -156.48 63.67 11.22
N ASN U 429 -156.70 62.59 11.95
CA ASN U 429 -157.09 62.63 13.35
C ASN U 429 -155.81 62.61 14.20
N SER U 430 -155.87 62.36 15.51
CA SER U 430 -154.68 62.35 16.35
C SER U 430 -153.75 61.19 16.01
N SER U 431 -154.07 60.43 14.97
CA SER U 431 -153.19 59.41 14.42
C SER U 431 -153.13 59.59 12.91
N PRO U 432 -152.46 60.65 12.42
CA PRO U 432 -152.51 60.95 10.98
C PRO U 432 -151.85 59.89 10.12
N GLN U 433 -151.02 59.01 10.69
CA GLN U 433 -150.34 58.00 9.89
C GLN U 433 -151.30 56.99 9.29
N ASP U 434 -152.55 56.95 9.76
CA ASP U 434 -153.58 56.08 9.19
C ASP U 434 -154.74 56.87 8.61
N ARG U 435 -154.56 58.16 8.32
CA ARG U 435 -155.60 59.02 7.78
C ARG U 435 -155.03 59.74 6.57
N LEU U 436 -155.21 59.15 5.39
CA LEU U 436 -154.47 59.58 4.21
C LEU U 436 -155.36 59.51 2.98
N THR U 437 -155.05 60.38 2.01
CA THR U 437 -155.70 60.34 0.71
C THR U 437 -155.40 59.00 0.05
N LEU U 438 -156.38 58.11 0.10
CA LEU U 438 -156.21 56.77 -0.47
C LEU U 438 -155.86 56.76 -1.95
N PRO U 439 -156.45 57.58 -2.82
CA PRO U 439 -156.02 57.53 -4.24
C PRO U 439 -154.57 57.90 -4.43
N GLN U 440 -154.08 58.94 -3.75
CA GLN U 440 -152.67 59.28 -3.84
C GLN U 440 -151.80 58.16 -3.31
N PHE U 441 -152.21 57.59 -2.18
CA PHE U 441 -151.54 56.41 -1.63
C PHE U 441 -151.45 55.31 -2.67
N GLN U 442 -152.57 55.01 -3.33
CA GLN U 442 -152.60 53.97 -4.34
C GLN U 442 -151.66 54.27 -5.48
N LYS U 443 -151.72 55.49 -6.01
CA LYS U 443 -150.93 55.83 -7.19
C LYS U 443 -149.44 55.78 -6.87
N GLN U 444 -149.04 56.20 -5.66
CA GLN U 444 -147.63 56.13 -5.33
C GLN U 444 -147.20 54.70 -5.09
N LEU U 445 -148.12 53.86 -4.61
CA LEU U 445 -147.83 52.43 -4.55
C LEU U 445 -147.61 51.85 -5.94
N PHE U 446 -148.39 52.30 -6.91
CA PHE U 446 -148.31 51.72 -8.24
C PHE U 446 -147.10 52.21 -9.01
N GLU U 447 -147.06 53.50 -9.31
CA GLU U 447 -145.99 54.07 -10.12
C GLU U 447 -144.79 54.47 -9.28
N ASP U 448 -145.01 55.23 -8.21
CA ASP U 448 -143.90 55.74 -7.42
C ASP U 448 -143.19 54.62 -6.68
N TYR U 449 -143.95 53.69 -6.08
CA TYR U 449 -143.32 52.48 -5.59
C TYR U 449 -142.91 51.56 -6.72
N GLY U 450 -143.32 51.86 -7.95
CA GLY U 450 -142.83 51.14 -9.09
C GLY U 450 -143.35 49.71 -9.12
N GLU U 451 -142.61 48.85 -9.79
CA GLU U 451 -143.02 47.48 -9.98
C GLU U 451 -141.93 46.46 -9.70
N SER U 452 -140.75 46.87 -9.26
CA SER U 452 -139.65 45.91 -9.13
C SER U 452 -139.36 45.58 -7.68
N HIS U 453 -139.83 46.41 -6.74
CA HIS U 453 -139.56 46.13 -5.33
C HIS U 453 -140.13 44.77 -4.93
N PHE U 454 -141.40 44.53 -5.22
CA PHE U 454 -142.00 43.23 -5.06
C PHE U 454 -141.89 42.40 -6.34
N ALA U 455 -141.09 42.87 -7.31
CA ALA U 455 -140.75 42.12 -8.53
C ALA U 455 -141.98 41.90 -9.42
N VAL U 456 -142.89 42.85 -9.45
CA VAL U 456 -144.06 42.77 -10.33
C VAL U 456 -143.81 43.52 -11.63
N ASN U 457 -142.58 44.02 -11.82
CA ASN U 457 -142.16 44.60 -13.08
C ASN U 457 -142.05 43.56 -14.19
N GLN U 458 -142.13 42.27 -13.85
CA GLN U 458 -142.17 41.23 -14.86
C GLN U 458 -143.19 40.14 -14.58
N GLN U 459 -143.99 40.25 -13.51
CA GLN U 459 -145.06 39.28 -13.25
C GLN U 459 -146.38 39.89 -13.66
N PRO U 460 -147.12 39.27 -14.57
CA PRO U 460 -148.37 39.89 -15.05
C PRO U 460 -149.47 39.93 -13.99
N TYR U 461 -149.81 38.79 -13.39
CA TYR U 461 -151.00 38.72 -12.55
C TYR U 461 -150.89 39.63 -11.33
N LEU U 462 -149.71 39.67 -10.70
CA LEU U 462 -149.62 40.30 -9.39
C LEU U 462 -149.97 41.79 -9.46
N TYR U 463 -149.17 42.56 -10.20
CA TYR U 463 -149.38 44.00 -10.28
C TYR U 463 -150.73 44.32 -10.88
N PHE U 464 -151.13 43.59 -11.92
CA PHE U 464 -152.44 43.77 -12.50
C PHE U 464 -153.55 43.61 -11.48
N GLN U 465 -153.54 42.51 -10.75
CA GLN U 465 -154.59 42.26 -9.76
C GLN U 465 -154.57 43.33 -8.70
N VAL U 466 -153.38 43.84 -8.36
CA VAL U 466 -153.29 44.96 -7.44
C VAL U 466 -154.07 46.14 -7.98
N LEU U 467 -153.82 46.49 -9.25
CA LEU U 467 -154.51 47.63 -9.85
C LEU U 467 -156.01 47.40 -9.88
N PHE U 468 -156.43 46.19 -10.20
CA PHE U 468 -157.86 45.88 -10.25
C PHE U 468 -158.51 46.03 -8.89
N LEU U 469 -157.94 45.37 -7.87
CA LEU U 469 -158.53 45.45 -6.55
C LEU U 469 -158.50 46.88 -6.02
N THR U 470 -157.55 47.69 -6.48
CA THR U 470 -157.56 49.11 -6.19
C THR U 470 -158.40 49.90 -7.19
N ALA U 471 -159.16 49.21 -8.02
CA ALA U 471 -160.22 49.76 -8.88
C ALA U 471 -159.69 50.53 -10.09
N GLN U 472 -158.43 50.38 -10.45
CA GLN U 472 -157.89 51.05 -11.64
C GLN U 472 -158.09 50.17 -12.87
N PHE U 473 -159.37 49.94 -13.17
CA PHE U 473 -159.73 49.07 -14.28
C PHE U 473 -159.21 49.60 -15.61
N GLU U 474 -159.26 50.92 -15.79
CA GLU U 474 -158.88 51.53 -17.07
C GLU U 474 -157.42 51.26 -17.39
N ALA U 475 -156.51 51.76 -16.54
CA ALA U 475 -155.09 51.56 -16.78
C ALA U 475 -154.73 50.09 -16.71
N ALA U 476 -155.45 49.31 -15.92
CA ALA U 476 -155.21 47.87 -15.86
C ALA U 476 -155.49 47.21 -17.21
N ILE U 477 -156.57 47.61 -17.86
CA ILE U 477 -156.90 47.05 -19.16
C ILE U 477 -155.89 47.53 -20.20
N ALA U 478 -155.52 48.81 -20.15
CA ALA U 478 -154.47 49.29 -21.04
C ALA U 478 -153.18 48.53 -20.80
N PHE U 479 -152.95 48.11 -19.56
CA PHE U 479 -151.82 47.26 -19.23
C PHE U 479 -151.91 45.92 -19.92
N LEU U 480 -153.05 45.25 -19.80
CA LEU U 480 -153.24 43.97 -20.47
C LEU U 480 -153.05 44.11 -21.97
N PHE U 481 -153.44 45.25 -22.52
CA PHE U 481 -153.29 45.48 -23.94
C PHE U 481 -151.83 45.39 -24.37
N ARG U 482 -150.90 45.61 -23.45
CA ARG U 482 -149.50 45.72 -23.83
C ARG U 482 -148.87 44.35 -24.05
N LEU U 483 -149.52 43.27 -23.62
CA LEU U 483 -149.03 41.92 -23.89
C LEU U 483 -149.89 41.34 -25.00
N GLU U 484 -149.23 40.75 -26.01
CA GLU U 484 -149.92 40.38 -27.24
C GLU U 484 -151.02 39.37 -26.98
N ARG U 485 -150.74 38.34 -26.19
CA ARG U 485 -151.68 37.24 -26.03
C ARG U 485 -152.85 37.60 -25.13
N THR U 486 -152.83 38.77 -24.49
CA THR U 486 -153.81 39.13 -23.48
C THR U 486 -154.91 40.04 -23.98
N ARG U 487 -154.87 40.46 -25.24
CA ARG U 487 -155.84 41.44 -25.71
C ARG U 487 -157.26 40.87 -25.72
N CYS U 488 -157.44 39.66 -26.24
CA CYS U 488 -158.78 39.08 -26.25
C CYS U 488 -159.31 38.92 -24.84
N HIS U 489 -158.42 38.55 -23.92
CA HIS U 489 -158.80 38.33 -22.54
C HIS U 489 -159.28 39.63 -21.92
N ALA U 490 -158.49 40.69 -22.10
CA ALA U 490 -158.90 42.02 -21.64
C ALA U 490 -160.20 42.45 -22.30
N VAL U 491 -160.42 42.01 -23.55
CA VAL U 491 -161.66 42.32 -24.22
C VAL U 491 -162.84 41.70 -23.50
N HIS U 492 -162.72 40.42 -23.15
CA HIS U 492 -163.81 39.78 -22.43
C HIS U 492 -164.03 40.45 -21.08
N VAL U 493 -162.94 40.79 -20.39
CA VAL U 493 -163.05 41.42 -19.07
C VAL U 493 -163.73 42.77 -19.17
N ALA U 494 -163.31 43.60 -20.13
CA ALA U 494 -163.88 44.93 -20.27
C ALA U 494 -165.32 44.85 -20.73
N LEU U 495 -165.66 43.85 -21.53
CA LEU U 495 -167.05 43.64 -21.88
C LEU U 495 -167.88 43.31 -20.66
N ALA U 496 -167.32 42.49 -19.76
CA ALA U 496 -168.01 42.22 -18.50
C ALA U 496 -168.18 43.48 -17.68
N LEU U 497 -167.15 44.33 -17.64
CA LEU U 497 -167.26 45.61 -16.94
C LEU U 497 -168.37 46.47 -17.55
N PHE U 498 -168.44 46.51 -18.87
CA PHE U 498 -169.49 47.27 -19.55
C PHE U 498 -170.85 46.71 -19.21
N GLU U 499 -170.98 45.38 -19.13
CA GLU U 499 -172.19 44.76 -18.62
C GLU U 499 -172.52 45.26 -17.23
N LEU U 500 -171.50 45.35 -16.38
CA LEU U 500 -171.68 45.91 -15.05
C LEU U 500 -171.82 47.44 -15.08
N LYS U 501 -171.85 48.03 -16.27
CA LYS U 501 -172.08 49.46 -16.44
C LYS U 501 -170.93 50.28 -15.85
N LEU U 502 -169.73 49.95 -16.29
CA LEU U 502 -168.53 50.64 -15.86
C LEU U 502 -167.81 51.21 -17.08
N LEU U 503 -166.57 51.65 -16.83
CA LEU U 503 -165.56 52.03 -17.82
C LEU U 503 -165.57 53.54 -18.05
N LEU U 504 -164.40 54.10 -18.36
CA LEU U 504 -164.25 55.52 -18.63
C LEU U 504 -164.20 55.79 -20.13
N LYS U 505 -164.49 57.02 -20.50
CA LYS U 505 -164.57 57.42 -21.90
C LYS U 505 -163.77 58.69 -22.14
N SER U 506 -163.17 58.77 -23.31
CA SER U 506 -162.46 59.97 -23.75
C SER U 506 -163.19 60.59 -24.93
N THR U 507 -163.32 61.91 -24.89
CA THR U 507 -163.98 62.63 -25.96
C THR U 507 -163.14 62.60 -27.23
N GLY U 508 -163.81 62.42 -28.35
CA GLY U 508 -163.17 62.42 -29.66
C GLY U 508 -163.33 61.08 -30.36
N GLN U 509 -163.04 61.12 -31.67
CA GLN U 509 -163.15 59.94 -32.51
C GLN U 509 -161.80 59.61 -33.14
N SER U 510 -161.00 60.63 -33.43
CA SER U 510 -159.64 60.44 -33.91
C SER U 510 -158.62 60.59 -32.79
N ALA U 511 -159.06 60.84 -31.57
CA ALA U 511 -158.17 60.93 -30.43
C ALA U 511 -157.58 59.56 -30.12
N GLN U 512 -156.53 59.56 -29.31
CA GLN U 512 -155.81 58.33 -28.98
C GLN U 512 -156.50 57.58 -27.85
N LEU U 513 -155.96 56.42 -27.52
CA LEU U 513 -156.61 55.52 -26.57
C LEU U 513 -156.73 56.15 -25.19
N LEU U 514 -155.61 56.62 -24.65
CA LEU U 514 -155.55 57.08 -23.26
C LEU U 514 -155.49 58.59 -23.24
N SER U 515 -156.34 59.21 -22.42
CA SER U 515 -156.38 60.65 -22.29
C SER U 515 -156.58 61.01 -20.83
N GLN U 516 -156.25 62.26 -20.49
CA GLN U 516 -156.51 62.80 -19.17
C GLN U 516 -157.34 64.06 -19.32
N GLU U 517 -158.42 64.16 -18.56
CA GLU U 517 -159.36 65.25 -18.71
C GLU U 517 -159.69 65.87 -17.36
N PRO U 518 -159.61 67.20 -17.25
CA PRO U 518 -159.93 67.85 -15.98
C PRO U 518 -161.41 67.71 -15.61
N GLY U 519 -161.66 67.72 -14.31
CA GLY U 519 -162.99 67.47 -13.78
C GLY U 519 -163.03 66.14 -13.08
N GLU U 520 -162.43 65.13 -13.71
CA GLU U 520 -162.03 63.86 -13.12
C GLU U 520 -160.71 64.06 -12.38
N PRO U 521 -160.54 63.48 -11.19
CA PRO U 521 -159.29 63.70 -10.45
C PRO U 521 -158.08 63.33 -11.30
N GLN U 522 -157.07 64.19 -11.22
CA GLN U 522 -155.92 64.08 -12.11
C GLN U 522 -155.15 62.78 -11.83
N GLY U 523 -154.54 62.25 -12.89
CA GLY U 523 -153.76 61.02 -12.80
C GLY U 523 -154.48 59.78 -13.27
N VAL U 524 -155.81 59.81 -13.35
CA VAL U 524 -156.59 58.69 -13.85
C VAL U 524 -156.80 58.92 -15.34
N ARG U 525 -156.03 58.21 -16.16
CA ARG U 525 -156.18 58.35 -17.59
C ARG U 525 -157.58 57.91 -18.01
N ARG U 526 -158.21 58.73 -18.84
CA ARG U 526 -159.51 58.41 -19.41
C ARG U 526 -159.29 57.70 -20.73
N LEU U 527 -159.57 56.41 -20.74
CA LEU U 527 -159.39 55.58 -21.92
C LEU U 527 -160.51 55.86 -22.91
N ASN U 528 -160.13 56.15 -24.14
CA ASN U 528 -161.11 56.27 -25.22
C ASN U 528 -161.63 54.88 -25.52
N PHE U 529 -162.81 54.56 -24.99
CA PHE U 529 -163.38 53.24 -25.18
C PHE U 529 -163.55 52.91 -26.65
N ILE U 530 -164.06 53.86 -27.43
CA ILE U 530 -164.28 53.62 -28.84
C ILE U 530 -162.96 53.45 -29.58
N ARG U 531 -161.93 54.20 -29.18
CA ARG U 531 -160.61 54.00 -29.74
C ARG U 531 -160.12 52.59 -29.45
N LEU U 532 -160.32 52.13 -28.22
CA LEU U 532 -160.00 50.75 -27.87
C LEU U 532 -160.70 49.79 -28.80
N LEU U 533 -161.99 49.97 -28.99
CA LEU U 533 -162.76 49.06 -29.82
C LEU U 533 -162.23 49.03 -31.25
N MET U 534 -162.03 50.20 -31.84
CA MET U 534 -161.61 50.28 -33.24
C MET U 534 -160.20 49.75 -33.43
N LEU U 535 -159.31 50.05 -32.48
CA LEU U 535 -157.98 49.47 -32.54
C LEU U 535 -158.04 47.96 -32.45
N TYR U 536 -158.90 47.42 -31.59
CA TYR U 536 -158.96 45.98 -31.45
C TYR U 536 -159.57 45.34 -32.70
N THR U 537 -160.50 46.03 -33.33
CA THR U 537 -160.98 45.57 -34.63
C THR U 537 -159.86 45.55 -35.65
N ARG U 538 -158.99 46.56 -35.61
CA ARG U 538 -157.82 46.57 -36.48
C ARG U 538 -157.00 45.32 -36.29
N LYS U 539 -156.97 44.76 -35.08
CA LYS U 539 -156.20 43.54 -34.83
C LYS U 539 -156.60 42.42 -35.78
N PHE U 540 -157.85 42.39 -36.22
CA PHE U 540 -158.27 41.31 -37.11
C PHE U 540 -159.28 41.78 -38.14
N GLU U 541 -159.03 42.94 -38.75
CA GLU U 541 -159.90 43.39 -39.83
C GLU U 541 -160.03 42.38 -40.96
N PRO U 542 -158.95 41.83 -41.53
CA PRO U 542 -159.14 40.89 -42.65
C PRO U 542 -159.62 39.50 -42.26
N THR U 543 -160.01 39.25 -41.01
CA THR U 543 -160.54 37.95 -40.66
C THR U 543 -161.88 37.72 -41.35
N ASP U 544 -162.31 36.45 -41.39
CA ASP U 544 -163.61 36.01 -41.87
C ASP U 544 -164.74 36.92 -41.37
N PRO U 545 -165.83 37.05 -42.12
CA PRO U 545 -166.78 38.16 -41.87
C PRO U 545 -167.48 38.12 -40.53
N ARG U 546 -168.28 37.08 -40.26
CA ARG U 546 -169.17 37.08 -39.10
C ARG U 546 -168.44 37.33 -37.80
N GLU U 547 -167.21 36.84 -37.69
CA GLU U 547 -166.36 37.15 -36.55
C GLU U 547 -166.37 38.64 -36.26
N ALA U 548 -165.95 39.46 -37.22
CA ALA U 548 -166.03 40.90 -37.04
C ALA U 548 -167.46 41.35 -36.75
N LEU U 549 -168.45 40.59 -37.24
CA LEU U 549 -169.82 41.02 -37.02
C LEU U 549 -170.20 41.02 -35.56
N GLN U 550 -169.81 40.00 -34.78
CA GLN U 550 -170.17 40.09 -33.36
C GLN U 550 -169.47 41.25 -32.69
N TYR U 551 -168.26 41.58 -33.16
CA TYR U 551 -167.59 42.75 -32.62
C TYR U 551 -168.43 43.99 -32.87
N PHE U 552 -168.91 44.14 -34.10
CA PHE U 552 -169.79 45.24 -34.44
C PHE U 552 -171.06 45.19 -33.61
N TYR U 553 -171.56 44.00 -33.35
CA TYR U 553 -172.81 43.83 -32.62
C TYR U 553 -172.76 44.52 -31.27
N PHE U 554 -171.61 44.51 -30.61
CA PHE U 554 -171.45 45.24 -29.37
C PHE U 554 -171.60 46.74 -29.56
N LEU U 555 -171.37 47.23 -30.77
CA LEU U 555 -171.41 48.66 -31.07
C LEU U 555 -172.82 49.14 -31.40
N ARG U 556 -173.81 48.25 -31.31
CA ARG U 556 -175.20 48.66 -31.55
C ARG U 556 -175.63 49.73 -30.56
N ASN U 557 -175.22 49.59 -29.29
CA ASN U 557 -175.61 50.56 -28.27
C ASN U 557 -174.96 51.91 -28.49
N GLU U 558 -173.93 51.96 -29.33
CA GLU U 558 -173.13 53.15 -29.47
C GLU U 558 -173.39 53.82 -30.80
N LYS U 559 -173.34 55.15 -30.81
CA LYS U 559 -173.73 55.95 -31.96
C LYS U 559 -173.25 57.37 -31.75
N ASP U 560 -173.66 58.27 -32.65
CA ASP U 560 -173.33 59.67 -32.55
C ASP U 560 -174.59 60.52 -32.50
N ASN U 561 -174.61 61.45 -31.55
CA ASN U 561 -175.65 62.48 -31.49
C ASN U 561 -175.40 63.60 -32.48
N GLN U 562 -174.20 63.65 -33.05
CA GLN U 562 -173.88 64.60 -34.10
C GLN U 562 -174.13 64.04 -35.49
N GLY U 563 -174.64 62.83 -35.59
CA GLY U 563 -174.96 62.24 -36.88
C GLY U 563 -174.63 60.77 -36.99
N GLU U 564 -175.60 59.99 -37.45
CA GLU U 564 -175.43 58.56 -37.72
C GLU U 564 -174.91 57.79 -36.52
N SER U 565 -174.42 56.58 -36.76
CA SER U 565 -173.91 55.72 -35.71
C SER U 565 -172.54 55.19 -36.10
N MET U 566 -171.66 55.11 -35.08
CA MET U 566 -170.39 54.41 -35.27
C MET U 566 -170.62 53.01 -35.81
N PHE U 567 -171.66 52.34 -35.32
CA PHE U 567 -172.04 51.02 -35.81
C PHE U 567 -172.22 51.06 -37.33
N LEU U 568 -173.04 52.00 -37.81
CA LEU U 568 -173.30 52.08 -39.24
C LEU U 568 -172.02 52.38 -40.02
N ARG U 569 -171.23 53.35 -39.55
CA ARG U 569 -170.04 53.73 -40.28
C ARG U 569 -169.06 52.57 -40.37
N CYS U 570 -168.84 51.88 -39.25
CA CYS U 570 -167.87 50.80 -39.24
C CYS U 570 -168.34 49.65 -40.11
N VAL U 571 -169.62 49.27 -40.01
CA VAL U 571 -170.07 48.16 -40.84
C VAL U 571 -169.94 48.52 -42.30
N SER U 572 -170.22 49.78 -42.66
CA SER U 572 -170.05 50.20 -44.04
C SER U 572 -168.59 50.08 -44.48
N GLU U 573 -167.68 50.67 -43.72
CA GLU U 573 -166.28 50.69 -44.12
C GLU U 573 -165.72 49.28 -44.22
N LEU U 574 -166.05 48.45 -43.24
CA LEU U 574 -165.47 47.11 -43.21
C LEU U 574 -166.07 46.23 -44.29
N VAL U 575 -167.36 46.39 -44.59
CA VAL U 575 -167.91 45.61 -45.69
C VAL U 575 -167.32 46.09 -47.01
N ILE U 576 -166.96 47.37 -47.08
CA ILE U 576 -166.21 47.85 -48.23
C ILE U 576 -164.89 47.11 -48.35
N GLU U 577 -164.17 46.99 -47.24
CA GLU U 577 -162.94 46.22 -47.26
C GLU U 577 -163.21 44.76 -47.61
N SER U 578 -164.39 44.27 -47.24
CA SER U 578 -164.71 42.87 -47.40
C SER U 578 -164.97 42.50 -48.85
N ARG U 579 -165.92 43.17 -49.47
CA ARG U 579 -166.40 42.80 -50.81
C ARG U 579 -166.92 41.37 -50.79
N GLU U 580 -167.58 41.02 -49.69
CA GLU U 580 -168.18 39.69 -49.48
C GLU U 580 -169.51 39.88 -48.76
N PHE U 581 -170.56 39.23 -49.26
CA PHE U 581 -171.90 39.67 -48.92
C PHE U 581 -172.85 38.49 -48.69
N ASP U 582 -172.61 37.38 -49.39
CA ASP U 582 -173.57 36.28 -49.41
C ASP U 582 -173.80 35.71 -48.02
N MET U 583 -172.87 35.93 -47.11
CA MET U 583 -173.07 35.50 -45.74
C MET U 583 -173.61 36.64 -44.90
N LEU U 584 -173.23 37.86 -45.24
CA LEU U 584 -173.54 38.99 -44.36
C LEU U 584 -174.99 39.41 -44.52
N LEU U 585 -175.34 39.87 -45.71
CA LEU U 585 -176.71 40.19 -46.05
C LEU U 585 -177.43 39.02 -46.68
N GLY U 586 -176.72 37.94 -46.96
CA GLY U 586 -177.26 36.86 -47.75
C GLY U 586 -177.03 37.09 -49.23
N LYS U 587 -177.67 36.26 -50.04
CA LYS U 587 -177.49 36.33 -51.47
C LYS U 587 -178.73 35.81 -52.19
N LEU U 588 -178.91 36.31 -53.41
CA LEU U 588 -179.95 35.79 -54.28
C LEU U 588 -179.47 34.46 -54.86
N GLU U 589 -180.38 33.49 -54.93
CA GLU U 589 -180.03 32.22 -55.55
C GLU U 589 -179.52 32.46 -56.97
N LYS U 590 -180.38 32.99 -57.85
CA LYS U 590 -179.88 33.64 -59.05
C LYS U 590 -180.28 35.10 -59.06
N ASP U 591 -181.58 35.37 -59.03
CA ASP U 591 -182.09 36.72 -58.88
C ASP U 591 -183.36 36.72 -58.02
N GLY U 592 -183.68 35.55 -57.46
CA GLY U 592 -184.95 35.38 -56.78
C GLY U 592 -184.98 35.98 -55.40
N SER U 593 -185.49 35.23 -54.42
CA SER U 593 -185.51 35.70 -53.04
C SER U 593 -184.09 35.80 -52.50
N ARG U 594 -183.87 36.74 -51.59
CA ARG U 594 -182.58 36.90 -50.93
C ARG U 594 -182.46 35.83 -49.85
N LYS U 595 -181.50 34.94 -50.02
CA LYS U 595 -181.18 34.01 -48.95
C LYS U 595 -180.68 34.80 -47.76
N PRO U 596 -180.95 34.37 -46.53
CA PRO U 596 -180.65 35.20 -45.36
C PRO U 596 -179.15 35.43 -45.19
N GLY U 597 -178.82 36.55 -44.55
CA GLY U 597 -177.45 36.80 -44.19
C GLY U 597 -177.20 36.63 -42.70
N ALA U 598 -175.92 36.73 -42.34
CA ALA U 598 -175.55 36.54 -40.95
C ALA U 598 -176.17 37.60 -40.05
N ILE U 599 -176.12 38.87 -40.49
CA ILE U 599 -176.68 39.93 -39.66
C ILE U 599 -178.18 39.79 -39.57
N ASP U 600 -178.79 39.10 -40.54
CA ASP U 600 -180.24 38.94 -40.52
C ASP U 600 -180.72 38.23 -39.27
N LYS U 601 -179.91 37.32 -38.72
CA LYS U 601 -180.30 36.60 -37.52
C LYS U 601 -180.44 37.54 -36.32
N PHE U 602 -179.48 38.43 -36.12
CA PHE U 602 -179.43 39.27 -34.94
C PHE U 602 -179.98 40.66 -35.15
N THR U 603 -180.36 41.02 -36.37
CA THR U 603 -180.76 42.38 -36.71
C THR U 603 -181.97 42.34 -37.61
N ARG U 604 -182.67 43.46 -37.69
CA ARG U 604 -183.90 43.58 -38.45
C ARG U 604 -183.85 44.79 -39.38
N ASP U 605 -184.67 44.75 -40.43
CA ASP U 605 -184.74 45.81 -41.43
C ASP U 605 -183.40 46.06 -42.09
N THR U 606 -182.84 45.03 -42.72
CA THR U 606 -181.50 45.15 -43.29
C THR U 606 -181.51 45.78 -44.68
N LYS U 607 -182.68 45.98 -45.28
CA LYS U 607 -182.72 46.66 -46.57
C LYS U 607 -182.26 48.11 -46.44
N THR U 608 -182.59 48.76 -45.33
CA THR U 608 -182.12 50.13 -45.12
C THR U 608 -180.60 50.18 -45.06
N ILE U 609 -179.99 49.20 -44.37
CA ILE U 609 -178.53 49.10 -44.35
C ILE U 609 -178.00 48.86 -45.75
N ILE U 610 -178.68 48.00 -46.52
CA ILE U 610 -178.28 47.77 -47.90
C ILE U 610 -178.21 49.08 -48.65
N ASN U 611 -179.27 49.88 -48.57
CA ASN U 611 -179.33 51.12 -49.31
C ASN U 611 -178.28 52.11 -48.84
N LYS U 612 -178.13 52.27 -47.53
CA LYS U 612 -177.15 53.22 -47.00
C LYS U 612 -175.73 52.82 -47.36
N VAL U 613 -175.42 51.52 -47.25
CA VAL U 613 -174.08 51.05 -47.56
C VAL U 613 -173.77 51.25 -49.04
N ALA U 614 -174.71 50.91 -49.91
CA ALA U 614 -174.44 51.10 -51.34
C ALA U 614 -174.41 52.59 -51.69
N SER U 615 -175.12 53.42 -50.92
CA SER U 615 -175.00 54.86 -51.08
C SER U 615 -173.59 55.34 -50.77
N VAL U 616 -173.05 54.90 -49.63
CA VAL U 616 -171.68 55.28 -49.31
C VAL U 616 -170.72 54.70 -50.34
N ALA U 617 -171.04 53.52 -50.87
CA ALA U 617 -170.20 52.92 -51.90
C ALA U 617 -170.13 53.80 -53.14
N GLU U 618 -171.28 54.22 -53.65
CA GLU U 618 -171.28 55.09 -54.82
C GLU U 618 -170.68 56.45 -54.49
N ASN U 619 -170.83 56.91 -53.24
CA ASN U 619 -170.14 58.12 -52.81
C ASN U 619 -168.64 57.95 -52.93
N LYS U 620 -168.14 56.77 -52.62
CA LYS U 620 -166.76 56.42 -52.88
C LYS U 620 -166.55 55.97 -54.31
N GLY U 621 -167.58 56.06 -55.15
CA GLY U 621 -167.49 55.65 -56.53
C GLY U 621 -167.53 54.17 -56.76
N LEU U 622 -168.10 53.39 -55.84
CA LEU U 622 -168.10 51.94 -55.96
C LEU U 622 -169.37 51.52 -56.68
N PHE U 623 -169.39 51.83 -57.98
CA PHE U 623 -170.63 51.80 -58.74
C PHE U 623 -171.14 50.38 -58.98
N GLU U 624 -170.28 49.48 -59.47
CA GLU U 624 -170.74 48.14 -59.81
C GLU U 624 -171.26 47.40 -58.59
N GLU U 625 -170.51 47.45 -57.49
CA GLU U 625 -170.90 46.74 -56.29
C GLU U 625 -172.11 47.40 -55.63
N ALA U 626 -172.18 48.73 -55.66
CA ALA U 626 -173.39 49.39 -55.16
C ALA U 626 -174.61 48.95 -55.96
N ALA U 627 -174.46 48.85 -57.28
CA ALA U 627 -175.56 48.41 -58.13
C ALA U 627 -175.96 46.99 -57.79
N LYS U 628 -174.98 46.10 -57.60
CA LYS U 628 -175.31 44.74 -57.22
C LYS U 628 -176.01 44.69 -55.87
N LEU U 629 -175.60 45.58 -54.96
CA LEU U 629 -176.23 45.61 -53.64
C LEU U 629 -177.67 46.09 -53.75
N TYR U 630 -177.95 47.03 -54.65
CA TYR U 630 -179.34 47.40 -54.84
C TYR U 630 -180.10 46.33 -55.62
N ASP U 631 -179.39 45.53 -56.41
CA ASP U 631 -180.02 44.35 -57.00
C ASP U 631 -180.49 43.41 -55.90
N LEU U 632 -179.68 43.28 -54.85
CA LEU U 632 -180.11 42.56 -53.67
C LEU U 632 -181.27 43.28 -52.98
N ALA U 633 -181.26 44.61 -53.00
CA ALA U 633 -182.27 45.43 -52.35
C ALA U 633 -183.60 45.46 -53.08
N LYS U 634 -183.64 45.05 -54.35
CA LYS U 634 -184.83 45.15 -55.21
C LYS U 634 -185.26 46.61 -55.37
N ASN U 635 -184.30 47.42 -55.82
CA ASN U 635 -184.53 48.84 -56.08
C ASN U 635 -183.94 49.20 -57.44
N PRO U 636 -184.70 49.01 -58.52
CA PRO U 636 -184.13 49.14 -59.86
C PRO U 636 -183.84 50.56 -60.30
N ASP U 637 -184.35 51.58 -59.60
CA ASP U 637 -184.30 52.94 -60.12
C ASP U 637 -182.85 53.43 -60.27
N LYS U 638 -182.13 53.50 -59.16
CA LYS U 638 -180.75 53.96 -59.22
C LYS U 638 -179.91 53.00 -60.02
N VAL U 639 -180.25 51.71 -59.98
CA VAL U 639 -179.53 50.70 -60.75
C VAL U 639 -179.56 51.07 -62.24
N LEU U 640 -180.75 51.34 -62.75
CA LEU U 640 -180.89 51.66 -64.16
C LEU U 640 -180.25 53.01 -64.48
N GLU U 641 -180.44 54.01 -63.62
CA GLU U 641 -179.79 55.30 -63.85
C GLU U 641 -178.29 55.12 -64.00
N LEU U 642 -177.68 54.45 -63.03
CA LEU U 642 -176.23 54.33 -63.01
C LEU U 642 -175.75 53.48 -64.18
N THR U 643 -176.49 52.44 -64.56
CA THR U 643 -176.04 51.65 -65.70
C THR U 643 -176.15 52.46 -66.98
N ASN U 644 -177.07 53.44 -67.03
CA ASN U 644 -177.03 54.39 -68.14
C ASN U 644 -175.71 55.16 -68.15
N LYS U 645 -175.37 55.76 -67.01
CA LYS U 645 -174.11 56.51 -66.97
C LYS U 645 -172.91 55.60 -67.22
N LEU U 646 -173.06 54.30 -66.99
CA LEU U 646 -171.94 53.39 -67.21
C LEU U 646 -171.81 52.99 -68.67
N LEU U 647 -172.92 52.65 -69.31
CA LEU U 647 -172.86 52.18 -70.68
C LEU U 647 -172.61 53.32 -71.66
N SER U 648 -173.23 54.47 -71.43
CA SER U 648 -173.10 55.58 -72.39
C SER U 648 -171.66 55.88 -72.79
N PRO U 649 -170.68 55.94 -71.88
CA PRO U 649 -169.30 56.13 -72.35
C PRO U 649 -168.75 54.93 -73.10
N VAL U 650 -168.86 53.73 -72.53
CA VAL U 650 -168.31 52.57 -73.20
C VAL U 650 -169.00 52.27 -74.51
N VAL U 651 -170.31 52.50 -74.59
CA VAL U 651 -170.98 52.36 -75.88
C VAL U 651 -170.33 53.26 -76.92
N SER U 652 -169.74 54.38 -76.51
CA SER U 652 -169.17 55.35 -77.42
C SER U 652 -167.82 54.94 -77.98
N GLN U 653 -167.38 53.71 -77.75
CA GLN U 653 -166.11 53.25 -78.32
C GLN U 653 -166.36 52.06 -79.24
N ILE U 654 -165.31 51.64 -79.93
CA ILE U 654 -165.41 50.53 -80.87
C ILE U 654 -165.70 49.24 -80.11
N SER U 655 -166.23 48.26 -80.83
CA SER U 655 -166.54 46.95 -80.28
C SER U 655 -165.31 46.05 -80.41
N ALA U 656 -164.55 45.93 -79.33
CA ALA U 656 -163.39 45.07 -79.31
C ALA U 656 -163.62 43.92 -78.35
N PRO U 657 -163.32 42.69 -78.75
CA PRO U 657 -163.43 41.55 -77.83
C PRO U 657 -162.64 41.77 -76.56
N GLN U 658 -163.03 41.08 -75.49
CA GLN U 658 -162.45 41.22 -74.15
C GLN U 658 -162.17 42.68 -73.79
N SER U 659 -163.20 43.52 -73.78
CA SER U 659 -163.03 44.90 -73.39
C SER U 659 -163.90 45.18 -72.16
N ASN U 660 -163.46 46.16 -71.37
CA ASN U 660 -164.28 46.58 -70.23
C ASN U 660 -165.60 47.14 -70.72
N ARG U 661 -165.63 47.69 -71.94
CA ARG U 661 -166.90 47.93 -72.60
C ARG U 661 -167.76 46.68 -72.59
N GLU U 662 -167.16 45.54 -72.95
CA GLU U 662 -167.91 44.29 -72.97
C GLU U 662 -168.32 43.87 -71.57
N ARG U 663 -167.46 44.09 -70.58
CA ARG U 663 -167.84 43.76 -69.20
C ARG U 663 -169.07 44.55 -68.76
N LEU U 664 -169.03 45.87 -68.98
CA LEU U 664 -170.16 46.70 -68.59
C LEU U 664 -171.40 46.37 -69.39
N LYS U 665 -171.23 46.09 -70.68
CA LYS U 665 -172.32 45.61 -71.51
C LYS U 665 -172.95 44.37 -70.90
N ASN U 666 -172.11 43.43 -70.46
CA ASN U 666 -172.60 42.17 -69.96
C ASN U 666 -173.38 42.35 -68.66
N MET U 667 -172.85 43.15 -67.74
CA MET U 667 -173.58 43.37 -66.49
C MET U 667 -174.88 44.10 -66.76
N ALA U 668 -174.88 45.08 -67.66
CA ALA U 668 -176.10 45.80 -67.96
C ALA U 668 -177.14 44.91 -68.61
N LEU U 669 -176.72 44.05 -69.54
CA LEU U 669 -177.68 43.16 -70.18
C LEU U 669 -178.20 42.12 -69.21
N ALA U 670 -177.36 41.71 -68.25
CA ALA U 670 -177.84 40.84 -67.20
C ALA U 670 -178.93 41.54 -66.38
N ILE U 671 -178.68 42.80 -66.02
CA ILE U 671 -179.68 43.58 -65.29
C ILE U 671 -180.98 43.64 -66.09
N ALA U 672 -180.85 43.95 -67.38
CA ALA U 672 -182.02 44.10 -68.24
C ALA U 672 -182.80 42.81 -68.35
N GLU U 673 -182.09 41.69 -68.56
CA GLU U 673 -182.76 40.41 -68.67
C GLU U 673 -183.44 40.05 -67.37
N ARG U 674 -182.77 40.30 -66.24
CA ARG U 674 -183.39 40.00 -64.96
C ARG U 674 -184.69 40.76 -64.82
N TYR U 675 -184.67 42.05 -65.14
CA TYR U 675 -185.87 42.86 -64.95
C TYR U 675 -186.96 42.48 -65.95
N LYS U 676 -186.56 42.08 -67.16
CA LYS U 676 -187.55 41.59 -68.13
C LYS U 676 -188.22 40.34 -67.61
N SER U 677 -187.42 39.36 -67.17
CA SER U 677 -187.97 38.12 -66.64
C SER U 677 -188.84 38.39 -65.42
N GLN U 678 -188.43 39.33 -64.58
CA GLN U 678 -189.11 39.62 -63.34
C GLN U 678 -190.27 40.60 -63.49
N GLY U 679 -190.46 41.16 -64.69
CA GLY U 679 -191.44 42.21 -64.85
C GLY U 679 -191.14 43.46 -64.07
N VAL U 680 -189.90 43.59 -63.58
CA VAL U 680 -189.50 44.75 -62.79
C VAL U 680 -189.55 45.98 -63.68
N SER U 681 -190.37 46.94 -63.31
CA SER U 681 -190.64 48.10 -64.17
C SER U 681 -190.33 49.38 -63.41
N ALA U 682 -189.40 50.17 -63.94
CA ALA U 682 -189.09 51.50 -63.45
C ALA U 682 -190.01 52.51 -64.12
N GLU U 683 -189.67 53.80 -64.03
CA GLU U 683 -190.37 54.78 -64.84
C GLU U 683 -190.22 54.43 -66.31
N LYS U 684 -191.35 54.45 -67.03
CA LYS U 684 -191.39 53.89 -68.36
C LYS U 684 -190.49 54.66 -69.32
N SER U 685 -190.27 55.94 -69.02
CA SER U 685 -189.31 56.72 -69.80
C SER U 685 -187.95 56.05 -69.79
N ILE U 686 -187.45 55.78 -68.58
CA ILE U 686 -186.14 55.15 -68.44
C ILE U 686 -186.16 53.74 -69.03
N ASN U 687 -187.24 53.00 -68.82
CA ASN U 687 -187.32 51.65 -69.38
C ASN U 687 -187.18 51.66 -70.89
N SER U 688 -187.98 52.50 -71.56
CA SER U 688 -187.94 52.57 -73.01
C SER U 688 -186.59 53.07 -73.49
N THR U 689 -186.03 54.09 -72.83
CA THR U 689 -184.73 54.58 -73.24
C THR U 689 -183.67 53.51 -73.10
N PHE U 690 -183.81 52.65 -72.09
CA PHE U 690 -182.80 51.62 -71.88
C PHE U 690 -182.90 50.53 -72.93
N TYR U 691 -184.13 50.11 -73.26
CA TYR U 691 -184.28 49.15 -74.35
C TYR U 691 -183.77 49.74 -75.65
N LEU U 692 -184.07 51.03 -75.87
CA LEU U 692 -183.49 51.77 -76.98
C LEU U 692 -181.98 51.67 -76.98
N LEU U 693 -181.35 51.93 -75.84
CA LEU U 693 -179.91 51.86 -75.76
C LEU U 693 -179.41 50.48 -76.12
N LEU U 694 -180.06 49.44 -75.60
CA LEU U 694 -179.62 48.07 -75.88
C LEU U 694 -179.65 47.81 -77.38
N ASP U 695 -180.73 48.23 -78.04
CA ASP U 695 -180.78 48.13 -79.48
C ASP U 695 -179.67 48.95 -80.12
N LEU U 696 -179.29 50.07 -79.50
CA LEU U 696 -178.19 50.87 -80.03
C LEU U 696 -176.89 50.09 -79.99
N ILE U 697 -176.60 49.40 -78.88
CA ILE U 697 -175.41 48.57 -78.83
C ILE U 697 -175.47 47.49 -79.91
N THR U 698 -176.65 46.91 -80.12
CA THR U 698 -176.77 45.94 -81.21
C THR U 698 -176.35 46.58 -82.54
N PHE U 699 -176.86 47.79 -82.79
CA PHE U 699 -176.47 48.54 -83.98
C PHE U 699 -174.95 48.71 -84.07
N PHE U 700 -174.34 49.22 -83.02
CA PHE U 700 -172.91 49.51 -83.08
C PHE U 700 -172.07 48.25 -83.21
N ASP U 701 -172.54 47.14 -82.64
CA ASP U 701 -171.86 45.87 -82.83
C ASP U 701 -171.88 45.46 -84.28
N GLU U 702 -173.04 45.61 -84.93
CA GLU U 702 -173.12 45.33 -86.37
C GLU U 702 -172.18 46.25 -87.15
N TYR U 703 -172.18 47.53 -86.81
CA TYR U 703 -171.32 48.50 -87.48
C TYR U 703 -169.85 48.11 -87.35
N HIS U 704 -169.42 47.78 -86.13
CA HIS U 704 -168.02 47.50 -85.88
C HIS U 704 -167.60 46.18 -86.51
N ALA U 705 -168.49 45.19 -86.52
CA ALA U 705 -168.23 43.96 -87.26
C ALA U 705 -168.29 44.15 -88.76
N GLY U 706 -168.81 45.29 -89.22
CA GLY U 706 -168.90 45.56 -90.63
C GLY U 706 -170.14 45.01 -91.28
N HIS U 707 -171.08 44.48 -90.51
CA HIS U 707 -172.36 44.02 -91.05
C HIS U 707 -173.26 45.24 -91.27
N ILE U 708 -172.92 45.93 -92.36
CA ILE U 708 -173.55 47.20 -92.69
C ILE U 708 -175.04 47.02 -92.91
N ASP U 709 -175.42 45.96 -93.64
CA ASP U 709 -176.83 45.71 -93.91
C ASP U 709 -177.62 45.40 -92.64
N LEU U 710 -177.05 44.61 -91.74
CA LEU U 710 -177.72 44.30 -90.48
C LEU U 710 -177.90 45.56 -89.64
N SER U 711 -176.85 46.38 -89.54
CA SER U 711 -176.98 47.64 -88.82
C SER U 711 -178.04 48.54 -89.47
N PHE U 712 -178.08 48.56 -90.81
CA PHE U 712 -179.10 49.33 -91.50
C PHE U 712 -180.50 48.89 -91.09
N ASP U 713 -180.77 47.59 -91.19
CA ASP U 713 -182.06 47.05 -90.80
C ASP U 713 -182.41 47.43 -89.37
N VAL U 714 -181.41 47.34 -88.49
CA VAL U 714 -181.60 47.71 -87.09
C VAL U 714 -182.04 49.17 -86.99
N ILE U 715 -181.42 50.06 -87.75
CA ILE U 715 -181.74 51.47 -87.54
C ILE U 715 -183.13 51.81 -88.07
N GLU U 716 -183.55 51.22 -89.21
CA GLU U 716 -184.88 51.63 -89.62
C GLU U 716 -185.95 51.00 -88.73
N ARG U 717 -185.68 49.82 -88.17
CA ARG U 717 -186.64 49.33 -87.18
C ARG U 717 -186.58 50.17 -85.91
N LEU U 718 -185.43 50.80 -85.66
CA LEU U 718 -185.36 51.85 -84.65
C LEU U 718 -186.10 53.10 -85.09
N LYS U 719 -186.49 53.19 -86.35
CA LYS U 719 -187.44 54.18 -86.87
C LYS U 719 -186.99 55.61 -86.59
N LEU U 720 -185.70 55.78 -86.30
CA LEU U 720 -185.12 57.11 -86.17
C LEU U 720 -184.45 57.53 -87.47
N VAL U 721 -184.97 57.08 -88.60
CA VAL U 721 -184.40 57.34 -89.92
C VAL U 721 -185.30 58.32 -90.65
N PRO U 722 -184.93 59.59 -90.76
CA PRO U 722 -185.77 60.54 -91.49
C PRO U 722 -185.54 60.52 -92.99
N LEU U 723 -186.09 59.50 -93.65
CA LEU U 723 -185.94 59.37 -95.10
C LEU U 723 -186.54 60.55 -95.84
N SER U 724 -187.69 61.03 -95.40
CA SER U 724 -188.30 62.21 -95.96
C SER U 724 -188.18 63.37 -94.99
N GLN U 725 -188.45 64.57 -95.49
CA GLN U 725 -188.28 65.77 -94.67
C GLN U 725 -189.34 65.83 -93.58
N ASP U 726 -190.44 65.09 -93.74
CA ASP U 726 -191.52 65.11 -92.77
C ASP U 726 -191.17 64.37 -91.48
N SER U 727 -190.10 63.57 -91.48
CA SER U 727 -189.71 62.87 -90.27
C SER U 727 -188.85 63.73 -89.34
N VAL U 728 -188.46 64.92 -89.78
CA VAL U 728 -187.60 65.78 -88.98
C VAL U 728 -188.31 66.20 -87.70
N GLU U 729 -189.56 66.65 -87.83
CA GLU U 729 -190.30 67.05 -86.63
C GLU U 729 -190.68 65.85 -85.77
N GLU U 730 -190.77 64.66 -86.36
CA GLU U 730 -190.89 63.47 -85.52
C GLU U 730 -189.64 63.27 -84.69
N ARG U 731 -188.48 63.47 -85.32
CA ARG U 731 -187.23 63.37 -84.58
C ARG U 731 -187.17 64.45 -83.50
N VAL U 732 -187.76 65.61 -83.79
CA VAL U 732 -187.89 66.67 -82.79
C VAL U 732 -188.69 66.16 -81.60
N ALA U 733 -189.85 65.55 -81.88
CA ALA U 733 -190.69 65.02 -80.82
C ALA U 733 -189.93 63.99 -80.01
N ALA U 734 -189.14 63.16 -80.69
CA ALA U 734 -188.30 62.19 -79.99
C ALA U 734 -187.27 62.88 -79.10
N PHE U 735 -186.75 64.02 -79.54
CA PHE U 735 -185.67 64.68 -78.81
C PHE U 735 -186.07 65.07 -77.39
N ARG U 736 -187.20 65.77 -77.23
CA ARG U 736 -187.55 66.27 -75.91
C ARG U 736 -187.80 65.14 -74.92
N ASN U 737 -187.98 63.93 -75.42
CA ASN U 737 -188.02 62.73 -74.60
C ASN U 737 -186.66 62.39 -74.01
N PHE U 738 -185.60 63.04 -74.47
CA PHE U 738 -184.25 62.60 -74.14
C PHE U 738 -183.68 63.39 -72.96
N SER U 739 -182.79 62.74 -72.23
CA SER U 739 -182.00 63.38 -71.19
C SER U 739 -180.69 63.88 -71.79
N ASP U 740 -179.99 64.73 -71.02
CA ASP U 740 -178.84 65.46 -71.57
C ASP U 740 -177.76 64.51 -72.08
N GLU U 741 -177.62 63.35 -71.45
CA GLU U 741 -176.54 62.43 -71.81
C GLU U 741 -176.78 61.82 -73.19
N ILE U 742 -177.97 61.30 -73.43
CA ILE U 742 -178.30 60.80 -74.76
C ILE U 742 -178.38 61.95 -75.77
N ARG U 743 -178.75 63.14 -75.31
CA ARG U 743 -178.66 64.31 -76.19
C ARG U 743 -177.22 64.51 -76.66
N HIS U 744 -176.25 64.29 -75.77
CA HIS U 744 -174.86 64.32 -76.19
C HIS U 744 -174.57 63.22 -77.21
N ASN U 745 -175.02 62.01 -76.93
CA ASN U 745 -174.64 60.83 -77.72
C ASN U 745 -175.32 60.76 -79.09
N LEU U 746 -176.38 61.54 -79.28
CA LEU U 746 -177.02 61.61 -80.59
C LEU U 746 -176.02 62.02 -81.67
N SER U 747 -175.02 62.81 -81.29
CA SER U 747 -173.99 63.21 -82.24
C SER U 747 -173.26 62.00 -82.80
N GLU U 748 -172.76 61.12 -81.93
CA GLU U 748 -172.08 59.92 -82.41
C GLU U 748 -173.04 59.03 -83.19
N ILE U 749 -174.30 58.97 -82.74
CA ILE U 749 -175.28 58.17 -83.46
C ILE U 749 -175.38 58.63 -84.90
N LEU U 750 -175.57 59.93 -85.09
CA LEU U 750 -175.70 60.47 -86.44
C LEU U 750 -174.38 60.40 -87.21
N LEU U 751 -173.25 60.42 -86.49
CA LEU U 751 -171.98 60.24 -87.16
C LEU U 751 -171.89 58.86 -87.81
N ALA U 752 -172.14 57.82 -87.04
CA ALA U 752 -172.17 56.47 -87.61
C ALA U 752 -173.21 56.40 -88.71
N THR U 753 -174.33 57.10 -88.50
CA THR U 753 -175.40 57.11 -89.50
C THR U 753 -174.90 57.60 -90.85
N MET U 754 -174.28 58.78 -90.86
CA MET U 754 -173.79 59.34 -92.11
C MET U 754 -172.64 58.52 -92.66
N ASN U 755 -171.86 57.88 -91.79
CA ASN U 755 -170.82 56.98 -92.26
C ASN U 755 -171.43 55.88 -93.12
N ILE U 756 -172.44 55.20 -92.59
CA ILE U 756 -173.08 54.11 -93.33
C ILE U 756 -173.73 54.65 -94.61
N LEU U 757 -174.40 55.79 -94.50
CA LEU U 757 -175.07 56.37 -95.67
C LEU U 757 -174.08 56.66 -96.79
N PHE U 758 -172.95 57.27 -96.44
CA PHE U 758 -171.95 57.60 -97.44
C PHE U 758 -171.34 56.35 -98.04
N THR U 759 -171.11 55.32 -97.20
CA THR U 759 -170.62 54.06 -97.74
C THR U 759 -171.60 53.48 -98.75
N GLN U 760 -172.90 53.50 -98.42
CA GLN U 760 -173.91 52.99 -99.34
C GLN U 760 -173.88 53.74 -100.66
N TYR U 761 -173.92 55.07 -100.60
CA TYR U 761 -173.95 55.86 -101.83
C TYR U 761 -172.70 55.66 -102.65
N LYS U 762 -171.54 55.66 -102.01
CA LYS U 762 -170.29 55.51 -102.76
C LYS U 762 -170.17 54.13 -103.37
N ARG U 763 -170.58 53.09 -102.63
CA ARG U 763 -170.54 51.74 -103.19
C ARG U 763 -171.45 51.64 -104.40
N LEU U 764 -172.65 52.19 -104.30
CA LEU U 764 -173.57 52.15 -105.44
C LEU U 764 -173.00 52.93 -106.63
N LYS U 765 -172.41 54.10 -106.37
CA LYS U 765 -171.84 54.89 -107.44
C LYS U 765 -170.69 54.16 -108.13
N GLY U 766 -169.84 53.49 -107.34
CA GLY U 766 -168.78 52.69 -107.90
C GLY U 766 -169.25 51.48 -108.65
N SER U 767 -170.42 50.95 -108.30
CA SER U 767 -171.00 49.85 -109.05
C SER U 767 -171.80 50.39 -110.23
N GLY U 768 -171.19 50.32 -111.41
CA GLY U 768 -171.88 50.65 -112.63
C GLY U 768 -172.65 49.45 -113.15
N PRO U 769 -173.30 49.60 -114.30
CA PRO U 769 -174.05 48.48 -114.90
C PRO U 769 -173.18 47.40 -115.53
N THR U 770 -171.91 47.66 -115.80
CA THR U 770 -171.01 46.67 -116.35
C THR U 770 -170.04 46.11 -115.32
N THR U 771 -170.18 46.49 -114.05
CA THR U 771 -169.27 46.05 -113.00
C THR U 771 -170.08 45.55 -111.82
N LEU U 772 -170.04 44.24 -111.57
CA LEU U 772 -170.67 43.59 -110.43
C LEU U 772 -172.19 43.76 -110.41
N GLY U 773 -172.82 43.93 -111.56
CA GLY U 773 -174.26 44.02 -111.62
C GLY U 773 -174.80 45.32 -111.03
N ARG U 774 -175.93 45.17 -110.30
CA ARG U 774 -176.63 46.27 -109.65
C ARG U 774 -177.03 47.33 -110.68
N PRO U 775 -178.06 47.06 -111.47
CA PRO U 775 -178.44 47.95 -112.58
C PRO U 775 -178.54 49.41 -112.16
N GLN U 776 -178.27 50.30 -113.11
CA GLN U 776 -178.10 51.71 -112.80
C GLN U 776 -179.40 52.36 -112.33
N ARG U 777 -180.54 51.91 -112.87
CA ARG U 777 -181.81 52.55 -112.53
C ARG U 777 -182.13 52.39 -111.05
N VAL U 778 -181.99 51.17 -110.52
CA VAL U 778 -182.24 50.92 -109.11
C VAL U 778 -181.29 51.72 -108.23
N GLN U 779 -180.01 51.77 -108.58
CA GLN U 779 -179.05 52.55 -107.83
C GLN U 779 -179.41 54.03 -107.83
N GLU U 780 -179.83 54.57 -108.98
CA GLU U 780 -180.20 55.99 -109.05
C GLU U 780 -181.42 56.28 -108.18
N ASP U 781 -182.44 55.43 -108.25
CA ASP U 781 -183.65 55.67 -107.46
C ASP U 781 -183.35 55.58 -105.97
N LYS U 782 -182.60 54.55 -105.57
CA LYS U 782 -182.25 54.40 -104.17
C LYS U 782 -181.39 55.56 -103.70
N ASP U 783 -180.50 56.06 -104.56
CA ASP U 783 -179.68 57.22 -104.19
C ASP U 783 -180.52 58.48 -104.07
N SER U 784 -181.56 58.61 -104.89
CA SER U 784 -182.46 59.74 -104.74
C SER U 784 -183.17 59.69 -103.40
N VAL U 785 -183.67 58.52 -103.02
CA VAL U 785 -184.30 58.37 -101.72
C VAL U 785 -183.29 58.66 -100.61
N LEU U 786 -182.06 58.17 -100.77
CA LEU U 786 -181.04 58.38 -99.76
C LEU U 786 -180.69 59.86 -99.63
N ARG U 787 -180.66 60.57 -100.76
CA ARG U 787 -180.40 62.01 -100.74
C ARG U 787 -181.51 62.76 -100.02
N SER U 788 -182.76 62.34 -100.24
CA SER U 788 -183.86 62.89 -99.45
C SER U 788 -183.61 62.68 -97.96
N GLN U 789 -183.21 61.45 -97.61
CA GLN U 789 -182.91 61.15 -96.21
C GLN U 789 -181.80 62.03 -95.67
N ALA U 790 -180.73 62.22 -96.45
CA ALA U 790 -179.56 62.95 -95.98
C ALA U 790 -179.89 64.43 -95.78
N ARG U 791 -180.62 65.00 -96.72
CA ARG U 791 -181.00 66.40 -96.58
C ARG U 791 -181.95 66.59 -95.41
N ALA U 792 -182.87 65.64 -95.19
CA ALA U 792 -183.70 65.70 -93.99
C ALA U 792 -182.85 65.60 -92.73
N LEU U 793 -181.83 64.74 -92.76
CA LEU U 793 -180.92 64.60 -91.64
C LEU U 793 -180.24 65.91 -91.31
N ILE U 794 -179.75 66.61 -92.34
CA ILE U 794 -179.07 67.88 -92.10
C ILE U 794 -180.05 68.95 -91.63
N THR U 795 -181.26 68.97 -92.19
CA THR U 795 -182.25 69.92 -91.70
C THR U 795 -182.51 69.73 -90.22
N PHE U 796 -182.72 68.49 -89.79
CA PHE U 796 -182.93 68.25 -88.37
C PHE U 796 -181.70 68.61 -87.55
N ALA U 797 -180.52 68.23 -88.04
CA ALA U 797 -179.28 68.53 -87.33
C ALA U 797 -179.11 70.02 -87.12
N GLY U 798 -179.60 70.83 -88.06
CA GLY U 798 -179.57 72.27 -87.87
C GLY U 798 -180.65 72.78 -86.95
N MET U 799 -181.84 72.18 -87.01
CA MET U 799 -182.97 72.72 -86.26
C MET U 799 -183.18 72.04 -84.92
N ILE U 800 -182.19 71.29 -84.43
CA ILE U 800 -182.16 70.84 -83.04
C ILE U 800 -182.13 72.05 -82.11
N PRO U 801 -182.68 71.96 -80.90
CA PRO U 801 -182.83 73.16 -80.05
C PRO U 801 -181.64 73.49 -79.17
N TYR U 802 -180.78 72.54 -78.83
CA TYR U 802 -179.63 72.81 -77.97
C TYR U 802 -178.35 72.66 -78.77
N ARG U 803 -177.33 73.41 -78.36
CA ARG U 803 -176.08 73.49 -79.10
C ARG U 803 -175.29 72.19 -78.96
N MET U 804 -174.75 71.76 -80.10
CA MET U 804 -173.85 70.61 -80.18
C MET U 804 -172.50 71.07 -80.70
N SER U 805 -171.66 70.10 -81.02
CA SER U 805 -170.31 70.42 -81.48
C SER U 805 -170.33 71.01 -82.89
N GLY U 806 -169.63 72.13 -83.04
CA GLY U 806 -169.50 72.74 -84.36
C GLY U 806 -168.74 71.84 -85.33
N ASP U 807 -167.80 71.05 -84.82
CA ASP U 807 -167.15 70.04 -85.64
C ASP U 807 -168.19 69.06 -86.18
N THR U 808 -169.10 68.61 -85.32
CA THR U 808 -170.17 67.72 -85.76
C THR U 808 -171.02 68.39 -86.83
N ASN U 809 -171.36 69.66 -86.63
CA ASN U 809 -172.16 70.38 -87.63
C ASN U 809 -171.45 70.43 -88.98
N ALA U 810 -170.19 70.85 -88.98
CA ALA U 810 -169.46 70.98 -90.24
C ALA U 810 -169.34 69.62 -90.94
N ARG U 811 -169.05 68.56 -90.17
CA ARG U 811 -168.88 67.25 -90.79
C ARG U 811 -170.19 66.74 -91.34
N LEU U 812 -171.28 66.93 -90.58
CA LEU U 812 -172.63 66.68 -91.11
C LEU U 812 -172.79 67.30 -92.48
N VAL U 813 -172.58 68.61 -92.57
CA VAL U 813 -172.83 69.32 -93.83
C VAL U 813 -171.93 68.78 -94.93
N GLN U 814 -170.67 68.47 -94.61
CA GLN U 814 -169.73 68.16 -95.67
C GLN U 814 -169.89 66.73 -96.19
N MET U 815 -170.20 65.77 -95.32
CA MET U 815 -170.61 64.46 -95.86
C MET U 815 -171.95 64.54 -96.60
N GLU U 816 -172.86 65.42 -96.18
CA GLU U 816 -174.12 65.46 -96.92
C GLU U 816 -173.96 66.10 -98.29
N VAL U 817 -173.03 67.06 -98.41
CA VAL U 817 -172.70 67.58 -99.73
C VAL U 817 -172.06 66.48 -100.59
N LEU U 818 -171.18 65.68 -99.99
CA LEU U 818 -170.67 64.49 -100.67
C LEU U 818 -171.79 63.57 -101.12
N MET U 819 -172.84 63.47 -100.31
CA MET U 819 -174.02 62.70 -100.62
C MET U 819 -174.77 63.23 -101.83
N ASN U 820 -175.09 64.52 -101.85
CA ASN U 820 -175.76 65.11 -103.00
C ASN U 820 -174.73 65.71 -103.95
#